data_8SER
#
_entry.id   8SER
#
_cell.length_a   1.00
_cell.length_b   1.00
_cell.length_c   1.00
_cell.angle_alpha   90.00
_cell.angle_beta   90.00
_cell.angle_gamma   90.00
#
_symmetry.space_group_name_H-M   'P 1'
#
loop_
_entity.id
_entity.type
_entity.pdbx_description
1 polymer 'Ryanodine receptor 1'
2 polymer 'Glutathione S-transferase class-mu 26 kDa isozyme,Peptidyl-prolyl cis-trans isomerase FKBP1B'
3 non-polymer ADENOSINE
4 non-polymer 'ZINC ION'
#
loop_
_entity_poly.entity_id
_entity_poly.type
_entity_poly.pdbx_seq_one_letter_code
_entity_poly.pdbx_strand_id
1 'polypeptide(L)'
;MGDGGEGEDEVQFLRTDDEVVLQCSATVLKEQLKLCLAAEGFGNRLCFLEPTSNAQNVPPDLAICCFTLEQSLSVRALQE
MLANTVEAGVESSQGGGHRTLLYGHAILLRHAHSRMYLSCLTTSRSMTDKLAFDVGLQEDATGEACWWTMHPASKQRSEG
EKVRVGDDLILVSVSSERYLHLSTASGELQVDASFMQTLWNMNPICSCCEEGYVTGGHVLRLFHGHMDECLTISAADSDD
QRRLVYYEGGAVCTHARSLWRLEPLRISWSGSHLRWGQPLRIRHVTTGRYLALTEDQGLVVVDACKAHTKATSFCFRVSK
EKLDTAPKRDVEGMGPPEIKYGESLCFVQHVASGLWLTYAAPDPKALRLGVLKKKAILHQEGHMDDALFLTRCQQEESQA
ARMIHSTAGLYNQFIKGLDSFSGKPRGSGPPAGPALPIEAVILSLQDLIGYFEPPSEELQHEEKQSKLRSLRNRQSLFQE
EGMLSLVLNCIDRLNVYTTAAHFAEYAGEEAAESWKEIVNLLYELLASLIRGNRANCALFSTNLDWVVSKLDRLEASSGI
LEVLYCVLIESPEVLNIIQENHIKSIISLLDKHGRNHKVLDVLCSLCVCNGVAVRSNQDLITENLLPGRELLLQTNLINY
VTSIRPNIFVGRAEGSTQYGKWYFEVMVDEVVPFLTAQATHLRVGWALTEGYSPYPGGGEGWGGNGVGDDLYSYGFDGLH
LWTGHVARPVTSPGQHLLAPEDVVSCCLDLSVPSISFRINGCPVQGVFEAFNLDGLFFPVVSFSAGVKVRFLLGGRHGEF
KFLPPPGYAPCHEAVLPRERLRLEPIKEYRREGPRGPHLVGPSRCLSHTDFVPCPVDTVQIVLPPHLERIREKLAENIHE
LWALTRIEQGWTYGPVRDDNKRLHPCLVNFHSLPEPERNYNLQMSGETLKTLLALGCHVGMADEKAEDNLKKTKLPKTYM
MSNGYKPAPLDLSHVRLTPAQTTLVDRLAENGHNVWARDRVAQGWSYSAVQDIPARRNPRLVPYRLLDEATKRSNRDSLC
QAVRTLLGYGYNIEPPDQEPSQVENQSRWDRVRIFRAEKSYTVQSGRWYFEFEAVTTGEMRVGWARPELRPDVELGADEL
AYVFNGHRGQRWHLGSEPFGRPWQSGDVVGCMIDLTENTIIFTLNGEVLMSDSGSETAFREIEIGDGFLPVCSLGPGQVG
HLNLGQDVSSLRFFAICGLQEGFEPFAINMQRPVTTWFSKSLPQFEPVPPEHPHYEVARMDGTVDTPPCLRLAHRTWGSQ
NSLVEMLFLRLSLPVQFHQHFRCTAGATPLAPPGLQPPAEDEARAAEPDPDYENLRRSAGGWGEAEGGKEGTAKEGTPGG
TPQPGVEAQPVRAENEKDATTEKNKKRGFLFKAKKAAMMTQPPATPALPRLPHDVVPADNRDDPEIILNTTTYYYSVRVF
AGQEPSCVWVGWVTPDYHQHDMNFDLSKVRAVTVTMGDEQGNVHSSLKCSNCYMVWGGDFVSPGQQGRISHTDLVIGCLV
DLATGLMTFTANGKESNTFFQVEPNTKLFPAVFVLPTHQNVIQFELGKQKNIMPLSAAMFLSERKNPAPQCPPRLEVQML
MPVSWSRMPNHFLQVETRRAGERLGWAVQCQDPLTMMALHIPEENRCMDILELSERLDLQRFHSHTLRLYRAVCALGNNR
VAHALCSHVDQAQLLHALEDAHLPGPLRAGYYDLLISIHLESACRSRRSMLSEYIVPLTPETRAITLFPPGRKGGNARRH
GLPGVGVTTSLRPPHHFSPPCFVAALPAAGVAEAPARLSPAIPLEALRDKALRMLGEAVRDGGQHARDPVGGSVEFQFVP
VLKLVSTLLVMGIFGDEDVKQILKMIEPEVFTEEEEEEEEEEEEEEEEEEDEEEKEEDEEEEEKEDAEKEEEEAPEGEKE
DLEEGLLQMKLPESVKLQMCNLLEYFCDQELQHRVESLAAFAERYVDKLQANQRSRYALLMRAFTMSAAETARRTREFRS
PPQEQINMLLHFKDEADEEDCPLPEDIRQDLQDFHQDLLAHCGIQLEGEEEEPEEETSLSSRLRSLLETVRLVKKKEEKP
EEELPAEEKKPQSLQELVSHMVVRWAQEDYVQSPELVRAMFSLLHRQYDGLGELLRALPRAYTISPSSVEDTMSLLECLG
QIRSLLIVQMGPQEENLMIQSIGNIMNNKVFYQHPNLMRALGMHETVMEVMVNVLGGGETKEIRFPKMVTSCCRFLCYFC
RISRQNQRSMFDHLSYLLENSGIGLGMQGSTPLDVAAASVIDNNELALALQEQDLEKVVSYLAGCGLQSCPMLLAKGYPD
IGWNPCGGERYLDFLRFAVFVNGESVEENANVVVRLLIRKPECFGPALRGEGGSGLLAAIEEAIRISEDPARDGPGVRRD
RRREHFGEEPPEENRVHLGHAIMSFYAALIDLLGRCAPEMHLIQAGKGEALRIRAILRSLVPLDDLVGIISLPLQIPTLG
KDGALVQPKMSASFVPDHKASMVLFLDRVYGIENQDFLLHVLDVGFLPDMRAAASLDTATFSTTEMALALNRYLCLAVLP
LITKCAPLFAGTEHRAIMVDSMLHTVYRLSRGRSLTKAQRDVIEDCLMALCRYIRPSMLQHLLRRLVFDVPILNEFAKMP
LKLLTNHYERCWKYYCLPTGWANFGVTSEEELHLTRKLFWGIFDSLAHKKYDQELYRMAMPCLCAIAGALPPDYVDASYS
SKAEKKATVDAEGNFDPRPVETLNVIIPEKLDSFINKFAEYTHEKWAFDKIQNNWSYGENVDEELKTHPMLRPYKTFSEK
DKEIYRWPIKESLKAMIAWEWTIEKAREGEEERTEKKKTRKISQTAQTYDPREGYNPQPPDLSGVTLSRELQAMAEQLAE
NYHNTWGRKKKQELEAKGGGTHPLLVPYDTLTAKEKARDREKAQELLKFLQMNGYAVTRGLKDMELDTSSIEKRFAFGFL
QQLLRWMDISQEFIAHLEAVVSSGRVEKSPHEQEIKFFAKILLPLINQYFTNHCLYFLSTPAKVLGSGGHASNKEKEMIT
SLFCKLAALVRHRVSLFGTDAPAVVNCLHILARSLDARTVMKSGPEIVKAGLRSFFESASEDIEKMVENLRLGKVSQART
QVKGVGQNLTYTTVALLPVLTTLFQHIAQHQFGDDVILDDVQVSCYRTLCSIYSLGTTKNTYVEKLRPALGECLARLAAA
MPVAFLEPQLNEYNACSVYTTKSPRERAILGLPNSVEEMCPDIPVLDRLMADIGGLAESGARYTEMPHVIEITLPMLCSY
LPRWWERGPEAPPPALPAGAPPPCTAVTSDHLNSLLGNILRIIVNNLGIDEATWMKRLAVFAQPIVSRARPELLHSHFIP
TIGRLRKRAGKVVAEEEQLRLEAKAEAEEGELLVRDEFSVLCRDLYALYPLLIRYVDNNRAHWLTEPNANAEELFRMVGE
IFIYWSKSHNFKREEQNFVVQNEINNMSFLTADSKSKMAKAGDAQSGGSDQERTKKKRRGDRYSVQTSLIVATLKKMLPI
GLNMCAPTDQDLIMLAKTRYALKDTDEEVREFLQNNLHLQGKVEGSPSLRWQMALYRGLPGREEDADDPEKIVRRVQEVS
AVLYHLEQTEHPYKSKKAVWHKLLSKQRRRAVVACFRMTPLYNLPTHRACNMFLESYKAAWILTEDHSFEDRMIDDLSKA
GEQEEEEEEVEEKKPDPLHQLVLHFSRTALTEKSKLDEDYLYMAYADIMAKSCHLEEGGENGEAEEEEVEVSFEEKEMEK
QRLLYQQSRLHTRGAAEMVLQMISACKGETGAMVSSTLKLGISILNGGNAEVQQKMLDYLKDKKEVGFFQSIQALMQTCS
VLDLNAFERQNKAEGLGMVNEDGTVINRQNGEKVMADDEFTQDLFRFLQLLCEGHNNDFQNYLRTQTGNTTTINIIICTV
DYLLRLQESISDFYWYYSGKDVIEEQGKRNFSKAMSVAKQVFNSLTEYIQGPCTGNQQSLAHSRLWDAVVGFLHVFAHMM
MKLAQDSSQIELLKELLDLQKDMVVMLLSLLEGNVVNGMIARQMVDMLVESSSNVEMILKFFDMFLKLKDIVGSEAFQDY
VTDPRGLISKKDFQKAMDSQKQFTGPEIQFLLSCSEADENEMINFEEFANRFQEPARDIGFNVAVLLTNLSEHVPHDPRL
RNFLELAESILEYFRPYLGRIEIMGASRRIERIYFEISETNRAQWEMPQVKESKRQFIFDVVNEGGEAEKMELFVSFCED
TIFEMQIAAQISEPEGEPEADEDEGMGEAAAEGAEEGAAGAEGAAGTVAAGATARLAAAAARALRGLSYRSLRRRVRRLR
RLTAREAATALAALLWAVVARAGAAGAGAAAGALRLLWGSLFGGGLVEGAKKVTVTELLAGMPDPTSDEVHGEQPAGPGG
DADGAGEGEGEGDAAEGDGDEEVAGHEAGPGGAEGVVAVADGGPFRPEGAGGLGDMGDTTPAEPPTPEGSPILKRKLGVD
GEEEELVPEPEPEPEPEPEKADEENGEKEEVPEAPPEPPKKAPPSPPAKKEEAGGAGMEFWGELEVQRVKFLNYLSRNFY
TLRFLALFLAFAINFILLFYKVSDSPPGEDDMEGSAAGDLAGAGSGGGSGWGSGAGEEAEGDEDENMVYYFLEESTGYME
PALWCLSLLHTLVAFLCIIGYNCLKVPLVIFKREKELARKLEFDGLYITEQPGDDDVKGQWDRLVLNTPSFPSNYWDKFV
KRKVLDKHGDIFGRERIAELLGMDLASLEITAHNERKPDPPPGLLTWLMSIDVKYQIWKFGVIFTDNSFLYLGWYMVMSL
LGHYNNFFFAAHLLDIAMGVKTLRTILSSVTHNGKQLVMTVGLLAVVVYLYTVVAFNFFRKFYNKSEDEDEPDMKCDDMM
TCYLFHMYVGVRAGGGIGDEIEDPAGDEYELYRVVFDITFFFFVIVILLAIIQGLIIDAFGELRDQQEQVKEDMETKCFI
CGIGSDYFDTTPHGFETHTLEEHNLANYMFFLMYLINKDETEHTGQESYVWKMYQERCWDFFPAGDCFRKQYEDQLS
;
A,B,C,D
2 'polypeptide(L)'
;MKSSHHHHHHGSSMSPILGYWKIKGLVQPTRLLLEYLEEKYEEHLYERDEGDKWRNKKFELGLEFPNLPYYIDGDVKLTQ
SMAIIRYIADKHNMLGGCPKERAEISMLEGAVLDIRYGVSRIAYSKDFETLKVDFLSKLPEMLKMFEDRLCHKTYLNGDH
VTHPDFMLYDALDVVLYMDPMCLDAFPKLVCFKKRIEAIPQIDKYLKSSKYIAWPLQGWQATFGGGDHPPKGIEENLYFQ
SNAGVEIETISPGDGRTFPKKGQTCVVHYTGMLQNGKKFDSSRDRNKPFKFRIGKQEVIKGFEEGAAQMSLGQRAKLTCT
PDVAYGATGHPGVIPPNATLIFDVELLNLE
;
E,F,G,H
#
# COMPACT_ATOMS: atom_id res chain seq x y z
N VAL A 11 -18.09 -24.04 -6.04
CA VAL A 11 -17.93 -25.37 -6.62
C VAL A 11 -18.47 -26.32 -5.53
N GLN A 12 -17.58 -26.96 -4.76
CA GLN A 12 -17.89 -27.79 -3.60
C GLN A 12 -18.87 -28.91 -3.95
N PHE A 13 -18.36 -29.86 -4.72
CA PHE A 13 -19.10 -31.08 -5.02
C PHE A 13 -19.24 -31.94 -3.77
N LEU A 14 -20.45 -32.49 -3.59
CA LEU A 14 -20.67 -33.41 -2.48
C LEU A 14 -19.97 -34.73 -2.73
N ARG A 15 -19.72 -35.47 -1.65
CA ARG A 15 -18.97 -36.71 -1.72
C ARG A 15 -19.44 -37.64 -0.62
N THR A 16 -19.15 -38.93 -0.77
CA THR A 16 -19.46 -39.86 0.30
C THR A 16 -18.54 -39.59 1.49
N ASP A 17 -18.98 -40.07 2.66
CA ASP A 17 -18.41 -39.86 4.00
C ASP A 17 -18.52 -38.41 4.47
N ASP A 18 -19.05 -37.49 3.66
CA ASP A 18 -19.36 -36.16 4.13
C ASP A 18 -20.52 -36.20 5.12
N GLU A 19 -20.66 -35.13 5.87
CA GLU A 19 -21.70 -35.06 6.89
C GLU A 19 -22.65 -33.92 6.55
N VAL A 20 -23.94 -34.24 6.39
CA VAL A 20 -24.93 -33.31 5.85
C VAL A 20 -26.15 -33.26 6.77
N VAL A 21 -27.07 -32.35 6.43
CA VAL A 21 -28.39 -32.26 7.07
C VAL A 21 -29.42 -32.08 5.96
N LEU A 22 -30.58 -32.73 6.13
CA LEU A 22 -31.69 -32.56 5.20
C LEU A 22 -32.57 -31.40 5.66
N GLN A 23 -32.77 -30.43 4.76
CA GLN A 23 -33.37 -29.16 5.13
C GLN A 23 -34.46 -28.74 4.15
N CYS A 24 -35.61 -28.32 4.68
CA CYS A 24 -36.71 -27.80 3.90
C CYS A 24 -36.79 -26.29 4.10
N SER A 25 -37.82 -25.69 3.50
CA SER A 25 -38.19 -24.30 3.78
C SER A 25 -39.71 -24.19 3.61
N ALA A 26 -40.42 -24.35 4.72
CA ALA A 26 -41.87 -24.28 4.71
C ALA A 26 -42.34 -22.83 4.66
N THR A 27 -43.59 -22.67 4.20
CA THR A 27 -44.26 -21.37 4.09
C THR A 27 -45.58 -21.48 4.85
N VAL A 28 -45.52 -21.18 6.16
CA VAL A 28 -46.71 -21.07 7.00
C VAL A 28 -46.49 -19.82 7.84
N LEU A 29 -47.60 -19.32 8.40
CA LEU A 29 -47.68 -18.09 9.20
C LEU A 29 -47.25 -16.84 8.42
N LYS A 30 -47.16 -16.92 7.08
CA LYS A 30 -46.75 -15.86 6.16
C LYS A 30 -45.27 -15.47 6.33
N GLU A 31 -44.40 -16.48 6.34
CA GLU A 31 -42.96 -16.26 6.17
C GLU A 31 -42.33 -17.54 5.63
N GLN A 32 -41.05 -17.44 5.31
CA GLN A 32 -40.25 -18.58 4.87
C GLN A 32 -39.43 -19.05 6.07
N LEU A 33 -39.77 -20.20 6.61
CA LEU A 33 -39.02 -20.75 7.73
C LEU A 33 -38.35 -22.05 7.30
N LYS A 34 -37.07 -22.20 7.65
CA LYS A 34 -36.31 -23.37 7.23
C LYS A 34 -36.41 -24.43 8.31
N LEU A 35 -36.47 -25.69 7.87
CA LEU A 35 -36.64 -26.82 8.79
C LEU A 35 -35.61 -27.89 8.48
N CYS A 36 -35.45 -28.84 9.40
CA CYS A 36 -34.50 -29.92 9.20
C CYS A 36 -35.07 -31.23 9.72
N LEU A 37 -34.61 -32.32 9.13
CA LEU A 37 -35.01 -33.66 9.58
C LEU A 37 -34.27 -34.02 10.86
N ALA A 38 -35.00 -34.51 11.85
CA ALA A 38 -34.39 -34.91 13.10
C ALA A 38 -35.20 -36.01 13.77
N ALA A 39 -34.50 -36.93 14.44
CA ALA A 39 -35.12 -38.01 15.19
C ALA A 39 -34.09 -38.57 16.15
N GLU A 40 -34.50 -38.79 17.41
CA GLU A 40 -33.58 -39.32 18.42
C GLU A 40 -33.12 -40.73 18.08
N GLY A 41 -34.07 -41.60 17.70
CA GLY A 41 -33.74 -42.97 17.40
C GLY A 41 -33.92 -43.91 18.58
N PHE A 42 -33.24 -43.62 19.68
CA PHE A 42 -33.38 -44.41 20.90
C PHE A 42 -34.67 -44.00 21.60
N GLY A 43 -35.71 -44.81 21.42
CA GLY A 43 -36.99 -44.58 22.05
C GLY A 43 -38.03 -43.96 21.14
N ASN A 44 -37.61 -43.34 20.04
CA ASN A 44 -38.52 -42.78 19.06
C ASN A 44 -37.89 -42.98 17.68
N ARG A 45 -38.36 -44.00 16.96
CA ARG A 45 -37.79 -44.27 15.64
C ARG A 45 -38.28 -43.29 14.59
N LEU A 46 -39.47 -42.71 14.79
CA LEU A 46 -40.06 -41.81 13.82
C LEU A 46 -39.34 -40.47 13.77
N CYS A 47 -39.36 -39.86 12.58
CA CYS A 47 -38.75 -38.57 12.37
C CYS A 47 -39.73 -37.44 12.65
N PHE A 48 -39.19 -36.24 12.79
CA PHE A 48 -39.96 -35.04 12.99
C PHE A 48 -39.12 -33.86 12.52
N LEU A 49 -39.70 -32.65 12.62
CA LEU A 49 -39.08 -31.45 12.10
C LEU A 49 -38.66 -30.53 13.22
N GLU A 50 -37.41 -30.07 13.17
CA GLU A 50 -36.88 -29.12 14.15
C GLU A 50 -36.67 -27.78 13.47
N PRO A 51 -37.46 -26.75 13.79
CA PRO A 51 -37.30 -25.44 13.12
C PRO A 51 -35.92 -24.84 13.37
N THR A 52 -35.35 -24.24 12.32
CA THR A 52 -34.03 -23.65 12.42
C THR A 52 -33.95 -22.25 11.83
N SER A 53 -35.07 -21.67 11.41
CA SER A 53 -35.06 -20.31 10.91
C SER A 53 -34.73 -19.31 12.02
N ASN A 54 -35.32 -19.51 13.20
CA ASN A 54 -35.11 -18.62 14.34
C ASN A 54 -33.85 -19.05 15.08
N ALA A 55 -32.71 -18.81 14.44
CA ALA A 55 -31.41 -19.23 14.93
C ALA A 55 -30.77 -18.24 15.89
N GLN A 56 -31.51 -17.25 16.38
CA GLN A 56 -30.95 -16.27 17.30
C GLN A 56 -31.65 -16.26 18.64
N ASN A 57 -32.99 -16.18 18.66
CA ASN A 57 -33.74 -16.19 19.91
C ASN A 57 -33.58 -17.51 20.66
N VAL A 58 -33.65 -18.64 19.94
CA VAL A 58 -33.46 -19.96 20.52
C VAL A 58 -32.50 -20.76 19.63
N PRO A 59 -31.42 -21.29 20.18
CA PRO A 59 -30.51 -22.09 19.36
C PRO A 59 -31.17 -23.39 18.94
N PRO A 60 -30.80 -23.94 17.78
CA PRO A 60 -31.43 -25.17 17.30
C PRO A 60 -30.90 -26.42 17.99
N ASP A 61 -31.29 -27.59 17.50
CA ASP A 61 -30.84 -28.87 18.03
C ASP A 61 -30.15 -29.65 16.90
N LEU A 62 -28.87 -29.39 16.70
CA LEU A 62 -28.11 -30.05 15.64
C LEU A 62 -27.56 -31.41 16.04
N ALA A 63 -27.79 -31.85 17.29
CA ALA A 63 -27.33 -33.16 17.70
C ALA A 63 -28.07 -34.27 16.96
N ILE A 64 -29.37 -34.08 16.72
CA ILE A 64 -30.22 -35.12 16.17
C ILE A 64 -30.57 -34.87 14.71
N CYS A 65 -30.04 -33.83 14.08
CA CYS A 65 -30.28 -33.55 12.68
C CYS A 65 -29.21 -34.09 11.74
N CYS A 66 -28.04 -34.41 12.27
CA CYS A 66 -26.89 -34.75 11.45
C CYS A 66 -27.05 -36.11 10.76
N PHE A 67 -26.66 -36.17 9.48
CA PHE A 67 -26.74 -37.41 8.70
C PHE A 67 -25.46 -37.60 7.89
N THR A 68 -25.08 -38.87 7.69
CA THR A 68 -23.86 -39.20 6.99
C THR A 68 -24.15 -39.99 5.71
N LEU A 69 -23.46 -39.62 4.63
CA LEU A 69 -23.55 -40.34 3.36
C LEU A 69 -22.65 -41.56 3.42
N GLU A 70 -23.23 -42.72 3.71
CA GLU A 70 -22.44 -43.94 3.76
C GLU A 70 -21.97 -44.35 2.36
N GLN A 71 -22.91 -44.65 1.47
CA GLN A 71 -22.58 -45.14 0.14
C GLN A 71 -23.43 -44.44 -0.89
N SER A 72 -22.90 -44.34 -2.11
CA SER A 72 -23.62 -43.76 -3.23
C SER A 72 -23.43 -44.68 -4.43
N LEU A 73 -24.52 -45.28 -4.89
CA LEU A 73 -24.47 -46.28 -5.95
C LEU A 73 -25.52 -46.01 -7.02
N SER A 74 -25.23 -46.49 -8.23
CA SER A 74 -26.19 -46.42 -9.32
C SER A 74 -27.32 -47.40 -9.02
N VAL A 75 -28.54 -47.02 -9.42
CA VAL A 75 -29.75 -47.79 -9.12
C VAL A 75 -29.66 -49.22 -9.65
N ARG A 76 -29.23 -49.36 -10.91
CA ARG A 76 -29.09 -50.70 -11.48
C ARG A 76 -28.02 -51.50 -10.75
N ALA A 77 -26.87 -50.88 -10.44
CA ALA A 77 -25.83 -51.60 -9.68
C ALA A 77 -26.34 -51.99 -8.29
N LEU A 78 -27.23 -51.15 -7.72
CA LEU A 78 -27.84 -51.43 -6.44
C LEU A 78 -28.67 -52.70 -6.53
N GLN A 79 -29.29 -52.93 -7.70
CA GLN A 79 -30.15 -54.11 -7.86
C GLN A 79 -29.33 -55.39 -7.68
N GLU A 80 -28.17 -55.48 -8.37
CA GLU A 80 -27.36 -56.69 -8.22
C GLU A 80 -26.71 -56.75 -6.85
N MET A 81 -26.42 -55.60 -6.24
CA MET A 81 -25.90 -55.59 -4.87
C MET A 81 -26.94 -56.19 -3.92
N LEU A 82 -28.20 -55.83 -4.11
CA LEU A 82 -29.27 -56.39 -3.29
C LEU A 82 -29.45 -57.87 -3.59
N ALA A 83 -29.25 -58.25 -4.86
CA ALA A 83 -29.38 -59.65 -5.27
C ALA A 83 -28.33 -60.52 -4.57
N ASN A 84 -27.11 -60.03 -4.45
CA ASN A 84 -26.07 -60.77 -3.74
C ASN A 84 -26.31 -60.73 -2.24
N HIS A 98 -14.02 -42.60 -1.60
CA HIS A 98 -14.80 -41.37 -1.56
C HIS A 98 -15.44 -41.04 -2.90
N ARG A 99 -16.48 -41.80 -3.25
CA ARG A 99 -17.20 -41.58 -4.49
C ARG A 99 -17.94 -40.26 -4.47
N THR A 100 -17.96 -39.58 -5.60
CA THR A 100 -18.68 -38.32 -5.71
C THR A 100 -20.17 -38.59 -5.88
N LEU A 101 -21.00 -37.79 -5.22
CA LEU A 101 -22.44 -37.97 -5.30
C LEU A 101 -22.95 -37.49 -6.65
N LEU A 102 -23.53 -38.41 -7.41
CA LEU A 102 -24.03 -38.13 -8.75
C LEU A 102 -25.55 -38.16 -8.77
N TYR A 103 -26.14 -37.27 -9.57
CA TYR A 103 -27.60 -37.23 -9.73
C TYR A 103 -28.11 -38.54 -10.31
N GLY A 104 -29.25 -38.99 -9.79
CA GLY A 104 -29.83 -40.23 -10.23
C GLY A 104 -29.23 -41.47 -9.60
N HIS A 105 -28.26 -41.33 -8.71
CA HIS A 105 -27.71 -42.47 -7.99
C HIS A 105 -28.61 -42.82 -6.81
N ALA A 106 -28.17 -43.79 -6.01
CA ALA A 106 -28.88 -44.19 -4.80
C ALA A 106 -27.97 -43.96 -3.60
N ILE A 107 -28.53 -43.35 -2.55
CA ILE A 107 -27.76 -42.98 -1.37
C ILE A 107 -28.28 -43.73 -0.16
N LEU A 108 -27.41 -43.86 0.84
CA LEU A 108 -27.71 -44.52 2.11
C LEU A 108 -27.45 -43.54 3.25
N LEU A 109 -28.52 -42.94 3.79
CA LEU A 109 -28.38 -41.94 4.83
C LEU A 109 -28.38 -42.60 6.21
N ARG A 110 -27.28 -42.41 6.93
CA ARG A 110 -27.11 -42.93 8.28
C ARG A 110 -27.15 -41.78 9.28
N HIS A 111 -27.93 -41.94 10.34
CA HIS A 111 -27.95 -40.96 11.42
C HIS A 111 -26.59 -40.91 12.11
N ALA A 112 -26.26 -39.75 12.68
CA ALA A 112 -24.94 -39.61 13.28
C ALA A 112 -24.95 -39.98 14.76
N HIS A 113 -25.97 -39.57 15.50
CA HIS A 113 -26.04 -39.88 16.92
C HIS A 113 -26.40 -41.34 17.15
N SER A 114 -27.59 -41.75 16.70
CA SER A 114 -28.09 -43.08 17.02
C SER A 114 -27.54 -44.18 16.13
N ARG A 115 -26.77 -43.84 15.09
CA ARG A 115 -26.15 -44.78 14.14
C ARG A 115 -27.16 -45.66 13.38
N MET A 116 -28.45 -45.35 13.45
CA MET A 116 -29.45 -46.07 12.68
C MET A 116 -29.51 -45.52 11.26
N TYR A 117 -30.32 -46.13 10.42
CA TYR A 117 -30.42 -45.75 9.02
C TYR A 117 -31.80 -45.18 8.73
N LEU A 118 -31.83 -44.07 8.00
CA LEU A 118 -33.10 -43.51 7.56
C LEU A 118 -33.77 -44.43 6.55
N SER A 119 -35.06 -44.67 6.72
CA SER A 119 -35.77 -45.55 5.79
C SER A 119 -37.26 -45.31 5.85
N CYS A 120 -37.94 -45.69 4.77
CA CYS A 120 -39.38 -45.59 4.66
C CYS A 120 -40.02 -46.74 5.42
N LEU A 121 -40.59 -46.45 6.59
CA LEU A 121 -41.19 -47.48 7.43
C LEU A 121 -42.41 -48.08 6.76
N THR A 122 -42.53 -49.40 6.85
CA THR A 122 -43.63 -50.11 6.19
C THR A 122 -44.99 -49.71 6.75
N THR A 123 -45.10 -49.61 8.07
CA THR A 123 -46.34 -49.18 8.68
C THR A 123 -46.49 -47.67 8.55
N SER A 124 -47.70 -47.19 8.82
CA SER A 124 -48.00 -45.77 8.78
C SER A 124 -49.15 -45.49 9.73
N ARG A 125 -49.09 -44.34 10.41
CA ARG A 125 -50.06 -44.02 11.44
C ARG A 125 -50.70 -42.66 11.27
N SER A 126 -50.26 -41.84 10.32
CA SER A 126 -50.85 -40.53 10.09
C SER A 126 -52.26 -40.70 9.54
N MET A 127 -53.26 -40.47 10.39
CA MET A 127 -54.67 -40.62 10.03
C MET A 127 -55.21 -39.45 9.21
N THR A 128 -54.35 -38.60 8.64
CA THR A 128 -54.80 -37.57 7.73
C THR A 128 -55.37 -38.19 6.46
N ASP A 129 -54.78 -39.30 6.02
CA ASP A 129 -55.21 -39.99 4.80
C ASP A 129 -54.72 -41.43 4.84
N LYS A 130 -54.72 -42.08 3.68
CA LYS A 130 -54.09 -43.36 3.45
C LYS A 130 -52.89 -43.14 2.55
N LEU A 131 -52.20 -44.24 2.22
CA LEU A 131 -51.06 -44.33 1.27
C LEU A 131 -49.94 -43.32 1.55
N ALA A 132 -49.85 -42.79 2.77
CA ALA A 132 -48.78 -41.86 3.16
C ALA A 132 -47.97 -42.55 4.25
N PHE A 133 -46.80 -43.04 3.88
CA PHE A 133 -45.93 -43.75 4.81
C PHE A 133 -45.05 -42.76 5.57
N ASP A 134 -44.93 -42.97 6.88
CA ASP A 134 -44.11 -42.10 7.71
C ASP A 134 -42.70 -42.64 7.77
N VAL A 135 -41.73 -41.78 7.53
CA VAL A 135 -40.33 -42.16 7.51
C VAL A 135 -39.80 -42.27 8.93
N GLY A 136 -38.78 -43.11 9.12
CA GLY A 136 -38.19 -43.27 10.41
C GLY A 136 -36.82 -43.92 10.32
N LEU A 137 -36.26 -44.20 11.49
CA LEU A 137 -34.94 -44.82 11.55
C LEU A 137 -35.04 -46.34 11.56
N GLN A 138 -34.07 -46.99 10.91
CA GLN A 138 -34.01 -48.43 10.80
C GLN A 138 -32.69 -48.92 11.36
N GLU A 139 -32.71 -50.12 11.97
CA GLU A 139 -31.56 -50.64 12.70
C GLU A 139 -30.39 -50.93 11.78
N ASP A 140 -30.66 -51.51 10.60
CA ASP A 140 -29.59 -52.02 9.75
C ASP A 140 -29.89 -51.70 8.29
N ALA A 141 -28.86 -51.87 7.46
CA ALA A 141 -28.93 -51.57 6.03
C ALA A 141 -29.55 -52.70 5.21
N THR A 142 -29.92 -53.81 5.85
CA THR A 142 -30.55 -54.92 5.14
C THR A 142 -31.90 -54.51 4.57
N GLY A 143 -32.21 -55.03 3.39
CA GLY A 143 -33.39 -54.62 2.67
C GLY A 143 -33.12 -53.42 1.78
N GLU A 144 -34.18 -52.95 1.14
CA GLU A 144 -34.07 -51.82 0.23
C GLU A 144 -34.78 -50.56 0.73
N ALA A 145 -35.52 -50.65 1.83
CA ALA A 145 -36.23 -49.48 2.37
C ALA A 145 -35.29 -48.37 2.81
N CYS A 146 -34.02 -48.70 3.10
CA CYS A 146 -33.05 -47.71 3.52
C CYS A 146 -32.63 -46.79 2.39
N TRP A 147 -32.75 -47.21 1.15
CA TRP A 147 -32.12 -46.51 0.03
C TRP A 147 -33.04 -45.45 -0.56
N TRP A 148 -32.43 -44.31 -0.88
CA TRP A 148 -33.10 -43.20 -1.53
C TRP A 148 -32.33 -42.82 -2.78
N THR A 149 -33.06 -42.39 -3.79
CA THR A 149 -32.49 -41.90 -5.04
C THR A 149 -32.77 -40.41 -5.19
N MET A 150 -31.74 -39.64 -5.47
CA MET A 150 -31.90 -38.19 -5.57
C MET A 150 -31.97 -37.77 -7.03
N HIS A 151 -33.00 -37.04 -7.36
CA HIS A 151 -33.23 -36.59 -8.71
C HIS A 151 -33.02 -35.08 -8.80
N PRO A 152 -32.62 -34.58 -9.97
CA PRO A 152 -32.51 -33.13 -10.18
C PRO A 152 -33.85 -32.44 -10.00
N ALA A 153 -33.80 -31.23 -9.43
CA ALA A 153 -35.02 -30.48 -9.12
C ALA A 153 -35.79 -30.12 -10.39
N SER A 154 -35.08 -29.69 -11.42
CA SER A 154 -35.72 -29.29 -12.66
C SER A 154 -34.75 -29.60 -13.80
N LYS A 155 -35.06 -29.09 -14.98
CA LYS A 155 -34.24 -29.31 -16.16
C LYS A 155 -32.91 -28.55 -16.13
N GLN A 156 -32.70 -27.66 -15.18
CA GLN A 156 -31.42 -26.96 -15.05
C GLN A 156 -30.28 -27.89 -14.64
N ARG A 157 -30.60 -29.06 -14.09
CA ARG A 157 -29.62 -30.11 -13.84
C ARG A 157 -30.14 -31.41 -14.43
N SER A 158 -29.23 -32.28 -14.83
CA SER A 158 -29.57 -33.53 -15.46
C SER A 158 -29.02 -34.69 -14.64
N GLU A 159 -29.53 -35.89 -14.94
CA GLU A 159 -29.04 -37.10 -14.30
C GLU A 159 -27.60 -37.38 -14.73
N GLY A 160 -26.88 -38.13 -13.89
CA GLY A 160 -25.55 -38.55 -14.23
C GLY A 160 -24.45 -37.53 -14.03
N GLU A 161 -24.77 -36.37 -13.45
CA GLU A 161 -23.75 -35.37 -13.14
C GLU A 161 -23.70 -35.15 -11.63
N LYS A 162 -22.52 -34.78 -11.16
CA LYS A 162 -22.28 -34.62 -9.73
C LYS A 162 -23.07 -33.43 -9.17
N VAL A 163 -23.63 -33.63 -7.99
CA VAL A 163 -24.40 -32.59 -7.32
C VAL A 163 -23.46 -31.67 -6.55
N ARG A 164 -23.78 -30.38 -6.57
CA ARG A 164 -23.00 -29.34 -5.91
C ARG A 164 -23.75 -28.85 -4.68
N VAL A 165 -23.06 -28.07 -3.84
CA VAL A 165 -23.68 -27.53 -2.63
C VAL A 165 -24.81 -26.57 -3.02
N GLY A 166 -25.75 -26.39 -2.09
CA GLY A 166 -26.90 -25.55 -2.30
C GLY A 166 -27.92 -26.03 -3.33
N ASP A 167 -27.63 -27.10 -4.07
CA ASP A 167 -28.53 -27.63 -5.08
C ASP A 167 -29.84 -28.08 -4.46
N ASP A 168 -30.93 -27.86 -5.18
CA ASP A 168 -32.21 -28.44 -4.82
C ASP A 168 -32.28 -29.88 -5.31
N LEU A 169 -32.86 -30.75 -4.49
CA LEU A 169 -32.93 -32.18 -4.77
C LEU A 169 -34.34 -32.70 -4.56
N ILE A 170 -34.65 -33.82 -5.21
CA ILE A 170 -35.88 -34.58 -4.92
C ILE A 170 -35.46 -35.98 -4.50
N LEU A 171 -35.91 -36.43 -3.34
CA LEU A 171 -35.52 -37.75 -2.84
C LEU A 171 -36.67 -38.75 -2.93
N VAL A 172 -36.37 -39.91 -3.53
CA VAL A 172 -37.35 -40.95 -3.81
C VAL A 172 -36.96 -42.22 -3.07
N SER A 173 -37.90 -42.79 -2.31
CA SER A 173 -37.66 -44.03 -1.60
C SER A 173 -37.60 -45.17 -2.61
N VAL A 174 -36.57 -46.02 -2.50
CA VAL A 174 -36.40 -47.08 -3.49
C VAL A 174 -37.49 -48.15 -3.32
N SER A 175 -37.78 -48.54 -2.08
CA SER A 175 -38.68 -49.66 -1.84
C SER A 175 -40.15 -49.31 -2.06
N SER A 176 -40.53 -48.04 -1.90
CA SER A 176 -41.93 -47.67 -2.02
C SER A 176 -42.24 -46.72 -3.16
N GLU A 177 -41.22 -46.24 -3.88
CA GLU A 177 -41.36 -45.33 -5.03
C GLU A 177 -42.16 -44.08 -4.68
N ARG A 178 -41.88 -43.51 -3.52
CA ARG A 178 -42.57 -42.32 -3.05
C ARG A 178 -41.56 -41.20 -2.83
N TYR A 179 -42.05 -39.98 -2.83
CA TYR A 179 -41.20 -38.83 -2.58
C TYR A 179 -41.05 -38.57 -1.08
N LEU A 180 -40.04 -37.79 -0.73
CA LEU A 180 -39.82 -37.39 0.65
C LEU A 180 -40.56 -36.08 0.89
N HIS A 181 -41.78 -36.19 1.44
CA HIS A 181 -42.73 -35.09 1.54
C HIS A 181 -42.79 -34.58 2.97
N LEU A 182 -43.41 -33.41 3.15
CA LEU A 182 -43.80 -32.92 4.47
C LEU A 182 -45.29 -32.61 4.41
N SER A 183 -46.04 -33.09 5.39
CA SER A 183 -47.50 -33.00 5.35
C SER A 183 -47.88 -31.74 6.13
N THR A 184 -48.10 -30.65 5.40
CA THR A 184 -48.52 -29.38 5.95
C THR A 184 -50.04 -29.37 6.23
N ALA A 185 -50.75 -30.41 5.81
CA ALA A 185 -52.21 -30.48 5.93
C ALA A 185 -52.68 -30.40 7.38
N SER A 186 -52.04 -31.16 8.25
CA SER A 186 -52.32 -31.07 9.69
C SER A 186 -51.75 -29.77 10.25
N GLY A 187 -52.24 -29.41 11.43
CA GLY A 187 -51.78 -28.18 12.08
C GLY A 187 -50.29 -28.19 12.36
N GLU A 188 -49.77 -29.33 12.81
CA GLU A 188 -48.34 -29.50 13.01
C GLU A 188 -47.66 -29.78 11.68
N LEU A 189 -46.33 -29.77 11.69
CA LEU A 189 -45.55 -30.01 10.49
C LEU A 189 -44.83 -31.34 10.66
N GLN A 190 -45.20 -32.32 9.85
CA GLN A 190 -44.62 -33.65 9.90
C GLN A 190 -43.77 -33.89 8.65
N VAL A 191 -43.27 -35.12 8.53
CA VAL A 191 -42.57 -35.59 7.34
C VAL A 191 -43.14 -36.97 7.01
N ASP A 192 -43.53 -37.17 5.76
CA ASP A 192 -44.10 -38.43 5.31
C ASP A 192 -43.54 -38.77 3.94
N ALA A 193 -43.66 -40.04 3.58
CA ALA A 193 -43.32 -40.49 2.24
C ALA A 193 -44.62 -40.65 1.46
N SER A 194 -44.94 -39.64 0.64
CA SER A 194 -46.17 -39.63 -0.13
C SER A 194 -45.83 -39.37 -1.59
N PHE A 195 -46.87 -39.33 -2.41
CA PHE A 195 -46.69 -39.22 -3.85
C PHE A 195 -46.47 -37.81 -4.33
N MET A 196 -46.75 -36.80 -3.51
CA MET A 196 -46.55 -35.40 -3.88
C MET A 196 -45.18 -34.94 -3.43
N GLN A 197 -44.37 -34.48 -4.39
CA GLN A 197 -42.96 -34.23 -4.14
C GLN A 197 -42.73 -33.02 -3.25
N THR A 198 -41.53 -32.95 -2.68
CA THR A 198 -41.05 -31.79 -1.94
C THR A 198 -39.59 -31.56 -2.32
N LEU A 199 -39.20 -30.28 -2.30
CA LEU A 199 -37.87 -29.86 -2.69
C LEU A 199 -37.03 -29.75 -1.42
N TRP A 200 -35.94 -30.51 -1.35
CA TRP A 200 -35.14 -30.63 -0.16
C TRP A 200 -33.76 -30.04 -0.39
N ASN A 201 -33.24 -29.36 0.63
CA ASN A 201 -31.88 -28.83 0.60
C ASN A 201 -30.97 -29.70 1.45
N MET A 202 -29.80 -30.04 0.90
CA MET A 202 -28.84 -30.89 1.60
C MET A 202 -27.66 -30.01 1.98
N ASN A 203 -27.77 -29.34 3.13
CA ASN A 203 -26.72 -28.42 3.56
C ASN A 203 -25.55 -29.20 4.15
N PRO A 204 -24.33 -29.04 3.63
CA PRO A 204 -23.19 -29.75 4.20
C PRO A 204 -22.81 -29.21 5.57
N ILE A 205 -22.17 -30.08 6.35
CA ILE A 205 -21.72 -29.74 7.69
C ILE A 205 -20.22 -29.96 7.82
N CYS A 206 -19.74 -31.11 7.38
CA CYS A 206 -18.34 -31.46 7.47
C CYS A 206 -17.95 -32.35 6.30
N SER A 207 -16.71 -32.18 5.84
CA SER A 207 -16.16 -33.04 4.80
C SER A 207 -14.97 -33.84 5.29
N CYS A 208 -13.90 -33.18 5.75
CA CYS A 208 -12.68 -33.86 6.18
C CYS A 208 -12.01 -32.97 7.21
N CYS A 209 -12.00 -33.40 8.47
CA CYS A 209 -11.25 -32.71 9.52
C CYS A 209 -9.83 -33.24 9.53
N GLU A 210 -8.86 -32.32 9.58
CA GLU A 210 -7.46 -32.72 9.67
C GLU A 210 -7.25 -33.45 10.99
N GLU A 211 -6.33 -34.42 10.97
CA GLU A 211 -6.08 -35.28 12.12
C GLU A 211 -5.64 -34.48 13.34
N GLY A 212 -6.31 -34.71 14.46
CA GLY A 212 -5.99 -34.03 15.71
C GLY A 212 -6.24 -32.54 15.70
N TYR A 213 -7.34 -32.10 15.10
CA TYR A 213 -7.68 -30.68 15.10
C TYR A 213 -9.11 -30.50 15.61
N VAL A 214 -9.36 -29.38 16.26
CA VAL A 214 -10.66 -29.13 16.85
C VAL A 214 -11.58 -28.53 15.78
N THR A 215 -12.83 -28.98 15.75
CA THR A 215 -13.84 -28.47 14.84
C THR A 215 -15.14 -28.24 15.61
N GLY A 216 -15.97 -27.37 15.06
CA GLY A 216 -17.26 -27.10 15.66
C GLY A 216 -18.17 -28.31 15.61
N GLY A 217 -19.07 -28.38 16.59
CA GLY A 217 -20.02 -29.47 16.71
C GLY A 217 -19.50 -30.66 17.49
N HIS A 218 -18.20 -30.73 17.74
CA HIS A 218 -17.62 -31.84 18.50
C HIS A 218 -18.07 -31.78 19.95
N VAL A 219 -17.99 -32.92 20.63
CA VAL A 219 -18.17 -33.02 22.07
C VAL A 219 -16.79 -33.27 22.66
N LEU A 220 -16.40 -32.44 23.63
CA LEU A 220 -15.03 -32.45 24.09
C LEU A 220 -14.97 -31.89 25.51
N ARG A 221 -13.86 -32.13 26.19
CA ARG A 221 -13.66 -31.57 27.52
C ARG A 221 -12.66 -30.42 27.48
N LEU A 222 -12.92 -29.44 28.35
CA LEU A 222 -12.10 -28.23 28.50
C LEU A 222 -11.30 -28.38 29.79
N PHE A 223 -10.06 -28.85 29.66
CA PHE A 223 -9.19 -29.01 30.83
C PHE A 223 -8.48 -27.71 31.20
N HIS A 224 -8.46 -27.40 32.50
CA HIS A 224 -7.55 -26.38 32.98
C HIS A 224 -6.11 -26.84 32.71
N GLY A 225 -5.20 -25.87 32.51
CA GLY A 225 -3.79 -26.13 32.19
C GLY A 225 -3.09 -27.17 33.07
N HIS A 226 -3.56 -27.35 34.30
CA HIS A 226 -3.06 -28.35 35.24
C HIS A 226 -3.36 -29.78 34.78
N MET A 227 -4.23 -29.98 33.77
CA MET A 227 -4.70 -31.27 33.23
C MET A 227 -5.51 -32.05 34.27
N ASP A 228 -5.94 -31.39 35.36
CA ASP A 228 -6.73 -32.05 36.38
C ASP A 228 -8.07 -31.38 36.67
N GLU A 229 -8.24 -30.11 36.32
CA GLU A 229 -9.50 -29.41 36.55
C GLU A 229 -10.25 -29.25 35.24
N CYS A 230 -11.51 -29.63 35.25
CA CYS A 230 -12.40 -29.56 34.09
C CYS A 230 -13.69 -28.84 34.47
N LEU A 231 -14.19 -28.06 33.53
CA LEU A 231 -15.39 -27.23 33.75
C LEU A 231 -16.59 -28.16 33.89
N THR A 232 -17.20 -28.18 35.07
CA THR A 232 -18.37 -29.03 35.31
C THR A 232 -19.49 -28.22 35.96
N ILE A 233 -20.73 -28.62 35.69
CA ILE A 233 -21.85 -28.14 36.48
C ILE A 233 -22.02 -29.10 37.65
N SER A 234 -22.88 -28.73 38.61
CA SER A 234 -23.12 -29.50 39.82
C SER A 234 -23.61 -30.93 39.52
N ALA A 235 -23.51 -31.79 40.53
CA ALA A 235 -23.97 -33.16 40.41
C ALA A 235 -25.49 -33.22 40.32
N ALA A 236 -25.99 -34.36 39.83
CA ALA A 236 -27.42 -34.58 39.72
C ALA A 236 -28.06 -34.61 41.10
N ASP A 237 -29.30 -34.09 41.16
CA ASP A 237 -30.10 -33.96 42.38
C ASP A 237 -29.36 -33.16 43.45
N SER A 238 -29.13 -31.89 43.14
CA SER A 238 -28.44 -30.98 44.05
C SER A 238 -29.24 -29.71 44.24
N ASP A 239 -28.99 -29.06 45.37
CA ASP A 239 -29.64 -27.80 45.71
C ASP A 239 -29.28 -26.66 44.76
N ASP A 240 -28.12 -26.74 44.11
CA ASP A 240 -27.64 -25.72 43.18
C ASP A 240 -28.49 -25.63 41.91
N GLN A 241 -29.35 -26.63 41.65
CA GLN A 241 -30.15 -26.81 40.43
C GLN A 241 -29.28 -27.00 39.19
N ARG A 242 -28.01 -27.35 39.41
CA ARG A 242 -27.03 -27.65 38.37
C ARG A 242 -26.86 -26.49 37.39
N ARG A 243 -26.90 -25.27 37.91
CA ARG A 243 -26.89 -24.07 37.08
C ARG A 243 -25.65 -23.23 37.29
N LEU A 244 -24.60 -23.78 37.90
CA LEU A 244 -23.38 -23.04 38.18
C LEU A 244 -22.17 -23.84 37.72
N VAL A 245 -21.22 -23.15 37.11
CA VAL A 245 -20.03 -23.79 36.56
C VAL A 245 -18.94 -23.79 37.63
N TYR A 246 -18.10 -24.84 37.61
CA TYR A 246 -17.03 -25.00 38.56
C TYR A 246 -15.81 -25.54 37.82
N TYR A 247 -14.63 -25.25 38.35
CA TYR A 247 -13.41 -25.94 37.93
C TYR A 247 -13.22 -27.08 38.92
N GLU A 248 -13.58 -28.30 38.51
CA GLU A 248 -13.57 -29.41 39.46
C GLU A 248 -12.56 -30.45 39.01
N GLY A 249 -12.00 -31.18 39.97
CA GLY A 249 -11.03 -32.22 39.71
C GLY A 249 -11.45 -33.57 40.24
N GLY A 250 -10.60 -34.56 39.95
CA GLY A 250 -10.82 -35.90 40.44
C GLY A 250 -11.53 -36.78 39.42
N ALA A 251 -12.32 -37.74 39.91
CA ALA A 251 -13.02 -38.67 39.03
C ALA A 251 -14.18 -38.02 38.30
N VAL A 252 -14.57 -36.79 38.66
CA VAL A 252 -15.62 -36.07 37.98
C VAL A 252 -15.19 -35.73 36.54
N CYS A 253 -13.88 -35.55 36.31
CA CYS A 253 -13.33 -35.30 34.98
C CYS A 253 -13.26 -36.54 34.08
N THR A 254 -13.97 -37.62 34.43
CA THR A 254 -14.28 -38.70 33.51
C THR A 254 -15.76 -39.07 33.51
N HIS A 255 -16.58 -38.33 34.24
CA HIS A 255 -18.02 -38.59 34.28
C HIS A 255 -18.66 -37.95 33.04
N ALA A 256 -19.99 -37.92 33.01
CA ALA A 256 -20.69 -37.36 31.86
C ALA A 256 -20.95 -35.87 32.00
N ARG A 257 -21.00 -35.38 33.24
CA ARG A 257 -21.30 -33.98 33.53
C ARG A 257 -20.25 -33.00 33.01
N SER A 258 -19.04 -33.47 32.67
CA SER A 258 -17.95 -32.60 32.26
C SER A 258 -17.76 -32.58 30.74
N LEU A 259 -18.84 -32.72 29.99
CA LEU A 259 -18.77 -32.76 28.54
C LEU A 259 -19.41 -31.53 27.91
N TRP A 260 -18.67 -30.84 27.06
CA TRP A 260 -19.18 -29.64 26.42
C TRP A 260 -19.17 -29.81 24.91
N ARG A 261 -20.18 -29.26 24.25
CA ARG A 261 -20.30 -29.25 22.80
C ARG A 261 -20.20 -27.84 22.25
N LEU A 262 -19.28 -27.65 21.30
CA LEU A 262 -19.03 -26.37 20.64
C LEU A 262 -20.06 -26.18 19.54
N GLU A 263 -21.10 -25.41 19.79
CA GLU A 263 -22.18 -25.22 18.84
C GLU A 263 -22.07 -23.83 18.21
N PRO A 264 -21.59 -23.69 16.97
CA PRO A 264 -21.46 -22.35 16.38
C PRO A 264 -22.80 -21.71 16.02
N LEU A 265 -22.73 -20.53 15.40
CA LEU A 265 -23.90 -19.74 15.11
C LEU A 265 -24.46 -19.99 13.71
N ARG A 266 -23.70 -20.68 12.86
CA ARG A 266 -24.07 -20.93 11.47
C ARG A 266 -24.53 -22.37 11.32
N ILE A 267 -25.65 -22.55 10.63
CA ILE A 267 -26.16 -23.90 10.40
C ILE A 267 -25.30 -24.62 9.38
N SER A 268 -25.23 -24.08 8.16
CA SER A 268 -24.35 -24.65 7.14
C SER A 268 -22.89 -24.50 7.55
N TRP A 269 -22.11 -25.54 7.26
CA TRP A 269 -20.68 -25.65 7.58
C TRP A 269 -20.42 -25.46 9.08
N SER A 270 -21.33 -25.98 9.91
CA SER A 270 -21.16 -25.96 11.35
C SER A 270 -20.07 -26.91 11.86
N GLY A 271 -19.51 -27.75 11.00
CA GLY A 271 -18.48 -28.68 11.41
C GLY A 271 -17.15 -28.29 10.81
N SER A 272 -17.04 -27.04 10.39
CA SER A 272 -15.79 -26.52 9.86
C SER A 272 -14.74 -26.40 10.97
N HIS A 273 -13.47 -26.28 10.54
CA HIS A 273 -12.36 -26.11 11.47
C HIS A 273 -12.53 -24.85 12.31
N LEU A 274 -11.92 -24.85 13.48
CA LEU A 274 -12.06 -23.73 14.40
C LEU A 274 -11.00 -22.66 14.13
N ARG A 275 -11.46 -21.46 13.83
CA ARG A 275 -10.59 -20.30 13.73
C ARG A 275 -10.73 -19.48 15.02
N TRP A 276 -9.64 -18.82 15.41
CA TRP A 276 -9.67 -18.05 16.65
C TRP A 276 -10.64 -16.87 16.55
N GLY A 277 -11.23 -16.52 17.69
CA GLY A 277 -12.07 -15.35 17.79
C GLY A 277 -13.33 -15.39 16.96
N GLN A 278 -13.90 -16.58 16.74
CA GLN A 278 -15.16 -16.59 16.01
C GLN A 278 -16.29 -17.01 16.94
N PRO A 279 -17.45 -16.35 16.83
CA PRO A 279 -18.56 -16.59 17.77
C PRO A 279 -19.04 -18.04 17.74
N LEU A 280 -19.36 -18.56 18.92
CA LEU A 280 -19.87 -19.92 19.12
C LEU A 280 -20.42 -20.07 20.52
N ARG A 281 -21.57 -20.75 20.63
CA ARG A 281 -22.16 -20.98 21.94
C ARG A 281 -21.42 -22.12 22.62
N ILE A 282 -21.85 -22.46 23.84
CA ILE A 282 -21.33 -23.63 24.55
C ILE A 282 -22.53 -24.39 25.11
N ARG A 283 -22.60 -25.69 24.81
CA ARG A 283 -23.77 -26.48 25.19
C ARG A 283 -23.36 -27.65 26.07
N HIS A 284 -24.08 -27.85 27.17
CA HIS A 284 -23.90 -29.01 28.01
C HIS A 284 -24.81 -30.12 27.49
N VAL A 285 -24.20 -31.26 27.16
CA VAL A 285 -24.93 -32.29 26.44
C VAL A 285 -25.98 -32.95 27.33
N THR A 286 -25.62 -33.30 28.58
CA THR A 286 -26.50 -34.08 29.43
C THR A 286 -27.69 -33.28 29.94
N THR A 287 -27.60 -31.95 29.95
CA THR A 287 -28.65 -31.10 30.49
C THR A 287 -29.34 -30.27 29.42
N GLY A 288 -28.71 -30.05 28.28
CA GLY A 288 -29.28 -29.21 27.25
C GLY A 288 -29.38 -27.75 27.63
N ARG A 289 -28.30 -27.21 28.19
CA ARG A 289 -28.25 -25.81 28.57
C ARG A 289 -26.99 -25.16 28.00
N TYR A 290 -27.04 -23.84 27.89
CA TYR A 290 -26.02 -23.07 27.20
C TYR A 290 -25.32 -22.14 28.17
N LEU A 291 -23.99 -22.04 28.03
CA LEU A 291 -23.20 -21.12 28.83
C LEU A 291 -23.60 -19.68 28.56
N ALA A 292 -23.73 -18.89 29.63
CA ALA A 292 -24.26 -17.54 29.48
C ALA A 292 -23.79 -16.65 30.61
N LEU A 293 -23.91 -15.35 30.36
CA LEU A 293 -23.71 -14.30 31.35
C LEU A 293 -25.08 -13.72 31.70
N THR A 294 -25.55 -14.02 32.90
CA THR A 294 -26.84 -13.54 33.36
C THR A 294 -26.63 -12.34 34.27
N GLU A 295 -27.71 -11.59 34.47
CA GLU A 295 -27.61 -10.36 35.24
C GLU A 295 -27.53 -10.62 36.74
N ASP A 296 -28.23 -11.63 37.25
CA ASP A 296 -28.34 -11.81 38.69
C ASP A 296 -27.27 -12.72 39.28
N GLN A 297 -26.87 -13.77 38.56
CA GLN A 297 -25.92 -14.74 39.09
C GLN A 297 -24.65 -14.85 38.25
N GLY A 298 -24.38 -13.91 37.36
CA GLY A 298 -23.15 -13.89 36.59
C GLY A 298 -23.03 -14.95 35.51
N LEU A 299 -22.05 -15.85 35.64
CA LEU A 299 -21.86 -16.92 34.66
C LEU A 299 -22.70 -18.13 35.07
N VAL A 300 -23.80 -18.37 34.36
CA VAL A 300 -24.64 -19.55 34.58
C VAL A 300 -24.93 -20.24 33.26
N VAL A 301 -25.48 -21.44 33.35
CA VAL A 301 -25.97 -22.16 32.18
C VAL A 301 -27.48 -21.97 32.09
N VAL A 302 -27.92 -21.31 31.04
CA VAL A 302 -29.29 -20.89 30.86
C VAL A 302 -29.94 -21.90 29.92
N ASP A 303 -31.27 -22.00 29.98
CA ASP A 303 -32.03 -22.95 29.18
C ASP A 303 -31.82 -22.71 27.68
N ALA A 304 -32.22 -23.70 26.88
CA ALA A 304 -32.18 -23.54 25.43
C ALA A 304 -33.26 -22.61 24.90
N CYS A 305 -34.26 -22.28 25.71
CA CYS A 305 -35.36 -21.43 25.28
C CYS A 305 -35.07 -19.95 25.47
N LYS A 306 -33.95 -19.59 26.11
CA LYS A 306 -33.66 -18.19 26.43
C LYS A 306 -32.21 -17.83 26.15
N ALA A 307 -31.62 -18.41 25.10
CA ALA A 307 -30.25 -18.09 24.71
C ALA A 307 -30.34 -17.18 23.51
N HIS A 308 -30.35 -15.87 23.76
CA HIS A 308 -30.59 -14.86 22.75
C HIS A 308 -29.32 -14.41 22.03
N THR A 309 -28.28 -15.26 21.96
CA THR A 309 -27.08 -15.15 21.12
C THR A 309 -26.17 -13.98 21.51
N LYS A 310 -26.63 -13.12 22.41
CA LYS A 310 -25.85 -11.98 22.90
C LYS A 310 -25.05 -12.34 24.14
N ALA A 311 -25.71 -12.87 25.15
CA ALA A 311 -25.06 -13.26 26.39
C ALA A 311 -24.50 -14.67 26.34
N THR A 312 -24.69 -15.40 25.24
CA THR A 312 -24.31 -16.80 25.18
C THR A 312 -23.17 -17.09 24.22
N SER A 313 -22.76 -16.11 23.42
CA SER A 313 -21.70 -16.35 22.46
C SER A 313 -20.34 -16.19 23.10
N PHE A 314 -19.34 -16.86 22.53
CA PHE A 314 -17.99 -16.89 23.09
C PHE A 314 -17.00 -17.02 21.94
N CYS A 315 -15.73 -16.80 22.26
CA CYS A 315 -14.65 -16.88 21.28
C CYS A 315 -13.42 -17.50 21.93
N PHE A 316 -12.58 -18.08 21.08
CA PHE A 316 -11.32 -18.70 21.48
C PHE A 316 -10.16 -17.88 20.95
N ARG A 317 -9.15 -17.65 21.80
CA ARG A 317 -8.07 -16.75 21.43
C ARG A 317 -6.78 -17.25 22.05
N VAL A 318 -5.65 -16.83 21.47
CA VAL A 318 -4.35 -17.36 21.87
C VAL A 318 -3.69 -16.41 22.87
N SER A 319 -4.03 -15.13 22.80
CA SER A 319 -3.46 -14.14 23.72
C SER A 319 -4.57 -13.40 24.46
N LYS A 320 -4.16 -12.62 25.45
CA LYS A 320 -5.08 -11.86 26.29
C LYS A 320 -5.18 -10.41 25.89
N GLU A 321 -4.68 -10.04 24.71
CA GLU A 321 -4.83 -8.67 24.25
C GLU A 321 -6.26 -8.42 23.78
N LYS A 322 -6.68 -7.16 23.86
CA LYS A 322 -8.03 -6.77 23.47
C LYS A 322 -8.14 -6.72 21.96
N LEU A 323 -8.98 -7.58 21.39
CA LEU A 323 -9.26 -7.58 19.96
C LEU A 323 -10.69 -7.13 19.69
N PRO A 327 -14.81 -11.56 15.62
CA PRO A 327 -15.49 -12.25 14.53
C PRO A 327 -14.95 -11.89 13.15
N LYS A 328 -14.95 -12.84 12.24
CA LYS A 328 -14.48 -12.65 10.87
C LYS A 328 -15.59 -13.03 9.90
N ARG A 329 -15.30 -12.90 8.61
CA ARG A 329 -16.25 -13.27 7.58
C ARG A 329 -16.16 -14.77 7.31
N ASP A 330 -17.29 -15.46 7.43
CA ASP A 330 -17.33 -16.91 7.28
C ASP A 330 -16.97 -17.33 5.85
N VAL A 331 -16.30 -18.46 5.74
CA VAL A 331 -15.95 -19.06 4.45
C VAL A 331 -16.79 -20.32 4.25
N GLU A 332 -17.41 -20.43 3.09
CA GLU A 332 -18.22 -21.60 2.75
C GLU A 332 -17.29 -22.72 2.29
N GLY A 333 -16.60 -23.30 3.26
CA GLY A 333 -15.69 -24.39 3.03
C GLY A 333 -15.38 -25.06 4.34
N MET A 334 -14.43 -25.99 4.29
CA MET A 334 -14.05 -26.74 5.48
C MET A 334 -13.35 -25.85 6.52
N GLY A 335 -12.82 -24.71 6.11
CA GLY A 335 -12.29 -23.75 7.06
C GLY A 335 -10.80 -23.83 7.20
N PRO A 336 -10.21 -22.85 7.88
CA PRO A 336 -8.77 -22.88 8.11
C PRO A 336 -8.41 -23.71 9.34
N PRO A 337 -7.60 -24.74 9.16
CA PRO A 337 -7.24 -25.60 10.31
C PRO A 337 -6.06 -25.08 11.12
N GLU A 338 -6.31 -24.58 12.33
CA GLU A 338 -5.16 -24.30 13.18
C GLU A 338 -5.27 -24.85 14.61
N ILE A 339 -6.44 -24.75 15.25
CA ILE A 339 -6.57 -25.21 16.64
C ILE A 339 -6.42 -26.73 16.70
N LYS A 340 -5.62 -27.21 17.64
CA LYS A 340 -5.30 -28.61 17.80
C LYS A 340 -5.83 -29.17 19.12
N TYR A 341 -5.66 -30.48 19.28
CA TYR A 341 -6.09 -31.22 20.45
C TYR A 341 -4.87 -31.66 21.24
N GLY A 342 -4.84 -31.34 22.52
CA GLY A 342 -3.72 -31.65 23.37
C GLY A 342 -2.63 -30.60 23.40
N GLU A 343 -2.69 -29.62 22.51
CA GLU A 343 -1.77 -28.48 22.48
C GLU A 343 -2.62 -27.24 22.29
N SER A 344 -1.99 -26.10 21.96
CA SER A 344 -2.65 -24.86 21.58
C SER A 344 -3.62 -24.36 22.66
N LEU A 345 -3.03 -23.96 23.79
CA LEU A 345 -3.77 -23.42 24.93
C LEU A 345 -4.66 -22.26 24.51
N CYS A 346 -5.93 -22.31 24.92
CA CYS A 346 -6.92 -21.34 24.48
C CYS A 346 -7.45 -20.53 25.64
N PHE A 347 -7.84 -19.29 25.34
CA PHE A 347 -8.49 -18.40 26.28
C PHE A 347 -9.89 -18.12 25.74
N VAL A 348 -10.90 -18.37 26.56
CA VAL A 348 -12.28 -18.16 26.15
C VAL A 348 -12.71 -16.77 26.59
N GLN A 349 -13.23 -15.99 25.65
CA GLN A 349 -13.70 -14.64 25.94
C GLN A 349 -15.14 -14.51 25.49
N HIS A 350 -15.99 -14.01 26.37
CA HIS A 350 -17.34 -13.58 26.00
C HIS A 350 -17.22 -12.45 24.97
N VAL A 351 -17.83 -12.65 23.80
CA VAL A 351 -17.62 -11.68 22.72
C VAL A 351 -18.40 -10.39 22.97
N ALA A 352 -19.51 -10.45 23.72
CA ALA A 352 -20.28 -9.23 23.97
C ALA A 352 -19.66 -8.36 25.05
N SER A 353 -19.55 -8.89 26.27
CA SER A 353 -19.05 -8.10 27.39
C SER A 353 -17.53 -8.05 27.47
N GLY A 354 -16.82 -8.86 26.67
CA GLY A 354 -15.37 -8.83 26.66
C GLY A 354 -14.69 -9.42 27.87
N LEU A 355 -15.44 -9.98 28.81
CA LEU A 355 -14.88 -10.46 30.07
C LEU A 355 -14.04 -11.72 29.84
N TRP A 356 -13.43 -12.24 30.90
CA TRP A 356 -12.61 -13.44 30.79
C TRP A 356 -12.95 -14.40 31.93
N LEU A 357 -12.93 -15.69 31.63
CA LEU A 357 -13.30 -16.68 32.64
C LEU A 357 -12.07 -16.95 33.51
N THR A 358 -12.30 -17.04 34.82
CA THR A 358 -11.23 -17.35 35.77
C THR A 358 -11.89 -17.88 37.03
N TYR A 359 -11.21 -18.82 37.68
CA TYR A 359 -11.65 -19.38 38.95
C TYR A 359 -11.74 -18.28 40.01
N ALA A 360 -12.80 -18.29 40.79
CA ALA A 360 -12.94 -17.33 41.88
C ALA A 360 -11.94 -17.66 42.99
N ALA A 361 -11.17 -16.65 43.39
CA ALA A 361 -10.22 -16.82 44.49
C ALA A 361 -10.83 -17.22 45.84
N PRO A 362 -11.96 -16.64 46.36
CA PRO A 362 -12.39 -16.97 47.73
C PRO A 362 -12.69 -18.44 47.95
N ASP A 363 -12.39 -18.92 49.15
CA ASP A 363 -12.66 -20.31 49.55
C ASP A 363 -13.10 -20.29 51.01
N PRO A 364 -14.40 -20.42 51.27
CA PRO A 364 -14.91 -20.30 52.65
C PRO A 364 -14.60 -21.50 53.54
N LYS A 365 -15.21 -21.51 54.73
CA LYS A 365 -15.01 -22.58 55.70
C LYS A 365 -15.40 -23.94 55.13
N ALA A 366 -16.46 -23.98 54.31
CA ALA A 366 -16.86 -25.23 53.68
C ALA A 366 -15.78 -25.77 52.73
N LEU A 367 -14.99 -24.87 52.13
CA LEU A 367 -13.89 -25.25 51.26
C LEU A 367 -12.53 -25.20 51.96
N ARG A 368 -12.54 -25.03 53.29
CA ARG A 368 -11.27 -25.02 54.04
C ARG A 368 -10.60 -26.38 53.98
N LEU A 369 -11.37 -27.46 54.12
CA LEU A 369 -10.85 -28.82 54.09
C LEU A 369 -11.58 -29.71 53.10
N GLY A 370 -12.80 -29.36 52.70
CA GLY A 370 -13.62 -30.10 51.77
C GLY A 370 -13.05 -30.14 50.36
N VAL A 371 -13.86 -30.67 49.45
CA VAL A 371 -13.45 -30.83 48.05
C VAL A 371 -13.14 -29.46 47.43
N LEU A 372 -12.07 -29.42 46.63
CA LEU A 372 -11.59 -28.16 46.07
C LEU A 372 -12.27 -27.95 44.73
N LYS A 373 -13.41 -27.26 44.76
CA LYS A 373 -14.08 -26.81 43.55
C LYS A 373 -13.97 -25.29 43.50
N LYS A 374 -13.52 -24.79 42.35
CA LYS A 374 -13.24 -23.37 42.16
C LYS A 374 -14.27 -22.81 41.20
N LYS A 375 -15.34 -22.24 41.75
CA LYS A 375 -16.46 -21.73 40.96
C LYS A 375 -16.02 -20.66 39.98
N ALA A 376 -16.02 -21.00 38.69
CA ALA A 376 -15.54 -20.10 37.66
C ALA A 376 -16.42 -18.87 37.54
N ILE A 377 -15.79 -17.71 37.41
CA ILE A 377 -16.49 -16.45 37.25
C ILE A 377 -15.92 -15.75 36.04
N LEU A 378 -16.80 -15.19 35.21
CA LEU A 378 -16.38 -14.46 34.02
C LEU A 378 -15.89 -13.09 34.47
N HIS A 379 -14.64 -13.06 34.94
CA HIS A 379 -14.08 -11.85 35.52
C HIS A 379 -13.79 -10.81 34.43
N GLN A 380 -13.74 -9.55 34.85
CA GLN A 380 -13.46 -8.45 33.91
C GLN A 380 -12.04 -8.54 33.35
N GLU A 381 -11.09 -8.99 34.14
CA GLU A 381 -9.75 -9.13 33.59
C GLU A 381 -9.12 -10.49 33.89
N GLY A 382 -9.37 -11.06 35.07
CA GLY A 382 -8.98 -12.42 35.36
C GLY A 382 -7.49 -12.68 35.53
N HIS A 383 -7.13 -13.87 36.02
CA HIS A 383 -5.72 -14.18 36.29
C HIS A 383 -4.96 -14.50 35.02
N MET A 384 -3.78 -15.09 35.15
CA MET A 384 -2.93 -15.33 33.99
C MET A 384 -2.93 -16.80 33.55
N ASP A 385 -3.10 -17.75 34.47
CA ASP A 385 -2.97 -19.15 34.13
C ASP A 385 -4.30 -19.80 33.77
N ASP A 386 -5.31 -19.02 33.38
CA ASP A 386 -6.63 -19.53 33.06
C ASP A 386 -6.76 -19.99 31.61
N ALA A 387 -5.65 -20.34 30.95
CA ALA A 387 -5.72 -20.96 29.64
C ALA A 387 -6.28 -22.37 29.73
N LEU A 388 -7.06 -22.77 28.73
CA LEU A 388 -7.72 -24.06 28.74
C LEU A 388 -7.20 -24.95 27.61
N PHE A 389 -6.93 -26.21 27.96
CA PHE A 389 -6.66 -27.24 26.99
C PHE A 389 -7.98 -27.77 26.43
N LEU A 390 -7.88 -28.44 25.29
CA LEU A 390 -9.01 -29.09 24.63
C LEU A 390 -8.69 -30.55 24.40
N THR A 391 -9.56 -31.45 24.88
CA THR A 391 -9.29 -32.87 24.79
C THR A 391 -10.53 -33.59 24.30
N ARG A 392 -10.32 -34.71 23.60
CA ARG A 392 -11.42 -35.46 23.03
C ARG A 392 -12.21 -36.22 24.10
N CYS A 393 -13.37 -36.70 23.67
CA CYS A 393 -14.11 -37.76 24.32
C CYS A 393 -14.57 -38.75 23.27
N GLN A 394 -14.44 -40.04 23.57
CA GLN A 394 -14.78 -41.05 22.58
C GLN A 394 -16.28 -41.06 22.30
N GLN A 395 -16.61 -41.57 21.10
CA GLN A 395 -17.97 -41.52 20.57
C GLN A 395 -18.94 -42.23 21.49
N GLU A 396 -18.47 -43.27 22.20
CA GLU A 396 -19.32 -44.02 23.11
C GLU A 396 -19.79 -43.12 24.26
N GLU A 397 -18.88 -42.28 24.78
CA GLU A 397 -19.24 -41.34 25.83
C GLU A 397 -20.21 -40.28 25.31
N SER A 398 -19.90 -39.70 24.15
CA SER A 398 -20.75 -38.63 23.62
C SER A 398 -22.16 -39.13 23.29
N GLN A 399 -22.25 -40.32 22.68
CA GLN A 399 -23.54 -40.95 22.39
C GLN A 399 -24.26 -41.30 23.68
N ALA A 400 -23.55 -41.83 24.67
CA ALA A 400 -24.16 -42.15 25.95
C ALA A 400 -24.74 -40.90 26.59
N ALA A 401 -23.95 -39.81 26.63
CA ALA A 401 -24.38 -38.57 27.28
C ALA A 401 -25.66 -38.05 26.65
N ARG A 402 -25.71 -38.01 25.31
CA ARG A 402 -26.94 -37.60 24.65
C ARG A 402 -28.07 -38.58 24.96
N MET A 403 -27.75 -39.87 25.20
CA MET A 403 -28.79 -40.83 25.52
C MET A 403 -29.41 -40.53 26.89
N ILE A 404 -28.58 -40.15 27.88
CA ILE A 404 -29.12 -39.71 29.18
C ILE A 404 -30.01 -38.50 28.99
N HIS A 405 -29.53 -37.52 28.21
CA HIS A 405 -30.28 -36.26 28.06
C HIS A 405 -31.64 -36.49 27.41
N SER A 406 -31.69 -37.34 26.38
CA SER A 406 -32.97 -37.73 25.79
C SER A 406 -33.83 -38.56 26.73
N THR A 407 -33.20 -39.46 27.48
CA THR A 407 -33.90 -40.37 28.38
C THR A 407 -34.59 -39.64 29.53
N ALA A 408 -33.91 -38.64 30.10
CA ALA A 408 -34.39 -37.93 31.28
C ALA A 408 -35.72 -37.25 31.04
N GLY A 409 -35.85 -36.55 29.91
CA GLY A 409 -37.08 -35.82 29.63
C GLY A 409 -38.28 -36.74 29.52
N LEU A 410 -38.08 -37.90 28.88
CA LEU A 410 -39.17 -38.86 28.66
C LEU A 410 -39.60 -39.47 29.99
N TYR A 411 -38.64 -39.94 30.79
CA TYR A 411 -38.99 -40.55 32.06
C TYR A 411 -39.56 -39.53 33.04
N ASN A 412 -39.03 -38.31 33.06
CA ASN A 412 -39.58 -37.26 33.91
C ASN A 412 -41.03 -36.95 33.54
N GLN A 413 -41.33 -36.89 32.24
CA GLN A 413 -42.71 -36.75 31.76
C GLN A 413 -43.58 -37.90 32.21
N PHE A 414 -43.06 -39.12 32.13
CA PHE A 414 -43.78 -40.30 32.60
C PHE A 414 -44.08 -40.22 34.11
N ILE A 415 -43.08 -39.84 34.90
CA ILE A 415 -43.24 -39.71 36.35
C ILE A 415 -44.27 -38.66 36.69
N LYS A 416 -44.20 -37.51 36.00
CA LYS A 416 -45.15 -36.42 36.21
C LYS A 416 -46.57 -36.87 35.88
N GLY A 417 -46.72 -37.65 34.80
CA GLY A 417 -48.03 -38.19 34.49
C GLY A 417 -48.49 -39.16 35.57
N LEU A 418 -47.53 -39.93 36.13
CA LEU A 418 -47.87 -40.98 37.09
C LEU A 418 -48.44 -40.36 38.35
N ASP A 419 -47.74 -39.38 38.93
CA ASP A 419 -48.24 -38.83 40.19
C ASP A 419 -49.34 -37.81 39.94
N SER A 420 -49.60 -37.42 38.68
CA SER A 420 -50.72 -36.54 38.39
C SER A 420 -52.05 -37.21 38.75
N PHE A 421 -52.19 -38.50 38.42
CA PHE A 421 -53.39 -39.25 38.77
C PHE A 421 -53.17 -40.19 39.94
N SER A 422 -52.30 -39.79 40.89
CA SER A 422 -51.98 -40.62 42.05
C SER A 422 -53.22 -40.92 42.88
N GLY A 423 -54.02 -39.91 43.13
CA GLY A 423 -55.32 -40.09 43.75
C GLY A 423 -56.39 -40.10 42.68
N LYS A 424 -57.53 -39.43 42.99
CA LYS A 424 -58.67 -39.08 42.12
C LYS A 424 -59.05 -40.17 41.11
N PRO A 425 -59.63 -41.29 41.58
CA PRO A 425 -59.95 -42.42 40.68
C PRO A 425 -60.86 -42.02 39.51
N ARG A 426 -60.55 -42.61 38.35
CA ARG A 426 -61.30 -42.34 37.12
C ARG A 426 -62.76 -42.75 37.25
N GLY A 427 -63.01 -43.91 37.85
CA GLY A 427 -64.38 -44.40 37.94
C GLY A 427 -64.81 -45.01 36.62
N SER A 428 -65.71 -44.31 35.92
CA SER A 428 -66.19 -44.74 34.61
C SER A 428 -65.99 -43.66 33.55
N GLY A 429 -65.14 -42.67 33.82
CA GLY A 429 -64.94 -41.57 32.89
C GLY A 429 -63.64 -41.69 32.12
N PRO A 430 -63.06 -40.55 31.75
CA PRO A 430 -61.81 -40.56 31.00
C PRO A 430 -60.62 -40.46 31.93
N PRO A 431 -59.39 -40.67 31.43
CA PRO A 431 -58.20 -40.41 32.25
C PRO A 431 -58.11 -38.96 32.71
N ALA A 432 -57.56 -38.77 33.91
CA ALA A 432 -57.54 -37.46 34.56
C ALA A 432 -56.76 -36.43 33.75
N GLY A 433 -55.46 -36.65 33.57
CA GLY A 433 -54.62 -35.66 32.93
C GLY A 433 -54.21 -36.03 31.52
N PRO A 434 -53.04 -35.56 31.10
CA PRO A 434 -52.52 -35.90 29.77
C PRO A 434 -52.18 -37.38 29.66
N ALA A 435 -52.28 -37.88 28.43
CA ALA A 435 -52.03 -39.29 28.15
C ALA A 435 -50.57 -39.67 28.44
N LEU A 436 -50.39 -40.83 29.04
CA LEU A 436 -49.05 -41.33 29.33
C LEU A 436 -48.32 -41.70 28.04
N PRO A 437 -47.03 -41.35 27.92
CA PRO A 437 -46.21 -41.81 26.77
C PRO A 437 -45.76 -43.25 26.95
N ILE A 438 -46.75 -44.16 26.95
CA ILE A 438 -46.51 -45.57 27.21
C ILE A 438 -45.64 -46.19 26.12
N GLU A 439 -46.00 -46.00 24.86
CA GLU A 439 -45.29 -46.65 23.77
C GLU A 439 -43.86 -46.11 23.65
N ALA A 440 -43.68 -44.81 23.92
CA ALA A 440 -42.36 -44.20 23.91
C ALA A 440 -41.51 -44.79 25.03
N VAL A 441 -42.11 -44.99 26.21
CA VAL A 441 -41.34 -45.49 27.34
C VAL A 441 -40.94 -46.95 27.08
N ILE A 442 -41.89 -47.77 26.64
CA ILE A 442 -41.62 -49.19 26.37
C ILE A 442 -40.54 -49.35 25.31
N LEU A 443 -40.58 -48.52 24.26
CA LEU A 443 -39.52 -48.53 23.26
C LEU A 443 -38.18 -48.12 23.85
N SER A 444 -38.19 -47.09 24.72
CA SER A 444 -36.95 -46.62 25.32
C SER A 444 -36.35 -47.68 26.23
N LEU A 445 -37.21 -48.38 26.98
CA LEU A 445 -36.75 -49.46 27.86
C LEU A 445 -36.14 -50.58 27.06
N GLN A 446 -36.81 -50.99 25.97
CA GLN A 446 -36.28 -52.10 25.18
C GLN A 446 -34.97 -51.73 24.49
N ASP A 447 -34.84 -50.44 24.12
CA ASP A 447 -33.56 -49.92 23.61
C ASP A 447 -32.49 -49.96 24.68
N LEU A 448 -32.83 -49.62 25.92
CA LEU A 448 -31.82 -49.58 26.97
C LEU A 448 -31.40 -50.99 27.38
N ILE A 449 -32.37 -51.89 27.48
CA ILE A 449 -32.10 -53.29 27.85
C ILE A 449 -31.18 -53.93 26.83
N GLY A 450 -31.46 -53.69 25.54
CA GLY A 450 -30.50 -54.16 24.56
C GLY A 450 -29.21 -53.38 24.53
N TYR A 451 -29.24 -52.11 24.97
CA TYR A 451 -28.03 -51.31 25.04
C TYR A 451 -27.08 -51.78 26.14
N PHE A 452 -27.61 -52.46 27.16
CA PHE A 452 -26.81 -52.95 28.27
C PHE A 452 -26.72 -54.47 28.30
N GLU A 453 -26.83 -55.12 27.14
CA GLU A 453 -26.71 -56.57 27.09
C GLU A 453 -25.29 -56.99 27.42
N PRO A 454 -25.10 -57.92 28.36
CA PRO A 454 -23.76 -58.42 28.62
C PRO A 454 -23.21 -59.14 27.42
N PRO A 455 -21.89 -59.09 27.21
CA PRO A 455 -21.30 -59.78 26.06
C PRO A 455 -21.46 -61.29 26.15
N SER A 456 -21.56 -61.92 24.98
CA SER A 456 -21.80 -63.36 24.92
C SER A 456 -20.55 -64.13 25.36
N GLU A 457 -20.79 -65.35 25.84
CA GLU A 457 -19.73 -66.15 26.46
C GLU A 457 -18.69 -66.63 25.45
N GLU A 458 -19.09 -66.95 24.23
CA GLU A 458 -18.16 -67.60 23.30
C GLU A 458 -17.10 -66.67 22.72
N LEU A 459 -17.18 -65.37 23.00
CA LEU A 459 -16.26 -64.40 22.44
C LEU A 459 -14.83 -64.64 22.92
N GLN A 460 -13.87 -64.23 22.11
CA GLN A 460 -12.47 -64.31 22.48
C GLN A 460 -12.21 -63.42 23.70
N HIS A 461 -11.34 -63.90 24.59
CA HIS A 461 -11.04 -63.17 25.82
C HIS A 461 -10.39 -61.81 25.56
N GLU A 462 -9.67 -61.68 24.45
CA GLU A 462 -9.01 -60.42 24.09
C GLU A 462 -10.00 -59.28 23.90
N GLU A 463 -11.11 -59.53 23.21
CA GLU A 463 -12.08 -58.49 22.92
C GLU A 463 -13.34 -58.61 23.76
N LYS A 464 -13.47 -59.67 24.54
CA LYS A 464 -14.52 -59.77 25.53
C LYS A 464 -14.34 -58.73 26.63
N GLN A 465 -13.11 -58.62 27.15
CA GLN A 465 -12.84 -57.70 28.26
C GLN A 465 -13.08 -56.25 27.87
N SER A 466 -12.70 -55.87 26.64
CA SER A 466 -12.97 -54.50 26.19
C SER A 466 -14.47 -54.19 26.12
N LYS A 467 -15.30 -55.23 25.98
CA LYS A 467 -16.74 -55.01 26.05
C LYS A 467 -17.20 -54.97 27.50
N LEU A 468 -16.49 -55.67 28.39
CA LEU A 468 -16.80 -55.54 29.80
C LEU A 468 -16.51 -54.12 30.27
N ARG A 469 -15.32 -53.60 29.93
CA ARG A 469 -14.93 -52.25 30.28
C ARG A 469 -15.88 -51.21 29.70
N SER A 470 -16.33 -51.43 28.46
CA SER A 470 -17.33 -50.56 27.85
C SER A 470 -18.66 -50.61 28.59
N LEU A 471 -19.08 -51.81 29.02
CA LEU A 471 -20.36 -51.92 29.71
C LEU A 471 -20.30 -51.32 31.10
N ARG A 472 -19.22 -51.57 31.84
CA ARG A 472 -19.05 -50.99 33.18
C ARG A 472 -18.98 -49.46 33.09
N ASN A 473 -18.29 -48.94 32.08
CA ASN A 473 -18.21 -47.50 31.88
C ASN A 473 -19.60 -46.90 31.61
N ARG A 474 -20.38 -47.56 30.75
CA ARG A 474 -21.70 -47.03 30.39
C ARG A 474 -22.63 -47.05 31.60
N GLN A 475 -22.56 -48.14 32.38
CA GLN A 475 -23.43 -48.28 33.55
C GLN A 475 -23.08 -47.22 34.58
N SER A 476 -21.78 -46.98 34.78
CA SER A 476 -21.36 -45.98 35.76
C SER A 476 -21.81 -44.60 35.34
N LEU A 477 -21.71 -44.29 34.04
CA LEU A 477 -22.16 -42.99 33.54
C LEU A 477 -23.66 -42.78 33.80
N PHE A 478 -24.46 -43.82 33.57
CA PHE A 478 -25.89 -43.73 33.81
C PHE A 478 -26.21 -43.54 35.28
N GLN A 479 -25.55 -44.32 36.16
CA GLN A 479 -25.76 -44.19 37.59
C GLN A 479 -25.35 -42.81 38.07
N GLU A 480 -24.21 -42.32 37.58
CA GLU A 480 -23.70 -41.03 38.02
C GLU A 480 -24.61 -39.90 37.55
N GLU A 481 -25.29 -40.08 36.41
CA GLU A 481 -26.25 -39.10 35.96
C GLU A 481 -27.63 -39.28 36.58
N GLY A 482 -27.83 -40.31 37.40
CA GLY A 482 -29.10 -40.44 38.10
C GLY A 482 -30.15 -41.35 37.51
N MET A 483 -29.86 -42.00 36.38
CA MET A 483 -30.81 -42.93 35.78
C MET A 483 -31.13 -44.09 36.71
N LEU A 484 -30.11 -44.60 37.41
CA LEU A 484 -30.33 -45.66 38.40
C LEU A 484 -31.28 -45.20 39.51
N SER A 485 -31.20 -43.93 39.92
CA SER A 485 -32.18 -43.42 40.86
C SER A 485 -33.52 -43.12 40.21
N LEU A 486 -33.49 -42.72 38.93
CA LEU A 486 -34.71 -42.39 38.20
C LEU A 486 -35.60 -43.62 38.05
N VAL A 487 -34.99 -44.76 37.73
CA VAL A 487 -35.78 -45.98 37.60
C VAL A 487 -36.34 -46.37 38.96
N LEU A 488 -35.55 -46.17 40.04
CA LEU A 488 -36.04 -46.50 41.39
C LEU A 488 -37.31 -45.73 41.69
N ASN A 489 -37.34 -44.47 41.24
CA ASN A 489 -38.56 -43.66 41.34
C ASN A 489 -39.68 -44.28 40.50
N CYS A 490 -39.33 -44.78 39.31
CA CYS A 490 -40.35 -45.34 38.41
C CYS A 490 -41.02 -46.56 39.04
N ILE A 491 -40.23 -47.50 39.57
CA ILE A 491 -40.81 -48.68 40.23
C ILE A 491 -41.57 -48.25 41.49
N ASP A 492 -41.09 -47.21 42.20
CA ASP A 492 -41.77 -46.70 43.38
C ASP A 492 -43.19 -46.24 43.03
N ARG A 493 -43.33 -45.47 41.96
CA ARG A 493 -44.66 -45.00 41.57
C ARG A 493 -45.53 -46.13 41.03
N LEU A 494 -44.98 -46.99 40.16
CA LEU A 494 -45.78 -48.11 39.61
C LEU A 494 -46.22 -49.12 40.66
N ASN A 495 -45.47 -49.30 41.75
CA ASN A 495 -45.78 -50.38 42.65
C ASN A 495 -46.95 -50.11 43.60
N VAL A 496 -47.42 -48.86 43.71
CA VAL A 496 -48.53 -48.57 44.60
C VAL A 496 -49.85 -49.16 44.14
N TYR A 497 -49.92 -49.66 42.91
CA TYR A 497 -51.12 -50.31 42.37
C TYR A 497 -50.86 -51.81 42.35
N THR A 498 -51.70 -52.58 43.03
CA THR A 498 -51.42 -54.01 43.20
C THR A 498 -51.60 -54.78 41.90
N THR A 499 -52.73 -54.58 41.23
CA THR A 499 -53.05 -55.35 40.02
C THR A 499 -53.36 -54.40 38.88
N ALA A 500 -53.38 -54.98 37.67
CA ALA A 500 -53.63 -54.22 36.45
C ALA A 500 -55.02 -53.59 36.47
N ALA A 501 -56.02 -54.34 36.93
CA ALA A 501 -57.38 -53.81 37.04
C ALA A 501 -57.42 -52.62 37.99
N HIS A 502 -56.70 -52.72 39.11
CA HIS A 502 -56.60 -51.59 40.04
C HIS A 502 -55.92 -50.40 39.38
N PHE A 503 -54.96 -50.67 38.48
CA PHE A 503 -54.29 -49.58 37.76
C PHE A 503 -55.24 -48.93 36.76
N ALA A 504 -56.20 -49.70 36.25
CA ALA A 504 -57.16 -49.18 35.29
C ALA A 504 -58.01 -48.09 35.92
N GLU A 505 -58.39 -48.28 37.19
CA GLU A 505 -59.25 -47.34 37.89
C GLU A 505 -58.61 -45.97 38.09
N TYR A 506 -57.29 -45.88 37.95
CA TYR A 506 -56.55 -44.65 38.18
C TYR A 506 -55.81 -44.14 36.96
N ALA A 507 -55.74 -44.91 35.87
CA ALA A 507 -55.10 -44.40 34.67
C ALA A 507 -55.96 -44.61 33.44
N GLY A 508 -56.78 -45.66 33.44
CA GLY A 508 -57.66 -45.94 32.34
C GLY A 508 -57.55 -47.37 31.89
N GLU A 509 -58.55 -47.85 31.13
CA GLU A 509 -58.50 -49.20 30.60
C GLU A 509 -57.46 -49.34 29.49
N GLU A 510 -57.03 -48.24 28.88
CA GLU A 510 -56.03 -48.29 27.83
C GLU A 510 -54.62 -48.51 28.38
N ALA A 511 -54.35 -48.04 29.60
CA ALA A 511 -53.05 -48.18 30.22
C ALA A 511 -52.89 -49.47 31.01
N ALA A 512 -53.96 -50.27 31.18
CA ALA A 512 -53.87 -51.44 32.04
C ALA A 512 -53.05 -52.56 31.40
N GLU A 513 -53.28 -52.84 30.11
CA GLU A 513 -52.62 -53.97 29.44
C GLU A 513 -51.11 -53.82 29.34
N SER A 514 -50.58 -52.61 29.41
CA SER A 514 -49.15 -52.37 29.36
C SER A 514 -48.47 -52.37 30.72
N TRP A 515 -49.24 -52.54 31.81
CA TRP A 515 -48.69 -52.42 33.16
C TRP A 515 -47.71 -53.53 33.48
N LYS A 516 -48.10 -54.78 33.24
CA LYS A 516 -47.25 -55.93 33.55
C LYS A 516 -45.97 -55.90 32.71
N GLU A 517 -46.11 -55.54 31.43
CA GLU A 517 -44.95 -55.43 30.55
C GLU A 517 -44.02 -54.33 31.02
N ILE A 518 -44.57 -53.16 31.40
CA ILE A 518 -43.70 -52.04 31.72
C ILE A 518 -42.98 -52.29 33.05
N VAL A 519 -43.63 -52.98 34.00
CA VAL A 519 -42.95 -53.25 35.27
C VAL A 519 -41.85 -54.29 35.06
N ASN A 520 -42.12 -55.32 34.22
CA ASN A 520 -41.09 -56.32 33.96
C ASN A 520 -39.89 -55.69 33.27
N LEU A 521 -40.15 -54.80 32.30
CA LEU A 521 -39.05 -54.15 31.59
C LEU A 521 -38.25 -53.28 32.55
N LEU A 522 -38.93 -52.61 33.49
CA LEU A 522 -38.22 -51.77 34.46
C LEU A 522 -37.30 -52.60 35.33
N TYR A 523 -37.77 -53.78 35.77
CA TYR A 523 -36.91 -54.67 36.56
C TYR A 523 -35.73 -55.18 35.74
N GLU A 524 -35.95 -55.51 34.47
CA GLU A 524 -34.85 -55.95 33.61
C GLU A 524 -33.84 -54.84 33.41
N LEU A 525 -34.32 -53.61 33.23
CA LEU A 525 -33.40 -52.47 33.09
C LEU A 525 -32.61 -52.22 34.36
N LEU A 526 -33.25 -52.37 35.53
CA LEU A 526 -32.53 -52.25 36.80
C LEU A 526 -31.45 -53.30 36.92
N ALA A 527 -31.78 -54.55 36.55
CA ALA A 527 -30.81 -55.63 36.62
C ALA A 527 -29.65 -55.37 35.67
N SER A 528 -29.94 -54.92 34.45
CA SER A 528 -28.86 -54.68 33.49
C SER A 528 -27.99 -53.49 33.91
N LEU A 529 -28.59 -52.51 34.59
CA LEU A 529 -27.84 -51.36 35.09
C LEU A 529 -26.87 -51.76 36.19
N ILE A 530 -27.30 -52.65 37.09
CA ILE A 530 -26.47 -52.94 38.25
C ILE A 530 -25.62 -54.20 38.12
N ARG A 531 -25.94 -55.09 37.17
CA ARG A 531 -25.25 -56.36 36.99
C ARG A 531 -23.75 -56.20 36.71
N GLY A 532 -22.93 -56.59 37.68
CA GLY A 532 -21.49 -56.59 37.53
C GLY A 532 -20.76 -55.43 38.19
N ASN A 533 -21.47 -54.39 38.62
CA ASN A 533 -20.82 -53.28 39.31
C ASN A 533 -20.88 -53.45 40.82
N ARG A 534 -19.70 -53.46 41.43
CA ARG A 534 -19.60 -53.31 42.87
C ARG A 534 -20.14 -51.96 43.30
N ALA A 535 -19.83 -50.91 42.53
CA ALA A 535 -20.21 -49.56 42.89
C ALA A 535 -21.72 -49.38 42.83
N ASN A 536 -22.35 -49.78 41.72
CA ASN A 536 -23.79 -49.59 41.60
C ASN A 536 -24.55 -50.54 42.51
N CYS A 537 -24.05 -51.78 42.68
CA CYS A 537 -24.71 -52.69 43.59
C CYS A 537 -24.61 -52.22 45.04
N ALA A 538 -23.56 -51.48 45.39
CA ALA A 538 -23.39 -50.98 46.76
C ALA A 538 -24.45 -49.97 47.15
N LEU A 539 -25.12 -49.35 46.18
CA LEU A 539 -26.17 -48.38 46.44
C LEU A 539 -27.43 -48.98 47.06
N PHE A 540 -27.55 -50.30 47.11
CA PHE A 540 -28.72 -50.95 47.65
C PHE A 540 -28.56 -51.33 49.12
N SER A 541 -27.44 -50.95 49.73
CA SER A 541 -27.26 -51.13 51.17
C SER A 541 -28.25 -50.32 51.97
N THR A 542 -28.51 -49.07 51.54
CA THR A 542 -29.37 -48.18 52.32
C THR A 542 -30.83 -48.57 52.19
N ASN A 543 -31.21 -49.16 51.06
CA ASN A 543 -32.59 -49.58 50.81
C ASN A 543 -32.64 -51.04 50.42
N LEU A 544 -31.95 -51.88 51.19
CA LEU A 544 -32.02 -53.32 50.94
C LEU A 544 -33.42 -53.87 51.19
N ASP A 545 -34.10 -53.37 52.23
CA ASP A 545 -35.46 -53.82 52.52
C ASP A 545 -36.46 -53.43 51.44
N TRP A 546 -36.11 -52.48 50.56
CA TRP A 546 -36.97 -52.07 49.46
C TRP A 546 -37.21 -53.24 48.51
N VAL A 547 -36.14 -53.89 48.06
CA VAL A 547 -36.27 -54.99 47.10
C VAL A 547 -36.87 -56.21 47.79
N VAL A 548 -36.49 -56.44 49.06
CA VAL A 548 -36.94 -57.62 49.79
C VAL A 548 -38.45 -57.56 50.01
N SER A 549 -38.96 -56.37 50.35
CA SER A 549 -40.39 -56.20 50.61
C SER A 549 -41.23 -56.48 49.36
N LYS A 550 -40.66 -56.28 48.18
CA LYS A 550 -41.36 -56.48 46.92
C LYS A 550 -41.25 -57.89 46.38
N LEU A 551 -40.59 -58.79 47.11
CA LEU A 551 -40.34 -60.14 46.62
C LEU A 551 -41.63 -60.92 46.40
N ASP A 552 -42.60 -60.77 47.30
CA ASP A 552 -43.83 -61.53 47.22
C ASP A 552 -44.79 -61.04 46.15
N ARG A 553 -44.50 -59.92 45.49
CA ARG A 553 -45.33 -59.42 44.40
C ARG A 553 -45.37 -60.44 43.26
N LEU A 554 -46.55 -60.60 42.67
CA LEU A 554 -46.73 -61.65 41.67
C LEU A 554 -46.51 -61.20 40.24
N GLU A 555 -46.61 -59.90 39.96
CA GLU A 555 -46.52 -59.40 38.59
C GLU A 555 -45.17 -59.70 37.94
N ALA A 556 -44.06 -59.50 38.66
CA ALA A 556 -42.73 -59.87 38.18
C ALA A 556 -41.95 -60.44 39.37
N SER A 557 -42.06 -61.75 39.56
CA SER A 557 -41.35 -62.43 40.64
C SER A 557 -39.92 -62.78 40.25
N SER A 558 -39.74 -63.31 39.04
CA SER A 558 -38.39 -63.65 38.59
C SER A 558 -37.56 -62.41 38.31
N GLY A 559 -38.18 -61.31 37.90
CA GLY A 559 -37.40 -60.10 37.65
C GLY A 559 -36.81 -59.53 38.92
N ILE A 560 -37.62 -59.45 39.98
CA ILE A 560 -37.12 -58.91 41.24
C ILE A 560 -36.13 -59.90 41.85
N LEU A 561 -36.36 -61.22 41.69
CA LEU A 561 -35.40 -62.19 42.18
C LEU A 561 -34.06 -62.06 41.45
N GLU A 562 -34.11 -61.73 40.15
CA GLU A 562 -32.91 -61.49 39.39
C GLU A 562 -32.15 -60.27 39.91
N VAL A 563 -32.89 -59.21 40.26
CA VAL A 563 -32.27 -58.01 40.82
C VAL A 563 -31.59 -58.32 42.15
N LEU A 564 -32.27 -59.10 42.99
CA LEU A 564 -31.72 -59.51 44.28
C LEU A 564 -30.46 -60.33 44.09
N TYR A 565 -30.49 -61.26 43.13
CA TYR A 565 -29.35 -62.13 42.90
C TYR A 565 -28.17 -61.35 42.37
N CYS A 566 -28.43 -60.31 41.56
CA CYS A 566 -27.34 -59.49 41.02
C CYS A 566 -26.72 -58.65 42.13
N VAL A 567 -27.53 -58.20 43.09
CA VAL A 567 -26.98 -57.41 44.19
C VAL A 567 -26.10 -58.30 45.07
N LEU A 568 -26.65 -59.46 45.46
CA LEU A 568 -25.96 -60.32 46.43
C LEU A 568 -24.72 -60.98 45.85
N ILE A 569 -24.72 -61.31 44.55
CA ILE A 569 -23.56 -61.96 43.95
C ILE A 569 -22.41 -60.96 43.75
N GLU A 570 -22.63 -59.69 44.06
CA GLU A 570 -21.65 -58.67 43.71
C GLU A 570 -21.15 -57.86 44.89
N SER A 571 -22.01 -57.53 45.85
CA SER A 571 -21.55 -56.68 46.95
C SER A 571 -21.33 -57.47 48.22
N PRO A 572 -20.09 -57.70 48.66
CA PRO A 572 -19.86 -58.29 49.98
C PRO A 572 -20.31 -57.41 51.14
N GLU A 573 -20.46 -56.11 50.91
CA GLU A 573 -20.91 -55.19 51.95
C GLU A 573 -22.37 -55.44 52.31
N VAL A 574 -23.21 -55.71 51.31
CA VAL A 574 -24.66 -55.82 51.50
C VAL A 574 -25.01 -56.98 52.44
N LEU A 575 -24.26 -58.09 52.36
CA LEU A 575 -24.54 -59.28 53.18
C LEU A 575 -24.48 -58.99 54.68
N ASN A 576 -23.67 -58.02 55.09
CA ASN A 576 -23.58 -57.68 56.50
C ASN A 576 -24.86 -57.03 57.02
N ILE A 577 -25.68 -56.46 56.12
CA ILE A 577 -26.93 -55.82 56.50
C ILE A 577 -28.07 -56.83 56.56
N ILE A 578 -27.85 -58.06 56.10
CA ILE A 578 -28.90 -59.07 56.03
C ILE A 578 -29.33 -59.47 57.44
N GLN A 579 -30.63 -59.48 57.68
CA GLN A 579 -31.23 -59.84 58.95
C GLN A 579 -32.22 -60.98 58.77
N GLU A 580 -32.75 -61.47 59.89
CA GLU A 580 -33.63 -62.63 59.88
C GLU A 580 -34.95 -62.38 59.17
N ASN A 581 -35.40 -61.12 59.10
CA ASN A 581 -36.59 -60.79 58.33
C ASN A 581 -36.39 -61.10 56.85
N HIS A 582 -35.20 -60.78 56.34
CA HIS A 582 -34.91 -60.98 54.94
C HIS A 582 -34.76 -62.44 54.62
N ILE A 583 -34.04 -63.18 55.47
CA ILE A 583 -33.84 -64.61 55.24
C ILE A 583 -35.16 -65.35 55.35
N LYS A 584 -36.01 -64.99 56.33
CA LYS A 584 -37.35 -65.58 56.40
C LYS A 584 -38.27 -65.12 55.26
N SER A 585 -37.90 -64.06 54.55
CA SER A 585 -38.68 -63.65 53.39
C SER A 585 -38.26 -64.48 52.20
N ILE A 586 -36.95 -64.69 52.05
CA ILE A 586 -36.44 -65.51 50.97
C ILE A 586 -36.94 -66.94 51.12
N ILE A 587 -36.92 -67.47 52.36
CA ILE A 587 -37.44 -68.81 52.59
C ILE A 587 -38.95 -68.85 52.30
N SER A 588 -39.67 -67.76 52.63
CA SER A 588 -41.10 -67.71 52.32
C SER A 588 -41.34 -67.78 50.82
N LEU A 589 -40.37 -67.30 50.02
CA LEU A 589 -40.48 -67.46 48.56
C LEU A 589 -40.44 -68.93 48.18
N LEU A 590 -39.54 -69.70 48.79
CA LEU A 590 -39.49 -71.14 48.52
C LEU A 590 -40.80 -71.81 48.90
N ASP A 591 -41.41 -71.33 49.99
CA ASP A 591 -42.66 -71.90 50.45
C ASP A 591 -43.86 -71.50 49.59
N LYS A 592 -43.83 -70.33 48.98
CA LYS A 592 -45.00 -69.82 48.26
C LYS A 592 -44.89 -69.90 46.73
N HIS A 593 -43.68 -69.83 46.18
CA HIS A 593 -43.46 -69.86 44.74
C HIS A 593 -42.94 -71.19 44.23
N GLY A 594 -42.94 -72.23 45.06
CA GLY A 594 -42.52 -73.54 44.60
C GLY A 594 -41.02 -73.73 44.66
N ARG A 595 -40.61 -74.88 44.11
CA ARG A 595 -39.21 -75.30 44.10
C ARG A 595 -38.49 -74.62 42.95
N ASN A 596 -37.98 -73.42 43.21
CA ASN A 596 -37.24 -72.61 42.25
C ASN A 596 -35.79 -72.61 42.68
N HIS A 597 -34.94 -73.26 41.89
CA HIS A 597 -33.52 -73.42 42.24
C HIS A 597 -32.77 -72.09 42.29
N LYS A 598 -33.25 -71.05 41.58
CA LYS A 598 -32.62 -69.75 41.65
C LYS A 598 -32.66 -69.15 43.04
N VAL A 599 -33.63 -69.57 43.86
CA VAL A 599 -33.63 -69.15 45.26
C VAL A 599 -32.47 -69.81 45.99
N LEU A 600 -32.21 -71.09 45.69
CA LEU A 600 -31.05 -71.74 46.27
C LEU A 600 -29.76 -71.09 45.79
N ASP A 601 -29.75 -70.60 44.55
CA ASP A 601 -28.62 -69.81 44.04
C ASP A 601 -28.48 -68.48 44.76
N VAL A 602 -29.54 -67.99 45.37
CA VAL A 602 -29.45 -66.79 46.20
C VAL A 602 -28.90 -67.15 47.57
N LEU A 603 -29.48 -68.19 48.18
CA LEU A 603 -29.09 -68.63 49.51
C LEU A 603 -27.63 -69.11 49.56
N CYS A 604 -27.11 -69.63 48.44
CA CYS A 604 -25.70 -69.97 48.40
C CYS A 604 -24.84 -68.72 48.41
N SER A 605 -25.33 -67.65 47.80
CA SER A 605 -24.55 -66.42 47.75
C SER A 605 -24.58 -65.71 49.09
N LEU A 606 -25.66 -65.89 49.85
CA LEU A 606 -25.75 -65.25 51.17
C LEU A 606 -24.74 -65.78 52.17
N CYS A 607 -24.20 -66.97 51.96
CA CYS A 607 -23.29 -67.54 52.95
C CYS A 607 -21.86 -67.06 52.74
N VAL A 608 -21.31 -67.33 51.56
CA VAL A 608 -19.92 -67.03 51.24
C VAL A 608 -19.89 -65.99 50.13
N CYS A 609 -19.20 -64.89 50.37
CA CYS A 609 -19.04 -63.84 49.36
C CYS A 609 -17.56 -63.51 49.27
N ASN A 610 -17.00 -63.63 48.07
CA ASN A 610 -15.59 -63.34 47.76
C ASN A 610 -14.66 -64.14 48.67
N GLY A 611 -15.01 -65.40 48.89
CA GLY A 611 -14.21 -66.29 49.70
C GLY A 611 -14.17 -65.97 51.18
N VAL A 612 -15.14 -65.20 51.69
CA VAL A 612 -15.22 -64.88 53.11
C VAL A 612 -16.60 -65.27 53.61
N ALA A 613 -16.64 -66.13 54.63
CA ALA A 613 -17.88 -66.65 55.17
C ALA A 613 -18.54 -65.63 56.11
N VAL A 614 -19.87 -65.59 56.09
CA VAL A 614 -20.63 -64.73 56.97
C VAL A 614 -21.46 -65.64 57.89
N ARG A 615 -20.92 -65.89 59.08
CA ARG A 615 -21.45 -66.96 59.91
C ARG A 615 -22.79 -66.60 60.51
N SER A 616 -23.13 -65.32 60.61
CA SER A 616 -24.46 -64.92 61.06
C SER A 616 -25.51 -65.36 60.06
N ASN A 617 -25.21 -65.19 58.77
CA ASN A 617 -26.15 -65.61 57.74
C ASN A 617 -26.22 -67.12 57.68
N GLN A 618 -25.06 -67.79 57.81
CA GLN A 618 -25.04 -69.25 57.74
C GLN A 618 -25.87 -69.85 58.88
N ASP A 619 -25.74 -69.31 60.08
CA ASP A 619 -26.50 -69.83 61.21
C ASP A 619 -27.98 -69.52 61.06
N LEU A 620 -28.32 -68.31 60.57
CA LEU A 620 -29.73 -67.95 60.43
C LEU A 620 -30.40 -68.84 59.41
N ILE A 621 -29.71 -69.11 58.29
CA ILE A 621 -30.27 -69.95 57.24
C ILE A 621 -30.50 -71.36 57.76
N THR A 622 -29.48 -71.93 58.43
CA THR A 622 -29.64 -73.27 58.98
C THR A 622 -30.65 -73.33 60.11
N GLU A 623 -30.92 -72.21 60.76
CA GLU A 623 -31.83 -72.19 61.88
C GLU A 623 -33.27 -71.98 61.44
N ASN A 624 -33.47 -71.43 60.24
CA ASN A 624 -34.80 -71.16 59.75
C ASN A 624 -35.23 -72.07 58.61
N LEU A 625 -34.32 -72.84 58.01
CA LEU A 625 -34.64 -73.64 56.84
C LEU A 625 -34.58 -75.13 57.11
N LEU A 626 -33.44 -75.60 57.62
CA LEU A 626 -33.21 -77.04 57.75
C LEU A 626 -34.13 -77.79 58.72
N PRO A 627 -34.33 -77.37 59.98
CA PRO A 627 -35.04 -78.25 60.94
C PRO A 627 -36.51 -78.51 60.59
N GLY A 628 -37.14 -77.67 59.76
CA GLY A 628 -38.53 -77.90 59.40
C GLY A 628 -38.74 -79.19 58.63
N ARG A 629 -37.79 -79.54 57.74
CA ARG A 629 -37.82 -80.76 56.93
C ARG A 629 -39.08 -80.89 56.10
N GLU A 630 -39.55 -79.77 55.54
CA GLU A 630 -40.77 -79.80 54.75
C GLU A 630 -40.52 -79.21 53.38
N LEU A 631 -39.54 -78.31 53.26
CA LEU A 631 -39.24 -77.70 51.97
C LEU A 631 -38.26 -78.55 51.18
N LEU A 632 -37.09 -78.79 51.74
CA LEU A 632 -36.05 -79.53 51.04
C LEU A 632 -36.37 -81.02 51.02
N LEU A 633 -36.00 -81.67 49.92
CA LEU A 633 -36.22 -83.10 49.78
C LEU A 633 -35.28 -83.90 50.68
N GLN A 634 -35.84 -84.81 51.46
CA GLN A 634 -35.05 -85.58 52.42
C GLN A 634 -34.61 -86.91 51.81
N THR A 635 -33.51 -87.44 52.34
CA THR A 635 -32.94 -88.69 51.86
C THR A 635 -32.69 -89.62 53.04
N ASN A 636 -32.57 -90.92 52.72
CA ASN A 636 -32.37 -91.98 53.70
C ASN A 636 -32.05 -93.27 52.97
N LEU A 637 -31.51 -94.23 53.71
CA LEU A 637 -31.28 -95.58 53.23
C LEU A 637 -32.37 -96.47 53.81
N ILE A 638 -33.11 -97.17 52.94
CA ILE A 638 -34.19 -98.04 53.39
C ILE A 638 -34.00 -99.43 52.78
N ASN A 639 -34.63 -100.41 53.42
CA ASN A 639 -34.57 -101.79 53.00
C ASN A 639 -35.64 -102.12 51.99
N TYR A 640 -35.34 -103.04 51.08
CA TYR A 640 -36.32 -103.57 50.16
C TYR A 640 -37.25 -104.53 50.89
N VAL A 641 -38.55 -104.36 50.67
CA VAL A 641 -39.58 -105.14 51.35
C VAL A 641 -40.44 -105.83 50.29
N THR A 642 -40.62 -107.14 50.43
CA THR A 642 -41.43 -107.91 49.50
C THR A 642 -42.56 -108.60 50.24
N SER A 643 -43.45 -109.23 49.48
CA SER A 643 -44.58 -109.95 50.05
C SER A 643 -44.71 -111.31 49.39
N ILE A 644 -45.31 -112.25 50.12
CA ILE A 644 -45.52 -113.61 49.66
C ILE A 644 -46.92 -114.06 50.07
N ARG A 645 -47.61 -114.75 49.17
CA ARG A 645 -48.97 -115.22 49.38
C ARG A 645 -49.10 -116.68 49.00
N PRO A 646 -49.99 -117.41 49.68
CA PRO A 646 -50.52 -118.65 49.13
C PRO A 646 -51.58 -118.32 48.09
N ASN A 647 -51.69 -119.17 47.05
CA ASN A 647 -52.66 -118.92 45.98
C ASN A 647 -54.07 -119.37 46.40
N ILE A 648 -54.52 -118.83 47.53
CA ILE A 648 -55.83 -119.10 48.10
C ILE A 648 -56.62 -117.81 48.04
N PHE A 649 -57.79 -117.85 47.43
CA PHE A 649 -58.58 -116.64 47.19
C PHE A 649 -60.00 -116.89 47.67
N VAL A 650 -60.47 -116.04 48.59
CA VAL A 650 -61.83 -116.13 49.10
C VAL A 650 -62.47 -114.76 48.99
N GLY A 651 -63.80 -114.74 49.04
CA GLY A 651 -64.53 -113.50 48.95
C GLY A 651 -66.00 -113.74 49.18
N ARG A 652 -66.72 -112.65 49.39
CA ARG A 652 -68.16 -112.67 49.63
C ARG A 652 -68.89 -111.96 48.50
N ALA A 653 -69.98 -112.57 48.04
CA ALA A 653 -70.80 -112.00 47.00
C ALA A 653 -72.21 -112.58 47.13
N GLU A 654 -73.17 -111.91 46.50
CA GLU A 654 -74.57 -112.34 46.52
C GLU A 654 -74.70 -113.65 45.77
N GLY A 655 -75.04 -114.72 46.49
CA GLY A 655 -75.08 -116.03 45.87
C GLY A 655 -73.74 -116.66 45.61
N SER A 656 -72.68 -116.17 46.25
CA SER A 656 -71.34 -116.73 46.11
C SER A 656 -71.26 -118.16 46.65
N THR A 657 -70.52 -119.00 45.95
CA THR A 657 -70.36 -120.40 46.34
C THR A 657 -69.24 -120.60 47.35
N GLN A 658 -68.84 -119.56 48.08
CA GLN A 658 -67.69 -119.62 48.97
C GLN A 658 -68.13 -119.37 50.41
N TYR A 659 -67.54 -120.11 51.32
CA TYR A 659 -67.85 -119.99 52.74
C TYR A 659 -67.17 -118.76 53.33
N GLY A 660 -67.87 -118.06 54.21
CA GLY A 660 -67.46 -116.72 54.61
C GLY A 660 -66.54 -116.59 55.81
N LYS A 661 -65.90 -117.68 56.22
CA LYS A 661 -65.03 -117.66 57.38
C LYS A 661 -63.82 -118.53 57.07
N TRP A 662 -62.61 -118.04 57.35
CA TRP A 662 -61.42 -118.80 57.02
C TRP A 662 -60.34 -118.52 58.05
N TYR A 663 -59.31 -119.38 58.06
CA TYR A 663 -58.34 -119.38 59.15
C TYR A 663 -57.02 -119.95 58.65
N PHE A 664 -55.92 -119.27 58.98
CA PHE A 664 -54.58 -119.70 58.59
C PHE A 664 -53.60 -119.25 59.67
N GLU A 665 -52.43 -119.92 59.71
CA GLU A 665 -51.45 -119.68 60.75
C GLU A 665 -50.05 -119.50 60.18
N VAL A 666 -49.22 -118.74 60.89
CA VAL A 666 -47.85 -118.43 60.48
C VAL A 666 -46.91 -118.74 61.63
N MET A 667 -45.86 -119.50 61.34
CA MET A 667 -44.81 -119.87 62.28
C MET A 667 -43.57 -119.03 62.00
N VAL A 668 -42.95 -118.50 63.05
CA VAL A 668 -41.76 -117.68 62.90
C VAL A 668 -40.55 -118.52 63.29
N ASP A 669 -39.64 -118.76 62.34
CA ASP A 669 -38.48 -119.60 62.64
C ASP A 669 -37.32 -118.79 63.18
N GLU A 670 -36.81 -117.84 62.38
CA GLU A 670 -35.69 -116.99 62.78
C GLU A 670 -35.95 -115.58 62.30
N VAL A 671 -35.64 -114.60 63.15
CA VAL A 671 -35.78 -113.18 62.81
C VAL A 671 -34.54 -112.46 63.31
N VAL A 672 -33.74 -111.95 62.39
CA VAL A 672 -32.59 -111.12 62.75
C VAL A 672 -33.11 -109.74 63.16
N PRO A 673 -32.76 -109.23 64.36
CA PRO A 673 -33.35 -107.97 64.84
C PRO A 673 -33.03 -106.77 63.96
N PHE A 674 -31.75 -106.51 63.75
CA PHE A 674 -31.31 -105.39 62.91
C PHE A 674 -30.27 -105.95 61.93
N LEU A 675 -30.76 -106.48 60.81
CA LEU A 675 -29.85 -106.97 59.78
C LEU A 675 -29.04 -105.83 59.19
N THR A 676 -29.68 -104.69 58.96
CA THR A 676 -29.05 -103.46 58.52
C THR A 676 -29.33 -102.38 59.57
N ALA A 677 -29.02 -101.14 59.20
CA ALA A 677 -29.26 -100.00 60.10
C ALA A 677 -30.73 -99.81 60.44
N GLN A 678 -31.64 -100.27 59.60
CA GLN A 678 -33.07 -100.11 59.81
C GLN A 678 -33.64 -101.40 60.38
N ALA A 679 -34.69 -101.27 61.19
CA ALA A 679 -35.32 -102.40 61.85
C ALA A 679 -35.90 -103.36 60.82
N THR A 680 -35.75 -104.66 61.09
CA THR A 680 -36.25 -105.67 60.18
C THR A 680 -37.77 -105.66 60.14
N HIS A 681 -38.33 -105.75 58.94
CA HIS A 681 -39.77 -105.66 58.72
C HIS A 681 -40.38 -107.04 58.62
N LEU A 682 -41.53 -107.22 59.26
CA LEU A 682 -42.27 -108.47 59.19
C LEU A 682 -43.69 -108.24 59.65
N ARG A 683 -44.66 -108.47 58.76
CA ARG A 683 -46.07 -108.29 59.05
C ARG A 683 -46.85 -109.40 58.37
N VAL A 684 -47.98 -109.77 58.97
CA VAL A 684 -48.84 -110.85 58.49
C VAL A 684 -50.27 -110.31 58.44
N GLY A 685 -50.98 -110.61 57.37
CA GLY A 685 -52.36 -110.18 57.30
C GLY A 685 -53.06 -110.56 56.02
N TRP A 686 -54.19 -109.91 55.78
CA TRP A 686 -55.02 -110.16 54.62
C TRP A 686 -54.94 -108.96 53.68
N ALA A 687 -55.03 -109.24 52.38
CA ALA A 687 -54.92 -108.23 51.34
C ALA A 687 -56.00 -108.43 50.30
N LEU A 688 -56.31 -107.35 49.60
CA LEU A 688 -57.40 -107.30 48.62
C LEU A 688 -56.80 -107.31 47.23
N THR A 689 -57.34 -108.16 46.35
CA THR A 689 -56.75 -108.43 45.03
C THR A 689 -56.88 -107.28 44.04
N GLU A 690 -57.53 -106.18 44.40
CA GLU A 690 -57.84 -105.14 43.43
C GLU A 690 -57.28 -103.80 43.89
N GLY A 691 -55.99 -103.76 44.21
CA GLY A 691 -55.36 -102.54 44.67
C GLY A 691 -54.22 -102.75 45.65
N TYR A 692 -54.03 -103.96 46.15
CA TYR A 692 -52.79 -104.24 46.89
C TYR A 692 -51.72 -104.59 45.87
N SER A 693 -50.96 -103.57 45.47
CA SER A 693 -49.92 -103.69 44.44
C SER A 693 -48.61 -103.23 45.06
N PRO A 694 -47.83 -104.15 45.63
CA PRO A 694 -46.58 -103.76 46.29
C PRO A 694 -45.36 -103.74 45.36
N TYR A 695 -45.27 -102.67 44.58
CA TYR A 695 -44.15 -102.49 43.68
C TYR A 695 -42.89 -102.21 44.49
N PRO A 696 -41.79 -102.93 44.24
CA PRO A 696 -40.59 -102.77 45.06
C PRO A 696 -39.96 -101.39 44.93
N GLY A 697 -39.35 -100.96 46.02
CA GLY A 697 -38.64 -99.69 46.04
C GLY A 697 -39.48 -98.58 46.65
N GLY A 698 -39.65 -97.49 45.90
CA GLY A 698 -40.37 -96.35 46.42
C GLY A 698 -41.86 -96.59 46.53
N GLY A 699 -42.53 -95.65 47.20
CA GLY A 699 -43.96 -95.77 47.38
C GLY A 699 -44.45 -94.80 48.43
N GLU A 700 -45.48 -95.22 49.16
CA GLU A 700 -46.07 -94.39 50.19
C GLU A 700 -45.09 -94.19 51.34
N GLY A 701 -45.17 -93.01 51.96
CA GLY A 701 -44.40 -92.70 53.16
C GLY A 701 -42.92 -92.77 52.91
N TRP A 702 -42.22 -93.59 53.69
CA TRP A 702 -40.78 -93.73 53.59
C TRP A 702 -40.38 -95.05 52.94
N GLY A 703 -41.22 -95.55 52.03
CA GLY A 703 -40.90 -96.74 51.28
C GLY A 703 -40.99 -98.02 52.09
N GLY A 704 -40.57 -99.11 51.44
CA GLY A 704 -40.65 -100.44 52.01
C GLY A 704 -42.08 -100.84 52.32
N ASN A 705 -43.01 -100.48 51.45
CA ASN A 705 -44.42 -100.74 51.67
C ASN A 705 -44.72 -102.23 51.61
N GLY A 706 -45.59 -102.68 52.50
CA GLY A 706 -46.04 -104.07 52.53
C GLY A 706 -47.47 -104.14 52.97
N VAL A 707 -47.77 -105.07 53.88
CA VAL A 707 -49.13 -105.22 54.37
C VAL A 707 -49.46 -104.07 55.31
N GLY A 708 -50.62 -103.46 55.10
CA GLY A 708 -51.11 -102.39 55.94
C GLY A 708 -50.65 -101.01 55.52
N ASP A 709 -49.79 -100.92 54.51
CA ASP A 709 -49.30 -99.61 54.09
C ASP A 709 -50.31 -98.85 53.25
N ASP A 710 -51.41 -99.49 52.86
CA ASP A 710 -52.50 -98.85 52.14
C ASP A 710 -53.81 -99.33 52.75
N LEU A 711 -54.92 -98.98 52.11
CA LEU A 711 -56.23 -99.41 52.56
C LEU A 711 -56.69 -100.69 51.88
N TYR A 712 -55.84 -101.32 51.08
CA TYR A 712 -56.17 -102.60 50.46
C TYR A 712 -55.56 -103.78 51.21
N SER A 713 -55.00 -103.53 52.39
CA SER A 713 -54.38 -104.57 53.19
C SER A 713 -54.59 -104.24 54.66
N TYR A 714 -54.49 -105.27 55.50
CA TYR A 714 -54.68 -105.12 56.94
C TYR A 714 -53.71 -106.09 57.59
N GLY A 715 -52.82 -105.59 58.45
CA GLY A 715 -51.74 -106.42 58.96
C GLY A 715 -51.44 -106.20 60.43
N PHE A 716 -50.65 -107.14 60.95
CA PHE A 716 -50.28 -107.19 62.35
C PHE A 716 -48.81 -107.60 62.45
N ASP A 717 -48.09 -106.94 63.36
CA ASP A 717 -46.65 -107.13 63.48
C ASP A 717 -46.20 -107.56 64.88
N GLY A 718 -47.12 -107.79 65.79
CA GLY A 718 -46.81 -108.09 67.17
C GLY A 718 -47.07 -106.95 68.12
N LEU A 719 -47.08 -105.71 67.63
CA LEU A 719 -47.40 -104.56 68.46
C LEU A 719 -48.36 -103.58 67.82
N HIS A 720 -48.58 -103.62 66.51
CA HIS A 720 -49.37 -102.61 65.84
C HIS A 720 -50.36 -103.24 64.87
N LEU A 721 -51.45 -102.52 64.62
CA LEU A 721 -52.44 -102.87 63.61
C LEU A 721 -52.27 -101.93 62.44
N TRP A 722 -51.76 -102.43 61.33
CA TRP A 722 -51.38 -101.60 60.20
C TRP A 722 -52.51 -101.55 59.19
N THR A 723 -52.94 -100.32 58.85
CA THR A 723 -53.87 -100.06 57.77
C THR A 723 -53.75 -98.59 57.40
N GLY A 724 -53.62 -98.32 56.10
CA GLY A 724 -53.43 -96.97 55.62
C GLY A 724 -52.13 -96.33 56.07
N HIS A 725 -51.05 -97.11 56.18
CA HIS A 725 -49.70 -96.65 56.56
C HIS A 725 -49.73 -95.91 57.91
N VAL A 726 -50.49 -96.44 58.85
CA VAL A 726 -50.57 -95.92 60.22
C VAL A 726 -50.47 -97.10 61.18
N ALA A 727 -49.65 -96.95 62.22
CA ALA A 727 -49.50 -97.97 63.24
C ALA A 727 -50.31 -97.57 64.47
N ARG A 728 -51.01 -98.55 65.05
CA ARG A 728 -51.83 -98.31 66.23
C ARG A 728 -51.50 -99.41 67.24
N PRO A 729 -51.09 -99.06 68.46
CA PRO A 729 -50.67 -100.08 69.43
C PRO A 729 -51.82 -100.98 69.86
N VAL A 730 -51.49 -102.22 70.18
CA VAL A 730 -52.47 -103.21 70.63
C VAL A 730 -51.99 -103.87 71.91
N THR A 731 -52.88 -103.97 72.89
CA THR A 731 -52.61 -104.74 74.09
C THR A 731 -52.54 -106.21 73.72
N SER A 732 -51.62 -106.95 74.35
CA SER A 732 -51.44 -108.36 74.06
C SER A 732 -50.94 -109.04 75.32
N PRO A 733 -51.12 -110.37 75.44
CA PRO A 733 -50.57 -111.07 76.61
C PRO A 733 -49.06 -111.23 76.54
N GLY A 734 -48.33 -110.22 76.99
CA GLY A 734 -46.89 -110.21 76.86
C GLY A 734 -46.47 -109.69 75.51
N GLN A 735 -46.91 -108.46 75.20
CA GLN A 735 -46.71 -107.87 73.89
C GLN A 735 -45.23 -107.66 73.56
N HIS A 736 -44.89 -107.87 72.30
CA HIS A 736 -43.55 -107.65 71.74
C HIS A 736 -43.64 -107.80 70.23
N LEU A 737 -42.55 -107.43 69.55
CA LEU A 737 -42.43 -107.69 68.13
C LEU A 737 -42.30 -109.18 67.88
N LEU A 738 -42.56 -109.58 66.63
CA LEU A 738 -42.52 -111.00 66.27
C LEU A 738 -41.12 -111.57 66.47
N ALA A 739 -41.00 -112.45 67.43
CA ALA A 739 -39.78 -113.13 67.80
C ALA A 739 -39.82 -114.56 67.27
N PRO A 740 -38.68 -115.27 67.24
CA PRO A 740 -38.71 -116.68 66.81
C PRO A 740 -39.60 -117.52 67.71
N GLU A 741 -40.21 -118.54 67.09
CA GLU A 741 -41.18 -119.46 67.71
C GLU A 741 -42.37 -118.68 68.26
N ASP A 742 -43.11 -118.05 67.34
CA ASP A 742 -44.34 -117.35 67.67
C ASP A 742 -45.46 -117.85 66.76
N VAL A 743 -46.68 -117.82 67.29
CA VAL A 743 -47.84 -118.34 66.59
C VAL A 743 -48.76 -117.17 66.26
N VAL A 744 -49.02 -116.96 64.97
CA VAL A 744 -49.88 -115.89 64.50
C VAL A 744 -51.09 -116.54 63.83
N SER A 745 -52.26 -116.39 64.42
CA SER A 745 -53.49 -116.96 63.88
C SER A 745 -54.44 -115.83 63.50
N CYS A 746 -54.62 -115.61 62.19
CA CYS A 746 -55.52 -114.58 61.71
C CYS A 746 -56.86 -115.20 61.33
N CYS A 747 -57.92 -114.74 61.97
CA CYS A 747 -59.27 -115.20 61.76
C CYS A 747 -60.00 -114.19 60.88
N LEU A 748 -60.56 -114.65 59.77
CA LEU A 748 -61.27 -113.79 58.84
C LEU A 748 -62.74 -114.16 58.81
N ASP A 749 -63.60 -113.16 59.02
CA ASP A 749 -65.03 -113.30 58.79
C ASP A 749 -65.45 -112.24 57.80
N LEU A 750 -66.15 -112.67 56.76
CA LEU A 750 -66.67 -111.82 55.71
C LEU A 750 -68.15 -111.53 55.84
N SER A 751 -68.93 -112.42 56.48
CA SER A 751 -70.36 -112.19 56.69
C SER A 751 -70.56 -110.89 57.46
N VAL A 752 -69.90 -110.77 58.60
CA VAL A 752 -69.74 -109.50 59.29
C VAL A 752 -68.29 -109.09 59.07
N PRO A 753 -68.00 -107.86 58.68
CA PRO A 753 -66.60 -107.47 58.43
C PRO A 753 -65.71 -107.55 59.66
N SER A 754 -64.79 -108.51 59.71
CA SER A 754 -63.97 -108.66 60.92
C SER A 754 -62.73 -109.52 60.71
N ILE A 755 -61.58 -108.97 61.03
CA ILE A 755 -60.32 -109.71 61.03
C ILE A 755 -59.74 -109.64 62.44
N SER A 756 -59.60 -110.81 63.05
CA SER A 756 -59.15 -110.96 64.42
C SER A 756 -57.77 -111.61 64.42
N PHE A 757 -56.89 -111.14 65.28
CA PHE A 757 -55.55 -111.70 65.39
C PHE A 757 -55.39 -112.40 66.73
N ARG A 758 -54.66 -113.51 66.72
CA ARG A 758 -54.36 -114.25 67.94
C ARG A 758 -52.89 -114.60 68.00
N ILE A 759 -52.18 -114.04 68.97
CA ILE A 759 -50.75 -114.29 69.13
C ILE A 759 -50.58 -115.44 70.12
N ASN A 760 -49.83 -116.46 69.72
CA ASN A 760 -49.49 -117.64 70.55
C ASN A 760 -50.74 -118.34 71.08
N GLY A 761 -51.83 -118.30 70.30
CA GLY A 761 -53.10 -118.85 70.69
C GLY A 761 -53.92 -117.95 71.59
N CYS A 762 -53.41 -116.77 71.95
CA CYS A 762 -54.06 -115.87 72.88
C CYS A 762 -54.64 -114.66 72.13
N PRO A 763 -55.78 -114.13 72.58
CA PRO A 763 -56.45 -113.06 71.83
C PRO A 763 -55.68 -111.74 71.80
N VAL A 764 -55.86 -111.00 70.71
CA VAL A 764 -55.29 -109.67 70.53
C VAL A 764 -56.43 -108.69 70.41
N GLN A 765 -56.46 -107.71 71.31
CA GLN A 765 -57.61 -106.83 71.54
C GLN A 765 -57.67 -105.72 70.49
N GLY A 766 -58.05 -106.11 69.28
CA GLY A 766 -58.26 -105.16 68.20
C GLY A 766 -58.76 -105.90 66.97
N VAL A 767 -59.80 -105.36 66.33
CA VAL A 767 -60.39 -105.96 65.13
C VAL A 767 -60.73 -104.88 64.11
N PHE A 768 -60.33 -105.11 62.85
CA PHE A 768 -60.77 -104.25 61.76
C PHE A 768 -62.23 -104.55 61.43
N GLU A 769 -62.99 -103.50 61.11
CA GLU A 769 -64.42 -103.63 60.91
C GLU A 769 -64.88 -102.67 59.83
N ALA A 770 -66.07 -102.94 59.28
CA ALA A 770 -66.77 -102.04 58.34
C ALA A 770 -65.93 -101.73 57.10
N PHE A 771 -65.21 -102.71 56.61
CA PHE A 771 -64.36 -102.54 55.45
C PHE A 771 -65.05 -103.08 54.21
N ASN A 772 -64.70 -102.50 53.07
CA ASN A 772 -65.28 -102.89 51.79
C ASN A 772 -64.90 -104.31 51.42
N LEU A 773 -65.83 -104.99 50.75
CA LEU A 773 -65.68 -106.42 50.47
C LEU A 773 -65.39 -106.74 49.02
N ASP A 774 -65.51 -105.76 48.11
CA ASP A 774 -65.28 -105.97 46.69
C ASP A 774 -63.87 -106.48 46.43
N GLY A 775 -63.75 -107.50 45.60
CA GLY A 775 -62.48 -108.16 45.41
C GLY A 775 -62.34 -109.37 46.30
N LEU A 776 -61.19 -110.02 46.19
CA LEU A 776 -60.91 -111.25 46.90
C LEU A 776 -59.87 -111.02 47.99
N PHE A 777 -60.05 -111.68 49.13
CA PHE A 777 -59.14 -111.55 50.26
C PHE A 777 -58.23 -112.77 50.30
N PHE A 778 -56.94 -112.54 50.47
CA PHE A 778 -55.97 -113.62 50.48
C PHE A 778 -54.92 -113.41 51.55
N PRO A 779 -54.35 -114.48 52.10
CA PRO A 779 -53.30 -114.33 53.11
C PRO A 779 -52.05 -113.75 52.46
N VAL A 780 -51.27 -113.02 53.26
CA VAL A 780 -50.04 -112.40 52.75
C VAL A 780 -49.13 -112.12 53.95
N VAL A 781 -47.84 -112.31 53.72
CA VAL A 781 -46.81 -111.90 54.68
C VAL A 781 -45.81 -110.99 53.96
N SER A 782 -45.61 -109.80 54.52
CA SER A 782 -44.65 -108.84 53.99
C SER A 782 -43.44 -108.80 54.89
N PHE A 783 -42.26 -108.83 54.29
CA PHE A 783 -41.05 -108.98 55.06
C PHE A 783 -39.89 -108.29 54.36
N SER A 784 -38.89 -107.97 55.17
CA SER A 784 -37.60 -107.53 54.68
C SER A 784 -36.65 -108.71 54.70
N ALA A 785 -35.39 -108.48 54.38
CA ALA A 785 -34.41 -109.54 54.31
C ALA A 785 -34.06 -110.10 55.69
N GLY A 786 -33.76 -111.40 55.73
CA GLY A 786 -33.29 -112.04 56.94
C GLY A 786 -34.37 -112.63 57.81
N VAL A 787 -35.39 -113.21 57.19
CA VAL A 787 -36.47 -113.88 57.92
C VAL A 787 -36.75 -115.25 57.32
N LYS A 788 -37.29 -116.13 58.16
CA LYS A 788 -37.74 -117.47 57.80
C LYS A 788 -39.12 -117.66 58.41
N VAL A 789 -40.16 -117.66 57.58
CA VAL A 789 -41.53 -117.79 58.07
C VAL A 789 -42.19 -118.98 57.39
N ARG A 790 -42.99 -119.73 58.16
CA ARG A 790 -43.66 -120.91 57.65
C ARG A 790 -45.16 -120.73 57.66
N PHE A 791 -45.80 -121.18 56.59
CA PHE A 791 -47.24 -121.10 56.44
C PHE A 791 -47.84 -122.43 56.86
N LEU A 792 -48.81 -122.36 57.78
CA LEU A 792 -49.60 -123.48 58.27
C LEU A 792 -51.03 -123.27 57.79
N LEU A 793 -51.52 -124.19 56.96
CA LEU A 793 -52.83 -124.04 56.34
C LEU A 793 -53.76 -125.18 56.71
N GLY A 794 -53.39 -126.01 57.67
CA GLY A 794 -54.25 -127.06 58.16
C GLY A 794 -54.32 -128.22 57.17
N GLY A 795 -55.03 -129.28 57.59
CA GLY A 795 -55.11 -130.49 56.80
C GLY A 795 -53.74 -131.08 56.60
N ARG A 796 -53.40 -131.37 55.35
CA ARG A 796 -52.07 -131.84 55.01
C ARG A 796 -51.10 -130.69 54.79
N HIS A 797 -51.59 -129.44 54.77
CA HIS A 797 -50.75 -128.28 54.53
C HIS A 797 -50.46 -127.51 55.81
N GLY A 798 -50.25 -128.22 56.91
CA GLY A 798 -49.92 -127.64 58.18
C GLY A 798 -50.56 -128.44 59.30
N GLU A 799 -50.48 -127.89 60.52
CA GLU A 799 -51.02 -128.57 61.70
C GLU A 799 -51.90 -127.66 62.54
N PHE A 800 -51.66 -126.34 62.46
CA PHE A 800 -52.29 -125.24 63.19
C PHE A 800 -51.90 -125.16 64.66
N LYS A 801 -51.27 -126.22 65.22
CA LYS A 801 -50.66 -126.27 66.55
C LYS A 801 -51.53 -125.81 67.72
N PHE A 802 -52.84 -125.66 67.49
CA PHE A 802 -53.82 -125.03 68.37
C PHE A 802 -55.20 -125.41 67.84
N LEU A 803 -56.23 -124.82 68.41
CA LEU A 803 -57.61 -125.09 68.03
C LEU A 803 -58.19 -123.86 67.37
N PRO A 804 -58.55 -123.93 66.09
CA PRO A 804 -59.19 -122.79 65.45
C PRO A 804 -60.54 -122.49 66.08
N PRO A 805 -60.95 -121.23 66.10
CA PRO A 805 -62.26 -120.90 66.67
C PRO A 805 -63.36 -121.51 65.85
N PRO A 806 -64.50 -121.85 66.48
CA PRO A 806 -65.58 -122.55 65.77
C PRO A 806 -66.14 -121.75 64.60
N GLY A 807 -66.41 -122.45 63.51
CA GLY A 807 -66.95 -121.86 62.31
C GLY A 807 -65.91 -121.38 61.31
N TYR A 808 -64.63 -121.45 61.63
CA TYR A 808 -63.57 -120.97 60.74
C TYR A 808 -62.88 -122.16 60.09
N ALA A 809 -63.05 -122.30 58.78
CA ALA A 809 -62.47 -123.42 58.07
C ALA A 809 -61.00 -123.15 57.76
N PRO A 810 -60.17 -124.20 57.71
CA PRO A 810 -58.78 -124.02 57.27
C PRO A 810 -58.71 -123.48 55.84
N CYS A 811 -57.77 -122.56 55.61
CA CYS A 811 -57.65 -121.89 54.32
C CYS A 811 -57.27 -122.83 53.18
N HIS A 812 -56.68 -123.99 53.47
CA HIS A 812 -56.33 -124.97 52.46
C HIS A 812 -57.54 -125.61 51.79
N GLU A 813 -58.74 -125.41 52.32
CA GLU A 813 -59.96 -125.95 51.73
C GLU A 813 -60.56 -125.03 50.67
N ALA A 814 -59.94 -123.88 50.42
CA ALA A 814 -60.40 -122.95 49.40
C ALA A 814 -59.67 -123.07 48.07
N VAL A 815 -58.75 -124.04 47.93
CA VAL A 815 -58.02 -124.19 46.68
C VAL A 815 -58.96 -124.63 45.57
N LEU A 816 -58.90 -123.93 44.44
CA LEU A 816 -59.77 -124.24 43.32
C LEU A 816 -59.35 -125.57 42.69
N PRO A 817 -60.31 -126.36 42.18
CA PRO A 817 -59.98 -127.72 41.72
C PRO A 817 -59.00 -127.79 40.56
N ARG A 818 -58.88 -126.73 39.76
CA ARG A 818 -57.98 -126.73 38.62
C ARG A 818 -56.55 -126.35 38.99
N GLU A 819 -56.30 -125.90 40.21
CA GLU A 819 -54.98 -125.43 40.60
C GLU A 819 -54.55 -126.06 41.90
N ARG A 820 -53.24 -126.26 42.02
CA ARG A 820 -52.63 -126.78 43.23
C ARG A 820 -52.19 -125.64 44.13
N LEU A 821 -51.73 -125.99 45.33
CA LEU A 821 -51.30 -125.01 46.30
C LEU A 821 -49.82 -124.71 46.10
N ARG A 822 -49.49 -123.43 46.02
CA ARG A 822 -48.10 -123.00 45.92
C ARG A 822 -48.00 -121.56 46.42
N LEU A 823 -46.79 -121.16 46.74
CA LEU A 823 -46.51 -119.83 47.26
C LEU A 823 -45.82 -119.01 46.20
N GLU A 824 -46.40 -117.87 45.86
CA GLU A 824 -45.89 -117.02 44.81
C GLU A 824 -46.01 -115.56 45.24
N PRO A 825 -45.14 -114.69 44.74
CA PRO A 825 -45.22 -113.27 45.10
C PRO A 825 -46.45 -112.62 44.52
N ILE A 826 -46.77 -111.43 45.05
CA ILE A 826 -47.87 -110.58 44.58
C ILE A 826 -47.46 -110.06 43.20
N LYS A 827 -48.38 -109.35 42.50
CA LYS A 827 -48.23 -108.78 41.15
C LYS A 827 -46.84 -108.25 40.87
N GLU A 828 -46.22 -108.76 39.82
CA GLU A 828 -44.83 -108.50 39.53
C GLU A 828 -44.65 -108.15 38.06
N TYR A 829 -43.42 -107.81 37.72
CA TYR A 829 -43.03 -107.49 36.36
C TYR A 829 -41.74 -108.14 35.92
N ARG A 830 -41.14 -108.99 36.76
CA ARG A 830 -39.89 -109.64 36.43
C ARG A 830 -39.75 -110.88 37.29
N ARG A 831 -39.25 -111.96 36.70
CA ARG A 831 -38.93 -113.17 37.45
C ARG A 831 -37.67 -113.78 36.84
N GLU A 832 -36.90 -114.48 37.67
CA GLU A 832 -35.68 -115.09 37.17
C GLU A 832 -35.99 -116.23 36.20
N GLY A 833 -35.12 -116.41 35.19
CA GLY A 833 -35.29 -117.43 34.20
C GLY A 833 -33.98 -118.14 33.97
N PRO A 834 -34.01 -119.17 33.08
CA PRO A 834 -32.80 -119.97 32.80
C PRO A 834 -31.64 -119.14 32.29
N ARG A 835 -31.86 -118.42 31.20
CA ARG A 835 -30.83 -117.60 30.58
C ARG A 835 -30.94 -116.13 30.93
N GLY A 836 -31.91 -115.74 31.75
CA GLY A 836 -32.05 -114.35 32.11
C GLY A 836 -33.41 -114.00 32.69
N PRO A 837 -33.51 -112.80 33.29
CA PRO A 837 -34.80 -112.39 33.85
C PRO A 837 -35.86 -112.27 32.76
N HIS A 838 -37.08 -112.60 33.12
CA HIS A 838 -38.22 -112.59 32.23
C HIS A 838 -39.14 -111.45 32.64
N LEU A 839 -39.38 -110.53 31.71
CA LEU A 839 -40.35 -109.48 31.92
C LEU A 839 -41.75 -110.09 31.86
N VAL A 840 -42.51 -109.96 32.93
CA VAL A 840 -43.80 -110.60 33.07
C VAL A 840 -44.88 -109.53 32.99
N GLY A 841 -45.83 -109.70 32.07
CA GLY A 841 -46.93 -108.79 31.94
C GLY A 841 -47.94 -108.94 33.08
N PRO A 842 -49.04 -108.19 32.98
CA PRO A 842 -50.10 -108.28 34.00
C PRO A 842 -50.64 -109.69 34.17
N SER A 843 -51.05 -110.00 35.39
CA SER A 843 -51.55 -111.32 35.72
C SER A 843 -53.07 -111.31 35.77
N ARG A 844 -53.69 -112.29 35.13
CA ARG A 844 -55.15 -112.42 35.20
C ARG A 844 -55.53 -112.78 36.63
N CYS A 845 -56.48 -112.04 37.18
CA CYS A 845 -56.87 -112.21 38.57
C CYS A 845 -58.30 -112.72 38.63
N LEU A 846 -58.53 -113.72 39.48
CA LEU A 846 -59.86 -114.26 39.67
C LEU A 846 -60.71 -113.24 40.43
N SER A 847 -62.03 -113.32 40.23
CA SER A 847 -62.96 -112.38 40.82
C SER A 847 -64.05 -113.10 41.58
N HIS A 848 -64.63 -112.40 42.57
CA HIS A 848 -65.76 -112.94 43.32
C HIS A 848 -66.94 -113.19 42.41
N THR A 849 -67.18 -112.29 41.45
CA THR A 849 -68.21 -112.44 40.42
C THR A 849 -68.05 -113.73 39.61
N ASP A 850 -66.86 -114.32 39.58
CA ASP A 850 -66.62 -115.59 38.91
C ASP A 850 -66.96 -116.79 39.78
N PHE A 851 -67.45 -116.56 41.00
CA PHE A 851 -67.92 -117.65 41.84
C PHE A 851 -69.43 -117.71 41.96
N VAL A 852 -70.14 -116.75 41.38
CA VAL A 852 -71.60 -116.86 41.39
C VAL A 852 -72.02 -117.60 40.13
N PRO A 853 -72.78 -118.68 40.23
CA PRO A 853 -73.24 -119.35 39.01
C PRO A 853 -74.48 -118.63 38.48
N CYS A 854 -74.34 -118.07 37.29
CA CYS A 854 -75.42 -117.29 36.68
C CYS A 854 -75.89 -117.98 35.40
N PRO A 855 -76.88 -118.85 35.51
CA PRO A 855 -77.37 -119.58 34.33
C PRO A 855 -78.39 -118.72 33.60
N VAL A 856 -78.95 -119.29 32.53
CA VAL A 856 -80.07 -118.68 31.85
C VAL A 856 -81.36 -119.29 32.41
N ASP A 857 -82.30 -118.41 32.80
CA ASP A 857 -83.54 -118.86 33.42
C ASP A 857 -84.34 -119.73 32.46
N THR A 858 -84.78 -120.89 32.94
CA THR A 858 -85.52 -121.85 32.14
C THR A 858 -86.95 -122.03 32.64
N VAL A 859 -87.63 -120.95 32.97
CA VAL A 859 -89.00 -121.01 33.45
C VAL A 859 -89.97 -120.42 32.44
N GLN A 860 -89.74 -119.19 31.98
CA GLN A 860 -90.67 -118.51 31.08
C GLN A 860 -90.44 -118.96 29.63
N ILE A 861 -90.72 -120.25 29.40
CA ILE A 861 -90.59 -120.87 28.09
C ILE A 861 -91.80 -121.76 27.86
N VAL A 862 -92.71 -121.34 26.96
CA VAL A 862 -93.79 -122.21 26.56
C VAL A 862 -93.24 -123.33 25.67
N LEU A 863 -93.60 -124.55 25.99
CA LEU A 863 -92.99 -125.72 25.36
C LEU A 863 -93.61 -125.95 23.98
N PRO A 864 -92.80 -126.02 22.92
CA PRO A 864 -93.32 -126.04 21.55
C PRO A 864 -93.91 -127.39 21.15
N PRO A 865 -94.74 -127.41 20.09
CA PRO A 865 -95.30 -128.71 19.62
C PRO A 865 -94.24 -129.66 19.10
N HIS A 866 -93.22 -129.17 18.38
CA HIS A 866 -92.23 -130.08 17.83
C HIS A 866 -91.36 -130.69 18.92
N LEU A 867 -91.31 -130.03 20.08
CA LEU A 867 -90.58 -130.57 21.23
C LEU A 867 -91.42 -131.58 22.00
N GLU A 868 -92.71 -131.26 22.29
CA GLU A 868 -93.55 -132.28 22.93
C GLU A 868 -93.74 -133.51 22.04
N ARG A 869 -93.63 -133.33 20.71
CA ARG A 869 -93.65 -134.43 19.78
C ARG A 869 -92.43 -135.35 19.98
N ILE A 870 -91.30 -134.81 20.42
CA ILE A 870 -90.12 -135.63 20.65
C ILE A 870 -89.78 -135.68 22.15
N ARG A 871 -90.78 -135.44 23.00
CA ARG A 871 -90.60 -135.40 24.44
C ARG A 871 -90.24 -136.76 25.04
N GLU A 872 -90.46 -137.84 24.30
CA GLU A 872 -90.38 -139.18 24.85
C GLU A 872 -89.06 -139.87 24.56
N LYS A 873 -88.65 -139.95 23.29
CA LYS A 873 -87.44 -140.68 22.91
C LYS A 873 -86.18 -140.09 23.56
N LEU A 874 -86.07 -138.76 23.57
CA LEU A 874 -84.98 -138.07 24.25
C LEU A 874 -84.98 -138.25 25.77
N ALA A 875 -86.08 -138.72 26.35
CA ALA A 875 -86.10 -139.09 27.76
C ALA A 875 -85.77 -140.57 27.94
N GLU A 876 -86.34 -141.41 27.07
CA GLU A 876 -86.09 -142.84 27.09
C GLU A 876 -84.61 -143.13 26.89
N ASN A 877 -83.93 -142.28 26.13
CA ASN A 877 -82.52 -142.50 25.87
C ASN A 877 -81.66 -141.96 27.00
N ILE A 878 -82.24 -141.25 27.98
CA ILE A 878 -81.46 -140.77 29.11
C ILE A 878 -82.03 -141.27 30.43
N HIS A 879 -82.79 -142.36 30.38
CA HIS A 879 -83.31 -142.94 31.61
C HIS A 879 -82.34 -143.93 32.25
N GLU A 880 -81.51 -144.61 31.45
CA GLU A 880 -80.48 -145.47 32.01
C GLU A 880 -79.15 -145.34 31.28
N LEU A 881 -78.92 -144.17 30.65
CA LEU A 881 -77.67 -143.97 29.93
C LEU A 881 -76.50 -143.99 30.89
N TRP A 882 -76.66 -143.39 32.08
CA TRP A 882 -75.63 -143.52 33.11
C TRP A 882 -75.49 -144.96 33.62
N ALA A 883 -76.52 -145.79 33.39
CA ALA A 883 -76.50 -147.17 33.84
C ALA A 883 -75.86 -148.11 32.85
N LEU A 884 -75.70 -147.69 31.59
CA LEU A 884 -75.21 -148.60 30.54
C LEU A 884 -73.75 -148.99 30.75
N THR A 885 -72.94 -148.07 31.29
CA THR A 885 -71.50 -148.25 31.38
C THR A 885 -71.11 -149.42 32.27
N ARG A 886 -71.81 -149.60 33.39
CA ARG A 886 -71.40 -150.50 34.46
C ARG A 886 -72.06 -151.87 34.44
N ILE A 887 -72.88 -152.18 33.43
CA ILE A 887 -73.47 -153.51 33.34
C ILE A 887 -72.37 -154.51 32.96
N GLU A 888 -72.53 -155.77 33.39
CA GLU A 888 -71.54 -156.85 33.24
C GLU A 888 -70.24 -156.56 33.98
N GLN A 889 -70.34 -155.79 35.07
CA GLN A 889 -69.21 -155.50 35.96
C GLN A 889 -69.60 -155.85 37.39
N GLY A 890 -68.80 -155.41 38.37
CA GLY A 890 -69.19 -155.57 39.77
C GLY A 890 -70.50 -154.89 40.12
N TRP A 891 -70.86 -153.82 39.41
CA TRP A 891 -72.15 -153.15 39.57
C TRP A 891 -73.14 -153.67 38.53
N THR A 892 -73.47 -154.95 38.64
CA THR A 892 -74.40 -155.61 37.74
C THR A 892 -75.71 -155.87 38.50
N TYR A 893 -76.82 -155.48 37.87
CA TYR A 893 -78.13 -155.42 38.48
C TYR A 893 -78.61 -156.81 38.95
N GLY A 894 -79.62 -156.79 39.82
CA GLY A 894 -80.28 -157.96 40.34
C GLY A 894 -81.75 -157.66 40.54
N PRO A 895 -82.61 -158.65 40.28
CA PRO A 895 -84.06 -158.44 40.41
C PRO A 895 -84.55 -158.06 41.81
N VAL A 896 -83.83 -158.47 42.86
CA VAL A 896 -84.28 -158.20 44.23
C VAL A 896 -84.20 -156.71 44.57
N ARG A 897 -83.18 -156.01 44.07
CA ARG A 897 -82.94 -154.63 44.44
C ARG A 897 -83.18 -153.71 43.25
N ASP A 898 -82.86 -152.44 43.43
CA ASP A 898 -83.09 -151.40 42.45
C ASP A 898 -81.85 -150.50 42.44
N ASP A 899 -82.01 -149.30 41.88
CA ASP A 899 -80.93 -148.31 41.79
C ASP A 899 -80.36 -147.95 43.18
N ASN A 900 -79.13 -147.43 43.16
CA ASN A 900 -78.39 -146.89 44.31
C ASN A 900 -78.03 -147.95 45.34
N LYS A 901 -78.06 -149.23 44.98
CA LYS A 901 -77.77 -150.33 45.90
C LYS A 901 -76.52 -151.10 45.50
N ARG A 902 -75.51 -150.41 44.94
CA ARG A 902 -74.23 -150.94 44.45
C ARG A 902 -74.37 -151.97 43.32
N LEU A 903 -75.59 -152.18 42.82
CA LEU A 903 -75.95 -153.04 41.71
C LEU A 903 -77.00 -152.31 40.86
N HIS A 904 -76.72 -151.03 40.61
CA HIS A 904 -77.71 -150.07 40.13
C HIS A 904 -78.49 -150.38 38.84
N PRO A 905 -77.87 -150.88 37.66
CA PRO A 905 -78.44 -150.59 36.31
C PRO A 905 -79.94 -150.58 36.02
N CYS A 906 -80.63 -151.70 36.26
CA CYS A 906 -82.07 -151.90 35.98
C CYS A 906 -82.44 -151.40 34.57
N LEU A 907 -81.88 -152.09 33.58
CA LEU A 907 -82.01 -151.70 32.17
C LEU A 907 -83.39 -151.92 31.59
N VAL A 908 -84.32 -152.56 32.34
CA VAL A 908 -85.60 -153.02 31.80
C VAL A 908 -86.39 -151.86 31.21
N ASN A 909 -86.80 -150.93 32.07
CA ASN A 909 -87.58 -149.76 31.69
C ASN A 909 -87.70 -148.87 32.92
N PHE A 910 -88.18 -147.66 32.70
CA PHE A 910 -88.47 -146.70 33.76
C PHE A 910 -89.84 -146.92 34.38
N HIS A 911 -90.69 -147.75 33.78
CA HIS A 911 -91.95 -148.12 34.42
C HIS A 911 -91.70 -148.94 35.68
N SER A 912 -90.74 -149.87 35.62
CA SER A 912 -90.32 -150.58 36.82
C SER A 912 -89.71 -149.63 37.85
N LEU A 913 -89.03 -148.59 37.36
CA LEU A 913 -88.43 -147.60 38.24
C LEU A 913 -89.51 -146.69 38.82
N PRO A 914 -89.24 -146.05 39.97
CA PRO A 914 -90.26 -145.21 40.63
C PRO A 914 -90.77 -144.07 39.76
N GLU A 915 -92.09 -143.84 39.83
CA GLU A 915 -92.77 -142.84 39.01
C GLU A 915 -92.30 -141.39 39.19
N PRO A 916 -92.09 -140.84 40.42
CA PRO A 916 -91.65 -139.42 40.50
C PRO A 916 -90.34 -139.13 39.81
N GLU A 917 -89.28 -139.90 40.09
CA GLU A 917 -88.02 -139.70 39.37
C GLU A 917 -88.17 -140.03 37.89
N ARG A 918 -89.13 -140.91 37.52
CA ARG A 918 -89.39 -141.23 36.12
C ARG A 918 -89.86 -140.00 35.35
N ASN A 919 -91.04 -139.46 35.70
CA ASN A 919 -91.51 -138.27 35.02
C ASN A 919 -90.63 -137.05 35.28
N TYR A 920 -89.86 -137.06 36.39
CA TYR A 920 -88.81 -136.08 36.59
C TYR A 920 -87.75 -136.18 35.50
N ASN A 921 -87.37 -137.40 35.11
CA ASN A 921 -86.39 -137.58 34.04
C ASN A 921 -86.98 -137.13 32.70
N LEU A 922 -88.26 -137.43 32.46
CA LEU A 922 -88.95 -136.89 31.26
C LEU A 922 -88.87 -135.36 31.22
N GLN A 923 -89.25 -134.69 32.31
CA GLN A 923 -89.25 -133.24 32.30
C GLN A 923 -87.85 -132.66 32.48
N MET A 924 -86.85 -133.47 32.85
CA MET A 924 -85.45 -133.06 32.71
C MET A 924 -84.98 -133.09 31.27
N SER A 925 -85.42 -134.08 30.49
CA SER A 925 -85.20 -134.03 29.04
C SER A 925 -85.87 -132.81 28.43
N GLY A 926 -87.11 -132.54 28.85
CA GLY A 926 -87.77 -131.30 28.47
C GLY A 926 -87.02 -130.06 28.93
N GLU A 927 -86.40 -130.13 30.11
CA GLU A 927 -85.65 -129.02 30.67
C GLU A 927 -84.40 -128.74 29.85
N THR A 928 -83.72 -129.79 29.39
CA THR A 928 -82.60 -129.63 28.46
C THR A 928 -83.06 -129.00 27.14
N LEU A 929 -84.21 -129.45 26.60
CA LEU A 929 -84.76 -128.78 25.43
C LEU A 929 -85.14 -127.32 25.70
N LYS A 930 -85.57 -127.01 26.92
CA LYS A 930 -85.89 -125.63 27.27
C LYS A 930 -84.63 -124.78 27.35
N THR A 931 -83.54 -125.37 27.85
CA THR A 931 -82.23 -124.72 27.79
C THR A 931 -81.81 -124.49 26.34
N LEU A 932 -82.10 -125.44 25.45
CA LEU A 932 -81.79 -125.26 24.03
C LEU A 932 -82.57 -124.09 23.45
N LEU A 933 -83.83 -123.95 23.85
CA LEU A 933 -84.66 -122.82 23.44
C LEU A 933 -84.09 -121.51 23.94
N ALA A 934 -83.82 -121.42 25.25
CA ALA A 934 -83.32 -120.18 25.84
C ALA A 934 -81.95 -119.82 25.28
N LEU A 935 -81.15 -120.82 24.88
CA LEU A 935 -79.86 -120.55 24.26
C LEU A 935 -80.06 -120.04 22.84
N GLY A 936 -81.08 -120.54 22.14
CA GLY A 936 -81.28 -120.18 20.75
C GLY A 936 -81.19 -121.34 19.77
N CYS A 937 -81.59 -122.52 20.19
CA CYS A 937 -81.61 -123.71 19.35
C CYS A 937 -83.04 -124.05 18.93
N HIS A 938 -83.23 -124.26 17.63
CA HIS A 938 -84.52 -124.61 17.05
C HIS A 938 -84.32 -125.78 16.10
N VAL A 939 -85.38 -126.55 15.88
CA VAL A 939 -85.27 -127.84 15.20
C VAL A 939 -86.04 -127.79 13.88
N GLY A 940 -85.54 -128.57 12.92
CA GLY A 940 -86.18 -128.72 11.63
C GLY A 940 -85.94 -130.10 11.05
N MET A 941 -86.96 -130.69 10.45
CA MET A 941 -86.92 -132.08 10.00
C MET A 941 -86.79 -132.10 8.47
N ALA A 942 -85.74 -132.78 7.99
CA ALA A 942 -85.54 -132.93 6.55
C ALA A 942 -85.55 -134.39 6.11
N ASP A 943 -84.68 -135.23 6.65
CA ASP A 943 -84.32 -136.48 5.96
C ASP A 943 -85.20 -137.62 6.47
N GLU A 944 -84.82 -138.87 6.13
CA GLU A 944 -85.51 -140.08 6.55
C GLU A 944 -85.62 -140.22 8.06
N LYS A 945 -86.78 -140.67 8.53
CA LYS A 945 -87.03 -140.80 9.96
C LYS A 945 -86.11 -141.88 10.53
N ALA A 946 -85.29 -141.49 11.51
CA ALA A 946 -84.34 -142.42 12.14
C ALA A 946 -85.01 -143.61 12.81
N GLU A 947 -86.28 -143.47 13.21
CA GLU A 947 -87.06 -144.55 13.82
C GLU A 947 -87.08 -145.81 12.95
N ASP A 948 -87.15 -145.63 11.62
CA ASP A 948 -87.15 -146.77 10.72
C ASP A 948 -85.78 -147.45 10.69
N ASN A 949 -84.72 -146.66 10.54
CA ASN A 949 -83.39 -147.17 10.25
C ASN A 949 -82.57 -147.30 11.55
N LEU A 950 -83.26 -147.25 12.69
CA LEU A 950 -82.66 -147.53 13.99
C LEU A 950 -83.18 -148.87 14.50
N LYS A 951 -82.34 -149.55 15.27
CA LYS A 951 -82.70 -150.84 15.86
C LYS A 951 -82.08 -150.96 17.23
N LYS A 952 -82.64 -151.85 18.04
CA LYS A 952 -82.11 -152.18 19.36
C LYS A 952 -81.25 -153.42 19.25
N THR A 953 -80.07 -153.39 19.86
CA THR A 953 -79.07 -154.44 19.72
C THR A 953 -78.93 -155.15 21.06
N LYS A 954 -79.43 -156.39 21.12
CA LYS A 954 -79.23 -157.23 22.30
C LYS A 954 -77.80 -157.77 22.23
N LEU A 955 -76.87 -156.97 22.78
CA LEU A 955 -75.47 -157.31 22.77
C LEU A 955 -75.21 -158.50 23.71
N PRO A 956 -74.14 -159.27 23.46
CA PRO A 956 -73.72 -160.26 24.49
C PRO A 956 -73.41 -159.63 25.83
N LYS A 957 -72.76 -158.46 25.83
CA LYS A 957 -72.68 -157.65 27.03
C LYS A 957 -74.03 -157.01 27.33
N THR A 958 -74.22 -156.61 28.59
CA THR A 958 -75.45 -156.04 29.15
C THR A 958 -76.62 -157.02 29.10
N TYR A 959 -76.35 -158.32 29.02
CA TYR A 959 -77.40 -159.32 29.09
C TYR A 959 -77.84 -159.50 30.54
N MET A 960 -79.14 -159.49 30.76
CA MET A 960 -79.72 -159.61 32.10
C MET A 960 -80.88 -160.60 32.11
N MET A 961 -81.13 -161.14 33.30
CA MET A 961 -82.18 -162.12 33.52
C MET A 961 -83.50 -161.48 33.90
N SER A 962 -83.48 -160.22 34.33
CA SER A 962 -84.68 -159.52 34.77
C SER A 962 -85.40 -158.94 33.55
N ASN A 963 -86.45 -159.65 33.12
CA ASN A 963 -87.39 -159.22 32.07
C ASN A 963 -86.66 -158.89 30.76
N GLY A 964 -85.87 -159.85 30.29
CA GLY A 964 -85.19 -159.72 29.01
C GLY A 964 -84.01 -158.78 29.08
N TYR A 965 -83.24 -158.77 27.99
CA TYR A 965 -82.05 -157.95 27.89
C TYR A 965 -82.17 -156.97 26.74
N LYS A 966 -81.67 -155.76 26.96
CA LYS A 966 -81.73 -154.67 25.99
C LYS A 966 -80.66 -153.66 26.38
N PRO A 967 -80.25 -152.78 25.45
CA PRO A 967 -79.42 -151.64 25.86
C PRO A 967 -80.15 -150.80 26.92
N ALA A 968 -79.40 -150.38 27.94
CA ALA A 968 -79.99 -149.60 29.03
C ALA A 968 -80.60 -148.28 28.56
N PRO A 969 -79.92 -147.41 27.75
CA PRO A 969 -80.68 -146.34 27.10
C PRO A 969 -81.31 -146.86 25.82
N LEU A 970 -81.94 -146.00 25.05
CA LEU A 970 -82.47 -146.41 23.76
C LEU A 970 -81.31 -146.44 22.77
N ASP A 971 -81.24 -147.51 21.97
CA ASP A 971 -80.10 -147.72 21.09
C ASP A 971 -80.07 -146.71 19.95
N LEU A 972 -78.89 -146.58 19.33
CA LEU A 972 -78.70 -145.64 18.24
C LEU A 972 -77.59 -146.17 17.34
N SER A 973 -77.70 -145.90 16.05
CA SER A 973 -76.73 -146.33 15.06
C SER A 973 -75.73 -145.20 14.82
N HIS A 974 -74.91 -145.35 13.78
CA HIS A 974 -73.93 -144.36 13.34
C HIS A 974 -74.52 -142.96 13.11
N VAL A 975 -74.10 -142.00 13.94
CA VAL A 975 -74.54 -140.61 13.94
C VAL A 975 -73.33 -139.78 14.36
N ARG A 976 -73.17 -138.60 13.77
CA ARG A 976 -72.00 -137.76 14.04
C ARG A 976 -72.47 -136.39 14.53
N LEU A 977 -71.51 -135.54 14.90
CA LEU A 977 -71.82 -134.23 15.47
C LEU A 977 -70.79 -133.20 15.01
N THR A 978 -71.26 -132.05 14.56
CA THR A 978 -70.40 -130.98 14.08
C THR A 978 -69.91 -130.12 15.27
N PRO A 979 -68.83 -129.32 15.05
CA PRO A 979 -68.32 -128.48 16.17
C PRO A 979 -69.32 -127.51 16.77
N ALA A 980 -70.26 -126.96 15.97
CA ALA A 980 -71.33 -126.14 16.52
C ALA A 980 -72.09 -126.87 17.63
N GLN A 981 -72.40 -128.16 17.38
CA GLN A 981 -73.04 -128.99 18.39
C GLN A 981 -72.12 -129.25 19.58
N THR A 982 -70.80 -129.34 19.33
CA THR A 982 -69.86 -129.53 20.45
C THR A 982 -69.86 -128.34 21.39
N THR A 983 -69.74 -127.13 20.84
CA THR A 983 -69.79 -125.92 21.67
C THR A 983 -71.14 -125.79 22.36
N LEU A 984 -72.23 -126.09 21.63
CA LEU A 984 -73.57 -125.96 22.20
C LEU A 984 -73.78 -126.94 23.36
N VAL A 985 -73.30 -128.18 23.22
CA VAL A 985 -73.46 -129.15 24.32
C VAL A 985 -72.55 -128.75 25.48
N ASP A 986 -71.40 -128.11 25.19
CA ASP A 986 -70.53 -127.61 26.25
C ASP A 986 -71.26 -126.58 27.11
N ARG A 987 -71.85 -125.56 26.48
CA ARG A 987 -72.57 -124.56 27.27
C ARG A 987 -73.88 -125.11 27.84
N LEU A 988 -74.45 -126.14 27.20
CA LEU A 988 -75.63 -126.82 27.76
C LEU A 988 -75.27 -127.52 29.08
N ALA A 989 -74.11 -128.16 29.12
CA ALA A 989 -73.63 -128.77 30.36
C ALA A 989 -73.28 -127.69 31.37
N GLU A 990 -72.73 -126.57 30.90
CA GLU A 990 -72.49 -125.41 31.77
C GLU A 990 -73.76 -124.95 32.45
N ASN A 991 -74.85 -124.81 31.68
CA ASN A 991 -76.10 -124.34 32.24
C ASN A 991 -76.78 -125.42 33.08
N GLY A 992 -76.33 -126.67 32.97
CA GLY A 992 -76.85 -127.68 33.88
C GLY A 992 -76.14 -127.60 35.21
N HIS A 993 -74.80 -127.50 35.12
CA HIS A 993 -73.96 -127.39 36.30
C HIS A 993 -74.30 -126.15 37.12
N ASN A 994 -74.51 -125.01 36.45
CA ASN A 994 -74.73 -123.78 37.20
C ASN A 994 -76.10 -123.73 37.85
N VAL A 995 -77.07 -124.49 37.32
CA VAL A 995 -78.36 -124.58 37.98
C VAL A 995 -78.26 -125.51 39.17
N TRP A 996 -77.52 -126.62 39.03
CA TRP A 996 -77.31 -127.54 40.14
C TRP A 996 -76.58 -126.84 41.28
N ALA A 997 -75.53 -126.07 40.95
CA ALA A 997 -74.76 -125.34 41.96
C ALA A 997 -75.60 -124.27 42.62
N ARG A 998 -76.42 -123.56 41.82
CA ARG A 998 -77.34 -122.55 42.35
C ARG A 998 -78.30 -123.17 43.35
N ASP A 999 -78.86 -124.33 43.01
CA ASP A 999 -79.80 -125.02 43.89
C ASP A 999 -79.11 -125.42 45.19
N ARG A 1000 -77.91 -126.01 45.09
CA ARG A 1000 -77.17 -126.44 46.30
C ARG A 1000 -76.88 -125.25 47.22
N VAL A 1001 -76.47 -124.12 46.62
CA VAL A 1001 -76.23 -122.90 47.38
C VAL A 1001 -77.52 -122.45 48.05
N ALA A 1002 -78.63 -122.49 47.31
CA ALA A 1002 -79.93 -122.16 47.89
C ALA A 1002 -80.34 -123.12 49.00
N GLN A 1003 -79.77 -124.35 49.03
CA GLN A 1003 -79.92 -125.20 50.20
C GLN A 1003 -78.78 -125.04 51.19
N GLY A 1004 -77.95 -124.00 51.02
CA GLY A 1004 -76.96 -123.65 52.01
C GLY A 1004 -75.55 -124.12 51.74
N TRP A 1005 -75.38 -125.11 50.87
CA TRP A 1005 -74.08 -125.73 50.60
C TRP A 1005 -73.04 -124.73 50.11
N SER A 1006 -71.77 -125.13 50.19
CA SER A 1006 -70.65 -124.32 49.71
C SER A 1006 -69.50 -125.21 49.27
N TYR A 1007 -68.40 -124.58 48.87
CA TYR A 1007 -67.25 -125.28 48.32
C TYR A 1007 -66.25 -125.63 49.42
N SER A 1008 -65.61 -126.79 49.29
CA SER A 1008 -64.49 -127.20 50.14
C SER A 1008 -63.74 -128.28 49.37
N ALA A 1009 -62.42 -128.15 49.27
CA ALA A 1009 -61.60 -129.12 48.52
C ALA A 1009 -61.68 -130.54 49.08
N VAL A 1010 -62.09 -130.70 50.34
CA VAL A 1010 -62.37 -131.99 50.94
C VAL A 1010 -63.87 -132.06 51.20
N GLN A 1011 -64.48 -133.18 50.83
CA GLN A 1011 -65.93 -133.29 50.89
C GLN A 1011 -66.39 -133.53 52.31
N ASP A 1012 -67.37 -132.75 52.75
CA ASP A 1012 -67.99 -132.88 54.08
C ASP A 1012 -69.49 -132.84 53.91
N ILE A 1013 -70.12 -134.01 53.84
CA ILE A 1013 -71.56 -134.12 53.67
C ILE A 1013 -72.32 -133.60 54.90
N PRO A 1014 -72.04 -134.03 56.16
CA PRO A 1014 -72.80 -133.44 57.29
C PRO A 1014 -72.58 -131.94 57.47
N ALA A 1015 -71.42 -131.42 57.09
CA ALA A 1015 -71.19 -129.99 57.06
C ALA A 1015 -71.66 -129.34 55.78
N ARG A 1016 -72.18 -130.13 54.83
CA ARG A 1016 -72.84 -129.66 53.60
C ARG A 1016 -71.90 -128.87 52.72
N ARG A 1017 -70.74 -129.45 52.42
CA ARG A 1017 -69.76 -128.84 51.54
C ARG A 1017 -69.27 -129.89 50.56
N ASN A 1018 -68.97 -129.44 49.34
CA ASN A 1018 -68.69 -130.30 48.21
C ASN A 1018 -67.45 -129.77 47.48
N PRO A 1019 -66.66 -130.65 46.87
CA PRO A 1019 -65.53 -130.18 46.04
C PRO A 1019 -65.91 -129.74 44.64
N ARG A 1020 -67.20 -129.77 44.27
CA ARG A 1020 -67.60 -129.42 42.92
C ARG A 1020 -68.54 -128.23 42.89
N LEU A 1021 -68.80 -127.60 44.04
CA LEU A 1021 -69.57 -126.35 44.08
C LEU A 1021 -68.70 -125.16 43.69
N VAL A 1022 -68.30 -125.15 42.42
CA VAL A 1022 -67.71 -123.99 41.78
C VAL A 1022 -68.39 -123.87 40.43
N PRO A 1023 -68.45 -122.68 39.83
CA PRO A 1023 -68.97 -122.55 38.47
C PRO A 1023 -68.18 -123.40 37.47
N TYR A 1024 -68.90 -123.80 36.39
CA TYR A 1024 -68.38 -124.73 35.38
C TYR A 1024 -67.03 -124.27 34.85
N ARG A 1025 -66.87 -122.96 34.64
CA ARG A 1025 -65.61 -122.42 34.11
C ARG A 1025 -64.44 -122.69 35.04
N LEU A 1026 -64.73 -122.88 36.34
CA LEU A 1026 -63.72 -123.14 37.36
C LEU A 1026 -63.66 -124.61 37.72
N LEU A 1027 -64.59 -125.42 37.22
CA LEU A 1027 -64.61 -126.85 37.47
C LEU A 1027 -63.37 -127.52 36.85
N ASP A 1028 -63.16 -128.78 37.20
CA ASP A 1028 -62.04 -129.53 36.66
C ASP A 1028 -62.44 -130.23 35.37
N GLU A 1029 -61.43 -130.56 34.56
CA GLU A 1029 -61.65 -131.14 33.24
C GLU A 1029 -62.29 -132.52 33.30
N ALA A 1030 -61.99 -133.29 34.35
CA ALA A 1030 -62.60 -134.60 34.55
C ALA A 1030 -64.11 -134.48 34.69
N THR A 1031 -64.56 -133.58 35.57
CA THR A 1031 -65.99 -133.39 35.78
C THR A 1031 -66.64 -132.73 34.57
N LYS A 1032 -65.93 -131.80 33.91
CA LYS A 1032 -66.41 -131.20 32.66
C LYS A 1032 -66.72 -132.27 31.63
N ARG A 1033 -65.78 -133.20 31.44
CA ARG A 1033 -65.97 -134.28 30.47
C ARG A 1033 -67.11 -135.20 30.90
N SER A 1034 -67.18 -135.51 32.20
CA SER A 1034 -68.23 -136.40 32.70
C SER A 1034 -69.62 -135.80 32.52
N ASN A 1035 -69.79 -134.51 32.76
CA ASN A 1035 -71.07 -133.86 32.46
C ASN A 1035 -71.34 -133.82 30.97
N ARG A 1036 -70.33 -133.45 30.17
CA ARG A 1036 -70.53 -133.29 28.74
C ARG A 1036 -70.85 -134.60 28.02
N ASP A 1037 -70.38 -135.74 28.54
CA ASP A 1037 -70.58 -137.02 27.86
C ASP A 1037 -72.06 -137.39 27.74
N SER A 1038 -72.81 -137.26 28.84
CA SER A 1038 -74.22 -137.65 28.86
C SER A 1038 -75.05 -136.81 27.89
N LEU A 1039 -74.91 -135.49 28.01
CA LEU A 1039 -75.66 -134.60 27.15
C LEU A 1039 -75.14 -134.61 25.72
N CYS A 1040 -73.88 -135.00 25.50
CA CYS A 1040 -73.37 -135.23 24.15
C CYS A 1040 -74.09 -136.41 23.51
N GLN A 1041 -74.30 -137.48 24.28
CA GLN A 1041 -75.08 -138.61 23.79
C GLN A 1041 -76.51 -138.17 23.50
N ALA A 1042 -77.08 -137.33 24.37
CA ALA A 1042 -78.45 -136.83 24.19
C ALA A 1042 -78.58 -136.03 22.91
N VAL A 1043 -77.69 -135.05 22.69
CA VAL A 1043 -77.76 -134.21 21.49
C VAL A 1043 -77.44 -135.06 20.25
N ARG A 1044 -76.62 -136.11 20.40
CA ARG A 1044 -76.37 -137.05 19.31
C ARG A 1044 -77.65 -137.77 18.91
N THR A 1045 -78.40 -138.25 19.91
CA THR A 1045 -79.68 -138.92 19.65
C THR A 1045 -80.67 -137.97 19.01
N LEU A 1046 -80.64 -136.69 19.42
CA LEU A 1046 -81.47 -135.68 18.77
C LEU A 1046 -81.07 -135.50 17.31
N LEU A 1047 -79.76 -135.46 17.05
CA LEU A 1047 -79.24 -135.26 15.71
C LEU A 1047 -79.59 -136.43 14.79
N GLY A 1048 -79.61 -137.64 15.36
CA GLY A 1048 -79.94 -138.84 14.59
C GLY A 1048 -81.30 -138.75 13.93
N TYR A 1049 -82.29 -138.19 14.62
CA TYR A 1049 -83.63 -137.98 14.07
C TYR A 1049 -83.69 -136.85 13.04
N GLY A 1050 -82.56 -136.25 12.68
CA GLY A 1050 -82.46 -135.29 11.61
C GLY A 1050 -82.88 -133.89 11.97
N TYR A 1051 -83.27 -133.65 13.23
CA TYR A 1051 -83.72 -132.33 13.63
C TYR A 1051 -82.50 -131.44 13.86
N ASN A 1052 -82.48 -130.31 13.18
CA ASN A 1052 -81.30 -129.43 13.16
C ASN A 1052 -81.03 -128.85 14.53
N ILE A 1053 -79.75 -128.74 14.87
CA ILE A 1053 -79.30 -128.03 16.05
C ILE A 1053 -78.81 -126.67 15.54
N GLU A 1054 -79.64 -125.64 15.71
CA GLU A 1054 -79.34 -124.35 15.12
C GLU A 1054 -78.51 -123.51 16.07
N PRO A 1055 -77.31 -123.10 15.70
CA PRO A 1055 -76.55 -122.18 16.55
C PRO A 1055 -77.26 -120.84 16.65
N PRO A 1056 -77.19 -120.19 17.80
CA PRO A 1056 -77.75 -118.86 17.97
C PRO A 1056 -76.81 -117.81 17.37
N ASP A 1057 -77.23 -116.55 17.45
CA ASP A 1057 -76.38 -115.45 17.02
C ASP A 1057 -75.17 -115.32 17.93
N GLN A 1058 -74.11 -114.73 17.39
CA GLN A 1058 -72.85 -114.57 18.10
C GLN A 1058 -72.72 -113.13 18.58
N GLU A 1059 -72.49 -112.95 19.89
CA GLU A 1059 -72.31 -111.62 20.46
C GLU A 1059 -70.94 -111.58 21.14
N PRO A 1060 -70.00 -110.76 20.67
CA PRO A 1060 -68.68 -110.66 21.32
C PRO A 1060 -68.77 -109.84 22.61
N SER A 1061 -68.25 -110.42 23.69
CA SER A 1061 -68.31 -109.77 25.00
C SER A 1061 -66.94 -109.83 25.66
N GLN A 1062 -66.67 -108.82 26.49
CA GLN A 1062 -65.44 -108.73 27.27
C GLN A 1062 -65.78 -108.79 28.75
N VAL A 1063 -65.04 -109.64 29.48
CA VAL A 1063 -65.31 -109.86 30.90
C VAL A 1063 -65.05 -108.60 31.71
N GLU A 1064 -63.90 -107.97 31.51
CA GLU A 1064 -63.53 -106.75 32.21
C GLU A 1064 -63.25 -105.66 31.18
N ASN A 1065 -63.89 -104.51 31.33
CA ASN A 1065 -63.74 -103.42 30.38
C ASN A 1065 -63.23 -102.12 30.97
N GLN A 1066 -63.59 -101.81 32.23
CA GLN A 1066 -63.26 -100.54 32.85
C GLN A 1066 -61.75 -100.31 32.94
N SER A 1067 -61.02 -101.29 33.46
CA SER A 1067 -59.58 -101.15 33.67
C SER A 1067 -58.84 -101.53 32.38
N ARG A 1068 -58.92 -100.61 31.41
CA ARG A 1068 -58.17 -100.76 30.16
C ARG A 1068 -56.68 -100.58 30.35
N TRP A 1069 -56.26 -99.99 31.48
CA TRP A 1069 -54.85 -99.68 31.70
C TRP A 1069 -54.12 -100.83 32.37
N ASP A 1070 -54.80 -101.61 33.22
CA ASP A 1070 -54.22 -102.83 33.77
C ASP A 1070 -54.29 -103.97 32.76
N ARG A 1071 -53.78 -103.76 31.56
CA ARG A 1071 -53.75 -104.72 30.48
C ARG A 1071 -52.37 -104.86 29.88
N VAL A 1072 -51.62 -103.77 29.75
CA VAL A 1072 -50.31 -103.84 29.14
C VAL A 1072 -49.31 -103.35 30.17
N ARG A 1073 -48.02 -103.47 29.86
CA ARG A 1073 -46.98 -103.02 30.77
C ARG A 1073 -45.73 -102.73 29.93
N ILE A 1074 -45.58 -101.49 29.49
CA ILE A 1074 -44.49 -101.14 28.59
C ILE A 1074 -43.16 -101.24 29.34
N PHE A 1075 -42.12 -101.72 28.64
CA PHE A 1075 -40.75 -101.82 29.11
C PHE A 1075 -39.86 -101.15 28.09
N ARG A 1076 -38.88 -100.37 28.56
CA ARG A 1076 -37.96 -99.70 27.65
C ARG A 1076 -36.69 -99.37 28.40
N ALA A 1077 -35.63 -99.13 27.65
CA ALA A 1077 -34.37 -98.76 28.28
C ALA A 1077 -34.43 -97.32 28.79
N GLU A 1078 -33.48 -96.98 29.64
CA GLU A 1078 -33.41 -95.63 30.19
C GLU A 1078 -33.06 -94.64 29.10
N LYS A 1079 -33.48 -93.38 29.29
CA LYS A 1079 -33.30 -92.34 28.28
C LYS A 1079 -31.83 -92.04 27.99
N SER A 1080 -30.93 -92.31 28.93
CA SER A 1080 -29.51 -92.03 28.71
C SER A 1080 -28.90 -92.90 27.63
N TYR A 1081 -29.51 -94.05 27.34
CA TYR A 1081 -29.04 -94.97 26.31
C TYR A 1081 -29.61 -94.63 24.93
N THR A 1082 -30.04 -93.39 24.72
CA THR A 1082 -30.55 -92.95 23.43
C THR A 1082 -29.47 -93.02 22.36
N VAL A 1083 -29.81 -93.60 21.20
CA VAL A 1083 -28.89 -93.77 20.08
C VAL A 1083 -29.39 -92.93 18.91
N GLN A 1084 -28.45 -92.28 18.22
CA GLN A 1084 -28.77 -91.43 17.09
C GLN A 1084 -27.92 -91.73 15.86
N SER A 1085 -27.10 -92.77 15.91
CA SER A 1085 -26.24 -93.12 14.77
C SER A 1085 -25.89 -94.59 14.86
N GLY A 1086 -25.38 -95.12 13.75
CA GLY A 1086 -24.97 -96.50 13.71
C GLY A 1086 -26.11 -97.49 13.54
N ARG A 1087 -25.74 -98.76 13.68
CA ARG A 1087 -26.67 -99.86 13.54
C ARG A 1087 -26.65 -100.70 14.81
N TRP A 1088 -27.83 -101.00 15.34
CA TRP A 1088 -27.95 -101.68 16.61
C TRP A 1088 -28.88 -102.87 16.48
N TYR A 1089 -28.72 -103.83 17.38
CA TYR A 1089 -29.51 -105.05 17.32
C TYR A 1089 -29.74 -105.61 18.71
N PHE A 1090 -30.93 -106.16 18.93
CA PHE A 1090 -31.26 -106.77 20.22
C PHE A 1090 -32.28 -107.87 20.00
N GLU A 1091 -32.43 -108.75 20.99
CA GLU A 1091 -33.29 -109.92 20.84
C GLU A 1091 -34.46 -109.86 21.81
N PHE A 1092 -35.52 -110.61 21.47
CA PHE A 1092 -36.67 -110.68 22.36
C PHE A 1092 -37.32 -112.06 22.23
N GLU A 1093 -36.91 -112.98 23.10
CA GLU A 1093 -37.51 -114.30 23.14
C GLU A 1093 -38.95 -114.19 23.62
N ALA A 1094 -39.86 -114.87 22.93
CA ALA A 1094 -41.29 -114.87 23.22
C ALA A 1094 -41.66 -116.17 23.92
N VAL A 1095 -41.63 -116.16 25.26
CA VAL A 1095 -41.96 -117.39 26.00
C VAL A 1095 -43.42 -117.78 25.77
N THR A 1096 -44.33 -116.81 25.84
CA THR A 1096 -45.72 -117.08 25.52
C THR A 1096 -46.00 -116.69 24.08
N THR A 1097 -47.26 -116.79 23.65
CA THR A 1097 -47.66 -116.53 22.27
C THR A 1097 -48.77 -115.50 22.16
N GLY A 1098 -48.98 -114.68 23.17
CA GLY A 1098 -50.09 -113.75 23.21
C GLY A 1098 -49.77 -112.39 22.64
N GLU A 1099 -50.46 -111.38 23.16
CA GLU A 1099 -50.32 -109.99 22.70
C GLU A 1099 -49.06 -109.39 23.31
N MET A 1100 -47.96 -109.49 22.58
CA MET A 1100 -46.70 -108.87 22.97
C MET A 1100 -46.15 -108.15 21.74
N ARG A 1101 -45.61 -106.95 21.97
CA ARG A 1101 -45.12 -106.11 20.89
C ARG A 1101 -43.69 -105.71 21.18
N VAL A 1102 -42.83 -105.72 20.17
CA VAL A 1102 -41.43 -105.37 20.37
C VAL A 1102 -40.95 -104.47 19.23
N GLY A 1103 -40.12 -103.48 19.56
CA GLY A 1103 -39.58 -102.60 18.54
C GLY A 1103 -38.67 -101.51 19.05
N TRP A 1104 -38.81 -100.31 18.51
CA TRP A 1104 -38.03 -99.17 18.95
C TRP A 1104 -38.94 -97.98 19.16
N ALA A 1105 -38.56 -97.13 20.12
CA ALA A 1105 -39.40 -96.00 20.51
C ALA A 1105 -38.54 -94.76 20.70
N ARG A 1106 -39.17 -93.61 20.51
CA ARG A 1106 -38.56 -92.34 20.82
C ARG A 1106 -38.65 -92.08 22.33
N PRO A 1107 -37.69 -91.32 22.89
CA PRO A 1107 -37.56 -91.23 24.37
C PRO A 1107 -38.79 -90.69 25.09
N GLU A 1108 -39.54 -89.80 24.47
CA GLU A 1108 -40.69 -89.17 25.11
C GLU A 1108 -41.97 -89.99 24.98
N LEU A 1109 -41.84 -91.30 24.82
CA LEU A 1109 -42.98 -92.21 24.66
C LEU A 1109 -43.92 -92.14 25.85
N ARG A 1110 -45.20 -91.96 25.58
CA ARG A 1110 -46.17 -91.87 26.66
C ARG A 1110 -46.38 -93.25 27.29
N PRO A 1111 -46.68 -93.31 28.58
CA PRO A 1111 -46.78 -94.62 29.24
C PRO A 1111 -48.17 -95.22 29.16
N ASP A 1112 -49.19 -94.41 28.92
CA ASP A 1112 -50.57 -94.86 28.97
C ASP A 1112 -51.18 -95.11 27.60
N VAL A 1113 -50.37 -95.11 26.54
CA VAL A 1113 -50.86 -95.24 25.17
C VAL A 1113 -50.21 -96.47 24.57
N GLU A 1114 -51.01 -97.33 23.93
CA GLU A 1114 -50.49 -98.51 23.26
C GLU A 1114 -49.50 -98.14 22.17
N LEU A 1115 -48.43 -98.93 22.07
CA LEU A 1115 -47.36 -98.71 21.11
C LEU A 1115 -47.86 -98.78 19.68
N GLY A 1116 -47.35 -97.88 18.84
CA GLY A 1116 -47.71 -97.80 17.45
C GLY A 1116 -48.94 -96.95 17.19
N ALA A 1117 -49.87 -96.88 18.14
CA ALA A 1117 -51.07 -96.06 18.02
C ALA A 1117 -50.76 -94.56 17.88
N ASP A 1118 -49.58 -94.13 18.30
CA ASP A 1118 -49.05 -92.81 18.08
C ASP A 1118 -47.79 -92.91 17.22
N GLU A 1119 -47.18 -91.76 16.95
CA GLU A 1119 -46.00 -91.69 16.10
C GLU A 1119 -44.70 -91.80 16.89
N LEU A 1120 -44.77 -92.06 18.20
CA LEU A 1120 -43.57 -92.04 19.02
C LEU A 1120 -42.85 -93.37 19.03
N ALA A 1121 -43.39 -94.39 18.37
CA ALA A 1121 -42.77 -95.71 18.41
C ALA A 1121 -43.08 -96.45 17.12
N TYR A 1122 -42.12 -97.26 16.70
CA TYR A 1122 -42.25 -98.19 15.60
C TYR A 1122 -42.18 -99.58 16.22
N VAL A 1123 -43.26 -100.34 16.14
CA VAL A 1123 -43.30 -101.59 16.90
C VAL A 1123 -43.91 -102.68 16.03
N PHE A 1124 -43.48 -103.92 16.27
CA PHE A 1124 -44.02 -105.08 15.56
C PHE A 1124 -44.83 -105.92 16.55
N ASN A 1125 -46.10 -106.15 16.20
CA ASN A 1125 -47.03 -106.97 16.98
C ASN A 1125 -47.06 -108.34 16.32
N GLY A 1126 -46.41 -109.31 16.93
CA GLY A 1126 -46.41 -110.65 16.37
C GLY A 1126 -47.42 -111.59 16.98
N HIS A 1127 -48.42 -111.05 17.67
CA HIS A 1127 -49.58 -111.87 18.01
C HIS A 1127 -50.29 -112.34 16.74
N ARG A 1128 -50.37 -111.47 15.73
CA ARG A 1128 -50.97 -111.87 14.47
C ARG A 1128 -50.23 -111.33 13.25
N GLY A 1129 -48.98 -110.90 13.41
CA GLY A 1129 -48.20 -110.43 12.28
C GLY A 1129 -48.61 -109.07 11.73
N GLN A 1130 -48.47 -108.03 12.55
CA GLN A 1130 -48.80 -106.67 12.17
C GLN A 1130 -47.64 -105.74 12.52
N ARG A 1131 -47.49 -104.67 11.77
CA ARG A 1131 -46.55 -103.63 12.12
C ARG A 1131 -47.35 -102.38 12.49
N TRP A 1132 -46.96 -101.74 13.59
CA TRP A 1132 -47.70 -100.62 14.14
C TRP A 1132 -46.83 -99.36 14.11
N HIS A 1133 -47.33 -98.35 13.40
CA HIS A 1133 -46.83 -96.97 13.49
C HIS A 1133 -47.94 -96.07 12.94
N LEU A 1134 -48.62 -95.34 13.84
CA LEU A 1134 -49.81 -94.54 13.53
C LEU A 1134 -50.90 -95.37 12.87
N GLY A 1135 -51.03 -96.62 13.30
CA GLY A 1135 -51.96 -97.57 12.72
C GLY A 1135 -51.28 -98.88 12.43
N SER A 1136 -52.09 -99.86 12.05
CA SER A 1136 -51.64 -101.22 11.87
C SER A 1136 -51.84 -101.67 10.43
N GLU A 1137 -50.85 -102.36 9.89
CA GLU A 1137 -50.96 -103.05 8.61
C GLU A 1137 -50.21 -104.37 8.71
N PRO A 1138 -50.67 -105.41 8.02
CA PRO A 1138 -50.04 -106.73 8.13
C PRO A 1138 -48.60 -106.75 7.62
N PHE A 1139 -47.79 -107.59 8.24
CA PHE A 1139 -46.37 -107.71 7.98
C PHE A 1139 -45.87 -108.97 8.65
N GLY A 1140 -45.01 -109.72 7.94
CA GLY A 1140 -44.39 -110.91 8.49
C GLY A 1140 -45.42 -111.98 8.84
N ARG A 1141 -45.12 -112.71 9.90
CA ARG A 1141 -45.99 -113.78 10.38
C ARG A 1141 -45.96 -113.79 11.90
N PRO A 1142 -47.05 -114.24 12.54
CA PRO A 1142 -47.01 -114.41 14.00
C PRO A 1142 -46.04 -115.51 14.41
N TRP A 1143 -45.51 -115.38 15.62
CA TRP A 1143 -44.57 -116.36 16.14
C TRP A 1143 -45.30 -117.53 16.81
N GLN A 1144 -44.49 -118.39 17.45
CA GLN A 1144 -44.95 -119.39 18.41
C GLN A 1144 -43.99 -119.33 19.59
N SER A 1145 -44.13 -120.27 20.52
CA SER A 1145 -43.27 -120.32 21.71
C SER A 1145 -41.81 -120.58 21.32
N GLY A 1146 -40.91 -119.97 22.08
CA GLY A 1146 -39.48 -120.17 21.91
C GLY A 1146 -38.85 -119.35 20.80
N ASP A 1147 -39.63 -118.52 20.12
CA ASP A 1147 -39.10 -117.73 19.01
C ASP A 1147 -38.36 -116.50 19.52
N VAL A 1148 -37.28 -116.14 18.82
CA VAL A 1148 -36.41 -115.04 19.22
C VAL A 1148 -36.56 -113.93 18.19
N VAL A 1149 -37.42 -112.96 18.47
CA VAL A 1149 -37.66 -111.86 17.55
C VAL A 1149 -36.48 -110.90 17.65
N GLY A 1150 -35.53 -111.01 16.73
CA GLY A 1150 -34.40 -110.11 16.71
C GLY A 1150 -34.75 -108.83 15.97
N CYS A 1151 -34.46 -107.69 16.58
CA CYS A 1151 -34.78 -106.38 16.02
C CYS A 1151 -33.49 -105.66 15.66
N MET A 1152 -33.37 -105.30 14.37
CA MET A 1152 -32.31 -104.45 13.86
C MET A 1152 -32.67 -102.99 14.15
N ILE A 1153 -31.76 -102.08 13.77
CA ILE A 1153 -32.04 -100.67 13.48
C ILE A 1153 -30.82 -100.10 12.75
N ASP A 1154 -31.08 -99.27 11.75
CA ASP A 1154 -30.06 -98.68 10.87
C ASP A 1154 -30.33 -97.18 10.81
N LEU A 1155 -29.65 -96.42 11.68
CA LEU A 1155 -29.82 -94.97 11.71
C LEU A 1155 -29.15 -94.27 10.54
N THR A 1156 -28.29 -94.94 9.78
CA THR A 1156 -27.73 -94.35 8.57
C THR A 1156 -28.68 -94.52 7.39
N GLU A 1157 -29.16 -95.74 7.19
CA GLU A 1157 -30.06 -96.05 6.08
C GLU A 1157 -31.51 -95.73 6.43
N ASN A 1158 -31.78 -95.37 7.69
CA ASN A 1158 -33.11 -95.01 8.19
C ASN A 1158 -34.09 -96.17 8.01
N THR A 1159 -33.71 -97.34 8.52
CA THR A 1159 -34.56 -98.52 8.38
C THR A 1159 -34.61 -99.32 9.68
N ILE A 1160 -35.69 -100.08 9.80
CA ILE A 1160 -35.90 -101.01 10.92
C ILE A 1160 -36.26 -102.36 10.32
N ILE A 1161 -35.50 -103.39 10.69
CA ILE A 1161 -35.64 -104.72 10.12
C ILE A 1161 -35.95 -105.70 11.25
N PHE A 1162 -36.99 -106.50 11.08
CA PHE A 1162 -37.35 -107.52 12.05
C PHE A 1162 -37.02 -108.88 11.47
N THR A 1163 -36.23 -109.67 12.22
CA THR A 1163 -35.80 -110.99 11.81
C THR A 1163 -36.28 -112.01 12.82
N LEU A 1164 -36.95 -113.05 12.35
CA LEU A 1164 -37.49 -114.08 13.23
C LEU A 1164 -36.68 -115.35 13.00
N ASN A 1165 -36.07 -115.85 14.08
CA ASN A 1165 -35.26 -117.07 14.10
C ASN A 1165 -34.18 -117.06 13.01
N GLY A 1166 -33.59 -115.88 12.79
CA GLY A 1166 -32.57 -115.69 11.79
C GLY A 1166 -33.10 -115.42 10.40
N GLU A 1167 -34.41 -115.42 10.21
CA GLU A 1167 -35.03 -115.21 8.92
C GLU A 1167 -35.74 -113.86 8.91
N VAL A 1168 -35.40 -113.03 7.93
CA VAL A 1168 -35.95 -111.68 7.84
C VAL A 1168 -37.45 -111.74 7.56
N LEU A 1169 -38.23 -111.09 8.42
CA LEU A 1169 -39.67 -110.98 8.20
C LEU A 1169 -39.96 -110.14 6.98
N MET A 1170 -40.84 -110.65 6.12
CA MET A 1170 -41.00 -110.13 4.77
C MET A 1170 -42.39 -109.51 4.66
N SER A 1171 -42.46 -108.33 4.05
CA SER A 1171 -43.74 -107.66 3.88
C SER A 1171 -44.51 -108.28 2.73
N ASP A 1172 -45.79 -107.94 2.64
CA ASP A 1172 -46.65 -108.45 1.57
C ASP A 1172 -46.47 -107.63 0.29
N SER A 1173 -45.22 -107.43 -0.11
CA SER A 1173 -44.78 -106.71 -1.30
C SER A 1173 -43.31 -107.04 -1.48
N GLY A 1174 -42.63 -106.34 -2.38
CA GLY A 1174 -41.21 -106.54 -2.57
C GLY A 1174 -40.32 -106.03 -1.45
N SER A 1175 -40.85 -105.20 -0.55
CA SER A 1175 -40.06 -104.62 0.52
C SER A 1175 -39.75 -105.65 1.61
N GLU A 1176 -38.50 -105.69 2.05
CA GLU A 1176 -38.08 -106.58 3.11
C GLU A 1176 -37.86 -105.87 4.43
N THR A 1177 -37.89 -104.55 4.45
CA THR A 1177 -37.71 -103.75 5.65
C THR A 1177 -39.06 -103.24 6.12
N ALA A 1178 -39.35 -103.42 7.42
CA ALA A 1178 -40.66 -103.05 7.97
C ALA A 1178 -40.92 -101.55 7.83
N PHE A 1179 -39.93 -100.73 8.16
CA PHE A 1179 -40.08 -99.29 8.07
C PHE A 1179 -38.87 -98.70 7.37
N ARG A 1180 -39.09 -97.57 6.70
CA ARG A 1180 -38.03 -96.89 5.97
C ARG A 1180 -38.26 -95.38 6.06
N GLU A 1181 -37.18 -94.64 5.79
CA GLU A 1181 -37.17 -93.17 5.80
C GLU A 1181 -37.62 -92.62 7.15
N ILE A 1182 -37.12 -93.22 8.22
CA ILE A 1182 -37.44 -92.76 9.57
C ILE A 1182 -36.49 -91.63 9.96
N GLU A 1183 -37.06 -90.54 10.44
CA GLU A 1183 -36.27 -89.38 10.83
C GLU A 1183 -35.54 -89.68 12.14
N ILE A 1184 -34.32 -89.13 12.26
CA ILE A 1184 -33.50 -89.37 13.45
C ILE A 1184 -34.17 -88.79 14.69
N GLY A 1185 -34.36 -87.47 14.70
CA GLY A 1185 -35.04 -86.82 15.82
C GLY A 1185 -34.22 -86.94 17.09
N ASP A 1186 -34.92 -87.12 18.21
CA ASP A 1186 -34.26 -87.26 19.51
C ASP A 1186 -33.42 -88.53 19.56
N GLY A 1187 -33.91 -89.60 18.95
CA GLY A 1187 -33.23 -90.88 18.96
C GLY A 1187 -34.19 -91.99 19.29
N PHE A 1188 -33.64 -93.19 19.40
CA PHE A 1188 -34.46 -94.39 19.56
C PHE A 1188 -33.98 -95.22 20.73
N LEU A 1189 -34.93 -95.92 21.34
CA LEU A 1189 -34.68 -96.81 22.47
C LEU A 1189 -35.36 -98.15 22.17
N PRO A 1190 -34.71 -99.28 22.50
CA PRO A 1190 -35.40 -100.57 22.44
C PRO A 1190 -36.59 -100.62 23.38
N VAL A 1191 -37.70 -101.20 22.90
CA VAL A 1191 -38.94 -101.15 23.66
C VAL A 1191 -39.70 -102.45 23.44
N CYS A 1192 -40.46 -102.86 24.45
CA CYS A 1192 -41.36 -103.99 24.33
C CYS A 1192 -42.49 -103.83 25.33
N SER A 1193 -43.64 -104.40 24.99
CA SER A 1193 -44.81 -104.40 25.85
C SER A 1193 -45.42 -105.78 25.87
N LEU A 1194 -46.07 -106.11 26.99
CA LEU A 1194 -46.67 -107.41 27.22
C LEU A 1194 -48.09 -107.27 27.71
N GLY A 1195 -49.00 -108.08 27.16
CA GLY A 1195 -50.38 -108.13 27.58
C GLY A 1195 -50.56 -109.00 28.80
N PRO A 1196 -51.81 -109.25 29.19
CA PRO A 1196 -52.06 -110.09 30.36
C PRO A 1196 -51.55 -111.51 30.14
N GLY A 1197 -51.00 -112.10 31.20
CA GLY A 1197 -50.52 -113.47 31.19
C GLY A 1197 -49.46 -113.73 30.12
N GLN A 1198 -48.47 -112.84 30.03
CA GLN A 1198 -47.43 -112.94 29.01
C GLN A 1198 -46.06 -112.94 29.66
N VAL A 1199 -45.14 -113.73 29.10
CA VAL A 1199 -43.76 -113.79 29.59
C VAL A 1199 -42.82 -113.58 28.40
N GLY A 1200 -41.96 -112.57 28.51
CA GLY A 1200 -40.99 -112.34 27.45
C GLY A 1200 -39.60 -112.07 27.97
N HIS A 1201 -38.61 -112.62 27.30
CA HIS A 1201 -37.21 -112.44 27.66
C HIS A 1201 -36.64 -111.38 26.73
N LEU A 1202 -36.09 -110.32 27.31
CA LEU A 1202 -35.46 -109.27 26.52
C LEU A 1202 -33.95 -109.38 26.69
N ASN A 1203 -33.22 -109.43 25.58
CA ASN A 1203 -31.77 -109.57 25.63
C ASN A 1203 -31.14 -108.48 24.78
N LEU A 1204 -30.76 -107.39 25.43
CA LEU A 1204 -30.05 -106.30 24.78
C LEU A 1204 -28.64 -106.69 24.36
N GLY A 1205 -28.11 -107.80 24.87
CA GLY A 1205 -26.85 -108.34 24.44
C GLY A 1205 -25.66 -107.77 25.19
N GLN A 1206 -25.75 -107.74 26.53
CA GLN A 1206 -24.60 -107.34 27.33
C GLN A 1206 -23.45 -108.31 27.15
N ASP A 1207 -23.75 -109.61 27.09
CA ASP A 1207 -22.79 -110.62 26.70
C ASP A 1207 -23.09 -111.02 25.26
N VAL A 1208 -22.11 -110.82 24.37
CA VAL A 1208 -22.34 -111.03 22.94
C VAL A 1208 -22.58 -112.51 22.65
N SER A 1209 -21.84 -113.41 23.32
CA SER A 1209 -21.97 -114.84 23.11
C SER A 1209 -23.32 -115.39 23.57
N SER A 1210 -24.06 -114.64 24.37
CA SER A 1210 -25.39 -115.08 24.81
C SER A 1210 -26.43 -114.96 23.71
N LEU A 1211 -26.17 -114.13 22.70
CA LEU A 1211 -27.11 -113.99 21.59
C LEU A 1211 -27.12 -115.26 20.75
N ARG A 1212 -28.32 -115.67 20.32
CA ARG A 1212 -28.51 -116.93 19.62
C ARG A 1212 -28.62 -116.77 18.11
N PHE A 1213 -28.94 -115.57 17.62
CA PHE A 1213 -29.13 -115.36 16.19
C PHE A 1213 -28.36 -114.15 15.68
N PHE A 1214 -27.45 -113.59 16.49
CA PHE A 1214 -26.60 -112.51 16.01
C PHE A 1214 -25.59 -113.01 14.99
N ALA A 1215 -25.01 -114.19 15.23
CA ALA A 1215 -24.07 -114.78 14.29
C ALA A 1215 -24.75 -115.11 12.97
N ILE A 1216 -25.96 -115.65 13.04
CA ILE A 1216 -26.73 -115.99 11.84
C ILE A 1216 -27.08 -114.73 11.06
N CYS A 1217 -27.64 -113.73 11.73
CA CYS A 1217 -28.05 -112.50 11.08
C CYS A 1217 -27.56 -111.32 11.90
N GLY A 1218 -26.94 -110.35 11.23
CA GLY A 1218 -26.48 -109.15 11.90
C GLY A 1218 -24.98 -109.02 12.05
N LEU A 1219 -24.30 -110.13 12.38
CA LEU A 1219 -22.85 -110.09 12.60
C LEU A 1219 -22.10 -109.67 11.34
N GLN A 1220 -22.46 -110.23 10.19
CA GLN A 1220 -21.76 -109.91 8.96
C GLN A 1220 -22.24 -108.62 8.32
N GLU A 1221 -23.36 -108.06 8.77
CA GLU A 1221 -23.93 -106.86 8.18
C GLU A 1221 -23.38 -105.59 8.81
N GLY A 1222 -22.42 -105.70 9.73
CA GLY A 1222 -21.92 -104.54 10.43
C GLY A 1222 -22.74 -104.12 11.64
N PHE A 1223 -23.81 -104.85 11.96
CA PHE A 1223 -24.61 -104.50 13.11
C PHE A 1223 -23.89 -104.88 14.40
N GLU A 1224 -24.30 -104.26 15.49
CA GLU A 1224 -23.71 -104.48 16.79
C GLU A 1224 -24.81 -104.67 17.83
N PRO A 1225 -24.53 -105.40 18.92
CA PRO A 1225 -25.50 -105.47 20.02
C PRO A 1225 -25.67 -104.10 20.66
N PHE A 1226 -26.87 -103.87 21.21
CA PHE A 1226 -27.18 -102.57 21.79
C PHE A 1226 -26.35 -102.28 23.04
N ALA A 1227 -25.92 -103.31 23.76
CA ALA A 1227 -25.16 -103.14 24.98
C ALA A 1227 -23.87 -103.94 24.90
N ILE A 1228 -23.15 -103.78 23.80
CA ILE A 1228 -21.99 -104.62 23.49
C ILE A 1228 -20.87 -104.42 24.53
N ASN A 1229 -20.58 -103.17 24.90
CA ASN A 1229 -19.51 -102.86 25.84
C ASN A 1229 -20.12 -102.04 26.96
N MET A 1230 -20.70 -102.73 27.94
CA MET A 1230 -21.25 -102.09 29.13
C MET A 1230 -21.04 -103.03 30.32
N GLN A 1231 -20.65 -102.45 31.46
CA GLN A 1231 -20.41 -103.25 32.64
CA GLN A 1231 -20.41 -103.25 32.64
C GLN A 1231 -21.70 -103.56 33.38
N ARG A 1232 -22.39 -102.52 33.84
CA ARG A 1232 -23.63 -102.71 34.56
C ARG A 1232 -24.75 -103.08 33.58
N PRO A 1233 -25.75 -103.84 34.03
CA PRO A 1233 -26.91 -104.10 33.17
C PRO A 1233 -27.62 -102.81 32.82
N VAL A 1234 -28.20 -102.76 31.63
CA VAL A 1234 -28.88 -101.57 31.14
C VAL A 1234 -30.11 -101.30 32.01
N THR A 1235 -30.25 -100.05 32.45
CA THR A 1235 -31.41 -99.67 33.24
C THR A 1235 -32.68 -99.77 32.41
N THR A 1236 -33.73 -100.31 33.01
CA THR A 1236 -35.01 -100.47 32.36
C THR A 1236 -36.09 -99.72 33.13
N TRP A 1237 -36.94 -99.04 32.39
CA TRP A 1237 -38.04 -98.25 32.92
C TRP A 1237 -39.31 -98.88 32.40
N PHE A 1238 -40.27 -99.10 33.29
CA PHE A 1238 -41.52 -99.71 32.90
C PHE A 1238 -42.68 -98.78 33.27
N SER A 1239 -43.83 -99.03 32.68
CA SER A 1239 -44.99 -98.20 32.95
C SER A 1239 -45.72 -98.77 34.17
N LYS A 1240 -45.58 -98.09 35.30
CA LYS A 1240 -46.25 -98.48 36.51
C LYS A 1240 -47.73 -98.12 36.43
N SER A 1241 -48.58 -99.09 36.76
CA SER A 1241 -50.03 -98.93 36.68
C SER A 1241 -50.61 -98.44 38.00
N LEU A 1242 -50.03 -97.37 38.53
CA LEU A 1242 -50.46 -96.80 39.80
C LEU A 1242 -50.81 -95.34 39.61
N PRO A 1243 -52.07 -94.96 39.75
CA PRO A 1243 -52.48 -93.56 39.56
C PRO A 1243 -51.77 -92.61 40.50
N GLN A 1244 -51.34 -91.47 39.96
CA GLN A 1244 -50.67 -90.45 40.76
C GLN A 1244 -51.20 -89.09 40.37
N PHE A 1245 -51.18 -88.16 41.33
CA PHE A 1245 -51.65 -86.81 41.05
C PHE A 1245 -50.52 -86.05 40.37
N GLU A 1246 -50.82 -85.48 39.21
CA GLU A 1246 -49.82 -84.70 38.50
C GLU A 1246 -50.43 -83.40 38.00
N PRO A 1247 -49.66 -82.31 37.89
CA PRO A 1247 -50.23 -81.02 37.51
C PRO A 1247 -50.82 -81.03 36.11
N VAL A 1248 -51.82 -80.18 35.90
CA VAL A 1248 -52.50 -80.06 34.61
C VAL A 1248 -51.56 -79.42 33.60
N PRO A 1249 -51.23 -80.13 32.51
CA PRO A 1249 -50.34 -79.56 31.49
C PRO A 1249 -50.95 -78.32 30.86
N PRO A 1250 -50.15 -77.28 30.62
CA PRO A 1250 -50.69 -76.08 29.96
C PRO A 1250 -51.17 -76.30 28.54
N GLU A 1251 -50.69 -77.35 27.88
CA GLU A 1251 -51.00 -77.62 26.49
C GLU A 1251 -52.12 -78.64 26.31
N HIS A 1252 -52.78 -79.04 27.40
CA HIS A 1252 -53.74 -80.14 27.37
C HIS A 1252 -54.91 -79.83 26.44
N PRO A 1253 -55.33 -80.79 25.60
CA PRO A 1253 -56.35 -80.48 24.60
C PRO A 1253 -57.74 -80.29 25.19
N HIS A 1254 -58.17 -81.14 26.13
CA HIS A 1254 -59.55 -81.08 26.59
C HIS A 1254 -59.74 -80.19 27.81
N TYR A 1255 -58.78 -80.20 28.73
CA TYR A 1255 -58.91 -79.50 30.01
C TYR A 1255 -58.00 -78.29 30.08
N GLU A 1256 -58.48 -77.25 30.75
CA GLU A 1256 -57.65 -76.10 31.07
C GLU A 1256 -58.05 -75.55 32.43
N VAL A 1257 -57.09 -74.94 33.10
CA VAL A 1257 -57.30 -74.36 34.42
C VAL A 1257 -56.90 -72.89 34.35
N ALA A 1258 -57.84 -72.01 34.69
CA ALA A 1258 -57.63 -70.58 34.63
C ALA A 1258 -57.51 -70.01 36.03
N ARG A 1259 -56.49 -69.20 36.26
CA ARG A 1259 -56.27 -68.55 37.54
C ARG A 1259 -56.93 -67.18 37.50
N MET A 1260 -57.95 -66.98 38.34
CA MET A 1260 -58.67 -65.73 38.38
C MET A 1260 -58.13 -64.86 39.50
N ASP A 1261 -57.88 -63.58 39.20
CA ASP A 1261 -57.38 -62.65 40.20
C ASP A 1261 -58.50 -62.30 41.17
N GLY A 1262 -58.14 -62.17 42.45
CA GLY A 1262 -59.11 -61.81 43.46
C GLY A 1262 -59.41 -60.32 43.47
N THR A 1263 -60.61 -59.94 43.07
CA THR A 1263 -61.00 -58.53 43.06
C THR A 1263 -61.35 -58.09 44.49
N VAL A 1264 -61.89 -56.88 44.62
CA VAL A 1264 -62.27 -56.35 45.92
C VAL A 1264 -63.43 -57.12 46.53
N ASP A 1265 -64.36 -57.61 45.71
CA ASP A 1265 -65.55 -58.29 46.18
C ASP A 1265 -65.59 -59.76 45.77
N THR A 1266 -64.54 -60.26 45.11
CA THR A 1266 -64.48 -61.66 44.70
C THR A 1266 -63.15 -62.22 45.15
N PRO A 1267 -63.14 -63.39 45.81
CA PRO A 1267 -61.89 -64.01 46.21
C PRO A 1267 -61.15 -64.59 45.02
N PRO A 1268 -59.84 -64.83 45.13
CA PRO A 1268 -59.12 -65.49 44.03
C PRO A 1268 -59.64 -66.90 43.78
N CYS A 1269 -59.56 -67.32 42.51
CA CYS A 1269 -60.21 -68.53 42.08
C CYS A 1269 -59.32 -69.33 41.15
N LEU A 1270 -59.64 -70.62 41.07
CA LEU A 1270 -59.05 -71.58 40.14
C LEU A 1270 -60.20 -72.19 39.34
N ARG A 1271 -60.59 -71.50 38.27
CA ARG A 1271 -61.74 -71.92 37.49
C ARG A 1271 -61.33 -73.00 36.49
N LEU A 1272 -62.09 -74.09 36.44
CA LEU A 1272 -61.84 -75.16 35.49
C LEU A 1272 -62.84 -75.08 34.35
N ALA A 1273 -62.36 -75.13 33.11
CA ALA A 1273 -63.24 -75.06 31.96
C ALA A 1273 -62.87 -76.12 30.94
N HIS A 1274 -63.89 -76.77 30.37
CA HIS A 1274 -63.69 -77.80 29.37
C HIS A 1274 -63.45 -77.14 28.01
N ARG A 1275 -62.29 -77.42 27.41
CA ARG A 1275 -61.91 -76.73 26.18
C ARG A 1275 -62.72 -77.19 24.98
N THR A 1276 -62.91 -78.50 24.84
CA THR A 1276 -63.55 -79.07 23.66
C THR A 1276 -65.00 -79.50 23.89
N TRP A 1277 -65.64 -79.00 24.95
CA TRP A 1277 -66.99 -79.41 25.30
C TRP A 1277 -68.00 -79.05 24.22
N GLY A 1278 -68.87 -80.00 23.89
CA GLY A 1278 -69.91 -79.79 22.91
C GLY A 1278 -69.49 -79.94 21.48
N SER A 1279 -68.23 -80.30 21.22
CA SER A 1279 -67.72 -80.43 19.86
C SER A 1279 -67.43 -81.90 19.56
N GLN A 1280 -66.96 -82.14 18.34
CA GLN A 1280 -66.62 -83.49 17.92
C GLN A 1280 -65.38 -83.97 18.67
N ASN A 1281 -65.38 -85.27 19.00
CA ASN A 1281 -64.28 -85.96 19.71
C ASN A 1281 -63.97 -85.30 21.04
N SER A 1282 -65.01 -84.92 21.77
CA SER A 1282 -64.85 -84.36 23.09
C SER A 1282 -64.65 -85.48 24.10
N LEU A 1283 -63.64 -85.33 24.96
CA LEU A 1283 -63.33 -86.32 25.98
C LEU A 1283 -64.21 -86.00 27.19
N VAL A 1284 -65.24 -86.81 27.40
CA VAL A 1284 -66.11 -86.69 28.56
C VAL A 1284 -65.97 -87.99 29.35
N GLU A 1285 -65.28 -87.91 30.47
CA GLU A 1285 -65.04 -89.06 31.33
C GLU A 1285 -64.81 -88.59 32.76
N MET A 1286 -64.65 -89.56 33.65
CA MET A 1286 -64.45 -89.30 35.07
C MET A 1286 -63.14 -88.54 35.27
N LEU A 1287 -63.16 -87.52 36.12
CA LEU A 1287 -62.00 -86.67 36.32
C LEU A 1287 -61.75 -86.52 37.82
N PHE A 1288 -60.48 -86.61 38.21
CA PHE A 1288 -60.11 -86.46 39.60
C PHE A 1288 -59.13 -85.31 39.70
N LEU A 1289 -59.42 -84.37 40.60
CA LEU A 1289 -58.63 -83.17 40.80
C LEU A 1289 -58.29 -82.99 42.27
N ARG A 1290 -57.20 -82.28 42.51
CA ARG A 1290 -56.80 -81.90 43.86
C ARG A 1290 -55.87 -80.69 43.78
N LEU A 1291 -55.79 -79.96 44.88
CA LEU A 1291 -54.85 -78.86 44.97
C LEU A 1291 -53.45 -79.37 45.26
N SER A 1292 -52.46 -78.54 44.97
CA SER A 1292 -51.07 -79.00 45.02
C SER A 1292 -50.52 -79.02 46.43
N LEU A 1293 -51.17 -78.35 47.39
CA LEU A 1293 -50.62 -78.26 48.72
C LEU A 1293 -51.64 -78.73 49.75
N PRO A 1294 -51.20 -79.48 50.75
CA PRO A 1294 -52.13 -80.01 51.76
C PRO A 1294 -52.22 -79.12 52.98
N VAL A 1295 -53.18 -79.46 53.85
CA VAL A 1295 -53.27 -78.88 55.18
C VAL A 1295 -53.10 -79.99 56.21
N GLN A 1296 -52.30 -79.74 57.22
CA GLN A 1296 -51.97 -80.72 58.24
C GLN A 1296 -52.58 -80.32 59.57
N PHE A 1297 -53.28 -81.27 60.20
CA PHE A 1297 -53.86 -80.99 61.50
C PHE A 1297 -52.78 -80.93 62.58
N HIS A 1298 -53.15 -80.33 63.71
CA HIS A 1298 -52.22 -80.18 64.83
C HIS A 1298 -51.83 -81.54 65.39
N GLN A 1299 -50.61 -81.61 65.93
CA GLN A 1299 -50.13 -82.84 66.55
C GLN A 1299 -50.96 -83.22 67.77
N HIS A 1300 -51.31 -82.23 68.60
CA HIS A 1300 -52.07 -82.48 69.82
C HIS A 1300 -53.45 -81.86 69.68
N PHE A 1301 -54.49 -82.67 69.83
CA PHE A 1301 -55.84 -82.13 69.79
C PHE A 1301 -56.16 -81.41 71.10
N ARG A 1302 -57.12 -80.48 71.01
CA ARG A 1302 -57.55 -79.72 72.18
C ARG A 1302 -58.20 -80.62 73.21
N CYS A 1303 -58.06 -80.23 74.48
CA CYS A 1303 -58.67 -80.95 75.58
C CYS A 1303 -60.19 -80.88 75.50
N THR A 1304 -60.84 -81.96 75.94
CA THR A 1304 -62.30 -82.15 75.97
C THR A 1304 -62.93 -82.01 74.58
N ASP A 1419 -71.80 -55.21 57.51
CA ASP A 1419 -71.78 -56.37 58.40
C ASP A 1419 -70.68 -57.33 57.94
N ASN A 1420 -70.72 -58.56 58.47
CA ASN A 1420 -69.73 -59.61 58.24
C ASN A 1420 -68.32 -59.11 58.56
N ARG A 1421 -68.21 -58.44 59.71
CA ARG A 1421 -66.93 -57.91 60.17
C ARG A 1421 -66.34 -58.87 61.20
N ASP A 1422 -65.14 -59.37 60.92
CA ASP A 1422 -64.55 -60.39 61.78
C ASP A 1422 -64.05 -59.79 63.08
N ASP A 1423 -64.17 -60.56 64.15
CA ASP A 1423 -63.70 -60.14 65.46
C ASP A 1423 -62.18 -60.27 65.49
N PRO A 1424 -61.45 -59.17 65.71
CA PRO A 1424 -59.96 -59.24 65.67
C PRO A 1424 -59.34 -60.19 66.69
N GLU A 1425 -59.96 -60.37 67.85
CA GLU A 1425 -59.42 -61.30 68.84
C GLU A 1425 -59.85 -62.74 68.62
N ILE A 1426 -60.75 -62.99 67.68
CA ILE A 1426 -61.14 -64.35 67.31
C ILE A 1426 -60.43 -64.80 66.03
N ILE A 1427 -60.31 -63.89 65.06
CA ILE A 1427 -59.68 -64.20 63.77
C ILE A 1427 -58.20 -64.56 63.94
N LEU A 1428 -57.55 -64.09 64.99
CA LEU A 1428 -56.15 -64.43 65.22
C LEU A 1428 -56.00 -65.75 65.96
N ASN A 1429 -56.97 -66.12 66.80
CA ASN A 1429 -56.89 -67.33 67.60
C ASN A 1429 -57.59 -68.53 67.01
N THR A 1430 -58.42 -68.34 65.98
CA THR A 1430 -59.20 -69.43 65.40
C THR A 1430 -58.29 -70.49 64.75
N THR A 1431 -58.74 -71.73 64.83
CA THR A 1431 -58.10 -72.87 64.19
C THR A 1431 -59.04 -73.49 63.16
N THR A 1432 -59.87 -72.69 62.53
CA THR A 1432 -60.82 -73.15 61.53
C THR A 1432 -60.52 -72.46 60.20
N TYR A 1433 -60.56 -73.26 59.14
CA TYR A 1433 -60.23 -72.81 57.79
C TYR A 1433 -61.28 -73.29 56.81
N TYR A 1434 -61.57 -72.44 55.83
CA TYR A 1434 -62.71 -72.60 54.93
C TYR A 1434 -62.26 -72.44 53.49
N TYR A 1435 -62.91 -73.19 52.60
CA TYR A 1435 -62.75 -72.97 51.18
C TYR A 1435 -64.03 -73.38 50.48
N SER A 1436 -64.30 -72.81 49.32
CA SER A 1436 -65.56 -73.13 48.66
C SER A 1436 -65.32 -73.36 47.18
N VAL A 1437 -66.19 -74.15 46.58
CA VAL A 1437 -66.14 -74.37 45.14
C VAL A 1437 -67.50 -73.99 44.56
N ARG A 1438 -67.47 -73.28 43.45
CA ARG A 1438 -68.66 -72.75 42.81
C ARG A 1438 -68.87 -73.58 41.55
N VAL A 1439 -69.75 -74.58 41.66
CA VAL A 1439 -70.11 -75.44 40.54
C VAL A 1439 -70.99 -74.63 39.60
N PHE A 1440 -70.47 -74.25 38.43
CA PHE A 1440 -71.18 -73.41 37.49
C PHE A 1440 -72.47 -74.07 36.98
N ALA A 1441 -73.37 -73.21 36.50
CA ALA A 1441 -74.63 -73.69 35.94
C ALA A 1441 -74.37 -74.56 34.71
N GLY A 1442 -75.21 -75.57 34.54
CA GLY A 1442 -75.05 -76.49 33.45
C GLY A 1442 -74.24 -77.72 33.79
N GLN A 1443 -73.59 -77.74 34.95
CA GLN A 1443 -72.90 -78.91 35.45
C GLN A 1443 -73.79 -79.61 36.46
N GLU A 1444 -74.04 -80.89 36.22
CA GLU A 1444 -74.97 -81.67 37.04
C GLU A 1444 -74.37 -81.95 38.41
N PRO A 1445 -75.00 -81.50 39.51
CA PRO A 1445 -74.47 -81.83 40.85
C PRO A 1445 -74.49 -83.32 41.19
N SER A 1446 -75.20 -84.15 40.45
CA SER A 1446 -75.18 -85.61 40.65
C SER A 1446 -73.84 -86.24 40.30
N CYS A 1447 -72.94 -85.51 39.64
CA CYS A 1447 -71.65 -86.04 39.22
C CYS A 1447 -70.51 -85.22 39.82
N VAL A 1448 -70.74 -84.58 40.96
CA VAL A 1448 -69.78 -83.71 41.61
C VAL A 1448 -69.61 -84.15 43.05
N TRP A 1449 -68.36 -84.33 43.48
CA TRP A 1449 -68.02 -84.64 44.85
C TRP A 1449 -66.99 -83.64 45.32
N VAL A 1450 -67.16 -83.13 46.54
CA VAL A 1450 -66.31 -82.07 47.07
C VAL A 1450 -65.89 -82.42 48.49
N GLY A 1451 -64.60 -82.26 48.79
CA GLY A 1451 -64.07 -82.55 50.11
C GLY A 1451 -62.56 -82.54 50.18
N TRP A 1452 -61.99 -83.56 50.83
CA TRP A 1452 -60.54 -83.65 51.00
C TRP A 1452 -60.09 -85.09 50.80
N VAL A 1453 -58.84 -85.26 50.37
CA VAL A 1453 -58.23 -86.57 50.21
C VAL A 1453 -56.87 -86.58 50.89
N THR A 1454 -56.54 -87.69 51.53
CA THR A 1454 -55.24 -87.89 52.13
C THR A 1454 -54.24 -88.24 51.02
N PRO A 1455 -52.92 -88.00 51.24
CA PRO A 1455 -51.93 -88.24 50.16
C PRO A 1455 -51.73 -89.68 49.71
N ASP A 1456 -52.51 -90.64 50.21
CA ASP A 1456 -52.37 -92.04 49.80
C ASP A 1456 -53.56 -92.53 48.97
N TYR A 1457 -54.28 -91.62 48.33
CA TYR A 1457 -55.40 -92.01 47.48
C TYR A 1457 -54.86 -92.42 46.11
N HIS A 1458 -55.15 -93.65 45.70
CA HIS A 1458 -54.69 -94.19 44.43
C HIS A 1458 -55.79 -95.01 43.76
N GLN A 1459 -57.00 -94.46 43.71
CA GLN A 1459 -58.14 -95.13 43.10
C GLN A 1459 -58.57 -94.38 41.85
N HIS A 1460 -58.50 -95.05 40.71
CA HIS A 1460 -58.93 -94.50 39.42
C HIS A 1460 -60.13 -95.31 38.94
N ASP A 1461 -61.32 -94.91 39.37
CA ASP A 1461 -62.55 -95.61 39.05
C ASP A 1461 -63.38 -94.78 38.09
N MET A 1462 -63.73 -95.36 36.94
CA MET A 1462 -64.51 -94.64 35.95
C MET A 1462 -65.98 -94.49 36.34
N ASN A 1463 -66.45 -95.23 37.33
CA ASN A 1463 -67.82 -95.16 37.79
C ASN A 1463 -67.88 -94.75 39.25
N PHE A 1464 -67.12 -93.72 39.61
CA PHE A 1464 -66.97 -93.34 41.01
C PHE A 1464 -68.29 -92.84 41.61
N ASP A 1465 -68.56 -93.29 42.83
CA ASP A 1465 -69.59 -92.75 43.69
C ASP A 1465 -69.09 -92.89 45.12
N LEU A 1466 -69.89 -92.44 46.08
CA LEU A 1466 -69.49 -92.56 47.48
C LEU A 1466 -69.42 -94.00 47.98
N SER A 1467 -69.96 -94.97 47.24
CA SER A 1467 -69.88 -96.37 47.64
C SER A 1467 -68.46 -96.89 47.56
N LYS A 1468 -67.73 -96.50 46.51
CA LYS A 1468 -66.40 -97.03 46.25
C LYS A 1468 -65.33 -96.50 47.19
N VAL A 1469 -65.65 -95.49 48.00
CA VAL A 1469 -64.68 -94.87 48.91
C VAL A 1469 -64.22 -95.91 49.93
N ARG A 1470 -62.92 -96.20 49.92
CA ARG A 1470 -62.36 -97.15 50.86
C ARG A 1470 -62.50 -96.64 52.28
N ALA A 1471 -62.82 -97.53 53.21
CA ALA A 1471 -62.95 -97.18 54.62
C ALA A 1471 -62.67 -98.41 55.47
N VAL A 1472 -62.36 -98.15 56.73
CA VAL A 1472 -62.12 -99.23 57.71
C VAL A 1472 -62.23 -98.61 59.09
N THR A 1473 -62.70 -99.41 60.05
CA THR A 1473 -62.89 -99.03 61.44
C THR A 1473 -61.96 -99.88 62.28
N VAL A 1474 -61.20 -99.24 63.16
CA VAL A 1474 -60.30 -99.96 64.05
C VAL A 1474 -60.95 -99.99 65.42
N THR A 1475 -61.28 -101.19 65.91
CA THR A 1475 -62.00 -101.35 67.16
C THR A 1475 -61.08 -101.98 68.21
N MET A 1476 -60.94 -101.28 69.34
CA MET A 1476 -60.04 -101.59 70.44
C MET A 1476 -60.79 -101.62 71.75
N GLY A 1477 -60.51 -102.66 72.55
CA GLY A 1477 -61.11 -102.83 73.86
C GLY A 1477 -60.16 -103.54 74.79
N ASP A 1478 -60.62 -103.96 75.96
CA ASP A 1478 -59.75 -104.68 76.89
C ASP A 1478 -59.91 -106.17 76.63
N GLU A 1479 -59.36 -107.00 77.55
CA GLU A 1479 -59.36 -108.45 77.41
C GLU A 1479 -60.77 -109.02 77.33
N GLN A 1480 -61.73 -108.43 78.04
CA GLN A 1480 -63.12 -108.91 78.06
C GLN A 1480 -64.03 -107.82 77.51
N GLY A 1481 -64.13 -107.77 76.18
CA GLY A 1481 -64.95 -106.77 75.49
C GLY A 1481 -64.50 -105.36 75.82
N ASN A 1482 -65.45 -104.56 76.31
CA ASN A 1482 -65.24 -103.18 76.80
C ASN A 1482 -64.51 -102.31 75.77
N VAL A 1483 -65.11 -102.20 74.58
CA VAL A 1483 -64.52 -101.45 73.49
C VAL A 1483 -64.44 -99.97 73.87
N HIS A 1484 -63.22 -99.48 73.99
CA HIS A 1484 -62.93 -98.11 74.40
C HIS A 1484 -62.22 -97.32 73.32
N SER A 1485 -62.26 -97.79 72.07
CA SER A 1485 -61.69 -97.04 70.95
C SER A 1485 -62.28 -97.60 69.66
N SER A 1486 -62.87 -96.74 68.84
CA SER A 1486 -63.40 -97.18 67.56
C SER A 1486 -63.15 -96.03 66.59
N LEU A 1487 -62.08 -96.12 65.81
CA LEU A 1487 -61.71 -95.02 64.93
C LEU A 1487 -62.03 -95.36 63.48
N LYS A 1488 -62.02 -94.32 62.65
CA LYS A 1488 -62.31 -94.42 61.23
C LYS A 1488 -61.07 -94.04 60.43
N CYS A 1489 -60.73 -94.87 59.44
CA CYS A 1489 -59.60 -94.63 58.55
C CYS A 1489 -60.12 -94.69 57.12
N SER A 1490 -59.78 -93.68 56.34
CA SER A 1490 -60.16 -93.63 54.93
C SER A 1490 -59.23 -92.67 54.21
N ASN A 1491 -59.10 -92.87 52.91
CA ASN A 1491 -58.26 -92.01 52.09
C ASN A 1491 -59.06 -90.94 51.37
N CYS A 1492 -60.36 -90.88 51.61
CA CYS A 1492 -61.25 -89.96 50.92
C CYS A 1492 -62.34 -89.49 51.85
N TYR A 1493 -62.49 -88.17 51.97
CA TYR A 1493 -63.54 -87.58 52.80
C TYR A 1493 -64.20 -86.51 51.95
N MET A 1494 -65.18 -86.89 51.15
CA MET A 1494 -65.97 -85.90 50.42
C MET A 1494 -67.45 -86.24 50.50
N VAL A 1495 -68.25 -85.19 50.31
CA VAL A 1495 -69.69 -85.31 50.21
C VAL A 1495 -70.08 -85.39 48.74
N TRP A 1496 -71.30 -85.83 48.49
CA TRP A 1496 -71.83 -85.92 47.14
C TRP A 1496 -72.68 -84.69 46.89
N GLY A 1497 -72.34 -83.93 45.84
CA GLY A 1497 -73.03 -82.68 45.55
C GLY A 1497 -74.46 -82.85 45.07
N GLY A 1498 -74.86 -84.06 44.69
CA GLY A 1498 -76.23 -84.31 44.27
C GLY A 1498 -77.23 -84.30 45.40
N ASP A 1499 -76.78 -84.35 46.65
CA ASP A 1499 -77.67 -84.41 47.79
C ASP A 1499 -77.96 -83.04 48.37
N PHE A 1500 -77.36 -81.98 47.82
CA PHE A 1500 -77.58 -80.62 48.29
C PHE A 1500 -78.52 -79.83 47.40
N VAL A 1501 -79.16 -80.48 46.43
CA VAL A 1501 -80.15 -79.84 45.57
C VAL A 1501 -81.53 -80.38 45.94
N SER A 1502 -82.47 -79.47 46.13
CA SER A 1502 -83.85 -79.87 46.38
C SER A 1502 -84.39 -80.61 45.17
N PRO A 1503 -85.04 -81.77 45.35
CA PRO A 1503 -85.52 -82.56 44.21
C PRO A 1503 -86.65 -81.90 43.44
N GLY A 1504 -86.34 -80.88 42.66
CA GLY A 1504 -87.34 -80.20 41.87
C GLY A 1504 -87.87 -81.07 40.75
N GLN A 1505 -89.02 -80.66 40.21
CA GLN A 1505 -89.71 -81.45 39.18
C GLN A 1505 -88.85 -81.61 37.94
N GLN A 1506 -88.33 -80.51 37.42
CA GLN A 1506 -87.41 -80.52 36.28
C GLN A 1506 -86.66 -79.20 36.29
N GLY A 1507 -85.59 -79.16 35.50
CA GLY A 1507 -84.71 -78.00 35.48
C GLY A 1507 -83.58 -78.15 36.47
N ARG A 1508 -82.86 -79.27 36.37
CA ARG A 1508 -81.67 -79.50 37.20
C ARG A 1508 -80.54 -78.53 36.88
N ILE A 1509 -80.62 -77.82 35.75
CA ILE A 1509 -79.69 -76.76 35.39
C ILE A 1509 -80.12 -75.54 36.18
N SER A 1510 -79.61 -75.42 37.40
CA SER A 1510 -79.99 -74.31 38.27
C SER A 1510 -79.33 -73.03 37.78
N HIS A 1511 -80.12 -71.96 37.67
CA HIS A 1511 -79.60 -70.65 37.31
C HIS A 1511 -78.65 -70.09 38.36
N THR A 1512 -78.74 -70.55 39.60
CA THR A 1512 -77.84 -70.13 40.66
C THR A 1512 -76.82 -71.24 40.89
N ASP A 1513 -75.55 -70.89 40.92
CA ASP A 1513 -74.49 -71.88 41.05
C ASP A 1513 -74.44 -72.42 42.46
N LEU A 1514 -74.31 -73.74 42.58
CA LEU A 1514 -74.14 -74.36 43.87
C LEU A 1514 -72.75 -74.06 44.43
N VAL A 1515 -72.71 -73.50 45.64
CA VAL A 1515 -71.45 -73.12 46.27
C VAL A 1515 -71.20 -74.05 47.44
N ILE A 1516 -70.54 -75.16 47.20
CA ILE A 1516 -70.23 -76.10 48.28
C ILE A 1516 -69.01 -75.60 49.03
N GLY A 1517 -69.17 -75.36 50.33
CA GLY A 1517 -68.06 -74.94 51.18
C GLY A 1517 -67.64 -76.08 52.08
N CYS A 1518 -66.37 -76.06 52.47
CA CYS A 1518 -65.81 -77.02 53.41
C CYS A 1518 -65.05 -76.27 54.49
N LEU A 1519 -65.13 -76.80 55.71
CA LEU A 1519 -64.46 -76.24 56.87
C LEU A 1519 -63.70 -77.32 57.60
N VAL A 1520 -62.57 -76.91 58.19
CA VAL A 1520 -61.70 -77.81 58.94
C VAL A 1520 -61.29 -77.11 60.22
N ASP A 1521 -61.22 -77.86 61.31
CA ASP A 1521 -60.63 -77.38 62.55
C ASP A 1521 -59.35 -78.17 62.78
N LEU A 1522 -58.21 -77.49 62.67
CA LEU A 1522 -56.92 -78.15 62.84
C LEU A 1522 -56.62 -78.53 64.28
N ALA A 1523 -57.36 -77.98 65.24
CA ALA A 1523 -57.17 -78.28 66.65
C ALA A 1523 -57.95 -79.50 67.10
N THR A 1524 -58.88 -79.99 66.30
CA THR A 1524 -59.73 -81.12 66.68
C THR A 1524 -59.80 -82.19 65.62
N GLY A 1525 -59.42 -81.91 64.37
CA GLY A 1525 -59.56 -82.89 63.33
C GLY A 1525 -60.98 -83.06 62.85
N LEU A 1526 -61.83 -82.07 63.08
CA LEU A 1526 -63.23 -82.11 62.68
C LEU A 1526 -63.43 -81.38 61.36
N MET A 1527 -64.23 -82.00 60.49
CA MET A 1527 -64.56 -81.48 59.17
C MET A 1527 -66.05 -81.28 59.08
N THR A 1528 -66.45 -80.12 58.55
CA THR A 1528 -67.86 -79.77 58.34
C THR A 1528 -68.02 -79.26 56.92
N PHE A 1529 -69.27 -79.06 56.52
CA PHE A 1529 -69.59 -78.62 55.17
C PHE A 1529 -70.77 -77.67 55.20
N THR A 1530 -70.85 -76.82 54.18
CA THR A 1530 -71.98 -75.89 53.99
C THR A 1530 -72.49 -76.02 52.57
N ALA A 1531 -73.72 -76.50 52.42
CA ALA A 1531 -74.29 -76.74 51.11
C ALA A 1531 -74.51 -75.43 50.35
N ASN A 1532 -75.17 -74.47 50.98
CA ASN A 1532 -75.38 -73.15 50.36
C ASN A 1532 -75.26 -72.04 51.40
N GLY A 1533 -74.47 -72.25 52.44
CA GLY A 1533 -74.49 -71.40 53.61
C GLY A 1533 -75.22 -71.99 54.78
N LYS A 1534 -75.78 -73.19 54.63
CA LYS A 1534 -76.44 -73.93 55.70
C LYS A 1534 -75.68 -75.23 55.93
N GLU A 1535 -75.55 -75.61 57.19
CA GLU A 1535 -74.77 -76.78 57.53
C GLU A 1535 -75.47 -78.07 57.08
N SER A 1536 -74.69 -79.11 56.91
CA SER A 1536 -75.20 -80.43 56.55
C SER A 1536 -74.94 -81.40 57.69
N ASN A 1537 -75.78 -82.43 57.77
CA ASN A 1537 -75.69 -83.43 58.83
C ASN A 1537 -74.37 -84.19 58.81
N THR A 1538 -73.71 -84.25 57.65
CA THR A 1538 -72.45 -84.96 57.52
C THR A 1538 -71.35 -84.22 58.28
N PHE A 1539 -70.45 -85.01 58.88
CA PHE A 1539 -69.33 -84.47 59.64
C PHE A 1539 -68.29 -85.57 59.72
N PHE A 1540 -67.01 -85.17 59.74
CA PHE A 1540 -65.94 -86.15 59.76
C PHE A 1540 -64.96 -85.84 60.87
N GLN A 1541 -64.48 -86.87 61.56
CA GLN A 1541 -63.45 -86.69 62.57
C GLN A 1541 -62.27 -87.60 62.25
N VAL A 1542 -61.07 -87.03 62.25
CA VAL A 1542 -59.86 -87.76 61.89
C VAL A 1542 -58.81 -87.60 62.97
N GLU A 1543 -57.87 -88.54 62.97
CA GLU A 1543 -56.76 -88.57 63.91
C GLU A 1543 -55.79 -87.43 63.60
N PRO A 1544 -54.94 -87.03 64.59
CA PRO A 1544 -53.90 -86.01 64.30
C PRO A 1544 -52.83 -86.49 63.32
N ASN A 1545 -51.93 -85.56 62.97
CA ASN A 1545 -50.85 -85.72 61.97
C ASN A 1545 -51.40 -86.01 60.58
N THR A 1546 -52.65 -85.63 60.30
CA THR A 1546 -53.27 -85.94 59.03
C THR A 1546 -53.06 -84.81 58.04
N LYS A 1547 -52.79 -85.19 56.80
CA LYS A 1547 -52.64 -84.27 55.66
C LYS A 1547 -53.84 -84.43 54.74
N LEU A 1548 -54.47 -83.31 54.39
CA LEU A 1548 -55.66 -83.30 53.55
C LEU A 1548 -55.48 -82.36 52.37
N PHE A 1549 -55.58 -82.91 51.17
CA PHE A 1549 -55.51 -82.15 49.94
C PHE A 1549 -56.92 -81.82 49.49
N PRO A 1550 -57.26 -80.55 49.27
CA PRO A 1550 -58.58 -80.18 48.72
C PRO A 1550 -58.81 -80.84 47.38
N ALA A 1551 -59.87 -81.64 47.28
CA ALA A 1551 -60.10 -82.44 46.09
C ALA A 1551 -61.52 -82.30 45.58
N VAL A 1552 -61.67 -82.50 44.26
CA VAL A 1552 -62.96 -82.50 43.59
C VAL A 1552 -62.93 -83.56 42.50
N PHE A 1553 -63.84 -84.52 42.56
CA PHE A 1553 -64.03 -85.48 41.49
C PHE A 1553 -65.25 -85.02 40.71
N VAL A 1554 -65.15 -84.99 39.38
CA VAL A 1554 -66.26 -84.45 38.59
C VAL A 1554 -66.27 -85.10 37.21
N LEU A 1555 -67.48 -85.31 36.69
CA LEU A 1555 -67.69 -85.69 35.30
C LEU A 1555 -68.23 -84.46 34.58
N PRO A 1556 -67.47 -83.87 33.65
CA PRO A 1556 -67.89 -82.61 33.03
C PRO A 1556 -69.16 -82.74 32.19
N THR A 1557 -70.06 -81.77 32.34
CA THR A 1557 -71.29 -81.72 31.55
C THR A 1557 -71.61 -80.31 31.07
N HIS A 1558 -70.59 -79.45 30.91
CA HIS A 1558 -70.79 -78.06 30.52
C HIS A 1558 -69.42 -77.49 30.17
N GLN A 1559 -69.43 -76.30 29.54
CA GLN A 1559 -68.20 -75.61 29.20
C GLN A 1559 -67.45 -75.17 30.46
N ASN A 1560 -68.15 -74.50 31.36
CA ASN A 1560 -67.61 -74.10 32.66
C ASN A 1560 -68.14 -75.07 33.69
N VAL A 1561 -67.23 -75.70 34.43
CA VAL A 1561 -67.62 -76.79 35.32
C VAL A 1561 -67.62 -76.33 36.77
N ILE A 1562 -66.43 -76.01 37.30
CA ILE A 1562 -66.26 -75.67 38.72
C ILE A 1562 -65.29 -74.51 38.84
N GLN A 1563 -65.22 -73.96 40.05
CA GLN A 1563 -64.37 -72.79 40.31
C GLN A 1563 -63.95 -72.83 41.77
N PHE A 1564 -62.71 -73.23 42.05
CA PHE A 1564 -62.16 -73.20 43.40
C PHE A 1564 -62.05 -71.77 43.90
N GLU A 1565 -62.91 -71.38 44.83
CA GLU A 1565 -62.90 -70.06 45.43
C GLU A 1565 -62.15 -70.14 46.75
N LEU A 1566 -61.05 -69.41 46.85
CA LEU A 1566 -60.21 -69.43 48.05
C LEU A 1566 -60.55 -68.26 48.96
N GLY A 1567 -61.81 -68.19 49.37
CA GLY A 1567 -62.29 -67.12 50.21
C GLY A 1567 -62.14 -67.35 51.69
N LYS A 1568 -63.03 -66.73 52.46
CA LYS A 1568 -63.01 -66.84 53.91
C LYS A 1568 -64.42 -66.61 54.44
N GLN A 1569 -64.64 -67.07 55.66
CA GLN A 1569 -65.89 -66.88 56.38
C GLN A 1569 -65.66 -65.92 57.53
N LYS A 1570 -66.74 -65.61 58.26
CA LYS A 1570 -66.64 -64.70 59.38
C LYS A 1570 -65.90 -65.39 60.51
N ASN A 1571 -64.89 -64.72 61.05
CA ASN A 1571 -63.99 -65.21 62.11
C ASN A 1571 -63.30 -66.53 61.74
N ILE A 1572 -63.16 -66.81 60.44
CA ILE A 1572 -62.56 -68.04 59.94
C ILE A 1572 -61.51 -67.68 58.90
N MET A 1573 -60.32 -68.25 59.04
CA MET A 1573 -59.18 -67.94 58.19
C MET A 1573 -59.32 -68.63 56.82
N PRO A 1574 -58.67 -68.10 55.78
CA PRO A 1574 -58.66 -68.80 54.50
C PRO A 1574 -57.66 -69.95 54.49
N LEU A 1575 -57.72 -70.75 53.41
CA LEU A 1575 -56.76 -71.84 53.23
C LEU A 1575 -55.34 -71.33 53.07
N SER A 1576 -55.17 -70.21 52.35
CA SER A 1576 -53.86 -69.63 52.09
C SER A 1576 -53.13 -69.24 53.37
N ALA A 1577 -53.84 -69.07 54.48
CA ALA A 1577 -53.25 -68.83 55.77
C ALA A 1577 -52.94 -70.12 56.50
N ALA A 1578 -53.33 -71.26 55.93
CA ALA A 1578 -53.10 -72.57 56.52
C ALA A 1578 -51.98 -73.32 55.84
N MET A 1579 -51.86 -73.20 54.51
CA MET A 1579 -50.86 -74.02 53.84
C MET A 1579 -49.46 -73.45 53.96
N PHE A 1580 -49.32 -72.14 54.17
CA PHE A 1580 -48.02 -71.49 54.23
C PHE A 1580 -47.73 -71.06 55.66
N LEU A 1581 -46.53 -71.40 56.15
CA LEU A 1581 -46.15 -71.05 57.51
C LEU A 1581 -46.09 -69.54 57.71
N SER A 1582 -45.51 -68.82 56.75
CA SER A 1582 -45.35 -67.37 56.84
C SER A 1582 -46.67 -66.62 56.75
N GLU A 1583 -47.76 -67.29 56.38
CA GLU A 1583 -49.05 -66.65 56.18
C GLU A 1583 -50.03 -66.95 57.30
N ARG A 1584 -49.56 -67.51 58.43
CA ARG A 1584 -50.43 -67.96 59.51
C ARG A 1584 -51.21 -66.84 60.19
N LYS A 1585 -50.81 -65.57 59.98
CA LYS A 1585 -51.46 -64.44 60.64
C LYS A 1585 -51.96 -63.43 59.62
N ASN A 1586 -52.40 -63.90 58.46
CA ASN A 1586 -52.87 -63.01 57.39
C ASN A 1586 -54.27 -63.42 56.99
N PRO A 1587 -55.29 -62.60 57.28
CA PRO A 1587 -56.66 -62.96 56.87
C PRO A 1587 -56.93 -62.75 55.40
N ALA A 1588 -56.14 -61.92 54.72
CA ALA A 1588 -56.38 -61.60 53.32
C ALA A 1588 -56.09 -62.83 52.45
N PRO A 1589 -57.03 -63.24 51.59
CA PRO A 1589 -56.78 -64.40 50.73
C PRO A 1589 -55.66 -64.15 49.73
N GLN A 1590 -54.95 -65.21 49.41
CA GLN A 1590 -53.88 -65.19 48.41
C GLN A 1590 -53.93 -66.46 47.58
N CYS A 1591 -53.39 -66.38 46.38
CA CYS A 1591 -53.25 -67.54 45.50
C CYS A 1591 -51.82 -67.60 44.95
N PRO A 1592 -50.86 -68.00 45.80
CA PRO A 1592 -49.46 -68.00 45.37
C PRO A 1592 -49.22 -69.04 44.28
N PRO A 1593 -48.21 -68.82 43.41
CA PRO A 1593 -48.04 -69.68 42.22
C PRO A 1593 -47.79 -71.16 42.50
N ARG A 1594 -47.33 -71.52 43.70
CA ARG A 1594 -47.18 -72.94 44.04
C ARG A 1594 -48.53 -73.63 44.13
N LEU A 1595 -49.61 -72.89 44.37
CA LEU A 1595 -50.93 -73.48 44.51
C LEU A 1595 -51.52 -73.67 43.12
N GLU A 1596 -51.82 -74.92 42.77
CA GLU A 1596 -52.33 -75.20 41.44
C GLU A 1596 -53.12 -76.50 41.46
N VAL A 1597 -53.91 -76.69 40.42
CA VAL A 1597 -54.79 -77.85 40.30
C VAL A 1597 -54.01 -78.97 39.65
N GLN A 1598 -54.25 -80.20 40.10
CA GLN A 1598 -53.58 -81.39 39.60
C GLN A 1598 -54.64 -82.45 39.32
N MET A 1599 -54.44 -83.20 38.25
CA MET A 1599 -55.36 -84.28 37.93
C MET A 1599 -54.81 -85.58 38.50
N LEU A 1600 -55.43 -86.69 38.13
CA LEU A 1600 -54.99 -88.01 38.56
C LEU A 1600 -54.67 -88.86 37.33
N MET A 1601 -53.40 -88.88 36.95
CA MET A 1601 -52.96 -89.67 35.80
C MET A 1601 -52.90 -91.14 36.18
N PRO A 1602 -53.59 -92.02 35.45
CA PRO A 1602 -53.69 -93.43 35.87
C PRO A 1602 -52.39 -94.22 35.78
N VAL A 1603 -51.53 -93.92 34.81
CA VAL A 1603 -50.31 -94.69 34.55
C VAL A 1603 -49.14 -93.72 34.52
N SER A 1604 -48.03 -94.12 35.15
CA SER A 1604 -46.85 -93.27 35.20
C SER A 1604 -45.61 -94.13 34.98
N TRP A 1605 -44.53 -93.52 34.51
CA TRP A 1605 -43.31 -94.29 34.32
C TRP A 1605 -42.65 -94.58 35.66
N SER A 1606 -41.74 -95.56 35.65
CA SER A 1606 -41.01 -95.93 36.85
C SER A 1606 -39.75 -96.67 36.42
N ARG A 1607 -38.95 -97.05 37.42
CA ARG A 1607 -37.64 -97.65 37.21
C ARG A 1607 -37.58 -99.04 37.85
N MET A 1608 -37.01 -100.00 37.12
CA MET A 1608 -36.80 -101.33 37.65
C MET A 1608 -35.49 -101.36 38.44
N PRO A 1609 -35.54 -101.65 39.75
CA PRO A 1609 -34.31 -101.72 40.54
C PRO A 1609 -33.35 -102.77 40.01
N ASN A 1610 -32.05 -102.48 40.12
CA ASN A 1610 -31.05 -103.33 39.49
C ASN A 1610 -30.90 -104.69 40.17
N HIS A 1611 -31.31 -104.81 41.43
CA HIS A 1611 -31.22 -106.08 42.14
C HIS A 1611 -32.48 -106.29 42.96
N PHE A 1612 -32.96 -107.53 42.97
CA PHE A 1612 -34.19 -107.88 43.67
C PHE A 1612 -33.86 -108.91 44.74
N LEU A 1613 -34.74 -108.98 45.74
CA LEU A 1613 -34.54 -109.86 46.88
C LEU A 1613 -34.57 -111.33 46.47
N GLN A 1614 -33.87 -112.15 47.24
CA GLN A 1614 -33.82 -113.59 46.99
C GLN A 1614 -34.70 -114.29 48.01
N VAL A 1615 -35.81 -114.84 47.53
CA VAL A 1615 -36.80 -115.50 48.38
C VAL A 1615 -36.88 -116.95 47.98
N GLU A 1616 -36.85 -117.85 48.97
CA GLU A 1616 -37.02 -119.28 48.73
C GLU A 1616 -38.41 -119.68 49.21
N THR A 1617 -39.20 -120.26 48.30
CA THR A 1617 -40.55 -120.74 48.55
C THR A 1617 -40.57 -122.23 48.25
N ARG A 1618 -40.72 -123.04 49.29
CA ARG A 1618 -40.72 -124.49 49.14
C ARG A 1618 -41.55 -125.09 50.26
N ARG A 1619 -41.98 -126.33 50.06
CA ARG A 1619 -42.73 -127.04 51.09
C ARG A 1619 -41.76 -127.83 51.96
N ALA A 1620 -41.59 -127.39 53.21
CA ALA A 1620 -40.63 -128.04 54.11
C ALA A 1620 -41.04 -129.49 54.39
N GLY A 1621 -42.32 -129.73 54.59
CA GLY A 1621 -42.81 -131.07 54.85
C GLY A 1621 -44.32 -131.06 54.97
N GLU A 1622 -44.86 -132.25 55.25
CA GLU A 1622 -46.30 -132.40 55.42
C GLU A 1622 -46.80 -131.75 56.71
N ARG A 1623 -45.97 -131.73 57.74
CA ARG A 1623 -46.33 -131.15 59.03
C ARG A 1623 -45.78 -129.75 59.22
N LEU A 1624 -44.56 -129.50 58.76
CA LEU A 1624 -43.92 -128.20 58.92
C LEU A 1624 -44.67 -127.12 58.15
N GLY A 1625 -45.11 -127.43 56.95
CA GLY A 1625 -45.81 -126.48 56.12
C GLY A 1625 -44.90 -125.90 55.05
N TRP A 1626 -45.25 -124.72 54.59
CA TRP A 1626 -44.46 -124.05 53.56
C TRP A 1626 -43.46 -123.08 54.17
N ALA A 1627 -42.20 -123.15 53.75
CA ALA A 1627 -41.17 -122.32 54.35
C ALA A 1627 -40.75 -121.25 53.36
N VAL A 1628 -40.71 -120.01 53.84
CA VAL A 1628 -40.26 -118.84 53.11
C VAL A 1628 -38.96 -118.38 53.75
N GLN A 1629 -37.93 -118.16 52.93
CA GLN A 1629 -36.61 -117.84 53.46
C GLN A 1629 -35.97 -116.74 52.65
N CYS A 1630 -35.66 -115.60 53.29
CA CYS A 1630 -34.95 -114.51 52.64
C CYS A 1630 -33.81 -114.05 53.55
N GLN A 1631 -32.59 -114.00 53.01
CA GLN A 1631 -31.45 -113.73 53.88
C GLN A 1631 -30.58 -112.56 53.42
N ASP A 1632 -30.31 -112.44 52.13
CA ASP A 1632 -29.39 -111.42 51.63
C ASP A 1632 -29.98 -110.02 51.72
N PRO A 1633 -29.33 -109.07 52.38
CA PRO A 1633 -29.90 -107.72 52.50
C PRO A 1633 -29.65 -106.86 51.28
N LEU A 1634 -30.63 -106.02 50.98
CA LEU A 1634 -30.53 -105.02 49.92
C LEU A 1634 -31.02 -103.68 50.45
N THR A 1635 -30.31 -102.62 50.09
CA THR A 1635 -30.62 -101.28 50.57
C THR A 1635 -30.68 -100.34 49.37
N MET A 1636 -31.65 -99.44 49.38
CA MET A 1636 -31.81 -98.45 48.32
C MET A 1636 -31.96 -97.07 48.93
N MET A 1637 -31.41 -96.07 48.25
CA MET A 1637 -31.41 -94.71 48.75
C MET A 1637 -32.68 -94.00 48.29
N ALA A 1638 -33.52 -93.61 49.25
CA ALA A 1638 -34.87 -93.14 48.96
C ALA A 1638 -34.91 -91.62 49.04
N LEU A 1639 -35.49 -90.98 48.04
CA LEU A 1639 -35.74 -89.55 48.05
C LEU A 1639 -37.22 -89.32 48.34
N HIS A 1640 -37.51 -88.68 49.46
CA HIS A 1640 -38.88 -88.55 49.95
C HIS A 1640 -39.37 -87.11 49.78
N ILE A 1641 -40.43 -86.93 49.01
CA ILE A 1641 -41.01 -85.61 48.83
C ILE A 1641 -41.87 -85.35 50.05
N PRO A 1642 -41.61 -84.29 50.82
CA PRO A 1642 -42.26 -84.09 52.12
C PRO A 1642 -43.76 -83.85 52.04
N GLU A 1643 -44.17 -82.86 51.25
CA GLU A 1643 -45.58 -82.47 51.24
C GLU A 1643 -46.48 -83.48 50.56
N GLU A 1644 -45.92 -84.39 49.75
CA GLU A 1644 -46.71 -85.43 49.13
C GLU A 1644 -46.64 -86.77 49.85
N ASN A 1645 -45.75 -86.88 50.85
CA ASN A 1645 -45.59 -88.07 51.70
C ASN A 1645 -45.32 -89.33 50.88
N ARG A 1646 -44.61 -89.20 49.77
CA ARG A 1646 -44.22 -90.33 48.95
C ARG A 1646 -42.76 -90.23 48.55
N CYS A 1647 -42.11 -91.38 48.44
CA CYS A 1647 -40.69 -91.44 48.15
C CYS A 1647 -40.45 -92.25 46.89
N MET A 1648 -39.38 -91.91 46.20
CA MET A 1648 -38.97 -92.58 44.97
C MET A 1648 -37.51 -92.94 45.06
N ASP A 1649 -37.11 -93.91 44.24
CA ASP A 1649 -35.70 -94.26 44.09
C ASP A 1649 -34.93 -93.05 43.61
N ILE A 1650 -33.80 -92.77 44.27
CA ILE A 1650 -33.00 -91.60 43.92
C ILE A 1650 -32.38 -91.74 42.53
N LEU A 1651 -32.23 -92.97 42.03
CA LEU A 1651 -31.73 -93.18 40.68
C LEU A 1651 -32.69 -92.71 39.60
N GLU A 1652 -33.96 -92.46 39.94
CA GLU A 1652 -34.90 -91.89 38.99
C GLU A 1652 -34.56 -90.46 38.60
N LEU A 1653 -33.69 -89.80 39.37
CA LEU A 1653 -33.31 -88.43 39.02
C LEU A 1653 -32.40 -88.37 37.80
N SER A 1654 -31.99 -89.52 37.24
CA SER A 1654 -31.33 -89.57 35.95
C SER A 1654 -32.29 -89.27 34.81
N GLU A 1655 -33.58 -89.20 35.10
CA GLU A 1655 -34.61 -88.89 34.12
C GLU A 1655 -35.56 -87.80 34.58
N ARG A 1656 -35.72 -87.60 35.89
CA ARG A 1656 -36.49 -86.45 36.39
C ARG A 1656 -35.52 -85.31 36.60
N LEU A 1657 -35.11 -84.66 35.50
CA LEU A 1657 -34.07 -83.63 35.59
C LEU A 1657 -34.52 -82.36 36.29
N ASP A 1658 -35.83 -82.20 36.51
CA ASP A 1658 -36.32 -81.07 37.30
C ASP A 1658 -35.96 -81.24 38.75
N LEU A 1659 -36.09 -82.46 39.26
CA LEU A 1659 -35.71 -82.72 40.64
C LEU A 1659 -34.20 -82.78 40.75
N GLN A 1660 -33.53 -83.25 39.69
CA GLN A 1660 -32.07 -83.37 39.72
C GLN A 1660 -31.41 -82.01 39.84
N ARG A 1661 -31.93 -81.00 39.13
CA ARG A 1661 -31.39 -79.65 39.23
C ARG A 1661 -31.58 -79.06 40.63
N PHE A 1662 -32.75 -79.29 41.21
CA PHE A 1662 -33.07 -78.78 42.54
C PHE A 1662 -32.21 -79.46 43.60
N HIS A 1663 -32.13 -80.79 43.55
CA HIS A 1663 -31.35 -81.52 44.56
C HIS A 1663 -29.87 -81.20 44.44
N SER A 1664 -29.34 -81.17 43.22
CA SER A 1664 -27.94 -80.83 43.01
C SER A 1664 -27.63 -79.40 43.43
N HIS A 1665 -28.63 -78.51 43.45
CA HIS A 1665 -28.44 -77.22 44.06
C HIS A 1665 -28.52 -77.27 45.57
N THR A 1666 -29.38 -78.16 46.09
CA THR A 1666 -29.54 -78.33 47.54
C THR A 1666 -28.23 -78.78 48.18
N LEU A 1667 -27.54 -79.72 47.53
CA LEU A 1667 -26.20 -80.11 48.00
C LEU A 1667 -25.21 -78.95 47.98
N ARG A 1668 -25.32 -78.05 46.99
CA ARG A 1668 -24.47 -76.87 46.96
C ARG A 1668 -24.81 -75.91 48.09
N LEU A 1669 -26.08 -75.87 48.49
CA LEU A 1669 -26.45 -75.06 49.64
C LEU A 1669 -25.93 -75.68 50.93
N TYR A 1670 -25.94 -77.02 51.00
CA TYR A 1670 -25.37 -77.71 52.16
C TYR A 1670 -23.88 -77.42 52.29
N ARG A 1671 -23.17 -77.38 51.15
CA ARG A 1671 -21.74 -77.06 51.22
C ARG A 1671 -21.53 -75.59 51.55
N ALA A 1672 -22.48 -74.74 51.16
CA ALA A 1672 -22.33 -73.31 51.41
C ALA A 1672 -22.50 -72.99 52.88
N VAL A 1673 -23.54 -73.56 53.50
CA VAL A 1673 -23.82 -73.22 54.89
C VAL A 1673 -22.76 -73.79 55.82
N CYS A 1674 -22.05 -74.85 55.41
CA CYS A 1674 -20.97 -75.42 56.21
C CYS A 1674 -19.61 -75.06 55.65
N ALA A 1675 -19.52 -74.05 54.79
CA ALA A 1675 -18.26 -73.72 54.16
C ALA A 1675 -17.40 -72.89 55.09
N LEU A 1676 -16.08 -73.02 54.91
CA LEU A 1676 -15.06 -72.24 55.62
C LEU A 1676 -15.12 -72.44 57.14
N GLY A 1677 -15.11 -73.71 57.55
CA GLY A 1677 -14.96 -74.08 58.94
C GLY A 1677 -16.08 -73.67 59.88
N ASN A 1678 -17.32 -73.91 59.46
CA ASN A 1678 -18.48 -73.68 60.32
C ASN A 1678 -18.89 -75.00 60.99
N ASN A 1679 -17.99 -75.50 61.84
CA ASN A 1679 -18.18 -76.82 62.46
C ASN A 1679 -19.39 -76.87 63.38
N ARG A 1680 -19.92 -75.71 63.79
CA ARG A 1680 -21.17 -75.69 64.54
C ARG A 1680 -22.33 -76.14 63.66
N VAL A 1681 -22.21 -75.95 62.35
CA VAL A 1681 -23.22 -76.32 61.38
C VAL A 1681 -22.92 -77.68 60.77
N ALA A 1682 -21.63 -77.97 60.53
CA ALA A 1682 -21.22 -79.24 59.95
C ALA A 1682 -21.66 -80.42 60.80
N HIS A 1683 -21.81 -80.23 62.12
CA HIS A 1683 -22.42 -81.26 62.96
C HIS A 1683 -23.90 -81.38 62.67
N ALA A 1684 -24.59 -80.25 62.46
CA ALA A 1684 -26.03 -80.26 62.21
C ALA A 1684 -26.37 -81.00 60.92
N LEU A 1685 -25.55 -80.80 59.88
CA LEU A 1685 -25.80 -81.45 58.60
C LEU A 1685 -25.71 -82.98 58.68
N CYS A 1686 -24.97 -83.51 59.66
CA CYS A 1686 -24.85 -84.94 59.86
C CYS A 1686 -26.14 -85.61 60.31
N SER A 1687 -27.16 -84.84 60.69
CA SER A 1687 -28.47 -85.42 60.91
C SER A 1687 -29.24 -85.57 59.60
N HIS A 1688 -29.20 -84.53 58.77
CA HIS A 1688 -29.90 -84.56 57.48
C HIS A 1688 -29.31 -85.61 56.55
N VAL A 1689 -27.98 -85.63 56.43
CA VAL A 1689 -27.29 -86.65 55.65
C VAL A 1689 -26.35 -87.42 56.57
N ASP A 1690 -26.69 -88.66 56.85
CA ASP A 1690 -25.94 -89.46 57.82
C ASP A 1690 -24.65 -89.97 57.20
N GLN A 1691 -23.90 -90.74 57.99
CA GLN A 1691 -22.67 -91.33 57.48
C GLN A 1691 -22.96 -92.46 56.50
N ALA A 1692 -24.05 -93.20 56.76
CA ALA A 1692 -24.40 -94.36 55.94
C ALA A 1692 -24.75 -93.95 54.52
N GLN A 1693 -25.50 -92.86 54.37
CA GLN A 1693 -25.91 -92.38 53.06
C GLN A 1693 -24.70 -91.99 52.23
N LEU A 1694 -23.77 -91.26 52.86
CA LEU A 1694 -22.56 -90.83 52.17
C LEU A 1694 -21.70 -92.02 51.75
N LEU A 1695 -21.56 -92.99 52.66
CA LEU A 1695 -20.75 -94.17 52.36
C LEU A 1695 -21.38 -95.02 51.25
N HIS A 1696 -22.71 -95.13 51.25
CA HIS A 1696 -23.38 -95.83 50.17
C HIS A 1696 -23.20 -95.09 48.86
N ALA A 1697 -23.34 -93.76 48.88
CA ALA A 1697 -23.16 -92.95 47.68
C ALA A 1697 -21.73 -92.97 47.17
N LEU A 1698 -20.77 -93.40 48.00
CA LEU A 1698 -19.41 -93.56 47.49
C LEU A 1698 -19.36 -94.67 46.45
N GLU A 1699 -20.00 -95.79 46.73
CA GLU A 1699 -19.93 -96.95 45.85
C GLU A 1699 -21.09 -97.03 44.87
N ASP A 1700 -22.09 -96.15 45.01
CA ASP A 1700 -23.27 -96.19 44.14
C ASP A 1700 -22.85 -95.83 42.71
N ALA A 1701 -22.81 -96.84 41.84
CA ALA A 1701 -22.34 -96.63 40.48
C ALA A 1701 -23.40 -96.08 39.54
N HIS A 1702 -24.67 -96.08 39.95
CA HIS A 1702 -25.73 -95.62 39.05
C HIS A 1702 -26.19 -94.20 39.34
N LEU A 1703 -25.54 -93.50 40.28
CA LEU A 1703 -25.91 -92.13 40.56
C LEU A 1703 -25.53 -91.24 39.38
N PRO A 1704 -26.31 -90.18 39.10
CA PRO A 1704 -25.93 -89.25 38.03
C PRO A 1704 -24.64 -88.49 38.30
N GLY A 1705 -24.24 -87.69 37.31
CA GLY A 1705 -23.02 -86.90 37.38
C GLY A 1705 -23.04 -85.86 38.48
N PRO A 1706 -23.91 -84.84 38.34
CA PRO A 1706 -23.92 -83.76 39.34
C PRO A 1706 -24.23 -84.23 40.74
N LEU A 1707 -25.03 -85.29 40.90
CA LEU A 1707 -25.32 -85.78 42.24
C LEU A 1707 -24.14 -86.56 42.81
N ARG A 1708 -23.37 -87.23 41.95
CA ARG A 1708 -22.19 -87.96 42.42
C ARG A 1708 -21.12 -86.99 42.88
N ALA A 1709 -20.82 -85.99 42.05
CA ALA A 1709 -19.83 -85.01 42.45
C ALA A 1709 -20.31 -84.14 43.60
N GLY A 1710 -21.62 -83.85 43.66
CA GLY A 1710 -22.16 -83.12 44.79
C GLY A 1710 -22.07 -83.89 46.08
N TYR A 1711 -22.14 -85.22 46.01
CA TYR A 1711 -22.13 -85.97 47.24
C TYR A 1711 -20.73 -86.24 47.72
N TYR A 1712 -19.76 -86.40 46.81
CA TYR A 1712 -18.38 -86.46 47.28
C TYR A 1712 -17.94 -85.11 47.85
N ASP A 1713 -18.27 -84.02 47.16
CA ASP A 1713 -17.88 -82.71 47.67
C ASP A 1713 -18.63 -82.34 48.94
N LEU A 1714 -19.83 -82.93 49.16
CA LEU A 1714 -20.50 -82.72 50.44
C LEU A 1714 -19.83 -83.49 51.54
N LEU A 1715 -19.32 -84.70 51.24
CA LEU A 1715 -18.55 -85.45 52.24
C LEU A 1715 -17.29 -84.67 52.62
N ILE A 1716 -16.60 -84.13 51.62
CA ILE A 1716 -15.36 -83.39 51.85
C ILE A 1716 -15.66 -82.13 52.67
N SER A 1717 -16.73 -81.42 52.31
CA SER A 1717 -17.09 -80.19 53.01
C SER A 1717 -17.46 -80.45 54.45
N ILE A 1718 -18.21 -81.53 54.71
CA ILE A 1718 -18.70 -81.79 56.05
C ILE A 1718 -17.56 -82.29 56.95
N HIS A 1719 -16.80 -83.28 56.46
CA HIS A 1719 -15.91 -84.03 57.33
C HIS A 1719 -14.42 -83.78 57.15
N LEU A 1720 -13.99 -83.15 56.07
CA LEU A 1720 -12.55 -83.12 55.81
C LEU A 1720 -11.94 -81.73 55.70
N GLU A 1721 -12.64 -80.79 55.05
CA GLU A 1721 -12.01 -79.56 54.56
C GLU A 1721 -11.43 -78.69 55.68
N SER A 1722 -12.12 -78.60 56.83
CA SER A 1722 -11.63 -77.78 57.94
C SER A 1722 -10.30 -78.30 58.46
N ALA A 1723 -10.16 -79.61 58.57
CA ALA A 1723 -8.89 -80.20 58.99
C ALA A 1723 -7.84 -80.07 57.90
N CYS A 1724 -8.26 -80.21 56.64
CA CYS A 1724 -7.32 -80.18 55.52
C CYS A 1724 -6.74 -78.80 55.32
N ARG A 1725 -7.56 -77.75 55.38
CA ARG A 1725 -7.08 -76.39 55.14
C ARG A 1725 -6.06 -75.99 56.19
N SER A 1726 -6.38 -76.29 57.46
CA SER A 1726 -5.50 -75.98 58.57
C SER A 1726 -4.18 -76.74 58.46
N ARG A 1727 -4.23 -78.01 58.05
CA ARG A 1727 -3.00 -78.75 57.83
C ARG A 1727 -2.21 -78.13 56.68
N ARG A 1728 -2.91 -77.78 55.59
CA ARG A 1728 -2.27 -77.28 54.37
C ARG A 1728 -1.52 -75.99 54.65
N SER A 1729 -2.04 -75.20 55.60
CA SER A 1729 -1.33 -73.98 55.97
C SER A 1729 -0.01 -74.31 56.63
N MET A 1730 0.01 -75.35 57.50
CA MET A 1730 1.24 -75.73 58.17
C MET A 1730 2.20 -76.47 57.26
N LEU A 1731 1.77 -76.88 56.06
CA LEU A 1731 2.72 -77.51 55.13
C LEU A 1731 3.82 -76.58 54.62
N SER A 1732 3.65 -75.27 54.76
CA SER A 1732 4.62 -74.33 54.23
C SER A 1732 5.71 -73.95 55.23
N GLU A 1733 5.61 -74.40 56.47
CA GLU A 1733 6.64 -74.16 57.48
C GLU A 1733 7.26 -75.48 57.90
N TYR A 1734 8.58 -75.47 58.11
CA TYR A 1734 9.34 -76.67 58.43
C TYR A 1734 10.03 -76.46 59.77
N ILE A 1735 9.33 -76.79 60.86
CA ILE A 1735 9.93 -76.78 62.18
C ILE A 1735 10.43 -78.20 62.45
N VAL A 1736 11.74 -78.36 62.58
CA VAL A 1736 12.34 -79.68 62.72
C VAL A 1736 12.90 -79.89 64.11
N PRO A 1737 12.24 -80.67 64.97
CA PRO A 1737 12.82 -80.99 66.28
C PRO A 1737 14.02 -81.90 66.17
N LEU A 1738 14.90 -81.83 67.16
CA LEU A 1738 16.12 -82.62 67.19
C LEU A 1738 15.86 -83.89 67.97
N THR A 1739 15.53 -84.97 67.26
CA THR A 1739 15.18 -86.27 67.80
C THR A 1739 15.98 -87.33 67.06
N PRO A 1740 16.14 -88.54 67.64
CA PRO A 1740 16.88 -89.61 66.93
C PRO A 1740 16.29 -89.96 65.56
N GLU A 1741 14.97 -89.86 65.44
CA GLU A 1741 14.32 -90.06 64.15
C GLU A 1741 14.80 -89.01 63.17
N THR A 1742 14.92 -87.75 63.63
CA THR A 1742 15.45 -86.70 62.76
C THR A 1742 16.88 -87.02 62.37
N ARG A 1743 17.65 -87.60 63.31
CA ARG A 1743 19.05 -87.90 63.06
CA ARG A 1743 19.06 -87.90 63.04
C ARG A 1743 19.20 -88.93 61.94
N ALA A 1744 18.35 -89.95 61.94
CA ALA A 1744 18.45 -91.02 60.95
C ALA A 1744 18.07 -90.59 59.54
N ILE A 1745 17.49 -89.41 59.36
CA ILE A 1745 17.01 -88.95 58.06
C ILE A 1745 18.20 -88.65 57.16
N THR A 1746 18.18 -89.20 55.94
CA THR A 1746 19.23 -88.95 54.96
C THR A 1746 18.60 -88.66 53.60
N LEU A 1747 19.38 -88.01 52.75
CA LEU A 1747 18.90 -87.64 51.41
C LEU A 1747 18.58 -88.87 50.56
N PHE A 1748 19.48 -89.84 50.55
CA PHE A 1748 19.31 -91.01 49.73
C PHE A 1748 19.17 -92.25 50.60
N PRO A 1749 18.41 -93.26 50.14
CA PRO A 1749 18.34 -94.51 50.90
C PRO A 1749 19.67 -95.22 50.86
N PRO A 1750 19.99 -96.04 51.87
CA PRO A 1750 21.20 -96.85 51.81
C PRO A 1750 21.13 -97.91 50.72
N GLY A 1751 21.97 -97.76 49.69
CA GLY A 1751 21.91 -98.64 48.55
C GLY A 1751 23.27 -98.90 47.92
N ARG A 1752 23.26 -99.59 46.78
CA ARG A 1752 24.49 -99.99 46.10
C ARG A 1752 24.50 -99.58 44.63
N LYS A 1753 23.64 -98.63 44.23
CA LYS A 1753 23.60 -98.19 42.85
C LYS A 1753 24.81 -97.32 42.50
N GLY A 1754 24.94 -96.17 43.16
CA GLY A 1754 26.02 -95.26 42.85
C GLY A 1754 26.46 -94.44 44.04
N GLY A 1755 27.78 -94.27 44.21
CA GLY A 1755 28.31 -93.60 45.38
C GLY A 1755 27.92 -92.12 45.45
N ASN A 1756 27.99 -91.43 44.31
CA ASN A 1756 27.61 -90.02 44.25
C ASN A 1756 26.13 -89.85 44.56
N ALA A 1757 25.28 -90.73 44.03
CA ALA A 1757 23.84 -90.65 44.24
C ALA A 1757 23.23 -92.01 43.96
N ARG A 1758 22.55 -92.58 44.95
CA ARG A 1758 21.77 -93.79 44.74
C ARG A 1758 20.50 -93.45 43.96
N ARG A 1759 19.66 -94.47 43.77
CA ARG A 1759 18.36 -94.24 43.17
C ARG A 1759 17.51 -93.42 44.14
N HIS A 1760 16.71 -92.51 43.59
CA HIS A 1760 15.81 -91.71 44.40
C HIS A 1760 14.80 -92.62 45.10
N GLY A 1761 14.52 -92.31 46.37
CA GLY A 1761 13.47 -93.02 47.06
C GLY A 1761 12.10 -92.66 46.53
N LEU A 1762 11.13 -93.43 46.97
CA LEU A 1762 9.74 -93.17 46.58
C LEU A 1762 9.27 -91.91 47.30
N PRO A 1763 8.85 -90.87 46.58
CA PRO A 1763 8.45 -89.62 47.23
C PRO A 1763 7.25 -89.82 48.15
N GLY A 1764 7.28 -89.13 49.28
CA GLY A 1764 6.23 -89.28 50.27
C GLY A 1764 6.31 -90.54 51.09
N VAL A 1765 7.34 -91.36 50.91
CA VAL A 1765 7.51 -92.61 51.62
C VAL A 1765 8.74 -92.49 52.50
N GLY A 1766 8.58 -92.80 53.78
CA GLY A 1766 9.68 -92.73 54.71
C GLY A 1766 9.22 -92.14 56.01
N VAL A 1767 10.14 -91.52 56.74
CA VAL A 1767 9.82 -90.90 58.02
C VAL A 1767 10.05 -89.40 57.88
N THR A 1768 9.09 -88.61 58.37
CA THR A 1768 9.21 -87.17 58.40
C THR A 1768 8.96 -86.73 59.83
N THR A 1769 9.84 -85.88 60.34
CA THR A 1769 9.78 -85.45 61.73
C THR A 1769 9.30 -84.02 61.89
N SER A 1770 8.97 -83.33 60.78
CA SER A 1770 8.53 -81.95 60.86
C SER A 1770 7.23 -81.84 61.67
N LEU A 1771 7.10 -80.74 62.40
CA LEU A 1771 5.97 -80.59 63.30
C LEU A 1771 4.71 -80.25 62.53
N ARG A 1772 3.65 -81.01 62.76
CA ARG A 1772 2.32 -80.69 62.28
C ARG A 1772 1.36 -81.04 63.41
N PRO A 1773 0.48 -80.11 63.81
CA PRO A 1773 -0.47 -80.42 64.87
C PRO A 1773 -1.44 -81.49 64.43
N PRO A 1774 -1.88 -82.35 65.35
CA PRO A 1774 -2.83 -83.40 64.97
C PRO A 1774 -4.23 -82.85 64.76
N HIS A 1775 -5.01 -83.59 63.99
CA HIS A 1775 -6.40 -83.24 63.77
C HIS A 1775 -7.23 -83.52 65.02
N HIS A 1776 -8.36 -82.82 65.11
CA HIS A 1776 -9.30 -82.99 66.21
C HIS A 1776 -10.69 -83.17 65.65
N PHE A 1777 -11.38 -84.21 66.11
CA PHE A 1777 -12.73 -84.50 65.65
C PHE A 1777 -13.63 -84.76 66.85
N SER A 1778 -14.93 -84.75 66.59
CA SER A 1778 -15.91 -85.09 67.60
C SER A 1778 -16.92 -86.06 67.01
N PRO A 1779 -17.40 -87.02 67.80
CA PRO A 1779 -18.45 -87.91 67.32
C PRO A 1779 -19.78 -87.19 67.27
N PRO A 1780 -20.45 -87.18 66.12
CA PRO A 1780 -21.73 -86.48 66.02
C PRO A 1780 -22.84 -87.18 66.79
N CYS A 1781 -23.27 -86.55 67.88
CA CYS A 1781 -24.30 -87.11 68.74
C CYS A 1781 -25.33 -86.04 69.04
N PHE A 1782 -26.56 -86.26 68.57
CA PHE A 1782 -27.62 -85.28 68.72
C PHE A 1782 -28.49 -85.51 69.94
N VAL A 1783 -28.24 -86.56 70.72
CA VAL A 1783 -28.96 -86.77 71.96
C VAL A 1783 -28.18 -86.26 73.17
N ALA A 1784 -26.95 -85.79 72.95
CA ALA A 1784 -26.13 -85.29 74.03
C ALA A 1784 -26.74 -84.04 74.65
N ALA A 1785 -26.54 -83.89 75.96
CA ALA A 1785 -27.08 -82.76 76.69
C ALA A 1785 -26.54 -81.44 76.16
N LEU A 1786 -27.44 -80.47 75.99
CA LEU A 1786 -27.04 -79.15 75.53
C LEU A 1786 -26.12 -78.49 76.55
N PRO A 1787 -24.97 -77.95 76.12
CA PRO A 1787 -24.00 -77.39 77.06
C PRO A 1787 -24.59 -76.21 77.85
N ALA A 1788 -24.28 -76.17 79.15
CA ALA A 1788 -24.75 -75.07 79.97
C ALA A 1788 -24.00 -73.78 79.69
N ALA A 1789 -22.81 -73.87 79.09
CA ALA A 1789 -22.04 -72.69 78.73
C ALA A 1789 -22.78 -71.89 77.66
N GLY A 1790 -22.84 -70.58 77.85
CA GLY A 1790 -23.52 -69.72 76.90
C GLY A 1790 -22.75 -69.59 75.59
N VAL A 1791 -23.44 -69.02 74.60
CA VAL A 1791 -22.81 -68.77 73.30
C VAL A 1791 -21.67 -67.76 73.47
N ALA A 1792 -20.69 -67.83 72.56
CA ALA A 1792 -19.47 -67.03 72.53
C ALA A 1792 -18.57 -67.24 73.74
N GLU A 1793 -18.82 -68.29 74.53
CA GLU A 1793 -17.97 -68.61 75.68
C GLU A 1793 -17.58 -70.08 75.63
N ALA A 1794 -18.43 -70.91 75.03
CA ALA A 1794 -18.19 -72.33 74.95
C ALA A 1794 -17.02 -72.62 74.00
N PRO A 1795 -16.29 -73.72 74.21
CA PRO A 1795 -15.21 -74.09 73.28
C PRO A 1795 -15.72 -74.36 71.87
N ALA A 1796 -14.88 -74.03 70.89
CA ALA A 1796 -15.22 -74.18 69.48
C ALA A 1796 -15.48 -75.64 69.13
N ARG A 1797 -16.53 -75.86 68.34
CA ARG A 1797 -16.87 -77.20 67.91
C ARG A 1797 -15.83 -77.75 66.94
N LEU A 1798 -15.64 -79.05 66.98
CA LEU A 1798 -14.69 -79.72 66.10
C LEU A 1798 -15.43 -80.31 64.90
N SER A 1799 -14.66 -80.73 63.90
CA SER A 1799 -15.24 -81.38 62.74
C SER A 1799 -15.88 -82.70 63.14
N PRO A 1800 -17.06 -83.03 62.61
CA PRO A 1800 -17.67 -84.33 62.87
C PRO A 1800 -16.80 -85.49 62.42
N ALA A 1801 -16.70 -86.51 63.27
CA ALA A 1801 -15.80 -87.63 63.01
C ALA A 1801 -16.34 -88.51 61.90
N ILE A 1802 -15.43 -89.21 61.24
CA ILE A 1802 -15.76 -90.22 60.23
C ILE A 1802 -14.63 -91.25 60.20
N PRO A 1803 -14.93 -92.57 60.09
CA PRO A 1803 -13.85 -93.58 60.14
C PRO A 1803 -12.89 -93.44 58.98
N LEU A 1804 -11.67 -93.00 59.30
CA LEU A 1804 -10.71 -92.68 58.26
C LEU A 1804 -10.05 -93.91 57.66
N GLU A 1805 -9.83 -94.97 58.45
CA GLU A 1805 -9.23 -96.19 57.93
C GLU A 1805 -10.13 -96.85 56.89
N ALA A 1806 -11.44 -96.86 57.16
CA ALA A 1806 -12.40 -97.38 56.20
C ALA A 1806 -12.51 -96.44 55.00
N LEU A 1807 -12.52 -95.13 55.26
CA LEU A 1807 -12.66 -94.18 54.15
C LEU A 1807 -11.47 -94.26 53.21
N ARG A 1808 -10.25 -94.36 53.75
CA ARG A 1808 -9.05 -94.44 52.92
C ARG A 1808 -8.98 -95.76 52.16
N ASP A 1809 -9.47 -96.85 52.74
CA ASP A 1809 -9.44 -98.12 52.01
C ASP A 1809 -10.49 -98.13 50.91
N LYS A 1810 -11.69 -97.62 51.21
CA LYS A 1810 -12.74 -97.57 50.20
C LYS A 1810 -12.35 -96.64 49.07
N ALA A 1811 -11.67 -95.53 49.40
CA ALA A 1811 -11.20 -94.59 48.39
C ALA A 1811 -10.17 -95.22 47.48
N LEU A 1812 -9.23 -95.98 48.05
CA LEU A 1812 -8.23 -96.67 47.23
C LEU A 1812 -8.90 -97.70 46.33
N ARG A 1813 -9.88 -98.43 46.87
CA ARG A 1813 -10.56 -99.46 46.09
C ARG A 1813 -11.31 -98.83 44.92
N MET A 1814 -11.99 -97.70 45.17
CA MET A 1814 -12.73 -97.02 44.12
C MET A 1814 -11.79 -96.50 43.03
N LEU A 1815 -10.63 -95.97 43.43
CA LEU A 1815 -9.66 -95.51 42.44
C LEU A 1815 -9.14 -96.66 41.61
N GLY A 1816 -8.90 -97.83 42.23
CA GLY A 1816 -8.45 -98.99 41.48
C GLY A 1816 -9.47 -99.46 40.46
N GLU A 1817 -10.74 -99.51 40.87
CA GLU A 1817 -11.81 -99.89 39.96
C GLU A 1817 -11.95 -98.86 38.84
N ALA A 1818 -11.79 -97.57 39.17
CA ALA A 1818 -11.93 -96.53 38.16
C ALA A 1818 -10.82 -96.64 37.12
N VAL A 1819 -9.60 -96.94 37.57
CA VAL A 1819 -8.45 -97.07 36.67
C VAL A 1819 -8.66 -98.25 35.71
N ARG A 1820 -9.09 -99.40 36.25
CA ARG A 1820 -9.33 -100.56 35.40
C ARG A 1820 -10.51 -100.34 34.46
N ASP A 1821 -11.60 -99.72 34.95
CA ASP A 1821 -12.76 -99.45 34.12
C ASP A 1821 -12.41 -98.48 33.00
N GLY A 1822 -11.61 -97.46 33.30
CA GLY A 1822 -11.15 -96.54 32.28
C GLY A 1822 -10.29 -97.22 31.25
N GLY A 1823 -9.52 -98.23 31.68
CA GLY A 1823 -8.72 -98.99 30.74
C GLY A 1823 -9.57 -99.81 29.79
N GLN A 1824 -10.68 -100.35 30.30
CA GLN A 1824 -11.56 -101.17 29.44
C GLN A 1824 -12.27 -100.38 28.34
N HIS A 1825 -12.29 -99.04 28.41
CA HIS A 1825 -12.97 -98.15 27.46
C HIS A 1825 -14.45 -98.48 27.31
N ALA A 1826 -15.11 -98.71 28.45
CA ALA A 1826 -16.54 -99.01 28.47
C ALA A 1826 -17.35 -97.84 27.94
N ARG A 1827 -18.46 -98.17 27.25
CA ARG A 1827 -19.31 -97.14 26.66
C ARG A 1827 -20.15 -96.41 27.70
N ASP A 1828 -20.20 -96.89 28.94
CA ASP A 1828 -21.00 -96.27 30.00
C ASP A 1828 -20.14 -96.05 31.24
N PRO A 1829 -19.28 -95.02 31.23
CA PRO A 1829 -18.46 -94.75 32.41
C PRO A 1829 -19.32 -94.30 33.58
N VAL A 1830 -18.81 -94.56 34.79
CA VAL A 1830 -19.55 -94.29 36.03
C VAL A 1830 -19.87 -92.80 36.13
N GLY A 1831 -21.12 -92.49 36.46
CA GLY A 1831 -21.54 -91.12 36.59
C GLY A 1831 -21.88 -90.44 35.28
N GLY A 1832 -21.71 -91.13 34.16
CA GLY A 1832 -22.12 -90.62 32.87
C GLY A 1832 -20.97 -90.12 32.00
N SER A 1833 -19.82 -89.86 32.58
CA SER A 1833 -18.67 -89.41 31.81
C SER A 1833 -17.38 -89.69 32.58
N VAL A 1834 -16.28 -89.63 31.83
CA VAL A 1834 -14.95 -89.88 32.39
C VAL A 1834 -14.63 -88.84 33.46
N GLU A 1835 -15.01 -87.58 33.20
CA GLU A 1835 -14.76 -86.51 34.16
C GLU A 1835 -15.51 -86.78 35.46
N PHE A 1836 -16.79 -87.15 35.35
CA PHE A 1836 -17.60 -87.44 36.53
C PHE A 1836 -17.18 -88.72 37.22
N GLN A 1837 -16.34 -89.53 36.57
CA GLN A 1837 -15.90 -90.78 37.16
C GLN A 1837 -14.58 -90.58 37.91
N PHE A 1838 -13.68 -89.78 37.35
CA PHE A 1838 -12.35 -89.59 37.92
C PHE A 1838 -12.16 -88.35 38.79
N VAL A 1839 -12.70 -87.18 38.40
CA VAL A 1839 -12.46 -85.95 39.18
C VAL A 1839 -12.91 -86.00 40.64
N PRO A 1840 -14.16 -86.39 40.97
CA PRO A 1840 -14.53 -86.44 42.41
C PRO A 1840 -13.70 -87.40 43.26
N VAL A 1841 -13.32 -88.54 42.69
CA VAL A 1841 -12.52 -89.50 43.43
C VAL A 1841 -11.12 -88.95 43.63
N LEU A 1842 -10.54 -88.35 42.58
CA LEU A 1842 -9.21 -87.79 42.71
C LEU A 1842 -9.19 -86.62 43.69
N LYS A 1843 -10.33 -85.93 43.84
CA LYS A 1843 -10.46 -84.90 44.87
C LYS A 1843 -10.39 -85.52 46.24
N LEU A 1844 -11.04 -86.67 46.42
CA LEU A 1844 -11.06 -87.31 47.72
C LEU A 1844 -9.67 -87.86 48.07
N VAL A 1845 -8.98 -88.41 47.07
CA VAL A 1845 -7.63 -88.93 47.26
C VAL A 1845 -6.69 -87.79 47.61
N SER A 1846 -6.81 -86.66 46.90
CA SER A 1846 -5.95 -85.51 47.14
C SER A 1846 -6.14 -84.98 48.56
N THR A 1847 -7.40 -84.93 49.01
CA THR A 1847 -7.69 -84.44 50.36
C THR A 1847 -7.10 -85.38 51.40
N LEU A 1848 -7.15 -86.70 51.17
CA LEU A 1848 -6.60 -87.61 52.17
C LEU A 1848 -5.09 -87.56 52.19
N LEU A 1849 -4.45 -87.36 51.03
CA LEU A 1849 -3.00 -87.18 50.99
C LEU A 1849 -2.60 -85.95 51.77
N VAL A 1850 -3.30 -84.82 51.54
CA VAL A 1850 -2.92 -83.58 52.21
C VAL A 1850 -3.12 -83.72 53.71
N MET A 1851 -4.22 -84.36 54.13
CA MET A 1851 -4.42 -84.64 55.54
C MET A 1851 -3.44 -85.67 56.10
N GLY A 1852 -2.69 -86.38 55.25
CA GLY A 1852 -1.77 -87.37 55.77
C GLY A 1852 -2.41 -88.65 56.27
N ILE A 1853 -3.61 -88.98 55.81
CA ILE A 1853 -4.30 -90.18 56.25
C ILE A 1853 -3.58 -91.43 55.76
N PHE A 1854 -3.11 -91.41 54.52
CA PHE A 1854 -2.49 -92.57 53.90
C PHE A 1854 -1.13 -92.89 54.51
N GLY A 1855 -0.91 -94.17 54.79
CA GLY A 1855 0.37 -94.66 55.24
C GLY A 1855 1.29 -94.93 54.06
N ASP A 1856 2.51 -95.40 54.38
CA ASP A 1856 3.54 -95.60 53.37
C ASP A 1856 3.15 -96.65 52.34
N GLU A 1857 2.53 -97.74 52.79
CA GLU A 1857 2.06 -98.78 51.87
C GLU A 1857 1.00 -98.24 50.92
N ASP A 1858 0.07 -97.43 51.45
CA ASP A 1858 -0.98 -96.87 50.61
C ASP A 1858 -0.39 -95.87 49.62
N VAL A 1859 0.61 -95.10 50.06
CA VAL A 1859 1.24 -94.13 49.16
C VAL A 1859 1.95 -94.88 48.04
N LYS A 1860 2.56 -96.04 48.37
CA LYS A 1860 3.20 -96.86 47.34
C LYS A 1860 2.17 -97.35 46.33
N GLN A 1861 0.97 -97.68 46.82
CA GLN A 1861 -0.12 -98.10 45.94
C GLN A 1861 -0.49 -96.98 44.99
N ILE A 1862 -0.65 -95.77 45.53
CA ILE A 1862 -1.06 -94.61 44.73
C ILE A 1862 -0.02 -94.30 43.67
N LEU A 1863 1.26 -94.37 44.05
CA LEU A 1863 2.34 -94.17 43.08
C LEU A 1863 2.30 -95.22 41.98
N LYS A 1864 1.96 -96.46 42.32
CA LYS A 1864 1.75 -97.49 41.30
C LYS A 1864 0.56 -97.15 40.41
N MET A 1865 -0.49 -96.56 40.97
CA MET A 1865 -1.66 -96.24 40.15
C MET A 1865 -1.35 -95.12 39.19
N ILE A 1866 -0.56 -94.14 39.64
CA ILE A 1866 -0.17 -93.03 38.79
C ILE A 1866 0.79 -93.50 37.70
N GLU A 1867 1.81 -94.28 38.07
CA GLU A 1867 2.74 -94.83 37.10
C GLU A 1867 3.32 -96.13 37.64
N PRO A 1868 2.84 -97.27 37.15
CA PRO A 1868 3.27 -98.57 37.70
C PRO A 1868 4.65 -99.02 37.28
N GLU A 1869 5.37 -98.29 36.45
CA GLU A 1869 6.71 -98.70 36.02
C GLU A 1869 7.82 -97.80 36.54
N VAL A 1870 7.61 -96.49 36.59
CA VAL A 1870 8.63 -95.57 37.08
C VAL A 1870 8.83 -95.77 38.58
N PHE A 1871 7.75 -95.96 39.32
CA PHE A 1871 7.76 -96.01 40.77
C PHE A 1871 7.94 -97.42 41.32
N THR A 1872 8.55 -98.33 40.57
CA THR A 1872 8.83 -99.67 41.06
C THR A 1872 10.00 -99.64 42.02
N GLU A 1873 9.77 -100.08 43.25
CA GLU A 1873 10.84 -100.13 44.23
C GLU A 1873 11.67 -101.39 44.02
N GLU A 1874 12.98 -101.26 44.25
CA GLU A 1874 13.91 -102.37 44.08
C GLU A 1874 15.23 -102.06 44.80
N LEU A 1922 -6.06 -103.86 32.26
CA LEU A 1922 -4.68 -103.54 31.92
C LEU A 1922 -4.01 -102.77 33.05
N GLU A 1923 -2.70 -102.99 33.21
CA GLU A 1923 -1.92 -102.34 34.26
C GLU A 1923 -1.26 -101.05 33.75
N GLU A 1924 -2.05 -100.20 33.12
CA GLU A 1924 -1.58 -98.93 32.61
C GLU A 1924 -1.92 -97.81 33.57
N GLY A 1925 -1.00 -96.88 33.74
CA GLY A 1925 -1.13 -95.84 34.74
C GLY A 1925 -2.08 -94.74 34.31
N LEU A 1926 -2.30 -93.81 35.23
CA LEU A 1926 -3.18 -92.67 35.00
C LEU A 1926 -2.60 -91.66 34.02
N LEU A 1927 -1.31 -91.76 33.67
CA LEU A 1927 -0.67 -90.80 32.80
C LEU A 1927 -0.69 -91.23 31.33
N GLN A 1928 -1.53 -92.19 30.96
CA GLN A 1928 -1.63 -92.61 29.58
C GLN A 1928 -3.07 -92.84 29.12
N MET A 1929 -4.07 -92.40 29.87
CA MET A 1929 -5.44 -92.77 29.60
C MET A 1929 -6.19 -91.77 28.74
N LYS A 1930 -5.52 -90.72 28.26
CA LYS A 1930 -6.10 -89.64 27.44
C LYS A 1930 -7.25 -88.97 28.20
N LEU A 1931 -6.90 -88.39 29.32
CA LEU A 1931 -7.86 -87.77 30.23
C LEU A 1931 -8.30 -86.40 29.73
N PRO A 1932 -9.48 -85.93 30.16
CA PRO A 1932 -9.88 -84.56 29.83
C PRO A 1932 -9.12 -83.54 30.67
N GLU A 1933 -9.40 -82.25 30.43
CA GLU A 1933 -8.69 -81.19 31.13
C GLU A 1933 -8.96 -81.20 32.64
N SER A 1934 -10.21 -81.48 33.03
CA SER A 1934 -10.60 -81.42 34.44
C SER A 1934 -9.84 -82.45 35.29
N VAL A 1935 -9.64 -83.66 34.77
CA VAL A 1935 -8.91 -84.70 35.48
C VAL A 1935 -7.43 -84.32 35.61
N LYS A 1936 -6.89 -83.69 34.57
CA LYS A 1936 -5.49 -83.25 34.55
C LYS A 1936 -5.18 -82.28 35.68
N LEU A 1937 -6.15 -81.45 36.08
CA LEU A 1937 -5.96 -80.54 37.19
C LEU A 1937 -5.73 -81.29 38.50
N GLN A 1938 -6.54 -82.35 38.73
CA GLN A 1938 -6.36 -83.11 39.97
C GLN A 1938 -5.06 -83.89 39.93
N MET A 1939 -4.63 -84.30 38.72
CA MET A 1939 -3.37 -85.01 38.59
C MET A 1939 -2.23 -84.08 38.98
N CYS A 1940 -2.33 -82.81 38.56
CA CYS A 1940 -1.33 -81.83 38.93
C CYS A 1940 -1.32 -81.59 40.44
N ASN A 1941 -2.50 -81.60 41.06
CA ASN A 1941 -2.56 -81.44 42.52
C ASN A 1941 -1.91 -82.61 43.26
N LEU A 1942 -1.99 -83.81 42.68
CA LEU A 1942 -1.33 -84.98 43.25
C LEU A 1942 0.19 -84.85 43.13
N LEU A 1943 0.66 -84.49 41.94
CA LEU A 1943 2.10 -84.35 41.75
C LEU A 1943 2.64 -83.19 42.57
N GLU A 1944 1.86 -82.12 42.73
CA GLU A 1944 2.28 -81.00 43.57
C GLU A 1944 2.37 -81.41 45.04
N TYR A 1945 1.62 -82.43 45.44
CA TYR A 1945 1.77 -82.94 46.81
C TYR A 1945 3.04 -83.76 46.94
N PHE A 1946 3.36 -84.55 45.90
CA PHE A 1946 4.56 -85.37 46.03
C PHE A 1946 5.82 -84.51 45.91
N CYS A 1947 5.74 -83.43 45.13
CA CYS A 1947 6.85 -82.47 45.05
C CYS A 1947 7.07 -81.78 46.39
N ASP A 1948 5.98 -81.42 47.08
CA ASP A 1948 6.12 -80.81 48.40
C ASP A 1948 6.75 -81.78 49.38
N GLN A 1949 6.33 -83.06 49.34
CA GLN A 1949 6.93 -84.07 50.21
C GLN A 1949 8.41 -84.29 49.90
N GLU A 1950 8.80 -84.17 48.63
CA GLU A 1950 10.22 -84.19 48.26
C GLU A 1950 10.98 -83.00 48.86
N LEU A 1951 10.37 -81.82 48.82
CA LEU A 1951 11.03 -80.62 49.33
C LEU A 1951 11.23 -80.73 50.84
N GLN A 1952 10.16 -81.16 51.55
CA GLN A 1952 10.27 -81.33 53.00
C GLN A 1952 11.31 -82.40 53.34
N HIS A 1953 11.43 -83.44 52.48
CA HIS A 1953 12.44 -84.48 52.70
C HIS A 1953 13.83 -83.89 52.61
N ARG A 1954 14.04 -82.98 51.65
CA ARG A 1954 15.33 -82.31 51.50
C ARG A 1954 15.64 -81.48 52.73
N VAL A 1955 14.67 -80.68 53.18
CA VAL A 1955 14.87 -79.79 54.33
C VAL A 1955 15.18 -80.59 55.59
N GLU A 1956 14.46 -81.69 55.81
CA GLU A 1956 14.74 -82.56 56.95
C GLU A 1956 16.13 -83.21 56.86
N SER A 1957 16.54 -83.63 55.66
CA SER A 1957 17.88 -84.17 55.46
C SER A 1957 18.96 -83.15 55.78
N LEU A 1958 18.74 -81.91 55.35
CA LEU A 1958 19.66 -80.81 55.63
C LEU A 1958 19.75 -80.54 57.13
N ALA A 1959 18.60 -80.56 57.83
CA ALA A 1959 18.61 -80.38 59.27
C ALA A 1959 19.34 -81.51 59.99
N ALA A 1960 19.19 -82.75 59.51
CA ALA A 1960 19.95 -83.87 60.09
C ALA A 1960 21.44 -83.68 59.89
N PHE A 1961 21.84 -83.24 58.70
CA PHE A 1961 23.25 -83.01 58.45
C PHE A 1961 23.77 -81.89 59.34
N ALA A 1962 22.95 -80.86 59.56
CA ALA A 1962 23.33 -79.80 60.48
C ALA A 1962 23.50 -80.30 61.90
N GLU A 1963 22.68 -81.28 62.28
CA GLU A 1963 22.77 -81.91 63.60
C GLU A 1963 24.12 -82.58 63.80
N ARG A 1964 24.57 -83.33 62.79
CA ARG A 1964 25.86 -84.00 62.94
C ARG A 1964 27.04 -83.05 62.76
N TYR A 1965 26.91 -82.10 61.84
CA TYR A 1965 28.02 -81.23 61.47
C TYR A 1965 28.32 -80.22 62.56
N VAL A 1966 27.30 -79.73 63.26
CA VAL A 1966 27.56 -78.77 64.34
C VAL A 1966 28.29 -79.48 65.48
N ASP A 1967 27.92 -80.73 65.77
CA ASP A 1967 28.58 -81.48 66.84
C ASP A 1967 30.06 -81.69 66.56
N LYS A 1968 30.40 -82.10 65.33
CA LYS A 1968 31.82 -82.25 64.97
C LYS A 1968 32.54 -80.91 64.93
N LEU A 1969 31.91 -79.87 64.40
CA LEU A 1969 32.57 -78.58 64.24
C LEU A 1969 32.80 -77.91 65.60
N GLN A 1970 31.83 -78.05 66.51
CA GLN A 1970 31.97 -77.52 67.86
C GLN A 1970 33.08 -78.23 68.60
N ALA A 1971 33.18 -79.57 68.44
CA ALA A 1971 34.23 -80.32 69.13
C ALA A 1971 35.60 -79.89 68.60
N ASN A 1972 35.72 -79.75 67.28
CA ASN A 1972 37.00 -79.36 66.68
C ASN A 1972 37.43 -77.97 67.13
N GLN A 1973 36.50 -77.01 67.14
CA GLN A 1973 36.81 -75.65 67.55
C GLN A 1973 37.10 -75.56 69.05
N ARG A 1974 36.51 -76.45 69.86
CA ARG A 1974 36.85 -76.50 71.28
C ARG A 1974 38.27 -77.02 71.47
N SER A 1975 38.61 -78.10 70.76
CA SER A 1975 39.95 -78.65 70.90
C SER A 1975 40.99 -77.65 70.42
N ARG A 1976 40.70 -76.96 69.30
CA ARG A 1976 41.62 -75.92 68.83
C ARG A 1976 41.71 -74.74 69.81
N TYR A 1977 40.69 -74.54 70.65
CA TYR A 1977 40.79 -73.52 71.69
C TYR A 1977 41.75 -73.99 72.77
N ALA A 1978 41.68 -75.28 73.12
CA ALA A 1978 42.59 -75.83 74.11
C ALA A 1978 44.03 -75.77 73.61
N LEU A 1979 44.24 -76.05 72.32
CA LEU A 1979 45.57 -75.90 71.72
C LEU A 1979 46.03 -74.44 71.74
N LEU A 1980 45.09 -73.50 71.53
CA LEU A 1980 45.47 -72.09 71.60
C LEU A 1980 45.79 -71.68 73.03
N MET A 1981 45.29 -72.42 74.02
CA MET A 1981 45.60 -72.07 75.40
C MET A 1981 47.08 -72.26 75.70
N ARG A 1982 47.71 -73.29 75.10
CA ARG A 1982 49.15 -73.49 75.21
C ARG A 1982 49.94 -72.95 74.02
N ALA A 1983 49.28 -72.23 73.09
CA ALA A 1983 49.97 -71.80 71.87
C ALA A 1983 51.02 -70.73 72.15
N PHE A 1984 50.82 -69.93 73.22
CA PHE A 1984 51.69 -68.80 73.53
C PHE A 1984 53.14 -69.22 73.79
N THR A 1985 53.33 -70.46 74.28
CA THR A 1985 54.67 -70.93 74.62
C THR A 1985 55.53 -71.08 73.37
N MET A 1986 54.95 -71.61 72.30
CA MET A 1986 55.67 -71.82 71.05
C MET A 1986 55.35 -70.76 70.01
N SER A 1987 54.67 -69.69 70.38
CA SER A 1987 54.29 -68.68 69.39
C SER A 1987 54.68 -67.28 69.86
N ALA A 1988 54.20 -66.28 69.14
CA ALA A 1988 54.55 -64.87 69.39
C ALA A 1988 53.33 -64.04 69.02
N ALA A 1989 53.54 -62.75 68.75
CA ALA A 1989 52.47 -61.78 68.46
C ALA A 1989 51.54 -62.14 67.30
N GLU A 1990 51.82 -63.18 66.52
CA GLU A 1990 50.94 -63.62 65.43
C GLU A 1990 49.69 -64.35 65.93
N THR A 1991 49.50 -64.50 67.24
CA THR A 1991 48.34 -65.19 67.80
C THR A 1991 47.01 -64.47 67.57
N ALA A 1992 47.03 -63.20 67.15
CA ALA A 1992 45.78 -62.46 66.95
C ALA A 1992 44.91 -63.08 65.89
N ARG A 1993 45.52 -63.55 64.79
CA ARG A 1993 44.75 -64.13 63.68
C ARG A 1993 44.07 -65.43 64.11
N ARG A 1994 44.77 -66.27 64.89
CA ARG A 1994 44.17 -67.53 65.30
C ARG A 1994 43.16 -67.33 66.43
N THR A 1995 43.38 -66.36 67.33
CA THR A 1995 42.41 -66.12 68.39
C THR A 1995 41.27 -65.21 67.95
N ARG A 1996 41.32 -64.75 66.69
CA ARG A 1996 40.24 -63.92 66.17
C ARG A 1996 38.95 -64.70 66.11
N GLU A 1997 39.02 -65.98 65.72
CA GLU A 1997 37.81 -66.79 65.58
C GLU A 1997 37.13 -66.94 66.94
N PHE A 1998 37.91 -67.27 67.97
CA PHE A 1998 37.37 -67.36 69.32
C PHE A 1998 36.98 -66.01 69.91
N ARG A 1999 37.40 -64.90 69.30
CA ARG A 1999 36.96 -63.58 69.72
C ARG A 1999 35.95 -63.01 68.73
N SER A 2000 35.45 -63.82 67.83
CA SER A 2000 34.48 -63.33 66.89
C SER A 2000 33.11 -63.90 67.22
N PRO A 2001 32.04 -63.14 66.97
CA PRO A 2001 30.70 -63.61 67.32
C PRO A 2001 30.31 -64.84 66.53
N PRO A 2002 29.47 -65.71 67.11
CA PRO A 2002 29.18 -67.02 66.48
C PRO A 2002 28.52 -66.92 65.12
N GLN A 2003 27.85 -65.81 64.84
CA GLN A 2003 27.16 -65.62 63.57
C GLN A 2003 28.14 -65.68 62.41
N GLU A 2004 29.37 -65.20 62.61
CA GLU A 2004 30.38 -65.21 61.57
C GLU A 2004 31.53 -66.18 61.82
N GLN A 2005 31.64 -66.75 63.05
CA GLN A 2005 32.60 -67.84 63.26
C GLN A 2005 32.34 -68.97 62.27
N ILE A 2006 31.07 -69.32 62.09
CA ILE A 2006 30.69 -70.31 61.10
C ILE A 2006 30.99 -69.82 59.69
N ASN A 2007 30.82 -68.51 59.44
CA ASN A 2007 31.10 -67.95 58.11
C ASN A 2007 32.54 -68.23 57.70
N MET A 2008 33.50 -67.89 58.57
CA MET A 2008 34.89 -68.23 58.28
C MET A 2008 35.10 -69.75 58.25
N LEU A 2009 34.46 -70.49 59.17
CA LEU A 2009 34.65 -71.94 59.21
C LEU A 2009 34.14 -72.63 57.95
N LEU A 2010 33.08 -72.11 57.34
CA LEU A 2010 32.50 -72.65 56.13
C LEU A 2010 33.01 -71.96 54.88
N HIS A 2011 33.95 -71.03 55.03
CA HIS A 2011 34.38 -70.19 53.91
C HIS A 2011 35.52 -70.86 53.14
N PHE A 2012 35.22 -72.04 52.60
CA PHE A 2012 36.20 -72.79 51.84
C PHE A 2012 35.59 -73.48 50.62
N LYS A 2013 34.54 -72.90 50.05
CA LYS A 2013 33.88 -73.54 48.91
C LYS A 2013 34.71 -73.42 47.64
N ASP A 2014 35.32 -72.26 47.40
CA ASP A 2014 35.91 -71.95 46.10
C ASP A 2014 37.38 -72.36 46.00
N GLU A 2015 37.94 -72.96 47.04
CA GLU A 2015 39.31 -73.51 47.15
C GLU A 2015 40.41 -72.47 47.14
N ALA A 2016 40.10 -71.18 47.02
CA ALA A 2016 41.09 -70.12 46.98
C ALA A 2016 41.21 -69.37 48.31
N ASP A 2017 40.60 -69.89 49.38
CA ASP A 2017 40.65 -69.23 50.68
C ASP A 2017 40.74 -70.24 51.82
N GLU A 2018 41.39 -71.38 51.58
CA GLU A 2018 41.53 -72.43 52.59
C GLU A 2018 42.36 -72.00 53.79
N GLU A 2019 43.24 -71.01 53.62
CA GLU A 2019 44.12 -70.57 54.70
C GLU A 2019 43.35 -69.99 55.88
N ASP A 2020 42.22 -69.32 55.60
CA ASP A 2020 41.40 -68.81 56.69
C ASP A 2020 40.68 -69.93 57.41
N CYS A 2021 40.34 -71.00 56.69
CA CYS A 2021 39.59 -72.11 57.26
C CYS A 2021 40.50 -72.97 58.13
N PRO A 2022 40.23 -73.15 59.42
CA PRO A 2022 41.02 -74.05 60.26
C PRO A 2022 40.53 -75.48 60.32
N LEU A 2023 39.62 -75.89 59.43
CA LEU A 2023 39.07 -77.22 59.59
C LEU A 2023 39.97 -78.27 58.94
N PRO A 2024 40.05 -79.44 59.54
CA PRO A 2024 40.75 -80.56 58.88
C PRO A 2024 40.01 -81.04 57.65
N GLU A 2025 40.80 -81.68 56.77
CA GLU A 2025 40.34 -82.07 55.45
C GLU A 2025 39.23 -83.12 55.50
N ASP A 2026 39.18 -83.94 56.56
CA ASP A 2026 38.10 -84.91 56.68
C ASP A 2026 36.74 -84.22 56.82
N ILE A 2027 36.67 -83.18 57.66
CA ILE A 2027 35.47 -82.36 57.79
C ILE A 2027 35.20 -81.60 56.50
N ARG A 2028 36.24 -81.07 55.87
CA ARG A 2028 36.06 -80.38 54.59
C ARG A 2028 35.54 -81.31 53.49
N GLN A 2029 36.04 -82.54 53.44
CA GLN A 2029 35.53 -83.54 52.51
C GLN A 2029 34.10 -83.93 52.86
N ASP A 2030 33.76 -83.90 54.15
CA ASP A 2030 32.42 -84.26 54.59
C ASP A 2030 31.40 -83.28 54.01
N LEU A 2031 31.66 -81.98 54.20
CA LEU A 2031 30.77 -80.96 53.68
C LEU A 2031 30.76 -80.96 52.15
N GLN A 2032 31.94 -81.07 51.52
CA GLN A 2032 32.02 -81.12 50.07
C GLN A 2032 31.45 -82.39 49.46
N ASP A 2033 31.16 -83.41 50.26
CA ASP A 2033 30.43 -84.60 49.87
C ASP A 2033 28.92 -84.37 49.97
N PHE A 2034 28.49 -83.80 51.11
CA PHE A 2034 27.07 -83.57 51.31
C PHE A 2034 26.55 -82.50 50.35
N HIS A 2035 27.40 -81.56 49.93
CA HIS A 2035 26.98 -80.60 48.92
C HIS A 2035 26.74 -81.30 47.59
N GLN A 2036 27.60 -82.27 47.26
CA GLN A 2036 27.54 -82.89 45.95
C GLN A 2036 26.30 -83.76 45.82
N ASP A 2037 26.05 -84.62 46.81
CA ASP A 2037 24.84 -85.42 46.67
C ASP A 2037 23.57 -84.60 46.92
N LEU A 2038 23.66 -83.47 47.64
CA LEU A 2038 22.52 -82.56 47.72
C LEU A 2038 22.16 -81.98 46.35
N LEU A 2039 23.17 -81.56 45.59
CA LEU A 2039 22.95 -81.13 44.21
C LEU A 2039 22.41 -82.27 43.35
N ALA A 2040 22.90 -83.49 43.58
CA ALA A 2040 22.38 -84.63 42.83
C ALA A 2040 20.92 -84.90 43.16
N HIS A 2041 20.56 -84.84 44.45
CA HIS A 2041 19.18 -85.05 44.86
C HIS A 2041 18.28 -83.92 44.40
N CYS A 2042 18.83 -82.74 44.15
CA CYS A 2042 18.08 -81.65 43.54
C CYS A 2042 18.22 -81.67 42.02
N GLY A 2043 18.86 -82.70 41.47
CA GLY A 2043 18.95 -82.88 40.03
C GLY A 2043 19.72 -81.82 39.29
N ILE A 2044 20.84 -81.37 39.84
CA ILE A 2044 21.65 -80.37 39.16
C ILE A 2044 22.47 -81.02 38.06
N GLN A 2045 23.35 -81.94 38.43
CA GLN A 2045 24.18 -82.69 37.49
C GLN A 2045 24.73 -83.90 38.23
N LEU A 2046 25.19 -84.88 37.46
CA LEU A 2046 25.75 -86.10 38.02
C LEU A 2046 26.92 -86.58 37.17
N GLU A 2088 16.50 -93.92 25.90
CA GLU A 2088 16.39 -93.52 27.30
C GLU A 2088 15.05 -92.85 27.59
N LYS A 2089 13.97 -93.53 27.23
CA LYS A 2089 12.62 -93.00 27.46
C LYS A 2089 12.16 -93.17 28.90
N LYS A 2090 12.95 -93.83 29.74
CA LYS A 2090 12.60 -94.03 31.13
C LYS A 2090 12.79 -92.72 31.90
N PRO A 2091 11.73 -92.16 32.50
CA PRO A 2091 11.92 -90.95 33.32
C PRO A 2091 12.85 -91.13 34.50
N GLN A 2092 12.83 -92.30 35.15
CA GLN A 2092 13.76 -92.74 36.20
C GLN A 2092 13.63 -91.97 37.51
N SER A 2093 12.80 -90.93 37.56
CA SER A 2093 12.65 -90.09 38.74
C SER A 2093 11.41 -89.22 38.57
N LEU A 2094 10.94 -88.70 39.71
CA LEU A 2094 9.76 -87.85 39.74
C LEU A 2094 9.97 -86.55 38.97
N GLN A 2095 11.14 -85.94 39.12
CA GLN A 2095 11.43 -84.66 38.47
C GLN A 2095 11.39 -84.76 36.96
N GLU A 2096 11.96 -85.82 36.40
CA GLU A 2096 11.93 -85.99 34.96
C GLU A 2096 10.57 -86.46 34.50
N LEU A 2097 9.87 -87.20 35.36
CA LEU A 2097 8.54 -87.70 35.03
C LEU A 2097 7.59 -86.52 34.86
N VAL A 2098 7.57 -85.62 35.86
CA VAL A 2098 6.66 -84.48 35.84
C VAL A 2098 7.02 -83.54 34.69
N SER A 2099 8.31 -83.26 34.51
CA SER A 2099 8.73 -82.33 33.45
C SER A 2099 8.36 -82.82 32.06
N HIS A 2100 8.54 -84.12 31.80
CA HIS A 2100 8.16 -84.68 30.51
CA HIS A 2100 8.16 -84.67 30.50
C HIS A 2100 6.65 -84.79 30.37
N MET A 2101 5.97 -85.12 31.47
CA MET A 2101 4.52 -85.26 31.46
C MET A 2101 3.87 -83.94 31.12
N VAL A 2102 4.36 -82.85 31.74
CA VAL A 2102 3.83 -81.51 31.51
C VAL A 2102 4.05 -81.11 30.06
N VAL A 2103 5.28 -81.33 29.55
CA VAL A 2103 5.57 -80.90 28.19
C VAL A 2103 4.74 -81.70 27.19
N ARG A 2104 4.59 -83.02 27.43
CA ARG A 2104 3.79 -83.87 26.54
C ARG A 2104 2.34 -83.43 26.49
N TRP A 2105 1.77 -83.06 27.66
CA TRP A 2105 0.41 -82.54 27.68
C TRP A 2105 0.32 -81.23 26.92
N ALA A 2106 1.33 -80.37 27.07
CA ALA A 2106 1.26 -79.06 26.48
C ALA A 2106 1.33 -79.15 24.95
N GLN A 2107 2.18 -80.05 24.44
CA GLN A 2107 2.35 -80.16 22.99
C GLN A 2107 1.43 -81.21 22.37
N GLU A 2108 0.51 -81.79 23.15
CA GLU A 2108 -0.48 -82.67 22.53
C GLU A 2108 -1.73 -81.94 22.09
N ASP A 2109 -2.13 -80.88 22.78
CA ASP A 2109 -3.32 -80.12 22.42
C ASP A 2109 -3.29 -78.79 23.13
N TYR A 2110 -3.90 -77.78 22.50
CA TYR A 2110 -4.01 -76.44 23.08
C TYR A 2110 -4.87 -76.50 24.35
N VAL A 2111 -4.22 -76.35 25.50
CA VAL A 2111 -4.89 -76.44 26.79
C VAL A 2111 -5.78 -75.21 26.99
N GLN A 2112 -7.06 -75.44 27.30
CA GLN A 2112 -8.00 -74.34 27.36
C GLN A 2112 -8.25 -73.80 28.75
N SER A 2113 -7.97 -74.57 29.81
CA SER A 2113 -8.27 -74.15 31.17
C SER A 2113 -7.13 -73.32 31.72
N PRO A 2114 -7.33 -72.02 32.01
CA PRO A 2114 -6.25 -71.21 32.59
C PRO A 2114 -5.74 -71.71 33.93
N GLU A 2115 -6.60 -72.34 34.73
CA GLU A 2115 -6.14 -72.87 36.01
C GLU A 2115 -5.32 -74.12 35.80
N LEU A 2116 -5.57 -74.84 34.71
CA LEU A 2116 -4.77 -76.02 34.42
C LEU A 2116 -3.42 -75.57 33.91
N VAL A 2117 -3.41 -74.55 33.04
CA VAL A 2117 -2.17 -74.04 32.44
C VAL A 2117 -1.25 -73.54 33.55
N ARG A 2118 -1.81 -72.76 34.48
CA ARG A 2118 -1.05 -72.26 35.61
C ARG A 2118 -0.55 -73.41 36.49
N ALA A 2119 -1.41 -74.42 36.70
CA ALA A 2119 -1.05 -75.53 37.56
C ALA A 2119 0.11 -76.33 36.99
N MET A 2120 0.11 -76.57 35.67
CA MET A 2120 1.19 -77.37 35.10
C MET A 2120 2.47 -76.55 34.98
N PHE A 2121 2.38 -75.26 34.66
CA PHE A 2121 3.61 -74.49 34.53
C PHE A 2121 4.25 -74.18 35.88
N SER A 2122 3.47 -74.13 36.96
CA SER A 2122 4.05 -74.04 38.29
C SER A 2122 4.86 -75.29 38.61
N LEU A 2123 4.32 -76.46 38.24
CA LEU A 2123 5.03 -77.72 38.45
C LEU A 2123 6.31 -77.74 37.64
N LEU A 2124 6.25 -77.31 36.37
CA LEU A 2124 7.41 -77.39 35.49
C LEU A 2124 8.53 -76.51 36.00
N HIS A 2125 8.16 -75.31 36.48
CA HIS A 2125 9.15 -74.40 37.04
C HIS A 2125 9.80 -75.02 38.28
N ARG A 2126 9.00 -75.70 39.11
CA ARG A 2126 9.56 -76.31 40.31
C ARG A 2126 10.52 -77.44 39.96
N GLN A 2127 10.21 -78.24 38.93
CA GLN A 2127 11.08 -79.36 38.60
C GLN A 2127 12.41 -78.87 38.08
N TYR A 2128 12.39 -77.92 37.13
CA TYR A 2128 13.65 -77.41 36.59
C TYR A 2128 14.45 -76.64 37.63
N ASP A 2129 13.81 -75.76 38.39
CA ASP A 2129 14.51 -74.95 39.39
C ASP A 2129 14.44 -75.64 40.76
N GLY A 2130 15.06 -76.81 40.82
CA GLY A 2130 15.07 -77.58 42.06
C GLY A 2130 15.79 -76.88 43.20
N LEU A 2131 16.95 -76.28 42.91
CA LEU A 2131 17.71 -75.58 43.94
C LEU A 2131 16.98 -74.34 44.44
N GLY A 2132 16.42 -73.55 43.51
CA GLY A 2132 15.77 -72.30 43.88
C GLY A 2132 14.59 -72.48 44.81
N GLU A 2133 13.81 -73.55 44.58
CA GLU A 2133 12.68 -73.84 45.46
C GLU A 2133 13.16 -74.15 46.88
N LEU A 2134 14.26 -74.89 47.01
CA LEU A 2134 14.84 -75.13 48.33
C LEU A 2134 15.34 -73.82 48.92
N LEU A 2135 15.88 -72.93 48.08
CA LEU A 2135 16.38 -71.65 48.54
C LEU A 2135 15.25 -70.81 49.12
N ARG A 2136 14.10 -70.82 48.44
CA ARG A 2136 12.96 -70.06 48.91
C ARG A 2136 12.19 -70.78 50.01
N ALA A 2137 12.56 -72.03 50.31
CA ALA A 2137 11.93 -72.76 51.39
C ALA A 2137 12.72 -72.69 52.68
N LEU A 2138 14.03 -72.47 52.57
CA LEU A 2138 14.89 -72.33 53.74
C LEU A 2138 14.51 -71.23 54.74
N PRO A 2139 14.09 -70.00 54.35
CA PRO A 2139 13.77 -68.98 55.38
C PRO A 2139 12.71 -69.37 56.39
N ARG A 2140 11.81 -70.28 56.04
CA ARG A 2140 10.80 -70.76 56.97
C ARG A 2140 11.20 -72.05 57.66
N ALA A 2141 12.41 -72.53 57.44
CA ALA A 2141 12.89 -73.69 58.16
C ALA A 2141 13.46 -73.26 59.50
N TYR A 2142 13.35 -74.14 60.49
CA TYR A 2142 13.80 -73.83 61.84
C TYR A 2142 14.00 -75.12 62.60
N THR A 2143 14.96 -75.12 63.52
CA THR A 2143 15.26 -76.28 64.34
C THR A 2143 15.05 -75.92 65.81
N ILE A 2144 14.44 -76.84 66.56
CA ILE A 2144 14.14 -76.61 67.96
C ILE A 2144 14.66 -77.78 68.78
N SER A 2145 14.79 -77.53 70.08
CA SER A 2145 15.16 -78.52 71.06
C SER A 2145 13.95 -79.40 71.38
N PRO A 2146 14.17 -80.71 71.59
CA PRO A 2146 13.06 -81.61 71.92
C PRO A 2146 12.36 -81.30 73.24
N SER A 2147 12.97 -80.51 74.13
CA SER A 2147 12.39 -80.19 75.43
C SER A 2147 11.20 -79.25 75.35
N SER A 2148 10.87 -78.68 74.19
CA SER A 2148 9.77 -77.73 74.06
C SER A 2148 8.83 -78.07 72.91
N VAL A 2149 8.75 -79.36 72.55
CA VAL A 2149 7.88 -79.76 71.45
C VAL A 2149 6.41 -79.63 71.83
N GLU A 2150 6.03 -80.06 73.03
CA GLU A 2150 4.63 -79.98 73.41
C GLU A 2150 4.15 -78.53 73.63
N ASP A 2151 5.06 -77.61 73.92
CA ASP A 2151 4.71 -76.19 73.92
C ASP A 2151 4.62 -75.65 72.51
N THR A 2152 5.46 -76.18 71.60
CA THR A 2152 5.40 -75.79 70.21
C THR A 2152 4.07 -76.24 69.60
N MET A 2153 3.61 -77.43 70.00
CA MET A 2153 2.32 -77.93 69.54
C MET A 2153 1.20 -76.96 69.86
N SER A 2154 1.08 -76.56 71.13
CA SER A 2154 0.05 -75.61 71.56
C SER A 2154 0.20 -74.25 70.90
N LEU A 2155 1.44 -73.91 70.51
CA LEU A 2155 1.65 -72.68 69.75
C LEU A 2155 1.10 -72.83 68.35
N LEU A 2156 1.36 -73.97 67.71
CA LEU A 2156 0.89 -74.18 66.35
C LEU A 2156 -0.63 -74.28 66.30
N GLU A 2157 -1.24 -74.90 67.32
CA GLU A 2157 -2.70 -74.93 67.41
C GLU A 2157 -3.29 -73.54 67.52
N CYS A 2158 -2.76 -72.71 68.41
CA CYS A 2158 -3.27 -71.34 68.52
C CYS A 2158 -2.99 -70.51 67.28
N LEU A 2159 -1.88 -70.78 66.59
CA LEU A 2159 -1.61 -70.13 65.32
C LEU A 2159 -2.64 -70.56 64.28
N GLY A 2160 -3.02 -71.85 64.28
CA GLY A 2160 -4.04 -72.31 63.36
C GLY A 2160 -5.37 -71.65 63.63
N GLN A 2161 -5.67 -71.40 64.92
CA GLN A 2161 -6.89 -70.70 65.28
C GLN A 2161 -6.86 -69.28 64.74
N ILE A 2162 -5.69 -68.63 64.79
CA ILE A 2162 -5.59 -67.26 64.29
C ILE A 2162 -5.75 -67.25 62.77
N ARG A 2163 -5.02 -68.15 62.09
CA ARG A 2163 -5.04 -68.22 60.63
C ARG A 2163 -6.43 -68.52 60.09
N SER A 2164 -7.20 -69.34 60.81
CA SER A 2164 -8.54 -69.67 60.36
C SER A 2164 -9.51 -68.51 60.44
N LEU A 2165 -9.15 -67.41 61.09
CA LEU A 2165 -10.00 -66.24 61.17
C LEU A 2165 -9.76 -65.24 60.05
N LEU A 2166 -8.84 -65.53 59.12
CA LEU A 2166 -8.62 -64.62 58.01
C LEU A 2166 -9.73 -64.67 56.97
N ILE A 2167 -10.50 -65.74 56.91
CA ILE A 2167 -11.45 -65.97 55.84
C ILE A 2167 -12.89 -65.92 56.33
N VAL A 2168 -13.14 -65.41 57.52
CA VAL A 2168 -14.47 -65.41 58.10
C VAL A 2168 -14.77 -64.00 58.63
N GLN A 2169 -16.00 -63.54 58.39
CA GLN A 2169 -16.43 -62.28 59.00
C GLN A 2169 -16.53 -62.49 60.50
N MET A 2170 -15.88 -61.59 61.25
CA MET A 2170 -15.76 -61.77 62.69
C MET A 2170 -17.08 -61.55 63.41
N GLY A 2171 -17.35 -62.44 64.37
CA GLY A 2171 -18.49 -62.32 65.24
C GLY A 2171 -18.08 -62.55 66.67
N PRO A 2172 -19.05 -62.38 67.59
CA PRO A 2172 -18.76 -62.54 69.04
C PRO A 2172 -18.22 -63.90 69.43
N GLN A 2173 -18.63 -64.96 68.73
CA GLN A 2173 -18.07 -66.28 68.99
C GLN A 2173 -16.59 -66.34 68.64
N GLU A 2174 -16.20 -65.80 67.49
CA GLU A 2174 -14.79 -65.85 67.10
C GLU A 2174 -13.94 -64.90 67.92
N GLU A 2175 -14.53 -63.80 68.39
CA GLU A 2175 -13.77 -62.83 69.17
C GLU A 2175 -13.21 -63.44 70.45
N ASN A 2176 -14.05 -64.19 71.18
CA ASN A 2176 -13.56 -64.86 72.36
C ASN A 2176 -12.68 -66.06 72.03
N LEU A 2177 -12.72 -66.51 70.78
CA LEU A 2177 -11.85 -67.59 70.36
C LEU A 2177 -10.44 -67.06 70.25
N MET A 2178 -10.30 -65.87 69.67
CA MET A 2178 -8.96 -65.38 69.45
C MET A 2178 -8.38 -64.65 70.65
N ILE A 2179 -9.22 -64.08 71.53
CA ILE A 2179 -8.68 -63.49 72.76
C ILE A 2179 -7.95 -64.53 73.61
N GLN A 2180 -8.56 -65.71 73.76
CA GLN A 2180 -7.88 -66.80 74.46
C GLN A 2180 -6.79 -67.44 73.60
N SER A 2181 -6.93 -67.42 72.26
CA SER A 2181 -5.87 -67.90 71.39
C SER A 2181 -4.60 -67.08 71.57
N ILE A 2182 -4.75 -65.75 71.64
CA ILE A 2182 -3.64 -64.84 71.90
C ILE A 2182 -3.09 -65.07 73.31
N GLY A 2183 -3.98 -65.17 74.30
CA GLY A 2183 -3.53 -65.37 75.69
C GLY A 2183 -2.74 -66.65 75.86
N ASN A 2184 -3.08 -67.70 75.12
CA ASN A 2184 -2.31 -68.92 75.19
C ASN A 2184 -0.95 -68.77 74.50
N ILE A 2185 -0.77 -67.75 73.66
CA ILE A 2185 0.54 -67.48 73.11
C ILE A 2185 1.34 -66.67 74.13
N MET A 2186 0.63 -65.78 74.86
CA MET A 2186 1.24 -65.02 75.95
C MET A 2186 1.87 -65.97 76.95
N ASN A 2187 1.08 -66.93 77.43
CA ASN A 2187 1.54 -67.89 78.42
C ASN A 2187 2.44 -68.98 77.82
N ASN A 2188 2.90 -68.84 76.59
CA ASN A 2188 3.75 -69.83 75.94
C ASN A 2188 5.21 -69.38 76.01
N LYS A 2189 6.04 -70.19 76.68
CA LYS A 2189 7.44 -69.84 76.90
C LYS A 2189 8.25 -69.78 75.60
N VAL A 2190 7.82 -70.51 74.56
CA VAL A 2190 8.55 -70.50 73.29
C VAL A 2190 8.35 -69.18 72.53
N PHE A 2191 7.31 -68.42 72.89
CA PHE A 2191 7.08 -67.09 72.33
C PHE A 2191 8.16 -66.10 72.77
N TYR A 2192 8.89 -66.41 73.83
CA TYR A 2192 10.01 -65.60 74.27
C TYR A 2192 11.33 -66.27 74.00
N GLN A 2193 11.39 -67.59 74.13
CA GLN A 2193 12.65 -68.30 73.97
C GLN A 2193 13.11 -68.34 72.51
N HIS A 2194 12.17 -68.27 71.57
CA HIS A 2194 12.51 -68.30 70.13
C HIS A 2194 11.80 -67.19 69.37
N PRO A 2195 12.15 -65.92 69.63
CA PRO A 2195 11.44 -64.81 68.93
C PRO A 2195 11.65 -64.78 67.43
N ASN A 2196 12.72 -65.37 66.90
CA ASN A 2196 12.90 -65.44 65.46
C ASN A 2196 11.88 -66.36 64.82
N LEU A 2197 11.47 -67.40 65.54
CA LEU A 2197 10.50 -68.36 65.02
C LEU A 2197 9.16 -67.69 64.74
N MET A 2198 8.72 -66.77 65.60
CA MET A 2198 7.45 -66.08 65.38
C MET A 2198 7.46 -65.29 64.07
N ARG A 2199 8.58 -64.63 63.77
CA ARG A 2199 8.70 -63.94 62.48
C ARG A 2199 8.76 -64.93 61.34
N ALA A 2200 9.36 -66.10 61.56
CA ALA A 2200 9.37 -67.12 60.51
C ALA A 2200 7.97 -67.63 60.22
N LEU A 2201 7.17 -67.84 61.27
CA LEU A 2201 5.77 -68.22 61.10
C LEU A 2201 4.89 -67.07 60.64
N GLY A 2202 5.40 -65.85 60.63
CA GLY A 2202 4.61 -64.70 60.22
C GLY A 2202 3.38 -64.39 61.05
N MET A 2203 3.47 -64.60 62.36
CA MET A 2203 2.31 -64.41 63.23
C MET A 2203 1.88 -62.95 63.35
N HIS A 2204 2.84 -62.02 63.32
CA HIS A 2204 2.54 -60.60 63.48
C HIS A 2204 1.78 -60.07 62.28
N GLU A 2205 2.05 -60.58 61.08
CA GLU A 2205 1.26 -60.21 59.91
C GLU A 2205 -0.17 -60.66 60.11
N THR A 2206 -0.38 -61.96 60.34
CA THR A 2206 -1.73 -62.54 60.36
C THR A 2206 -2.61 -61.85 61.40
N VAL A 2207 -2.00 -61.47 62.55
CA VAL A 2207 -2.69 -60.64 63.53
C VAL A 2207 -3.00 -59.28 62.93
N MET A 2208 -2.09 -58.75 62.09
CA MET A 2208 -2.29 -57.39 61.61
C MET A 2208 -3.45 -57.34 60.61
N GLU A 2209 -3.52 -58.30 59.68
CA GLU A 2209 -4.70 -58.32 58.78
C GLU A 2209 -5.99 -58.60 59.55
N VAL A 2210 -5.95 -59.42 60.60
CA VAL A 2210 -7.15 -59.61 61.44
C VAL A 2210 -7.60 -58.28 62.03
N MET A 2211 -6.64 -57.47 62.48
CA MET A 2211 -6.96 -56.11 62.94
C MET A 2211 -7.55 -55.26 61.83
N VAL A 2212 -6.87 -55.21 60.67
CA VAL A 2212 -7.21 -54.27 59.60
C VAL A 2212 -8.58 -54.59 59.01
N ASN A 2213 -8.97 -55.87 58.94
CA ASN A 2213 -10.29 -56.23 58.42
C ASN A 2213 -11.40 -55.66 59.30
N VAL A 2214 -11.24 -55.75 60.62
CA VAL A 2214 -12.22 -55.24 61.56
C VAL A 2214 -12.25 -53.72 61.55
N LEU A 2215 -11.07 -53.08 61.48
CA LEU A 2215 -11.02 -51.62 61.33
C LEU A 2215 -11.67 -51.16 60.04
N GLY A 2216 -11.41 -51.86 58.93
CA GLY A 2216 -11.98 -51.50 57.64
C GLY A 2216 -13.49 -51.64 57.61
N GLY A 2217 -14.01 -52.69 58.24
CA GLY A 2217 -15.45 -52.88 58.30
C GLY A 2217 -16.08 -51.86 59.23
N GLY A 2218 -16.91 -50.98 58.68
CA GLY A 2218 -17.46 -49.87 59.42
C GLY A 2218 -16.43 -48.84 59.83
N GLU A 2219 -15.48 -48.53 58.94
CA GLU A 2219 -14.41 -47.58 59.22
C GLU A 2219 -14.89 -46.14 59.36
N THR A 2220 -16.13 -45.85 58.99
CA THR A 2220 -16.68 -44.50 59.08
C THR A 2220 -17.56 -44.31 60.30
N LYS A 2221 -18.52 -45.21 60.51
CA LYS A 2221 -19.55 -45.00 61.53
C LYS A 2221 -19.01 -45.18 62.94
N GLU A 2222 -18.55 -46.38 63.28
CA GLU A 2222 -18.09 -46.72 64.63
C GLU A 2222 -17.37 -48.06 64.59
N ILE A 2223 -16.32 -48.19 65.39
CA ILE A 2223 -15.54 -49.42 65.45
C ILE A 2223 -16.28 -50.50 66.24
N ARG A 2224 -16.68 -51.55 65.54
CA ARG A 2224 -17.26 -52.69 66.25
C ARG A 2224 -16.14 -53.53 66.84
N PHE A 2225 -16.47 -54.27 67.90
CA PHE A 2225 -15.59 -55.17 68.65
C PHE A 2225 -14.35 -54.49 69.23
N PRO A 2226 -14.46 -53.44 70.07
CA PRO A 2226 -13.25 -52.86 70.65
C PRO A 2226 -12.52 -53.79 71.60
N LYS A 2227 -13.23 -54.77 72.18
CA LYS A 2227 -12.66 -55.69 73.16
C LYS A 2227 -11.66 -56.65 72.54
N MET A 2228 -11.64 -56.75 71.21
CA MET A 2228 -10.64 -57.58 70.56
C MET A 2228 -9.43 -56.73 70.19
N VAL A 2229 -9.71 -55.54 69.63
CA VAL A 2229 -8.67 -54.62 69.17
C VAL A 2229 -7.77 -54.21 70.33
N THR A 2230 -8.36 -54.03 71.52
CA THR A 2230 -7.55 -53.75 72.71
C THR A 2230 -6.66 -54.90 73.15
N SER A 2231 -6.89 -56.12 72.64
CA SER A 2231 -6.01 -57.24 72.91
C SER A 2231 -4.98 -57.43 71.81
N CYS A 2232 -5.40 -57.23 70.56
CA CYS A 2232 -4.49 -57.30 69.43
C CYS A 2232 -3.40 -56.24 69.49
N CYS A 2233 -3.77 -55.00 69.81
CA CYS A 2233 -2.77 -53.93 69.97
C CYS A 2233 -1.80 -54.25 71.09
N ARG A 2234 -2.32 -54.76 72.21
CA ARG A 2234 -1.49 -55.15 73.34
C ARG A 2234 -0.52 -56.26 72.94
N PHE A 2235 -1.01 -57.22 72.15
CA PHE A 2235 -0.15 -58.30 71.66
C PHE A 2235 0.95 -57.77 70.76
N LEU A 2236 0.61 -56.82 69.87
CA LEU A 2236 1.61 -56.27 68.98
C LEU A 2236 2.67 -55.49 69.74
N CYS A 2237 2.25 -54.71 70.74
CA CYS A 2237 3.21 -53.98 71.58
C CYS A 2237 4.11 -54.93 72.36
N TYR A 2238 3.53 -56.00 72.92
CA TYR A 2238 4.33 -57.06 73.52
C TYR A 2238 5.30 -57.68 72.52
N PHE A 2239 4.89 -57.78 71.25
CA PHE A 2239 5.75 -58.37 70.25
C PHE A 2239 6.90 -57.44 69.92
N CYS A 2240 6.65 -56.13 70.00
CA CYS A 2240 7.71 -55.17 69.71
C CYS A 2240 8.74 -55.17 70.82
N ARG A 2241 8.29 -55.36 72.05
CA ARG A 2241 9.24 -55.24 73.16
C ARG A 2241 10.12 -56.47 73.35
N ILE A 2242 9.89 -57.56 72.60
CA ILE A 2242 10.72 -58.76 72.77
C ILE A 2242 12.15 -58.53 72.28
N SER A 2243 12.31 -57.89 71.13
CA SER A 2243 13.64 -57.66 70.57
C SER A 2243 13.58 -56.53 69.56
N ARG A 2244 14.75 -56.15 69.06
CA ARG A 2244 14.82 -55.10 68.06
C ARG A 2244 14.38 -55.58 66.67
N GLN A 2245 14.77 -56.79 66.28
CA GLN A 2245 14.38 -57.32 64.98
C GLN A 2245 12.87 -57.44 64.86
N ASN A 2246 12.21 -57.88 65.93
CA ASN A 2246 10.74 -57.90 65.97
C ASN A 2246 10.18 -56.50 65.81
N GLN A 2247 10.83 -55.54 66.46
CA GLN A 2247 10.44 -54.13 66.34
C GLN A 2247 10.68 -53.62 64.92
N ARG A 2248 11.80 -54.01 64.31
CA ARG A 2248 12.11 -53.56 62.95
C ARG A 2248 11.09 -54.11 61.95
N SER A 2249 10.76 -55.40 62.10
CA SER A 2249 9.78 -56.02 61.21
C SER A 2249 8.41 -55.36 61.38
N MET A 2250 8.00 -55.12 62.63
CA MET A 2250 6.75 -54.40 62.84
C MET A 2250 6.84 -52.96 62.33
N PHE A 2251 8.04 -52.39 62.34
CA PHE A 2251 8.26 -51.03 61.88
C PHE A 2251 8.01 -50.90 60.39
N ASP A 2252 8.30 -51.96 59.64
CA ASP A 2252 8.14 -51.89 58.18
C ASP A 2252 6.69 -51.66 57.75
N HIS A 2253 5.72 -52.05 58.59
CA HIS A 2253 4.29 -51.82 58.38
C HIS A 2253 3.82 -50.49 58.98
N LEU A 2254 4.69 -49.49 59.11
CA LEU A 2254 4.34 -48.24 59.78
C LEU A 2254 3.26 -47.46 59.04
N SER A 2255 3.44 -47.25 57.74
CA SER A 2255 2.46 -46.52 56.93
C SER A 2255 1.14 -47.26 56.87
N TYR A 2256 1.19 -48.59 56.78
CA TYR A 2256 -0.01 -49.43 56.81
C TYR A 2256 -0.81 -49.23 58.09
N LEU A 2257 -0.11 -49.14 59.23
CA LEU A 2257 -0.79 -48.88 60.50
C LEU A 2257 -1.31 -47.44 60.59
N LEU A 2258 -0.60 -46.50 59.96
CA LEU A 2258 -0.98 -45.10 60.04
C LEU A 2258 -2.28 -44.86 59.30
N GLU A 2259 -2.43 -45.45 58.11
CA GLU A 2259 -3.63 -45.22 57.33
C GLU A 2259 -4.85 -45.80 58.04
N ASN A 2260 -4.68 -46.94 58.72
CA ASN A 2260 -5.80 -47.53 59.44
C ASN A 2260 -5.99 -46.93 60.84
N SER A 2261 -5.15 -45.99 61.25
CA SER A 2261 -5.25 -45.46 62.60
C SER A 2261 -6.14 -44.22 62.68
N GLY A 2262 -6.77 -43.84 61.57
CA GLY A 2262 -7.59 -42.63 61.56
C GLY A 2262 -8.82 -42.71 62.43
N ILE A 2263 -9.46 -43.88 62.49
CA ILE A 2263 -10.71 -44.04 63.23
C ILE A 2263 -10.52 -44.83 64.52
N GLY A 2264 -9.39 -45.52 64.69
CA GLY A 2264 -9.11 -46.31 65.89
C GLY A 2264 -9.07 -45.50 67.18
N LEU A 2265 -8.92 -44.17 67.09
CA LEU A 2265 -8.96 -43.32 68.28
C LEU A 2265 -10.33 -43.28 68.95
N GLY A 2266 -11.39 -43.71 68.25
CA GLY A 2266 -12.71 -43.74 68.83
C GLY A 2266 -12.79 -44.66 70.04
N MET A 2267 -12.21 -45.85 69.95
CA MET A 2267 -12.15 -46.73 71.09
C MET A 2267 -11.10 -46.24 72.08
N GLN A 2268 -11.10 -46.85 73.26
CA GLN A 2268 -10.20 -46.49 74.34
CA GLN A 2268 -10.20 -46.49 74.34
C GLN A 2268 -9.44 -47.72 74.81
N GLY A 2269 -8.27 -47.48 75.37
CA GLY A 2269 -7.41 -48.58 75.79
C GLY A 2269 -6.10 -48.58 75.04
N SER A 2270 -5.90 -49.56 74.17
CA SER A 2270 -4.70 -49.64 73.33
C SER A 2270 -5.16 -49.51 71.89
N THR A 2271 -4.93 -48.35 71.31
CA THR A 2271 -5.38 -48.02 69.96
C THR A 2271 -4.40 -48.64 68.95
N PRO A 2272 -4.76 -48.67 67.65
CA PRO A 2272 -3.77 -49.07 66.62
C PRO A 2272 -2.54 -48.19 66.57
N LEU A 2273 -2.68 -46.91 66.94
CA LEU A 2273 -1.56 -45.97 66.90
C LEU A 2273 -0.50 -46.33 67.93
N ASP A 2274 -0.91 -46.83 69.10
CA ASP A 2274 0.05 -47.25 70.13
C ASP A 2274 0.94 -48.40 69.67
N VAL A 2275 0.54 -49.16 68.65
CA VAL A 2275 1.44 -50.10 68.01
C VAL A 2275 2.52 -49.35 67.25
N ALA A 2276 2.10 -48.34 66.48
CA ALA A 2276 3.03 -47.59 65.64
C ALA A 2276 4.05 -46.88 66.53
N ALA A 2277 3.59 -46.35 67.66
CA ALA A 2277 4.51 -45.76 68.62
C ALA A 2277 5.46 -46.82 69.17
N ALA A 2278 4.92 -48.01 69.53
CA ALA A 2278 5.73 -49.07 70.10
C ALA A 2278 6.74 -49.63 69.11
N SER A 2279 6.58 -49.32 67.83
CA SER A 2279 7.51 -49.78 66.81
C SER A 2279 8.69 -48.83 66.68
N VAL A 2280 8.65 -47.67 67.34
CA VAL A 2280 9.72 -46.68 67.24
C VAL A 2280 10.25 -46.26 68.59
N ILE A 2281 9.69 -46.75 69.70
CA ILE A 2281 10.18 -46.31 71.03
C ILE A 2281 11.61 -46.76 71.22
N ASP A 2282 12.50 -45.80 71.56
CA ASP A 2282 13.89 -46.02 71.97
C ASP A 2282 14.71 -46.78 70.93
N ASN A 2283 14.53 -46.42 69.66
CA ASN A 2283 15.31 -47.00 68.58
C ASN A 2283 15.77 -45.87 67.67
N ASN A 2284 17.06 -45.56 67.73
CA ASN A 2284 17.61 -44.43 66.99
C ASN A 2284 17.61 -44.70 65.49
N GLU A 2285 17.98 -45.93 65.09
CA GLU A 2285 18.03 -46.30 63.69
C GLU A 2285 16.65 -46.25 63.06
N LEU A 2286 15.63 -46.74 63.78
CA LEU A 2286 14.27 -46.73 63.27
C LEU A 2286 13.74 -45.29 63.22
N ALA A 2287 14.06 -44.50 64.24
CA ALA A 2287 13.60 -43.11 64.28
C ALA A 2287 14.21 -42.30 63.16
N LEU A 2288 15.50 -42.53 62.87
CA LEU A 2288 16.13 -41.82 61.77
C LEU A 2288 15.61 -42.32 60.43
N ALA A 2289 15.35 -43.62 60.32
CA ALA A 2289 14.86 -44.17 59.06
C ALA A 2289 13.37 -43.90 58.85
N LEU A 2290 12.70 -43.28 59.82
CA LEU A 2290 11.29 -42.96 59.69
C LEU A 2290 11.10 -41.92 58.59
N GLN A 2291 10.33 -42.30 57.56
CA GLN A 2291 10.09 -41.41 56.42
C GLN A 2291 9.27 -40.19 56.82
N GLU A 2292 9.66 -39.03 56.26
CA GLU A 2292 8.97 -37.77 56.49
C GLU A 2292 7.54 -37.76 55.97
N GLN A 2293 7.22 -38.63 55.00
CA GLN A 2293 5.85 -38.71 54.48
C GLN A 2293 4.89 -39.18 55.56
N ASP A 2294 5.36 -40.09 56.41
CA ASP A 2294 4.55 -40.56 57.53
C ASP A 2294 4.25 -39.42 58.49
N LEU A 2295 5.24 -38.57 58.74
CA LEU A 2295 5.02 -37.38 59.55
C LEU A 2295 4.01 -36.45 58.91
N GLU A 2296 4.07 -36.33 57.57
CA GLU A 2296 3.06 -35.54 56.85
C GLU A 2296 1.66 -36.12 57.05
N LYS A 2297 1.58 -37.45 57.15
CA LYS A 2297 0.29 -38.10 57.35
C LYS A 2297 -0.25 -37.80 58.74
N VAL A 2298 0.64 -37.87 59.74
CA VAL A 2298 0.21 -37.66 61.12
C VAL A 2298 -0.18 -36.20 61.35
N VAL A 2299 0.59 -35.25 60.78
CA VAL A 2299 0.23 -33.84 60.94
C VAL A 2299 -1.07 -33.52 60.20
N SER A 2300 -1.32 -34.16 59.05
CA SER A 2300 -2.59 -33.95 58.34
C SER A 2300 -3.76 -34.46 59.17
N TYR A 2301 -3.59 -35.63 59.79
CA TYR A 2301 -4.59 -36.14 60.72
C TYR A 2301 -4.77 -35.20 61.91
N LEU A 2302 -3.66 -34.64 62.42
CA LEU A 2302 -3.75 -33.69 63.53
C LEU A 2302 -4.50 -32.44 63.10
N ALA A 2303 -4.32 -32.03 61.84
CA ALA A 2303 -5.01 -30.88 61.30
C ALA A 2303 -6.51 -31.11 61.33
N GLY A 2304 -6.93 -32.29 60.88
CA GLY A 2304 -8.35 -32.61 60.95
C GLY A 2304 -8.85 -32.64 62.38
N CYS A 2305 -8.01 -33.16 63.29
CA CYS A 2305 -8.38 -33.17 64.71
C CYS A 2305 -8.48 -31.76 65.28
N GLY A 2306 -7.81 -30.79 64.67
CA GLY A 2306 -7.91 -29.41 65.06
C GLY A 2306 -8.87 -28.59 64.22
N LEU A 2307 -9.64 -29.25 63.36
CA LEU A 2307 -10.63 -28.55 62.54
C LEU A 2307 -12.03 -29.13 62.63
N GLN A 2308 -12.21 -30.37 63.09
CA GLN A 2308 -13.53 -30.99 63.15
C GLN A 2308 -13.72 -31.64 64.51
N SER A 2309 -14.99 -31.72 64.91
CA SER A 2309 -15.33 -32.37 66.18
C SER A 2309 -15.32 -33.88 66.03
N CYS A 2310 -15.25 -34.56 67.18
CA CYS A 2310 -15.27 -36.02 67.20
C CYS A 2310 -16.71 -36.49 67.11
N PRO A 2311 -17.10 -37.22 66.05
CA PRO A 2311 -18.49 -37.69 65.93
C PRO A 2311 -18.94 -38.61 67.06
N MET A 2312 -18.04 -39.46 67.56
CA MET A 2312 -18.36 -40.35 68.68
C MET A 2312 -18.62 -39.54 69.95
N LEU A 2313 -17.80 -38.51 70.20
CA LEU A 2313 -18.05 -37.60 71.30
C LEU A 2313 -19.36 -36.83 71.12
N LEU A 2314 -19.64 -36.41 69.88
CA LEU A 2314 -20.87 -35.67 69.59
C LEU A 2314 -22.12 -36.52 69.83
N ALA A 2315 -22.03 -37.82 69.53
CA ALA A 2315 -23.18 -38.72 69.63
C ALA A 2315 -23.66 -38.91 71.06
N LYS A 2316 -22.81 -38.71 72.06
CA LYS A 2316 -23.19 -38.90 73.45
C LYS A 2316 -23.88 -37.70 74.06
N GLY A 2317 -24.05 -36.61 73.30
CA GLY A 2317 -24.61 -35.38 73.82
C GLY A 2317 -23.61 -34.37 74.33
N TYR A 2318 -22.33 -34.54 74.03
CA TYR A 2318 -21.30 -33.60 74.46
C TYR A 2318 -21.50 -32.26 73.76
N PRO A 2319 -21.26 -31.13 74.45
CA PRO A 2319 -21.34 -29.82 73.79
C PRO A 2319 -20.32 -29.73 72.67
N ASP A 2320 -20.72 -29.12 71.56
CA ASP A 2320 -19.89 -29.14 70.37
C ASP A 2320 -18.81 -28.07 70.47
N ILE A 2321 -17.57 -28.48 70.22
CA ILE A 2321 -16.45 -27.57 69.98
C ILE A 2321 -15.87 -27.94 68.63
N GLY A 2322 -15.36 -26.94 67.91
CA GLY A 2322 -14.98 -27.10 66.52
C GLY A 2322 -13.70 -27.86 66.24
N TRP A 2323 -13.28 -28.72 67.17
CA TRP A 2323 -12.06 -29.50 67.04
C TRP A 2323 -12.07 -30.65 68.03
N ASN A 2324 -11.18 -31.63 67.79
CA ASN A 2324 -11.14 -32.88 68.56
C ASN A 2324 -9.89 -32.88 69.43
N PRO A 2325 -10.03 -32.63 70.74
CA PRO A 2325 -8.85 -32.66 71.62
C PRO A 2325 -8.30 -34.04 71.87
N CYS A 2326 -9.17 -35.03 72.12
CA CYS A 2326 -8.71 -36.38 72.43
C CYS A 2326 -7.94 -36.98 71.27
N GLY A 2327 -8.47 -36.83 70.06
CA GLY A 2327 -7.78 -37.33 68.88
C GLY A 2327 -6.49 -36.57 68.62
N GLY A 2328 -6.50 -35.25 68.88
CA GLY A 2328 -5.29 -34.48 68.69
C GLY A 2328 -4.21 -34.93 69.65
N GLU A 2329 -4.59 -35.19 70.92
CA GLU A 2329 -3.64 -35.63 71.93
C GLU A 2329 -3.06 -36.98 71.55
N ARG A 2330 -3.92 -37.90 71.08
CA ARG A 2330 -3.44 -39.24 70.71
C ARG A 2330 -2.50 -39.19 69.52
N TYR A 2331 -2.58 -38.15 68.67
CA TYR A 2331 -1.54 -37.99 67.66
C TYR A 2331 -0.28 -37.32 68.22
N LEU A 2332 -0.46 -36.42 69.19
CA LEU A 2332 0.67 -35.67 69.74
C LEU A 2332 1.59 -36.57 70.54
N ASP A 2333 1.03 -37.38 71.43
CA ASP A 2333 1.88 -38.24 72.25
C ASP A 2333 2.58 -39.34 71.45
N PHE A 2334 2.13 -39.61 70.21
CA PHE A 2334 2.90 -40.43 69.28
C PHE A 2334 4.08 -39.63 68.74
N LEU A 2335 3.81 -38.38 68.33
CA LEU A 2335 4.89 -37.53 67.80
C LEU A 2335 5.96 -37.29 68.87
N ARG A 2336 5.55 -37.28 70.15
CA ARG A 2336 6.49 -37.25 71.27
C ARG A 2336 7.45 -38.42 71.26
N PHE A 2337 7.06 -39.54 70.68
CA PHE A 2337 7.93 -40.70 70.63
C PHE A 2337 8.70 -40.73 69.33
N ALA A 2338 8.19 -40.02 68.33
CA ALA A 2338 8.89 -39.96 67.05
C ALA A 2338 10.05 -38.99 67.10
N VAL A 2339 9.97 -37.94 67.92
CA VAL A 2339 11.00 -36.90 67.87
C VAL A 2339 12.01 -37.00 69.02
N PHE A 2340 11.73 -37.77 70.05
CA PHE A 2340 12.58 -37.83 71.24
C PHE A 2340 12.96 -39.28 71.53
N VAL A 2341 14.26 -39.59 71.42
CA VAL A 2341 14.74 -40.96 71.57
C VAL A 2341 15.86 -40.97 72.60
N ASN A 2342 15.69 -41.78 73.65
CA ASN A 2342 16.70 -42.03 74.69
C ASN A 2342 17.16 -40.76 75.40
N GLY A 2343 16.25 -39.79 75.56
CA GLY A 2343 16.58 -38.58 76.25
C GLY A 2343 17.27 -37.51 75.43
N GLU A 2344 17.58 -37.78 74.16
CA GLU A 2344 18.15 -36.77 73.28
C GLU A 2344 17.22 -36.57 72.09
N SER A 2345 16.94 -35.32 71.77
CA SER A 2345 16.10 -35.01 70.61
C SER A 2345 16.76 -35.46 69.32
N VAL A 2346 15.93 -35.84 68.35
CA VAL A 2346 16.40 -36.19 67.02
C VAL A 2346 16.24 -34.95 66.16
N GLU A 2347 17.35 -34.48 65.59
CA GLU A 2347 17.36 -33.17 64.95
C GLU A 2347 16.51 -33.15 63.69
N GLU A 2348 16.67 -34.15 62.83
CA GLU A 2348 15.97 -34.19 61.54
C GLU A 2348 14.48 -34.27 61.73
N ASN A 2349 14.03 -35.14 62.65
CA ASN A 2349 12.60 -35.32 62.88
C ASN A 2349 12.03 -34.09 63.56
N ALA A 2350 12.78 -33.49 64.50
CA ALA A 2350 12.29 -32.32 65.20
C ALA A 2350 12.10 -31.15 64.25
N ASN A 2351 13.06 -30.95 63.34
CA ASN A 2351 12.98 -29.86 62.37
C ASN A 2351 11.83 -30.09 61.39
N VAL A 2352 11.67 -31.34 60.91
CA VAL A 2352 10.59 -31.64 59.96
C VAL A 2352 9.24 -31.42 60.63
N VAL A 2353 9.11 -31.84 61.89
CA VAL A 2353 7.85 -31.71 62.62
C VAL A 2353 7.50 -30.23 62.77
N VAL A 2354 8.44 -29.43 63.27
CA VAL A 2354 8.12 -28.03 63.56
C VAL A 2354 7.82 -27.28 62.26
N ARG A 2355 8.53 -27.61 61.16
CA ARG A 2355 8.22 -26.92 59.92
C ARG A 2355 6.94 -27.45 59.27
N LEU A 2356 6.40 -28.57 59.75
CA LEU A 2356 5.09 -28.95 59.24
C LEU A 2356 3.98 -28.28 60.04
N LEU A 2357 4.13 -28.26 61.37
CA LEU A 2357 3.14 -27.62 62.23
C LEU A 2357 3.03 -26.13 61.95
N ILE A 2358 4.14 -25.45 61.63
CA ILE A 2358 3.99 -24.04 61.29
C ILE A 2358 3.26 -23.89 59.96
N ARG A 2359 3.53 -24.77 58.99
CA ARG A 2359 2.87 -24.71 57.68
C ARG A 2359 1.38 -24.99 57.78
N LYS A 2360 0.95 -25.68 58.84
CA LYS A 2360 -0.47 -25.94 59.05
C LYS A 2360 -0.84 -25.46 60.45
N PRO A 2361 -1.05 -24.14 60.60
CA PRO A 2361 -1.24 -23.56 61.94
C PRO A 2361 -2.48 -24.04 62.68
N GLU A 2362 -3.46 -24.63 61.98
CA GLU A 2362 -4.63 -25.19 62.63
C GLU A 2362 -4.32 -26.40 63.51
N CYS A 2363 -3.15 -27.02 63.33
CA CYS A 2363 -2.72 -28.11 64.20
C CYS A 2363 -2.58 -27.66 65.65
N PHE A 2364 -2.24 -26.38 65.86
CA PHE A 2364 -2.03 -25.88 67.22
C PHE A 2364 -3.34 -25.73 67.98
N GLY A 2365 -4.45 -25.44 67.30
CA GLY A 2365 -5.73 -25.39 67.95
C GLY A 2365 -6.40 -24.04 67.84
N PRO A 2366 -7.42 -23.81 68.68
CA PRO A 2366 -8.07 -22.48 68.69
C PRO A 2366 -7.15 -21.37 69.18
N ALA A 2367 -6.40 -21.59 70.26
CA ALA A 2367 -5.28 -20.70 70.52
C ALA A 2367 -4.17 -20.95 69.50
N LEU A 2368 -3.21 -20.03 69.44
CA LEU A 2368 -2.06 -20.04 68.51
C LEU A 2368 -2.51 -20.01 67.05
N ARG A 2369 -3.75 -19.57 66.81
CA ARG A 2369 -4.35 -19.56 65.47
CA ARG A 2369 -4.33 -19.58 65.47
C ARG A 2369 -3.85 -18.40 64.62
N GLY A 2370 -3.28 -17.38 65.23
CA GLY A 2370 -2.90 -16.20 64.49
C GLY A 2370 -4.10 -15.28 64.43
N GLU A 2371 -4.37 -14.74 63.23
CA GLU A 2371 -5.50 -13.85 62.94
C GLU A 2371 -6.81 -14.35 63.52
N GLY A 2372 -7.37 -13.63 64.48
CA GLY A 2372 -8.58 -14.07 65.15
C GLY A 2372 -8.38 -15.12 66.22
N GLY A 2373 -7.15 -15.32 66.69
CA GLY A 2373 -6.91 -16.32 67.72
C GLY A 2373 -6.40 -15.73 69.02
N SER A 2374 -7.02 -16.11 70.14
CA SER A 2374 -6.57 -15.64 71.44
C SER A 2374 -5.30 -16.39 71.88
N GLY A 2375 -4.78 -16.01 73.04
CA GLY A 2375 -3.58 -16.64 73.54
C GLY A 2375 -3.78 -18.03 74.12
N LEU A 2376 -2.61 -18.68 74.29
CA LEU A 2376 -2.56 -20.01 74.88
C LEU A 2376 -3.06 -19.99 76.32
N LEU A 2377 -2.65 -18.97 77.08
CA LEU A 2377 -3.10 -18.85 78.46
C LEU A 2377 -4.60 -18.62 78.50
N ALA A 2378 -5.12 -17.77 77.59
CA ALA A 2378 -6.56 -17.53 77.51
C ALA A 2378 -7.32 -18.83 77.29
N ALA A 2379 -6.70 -19.76 76.55
CA ALA A 2379 -7.32 -21.05 76.32
C ALA A 2379 -7.22 -21.90 77.57
N ILE A 2380 -6.09 -21.81 78.29
CA ILE A 2380 -5.87 -22.67 79.45
C ILE A 2380 -6.86 -22.33 80.56
N GLU A 2381 -6.98 -21.04 80.92
CA GLU A 2381 -7.97 -20.71 81.96
C GLU A 2381 -9.41 -20.87 81.45
N GLU A 2382 -9.63 -20.76 80.12
CA GLU A 2382 -10.95 -21.08 79.59
C GLU A 2382 -11.29 -22.54 79.83
N ALA A 2383 -10.35 -23.44 79.57
CA ALA A 2383 -10.64 -24.84 79.79
C ALA A 2383 -10.63 -25.21 81.27
N ILE A 2384 -9.95 -24.41 82.11
CA ILE A 2384 -10.00 -24.61 83.55
C ILE A 2384 -11.42 -24.36 84.04
N ARG A 2385 -12.01 -23.24 83.59
CA ARG A 2385 -13.37 -22.90 83.98
C ARG A 2385 -14.36 -23.92 83.43
N ILE A 2386 -14.17 -24.34 82.17
CA ILE A 2386 -15.08 -25.31 81.56
C ILE A 2386 -15.02 -26.64 82.32
N SER A 2387 -13.80 -27.08 82.67
CA SER A 2387 -13.62 -28.34 83.39
C SER A 2387 -14.28 -28.28 84.77
N GLU A 2388 -14.14 -27.15 85.47
CA GLU A 2388 -14.81 -27.00 86.75
C GLU A 2388 -16.32 -26.99 86.62
N ASP A 2389 -16.84 -26.36 85.57
CA ASP A 2389 -18.29 -26.22 85.38
C ASP A 2389 -18.87 -27.54 84.90
N PRO A 2390 -19.84 -28.13 85.62
CA PRO A 2390 -20.60 -29.25 85.03
C PRO A 2390 -21.56 -28.75 83.96
N ALA A 2391 -22.07 -29.72 83.18
CA ALA A 2391 -23.02 -29.56 82.06
C ALA A 2391 -22.42 -28.82 80.85
N ARG A 2392 -21.19 -28.32 80.99
CA ARG A 2392 -20.37 -27.84 79.90
C ARG A 2392 -19.10 -28.65 79.74
N ASP A 2393 -18.78 -29.51 80.71
CA ASP A 2393 -17.66 -30.42 80.59
C ASP A 2393 -18.06 -31.73 79.91
N GLY A 2394 -19.32 -32.11 80.02
CA GLY A 2394 -19.79 -33.34 79.43
C GLY A 2394 -21.23 -33.22 78.96
N PRO A 2395 -21.86 -34.36 78.65
CA PRO A 2395 -23.26 -34.33 78.18
C PRO A 2395 -24.25 -33.82 79.22
N GLY A 2396 -23.91 -33.88 80.50
CA GLY A 2396 -24.77 -33.36 81.56
C GLY A 2396 -26.08 -34.10 81.74
N VAL A 2397 -26.05 -35.43 81.69
CA VAL A 2397 -27.24 -36.23 81.89
C VAL A 2397 -27.27 -36.80 83.30
N PRO A 2410 -15.20 -43.29 86.34
CA PRO A 2410 -16.18 -42.59 85.50
C PRO A 2410 -17.37 -43.48 85.16
N PRO A 2411 -18.50 -42.89 84.71
CA PRO A 2411 -19.65 -43.71 84.28
C PRO A 2411 -19.34 -44.74 83.20
N GLU A 2412 -18.70 -44.34 82.11
CA GLU A 2412 -18.22 -45.28 81.11
C GLU A 2412 -16.82 -45.81 81.42
N GLU A 2413 -16.26 -45.41 82.58
CA GLU A 2413 -14.94 -45.73 83.13
C GLU A 2413 -13.81 -45.02 82.39
N ASN A 2414 -14.11 -44.40 81.26
CA ASN A 2414 -13.22 -43.50 80.54
C ASN A 2414 -14.01 -42.34 79.96
N ARG A 2415 -14.92 -41.78 80.76
CA ARG A 2415 -15.78 -40.68 80.31
C ARG A 2415 -14.94 -39.47 79.92
N VAL A 2416 -15.26 -38.90 78.78
CA VAL A 2416 -14.51 -37.76 78.27
C VAL A 2416 -14.90 -36.51 79.05
N HIS A 2417 -13.89 -35.70 79.39
CA HIS A 2417 -14.08 -34.40 80.02
C HIS A 2417 -13.41 -33.41 79.08
N LEU A 2418 -14.23 -32.56 78.43
CA LEU A 2418 -13.71 -31.66 77.39
C LEU A 2418 -12.69 -30.66 77.92
N GLY A 2419 -12.90 -30.16 79.14
CA GLY A 2419 -11.91 -29.27 79.76
C GLY A 2419 -10.55 -29.93 79.94
N HIS A 2420 -10.56 -31.16 80.45
CA HIS A 2420 -9.31 -31.87 80.67
C HIS A 2420 -8.70 -32.31 79.34
N ALA A 2421 -9.53 -32.67 78.37
CA ALA A 2421 -9.04 -33.06 77.06
C ALA A 2421 -8.33 -31.90 76.37
N ILE A 2422 -8.89 -30.69 76.46
CA ILE A 2422 -8.27 -29.51 75.88
C ILE A 2422 -6.96 -29.18 76.60
N MET A 2423 -6.97 -29.24 77.94
CA MET A 2423 -5.77 -28.97 78.72
C MET A 2423 -4.67 -29.99 78.42
N SER A 2424 -5.03 -31.27 78.35
CA SER A 2424 -4.05 -32.30 78.08
C SER A 2424 -3.53 -32.17 76.65
N PHE A 2425 -4.38 -31.72 75.72
CA PHE A 2425 -3.95 -31.51 74.35
C PHE A 2425 -2.85 -30.45 74.31
N TYR A 2426 -3.09 -29.33 75.01
CA TYR A 2426 -2.10 -28.26 75.01
C TYR A 2426 -0.82 -28.68 75.71
N ALA A 2427 -0.93 -29.41 76.82
CA ALA A 2427 0.26 -29.91 77.50
C ALA A 2427 1.06 -30.88 76.63
N ALA A 2428 0.38 -31.76 75.89
CA ALA A 2428 1.08 -32.64 74.97
C ALA A 2428 1.67 -31.89 73.79
N LEU A 2429 1.04 -30.80 73.35
CA LEU A 2429 1.60 -29.98 72.27
C LEU A 2429 2.86 -29.28 72.73
N ILE A 2430 2.79 -28.68 73.93
CA ILE A 2430 3.92 -27.94 74.46
C ILE A 2430 5.07 -28.89 74.73
N ASP A 2431 4.77 -30.05 75.33
CA ASP A 2431 5.78 -31.05 75.64
C ASP A 2431 6.43 -31.59 74.38
N LEU A 2432 5.65 -31.75 73.30
CA LEU A 2432 6.19 -32.10 72.01
C LEU A 2432 7.15 -31.05 71.48
N LEU A 2433 6.76 -29.77 71.54
CA LEU A 2433 7.65 -28.70 71.09
C LEU A 2433 8.91 -28.62 71.95
N GLY A 2434 8.75 -28.85 73.26
CA GLY A 2434 9.89 -28.91 74.15
C GLY A 2434 10.86 -30.00 73.76
N ARG A 2435 10.33 -31.17 73.39
CA ARG A 2435 11.23 -32.24 72.99
C ARG A 2435 11.76 -31.99 71.59
N CYS A 2436 11.08 -31.15 70.81
CA CYS A 2436 11.54 -30.78 69.47
C CYS A 2436 12.61 -29.71 69.52
N ALA A 2437 12.81 -29.08 70.67
CA ALA A 2437 13.79 -28.02 70.78
C ALA A 2437 15.20 -28.57 70.64
N PRO A 2438 16.12 -27.81 70.03
CA PRO A 2438 17.49 -28.31 69.81
C PRO A 2438 18.24 -28.47 71.12
N GLU A 2439 19.18 -29.42 71.12
CA GLU A 2439 19.99 -29.68 72.29
C GLU A 2439 20.94 -28.52 72.56
N MET A 2440 21.41 -28.46 73.82
CA MET A 2440 22.23 -27.35 74.29
C MET A 2440 23.57 -27.25 73.56
N HIS A 2441 24.14 -28.38 73.15
CA HIS A 2441 25.44 -28.36 72.51
C HIS A 2441 25.35 -27.81 71.10
N LEU A 2442 24.16 -27.89 70.47
CA LEU A 2442 23.99 -27.34 69.15
C LEU A 2442 23.98 -25.82 69.23
N ILE A 2443 23.32 -25.28 70.26
CA ILE A 2443 23.25 -23.84 70.43
C ILE A 2443 24.64 -23.33 70.78
N GLN A 2444 25.40 -24.11 71.58
CA GLN A 2444 26.77 -23.72 71.90
C GLN A 2444 27.64 -23.70 70.64
N ALA A 2445 27.44 -24.67 69.75
CA ALA A 2445 28.10 -24.63 68.44
C ALA A 2445 27.54 -23.55 67.53
N GLY A 2446 26.42 -22.93 67.90
CA GLY A 2446 25.84 -21.84 67.13
C GLY A 2446 25.33 -22.19 65.75
N LYS A 2447 24.78 -23.39 65.58
CA LYS A 2447 24.28 -23.81 64.27
C LYS A 2447 23.10 -22.93 63.84
N GLY A 2448 23.09 -22.59 62.55
CA GLY A 2448 22.13 -21.63 62.01
C GLY A 2448 20.70 -22.09 62.14
N GLU A 2449 20.42 -23.33 61.73
CA GLU A 2449 19.04 -23.81 61.78
C GLU A 2449 18.62 -24.10 63.21
N ALA A 2450 19.56 -24.54 64.06
CA ALA A 2450 19.24 -24.76 65.47
C ALA A 2450 18.80 -23.47 66.16
N LEU A 2451 19.52 -22.38 65.88
CA LEU A 2451 19.10 -21.07 66.38
C LEU A 2451 17.76 -20.66 65.78
N ARG A 2452 17.57 -20.88 64.47
CA ARG A 2452 16.33 -20.48 63.82
C ARG A 2452 15.14 -21.21 64.41
N ILE A 2453 15.27 -22.52 64.63
CA ILE A 2453 14.20 -23.32 65.21
C ILE A 2453 13.88 -22.87 66.62
N ARG A 2454 14.92 -22.63 67.45
CA ARG A 2454 14.67 -22.11 68.80
C ARG A 2454 14.00 -20.75 68.77
N ALA A 2455 14.35 -19.92 67.79
CA ALA A 2455 13.72 -18.61 67.61
C ALA A 2455 12.24 -18.77 67.27
N ILE A 2456 11.92 -19.74 66.41
CA ILE A 2456 10.54 -19.99 66.02
C ILE A 2456 9.73 -20.45 67.22
N LEU A 2457 10.27 -21.39 68.01
CA LEU A 2457 9.55 -21.88 69.19
C LEU A 2457 9.33 -20.77 70.20
N ARG A 2458 10.34 -19.91 70.38
CA ARG A 2458 10.18 -18.78 71.30
C ARG A 2458 9.10 -17.83 70.82
N SER A 2459 9.04 -17.57 69.52
CA SER A 2459 8.02 -16.69 68.97
C SER A 2459 6.63 -17.29 69.16
N LEU A 2460 6.52 -18.61 68.94
CA LEU A 2460 5.23 -19.28 69.05
C LEU A 2460 4.71 -19.29 70.48
N VAL A 2461 5.53 -19.71 71.43
CA VAL A 2461 5.14 -19.81 72.83
C VAL A 2461 5.96 -18.84 73.66
N PRO A 2462 5.38 -17.70 74.04
CA PRO A 2462 6.11 -16.76 74.90
C PRO A 2462 6.32 -17.32 76.30
N LEU A 2463 7.42 -16.90 76.91
CA LEU A 2463 7.78 -17.33 78.27
C LEU A 2463 6.76 -16.91 79.31
N ASP A 2464 6.09 -15.77 79.10
CA ASP A 2464 5.18 -15.19 80.10
C ASP A 2464 3.99 -16.11 80.37
N ASP A 2465 3.46 -16.74 79.32
CA ASP A 2465 2.32 -17.64 79.52
C ASP A 2465 2.77 -18.88 80.26
N LEU A 2466 4.00 -19.34 79.98
CA LEU A 2466 4.54 -20.51 80.65
C LEU A 2466 4.61 -20.26 82.14
N VAL A 2467 5.16 -19.11 82.53
CA VAL A 2467 5.30 -18.78 83.94
C VAL A 2467 3.92 -18.63 84.58
N GLY A 2468 2.95 -18.09 83.83
CA GLY A 2468 1.59 -17.99 84.35
C GLY A 2468 0.96 -19.34 84.66
N ILE A 2469 1.13 -20.30 83.75
CA ILE A 2469 0.58 -21.64 83.97
C ILE A 2469 1.29 -22.33 85.12
N ILE A 2470 2.62 -22.23 85.20
CA ILE A 2470 3.33 -22.79 86.35
C ILE A 2470 2.90 -22.11 87.64
N SER A 2471 2.53 -20.83 87.56
CA SER A 2471 2.05 -20.11 88.73
C SER A 2471 0.60 -20.43 89.06
N LEU A 2472 -0.11 -21.13 88.19
CA LEU A 2472 -1.51 -21.46 88.45
C LEU A 2472 -1.62 -22.42 89.64
N PRO A 2473 -2.67 -22.29 90.47
CA PRO A 2473 -2.78 -23.14 91.65
C PRO A 2473 -3.18 -24.57 91.31
N LEU A 2474 -2.88 -25.45 92.24
CA LEU A 2474 -3.20 -26.86 92.15
C LEU A 2474 -4.11 -27.25 93.31
N GLN A 2475 -5.15 -28.01 93.00
CA GLN A 2475 -6.06 -28.50 94.04
C GLN A 2475 -5.33 -29.47 94.96
N ILE A 2476 -5.75 -29.50 96.22
CA ILE A 2476 -5.04 -30.28 97.24
C ILE A 2476 -6.00 -31.31 97.83
N PRO A 2477 -5.56 -32.54 98.08
CA PRO A 2477 -6.42 -33.49 98.81
C PRO A 2477 -6.61 -33.04 100.25
N THR A 2478 -7.87 -32.91 100.66
CA THR A 2478 -8.21 -32.38 101.96
C THR A 2478 -8.90 -33.43 102.82
N LEU A 2479 -8.67 -33.33 104.13
CA LEU A 2479 -9.28 -34.22 105.12
C LEU A 2479 -10.34 -33.47 105.89
N GLY A 2480 -11.51 -34.08 106.03
CA GLY A 2480 -12.60 -33.48 106.76
C GLY A 2480 -13.84 -34.33 106.60
N LYS A 2481 -14.87 -33.93 107.36
CA LYS A 2481 -16.18 -34.60 107.41
C LYS A 2481 -16.04 -36.07 107.83
N ASP A 2482 -15.55 -36.25 109.06
CA ASP A 2482 -15.35 -37.56 109.70
C ASP A 2482 -14.34 -38.41 108.92
N GLY A 2483 -13.13 -37.88 108.79
CA GLY A 2483 -12.00 -38.60 108.22
C GLY A 2483 -12.11 -38.95 106.76
N ALA A 2484 -12.96 -38.25 106.01
CA ALA A 2484 -13.10 -38.51 104.58
C ALA A 2484 -11.95 -37.84 103.85
N LEU A 2485 -11.03 -38.64 103.31
CA LEU A 2485 -9.88 -38.13 102.57
C LEU A 2485 -10.36 -37.69 101.19
N VAL A 2486 -10.87 -36.46 101.13
CA VAL A 2486 -11.43 -35.92 99.89
C VAL A 2486 -10.31 -35.65 98.91
N GLN A 2487 -10.44 -36.18 97.70
CA GLN A 2487 -9.48 -36.03 96.63
C GLN A 2487 -10.20 -35.60 95.37
N PRO A 2488 -9.54 -34.84 94.48
CA PRO A 2488 -10.21 -34.40 93.24
C PRO A 2488 -10.35 -35.52 92.23
N LYS A 2489 -10.98 -35.22 91.10
CA LYS A 2489 -11.07 -36.14 89.97
C LYS A 2489 -9.99 -35.76 88.98
N MET A 2490 -8.92 -36.57 88.96
CA MET A 2490 -7.76 -36.29 88.10
C MET A 2490 -8.10 -36.36 86.61
N SER A 2491 -9.22 -37.00 86.25
CA SER A 2491 -9.64 -37.09 84.86
C SER A 2491 -10.33 -35.82 84.38
N ALA A 2492 -10.60 -34.87 85.28
CA ALA A 2492 -11.26 -33.62 84.88
C ALA A 2492 -10.68 -32.41 85.59
N SER A 2493 -9.39 -32.42 85.91
CA SER A 2493 -8.82 -31.37 86.75
C SER A 2493 -7.41 -31.06 86.30
N PHE A 2494 -6.89 -29.97 86.85
CA PHE A 2494 -5.56 -29.47 86.53
C PHE A 2494 -4.52 -30.39 87.18
N VAL A 2495 -3.80 -31.16 86.36
CA VAL A 2495 -2.95 -32.22 86.88
C VAL A 2495 -1.50 -31.73 86.92
N PRO A 2496 -0.65 -32.30 87.79
CA PRO A 2496 0.78 -31.93 87.80
C PRO A 2496 1.52 -32.20 86.51
N ASP A 2497 1.10 -33.17 85.71
CA ASP A 2497 1.82 -33.49 84.47
C ASP A 2497 1.72 -32.38 83.44
N HIS A 2498 0.65 -31.57 83.49
CA HIS A 2498 0.55 -30.41 82.62
C HIS A 2498 1.68 -29.43 82.93
N LYS A 2499 1.94 -29.23 84.23
CA LYS A 2499 3.05 -28.36 84.63
C LYS A 2499 4.37 -29.00 84.26
N ALA A 2500 4.48 -30.33 84.39
CA ALA A 2500 5.72 -31.03 84.04
C ALA A 2500 6.07 -30.82 82.57
N SER A 2501 5.05 -30.74 81.70
CA SER A 2501 5.27 -30.38 80.31
C SER A 2501 5.68 -28.92 80.17
N MET A 2502 5.09 -28.04 81.01
CA MET A 2502 5.45 -26.63 80.97
C MET A 2502 6.92 -26.44 81.36
N VAL A 2503 7.33 -27.13 82.42
CA VAL A 2503 8.69 -27.02 82.95
C VAL A 2503 9.69 -27.54 81.94
N LEU A 2504 9.36 -28.67 81.28
CA LEU A 2504 10.26 -29.25 80.30
C LEU A 2504 10.47 -28.30 79.13
N PHE A 2505 9.39 -27.68 78.66
CA PHE A 2505 9.50 -26.71 77.57
C PHE A 2505 10.32 -25.50 77.98
N LEU A 2506 10.11 -25.02 79.21
CA LEU A 2506 10.85 -23.87 79.72
C LEU A 2506 12.33 -24.19 79.86
N ASP A 2507 12.65 -25.41 80.29
CA ASP A 2507 14.03 -25.82 80.46
C ASP A 2507 14.74 -25.93 79.11
N ARG A 2508 14.11 -26.59 78.15
CA ARG A 2508 14.79 -26.86 76.90
C ARG A 2508 14.82 -25.65 75.97
N VAL A 2509 13.79 -24.82 75.97
CA VAL A 2509 13.72 -23.70 75.02
C VAL A 2509 14.33 -22.44 75.62
N TYR A 2510 13.72 -21.94 76.69
CA TYR A 2510 14.20 -20.71 77.32
C TYR A 2510 15.33 -20.97 78.29
N GLY A 2511 15.26 -22.05 79.06
CA GLY A 2511 16.26 -22.35 80.05
C GLY A 2511 16.14 -21.42 81.25
N ILE A 2512 17.08 -21.56 82.17
CA ILE A 2512 17.23 -20.65 83.29
C ILE A 2512 18.68 -20.20 83.33
N GLU A 2513 18.89 -18.91 83.09
CA GLU A 2513 20.23 -18.36 82.93
C GLU A 2513 20.66 -17.50 84.11
N ASN A 2514 19.86 -16.51 84.48
CA ASN A 2514 20.21 -15.53 85.49
C ASN A 2514 19.38 -15.70 86.76
N GLN A 2515 20.03 -15.36 87.89
CA GLN A 2515 19.50 -15.65 89.22
C GLN A 2515 18.16 -14.95 89.48
N ASP A 2516 18.02 -13.69 89.04
CA ASP A 2516 16.80 -12.93 89.30
C ASP A 2516 15.58 -13.59 88.67
N PHE A 2517 15.72 -14.03 87.41
CA PHE A 2517 14.65 -14.74 86.74
C PHE A 2517 14.44 -16.12 87.35
N LEU A 2518 15.52 -16.74 87.84
CA LEU A 2518 15.40 -18.03 88.50
C LEU A 2518 14.51 -17.92 89.72
N LEU A 2519 14.80 -16.96 90.60
CA LEU A 2519 14.04 -16.81 91.83
C LEU A 2519 12.63 -16.32 91.53
N HIS A 2520 12.46 -15.53 90.47
CA HIS A 2520 11.14 -15.08 90.04
C HIS A 2520 10.28 -16.27 89.59
N VAL A 2521 10.91 -17.27 88.98
CA VAL A 2521 10.17 -18.49 88.67
C VAL A 2521 9.87 -19.26 89.96
N LEU A 2522 10.86 -19.33 90.85
CA LEU A 2522 10.80 -20.20 92.03
C LEU A 2522 9.68 -19.80 93.00
N ASP A 2523 9.61 -18.52 93.36
CA ASP A 2523 8.70 -18.10 94.44
C ASP A 2523 7.22 -18.25 94.07
N VAL A 2524 6.87 -18.08 92.80
CA VAL A 2524 5.47 -18.11 92.39
C VAL A 2524 5.10 -19.34 91.58
N GLY A 2525 6.07 -20.08 91.05
CA GLY A 2525 5.78 -21.21 90.20
C GLY A 2525 6.01 -22.58 90.82
N PHE A 2526 7.08 -22.73 91.58
CA PHE A 2526 7.46 -24.02 92.14
C PHE A 2526 7.21 -24.10 93.64
N LEU A 2527 7.59 -23.07 94.39
CA LEU A 2527 7.51 -23.10 95.86
C LEU A 2527 6.12 -23.41 96.43
N PRO A 2528 4.99 -22.88 95.92
CA PRO A 2528 3.68 -23.38 96.41
C PRO A 2528 3.50 -24.88 96.24
N ASP A 2529 4.05 -25.45 95.16
CA ASP A 2529 3.93 -26.88 94.98
C ASP A 2529 4.88 -27.64 95.89
N MET A 2530 6.08 -27.09 96.14
CA MET A 2530 7.01 -27.73 97.08
C MET A 2530 6.42 -27.78 98.47
N ARG A 2531 5.81 -26.68 98.93
CA ARG A 2531 5.25 -26.69 100.28
C ARG A 2531 3.97 -27.53 100.33
N ALA A 2532 3.19 -27.54 99.24
CA ALA A 2532 1.98 -28.36 99.19
C ALA A 2532 2.33 -29.84 99.29
N ALA A 2533 3.36 -30.28 98.54
CA ALA A 2533 3.77 -31.67 98.63
C ALA A 2533 4.43 -31.96 99.96
N ALA A 2534 5.11 -30.96 100.54
CA ALA A 2534 5.73 -31.15 101.85
C ALA A 2534 4.67 -31.41 102.91
N SER A 2535 3.58 -30.63 102.84
CA SER A 2535 2.49 -30.78 103.80
C SER A 2535 1.76 -32.11 103.60
N LEU A 2536 1.61 -32.55 102.34
CA LEU A 2536 0.85 -33.77 102.06
C LEU A 2536 1.51 -35.03 102.65
N ASP A 2537 2.81 -35.00 102.91
CA ASP A 2537 3.53 -36.17 103.42
C ASP A 2537 3.15 -36.39 104.89
N THR A 2538 2.04 -37.09 105.08
CA THR A 2538 1.55 -37.42 106.42
C THR A 2538 1.23 -38.90 106.51
N ALA A 2539 0.60 -39.33 107.60
CA ALA A 2539 0.18 -40.72 107.70
C ALA A 2539 -1.08 -41.03 106.89
N THR A 2540 -1.72 -40.02 106.29
CA THR A 2540 -2.96 -40.21 105.56
C THR A 2540 -2.83 -39.95 104.06
N PHE A 2541 -2.34 -38.78 103.66
CA PHE A 2541 -2.29 -38.38 102.26
C PHE A 2541 -1.10 -38.94 101.50
N SER A 2542 -0.11 -39.53 102.17
CA SER A 2542 1.15 -39.93 101.53
C SER A 2542 0.96 -40.98 100.44
N THR A 2543 -0.12 -41.75 100.49
CA THR A 2543 -0.40 -42.76 99.48
C THR A 2543 -1.49 -42.35 98.51
N THR A 2544 -2.12 -41.21 98.74
CA THR A 2544 -3.15 -40.71 97.82
C THR A 2544 -2.52 -40.38 96.47
N GLU A 2545 -3.28 -40.66 95.40
CA GLU A 2545 -2.74 -40.64 94.04
C GLU A 2545 -2.25 -39.26 93.62
N MET A 2546 -3.02 -38.22 93.95
CA MET A 2546 -2.64 -36.86 93.54
C MET A 2546 -1.35 -36.42 94.23
N ALA A 2547 -1.16 -36.84 95.48
CA ALA A 2547 0.11 -36.60 96.18
C ALA A 2547 1.26 -37.34 95.49
N LEU A 2548 1.00 -38.56 95.02
CA LEU A 2548 1.99 -39.29 94.24
C LEU A 2548 2.31 -38.57 92.95
N ALA A 2549 1.27 -38.00 92.32
CA ALA A 2549 1.45 -37.24 91.08
C ALA A 2549 2.34 -36.04 91.30
N LEU A 2550 2.15 -35.34 92.43
CA LEU A 2550 3.01 -34.21 92.76
C LEU A 2550 4.42 -34.66 93.10
N ASN A 2551 4.56 -35.83 93.75
CA ASN A 2551 5.88 -36.36 94.07
C ASN A 2551 6.67 -36.67 92.80
N ARG A 2552 6.01 -37.30 91.82
CA ARG A 2552 6.66 -37.57 90.54
C ARG A 2552 6.94 -36.28 89.81
N TYR A 2553 6.02 -35.31 89.89
CA TYR A 2553 6.19 -34.04 89.19
C TYR A 2553 7.40 -33.30 89.71
N LEU A 2554 7.58 -33.27 91.03
CA LEU A 2554 8.71 -32.55 91.59
C LEU A 2554 10.01 -33.27 91.28
N CYS A 2555 10.04 -34.59 91.54
CA CYS A 2555 11.25 -35.38 91.39
C CYS A 2555 11.66 -35.61 89.95
N LEU A 2556 10.81 -35.27 88.98
CA LEU A 2556 11.12 -35.50 87.59
C LEU A 2556 11.21 -34.22 86.77
N ALA A 2557 10.62 -33.12 87.25
CA ALA A 2557 10.61 -31.89 86.48
C ALA A 2557 11.24 -30.71 87.20
N VAL A 2558 11.07 -30.60 88.52
CA VAL A 2558 11.53 -29.41 89.22
C VAL A 2558 12.92 -29.64 89.78
N LEU A 2559 13.06 -30.66 90.62
CA LEU A 2559 14.32 -30.90 91.32
C LEU A 2559 15.54 -31.11 90.42
N PRO A 2560 15.51 -31.88 89.31
CA PRO A 2560 16.70 -31.86 88.42
C PRO A 2560 17.01 -30.49 87.84
N LEU A 2561 15.99 -29.67 87.58
CA LEU A 2561 16.21 -28.31 87.08
C LEU A 2561 16.92 -27.45 88.12
N ILE A 2562 16.51 -27.58 89.38
CA ILE A 2562 17.15 -26.81 90.45
C ILE A 2562 18.57 -27.32 90.66
N THR A 2563 18.76 -28.65 90.60
CA THR A 2563 20.09 -29.23 90.73
C THR A 2563 21.02 -28.78 89.60
N LYS A 2564 20.46 -28.49 88.42
CA LYS A 2564 21.25 -27.93 87.34
C LYS A 2564 21.53 -26.45 87.54
N CYS A 2565 20.59 -25.72 88.13
CA CYS A 2565 20.73 -24.28 88.32
C CYS A 2565 21.22 -23.91 89.72
N ALA A 2566 21.82 -24.87 90.42
CA ALA A 2566 22.38 -24.62 91.75
C ALA A 2566 23.44 -23.51 91.83
N PRO A 2567 24.42 -23.36 90.91
CA PRO A 2567 25.41 -22.26 91.06
C PRO A 2567 24.83 -20.85 91.06
N LEU A 2568 23.62 -20.64 90.52
CA LEU A 2568 22.99 -19.33 90.52
C LEU A 2568 22.60 -18.84 91.91
N PHE A 2569 22.65 -19.69 92.93
CA PHE A 2569 22.36 -19.30 94.30
C PHE A 2569 23.57 -18.74 95.04
N ALA A 2570 24.61 -18.33 94.31
CA ALA A 2570 25.80 -17.79 94.97
C ALA A 2570 25.53 -16.42 95.58
N GLY A 2571 24.89 -15.53 94.82
CA GLY A 2571 24.69 -14.18 95.28
C GLY A 2571 23.27 -13.87 95.71
N THR A 2572 22.62 -14.80 96.40
CA THR A 2572 21.22 -14.65 96.81
C THR A 2572 21.16 -14.32 98.30
N GLU A 2573 22.08 -13.48 98.77
CA GLU A 2573 22.08 -13.06 100.17
C GLU A 2573 20.85 -12.25 100.52
N HIS A 2574 20.45 -11.31 99.65
CA HIS A 2574 19.35 -10.41 99.96
C HIS A 2574 17.98 -11.08 99.94
N ARG A 2575 17.88 -12.27 99.35
CA ARG A 2575 16.62 -13.00 99.23
C ARG A 2575 16.67 -14.28 100.05
N ALA A 2576 17.23 -14.21 101.26
CA ALA A 2576 17.55 -15.43 101.98
C ALA A 2576 16.38 -16.01 102.78
N ILE A 2577 15.25 -15.30 102.88
CA ILE A 2577 14.12 -15.80 103.65
C ILE A 2577 13.48 -16.98 102.93
N MET A 2578 13.27 -16.85 101.63
CA MET A 2578 12.63 -17.94 100.92
C MET A 2578 13.64 -18.95 100.44
N VAL A 2579 14.92 -18.59 100.36
CA VAL A 2579 15.96 -19.59 100.15
C VAL A 2579 16.00 -20.54 101.34
N ASP A 2580 15.89 -19.99 102.56
CA ASP A 2580 15.83 -20.81 103.77
C ASP A 2580 14.56 -21.66 103.80
N SER A 2581 13.43 -21.09 103.39
CA SER A 2581 12.19 -21.87 103.34
C SER A 2581 12.28 -23.00 102.32
N MET A 2582 12.90 -22.72 101.16
CA MET A 2582 13.07 -23.71 100.11
C MET A 2582 13.94 -24.88 100.55
N LEU A 2583 15.11 -24.57 101.15
CA LEU A 2583 15.96 -25.64 101.64
C LEU A 2583 15.32 -26.41 102.79
N HIS A 2584 14.48 -25.75 103.59
CA HIS A 2584 13.77 -26.46 104.65
CA HIS A 2584 13.76 -26.45 104.65
C HIS A 2584 12.71 -27.40 104.06
N THR A 2585 11.95 -26.92 103.08
CA THR A 2585 10.90 -27.73 102.46
C THR A 2585 11.50 -28.94 101.75
N VAL A 2586 12.61 -28.75 101.02
CA VAL A 2586 13.21 -29.88 100.32
C VAL A 2586 13.81 -30.89 101.33
N TYR A 2587 14.35 -30.41 102.47
CA TYR A 2587 14.76 -31.34 103.51
C TYR A 2587 13.58 -32.10 104.12
N ARG A 2588 12.45 -31.41 104.30
CA ARG A 2588 11.22 -32.08 104.72
C ARG A 2588 10.80 -33.13 103.70
N LEU A 2589 10.87 -32.80 102.41
CA LEU A 2589 10.52 -33.75 101.37
C LEU A 2589 11.49 -34.92 101.33
N SER A 2590 12.75 -34.70 101.73
CA SER A 2590 13.69 -35.81 101.88
C SER A 2590 13.21 -36.73 102.99
N ARG A 2591 12.67 -36.16 104.05
CA ARG A 2591 12.10 -36.95 105.14
C ARG A 2591 10.63 -37.26 104.82
N GLY A 2592 10.43 -38.02 103.75
CA GLY A 2592 9.11 -38.36 103.26
C GLY A 2592 8.85 -39.84 103.25
N ARG A 2593 7.61 -40.22 103.53
CA ARG A 2593 7.21 -41.63 103.49
C ARG A 2593 6.38 -41.91 102.24
N SER A 2594 6.45 -43.17 101.80
CA SER A 2594 5.84 -43.67 100.56
C SER A 2594 6.34 -42.92 99.33
N LEU A 2595 7.62 -42.57 99.34
CA LEU A 2595 8.33 -42.10 98.15
C LEU A 2595 9.39 -43.13 97.77
N THR A 2596 9.49 -43.39 96.47
CA THR A 2596 10.42 -44.38 95.96
C THR A 2596 11.86 -43.93 96.20
N LYS A 2597 12.77 -44.91 96.30
CA LYS A 2597 14.20 -44.64 96.47
C LYS A 2597 14.77 -43.82 95.33
N ALA A 2598 14.21 -43.99 94.12
CA ALA A 2598 14.58 -43.15 92.98
C ALA A 2598 14.19 -41.70 93.24
N GLN A 2599 13.00 -41.48 93.79
CA GLN A 2599 12.60 -40.11 94.11
C GLN A 2599 13.45 -39.56 95.26
N ARG A 2600 13.83 -40.43 96.19
CA ARG A 2600 14.61 -40.04 97.36
C ARG A 2600 15.99 -39.51 96.98
N ASP A 2601 16.67 -40.19 96.04
CA ASP A 2601 18.04 -39.78 95.72
C ASP A 2601 18.08 -38.45 94.99
N VAL A 2602 17.06 -38.18 94.17
CA VAL A 2602 16.99 -36.91 93.44
C VAL A 2602 16.91 -35.76 94.43
N ILE A 2603 16.11 -35.93 95.49
CA ILE A 2603 16.00 -34.93 96.55
C ILE A 2603 17.35 -34.77 97.26
N GLU A 2604 18.03 -35.89 97.55
CA GLU A 2604 19.32 -35.82 98.23
C GLU A 2604 20.36 -35.07 97.40
N ASP A 2605 20.38 -35.34 96.09
CA ASP A 2605 21.30 -34.68 95.17
C ASP A 2605 20.98 -33.20 95.05
N CYS A 2606 19.69 -32.85 95.03
CA CYS A 2606 19.28 -31.45 94.95
C CYS A 2606 19.70 -30.70 96.20
N LEU A 2607 19.50 -31.31 97.38
CA LEU A 2607 19.83 -30.64 98.64
C LEU A 2607 21.33 -30.40 98.76
N MET A 2608 22.14 -31.41 98.42
CA MET A 2608 23.59 -31.23 98.44
C MET A 2608 24.05 -30.18 97.42
N ALA A 2609 23.42 -30.16 96.24
CA ALA A 2609 23.80 -29.19 95.22
C ALA A 2609 23.46 -27.79 95.67
N LEU A 2610 22.31 -27.62 96.35
CA LEU A 2610 21.92 -26.30 96.84
C LEU A 2610 22.88 -25.83 97.92
N CYS A 2611 23.26 -26.74 98.82
CA CYS A 2611 24.13 -26.37 99.94
C CYS A 2611 25.52 -26.01 99.46
N ARG A 2612 26.00 -26.67 98.38
CA ARG A 2612 27.35 -26.38 97.89
CA ARG A 2612 27.35 -26.38 97.90
C ARG A 2612 27.48 -24.95 97.40
N TYR A 2613 26.40 -24.36 96.92
CA TYR A 2613 26.43 -22.99 96.42
C TYR A 2613 25.67 -22.01 97.31
N ILE A 2614 25.27 -22.42 98.51
CA ILE A 2614 24.68 -21.51 99.48
C ILE A 2614 25.79 -21.12 100.47
N ARG A 2615 25.92 -19.81 100.69
CA ARG A 2615 26.88 -19.26 101.64
C ARG A 2615 26.50 -19.66 103.07
N PRO A 2616 27.50 -19.82 103.97
CA PRO A 2616 27.23 -20.46 105.27
C PRO A 2616 26.23 -19.75 106.18
N SER A 2617 25.94 -18.47 105.92
CA SER A 2617 25.02 -17.72 106.77
C SER A 2617 23.62 -18.33 106.76
N MET A 2618 23.12 -18.70 105.59
CA MET A 2618 21.75 -19.22 105.53
C MET A 2618 21.65 -20.67 105.99
N LEU A 2619 22.77 -21.34 106.19
CA LEU A 2619 22.74 -22.74 106.62
C LEU A 2619 22.55 -22.89 108.12
N GLN A 2620 22.37 -21.77 108.83
CA GLN A 2620 22.15 -21.80 110.28
C GLN A 2620 20.88 -22.54 110.64
N HIS A 2621 19.76 -22.17 110.01
CA HIS A 2621 18.47 -22.73 110.36
C HIS A 2621 18.40 -24.21 109.99
N LEU A 2622 18.98 -24.57 108.84
CA LEU A 2622 19.09 -25.97 108.46
C LEU A 2622 19.92 -26.76 109.46
N LEU A 2623 21.06 -26.20 109.91
CA LEU A 2623 21.85 -26.85 110.95
C LEU A 2623 21.07 -26.99 112.25
N ARG A 2624 20.24 -25.99 112.56
CA ARG A 2624 19.39 -26.01 113.74
C ARG A 2624 18.42 -27.18 113.67
N ARG A 2625 17.82 -27.37 112.49
CA ARG A 2625 16.93 -28.51 112.29
C ARG A 2625 17.70 -29.83 112.43
N LEU A 2626 18.92 -29.87 111.90
CA LEU A 2626 19.74 -31.08 111.96
C LEU A 2626 20.19 -31.43 113.38
N VAL A 2627 20.18 -30.46 114.31
CA VAL A 2627 20.59 -30.74 115.69
C VAL A 2627 19.66 -31.77 116.32
N PHE A 2628 18.36 -31.64 116.07
CA PHE A 2628 17.42 -32.62 116.60
C PHE A 2628 17.30 -33.87 115.75
N ASP A 2629 18.03 -33.98 114.64
CA ASP A 2629 17.86 -35.07 113.69
C ASP A 2629 19.07 -35.98 113.59
N VAL A 2630 20.26 -35.41 113.34
CA VAL A 2630 21.47 -36.24 113.14
C VAL A 2630 21.83 -37.14 114.32
N PRO A 2631 21.82 -36.70 115.60
CA PRO A 2631 22.16 -37.63 116.71
C PRO A 2631 21.25 -38.84 116.85
N ILE A 2632 20.05 -38.80 116.28
CA ILE A 2632 19.14 -39.95 116.32
C ILE A 2632 19.78 -41.13 115.58
N LEU A 2633 20.48 -40.85 114.47
CA LEU A 2633 21.22 -41.83 113.66
C LEU A 2633 20.31 -42.90 113.07
N ASN A 2634 19.14 -42.49 112.62
CA ASN A 2634 18.18 -43.40 112.01
C ASN A 2634 18.54 -43.63 110.54
N GLU A 2635 17.60 -44.21 109.77
CA GLU A 2635 17.84 -44.45 108.36
C GLU A 2635 17.87 -43.15 107.54
N PHE A 2636 17.18 -42.11 108.02
CA PHE A 2636 17.18 -40.83 107.32
C PHE A 2636 18.39 -39.97 107.65
N ALA A 2637 19.24 -40.38 108.58
CA ALA A 2637 20.41 -39.61 108.97
C ALA A 2637 21.61 -39.82 108.05
N LYS A 2638 21.52 -40.75 107.09
CA LYS A 2638 22.64 -40.99 106.17
C LYS A 2638 22.94 -39.75 105.33
N MET A 2639 21.91 -39.12 104.78
CA MET A 2639 22.08 -37.93 103.95
C MET A 2639 22.67 -36.73 104.71
N PRO A 2640 22.17 -36.32 105.89
CA PRO A 2640 22.83 -35.19 106.58
C PRO A 2640 24.26 -35.45 107.00
N LEU A 2641 24.66 -36.72 107.19
CA LEU A 2641 26.02 -37.03 107.61
C LEU A 2641 27.05 -36.56 106.57
N LYS A 2642 26.78 -36.88 105.29
CA LYS A 2642 27.64 -36.38 104.23
C LYS A 2642 27.35 -34.92 103.92
N LEU A 2643 26.11 -34.47 104.12
CA LEU A 2643 25.77 -33.08 103.88
C LEU A 2643 26.57 -32.16 104.79
N LEU A 2644 26.66 -32.51 106.07
CA LEU A 2644 27.44 -31.74 107.02
C LEU A 2644 28.93 -31.98 106.82
N THR A 2645 29.30 -33.18 106.32
CA THR A 2645 30.70 -33.48 106.06
C THR A 2645 31.26 -32.52 105.02
N ASN A 2646 30.55 -32.41 103.90
CA ASN A 2646 31.01 -31.52 102.85
C ASN A 2646 30.82 -30.06 103.24
N HIS A 2647 29.78 -29.75 104.04
CA HIS A 2647 29.54 -28.38 104.45
C HIS A 2647 30.67 -27.85 105.32
N TYR A 2648 31.19 -28.68 106.22
CA TYR A 2648 32.28 -28.21 107.07
C TYR A 2648 33.64 -28.35 106.40
N GLU A 2649 33.83 -29.35 105.54
CA GLU A 2649 35.06 -29.44 104.76
C GLU A 2649 35.19 -28.26 103.80
N ARG A 2650 34.06 -27.72 103.33
CA ARG A 2650 34.11 -26.57 102.45
C ARG A 2650 34.21 -25.27 103.24
N CYS A 2651 33.54 -25.18 104.38
CA CYS A 2651 33.41 -23.92 105.10
C CYS A 2651 34.09 -23.94 106.46
N TRP A 2652 35.20 -24.67 106.59
CA TRP A 2652 35.88 -24.76 107.89
C TRP A 2652 36.49 -23.43 108.32
N LYS A 2653 36.99 -22.63 107.37
CA LYS A 2653 37.55 -21.32 107.70
C LYS A 2653 36.53 -20.37 108.31
N TYR A 2654 35.25 -20.54 107.96
CA TYR A 2654 34.21 -19.69 108.52
C TYR A 2654 34.04 -19.93 110.02
N TYR A 2655 34.10 -21.18 110.45
CA TYR A 2655 33.82 -21.54 111.83
C TYR A 2655 35.07 -21.67 112.70
N CYS A 2656 36.23 -21.95 112.11
CA CYS A 2656 37.45 -22.13 112.89
C CYS A 2656 38.16 -20.79 113.12
N LEU A 2657 38.50 -20.11 112.02
CA LEU A 2657 39.27 -18.87 112.10
C LEU A 2657 38.44 -17.77 112.76
N PRO A 2658 38.98 -17.05 113.75
CA PRO A 2658 38.26 -15.91 114.34
C PRO A 2658 37.94 -14.82 113.33
N THR A 2659 38.80 -14.61 112.34
CA THR A 2659 38.51 -13.66 111.27
C THR A 2659 37.43 -14.14 110.31
N GLY A 2660 37.02 -15.41 110.43
CA GLY A 2660 35.98 -15.94 109.58
C GLY A 2660 36.53 -16.34 108.22
N TRP A 2661 35.61 -16.74 107.35
CA TRP A 2661 35.98 -17.09 105.99
C TRP A 2661 36.39 -15.84 105.22
N ALA A 2662 37.14 -16.06 104.12
CA ALA A 2662 37.59 -14.97 103.26
C ALA A 2662 36.40 -14.26 102.65
N ASN A 2663 36.25 -12.96 102.97
CA ASN A 2663 35.25 -12.01 102.45
C ASN A 2663 33.79 -12.54 102.49
N PHE A 2664 33.49 -13.47 103.39
CA PHE A 2664 32.16 -14.03 103.54
C PHE A 2664 31.49 -13.65 104.84
N GLY A 2665 32.25 -13.53 105.92
CA GLY A 2665 31.72 -13.15 107.21
C GLY A 2665 32.27 -14.03 108.31
N VAL A 2666 31.70 -13.88 109.50
CA VAL A 2666 32.13 -14.59 110.69
C VAL A 2666 30.91 -15.24 111.33
N THR A 2667 31.18 -16.18 112.22
CA THR A 2667 30.13 -16.98 112.84
C THR A 2667 29.26 -16.12 113.77
N SER A 2668 28.08 -16.64 114.08
CA SER A 2668 27.14 -16.00 114.99
C SER A 2668 27.27 -16.47 116.43
N GLU A 2669 28.28 -17.30 116.73
CA GLU A 2669 28.65 -17.85 118.04
C GLU A 2669 27.64 -18.91 118.53
N GLU A 2670 26.50 -19.01 117.86
CA GLU A 2670 25.50 -20.02 118.16
C GLU A 2670 25.57 -21.20 117.21
N GLU A 2671 25.94 -20.97 115.95
CA GLU A 2671 26.23 -22.06 115.01
C GLU A 2671 27.36 -22.94 115.52
N LEU A 2672 28.38 -22.33 116.14
CA LEU A 2672 29.44 -23.08 116.80
C LEU A 2672 28.92 -23.93 117.96
N HIS A 2673 28.01 -23.37 118.77
CA HIS A 2673 27.34 -24.14 119.81
C HIS A 2673 26.51 -25.30 119.25
N LEU A 2674 25.81 -25.04 118.14
CA LEU A 2674 25.08 -26.09 117.43
C LEU A 2674 26.03 -27.18 116.94
N THR A 2675 27.18 -26.79 116.40
CA THR A 2675 28.17 -27.76 115.95
C THR A 2675 28.70 -28.58 117.12
N ARG A 2676 28.95 -27.92 118.25
CA ARG A 2676 29.47 -28.59 119.45
C ARG A 2676 28.46 -29.63 119.96
N LYS A 2677 27.20 -29.22 120.06
CA LYS A 2677 26.14 -30.14 120.49
C LYS A 2677 25.96 -31.28 119.50
N LEU A 2678 25.99 -30.99 118.20
CA LEU A 2678 25.85 -32.02 117.17
C LEU A 2678 26.99 -33.02 117.26
N PHE A 2679 28.21 -32.53 117.50
CA PHE A 2679 29.39 -33.37 117.64
C PHE A 2679 29.27 -34.29 118.84
N TRP A 2680 28.92 -33.74 120.00
CA TRP A 2680 28.81 -34.59 121.18
C TRP A 2680 27.61 -35.52 121.08
N GLY A 2681 26.52 -35.07 120.44
CA GLY A 2681 25.38 -35.94 120.19
C GLY A 2681 25.73 -37.16 119.34
N ILE A 2682 26.56 -36.95 118.31
CA ILE A 2682 27.05 -38.08 117.52
C ILE A 2682 28.01 -38.95 118.32
N PHE A 2683 28.93 -38.34 119.07
CA PHE A 2683 29.88 -39.12 119.87
C PHE A 2683 29.18 -39.99 120.91
N ASP A 2684 28.18 -39.41 121.60
CA ASP A 2684 27.39 -40.15 122.59
C ASP A 2684 26.55 -41.25 121.93
N SER A 2685 25.84 -40.92 120.84
CA SER A 2685 25.00 -41.92 120.21
C SER A 2685 25.85 -43.03 119.60
N LEU A 2686 27.00 -42.66 119.05
CA LEU A 2686 27.92 -43.61 118.44
C LEU A 2686 28.44 -44.58 119.48
N ALA A 2687 28.77 -44.06 120.67
CA ALA A 2687 29.29 -44.91 121.73
C ALA A 2687 28.21 -45.83 122.28
N HIS A 2688 27.02 -45.27 122.55
CA HIS A 2688 25.92 -46.07 123.10
C HIS A 2688 25.46 -47.15 122.12
N LYS A 2689 25.29 -46.78 120.86
CA LYS A 2689 24.75 -47.69 119.86
C LYS A 2689 25.77 -48.75 119.49
N LYS A 2690 25.28 -49.93 119.10
CA LYS A 2690 26.14 -51.02 118.67
C LYS A 2690 26.82 -50.62 117.36
N TYR A 2691 28.04 -51.13 117.16
CA TYR A 2691 28.82 -50.87 115.96
C TYR A 2691 28.09 -51.32 114.70
N ASP A 2692 27.88 -50.37 113.78
CA ASP A 2692 27.35 -50.62 112.45
C ASP A 2692 28.41 -50.15 111.46
N GLN A 2693 28.98 -51.09 110.70
CA GLN A 2693 30.11 -50.79 109.82
C GLN A 2693 29.76 -49.74 108.78
N GLU A 2694 28.60 -49.92 108.11
CA GLU A 2694 28.18 -49.01 107.06
C GLU A 2694 27.95 -47.60 107.60
N LEU A 2695 27.31 -47.49 108.76
CA LEU A 2695 27.11 -46.19 109.39
C LEU A 2695 28.44 -45.56 109.80
N TYR A 2696 29.34 -46.37 110.37
CA TYR A 2696 30.60 -45.84 110.92
C TYR A 2696 31.53 -45.32 109.83
N ARG A 2697 31.55 -45.98 108.65
CA ARG A 2697 32.45 -45.56 107.57
C ARG A 2697 32.08 -44.17 107.06
N MET A 2698 30.80 -43.89 106.89
CA MET A 2698 30.36 -42.62 106.34
C MET A 2698 29.84 -41.69 107.43
N ALA A 2699 30.15 -42.00 108.69
CA ALA A 2699 29.93 -41.05 109.78
C ALA A 2699 31.23 -40.54 110.39
N MET A 2700 32.32 -41.31 110.29
CA MET A 2700 33.62 -40.83 110.76
C MET A 2700 34.10 -39.54 110.08
N PRO A 2701 34.04 -39.36 108.74
CA PRO A 2701 34.44 -38.06 108.17
C PRO A 2701 33.62 -36.88 108.66
N CYS A 2702 32.34 -37.10 109.00
CA CYS A 2702 31.51 -36.04 109.56
C CYS A 2702 32.09 -35.56 110.89
N LEU A 2703 32.53 -36.49 111.72
CA LEU A 2703 33.15 -36.15 113.00
C LEU A 2703 34.46 -35.42 112.80
N CYS A 2704 35.31 -35.92 111.90
CA CYS A 2704 36.60 -35.29 111.66
C CYS A 2704 36.43 -33.89 111.07
N ALA A 2705 35.49 -33.73 110.13
CA ALA A 2705 35.19 -32.42 109.54
C ALA A 2705 34.65 -31.46 110.59
N ILE A 2706 33.79 -31.94 111.49
CA ILE A 2706 33.28 -31.07 112.55
C ILE A 2706 34.41 -30.67 113.48
N ALA A 2707 35.32 -31.62 113.76
CA ALA A 2707 36.42 -31.39 114.69
C ALA A 2707 37.33 -30.29 114.15
N GLY A 2708 37.65 -30.36 112.85
CA GLY A 2708 38.45 -29.31 112.25
C GLY A 2708 37.71 -27.99 112.18
N ALA A 2709 36.38 -28.05 111.92
CA ALA A 2709 35.58 -26.85 111.74
C ALA A 2709 35.48 -26.04 113.03
N LEU A 2710 35.27 -26.72 114.16
CA LEU A 2710 35.12 -26.05 115.44
C LEU A 2710 36.44 -25.40 115.89
N PRO A 2711 36.36 -24.24 116.55
CA PRO A 2711 37.58 -23.59 117.07
C PRO A 2711 38.28 -24.47 118.08
N PRO A 2712 39.61 -24.49 118.09
CA PRO A 2712 40.33 -25.27 119.12
C PRO A 2712 40.08 -24.80 120.54
N ASP A 2713 39.87 -23.51 120.77
CA ASP A 2713 39.61 -22.98 122.10
C ASP A 2713 38.20 -22.41 122.25
N TYR A 2714 37.23 -23.07 121.64
CA TYR A 2714 35.85 -22.59 121.69
C TYR A 2714 35.27 -22.66 123.10
N VAL A 2715 34.51 -21.65 123.47
CA VAL A 2715 33.85 -21.58 124.78
C VAL A 2715 32.39 -21.26 124.53
N ASP A 2716 31.50 -22.10 125.07
CA ASP A 2716 30.06 -21.90 124.94
C ASP A 2716 29.56 -20.99 126.06
N ALA A 2717 28.45 -20.30 125.76
CA ALA A 2717 27.90 -19.32 126.70
C ALA A 2717 27.37 -19.98 127.96
N SER A 2718 26.53 -21.00 127.81
CA SER A 2718 25.87 -21.64 128.94
C SER A 2718 26.44 -23.04 129.14
N TYR A 2719 26.95 -23.32 130.32
CA TYR A 2719 27.58 -24.59 130.64
C TYR A 2719 26.58 -25.58 131.25
N SER A 2720 25.44 -25.76 130.58
CA SER A 2720 24.37 -26.62 131.06
C SER A 2720 23.42 -26.89 129.90
N SER A 2721 22.63 -27.95 130.06
CA SER A 2721 21.64 -28.35 129.06
C SER A 2721 20.60 -29.22 129.72
N LYS A 2722 19.46 -29.38 129.02
CA LYS A 2722 18.39 -30.27 129.47
C LYS A 2722 18.86 -31.71 129.53
N ALA A 2723 19.61 -32.15 128.51
CA ALA A 2723 20.22 -33.48 128.39
C ALA A 2723 19.17 -34.59 128.46
N GLU A 2724 18.33 -34.62 127.44
CA GLU A 2724 17.35 -35.68 127.25
C GLU A 2724 17.58 -36.37 125.91
N LYS A 2725 17.27 -37.67 125.88
CA LYS A 2725 17.40 -38.54 124.71
C LYS A 2725 18.82 -38.59 124.15
N ASN A 2734 8.44 -37.17 115.68
CA ASN A 2734 9.33 -36.03 115.45
C ASN A 2734 9.50 -35.21 116.72
N PHE A 2735 9.58 -33.89 116.58
CA PHE A 2735 9.76 -32.97 117.70
C PHE A 2735 8.46 -32.91 118.51
N ASP A 2736 8.43 -33.60 119.65
CA ASP A 2736 7.24 -33.65 120.51
C ASP A 2736 7.64 -33.36 121.95
N PRO A 2737 7.86 -32.08 122.29
CA PRO A 2737 8.30 -31.72 123.65
C PRO A 2737 7.28 -32.09 124.72
N ARG A 2738 7.77 -32.52 125.87
CA ARG A 2738 6.91 -32.93 126.96
C ARG A 2738 6.86 -31.82 128.01
N PRO A 2739 5.76 -31.08 128.11
CA PRO A 2739 5.65 -30.06 129.16
C PRO A 2739 5.63 -30.67 130.55
N VAL A 2740 6.22 -29.95 131.50
CA VAL A 2740 6.36 -30.44 132.86
C VAL A 2740 4.99 -30.45 133.54
N GLU A 2741 4.79 -31.38 134.47
CA GLU A 2741 3.52 -31.51 135.17
C GLU A 2741 3.41 -30.45 136.26
N THR A 2742 2.35 -29.64 136.18
CA THR A 2742 2.04 -28.65 137.20
C THR A 2742 0.65 -28.83 137.81
N LEU A 2743 -0.27 -29.47 137.10
CA LEU A 2743 -1.59 -29.75 137.68
C LEU A 2743 -1.55 -30.90 138.68
N ASN A 2744 -0.69 -31.90 138.40
CA ASN A 2744 -0.59 -33.08 139.24
C ASN A 2744 -0.13 -32.73 140.66
N VAL A 2745 0.88 -31.89 140.78
CA VAL A 2745 1.38 -31.48 142.08
C VAL A 2745 0.50 -30.35 142.62
N ILE A 2746 0.28 -30.34 143.92
CA ILE A 2746 -0.55 -29.31 144.54
C ILE A 2746 0.30 -28.06 144.79
N ILE A 2747 -0.27 -26.91 144.45
CA ILE A 2747 0.42 -25.63 144.63
C ILE A 2747 0.40 -25.24 146.10
N PRO A 2748 1.58 -25.07 146.74
CA PRO A 2748 1.58 -24.59 148.12
C PRO A 2748 1.27 -23.11 148.17
N GLU A 2749 0.09 -22.74 148.67
CA GLU A 2749 -0.38 -21.35 148.68
C GLU A 2749 0.17 -20.54 149.85
N LYS A 2750 1.31 -20.97 150.42
CA LYS A 2750 1.98 -20.24 151.48
C LYS A 2750 2.44 -18.86 151.03
N LEU A 2751 2.80 -18.72 149.76
CA LEU A 2751 3.32 -17.47 149.20
C LEU A 2751 2.27 -16.72 148.37
N ASP A 2752 0.99 -16.86 148.74
CA ASP A 2752 -0.11 -16.20 148.03
C ASP A 2752 -0.03 -14.68 148.12
N SER A 2753 0.60 -14.16 149.19
CA SER A 2753 0.83 -12.72 149.31
C SER A 2753 1.85 -12.22 148.30
N PHE A 2754 2.57 -13.13 147.64
CA PHE A 2754 3.41 -12.81 146.50
C PHE A 2754 2.71 -13.15 145.19
N ILE A 2755 1.85 -14.18 145.18
CA ILE A 2755 1.11 -14.55 143.96
C ILE A 2755 0.18 -13.42 143.52
N ASN A 2756 -0.56 -12.83 144.47
CA ASN A 2756 -1.41 -11.70 144.12
C ASN A 2756 -0.60 -10.45 143.77
N LYS A 2757 0.54 -10.25 144.42
CA LYS A 2757 1.41 -9.13 144.09
C LYS A 2757 1.99 -9.28 142.68
N PHE A 2758 2.37 -10.50 142.30
CA PHE A 2758 2.84 -10.80 140.95
C PHE A 2758 1.69 -10.85 139.95
N ALA A 2759 0.45 -10.82 140.43
CA ALA A 2759 -0.71 -10.81 139.55
C ALA A 2759 -1.05 -9.36 139.22
N GLU A 2760 -1.15 -8.52 140.24
CA GLU A 2760 -1.50 -7.12 140.01
C GLU A 2760 -0.34 -6.35 139.41
N TYR A 2761 0.89 -6.57 139.91
CA TYR A 2761 2.04 -5.78 139.50
C TYR A 2761 2.49 -6.09 138.07
N THR A 2762 2.27 -7.31 137.57
CA THR A 2762 2.54 -7.57 136.15
C THR A 2762 1.66 -6.74 135.23
N HIS A 2763 0.37 -6.62 135.57
CA HIS A 2763 -0.52 -5.73 134.83
C HIS A 2763 -0.17 -4.27 135.07
N GLU A 2764 0.37 -3.95 136.26
CA GLU A 2764 0.93 -2.61 136.49
C GLU A 2764 2.14 -2.34 135.61
N LYS A 2765 3.02 -3.33 135.44
CA LYS A 2765 4.15 -3.22 134.52
C LYS A 2765 3.67 -3.04 133.09
N TRP A 2766 2.59 -3.74 132.73
CA TRP A 2766 1.95 -3.55 131.43
C TRP A 2766 1.43 -2.12 131.27
N ALA A 2767 0.84 -1.58 132.34
CA ALA A 2767 0.44 -0.18 132.36
C ALA A 2767 1.65 0.76 132.22
N PHE A 2768 2.78 0.39 132.84
CA PHE A 2768 4.01 1.16 132.65
C PHE A 2768 4.51 1.08 131.22
N ASP A 2769 4.29 -0.07 130.56
CA ASP A 2769 4.60 -0.20 129.14
C ASP A 2769 3.74 0.74 128.32
N LYS A 2770 2.45 0.85 128.66
CA LYS A 2770 1.57 1.68 127.86
C LYS A 2770 1.84 3.17 128.10
N ILE A 2771 2.02 3.58 129.36
CA ILE A 2771 2.34 4.98 129.65
C ILE A 2771 3.73 5.37 129.11
N GLN A 2772 4.62 4.40 128.92
CA GLN A 2772 5.88 4.63 128.21
C GLN A 2772 5.79 4.31 126.74
N ASN A 2773 4.60 3.96 126.24
CA ASN A 2773 4.39 3.70 124.82
C ASN A 2773 3.75 4.91 124.12
N ASN A 2774 3.92 6.11 124.70
CA ASN A 2774 3.55 7.43 124.18
C ASN A 2774 2.03 7.68 124.17
N TRP A 2775 1.22 6.66 124.47
CA TRP A 2775 -0.24 6.78 124.41
C TRP A 2775 -0.84 6.32 125.73
N SER A 2776 -1.86 7.04 126.19
CA SER A 2776 -2.51 6.72 127.46
C SER A 2776 -3.58 5.65 127.26
N TYR A 2777 -4.42 5.45 128.28
CA TYR A 2777 -5.41 4.40 128.30
C TYR A 2777 -6.81 4.98 128.06
N GLY A 2778 -7.80 4.10 128.14
CA GLY A 2778 -9.19 4.49 127.95
C GLY A 2778 -10.11 3.43 128.51
N GLU A 2779 -11.38 3.80 128.66
CA GLU A 2779 -12.37 2.89 129.23
C GLU A 2779 -12.99 1.98 128.18
N ASN A 2780 -13.51 2.57 127.10
CA ASN A 2780 -14.19 1.81 126.05
C ASN A 2780 -13.23 0.89 125.32
N VAL A 2781 -13.75 -0.26 124.88
CA VAL A 2781 -12.96 -1.24 124.14
C VAL A 2781 -13.04 -0.87 122.66
N ASP A 2782 -11.91 -0.40 122.12
CA ASP A 2782 -11.83 -0.04 120.71
C ASP A 2782 -10.36 -0.08 120.25
N GLU A 2783 -10.17 -0.36 118.97
CA GLU A 2783 -8.83 -0.58 118.43
C GLU A 2783 -8.09 0.71 118.09
N GLU A 2784 -8.74 1.87 118.19
CA GLU A 2784 -8.11 3.14 117.84
C GLU A 2784 -6.96 3.52 118.78
N LEU A 2785 -6.89 2.91 119.97
CA LEU A 2785 -5.78 3.16 120.90
C LEU A 2785 -4.53 2.37 120.56
N LYS A 2786 -4.59 1.45 119.57
CA LYS A 2786 -3.52 0.56 119.09
C LYS A 2786 -2.75 -0.17 120.22
N THR A 2787 -3.37 -0.32 121.38
CA THR A 2787 -2.82 -0.98 122.57
C THR A 2787 -3.98 -1.66 123.29
N HIS A 2788 -3.77 -2.00 124.56
CA HIS A 2788 -4.86 -2.53 125.38
C HIS A 2788 -5.94 -1.49 125.56
N PRO A 2789 -7.19 -1.78 125.18
CA PRO A 2789 -8.22 -0.74 125.11
C PRO A 2789 -9.00 -0.46 126.39
N MET A 2790 -9.06 -1.42 127.32
CA MET A 2790 -9.99 -1.35 128.43
C MET A 2790 -9.34 -0.87 129.73
N LEU A 2791 -8.01 -0.62 129.71
CA LEU A 2791 -7.23 -0.28 130.91
C LEU A 2791 -7.76 0.94 131.65
N ARG A 2792 -7.94 0.79 132.96
CA ARG A 2792 -8.47 1.82 133.84
C ARG A 2792 -7.69 1.81 135.14
N PRO A 2793 -7.66 2.93 135.88
CA PRO A 2793 -7.01 2.93 137.20
C PRO A 2793 -7.68 1.95 138.16
N TYR A 2794 -6.85 1.36 139.04
CA TYR A 2794 -7.26 0.27 139.91
C TYR A 2794 -8.37 0.65 140.89
N LYS A 2795 -8.51 1.94 141.21
CA LYS A 2795 -9.61 2.38 142.05
C LYS A 2795 -10.96 2.14 141.37
N THR A 2796 -11.03 2.40 140.07
CA THR A 2796 -12.25 2.18 139.28
C THR A 2796 -12.06 1.08 138.24
N PHE A 2797 -11.29 0.04 138.58
CA PHE A 2797 -11.07 -1.10 137.70
C PHE A 2797 -11.70 -2.34 138.31
N SER A 2798 -12.43 -3.09 137.49
CA SER A 2798 -13.14 -4.29 137.95
C SER A 2798 -12.15 -5.36 138.41
N GLU A 2799 -12.57 -6.15 139.38
CA GLU A 2799 -11.79 -7.28 139.88
C GLU A 2799 -12.18 -8.62 139.24
N LYS A 2800 -13.15 -8.62 138.33
CA LYS A 2800 -13.53 -9.84 137.60
C LYS A 2800 -12.43 -10.33 136.68
N ASP A 2801 -11.47 -9.48 136.33
CA ASP A 2801 -10.38 -9.86 135.47
C ASP A 2801 -9.06 -9.84 136.21
N LYS A 2802 -8.95 -9.04 137.28
CA LYS A 2802 -7.75 -9.06 138.09
C LYS A 2802 -7.67 -10.33 138.93
N GLU A 2803 -8.80 -11.00 139.19
CA GLU A 2803 -8.73 -12.27 139.91
C GLU A 2803 -8.58 -13.45 138.96
N ILE A 2804 -8.56 -13.22 137.65
CA ILE A 2804 -8.32 -14.29 136.68
C ILE A 2804 -7.04 -14.05 135.88
N TYR A 2805 -6.33 -12.95 136.11
CA TYR A 2805 -5.08 -12.71 135.39
C TYR A 2805 -3.88 -13.44 135.98
N ARG A 2806 -4.05 -14.16 137.08
CA ARG A 2806 -2.93 -14.83 137.73
C ARG A 2806 -2.70 -16.26 137.23
N TRP A 2807 -3.40 -16.67 136.16
CA TRP A 2807 -3.18 -17.99 135.56
C TRP A 2807 -1.74 -18.21 135.07
N PRO A 2808 -1.09 -17.29 134.31
CA PRO A 2808 0.36 -17.47 134.09
C PRO A 2808 1.17 -17.41 135.36
N ILE A 2809 0.76 -16.61 136.34
CA ILE A 2809 1.49 -16.49 137.60
C ILE A 2809 1.34 -17.78 138.41
N LYS A 2810 0.11 -18.33 138.44
CA LYS A 2810 -0.14 -19.59 139.13
C LYS A 2810 0.65 -20.73 138.52
N GLU A 2811 0.66 -20.82 137.18
CA GLU A 2811 1.34 -21.94 136.55
C GLU A 2811 2.85 -21.77 136.61
N SER A 2812 3.32 -20.52 136.51
CA SER A 2812 4.75 -20.24 136.61
C SER A 2812 5.30 -20.63 137.97
N LEU A 2813 4.56 -20.31 139.04
CA LEU A 2813 5.03 -20.71 140.37
C LEU A 2813 4.84 -22.19 140.65
N LYS A 2814 3.81 -22.81 140.04
CA LYS A 2814 3.65 -24.27 140.09
C LYS A 2814 4.88 -24.96 139.49
N ALA A 2815 5.28 -24.54 138.30
CA ALA A 2815 6.49 -25.07 137.68
C ALA A 2815 7.76 -24.66 138.42
N MET A 2816 7.74 -23.50 139.11
CA MET A 2816 8.86 -23.07 139.93
C MET A 2816 9.09 -24.00 141.11
N ILE A 2817 8.01 -24.49 141.72
CA ILE A 2817 8.16 -25.34 142.90
C ILE A 2817 8.09 -26.84 142.57
N ALA A 2818 7.55 -27.22 141.42
CA ALA A 2818 7.48 -28.64 141.06
C ALA A 2818 8.83 -29.22 140.65
N TRP A 2819 9.78 -28.39 140.24
CA TRP A 2819 11.09 -28.88 139.83
C TRP A 2819 12.05 -29.00 141.01
N GLU A 2820 11.61 -29.65 142.10
CA GLU A 2820 12.30 -29.87 143.39
C GLU A 2820 13.03 -28.64 143.92
N TRP A 2821 12.52 -27.45 143.62
CA TRP A 2821 13.04 -26.19 144.13
C TRP A 2821 12.20 -25.69 145.30
N THR A 2822 12.87 -25.25 146.35
CA THR A 2822 12.22 -24.63 147.49
C THR A 2822 12.33 -23.11 147.38
N ILE A 2823 11.20 -22.43 147.55
CA ILE A 2823 11.16 -20.97 147.56
C ILE A 2823 10.80 -20.54 148.98
N GLU A 2824 11.61 -19.66 149.55
CA GLU A 2824 11.49 -19.28 150.95
C GLU A 2824 11.24 -17.77 151.07
N LYS A 2825 10.34 -17.41 151.98
CA LYS A 2825 9.99 -16.00 152.23
C LYS A 2825 11.02 -15.43 153.21
N ALA A 2826 12.21 -15.14 152.69
CA ALA A 2826 13.31 -14.63 153.50
C ALA A 2826 13.07 -13.22 154.06
N ARG A 2827 12.05 -12.51 153.58
CA ARG A 2827 11.68 -11.19 154.04
C ARG A 2827 10.36 -11.25 154.82
N GLU A 2828 9.99 -10.11 155.40
CA GLU A 2828 8.71 -10.00 156.10
C GLU A 2828 8.22 -8.56 155.92
N GLY A 2829 7.33 -8.37 154.95
CA GLY A 2829 6.77 -7.07 154.67
C GLY A 2829 5.44 -7.20 153.94
N GLU A 2830 4.80 -6.04 153.76
CA GLU A 2830 3.52 -5.88 153.07
C GLU A 2830 2.40 -6.75 153.64
N TYR A 2855 -2.86 4.16 141.11
CA TYR A 2855 -2.54 3.39 139.92
C TYR A 2855 -1.43 4.07 139.14
N ASN A 2856 -0.26 4.19 139.76
CA ASN A 2856 0.88 4.88 139.15
C ASN A 2856 2.11 4.01 139.35
N PRO A 2857 2.64 3.38 138.30
CA PRO A 2857 3.74 2.43 138.46
C PRO A 2857 5.09 3.09 138.78
N GLN A 2858 5.19 3.66 139.99
CA GLN A 2858 6.46 4.24 140.42
C GLN A 2858 7.60 3.23 140.58
N PRO A 2859 7.46 2.09 141.30
CA PRO A 2859 8.62 1.19 141.48
C PRO A 2859 8.93 0.42 140.20
N PRO A 2860 10.10 0.63 139.57
CA PRO A 2860 10.44 -0.17 138.40
C PRO A 2860 11.10 -1.49 138.77
N ASP A 2861 10.43 -2.59 138.46
CA ASP A 2861 10.99 -3.92 138.67
C ASP A 2861 11.67 -4.42 137.40
N LEU A 2862 12.69 -3.69 136.99
CA LEU A 2862 13.42 -3.94 135.76
C LEU A 2862 14.56 -4.94 136.02
N SER A 2863 15.08 -5.50 134.93
CA SER A 2863 16.14 -6.49 134.97
C SER A 2863 17.36 -6.00 134.21
N GLY A 2864 17.72 -4.73 134.40
CA GLY A 2864 18.82 -4.14 133.65
C GLY A 2864 20.21 -4.45 134.16
N VAL A 2865 20.35 -5.15 135.28
CA VAL A 2865 21.67 -5.49 135.80
C VAL A 2865 21.81 -7.00 135.87
N THR A 2866 22.99 -7.48 136.27
CA THR A 2866 23.22 -8.91 136.33
C THR A 2866 22.67 -9.50 137.63
N LEU A 2867 22.46 -10.81 137.61
CA LEU A 2867 21.92 -11.55 138.74
C LEU A 2867 22.82 -12.75 138.97
N SER A 2868 22.69 -13.35 140.17
CA SER A 2868 23.50 -14.50 140.58
C SER A 2868 23.37 -15.65 139.59
N ARG A 2869 24.52 -16.27 139.28
CA ARG A 2869 24.64 -17.21 138.15
C ARG A 2869 23.77 -18.46 138.30
N GLU A 2870 23.78 -19.09 139.49
CA GLU A 2870 23.00 -20.31 139.68
CA GLU A 2870 23.00 -20.31 139.68
C GLU A 2870 21.50 -20.04 139.58
N LEU A 2871 21.03 -18.94 140.17
CA LEU A 2871 19.62 -18.60 140.11
C LEU A 2871 19.23 -18.20 138.69
N GLN A 2872 20.13 -17.49 138.00
CA GLN A 2872 19.87 -17.10 136.62
C GLN A 2872 19.77 -18.34 135.73
N ALA A 2873 20.58 -19.37 136.01
CA ALA A 2873 20.47 -20.62 135.26
C ALA A 2873 19.13 -21.30 135.54
N MET A 2874 18.61 -21.11 136.77
CA MET A 2874 17.31 -21.70 137.10
C MET A 2874 16.23 -21.03 136.26
N ALA A 2875 16.35 -19.71 136.10
CA ALA A 2875 15.36 -18.97 135.32
C ALA A 2875 15.39 -19.41 133.86
N GLU A 2876 16.59 -19.67 133.31
CA GLU A 2876 16.71 -20.13 131.93
C GLU A 2876 16.07 -21.49 131.74
N GLN A 2877 16.25 -22.40 132.72
CA GLN A 2877 15.57 -23.70 132.68
C GLN A 2877 14.04 -23.55 132.75
N LEU A 2878 13.55 -22.64 133.60
CA LEU A 2878 12.10 -22.43 133.64
C LEU A 2878 11.56 -21.71 132.40
N ALA A 2879 12.34 -20.80 131.81
CA ALA A 2879 11.99 -20.26 130.49
C ALA A 2879 11.98 -21.33 129.41
N GLU A 2880 12.87 -22.32 129.51
CA GLU A 2880 12.81 -23.48 128.61
C GLU A 2880 11.51 -24.27 128.80
N ASN A 2881 11.07 -24.42 130.05
CA ASN A 2881 9.76 -25.02 130.30
C ASN A 2881 8.64 -24.17 129.71
N TYR A 2882 8.75 -22.83 129.81
CA TYR A 2882 7.75 -21.93 129.25
C TYR A 2882 7.66 -22.12 127.74
N HIS A 2883 8.81 -22.25 127.10
CA HIS A 2883 8.87 -22.38 125.65
C HIS A 2883 8.30 -23.73 125.21
N ASN A 2884 8.67 -24.81 125.90
CA ASN A 2884 8.16 -26.11 125.46
C ASN A 2884 6.66 -26.29 125.77
N THR A 2885 6.14 -25.61 126.79
CA THR A 2885 4.68 -25.56 126.98
C THR A 2885 3.98 -24.82 125.83
N TRP A 2886 4.55 -23.68 125.41
CA TRP A 2886 4.02 -22.98 124.24
C TRP A 2886 4.16 -23.84 122.97
N GLY A 2887 5.28 -24.55 122.83
CA GLY A 2887 5.48 -25.41 121.69
C GLY A 2887 4.48 -26.56 121.66
N ARG A 2888 4.21 -27.15 122.84
CA ARG A 2888 3.26 -28.26 122.93
C ARG A 2888 1.86 -27.80 122.52
N LYS A 2889 1.39 -26.67 123.09
CA LYS A 2889 0.07 -26.19 122.69
C LYS A 2889 0.02 -25.70 121.25
N LYS A 2890 1.15 -25.31 120.66
CA LYS A 2890 1.16 -24.98 119.24
C LYS A 2890 1.17 -26.26 118.38
N LYS A 2891 1.86 -27.29 118.83
CA LYS A 2891 1.92 -28.53 118.07
C LYS A 2891 0.66 -29.34 118.19
N GLN A 2892 -0.19 -29.05 119.19
CA GLN A 2892 -1.47 -29.75 119.26
C GLN A 2892 -2.34 -29.37 118.07
N GLU A 2893 -2.35 -28.08 117.72
CA GLU A 2893 -3.03 -27.64 116.51
C GLU A 2893 -2.25 -27.96 115.25
N LEU A 2894 -0.92 -28.10 115.37
CA LEU A 2894 -0.08 -28.36 114.20
C LEU A 2894 -0.04 -29.83 113.82
N GLU A 2895 -0.47 -30.73 114.70
CA GLU A 2895 -0.41 -32.17 114.43
C GLU A 2895 -1.61 -32.68 113.64
N ALA A 2896 -2.54 -31.81 113.27
CA ALA A 2896 -3.76 -32.23 112.58
C ALA A 2896 -3.58 -32.32 111.07
N LYS A 2897 -2.40 -31.95 110.54
CA LYS A 2897 -2.13 -32.07 109.12
C LYS A 2897 -1.00 -33.03 108.79
N GLY A 2898 -0.04 -33.22 109.70
CA GLY A 2898 1.00 -34.21 109.51
C GLY A 2898 2.15 -33.81 108.60
N GLY A 2899 2.19 -32.58 108.11
CA GLY A 2899 3.29 -32.14 107.29
C GLY A 2899 3.62 -30.68 107.47
N GLY A 2900 4.87 -30.39 107.81
CA GLY A 2900 5.32 -29.04 108.08
C GLY A 2900 5.62 -28.85 109.56
N THR A 2901 6.21 -27.70 109.86
CA THR A 2901 6.55 -27.37 111.23
C THR A 2901 6.60 -25.86 111.41
N HIS A 2902 6.30 -25.43 112.63
CA HIS A 2902 6.34 -24.02 112.98
C HIS A 2902 7.79 -23.58 113.14
N PRO A 2903 8.12 -22.32 112.76
CA PRO A 2903 9.50 -21.83 112.94
C PRO A 2903 9.96 -21.81 114.39
N LEU A 2904 9.04 -21.69 115.35
CA LEU A 2904 9.40 -21.68 116.76
C LEU A 2904 9.36 -23.08 117.38
N LEU A 2905 9.10 -24.12 116.59
CA LEU A 2905 9.12 -25.50 117.07
C LEU A 2905 10.54 -26.06 117.12
N VAL A 2906 11.40 -25.37 117.87
CA VAL A 2906 12.79 -25.80 118.10
C VAL A 2906 13.04 -25.74 119.60
N PRO A 2907 13.96 -26.55 120.13
CA PRO A 2907 14.30 -26.45 121.56
C PRO A 2907 14.97 -25.12 121.89
N TYR A 2908 14.93 -24.78 123.17
CA TYR A 2908 15.45 -23.51 123.67
C TYR A 2908 16.98 -23.39 123.55
N ASP A 2909 17.69 -24.49 123.32
CA ASP A 2909 19.14 -24.43 123.24
C ASP A 2909 19.62 -24.09 121.83
N THR A 2910 19.01 -24.69 120.80
CA THR A 2910 19.41 -24.43 119.42
C THR A 2910 19.15 -22.98 119.02
N LEU A 2911 18.03 -22.43 119.47
CA LEU A 2911 17.66 -21.06 119.11
C LEU A 2911 18.59 -20.04 119.76
N THR A 2912 18.94 -19.00 119.01
CA THR A 2912 19.74 -17.91 119.53
C THR A 2912 18.82 -16.81 120.05
N ALA A 2913 19.38 -15.62 120.32
CA ALA A 2913 18.65 -14.53 120.98
C ALA A 2913 17.52 -13.93 120.14
N LYS A 2914 17.47 -14.21 118.83
CA LYS A 2914 16.45 -13.62 117.97
C LYS A 2914 15.04 -14.05 118.35
N GLU A 2915 14.89 -15.28 118.86
CA GLU A 2915 13.62 -15.81 119.35
C GLU A 2915 13.75 -16.33 120.77
N LYS A 2916 14.64 -15.72 121.56
CA LYS A 2916 14.87 -16.10 122.94
C LYS A 2916 14.49 -15.01 123.94
N ALA A 2917 14.61 -13.74 123.54
CA ALA A 2917 14.42 -12.61 124.45
C ALA A 2917 12.99 -12.52 124.97
N ARG A 2918 12.01 -13.05 124.24
CA ARG A 2918 10.60 -12.99 124.65
C ARG A 2918 10.39 -13.71 125.98
N ASP A 2919 10.95 -14.92 126.13
CA ASP A 2919 10.92 -15.61 127.41
C ASP A 2919 12.05 -15.18 128.33
N ARG A 2920 13.20 -14.75 127.77
CA ARG A 2920 14.34 -14.33 128.58
C ARG A 2920 14.00 -13.12 129.45
N GLU A 2921 13.47 -12.06 128.85
CA GLU A 2921 13.08 -10.85 129.58
C GLU A 2921 11.99 -11.13 130.60
N LYS A 2922 11.00 -11.95 130.25
CA LYS A 2922 9.96 -12.35 131.18
C LYS A 2922 10.54 -13.09 132.40
N ALA A 2923 11.43 -14.06 132.17
CA ALA A 2923 12.07 -14.80 133.25
C ALA A 2923 12.96 -13.89 134.10
N GLN A 2924 13.72 -13.01 133.46
CA GLN A 2924 14.58 -12.08 134.19
C GLN A 2924 13.76 -11.09 135.03
N GLU A 2925 12.65 -10.58 134.48
CA GLU A 2925 11.77 -9.71 135.24
C GLU A 2925 11.12 -10.44 136.42
N LEU A 2926 10.71 -11.69 136.22
CA LEU A 2926 10.19 -12.53 137.30
C LEU A 2926 11.23 -12.74 138.39
N LEU A 2927 12.46 -13.04 137.99
CA LEU A 2927 13.50 -13.39 138.95
C LEU A 2927 14.02 -12.15 139.68
N LYS A 2928 14.10 -11.01 138.99
CA LYS A 2928 14.37 -9.75 139.68
C LYS A 2928 13.25 -9.44 140.66
N PHE A 2929 11.98 -9.66 140.22
CA PHE A 2929 10.84 -9.40 141.08
C PHE A 2929 10.90 -10.28 142.33
N LEU A 2930 11.55 -11.44 142.23
CA LEU A 2930 11.82 -12.24 143.42
C LEU A 2930 12.99 -11.65 144.19
N GLN A 2931 13.87 -10.93 143.50
CA GLN A 2931 15.12 -10.51 144.14
C GLN A 2931 14.88 -9.34 145.07
N MET A 2932 14.38 -8.20 144.55
CA MET A 2932 14.23 -7.03 145.44
C MET A 2932 13.19 -7.29 146.53
N ASN A 2933 12.22 -8.18 146.27
CA ASN A 2933 11.37 -8.68 147.36
C ASN A 2933 12.20 -9.45 148.38
N GLY A 2934 13.14 -10.28 147.92
CA GLY A 2934 13.95 -11.05 148.83
C GLY A 2934 13.75 -12.55 148.79
N TYR A 2935 13.46 -13.09 147.61
CA TYR A 2935 13.27 -14.51 147.44
C TYR A 2935 14.53 -15.13 146.83
N ALA A 2936 14.93 -16.28 147.38
CA ALA A 2936 16.04 -17.05 146.84
C ALA A 2936 15.58 -18.49 146.59
N VAL A 2937 15.87 -18.99 145.39
CA VAL A 2937 15.48 -20.33 144.98
C VAL A 2937 16.75 -21.14 144.76
N THR A 2938 16.86 -22.26 145.48
CA THR A 2938 18.01 -23.15 145.37
C THR A 2938 17.52 -24.58 145.56
N ARG A 2939 18.12 -25.53 144.83
CA ARG A 2939 17.73 -26.93 144.90
C ARG A 2939 18.00 -27.53 146.28
N LEU A 2946 28.60 -26.48 137.18
CA LEU A 2946 28.58 -25.81 138.48
C LEU A 2946 29.99 -25.31 138.80
N ASP A 2947 30.12 -23.98 138.80
CA ASP A 2947 31.38 -23.25 139.04
C ASP A 2947 32.49 -23.72 138.10
N THR A 2948 32.28 -23.45 136.81
CA THR A 2948 33.25 -23.73 135.78
C THR A 2948 34.01 -22.47 135.38
N SER A 2949 35.26 -22.67 134.99
CA SER A 2949 36.14 -21.57 134.59
C SER A 2949 36.30 -21.56 133.07
N SER A 2950 36.98 -20.51 132.58
CA SER A 2950 37.24 -20.36 131.15
C SER A 2950 38.09 -21.49 130.60
N ILE A 2951 38.97 -22.06 131.44
CA ILE A 2951 39.76 -23.21 130.99
C ILE A 2951 38.86 -24.42 130.82
N GLU A 2952 37.97 -24.66 131.78
CA GLU A 2952 37.10 -25.83 131.74
C GLU A 2952 36.04 -25.74 130.64
N LYS A 2953 35.67 -24.52 130.23
CA LYS A 2953 34.67 -24.36 129.17
C LYS A 2953 35.23 -24.63 127.78
N ARG A 2954 36.55 -24.76 127.63
CA ARG A 2954 37.15 -24.96 126.32
C ARG A 2954 36.74 -26.29 125.70
N PHE A 2955 36.57 -26.25 124.38
CA PHE A 2955 36.24 -27.45 123.62
C PHE A 2955 37.36 -28.47 123.67
N ALA A 2956 38.62 -28.03 123.48
CA ALA A 2956 39.74 -28.95 123.57
C ALA A 2956 39.89 -29.53 124.97
N PHE A 2957 39.53 -28.75 126.00
CA PHE A 2957 39.52 -29.23 127.38
C PHE A 2957 38.52 -30.35 127.56
N GLY A 2958 37.28 -30.14 127.11
CA GLY A 2958 36.27 -31.19 127.23
C GLY A 2958 36.58 -32.38 126.34
N PHE A 2959 37.14 -32.12 125.16
CA PHE A 2959 37.46 -33.17 124.20
C PHE A 2959 38.52 -34.09 124.76
N LEU A 2960 39.63 -33.52 125.25
CA LEU A 2960 40.68 -34.32 125.85
C LEU A 2960 40.22 -35.00 127.13
N GLN A 2961 39.31 -34.36 127.88
CA GLN A 2961 38.71 -35.00 129.06
C GLN A 2961 37.99 -36.29 128.68
N GLN A 2962 37.19 -36.23 127.61
CA GLN A 2962 36.52 -37.42 127.08
C GLN A 2962 37.52 -38.43 126.53
N LEU A 2963 38.57 -37.95 125.85
CA LEU A 2963 39.59 -38.84 125.30
C LEU A 2963 40.30 -39.61 126.40
N LEU A 2964 40.65 -38.92 127.50
CA LEU A 2964 41.24 -39.59 128.66
C LEU A 2964 40.25 -40.58 129.29
N ARG A 2965 38.97 -40.21 129.35
CA ARG A 2965 37.94 -41.12 129.87
C ARG A 2965 37.85 -42.39 129.02
N TRP A 2966 37.88 -42.26 127.69
CA TRP A 2966 37.89 -43.45 126.86
C TRP A 2966 39.26 -44.11 126.82
N MET A 2967 40.30 -43.39 127.22
CA MET A 2967 41.65 -43.94 127.26
C MET A 2967 41.77 -44.95 128.38
N ASP A 2968 41.28 -44.61 129.57
CA ASP A 2968 41.35 -45.56 130.69
C ASP A 2968 40.51 -46.80 130.40
N ILE A 2969 39.36 -46.62 129.72
CA ILE A 2969 38.54 -47.75 129.25
C ILE A 2969 39.34 -48.62 128.28
N SER A 2970 40.13 -47.98 127.40
CA SER A 2970 40.98 -48.74 126.48
C SER A 2970 42.03 -49.56 127.23
N GLN A 2971 42.64 -48.96 128.26
CA GLN A 2971 43.56 -49.72 129.12
C GLN A 2971 42.83 -50.83 129.84
N GLU A 2972 41.54 -50.63 130.12
CA GLU A 2972 40.76 -51.59 130.87
C GLU A 2972 40.55 -52.84 130.03
N PHE A 2973 40.13 -52.65 128.77
CA PHE A 2973 39.75 -53.82 127.99
C PHE A 2973 40.94 -54.51 127.36
N ILE A 2974 42.08 -53.81 127.15
CA ILE A 2974 43.23 -54.47 126.50
C ILE A 2974 43.74 -55.63 127.36
N ALA A 2975 43.89 -55.42 128.67
CA ALA A 2975 44.37 -56.47 129.58
C ALA A 2975 43.41 -57.65 129.63
N HIS A 2976 42.11 -57.39 129.52
CA HIS A 2976 41.13 -58.46 129.36
C HIS A 2976 41.36 -59.24 128.08
N LEU A 2977 41.64 -58.54 126.98
CA LEU A 2977 41.93 -59.21 125.70
C LEU A 2977 43.20 -60.05 125.79
N GLU A 2978 44.25 -59.53 126.45
CA GLU A 2978 45.49 -60.27 126.60
C GLU A 2978 45.30 -61.50 127.47
N ALA A 2979 44.50 -61.36 128.54
CA ALA A 2979 44.24 -62.48 129.42
C ALA A 2979 43.48 -63.57 128.69
N VAL A 2980 42.46 -63.20 127.90
CA VAL A 2980 41.66 -64.24 127.25
C VAL A 2980 42.34 -64.77 126.01
N VAL A 2981 43.38 -64.09 125.50
CA VAL A 2981 44.07 -64.61 124.33
C VAL A 2981 45.23 -65.52 124.76
N SER A 2982 45.85 -65.26 125.92
CA SER A 2982 46.94 -66.09 126.38
C SER A 2982 46.54 -67.14 127.42
N SER A 2983 45.27 -67.16 127.86
CA SER A 2983 44.84 -68.16 128.83
C SER A 2983 43.33 -68.27 128.81
N GLY A 2984 42.82 -69.50 128.79
CA GLY A 2984 41.38 -69.71 128.72
C GLY A 2984 40.77 -69.13 127.46
N ARG A 2985 41.06 -69.74 126.31
CA ARG A 2985 40.65 -69.23 124.99
C ARG A 2985 39.15 -69.03 124.86
N VAL A 2986 38.73 -67.77 124.80
CA VAL A 2986 37.33 -67.39 124.61
C VAL A 2986 37.32 -66.10 123.81
N GLU A 2987 36.44 -66.04 122.81
CA GLU A 2987 36.34 -64.92 121.89
C GLU A 2987 34.97 -64.24 121.97
N LYS A 2988 34.35 -64.29 123.14
CA LYS A 2988 33.06 -63.64 123.35
C LYS A 2988 33.19 -62.13 123.20
N SER A 2989 34.25 -61.54 123.77
CA SER A 2989 34.59 -60.12 123.73
C SER A 2989 33.44 -59.23 124.18
N PRO A 2990 33.14 -59.16 125.49
CA PRO A 2990 32.02 -58.32 125.96
C PRO A 2990 32.15 -56.83 125.66
N HIS A 2991 33.37 -56.35 125.40
CA HIS A 2991 33.62 -54.94 125.13
C HIS A 2991 33.97 -54.70 123.67
N GLU A 2992 33.53 -55.59 122.77
CA GLU A 2992 33.79 -55.45 121.34
C GLU A 2992 33.18 -54.19 120.75
N GLN A 2993 32.07 -53.72 121.32
CA GLN A 2993 31.51 -52.41 120.93
C GLN A 2993 32.50 -51.29 121.21
N GLU A 2994 33.16 -51.33 122.37
CA GLU A 2994 34.23 -50.39 122.67
C GLU A 2994 35.44 -50.59 121.77
N ILE A 2995 35.80 -51.84 121.48
CA ILE A 2995 36.96 -52.13 120.62
C ILE A 2995 36.75 -51.55 119.22
N LYS A 2996 35.57 -51.79 118.64
CA LYS A 2996 35.21 -51.23 117.34
C LYS A 2996 35.11 -49.71 117.38
N PHE A 2997 34.54 -49.15 118.45
CA PHE A 2997 34.45 -47.69 118.59
C PHE A 2997 35.82 -47.06 118.69
N PHE A 2998 36.73 -47.66 119.45
CA PHE A 2998 38.09 -47.13 119.56
C PHE A 2998 38.82 -47.24 118.24
N ALA A 2999 38.82 -48.45 117.65
CA ALA A 2999 39.65 -48.73 116.49
C ALA A 2999 39.13 -48.05 115.22
N LYS A 3000 37.86 -47.64 115.21
CA LYS A 3000 37.29 -47.05 114.02
C LYS A 3000 36.97 -45.58 114.18
N ILE A 3001 36.96 -45.05 115.41
CA ILE A 3001 36.62 -43.65 115.68
C ILE A 3001 37.75 -42.91 116.36
N LEU A 3002 38.27 -43.45 117.47
CA LEU A 3002 39.30 -42.76 118.23
C LEU A 3002 40.60 -42.58 117.43
N LEU A 3003 41.02 -43.61 116.69
CA LEU A 3003 42.24 -43.47 115.89
C LEU A 3003 42.13 -42.42 114.78
N PRO A 3004 41.07 -42.37 113.93
CA PRO A 3004 41.06 -41.29 112.94
C PRO A 3004 40.78 -39.93 113.54
N LEU A 3005 39.89 -39.83 114.53
CA LEU A 3005 39.55 -38.52 115.10
C LEU A 3005 40.77 -37.88 115.76
N ILE A 3006 41.53 -38.66 116.53
CA ILE A 3006 42.78 -38.16 117.13
C ILE A 3006 43.78 -37.81 116.05
N ASN A 3007 43.83 -38.61 114.97
CA ASN A 3007 44.75 -38.33 113.87
C ASN A 3007 44.44 -36.98 113.22
N GLN A 3008 43.16 -36.71 112.97
CA GLN A 3008 42.84 -35.52 112.18
C GLN A 3008 42.72 -34.29 113.06
N TYR A 3009 42.20 -34.44 114.29
CA TYR A 3009 42.00 -33.30 115.18
C TYR A 3009 43.33 -32.65 115.49
N PHE A 3010 44.33 -33.46 115.85
CA PHE A 3010 45.64 -32.86 116.09
C PHE A 3010 46.41 -32.60 114.81
N THR A 3011 45.99 -33.15 113.66
CA THR A 3011 46.58 -32.71 112.41
C THR A 3011 46.21 -31.27 112.13
N ASN A 3012 44.93 -30.92 112.33
CA ASN A 3012 44.51 -29.55 112.11
C ASN A 3012 44.95 -28.62 113.23
N HIS A 3013 44.82 -29.06 114.48
CA HIS A 3013 45.14 -28.23 115.64
C HIS A 3013 46.53 -28.51 116.21
N CYS A 3014 47.47 -28.91 115.36
CA CYS A 3014 48.82 -29.23 115.82
C CYS A 3014 49.51 -28.00 116.42
N LEU A 3015 49.32 -26.83 115.79
CA LEU A 3015 49.97 -25.61 116.29
C LEU A 3015 49.30 -25.05 117.53
N TYR A 3016 48.00 -25.29 117.72
CA TYR A 3016 47.27 -24.74 118.88
C TYR A 3016 47.82 -25.29 120.19
N PHE A 3017 48.03 -26.59 120.26
CA PHE A 3017 48.56 -27.20 121.47
C PHE A 3017 50.06 -26.93 121.60
N LEU A 3018 50.75 -26.84 120.47
CA LEU A 3018 52.15 -26.41 120.50
C LEU A 3018 52.31 -24.94 120.85
N SER A 3019 51.25 -24.14 120.70
CA SER A 3019 51.34 -22.73 120.98
C SER A 3019 51.53 -22.48 122.48
N THR A 3020 52.39 -21.53 122.80
CA THR A 3020 52.62 -21.00 124.13
C THR A 3020 52.46 -19.49 124.05
N PRO A 3021 52.03 -18.84 125.15
CA PRO A 3021 51.92 -17.36 125.12
C PRO A 3021 53.21 -16.64 124.79
N ALA A 3022 54.37 -17.22 125.13
CA ALA A 3022 55.65 -16.62 124.77
C ALA A 3022 55.87 -16.62 123.26
N LYS A 3023 55.55 -17.72 122.58
CA LYS A 3023 55.76 -17.86 121.15
C LYS A 3023 54.48 -18.38 120.51
N VAL A 3024 53.80 -17.51 119.75
CA VAL A 3024 52.55 -17.86 119.10
C VAL A 3024 52.84 -18.44 117.73
N LEU A 3025 52.43 -19.70 117.52
CA LEU A 3025 52.72 -20.41 116.28
C LEU A 3025 51.59 -20.24 115.27
N GLY A 3026 50.38 -20.67 115.62
CA GLY A 3026 49.26 -20.63 114.71
C GLY A 3026 48.67 -19.22 114.59
N SER A 3027 47.48 -19.17 113.97
CA SER A 3027 46.77 -17.90 113.80
C SER A 3027 46.42 -17.27 115.15
N GLY A 3028 45.94 -18.08 116.09
CA GLY A 3028 45.58 -17.57 117.40
C GLY A 3028 45.26 -18.72 118.31
N GLY A 3029 45.15 -18.39 119.60
CA GLY A 3029 44.81 -19.38 120.60
C GLY A 3029 45.98 -20.24 121.02
N HIS A 3030 46.22 -20.32 122.31
CA HIS A 3030 47.27 -21.18 122.84
C HIS A 3030 46.67 -22.07 123.92
N ALA A 3031 47.05 -23.34 123.90
CA ALA A 3031 46.48 -24.31 124.83
C ALA A 3031 46.87 -23.97 126.26
N SER A 3032 46.00 -24.31 127.20
CA SER A 3032 46.35 -24.08 128.59
C SER A 3032 47.35 -25.13 129.07
N ASN A 3033 47.92 -24.85 130.24
CA ASN A 3033 48.89 -25.75 130.86
C ASN A 3033 48.26 -27.12 131.13
N LYS A 3034 47.02 -27.12 131.64
CA LYS A 3034 46.30 -28.35 131.93
C LYS A 3034 46.12 -29.19 130.66
N GLU A 3035 45.70 -28.54 129.57
CA GLU A 3035 45.52 -29.25 128.29
C GLU A 3035 46.82 -29.83 127.77
N LYS A 3036 47.93 -29.09 127.89
CA LYS A 3036 49.25 -29.61 127.53
C LYS A 3036 49.67 -30.79 128.40
N GLU A 3037 49.23 -30.80 129.66
CA GLU A 3037 49.50 -31.97 130.49
C GLU A 3037 48.62 -33.14 130.10
N MET A 3038 47.33 -32.89 129.82
CA MET A 3038 46.42 -33.96 129.43
C MET A 3038 46.87 -34.64 128.14
N ILE A 3039 47.32 -33.85 127.16
CA ILE A 3039 47.84 -34.45 125.92
C ILE A 3039 49.14 -35.21 126.17
N THR A 3040 50.01 -34.69 127.08
CA THR A 3040 51.25 -35.42 127.40
C THR A 3040 50.95 -36.75 128.08
N SER A 3041 50.01 -36.74 129.03
CA SER A 3041 49.57 -37.95 129.70
C SER A 3041 48.94 -38.92 128.72
N LEU A 3042 48.10 -38.42 127.82
CA LEU A 3042 47.45 -39.26 126.81
C LEU A 3042 48.48 -39.89 125.88
N PHE A 3043 49.56 -39.15 125.57
CA PHE A 3043 50.64 -39.68 124.76
C PHE A 3043 51.34 -40.85 125.45
N CYS A 3044 51.71 -40.66 126.72
CA CYS A 3044 52.42 -41.72 127.44
C CYS A 3044 51.52 -42.93 127.68
N LYS A 3045 50.24 -42.67 128.00
CA LYS A 3045 49.27 -43.73 128.18
C LYS A 3045 49.12 -44.53 126.90
N LEU A 3046 49.07 -43.85 125.74
CA LEU A 3046 48.90 -44.55 124.46
C LEU A 3046 50.12 -45.44 124.21
N ALA A 3047 51.30 -44.92 124.55
CA ALA A 3047 52.54 -45.66 124.34
C ALA A 3047 52.54 -46.96 125.15
N ALA A 3048 52.11 -46.87 126.42
CA ALA A 3048 52.02 -48.09 127.20
C ALA A 3048 50.82 -48.93 126.81
N LEU A 3049 49.79 -48.31 126.22
CA LEU A 3049 48.62 -49.04 125.74
C LEU A 3049 49.01 -50.01 124.64
N VAL A 3050 49.89 -49.55 123.74
CA VAL A 3050 50.30 -50.37 122.62
C VAL A 3050 51.59 -51.13 122.92
N ARG A 3051 52.21 -50.91 124.10
CA ARG A 3051 53.51 -51.50 124.40
C ARG A 3051 53.44 -53.03 124.44
N HIS A 3052 54.17 -53.67 123.52
CA HIS A 3052 54.28 -55.13 123.36
C HIS A 3052 52.95 -55.79 123.00
N ARG A 3053 52.05 -55.04 122.35
CA ARG A 3053 50.75 -55.56 121.93
C ARG A 3053 50.46 -55.24 120.46
N VAL A 3054 51.50 -55.22 119.62
CA VAL A 3054 51.33 -54.85 118.22
C VAL A 3054 50.52 -55.91 117.45
N SER A 3055 50.72 -57.19 117.77
CA SER A 3055 50.03 -58.25 117.05
C SER A 3055 48.59 -58.47 117.51
N LEU A 3056 48.21 -57.92 118.66
CA LEU A 3056 46.87 -58.12 119.20
C LEU A 3056 45.85 -57.12 118.66
N PHE A 3057 46.29 -56.06 117.99
CA PHE A 3057 45.39 -55.06 117.44
C PHE A 3057 45.13 -55.23 115.95
N GLY A 3058 45.65 -56.28 115.34
CA GLY A 3058 45.50 -56.47 113.90
C GLY A 3058 46.20 -55.39 113.10
N THR A 3059 45.45 -54.70 112.25
CA THR A 3059 46.00 -53.65 111.40
C THR A 3059 45.62 -52.26 111.87
N ASP A 3060 45.21 -52.11 113.12
CA ASP A 3060 44.97 -50.80 113.69
C ASP A 3060 46.26 -50.12 114.15
N ALA A 3061 47.35 -50.90 114.22
CA ALA A 3061 48.65 -50.35 114.59
C ALA A 3061 49.16 -49.21 113.71
N PRO A 3062 49.05 -49.21 112.36
CA PRO A 3062 49.45 -47.99 111.62
C PRO A 3062 48.71 -46.73 112.04
N ALA A 3063 47.41 -46.86 112.35
CA ALA A 3063 46.63 -45.73 112.85
C ALA A 3063 47.14 -45.28 114.21
N VAL A 3064 47.52 -46.24 115.06
CA VAL A 3064 48.03 -45.90 116.39
C VAL A 3064 49.36 -45.18 116.27
N VAL A 3065 50.29 -45.73 115.46
CA VAL A 3065 51.62 -45.14 115.38
C VAL A 3065 51.55 -43.75 114.72
N ASN A 3066 50.64 -43.56 113.74
CA ASN A 3066 50.46 -42.23 113.14
C ASN A 3066 49.96 -41.21 114.16
N CYS A 3067 48.99 -41.60 115.00
CA CYS A 3067 48.56 -40.72 116.09
C CYS A 3067 49.68 -40.43 117.08
N LEU A 3068 50.42 -41.48 117.47
CA LEU A 3068 51.49 -41.30 118.45
C LEU A 3068 52.64 -40.47 117.88
N HIS A 3069 52.83 -40.51 116.56
CA HIS A 3069 53.73 -39.61 115.85
C HIS A 3069 53.25 -38.17 115.92
N ILE A 3070 51.97 -37.94 115.63
CA ILE A 3070 51.44 -36.58 115.63
C ILE A 3070 51.45 -36.01 117.05
N LEU A 3071 51.15 -36.84 118.05
CA LEU A 3071 51.21 -36.39 119.45
C LEU A 3071 52.62 -35.99 119.84
N ALA A 3072 53.62 -36.79 119.41
CA ALA A 3072 55.02 -36.46 119.65
C ALA A 3072 55.40 -35.15 118.97
N ARG A 3073 54.94 -34.95 117.73
CA ARG A 3073 55.22 -33.70 117.05
C ARG A 3073 54.45 -32.53 117.67
N SER A 3074 53.35 -32.82 118.37
CA SER A 3074 52.48 -31.80 118.94
C SER A 3074 52.53 -31.76 120.46
N LEU A 3075 53.70 -31.97 121.05
CA LEU A 3075 53.87 -31.93 122.50
C LEU A 3075 54.78 -30.75 122.85
N ASP A 3076 54.29 -29.85 123.70
CA ASP A 3076 55.10 -28.79 124.27
C ASP A 3076 55.61 -29.21 125.65
N ALA A 3077 56.46 -30.24 125.62
CA ALA A 3077 56.98 -30.83 126.85
C ALA A 3077 57.84 -29.86 127.66
N ARG A 3078 58.35 -28.79 127.03
CA ARG A 3078 59.04 -27.73 127.78
C ARG A 3078 58.08 -27.06 128.75
N THR A 3079 56.87 -26.76 128.28
CA THR A 3079 55.91 -26.10 129.15
C THR A 3079 55.33 -27.09 130.14
N VAL A 3080 55.29 -28.37 129.77
CA VAL A 3080 54.75 -29.38 130.68
C VAL A 3080 55.69 -29.57 131.86
N MET A 3081 57.00 -29.71 131.58
CA MET A 3081 57.98 -29.89 132.65
C MET A 3081 58.10 -28.62 133.48
N LYS A 3082 58.12 -27.45 132.84
CA LYS A 3082 58.25 -26.20 133.57
C LYS A 3082 57.00 -25.94 134.43
N SER A 3083 55.86 -26.52 134.05
CA SER A 3083 54.63 -26.38 134.81
C SER A 3083 53.79 -27.62 134.52
N GLY A 3084 53.81 -28.58 135.45
CA GLY A 3084 53.09 -29.82 135.32
C GLY A 3084 53.06 -30.61 136.62
N PRO A 3085 52.05 -31.47 136.77
CA PRO A 3085 51.95 -32.28 137.99
C PRO A 3085 52.93 -33.45 137.99
N GLU A 3086 53.08 -34.04 139.17
CA GLU A 3086 53.95 -35.20 139.32
C GLU A 3086 53.40 -36.41 138.56
N ILE A 3087 52.07 -36.55 138.47
CA ILE A 3087 51.47 -37.68 137.76
C ILE A 3087 51.87 -37.66 136.28
N VAL A 3088 51.78 -36.48 135.64
CA VAL A 3088 52.19 -36.32 134.26
C VAL A 3088 53.70 -36.50 134.10
N LYS A 3089 54.48 -35.88 135.01
CA LYS A 3089 55.93 -36.02 134.92
C LYS A 3089 56.36 -37.47 135.12
N ALA A 3090 55.66 -38.21 135.99
CA ALA A 3090 55.88 -39.63 136.20
C ALA A 3090 55.57 -40.41 134.94
N GLY A 3091 54.52 -40.00 134.22
CA GLY A 3091 54.17 -40.67 132.97
C GLY A 3091 55.23 -40.48 131.91
N LEU A 3092 55.77 -39.26 131.80
CA LEU A 3092 56.77 -39.00 130.78
C LEU A 3092 58.11 -39.66 131.14
N ARG A 3093 58.51 -39.58 132.41
CA ARG A 3093 59.74 -40.24 132.85
C ARG A 3093 59.64 -41.75 132.68
N SER A 3094 58.46 -42.32 132.97
CA SER A 3094 58.28 -43.75 132.73
C SER A 3094 58.34 -44.05 131.24
N PHE A 3095 57.91 -43.09 130.38
CA PHE A 3095 58.00 -43.31 128.94
C PHE A 3095 59.45 -43.46 128.51
N PHE A 3096 60.33 -42.60 129.03
CA PHE A 3096 61.74 -42.76 128.69
C PHE A 3096 62.33 -43.98 129.37
N GLU A 3097 61.79 -44.36 130.52
CA GLU A 3097 62.27 -45.53 131.25
C GLU A 3097 62.02 -46.79 130.43
N SER A 3098 60.77 -46.96 129.98
CA SER A 3098 60.39 -48.11 129.17
C SER A 3098 61.10 -48.10 127.84
N ALA A 3099 61.26 -46.92 127.21
CA ALA A 3099 61.97 -46.85 125.94
C ALA A 3099 63.42 -47.30 126.08
N SER A 3100 64.08 -46.87 127.16
CA SER A 3100 65.43 -47.32 127.46
C SER A 3100 65.49 -48.81 127.73
N GLU A 3101 64.45 -49.36 128.38
CA GLU A 3101 64.43 -50.79 128.65
C GLU A 3101 64.29 -51.58 127.36
N ASP A 3102 63.35 -51.16 126.49
CA ASP A 3102 63.09 -51.90 125.25
C ASP A 3102 64.32 -51.89 124.33
N ILE A 3103 64.97 -50.72 124.21
CA ILE A 3103 66.19 -50.68 123.40
C ILE A 3103 67.31 -51.51 124.05
N GLU A 3104 67.39 -51.52 125.39
CA GLU A 3104 68.38 -52.38 126.03
C GLU A 3104 68.03 -53.86 125.93
N LYS A 3105 66.79 -54.19 125.57
CA LYS A 3105 66.43 -55.59 125.36
C LYS A 3105 66.70 -56.01 123.92
N MET A 3106 66.52 -55.09 122.96
CA MET A 3106 66.94 -55.44 121.60
C MET A 3106 68.45 -55.56 121.46
N VAL A 3107 69.23 -54.71 122.14
CA VAL A 3107 70.68 -54.79 121.93
C VAL A 3107 71.25 -56.13 122.41
N GLU A 3108 70.70 -56.68 123.50
CA GLU A 3108 71.05 -58.05 123.90
C GLU A 3108 70.38 -59.12 123.05
N ASN A 3109 69.22 -58.86 122.45
CA ASN A 3109 68.67 -59.85 121.53
C ASN A 3109 69.42 -59.87 120.20
N LEU A 3110 69.89 -58.72 119.73
CA LEU A 3110 70.67 -58.58 118.51
C LEU A 3110 72.16 -58.80 118.74
N ARG A 3111 72.58 -58.98 119.99
CA ARG A 3111 73.92 -59.44 120.34
C ARG A 3111 74.02 -60.97 120.34
N LEU A 3112 73.14 -61.63 119.57
CA LEU A 3112 73.03 -63.08 119.42
C LEU A 3112 72.64 -63.77 120.72
N GLY A 3113 72.02 -63.04 121.66
CA GLY A 3113 71.41 -63.69 122.80
C GLY A 3113 70.20 -64.52 122.45
N LYS A 3114 69.56 -64.24 121.32
CA LYS A 3114 68.49 -65.06 120.79
C LYS A 3114 68.75 -65.28 119.30
N VAL A 3115 68.36 -66.45 118.80
CA VAL A 3115 68.57 -66.80 117.40
C VAL A 3115 67.81 -65.86 116.48
N SER A 3116 66.51 -65.67 116.76
CA SER A 3116 65.58 -64.79 116.02
C SER A 3116 65.59 -64.99 114.50
N LYS A 3123 58.56 -66.55 121.16
CA LYS A 3123 58.54 -66.16 122.56
C LYS A 3123 58.45 -64.65 122.69
N GLY A 3124 58.66 -64.13 123.91
CA GLY A 3124 58.58 -62.70 124.15
C GLY A 3124 59.64 -61.89 123.44
N VAL A 3125 60.75 -62.53 123.04
CA VAL A 3125 61.80 -61.85 122.29
C VAL A 3125 61.25 -61.38 120.95
N GLY A 3126 60.45 -62.22 120.29
CA GLY A 3126 59.86 -61.84 119.01
C GLY A 3126 58.95 -60.64 119.12
N GLN A 3127 58.11 -60.62 120.18
CA GLN A 3127 57.22 -59.49 120.44
C GLN A 3127 57.99 -58.21 120.72
N ASN A 3128 59.07 -58.32 121.51
CA ASN A 3128 59.91 -57.15 121.79
C ASN A 3128 60.58 -56.66 120.52
N LEU A 3129 61.05 -57.59 119.68
CA LEU A 3129 61.74 -57.25 118.44
C LEU A 3129 60.78 -56.54 117.49
N THR A 3130 59.56 -57.02 117.36
CA THR A 3130 58.64 -56.42 116.41
C THR A 3130 57.91 -55.21 116.99
N TYR A 3131 58.03 -54.95 118.29
CA TYR A 3131 57.25 -53.85 118.85
C TYR A 3131 57.95 -52.51 118.66
N THR A 3132 59.14 -52.33 119.25
CA THR A 3132 59.77 -51.01 119.27
C THR A 3132 60.18 -50.54 117.87
N THR A 3133 60.91 -51.37 117.11
CA THR A 3133 61.44 -50.96 115.81
C THR A 3133 60.35 -50.65 114.77
N VAL A 3134 59.13 -51.08 115.02
CA VAL A 3134 57.99 -50.81 114.14
C VAL A 3134 57.14 -49.67 114.69
N ALA A 3135 56.80 -49.71 115.98
CA ALA A 3135 55.93 -48.70 116.59
C ALA A 3135 56.71 -47.63 117.37
N LEU A 3136 57.49 -48.04 118.38
CA LEU A 3136 58.05 -47.09 119.31
C LEU A 3136 59.24 -46.35 118.73
N LEU A 3137 60.16 -47.08 118.08
CA LEU A 3137 61.37 -46.47 117.52
C LEU A 3137 61.07 -45.40 116.47
N PRO A 3138 60.18 -45.60 115.47
CA PRO A 3138 59.82 -44.45 114.62
C PRO A 3138 59.18 -43.31 115.39
N VAL A 3139 58.37 -43.64 116.41
CA VAL A 3139 57.76 -42.63 117.26
C VAL A 3139 58.81 -41.92 118.12
N LEU A 3140 59.72 -42.69 118.72
CA LEU A 3140 60.81 -42.10 119.51
C LEU A 3140 61.71 -41.22 118.66
N THR A 3141 62.04 -41.68 117.44
CA THR A 3141 62.80 -40.90 116.48
C THR A 3141 62.06 -39.62 116.09
N THR A 3142 60.75 -39.70 115.89
CA THR A 3142 59.94 -38.53 115.57
C THR A 3142 59.90 -37.55 116.74
N LEU A 3143 59.80 -38.09 117.96
CA LEU A 3143 59.79 -37.25 119.16
C LEU A 3143 61.11 -36.49 119.29
N PHE A 3144 62.23 -37.17 119.06
CA PHE A 3144 63.53 -36.49 119.09
C PHE A 3144 63.67 -35.48 117.96
N GLN A 3145 63.05 -35.74 116.80
CA GLN A 3145 62.94 -34.73 115.76
C GLN A 3145 62.19 -33.50 116.26
N HIS A 3146 61.07 -33.71 116.96
CA HIS A 3146 60.31 -32.61 117.54
C HIS A 3146 61.11 -31.84 118.56
N ILE A 3147 61.87 -32.54 119.40
CA ILE A 3147 62.69 -31.89 120.41
C ILE A 3147 63.77 -31.05 119.73
N ALA A 3148 64.41 -31.61 118.68
CA ALA A 3148 65.46 -30.91 117.96
C ALA A 3148 64.94 -29.65 117.28
N GLN A 3149 63.69 -29.69 116.79
CA GLN A 3149 63.11 -28.54 116.09
C GLN A 3149 63.00 -27.33 117.02
N HIS A 3150 62.38 -27.51 118.17
CA HIS A 3150 62.08 -26.42 119.08
C HIS A 3150 63.17 -26.20 120.14
N GLN A 3151 64.22 -27.03 120.12
CA GLN A 3151 65.27 -27.05 121.15
C GLN A 3151 64.69 -27.27 122.56
N PHE A 3152 63.85 -28.30 122.68
CA PHE A 3152 63.30 -28.74 123.95
C PHE A 3152 64.24 -29.61 124.77
N GLY A 3153 65.47 -29.85 124.29
CA GLY A 3153 66.43 -30.62 125.06
C GLY A 3153 66.80 -29.97 126.38
N ASP A 3154 67.07 -28.67 126.37
CA ASP A 3154 67.47 -27.95 127.58
C ASP A 3154 66.35 -27.88 128.63
N ASP A 3155 65.10 -28.07 128.23
CA ASP A 3155 63.97 -27.90 129.12
C ASP A 3155 63.39 -29.19 129.68
N VAL A 3156 63.58 -30.32 128.99
CA VAL A 3156 62.99 -31.59 129.38
C VAL A 3156 64.05 -32.61 129.77
N ILE A 3157 65.17 -32.64 129.05
CA ILE A 3157 66.25 -33.59 129.35
C ILE A 3157 67.10 -32.92 130.42
N LEU A 3158 66.68 -33.11 131.69
CA LEU A 3158 67.29 -32.42 132.81
C LEU A 3158 67.97 -33.35 133.80
N ASP A 3159 67.25 -34.29 134.42
CA ASP A 3159 67.83 -35.08 135.51
C ASP A 3159 67.85 -36.58 135.24
N ASP A 3160 66.70 -37.19 134.93
CA ASP A 3160 66.66 -38.63 134.68
C ASP A 3160 66.48 -38.95 133.20
N VAL A 3161 65.93 -38.01 132.43
CA VAL A 3161 65.89 -38.16 130.98
C VAL A 3161 67.31 -38.19 130.44
N GLN A 3162 68.23 -37.47 131.08
CA GLN A 3162 69.64 -37.47 130.69
C GLN A 3162 70.22 -38.88 130.81
N VAL A 3163 69.96 -39.54 131.94
CA VAL A 3163 70.38 -40.91 132.18
C VAL A 3163 69.75 -41.86 131.17
N SER A 3164 68.45 -41.68 130.89
CA SER A 3164 67.75 -42.47 129.87
C SER A 3164 68.41 -42.33 128.50
N CYS A 3165 68.82 -41.10 128.16
CA CYS A 3165 69.58 -40.85 126.94
C CYS A 3165 70.92 -41.57 126.96
N TYR A 3166 71.63 -41.52 128.10
CA TYR A 3166 72.93 -42.19 128.18
C TYR A 3166 72.78 -43.71 128.01
N ARG A 3167 71.75 -44.29 128.63
CA ARG A 3167 71.51 -45.72 128.53
C ARG A 3167 71.21 -46.13 127.09
N THR A 3168 70.38 -45.34 126.41
CA THR A 3168 70.06 -45.62 125.02
C THR A 3168 71.29 -45.44 124.13
N LEU A 3169 72.08 -44.38 124.39
CA LEU A 3169 73.24 -44.08 123.57
C LEU A 3169 74.27 -45.20 123.67
N CYS A 3170 74.52 -45.70 124.89
CA CYS A 3170 75.45 -46.81 125.11
C CYS A 3170 74.98 -48.04 124.37
N SER A 3171 73.68 -48.34 124.50
CA SER A 3171 73.16 -49.60 123.97
C SER A 3171 73.19 -49.58 122.44
N ILE A 3172 72.73 -48.49 121.82
CA ILE A 3172 72.72 -48.42 120.37
C ILE A 3172 74.14 -48.42 119.84
N TYR A 3173 75.05 -47.67 120.49
CA TYR A 3173 76.44 -47.59 120.04
C TYR A 3173 77.17 -48.92 120.17
N SER A 3174 76.62 -49.87 120.95
CA SER A 3174 77.27 -51.17 121.10
C SER A 3174 77.13 -52.06 119.86
N LEU A 3175 76.36 -51.65 118.86
CA LEU A 3175 76.05 -52.46 117.67
C LEU A 3175 77.11 -52.37 116.58
N GLY A 3176 78.18 -51.59 116.79
CA GLY A 3176 79.14 -51.34 115.73
C GLY A 3176 79.92 -52.57 115.29
N THR A 3177 80.40 -53.36 116.24
CA THR A 3177 81.27 -54.49 115.92
C THR A 3177 80.52 -55.81 115.79
N THR A 3178 79.19 -55.81 115.90
CA THR A 3178 78.38 -57.02 115.77
C THR A 3178 77.65 -57.01 114.45
N LYS A 3179 77.76 -58.11 113.70
CA LYS A 3179 77.12 -58.23 112.39
C LYS A 3179 76.08 -59.33 112.44
N ASN A 3180 74.83 -58.98 112.17
CA ASN A 3180 73.71 -59.92 112.15
C ASN A 3180 72.74 -59.49 111.07
N THR A 3181 71.83 -60.40 110.71
CA THR A 3181 70.81 -60.11 109.72
C THR A 3181 69.88 -58.98 110.17
N TYR A 3182 69.47 -59.01 111.45
CA TYR A 3182 68.61 -57.97 112.00
C TYR A 3182 69.36 -56.65 112.10
N VAL A 3183 70.64 -56.70 112.51
CA VAL A 3183 71.43 -55.48 112.60
C VAL A 3183 71.59 -54.86 111.22
N GLU A 3184 71.85 -55.71 110.21
CA GLU A 3184 72.04 -55.24 108.84
C GLU A 3184 70.77 -54.59 108.31
N LYS A 3185 69.61 -55.21 108.54
CA LYS A 3185 68.38 -54.60 108.04
C LYS A 3185 67.85 -53.48 108.93
N LEU A 3186 68.45 -53.25 110.10
CA LEU A 3186 68.01 -52.16 110.98
C LEU A 3186 69.08 -51.11 111.20
N ARG A 3187 70.17 -51.14 110.43
CA ARG A 3187 71.17 -50.06 110.49
C ARG A 3187 70.61 -48.66 110.17
N PRO A 3188 69.82 -48.42 109.10
CA PRO A 3188 69.34 -47.05 108.88
C PRO A 3188 68.41 -46.53 109.97
N ALA A 3189 67.39 -47.31 110.36
CA ALA A 3189 66.44 -46.86 111.37
C ALA A 3189 67.10 -46.58 112.71
N LEU A 3190 68.00 -47.46 113.15
CA LEU A 3190 68.76 -47.22 114.39
C LEU A 3190 69.68 -46.00 114.26
N GLY A 3191 70.36 -45.87 113.11
CA GLY A 3191 71.22 -44.72 112.89
C GLY A 3191 70.48 -43.41 112.91
N GLU A 3192 69.29 -43.38 112.31
CA GLU A 3192 68.48 -42.16 112.36
C GLU A 3192 67.87 -41.95 113.74
N CYS A 3193 67.58 -43.03 114.46
CA CYS A 3193 67.01 -42.92 115.80
C CYS A 3193 68.01 -42.28 116.75
N LEU A 3194 69.26 -42.73 116.68
CA LEU A 3194 70.29 -42.17 117.54
C LEU A 3194 70.72 -40.80 117.04
N ALA A 3195 70.72 -40.56 115.73
CA ALA A 3195 71.07 -39.23 115.21
C ALA A 3195 70.08 -38.17 115.70
N ARG A 3196 68.78 -38.48 115.63
CA ARG A 3196 67.77 -37.60 116.23
C ARG A 3196 67.94 -37.47 117.73
N LEU A 3197 68.27 -38.56 118.42
CA LEU A 3197 68.49 -38.49 119.86
C LEU A 3197 69.71 -37.61 120.18
N ALA A 3198 70.78 -37.72 119.39
CA ALA A 3198 71.97 -36.89 119.56
C ALA A 3198 71.66 -35.42 119.35
N ALA A 3199 70.85 -35.10 118.32
CA ALA A 3199 70.40 -33.71 118.14
C ALA A 3199 69.52 -33.25 119.29
N ALA A 3200 68.62 -34.11 119.76
CA ALA A 3200 67.76 -33.78 120.90
C ALA A 3200 68.51 -33.73 122.21
N MET A 3201 69.71 -34.30 122.26
CA MET A 3201 70.49 -34.39 123.48
C MET A 3201 71.18 -33.06 123.79
N PRO A 3202 70.89 -32.44 124.94
CA PRO A 3202 71.51 -31.17 125.29
C PRO A 3202 72.82 -31.28 126.08
N VAL A 3203 73.40 -32.46 126.20
CA VAL A 3203 74.56 -32.66 127.06
C VAL A 3203 75.76 -33.05 126.19
N ALA A 3204 76.92 -32.52 126.57
CA ALA A 3204 78.14 -32.78 125.84
C ALA A 3204 78.66 -34.16 126.23
N PHE A 3205 78.50 -35.13 125.33
CA PHE A 3205 78.97 -36.48 125.58
C PHE A 3205 80.16 -36.88 124.71
N LEU A 3206 80.28 -36.33 123.51
CA LEU A 3206 81.45 -36.60 122.69
C LEU A 3206 82.68 -35.82 123.15
N GLU A 3207 82.50 -34.87 124.06
CA GLU A 3207 83.58 -34.16 124.73
C GLU A 3207 83.35 -34.18 126.24
N PRO A 3208 83.47 -35.36 126.87
CA PRO A 3208 83.16 -35.46 128.31
C PRO A 3208 84.09 -34.67 129.21
N GLN A 3209 85.31 -34.36 128.76
CA GLN A 3209 86.26 -33.60 129.57
C GLN A 3209 85.82 -32.17 129.84
N LEU A 3210 84.90 -31.62 129.03
CA LEU A 3210 84.38 -30.28 129.23
C LEU A 3210 82.91 -30.30 129.67
N ASN A 3211 82.47 -31.39 130.29
CA ASN A 3211 81.09 -31.48 130.78
C ASN A 3211 80.82 -30.54 131.96
N GLU A 3212 81.87 -30.08 132.65
CA GLU A 3212 81.69 -29.17 133.78
C GLU A 3212 81.16 -27.81 133.36
N TYR A 3213 81.42 -27.40 132.12
CA TYR A 3213 80.96 -26.09 131.65
C TYR A 3213 79.48 -26.11 131.27
N ASN A 3214 78.91 -27.29 131.09
CA ASN A 3214 77.52 -27.46 130.65
C ASN A 3214 76.61 -27.34 131.87
N ALA A 3215 75.97 -26.18 132.02
CA ALA A 3215 75.00 -25.96 133.09
C ALA A 3215 73.75 -26.84 132.94
N CYS A 3216 73.43 -27.29 131.72
CA CYS A 3216 72.31 -28.20 131.49
C CYS A 3216 72.77 -29.66 131.53
N SER A 3217 73.46 -30.03 132.61
CA SER A 3217 73.97 -31.39 132.77
C SER A 3217 73.74 -31.86 134.20
N VAL A 3218 73.68 -33.19 134.35
CA VAL A 3218 73.49 -33.78 135.67
C VAL A 3218 74.75 -33.60 136.51
N TYR A 3219 75.93 -33.80 135.93
CA TYR A 3219 77.17 -33.75 136.69
C TYR A 3219 77.51 -32.35 137.20
N THR A 3220 76.81 -31.32 136.72
CA THR A 3220 76.90 -29.96 137.25
C THR A 3220 75.72 -29.56 138.12
N THR A 3221 74.49 -29.89 137.71
CA THR A 3221 73.32 -29.53 138.52
C THR A 3221 73.22 -30.39 139.77
N LYS A 3222 73.37 -31.71 139.61
CA LYS A 3222 73.21 -32.65 140.71
C LYS A 3222 74.38 -32.56 141.68
N SER A 3223 74.06 -32.44 142.96
CA SER A 3223 75.07 -32.40 143.99
C SER A 3223 75.74 -33.77 144.12
N PRO A 3224 77.03 -33.81 144.51
CA PRO A 3224 77.76 -35.10 144.51
C PRO A 3224 77.23 -36.15 145.49
N ARG A 3225 76.42 -35.79 146.49
CA ARG A 3225 75.98 -36.79 147.47
C ARG A 3225 74.99 -37.79 146.88
N GLU A 3226 74.31 -37.45 145.78
CA GLU A 3226 73.56 -38.44 145.01
C GLU A 3226 74.47 -39.00 143.92
N ARG A 3227 73.87 -39.66 142.92
CA ARG A 3227 74.50 -40.42 141.81
C ARG A 3227 75.17 -41.71 142.28
N ALA A 3228 75.22 -41.94 143.60
CA ALA A 3228 75.61 -43.22 144.15
C ALA A 3228 74.46 -43.94 144.82
N ILE A 3229 73.40 -43.21 145.20
CA ILE A 3229 72.16 -43.85 145.65
C ILE A 3229 71.52 -44.64 144.51
N LEU A 3230 71.51 -44.08 143.31
CA LEU A 3230 71.09 -44.79 142.11
C LEU A 3230 72.33 -45.17 141.31
N GLY A 3231 72.32 -46.37 140.74
CA GLY A 3231 73.47 -46.94 140.07
C GLY A 3231 73.98 -46.13 138.90
N LEU A 3232 75.13 -45.47 139.10
CA LEU A 3232 75.80 -44.65 138.11
C LEU A 3232 77.30 -44.87 138.23
N PRO A 3233 78.06 -44.71 137.15
CA PRO A 3233 79.51 -44.87 137.22
C PRO A 3233 80.25 -43.69 137.84
N ASN A 3234 79.53 -42.67 138.33
CA ASN A 3234 80.00 -41.47 139.03
C ASN A 3234 80.82 -40.51 138.14
N SER A 3235 81.12 -40.87 136.90
CA SER A 3235 81.89 -40.00 136.03
C SER A 3235 81.26 -39.91 134.65
N VAL A 3236 81.29 -38.68 134.09
CA VAL A 3236 80.71 -38.46 132.77
C VAL A 3236 81.52 -39.21 131.72
N GLU A 3237 82.84 -39.32 131.90
CA GLU A 3237 83.65 -40.09 130.96
C GLU A 3237 83.30 -41.57 131.02
N GLU A 3238 82.72 -42.04 132.12
CA GLU A 3238 82.43 -43.45 132.32
C GLU A 3238 80.94 -43.79 132.16
N MET A 3239 80.10 -42.82 131.79
CA MET A 3239 78.68 -43.15 131.53
C MET A 3239 78.56 -44.10 130.35
N CYS A 3240 79.17 -43.73 129.22
CA CYS A 3240 79.24 -44.59 128.03
C CYS A 3240 80.71 -44.73 127.67
N PRO A 3241 81.42 -45.68 128.32
CA PRO A 3241 82.85 -45.87 128.02
C PRO A 3241 83.13 -46.34 126.60
N ASP A 3242 82.13 -46.91 125.90
CA ASP A 3242 82.31 -47.30 124.51
C ASP A 3242 82.39 -46.11 123.56
N ILE A 3243 82.09 -44.90 124.03
CA ILE A 3243 82.11 -43.71 123.20
C ILE A 3243 83.54 -43.16 123.19
N PRO A 3244 84.22 -43.11 122.05
CA PRO A 3244 85.54 -42.50 122.01
C PRO A 3244 85.44 -40.98 122.13
N VAL A 3245 86.60 -40.34 122.25
CA VAL A 3245 86.63 -38.89 122.31
C VAL A 3245 86.44 -38.34 120.90
N LEU A 3246 86.17 -37.03 120.82
CA LEU A 3246 85.94 -36.39 119.52
C LEU A 3246 87.20 -36.42 118.67
N ASP A 3247 88.36 -36.24 119.30
CA ASP A 3247 89.63 -36.23 118.57
C ASP A 3247 89.91 -37.58 117.92
N ARG A 3248 89.78 -38.67 118.69
CA ARG A 3248 89.95 -40.01 118.14
C ARG A 3248 88.91 -40.34 117.07
N LEU A 3249 87.66 -39.93 117.29
CA LEU A 3249 86.61 -40.11 116.27
C LEU A 3249 86.95 -39.37 114.97
N MET A 3250 87.47 -38.16 115.10
CA MET A 3250 87.92 -37.37 113.96
C MET A 3250 89.09 -38.02 113.24
N ALA A 3251 90.09 -38.48 114.00
CA ALA A 3251 91.24 -39.14 113.39
C ALA A 3251 90.86 -40.48 112.76
N ASP A 3252 89.84 -41.14 113.30
CA ASP A 3252 89.28 -42.36 112.73
C ASP A 3252 88.70 -42.09 111.35
N ILE A 3253 87.71 -41.18 111.28
CA ILE A 3253 87.05 -40.91 110.00
C ILE A 3253 88.02 -40.30 109.00
N GLY A 3254 88.96 -39.48 109.48
CA GLY A 3254 89.97 -38.89 108.62
C GLY A 3254 90.89 -39.92 107.98
N GLY A 3255 91.40 -40.87 108.78
CA GLY A 3255 92.20 -41.94 108.22
C GLY A 3255 91.40 -42.87 107.31
N LEU A 3256 90.13 -43.12 107.67
CA LEU A 3256 89.29 -44.01 106.88
C LEU A 3256 89.02 -43.42 105.49
N ALA A 3257 88.85 -42.10 105.43
CA ALA A 3257 88.54 -41.45 104.15
C ALA A 3257 89.71 -41.59 103.18
N GLU A 3258 90.92 -41.23 103.63
CA GLU A 3258 92.10 -41.32 102.79
C GLU A 3258 92.51 -42.77 102.51
N SER A 3259 92.05 -43.73 103.34
CA SER A 3259 92.38 -45.13 103.09
C SER A 3259 91.72 -45.64 101.81
N GLY A 3260 90.58 -45.08 101.43
CA GLY A 3260 89.87 -45.52 100.26
C GLY A 3260 89.06 -46.78 100.46
N ALA A 3261 88.64 -47.04 101.70
CA ALA A 3261 87.85 -48.21 102.01
C ALA A 3261 86.41 -48.05 101.55
N ARG A 3262 85.79 -49.17 101.19
CA ARG A 3262 84.43 -49.20 100.67
C ARG A 3262 83.38 -49.27 101.77
N TYR A 3263 82.11 -49.20 101.36
CA TYR A 3263 81.00 -49.27 102.31
C TYR A 3263 80.91 -50.66 102.94
N THR A 3264 81.35 -51.70 102.21
CA THR A 3264 81.35 -53.05 102.76
C THR A 3264 82.22 -53.13 104.01
N GLU A 3265 83.39 -52.47 103.96
CA GLU A 3265 84.28 -52.40 105.12
C GLU A 3265 84.00 -51.17 106.00
N MET A 3266 82.95 -50.40 105.71
CA MET A 3266 82.42 -49.41 106.65
C MET A 3266 80.92 -49.64 106.83
N PRO A 3267 80.49 -50.73 107.48
CA PRO A 3267 79.06 -50.86 107.78
C PRO A 3267 78.63 -50.05 109.00
N HIS A 3268 79.53 -49.84 109.94
CA HIS A 3268 79.23 -49.07 111.13
C HIS A 3268 79.52 -47.58 110.94
N VAL A 3269 80.59 -47.27 110.21
CA VAL A 3269 81.03 -45.89 110.06
C VAL A 3269 80.01 -45.07 109.27
N ILE A 3270 79.58 -45.59 108.13
CA ILE A 3270 78.70 -44.84 107.23
C ILE A 3270 77.28 -44.82 107.80
N GLU A 3271 76.78 -45.97 108.23
CA GLU A 3271 75.40 -46.08 108.65
C GLU A 3271 75.17 -45.41 110.00
N ILE A 3272 76.20 -45.38 110.87
CA ILE A 3272 75.99 -44.93 112.23
C ILE A 3272 76.89 -43.75 112.60
N THR A 3273 78.21 -43.90 112.45
CA THR A 3273 79.16 -42.92 112.98
C THR A 3273 79.03 -41.55 112.31
N LEU A 3274 78.89 -41.55 110.98
CA LEU A 3274 78.75 -40.29 110.24
C LEU A 3274 77.49 -39.49 110.63
N PRO A 3275 76.27 -40.07 110.73
CA PRO A 3275 75.14 -39.26 111.21
C PRO A 3275 75.29 -38.78 112.64
N MET A 3276 76.13 -39.41 113.47
CA MET A 3276 76.29 -38.97 114.84
C MET A 3276 77.04 -37.64 114.87
N LEU A 3277 78.13 -37.57 114.10
CA LEU A 3277 78.87 -36.32 113.99
C LEU A 3277 78.01 -35.27 113.29
N CYS A 3278 77.29 -35.66 112.23
CA CYS A 3278 76.41 -34.71 111.54
C CYS A 3278 75.26 -34.23 112.43
N SER A 3279 74.94 -34.96 113.49
CA SER A 3279 73.92 -34.59 114.46
C SER A 3279 74.47 -33.87 115.69
N TYR A 3280 75.78 -33.95 115.93
CA TYR A 3280 76.38 -33.32 117.10
C TYR A 3280 77.18 -32.06 116.76
N LEU A 3281 78.03 -32.12 115.73
CA LEU A 3281 78.88 -30.99 115.36
C LEU A 3281 78.09 -29.73 115.01
N PRO A 3282 77.07 -29.75 114.12
CA PRO A 3282 76.26 -28.53 113.95
C PRO A 3282 75.53 -28.10 115.20
N ARG A 3283 75.09 -29.04 116.04
CA ARG A 3283 74.32 -28.70 117.25
C ARG A 3283 75.16 -27.91 118.25
N TRP A 3284 76.47 -28.09 118.25
CA TRP A 3284 77.33 -27.41 119.19
C TRP A 3284 78.33 -26.49 118.51
N TRP A 3285 78.26 -26.33 117.19
CA TRP A 3285 79.13 -25.39 116.50
C TRP A 3285 78.86 -23.95 116.96
N GLU A 3286 77.59 -23.59 117.10
CA GLU A 3286 77.22 -22.23 117.49
C GLU A 3286 77.39 -21.97 118.98
N ARG A 3287 77.76 -22.98 119.77
CA ARG A 3287 77.88 -22.85 121.20
C ARG A 3287 79.31 -23.03 121.66
N GLY A 3288 80.28 -22.72 120.80
CA GLY A 3288 81.67 -22.87 121.15
C GLY A 3288 82.60 -21.99 120.35
N PRO A 3289 83.74 -22.54 119.93
CA PRO A 3289 84.71 -21.77 119.15
C PRO A 3289 84.17 -21.40 117.78
N GLU A 3290 84.68 -20.27 117.26
CA GLU A 3290 84.28 -19.68 115.98
C GLU A 3290 82.78 -19.38 115.93
N ALA A 3291 82.20 -19.06 117.08
CA ALA A 3291 80.80 -18.71 117.21
C ALA A 3291 80.67 -17.42 118.01
N PRO A 3292 79.85 -16.47 117.55
CA PRO A 3292 79.67 -15.18 118.26
C PRO A 3292 78.65 -15.30 119.38
N PRO A 3293 79.07 -15.61 120.61
CA PRO A 3293 78.09 -15.91 121.68
C PRO A 3293 77.36 -14.66 122.15
N PRO A 3294 76.02 -14.59 121.98
CA PRO A 3294 75.24 -13.42 122.39
C PRO A 3294 74.85 -13.44 123.87
N ALA A 3295 75.81 -13.79 124.73
CA ALA A 3295 75.57 -13.92 126.16
C ALA A 3295 76.49 -12.98 126.94
N LEU A 3296 76.55 -11.72 126.52
CA LEU A 3296 77.43 -10.74 127.13
C LEU A 3296 77.31 -10.54 128.65
N PRO A 3297 76.13 -10.47 129.30
CA PRO A 3297 76.15 -10.33 130.77
C PRO A 3297 76.68 -11.57 131.49
N ALA A 3298 76.52 -12.75 130.90
CA ALA A 3298 76.96 -13.99 131.52
C ALA A 3298 77.94 -14.72 130.62
N GLY A 3299 78.92 -13.99 130.08
CA GLY A 3299 79.98 -14.57 129.29
C GLY A 3299 81.07 -15.25 130.06
N ALA A 3300 80.99 -15.23 131.40
CA ALA A 3300 81.99 -15.85 132.26
C ALA A 3300 82.21 -17.35 132.02
N PRO A 3301 81.18 -18.22 131.87
CA PRO A 3301 81.48 -19.64 131.53
C PRO A 3301 82.21 -19.76 130.20
N PRO A 3302 83.18 -20.66 130.10
CA PRO A 3302 83.88 -20.85 128.84
C PRO A 3302 83.09 -21.77 127.92
N PRO A 3303 83.46 -21.89 126.64
CA PRO A 3303 82.76 -22.84 125.75
C PRO A 3303 82.92 -24.28 126.18
N CYS A 3304 81.78 -24.96 126.40
CA CYS A 3304 81.63 -26.37 126.77
C CYS A 3304 81.92 -27.34 125.63
N THR A 3305 82.42 -26.84 124.50
CA THR A 3305 82.75 -27.66 123.35
C THR A 3305 83.91 -27.01 122.62
N ALA A 3306 84.56 -27.78 121.76
CA ALA A 3306 85.71 -27.33 120.99
C ALA A 3306 85.56 -27.71 119.53
N VAL A 3307 84.40 -27.38 118.96
CA VAL A 3307 84.07 -27.70 117.58
C VAL A 3307 84.16 -26.41 116.76
N THR A 3308 85.22 -26.30 115.98
CA THR A 3308 85.38 -25.18 115.07
C THR A 3308 84.74 -25.54 113.73
N SER A 3309 84.96 -24.69 112.72
CA SER A 3309 84.48 -24.99 111.37
C SER A 3309 85.30 -26.08 110.71
N ASP A 3310 86.57 -26.23 111.11
CA ASP A 3310 87.44 -27.26 110.52
C ASP A 3310 86.97 -28.68 110.82
N HIS A 3311 86.29 -28.89 111.95
CA HIS A 3311 85.70 -30.19 112.25
C HIS A 3311 84.67 -30.59 111.20
N LEU A 3312 83.80 -29.64 110.82
CA LEU A 3312 82.81 -29.92 109.80
C LEU A 3312 83.45 -29.92 108.42
N ASN A 3313 84.50 -29.10 108.23
CA ASN A 3313 85.17 -28.99 106.95
C ASN A 3313 85.81 -30.33 106.57
N SER A 3314 86.60 -30.88 107.50
CA SER A 3314 87.22 -32.16 107.29
C SER A 3314 86.19 -33.29 107.25
N LEU A 3315 85.12 -33.20 108.05
CA LEU A 3315 84.02 -34.17 107.95
C LEU A 3315 83.38 -34.18 106.57
N LEU A 3316 83.21 -33.00 105.97
CA LEU A 3316 82.73 -32.87 104.59
C LEU A 3316 83.72 -33.49 103.61
N GLY A 3317 85.01 -33.18 103.77
CA GLY A 3317 86.01 -33.77 102.89
C GLY A 3317 86.04 -35.28 102.98
N ASN A 3318 85.86 -35.82 104.19
CA ASN A 3318 85.78 -37.25 104.40
C ASN A 3318 84.58 -37.85 103.66
N ILE A 3319 83.43 -37.19 103.74
CA ILE A 3319 82.23 -37.69 103.05
C ILE A 3319 82.43 -37.67 101.54
N LEU A 3320 83.07 -36.61 101.03
CA LEU A 3320 83.35 -36.49 99.60
C LEU A 3320 84.26 -37.61 99.12
N ARG A 3321 85.33 -37.89 99.88
CA ARG A 3321 86.25 -38.94 99.45
C ARG A 3321 85.60 -40.30 99.56
N ILE A 3322 84.71 -40.50 100.55
CA ILE A 3322 84.03 -41.79 100.71
C ILE A 3322 83.18 -42.06 99.48
N ILE A 3323 82.38 -41.07 99.07
CA ILE A 3323 81.43 -41.33 97.98
C ILE A 3323 82.16 -41.48 96.66
N VAL A 3324 83.20 -40.67 96.42
CA VAL A 3324 83.96 -40.88 95.19
C VAL A 3324 84.75 -42.19 95.22
N ASN A 3325 85.05 -42.74 96.41
CA ASN A 3325 85.68 -44.05 96.43
C ASN A 3325 84.67 -45.14 96.12
N ASN A 3326 83.42 -44.95 96.56
CA ASN A 3326 82.34 -45.86 96.21
C ASN A 3326 81.62 -45.48 94.93
N LEU A 3327 82.28 -44.71 94.06
CA LEU A 3327 81.66 -44.22 92.83
C LEU A 3327 81.38 -45.35 91.84
N GLY A 3328 82.16 -46.44 91.88
CA GLY A 3328 82.02 -47.55 90.96
C GLY A 3328 81.07 -48.67 91.32
N ILE A 3329 80.49 -48.67 92.52
CA ILE A 3329 79.63 -49.77 92.94
C ILE A 3329 78.29 -49.68 92.22
N ASP A 3330 77.48 -50.73 92.30
CA ASP A 3330 76.21 -50.81 91.57
C ASP A 3330 75.01 -50.41 92.43
N GLU A 3331 74.92 -50.91 93.65
CA GLU A 3331 73.76 -50.66 94.50
C GLU A 3331 74.22 -50.02 95.80
N ALA A 3332 73.46 -49.02 96.25
CA ALA A 3332 73.74 -48.34 97.52
C ALA A 3332 72.52 -47.55 97.94
N THR A 3333 72.00 -47.83 99.13
CA THR A 3333 70.94 -47.04 99.75
C THR A 3333 71.47 -46.06 100.79
N TRP A 3334 72.75 -46.17 101.14
CA TRP A 3334 73.36 -45.26 102.11
C TRP A 3334 73.74 -43.91 101.53
N MET A 3335 73.94 -43.82 100.22
CA MET A 3335 74.38 -42.57 99.58
C MET A 3335 73.39 -41.43 99.77
N LYS A 3336 72.09 -41.71 99.60
CA LYS A 3336 71.07 -40.70 99.85
C LYS A 3336 71.00 -40.32 101.32
N ARG A 3337 71.10 -41.30 102.22
CA ARG A 3337 71.08 -41.01 103.66
C ARG A 3337 72.29 -40.15 104.05
N LEU A 3338 73.47 -40.49 103.51
CA LEU A 3338 74.67 -39.73 103.79
C LEU A 3338 74.52 -38.31 103.27
N ALA A 3339 73.88 -38.15 102.10
CA ALA A 3339 73.68 -36.83 101.53
C ALA A 3339 72.77 -36.00 102.43
N VAL A 3340 71.67 -36.60 102.90
CA VAL A 3340 70.69 -35.80 103.67
C VAL A 3340 71.28 -35.43 105.03
N PHE A 3341 72.08 -36.32 105.65
CA PHE A 3341 72.76 -35.88 106.87
C PHE A 3341 73.88 -34.89 106.59
N ALA A 3342 74.46 -34.90 105.40
CA ALA A 3342 75.52 -33.96 105.07
C ALA A 3342 74.99 -32.59 104.64
N GLN A 3343 73.70 -32.50 104.35
CA GLN A 3343 73.11 -31.20 104.02
C GLN A 3343 73.17 -30.17 105.16
N PRO A 3344 72.80 -30.47 106.42
CA PRO A 3344 72.97 -29.45 107.47
C PRO A 3344 74.42 -29.09 107.76
N ILE A 3345 75.37 -30.01 107.57
CA ILE A 3345 76.75 -29.72 107.93
C ILE A 3345 77.45 -28.89 106.85
N VAL A 3346 77.04 -29.00 105.59
CA VAL A 3346 77.71 -28.27 104.52
C VAL A 3346 77.37 -26.78 104.49
N SER A 3347 76.53 -26.31 105.42
CA SER A 3347 76.28 -24.88 105.56
C SER A 3347 77.51 -24.10 106.01
N ARG A 3348 78.50 -24.78 106.61
CA ARG A 3348 79.75 -24.15 106.99
C ARG A 3348 80.90 -24.46 106.03
N ALA A 3349 80.59 -24.88 104.81
CA ALA A 3349 81.61 -25.27 103.83
C ALA A 3349 82.54 -24.11 103.48
N ARG A 3350 83.85 -24.38 103.55
CA ARG A 3350 84.85 -23.41 103.17
C ARG A 3350 84.93 -23.29 101.65
N PRO A 3351 85.53 -22.21 101.11
CA PRO A 3351 85.79 -22.16 99.67
C PRO A 3351 86.75 -23.22 99.14
N GLU A 3352 87.55 -23.85 100.00
CA GLU A 3352 88.52 -24.86 99.56
C GLU A 3352 87.86 -26.13 99.02
N LEU A 3353 86.60 -26.39 99.39
CA LEU A 3353 85.92 -27.63 98.99
C LEU A 3353 85.76 -27.70 97.47
N LEU A 3354 85.69 -26.54 96.81
CA LEU A 3354 85.47 -26.47 95.38
C LEU A 3354 86.70 -27.01 94.66
N HIS A 3355 87.85 -26.36 94.86
CA HIS A 3355 89.05 -26.74 94.14
C HIS A 3355 89.53 -28.12 94.59
N SER A 3356 89.41 -28.41 95.90
CA SER A 3356 89.93 -29.66 96.43
C SER A 3356 89.16 -30.88 95.92
N HIS A 3357 87.81 -30.81 95.89
CA HIS A 3357 87.04 -31.99 95.49
C HIS A 3357 86.11 -31.76 94.31
N PHE A 3358 85.44 -30.60 94.25
CA PHE A 3358 84.35 -30.42 93.30
C PHE A 3358 84.86 -30.26 91.87
N ILE A 3359 86.09 -29.81 91.68
CA ILE A 3359 86.62 -29.74 90.33
C ILE A 3359 87.00 -31.13 89.80
N PRO A 3360 87.84 -31.97 90.47
CA PRO A 3360 88.20 -33.24 89.80
C PRO A 3360 87.09 -34.27 89.78
N THR A 3361 86.39 -34.45 90.90
CA THR A 3361 85.43 -35.56 91.05
C THR A 3361 84.27 -35.41 90.06
N ILE A 3362 83.77 -34.19 89.89
CA ILE A 3362 82.71 -33.99 88.91
C ILE A 3362 83.27 -34.22 87.50
N GLY A 3363 84.56 -33.93 87.28
CA GLY A 3363 85.20 -34.29 86.03
C GLY A 3363 85.20 -35.78 85.78
N ARG A 3364 85.39 -36.56 86.83
CA ARG A 3364 85.24 -38.01 86.76
C ARG A 3364 83.81 -38.40 86.40
N LEU A 3365 82.83 -37.69 86.97
CA LEU A 3365 81.43 -37.92 86.59
C LEU A 3365 81.18 -37.52 85.14
N ARG A 3366 81.85 -36.47 84.69
CA ARG A 3366 81.73 -35.99 83.32
C ARG A 3366 82.24 -37.01 82.32
N LYS A 3367 83.46 -37.52 82.53
CA LYS A 3367 84.00 -38.53 81.62
C LYS A 3367 83.20 -39.83 81.69
N ARG A 3368 82.64 -40.15 82.88
CA ARG A 3368 81.72 -41.29 82.99
C ARG A 3368 80.49 -41.10 82.10
N ALA A 3369 79.83 -39.94 82.22
CA ALA A 3369 78.65 -39.66 81.43
C ALA A 3369 78.97 -39.61 79.93
N GLY A 3370 80.10 -38.99 79.58
CA GLY A 3370 80.52 -38.92 78.20
C GLY A 3370 80.79 -40.29 77.61
N LYS A 3371 81.30 -41.22 78.42
CA LYS A 3371 81.52 -42.58 77.94
C LYS A 3371 80.21 -43.32 77.79
N VAL A 3372 79.28 -43.15 78.75
CA VAL A 3372 78.01 -43.86 78.69
C VAL A 3372 77.19 -43.39 77.48
N VAL A 3373 77.15 -42.06 77.24
CA VAL A 3373 76.47 -41.56 76.05
C VAL A 3373 77.20 -41.96 74.77
N ALA A 3374 78.54 -42.06 74.80
CA ALA A 3374 79.27 -42.57 73.64
C ALA A 3374 78.90 -44.02 73.31
N GLU A 3375 78.70 -44.84 74.34
CA GLU A 3375 78.19 -46.19 74.13
C GLU A 3375 76.74 -46.15 73.63
N GLU A 3376 75.94 -45.20 74.13
CA GLU A 3376 74.54 -45.10 73.72
C GLU A 3376 74.42 -44.76 72.24
N GLU A 3377 75.18 -43.75 71.79
CA GLU A 3377 75.17 -43.42 70.36
C GLU A 3377 75.80 -44.53 69.53
N GLN A 3378 76.78 -45.26 70.10
CA GLN A 3378 77.36 -46.41 69.40
C GLN A 3378 76.32 -47.49 69.18
N LEU A 3379 75.47 -47.72 70.17
CA LEU A 3379 74.40 -48.71 70.05
C LEU A 3379 73.32 -48.23 69.09
N ARG A 3380 73.07 -46.92 69.04
CA ARG A 3380 71.98 -46.41 68.22
C ARG A 3380 72.38 -46.27 66.75
N LEU A 3381 73.67 -46.07 66.46
CA LEU A 3381 74.08 -45.93 65.07
C LEU A 3381 74.01 -47.24 64.31
N GLU A 3382 74.14 -48.37 65.01
CA GLU A 3382 74.07 -49.69 64.38
C GLU A 3382 72.68 -50.28 64.54
N ALA A 3383 72.11 -50.73 63.43
CA ALA A 3383 70.78 -51.31 63.39
C ALA A 3383 70.90 -52.84 63.33
N LYS A 3384 70.64 -53.50 64.45
CA LYS A 3384 70.75 -54.94 64.56
C LYS A 3384 70.01 -55.36 65.82
N ALA A 3385 69.64 -56.64 65.91
CA ALA A 3385 68.92 -57.17 67.06
C ALA A 3385 69.71 -57.10 68.37
N GLU A 3386 71.03 -56.89 68.29
CA GLU A 3386 71.87 -56.72 69.47
C GLU A 3386 71.71 -55.35 70.12
N ALA A 3387 70.95 -54.43 69.49
CA ALA A 3387 70.75 -53.08 70.02
C ALA A 3387 70.14 -53.11 71.42
N GLU A 3388 69.12 -53.96 71.61
CA GLU A 3388 68.57 -54.16 72.95
C GLU A 3388 69.55 -54.89 73.85
N GLU A 3389 70.36 -55.80 73.28
CA GLU A 3389 71.35 -56.56 74.04
C GLU A 3389 72.53 -55.63 74.34
N GLY A 3390 72.37 -54.82 75.38
CA GLY A 3390 73.34 -53.79 75.69
C GLY A 3390 72.62 -52.50 76.02
N GLU A 3391 71.39 -52.38 75.52
CA GLU A 3391 70.54 -51.27 75.93
C GLU A 3391 70.25 -51.35 77.42
N LEU A 3392 69.97 -52.56 77.94
CA LEU A 3392 69.85 -52.72 79.39
C LEU A 3392 71.17 -52.47 80.11
N LEU A 3393 72.30 -52.65 79.43
CA LEU A 3393 73.60 -52.35 80.03
C LEU A 3393 73.78 -50.85 80.20
N VAL A 3394 73.50 -50.08 79.16
CA VAL A 3394 73.59 -48.63 79.29
C VAL A 3394 72.47 -48.09 80.19
N ARG A 3395 71.32 -48.77 80.25
CA ARG A 3395 70.29 -48.43 81.24
C ARG A 3395 70.79 -48.61 82.66
N ASP A 3396 71.54 -49.70 82.92
CA ASP A 3396 72.18 -49.89 84.22
C ASP A 3396 73.21 -48.79 84.48
N GLU A 3397 73.97 -48.42 83.44
CA GLU A 3397 74.93 -47.32 83.58
C GLU A 3397 74.23 -46.01 83.88
N PHE A 3398 73.04 -45.81 83.28
CA PHE A 3398 72.22 -44.66 83.61
C PHE A 3398 71.77 -44.71 85.06
N SER A 3399 71.37 -45.89 85.56
CA SER A 3399 70.87 -46.01 86.92
C SER A 3399 71.95 -45.72 87.96
N VAL A 3400 73.16 -46.22 87.72
CA VAL A 3400 74.27 -45.92 88.63
C VAL A 3400 74.67 -44.45 88.51
N LEU A 3401 74.68 -43.90 87.29
CA LEU A 3401 75.00 -42.49 87.13
C LEU A 3401 73.94 -41.59 87.78
N CYS A 3402 72.67 -42.01 87.75
CA CYS A 3402 71.61 -41.33 88.48
C CYS A 3402 71.86 -41.34 89.98
N ARG A 3403 72.29 -42.49 90.53
CA ARG A 3403 72.62 -42.55 91.95
C ARG A 3403 73.82 -41.66 92.30
N ASP A 3404 74.84 -41.63 91.43
CA ASP A 3404 76.01 -40.81 91.68
C ASP A 3404 75.69 -39.31 91.56
N LEU A 3405 74.87 -38.94 90.58
CA LEU A 3405 74.50 -37.54 90.41
C LEU A 3405 73.60 -37.08 91.56
N TYR A 3406 72.58 -37.87 91.88
CA TYR A 3406 71.62 -37.47 92.89
C TYR A 3406 72.18 -37.60 94.32
N ALA A 3407 73.36 -38.21 94.48
CA ALA A 3407 73.98 -38.20 95.79
C ALA A 3407 74.94 -37.03 95.98
N LEU A 3408 75.32 -36.37 94.89
CA LEU A 3408 76.25 -35.25 94.93
C LEU A 3408 75.60 -33.90 94.69
N TYR A 3409 74.49 -33.86 93.93
CA TYR A 3409 73.77 -32.62 93.70
C TYR A 3409 73.23 -31.95 94.96
N PRO A 3410 72.53 -32.63 95.90
CA PRO A 3410 72.10 -31.92 97.13
C PRO A 3410 73.25 -31.33 97.93
N LEU A 3411 74.40 -31.98 97.91
CA LEU A 3411 75.61 -31.43 98.54
C LEU A 3411 76.15 -30.24 97.76
N LEU A 3412 76.16 -30.33 96.43
CA LEU A 3412 76.69 -29.24 95.61
C LEU A 3412 75.81 -28.00 95.68
N ILE A 3413 74.48 -28.18 95.70
CA ILE A 3413 73.53 -27.06 95.65
C ILE A 3413 73.70 -26.16 96.85
N ARG A 3414 73.79 -26.75 98.05
CA ARG A 3414 73.97 -25.96 99.27
C ARG A 3414 75.29 -25.20 99.24
N TYR A 3415 76.33 -25.79 98.66
CA TYR A 3415 77.61 -25.10 98.56
C TYR A 3415 77.59 -24.04 97.46
N VAL A 3416 76.87 -24.31 96.37
CA VAL A 3416 76.74 -23.34 95.29
C VAL A 3416 76.01 -22.10 95.78
N ASP A 3417 74.87 -22.30 96.44
CA ASP A 3417 74.03 -21.20 96.92
C ASP A 3417 74.75 -20.36 97.96
N ASN A 3418 75.54 -21.00 98.82
CA ASN A 3418 76.20 -20.30 99.92
C ASN A 3418 77.23 -19.29 99.40
N ASN A 3419 77.93 -19.63 98.31
CA ASN A 3419 79.00 -18.79 97.80
C ASN A 3419 78.78 -18.35 96.37
N ARG A 3420 77.54 -18.43 95.87
CA ARG A 3420 77.22 -17.85 94.55
C ARG A 3420 77.40 -16.35 94.58
N ALA A 3421 77.06 -15.72 95.71
CA ALA A 3421 77.21 -14.27 95.86
C ALA A 3421 78.68 -13.89 95.72
N HIS A 3422 79.57 -14.64 96.38
CA HIS A 3422 80.99 -14.36 96.30
CA HIS A 3422 80.99 -14.33 96.31
C HIS A 3422 81.54 -14.57 94.90
N TRP A 3423 81.12 -15.67 94.25
CA TRP A 3423 81.59 -15.95 92.89
C TRP A 3423 81.10 -14.90 91.88
N LEU A 3424 79.89 -14.35 92.10
CA LEU A 3424 79.42 -13.28 91.23
C LEU A 3424 80.13 -11.96 91.53
N THR A 3425 80.34 -11.66 92.83
CA THR A 3425 81.01 -10.41 93.21
C THR A 3425 82.44 -10.36 92.72
N GLU A 3426 83.19 -11.45 92.87
CA GLU A 3426 84.55 -11.55 92.35
C GLU A 3426 84.60 -12.82 91.53
N PRO A 3427 84.97 -12.74 90.24
CA PRO A 3427 85.04 -13.94 89.40
C PRO A 3427 86.04 -14.98 89.92
N ASN A 3428 85.64 -16.25 89.82
CA ASN A 3428 86.42 -17.36 90.35
C ASN A 3428 86.52 -18.41 89.26
N ALA A 3429 87.72 -18.57 88.70
CA ALA A 3429 87.98 -19.56 87.65
C ALA A 3429 87.68 -20.99 88.11
N ASN A 3430 87.82 -21.26 89.41
CA ASN A 3430 87.42 -22.55 89.96
C ASN A 3430 85.92 -22.81 89.79
N ALA A 3431 85.09 -21.79 90.06
CA ALA A 3431 83.66 -21.95 89.79
C ALA A 3431 83.36 -21.91 88.30
N GLU A 3432 84.20 -21.20 87.52
CA GLU A 3432 84.03 -21.16 86.07
C GLU A 3432 84.16 -22.54 85.46
N GLU A 3433 85.20 -23.28 85.89
CA GLU A 3433 85.42 -24.61 85.35
C GLU A 3433 84.29 -25.54 85.77
N LEU A 3434 83.75 -25.30 86.99
CA LEU A 3434 82.63 -26.09 87.48
C LEU A 3434 81.41 -25.88 86.61
N PHE A 3435 81.20 -24.62 86.17
CA PHE A 3435 80.09 -24.32 85.29
C PHE A 3435 80.27 -25.04 83.96
N ARG A 3436 81.51 -25.04 83.43
CA ARG A 3436 81.78 -25.73 82.17
C ARG A 3436 81.48 -27.23 82.31
N MET A 3437 81.78 -27.80 83.47
CA MET A 3437 81.55 -29.22 83.68
C MET A 3437 80.06 -29.54 83.77
N VAL A 3438 79.34 -28.77 84.60
CA VAL A 3438 77.92 -29.07 84.85
C VAL A 3438 77.09 -28.78 83.61
N GLY A 3439 77.52 -27.80 82.80
CA GLY A 3439 76.77 -27.49 81.60
C GLY A 3439 76.80 -28.65 80.63
N GLU A 3440 77.99 -29.27 80.46
CA GLU A 3440 78.10 -30.40 79.56
C GLU A 3440 77.35 -31.61 80.09
N ILE A 3441 77.33 -31.78 81.43
CA ILE A 3441 76.52 -32.84 82.04
C ILE A 3441 75.05 -32.65 81.69
N PHE A 3442 74.56 -31.41 81.77
CA PHE A 3442 73.19 -31.12 81.36
C PHE A 3442 73.00 -31.31 79.86
N ILE A 3443 74.03 -31.01 79.05
CA ILE A 3443 73.94 -31.19 77.60
C ILE A 3443 73.72 -32.65 77.27
N TYR A 3444 74.49 -33.53 77.93
CA TYR A 3444 74.34 -34.97 77.72
C TYR A 3444 72.98 -35.45 78.20
N TRP A 3445 72.52 -34.93 79.35
CA TRP A 3445 71.21 -35.34 79.88
C TRP A 3445 70.08 -34.94 78.94
N SER A 3446 70.17 -33.73 78.36
CA SER A 3446 69.21 -33.27 77.37
C SER A 3446 69.25 -34.12 76.10
N LYS A 3447 70.44 -34.47 75.64
CA LYS A 3447 70.56 -35.28 74.43
C LYS A 3447 70.08 -36.71 74.65
N SER A 3448 70.36 -37.28 75.80
CA SER A 3448 70.06 -38.68 76.11
C SER A 3448 68.73 -38.76 76.84
N HIS A 3449 67.65 -38.79 76.07
CA HIS A 3449 66.31 -38.97 76.64
C HIS A 3449 66.14 -40.34 77.31
N ASN A 3450 66.95 -41.32 76.92
CA ASN A 3450 66.99 -42.59 77.65
C ASN A 3450 67.45 -42.38 79.09
N PHE A 3451 68.50 -41.59 79.29
CA PHE A 3451 68.97 -41.23 80.63
C PHE A 3451 67.90 -40.47 81.42
N LYS A 3452 67.04 -39.71 80.71
CA LYS A 3452 65.92 -39.06 81.37
C LYS A 3452 64.98 -40.09 81.97
N ARG A 3453 64.73 -41.19 81.23
CA ARG A 3453 63.73 -42.17 81.64
C ARG A 3453 64.11 -42.82 82.97
N GLU A 3454 65.38 -43.19 83.10
CA GLU A 3454 65.75 -43.74 84.40
C GLU A 3454 66.05 -42.65 85.42
N GLU A 3455 66.05 -41.37 85.03
CA GLU A 3455 66.14 -40.34 86.05
C GLU A 3455 64.87 -40.33 86.91
N GLN A 3456 63.69 -40.29 86.25
CA GLN A 3456 62.46 -40.42 87.03
C GLN A 3456 62.29 -41.82 87.59
N ASN A 3457 62.80 -42.86 86.90
CA ASN A 3457 62.71 -44.21 87.47
C ASN A 3457 63.45 -44.31 88.79
N PHE A 3458 64.66 -43.71 88.86
CA PHE A 3458 65.42 -43.62 90.10
C PHE A 3458 64.70 -42.78 91.13
N VAL A 3459 63.99 -41.73 90.69
CA VAL A 3459 63.28 -40.87 91.63
C VAL A 3459 62.09 -41.61 92.26
N VAL A 3460 61.28 -42.27 91.43
CA VAL A 3460 60.09 -42.94 91.95
C VAL A 3460 60.49 -44.17 92.77
N GLN A 3461 61.51 -44.90 92.34
CA GLN A 3461 61.85 -46.15 93.01
C GLN A 3461 62.77 -45.93 94.20
N ASN A 3462 63.28 -44.72 94.41
CA ASN A 3462 64.02 -44.41 95.63
C ASN A 3462 63.33 -43.36 96.49
N GLU A 3463 62.12 -42.95 96.11
CA GLU A 3463 61.34 -41.91 96.81
C GLU A 3463 62.12 -40.60 96.95
N ILE A 3464 62.81 -40.21 95.87
CA ILE A 3464 63.54 -38.96 95.84
C ILE A 3464 62.53 -37.83 95.81
N ASN A 3465 62.35 -37.18 96.97
CA ASN A 3465 61.32 -36.15 97.11
C ASN A 3465 61.65 -34.90 96.29
N ASN A 3466 62.94 -34.51 96.27
CA ASN A 3466 63.52 -33.35 95.59
C ASN A 3466 63.10 -32.00 96.18
N MET A 3467 62.16 -32.00 97.12
CA MET A 3467 61.74 -30.77 97.76
C MET A 3467 62.71 -30.36 98.88
N SER A 3468 63.18 -31.34 99.65
CA SER A 3468 64.12 -31.04 100.73
C SER A 3468 65.46 -30.60 100.20
N PHE A 3469 65.88 -31.12 99.03
CA PHE A 3469 67.17 -30.78 98.45
C PHE A 3469 67.25 -29.31 98.02
N LEU A 3470 66.11 -28.67 97.79
CA LEU A 3470 66.05 -27.25 97.45
C LEU A 3470 65.57 -26.38 98.60
N THR A 3471 64.81 -26.93 99.55
CA THR A 3471 64.33 -26.20 100.70
C THR A 3471 65.13 -26.45 101.98
N ALA A 3472 66.28 -27.11 101.89
CA ALA A 3472 67.14 -27.28 103.07
C ALA A 3472 67.64 -25.93 103.60
N ASP A 3473 68.02 -25.01 102.70
CA ASP A 3473 68.31 -23.65 103.11
C ASP A 3473 67.08 -22.94 103.67
N SER A 3474 65.91 -23.18 103.07
CA SER A 3474 64.68 -22.51 103.53
C SER A 3474 64.34 -22.96 104.95
N LYS A 3475 64.45 -24.25 105.22
CA LYS A 3475 64.17 -24.75 106.56
C LYS A 3475 65.24 -24.29 107.54
N SER A 3476 66.51 -24.22 107.09
CA SER A 3476 67.57 -23.81 107.98
C SER A 3476 67.52 -22.32 108.33
N LYS A 3477 66.82 -21.51 107.53
CA LYS A 3477 66.75 -20.08 107.77
C LYS A 3477 65.47 -19.67 108.50
N MET A 3478 64.63 -20.63 108.89
CA MET A 3478 63.38 -20.42 109.63
C MET A 3478 62.43 -19.50 108.88
N ALA A 3479 62.01 -19.95 107.70
CA ALA A 3479 61.09 -19.20 106.86
C ALA A 3479 59.64 -19.47 107.26
N ARG A 3498 51.39 -34.17 95.84
CA ARG A 3498 50.18 -33.53 95.38
C ARG A 3498 50.08 -33.57 93.86
N ARG A 3499 50.50 -32.48 93.21
CA ARG A 3499 50.43 -32.41 91.75
C ARG A 3499 51.61 -33.11 91.10
N GLY A 3500 52.83 -32.62 91.34
CA GLY A 3500 54.02 -33.20 90.77
C GLY A 3500 55.03 -33.68 91.79
N ASP A 3501 54.53 -34.16 92.93
CA ASP A 3501 55.41 -34.66 93.99
C ASP A 3501 56.17 -35.91 93.55
N ARG A 3502 55.50 -36.79 92.80
CA ARG A 3502 56.10 -38.06 92.38
C ARG A 3502 57.32 -37.82 91.48
N TYR A 3503 57.16 -36.96 90.47
CA TYR A 3503 58.26 -36.49 89.64
C TYR A 3503 57.79 -35.25 88.87
N SER A 3504 58.74 -34.36 88.59
CA SER A 3504 58.48 -33.16 87.83
C SER A 3504 59.82 -32.68 87.26
N VAL A 3505 59.77 -32.13 86.05
CA VAL A 3505 60.96 -31.54 85.43
C VAL A 3505 61.43 -30.33 86.23
N GLN A 3506 60.49 -29.57 86.81
CA GLN A 3506 60.81 -28.39 87.62
C GLN A 3506 61.63 -28.74 88.86
N THR A 3507 61.45 -29.94 89.42
CA THR A 3507 62.20 -30.36 90.59
C THR A 3507 63.36 -31.30 90.25
N SER A 3508 63.67 -31.48 88.96
CA SER A 3508 64.82 -32.29 88.57
C SER A 3508 66.10 -31.61 89.06
N LEU A 3509 66.95 -32.38 89.75
CA LEU A 3509 68.14 -31.79 90.34
C LEU A 3509 69.19 -31.39 89.32
N ILE A 3510 69.16 -31.99 88.12
CA ILE A 3510 70.08 -31.62 87.06
C ILE A 3510 69.81 -30.21 86.57
N VAL A 3511 68.53 -29.87 86.39
CA VAL A 3511 68.22 -28.53 85.93
C VAL A 3511 68.25 -27.57 87.10
N ALA A 3512 67.87 -28.03 88.31
CA ALA A 3512 67.86 -27.15 89.46
C ALA A 3512 69.27 -26.65 89.77
N THR A 3513 70.27 -27.55 89.70
CA THR A 3513 71.65 -27.14 89.86
C THR A 3513 72.15 -26.35 88.66
N LEU A 3514 71.65 -26.67 87.46
CA LEU A 3514 72.03 -25.90 86.28
C LEU A 3514 71.58 -24.45 86.41
N LYS A 3515 70.34 -24.24 86.85
CA LYS A 3515 69.80 -22.89 87.06
C LYS A 3515 70.59 -22.18 88.15
N LYS A 3516 70.83 -22.87 89.28
CA LYS A 3516 71.56 -22.26 90.39
C LYS A 3516 73.00 -21.93 90.03
N MET A 3517 73.56 -22.55 88.99
CA MET A 3517 74.89 -22.21 88.51
C MET A 3517 74.87 -21.27 87.31
N LEU A 3518 73.70 -21.04 86.71
CA LEU A 3518 73.60 -20.18 85.53
C LEU A 3518 74.13 -18.74 85.67
N PRO A 3519 73.89 -17.98 86.77
CA PRO A 3519 74.46 -16.61 86.83
C PRO A 3519 75.98 -16.55 86.68
N ILE A 3520 76.69 -17.57 87.19
CA ILE A 3520 78.13 -17.64 87.04
C ILE A 3520 78.49 -17.75 85.56
N GLY A 3521 77.77 -18.61 84.82
CA GLY A 3521 78.02 -18.74 83.41
C GLY A 3521 77.65 -17.49 82.64
N LEU A 3522 76.61 -16.80 83.07
CA LEU A 3522 76.24 -15.54 82.44
C LEU A 3522 77.29 -14.45 82.72
N ASN A 3523 78.07 -14.61 83.78
CA ASN A 3523 79.13 -13.67 84.11
C ASN A 3523 80.35 -13.79 83.20
N MET A 3524 80.41 -14.81 82.34
CA MET A 3524 81.59 -15.01 81.49
C MET A 3524 81.70 -13.94 80.42
N CYS A 3525 80.60 -13.67 79.73
CA CYS A 3525 80.64 -12.88 78.51
C CYS A 3525 80.45 -11.40 78.78
N ALA A 3526 80.90 -10.59 77.82
CA ALA A 3526 80.71 -9.16 77.85
C ALA A 3526 79.30 -8.83 77.35
N PRO A 3527 78.76 -7.66 77.74
CA PRO A 3527 77.43 -7.26 77.25
C PRO A 3527 77.33 -7.15 75.73
N THR A 3528 78.40 -6.76 75.03
CA THR A 3528 78.38 -6.69 73.57
C THR A 3528 78.29 -8.05 72.89
N ASP A 3529 78.48 -9.14 73.64
CA ASP A 3529 78.42 -10.49 73.09
C ASP A 3529 76.99 -11.01 72.90
N GLN A 3530 75.98 -10.23 73.27
CA GLN A 3530 74.59 -10.69 73.24
C GLN A 3530 74.13 -11.07 71.82
N ASP A 3531 74.55 -10.29 70.82
CA ASP A 3531 74.33 -10.68 69.42
C ASP A 3531 75.01 -12.00 69.11
N LEU A 3532 76.23 -12.21 69.62
CA LEU A 3532 76.94 -13.47 69.39
C LEU A 3532 76.18 -14.64 70.01
N ILE A 3533 75.63 -14.43 71.21
CA ILE A 3533 74.80 -15.45 71.86
C ILE A 3533 73.58 -15.77 71.01
N MET A 3534 72.93 -14.74 70.46
CA MET A 3534 71.76 -14.97 69.61
C MET A 3534 72.11 -15.75 68.34
N LEU A 3535 73.24 -15.39 67.70
CA LEU A 3535 73.70 -16.09 66.50
C LEU A 3535 74.03 -17.55 66.81
N ALA A 3536 74.75 -17.78 67.91
CA ALA A 3536 75.10 -19.15 68.28
C ALA A 3536 73.85 -19.93 68.64
N LYS A 3537 72.90 -19.29 69.33
CA LYS A 3537 71.66 -19.94 69.75
C LYS A 3537 70.87 -20.41 68.54
N THR A 3538 70.73 -19.54 67.54
CA THR A 3538 69.93 -19.94 66.38
C THR A 3538 70.67 -21.00 65.55
N ARG A 3539 72.01 -20.95 65.50
CA ARG A 3539 72.70 -22.03 64.79
C ARG A 3539 72.57 -23.36 65.54
N TYR A 3540 72.57 -23.31 66.88
CA TYR A 3540 72.26 -24.51 67.66
C TYR A 3540 70.86 -25.01 67.36
N ALA A 3541 69.91 -24.09 67.19
CA ALA A 3541 68.54 -24.47 66.83
C ALA A 3541 68.47 -25.09 65.44
N LEU A 3542 69.41 -24.75 64.56
CA LEU A 3542 69.46 -25.33 63.22
C LEU A 3542 70.35 -26.57 63.15
N LYS A 3543 70.50 -27.29 64.28
CA LYS A 3543 71.18 -28.58 64.38
C LYS A 3543 72.65 -28.51 63.95
N ASP A 3544 73.43 -27.74 64.71
CA ASP A 3544 74.86 -27.62 64.49
C ASP A 3544 75.61 -28.09 65.72
N THR A 3545 76.78 -28.68 65.51
CA THR A 3545 77.60 -29.13 66.61
C THR A 3545 78.38 -27.95 67.20
N ASP A 3546 79.09 -28.22 68.30
CA ASP A 3546 79.84 -27.17 68.99
C ASP A 3546 80.98 -26.62 68.13
N GLU A 3547 81.61 -27.47 67.30
CA GLU A 3547 82.68 -26.97 66.44
C GLU A 3547 82.11 -26.03 65.40
N GLU A 3548 80.93 -26.37 64.86
CA GLU A 3548 80.33 -25.59 63.78
C GLU A 3548 80.05 -24.18 64.25
N VAL A 3549 79.41 -24.05 65.43
CA VAL A 3549 79.08 -22.73 65.94
C VAL A 3549 80.36 -21.98 66.32
N ARG A 3550 81.42 -22.69 66.76
CA ARG A 3550 82.68 -22.03 67.09
C ARG A 3550 83.30 -21.38 65.86
N GLU A 3551 83.43 -22.13 64.76
CA GLU A 3551 83.99 -21.51 63.57
C GLU A 3551 83.01 -20.57 62.87
N PHE A 3552 81.70 -20.73 63.09
CA PHE A 3552 80.74 -19.69 62.68
C PHE A 3552 81.01 -18.37 63.40
N LEU A 3553 81.28 -18.43 64.70
CA LEU A 3553 81.70 -17.24 65.43
C LEU A 3553 83.02 -16.69 64.91
N GLN A 3554 83.93 -17.60 64.51
CA GLN A 3554 85.19 -17.17 63.90
C GLN A 3554 84.96 -16.43 62.58
N ASN A 3555 83.92 -16.83 61.83
CA ASN A 3555 83.55 -16.09 60.63
C ASN A 3555 82.84 -14.80 60.97
N ASN A 3556 82.18 -14.74 62.12
CA ASN A 3556 81.39 -13.58 62.53
C ASN A 3556 81.97 -12.93 63.78
N LEU A 3557 83.30 -12.79 63.83
CA LEU A 3557 83.99 -12.23 64.99
C LEU A 3557 83.62 -10.77 65.24
N HIS A 3558 83.29 -10.03 64.19
CA HIS A 3558 83.03 -8.60 64.30
C HIS A 3558 81.57 -8.26 64.57
N LEU A 3559 80.72 -9.27 64.76
CA LEU A 3559 79.28 -9.06 64.93
C LEU A 3559 78.89 -8.77 66.38
N GLN A 3560 79.83 -8.34 67.21
CA GLN A 3560 79.52 -7.98 68.58
C GLN A 3560 78.76 -6.65 68.61
N GLY A 3561 78.15 -6.38 69.76
CA GLY A 3561 77.43 -5.13 69.95
C GLY A 3561 78.36 -3.92 70.03
N LYS A 3562 77.76 -2.75 69.90
CA LYS A 3562 78.48 -1.48 69.98
C LYS A 3562 77.83 -0.63 71.07
N VAL A 3563 78.67 -0.09 71.96
CA VAL A 3563 78.18 0.68 73.10
C VAL A 3563 77.56 2.00 72.67
N GLU A 3564 78.03 2.59 71.56
CA GLU A 3564 77.46 3.84 71.07
C GLU A 3564 76.04 3.65 70.55
N GLY A 3565 75.70 2.45 70.09
CA GLY A 3565 74.38 2.22 69.50
C GLY A 3565 73.25 2.04 70.48
N SER A 3566 73.56 1.79 71.76
CA SER A 3566 72.52 1.60 72.77
C SER A 3566 72.97 2.18 74.10
N PRO A 3567 72.17 3.08 74.70
CA PRO A 3567 72.54 3.64 76.01
C PRO A 3567 72.60 2.61 77.14
N SER A 3568 71.93 1.46 76.97
CA SER A 3568 71.95 0.41 77.99
C SER A 3568 73.36 -0.13 78.20
N LEU A 3569 74.09 -0.31 77.10
CA LEU A 3569 75.44 -0.88 77.17
C LEU A 3569 76.40 0.04 77.90
N ARG A 3570 76.14 1.35 77.93
CA ARG A 3570 77.03 2.28 78.60
C ARG A 3570 77.08 2.00 80.10
N TRP A 3571 75.90 1.87 80.73
CA TRP A 3571 75.88 1.54 82.14
C TRP A 3571 76.23 0.09 82.37
N GLN A 3572 76.00 -0.77 81.36
CA GLN A 3572 76.37 -2.17 81.51
C GLN A 3572 77.89 -2.29 81.59
N MET A 3573 78.61 -1.66 80.66
CA MET A 3573 80.06 -1.70 80.70
C MET A 3573 80.59 -1.02 81.95
N ALA A 3574 80.00 0.13 82.31
CA ALA A 3574 80.38 0.86 83.53
C ALA A 3574 80.22 0.03 84.80
N LEU A 3575 79.33 -0.95 84.81
CA LEU A 3575 79.23 -1.87 85.94
C LEU A 3575 80.03 -3.17 85.76
N TYR A 3576 80.00 -3.73 84.56
CA TYR A 3576 80.65 -5.00 84.23
C TYR A 3576 82.17 -4.89 84.30
N ARG A 3577 82.75 -3.82 83.78
CA ARG A 3577 84.18 -3.68 83.77
C ARG A 3577 84.73 -3.03 85.04
N GLY A 3578 83.88 -2.72 86.00
CA GLY A 3578 84.36 -2.27 87.28
C GLY A 3578 84.76 -3.38 88.22
N LEU A 3579 84.52 -4.63 87.82
CA LEU A 3579 84.87 -5.79 88.64
C LEU A 3579 86.38 -5.91 88.76
N PRO A 3580 86.90 -6.22 89.96
CA PRO A 3580 88.35 -6.45 90.11
C PRO A 3580 88.88 -7.61 89.28
N GLY A 3581 88.09 -8.65 89.04
CA GLY A 3581 88.55 -9.79 88.29
C GLY A 3581 88.52 -9.64 86.78
N ARG A 3582 88.11 -8.49 86.27
CA ARG A 3582 88.05 -8.27 84.84
C ARG A 3582 89.43 -7.90 84.29
N GLU A 3583 89.86 -8.60 83.26
CA GLU A 3583 91.08 -8.26 82.53
C GLU A 3583 90.69 -7.83 81.13
N GLU A 3584 91.14 -6.63 80.73
CA GLU A 3584 90.75 -6.04 79.46
C GLU A 3584 91.42 -6.71 78.27
N ASP A 3585 92.50 -7.48 78.49
CA ASP A 3585 93.13 -8.26 77.43
C ASP A 3585 92.77 -9.73 77.48
N ALA A 3586 91.94 -10.15 78.44
CA ALA A 3586 91.45 -11.53 78.51
C ALA A 3586 90.38 -11.84 77.47
N ASP A 3587 89.91 -10.84 76.73
CA ASP A 3587 88.90 -11.03 75.68
C ASP A 3587 89.52 -11.46 74.35
N ASP A 3588 90.29 -12.55 74.41
CA ASP A 3588 90.94 -13.09 73.24
C ASP A 3588 89.90 -13.63 72.26
N PRO A 3589 90.16 -13.54 70.94
CA PRO A 3589 89.18 -14.02 69.94
C PRO A 3589 88.78 -15.48 70.09
N GLU A 3590 89.71 -16.34 70.50
CA GLU A 3590 89.34 -17.72 70.79
C GLU A 3590 88.65 -17.86 72.15
N LYS A 3591 89.06 -17.07 73.13
CA LYS A 3591 88.46 -17.17 74.46
C LYS A 3591 86.99 -16.77 74.44
N ILE A 3592 86.67 -15.68 73.73
CA ILE A 3592 85.30 -15.17 73.71
C ILE A 3592 84.39 -16.16 73.01
N VAL A 3593 84.85 -16.77 71.91
CA VAL A 3593 84.00 -17.69 71.17
C VAL A 3593 83.80 -18.96 71.99
N ARG A 3594 84.81 -19.39 72.75
CA ARG A 3594 84.66 -20.57 73.58
C ARG A 3594 83.61 -20.34 74.67
N ARG A 3595 83.74 -19.25 75.44
CA ARG A 3595 82.78 -18.99 76.52
C ARG A 3595 81.38 -18.71 75.99
N VAL A 3596 81.27 -18.03 74.84
CA VAL A 3596 79.98 -17.85 74.18
C VAL A 3596 79.37 -19.19 73.79
N GLN A 3597 80.17 -20.10 73.21
CA GLN A 3597 79.67 -21.41 72.83
C GLN A 3597 79.21 -22.21 74.05
N GLU A 3598 79.97 -22.11 75.15
CA GLU A 3598 79.65 -22.84 76.38
C GLU A 3598 78.32 -22.39 76.95
N VAL A 3599 78.06 -21.08 76.96
CA VAL A 3599 76.78 -20.67 77.51
C VAL A 3599 75.66 -20.80 76.48
N SER A 3600 75.98 -20.74 75.18
CA SER A 3600 74.97 -20.82 74.13
C SER A 3600 74.30 -22.17 74.11
N ALA A 3601 75.10 -23.24 74.16
CA ALA A 3601 74.53 -24.58 74.18
C ALA A 3601 73.71 -24.82 75.45
N VAL A 3602 74.22 -24.34 76.59
CA VAL A 3602 73.54 -24.51 77.87
C VAL A 3602 72.16 -23.85 77.84
N LEU A 3603 72.10 -22.59 77.41
CA LEU A 3603 70.83 -21.87 77.33
C LEU A 3603 69.90 -22.48 76.30
N TYR A 3604 70.44 -22.88 75.15
CA TYR A 3604 69.61 -23.46 74.09
C TYR A 3604 68.95 -24.76 74.54
N HIS A 3605 69.72 -25.64 75.19
CA HIS A 3605 69.12 -26.87 75.68
C HIS A 3605 68.20 -26.58 76.86
N LEU A 3606 68.51 -25.54 77.64
CA LEU A 3606 67.70 -25.21 78.80
C LEU A 3606 66.30 -24.80 78.36
N GLU A 3607 66.20 -23.93 77.34
CA GLU A 3607 64.87 -23.57 76.85
C GLU A 3607 64.19 -24.75 76.16
N GLN A 3608 64.99 -25.67 75.57
CA GLN A 3608 64.40 -26.85 74.91
C GLN A 3608 63.75 -27.77 75.93
N THR A 3609 64.34 -27.89 77.12
CA THR A 3609 63.74 -28.74 78.15
C THR A 3609 62.72 -27.97 79.00
N GLU A 3610 62.84 -26.65 79.11
CA GLU A 3610 61.87 -25.84 79.85
C GLU A 3610 60.53 -25.75 79.11
N HIS A 3611 60.55 -25.75 77.78
CA HIS A 3611 59.30 -25.78 77.02
C HIS A 3611 59.29 -27.09 76.25
N PRO A 3612 58.46 -28.05 76.66
CA PRO A 3612 58.49 -29.40 76.05
C PRO A 3612 58.11 -29.53 74.57
N TYR A 3613 57.05 -28.84 74.10
CA TYR A 3613 56.59 -28.78 72.69
C TYR A 3613 56.37 -30.19 72.13
N LYS A 3614 55.78 -31.06 72.94
CA LYS A 3614 55.71 -32.48 72.61
C LYS A 3614 54.34 -32.99 72.16
N SER A 3615 53.38 -32.12 71.88
CA SER A 3615 52.04 -32.63 71.60
C SER A 3615 51.67 -32.31 70.16
N LYS A 3616 50.39 -32.58 69.83
CA LYS A 3616 49.62 -32.35 68.59
C LYS A 3616 49.72 -33.56 67.67
N LYS A 3617 50.20 -34.69 68.20
CA LYS A 3617 50.30 -35.92 67.42
C LYS A 3617 49.47 -37.08 67.95
N ALA A 3618 49.43 -37.28 69.26
CA ALA A 3618 48.68 -38.38 69.88
C ALA A 3618 47.77 -37.79 70.95
N VAL A 3619 46.58 -37.35 70.52
CA VAL A 3619 45.60 -36.71 71.38
C VAL A 3619 44.29 -37.46 71.15
N TRP A 3620 43.44 -37.48 72.19
CA TRP A 3620 42.12 -38.12 72.24
C TRP A 3620 41.30 -37.80 70.99
N HIS A 3621 40.97 -38.84 70.21
CA HIS A 3621 40.24 -38.66 68.96
C HIS A 3621 38.88 -39.34 68.93
N LYS A 3622 38.57 -40.16 69.94
CA LYS A 3622 37.29 -40.90 70.12
C LYS A 3622 36.77 -41.57 68.85
N LEU A 3623 37.63 -42.43 68.29
CA LEU A 3623 37.34 -43.20 67.08
C LEU A 3623 36.07 -44.04 67.25
N LEU A 3624 36.09 -44.99 68.20
CA LEU A 3624 34.90 -45.74 68.55
C LEU A 3624 34.80 -45.99 70.05
N SER A 3625 35.58 -45.27 70.86
CA SER A 3625 35.57 -45.50 72.31
C SER A 3625 34.29 -45.02 72.97
N LYS A 3626 33.68 -43.94 72.48
CA LYS A 3626 32.49 -43.40 73.12
C LYS A 3626 31.28 -44.32 72.95
N GLN A 3627 31.15 -44.98 71.81
CA GLN A 3627 29.99 -45.80 71.52
C GLN A 3627 30.24 -47.29 71.58
N ARG A 3628 31.50 -47.74 71.49
CA ARG A 3628 31.81 -49.17 71.43
C ARG A 3628 32.93 -49.53 72.39
N ARG A 3629 32.92 -48.96 73.60
CA ARG A 3629 33.86 -49.40 74.62
C ARG A 3629 33.43 -50.75 75.19
N ARG A 3630 32.13 -51.02 75.18
CA ARG A 3630 31.60 -52.33 75.55
C ARG A 3630 31.99 -53.41 74.56
N ALA A 3631 32.34 -53.03 73.31
CA ALA A 3631 32.62 -53.99 72.25
C ALA A 3631 33.82 -54.88 72.56
N VAL A 3632 34.92 -54.30 73.03
CA VAL A 3632 36.11 -55.08 73.34
C VAL A 3632 35.89 -56.00 74.54
N VAL A 3633 35.21 -55.50 75.58
CA VAL A 3633 34.92 -56.30 76.77
C VAL A 3633 33.99 -57.44 76.42
N ALA A 3634 32.97 -57.15 75.61
CA ALA A 3634 32.05 -58.18 75.15
C ALA A 3634 32.79 -59.21 74.31
N CYS A 3635 33.63 -58.77 73.37
CA CYS A 3635 34.31 -59.69 72.46
C CYS A 3635 35.22 -60.64 73.23
N PHE A 3636 35.96 -60.11 74.21
CA PHE A 3636 36.81 -60.96 75.04
C PHE A 3636 36.03 -61.89 75.97
N ARG A 3637 34.79 -61.55 76.34
CA ARG A 3637 34.09 -62.34 77.36
C ARG A 3637 32.92 -63.18 76.85
N MET A 3638 32.42 -62.89 75.66
CA MET A 3638 31.23 -63.53 75.10
C MET A 3638 31.47 -64.99 74.76
N THR A 3639 30.36 -65.65 74.44
CA THR A 3639 30.32 -67.10 74.38
C THR A 3639 31.03 -67.59 73.13
N PRO A 3640 31.97 -68.51 73.25
CA PRO A 3640 32.49 -69.20 72.05
C PRO A 3640 31.46 -70.17 71.51
N LEU A 3641 31.70 -70.61 70.27
CA LEU A 3641 30.70 -71.36 69.51
C LEU A 3641 30.35 -72.70 70.16
N TYR A 3642 31.34 -73.39 70.73
CA TYR A 3642 31.13 -74.73 71.25
C TYR A 3642 30.19 -74.78 72.46
N ASN A 3643 29.91 -73.64 73.09
CA ASN A 3643 29.02 -73.59 74.26
C ASN A 3643 27.58 -73.26 73.91
N LEU A 3644 27.26 -73.04 72.63
CA LEU A 3644 25.90 -72.73 72.23
C LEU A 3644 25.02 -73.97 72.22
N PRO A 3645 23.71 -73.81 72.48
CA PRO A 3645 22.78 -74.93 72.29
C PRO A 3645 22.77 -75.37 70.83
N THR A 3646 22.52 -76.67 70.64
CA THR A 3646 22.63 -77.28 69.32
C THR A 3646 21.64 -76.70 68.32
N HIS A 3647 20.39 -76.47 68.74
CA HIS A 3647 19.41 -75.88 67.84
C HIS A 3647 19.75 -74.43 67.46
N ARG A 3648 20.24 -73.65 68.43
CA ARG A 3648 20.63 -72.27 68.15
C ARG A 3648 21.86 -72.20 67.26
N ALA A 3649 22.73 -73.20 67.36
CA ALA A 3649 23.88 -73.26 66.48
C ALA A 3649 23.48 -73.71 65.08
N CYS A 3650 22.58 -74.70 65.00
CA CYS A 3650 22.15 -75.27 63.74
C CYS A 3650 21.40 -74.25 62.89
N ASN A 3651 20.54 -73.43 63.51
CA ASN A 3651 19.81 -72.40 62.76
C ASN A 3651 20.78 -71.41 62.10
N MET A 3652 21.80 -71.01 62.86
CA MET A 3652 22.85 -70.13 62.35
C MET A 3652 23.61 -70.81 61.23
N PHE A 3653 23.89 -72.11 61.39
CA PHE A 3653 24.64 -72.84 60.37
C PHE A 3653 23.83 -72.90 59.08
N LEU A 3654 22.51 -73.11 59.20
CA LEU A 3654 21.64 -73.23 58.04
C LEU A 3654 21.64 -71.94 57.24
N GLU A 3655 21.41 -70.81 57.94
CA GLU A 3655 21.37 -69.53 57.23
C GLU A 3655 22.74 -69.11 56.72
N SER A 3656 23.82 -69.56 57.35
CA SER A 3656 25.14 -69.25 56.80
C SER A 3656 25.45 -70.13 55.60
N TYR A 3657 25.04 -71.40 55.66
CA TYR A 3657 25.29 -72.36 54.60
C TYR A 3657 24.61 -71.93 53.32
N LYS A 3658 23.34 -71.50 53.42
CA LYS A 3658 22.63 -71.11 52.20
C LYS A 3658 23.29 -69.89 51.57
N ALA A 3659 23.73 -68.94 52.40
CA ALA A 3659 24.34 -67.71 51.91
C ALA A 3659 25.70 -67.96 51.28
N ALA A 3660 26.42 -68.99 51.73
CA ALA A 3660 27.79 -69.21 51.26
C ALA A 3660 27.95 -70.41 50.32
N TRP A 3661 26.96 -71.27 50.20
CA TRP A 3661 27.11 -72.46 49.36
C TRP A 3661 25.97 -72.64 48.36
N ILE A 3662 24.79 -72.13 48.70
CA ILE A 3662 23.62 -72.27 47.83
C ILE A 3662 23.43 -71.04 46.96
N LEU A 3663 23.46 -69.84 47.56
CA LEU A 3663 23.38 -68.61 46.78
C LEU A 3663 24.57 -68.48 45.84
N THR A 3664 25.76 -68.84 46.31
CA THR A 3664 26.96 -68.79 45.48
C THR A 3664 26.89 -69.76 44.31
N GLU A 3665 26.15 -70.85 44.45
CA GLU A 3665 26.05 -71.87 43.41
C GLU A 3665 25.38 -71.31 42.15
N ASP A 3666 25.91 -71.68 40.99
CA ASP A 3666 25.39 -71.26 39.71
C ASP A 3666 24.78 -72.46 38.99
N HIS A 3667 23.56 -72.29 38.49
CA HIS A 3667 22.85 -73.35 37.78
C HIS A 3667 22.15 -72.73 36.59
N SER A 3668 22.68 -72.97 35.39
CA SER A 3668 22.15 -72.36 34.17
C SER A 3668 21.13 -73.31 33.54
N PHE A 3669 19.87 -73.14 33.90
CA PHE A 3669 18.77 -73.93 33.35
C PHE A 3669 17.85 -73.11 32.47
N GLU A 3670 18.09 -71.79 32.37
CA GLU A 3670 17.20 -70.90 31.63
C GLU A 3670 17.13 -71.29 30.16
N ASP A 3671 18.27 -71.60 29.55
CA ASP A 3671 18.25 -71.95 28.14
C ASP A 3671 17.68 -73.34 27.94
N ARG A 3672 17.75 -74.20 28.95
CA ARG A 3672 17.31 -75.57 28.76
C ARG A 3672 15.85 -75.74 29.07
N MET A 3673 15.17 -74.70 29.59
CA MET A 3673 13.72 -74.78 29.51
C MET A 3673 13.27 -74.38 28.11
N ILE A 3674 13.64 -73.17 27.68
CA ILE A 3674 13.18 -72.58 26.42
C ILE A 3674 13.54 -73.43 25.20
N ASP A 3675 14.67 -74.16 25.28
CA ASP A 3675 15.01 -75.15 24.26
C ASP A 3675 13.96 -76.26 24.19
N ASP A 3676 13.52 -76.76 25.33
CA ASP A 3676 12.52 -77.82 25.33
C ASP A 3676 11.15 -77.27 24.97
N LEU A 3677 10.80 -76.11 25.53
CA LEU A 3677 9.49 -75.53 25.39
C LEU A 3677 9.23 -74.98 23.99
N SER A 3678 10.28 -74.78 23.19
CA SER A 3678 10.07 -74.23 21.86
C SER A 3678 9.93 -75.32 20.81
N LYS A 3679 9.97 -76.59 21.22
CA LYS A 3679 9.89 -77.72 20.30
C LYS A 3679 8.46 -78.24 20.29
N ALA A 3680 7.81 -78.18 19.13
CA ALA A 3680 6.49 -78.78 18.93
C ALA A 3680 6.66 -80.26 18.62
N GLY A 3681 7.05 -81.02 19.66
CA GLY A 3681 7.38 -82.42 19.47
C GLY A 3681 6.18 -83.25 19.06
N GLU A 3682 6.44 -84.25 18.20
CA GLU A 3682 5.49 -85.23 17.66
C GLU A 3682 4.36 -84.61 16.81
N GLN A 3683 4.36 -83.28 16.65
CA GLN A 3683 3.36 -82.64 15.82
C GLN A 3683 3.59 -82.97 14.35
N GLU A 3684 4.85 -83.16 13.95
CA GLU A 3684 5.15 -83.61 12.60
C GLU A 3684 4.62 -85.02 12.36
N GLU A 3685 4.63 -85.86 13.41
CA GLU A 3685 3.96 -87.16 13.36
C GLU A 3685 2.45 -86.98 13.19
N GLU A 3686 1.87 -86.01 13.90
CA GLU A 3686 0.43 -85.75 13.80
C GLU A 3686 0.04 -85.32 12.38
N GLU A 3687 0.81 -84.38 11.80
CA GLU A 3687 0.55 -83.78 10.48
C GLU A 3687 -0.90 -83.28 10.35
N GLU A 3688 -1.22 -82.27 11.17
CA GLU A 3688 -2.57 -81.73 11.18
C GLU A 3688 -2.84 -80.89 9.94
N GLU A 3689 -3.98 -81.16 9.30
CA GLU A 3689 -4.40 -80.47 8.09
C GLU A 3689 -4.64 -78.99 8.33
N VAL A 3690 -5.20 -78.65 9.50
CA VAL A 3690 -5.65 -77.29 9.81
C VAL A 3690 -4.47 -76.31 9.76
N GLU A 3691 -4.72 -75.14 9.16
CA GLU A 3691 -3.73 -74.07 9.09
C GLU A 3691 -3.34 -73.52 10.45
N GLU A 3692 -4.33 -73.37 11.37
CA GLU A 3692 -4.21 -72.83 12.74
C GLU A 3692 -2.88 -73.11 13.45
N LYS A 3693 -2.42 -74.37 13.36
CA LYS A 3693 -1.12 -74.83 13.88
C LYS A 3693 -0.97 -74.54 15.38
N LYS A 3694 -1.75 -75.32 16.18
CA LYS A 3694 -1.89 -75.23 17.64
C LYS A 3694 -0.55 -74.95 18.32
N PRO A 3695 -0.53 -74.02 19.29
CA PRO A 3695 0.76 -73.52 19.80
C PRO A 3695 1.60 -74.54 20.53
N ASP A 3696 2.91 -74.33 20.42
CA ASP A 3696 3.89 -75.05 21.22
C ASP A 3696 3.85 -74.52 22.66
N PRO A 3697 4.42 -75.26 23.65
CA PRO A 3697 4.25 -74.89 25.07
C PRO A 3697 4.64 -73.46 25.43
N LEU A 3698 5.73 -72.95 24.85
CA LEU A 3698 6.15 -71.59 25.14
C LEU A 3698 5.09 -70.58 24.70
N HIS A 3699 4.54 -70.78 23.50
CA HIS A 3699 3.52 -69.86 23.01
C HIS A 3699 2.23 -69.97 23.81
N GLN A 3700 1.92 -71.17 24.33
CA GLN A 3700 0.77 -71.30 25.21
C GLN A 3700 0.98 -70.56 26.52
N LEU A 3701 2.21 -70.63 27.05
CA LEU A 3701 2.55 -69.92 28.28
C LEU A 3701 2.43 -68.42 28.10
N VAL A 3702 2.94 -67.92 26.96
CA VAL A 3702 2.89 -66.49 26.66
C VAL A 3702 1.44 -66.05 26.50
N LEU A 3703 0.62 -66.86 25.81
CA LEU A 3703 -0.80 -66.54 25.65
C LEU A 3703 -1.49 -66.46 27.00
N HIS A 3704 -1.15 -67.39 27.91
CA HIS A 3704 -1.78 -67.40 29.23
C HIS A 3704 -1.44 -66.14 30.01
N PHE A 3705 -0.17 -65.71 29.91
CA PHE A 3705 0.23 -64.51 30.63
C PHE A 3705 -0.37 -63.25 30.01
N SER A 3706 -0.52 -63.25 28.68
CA SER A 3706 -1.21 -62.13 28.06
C SER A 3706 -2.69 -62.13 28.43
N ARG A 3707 -3.28 -63.31 28.62
CA ARG A 3707 -4.68 -63.37 29.04
C ARG A 3707 -4.85 -62.79 30.43
N THR A 3708 -3.94 -63.15 31.35
CA THR A 3708 -4.06 -62.63 32.71
C THR A 3708 -3.58 -61.20 32.81
N ALA A 3709 -2.99 -60.65 31.74
CA ALA A 3709 -2.66 -59.24 31.75
C ALA A 3709 -3.76 -58.42 31.10
N LEU A 3710 -4.46 -59.01 30.14
CA LEU A 3710 -5.57 -58.34 29.47
C LEU A 3710 -6.84 -58.33 30.30
N THR A 3711 -6.97 -59.23 31.28
CA THR A 3711 -8.21 -59.29 32.07
C THR A 3711 -8.41 -57.99 32.87
N GLU A 3712 -9.64 -57.53 32.91
CA GLU A 3712 -9.97 -56.26 33.55
C GLU A 3712 -9.88 -56.42 35.07
N LYS A 3713 -8.81 -55.90 35.64
CA LYS A 3713 -8.62 -55.87 37.08
C LYS A 3713 -8.15 -54.48 37.47
N SER A 3714 -8.60 -54.02 38.64
CA SER A 3714 -8.20 -52.69 39.13
C SER A 3714 -6.70 -52.63 39.39
N LYS A 3715 -6.14 -53.67 40.02
CA LYS A 3715 -4.73 -53.72 40.36
C LYS A 3715 -4.09 -54.95 39.74
N LEU A 3716 -2.78 -55.07 39.91
CA LEU A 3716 -2.02 -56.22 39.45
C LEU A 3716 -1.43 -56.94 40.64
N ASP A 3717 -1.62 -58.25 40.71
CA ASP A 3717 -1.07 -59.03 41.80
C ASP A 3717 0.34 -59.47 41.46
N GLU A 3718 1.13 -59.76 42.49
CA GLU A 3718 2.48 -60.27 42.28
C GLU A 3718 2.44 -61.75 41.93
N ASP A 3719 2.36 -62.05 40.63
CA ASP A 3719 2.39 -63.43 40.17
C ASP A 3719 3.82 -63.96 40.26
N TYR A 3720 4.09 -64.76 41.29
CA TYR A 3720 5.45 -65.25 41.55
C TYR A 3720 5.98 -66.15 40.44
N LEU A 3721 5.10 -66.73 39.63
CA LEU A 3721 5.58 -67.53 38.53
C LEU A 3721 5.80 -66.68 37.30
N TYR A 3722 4.97 -65.65 37.10
CA TYR A 3722 5.25 -64.72 36.02
C TYR A 3722 6.58 -64.02 36.25
N MET A 3723 6.86 -63.66 37.51
CA MET A 3723 8.18 -63.17 37.90
C MET A 3723 9.29 -64.16 37.57
N ALA A 3724 9.05 -65.44 37.86
CA ALA A 3724 10.08 -66.44 37.62
C ALA A 3724 10.25 -66.73 36.14
N TYR A 3725 9.21 -66.57 35.35
CA TYR A 3725 9.34 -66.92 33.95
C TYR A 3725 9.73 -65.71 33.13
N ALA A 3726 9.41 -64.50 33.59
CA ALA A 3726 9.96 -63.32 32.97
C ALA A 3726 11.47 -63.27 33.16
N ASP A 3727 11.95 -63.62 34.37
CA ASP A 3727 13.38 -63.66 34.58
C ASP A 3727 14.05 -64.75 33.74
N ILE A 3728 13.39 -65.91 33.62
CA ILE A 3728 13.93 -67.01 32.81
C ILE A 3728 14.01 -66.64 31.33
N MET A 3729 12.94 -66.03 30.80
CA MET A 3729 12.93 -65.60 29.40
C MET A 3729 13.96 -64.51 29.16
N ALA A 3730 14.07 -63.55 30.08
CA ALA A 3730 15.04 -62.48 29.90
C ALA A 3730 16.46 -63.03 29.95
N LYS A 3731 16.72 -63.97 30.86
CA LYS A 3731 18.06 -64.54 30.98
C LYS A 3731 18.37 -65.52 29.86
N SER A 3732 17.39 -65.93 29.07
CA SER A 3732 17.62 -66.86 27.98
C SER A 3732 17.84 -66.16 26.64
N CYS A 3733 18.11 -64.86 26.64
CA CYS A 3733 18.34 -64.13 25.40
C CYS A 3733 19.76 -63.60 25.25
N HIS A 3734 20.25 -62.82 26.23
CA HIS A 3734 21.52 -62.13 26.07
C HIS A 3734 22.70 -63.11 25.99
N LEU A 3735 22.81 -64.03 26.95
CA LEU A 3735 23.92 -64.99 27.10
C LEU A 3735 25.31 -64.34 27.01
N GLU A 3736 25.44 -63.07 27.40
CA GLU A 3736 26.69 -62.34 27.23
C GLU A 3736 26.87 -61.31 28.34
N VAL A 3749 42.91 -58.84 21.79
CA VAL A 3749 41.65 -58.33 22.31
C VAL A 3749 40.70 -58.01 21.18
N GLU A 3750 41.19 -58.13 19.95
CA GLU A 3750 40.40 -57.86 18.76
C GLU A 3750 39.78 -59.17 18.26
N VAL A 3751 38.45 -59.20 18.21
CA VAL A 3751 37.70 -60.33 17.70
C VAL A 3751 37.21 -59.93 16.31
N SER A 3752 37.16 -60.89 15.39
CA SER A 3752 36.85 -60.59 14.00
C SER A 3752 35.40 -60.12 13.88
N PHE A 3753 35.20 -59.12 13.01
CA PHE A 3753 33.85 -58.69 12.64
C PHE A 3753 33.07 -59.81 11.94
N GLU A 3754 33.76 -60.84 11.44
CA GLU A 3754 33.11 -62.03 10.93
C GLU A 3754 32.62 -62.92 12.06
N GLU A 3755 33.28 -62.87 13.22
CA GLU A 3755 32.76 -63.58 14.39
C GLU A 3755 31.58 -62.82 14.97
N LYS A 3756 31.72 -61.49 15.04
CA LYS A 3756 30.62 -60.65 15.53
C LYS A 3756 29.39 -60.78 14.64
N GLU A 3757 29.59 -61.06 13.34
CA GLU A 3757 28.53 -61.34 12.39
C GLU A 3757 27.83 -62.67 12.68
N MET A 3758 28.43 -63.53 13.48
CA MET A 3758 27.84 -64.78 13.93
C MET A 3758 27.12 -64.59 15.25
N GLU A 3759 27.80 -63.92 16.18
CA GLU A 3759 27.23 -63.64 17.50
C GLU A 3759 25.94 -62.81 17.40
N LYS A 3760 25.94 -61.78 16.54
CA LYS A 3760 24.73 -60.96 16.37
C LYS A 3760 23.58 -61.78 15.81
N GLN A 3761 23.84 -62.63 14.83
CA GLN A 3761 22.78 -63.41 14.23
C GLN A 3761 22.43 -64.65 15.03
N ARG A 3762 23.14 -64.93 16.12
CA ARG A 3762 22.66 -65.92 17.06
C ARG A 3762 21.82 -65.28 18.16
N LEU A 3763 22.23 -64.09 18.62
CA LEU A 3763 21.41 -63.35 19.57
C LEU A 3763 20.07 -62.99 18.95
N LEU A 3764 20.07 -62.54 17.69
CA LEU A 3764 18.81 -62.24 17.00
C LEU A 3764 17.95 -63.49 16.81
N TYR A 3765 18.56 -64.67 16.81
CA TYR A 3765 17.77 -65.90 16.73
C TYR A 3765 17.08 -66.16 18.06
N GLN A 3766 17.82 -66.01 19.15
CA GLN A 3766 17.22 -66.22 20.48
C GLN A 3766 16.12 -65.21 20.76
N GLN A 3767 16.33 -63.95 20.36
CA GLN A 3767 15.26 -62.95 20.43
C GLN A 3767 14.08 -63.32 19.55
N SER A 3768 14.34 -63.86 18.35
CA SER A 3768 13.26 -64.30 17.47
C SER A 3768 12.48 -65.46 18.05
N ARG A 3769 13.12 -66.27 18.91
CA ARG A 3769 12.48 -67.41 19.54
C ARG A 3769 11.36 -66.96 20.48
N LEU A 3770 11.44 -65.72 20.98
CA LEU A 3770 10.42 -65.17 21.86
C LEU A 3770 9.46 -64.30 21.07
N HIS A 3771 9.97 -63.28 20.35
CA HIS A 3771 9.08 -62.32 19.72
C HIS A 3771 8.24 -62.93 18.60
N THR A 3772 8.64 -64.10 18.04
CA THR A 3772 7.73 -64.76 17.13
C THR A 3772 6.51 -65.36 17.84
N ARG A 3773 6.52 -65.41 19.18
CA ARG A 3773 5.45 -66.03 19.94
C ARG A 3773 4.66 -65.03 20.78
N GLY A 3774 4.59 -63.76 20.36
CA GLY A 3774 3.78 -62.77 21.03
C GLY A 3774 4.33 -62.19 22.32
N ALA A 3775 5.59 -62.47 22.66
CA ALA A 3775 6.18 -61.89 23.87
C ALA A 3775 6.34 -60.38 23.79
N ALA A 3776 6.38 -59.82 22.58
CA ALA A 3776 6.46 -58.38 22.42
C ALA A 3776 5.16 -57.73 22.85
N GLU A 3777 4.03 -58.31 22.45
CA GLU A 3777 2.76 -57.73 22.81
C GLU A 3777 2.47 -58.02 24.28
N MET A 3778 3.02 -59.13 24.79
CA MET A 3778 2.85 -59.47 26.20
C MET A 3778 3.53 -58.44 27.10
N VAL A 3779 4.72 -57.97 26.70
CA VAL A 3779 5.43 -56.97 27.49
C VAL A 3779 4.63 -55.67 27.54
N LEU A 3780 4.12 -55.24 26.37
CA LEU A 3780 3.35 -54.00 26.29
C LEU A 3780 2.06 -54.10 27.09
N GLN A 3781 1.51 -55.31 27.21
CA GLN A 3781 0.29 -55.47 27.98
C GLN A 3781 0.58 -55.43 29.47
N MET A 3782 1.70 -56.03 29.91
CA MET A 3782 2.02 -55.95 31.33
C MET A 3782 2.34 -54.52 31.74
N ILE A 3783 3.01 -53.75 30.86
CA ILE A 3783 3.29 -52.34 31.13
C ILE A 3783 2.00 -51.54 31.21
N SER A 3784 1.05 -51.79 30.30
CA SER A 3784 -0.20 -51.06 30.38
C SER A 3784 -1.04 -51.49 31.57
N ALA A 3785 -0.93 -52.76 31.96
CA ALA A 3785 -1.73 -53.29 33.06
C ALA A 3785 -1.22 -52.83 34.42
N CYS A 3786 0.09 -52.55 34.56
CA CYS A 3786 0.63 -52.22 35.88
C CYS A 3786 0.14 -50.88 36.41
N LYS A 3787 -0.43 -50.02 35.57
CA LYS A 3787 -1.03 -48.72 35.94
C LYS A 3787 -0.04 -47.76 36.60
N GLY A 3788 1.24 -47.90 36.29
CA GLY A 3788 2.23 -47.00 36.88
C GLY A 3788 2.49 -47.18 38.35
N GLU A 3789 2.63 -48.42 38.81
CA GLU A 3789 3.02 -48.73 40.18
C GLU A 3789 4.39 -49.38 40.13
N THR A 3790 5.40 -48.70 40.67
CA THR A 3790 6.74 -49.25 40.73
C THR A 3790 6.79 -50.49 41.61
N GLY A 3791 7.49 -51.51 41.12
CA GLY A 3791 7.64 -52.73 41.89
C GLY A 3791 8.39 -53.76 41.09
N ALA A 3792 8.60 -54.92 41.72
CA ALA A 3792 9.24 -56.04 41.06
C ALA A 3792 8.34 -56.65 39.98
N MET A 3793 7.07 -56.25 39.96
CA MET A 3793 6.12 -56.75 38.97
C MET A 3793 6.47 -56.16 37.62
N VAL A 3794 6.50 -54.83 37.56
CA VAL A 3794 6.82 -54.11 36.33
C VAL A 3794 8.31 -54.24 36.00
N SER A 3795 9.18 -54.31 37.02
CA SER A 3795 10.62 -54.32 36.77
C SER A 3795 11.06 -55.55 35.98
N SER A 3796 10.52 -56.72 36.31
CA SER A 3796 10.82 -57.93 35.53
C SER A 3796 10.30 -57.84 34.11
N THR A 3797 9.23 -57.05 33.91
CA THR A 3797 8.70 -56.88 32.57
C THR A 3797 9.64 -56.02 31.76
N LEU A 3798 10.12 -54.93 32.36
CA LEU A 3798 11.08 -54.05 31.68
C LEU A 3798 12.36 -54.81 31.33
N LYS A 3799 12.86 -55.62 32.27
CA LYS A 3799 14.06 -56.41 32.00
C LYS A 3799 13.84 -57.43 30.88
N LEU A 3800 12.61 -57.93 30.72
CA LEU A 3800 12.33 -58.77 29.57
C LEU A 3800 12.22 -57.97 28.29
N GLY A 3801 11.64 -56.76 28.39
CA GLY A 3801 11.50 -55.90 27.23
C GLY A 3801 12.85 -55.50 26.67
N ILE A 3802 13.80 -55.19 27.56
CA ILE A 3802 15.16 -54.90 27.13
C ILE A 3802 15.80 -56.16 26.55
N SER A 3803 15.61 -57.30 27.23
CA SER A 3803 16.29 -58.52 26.84
C SER A 3803 15.84 -59.02 25.46
N ILE A 3804 14.66 -58.61 25.01
CA ILE A 3804 14.23 -58.88 23.64
C ILE A 3804 14.44 -57.68 22.73
N LEU A 3805 15.16 -56.66 23.18
CA LEU A 3805 15.39 -55.46 22.39
C LEU A 3805 16.84 -55.03 22.33
N ASN A 3806 17.77 -55.81 22.88
CA ASN A 3806 19.19 -55.49 22.77
C ASN A 3806 19.62 -55.45 21.31
N GLY A 3807 20.42 -54.43 20.98
CA GLY A 3807 20.86 -54.22 19.62
C GLY A 3807 19.80 -53.63 18.71
N GLY A 3808 18.68 -53.17 19.26
CA GLY A 3808 17.59 -52.59 18.51
C GLY A 3808 16.97 -53.48 17.46
N ASN A 3809 16.30 -54.55 17.89
CA ASN A 3809 15.64 -55.46 16.96
C ASN A 3809 14.52 -54.77 16.19
N ALA A 3810 14.70 -54.69 14.87
CA ALA A 3810 13.78 -53.93 14.03
C ALA A 3810 12.42 -54.61 13.96
N GLU A 3811 12.41 -55.94 14.06
CA GLU A 3811 11.16 -56.69 14.03
C GLU A 3811 10.38 -56.42 15.31
N VAL A 3812 11.06 -56.45 16.46
CA VAL A 3812 10.39 -56.23 17.73
C VAL A 3812 9.80 -54.82 17.76
N GLN A 3813 10.61 -53.83 17.34
CA GLN A 3813 10.13 -52.44 17.28
C GLN A 3813 8.95 -52.28 16.33
N GLN A 3814 8.91 -53.08 15.25
CA GLN A 3814 7.78 -53.00 14.33
C GLN A 3814 6.54 -53.65 14.90
N LYS A 3815 6.70 -54.79 15.57
CA LYS A 3815 5.57 -55.47 16.19
C LYS A 3815 4.97 -54.63 17.30
N MET A 3816 5.83 -54.02 18.11
CA MET A 3816 5.38 -53.18 19.21
C MET A 3816 4.65 -51.95 18.70
N LEU A 3817 5.21 -51.28 17.68
CA LEU A 3817 4.56 -50.08 17.16
C LEU A 3817 3.23 -50.42 16.50
N ASP A 3818 3.18 -51.55 15.77
CA ASP A 3818 1.93 -51.97 15.16
C ASP A 3818 0.86 -52.29 16.20
N TYR A 3819 1.25 -52.97 17.28
CA TYR A 3819 0.28 -53.33 18.31
C TYR A 3819 -0.25 -52.09 19.01
N LEU A 3820 0.63 -51.12 19.28
CA LEU A 3820 0.16 -49.90 19.94
C LEU A 3820 -0.75 -49.11 19.04
N LYS A 3821 -0.46 -49.12 17.73
CA LYS A 3821 -1.21 -48.30 16.80
C LYS A 3821 -2.60 -48.87 16.61
N ASP A 3822 -2.71 -50.18 16.39
CA ASP A 3822 -4.05 -50.69 16.12
C ASP A 3822 -4.85 -50.88 17.41
N LYS A 3823 -4.21 -50.99 18.58
CA LYS A 3823 -5.01 -51.05 19.80
C LYS A 3823 -5.47 -49.67 20.27
N LYS A 3824 -4.70 -48.61 19.96
CA LYS A 3824 -4.99 -47.23 20.38
C LYS A 3824 -5.21 -47.11 21.88
N GLU A 3825 -4.36 -47.76 22.67
CA GLU A 3825 -4.48 -47.74 24.12
C GLU A 3825 -3.65 -46.60 24.72
N VAL A 3826 -4.31 -45.75 25.52
CA VAL A 3826 -3.61 -44.71 26.27
C VAL A 3826 -3.04 -45.21 27.58
N GLY A 3827 -3.37 -46.44 28.00
CA GLY A 3827 -2.92 -46.93 29.28
C GLY A 3827 -1.43 -47.17 29.32
N PHE A 3828 -0.83 -47.47 28.17
CA PHE A 3828 0.60 -47.73 28.09
C PHE A 3828 1.40 -46.46 28.38
N PHE A 3829 1.06 -45.37 27.70
CA PHE A 3829 1.81 -44.16 27.90
C PHE A 3829 1.44 -43.49 29.21
N GLN A 3830 0.21 -43.64 29.68
CA GLN A 3830 -0.15 -43.12 30.99
C GLN A 3830 0.60 -43.85 32.10
N SER A 3831 0.87 -45.14 31.91
CA SER A 3831 1.62 -45.88 32.92
C SER A 3831 3.09 -45.55 32.84
N ILE A 3832 3.61 -45.34 31.63
CA ILE A 3832 5.01 -44.93 31.48
C ILE A 3832 5.24 -43.58 32.12
N GLN A 3833 4.32 -42.63 31.88
CA GLN A 3833 4.42 -41.31 32.48
C GLN A 3833 4.35 -41.37 34.01
N ALA A 3834 3.43 -42.18 34.55
CA ALA A 3834 3.34 -42.29 36.01
C ALA A 3834 4.58 -42.95 36.59
N LEU A 3835 5.11 -43.97 35.91
CA LEU A 3835 6.32 -44.64 36.36
C LEU A 3835 7.49 -43.68 36.38
N MET A 3836 7.59 -42.84 35.35
CA MET A 3836 8.71 -41.92 35.24
C MET A 3836 8.59 -40.82 36.30
N GLN A 3837 7.36 -40.38 36.58
CA GLN A 3837 7.15 -39.34 37.58
C GLN A 3837 7.40 -39.86 38.99
N THR A 3838 7.34 -41.18 39.19
CA THR A 3838 7.58 -41.73 40.51
C THR A 3838 9.04 -42.04 40.78
N CYS A 3839 9.92 -41.89 39.79
CA CYS A 3839 11.34 -42.14 39.99
C CYS A 3839 11.96 -41.12 40.95
N SER A 3840 12.98 -41.57 41.67
CA SER A 3840 13.57 -40.81 42.77
C SER A 3840 14.89 -40.16 42.34
N VAL A 3841 15.14 -38.98 42.92
CA VAL A 3841 16.39 -38.25 42.71
C VAL A 3841 17.15 -38.24 44.03
N LEU A 3842 18.36 -37.66 44.01
CA LEU A 3842 19.22 -37.60 45.20
C LEU A 3842 18.54 -36.83 46.32
N ASP A 3843 18.66 -37.35 47.55
CA ASP A 3843 18.01 -36.74 48.70
C ASP A 3843 19.09 -36.42 49.74
N LEU A 3844 19.16 -35.14 50.10
CA LEU A 3844 20.08 -34.69 51.14
C LEU A 3844 19.65 -35.18 52.52
N ASN A 3845 18.37 -35.00 52.85
CA ASN A 3845 17.86 -35.38 54.17
C ASN A 3845 18.08 -36.87 54.42
N ALA A 3846 17.77 -37.70 53.41
CA ALA A 3846 18.01 -39.13 53.50
C ALA A 3846 19.50 -39.43 53.56
N PHE A 3847 20.33 -38.57 52.97
CA PHE A 3847 21.77 -38.82 53.02
C PHE A 3847 22.29 -38.57 54.43
N GLU A 3848 21.83 -37.48 55.06
CA GLU A 3848 22.25 -37.16 56.42
C GLU A 3848 21.78 -38.24 57.39
N ARG A 3849 20.52 -38.68 57.24
CA ARG A 3849 20.01 -39.77 58.10
C ARG A 3849 20.81 -41.04 57.90
N GLN A 3850 21.19 -41.35 56.66
CA GLN A 3850 22.00 -42.53 56.38
C GLN A 3850 23.37 -42.41 57.03
N ASN A 3851 23.95 -41.20 57.01
CA ASN A 3851 25.26 -40.98 57.62
C ASN A 3851 25.19 -41.16 59.13
N LYS A 3852 24.18 -40.55 59.76
CA LYS A 3852 24.05 -40.67 61.21
C LYS A 3852 23.79 -42.11 61.64
N ALA A 3853 22.94 -42.83 60.88
CA ALA A 3853 22.69 -44.23 61.16
C ALA A 3853 23.97 -45.05 61.00
N GLU A 3854 24.80 -44.70 60.01
CA GLU A 3854 26.08 -45.39 59.86
C GLU A 3854 26.99 -45.08 61.04
N GLY A 3855 26.90 -43.85 61.57
CA GLY A 3855 27.70 -43.46 62.71
C GLY A 3855 27.36 -44.26 63.96
N LEU A 3856 26.08 -44.60 64.13
CA LEU A 3856 25.68 -45.42 65.27
C LEU A 3856 26.32 -46.80 65.21
N GLY A 3857 26.28 -47.43 64.03
CA GLY A 3857 26.85 -48.76 63.84
C GLY A 3857 26.23 -49.87 64.67
N MET A 3858 24.91 -49.86 64.82
CA MET A 3858 24.26 -50.78 65.74
C MET A 3858 24.19 -52.18 65.13
N VAL A 3859 24.22 -53.20 65.99
CA VAL A 3859 24.33 -54.58 65.57
C VAL A 3859 23.18 -55.37 66.18
N ASN A 3860 23.04 -56.63 65.75
CA ASN A 3860 22.00 -57.48 66.28
C ASN A 3860 22.51 -58.24 67.52
N GLU A 3861 21.63 -59.01 68.14
CA GLU A 3861 21.94 -59.70 69.38
C GLU A 3861 22.55 -61.09 69.13
N ASP A 3862 21.91 -61.91 68.30
CA ASP A 3862 22.39 -63.25 68.01
C ASP A 3862 23.62 -63.22 67.11
N GLY A 3863 24.75 -62.83 67.68
CA GLY A 3863 25.95 -62.60 66.90
C GLY A 3863 26.14 -61.12 66.69
N THR A 3864 26.72 -60.74 65.55
CA THR A 3864 27.00 -59.35 65.22
C THR A 3864 27.27 -59.22 63.74
N VAL A 3865 26.56 -58.30 63.08
CA VAL A 3865 26.88 -57.90 61.72
C VAL A 3865 27.57 -56.53 61.77
N ILE A 3866 28.81 -56.48 61.29
CA ILE A 3866 29.62 -55.27 61.34
C ILE A 3866 29.42 -54.50 60.05
N ASN A 3867 29.02 -53.22 60.17
CA ASN A 3867 28.72 -52.33 59.06
C ASN A 3867 27.63 -52.92 58.16
N ARG A 3868 26.44 -53.02 58.76
CA ARG A 3868 25.28 -53.67 58.13
C ARG A 3868 24.93 -53.01 56.79
N GLN A 3869 24.65 -53.86 55.80
CA GLN A 3869 24.39 -53.40 54.44
C GLN A 3869 22.89 -53.44 54.11
N ASN A 3870 22.06 -53.00 55.06
CA ASN A 3870 20.63 -52.82 54.80
C ASN A 3870 20.43 -51.81 53.66
N GLY A 3871 19.24 -51.89 53.03
CA GLY A 3871 18.92 -51.19 51.80
C GLY A 3871 19.24 -49.70 51.72
N GLU A 3872 19.86 -49.29 50.62
CA GLU A 3872 20.26 -47.91 50.45
C GLU A 3872 19.04 -47.02 50.31
N LYS A 3873 18.99 -45.93 51.08
CA LYS A 3873 17.82 -45.06 51.09
C LYS A 3873 17.99 -43.84 50.20
N VAL A 3874 19.07 -43.76 49.45
CA VAL A 3874 19.26 -42.71 48.44
C VAL A 3874 19.38 -43.41 47.08
N MET A 3875 18.51 -43.03 46.14
CA MET A 3875 18.40 -43.65 44.82
C MET A 3875 18.20 -45.16 44.91
N ALA A 3876 17.18 -45.57 45.66
CA ALA A 3876 16.91 -46.99 45.85
C ALA A 3876 16.52 -47.65 44.52
N ASP A 3877 15.74 -46.94 43.70
CA ASP A 3877 15.24 -47.45 42.44
C ASP A 3877 16.08 -46.95 41.26
N ASP A 3878 17.39 -46.74 41.48
CA ASP A 3878 18.26 -46.28 40.41
C ASP A 3878 18.36 -47.31 39.29
N GLU A 3879 18.49 -48.60 39.64
CA GLU A 3879 18.59 -49.66 38.64
C GLU A 3879 17.30 -49.75 37.83
N PHE A 3880 16.17 -49.40 38.44
CA PHE A 3880 14.89 -49.39 37.75
C PHE A 3880 14.77 -48.18 36.85
N THR A 3881 15.24 -47.02 37.29
CA THR A 3881 15.16 -45.85 36.41
C THR A 3881 16.12 -46.02 35.23
N GLN A 3882 17.25 -46.68 35.48
CA GLN A 3882 18.22 -46.97 34.45
C GLN A 3882 17.66 -47.91 33.41
N ASP A 3883 16.96 -48.97 33.83
CA ASP A 3883 16.50 -49.86 32.78
C ASP A 3883 15.16 -49.43 32.21
N LEU A 3884 14.46 -48.49 32.85
CA LEU A 3884 13.31 -47.87 32.21
C LEU A 3884 13.75 -47.00 31.05
N PHE A 3885 14.81 -46.21 31.27
CA PHE A 3885 15.28 -45.37 30.18
C PHE A 3885 16.04 -46.19 29.15
N ARG A 3886 16.70 -47.28 29.57
CA ARG A 3886 17.31 -48.17 28.59
C ARG A 3886 16.26 -48.79 27.68
N PHE A 3887 15.10 -49.17 28.24
CA PHE A 3887 13.99 -49.68 27.44
C PHE A 3887 13.48 -48.63 26.46
N LEU A 3888 13.35 -47.39 26.93
CA LEU A 3888 12.90 -46.31 26.06
C LEU A 3888 13.90 -46.03 24.95
N GLN A 3889 15.19 -46.06 25.27
CA GLN A 3889 16.22 -45.87 24.27
C GLN A 3889 16.20 -46.98 23.23
N LEU A 3890 16.01 -48.23 23.69
CA LEU A 3890 15.97 -49.37 22.79
C LEU A 3890 14.80 -49.29 21.85
N LEU A 3891 13.71 -48.61 22.28
CA LEU A 3891 12.54 -48.50 21.42
C LEU A 3891 12.87 -47.70 20.16
N CYS A 3892 13.63 -46.62 20.32
CA CYS A 3892 13.98 -45.74 19.21
C CYS A 3892 15.34 -46.01 18.62
N GLU A 3893 16.04 -47.06 19.06
CA GLU A 3893 17.38 -47.32 18.57
C GLU A 3893 17.37 -47.70 17.09
N GLY A 3894 18.36 -47.22 16.36
CA GLY A 3894 18.41 -47.43 14.92
C GLY A 3894 17.71 -46.37 14.11
N HIS A 3895 17.46 -45.19 14.69
CA HIS A 3895 16.78 -44.05 14.06
C HIS A 3895 15.40 -44.44 13.54
N ASN A 3896 14.64 -45.13 14.38
CA ASN A 3896 13.29 -45.58 14.05
C ASN A 3896 12.35 -44.38 14.16
N ASN A 3897 12.38 -43.53 13.13
CA ASN A 3897 11.64 -42.26 13.12
C ASN A 3897 10.13 -42.45 13.21
N ASP A 3898 9.64 -43.62 12.80
CA ASP A 3898 8.23 -43.98 12.97
C ASP A 3898 7.86 -44.02 14.45
N PHE A 3899 8.76 -44.52 15.27
CA PHE A 3899 8.46 -44.71 16.68
C PHE A 3899 8.85 -43.45 17.43
N GLN A 3900 9.87 -42.75 16.93
CA GLN A 3900 10.30 -41.48 17.51
C GLN A 3900 9.19 -40.45 17.44
N ASN A 3901 8.48 -40.39 16.30
CA ASN A 3901 7.37 -39.45 16.22
C ASN A 3901 6.17 -39.92 17.04
N TYR A 3902 6.09 -41.22 17.31
CA TYR A 3902 5.01 -41.74 18.13
C TYR A 3902 5.20 -41.37 19.59
N LEU A 3903 6.46 -41.39 20.06
CA LEU A 3903 6.71 -41.00 21.45
C LEU A 3903 6.36 -39.54 21.67
N ARG A 3904 6.70 -38.68 20.70
CA ARG A 3904 6.42 -37.26 20.83
C ARG A 3904 4.92 -37.02 20.83
N THR A 3905 4.20 -37.68 19.93
CA THR A 3905 2.75 -37.51 19.88
C THR A 3905 2.12 -38.76 19.26
N GLN A 3906 1.05 -39.22 19.89
CA GLN A 3906 0.30 -40.38 19.42
C GLN A 3906 -0.92 -39.87 18.66
N THR A 3907 -0.93 -40.10 17.35
CA THR A 3907 -2.02 -39.59 16.52
C THR A 3907 -3.34 -40.28 16.86
N GLY A 3908 -3.32 -41.61 16.89
CA GLY A 3908 -4.56 -42.38 17.01
C GLY A 3908 -5.31 -42.14 18.31
N ASN A 3909 -4.60 -42.12 19.43
CA ASN A 3909 -5.22 -42.06 20.75
C ASN A 3909 -5.98 -40.76 20.94
N THR A 3910 -6.93 -40.78 21.88
CA THR A 3910 -7.67 -39.58 22.21
C THR A 3910 -6.82 -38.61 23.01
N THR A 3911 -5.98 -39.12 23.89
CA THR A 3911 -5.14 -38.32 24.76
C THR A 3911 -3.67 -38.58 24.45
N THR A 3912 -2.91 -37.51 24.24
CA THR A 3912 -1.52 -37.57 23.82
C THR A 3912 -0.64 -37.26 25.03
N ILE A 3913 0.32 -38.13 25.30
CA ILE A 3913 1.27 -37.96 26.40
C ILE A 3913 2.65 -37.72 25.82
N ASN A 3914 3.21 -36.54 26.06
CA ASN A 3914 4.51 -36.19 25.51
C ASN A 3914 5.58 -36.79 26.42
N ILE A 3915 6.09 -37.95 25.99
CA ILE A 3915 7.12 -38.65 26.74
C ILE A 3915 8.41 -37.84 26.73
N ILE A 3916 8.65 -37.11 25.64
CA ILE A 3916 9.85 -36.32 25.46
C ILE A 3916 9.96 -35.24 26.54
N ILE A 3917 8.87 -34.49 26.72
CA ILE A 3917 8.79 -33.44 27.73
C ILE A 3917 8.87 -34.05 29.12
N CYS A 3918 8.20 -35.19 29.33
CA CYS A 3918 8.27 -35.81 30.66
C CYS A 3918 9.69 -36.27 31.00
N THR A 3919 10.43 -36.73 29.99
CA THR A 3919 11.83 -37.11 30.14
C THR A 3919 12.66 -35.90 30.54
N VAL A 3920 12.41 -34.76 29.88
CA VAL A 3920 13.15 -33.54 30.18
C VAL A 3920 12.87 -33.12 31.62
N ASP A 3921 11.60 -33.14 32.03
CA ASP A 3921 11.23 -32.77 33.39
C ASP A 3921 11.84 -33.69 34.43
N TYR A 3922 12.11 -34.95 34.07
CA TYR A 3922 12.84 -35.82 34.98
C TYR A 3922 14.31 -35.42 35.03
N LEU A 3923 14.87 -35.01 33.89
CA LEU A 3923 16.27 -34.58 33.86
C LEU A 3923 16.45 -33.36 34.76
N LEU A 3924 15.50 -32.42 34.67
CA LEU A 3924 15.52 -31.25 35.53
C LEU A 3924 15.46 -31.63 37.01
N ARG A 3925 14.59 -32.59 37.35
CA ARG A 3925 14.52 -33.04 38.75
C ARG A 3925 15.80 -33.73 39.19
N LEU A 3926 16.51 -34.36 38.26
CA LEU A 3926 17.76 -35.03 38.61
C LEU A 3926 18.89 -34.03 38.81
N GLN A 3927 18.92 -33.00 37.97
CA GLN A 3927 19.99 -32.03 38.06
C GLN A 3927 19.80 -31.11 39.27
N GLU A 3928 18.55 -30.82 39.65
CA GLU A 3928 18.32 -30.03 40.85
C GLU A 3928 18.91 -30.72 42.07
N SER A 3929 18.71 -32.05 42.14
CA SER A 3929 19.28 -32.86 43.20
C SER A 3929 20.80 -32.86 43.15
N ILE A 3930 21.36 -32.99 41.95
CA ILE A 3930 22.81 -33.04 41.80
C ILE A 3930 23.45 -31.71 42.21
N SER A 3931 22.87 -30.59 41.79
CA SER A 3931 23.32 -29.26 42.20
C SER A 3931 23.24 -29.08 43.71
N ASP A 3932 22.12 -29.49 44.32
CA ASP A 3932 22.02 -29.39 45.76
C ASP A 3932 22.87 -30.43 46.49
N PHE A 3933 23.39 -31.44 45.80
CA PHE A 3933 24.36 -32.31 46.45
C PHE A 3933 25.76 -31.74 46.32
N TYR A 3934 26.00 -30.97 45.25
CA TYR A 3934 27.23 -30.20 45.12
C TYR A 3934 27.38 -29.19 46.25
N TRP A 3935 26.37 -28.30 46.39
CA TRP A 3935 26.49 -27.16 47.29
C TRP A 3935 26.81 -27.57 48.73
N TYR A 3936 26.28 -28.70 49.17
CA TYR A 3936 26.56 -29.15 50.53
C TYR A 3936 27.99 -29.67 50.68
N TYR A 3937 28.61 -30.08 49.57
CA TYR A 3937 30.03 -30.45 49.56
C TYR A 3937 30.94 -29.33 49.10
N SER A 3938 30.37 -28.16 48.79
CA SER A 3938 31.21 -27.03 48.36
C SER A 3938 32.15 -26.59 49.47
N GLY A 3939 31.64 -26.55 50.70
CA GLY A 3939 32.50 -26.22 51.84
C GLY A 3939 33.53 -27.30 52.10
N LYS A 3940 33.10 -28.56 52.07
CA LYS A 3940 33.96 -29.70 52.37
C LYS A 3940 35.04 -29.84 51.31
N ASP A 3941 36.22 -30.30 51.75
CA ASP A 3941 37.36 -30.44 50.87
C ASP A 3941 37.55 -31.85 50.31
N VAL A 3942 37.09 -32.88 51.01
CA VAL A 3942 37.25 -34.25 50.55
C VAL A 3942 35.85 -34.87 50.41
N ILE A 3943 35.73 -35.79 49.45
CA ILE A 3943 34.47 -36.48 49.18
C ILE A 3943 34.60 -37.92 49.66
N GLU A 3944 33.80 -38.28 50.63
CA GLU A 3944 33.89 -39.58 51.28
C GLU A 3944 33.29 -40.69 50.41
N GLU A 3945 33.23 -41.90 50.98
CA GLU A 3945 32.91 -43.10 50.21
C GLU A 3945 31.45 -43.11 49.76
N GLN A 3946 30.52 -42.81 50.68
CA GLN A 3946 29.11 -42.86 50.31
C GLN A 3946 28.79 -41.76 49.29
N GLY A 3947 29.43 -40.60 49.44
CA GLY A 3947 29.26 -39.52 48.49
C GLY A 3947 29.73 -39.92 47.10
N LYS A 3948 30.89 -40.61 47.04
CA LYS A 3948 31.40 -41.10 45.76
C LYS A 3948 30.45 -42.11 45.14
N ARG A 3949 29.93 -43.06 45.95
CA ARG A 3949 29.04 -44.07 45.40
C ARG A 3949 27.72 -43.46 44.93
N ASN A 3950 27.28 -42.39 45.62
CA ASN A 3950 26.06 -41.70 45.25
C ASN A 3950 26.25 -40.97 43.92
N PHE A 3951 27.40 -40.31 43.75
CA PHE A 3951 27.72 -39.77 42.43
C PHE A 3951 27.82 -40.85 41.36
N SER A 3952 28.45 -41.99 41.68
CA SER A 3952 28.62 -43.05 40.68
C SER A 3952 27.28 -43.51 40.10
N LYS A 3953 26.29 -43.70 40.97
CA LYS A 3953 24.98 -44.09 40.48
C LYS A 3953 24.18 -42.91 39.90
N ALA A 3954 24.35 -41.69 40.41
CA ALA A 3954 23.63 -40.56 39.83
C ALA A 3954 24.19 -40.20 38.45
N MET A 3955 25.50 -40.33 38.27
CA MET A 3955 26.11 -40.11 36.96
C MET A 3955 25.65 -41.18 35.99
N SER A 3956 25.60 -42.44 36.44
CA SER A 3956 25.14 -43.51 35.56
C SER A 3956 23.71 -43.29 35.09
N VAL A 3957 22.85 -42.82 36.01
CA VAL A 3957 21.46 -42.52 35.65
C VAL A 3957 21.39 -41.36 34.67
N ALA A 3958 22.16 -40.28 34.93
CA ALA A 3958 22.17 -39.13 34.03
C ALA A 3958 22.75 -39.49 32.66
N LYS A 3959 23.71 -40.42 32.63
CA LYS A 3959 24.23 -40.94 31.37
C LYS A 3959 23.14 -41.65 30.59
N GLN A 3960 22.34 -42.47 31.27
CA GLN A 3960 21.31 -43.24 30.57
C GLN A 3960 20.23 -42.31 30.04
N VAL A 3961 19.90 -41.27 30.81
CA VAL A 3961 18.93 -40.27 30.37
C VAL A 3961 19.44 -39.53 29.14
N PHE A 3962 20.71 -39.13 29.17
CA PHE A 3962 21.29 -38.37 28.05
C PHE A 3962 21.35 -39.22 26.80
N ASN A 3963 21.71 -40.50 26.93
CA ASN A 3963 21.70 -41.41 25.79
C ASN A 3963 20.30 -41.56 25.20
N SER A 3964 19.29 -41.65 26.06
CA SER A 3964 17.91 -41.75 25.56
C SER A 3964 17.52 -40.47 24.84
N LEU A 3965 17.85 -39.31 25.42
CA LEU A 3965 17.57 -38.03 24.78
C LEU A 3965 18.33 -37.87 23.46
N THR A 3966 19.49 -38.52 23.33
CA THR A 3966 20.19 -38.55 22.05
C THR A 3966 19.39 -39.35 21.04
N GLU A 3967 18.91 -40.52 21.45
CA GLU A 3967 18.18 -41.41 20.55
C GLU A 3967 16.89 -40.75 20.06
N TYR A 3968 16.20 -40.03 20.96
CA TYR A 3968 14.98 -39.32 20.59
C TYR A 3968 15.21 -38.25 19.54
N ILE A 3969 16.45 -37.78 19.38
CA ILE A 3969 16.77 -36.65 18.52
C ILE A 3969 17.34 -37.11 17.19
N GLN A 3970 18.26 -38.09 17.22
CA GLN A 3970 19.02 -38.46 16.03
C GLN A 3970 18.12 -38.96 14.90
N GLY A 3971 18.67 -38.91 13.68
CA GLY A 3971 17.95 -39.35 12.51
C GLY A 3971 17.94 -38.40 11.32
N PRO A 3972 17.74 -37.05 11.52
CA PRO A 3972 17.20 -36.29 12.66
C PRO A 3972 15.68 -36.32 12.74
N CYS A 3973 15.11 -36.21 13.93
CA CYS A 3973 13.66 -36.09 14.11
C CYS A 3973 13.34 -34.62 14.39
N THR A 3974 12.85 -33.93 13.35
CA THR A 3974 12.66 -32.47 13.43
C THR A 3974 11.65 -32.09 14.51
N GLY A 3975 10.56 -32.86 14.62
CA GLY A 3975 9.55 -32.58 15.64
C GLY A 3975 10.12 -32.66 17.04
N ASN A 3976 10.94 -33.68 17.29
CA ASN A 3976 11.57 -33.82 18.60
C ASN A 3976 12.54 -32.67 18.83
N GLN A 3977 13.22 -32.23 17.78
CA GLN A 3977 14.16 -31.12 17.93
C GLN A 3977 13.45 -29.84 18.35
N GLN A 3978 12.30 -29.55 17.73
CA GLN A 3978 11.51 -28.40 18.19
C GLN A 3978 10.96 -28.60 19.60
N SER A 3979 10.66 -29.85 19.96
CA SER A 3979 10.17 -30.13 21.31
C SER A 3979 11.23 -29.83 22.35
N LEU A 3980 12.48 -30.25 22.08
CA LEU A 3980 13.56 -29.97 23.01
C LEU A 3980 13.86 -28.48 23.02
N ALA A 3981 13.71 -27.82 21.86
CA ALA A 3981 13.98 -26.39 21.76
C ALA A 3981 13.05 -25.62 22.68
N HIS A 3982 11.77 -26.00 22.69
CA HIS A 3982 10.81 -25.37 23.59
C HIS A 3982 10.78 -25.97 24.98
N SER A 3983 11.58 -26.99 25.26
CA SER A 3983 11.55 -27.65 26.55
C SER A 3983 12.27 -26.82 27.63
N ARG A 3984 12.54 -27.46 28.78
CA ARG A 3984 13.31 -26.88 29.87
C ARG A 3984 14.77 -27.39 29.83
N LEU A 3985 15.16 -27.95 28.69
CA LEU A 3985 16.47 -28.59 28.55
C LEU A 3985 17.58 -27.58 28.76
N TRP A 3986 17.40 -26.34 28.28
CA TRP A 3986 18.43 -25.32 28.36
C TRP A 3986 18.80 -25.02 29.81
N ASP A 3987 17.77 -24.90 30.67
CA ASP A 3987 18.01 -24.70 32.10
C ASP A 3987 18.69 -25.90 32.72
N ALA A 3988 18.33 -27.11 32.25
CA ALA A 3988 19.01 -28.30 32.74
C ALA A 3988 20.47 -28.32 32.33
N VAL A 3989 20.76 -27.85 31.12
CA VAL A 3989 22.13 -27.81 30.61
C VAL A 3989 22.95 -26.81 31.41
N VAL A 3990 22.37 -25.63 31.66
CA VAL A 3990 23.08 -24.58 32.39
C VAL A 3990 23.46 -25.09 33.78
N GLY A 3991 22.51 -25.77 34.44
CA GLY A 3991 22.78 -26.31 35.77
C GLY A 3991 23.87 -27.37 35.73
N PHE A 3992 23.84 -28.25 34.71
CA PHE A 3992 24.85 -29.29 34.60
C PHE A 3992 26.23 -28.69 34.36
N LEU A 3993 26.30 -27.66 33.51
CA LEU A 3993 27.57 -26.98 33.24
C LEU A 3993 28.12 -26.37 34.51
N HIS A 3994 27.25 -25.73 35.30
CA HIS A 3994 27.66 -25.13 36.56
C HIS A 3994 28.22 -26.18 37.52
N VAL A 3995 27.58 -27.35 37.57
CA VAL A 3995 28.10 -28.45 38.39
C VAL A 3995 29.43 -28.98 37.84
N PHE A 3996 29.54 -29.11 36.52
CA PHE A 3996 30.75 -29.64 35.88
C PHE A 3996 31.95 -28.75 36.10
N ALA A 3997 31.73 -27.41 36.06
CA ALA A 3997 32.81 -26.44 36.22
C ALA A 3997 33.51 -26.63 37.56
N HIS A 3998 32.75 -26.86 38.61
CA HIS A 3998 33.33 -26.88 39.93
C HIS A 3998 33.70 -28.29 40.33
N MET A 3999 33.03 -29.31 39.76
CA MET A 3999 33.47 -30.69 39.97
C MET A 3999 34.84 -30.95 39.36
N MET A 4000 35.13 -30.39 38.17
CA MET A 4000 36.46 -30.55 37.58
C MET A 4000 37.53 -29.95 38.49
N MET A 4001 37.28 -28.73 38.96
CA MET A 4001 38.26 -28.02 39.79
C MET A 4001 38.45 -28.71 41.13
N LYS A 4002 37.35 -29.06 41.81
CA LYS A 4002 37.45 -29.69 43.12
C LYS A 4002 38.06 -31.09 43.04
N LEU A 4003 37.71 -31.87 42.01
CA LEU A 4003 38.19 -33.24 41.93
C LEU A 4003 39.58 -33.35 41.31
N ALA A 4004 40.10 -32.30 40.67
CA ALA A 4004 41.43 -32.43 40.11
C ALA A 4004 42.54 -32.18 41.11
N GLN A 4005 42.23 -31.59 42.26
CA GLN A 4005 43.26 -31.28 43.26
C GLN A 4005 43.84 -32.52 43.92
N ASP A 4006 43.16 -33.67 43.86
CA ASP A 4006 43.59 -34.86 44.57
C ASP A 4006 43.51 -36.08 43.67
N SER A 4007 44.32 -37.08 44.00
CA SER A 4007 44.39 -38.32 43.25
C SER A 4007 43.46 -39.40 43.81
N SER A 4008 42.74 -39.11 44.89
CA SER A 4008 41.81 -40.09 45.44
C SER A 4008 40.50 -40.13 44.68
N GLN A 4009 40.19 -39.10 43.89
CA GLN A 4009 38.95 -39.01 43.16
C GLN A 4009 39.15 -39.20 41.66
N ILE A 4010 40.16 -40.00 41.29
CA ILE A 4010 40.47 -40.22 39.88
C ILE A 4010 39.34 -40.99 39.19
N GLU A 4011 38.87 -42.08 39.80
CA GLU A 4011 37.79 -42.87 39.23
C GLU A 4011 36.50 -42.07 39.13
N LEU A 4012 36.20 -41.30 40.17
CA LEU A 4012 35.02 -40.46 40.19
C LEU A 4012 35.07 -39.38 39.10
N LEU A 4013 36.21 -38.73 38.94
CA LEU A 4013 36.38 -37.75 37.86
C LEU A 4013 36.29 -38.40 36.49
N LYS A 4014 36.91 -39.57 36.31
CA LYS A 4014 36.84 -40.28 35.03
C LYS A 4014 35.41 -40.70 34.70
N GLU A 4015 34.67 -41.18 35.69
CA GLU A 4015 33.26 -41.48 35.53
C GLU A 4015 32.44 -40.23 35.25
N LEU A 4016 32.86 -39.09 35.78
CA LEU A 4016 32.17 -37.85 35.47
C LEU A 4016 32.44 -37.39 34.05
N LEU A 4017 33.63 -37.70 33.52
CA LEU A 4017 34.06 -37.16 32.23
C LEU A 4017 33.16 -37.60 31.08
N ASP A 4018 32.85 -38.90 31.01
CA ASP A 4018 32.03 -39.34 29.89
C ASP A 4018 30.57 -38.94 30.03
N LEU A 4019 30.14 -38.45 31.20
CA LEU A 4019 28.79 -37.89 31.29
C LEU A 4019 28.69 -36.64 30.41
N GLN A 4020 29.62 -35.69 30.58
CA GLN A 4020 29.57 -34.53 29.70
C GLN A 4020 30.00 -34.86 28.29
N LYS A 4021 30.75 -35.96 28.08
CA LYS A 4021 31.01 -36.41 26.72
C LYS A 4021 29.72 -36.83 26.00
N ASP A 4022 28.89 -37.64 26.66
CA ASP A 4022 27.60 -37.99 26.06
C ASP A 4022 26.62 -36.83 26.07
N MET A 4023 26.84 -35.87 26.97
CA MET A 4023 26.03 -34.66 26.97
C MET A 4023 26.32 -33.84 25.73
N VAL A 4024 27.60 -33.56 25.46
CA VAL A 4024 27.94 -32.71 24.33
C VAL A 4024 27.57 -33.43 23.04
N VAL A 4025 27.71 -34.77 23.00
CA VAL A 4025 27.23 -35.54 21.85
C VAL A 4025 25.74 -35.32 21.62
N MET A 4026 24.96 -35.24 22.70
CA MET A 4026 23.54 -34.89 22.59
C MET A 4026 23.35 -33.47 22.05
N LEU A 4027 24.17 -32.51 22.53
CA LEU A 4027 24.09 -31.15 22.01
C LEU A 4027 24.43 -31.10 20.52
N LEU A 4028 25.42 -31.88 20.08
CA LEU A 4028 25.74 -31.93 18.67
C LEU A 4028 24.56 -32.50 17.88
N SER A 4029 23.94 -33.56 18.42
CA SER A 4029 22.83 -34.21 17.75
C SER A 4029 21.65 -33.27 17.60
N LEU A 4030 21.49 -32.32 18.52
CA LEU A 4030 20.48 -31.27 18.40
C LEU A 4030 20.72 -30.34 17.22
N LEU A 4031 21.95 -30.30 16.70
CA LEU A 4031 22.33 -29.38 15.64
C LEU A 4031 22.30 -30.02 14.26
N GLU A 4032 21.85 -31.26 14.14
CA GLU A 4032 21.74 -31.92 12.85
C GLU A 4032 20.72 -31.21 11.96
N GLY A 4033 21.17 -30.81 10.78
CA GLY A 4033 20.32 -30.18 9.78
C GLY A 4033 19.71 -28.86 10.20
N ASN A 4034 20.51 -27.98 10.78
CA ASN A 4034 20.04 -26.68 11.22
C ASN A 4034 20.35 -25.61 10.18
N VAL A 4035 19.37 -24.74 9.93
CA VAL A 4035 19.57 -23.64 9.02
C VAL A 4035 20.34 -22.52 9.72
N VAL A 4036 20.90 -21.61 8.91
CA VAL A 4036 21.60 -20.45 9.45
C VAL A 4036 20.61 -19.55 10.16
N ASN A 4037 21.05 -18.96 11.29
CA ASN A 4037 20.21 -18.18 12.21
C ASN A 4037 18.98 -18.98 12.65
N GLY A 4038 19.15 -20.30 12.80
CA GLY A 4038 18.05 -21.14 13.19
C GLY A 4038 17.61 -20.91 14.61
N MET A 4039 16.39 -21.38 14.88
CA MET A 4039 15.76 -21.22 16.18
C MET A 4039 16.55 -21.94 17.26
N ILE A 4040 16.83 -23.23 17.05
CA ILE A 4040 17.52 -24.08 18.01
C ILE A 4040 18.88 -23.50 18.31
N ALA A 4041 19.56 -23.00 17.26
CA ALA A 4041 20.88 -22.42 17.40
C ALA A 4041 20.79 -21.15 18.23
N ARG A 4042 19.70 -20.39 18.07
CA ARG A 4042 19.56 -19.11 18.77
C ARG A 4042 19.39 -19.34 20.27
N GLN A 4043 18.52 -20.29 20.67
CA GLN A 4043 18.46 -20.60 22.11
C GLN A 4043 19.77 -21.20 22.59
N MET A 4044 20.43 -21.99 21.75
CA MET A 4044 21.69 -22.62 22.15
C MET A 4044 22.77 -21.56 22.44
N VAL A 4045 22.78 -20.50 21.62
CA VAL A 4045 23.66 -19.37 21.87
C VAL A 4045 23.28 -18.65 23.16
N ASP A 4046 21.98 -18.41 23.37
CA ASP A 4046 21.54 -17.78 24.62
C ASP A 4046 21.90 -18.64 25.84
N MET A 4047 21.79 -19.96 25.69
CA MET A 4047 22.22 -20.92 26.70
C MET A 4047 23.69 -20.72 27.03
N LEU A 4048 24.51 -20.45 26.01
CA LEU A 4048 25.92 -20.28 26.28
C LEU A 4048 26.20 -18.91 26.88
N VAL A 4049 25.34 -17.92 26.57
CA VAL A 4049 25.51 -16.59 27.15
C VAL A 4049 25.28 -16.65 28.66
N GLU A 4050 24.19 -17.30 29.07
CA GLU A 4050 23.91 -17.43 30.49
C GLU A 4050 24.95 -18.30 31.19
N SER A 4051 25.39 -19.39 30.56
CA SER A 4051 26.42 -20.24 31.13
C SER A 4051 27.83 -19.86 30.70
N SER A 4052 28.04 -18.59 30.32
CA SER A 4052 29.34 -18.12 29.81
C SER A 4052 30.49 -18.31 30.78
N SER A 4053 30.31 -17.85 32.03
CA SER A 4053 31.36 -17.99 33.05
C SER A 4053 31.69 -19.43 33.33
N ASN A 4054 30.66 -20.27 33.42
CA ASN A 4054 30.85 -21.69 33.67
C ASN A 4054 31.62 -22.35 32.54
N VAL A 4055 31.15 -22.18 31.29
CA VAL A 4055 31.80 -22.82 30.16
C VAL A 4055 33.20 -22.26 29.99
N GLU A 4056 33.42 -20.99 30.39
CA GLU A 4056 34.75 -20.42 30.41
C GLU A 4056 35.65 -21.22 31.35
N MET A 4057 35.11 -21.63 32.51
CA MET A 4057 35.89 -22.43 33.45
C MET A 4057 36.21 -23.83 32.90
N ILE A 4058 35.24 -24.46 32.22
CA ILE A 4058 35.51 -25.75 31.56
C ILE A 4058 36.57 -25.62 30.46
N LEU A 4059 36.42 -24.59 29.61
CA LEU A 4059 37.42 -24.32 28.57
C LEU A 4059 38.79 -24.02 29.16
N LYS A 4060 38.84 -23.21 30.23
CA LYS A 4060 40.10 -22.89 30.87
C LYS A 4060 40.78 -24.13 31.42
N PHE A 4061 39.98 -25.07 31.97
CA PHE A 4061 40.53 -26.34 32.45
C PHE A 4061 41.14 -27.10 31.29
N PHE A 4062 40.42 -27.12 30.17
CA PHE A 4062 40.82 -27.98 29.06
C PHE A 4062 42.08 -27.46 28.40
N ASP A 4063 42.06 -26.19 27.95
CA ASP A 4063 43.21 -25.69 27.21
C ASP A 4063 44.47 -25.66 28.09
N MET A 4064 44.35 -25.26 29.38
CA MET A 4064 45.56 -25.28 30.20
C MET A 4064 46.08 -26.71 30.46
N PHE A 4065 45.18 -27.71 30.48
CA PHE A 4065 45.63 -29.09 30.61
C PHE A 4065 46.08 -29.71 29.28
N LEU A 4066 45.76 -29.08 28.17
CA LEU A 4066 46.25 -29.55 26.87
C LEU A 4066 47.56 -28.85 26.52
N LYS A 4067 47.63 -27.54 26.80
CA LYS A 4067 48.86 -26.79 26.59
C LYS A 4067 50.00 -27.33 27.45
N LEU A 4068 49.73 -27.69 28.72
CA LEU A 4068 50.85 -28.14 29.53
C LEU A 4068 51.37 -29.53 29.11
N LYS A 4069 50.65 -30.26 28.25
CA LYS A 4069 51.20 -31.47 27.65
C LYS A 4069 52.36 -31.17 26.69
N ASP A 4070 52.44 -29.96 26.16
CA ASP A 4070 53.55 -29.55 25.32
C ASP A 4070 54.53 -28.60 26.01
N ILE A 4071 54.03 -27.73 26.90
CA ILE A 4071 54.87 -26.77 27.62
C ILE A 4071 55.91 -27.47 28.53
N VAL A 4072 55.71 -28.76 28.84
CA VAL A 4072 56.78 -29.56 29.46
C VAL A 4072 58.00 -29.63 28.54
N GLY A 4073 57.78 -29.67 27.22
CA GLY A 4073 58.81 -29.60 26.21
C GLY A 4073 59.25 -28.21 25.82
N SER A 4074 58.66 -27.17 26.42
CA SER A 4074 59.05 -25.79 26.12
C SER A 4074 60.46 -25.54 26.66
N GLU A 4075 61.23 -24.75 25.90
CA GLU A 4075 62.63 -24.50 26.24
C GLU A 4075 62.80 -23.81 27.58
N ALA A 4076 61.98 -22.81 27.89
CA ALA A 4076 62.07 -22.09 29.16
C ALA A 4076 61.82 -23.01 30.36
N PHE A 4077 60.84 -23.91 30.23
CA PHE A 4077 60.60 -24.92 31.26
C PHE A 4077 61.75 -25.92 31.34
N GLN A 4078 62.22 -26.42 30.19
CA GLN A 4078 63.28 -27.42 30.18
C GLN A 4078 64.58 -26.85 30.75
N ASP A 4079 64.88 -25.59 30.42
CA ASP A 4079 66.06 -24.93 30.98
C ASP A 4079 65.94 -24.78 32.48
N TYR A 4080 64.74 -24.43 32.99
CA TYR A 4080 64.58 -24.35 34.43
C TYR A 4080 64.67 -25.72 35.10
N VAL A 4081 64.34 -26.79 34.38
CA VAL A 4081 64.43 -28.16 34.91
C VAL A 4081 65.86 -28.48 35.30
N THR A 4082 66.06 -28.89 36.56
CA THR A 4082 67.37 -29.23 37.09
C THR A 4082 67.43 -30.61 37.73
N ASP A 4083 66.37 -31.39 37.67
CA ASP A 4083 66.34 -32.72 38.29
C ASP A 4083 66.34 -33.77 37.18
N PRO A 4084 67.45 -34.48 36.97
CA PRO A 4084 67.49 -35.59 35.99
C PRO A 4084 66.48 -36.71 36.21
N ARG A 4085 65.86 -36.84 37.38
CA ARG A 4085 64.95 -37.95 37.69
C ARG A 4085 63.57 -37.81 37.05
N GLY A 4086 63.39 -36.96 36.05
CA GLY A 4086 62.08 -36.76 35.45
C GLY A 4086 61.13 -36.04 36.37
N LEU A 4087 61.67 -35.19 37.25
CA LEU A 4087 60.92 -34.53 38.29
C LEU A 4087 61.26 -33.04 38.29
N ILE A 4088 60.47 -32.24 39.01
CA ILE A 4088 60.73 -30.80 39.15
C ILE A 4088 60.19 -30.32 40.49
N SER A 4089 60.97 -29.53 41.22
CA SER A 4089 60.53 -29.04 42.52
C SER A 4089 59.42 -28.01 42.33
N LYS A 4090 58.58 -27.85 43.36
CA LYS A 4090 57.48 -26.88 43.33
C LYS A 4090 57.97 -25.45 43.10
N LYS A 4091 59.08 -25.05 43.73
CA LYS A 4091 59.69 -23.74 43.45
C LYS A 4091 60.15 -23.61 42.00
N ASP A 4092 60.72 -24.68 41.45
CA ASP A 4092 61.18 -24.66 40.07
C ASP A 4092 60.01 -24.62 39.09
N PHE A 4093 58.94 -25.36 39.41
CA PHE A 4093 57.73 -25.30 38.60
C PHE A 4093 57.12 -23.90 38.65
N GLN A 4094 57.11 -23.29 39.84
CA GLN A 4094 56.62 -21.93 40.01
C GLN A 4094 57.39 -20.94 39.16
N LYS A 4095 58.72 -21.07 39.11
CA LYS A 4095 59.51 -20.10 38.37
C LYS A 4095 59.65 -20.46 36.88
N ALA A 4096 59.24 -21.67 36.49
CA ALA A 4096 59.26 -22.07 35.09
C ALA A 4096 57.93 -21.89 34.38
N MET A 4097 56.82 -22.02 35.11
CA MET A 4097 55.49 -21.89 34.52
C MET A 4097 55.24 -20.48 34.02
N ASP A 4098 55.67 -19.46 34.77
CA ASP A 4098 55.43 -18.08 34.41
C ASP A 4098 56.47 -17.53 33.44
N SER A 4099 57.47 -18.34 33.08
CA SER A 4099 58.48 -17.90 32.13
C SER A 4099 57.91 -17.81 30.72
N GLN A 4100 56.87 -18.57 30.42
CA GLN A 4100 56.19 -18.45 29.14
C GLN A 4100 55.33 -17.20 29.05
N LYS A 4101 55.04 -16.57 30.20
CA LYS A 4101 54.20 -15.36 30.32
C LYS A 4101 52.80 -15.60 29.75
N GLN A 4102 52.18 -16.70 30.16
CA GLN A 4102 50.92 -17.14 29.59
C GLN A 4102 49.83 -17.43 30.62
N PHE A 4103 50.15 -17.46 31.91
CA PHE A 4103 49.21 -17.88 32.93
C PHE A 4103 49.00 -16.78 33.97
N THR A 4104 47.75 -16.62 34.40
CA THR A 4104 47.41 -15.65 35.43
C THR A 4104 47.42 -16.36 36.79
N GLY A 4105 47.34 -15.55 37.86
CA GLY A 4105 47.49 -15.97 39.26
C GLY A 4105 46.72 -17.19 39.73
N PRO A 4106 45.39 -17.21 39.52
CA PRO A 4106 44.63 -18.43 39.85
C PRO A 4106 45.13 -19.65 39.11
N GLU A 4107 45.55 -19.51 37.85
CA GLU A 4107 46.10 -20.68 37.17
C GLU A 4107 47.53 -20.99 37.62
N ILE A 4108 48.22 -19.99 38.16
CA ILE A 4108 49.56 -20.20 38.72
C ILE A 4108 49.46 -21.14 39.91
N GLN A 4109 48.55 -20.83 40.82
CA GLN A 4109 48.51 -21.62 42.05
C GLN A 4109 47.72 -22.91 41.81
N PHE A 4110 46.67 -22.83 40.99
CA PHE A 4110 45.82 -23.98 40.71
C PHE A 4110 46.59 -25.10 40.00
N LEU A 4111 47.49 -24.74 39.07
CA LEU A 4111 48.30 -25.75 38.40
C LEU A 4111 49.22 -26.45 39.40
N LEU A 4112 49.77 -25.66 40.33
CA LEU A 4112 50.63 -26.19 41.38
C LEU A 4112 49.86 -27.18 42.24
N SER A 4113 48.65 -26.79 42.64
CA SER A 4113 47.87 -27.62 43.56
C SER A 4113 47.49 -28.93 42.88
N CYS A 4114 47.09 -28.87 41.61
CA CYS A 4114 46.75 -30.10 40.88
C CYS A 4114 47.95 -31.01 40.70
N SER A 4115 49.14 -30.44 40.51
CA SER A 4115 50.35 -31.25 40.38
C SER A 4115 50.57 -32.10 41.64
N GLU A 4116 50.92 -33.37 41.42
CA GLU A 4116 50.98 -34.32 42.53
C GLU A 4116 52.18 -34.09 43.43
N ALA A 4117 52.17 -32.98 44.16
CA ALA A 4117 53.21 -32.69 45.13
C ALA A 4117 53.16 -33.70 46.26
N ASP A 4118 54.25 -34.43 46.46
CA ASP A 4118 54.33 -35.47 47.46
C ASP A 4118 54.74 -34.84 48.79
N GLU A 4119 55.16 -35.67 49.75
CA GLU A 4119 55.67 -35.17 51.02
C GLU A 4119 56.92 -34.31 50.87
N ASN A 4120 57.65 -34.43 49.75
CA ASN A 4120 58.89 -33.70 49.52
C ASN A 4120 58.68 -32.43 48.72
N GLU A 4121 57.42 -32.01 48.49
CA GLU A 4121 57.05 -30.90 47.59
C GLU A 4121 57.65 -31.10 46.20
N MET A 4122 57.69 -32.35 45.75
CA MET A 4122 58.34 -32.72 44.50
C MET A 4122 57.24 -33.01 43.49
N ILE A 4123 57.25 -32.31 42.35
CA ILE A 4123 56.22 -32.45 41.32
C ILE A 4123 56.68 -33.45 40.25
N ASN A 4124 55.89 -34.52 40.07
CA ASN A 4124 56.16 -35.52 39.03
C ASN A 4124 55.48 -35.09 37.73
N PHE A 4125 56.17 -34.21 36.98
CA PHE A 4125 55.56 -33.62 35.79
C PHE A 4125 55.42 -34.63 34.65
N GLU A 4126 56.01 -35.83 34.79
CA GLU A 4126 55.91 -36.85 33.75
C GLU A 4126 54.49 -37.35 33.63
N GLU A 4127 53.88 -37.72 34.75
CA GLU A 4127 52.52 -38.25 34.71
C GLU A 4127 51.49 -37.18 35.03
N PHE A 4128 51.93 -36.00 35.51
CA PHE A 4128 50.98 -34.92 35.78
C PHE A 4128 50.27 -34.50 34.50
N ALA A 4129 51.01 -34.39 33.39
CA ALA A 4129 50.38 -34.04 32.13
C ALA A 4129 49.57 -35.23 31.61
N ASN A 4130 50.17 -36.42 31.65
CA ASN A 4130 49.61 -37.58 30.97
C ASN A 4130 48.44 -38.23 31.73
N ARG A 4131 48.00 -37.66 32.85
CA ARG A 4131 46.94 -38.29 33.63
C ARG A 4131 45.60 -38.29 32.88
N PHE A 4132 45.16 -37.13 32.38
CA PHE A 4132 43.84 -36.99 31.76
C PHE A 4132 43.88 -36.72 30.26
N GLN A 4133 45.05 -36.68 29.63
CA GLN A 4133 45.15 -36.21 28.24
C GLN A 4133 44.42 -37.10 27.24
N GLU A 4134 44.18 -38.36 27.56
CA GLU A 4134 43.41 -39.18 26.63
C GLU A 4134 41.90 -38.87 26.72
N PRO A 4135 41.19 -39.01 27.88
CA PRO A 4135 39.75 -38.73 27.82
C PRO A 4135 39.37 -37.27 27.62
N ALA A 4136 40.16 -36.32 28.12
CA ALA A 4136 39.83 -34.90 27.98
C ALA A 4136 39.96 -34.37 26.55
N ARG A 4137 40.55 -35.15 25.65
CA ARG A 4137 40.65 -34.74 24.26
C ARG A 4137 39.31 -34.86 23.56
N ASP A 4138 38.57 -35.92 23.83
CA ASP A 4138 37.30 -36.16 23.16
C ASP A 4138 36.29 -35.05 23.48
N ILE A 4139 36.18 -34.67 24.76
CA ILE A 4139 35.30 -33.56 25.12
C ILE A 4139 35.84 -32.24 24.59
N GLY A 4140 37.16 -32.03 24.59
CA GLY A 4140 37.69 -30.78 24.05
C GLY A 4140 37.40 -30.62 22.57
N PHE A 4141 37.56 -31.71 21.80
CA PHE A 4141 37.29 -31.67 20.38
C PHE A 4141 35.80 -31.43 20.15
N ASN A 4142 34.93 -32.09 20.93
CA ASN A 4142 33.50 -31.98 20.65
C ASN A 4142 32.98 -30.60 21.02
N VAL A 4143 33.50 -29.97 22.09
CA VAL A 4143 33.08 -28.59 22.37
C VAL A 4143 33.63 -27.65 21.30
N ALA A 4144 34.73 -28.04 20.65
CA ALA A 4144 35.24 -27.26 19.53
C ALA A 4144 34.30 -27.40 18.32
N VAL A 4145 33.82 -28.61 18.06
CA VAL A 4145 32.86 -28.84 16.99
C VAL A 4145 31.58 -28.06 17.25
N LEU A 4146 31.13 -28.06 18.50
CA LEU A 4146 29.94 -27.33 18.90
C LEU A 4146 30.10 -25.83 18.66
N LEU A 4147 31.25 -25.28 19.08
CA LEU A 4147 31.49 -23.86 18.89
C LEU A 4147 31.68 -23.50 17.44
N THR A 4148 32.32 -24.37 16.64
CA THR A 4148 32.45 -24.15 15.20
C THR A 4148 31.07 -24.12 14.54
N ASN A 4149 30.22 -25.09 14.89
CA ASN A 4149 28.91 -25.22 14.29
C ASN A 4149 28.05 -24.02 14.61
N LEU A 4150 28.10 -23.56 15.86
CA LEU A 4150 27.35 -22.38 16.25
C LEU A 4150 27.89 -21.14 15.56
N SER A 4151 29.22 -21.02 15.45
CA SER A 4151 29.83 -19.83 14.88
C SER A 4151 29.42 -19.68 13.42
N GLU A 4152 29.41 -20.80 12.69
CA GLU A 4152 29.07 -20.74 11.27
C GLU A 4152 27.58 -20.51 11.07
N HIS A 4153 26.72 -21.19 11.83
CA HIS A 4153 25.29 -21.03 11.59
C HIS A 4153 24.68 -19.81 12.26
N VAL A 4154 25.40 -19.13 13.16
CA VAL A 4154 24.96 -17.86 13.74
C VAL A 4154 26.14 -16.91 13.57
N PRO A 4155 26.38 -16.38 12.38
CA PRO A 4155 27.65 -15.70 12.13
C PRO A 4155 27.68 -14.27 12.67
N HIS A 4156 26.52 -13.63 12.79
CA HIS A 4156 26.44 -12.20 13.10
C HIS A 4156 26.06 -11.98 14.56
N ASP A 4157 26.52 -12.80 15.49
CA ASP A 4157 26.22 -12.57 16.89
C ASP A 4157 27.45 -12.08 17.64
N PRO A 4158 27.47 -10.82 18.08
CA PRO A 4158 28.60 -10.31 18.87
C PRO A 4158 28.81 -11.06 20.17
N ARG A 4159 27.72 -11.52 20.80
CA ARG A 4159 27.84 -12.27 22.04
C ARG A 4159 28.57 -13.58 21.78
N LEU A 4160 28.34 -14.16 20.60
CA LEU A 4160 29.04 -15.38 20.21
C LEU A 4160 30.52 -15.09 19.97
N ARG A 4161 30.83 -13.92 19.40
CA ARG A 4161 32.21 -13.60 19.02
C ARG A 4161 33.13 -13.63 20.23
N ASN A 4162 32.64 -13.13 21.37
CA ASN A 4162 33.45 -13.11 22.58
C ASN A 4162 33.79 -14.52 23.03
N PHE A 4163 32.85 -15.45 22.80
CA PHE A 4163 33.10 -16.86 23.13
C PHE A 4163 34.22 -17.37 22.26
N LEU A 4164 34.15 -17.07 20.96
CA LEU A 4164 35.15 -17.60 20.04
C LEU A 4164 36.54 -17.09 20.42
N GLU A 4165 36.62 -15.82 20.85
CA GLU A 4165 37.89 -15.27 21.32
C GLU A 4165 38.37 -15.98 22.59
N LEU A 4166 37.45 -16.27 23.53
CA LEU A 4166 37.86 -17.00 24.72
C LEU A 4166 38.22 -18.45 24.44
N ALA A 4167 37.78 -18.99 23.31
CA ALA A 4167 37.98 -20.40 22.98
C ALA A 4167 38.98 -20.60 21.84
N GLU A 4168 39.71 -19.55 21.46
CA GLU A 4168 40.61 -19.61 20.32
C GLU A 4168 41.74 -20.63 20.51
N SER A 4169 42.24 -20.81 21.75
CA SER A 4169 43.32 -21.74 22.02
C SER A 4169 42.91 -23.18 21.72
N ILE A 4170 41.67 -23.54 22.05
CA ILE A 4170 41.16 -24.88 21.77
C ILE A 4170 40.98 -25.03 20.26
N LEU A 4171 40.38 -24.03 19.62
CA LEU A 4171 40.08 -24.10 18.20
C LEU A 4171 41.37 -24.20 17.39
N GLU A 4172 42.38 -23.40 17.74
CA GLU A 4172 43.68 -23.53 17.06
C GLU A 4172 44.33 -24.87 17.35
N TYR A 4173 44.13 -25.42 18.55
CA TYR A 4173 44.69 -26.73 18.87
C TYR A 4173 44.07 -27.82 18.00
N PHE A 4174 42.77 -27.74 17.78
CA PHE A 4174 42.03 -28.80 17.11
C PHE A 4174 41.76 -28.51 15.64
N ARG A 4175 42.21 -27.36 15.14
CA ARG A 4175 42.03 -27.03 13.72
C ARG A 4175 42.64 -28.05 12.76
N PRO A 4176 43.85 -28.60 12.95
CA PRO A 4176 44.35 -29.61 11.98
C PRO A 4176 43.58 -30.93 11.99
N TYR A 4177 42.55 -31.09 12.82
CA TYR A 4177 41.86 -32.36 12.97
C TYR A 4177 40.37 -32.25 12.68
N LEU A 4178 39.80 -31.04 12.74
CA LEU A 4178 38.41 -30.84 12.36
C LEU A 4178 38.26 -31.06 10.88
N GLY A 4179 37.25 -31.82 10.48
CA GLY A 4179 37.04 -31.91 9.06
C GLY A 4179 35.64 -31.45 8.78
N ARG A 4180 35.39 -30.96 7.57
CA ARG A 4180 34.09 -30.40 7.27
C ARG A 4180 33.78 -30.70 5.81
N ILE A 4181 32.55 -31.12 5.56
CA ILE A 4181 32.07 -31.41 4.21
C ILE A 4181 30.65 -30.89 4.12
N GLU A 4182 30.19 -30.65 2.90
CA GLU A 4182 28.80 -30.30 2.69
C GLU A 4182 28.14 -31.36 1.82
N ILE A 4183 27.04 -31.92 2.30
CA ILE A 4183 26.28 -32.90 1.53
C ILE A 4183 24.87 -32.40 1.31
N MET A 4184 24.29 -32.75 0.16
CA MET A 4184 22.88 -32.47 -0.01
C MET A 4184 22.15 -33.55 0.78
N GLY A 4185 21.43 -33.15 1.83
CA GLY A 4185 20.86 -34.09 2.77
C GLY A 4185 19.47 -34.55 2.36
N ALA A 4186 18.83 -35.24 3.30
CA ALA A 4186 17.49 -35.77 3.04
C ALA A 4186 16.46 -34.66 3.01
N SER A 4187 16.80 -33.51 3.60
CA SER A 4187 15.96 -32.33 3.68
C SER A 4187 15.85 -31.59 2.36
N ARG A 4188 16.67 -31.98 1.36
CA ARG A 4188 16.82 -31.36 0.05
C ARG A 4188 17.53 -30.01 0.17
N ARG A 4189 18.29 -29.85 1.24
CA ARG A 4189 19.09 -28.67 1.50
C ARG A 4189 20.47 -29.09 1.95
N ILE A 4190 21.48 -28.31 1.54
CA ILE A 4190 22.86 -28.59 1.89
C ILE A 4190 23.06 -28.54 3.40
N GLU A 4191 23.76 -29.53 3.94
CA GLU A 4191 24.08 -29.60 5.37
C GLU A 4191 25.57 -29.85 5.54
N ARG A 4192 26.19 -29.12 6.44
CA ARG A 4192 27.58 -29.34 6.81
C ARG A 4192 27.71 -30.52 7.78
N ILE A 4193 28.77 -31.30 7.60
CA ILE A 4193 29.11 -32.43 8.45
C ILE A 4193 30.54 -32.26 8.97
N TYR A 4194 30.71 -32.43 10.28
CA TYR A 4194 31.98 -32.28 10.98
C TYR A 4194 32.44 -33.68 11.38
N PHE A 4195 33.69 -34.01 11.07
CA PHE A 4195 34.29 -35.33 11.31
C PHE A 4195 35.69 -35.20 11.92
N GLU A 4196 36.25 -36.33 12.35
CA GLU A 4196 37.57 -36.38 12.95
C GLU A 4196 38.60 -36.88 11.96
N ILE A 4197 39.52 -36.03 11.54
CA ILE A 4197 40.62 -36.50 10.73
C ILE A 4197 41.65 -37.12 11.66
N SER A 4198 42.26 -38.22 11.28
CA SER A 4198 43.20 -38.83 12.22
C SER A 4198 44.60 -38.34 11.87
N GLU A 4199 45.49 -38.36 12.87
CA GLU A 4199 46.83 -37.84 12.66
C GLU A 4199 47.57 -38.69 11.64
N THR A 4200 47.43 -40.02 11.76
CA THR A 4200 48.10 -40.96 10.86
C THR A 4200 47.60 -40.76 9.44
N ASN A 4201 46.28 -40.55 9.31
CA ASN A 4201 45.67 -40.40 8.00
C ASN A 4201 46.14 -39.11 7.34
N ARG A 4202 46.23 -38.03 8.12
CA ARG A 4202 46.71 -36.77 7.56
C ARG A 4202 48.15 -36.89 7.11
N ALA A 4203 48.98 -37.58 7.91
CA ALA A 4203 50.39 -37.77 7.55
C ALA A 4203 50.48 -38.60 6.28
N GLN A 4204 49.69 -39.66 6.21
CA GLN A 4204 49.76 -40.60 5.12
C GLN A 4204 49.00 -40.10 3.91
N TRP A 4205 48.40 -38.90 4.02
CA TRP A 4205 47.78 -38.24 2.90
C TRP A 4205 48.72 -37.14 2.43
N GLU A 4206 49.68 -36.79 3.26
CA GLU A 4206 50.63 -35.74 2.92
C GLU A 4206 51.92 -36.35 2.39
N MET A 4207 52.00 -37.67 2.36
CA MET A 4207 53.21 -38.33 1.89
C MET A 4207 53.38 -38.13 0.38
N PRO A 4208 54.62 -38.17 -0.14
CA PRO A 4208 54.84 -37.86 -1.57
C PRO A 4208 54.22 -38.80 -2.60
N GLN A 4209 54.22 -40.12 -2.36
CA GLN A 4209 53.60 -41.04 -3.30
C GLN A 4209 52.09 -40.85 -3.40
N VAL A 4210 51.39 -40.66 -2.28
CA VAL A 4210 49.94 -40.54 -2.36
C VAL A 4210 49.59 -39.23 -3.07
N LYS A 4211 50.45 -38.21 -2.93
CA LYS A 4211 50.24 -36.94 -3.62
C LYS A 4211 50.41 -37.12 -5.11
N GLU A 4212 51.39 -37.95 -5.50
CA GLU A 4212 51.61 -38.20 -6.93
C GLU A 4212 50.45 -38.98 -7.51
N SER A 4213 49.92 -39.92 -6.72
CA SER A 4213 48.76 -40.71 -7.14
C SER A 4213 47.56 -39.78 -7.32
N LYS A 4214 47.41 -38.82 -6.40
CA LYS A 4214 46.32 -37.86 -6.47
C LYS A 4214 46.43 -37.03 -7.73
N ARG A 4215 47.65 -36.56 -8.04
CA ARG A 4215 47.90 -35.72 -9.21
C ARG A 4215 47.58 -36.50 -10.49
N GLN A 4216 47.96 -37.78 -10.50
CA GLN A 4216 47.69 -38.63 -11.65
C GLN A 4216 46.19 -38.81 -11.84
N PHE A 4217 45.46 -39.05 -10.73
CA PHE A 4217 44.02 -39.24 -10.82
C PHE A 4217 43.36 -37.98 -11.35
N ILE A 4218 43.75 -36.81 -10.83
CA ILE A 4218 43.13 -35.55 -11.25
C ILE A 4218 43.38 -35.32 -12.74
N PHE A 4219 44.58 -35.68 -13.22
CA PHE A 4219 44.87 -35.54 -14.65
C PHE A 4219 43.99 -36.45 -15.49
N ASP A 4220 43.87 -37.73 -15.11
CA ASP A 4220 43.10 -38.67 -15.90
C ASP A 4220 41.60 -38.36 -15.89
N VAL A 4221 41.07 -38.00 -14.72
CA VAL A 4221 39.66 -37.62 -14.63
C VAL A 4221 39.36 -36.31 -15.37
N VAL A 4222 40.23 -35.29 -15.28
CA VAL A 4222 39.91 -33.98 -15.86
C VAL A 4222 40.36 -33.94 -17.33
N ASN A 4223 40.97 -35.00 -17.83
CA ASN A 4223 41.34 -35.03 -19.23
C ASN A 4223 40.58 -36.08 -20.01
N GLU A 4224 40.60 -37.35 -19.59
CA GLU A 4224 39.99 -38.40 -20.38
C GLU A 4224 38.60 -38.79 -19.89
N GLY A 4225 38.21 -38.37 -18.69
CA GLY A 4225 36.96 -38.81 -18.08
C GLY A 4225 35.87 -37.75 -18.16
N GLY A 4226 34.68 -38.19 -18.54
CA GLY A 4226 33.56 -37.29 -18.61
C GLY A 4226 33.00 -36.96 -17.24
N GLU A 4227 32.20 -35.88 -17.19
CA GLU A 4227 31.63 -35.43 -15.92
C GLU A 4227 30.59 -36.40 -15.37
N ALA A 4228 29.96 -37.19 -16.24
CA ALA A 4228 28.86 -38.08 -15.83
C ALA A 4228 29.31 -39.14 -14.83
N GLU A 4229 30.52 -39.67 -15.00
CA GLU A 4229 31.01 -40.77 -14.18
C GLU A 4229 32.07 -40.26 -13.19
N LYS A 4230 32.23 -38.93 -13.12
CA LYS A 4230 33.30 -38.29 -12.36
C LYS A 4230 33.23 -38.65 -10.87
N MET A 4231 32.03 -38.70 -10.30
CA MET A 4231 31.96 -38.95 -8.86
C MET A 4231 32.13 -40.42 -8.54
N GLU A 4232 31.85 -41.31 -9.51
CA GLU A 4232 32.14 -42.72 -9.33
C GLU A 4232 33.64 -42.93 -9.34
N LEU A 4233 34.30 -42.27 -10.28
CA LEU A 4233 35.75 -42.39 -10.43
C LEU A 4233 36.44 -41.81 -9.20
N PHE A 4234 35.91 -40.70 -8.69
CA PHE A 4234 36.46 -40.08 -7.48
C PHE A 4234 36.32 -41.01 -6.28
N VAL A 4235 35.13 -41.60 -6.09
CA VAL A 4235 34.90 -42.45 -4.92
C VAL A 4235 35.79 -43.70 -5.00
N SER A 4236 35.99 -44.22 -6.21
CA SER A 4236 36.87 -45.38 -6.39
C SER A 4236 38.31 -45.01 -6.09
N PHE A 4237 38.75 -43.83 -6.53
CA PHE A 4237 40.08 -43.34 -6.18
C PHE A 4237 40.24 -43.19 -4.67
N CYS A 4238 39.19 -42.70 -3.99
CA CYS A 4238 39.25 -42.54 -2.54
C CYS A 4238 39.39 -43.89 -1.85
N GLU A 4239 38.68 -44.91 -2.33
CA GLU A 4239 38.78 -46.24 -1.73
C GLU A 4239 40.16 -46.84 -1.97
N ASP A 4240 40.74 -46.57 -3.14
CA ASP A 4240 42.09 -47.06 -3.41
C ASP A 4240 43.11 -46.39 -2.52
N THR A 4241 42.97 -45.08 -2.32
CA THR A 4241 43.84 -44.32 -1.42
C THR A 4241 43.70 -44.81 0.02
N ILE A 4242 42.47 -45.10 0.46
CA ILE A 4242 42.23 -45.59 1.82
C ILE A 4242 42.93 -46.94 2.01
N PHE A 4243 42.74 -47.86 1.06
CA PHE A 4243 43.34 -49.19 1.20
C PHE A 4243 44.86 -49.09 1.20
N GLU A 4244 45.39 -48.21 0.33
CA GLU A 4244 46.83 -47.99 0.25
C GLU A 4244 47.36 -47.48 1.58
N MET A 4245 46.59 -46.57 2.21
CA MET A 4245 46.94 -46.02 3.51
C MET A 4245 46.98 -47.11 4.57
N GLN A 4246 46.01 -48.02 4.52
CA GLN A 4246 45.97 -49.15 5.44
C GLN A 4246 47.19 -50.05 5.27
N ILE A 4247 47.57 -50.30 4.01
CA ILE A 4247 48.79 -51.07 3.73
C ILE A 4247 50.02 -50.36 4.28
N ALA A 4248 50.07 -49.03 4.12
CA ALA A 4248 51.20 -48.24 4.64
C ALA A 4248 51.26 -48.33 6.16
N ALA A 4249 50.10 -48.32 6.81
CA ALA A 4249 50.03 -48.47 8.26
C ALA A 4249 50.52 -49.84 8.68
N GLN A 4250 50.13 -50.90 7.96
CA GLN A 4250 50.54 -52.25 8.34
C GLN A 4250 52.05 -52.42 8.18
N ILE A 4251 52.60 -51.94 7.06
CA ILE A 4251 54.02 -52.13 6.77
C ILE A 4251 54.88 -51.33 7.75
N SER A 4252 54.41 -50.13 8.14
CA SER A 4252 55.19 -49.22 8.98
C SER A 4252 55.59 -49.88 10.30
N GLU A 4253 56.83 -49.63 10.72
CA GLU A 4253 57.41 -50.30 11.88
C GLU A 4253 57.49 -49.36 13.05
N PRO A 4254 57.02 -49.77 14.25
CA PRO A 4254 57.11 -48.95 15.46
C PRO A 4254 58.36 -49.22 16.27
N GLU A 4543 58.57 -66.42 16.64
CA GLU A 4543 59.86 -66.99 16.30
C GLU A 4543 60.24 -66.66 14.85
N LEU A 4544 60.10 -67.65 13.98
CA LEU A 4544 60.40 -67.47 12.56
C LEU A 4544 59.45 -66.44 11.93
N GLU A 4545 58.18 -66.46 12.35
CA GLU A 4545 57.17 -65.59 11.78
C GLU A 4545 57.51 -64.12 12.00
N VAL A 4546 58.02 -63.79 13.19
CA VAL A 4546 58.34 -62.41 13.52
C VAL A 4546 59.40 -61.88 12.56
N GLN A 4547 60.43 -62.71 12.33
CA GLN A 4547 61.53 -62.34 11.45
C GLN A 4547 61.04 -62.18 10.02
N ARG A 4548 60.18 -63.11 9.58
CA ARG A 4548 59.51 -63.03 8.29
C ARG A 4548 58.79 -61.71 8.11
N VAL A 4549 57.91 -61.37 9.06
CA VAL A 4549 57.09 -60.15 8.96
C VAL A 4549 58.00 -58.92 8.98
N LYS A 4550 59.05 -58.95 9.80
CA LYS A 4550 59.95 -57.80 9.93
C LYS A 4550 60.71 -57.58 8.62
N PHE A 4551 61.20 -58.67 8.02
CA PHE A 4551 61.93 -58.59 6.78
C PHE A 4551 61.03 -58.09 5.67
N LEU A 4552 59.82 -58.67 5.56
CA LEU A 4552 58.90 -58.28 4.49
C LEU A 4552 58.51 -56.81 4.62
N ASN A 4553 58.31 -56.35 5.86
CA ASN A 4553 58.03 -54.93 6.13
C ASN A 4553 59.20 -54.05 5.73
N TYR A 4554 60.44 -54.52 5.97
CA TYR A 4554 61.61 -53.76 5.57
C TYR A 4554 61.67 -53.65 4.05
N LEU A 4555 61.39 -54.76 3.35
CA LEU A 4555 61.46 -54.77 1.89
C LEU A 4555 60.40 -53.85 1.30
N SER A 4556 59.22 -53.84 1.92
CA SER A 4556 58.13 -53.01 1.43
C SER A 4556 58.42 -51.54 1.68
N ARG A 4557 59.00 -51.21 2.83
CA ARG A 4557 59.36 -49.83 3.11
C ARG A 4557 60.48 -49.34 2.20
N ASN A 4558 61.40 -50.23 1.85
CA ASN A 4558 62.57 -49.87 1.05
C ASN A 4558 62.52 -50.47 -0.37
N PHE A 4559 61.33 -50.57 -0.95
CA PHE A 4559 61.21 -51.17 -2.27
C PHE A 4559 61.73 -50.23 -3.36
N TYR A 4560 61.34 -48.95 -3.28
CA TYR A 4560 61.73 -47.96 -4.29
C TYR A 4560 63.24 -47.73 -4.26
N THR A 4561 63.81 -47.74 -3.06
CA THR A 4561 65.25 -47.62 -2.88
C THR A 4561 65.95 -48.82 -3.49
N LEU A 4562 65.41 -50.02 -3.31
CA LEU A 4562 66.02 -51.22 -3.85
C LEU A 4562 66.02 -51.17 -5.39
N ARG A 4563 64.93 -50.67 -5.97
CA ARG A 4563 64.83 -50.53 -7.43
C ARG A 4563 65.85 -49.53 -7.95
N PHE A 4564 66.07 -48.45 -7.19
CA PHE A 4564 67.13 -47.50 -7.56
C PHE A 4564 68.51 -48.12 -7.41
N LEU A 4565 68.70 -48.94 -6.37
CA LEU A 4565 69.96 -49.65 -6.21
C LEU A 4565 70.22 -50.58 -7.39
N ALA A 4566 69.16 -51.26 -7.85
CA ALA A 4566 69.28 -52.18 -8.97
C ALA A 4566 69.70 -51.43 -10.23
N LEU A 4567 69.15 -50.22 -10.42
CA LEU A 4567 69.55 -49.38 -11.54
C LEU A 4567 71.01 -48.95 -11.43
N PHE A 4568 71.46 -48.60 -10.22
CA PHE A 4568 72.85 -48.23 -10.01
C PHE A 4568 73.76 -49.41 -10.29
N LEU A 4569 73.36 -50.61 -9.84
CA LEU A 4569 74.17 -51.81 -9.99
C LEU A 4569 74.30 -52.18 -11.46
N ALA A 4570 73.23 -51.97 -12.22
CA ALA A 4570 73.26 -52.20 -13.66
C ALA A 4570 74.17 -51.20 -14.36
N PHE A 4571 74.16 -49.95 -13.91
CA PHE A 4571 75.06 -48.93 -14.46
C PHE A 4571 76.52 -49.27 -14.16
N ALA A 4572 76.80 -49.70 -12.93
CA ALA A 4572 78.16 -50.09 -12.58
C ALA A 4572 78.64 -51.31 -13.36
N ILE A 4573 77.78 -52.33 -13.54
CA ILE A 4573 78.16 -53.52 -14.30
C ILE A 4573 78.44 -53.15 -15.74
N ASN A 4574 77.56 -52.32 -16.33
CA ASN A 4574 77.71 -51.89 -17.71
C ASN A 4574 78.98 -51.06 -17.89
N PHE A 4575 79.33 -50.25 -16.90
CA PHE A 4575 80.61 -49.53 -16.94
C PHE A 4575 81.77 -50.51 -16.95
N ILE A 4576 81.73 -51.54 -16.11
CA ILE A 4576 82.81 -52.52 -16.03
C ILE A 4576 82.91 -53.29 -17.35
N LEU A 4577 81.80 -53.39 -18.06
CA LEU A 4577 81.70 -54.18 -19.28
C LEU A 4577 82.20 -53.43 -20.50
N LEU A 4578 82.70 -52.21 -20.30
CA LEU A 4578 83.27 -51.40 -21.36
C LEU A 4578 84.77 -51.63 -21.47
N PHE A 4579 85.28 -52.62 -20.74
CA PHE A 4579 86.69 -52.96 -20.70
C PHE A 4579 86.93 -54.36 -21.24
N TYR A 4580 85.95 -54.94 -21.93
CA TYR A 4580 86.09 -56.27 -22.46
C TYR A 4580 86.85 -56.26 -23.78
N LYS A 4581 87.57 -57.33 -24.03
CA LYS A 4581 88.39 -57.46 -25.22
C LYS A 4581 88.22 -58.87 -25.73
N VAL A 4582 88.47 -59.07 -27.02
CA VAL A 4582 88.41 -60.38 -27.65
C VAL A 4582 89.77 -60.71 -28.22
N SER A 4583 90.17 -61.98 -28.11
CA SER A 4583 91.39 -62.44 -28.75
C SER A 4583 91.23 -63.89 -29.17
N ASP A 4584 91.79 -64.24 -30.34
CA ASP A 4584 91.74 -65.63 -30.77
C ASP A 4584 92.59 -66.50 -29.86
N SER A 4585 93.77 -66.01 -29.47
CA SER A 4585 94.62 -66.74 -28.56
C SER A 4585 94.05 -66.69 -27.14
N PRO A 4586 94.17 -67.76 -26.36
CA PRO A 4586 93.70 -67.71 -24.98
C PRO A 4586 94.54 -66.75 -24.16
N PRO A 4587 93.93 -66.06 -23.17
CA PRO A 4587 94.62 -65.04 -22.36
C PRO A 4587 95.71 -65.63 -21.47
N ASN A 4626 88.90 -72.27 -34.15
CA ASN A 4626 89.69 -71.48 -33.23
C ASN A 4626 88.80 -70.46 -32.51
N MET A 4627 88.04 -70.95 -31.52
CA MET A 4627 87.04 -70.14 -30.83
C MET A 4627 87.71 -68.96 -30.11
N VAL A 4628 87.03 -67.81 -30.15
CA VAL A 4628 87.58 -66.61 -29.54
C VAL A 4628 87.45 -66.67 -28.03
N TYR A 4629 88.33 -65.95 -27.33
CA TYR A 4629 88.27 -65.78 -25.89
C TYR A 4629 87.92 -64.34 -25.57
N TYR A 4630 86.89 -64.14 -24.75
CA TYR A 4630 86.52 -62.82 -24.27
C TYR A 4630 87.02 -62.63 -22.85
N PHE A 4631 87.75 -61.55 -22.60
CA PHE A 4631 88.34 -61.34 -21.29
C PHE A 4631 88.35 -59.86 -20.96
N LEU A 4632 88.39 -59.56 -19.67
CA LEU A 4632 88.52 -58.17 -19.25
C LEU A 4632 89.99 -57.78 -19.24
N GLU A 4633 90.31 -56.66 -19.87
CA GLU A 4633 91.66 -56.12 -19.83
C GLU A 4633 91.64 -54.80 -19.07
N GLU A 4634 92.01 -54.87 -17.79
CA GLU A 4634 92.15 -53.68 -16.96
C GLU A 4634 93.47 -53.79 -16.22
N SER A 4635 94.17 -52.65 -16.09
CA SER A 4635 95.49 -52.65 -15.47
C SER A 4635 95.45 -53.00 -13.99
N THR A 4636 94.47 -52.44 -13.25
CA THR A 4636 94.43 -52.57 -11.80
C THR A 4636 94.27 -54.02 -11.33
N GLY A 4637 93.44 -54.80 -12.03
CA GLY A 4637 93.17 -56.15 -11.59
C GLY A 4637 92.01 -56.26 -10.63
N TYR A 4638 91.31 -55.16 -10.39
CA TYR A 4638 90.23 -55.04 -9.42
C TYR A 4638 88.84 -55.05 -10.04
N MET A 4639 88.73 -55.18 -11.35
CA MET A 4639 87.39 -55.13 -11.94
C MET A 4639 86.72 -56.48 -12.09
N GLU A 4640 87.45 -57.56 -12.38
CA GLU A 4640 86.80 -58.87 -12.43
C GLU A 4640 86.21 -59.35 -11.08
N PRO A 4641 86.90 -59.24 -9.91
CA PRO A 4641 86.22 -59.60 -8.65
C PRO A 4641 85.01 -58.72 -8.37
N ALA A 4642 85.15 -57.42 -8.63
CA ALA A 4642 84.05 -56.49 -8.43
C ALA A 4642 82.89 -56.87 -9.33
N LEU A 4643 83.19 -57.25 -10.59
CA LEU A 4643 82.14 -57.60 -11.54
C LEU A 4643 81.37 -58.82 -11.04
N TRP A 4644 82.10 -59.78 -10.47
CA TRP A 4644 81.48 -61.01 -9.98
C TRP A 4644 80.55 -60.72 -8.81
N CYS A 4645 81.04 -59.88 -7.87
CA CYS A 4645 80.26 -59.52 -6.70
C CYS A 4645 79.05 -58.69 -7.09
N LEU A 4646 79.25 -57.70 -7.96
CA LEU A 4646 78.15 -56.84 -8.41
C LEU A 4646 77.08 -57.65 -9.13
N SER A 4647 77.49 -58.66 -9.92
CA SER A 4647 76.54 -59.47 -10.67
C SER A 4647 75.68 -60.31 -9.73
N LEU A 4648 76.33 -60.93 -8.72
CA LEU A 4648 75.56 -61.67 -7.72
C LEU A 4648 74.69 -60.75 -6.88
N LEU A 4649 75.19 -59.55 -6.57
CA LEU A 4649 74.41 -58.57 -5.83
C LEU A 4649 73.19 -58.14 -6.63
N HIS A 4650 73.36 -57.96 -7.94
CA HIS A 4650 72.27 -57.53 -8.81
C HIS A 4650 71.17 -58.56 -8.85
N THR A 4651 71.54 -59.84 -8.94
CA THR A 4651 70.54 -60.91 -8.89
C THR A 4651 69.83 -60.95 -7.55
N LEU A 4652 70.56 -60.64 -6.46
CA LEU A 4652 69.95 -60.55 -5.13
C LEU A 4652 68.92 -59.41 -5.08
N VAL A 4653 69.28 -58.22 -5.55
CA VAL A 4653 68.38 -57.07 -5.49
C VAL A 4653 67.16 -57.30 -6.39
N ALA A 4654 67.34 -57.97 -7.54
CA ALA A 4654 66.20 -58.31 -8.39
C ALA A 4654 65.21 -59.25 -7.71
N PHE A 4655 65.74 -60.21 -6.94
CA PHE A 4655 64.86 -61.12 -6.20
C PHE A 4655 64.17 -60.40 -5.05
N LEU A 4656 64.92 -59.57 -4.31
CA LEU A 4656 64.33 -58.77 -3.24
C LEU A 4656 63.28 -57.79 -3.77
N CYS A 4657 63.47 -57.25 -4.98
CA CYS A 4657 62.48 -56.36 -5.57
C CYS A 4657 61.20 -57.10 -5.91
N ILE A 4658 61.31 -58.35 -6.41
CA ILE A 4658 60.12 -59.16 -6.65
C ILE A 4658 59.36 -59.37 -5.34
N ILE A 4659 60.08 -59.71 -4.27
CA ILE A 4659 59.43 -59.93 -2.97
C ILE A 4659 58.77 -58.64 -2.47
N GLY A 4660 59.48 -57.51 -2.61
CA GLY A 4660 58.94 -56.24 -2.18
C GLY A 4660 57.69 -55.87 -2.95
N TYR A 4661 57.66 -56.21 -4.25
CA TYR A 4661 56.46 -55.98 -5.04
C TYR A 4661 55.31 -56.79 -4.48
N ASN A 4662 55.56 -58.07 -4.16
CA ASN A 4662 54.51 -58.96 -3.71
C ASN A 4662 53.91 -58.46 -2.40
N CYS A 4663 54.76 -57.98 -1.49
CA CYS A 4663 54.29 -57.42 -0.23
C CYS A 4663 53.57 -56.08 -0.40
N LEU A 4664 54.03 -55.22 -1.32
CA LEU A 4664 53.49 -53.86 -1.36
C LEU A 4664 52.44 -53.57 -2.42
N LYS A 4665 52.69 -53.94 -3.67
CA LYS A 4665 51.81 -53.51 -4.75
C LYS A 4665 50.83 -54.57 -5.22
N VAL A 4666 51.02 -55.82 -4.85
CA VAL A 4666 50.04 -56.88 -5.17
C VAL A 4666 48.74 -56.73 -4.37
N PRO A 4667 48.73 -56.33 -3.05
CA PRO A 4667 47.44 -56.18 -2.35
C PRO A 4667 46.47 -55.24 -3.05
N LEU A 4668 46.95 -54.11 -3.58
CA LEU A 4668 46.05 -53.15 -4.22
C LEU A 4668 45.45 -53.74 -5.49
N VAL A 4669 46.21 -54.58 -6.21
CA VAL A 4669 45.71 -55.19 -7.44
C VAL A 4669 44.61 -56.18 -7.11
N ILE A 4670 44.87 -57.01 -6.08
CA ILE A 4670 43.89 -57.99 -5.61
C ILE A 4670 42.64 -57.27 -5.12
N PHE A 4671 42.83 -56.18 -4.36
CA PHE A 4671 41.72 -55.40 -3.81
C PHE A 4671 40.86 -54.83 -4.93
N LYS A 4672 41.50 -54.26 -5.95
CA LYS A 4672 40.78 -53.64 -7.05
C LYS A 4672 40.00 -54.68 -7.85
N ARG A 4673 40.60 -55.87 -8.04
CA ARG A 4673 39.88 -56.94 -8.74
C ARG A 4673 38.69 -57.43 -7.93
N GLU A 4674 38.86 -57.62 -6.61
CA GLU A 4674 37.76 -58.02 -5.76
C GLU A 4674 36.66 -56.96 -5.74
N LYS A 4675 37.04 -55.68 -5.75
CA LYS A 4675 36.08 -54.59 -5.76
C LYS A 4675 35.25 -54.58 -7.04
N GLU A 4676 35.92 -54.77 -8.18
CA GLU A 4676 35.22 -54.80 -9.47
C GLU A 4676 34.31 -56.02 -9.57
N LEU A 4677 34.78 -57.18 -9.09
CA LEU A 4677 33.93 -58.37 -9.11
C LEU A 4677 32.71 -58.19 -8.22
N ALA A 4678 32.92 -57.68 -6.99
CA ALA A 4678 31.83 -57.53 -6.03
C ALA A 4678 30.78 -56.56 -6.54
N ARG A 4679 31.23 -55.44 -7.13
CA ARG A 4679 30.32 -54.46 -7.70
C ARG A 4679 29.57 -55.04 -8.89
N LYS A 4680 30.28 -55.75 -9.78
CA LYS A 4680 29.65 -56.30 -10.97
C LYS A 4680 28.61 -57.35 -10.59
N LEU A 4681 28.94 -58.20 -9.61
CA LEU A 4681 28.00 -59.18 -9.09
C LEU A 4681 26.73 -58.53 -8.54
N GLU A 4682 26.89 -57.71 -7.49
CA GLU A 4682 25.73 -57.15 -6.80
C GLU A 4682 24.94 -56.17 -7.66
N PHE A 4683 25.62 -55.24 -8.34
CA PHE A 4683 24.93 -54.17 -9.03
C PHE A 4683 24.77 -54.37 -10.52
N ASP A 4684 25.20 -55.51 -11.06
CA ASP A 4684 24.94 -55.75 -12.47
C ASP A 4684 24.53 -57.18 -12.80
N GLY A 4685 24.52 -58.09 -11.81
CA GLY A 4685 24.23 -59.50 -12.08
C GLY A 4685 25.07 -60.15 -13.15
N LEU A 4686 26.41 -60.04 -13.05
CA LEU A 4686 27.28 -60.52 -14.12
C LEU A 4686 27.15 -62.02 -14.33
N TYR A 4687 27.25 -62.80 -13.27
CA TYR A 4687 27.21 -64.25 -13.41
C TYR A 4687 25.83 -64.82 -13.19
N ILE A 4688 25.02 -64.12 -12.39
CA ILE A 4688 23.65 -64.52 -12.14
C ILE A 4688 22.79 -64.38 -13.40
N THR A 4689 22.99 -63.34 -14.20
CA THR A 4689 22.11 -63.09 -15.33
C THR A 4689 22.79 -63.28 -16.67
N GLU A 4690 23.46 -62.25 -17.21
CA GLU A 4690 23.95 -62.30 -18.59
C GLU A 4690 25.03 -63.37 -18.85
N GLN A 4691 26.08 -63.45 -17.99
CA GLN A 4691 27.24 -64.34 -18.03
C GLN A 4691 28.24 -63.81 -19.05
N PRO A 4692 29.55 -63.88 -18.81
CA PRO A 4692 30.51 -63.47 -19.83
C PRO A 4692 30.58 -64.44 -21.00
N GLY A 4693 31.36 -64.10 -22.02
CA GLY A 4693 31.39 -64.90 -23.22
C GLY A 4693 32.73 -65.14 -23.88
N ASP A 4694 33.69 -65.72 -23.13
CA ASP A 4694 35.00 -66.18 -23.61
C ASP A 4694 35.97 -65.06 -23.97
N ASP A 4695 35.47 -63.98 -24.58
CA ASP A 4695 36.30 -62.80 -24.86
C ASP A 4695 36.87 -62.20 -23.57
N ASP A 4696 36.10 -62.22 -22.50
CA ASP A 4696 36.56 -61.69 -21.22
C ASP A 4696 37.35 -62.79 -20.53
N VAL A 4697 38.67 -62.75 -20.77
CA VAL A 4697 39.60 -63.67 -20.11
C VAL A 4697 39.57 -63.39 -18.60
N LYS A 4698 39.46 -62.11 -18.24
CA LYS A 4698 39.42 -61.72 -16.84
C LYS A 4698 38.17 -62.28 -16.18
N GLY A 4699 37.02 -62.21 -16.89
CA GLY A 4699 35.78 -62.75 -16.35
C GLY A 4699 35.87 -64.26 -16.15
N GLN A 4700 36.44 -64.96 -17.15
CA GLN A 4700 36.54 -66.42 -17.08
C GLN A 4700 37.41 -66.80 -15.90
N TRP A 4701 38.53 -66.10 -15.72
CA TRP A 4701 39.43 -66.42 -14.63
C TRP A 4701 38.74 -66.12 -13.31
N ASP A 4702 37.96 -65.02 -13.27
CA ASP A 4702 37.30 -64.56 -12.06
C ASP A 4702 36.25 -65.55 -11.59
N ARG A 4703 35.73 -66.38 -12.50
CA ARG A 4703 34.69 -67.36 -12.14
C ARG A 4703 35.17 -68.31 -11.04
N LEU A 4704 36.48 -68.57 -11.01
CA LEU A 4704 37.10 -69.52 -10.08
C LEU A 4704 36.95 -69.10 -8.62
N VAL A 4705 37.04 -67.80 -8.34
CA VAL A 4705 37.03 -67.35 -6.95
C VAL A 4705 35.63 -67.30 -6.32
N LEU A 4706 34.56 -67.25 -7.13
CA LEU A 4706 33.21 -67.00 -6.62
C LEU A 4706 32.77 -68.04 -5.59
N ASN A 4707 33.01 -69.31 -5.89
CA ASN A 4707 32.60 -70.37 -4.96
C ASN A 4707 33.46 -70.43 -3.71
N THR A 4708 34.69 -69.89 -3.75
CA THR A 4708 35.65 -70.07 -2.67
C THR A 4708 35.16 -69.43 -1.37
N PRO A 4709 35.47 -70.04 -0.22
CA PRO A 4709 35.11 -69.45 1.07
C PRO A 4709 35.73 -68.10 1.38
N SER A 4710 36.82 -67.71 0.72
CA SER A 4710 37.53 -66.49 1.09
C SER A 4710 37.47 -65.41 0.02
N PHE A 4711 36.38 -65.38 -0.76
CA PHE A 4711 36.25 -64.45 -1.88
C PHE A 4711 36.43 -62.97 -1.52
N PRO A 4712 35.92 -62.44 -0.37
CA PRO A 4712 36.31 -61.07 -0.02
C PRO A 4712 37.35 -61.07 1.09
N SER A 4713 38.61 -60.87 0.73
CA SER A 4713 39.69 -60.87 1.70
C SER A 4713 40.30 -59.48 1.85
N ASN A 4714 40.80 -58.92 0.75
CA ASN A 4714 41.31 -57.54 0.81
C ASN A 4714 40.18 -56.54 0.91
N TYR A 4715 39.10 -56.74 0.17
CA TYR A 4715 38.00 -55.78 0.15
C TYR A 4715 37.29 -55.72 1.50
N TRP A 4716 36.85 -54.51 1.86
CA TRP A 4716 36.24 -54.22 3.16
C TRP A 4716 34.90 -54.91 3.36
N ASP A 4717 34.08 -54.98 2.32
CA ASP A 4717 32.70 -55.45 2.47
C ASP A 4717 32.68 -56.97 2.57
N LYS A 4718 32.39 -57.46 3.76
CA LYS A 4718 32.34 -58.90 4.02
C LYS A 4718 30.94 -59.45 3.82
N PHE A 4719 29.99 -58.58 3.50
CA PHE A 4719 28.60 -58.96 3.34
C PHE A 4719 28.20 -59.08 1.89
N VAL A 4720 29.16 -59.12 0.96
CA VAL A 4720 28.84 -59.08 -0.46
C VAL A 4720 27.99 -60.29 -0.86
N LYS A 4721 28.33 -61.45 -0.31
CA LYS A 4721 27.63 -62.69 -0.67
C LYS A 4721 26.18 -62.62 -0.23
N ARG A 4722 25.96 -62.17 1.01
CA ARG A 4722 24.62 -61.99 1.57
C ARG A 4722 23.79 -60.97 0.78
N LYS A 4723 24.40 -59.82 0.41
CA LYS A 4723 23.67 -58.84 -0.39
C LYS A 4723 23.29 -59.37 -1.77
N VAL A 4724 24.17 -60.15 -2.41
CA VAL A 4724 23.78 -60.74 -3.69
C VAL A 4724 22.67 -61.77 -3.49
N LEU A 4725 22.79 -62.56 -2.42
CA LEU A 4725 21.82 -63.63 -2.15
C LEU A 4725 20.44 -63.05 -1.91
N ASP A 4726 20.38 -61.94 -1.19
CA ASP A 4726 19.11 -61.30 -0.88
C ASP A 4726 18.56 -60.59 -2.11
N LYS A 4727 19.41 -59.85 -2.84
CA LYS A 4727 18.96 -59.06 -3.98
C LYS A 4727 18.50 -59.92 -5.15
N HIS A 4728 19.17 -61.04 -5.42
CA HIS A 4728 18.85 -61.85 -6.58
C HIS A 4728 18.28 -63.22 -6.23
N GLY A 4729 18.12 -63.52 -4.94
CA GLY A 4729 17.66 -64.83 -4.51
C GLY A 4729 16.27 -65.19 -4.99
N ASP A 4730 15.35 -64.22 -4.93
CA ASP A 4730 13.96 -64.49 -5.31
C ASP A 4730 13.80 -64.74 -6.80
N ILE A 4731 14.33 -63.86 -7.65
CA ILE A 4731 14.14 -63.99 -9.09
C ILE A 4731 14.91 -65.19 -9.66
N PHE A 4732 16.17 -65.35 -9.28
CA PHE A 4732 16.99 -66.40 -9.87
C PHE A 4732 17.05 -67.69 -9.07
N GLY A 4733 16.55 -67.70 -7.84
CA GLY A 4733 16.49 -68.95 -7.12
C GLY A 4733 17.62 -69.02 -6.11
N ARG A 4734 17.21 -68.94 -4.83
CA ARG A 4734 18.14 -68.91 -3.70
C ARG A 4734 19.11 -70.07 -3.72
N GLU A 4735 18.61 -71.28 -4.03
CA GLU A 4735 19.46 -72.48 -4.01
C GLU A 4735 20.57 -72.37 -5.05
N ARG A 4736 20.23 -71.91 -6.26
CA ARG A 4736 21.23 -71.71 -7.31
C ARG A 4736 22.24 -70.65 -6.91
N ILE A 4737 21.76 -69.54 -6.31
CA ILE A 4737 22.65 -68.47 -5.90
C ILE A 4737 23.60 -68.96 -4.82
N ALA A 4738 23.07 -69.72 -3.87
CA ALA A 4738 23.85 -70.23 -2.75
C ALA A 4738 24.90 -71.21 -3.24
N GLU A 4739 24.55 -72.02 -4.25
CA GLU A 4739 25.53 -72.94 -4.81
C GLU A 4739 26.64 -72.20 -5.53
N LEU A 4740 26.27 -71.18 -6.33
CA LEU A 4740 27.26 -70.46 -7.11
C LEU A 4740 28.23 -69.69 -6.21
N LEU A 4741 27.71 -69.09 -5.14
CA LEU A 4741 28.52 -68.30 -4.23
C LEU A 4741 29.05 -69.13 -3.05
N GLY A 4742 28.70 -70.42 -3.02
CA GLY A 4742 29.23 -71.39 -2.07
C GLY A 4742 29.02 -71.10 -0.60
N MET A 4743 27.84 -70.62 -0.21
CA MET A 4743 27.50 -70.47 1.20
C MET A 4743 26.25 -71.30 1.45
N ASP A 4744 26.27 -72.12 2.50
CA ASP A 4744 25.16 -73.02 2.74
C ASP A 4744 24.00 -72.30 3.43
N LEU A 4745 22.80 -72.51 2.90
CA LEU A 4745 21.59 -71.88 3.44
C LEU A 4745 21.31 -72.34 4.87
N ALA A 4746 21.57 -73.63 5.14
CA ALA A 4746 21.21 -74.28 6.39
C ALA A 4746 21.90 -73.64 7.60
N SER A 4747 23.16 -73.23 7.44
CA SER A 4747 23.97 -72.77 8.57
C SER A 4747 23.39 -71.55 9.28
N LEU A 4748 22.63 -70.71 8.56
CA LEU A 4748 22.15 -69.42 9.07
C LEU A 4748 21.19 -69.53 10.26
N GLU A 4749 20.63 -70.72 10.55
CA GLU A 4749 19.59 -70.86 11.57
C GLU A 4749 20.06 -70.41 12.95
N ILE A 4750 21.23 -70.89 13.38
CA ILE A 4750 21.77 -70.53 14.68
C ILE A 4750 23.02 -69.69 14.52
N ASP A 4772 42.97 -72.27 1.24
CA ASP A 4772 42.02 -72.18 0.15
C ASP A 4772 42.81 -72.21 -1.16
N VAL A 4773 43.01 -73.43 -1.66
CA VAL A 4773 43.82 -73.67 -2.85
C VAL A 4773 43.25 -72.95 -4.07
N LYS A 4774 41.93 -73.00 -4.26
CA LYS A 4774 41.29 -72.42 -5.43
C LYS A 4774 41.49 -70.91 -5.45
N TYR A 4775 41.40 -70.30 -4.26
CA TYR A 4775 41.65 -68.87 -4.10
C TYR A 4775 43.09 -68.53 -4.44
N GLN A 4776 44.04 -69.36 -3.96
CA GLN A 4776 45.46 -69.10 -4.24
C GLN A 4776 45.75 -69.21 -5.73
N ILE A 4777 45.13 -70.19 -6.40
CA ILE A 4777 45.27 -70.33 -7.86
C ILE A 4777 44.76 -69.08 -8.57
N TRP A 4778 43.60 -68.58 -8.13
CA TRP A 4778 43.04 -67.38 -8.75
C TRP A 4778 43.97 -66.20 -8.54
N LYS A 4779 44.45 -66.03 -7.29
CA LYS A 4779 45.29 -64.89 -6.93
C LYS A 4779 46.57 -64.90 -7.76
N PHE A 4780 47.20 -66.08 -7.90
CA PHE A 4780 48.44 -66.16 -8.65
C PHE A 4780 48.18 -65.89 -10.13
N GLY A 4781 47.01 -66.30 -10.64
CA GLY A 4781 46.69 -65.98 -12.02
C GLY A 4781 46.56 -64.48 -12.23
N VAL A 4782 46.10 -63.76 -11.21
CA VAL A 4782 45.93 -62.32 -11.38
C VAL A 4782 47.30 -61.63 -11.22
N ILE A 4783 48.18 -62.24 -10.42
CA ILE A 4783 49.54 -61.73 -10.28
C ILE A 4783 50.30 -61.93 -11.59
N PHE A 4784 50.14 -63.09 -12.21
CA PHE A 4784 50.86 -63.35 -13.45
C PHE A 4784 50.25 -62.61 -14.63
N THR A 4785 49.00 -62.13 -14.51
CA THR A 4785 48.51 -61.21 -15.53
C THR A 4785 48.93 -59.76 -15.25
N ASP A 4786 49.38 -59.44 -14.04
CA ASP A 4786 49.86 -58.09 -13.74
C ASP A 4786 51.11 -57.76 -14.56
N ASN A 4787 51.06 -56.64 -15.27
CA ASN A 4787 52.14 -56.27 -16.18
C ASN A 4787 53.43 -55.89 -15.46
N SER A 4788 53.33 -55.16 -14.34
CA SER A 4788 54.53 -54.79 -13.60
C SER A 4788 55.24 -56.00 -13.02
N PHE A 4789 54.48 -57.01 -12.61
CA PHE A 4789 55.10 -58.19 -12.02
C PHE A 4789 55.79 -58.98 -13.10
N LEU A 4790 55.22 -58.96 -14.31
CA LEU A 4790 55.80 -59.64 -15.45
C LEU A 4790 57.10 -58.97 -15.86
N TYR A 4791 57.12 -57.63 -15.79
CA TYR A 4791 58.34 -56.87 -16.05
C TYR A 4791 59.41 -57.22 -15.01
N LEU A 4792 59.03 -57.31 -13.74
CA LEU A 4792 60.00 -57.58 -12.69
C LEU A 4792 60.55 -59.01 -12.83
N GLY A 4793 59.70 -59.92 -13.28
CA GLY A 4793 60.13 -61.29 -13.52
C GLY A 4793 61.08 -61.37 -14.70
N TRP A 4794 60.80 -60.63 -15.78
CA TRP A 4794 61.73 -60.54 -16.89
C TRP A 4794 63.06 -59.94 -16.44
N TYR A 4795 63.01 -58.94 -15.54
CA TYR A 4795 64.21 -58.31 -14.99
C TYR A 4795 65.07 -59.33 -14.25
N MET A 4796 64.41 -60.19 -13.47
CA MET A 4796 65.09 -61.25 -12.74
C MET A 4796 65.66 -62.28 -13.70
N VAL A 4797 64.89 -62.65 -14.73
CA VAL A 4797 65.32 -63.66 -15.68
C VAL A 4797 66.56 -63.18 -16.43
N MET A 4798 66.57 -61.90 -16.82
CA MET A 4798 67.73 -61.33 -17.50
C MET A 4798 68.92 -61.27 -16.55
N SER A 4799 68.67 -61.02 -15.26
CA SER A 4799 69.74 -61.02 -14.28
C SER A 4799 70.33 -62.40 -14.09
N LEU A 4800 69.48 -63.43 -14.13
CA LEU A 4800 69.97 -64.80 -14.01
C LEU A 4800 70.75 -65.21 -15.25
N LEU A 4801 70.24 -64.88 -16.44
CA LEU A 4801 70.97 -65.15 -17.68
C LEU A 4801 72.27 -64.35 -17.79
N GLY A 4802 72.40 -63.27 -17.02
CA GLY A 4802 73.64 -62.52 -17.07
C GLY A 4802 74.80 -63.23 -16.41
N HIS A 4803 74.50 -64.21 -15.54
CA HIS A 4803 75.55 -65.04 -14.99
C HIS A 4803 76.06 -66.04 -16.03
N TYR A 4804 75.15 -66.54 -16.87
CA TYR A 4804 75.54 -67.43 -17.96
C TYR A 4804 76.39 -66.69 -18.99
N ASN A 4805 75.92 -65.53 -19.43
CA ASN A 4805 76.69 -64.69 -20.35
C ASN A 4805 76.66 -63.27 -19.82
N ASN A 4806 77.85 -62.68 -19.61
CA ASN A 4806 77.91 -61.38 -18.96
C ASN A 4806 77.31 -60.25 -19.80
N PHE A 4807 77.10 -60.46 -21.09
CA PHE A 4807 76.66 -59.40 -21.97
C PHE A 4807 75.14 -59.30 -21.97
N PHE A 4808 74.49 -60.11 -21.16
CA PHE A 4808 73.05 -60.08 -20.96
C PHE A 4808 72.67 -59.13 -19.84
N PHE A 4809 73.64 -58.40 -19.30
CA PHE A 4809 73.40 -57.42 -18.27
C PHE A 4809 73.13 -56.06 -18.87
N ALA A 4810 73.04 -56.00 -20.19
CA ALA A 4810 72.78 -54.78 -20.94
C ALA A 4810 71.29 -54.59 -21.11
N ALA A 4811 70.50 -55.62 -20.79
CA ALA A 4811 69.05 -55.56 -20.85
C ALA A 4811 68.47 -54.78 -19.69
N HIS A 4812 69.31 -54.44 -18.71
CA HIS A 4812 68.88 -53.77 -17.50
C HIS A 4812 69.09 -52.27 -17.64
N LEU A 4813 69.58 -51.84 -18.79
CA LEU A 4813 69.82 -50.45 -19.06
C LEU A 4813 68.63 -49.84 -19.74
N LEU A 4814 67.65 -50.69 -20.07
CA LEU A 4814 66.39 -50.29 -20.67
C LEU A 4814 65.35 -50.05 -19.60
N ASP A 4815 65.79 -49.94 -18.35
CA ASP A 4815 64.95 -49.71 -17.21
C ASP A 4815 65.04 -48.25 -16.77
N ILE A 4816 65.94 -47.49 -17.40
CA ILE A 4816 66.03 -46.05 -17.17
C ILE A 4816 64.76 -45.35 -17.62
N ALA A 4817 64.15 -45.87 -18.70
CA ALA A 4817 62.94 -45.28 -19.28
C ALA A 4817 61.78 -45.33 -18.30
N MET A 4818 61.54 -46.51 -17.72
CA MET A 4818 60.51 -46.65 -16.70
C MET A 4818 60.90 -45.96 -15.40
N GLY A 4819 62.16 -46.10 -14.98
CA GLY A 4819 62.58 -45.55 -13.70
C GLY A 4819 62.58 -44.03 -13.65
N VAL A 4820 63.12 -43.38 -14.67
CA VAL A 4820 63.25 -41.93 -14.63
C VAL A 4820 61.98 -41.28 -15.16
N LYS A 4821 61.44 -40.36 -14.36
CA LYS A 4821 60.17 -39.73 -14.72
C LYS A 4821 60.34 -38.83 -15.93
N THR A 4822 61.47 -38.09 -16.00
CA THR A 4822 61.69 -37.16 -17.10
C THR A 4822 61.79 -37.93 -18.40
N LEU A 4823 62.47 -39.07 -18.35
CA LEU A 4823 62.63 -39.88 -19.54
C LEU A 4823 61.29 -40.44 -19.96
N ARG A 4824 60.44 -40.75 -18.97
CA ARG A 4824 59.14 -41.31 -19.30
C ARG A 4824 58.27 -40.27 -20.01
N THR A 4825 58.40 -39.01 -19.61
CA THR A 4825 57.68 -37.95 -20.31
C THR A 4825 58.24 -37.71 -21.71
N ILE A 4826 59.57 -37.72 -21.87
CA ILE A 4826 60.13 -37.56 -23.22
C ILE A 4826 59.72 -38.72 -24.13
N LEU A 4827 59.73 -39.93 -23.61
CA LEU A 4827 59.39 -41.09 -24.43
C LEU A 4827 57.89 -41.21 -24.67
N SER A 4828 57.08 -40.54 -23.83
CA SER A 4828 55.65 -40.50 -24.08
C SER A 4828 55.32 -39.75 -25.35
N SER A 4829 56.16 -38.77 -25.74
CA SER A 4829 55.99 -38.13 -27.04
C SER A 4829 56.18 -39.12 -28.18
N VAL A 4830 57.17 -40.01 -28.05
CA VAL A 4830 57.39 -41.06 -29.04
C VAL A 4830 56.23 -42.05 -29.08
N THR A 4831 55.66 -42.37 -27.92
CA THR A 4831 54.60 -43.40 -27.89
C THR A 4831 53.20 -42.85 -28.07
N HIS A 4832 53.02 -41.53 -27.96
CA HIS A 4832 51.68 -40.93 -28.08
C HIS A 4832 51.13 -41.13 -29.48
N ASN A 4833 51.95 -40.93 -30.50
CA ASN A 4833 51.54 -41.03 -31.89
C ASN A 4833 52.19 -42.25 -32.54
N GLY A 4834 52.42 -43.29 -31.72
CA GLY A 4834 53.14 -44.46 -32.18
C GLY A 4834 52.43 -45.23 -33.27
N LYS A 4835 51.10 -45.36 -33.17
CA LYS A 4835 50.34 -46.11 -34.16
C LYS A 4835 50.43 -45.44 -35.52
N GLN A 4836 50.37 -44.12 -35.53
CA GLN A 4836 50.52 -43.36 -36.76
C GLN A 4836 51.95 -43.42 -37.27
N LEU A 4837 52.94 -43.57 -36.37
CA LEU A 4837 54.31 -43.75 -36.83
C LEU A 4837 54.53 -45.10 -37.51
N VAL A 4838 53.96 -46.17 -36.97
CA VAL A 4838 54.09 -47.45 -37.67
C VAL A 4838 53.30 -47.44 -38.99
N MET A 4839 52.13 -46.77 -39.02
CA MET A 4839 51.39 -46.65 -40.26
C MET A 4839 52.14 -45.83 -41.32
N THR A 4840 52.84 -44.76 -40.91
CA THR A 4840 53.65 -43.99 -41.86
C THR A 4840 54.85 -44.80 -42.35
N VAL A 4841 55.46 -45.62 -41.49
CA VAL A 4841 56.56 -46.49 -41.93
C VAL A 4841 56.04 -47.52 -42.94
N GLY A 4842 54.83 -48.04 -42.73
CA GLY A 4842 54.23 -48.93 -43.70
C GLY A 4842 53.93 -48.25 -45.03
N LEU A 4843 53.52 -46.98 -44.97
CA LEU A 4843 53.37 -46.20 -46.20
C LEU A 4843 54.70 -45.98 -46.90
N LEU A 4844 55.76 -45.67 -46.14
CA LEU A 4844 57.10 -45.56 -46.72
C LEU A 4844 57.56 -46.86 -47.37
N ALA A 4845 57.06 -47.99 -46.88
CA ALA A 4845 57.38 -49.28 -47.49
C ALA A 4845 56.65 -49.47 -48.80
N VAL A 4846 55.37 -49.09 -48.82
CA VAL A 4846 54.56 -49.21 -50.02
C VAL A 4846 55.12 -48.31 -51.13
N VAL A 4847 55.48 -47.08 -50.77
CA VAL A 4847 56.01 -46.13 -51.75
C VAL A 4847 57.34 -46.63 -52.32
N VAL A 4848 58.26 -47.07 -51.44
CA VAL A 4848 59.54 -47.61 -51.90
C VAL A 4848 59.34 -48.87 -52.74
N TYR A 4849 58.23 -49.59 -52.52
CA TYR A 4849 57.93 -50.73 -53.38
C TYR A 4849 57.48 -50.28 -54.76
N LEU A 4850 56.73 -49.19 -54.84
CA LEU A 4850 56.30 -48.72 -56.16
C LEU A 4850 57.46 -48.18 -56.97
N TYR A 4851 58.44 -47.59 -56.26
CA TYR A 4851 59.67 -47.18 -56.93
C TYR A 4851 60.48 -48.39 -57.37
N THR A 4852 60.46 -49.45 -56.56
CA THR A 4852 61.17 -50.67 -56.93
C THR A 4852 60.57 -51.27 -58.19
N VAL A 4853 59.23 -51.29 -58.28
CA VAL A 4853 58.54 -51.85 -59.44
C VAL A 4853 58.87 -51.07 -60.70
N VAL A 4854 58.90 -49.73 -60.59
CA VAL A 4854 59.24 -48.89 -61.74
C VAL A 4854 60.71 -49.06 -62.15
N ALA A 4855 61.61 -49.15 -61.17
CA ALA A 4855 63.02 -49.38 -61.48
C ALA A 4855 63.24 -50.73 -62.14
N PHE A 4856 62.58 -51.77 -61.62
CA PHE A 4856 62.77 -53.12 -62.13
C PHE A 4856 62.27 -53.23 -63.57
N ASN A 4857 61.12 -52.60 -63.85
CA ASN A 4857 60.57 -52.65 -65.20
C ASN A 4857 61.37 -51.81 -66.19
N PHE A 4858 61.84 -50.61 -65.80
CA PHE A 4858 62.41 -49.70 -66.78
C PHE A 4858 63.85 -49.27 -66.59
N PHE A 4859 64.43 -49.39 -65.39
CA PHE A 4859 65.75 -48.80 -65.16
C PHE A 4859 66.73 -49.82 -64.59
N ARG A 4860 66.60 -51.07 -65.02
CA ARG A 4860 67.45 -52.16 -64.52
C ARG A 4860 68.91 -51.96 -64.88
N LYS A 4861 69.20 -51.28 -65.99
CA LYS A 4861 70.57 -51.14 -66.47
C LYS A 4861 71.42 -50.28 -65.55
N PHE A 4862 70.81 -49.39 -64.78
CA PHE A 4862 71.55 -48.43 -63.97
C PHE A 4862 71.87 -48.92 -62.57
N TYR A 4863 71.61 -50.19 -62.27
CA TYR A 4863 71.74 -50.71 -60.92
C TYR A 4863 72.89 -51.71 -60.80
N ASN A 4864 73.98 -51.47 -61.52
CA ASN A 4864 75.17 -52.31 -61.40
C ASN A 4864 76.12 -51.67 -60.40
N LYS A 4865 76.38 -52.36 -59.29
CA LYS A 4865 77.22 -51.85 -58.22
C LYS A 4865 78.59 -52.50 -58.22
N SER A 4866 79.08 -52.89 -59.39
CA SER A 4866 80.35 -53.59 -59.52
C SER A 4866 81.35 -52.73 -60.26
N GLU A 4867 82.46 -52.40 -59.60
CA GLU A 4867 83.55 -51.72 -60.28
C GLU A 4867 84.21 -52.65 -61.27
N ASP A 4868 84.37 -53.93 -60.89
CA ASP A 4868 85.00 -54.93 -61.74
C ASP A 4868 84.13 -55.16 -62.98
N GLU A 4869 84.72 -54.96 -64.16
CA GLU A 4869 83.95 -55.05 -65.40
C GLU A 4869 83.53 -56.48 -65.71
N ASP A 4870 84.41 -57.45 -65.44
CA ASP A 4870 84.11 -58.82 -65.86
C ASP A 4870 83.13 -59.52 -64.93
N GLU A 4871 82.98 -59.04 -63.71
CA GLU A 4871 81.98 -59.61 -62.80
C GLU A 4871 80.92 -58.55 -62.57
N PRO A 4872 79.70 -58.73 -63.04
CA PRO A 4872 78.67 -57.74 -62.73
C PRO A 4872 77.87 -58.11 -61.49
N ASP A 4873 77.69 -57.13 -60.61
CA ASP A 4873 76.84 -57.29 -59.44
C ASP A 4873 75.60 -56.46 -59.70
N MET A 4874 74.54 -57.11 -60.14
CA MET A 4874 73.33 -56.41 -60.52
C MET A 4874 72.36 -56.53 -59.36
N LYS A 4875 71.87 -55.39 -58.89
CA LYS A 4875 71.00 -55.38 -57.72
C LYS A 4875 69.54 -55.22 -58.08
N CYS A 4876 69.20 -55.23 -59.36
CA CYS A 4876 67.82 -55.22 -59.80
C CYS A 4876 67.53 -56.34 -60.79
N ASP A 4877 68.23 -57.46 -60.69
CA ASP A 4877 67.92 -58.58 -61.56
C ASP A 4877 67.00 -59.57 -60.85
N ASP A 4878 66.57 -59.21 -59.65
CA ASP A 4878 65.61 -59.93 -58.85
C ASP A 4878 64.75 -58.84 -58.23
N MET A 4879 63.54 -59.18 -57.82
CA MET A 4879 62.72 -58.11 -57.27
C MET A 4879 62.90 -57.97 -55.78
N MET A 4880 63.27 -59.04 -55.10
CA MET A 4880 63.57 -58.92 -53.67
C MET A 4880 64.90 -58.24 -53.45
N THR A 4881 65.88 -58.49 -54.32
CA THR A 4881 67.16 -57.78 -54.21
C THR A 4881 67.00 -56.29 -54.49
N CYS A 4882 66.14 -55.94 -55.46
CA CYS A 4882 65.88 -54.53 -55.74
C CYS A 4882 65.15 -53.87 -54.59
N TYR A 4883 64.22 -54.59 -53.96
CA TYR A 4883 63.48 -54.04 -52.84
C TYR A 4883 64.40 -53.82 -51.65
N LEU A 4884 65.28 -54.79 -51.37
CA LEU A 4884 66.24 -54.63 -50.27
C LEU A 4884 67.22 -53.52 -50.57
N PHE A 4885 67.62 -53.37 -51.85
CA PHE A 4885 68.52 -52.30 -52.26
C PHE A 4885 67.89 -50.93 -52.01
N HIS A 4886 66.66 -50.74 -52.50
CA HIS A 4886 65.94 -49.49 -52.33
C HIS A 4886 65.75 -49.16 -50.86
N MET A 4887 65.27 -50.13 -50.07
CA MET A 4887 64.95 -49.92 -48.66
C MET A 4887 66.21 -49.64 -47.84
N TYR A 4888 67.32 -50.29 -48.17
CA TYR A 4888 68.56 -50.06 -47.44
C TYR A 4888 69.29 -48.80 -47.90
N VAL A 4889 69.85 -48.82 -49.11
CA VAL A 4889 70.66 -47.69 -49.58
C VAL A 4889 69.82 -46.43 -49.85
N GLY A 4890 68.63 -46.53 -50.46
CA GLY A 4890 67.89 -45.34 -50.84
C GLY A 4890 67.35 -44.54 -49.68
N VAL A 4891 66.80 -45.22 -48.67
CA VAL A 4891 66.22 -44.50 -47.56
C VAL A 4891 67.34 -43.86 -46.72
N ARG A 4892 68.45 -44.58 -46.56
CA ARG A 4892 69.55 -44.10 -45.75
C ARG A 4892 70.48 -43.18 -46.51
N ALA A 4893 70.19 -42.88 -47.77
CA ALA A 4893 71.01 -41.97 -48.57
C ALA A 4893 70.41 -40.57 -48.56
N GLY A 4894 71.28 -39.57 -48.57
CA GLY A 4894 70.83 -38.19 -48.47
C GLY A 4894 70.12 -37.69 -49.71
N GLY A 4895 70.58 -38.10 -50.88
CA GLY A 4895 69.95 -37.77 -52.13
C GLY A 4895 69.02 -38.82 -52.69
N GLY A 4896 68.79 -39.89 -51.95
CA GLY A 4896 67.94 -40.98 -52.41
C GLY A 4896 68.73 -42.00 -53.21
N ILE A 4897 68.01 -42.73 -54.07
CA ILE A 4897 68.64 -43.79 -54.85
C ILE A 4897 69.67 -43.25 -55.84
N GLY A 4898 69.46 -42.00 -56.33
CA GLY A 4898 70.32 -41.42 -57.34
C GLY A 4898 71.74 -41.23 -56.88
N ASP A 4899 71.95 -41.20 -55.57
CA ASP A 4899 73.26 -40.95 -55.04
C ASP A 4899 74.09 -42.21 -55.17
N GLU A 4900 73.42 -43.37 -55.08
CA GLU A 4900 74.08 -44.66 -55.05
C GLU A 4900 73.92 -45.45 -56.34
N ILE A 4901 73.38 -44.86 -57.41
CA ILE A 4901 73.16 -45.65 -58.61
C ILE A 4901 73.84 -44.88 -59.74
N GLU A 4902 74.08 -45.59 -60.85
CA GLU A 4902 74.84 -45.09 -61.99
C GLU A 4902 74.27 -43.80 -62.58
N ASP A 4903 75.19 -42.97 -63.09
CA ASP A 4903 74.87 -41.64 -63.59
C ASP A 4903 73.95 -41.70 -64.81
N PRO A 4904 72.95 -40.82 -64.88
CA PRO A 4904 71.96 -40.89 -65.96
C PRO A 4904 72.38 -40.25 -67.26
N ALA A 4905 73.59 -39.68 -67.34
CA ALA A 4905 73.98 -38.88 -68.50
C ALA A 4905 74.06 -39.74 -69.76
N GLY A 4906 73.76 -39.10 -70.90
CA GLY A 4906 73.85 -39.69 -72.22
C GLY A 4906 73.06 -40.97 -72.41
N ASP A 4907 71.80 -40.99 -71.99
CA ASP A 4907 70.96 -42.16 -72.20
C ASP A 4907 69.59 -41.75 -72.71
N GLU A 4908 68.89 -42.74 -73.29
CA GLU A 4908 67.54 -42.53 -73.79
C GLU A 4908 66.57 -42.17 -72.67
N TYR A 4909 66.77 -42.71 -71.48
CA TYR A 4909 65.87 -42.51 -70.36
C TYR A 4909 66.52 -41.61 -69.32
N GLU A 4910 67.26 -40.60 -69.79
CA GLU A 4910 67.86 -39.63 -68.88
C GLU A 4910 66.80 -38.79 -68.19
N LEU A 4911 65.77 -38.36 -68.92
CA LEU A 4911 64.83 -37.44 -68.28
C LEU A 4911 63.84 -38.20 -67.42
N TYR A 4912 63.58 -39.47 -67.77
CA TYR A 4912 62.74 -40.31 -66.93
C TYR A 4912 63.47 -40.62 -65.64
N ARG A 4913 64.77 -40.90 -65.75
CA ARG A 4913 65.59 -41.18 -64.58
C ARG A 4913 65.78 -39.96 -63.68
N VAL A 4914 65.77 -38.76 -64.27
CA VAL A 4914 65.83 -37.52 -63.49
C VAL A 4914 64.54 -37.30 -62.72
N VAL A 4915 63.39 -37.49 -63.38
CA VAL A 4915 62.11 -37.37 -62.69
C VAL A 4915 61.95 -38.45 -61.63
N PHE A 4916 62.43 -39.67 -61.91
CA PHE A 4916 62.39 -40.77 -60.95
C PHE A 4916 63.17 -40.44 -59.69
N ASP A 4917 64.37 -39.90 -59.85
CA ASP A 4917 65.21 -39.54 -58.70
C ASP A 4917 64.67 -38.35 -57.93
N ILE A 4918 64.20 -37.31 -58.64
CA ILE A 4918 63.68 -36.12 -57.97
C ILE A 4918 62.40 -36.44 -57.20
N THR A 4919 61.52 -37.27 -57.77
CA THR A 4919 60.29 -37.65 -57.06
C THR A 4919 60.62 -38.53 -55.86
N PHE A 4920 61.59 -39.44 -56.00
CA PHE A 4920 62.00 -40.26 -54.86
C PHE A 4920 62.59 -39.40 -53.76
N PHE A 4921 63.38 -38.39 -54.11
CA PHE A 4921 63.92 -37.46 -53.12
C PHE A 4921 62.82 -36.69 -52.40
N PHE A 4922 61.89 -36.10 -53.16
CA PHE A 4922 60.86 -35.26 -52.54
C PHE A 4922 59.89 -36.08 -51.70
N PHE A 4923 59.36 -37.17 -52.27
CA PHE A 4923 58.36 -37.96 -51.59
C PHE A 4923 58.93 -38.76 -50.42
N VAL A 4924 60.12 -39.34 -50.59
CA VAL A 4924 60.63 -40.21 -49.53
C VAL A 4924 61.52 -39.47 -48.55
N ILE A 4925 62.61 -38.87 -49.03
CA ILE A 4925 63.58 -38.23 -48.13
C ILE A 4925 62.97 -37.00 -47.45
N VAL A 4926 62.24 -36.19 -48.21
CA VAL A 4926 61.75 -34.92 -47.68
C VAL A 4926 60.39 -35.05 -47.02
N ILE A 4927 59.38 -35.48 -47.78
CA ILE A 4927 58.01 -35.53 -47.27
C ILE A 4927 57.82 -36.64 -46.24
N LEU A 4928 58.32 -37.85 -46.52
CA LEU A 4928 58.00 -38.95 -45.63
C LEU A 4928 58.91 -39.06 -44.41
N LEU A 4929 59.74 -38.06 -44.17
CA LEU A 4929 60.53 -37.98 -42.94
C LEU A 4929 60.14 -36.76 -42.14
N ALA A 4930 59.55 -35.77 -42.79
CA ALA A 4930 58.98 -34.61 -42.15
C ALA A 4930 57.70 -34.99 -41.41
N ILE A 4931 56.95 -35.95 -41.94
CA ILE A 4931 55.76 -36.45 -41.25
C ILE A 4931 56.14 -37.10 -39.92
N ILE A 4932 57.24 -37.85 -39.89
CA ILE A 4932 57.73 -38.47 -38.66
C ILE A 4932 58.18 -37.40 -37.64
N GLN A 4933 58.94 -36.41 -38.12
CA GLN A 4933 59.34 -35.32 -37.21
C GLN A 4933 58.14 -34.48 -36.78
N GLY A 4934 57.18 -34.25 -37.67
CA GLY A 4934 55.98 -33.53 -37.32
C GLY A 4934 55.09 -34.26 -36.34
N LEU A 4935 55.08 -35.59 -36.38
CA LEU A 4935 54.32 -36.34 -35.39
C LEU A 4935 54.96 -36.23 -34.02
N ILE A 4936 56.28 -36.26 -33.95
CA ILE A 4936 56.97 -36.03 -32.67
C ILE A 4936 56.71 -34.61 -32.14
N ILE A 4937 56.85 -33.60 -33.01
CA ILE A 4937 56.66 -32.21 -32.60
C ILE A 4937 55.22 -31.98 -32.19
N ASP A 4938 54.28 -32.57 -32.92
CA ASP A 4938 52.87 -32.50 -32.57
C ASP A 4938 52.61 -33.14 -31.22
N ALA A 4939 53.29 -34.27 -30.94
CA ALA A 4939 53.08 -35.01 -29.69
C ALA A 4939 53.44 -34.16 -28.48
N PHE A 4940 54.54 -33.40 -28.59
CA PHE A 4940 54.99 -32.54 -27.49
C PHE A 4940 53.89 -31.52 -27.18
N GLY A 4941 53.30 -31.00 -28.24
CA GLY A 4941 52.24 -30.02 -28.14
C GLY A 4941 50.97 -30.62 -27.55
N GLU A 4942 50.67 -31.88 -27.90
CA GLU A 4942 49.48 -32.52 -27.35
C GLU A 4942 49.63 -32.70 -25.84
N LEU A 4943 50.85 -33.09 -25.40
CA LEU A 4943 51.08 -33.27 -23.97
C LEU A 4943 50.98 -31.94 -23.24
N ARG A 4944 51.46 -30.85 -23.87
CA ARG A 4944 51.30 -29.54 -23.27
C ARG A 4944 49.85 -29.11 -23.16
N ASP A 4945 49.06 -29.33 -24.22
CA ASP A 4945 47.68 -28.88 -24.15
C ASP A 4945 46.91 -29.67 -23.12
N GLN A 4946 47.27 -30.96 -22.96
CA GLN A 4946 46.59 -31.79 -21.99
C GLN A 4946 46.85 -31.28 -20.58
N GLN A 4947 48.11 -30.88 -20.30
CA GLN A 4947 48.43 -30.39 -18.96
C GLN A 4947 47.83 -29.02 -18.69
N GLU A 4948 47.88 -28.13 -19.69
CA GLU A 4948 47.37 -26.78 -19.46
C GLU A 4948 45.85 -26.80 -19.30
N GLN A 4949 45.14 -27.62 -20.09
CA GLN A 4949 43.70 -27.70 -19.95
C GLN A 4949 43.30 -28.29 -18.60
N VAL A 4950 44.04 -29.30 -18.11
CA VAL A 4950 43.77 -29.80 -16.75
C VAL A 4950 44.03 -28.73 -15.70
N LYS A 4951 45.06 -27.90 -15.92
CA LYS A 4951 45.39 -26.87 -14.93
C LYS A 4951 44.33 -25.78 -14.91
N GLU A 4952 43.90 -25.34 -16.10
CA GLU A 4952 42.93 -24.26 -16.19
C GLU A 4952 41.57 -24.69 -15.65
N ASP A 4953 41.16 -25.94 -15.92
CA ASP A 4953 39.92 -26.43 -15.35
C ASP A 4953 40.00 -26.51 -13.83
N MET A 4954 41.12 -27.04 -13.31
CA MET A 4954 41.27 -27.21 -11.87
C MET A 4954 41.27 -25.86 -11.17
N GLU A 4955 41.89 -24.85 -11.78
CA GLU A 4955 42.05 -23.59 -11.10
C GLU A 4955 40.96 -22.59 -11.50
N THR A 4956 39.95 -23.05 -12.26
CA THR A 4956 38.86 -22.17 -12.64
C THR A 4956 37.50 -22.67 -12.19
N LYS A 4957 37.37 -23.93 -11.78
CA LYS A 4957 36.10 -24.39 -11.25
C LYS A 4957 36.34 -25.37 -10.10
N CYS A 4958 35.29 -25.60 -9.31
CA CYS A 4958 35.37 -26.53 -8.19
C CYS A 4958 35.16 -27.93 -8.72
N PHE A 4959 36.06 -28.84 -8.31
CA PHE A 4959 35.92 -30.25 -8.66
C PHE A 4959 34.62 -30.86 -8.14
N ILE A 4960 34.30 -30.62 -6.86
CA ILE A 4960 33.14 -31.27 -6.25
C ILE A 4960 31.83 -30.74 -6.79
N CYS A 4961 31.72 -29.43 -6.99
CA CYS A 4961 30.42 -28.84 -7.32
C CYS A 4961 30.32 -28.24 -8.71
N GLY A 4962 31.42 -27.93 -9.37
CA GLY A 4962 31.34 -27.49 -10.74
C GLY A 4962 31.13 -26.02 -10.95
N ILE A 4963 30.97 -25.23 -9.90
CA ILE A 4963 30.69 -23.81 -10.07
C ILE A 4963 31.99 -23.06 -10.31
N GLY A 4964 31.91 -22.04 -11.16
CA GLY A 4964 33.07 -21.29 -11.56
C GLY A 4964 33.57 -20.39 -10.44
N SER A 4965 34.86 -20.05 -10.51
CA SER A 4965 35.50 -19.18 -9.52
C SER A 4965 35.04 -17.73 -9.59
N ASP A 4966 34.10 -17.41 -10.48
CA ASP A 4966 33.57 -16.07 -10.67
C ASP A 4966 32.65 -15.75 -9.51
N TYR A 4967 31.72 -16.66 -9.21
CA TYR A 4967 30.81 -16.48 -8.09
C TYR A 4967 31.60 -16.41 -6.79
N PHE A 4968 32.47 -17.41 -6.57
CA PHE A 4968 33.15 -17.54 -5.30
C PHE A 4968 34.13 -16.40 -5.05
N ASP A 4969 34.66 -15.77 -6.10
CA ASP A 4969 35.71 -14.78 -5.93
C ASP A 4969 35.16 -13.38 -5.67
N THR A 4970 33.85 -13.25 -5.46
CA THR A 4970 33.30 -11.95 -5.05
C THR A 4970 33.85 -11.54 -3.70
N THR A 4971 33.93 -12.47 -2.76
CA THR A 4971 34.56 -12.21 -1.49
C THR A 4971 36.07 -12.31 -1.69
N PRO A 4972 36.89 -11.63 -0.89
CA PRO A 4972 38.35 -11.81 -1.02
C PRO A 4972 38.77 -13.22 -0.65
N HIS A 4973 39.53 -13.86 -1.56
CA HIS A 4973 40.04 -15.23 -1.42
C HIS A 4973 38.92 -16.24 -1.27
N GLY A 4974 37.77 -15.96 -1.89
CA GLY A 4974 36.61 -16.82 -1.74
C GLY A 4974 36.85 -18.20 -2.34
N PHE A 4975 37.43 -18.27 -3.54
CA PHE A 4975 37.64 -19.55 -4.19
C PHE A 4975 38.63 -20.37 -3.39
N GLU A 4976 39.66 -19.69 -2.86
CA GLU A 4976 40.72 -20.36 -2.11
C GLU A 4976 40.14 -20.98 -0.86
N THR A 4977 39.28 -20.21 -0.17
CA THR A 4977 38.67 -20.69 1.07
C THR A 4977 37.71 -21.84 0.76
N HIS A 4978 36.97 -21.72 -0.34
CA HIS A 4978 35.96 -22.72 -0.70
C HIS A 4978 36.62 -24.05 -0.99
N THR A 4979 37.70 -24.03 -1.77
CA THR A 4979 38.36 -25.27 -2.15
C THR A 4979 39.25 -25.82 -1.05
N LEU A 4980 39.78 -24.98 -0.16
CA LEU A 4980 40.53 -25.52 0.98
C LEU A 4980 39.66 -26.06 2.10
N GLU A 4981 38.54 -25.41 2.41
CA GLU A 4981 37.72 -25.80 3.56
C GLU A 4981 36.35 -26.37 3.17
N GLU A 4982 35.52 -25.60 2.47
CA GLU A 4982 34.14 -25.99 2.22
C GLU A 4982 34.03 -27.23 1.33
N HIS A 4983 34.76 -27.28 0.22
CA HIS A 4983 34.58 -28.41 -0.70
C HIS A 4983 35.84 -29.23 -0.94
N ASN A 4984 36.80 -29.22 0.00
CA ASN A 4984 38.08 -29.89 -0.22
C ASN A 4984 37.90 -31.39 -0.47
N LEU A 4985 38.51 -31.89 -1.55
CA LEU A 4985 38.37 -33.29 -1.93
C LEU A 4985 38.97 -34.21 -0.87
N ALA A 4986 40.05 -33.73 -0.23
CA ALA A 4986 40.74 -34.52 0.78
C ALA A 4986 39.79 -34.80 1.93
N ASN A 4987 38.97 -33.79 2.29
CA ASN A 4987 38.03 -33.95 3.39
C ASN A 4987 36.98 -35.00 3.07
N TYR A 4988 36.58 -35.10 1.80
CA TYR A 4988 35.67 -36.16 1.40
C TYR A 4988 36.32 -37.53 1.56
N MET A 4989 37.60 -37.64 1.21
CA MET A 4989 38.28 -38.92 1.38
C MET A 4989 38.45 -39.26 2.86
N PHE A 4990 38.65 -38.23 3.70
CA PHE A 4990 38.80 -38.43 5.14
C PHE A 4990 37.48 -38.83 5.76
N PHE A 4991 36.40 -38.28 5.22
CA PHE A 4991 35.06 -38.65 5.68
C PHE A 4991 34.78 -40.09 5.33
N LEU A 4992 34.99 -40.47 4.06
CA LEU A 4992 34.85 -41.85 3.61
C LEU A 4992 35.55 -42.84 4.55
N MET A 4993 36.86 -42.63 4.82
CA MET A 4993 37.58 -43.57 5.68
C MET A 4993 37.05 -43.54 7.10
N TYR A 4994 36.60 -42.37 7.57
CA TYR A 4994 35.95 -42.24 8.87
C TYR A 4994 34.66 -43.05 8.93
N LEU A 4995 33.84 -43.00 7.89
CA LEU A 4995 32.61 -43.78 7.84
C LEU A 4995 32.90 -45.27 7.82
N ILE A 4996 33.87 -45.70 7.00
CA ILE A 4996 34.16 -47.12 6.87
C ILE A 4996 34.70 -47.67 8.19
N ASN A 4997 35.57 -46.90 8.85
CA ASN A 4997 36.12 -47.34 10.13
C ASN A 4997 35.06 -47.35 11.22
N LYS A 4998 34.24 -46.29 11.31
CA LYS A 4998 33.29 -46.13 12.41
C LYS A 4998 32.20 -47.20 12.37
N ASP A 4999 31.83 -47.68 13.56
CA ASP A 4999 30.79 -48.70 13.69
C ASP A 4999 29.43 -48.22 13.21
N GLU A 5000 28.72 -49.12 12.51
CA GLU A 5000 27.42 -48.78 11.94
C GLU A 5000 26.44 -48.43 13.04
N THR A 5001 26.52 -49.14 14.17
CA THR A 5001 25.66 -48.87 15.31
C THR A 5001 25.94 -47.47 15.84
N GLU A 5002 27.21 -47.07 15.80
CA GLU A 5002 27.65 -45.80 16.36
C GLU A 5002 27.41 -44.65 15.41
N HIS A 5003 26.96 -44.93 14.18
CA HIS A 5003 26.78 -43.88 13.18
C HIS A 5003 25.69 -42.91 13.63
N THR A 5004 25.86 -41.63 13.31
CA THR A 5004 24.81 -40.67 13.56
C THR A 5004 23.85 -40.68 12.37
N GLY A 5005 22.76 -39.91 12.48
CA GLY A 5005 21.72 -39.96 11.46
C GLY A 5005 22.17 -39.45 10.10
N GLN A 5006 22.95 -38.36 10.10
CA GLN A 5006 23.48 -37.84 8.85
C GLN A 5006 24.53 -38.78 8.29
N GLU A 5007 25.34 -39.36 9.19
CA GLU A 5007 26.34 -40.33 8.78
C GLU A 5007 25.68 -41.59 8.24
N SER A 5008 24.60 -42.04 8.89
CA SER A 5008 23.89 -43.22 8.42
C SER A 5008 23.28 -42.96 7.05
N TYR A 5009 22.80 -41.73 6.82
CA TYR A 5009 22.25 -41.36 5.53
C TYR A 5009 23.30 -41.45 4.41
N VAL A 5010 24.52 -40.93 4.66
CA VAL A 5010 25.50 -40.98 3.57
C VAL A 5010 26.00 -42.42 3.47
N TRP A 5011 25.97 -43.16 4.59
CA TRP A 5011 26.33 -44.58 4.60
C TRP A 5011 25.40 -45.37 3.70
N LYS A 5012 24.10 -45.07 3.74
CA LYS A 5012 23.14 -45.83 2.96
C LYS A 5012 23.31 -45.54 1.48
N MET A 5013 23.36 -44.24 1.11
CA MET A 5013 23.61 -43.96 -0.31
C MET A 5013 24.97 -44.49 -0.78
N TYR A 5014 25.95 -44.62 0.11
CA TYR A 5014 27.19 -45.29 -0.26
C TYR A 5014 26.99 -46.78 -0.49
N GLN A 5015 26.16 -47.43 0.33
CA GLN A 5015 25.91 -48.86 0.17
C GLN A 5015 25.19 -49.16 -1.14
N GLU A 5016 24.15 -48.40 -1.47
CA GLU A 5016 23.54 -48.55 -2.78
C GLU A 5016 24.15 -47.66 -3.86
N ARG A 5017 25.38 -47.17 -3.65
CA ARG A 5017 26.21 -46.52 -4.68
C ARG A 5017 25.53 -45.34 -5.35
N CYS A 5018 24.79 -44.55 -4.57
CA CYS A 5018 24.07 -43.40 -5.08
C CYS A 5018 24.81 -42.14 -4.68
N TRP A 5019 25.21 -41.35 -5.67
CA TRP A 5019 26.03 -40.17 -5.44
C TRP A 5019 25.23 -38.89 -5.55
N ASP A 5020 23.98 -38.91 -5.09
CA ASP A 5020 23.18 -37.70 -5.08
C ASP A 5020 23.52 -36.80 -3.90
N PHE A 5021 24.25 -37.31 -2.91
CA PHE A 5021 24.60 -36.48 -1.76
C PHE A 5021 25.74 -35.52 -2.07
N PHE A 5022 26.46 -35.75 -3.14
CA PHE A 5022 27.50 -34.80 -3.55
C PHE A 5022 26.84 -33.54 -4.07
N PRO A 5023 27.18 -32.37 -3.53
CA PRO A 5023 26.59 -31.12 -4.01
C PRO A 5023 27.03 -30.81 -5.44
N ALA A 5024 26.07 -30.60 -6.31
CA ALA A 5024 26.33 -30.35 -7.72
C ALA A 5024 25.59 -29.09 -8.11
N GLY A 5025 26.32 -28.07 -8.56
CA GLY A 5025 25.71 -26.83 -8.99
C GLY A 5025 25.31 -25.90 -7.86
N ASP A 5026 25.50 -26.30 -6.61
CA ASP A 5026 25.11 -25.47 -5.48
C ASP A 5026 26.08 -25.69 -4.33
N CYS A 5027 26.07 -24.74 -3.40
CA CYS A 5027 26.97 -24.76 -2.25
C CYS A 5027 26.23 -24.10 -1.10
N PHE A 5028 26.85 -24.16 0.08
CA PHE A 5028 26.26 -23.58 1.28
C PHE A 5028 26.09 -22.07 1.14
N ARG A 5029 27.09 -21.41 0.52
CA ARG A 5029 27.02 -19.97 0.29
C ARG A 5029 25.86 -19.63 -0.64
N LYS A 5030 25.72 -20.39 -1.72
CA LYS A 5030 24.68 -20.12 -2.70
C LYS A 5030 23.32 -20.36 -2.09
N GLN A 5031 23.19 -21.43 -1.29
CA GLN A 5031 21.91 -21.77 -0.72
C GLN A 5031 21.48 -20.72 0.29
N TYR A 5032 22.42 -20.24 1.10
CA TYR A 5032 22.10 -19.30 2.17
C TYR A 5032 22.70 -17.92 1.93
N GLU A 5033 22.67 -17.43 0.68
CA GLU A 5033 23.34 -16.18 0.35
C GLU A 5033 22.73 -14.98 1.08
N ASP A 5034 21.40 -14.95 1.20
CA ASP A 5034 20.69 -13.82 1.80
C ASP A 5034 20.97 -13.69 3.29
N GLN A 5035 20.88 -14.80 4.03
CA GLN A 5035 21.16 -14.78 5.46
C GLN A 5035 22.64 -14.58 5.75
N LEU A 5036 23.52 -15.31 5.05
CA LEU A 5036 24.95 -15.23 5.34
C LEU A 5036 25.53 -13.89 4.93
N SER A 5037 25.09 -13.37 3.79
CA SER A 5037 25.59 -12.10 3.29
C SER A 5037 24.44 -11.14 3.01
N VAL B 11 7.68 -12.71 26.85
CA VAL B 11 8.82 -13.43 27.39
C VAL B 11 9.22 -12.62 28.63
N GLN B 12 10.28 -11.80 28.52
CA GLN B 12 10.75 -10.84 29.53
C GLN B 12 11.01 -11.53 30.87
N PHE B 13 12.08 -12.32 30.87
CA PHE B 13 12.58 -12.92 32.10
C PHE B 13 13.15 -11.87 33.02
N LEU B 14 12.85 -11.98 34.31
CA LEU B 14 13.43 -11.08 35.30
C LEU B 14 14.91 -11.39 35.51
N ARG B 15 15.63 -10.39 36.01
CA ARG B 15 17.07 -10.51 36.16
C ARG B 15 17.51 -9.66 37.34
N THR B 16 18.70 -9.95 37.86
CA THR B 16 19.25 -9.10 38.91
C THR B 16 19.61 -7.74 38.33
N ASP B 17 19.70 -6.74 39.22
CA ASP B 17 19.89 -5.30 38.98
C ASP B 17 18.70 -4.65 38.30
N ASP B 18 17.64 -5.41 37.96
CA ASP B 18 16.40 -4.82 37.50
C ASP B 18 15.72 -4.07 38.65
N GLU B 19 14.79 -3.21 38.29
CA GLU B 19 14.09 -2.40 39.28
C GLU B 19 12.61 -2.75 39.24
N VAL B 20 12.06 -3.18 40.38
CA VAL B 20 10.71 -3.75 40.44
C VAL B 20 9.92 -3.08 41.55
N VAL B 21 8.64 -3.44 41.63
CA VAL B 21 7.75 -3.05 42.73
C VAL B 21 6.96 -4.29 43.15
N LEU B 22 6.76 -4.44 44.46
CA LEU B 22 5.94 -5.52 45.00
C LEU B 22 4.49 -5.07 45.07
N GLN B 23 3.60 -5.84 44.44
CA GLN B 23 2.23 -5.39 44.22
C GLN B 23 1.22 -6.49 44.56
N CYS B 24 0.19 -6.12 45.31
CA CYS B 24 -0.91 -7.01 45.65
C CYS B 24 -2.15 -6.61 44.85
N SER B 25 -3.25 -7.29 45.13
CA SER B 25 -4.58 -6.89 44.64
C SER B 25 -5.60 -7.33 45.69
N ALA B 26 -5.91 -6.41 46.60
CA ALA B 26 -6.87 -6.67 47.66
C ALA B 26 -8.30 -6.60 47.14
N THR B 27 -9.20 -7.23 47.88
CA THR B 27 -10.63 -7.27 47.59
C THR B 27 -11.37 -6.79 48.83
N VAL B 28 -11.56 -5.48 48.92
CA VAL B 28 -12.38 -4.86 49.95
C VAL B 28 -13.23 -3.83 49.24
N LEU B 29 -14.32 -3.42 49.90
CA LEU B 29 -15.32 -2.47 49.41
C LEU B 29 -16.04 -2.96 48.16
N LYS B 30 -15.92 -4.26 47.82
CA LYS B 30 -16.51 -4.93 46.65
C LYS B 30 -15.89 -4.43 45.33
N GLU B 31 -14.56 -4.42 45.26
CA GLU B 31 -13.85 -4.28 43.99
C GLU B 31 -12.46 -4.88 44.16
N GLN B 32 -11.73 -4.93 43.05
CA GLN B 32 -10.34 -5.39 43.02
C GLN B 32 -9.47 -4.14 42.96
N LEU B 33 -8.77 -3.83 44.04
CA LEU B 33 -7.87 -2.68 44.06
C LEU B 33 -6.43 -3.17 44.23
N LYS B 34 -5.53 -2.63 43.44
CA LYS B 34 -4.15 -3.06 43.46
C LYS B 34 -3.37 -2.18 44.43
N LEU B 35 -2.42 -2.80 45.14
CA LEU B 35 -1.64 -2.11 46.15
C LEU B 35 -0.16 -2.38 45.94
N CYS B 36 0.68 -1.59 46.61
CA CYS B 36 2.12 -1.77 46.49
C CYS B 36 2.79 -1.56 47.84
N LEU B 37 3.94 -2.21 48.00
CA LEU B 37 4.74 -2.04 49.21
C LEU B 37 5.49 -0.72 49.17
N ALA B 38 5.41 0.05 50.25
CA ALA B 38 6.12 1.33 50.32
C ALA B 38 6.46 1.66 51.76
N ALA B 39 7.62 2.30 51.94
CA ALA B 39 8.08 2.77 53.24
C ALA B 39 9.18 3.81 53.02
N GLU B 40 9.09 4.92 53.75
CA GLU B 40 10.07 6.00 53.61
C GLU B 40 11.46 5.54 54.04
N GLY B 41 11.56 4.87 55.18
CA GLY B 41 12.84 4.45 55.69
C GLY B 41 13.46 5.42 56.68
N PHE B 42 13.66 6.66 56.25
CA PHE B 42 14.19 7.70 57.11
C PHE B 42 13.07 8.20 58.01
N GLY B 43 13.06 7.73 59.25
CA GLY B 43 12.09 8.13 60.23
C GLY B 43 10.95 7.15 60.44
N ASN B 44 10.74 6.25 59.49
CA ASN B 44 9.72 5.20 59.61
C ASN B 44 10.27 3.95 58.93
N ARG B 45 10.78 3.02 59.72
CA ARG B 45 11.35 1.80 59.15
C ARG B 45 10.27 0.83 58.70
N LEU B 46 9.09 0.89 59.29
CA LEU B 46 8.01 -0.04 58.98
C LEU B 46 7.40 0.24 57.61
N CYS B 47 6.92 -0.81 56.98
CA CYS B 47 6.28 -0.73 55.67
C CYS B 47 4.79 -0.48 55.82
N PHE B 48 4.19 -0.06 54.71
CA PHE B 48 2.75 0.16 54.62
C PHE B 48 2.34 0.03 53.16
N LEU B 49 1.05 0.21 52.90
CA LEU B 49 0.48 -0.02 51.58
C LEU B 49 0.02 1.30 50.97
N GLU B 50 0.44 1.54 49.73
CA GLU B 50 0.02 2.72 48.99
C GLU B 50 -0.90 2.29 47.85
N PRO B 51 -2.19 2.62 47.91
CA PRO B 51 -3.11 2.19 46.84
C PRO B 51 -2.74 2.77 45.48
N THR B 52 -2.86 1.94 44.44
CA THR B 52 -2.50 2.37 43.10
C THR B 52 -3.55 2.01 42.05
N SER B 53 -4.70 1.49 42.47
CA SER B 53 -5.77 1.20 41.52
C SER B 53 -6.35 2.48 40.93
N ASN B 54 -6.54 3.49 41.78
CA ASN B 54 -7.13 4.77 41.35
C ASN B 54 -6.00 5.66 40.82
N ALA B 55 -5.49 5.27 39.66
CA ALA B 55 -4.35 5.93 39.03
C ALA B 55 -4.73 7.13 38.17
N GLN B 56 -5.97 7.61 38.25
CA GLN B 56 -6.39 8.75 37.46
C GLN B 56 -6.83 9.93 38.30
N ASN B 57 -7.72 9.71 39.27
CA ASN B 57 -8.17 10.79 40.14
C ASN B 57 -7.03 11.35 41.00
N VAL B 58 -6.20 10.47 41.56
CA VAL B 58 -5.04 10.88 42.35
C VAL B 58 -3.83 10.08 41.90
N PRO B 59 -2.73 10.74 41.51
CA PRO B 59 -1.54 9.99 41.12
C PRO B 59 -0.94 9.27 42.30
N PRO B 60 -0.27 8.13 42.07
CA PRO B 60 0.30 7.36 43.19
C PRO B 60 1.61 7.96 43.69
N ASP B 61 2.28 7.23 44.58
CA ASP B 61 3.58 7.64 45.13
C ASP B 61 4.60 6.56 44.81
N LEU B 62 5.21 6.65 43.63
CA LEU B 62 6.19 5.65 43.19
C LEU B 62 7.59 5.95 43.69
N ALA B 63 7.80 7.05 44.42
CA ALA B 63 9.12 7.35 44.96
C ALA B 63 9.52 6.33 46.03
N ILE B 64 8.57 5.89 46.83
CA ILE B 64 8.86 5.04 47.99
C ILE B 64 8.45 3.59 47.77
N CYS B 65 7.96 3.24 46.58
CA CYS B 65 7.59 1.86 46.27
C CYS B 65 8.68 1.07 45.56
N CYS B 66 9.65 1.75 44.98
CA CYS B 66 10.63 1.11 44.12
C CYS B 66 11.59 0.22 44.90
N PHE B 67 11.89 -0.96 44.34
CA PHE B 67 12.82 -1.92 44.96
C PHE B 67 13.76 -2.50 43.91
N THR B 68 14.98 -2.80 44.34
CA THR B 68 16.01 -3.31 43.44
C THR B 68 16.44 -4.71 43.84
N LEU B 69 16.57 -5.59 42.84
CA LEU B 69 17.08 -6.94 43.04
C LEU B 69 18.60 -6.91 43.10
N GLU B 70 19.15 -6.90 44.31
CA GLU B 70 20.61 -6.88 44.45
C GLU B 70 21.22 -8.21 44.02
N GLN B 71 20.87 -9.29 44.70
CA GLN B 71 21.46 -10.59 44.44
C GLN B 71 20.38 -11.66 44.42
N SER B 72 20.63 -12.72 43.67
CA SER B 72 19.72 -13.87 43.60
C SER B 72 20.57 -15.13 43.73
N LEU B 73 20.36 -15.86 44.82
CA LEU B 73 21.18 -17.03 45.14
C LEU B 73 20.32 -18.22 45.53
N SER B 74 20.87 -19.41 45.31
CA SER B 74 20.23 -20.63 45.74
C SER B 74 20.29 -20.70 47.26
N VAL B 75 19.23 -21.27 47.87
CA VAL B 75 19.09 -21.30 49.33
C VAL B 75 20.26 -22.00 50.00
N ARG B 76 20.64 -23.17 49.47
CA ARG B 76 21.78 -23.89 50.02
C ARG B 76 23.07 -23.10 49.87
N ALA B 77 23.31 -22.50 48.68
CA ALA B 77 24.50 -21.67 48.50
C ALA B 77 24.49 -20.47 49.44
N LEU B 78 23.29 -19.98 49.76
CA LEU B 78 23.13 -18.87 50.70
C LEU B 78 23.61 -19.30 52.07
N GLN B 79 23.41 -20.59 52.41
CA GLN B 79 23.80 -21.07 53.73
C GLN B 79 25.31 -20.93 53.92
N GLU B 80 26.11 -21.40 52.93
CA GLU B 80 27.56 -21.28 53.07
C GLU B 80 28.00 -19.84 52.94
N MET B 81 27.28 -19.03 52.16
CA MET B 81 27.60 -17.60 52.09
C MET B 81 27.42 -16.94 53.45
N LEU B 82 26.36 -17.32 54.17
CA LEU B 82 26.13 -16.80 55.52
C LEU B 82 27.19 -17.34 56.46
N ALA B 83 27.61 -18.59 56.25
CA ALA B 83 28.63 -19.21 57.09
C ALA B 83 29.95 -18.47 56.99
N ASN B 84 30.33 -18.05 55.78
CA ASN B 84 31.56 -17.29 55.60
C ASN B 84 31.38 -15.86 56.10
N HIS B 98 24.76 -10.35 35.97
CA HIS B 98 23.32 -10.27 35.83
C HIS B 98 22.66 -11.64 35.81
N ARG B 99 22.61 -12.28 36.98
CA ARG B 99 22.00 -13.59 37.10
C ARG B 99 20.50 -13.50 36.88
N THR B 100 19.95 -14.52 36.22
CA THR B 100 18.52 -14.57 35.98
C THR B 100 17.81 -15.05 37.24
N LEU B 101 16.66 -14.44 37.54
CA LEU B 101 15.91 -14.81 38.73
C LEU B 101 15.21 -16.15 38.52
N LEU B 102 15.57 -17.13 39.34
CA LEU B 102 15.06 -18.49 39.24
C LEU B 102 14.13 -18.79 40.41
N TYR B 103 13.06 -19.55 40.13
CA TYR B 103 12.13 -19.96 41.18
C TYR B 103 12.85 -20.80 42.23
N GLY B 104 12.49 -20.58 43.48
CA GLY B 104 13.10 -21.29 44.59
C GLY B 104 14.45 -20.76 45.01
N HIS B 105 14.94 -19.68 44.39
CA HIS B 105 16.17 -19.06 44.83
C HIS B 105 15.90 -18.12 46.01
N ALA B 106 16.93 -17.41 46.45
CA ALA B 106 16.81 -16.42 47.51
C ALA B 106 17.18 -15.05 46.97
N ILE B 107 16.37 -14.05 47.26
CA ILE B 107 16.56 -12.70 46.74
C ILE B 107 16.82 -11.73 47.87
N LEU B 108 17.46 -10.62 47.51
CA LEU B 108 17.78 -9.53 48.44
C LEU B 108 17.18 -8.23 47.91
N LEU B 109 16.06 -7.82 48.49
CA LEU B 109 15.35 -6.64 48.04
C LEU B 109 15.87 -5.39 48.76
N ARG B 110 16.40 -4.46 47.97
CA ARG B 110 16.92 -3.19 48.47
C ARG B 110 15.99 -2.05 48.03
N HIS B 111 15.63 -1.19 48.97
CA HIS B 111 14.85 0.00 48.66
C HIS B 111 15.66 0.92 47.76
N ALA B 112 14.96 1.70 46.94
CA ALA B 112 15.66 2.55 45.99
C ALA B 112 15.94 3.93 46.56
N HIS B 113 14.98 4.52 47.27
CA HIS B 113 15.19 5.84 47.84
C HIS B 113 16.11 5.79 49.05
N SER B 114 15.70 5.07 50.10
CA SER B 114 16.42 5.10 51.36
C SER B 114 17.63 4.19 51.39
N ARG B 115 17.84 3.35 50.36
CA ARG B 115 18.96 2.41 50.23
C ARG B 115 19.03 1.36 51.34
N MET B 116 17.98 1.23 52.16
CA MET B 116 17.92 0.20 53.18
C MET B 116 17.46 -1.12 52.56
N TYR B 117 17.43 -2.17 53.35
CA TYR B 117 17.07 -3.50 52.86
C TYR B 117 15.78 -3.95 53.51
N LEU B 118 14.88 -4.50 52.69
CA LEU B 118 13.66 -5.09 53.21
C LEU B 118 13.97 -6.32 54.05
N SER B 119 13.35 -6.43 55.22
CA SER B 119 13.60 -7.59 56.08
C SER B 119 12.48 -7.76 57.08
N CYS B 120 12.37 -9.00 57.57
CA CYS B 120 11.39 -9.36 58.59
C CYS B 120 11.90 -8.91 59.95
N LEU B 121 11.31 -7.83 60.47
CA LEU B 121 11.76 -7.27 61.74
C LEU B 121 11.47 -8.23 62.88
N THR B 122 12.43 -8.37 63.80
CA THR B 122 12.32 -9.31 64.92
C THR B 122 11.16 -8.96 65.83
N THR B 123 11.01 -7.67 66.17
CA THR B 123 9.90 -7.25 67.00
C THR B 123 8.62 -7.19 66.18
N SER B 124 7.49 -7.08 66.88
CA SER B 124 6.19 -6.97 66.24
C SER B 124 5.26 -6.21 67.17
N ARG B 125 4.41 -5.37 66.59
CA ARG B 125 3.54 -4.51 67.38
C ARG B 125 2.08 -4.59 67.00
N SER B 126 1.72 -5.32 65.95
CA SER B 126 0.31 -5.45 65.56
C SER B 126 -0.42 -6.27 66.61
N MET B 127 -1.22 -5.59 67.44
CA MET B 127 -1.98 -6.22 68.51
C MET B 127 -3.23 -6.96 68.03
N THR B 128 -3.36 -7.22 66.73
CA THR B 128 -4.46 -8.06 66.23
C THR B 128 -4.32 -9.48 66.76
N ASP B 129 -3.08 -9.96 66.87
CA ASP B 129 -2.82 -11.32 67.32
C ASP B 129 -1.37 -11.40 67.83
N LYS B 130 -0.88 -12.62 67.94
CA LYS B 130 0.53 -12.92 68.18
C LYS B 130 1.10 -13.53 66.92
N LEU B 131 2.39 -13.90 66.98
CA LEU B 131 3.17 -14.61 65.95
C LEU B 131 3.07 -14.00 64.53
N ALA B 132 2.71 -12.72 64.43
CA ALA B 132 2.64 -12.01 63.16
C ALA B 132 3.68 -10.90 63.21
N PHE B 133 4.79 -11.11 62.52
CA PHE B 133 5.89 -10.15 62.51
C PHE B 133 5.66 -9.11 61.42
N ASP B 134 5.90 -7.84 61.76
CA ASP B 134 5.72 -6.76 60.81
C ASP B 134 7.03 -6.52 60.07
N VAL B 135 6.95 -6.45 58.76
CA VAL B 135 8.11 -6.26 57.91
C VAL B 135 8.53 -4.79 57.90
N GLY B 136 9.82 -4.55 57.68
CA GLY B 136 10.32 -3.20 57.63
C GLY B 136 11.67 -3.14 56.95
N LEU B 137 12.24 -1.95 56.96
CA LEU B 137 13.55 -1.72 56.34
C LEU B 137 14.68 -1.97 57.34
N GLN B 138 15.78 -2.50 56.85
CA GLN B 138 16.95 -2.82 57.65
C GLN B 138 18.16 -2.10 57.05
N GLU B 139 19.08 -1.68 57.94
CA GLU B 139 20.20 -0.84 57.55
C GLU B 139 21.16 -1.57 56.61
N ASP B 140 21.45 -2.84 56.88
CA ASP B 140 22.51 -3.54 56.19
C ASP B 140 22.07 -4.97 55.88
N ALA B 141 22.85 -5.61 55.00
CA ALA B 141 22.56 -6.97 54.54
C ALA B 141 23.06 -8.05 55.50
N THR B 142 23.71 -7.66 56.59
CA THR B 142 24.19 -8.62 57.58
C THR B 142 23.03 -9.37 58.23
N GLY B 143 23.25 -10.65 58.49
CA GLY B 143 22.19 -11.50 58.99
C GLY B 143 21.42 -12.14 57.85
N GLU B 144 20.39 -12.90 58.22
CA GLU B 144 19.57 -13.59 57.25
C GLU B 144 18.15 -13.05 57.14
N ALA B 145 17.75 -12.13 58.02
CA ALA B 145 16.40 -11.57 57.99
C ALA B 145 16.12 -10.81 56.70
N CYS B 146 17.15 -10.34 56.01
CA CYS B 146 16.98 -9.61 54.76
C CYS B 146 16.52 -10.50 53.61
N TRP B 147 16.78 -11.79 53.68
CA TRP B 147 16.62 -12.65 52.53
C TRP B 147 15.22 -13.24 52.43
N TRP B 148 14.70 -13.27 51.21
CA TRP B 148 13.41 -13.88 50.91
C TRP B 148 13.59 -14.89 49.80
N THR B 149 12.80 -15.95 49.85
CA THR B 149 12.77 -16.98 48.83
C THR B 149 11.42 -16.96 48.12
N MET B 150 11.46 -16.93 46.79
CA MET B 150 10.22 -16.85 46.02
C MET B 150 9.85 -18.22 45.47
N HIS B 151 8.64 -18.63 45.74
CA HIS B 151 8.13 -19.91 45.34
C HIS B 151 7.09 -19.74 44.25
N PRO B 152 6.94 -20.73 43.36
CA PRO B 152 5.87 -20.71 42.36
C PRO B 152 4.49 -20.67 43.00
N ALA B 153 3.58 -19.93 42.38
CA ALA B 153 2.24 -19.76 42.92
C ALA B 153 1.48 -21.07 43.00
N SER B 154 1.58 -21.88 41.96
CA SER B 154 0.87 -23.15 41.90
C SER B 154 1.71 -24.12 41.09
N LYS B 155 1.12 -25.25 40.74
CA LYS B 155 1.80 -26.28 39.97
C LYS B 155 2.03 -25.90 38.52
N GLN B 156 1.46 -24.80 38.03
CA GLN B 156 1.70 -24.34 36.66
C GLN B 156 3.14 -23.86 36.45
N ARG B 157 3.86 -23.56 37.52
CA ARG B 157 5.29 -23.29 37.47
C ARG B 157 5.98 -24.14 38.53
N SER B 158 7.23 -24.49 38.24
CA SER B 158 8.00 -25.36 39.12
C SER B 158 9.26 -24.63 39.59
N GLU B 159 9.88 -25.18 40.63
CA GLU B 159 11.13 -24.64 41.13
C GLU B 159 12.25 -24.85 40.10
N GLY B 160 13.27 -24.01 40.20
CA GLY B 160 14.44 -24.15 39.36
C GLY B 160 14.31 -23.60 37.96
N GLU B 161 13.21 -22.93 37.62
CA GLU B 161 13.05 -22.29 36.33
C GLU B 161 12.92 -20.80 36.51
N LYS B 162 13.36 -20.06 35.50
CA LYS B 162 13.38 -18.61 35.56
C LYS B 162 11.97 -18.03 35.56
N VAL B 163 11.77 -17.02 36.40
CA VAL B 163 10.48 -16.35 36.52
C VAL B 163 10.33 -15.30 35.43
N ARG B 164 9.12 -15.19 34.87
CA ARG B 164 8.78 -14.26 33.81
C ARG B 164 7.94 -13.13 34.38
N VAL B 165 7.76 -12.07 33.58
CA VAL B 165 6.95 -10.93 34.01
C VAL B 165 5.49 -11.37 34.21
N GLY B 166 4.78 -10.61 35.04
CA GLY B 166 3.40 -10.91 35.36
C GLY B 166 3.14 -12.16 36.18
N ASP B 167 4.17 -12.99 36.43
CA ASP B 167 4.01 -14.21 37.20
C ASP B 167 3.56 -13.92 38.63
N ASP B 168 2.72 -14.79 39.14
CA ASP B 168 2.37 -14.76 40.56
C ASP B 168 3.46 -15.45 41.37
N LEU B 169 3.79 -14.89 42.53
CA LEU B 169 4.86 -15.38 43.38
C LEU B 169 4.39 -15.51 44.81
N ILE B 170 5.08 -16.36 45.57
CA ILE B 170 4.93 -16.43 47.02
C ILE B 170 6.29 -16.15 47.66
N LEU B 171 6.36 -15.17 48.55
CA LEU B 171 7.63 -14.79 49.16
C LEU B 171 7.71 -15.24 50.61
N VAL B 172 8.79 -15.94 50.94
CA VAL B 172 9.01 -16.55 52.25
C VAL B 172 10.25 -15.94 52.90
N SER B 173 10.11 -15.46 54.12
CA SER B 173 11.24 -14.90 54.86
C SER B 173 12.17 -16.03 55.27
N VAL B 174 13.47 -15.86 55.02
CA VAL B 174 14.41 -16.94 55.30
C VAL B 174 14.57 -17.14 56.81
N SER B 175 14.70 -16.04 57.55
CA SER B 175 15.02 -16.14 58.97
C SER B 175 13.84 -16.58 59.83
N SER B 176 12.60 -16.30 59.41
CA SER B 176 11.45 -16.62 60.22
C SER B 176 10.51 -17.66 59.62
N GLU B 177 10.76 -18.09 58.37
CA GLU B 177 9.96 -19.11 57.66
C GLU B 177 8.48 -18.73 57.61
N ARG B 178 8.22 -17.47 57.32
CA ARG B 178 6.85 -16.96 57.24
C ARG B 178 6.60 -16.39 55.85
N TYR B 179 5.33 -16.31 55.49
CA TYR B 179 4.96 -15.74 54.21
C TYR B 179 4.85 -14.23 54.29
N LEU B 180 4.87 -13.59 53.12
CA LEU B 180 4.69 -12.14 53.04
C LEU B 180 3.19 -11.86 52.87
N HIS B 181 2.53 -11.57 53.99
CA HIS B 181 1.08 -11.49 54.08
C HIS B 181 0.64 -10.03 54.16
N LEU B 182 -0.67 -9.79 53.98
CA LEU B 182 -1.28 -8.51 54.28
C LEU B 182 -2.45 -8.80 55.21
N SER B 183 -2.54 -8.06 56.31
CA SER B 183 -3.51 -8.34 57.35
C SER B 183 -4.74 -7.47 57.07
N THR B 184 -5.73 -8.08 56.41
CA THR B 184 -7.00 -7.43 56.10
C THR B 184 -7.94 -7.43 57.31
N ALA B 185 -7.56 -8.13 58.39
CA ALA B 185 -8.43 -8.29 59.57
C ALA B 185 -8.77 -6.95 60.22
N SER B 186 -7.77 -6.09 60.40
CA SER B 186 -8.02 -4.75 60.89
C SER B 186 -8.68 -3.90 59.80
N GLY B 187 -9.27 -2.78 60.23
CA GLY B 187 -9.95 -1.89 59.29
C GLY B 187 -9.02 -1.34 58.23
N GLU B 188 -7.80 -0.98 58.63
CA GLU B 188 -6.78 -0.54 57.69
C GLU B 188 -6.14 -1.76 57.03
N LEU B 189 -5.33 -1.50 56.01
CA LEU B 189 -4.66 -2.56 55.27
C LEU B 189 -3.16 -2.45 55.57
N GLN B 190 -2.62 -3.46 56.24
CA GLN B 190 -1.21 -3.49 56.61
C GLN B 190 -0.50 -4.57 55.82
N VAL B 191 0.77 -4.79 56.15
CA VAL B 191 1.57 -5.88 55.63
C VAL B 191 2.30 -6.50 56.81
N ASP B 192 2.22 -7.83 56.94
CA ASP B 192 2.86 -8.54 58.03
C ASP B 192 3.46 -9.82 57.48
N ALA B 193 4.39 -10.38 58.24
CA ALA B 193 4.95 -11.70 57.95
C ALA B 193 4.27 -12.72 58.85
N SER B 194 3.28 -13.41 58.30
CA SER B 194 2.51 -14.38 59.05
C SER B 194 2.52 -15.70 58.29
N PHE B 195 1.84 -16.70 58.86
CA PHE B 195 1.87 -18.05 58.34
C PHE B 195 0.89 -18.27 57.19
N MET B 196 -0.07 -17.37 56.99
CA MET B 196 -1.05 -17.49 55.92
C MET B 196 -0.55 -16.74 54.69
N GLN B 197 -0.42 -17.46 53.57
CA GLN B 197 0.27 -16.91 52.41
C GLN B 197 -0.56 -15.83 51.71
N THR B 198 0.14 -15.05 50.89
CA THR B 198 -0.46 -14.08 50.00
C THR B 198 0.25 -14.14 48.65
N LEU B 199 -0.50 -13.86 47.60
CA LEU B 199 -0.01 -13.92 46.24
C LEU B 199 0.42 -12.53 45.81
N TRP B 200 1.69 -12.38 45.47
CA TRP B 200 2.29 -11.08 45.21
C TRP B 200 2.68 -10.96 43.75
N ASN B 201 2.46 -9.79 43.18
CA ASN B 201 2.89 -9.49 41.81
C ASN B 201 4.14 -8.62 41.84
N MET B 202 5.13 -8.99 41.04
CA MET B 202 6.38 -8.25 40.96
C MET B 202 6.43 -7.53 39.62
N ASN B 203 5.84 -6.35 39.58
CA ASN B 203 5.78 -5.60 38.33
C ASN B 203 7.11 -4.92 38.04
N PRO B 204 7.73 -5.18 36.89
CA PRO B 204 9.00 -4.53 36.58
C PRO B 204 8.82 -3.05 36.29
N ILE B 205 9.88 -2.29 36.51
CA ILE B 205 9.90 -0.86 36.27
C ILE B 205 11.00 -0.48 35.29
N CYS B 206 12.20 -1.00 35.51
CA CYS B 206 13.35 -0.69 34.68
C CYS B 206 14.28 -1.89 34.64
N SER B 207 14.92 -2.09 33.49
CA SER B 207 15.93 -3.12 33.34
C SER B 207 17.31 -2.55 33.03
N CYS B 208 17.44 -1.81 31.93
CA CYS B 208 18.74 -1.25 31.50
C CYS B 208 18.45 0.00 30.69
N CYS B 209 18.81 1.16 31.24
CA CYS B 209 18.72 2.41 30.52
C CYS B 209 20.02 2.61 29.74
N GLU B 210 19.89 2.97 28.45
CA GLU B 210 21.07 3.26 27.65
C GLU B 210 21.78 4.48 28.24
N GLU B 211 23.12 4.48 28.12
CA GLU B 211 23.95 5.52 28.72
C GLU B 211 23.59 6.91 28.18
N GLY B 212 23.36 7.84 29.10
CA GLY B 212 23.03 9.21 28.74
C GLY B 212 21.70 9.37 28.03
N TYR B 213 20.67 8.65 28.46
CA TYR B 213 19.34 8.78 27.86
C TYR B 213 18.32 9.04 28.97
N VAL B 214 17.28 9.80 28.63
CA VAL B 214 16.27 10.17 29.63
C VAL B 214 15.24 9.05 29.70
N THR B 215 14.81 8.73 30.93
CA THR B 215 13.79 7.73 31.18
C THR B 215 12.81 8.27 32.21
N GLY B 216 11.61 7.71 32.18
CA GLY B 216 10.59 8.09 33.15
C GLY B 216 10.98 7.71 34.56
N GLY B 217 10.48 8.48 35.53
CA GLY B 217 10.75 8.27 36.93
C GLY B 217 12.00 8.95 37.43
N HIS B 218 12.87 9.42 36.55
CA HIS B 218 14.09 10.10 36.95
C HIS B 218 13.77 11.44 37.60
N VAL B 219 14.72 11.94 38.38
CA VAL B 219 14.69 13.29 38.92
C VAL B 219 15.73 14.09 38.15
N LEU B 220 15.33 15.23 37.59
CA LEU B 220 16.18 15.93 36.65
C LEU B 220 15.77 17.40 36.60
N ARG B 221 16.65 18.23 36.05
CA ARG B 221 16.34 19.64 35.88
C ARG B 221 16.05 19.95 34.41
N LEU B 222 15.12 20.89 34.22
CA LEU B 222 14.69 21.36 32.92
C LEU B 222 15.30 22.74 32.69
N PHE B 223 16.43 22.78 31.99
CA PHE B 223 17.10 24.05 31.70
C PHE B 223 16.52 24.73 30.47
N HIS B 224 16.30 26.04 30.57
CA HIS B 224 16.05 26.82 29.36
C HIS B 224 17.30 26.76 28.49
N GLY B 225 17.11 26.88 27.16
CA GLY B 225 18.19 26.79 26.17
C GLY B 225 19.44 27.62 26.47
N HIS B 226 19.29 28.70 27.22
CA HIS B 226 20.39 29.56 27.66
C HIS B 226 21.32 28.85 28.65
N MET B 227 20.94 27.68 29.19
CA MET B 227 21.65 26.88 30.20
C MET B 227 21.77 27.63 31.54
N ASP B 228 20.99 28.70 31.72
CA ASP B 228 21.01 29.46 32.96
C ASP B 228 19.65 29.59 33.65
N GLU B 229 18.55 29.40 32.93
CA GLU B 229 17.22 29.50 33.52
C GLU B 229 16.64 28.10 33.69
N CYS B 230 16.14 27.83 34.88
CA CYS B 230 15.55 26.56 35.25
C CYS B 230 14.19 26.79 35.89
N LEU B 231 13.25 25.89 35.58
CA LEU B 231 11.87 26.00 36.05
C LEU B 231 11.85 25.78 37.55
N THR B 232 11.49 26.82 38.31
CA THR B 232 11.42 26.72 39.77
C THR B 232 10.10 27.25 40.28
N ILE B 233 9.65 26.70 41.40
CA ILE B 233 8.58 27.34 42.16
C ILE B 233 9.22 28.31 43.15
N SER B 234 8.40 29.13 43.80
CA SER B 234 8.86 30.16 44.74
C SER B 234 9.67 29.57 45.90
N ALA B 235 10.41 30.44 46.58
CA ALA B 235 11.20 30.04 47.73
C ALA B 235 10.31 29.66 48.90
N ALA B 236 10.89 28.93 49.85
CA ALA B 236 10.17 28.53 51.05
C ALA B 236 9.79 29.74 51.88
N ASP B 237 8.62 29.65 52.52
CA ASP B 237 8.04 30.71 53.36
C ASP B 237 7.86 32.01 52.55
N SER B 238 7.00 31.93 51.54
CA SER B 238 6.72 33.06 50.68
C SER B 238 5.22 33.29 50.57
N ASP B 239 4.87 34.53 50.24
CA ASP B 239 3.48 34.93 50.06
C ASP B 239 2.81 34.24 48.89
N ASP B 240 3.60 33.81 47.89
CA ASP B 240 3.09 33.14 46.70
C ASP B 240 2.49 31.76 46.99
N GLN B 241 2.74 31.21 48.19
CA GLN B 241 2.39 29.85 48.62
C GLN B 241 3.08 28.78 47.79
N ARG B 242 4.14 29.17 47.07
CA ARG B 242 4.99 28.30 46.25
C ARG B 242 4.17 27.54 45.21
N ARG B 243 3.18 28.22 44.63
CA ARG B 243 2.26 27.60 43.70
C ARG B 243 2.37 28.15 42.28
N LEU B 244 3.45 28.85 41.97
CA LEU B 244 3.61 29.45 40.65
C LEU B 244 5.00 29.11 40.11
N VAL B 245 5.05 28.79 38.82
CA VAL B 245 6.30 28.39 38.18
C VAL B 245 6.97 29.62 37.58
N TYR B 246 8.30 29.62 37.59
CA TYR B 246 9.10 30.71 37.07
C TYR B 246 10.27 30.13 36.31
N TYR B 247 10.78 30.90 35.35
CA TYR B 247 12.08 30.63 34.74
C TYR B 247 13.09 31.45 35.51
N GLU B 248 13.83 30.82 36.42
CA GLU B 248 14.70 31.57 37.31
C GLU B 248 16.15 31.17 37.06
N GLY B 249 17.06 32.11 37.31
CA GLY B 249 18.47 31.88 37.12
C GLY B 249 19.28 32.12 38.38
N GLY B 250 20.58 31.85 38.26
CA GLY B 250 21.50 32.09 39.35
C GLY B 250 21.75 30.84 40.18
N ALA B 251 22.02 31.03 41.48
CA ALA B 251 22.31 29.91 42.37
C ALA B 251 21.08 29.08 42.69
N VAL B 252 19.88 29.55 42.33
CA VAL B 252 18.66 28.78 42.54
C VAL B 252 18.65 27.52 41.67
N CYS B 253 19.33 27.56 40.51
CA CYS B 253 19.47 26.41 39.62
C CYS B 253 20.48 25.37 40.11
N THR B 254 20.89 25.42 41.39
CA THR B 254 21.55 24.31 42.06
C THR B 254 20.93 23.99 43.40
N HIS B 255 19.83 24.65 43.76
CA HIS B 255 19.14 24.39 45.01
C HIS B 255 18.25 23.16 44.84
N ALA B 256 17.40 22.88 45.82
CA ALA B 256 16.52 21.72 45.75
C ALA B 256 15.19 22.03 45.08
N ARG B 257 14.77 23.29 45.12
CA ARG B 257 13.50 23.72 44.57
C ARG B 257 13.38 23.55 43.05
N SER B 258 14.49 23.38 42.34
CA SER B 258 14.49 23.30 40.89
C SER B 258 14.58 21.87 40.37
N LEU B 259 14.02 20.92 41.10
CA LEU B 259 14.11 19.51 40.73
C LEU B 259 12.75 18.97 40.34
N TRP B 260 12.66 18.37 39.16
CA TRP B 260 11.40 17.83 38.66
C TRP B 260 11.54 16.34 38.41
N ARG B 261 10.48 15.60 38.69
CA ARG B 261 10.41 14.16 38.44
C ARG B 261 9.36 13.85 37.39
N LEU B 262 9.78 13.13 36.35
CA LEU B 262 8.93 12.72 35.23
C LEU B 262 8.15 11.48 35.64
N GLU B 263 6.89 11.65 36.02
CA GLU B 263 6.08 10.55 36.52
C GLU B 263 5.05 10.16 35.46
N PRO B 264 5.24 9.07 34.71
CA PRO B 264 4.27 8.72 33.67
C PRO B 264 2.94 8.21 34.22
N LEU B 265 2.06 7.79 33.31
CA LEU B 265 0.70 7.41 33.65
C LEU B 265 0.56 5.91 33.91
N ARG B 266 1.57 5.13 33.54
CA ARG B 266 1.53 3.67 33.63
C ARG B 266 2.37 3.23 34.83
N ILE B 267 1.82 2.32 35.63
CA ILE B 267 2.56 1.81 36.78
C ILE B 267 3.67 0.87 36.30
N SER B 268 3.29 -0.22 35.65
CA SER B 268 4.27 -1.13 35.09
C SER B 268 5.07 -0.44 33.98
N TRP B 269 6.37 -0.74 33.94
CA TRP B 269 7.33 -0.17 32.98
C TRP B 269 7.34 1.36 33.04
N SER B 270 7.20 1.92 34.24
CA SER B 270 7.29 3.36 34.44
C SER B 270 8.70 3.91 34.30
N GLY B 271 9.71 3.06 34.15
CA GLY B 271 11.08 3.51 34.04
C GLY B 271 11.60 3.23 32.64
N SER B 272 10.69 3.02 31.70
CA SER B 272 11.05 2.82 30.31
C SER B 272 11.60 4.10 29.70
N HIS B 273 12.30 3.94 28.57
CA HIS B 273 12.85 5.07 27.83
C HIS B 273 11.76 6.04 27.40
N LEU B 274 12.14 7.29 27.21
CA LEU B 274 11.18 8.32 26.86
C LEU B 274 11.00 8.40 25.35
N ARG B 275 9.76 8.21 24.90
CA ARG B 275 9.39 8.44 23.51
C ARG B 275 8.67 9.78 23.42
N TRP B 276 8.82 10.46 22.28
CA TRP B 276 8.20 11.77 22.14
C TRP B 276 6.68 11.67 22.15
N GLY B 277 6.04 12.72 22.65
CA GLY B 277 4.59 12.83 22.61
C GLY B 277 3.85 11.78 23.41
N GLN B 278 4.42 11.29 24.50
CA GLN B 278 3.66 10.35 25.30
C GLN B 278 3.28 10.99 26.64
N PRO B 279 2.04 10.76 27.09
CA PRO B 279 1.55 11.44 28.30
C PRO B 279 2.38 11.11 29.54
N LEU B 280 2.59 12.13 30.38
CA LEU B 280 3.35 12.02 31.62
C LEU B 280 3.11 13.26 32.47
N ARG B 281 2.94 13.07 33.78
CA ARG B 281 2.75 14.19 34.68
C ARG B 281 4.11 14.82 34.96
N ILE B 282 4.12 15.87 35.78
CA ILE B 282 5.35 16.50 36.25
C ILE B 282 5.21 16.70 37.75
N ARG B 283 6.18 16.21 38.53
CA ARG B 283 6.08 16.26 39.98
C ARG B 283 7.25 17.01 40.58
N HIS B 284 6.96 17.92 41.51
CA HIS B 284 7.98 18.60 42.27
C HIS B 284 8.29 17.76 43.49
N VAL B 285 9.56 17.39 43.65
CA VAL B 285 9.92 16.41 44.66
C VAL B 285 9.78 17.00 46.07
N THR B 286 10.28 18.21 46.29
CA THR B 286 10.35 18.76 47.64
C THR B 286 8.99 19.17 48.18
N THR B 287 8.00 19.39 47.31
CA THR B 287 6.68 19.83 47.74
C THR B 287 5.59 18.80 47.51
N GLY B 288 5.82 17.83 46.62
CA GLY B 288 4.81 16.83 46.31
C GLY B 288 3.60 17.41 45.59
N ARG B 289 3.85 18.23 44.58
CA ARG B 289 2.78 18.82 43.79
C ARG B 289 3.05 18.58 42.31
N TYR B 290 1.98 18.65 41.52
CA TYR B 290 2.00 18.29 40.11
C TYR B 290 1.71 19.49 39.24
N LEU B 291 2.46 19.62 38.15
CA LEU B 291 2.23 20.69 37.18
C LEU B 291 0.84 20.55 36.54
N ALA B 292 0.14 21.68 36.42
CA ALA B 292 -1.25 21.63 35.98
C ALA B 292 -1.64 22.95 35.34
N LEU B 293 -2.75 22.87 34.59
CA LEU B 293 -3.45 24.02 34.03
C LEU B 293 -4.73 24.20 34.82
N THR B 294 -4.80 25.24 35.63
CA THR B 294 -5.98 25.52 36.44
C THR B 294 -6.79 26.62 35.78
N GLU B 295 -8.05 26.72 36.19
CA GLU B 295 -8.95 27.67 35.55
C GLU B 295 -8.69 29.11 35.99
N ASP B 296 -8.33 29.32 37.26
CA ASP B 296 -8.27 30.67 37.79
C ASP B 296 -6.89 31.32 37.67
N GLN B 297 -5.81 30.54 37.82
CA GLN B 297 -4.46 31.08 37.81
C GLN B 297 -3.59 30.48 36.71
N GLY B 298 -4.17 29.80 35.73
CA GLY B 298 -3.41 29.29 34.60
C GLY B 298 -2.51 28.10 34.89
N LEU B 299 -1.20 28.27 34.72
CA LEU B 299 -0.24 27.21 34.99
C LEU B 299 0.19 27.27 36.45
N VAL B 300 -0.30 26.33 37.27
CA VAL B 300 0.10 26.24 38.67
C VAL B 300 0.46 24.79 39.00
N VAL B 301 1.07 24.60 40.17
CA VAL B 301 1.33 23.28 40.69
C VAL B 301 0.24 22.95 41.72
N VAL B 302 -0.55 21.93 41.41
CA VAL B 302 -1.72 21.57 42.16
C VAL B 302 -1.34 20.39 43.04
N ASP B 303 -2.08 20.19 44.13
CA ASP B 303 -1.81 19.12 45.10
C ASP B 303 -1.87 17.74 44.43
N ALA B 304 -1.35 16.74 45.15
CA ALA B 304 -1.44 15.36 44.68
C ALA B 304 -2.84 14.79 44.82
N CYS B 305 -3.72 15.44 45.57
CA CYS B 305 -5.07 14.95 45.80
C CYS B 305 -6.06 15.39 44.74
N LYS B 306 -5.64 16.27 43.81
CA LYS B 306 -6.55 16.85 42.83
C LYS B 306 -5.94 16.89 41.44
N ALA B 307 -5.12 15.90 41.09
CA ALA B 307 -4.51 15.82 39.76
C ALA B 307 -5.30 14.76 38.99
N HIS B 308 -6.33 15.21 38.27
CA HIS B 308 -7.28 14.32 37.60
C HIS B 308 -6.84 13.91 36.20
N THR B 309 -5.53 13.93 35.91
CA THR B 309 -4.87 13.33 34.73
C THR B 309 -5.22 14.05 33.41
N LYS B 310 -6.19 14.97 33.46
CA LYS B 310 -6.58 15.75 32.29
C LYS B 310 -5.81 17.05 32.19
N ALA B 311 -5.81 17.84 33.26
CA ALA B 311 -5.09 19.10 33.28
C ALA B 311 -3.64 18.96 33.69
N THR B 312 -3.18 17.75 34.02
CA THR B 312 -1.85 17.55 34.57
C THR B 312 -0.93 16.79 33.63
N SER B 313 -1.43 16.23 32.55
CA SER B 313 -0.59 15.46 31.66
C SER B 313 0.14 16.36 30.66
N PHE B 314 1.27 15.88 30.18
CA PHE B 314 2.14 16.66 29.30
C PHE B 314 2.85 15.71 28.35
N CYS B 315 3.47 16.29 27.33
CA CYS B 315 4.20 15.53 26.32
C CYS B 315 5.45 16.29 25.91
N PHE B 316 6.42 15.54 25.42
CA PHE B 316 7.69 16.07 24.93
C PHE B 316 7.76 15.89 23.42
N ARG B 317 8.21 16.93 22.70
CA ARG B 317 8.18 16.90 21.26
C ARG B 317 9.36 17.67 20.71
N VAL B 318 9.73 17.37 19.48
CA VAL B 318 10.96 17.93 18.89
C VAL B 318 10.62 19.16 18.05
N SER B 319 9.40 19.22 17.52
CA SER B 319 8.98 20.36 16.71
C SER B 319 7.72 20.98 17.29
N LYS B 320 7.35 22.14 16.73
CA LYS B 320 6.19 22.89 17.18
C LYS B 320 4.98 22.70 16.28
N GLU B 321 5.00 21.70 15.40
CA GLU B 321 3.84 21.41 14.57
C GLU B 321 2.76 20.73 15.41
N LYS B 322 1.51 20.92 14.99
CA LYS B 322 0.36 20.35 15.68
C LYS B 322 0.26 18.86 15.39
N LEU B 323 0.41 18.04 16.42
CA LEU B 323 0.24 16.60 16.29
C LEU B 323 -0.99 16.14 17.05
N PRO B 327 -0.08 10.77 21.91
CA PRO B 327 0.03 9.49 22.60
C PRO B 327 0.10 8.31 21.63
N LYS B 328 0.84 7.27 21.99
CA LYS B 328 0.98 6.06 21.19
C LYS B 328 0.59 4.85 22.05
N ARG B 329 0.67 3.67 21.45
CA ARG B 329 0.36 2.44 22.16
C ARG B 329 1.59 1.98 22.92
N ASP B 330 1.45 1.79 24.23
CA ASP B 330 2.56 1.42 25.09
C ASP B 330 3.10 0.04 24.74
N VAL B 331 4.41 -0.11 24.88
CA VAL B 331 5.10 -1.38 24.68
C VAL B 331 5.56 -1.92 26.03
N GLU B 332 5.26 -3.18 26.30
CA GLU B 332 5.68 -3.83 27.54
C GLU B 332 7.13 -4.27 27.40
N GLY B 333 8.02 -3.28 27.46
CA GLY B 333 9.44 -3.49 27.35
C GLY B 333 10.16 -2.26 27.83
N MET B 334 11.48 -2.27 27.65
CA MET B 334 12.31 -1.15 28.09
C MET B 334 12.04 0.12 27.27
N GLY B 335 11.47 -0.02 26.08
CA GLY B 335 11.04 1.14 25.33
C GLY B 335 12.04 1.54 24.26
N PRO B 336 11.63 2.46 23.39
CA PRO B 336 12.55 2.94 22.36
C PRO B 336 13.41 4.07 22.87
N PRO B 337 14.74 3.91 22.83
CA PRO B 337 15.63 4.95 23.35
C PRO B 337 15.95 6.04 22.32
N GLU B 338 15.41 7.23 22.50
CA GLU B 338 15.90 8.33 21.65
C GLU B 338 16.26 9.61 22.40
N ILE B 339 15.46 10.03 23.39
CA ILE B 339 15.74 11.29 24.09
C ILE B 339 17.01 11.15 24.91
N LYS B 340 17.89 12.15 24.80
CA LYS B 340 19.20 12.14 25.44
C LYS B 340 19.31 13.26 26.49
N TYR B 341 20.43 13.25 27.19
CA TYR B 341 20.75 14.20 28.24
C TYR B 341 21.85 15.13 27.76
N GLY B 342 21.62 16.43 27.83
CA GLY B 342 22.56 17.43 27.37
C GLY B 342 22.42 17.80 25.91
N GLU B 343 21.60 17.08 25.16
CA GLU B 343 21.28 17.37 23.77
C GLU B 343 19.79 17.22 23.63
N SER B 344 19.28 17.18 22.38
CA SER B 344 17.89 16.87 22.04
C SER B 344 16.91 17.81 22.74
N LEU B 345 16.96 19.08 22.30
CA LEU B 345 16.07 20.13 22.82
C LEU B 345 14.60 19.73 22.69
N CYS B 346 13.86 19.88 23.79
CA CYS B 346 12.49 19.41 23.86
C CYS B 346 11.52 20.56 24.05
N PHE B 347 10.31 20.37 23.53
CA PHE B 347 9.20 21.30 23.71
C PHE B 347 8.13 20.56 24.48
N VAL B 348 7.69 21.13 25.60
CA VAL B 348 6.67 20.51 26.43
C VAL B 348 5.32 21.06 26.02
N GLN B 349 4.38 20.16 25.72
CA GLN B 349 3.03 20.57 25.35
C GLN B 349 2.03 19.87 26.25
N HIS B 350 1.10 20.65 26.81
CA HIS B 350 -0.06 20.10 27.49
C HIS B 350 -0.87 19.28 26.48
N VAL B 351 -1.11 18.01 26.79
CA VAL B 351 -1.73 17.14 25.80
C VAL B 351 -3.23 17.44 25.66
N ALA B 352 -3.86 17.95 26.72
CA ALA B 352 -5.29 18.22 26.64
C ALA B 352 -5.60 19.52 25.89
N SER B 353 -5.12 20.65 26.42
CA SER B 353 -5.42 21.93 25.82
C SER B 353 -4.51 22.30 24.66
N GLY B 354 -3.45 21.55 24.41
CA GLY B 354 -2.56 21.79 23.28
C GLY B 354 -1.68 23.01 23.40
N LEU B 355 -1.71 23.71 24.54
CA LEU B 355 -0.98 24.96 24.70
C LEU B 355 0.53 24.71 24.75
N TRP B 356 1.31 25.79 24.85
CA TRP B 356 2.76 25.66 24.92
C TRP B 356 3.31 26.55 26.03
N LEU B 357 4.34 26.08 26.73
CA LEU B 357 4.89 26.85 27.83
C LEU B 357 5.85 27.88 27.27
N THR B 358 5.78 29.10 27.80
CA THR B 358 6.68 30.17 27.39
C THR B 358 6.69 31.20 28.51
N TYR B 359 7.86 31.83 28.71
CA TYR B 359 8.01 32.89 29.69
C TYR B 359 7.10 34.06 29.33
N ALA B 360 6.45 34.63 30.35
CA ALA B 360 5.63 35.81 30.12
C ALA B 360 6.49 37.01 29.81
N ALA B 361 6.17 37.70 28.71
CA ALA B 361 6.90 38.91 28.36
C ALA B 361 6.83 40.07 29.38
N PRO B 362 5.68 40.43 30.00
CA PRO B 362 5.67 41.64 30.85
C PRO B 362 6.63 41.59 32.03
N ASP B 363 7.21 42.74 32.36
CA ASP B 363 8.12 42.89 33.50
C ASP B 363 7.85 44.22 34.17
N PRO B 364 7.14 44.22 35.31
CA PRO B 364 6.73 45.48 35.94
C PRO B 364 7.87 46.22 36.64
N LYS B 365 7.49 47.28 37.38
CA LYS B 365 8.46 48.10 38.10
C LYS B 365 9.28 47.27 39.08
N ALA B 366 8.66 46.26 39.73
CA ALA B 366 9.40 45.39 40.64
C ALA B 366 10.47 44.60 39.92
N LEU B 367 10.26 44.30 38.63
CA LEU B 367 11.24 43.59 37.81
C LEU B 367 12.04 44.53 36.93
N ARG B 368 11.91 45.85 37.12
CA ARG B 368 12.68 46.81 36.34
C ARG B 368 14.18 46.67 36.63
N LEU B 369 14.54 46.52 37.89
CA LEU B 369 15.93 46.38 38.32
C LEU B 369 16.17 45.15 39.17
N GLY B 370 15.14 44.59 39.80
CA GLY B 370 15.22 43.43 40.66
C GLY B 370 15.60 42.17 39.91
N VAL B 371 15.52 41.04 40.63
CA VAL B 371 15.90 39.75 40.09
C VAL B 371 15.02 39.40 38.89
N LEU B 372 15.64 38.82 37.86
CA LEU B 372 14.95 38.55 36.60
C LEU B 372 14.36 37.14 36.67
N LYS B 373 13.12 37.06 37.14
CA LYS B 373 12.34 35.84 37.09
C LYS B 373 11.23 36.02 36.08
N LYS B 374 11.11 35.08 35.17
CA LYS B 374 10.17 35.15 34.05
C LYS B 374 9.09 34.09 34.28
N LYS B 375 7.97 34.53 34.88
CA LYS B 375 6.87 33.62 35.24
C LYS B 375 6.32 32.90 34.02
N ALA B 376 6.59 31.60 33.94
CA ALA B 376 6.18 30.82 32.78
C ALA B 376 4.66 30.72 32.68
N ILE B 377 4.15 30.87 31.47
CA ILE B 377 2.72 30.78 31.21
C ILE B 377 2.52 29.80 30.07
N LEU B 378 1.55 28.92 30.21
CA LEU B 378 1.23 27.94 29.17
C LEU B 378 0.45 28.68 28.07
N HIS B 379 1.20 29.37 27.22
CA HIS B 379 0.60 30.21 26.19
C HIS B 379 -0.04 29.35 25.10
N GLN B 380 -1.00 29.95 24.39
CA GLN B 380 -1.67 29.26 23.30
C GLN B 380 -0.73 28.95 22.14
N GLU B 381 0.21 29.83 21.87
CA GLU B 381 1.15 29.54 20.80
C GLU B 381 2.61 29.73 21.21
N GLY B 382 2.90 30.75 22.02
CA GLY B 382 4.22 30.90 22.62
C GLY B 382 5.34 31.32 21.68
N HIS B 383 6.50 31.67 22.22
CA HIS B 383 7.61 32.16 21.42
C HIS B 383 8.33 31.01 20.72
N MET B 384 9.53 31.27 20.20
CA MET B 384 10.25 30.26 19.44
C MET B 384 11.39 29.62 20.21
N ASP B 385 12.03 30.35 21.13
CA ASP B 385 13.22 29.84 21.80
C ASP B 385 12.91 29.14 23.12
N ASP B 386 11.67 28.70 23.32
CA ASP B 386 11.25 28.07 24.56
C ASP B 386 11.53 26.57 24.60
N ALA B 387 12.49 26.08 23.82
CA ALA B 387 12.94 24.70 23.92
C ALA B 387 13.70 24.48 25.22
N LEU B 388 13.52 23.31 25.83
CA LEU B 388 14.13 23.01 27.11
C LEU B 388 15.15 21.88 26.99
N PHE B 389 16.30 22.08 27.61
CA PHE B 389 17.28 21.04 27.80
C PHE B 389 16.88 20.18 29.00
N LEU B 390 17.46 18.99 29.06
CA LEU B 390 17.28 18.05 30.16
C LEU B 390 18.62 17.67 30.74
N THR B 391 18.78 17.85 32.06
CA THR B 391 20.07 17.60 32.68
C THR B 391 19.86 16.78 33.95
N ARG B 392 20.87 15.98 34.30
CA ARG B 392 20.78 15.12 35.46
C ARG B 392 20.89 15.90 36.77
N CYS B 393 20.54 15.20 37.84
CA CYS B 393 20.91 15.55 39.20
C CYS B 393 21.42 14.29 39.89
N GLN B 394 22.50 14.42 40.65
CA GLN B 394 23.08 13.25 41.29
C GLN B 394 22.16 12.70 42.37
N GLN B 395 22.36 11.40 42.65
CA GLN B 395 21.47 10.64 43.54
C GLN B 395 21.43 11.26 44.92
N GLU B 396 22.54 11.88 45.35
CA GLU B 396 22.60 12.50 46.66
C GLU B 396 21.60 13.65 46.74
N GLU B 397 21.51 14.45 45.68
CA GLU B 397 20.55 15.54 45.62
C GLU B 397 19.12 15.01 45.60
N SER B 398 18.85 14.03 44.74
CA SER B 398 17.49 13.51 44.63
C SER B 398 17.01 12.86 45.93
N GLN B 399 17.89 12.08 46.57
CA GLN B 399 17.58 11.47 47.86
C GLN B 399 17.40 12.53 48.93
N ALA B 400 18.26 13.57 48.93
CA ALA B 400 18.13 14.64 49.90
C ALA B 400 16.80 15.34 49.74
N ALA B 401 16.43 15.68 48.50
CA ALA B 401 15.19 16.41 48.21
C ALA B 401 13.99 15.65 48.73
N ARG B 402 13.93 14.34 48.43
CA ARG B 402 12.84 13.53 48.98
C ARG B 402 12.91 13.48 50.50
N MET B 403 14.12 13.60 51.08
CA MET B 403 14.23 13.56 52.53
C MET B 403 13.61 14.82 53.15
N ILE B 404 13.83 15.99 52.51
CA ILE B 404 13.14 17.22 52.97
C ILE B 404 11.64 17.04 52.88
N HIS B 405 11.17 16.52 51.74
CA HIS B 405 9.72 16.41 51.50
C HIS B 405 9.05 15.51 52.53
N SER B 406 9.68 14.37 52.84
CA SER B 406 9.20 13.50 53.91
C SER B 406 9.32 14.15 55.29
N THR B 407 10.42 14.86 55.53
CA THR B 407 10.70 15.47 56.83
C THR B 407 9.70 16.57 57.18
N ALA B 408 9.34 17.38 56.19
CA ALA B 408 8.49 18.55 56.41
C ALA B 408 7.12 18.17 56.95
N GLY B 409 6.49 17.15 56.36
CA GLY B 409 5.17 16.75 56.79
C GLY B 409 5.15 16.30 58.25
N LEU B 410 6.18 15.54 58.65
CA LEU B 410 6.24 15.00 60.00
C LEU B 410 6.45 16.11 61.01
N TYR B 411 7.43 16.99 60.74
CA TYR B 411 7.69 18.09 61.68
C TYR B 411 6.53 19.08 61.73
N ASN B 412 5.91 19.38 60.59
CA ASN B 412 4.74 20.25 60.58
C ASN B 412 3.59 19.67 61.41
N GLN B 413 3.37 18.35 61.30
CA GLN B 413 2.40 17.66 62.14
C GLN B 413 2.76 17.78 63.63
N PHE B 414 4.05 17.62 63.94
CA PHE B 414 4.52 17.77 65.31
C PHE B 414 4.27 19.18 65.84
N ILE B 415 4.60 20.20 65.03
CA ILE B 415 4.41 21.59 65.42
C ILE B 415 2.93 21.88 65.65
N LYS B 416 2.07 21.40 64.75
CA LYS B 416 0.63 21.59 64.86
C LYS B 416 0.10 20.94 66.14
N GLY B 417 0.62 19.75 66.48
CA GLY B 417 0.24 19.13 67.73
C GLY B 417 0.72 19.95 68.91
N LEU B 418 1.90 20.56 68.77
CA LEU B 418 2.51 21.27 69.89
C LEU B 418 1.69 22.49 70.25
N ASP B 419 1.35 23.32 69.27
CA ASP B 419 0.61 24.52 69.60
C ASP B 419 -0.87 24.24 69.78
N SER B 420 -1.34 23.02 69.43
CA SER B 420 -2.73 22.67 69.70
C SER B 420 -3.03 22.67 71.19
N PHE B 421 -2.10 22.13 72.00
CA PHE B 421 -2.24 22.14 73.45
C PHE B 421 -1.37 23.19 74.13
N SER B 422 -1.15 24.32 73.45
CA SER B 422 -0.30 25.39 73.97
C SER B 422 -0.83 25.93 75.30
N GLY B 423 -2.14 26.17 75.36
CA GLY B 423 -2.79 26.51 76.61
C GLY B 423 -3.45 25.27 77.18
N LYS B 424 -4.68 25.46 77.71
CA LYS B 424 -5.65 24.45 78.16
C LYS B 424 -5.04 23.25 78.88
N PRO B 425 -4.52 23.43 80.11
CA PRO B 425 -3.83 22.33 80.81
C PRO B 425 -4.70 21.09 80.99
N ARG B 426 -4.05 19.93 80.83
CA ARG B 426 -4.73 18.64 80.97
C ARG B 426 -5.32 18.43 82.36
N GLY B 427 -4.56 18.80 83.40
CA GLY B 427 -5.03 18.56 84.75
C GLY B 427 -4.82 17.12 85.13
N SER B 428 -5.92 16.37 85.24
CA SER B 428 -5.88 14.95 85.55
C SER B 428 -6.60 14.11 84.50
N GLY B 429 -6.86 14.68 83.31
CA GLY B 429 -7.59 13.97 82.29
C GLY B 429 -6.70 13.44 81.18
N PRO B 430 -7.23 13.35 79.97
CA PRO B 430 -6.44 12.85 78.85
C PRO B 430 -5.78 13.99 78.09
N PRO B 431 -4.86 13.70 77.16
CA PRO B 431 -4.32 14.76 76.30
C PRO B 431 -5.41 15.42 75.46
N ALA B 432 -5.21 16.72 75.20
CA ALA B 432 -6.23 17.55 74.56
C ALA B 432 -6.55 17.06 73.15
N GLY B 433 -5.58 17.09 72.25
CA GLY B 433 -5.84 16.77 70.87
C GLY B 433 -5.30 15.42 70.44
N PRO B 434 -4.93 15.29 69.17
CA PRO B 434 -4.35 14.04 68.67
C PRO B 434 -2.98 13.77 69.27
N ALA B 435 -2.64 12.49 69.36
CA ALA B 435 -1.38 12.07 69.96
C ALA B 435 -0.19 12.55 69.14
N LEU B 436 0.84 13.01 69.84
CA LEU B 436 2.06 13.47 69.18
C LEU B 436 2.82 12.30 68.55
N PRO B 437 3.34 12.47 67.33
CA PRO B 437 4.20 11.43 66.71
C PRO B 437 5.61 11.48 67.27
N ILE B 438 5.71 11.15 68.57
CA ILE B 438 6.97 11.25 69.30
C ILE B 438 8.00 10.27 68.75
N GLU B 439 7.61 8.99 68.62
CA GLU B 439 8.57 7.98 68.21
C GLU B 439 9.03 8.21 66.78
N ALA B 440 8.12 8.68 65.92
CA ALA B 440 8.47 9.02 64.54
C ALA B 440 9.45 10.18 64.50
N VAL B 441 9.25 11.18 65.36
CA VAL B 441 10.11 12.35 65.35
C VAL B 441 11.50 11.96 65.84
N ILE B 442 11.56 11.22 66.97
CA ILE B 442 12.82 10.81 67.56
C ILE B 442 13.64 9.96 66.58
N LEU B 443 12.96 9.05 65.87
CA LEU B 443 13.61 8.26 64.83
C LEU B 443 14.12 9.15 63.69
N SER B 444 13.32 10.14 63.29
CA SER B 444 13.71 11.03 62.20
C SER B 444 14.92 11.87 62.60
N LEU B 445 14.94 12.34 63.84
CA LEU B 445 16.06 13.11 64.35
C LEU B 445 17.32 12.28 64.38
N GLN B 446 17.24 11.05 64.88
CA GLN B 446 18.44 10.22 64.94
C GLN B 446 18.95 9.84 63.56
N ASP B 447 18.03 9.69 62.60
CA ASP B 447 18.41 9.51 61.21
C ASP B 447 19.10 10.74 60.65
N LEU B 448 18.62 11.93 61.01
CA LEU B 448 19.22 13.14 60.45
C LEU B 448 20.58 13.41 61.08
N ILE B 449 20.70 13.21 62.40
CA ILE B 449 21.96 13.42 63.10
C ILE B 449 23.02 12.48 62.55
N GLY B 450 22.67 11.21 62.32
CA GLY B 450 23.63 10.37 61.64
C GLY B 450 23.81 10.69 60.18
N TYR B 451 22.81 11.31 59.54
CA TYR B 451 22.93 11.71 58.15
C TYR B 451 23.88 12.88 57.97
N PHE B 452 24.08 13.69 59.01
CA PHE B 452 24.98 14.84 58.97
C PHE B 452 26.23 14.65 59.82
N GLU B 453 26.66 13.42 60.02
CA GLU B 453 27.87 13.17 60.79
C GLU B 453 29.08 13.70 60.05
N PRO B 454 29.93 14.51 60.68
CA PRO B 454 31.15 14.94 60.02
C PRO B 454 32.06 13.77 59.74
N PRO B 455 32.84 13.82 58.66
CA PRO B 455 33.75 12.70 58.35
C PRO B 455 34.83 12.54 59.41
N SER B 456 35.26 11.30 59.60
CA SER B 456 36.24 10.99 60.62
C SER B 456 37.62 11.53 60.25
N GLU B 457 38.43 11.78 61.28
CA GLU B 457 39.72 12.46 61.09
C GLU B 457 40.74 11.60 60.35
N GLU B 458 40.74 10.29 60.56
CA GLU B 458 41.83 9.46 60.03
C GLU B 458 41.75 9.22 58.53
N LEU B 459 40.69 9.68 57.87
CA LEU B 459 40.49 9.45 56.44
C LEU B 459 41.56 10.15 55.62
N GLN B 460 41.84 9.57 54.45
CA GLN B 460 42.77 10.20 53.50
C GLN B 460 42.23 11.54 53.07
N HIS B 461 43.14 12.51 52.89
CA HIS B 461 42.75 13.87 52.52
C HIS B 461 42.09 13.94 51.15
N GLU B 462 42.44 12.99 50.26
CA GLU B 462 41.86 12.97 48.91
C GLU B 462 40.35 12.76 48.92
N GLU B 463 39.86 11.85 49.76
CA GLU B 463 38.44 11.54 49.81
C GLU B 463 37.75 12.10 51.04
N LYS B 464 38.52 12.68 51.97
CA LYS B 464 37.94 13.45 53.06
C LYS B 464 37.23 14.69 52.55
N GLN B 465 37.90 15.45 51.67
CA GLN B 465 37.35 16.70 51.17
C GLN B 465 36.06 16.48 50.39
N SER B 466 36.00 15.43 49.58
CA SER B 466 34.75 15.14 48.86
C SER B 466 33.59 14.84 49.80
N LYS B 467 33.89 14.39 51.02
CA LYS B 467 32.83 14.23 52.01
C LYS B 467 32.51 15.56 52.68
N LEU B 468 33.50 16.45 52.75
CA LEU B 468 33.21 17.79 53.24
C LEU B 468 32.27 18.50 52.28
N ARG B 469 32.60 18.45 50.99
CA ARG B 469 31.78 19.08 49.95
C ARG B 469 30.38 18.49 49.92
N SER B 470 30.27 17.16 50.09
CA SER B 470 28.97 16.52 50.20
C SER B 470 28.18 16.99 51.42
N LEU B 471 28.86 17.15 52.56
CA LEU B 471 28.16 17.57 53.77
C LEU B 471 27.72 19.03 53.68
N ARG B 472 28.59 19.91 53.18
CA ARG B 472 28.23 21.32 53.02
C ARG B 472 27.08 21.47 52.04
N ASN B 473 27.10 20.69 50.95
CA ASN B 473 26.02 20.72 49.97
C ASN B 473 24.70 20.30 50.60
N ARG B 474 24.72 19.21 51.39
CA ARG B 474 23.49 18.70 52.01
C ARG B 474 22.93 19.70 53.01
N GLN B 475 23.82 20.31 53.79
CA GLN B 475 23.40 21.27 54.81
C GLN B 475 22.79 22.49 54.15
N SER B 476 23.39 22.96 53.05
CA SER B 476 22.89 24.14 52.37
C SER B 476 21.52 23.85 51.78
N LEU B 477 21.33 22.64 51.22
CA LEU B 477 20.03 22.27 50.66
C LEU B 477 18.95 22.27 51.72
N PHE B 478 19.26 21.74 52.92
CA PHE B 478 18.30 21.73 54.01
C PHE B 478 17.96 23.14 54.49
N GLN B 479 18.98 23.99 54.65
CA GLN B 479 18.74 25.36 55.08
C GLN B 479 17.92 26.11 54.05
N GLU B 480 18.24 25.92 52.76
CA GLU B 480 17.54 26.63 51.70
C GLU B 480 16.09 26.16 51.61
N GLU B 481 15.82 24.90 51.97
CA GLU B 481 14.44 24.44 51.99
C GLU B 481 13.74 24.75 53.31
N GLY B 482 14.42 25.36 54.27
CA GLY B 482 13.73 25.79 55.48
C GLY B 482 13.80 24.90 56.69
N MET B 483 14.49 23.75 56.60
CA MET B 483 14.63 22.85 57.74
C MET B 483 15.35 23.54 58.90
N LEU B 484 16.37 24.32 58.61
CA LEU B 484 17.06 25.09 59.63
C LEU B 484 16.12 26.07 60.33
N SER B 485 15.17 26.66 59.62
CA SER B 485 14.15 27.48 60.27
C SER B 485 13.10 26.63 60.97
N LEU B 486 12.80 25.45 60.41
CA LEU B 486 11.78 24.58 60.96
C LEU B 486 12.20 24.09 62.34
N VAL B 487 13.48 23.71 62.50
CA VAL B 487 13.92 23.26 63.80
C VAL B 487 13.90 24.43 64.79
N LEU B 488 14.24 25.65 64.32
CA LEU B 488 14.19 26.82 65.20
C LEU B 488 12.80 27.00 65.77
N ASN B 489 11.79 26.74 64.93
CA ASN B 489 10.40 26.73 65.40
C ASN B 489 10.19 25.63 66.43
N CYS B 490 10.79 24.45 66.19
CA CYS B 490 10.60 23.32 67.09
C CYS B 490 11.15 23.63 68.49
N ILE B 491 12.38 24.15 68.58
CA ILE B 491 12.94 24.52 69.88
C ILE B 491 12.13 25.65 70.49
N ASP B 492 11.62 26.57 69.67
CA ASP B 492 10.79 27.68 70.16
C ASP B 492 9.56 27.14 70.89
N ARG B 493 8.86 26.19 70.27
CA ARG B 493 7.67 25.64 70.91
C ARG B 493 8.02 24.79 72.14
N LEU B 494 9.04 23.92 72.04
CA LEU B 494 9.42 23.07 73.17
C LEU B 494 9.94 23.86 74.37
N ASN B 495 10.53 25.03 74.16
CA ASN B 495 11.20 25.71 75.27
C ASN B 495 10.27 26.43 76.21
N VAL B 496 9.00 26.64 75.85
CA VAL B 496 8.07 27.35 76.73
C VAL B 496 7.72 26.58 77.99
N TYR B 497 8.07 25.29 78.06
CA TYR B 497 7.83 24.46 79.23
C TYR B 497 9.17 24.26 79.92
N THR B 498 9.26 24.65 81.19
CA THR B 498 10.55 24.66 81.88
C THR B 498 11.04 23.26 82.18
N THR B 499 10.19 22.42 82.77
CA THR B 499 10.59 21.08 83.19
C THR B 499 9.64 20.04 82.59
N ALA B 500 10.10 18.79 82.66
CA ALA B 500 9.34 17.67 82.11
C ALA B 500 7.99 17.53 82.79
N ALA B 501 7.96 17.68 84.13
CA ALA B 501 6.70 17.61 84.86
C ALA B 501 5.74 18.71 84.40
N HIS B 502 6.26 19.91 84.18
CA HIS B 502 5.44 20.99 83.64
C HIS B 502 4.93 20.65 82.24
N PHE B 503 5.73 19.92 81.46
CA PHE B 503 5.30 19.49 80.14
C PHE B 503 4.20 18.44 80.23
N ALA B 504 4.21 17.66 81.31
CA ALA B 504 3.20 16.62 81.49
C ALA B 504 1.81 17.24 81.64
N GLU B 505 1.74 18.37 82.33
CA GLU B 505 0.45 19.03 82.60
C GLU B 505 -0.21 19.54 81.32
N TYR B 506 0.54 19.66 80.23
CA TYR B 506 0.03 20.20 78.98
C TYR B 506 0.09 19.23 77.82
N ALA B 507 0.73 18.07 77.98
CA ALA B 507 0.74 17.09 76.90
C ALA B 507 0.36 15.71 77.39
N GLY B 508 0.67 15.41 78.65
CA GLY B 508 0.34 14.13 79.23
C GLY B 508 1.54 13.51 79.91
N GLU B 509 1.29 12.52 80.78
CA GLU B 509 2.38 11.81 81.42
C GLU B 509 3.15 10.90 80.47
N GLU B 510 2.54 10.56 79.33
CA GLU B 510 3.21 9.71 78.35
C GLU B 510 4.25 10.48 77.55
N ALA B 511 4.04 11.77 77.34
CA ALA B 511 4.97 12.60 76.58
C ALA B 511 6.08 13.21 77.42
N ALA B 512 6.04 13.06 78.74
CA ALA B 512 7.02 13.74 79.58
C ALA B 512 8.41 13.11 79.49
N GLU B 513 8.48 11.77 79.52
CA GLU B 513 9.77 11.07 79.55
C GLU B 513 10.60 11.28 78.28
N SER B 514 9.97 11.63 77.17
CA SER B 514 10.67 11.87 75.91
C SER B 514 11.09 13.33 75.73
N TRP B 515 10.74 14.21 76.66
CA TRP B 515 10.99 15.64 76.49
C TRP B 515 12.48 15.97 76.48
N LYS B 516 13.22 15.48 77.48
CA LYS B 516 14.65 15.78 77.59
C LYS B 516 15.40 15.20 76.40
N GLU B 517 15.04 13.98 76.00
CA GLU B 517 15.67 13.35 74.84
C GLU B 517 15.38 14.14 73.57
N ILE B 518 14.13 14.58 73.38
CA ILE B 518 13.79 15.22 72.12
C ILE B 518 14.43 16.60 72.04
N VAL B 519 14.57 17.31 73.16
CA VAL B 519 15.20 18.62 73.10
C VAL B 519 16.70 18.47 72.85
N ASN B 520 17.34 17.46 73.46
CA ASN B 520 18.77 17.25 73.23
C ASN B 520 19.01 16.89 71.77
N LEU B 521 18.16 16.03 71.20
CA LEU B 521 18.34 15.63 69.81
C LEU B 521 18.14 16.84 68.90
N LEU B 522 17.19 17.72 69.23
CA LEU B 522 16.97 18.91 68.41
C LEU B 522 18.20 19.82 68.41
N TYR B 523 18.83 19.98 69.58
CA TYR B 523 20.06 20.77 69.66
C TYR B 523 21.20 20.14 68.86
N GLU B 524 21.31 18.81 68.94
CA GLU B 524 22.34 18.12 68.17
C GLU B 524 22.09 18.25 66.67
N LEU B 525 20.83 18.17 66.25
CA LEU B 525 20.50 18.37 64.84
C LEU B 525 20.80 19.79 64.39
N LEU B 526 20.53 20.79 65.24
CA LEU B 526 20.87 22.17 64.92
C LEU B 526 22.37 22.34 64.75
N ALA B 527 23.15 21.75 65.67
CA ALA B 527 24.60 21.82 65.59
C ALA B 527 25.11 21.16 64.32
N SER B 528 24.57 19.98 63.99
CA SER B 528 25.06 19.29 62.79
C SER B 528 24.66 20.02 61.52
N LEU B 529 23.51 20.71 61.54
CA LEU B 529 23.08 21.50 60.39
C LEU B 529 24.00 22.69 60.16
N ILE B 530 24.43 23.35 61.23
CA ILE B 530 25.17 24.60 61.05
C ILE B 530 26.68 24.45 61.13
N ARG B 531 27.19 23.34 61.67
CA ARG B 531 28.61 23.10 61.88
C ARG B 531 29.42 23.13 60.58
N GLY B 532 30.24 24.17 60.41
CA GLY B 532 31.12 24.29 59.28
C GLY B 532 30.67 25.22 58.18
N ASN B 533 29.42 25.67 58.19
CA ASN B 533 28.94 26.62 57.19
C ASN B 533 29.04 28.05 57.69
N ARG B 534 29.78 28.87 56.94
CA ARG B 534 29.72 30.30 57.12
C ARG B 534 28.32 30.81 56.82
N ALA B 535 27.70 30.27 55.76
CA ALA B 535 26.40 30.75 55.32
C ALA B 535 25.32 30.44 56.35
N ASN B 536 25.24 29.19 56.81
CA ASN B 536 24.21 28.84 57.76
C ASN B 536 24.49 29.44 59.13
N CYS B 537 25.76 29.52 59.53
CA CYS B 537 26.08 30.16 60.80
C CYS B 537 25.76 31.65 60.79
N ALA B 538 25.84 32.30 59.62
CA ALA B 538 25.55 33.72 59.51
C ALA B 538 24.10 34.06 59.79
N LEU B 539 23.19 33.08 59.72
CA LEU B 539 21.78 33.28 59.99
C LEU B 539 21.48 33.57 61.46
N PHE B 540 22.44 33.39 62.35
CA PHE B 540 22.21 33.61 63.77
C PHE B 540 22.62 35.01 64.21
N SER B 541 23.02 35.87 63.27
CA SER B 541 23.27 37.27 63.59
C SER B 541 22.00 37.99 64.04
N THR B 542 20.87 37.71 63.38
CA THR B 542 19.65 38.43 63.69
C THR B 542 19.05 37.98 65.02
N ASN B 543 19.27 36.73 65.39
CA ASN B 543 18.74 36.17 66.63
C ASN B 543 19.86 35.57 67.46
N LEU B 544 20.95 36.32 67.63
CA LEU B 544 22.04 35.86 68.48
C LEU B 544 21.60 35.77 69.94
N ASP B 545 20.78 36.72 70.40
CA ASP B 545 20.29 36.69 71.78
C ASP B 545 19.36 35.51 72.06
N TRP B 546 18.84 34.87 71.01
CA TRP B 546 17.99 33.69 71.17
C TRP B 546 18.75 32.55 71.83
N VAL B 547 19.92 32.21 71.29
CA VAL B 547 20.70 31.10 71.83
C VAL B 547 21.29 31.49 73.18
N VAL B 548 21.72 32.76 73.33
CA VAL B 548 22.36 33.22 74.56
C VAL B 548 21.38 33.16 75.72
N SER B 549 20.12 33.57 75.48
CA SER B 549 19.11 33.57 76.53
C SER B 549 18.80 32.17 77.05
N LYS B 550 19.01 31.15 76.21
CA LYS B 550 18.72 29.76 76.56
C LYS B 550 19.90 29.06 77.21
N LEU B 551 21.01 29.77 77.42
CA LEU B 551 22.23 29.13 77.92
C LEU B 551 22.04 28.57 79.33
N ASP B 552 21.33 29.29 80.19
CA ASP B 552 21.15 28.88 81.57
C ASP B 552 20.17 27.72 81.76
N ARG B 553 19.47 27.31 80.70
CA ARG B 553 18.56 26.16 80.77
C ARG B 553 19.35 24.90 81.16
N LEU B 554 18.74 24.08 82.01
CA LEU B 554 19.46 22.93 82.55
C LEU B 554 19.23 21.64 81.78
N GLU B 555 18.15 21.55 81.00
CA GLU B 555 17.82 20.30 80.31
C GLU B 555 18.89 19.87 79.32
N ALA B 556 19.42 20.81 78.51
CA ALA B 556 20.53 20.54 77.60
C ALA B 556 21.47 21.74 77.63
N SER B 557 22.43 21.72 78.56
CA SER B 557 23.39 22.80 78.68
C SER B 557 24.56 22.63 77.70
N SER B 558 25.09 21.42 77.60
CA SER B 558 26.19 21.17 76.68
C SER B 558 25.74 21.25 75.22
N GLY B 559 24.48 20.88 74.93
CA GLY B 559 24.02 20.95 73.55
C GLY B 559 23.94 22.39 73.06
N ILE B 560 23.38 23.28 73.88
CA ILE B 560 23.26 24.67 73.46
C ILE B 560 24.65 25.31 73.44
N LEU B 561 25.54 24.92 74.38
CA LEU B 561 26.90 25.43 74.35
C LEU B 561 27.62 24.98 73.09
N GLU B 562 27.33 23.76 72.62
CA GLU B 562 27.89 23.27 71.36
C GLU B 562 27.41 24.10 70.18
N VAL B 563 26.12 24.47 70.19
CA VAL B 563 25.55 25.29 69.12
C VAL B 563 26.22 26.66 69.11
N LEU B 564 26.41 27.25 70.29
CA LEU B 564 27.07 28.54 70.42
C LEU B 564 28.50 28.47 69.92
N TYR B 565 29.21 27.39 70.27
CA TYR B 565 30.60 27.25 69.87
C TYR B 565 30.72 27.07 68.37
N CYS B 566 29.74 26.39 67.75
CA CYS B 566 29.77 26.19 66.31
C CYS B 566 29.50 27.49 65.59
N VAL B 567 28.64 28.35 66.16
CA VAL B 567 28.37 29.63 65.51
C VAL B 567 29.61 30.51 65.59
N LEU B 568 30.18 30.63 66.79
CA LEU B 568 31.27 31.57 67.02
C LEU B 568 32.56 31.14 66.34
N ILE B 569 32.83 29.84 66.23
CA ILE B 569 34.05 29.36 65.58
C ILE B 569 33.99 29.52 64.07
N GLU B 570 32.85 29.97 63.54
CA GLU B 570 32.65 29.96 62.10
C GLU B 570 32.33 31.31 61.51
N SER B 571 31.53 32.14 62.19
CA SER B 571 31.15 33.41 61.58
C SER B 571 31.91 34.58 62.20
N PRO B 572 32.86 35.20 61.48
CA PRO B 572 33.47 36.44 61.99
C PRO B 572 32.51 37.61 62.06
N GLU B 573 31.39 37.55 61.34
CA GLU B 573 30.39 38.61 61.37
C GLU B 573 29.67 38.66 62.71
N VAL B 574 29.38 37.49 63.29
CA VAL B 574 28.56 37.40 64.51
C VAL B 574 29.25 38.07 65.68
N LEU B 575 30.58 37.98 65.76
CA LEU B 575 31.34 38.54 66.88
C LEU B 575 31.16 40.05 67.03
N ASN B 576 30.89 40.75 65.92
CA ASN B 576 30.68 42.18 65.97
C ASN B 576 29.39 42.55 66.68
N ILE B 577 28.43 41.61 66.75
CA ILE B 577 27.15 41.84 67.41
C ILE B 577 27.23 41.53 68.91
N ILE B 578 28.33 40.96 69.37
CA ILE B 578 28.49 40.55 70.76
C ILE B 578 28.53 41.78 71.67
N GLN B 579 27.73 41.76 72.73
CA GLN B 579 27.65 42.85 73.69
C GLN B 579 27.92 42.31 75.09
N GLU B 580 27.98 43.24 76.05
CA GLU B 580 28.35 42.90 77.41
C GLU B 580 27.33 42.01 78.11
N ASN B 581 26.06 42.04 77.68
CA ASN B 581 25.06 41.11 78.21
C ASN B 581 25.43 39.67 77.89
N HIS B 582 25.92 39.45 76.67
CA HIS B 582 26.25 38.09 76.23
C HIS B 582 27.50 37.60 76.94
N ILE B 583 28.52 38.46 77.02
CA ILE B 583 29.76 38.06 77.69
C ILE B 583 29.54 37.82 79.17
N LYS B 584 28.73 38.66 79.82
CA LYS B 584 28.35 38.40 81.21
C LYS B 584 27.43 37.20 81.37
N SER B 585 26.82 36.73 80.29
CA SER B 585 26.02 35.52 80.36
C SER B 585 26.92 34.30 80.26
N ILE B 586 27.90 34.38 79.36
CA ILE B 586 28.87 33.30 79.20
C ILE B 586 29.68 33.15 80.49
N ILE B 587 30.10 34.27 81.07
CA ILE B 587 30.83 34.21 82.34
C ILE B 587 29.94 33.65 83.44
N SER B 588 28.62 33.99 83.41
CA SER B 588 27.70 33.43 84.40
C SER B 588 27.61 31.91 84.27
N LEU B 589 27.83 31.39 83.06
CA LEU B 589 27.90 29.93 82.89
C LEU B 589 29.06 29.36 83.66
N LEU B 590 30.24 30.00 83.59
CA LEU B 590 31.39 29.53 84.35
C LEU B 590 31.11 29.57 85.84
N ASP B 591 30.35 30.58 86.27
CA ASP B 591 30.02 30.72 87.68
C ASP B 591 28.97 29.73 88.15
N LYS B 592 28.06 29.30 87.28
CA LYS B 592 26.94 28.45 87.70
C LYS B 592 27.07 26.99 87.30
N HIS B 593 27.77 26.68 86.22
CA HIS B 593 27.92 25.32 85.73
C HIS B 593 29.30 24.73 86.00
N GLY B 594 30.10 25.38 86.84
CA GLY B 594 31.39 24.83 87.19
C GLY B 594 32.48 25.13 86.18
N ARG B 595 33.63 24.51 86.42
CA ARG B 595 34.82 24.68 85.60
C ARG B 595 34.74 23.79 84.37
N ASN B 596 34.11 24.33 83.32
CA ASN B 596 33.93 23.64 82.05
C ASN B 596 34.84 24.33 81.04
N HIS B 597 35.88 23.63 80.60
CA HIS B 597 36.87 24.21 79.69
C HIS B 597 36.30 24.57 78.33
N LYS B 598 35.18 23.95 77.92
CA LYS B 598 34.56 24.32 76.65
C LYS B 598 34.06 25.76 76.65
N VAL B 599 33.79 26.32 77.83
CA VAL B 599 33.46 27.74 77.92
C VAL B 599 34.70 28.56 77.60
N LEU B 600 35.86 28.13 78.10
CA LEU B 600 37.09 28.81 77.74
C LEU B 600 37.38 28.69 76.26
N ASP B 601 36.99 27.55 75.66
CA ASP B 601 37.08 27.37 74.21
C ASP B 601 36.12 28.30 73.46
N VAL B 602 35.08 28.76 74.12
CA VAL B 602 34.19 29.76 73.53
C VAL B 602 34.83 31.14 73.64
N LEU B 603 35.28 31.47 74.85
CA LEU B 603 35.87 32.79 75.12
C LEU B 603 37.14 33.02 74.33
N CYS B 604 37.88 31.95 73.98
CA CYS B 604 39.03 32.12 73.10
C CYS B 604 38.57 32.47 71.69
N SER B 605 37.42 31.96 71.27
CA SER B 605 36.94 32.23 69.93
C SER B 605 36.37 33.63 69.83
N LEU B 606 35.84 34.14 70.94
CA LEU B 606 35.28 35.49 70.94
C LEU B 606 36.33 36.58 70.73
N CYS B 607 37.60 36.31 70.97
CA CYS B 607 38.60 37.35 70.86
C CYS B 607 39.11 37.48 69.43
N VAL B 608 39.67 36.39 68.89
CA VAL B 608 40.29 36.39 67.57
C VAL B 608 39.50 35.46 66.67
N CYS B 609 39.07 35.97 65.53
CA CYS B 609 38.34 35.18 64.55
C CYS B 609 39.00 35.42 63.20
N ASN B 610 39.43 34.33 62.56
CA ASN B 610 40.09 34.33 61.24
C ASN B 610 41.28 35.28 61.22
N GLY B 611 42.06 35.24 62.30
CA GLY B 611 43.25 36.05 62.43
C GLY B 611 43.01 37.54 62.54
N VAL B 612 41.82 37.96 62.95
CA VAL B 612 41.52 39.38 63.14
C VAL B 612 40.97 39.55 64.55
N ALA B 613 41.62 40.41 65.33
CA ALA B 613 41.25 40.64 66.72
C ALA B 613 40.06 41.57 66.83
N VAL B 614 39.20 41.31 67.80
CA VAL B 614 38.04 42.16 68.08
C VAL B 614 38.26 42.76 69.47
N ARG B 615 38.78 43.99 69.50
CA ARG B 615 39.29 44.53 70.74
C ARG B 615 38.18 44.93 71.70
N SER B 616 36.96 45.15 71.19
CA SER B 616 35.84 45.40 72.08
C SER B 616 35.52 44.17 72.92
N ASN B 617 35.58 42.99 72.28
CA ASN B 617 35.31 41.76 73.00
C ASN B 617 36.46 41.47 73.95
N GLN B 618 37.70 41.71 73.50
CA GLN B 618 38.87 41.44 74.35
C GLN B 618 38.83 42.29 75.61
N ASP B 619 38.48 43.58 75.46
CA ASP B 619 38.41 44.47 76.62
C ASP B 619 37.25 44.09 77.53
N LEU B 620 36.10 43.73 76.96
CA LEU B 620 34.95 43.38 77.77
C LEU B 620 35.22 42.12 78.59
N ILE B 621 35.86 41.13 77.96
CA ILE B 621 36.17 39.88 78.64
C ILE B 621 37.14 40.14 79.79
N THR B 622 38.21 40.89 79.51
CA THR B 622 39.18 41.21 80.57
C THR B 622 38.59 42.11 81.65
N GLU B 623 37.54 42.86 81.33
CA GLU B 623 36.96 43.79 82.28
C GLU B 623 35.91 43.12 83.14
N ASN B 624 35.36 42.00 82.68
CA ASN B 624 34.31 41.31 83.42
C ASN B 624 34.75 39.99 84.02
N LEU B 625 35.93 39.48 83.66
CA LEU B 625 36.35 38.15 84.11
C LEU B 625 37.57 38.21 85.02
N LEU B 626 38.64 38.85 84.55
CA LEU B 626 39.92 38.81 85.28
C LEU B 626 39.93 39.47 86.65
N PRO B 627 39.48 40.73 86.86
CA PRO B 627 39.72 41.39 88.16
C PRO B 627 39.03 40.75 89.35
N GLY B 628 37.97 39.96 89.13
CA GLY B 628 37.30 39.30 90.24
C GLY B 628 38.18 38.34 91.01
N ARG B 629 39.04 37.60 90.28
CA ARG B 629 39.98 36.62 90.85
C ARG B 629 39.29 35.55 91.69
N GLU B 630 38.13 35.10 91.24
CA GLU B 630 37.40 34.10 92.00
C GLU B 630 37.08 32.89 91.13
N LEU B 631 36.98 33.09 89.82
CA LEU B 631 36.69 31.98 88.92
C LEU B 631 37.97 31.27 88.50
N LEU B 632 38.89 31.99 87.88
CA LEU B 632 40.11 31.40 87.37
C LEU B 632 41.08 31.11 88.51
N LEU B 633 41.82 30.02 88.36
CA LEU B 633 42.80 29.63 89.36
C LEU B 633 44.01 30.56 89.33
N GLN B 634 44.39 31.08 90.49
CA GLN B 634 45.47 32.04 90.58
C GLN B 634 46.79 31.34 90.90
N THR B 635 47.89 31.97 90.50
CA THR B 635 49.22 31.44 90.71
C THR B 635 50.11 32.49 91.36
N ASN B 636 51.20 32.02 91.96
CA ASN B 636 52.16 32.84 92.69
C ASN B 636 53.37 32.01 93.06
N LEU B 637 54.45 32.69 93.39
CA LEU B 637 55.66 32.07 93.92
C LEU B 637 55.68 32.30 95.42
N ILE B 638 55.76 31.22 96.20
CA ILE B 638 55.79 31.32 97.65
C ILE B 638 57.00 30.57 98.20
N ASN B 639 57.37 30.93 99.42
CA ASN B 639 58.50 30.34 100.11
C ASN B 639 58.08 29.11 100.90
N TYR B 640 59.00 28.16 101.00
CA TYR B 640 58.80 26.99 101.85
C TYR B 640 58.99 27.38 103.31
N VAL B 641 58.04 26.96 104.15
CA VAL B 641 58.02 27.32 105.57
C VAL B 641 58.03 26.03 106.39
N THR B 642 58.94 25.95 107.35
CA THR B 642 59.05 24.78 108.21
C THR B 642 58.89 25.19 109.66
N SER B 643 58.82 24.20 110.55
CA SER B 643 58.69 24.45 111.97
C SER B 643 59.68 23.58 112.73
N ILE B 644 60.04 24.04 113.93
CA ILE B 644 60.99 23.36 114.81
C ILE B 644 60.46 23.43 116.24
N ARG B 645 60.58 22.33 116.97
CA ARG B 645 60.11 22.22 118.33
C ARG B 645 61.18 21.60 119.23
N PRO B 646 61.20 22.00 120.50
CA PRO B 646 61.83 21.18 121.53
C PRO B 646 60.92 20.02 121.88
N ASN B 647 61.52 18.87 122.24
CA ASN B 647 60.73 17.69 122.59
C ASN B 647 60.21 17.78 124.03
N ILE B 648 59.50 18.86 124.31
CA ILE B 648 58.91 19.14 125.61
C ILE B 648 57.40 19.14 125.42
N PHE B 649 56.70 18.32 126.19
CA PHE B 649 55.27 18.10 126.02
C PHE B 649 54.58 18.29 127.35
N VAL B 650 53.62 19.20 127.42
CA VAL B 650 52.86 19.44 128.63
C VAL B 650 51.37 19.42 128.26
N GLY B 651 50.54 19.22 129.28
CA GLY B 651 49.11 19.19 129.07
C GLY B 651 48.39 19.10 130.40
N ARG B 652 47.09 19.32 130.33
CA ARG B 652 46.21 19.29 131.50
C ARG B 652 45.21 18.17 131.37
N ALA B 653 45.01 17.43 132.46
CA ALA B 653 44.05 16.35 132.51
C ALA B 653 43.63 16.14 133.95
N GLU B 654 42.51 15.44 134.12
CA GLU B 654 41.98 15.14 135.46
C GLU B 654 42.93 14.20 136.17
N GLY B 655 43.56 14.68 137.25
CA GLY B 655 44.56 13.88 137.92
C GLY B 655 45.89 13.78 137.21
N SER B 656 46.16 14.68 136.27
CA SER B 656 47.43 14.70 135.55
C SER B 656 48.59 15.02 136.47
N THR B 657 49.73 14.37 136.25
CA THR B 657 50.91 14.57 137.06
C THR B 657 51.78 15.73 136.57
N GLN B 658 51.20 16.66 135.81
CA GLN B 658 51.95 17.73 135.17
C GLN B 658 51.48 19.08 135.70
N TYR B 659 52.44 19.98 135.90
CA TYR B 659 52.15 21.31 136.41
C TYR B 659 51.61 22.19 135.29
N GLY B 660 50.62 23.02 135.61
CA GLY B 660 49.83 23.67 134.58
C GLY B 660 50.29 25.04 134.08
N LYS B 661 51.55 25.39 134.34
CA LYS B 661 52.08 26.68 133.94
C LYS B 661 53.51 26.47 133.47
N TRP B 662 53.86 27.04 132.32
CA TRP B 662 55.21 26.82 131.79
C TRP B 662 55.65 28.06 131.03
N TYR B 663 56.95 28.15 130.77
CA TYR B 663 57.57 29.38 130.28
C TYR B 663 58.84 29.06 129.50
N PHE B 664 58.98 29.67 128.33
CA PHE B 664 60.15 29.48 127.48
C PHE B 664 60.40 30.77 126.71
N GLU B 665 61.65 30.93 126.23
CA GLU B 665 62.07 32.16 125.58
C GLU B 665 62.81 31.89 124.27
N VAL B 666 62.72 32.85 123.36
CA VAL B 666 63.33 32.74 122.03
C VAL B 666 64.15 34.00 121.77
N MET B 667 65.40 33.80 121.35
CA MET B 667 66.34 34.84 120.99
C MET B 667 66.44 34.91 119.47
N VAL B 668 66.42 36.13 118.93
CA VAL B 668 66.50 36.32 117.49
C VAL B 668 67.91 36.80 117.16
N ASP B 669 68.67 36.02 116.40
CA ASP B 669 70.05 36.39 116.09
C ASP B 669 70.13 37.25 114.83
N GLU B 670 69.70 36.71 113.69
CA GLU B 670 69.73 37.42 112.42
C GLU B 670 68.46 37.11 111.65
N VAL B 671 67.89 38.14 111.03
CA VAL B 671 66.69 37.99 110.19
C VAL B 671 66.89 38.80 108.93
N VAL B 672 66.98 38.13 107.80
CA VAL B 672 67.05 38.83 106.51
C VAL B 672 65.64 39.32 106.17
N PRO B 673 65.46 40.63 105.89
CA PRO B 673 64.10 41.17 105.68
C PRO B 673 63.36 40.54 104.51
N PHE B 674 63.95 40.62 103.33
CA PHE B 674 63.34 40.04 102.12
C PHE B 674 64.41 39.21 101.44
N LEU B 675 64.54 37.95 101.86
CA LEU B 675 65.49 37.04 101.22
C LEU B 675 65.09 36.78 99.78
N THR B 676 63.80 36.61 99.52
CA THR B 676 63.22 36.47 98.20
C THR B 676 62.21 37.59 98.01
N ALA B 677 61.42 37.49 96.94
CA ALA B 677 60.38 38.47 96.64
C ALA B 677 59.33 38.57 97.74
N GLN B 678 59.12 37.51 98.51
CA GLN B 678 58.11 37.47 99.55
C GLN B 678 58.77 37.75 100.90
N ALA B 679 58.01 38.35 101.81
CA ALA B 679 58.51 38.71 103.12
C ALA B 679 58.91 37.47 103.91
N THR B 680 60.01 37.56 104.63
CA THR B 680 60.51 36.43 105.41
C THR B 680 59.54 36.13 106.56
N HIS B 681 59.28 34.84 106.77
CA HIS B 681 58.31 34.38 107.75
C HIS B 681 59.02 33.96 109.02
N LEU B 682 58.45 34.36 110.16
CA LEU B 682 58.97 33.96 111.46
C LEU B 682 57.90 34.18 112.52
N ARG B 683 57.48 33.11 113.19
CA ARG B 683 56.46 33.15 114.22
C ARG B 683 56.86 32.19 115.33
N VAL B 684 56.45 32.51 116.55
CA VAL B 684 56.76 31.72 117.74
C VAL B 684 55.46 31.50 118.50
N GLY B 685 55.24 30.28 118.98
CA GLY B 685 54.05 30.03 119.75
C GLY B 685 53.93 28.60 120.21
N TRP B 686 52.70 28.25 120.62
CA TRP B 686 52.38 26.93 121.13
C TRP B 686 51.49 26.20 120.14
N ALA B 687 51.66 24.88 120.07
CA ALA B 687 50.94 24.04 119.12
C ALA B 687 50.42 22.80 119.83
N LEU B 688 49.38 22.22 119.25
CA LEU B 688 48.67 21.09 119.82
C LEU B 688 49.05 19.83 119.04
N THR B 689 49.39 18.75 119.76
CA THR B 689 49.96 17.55 119.16
C THR B 689 48.97 16.72 118.34
N GLU B 690 47.70 17.11 118.25
CA GLU B 690 46.70 16.26 117.63
C GLU B 690 45.99 17.01 116.51
N GLY B 691 46.76 17.56 115.58
CA GLY B 691 46.20 18.31 114.48
C GLY B 691 47.06 19.43 113.96
N TYR B 692 48.15 19.78 114.65
CA TYR B 692 49.12 20.68 114.05
C TYR B 692 50.06 19.84 113.21
N SER B 693 49.73 19.73 111.92
CA SER B 693 50.47 18.91 110.96
C SER B 693 50.92 19.82 109.83
N PRO B 694 52.12 20.39 109.92
CA PRO B 694 52.60 21.33 108.88
C PRO B 694 53.34 20.64 107.74
N TYR B 695 52.56 20.06 106.84
CA TYR B 695 53.10 19.41 105.65
C TYR B 695 53.66 20.47 104.71
N PRO B 696 54.91 20.33 104.26
CA PRO B 696 55.53 21.37 103.44
C PRO B 696 54.85 21.56 102.09
N GLY B 697 54.87 22.79 101.61
CA GLY B 697 54.32 23.13 100.32
C GLY B 697 52.93 23.72 100.44
N GLY B 698 51.97 23.14 99.74
CA GLY B 698 50.63 23.67 99.71
C GLY B 698 49.90 23.47 101.02
N GLY B 699 48.75 24.12 101.12
CA GLY B 699 47.95 24.02 102.33
C GLY B 699 46.89 25.10 102.36
N GLU B 700 46.58 25.56 103.58
CA GLU B 700 45.55 26.57 103.76
C GLU B 700 46.01 27.90 103.18
N GLY B 701 45.03 28.66 102.67
CA GLY B 701 45.26 30.01 102.18
C GLY B 701 46.24 30.02 101.02
N TRP B 702 47.32 30.79 101.17
CA TRP B 702 48.32 30.95 100.13
C TRP B 702 49.59 30.19 100.47
N GLY B 703 49.47 29.08 101.20
CA GLY B 703 50.61 28.23 101.50
C GLY B 703 51.55 28.81 102.53
N GLY B 704 52.67 28.10 102.70
CA GLY B 704 53.66 28.46 103.71
C GLY B 704 53.09 28.43 105.11
N ASN B 705 52.23 27.46 105.39
CA ASN B 705 51.56 27.38 106.68
C ASN B 705 52.55 27.05 107.80
N GLY B 706 52.35 27.69 108.93
CA GLY B 706 53.17 27.44 110.12
C GLY B 706 52.34 27.59 111.36
N VAL B 707 52.88 28.28 112.36
CA VAL B 707 52.17 28.49 113.61
C VAL B 707 51.05 29.51 113.38
N GLY B 708 49.86 29.18 113.86
CA GLY B 708 48.71 30.06 113.78
C GLY B 708 47.92 29.94 112.50
N ASP B 709 48.38 29.13 111.55
CA ASP B 709 47.65 29.00 110.30
C ASP B 709 46.43 28.10 110.40
N ASP B 710 46.24 27.43 111.54
CA ASP B 710 45.07 26.63 111.81
C ASP B 710 44.64 26.91 113.24
N LEU B 711 43.67 26.13 113.73
CA LEU B 711 43.20 26.27 115.10
C LEU B 711 43.92 25.34 116.06
N TYR B 712 44.95 24.63 115.60
CA TYR B 712 45.74 23.78 116.49
C TYR B 712 47.04 24.45 116.91
N SER B 713 47.19 25.73 116.60
CA SER B 713 48.40 26.47 116.94
C SER B 713 48.01 27.90 117.25
N TYR B 714 48.88 28.60 117.98
CA TYR B 714 48.64 29.98 118.38
C TYR B 714 50.01 30.65 118.38
N GLY B 715 50.17 31.73 117.61
CA GLY B 715 51.49 32.30 117.40
C GLY B 715 51.51 33.80 117.38
N PHE B 716 52.73 34.33 117.47
CA PHE B 716 53.00 35.75 117.55
C PHE B 716 54.23 36.06 116.69
N ASP B 717 54.16 37.17 115.96
CA ASP B 717 55.21 37.53 115.00
C ASP B 717 55.82 38.90 115.24
N GLY B 718 55.43 39.59 116.31
CA GLY B 718 55.85 40.94 116.57
C GLY B 718 54.79 41.99 116.30
N LEU B 719 53.82 41.69 115.45
CA LEU B 719 52.71 42.60 115.19
C LEU B 719 51.35 41.94 115.19
N HIS B 720 51.25 40.63 115.07
CA HIS B 720 49.96 39.97 114.91
C HIS B 720 49.85 38.76 115.82
N LEU B 721 48.61 38.42 116.16
CA LEU B 721 48.28 37.20 116.88
C LEU B 721 47.63 36.24 115.91
N TRP B 722 48.35 35.18 115.57
CA TRP B 722 47.94 34.27 114.52
C TRP B 722 47.18 33.08 115.10
N THR B 723 45.96 32.86 114.62
CA THR B 723 45.17 31.67 114.91
C THR B 723 44.10 31.54 113.85
N GLY B 724 43.97 30.34 113.28
CA GLY B 724 43.02 30.11 112.20
C GLY B 724 43.32 30.89 110.94
N HIS B 725 44.61 31.08 110.61
CA HIS B 725 45.08 31.76 109.40
C HIS B 725 44.49 33.17 109.29
N VAL B 726 44.42 33.87 110.42
CA VAL B 726 43.98 35.26 110.48
C VAL B 726 44.96 36.04 111.33
N ALA B 727 45.34 37.22 110.87
CA ALA B 727 46.24 38.10 111.61
C ALA B 727 45.44 39.21 112.27
N ARG B 728 45.76 39.50 113.53
CA ARG B 728 45.08 40.53 114.29
C ARG B 728 46.13 41.41 114.94
N PRO B 729 46.11 42.72 114.70
CA PRO B 729 47.18 43.60 115.22
C PRO B 729 47.17 43.67 116.74
N VAL B 730 48.35 43.87 117.31
CA VAL B 730 48.52 43.97 118.76
C VAL B 730 49.34 45.21 119.08
N THR B 731 48.86 45.98 120.07
CA THR B 731 49.63 47.09 120.60
C THR B 731 50.83 46.53 121.35
N SER B 732 51.98 47.20 121.24
CA SER B 732 53.20 46.75 121.89
C SER B 732 54.04 47.97 122.21
N PRO B 733 54.97 47.86 123.18
CA PRO B 733 55.87 48.99 123.45
C PRO B 733 56.93 49.17 122.37
N GLY B 734 56.58 49.89 121.31
CA GLY B 734 57.47 50.03 120.18
C GLY B 734 57.32 48.88 119.23
N GLN B 735 56.09 48.67 118.75
CA GLN B 735 55.74 47.52 117.94
C GLN B 735 56.50 47.51 116.61
N HIS B 736 56.87 46.31 116.17
CA HIS B 736 57.53 46.04 114.90
C HIS B 736 57.59 44.54 114.69
N LEU B 737 57.98 44.14 113.48
CA LEU B 737 58.26 42.74 113.21
C LEU B 737 59.51 42.31 113.95
N LEU B 738 59.67 40.99 114.10
CA LEU B 738 60.79 40.43 114.83
C LEU B 738 62.11 40.79 114.16
N ALA B 739 62.88 41.63 114.83
CA ALA B 739 64.17 42.12 114.39
C ALA B 739 65.26 41.39 115.16
N PRO B 740 66.53 41.45 114.70
CA PRO B 740 67.61 40.84 115.48
C PRO B 740 67.73 41.42 116.88
N GLU B 741 68.15 40.55 117.81
CA GLU B 741 68.26 40.85 119.25
C GLU B 741 66.91 41.28 119.81
N ASP B 742 65.97 40.34 119.79
CA ASP B 742 64.66 40.53 120.37
C ASP B 742 64.35 39.38 121.32
N VAL B 743 63.58 39.67 122.36
CA VAL B 743 63.26 38.69 123.40
C VAL B 743 61.77 38.38 123.31
N VAL B 744 61.45 37.11 123.08
CA VAL B 744 60.06 36.65 122.99
C VAL B 744 59.84 35.68 124.14
N SER B 745 58.99 36.06 125.09
CA SER B 745 58.67 35.22 126.24
C SER B 745 57.20 34.83 126.18
N CYS B 746 56.92 33.57 125.90
CA CYS B 746 55.55 33.08 125.84
C CYS B 746 55.21 32.37 127.15
N CYS B 747 54.19 32.88 127.83
CA CYS B 747 53.71 32.36 129.10
C CYS B 747 52.47 31.52 128.84
N LEU B 748 52.48 30.27 129.28
CA LEU B 748 51.36 29.36 129.08
C LEU B 748 50.74 29.00 130.41
N ASP B 749 49.43 29.19 130.52
CA ASP B 749 48.66 28.69 131.65
C ASP B 749 47.55 27.81 131.09
N LEU B 750 47.47 26.60 131.65
CA LEU B 750 46.48 25.60 131.27
C LEU B 750 45.32 25.49 132.26
N SER B 751 45.55 25.85 133.55
CA SER B 751 44.47 25.82 134.55
C SER B 751 43.33 26.72 134.10
N VAL B 752 43.65 27.96 133.79
CA VAL B 752 42.74 28.86 133.06
C VAL B 752 43.33 28.97 131.66
N PRO B 753 42.53 28.83 130.60
CA PRO B 753 43.10 28.89 129.25
C PRO B 753 43.70 30.25 128.90
N SER B 754 45.04 30.33 128.80
CA SER B 754 45.66 31.63 128.54
C SER B 754 47.10 31.52 128.07
N ILE B 755 47.39 32.13 126.92
CA ILE B 755 48.75 32.26 126.41
C ILE B 755 49.06 33.73 126.27
N SER B 756 50.06 34.19 127.01
CA SER B 756 50.46 35.58 127.06
C SER B 756 51.82 35.74 126.41
N PHE B 757 52.00 36.81 125.65
CA PHE B 757 53.27 37.08 124.99
C PHE B 757 53.91 38.30 125.61
N ARG B 758 55.24 38.28 125.72
CA ARG B 758 56.01 39.40 126.22
C ARG B 758 57.19 39.67 125.32
N ILE B 759 57.20 40.84 124.68
CA ILE B 759 58.28 41.22 123.77
C ILE B 759 59.28 42.05 124.56
N ASN B 760 60.56 41.65 124.51
CA ASN B 760 61.69 42.34 125.16
C ASN B 760 61.47 42.52 126.67
N GLY B 761 60.76 41.57 127.28
CA GLY B 761 60.40 41.64 128.67
C GLY B 761 59.19 42.50 128.97
N CYS B 762 58.58 43.10 127.96
CA CYS B 762 57.47 44.03 128.12
C CYS B 762 56.16 43.37 127.66
N PRO B 763 55.03 43.67 128.32
CA PRO B 763 53.78 42.97 128.00
C PRO B 763 53.23 43.28 126.62
N VAL B 764 52.53 42.28 126.05
CA VAL B 764 51.84 42.41 124.77
C VAL B 764 50.36 42.23 125.04
N GLN B 765 49.57 43.25 124.68
CA GLN B 765 48.18 43.38 125.07
C GLN B 765 47.26 42.52 124.21
N GLY B 766 47.33 41.21 124.45
CA GLY B 766 46.46 40.26 123.78
C GLY B 766 46.72 38.87 124.33
N VAL B 767 45.66 38.12 124.64
CA VAL B 767 45.78 36.77 125.17
C VAL B 767 44.71 35.88 124.54
N PHE B 768 45.13 34.69 124.07
CA PHE B 768 44.19 33.67 123.64
C PHE B 768 43.52 33.04 124.85
N GLU B 769 42.23 32.74 124.73
CA GLU B 769 41.43 32.27 125.86
C GLU B 769 40.40 31.28 125.36
N ALA B 770 39.87 30.48 126.30
CA ALA B 770 38.74 29.56 126.07
C ALA B 770 39.01 28.57 124.96
N PHE B 771 40.23 28.07 124.89
CA PHE B 771 40.63 27.13 123.86
C PHE B 771 40.62 25.71 124.42
N ASN B 772 40.38 24.75 123.54
CA ASN B 772 40.32 23.35 123.92
C ASN B 772 41.67 22.85 124.41
N LEU B 773 41.63 21.93 125.37
CA LEU B 773 42.84 21.48 126.04
C LEU B 773 43.27 20.08 125.66
N ASP B 774 42.43 19.32 124.95
CA ASP B 774 42.74 17.94 124.58
C ASP B 774 44.01 17.88 123.75
N GLY B 775 44.89 16.94 124.08
CA GLY B 775 46.19 16.90 123.46
C GLY B 775 47.23 17.62 124.29
N LEU B 776 48.45 17.62 123.77
CA LEU B 776 49.59 18.19 124.48
C LEU B 776 50.06 19.47 123.80
N PHE B 777 50.47 20.45 124.60
CA PHE B 777 50.93 21.73 124.10
C PHE B 777 52.45 21.76 124.14
N PHE B 778 53.07 22.20 123.06
CA PHE B 778 54.52 22.22 122.97
C PHE B 778 55.00 23.50 122.30
N PRO B 779 56.20 23.98 122.65
CA PRO B 779 56.73 25.17 121.97
C PRO B 779 57.05 24.86 120.53
N VAL B 780 56.96 25.89 119.68
CA VAL B 780 57.23 25.71 118.26
C VAL B 780 57.57 27.07 117.67
N VAL B 781 58.53 27.06 116.74
CA VAL B 781 58.84 28.24 115.93
C VAL B 781 58.75 27.87 114.45
N SER B 782 57.94 28.62 113.71
CA SER B 782 57.77 28.41 112.28
C SER B 782 58.49 29.53 111.54
N PHE B 783 59.25 29.15 110.52
CA PHE B 783 60.12 30.10 109.87
C PHE B 783 60.28 29.74 108.40
N SER B 784 60.67 30.74 107.64
CA SER B 784 61.11 30.57 106.27
C SER B 784 62.64 30.59 106.27
N ALA B 785 63.23 30.55 105.09
CA ALA B 785 64.68 30.51 104.97
C ALA B 785 65.33 31.83 105.35
N GLY B 786 66.52 31.74 105.92
CA GLY B 786 67.32 32.91 106.23
C GLY B 786 67.12 33.47 107.62
N VAL B 787 66.95 32.61 108.60
CA VAL B 787 66.81 33.01 110.00
C VAL B 787 67.70 32.17 110.90
N LYS B 788 68.06 32.76 112.03
CA LYS B 788 68.84 32.13 113.10
C LYS B 788 68.13 32.45 114.41
N VAL B 789 67.49 31.46 115.01
CA VAL B 789 66.74 31.65 116.25
C VAL B 789 67.26 30.70 117.32
N ARG B 790 67.36 31.19 118.55
CA ARG B 790 67.87 30.41 119.66
C ARG B 790 66.79 30.16 120.70
N PHE B 791 66.74 28.93 121.20
CA PHE B 791 65.79 28.53 122.22
C PHE B 791 66.46 28.64 123.58
N LEU B 792 65.81 29.36 124.49
CA LEU B 792 66.19 29.53 125.87
C LEU B 792 65.15 28.83 126.73
N LEU B 793 65.57 27.81 127.46
CA LEU B 793 64.64 26.99 128.23
C LEU B 793 64.96 27.00 129.71
N GLY B 794 65.83 27.89 130.16
CA GLY B 794 66.13 28.04 131.57
C GLY B 794 67.00 26.90 132.08
N GLY B 795 67.38 27.03 133.35
CA GLY B 795 68.29 26.07 133.96
C GLY B 795 69.61 26.04 133.22
N ARG B 796 70.04 24.84 132.84
CA ARG B 796 71.24 24.69 132.03
C ARG B 796 70.93 24.82 130.54
N HIS B 797 69.66 24.90 130.17
CA HIS B 797 69.25 24.99 128.77
C HIS B 797 68.84 26.40 128.38
N GLY B 798 69.52 27.40 128.91
CA GLY B 798 69.27 28.79 128.61
C GLY B 798 69.50 29.65 129.84
N GLU B 799 69.12 30.91 129.74
CA GLU B 799 69.31 31.86 130.83
C GLU B 799 68.05 32.66 131.15
N PHE B 800 67.18 32.81 130.15
CA PHE B 800 65.92 33.57 130.14
C PHE B 800 66.11 35.08 130.15
N LYS B 801 67.32 35.58 130.43
CA LYS B 801 67.74 36.98 130.32
C LYS B 801 66.83 38.03 130.98
N PHE B 802 65.91 37.59 131.82
CA PHE B 802 64.81 38.34 132.40
C PHE B 802 64.26 37.53 133.56
N LEU B 803 63.15 37.99 134.13
CA LEU B 803 62.51 37.32 135.25
C LEU B 803 61.18 36.75 134.80
N PRO B 804 61.01 35.43 134.81
CA PRO B 804 59.71 34.84 134.47
C PRO B 804 58.66 35.26 135.46
N PRO B 805 57.40 35.39 135.02
CA PRO B 805 56.34 35.75 135.95
C PRO B 805 56.13 34.66 136.98
N PRO B 806 55.68 35.01 138.19
CA PRO B 806 55.56 34.02 139.27
C PRO B 806 54.59 32.90 138.94
N GLY B 807 54.98 31.68 139.32
CA GLY B 807 54.18 30.51 139.08
C GLY B 807 54.45 29.80 137.78
N TYR B 808 55.30 30.34 136.91
CA TYR B 808 55.57 29.73 135.61
C TYR B 808 56.93 29.05 135.65
N ALA B 809 56.94 27.73 135.55
CA ALA B 809 58.18 26.99 135.61
C ALA B 809 58.87 26.99 134.26
N PRO B 810 60.22 26.95 134.25
CA PRO B 810 60.94 26.80 132.98
C PRO B 810 60.56 25.51 132.26
N CYS B 811 60.43 25.59 130.93
CA CYS B 811 59.96 24.45 130.14
C CYS B 811 60.93 23.28 130.14
N HIS B 812 62.21 23.49 130.46
CA HIS B 812 63.19 22.43 130.55
C HIS B 812 62.95 21.46 131.70
N GLU B 813 62.05 21.78 132.62
CA GLU B 813 61.72 20.92 133.73
C GLU B 813 60.63 19.91 133.39
N ALA B 814 60.10 19.94 132.17
CA ALA B 814 59.09 19.00 131.72
C ALA B 814 59.64 17.83 130.92
N VAL B 815 60.97 17.72 130.77
CA VAL B 815 61.54 16.62 130.01
C VAL B 815 61.30 15.30 130.74
N LEU B 816 60.79 14.32 130.01
CA LEU B 816 60.49 13.02 130.59
C LEU B 816 61.80 12.30 130.92
N PRO B 817 61.82 11.50 132.01
CA PRO B 817 63.10 10.91 132.48
C PRO B 817 63.76 9.96 131.49
N ARG B 818 62.99 9.37 130.58
CA ARG B 818 63.56 8.42 129.62
C ARG B 818 64.14 9.09 128.39
N GLU B 819 63.93 10.40 128.21
CA GLU B 819 64.38 11.08 127.01
C GLU B 819 65.16 12.34 127.38
N ARG B 820 66.13 12.67 126.52
CA ARG B 820 66.91 13.87 126.66
C ARG B 820 66.29 15.00 125.84
N LEU B 821 66.85 16.19 125.99
CA LEU B 821 66.34 17.37 125.29
C LEU B 821 67.03 17.49 123.94
N ARG B 822 66.23 17.65 122.89
CA ARG B 822 66.75 17.88 121.55
C ARG B 822 65.68 18.59 120.72
N LEU B 823 66.13 19.19 119.63
CA LEU B 823 65.24 19.94 118.75
C LEU B 823 65.04 19.15 117.47
N GLU B 824 63.78 18.89 117.14
CA GLU B 824 63.43 18.07 116.00
C GLU B 824 62.21 18.68 115.31
N PRO B 825 62.06 18.48 114.01
CA PRO B 825 60.90 19.03 113.30
C PRO B 825 59.62 18.33 113.71
N ILE B 826 58.50 18.96 113.36
CA ILE B 826 57.15 18.43 113.58
C ILE B 826 56.99 17.24 112.62
N LYS B 827 55.87 16.49 112.73
CA LYS B 827 55.51 15.28 111.97
C LYS B 827 55.96 15.35 110.52
N GLU B 828 56.74 14.37 110.11
CA GLU B 828 57.40 14.38 108.82
C GLU B 828 57.24 13.04 108.13
N TYR B 829 57.73 12.98 106.91
CA TYR B 829 57.71 11.78 106.10
C TYR B 829 59.03 11.50 105.40
N ARG B 830 60.06 12.29 105.65
CA ARG B 830 61.36 12.10 105.01
C ARG B 830 62.42 12.79 105.85
N ARG B 831 63.57 12.15 105.99
CA ARG B 831 64.72 12.76 106.64
C ARG B 831 65.97 12.32 105.91
N GLU B 832 67.00 13.15 105.94
CA GLU B 832 68.25 12.81 105.26
C GLU B 832 68.95 11.64 105.95
N GLY B 833 69.61 10.80 105.16
CA GLY B 833 70.31 9.65 105.67
C GLY B 833 71.69 9.56 105.05
N PRO B 834 72.48 8.55 105.47
CA PRO B 834 73.85 8.39 104.98
C PRO B 834 73.93 8.22 103.47
N ARG B 835 73.22 7.21 102.95
CA ARG B 835 73.22 6.93 101.53
C ARG B 835 71.99 7.46 100.81
N GLY B 836 71.09 8.14 101.50
CA GLY B 836 69.90 8.67 100.86
C GLY B 836 68.79 9.03 101.81
N PRO B 837 67.80 9.77 101.32
CA PRO B 837 66.66 10.14 102.17
C PRO B 837 65.92 8.89 102.65
N HIS B 838 65.42 8.98 103.87
CA HIS B 838 64.71 7.90 104.53
C HIS B 838 63.24 8.30 104.63
N LEU B 839 62.36 7.49 104.05
CA LEU B 839 60.94 7.67 104.22
C LEU B 839 60.56 7.25 105.62
N VAL B 840 59.98 8.18 106.38
CA VAL B 840 59.68 7.98 107.79
C VAL B 840 58.17 7.86 107.95
N GLY B 841 57.72 6.76 108.55
CA GLY B 841 56.33 6.57 108.82
C GLY B 841 55.82 7.48 109.94
N PRO B 842 54.54 7.29 110.31
CA PRO B 842 53.95 8.07 111.42
C PRO B 842 54.73 7.92 112.71
N SER B 843 54.71 8.99 113.50
CA SER B 843 55.45 9.03 114.76
C SER B 843 54.49 8.81 115.91
N ARG B 844 54.89 7.92 116.84
CA ARG B 844 54.08 7.71 118.03
C ARG B 844 54.12 8.96 118.88
N CYS B 845 52.96 9.44 119.29
CA CYS B 845 52.85 10.69 120.01
C CYS B 845 52.36 10.40 121.43
N LEU B 846 53.00 11.04 122.39
CA LEU B 846 52.60 10.90 123.79
C LEU B 846 51.28 11.64 124.01
N SER B 847 50.53 11.20 125.00
CA SER B 847 49.21 11.73 125.29
C SER B 847 49.09 12.16 126.74
N HIS B 848 48.19 13.12 126.99
CA HIS B 848 47.91 13.57 128.35
C HIS B 848 47.38 12.42 129.19
N THR B 849 46.52 11.58 128.60
CA THR B 849 46.00 10.37 129.24
C THR B 849 47.11 9.42 129.70
N ASP B 850 48.32 9.53 129.14
CA ASP B 850 49.45 8.73 129.57
C ASP B 850 50.19 9.34 130.76
N PHE B 851 49.70 10.48 131.28
CA PHE B 851 50.27 11.05 132.49
C PHE B 851 49.38 10.87 133.70
N VAL B 852 48.19 10.32 133.54
CA VAL B 852 47.37 10.05 134.72
C VAL B 852 47.69 8.64 135.18
N PRO B 853 48.06 8.44 136.45
CA PRO B 853 48.30 7.07 136.91
C PRO B 853 46.98 6.43 137.29
N CYS B 854 46.61 5.37 136.57
CA CYS B 854 45.34 4.70 136.78
C CYS B 854 45.59 3.27 137.26
N PRO B 855 45.66 3.06 138.56
CA PRO B 855 45.92 1.73 139.09
C PRO B 855 44.62 0.95 139.19
N VAL B 856 44.72 -0.27 139.70
CA VAL B 856 43.54 -1.06 140.04
C VAL B 856 43.22 -0.84 141.52
N ASP B 857 41.95 -0.51 141.80
CA ASP B 857 41.54 -0.19 143.16
C ASP B 857 41.73 -1.40 144.07
N THR B 858 42.36 -1.18 145.22
CA THR B 858 42.65 -2.24 146.17
C THR B 858 41.91 -2.03 147.49
N VAL B 859 40.64 -1.68 147.43
CA VAL B 859 39.83 -1.47 148.62
C VAL B 859 38.77 -2.56 148.78
N GLN B 860 37.95 -2.78 147.75
CA GLN B 860 36.84 -3.73 147.83
C GLN B 860 37.34 -5.16 147.60
N ILE B 861 38.17 -5.62 148.53
CA ILE B 861 38.74 -6.97 148.50
C ILE B 861 38.70 -7.54 149.91
N VAL B 862 37.80 -8.52 150.13
CA VAL B 862 37.81 -9.24 151.39
C VAL B 862 39.03 -10.16 151.44
N LEU B 863 39.77 -10.09 152.52
CA LEU B 863 41.06 -10.76 152.61
C LEU B 863 40.85 -12.25 152.89
N PRO B 864 41.42 -13.14 152.08
CA PRO B 864 41.10 -14.58 152.16
C PRO B 864 41.81 -15.27 153.32
N PRO B 865 41.30 -16.45 153.74
CA PRO B 865 41.98 -17.20 154.82
C PRO B 865 43.37 -17.67 154.48
N HIS B 866 43.62 -18.09 153.24
CA HIS B 866 44.96 -18.58 152.89
C HIS B 866 45.96 -17.44 152.85
N LEU B 867 45.48 -16.21 152.69
CA LEU B 867 46.35 -15.04 152.73
C LEU B 867 46.62 -14.60 154.16
N GLU B 868 45.58 -14.51 155.02
CA GLU B 868 45.86 -14.19 156.43
C GLU B 868 46.71 -15.27 157.10
N ARG B 869 46.63 -16.50 156.59
CA ARG B 869 47.49 -17.58 157.05
C ARG B 869 48.96 -17.31 156.73
N ILE B 870 49.24 -16.58 155.64
CA ILE B 870 50.62 -16.26 155.29
C ILE B 870 50.87 -14.74 155.41
N ARG B 871 50.05 -14.07 156.23
CA ARG B 871 50.13 -12.62 156.41
C ARG B 871 51.43 -12.18 157.09
N GLU B 872 52.14 -13.09 157.74
CA GLU B 872 53.24 -12.74 158.62
C GLU B 872 54.61 -12.88 157.95
N LYS B 873 54.92 -14.05 157.38
CA LYS B 873 56.24 -14.30 156.81
C LYS B 873 56.56 -13.35 155.65
N LEU B 874 55.57 -13.13 154.78
CA LEU B 874 55.71 -12.16 153.68
C LEU B 874 55.86 -10.73 154.14
N ALA B 875 55.54 -10.41 155.41
CA ALA B 875 55.82 -9.10 155.98
C ALA B 875 57.19 -9.08 156.66
N GLU B 876 57.49 -10.17 157.39
CA GLU B 876 58.78 -10.30 158.07
C GLU B 876 59.92 -10.27 157.07
N ASN B 877 59.67 -10.75 155.85
CA ASN B 877 60.72 -10.78 154.85
C ASN B 877 60.83 -9.45 154.13
N ILE B 878 59.92 -8.50 154.38
CA ILE B 878 60.02 -7.19 153.75
C ILE B 878 60.06 -6.09 154.81
N HIS B 879 60.43 -6.43 156.03
CA HIS B 879 60.57 -5.41 157.07
C HIS B 879 61.95 -4.76 157.07
N GLU B 880 63.00 -5.48 156.67
CA GLU B 880 64.32 -4.88 156.53
C GLU B 880 65.03 -5.32 155.25
N LEU B 881 64.26 -5.72 154.23
CA LEU B 881 64.88 -6.17 152.99
C LEU B 881 65.63 -5.01 152.33
N TRP B 882 65.06 -3.80 152.37
CA TRP B 882 65.80 -2.63 151.91
C TRP B 882 67.00 -2.32 152.80
N ALA B 883 67.03 -2.85 154.02
CA ALA B 883 68.11 -2.62 154.95
C ALA B 883 69.25 -3.59 154.79
N LEU B 884 69.01 -4.73 154.12
CA LEU B 884 70.03 -5.78 154.04
C LEU B 884 71.24 -5.37 153.21
N THR B 885 71.02 -4.56 152.17
CA THR B 885 72.06 -4.24 151.20
C THR B 885 73.23 -3.48 151.82
N ARG B 886 72.93 -2.54 152.72
CA ARG B 886 73.90 -1.55 153.20
C ARG B 886 74.56 -1.89 154.52
N ILE B 887 74.29 -3.07 155.11
CA ILE B 887 74.97 -3.46 156.34
C ILE B 887 76.43 -3.78 156.01
N GLU B 888 77.33 -3.57 156.99
CA GLU B 888 78.79 -3.69 156.86
C GLU B 888 79.36 -2.68 155.86
N GLN B 889 78.70 -1.53 155.72
CA GLN B 889 79.18 -0.43 154.90
C GLN B 889 79.21 0.84 155.74
N GLY B 890 79.35 2.01 155.10
CA GLY B 890 79.24 3.27 155.82
C GLY B 890 77.89 3.49 156.49
N TRP B 891 76.84 2.87 155.96
CA TRP B 891 75.51 2.89 156.58
C TRP B 891 75.29 1.62 157.40
N THR B 892 76.11 1.48 158.44
CA THR B 892 76.04 0.34 159.35
C THR B 892 75.43 0.79 160.67
N TYR B 893 74.44 0.04 161.14
CA TYR B 893 73.58 0.40 162.25
C TYR B 893 74.37 0.56 163.56
N GLY B 894 73.73 1.24 164.53
CA GLY B 894 74.25 1.44 165.84
C GLY B 894 73.10 1.40 166.83
N PRO B 895 73.34 0.86 168.03
CA PRO B 895 72.27 0.75 169.04
C PRO B 895 71.68 2.07 169.51
N VAL B 896 72.44 3.16 169.46
CA VAL B 896 71.96 4.45 169.96
C VAL B 896 70.83 5.01 169.08
N ARG B 897 70.92 4.82 167.77
CA ARG B 897 69.99 5.42 166.83
C ARG B 897 69.11 4.35 166.18
N ASP B 898 68.31 4.78 165.22
CA ASP B 898 67.35 3.92 164.53
C ASP B 898 67.41 4.28 163.05
N ASP B 899 66.38 3.89 162.30
CA ASP B 899 66.27 4.15 160.88
C ASP B 899 66.33 5.64 160.55
N ASN B 900 66.69 5.93 159.29
CA ASN B 900 66.72 7.25 158.67
C ASN B 900 67.79 8.18 159.27
N LYS B 901 68.77 7.63 159.99
CA LYS B 901 69.80 8.42 160.65
C LYS B 901 71.19 8.15 160.06
N ARG B 902 71.28 7.89 158.75
CA ARG B 902 72.48 7.57 157.97
C ARG B 902 73.20 6.30 158.44
N LEU B 903 72.62 5.56 159.37
CA LEU B 903 73.06 4.28 159.91
C LEU B 903 71.84 3.38 160.06
N HIS B 904 71.02 3.37 159.02
CA HIS B 904 69.64 2.85 159.09
C HIS B 904 69.39 1.41 159.57
N PRO B 905 70.17 0.31 159.11
CA PRO B 905 69.61 -1.07 159.06
C PRO B 905 68.67 -1.62 160.14
N CYS B 906 69.11 -1.68 161.40
CA CYS B 906 68.37 -2.24 162.54
C CYS B 906 67.76 -3.61 162.20
N LEU B 907 68.65 -4.58 161.95
CA LEU B 907 68.26 -5.90 161.48
C LEU B 907 67.58 -6.76 162.54
N VAL B 908 67.50 -6.30 163.80
CA VAL B 908 67.07 -7.12 164.93
C VAL B 908 65.67 -7.67 164.70
N ASN B 909 64.68 -6.78 164.65
CA ASN B 909 63.28 -7.12 164.45
C ASN B 909 62.51 -5.81 164.30
N PHE B 910 61.25 -5.94 163.88
CA PHE B 910 60.33 -4.82 163.78
C PHE B 910 59.65 -4.50 165.10
N HIS B 911 59.78 -5.36 166.10
CA HIS B 911 59.29 -5.03 167.44
C HIS B 911 60.09 -3.87 168.03
N SER B 912 61.41 -3.89 167.84
CA SER B 912 62.23 -2.75 168.24
C SER B 912 61.86 -1.51 167.44
N LEU B 913 61.47 -1.70 166.18
CA LEU B 913 61.06 -0.59 165.34
C LEU B 913 59.67 -0.09 165.74
N PRO B 914 59.34 1.18 165.42
CA PRO B 914 58.05 1.74 165.85
C PRO B 914 56.84 0.97 165.35
N GLU B 915 55.85 0.83 166.24
CA GLU B 915 54.63 0.06 165.96
C GLU B 915 53.79 0.53 164.77
N PRO B 916 53.49 1.84 164.56
CA PRO B 916 52.64 2.20 163.40
C PRO B 916 53.23 1.81 162.06
N GLU B 917 54.49 2.18 161.78
CA GLU B 917 55.11 1.74 160.53
C GLU B 917 55.27 0.21 160.49
N ARG B 918 55.37 -0.44 161.66
CA ARG B 918 55.47 -1.90 161.73
C ARG B 918 54.22 -2.56 161.17
N ASN B 919 53.06 -2.35 161.82
CA ASN B 919 51.82 -2.93 161.31
C ASN B 919 51.41 -2.33 159.96
N TYR B 920 51.90 -1.13 159.65
CA TYR B 920 51.78 -0.59 158.29
C TYR B 920 52.52 -1.47 157.29
N ASN B 921 53.71 -1.95 157.64
CA ASN B 921 54.46 -2.85 156.76
C ASN B 921 53.75 -4.19 156.62
N LEU B 922 53.17 -4.70 157.72
CA LEU B 922 52.33 -5.90 157.65
C LEU B 922 51.18 -5.71 156.65
N GLN B 923 50.42 -4.63 156.80
CA GLN B 923 49.28 -4.43 155.92
C GLN B 923 49.69 -3.90 154.54
N MET B 924 50.95 -3.48 154.35
CA MET B 924 51.50 -3.29 153.01
C MET B 924 51.80 -4.62 152.33
N SER B 925 52.31 -5.61 153.08
CA SER B 925 52.41 -6.96 152.53
C SER B 925 51.04 -7.51 152.17
N GLY B 926 50.06 -7.30 153.05
CA GLY B 926 48.67 -7.60 152.72
C GLY B 926 48.16 -6.82 151.51
N GLU B 927 48.61 -5.58 151.36
CA GLU B 927 48.20 -4.73 150.25
C GLU B 927 48.75 -5.26 148.93
N THR B 928 50.00 -5.73 148.94
CA THR B 928 50.57 -6.41 147.77
C THR B 928 49.79 -7.68 147.44
N LEU B 929 49.43 -8.48 148.45
CA LEU B 929 48.56 -9.63 148.19
C LEU B 929 47.18 -9.23 147.68
N LYS B 930 46.67 -8.07 148.09
CA LYS B 930 45.39 -7.60 147.59
C LYS B 930 45.51 -7.15 146.13
N THR B 931 46.64 -6.55 145.78
CA THR B 931 46.95 -6.28 144.38
C THR B 931 47.03 -7.57 143.57
N LEU B 932 47.60 -8.63 144.16
CA LEU B 932 47.64 -9.94 143.48
C LEU B 932 46.24 -10.47 143.23
N LEU B 933 45.35 -10.29 144.21
CA LEU B 933 43.95 -10.69 144.06
C LEU B 933 43.28 -9.90 142.95
N ALA B 934 43.38 -8.56 142.99
CA ALA B 934 42.71 -7.72 142.01
C ALA B 934 43.27 -7.96 140.61
N LEU B 935 44.56 -8.33 140.52
CA LEU B 935 45.14 -8.67 139.23
C LEU B 935 44.61 -10.02 138.74
N GLY B 936 44.38 -10.95 139.66
CA GLY B 936 43.97 -12.29 139.26
C GLY B 936 44.93 -13.39 139.66
N CYS B 937 45.62 -13.22 140.78
CA CYS B 937 46.53 -14.23 141.31
C CYS B 937 45.92 -14.94 142.51
N HIS B 938 45.96 -16.27 142.47
CA HIS B 938 45.44 -17.12 143.53
C HIS B 938 46.47 -18.19 143.86
N VAL B 939 46.42 -18.70 145.08
CA VAL B 939 47.51 -19.52 145.61
C VAL B 939 47.00 -20.94 145.87
N GLY B 940 47.91 -21.90 145.72
CA GLY B 940 47.63 -23.30 146.01
C GLY B 940 48.86 -24.01 146.51
N MET B 941 48.70 -24.88 147.51
CA MET B 941 49.81 -25.52 148.20
C MET B 941 49.91 -26.96 147.76
N ALA B 942 51.09 -27.35 147.26
CA ALA B 942 51.34 -28.73 146.86
C ALA B 942 52.47 -29.37 147.65
N ASP B 943 53.68 -28.81 147.62
CA ASP B 943 54.86 -29.59 147.93
C ASP B 943 55.22 -29.42 149.42
N GLU B 944 56.43 -29.87 149.78
CA GLU B 944 56.96 -29.77 151.15
C GLU B 944 57.00 -28.33 151.66
N LYS B 945 56.64 -28.16 152.94
CA LYS B 945 56.58 -26.84 153.54
C LYS B 945 58.00 -26.27 153.62
N ALA B 946 58.21 -25.10 153.00
CA ALA B 946 59.52 -24.46 152.97
C ALA B 946 60.05 -24.11 154.36
N GLU B 947 59.14 -23.92 155.34
CA GLU B 947 59.51 -23.63 156.73
C GLU B 947 60.48 -24.67 157.29
N ASP B 948 60.31 -25.93 156.93
CA ASP B 948 61.20 -26.99 157.41
C ASP B 948 62.58 -26.85 156.76
N ASN B 949 62.62 -26.71 155.43
CA ASN B 949 63.85 -26.81 154.66
C ASN B 949 64.45 -25.42 154.43
N LEU B 950 64.00 -24.42 155.18
CA LEU B 950 64.58 -23.10 155.21
C LEU B 950 65.31 -22.89 156.52
N LYS B 951 66.36 -22.09 156.48
CA LYS B 951 67.15 -21.77 157.66
C LYS B 951 67.63 -20.33 157.58
N LYS B 952 67.98 -19.78 158.74
CA LYS B 952 68.56 -18.45 158.84
C LYS B 952 70.08 -18.58 158.91
N THR B 953 70.78 -17.76 158.13
CA THR B 953 72.22 -17.87 157.97
C THR B 953 72.87 -16.64 158.61
N LYS B 954 73.54 -16.85 159.74
CA LYS B 954 74.32 -15.80 160.37
C LYS B 954 75.62 -15.67 159.59
N LEU B 955 75.58 -14.86 158.53
CA LEU B 955 76.72 -14.66 157.67
C LEU B 955 77.81 -13.87 158.41
N PRO B 956 79.08 -14.02 158.00
CA PRO B 956 80.11 -13.10 158.51
C PRO B 956 79.80 -11.64 158.21
N LYS B 957 79.29 -11.36 157.02
CA LYS B 957 78.70 -10.05 156.74
C LYS B 957 77.37 -9.92 157.47
N THR B 958 76.94 -8.67 157.66
CA THR B 958 75.73 -8.26 158.39
C THR B 958 75.77 -8.67 159.86
N TYR B 959 76.96 -8.90 160.41
CA TYR B 959 77.09 -9.15 161.84
C TYR B 959 76.96 -7.85 162.62
N MET B 960 76.14 -7.88 163.66
CA MET B 960 75.89 -6.71 164.49
C MET B 960 75.94 -7.05 165.97
N MET B 961 76.21 -6.02 166.76
CA MET B 961 76.34 -6.14 168.21
C MET B 961 75.01 -5.93 168.92
N SER B 962 74.03 -5.31 168.25
CA SER B 962 72.74 -5.00 168.84
C SER B 962 71.85 -6.24 168.76
N ASN B 963 71.75 -6.96 169.89
CA ASN B 963 70.82 -8.08 170.10
C ASN B 963 71.02 -9.17 169.04
N GLY B 964 72.27 -9.63 168.90
CA GLY B 964 72.58 -10.72 168.00
C GLY B 964 72.57 -10.32 166.55
N TYR B 965 73.04 -11.23 165.70
CA TYR B 965 73.13 -10.97 164.27
C TYR B 965 72.29 -11.99 163.51
N LYS B 966 71.65 -11.50 162.45
CA LYS B 966 70.76 -12.29 161.60
C LYS B 966 70.63 -11.57 160.27
N PRO B 967 70.19 -12.26 159.22
CA PRO B 967 69.80 -11.55 157.99
C PRO B 967 68.70 -10.54 158.29
N ALA B 968 68.84 -9.35 157.70
CA ALA B 968 67.86 -8.28 157.95
C ALA B 968 66.45 -8.66 157.50
N PRO B 969 66.18 -9.20 156.27
CA PRO B 969 64.87 -9.82 156.05
C PRO B 969 64.89 -11.25 156.54
N LEU B 970 63.82 -11.99 156.33
CA LEU B 970 63.82 -13.40 156.67
C LEU B 970 64.56 -14.16 155.58
N ASP B 971 65.44 -15.08 155.98
CA ASP B 971 66.33 -15.74 155.03
C ASP B 971 65.54 -16.71 154.12
N LEU B 972 66.16 -17.06 153.00
CA LEU B 972 65.55 -17.96 152.03
C LEU B 972 66.65 -18.70 151.30
N SER B 973 66.36 -19.94 150.92
CA SER B 973 67.31 -20.79 150.20
C SER B 973 67.04 -20.67 148.71
N HIS B 974 67.68 -21.56 147.93
CA HIS B 974 67.50 -21.65 146.47
C HIS B 974 66.04 -21.79 146.03
N VAL B 975 65.55 -20.76 145.33
CA VAL B 975 64.18 -20.64 144.83
C VAL B 975 64.28 -19.89 143.51
N ARG B 976 63.44 -20.25 142.53
CA ARG B 976 63.51 -19.65 141.19
C ARG B 976 62.15 -19.07 140.84
N LEU B 977 62.08 -18.40 139.68
CA LEU B 977 60.85 -17.73 139.26
C LEU B 977 60.69 -17.84 137.76
N THR B 978 59.49 -18.19 137.32
CA THR B 978 59.18 -18.34 135.90
C THR B 978 58.81 -16.97 135.28
N PRO B 979 58.86 -16.86 133.93
CA PRO B 979 58.52 -15.57 133.30
C PRO B 979 57.13 -15.02 133.61
N ALA B 980 56.12 -15.89 133.82
CA ALA B 980 54.80 -15.43 134.27
C ALA B 980 54.93 -14.61 135.55
N GLN B 981 55.73 -15.09 136.50
CA GLN B 981 55.99 -14.35 137.73
C GLN B 981 56.76 -13.06 137.45
N THR B 982 57.65 -13.07 136.45
CA THR B 982 58.38 -11.84 136.12
C THR B 982 57.45 -10.75 135.61
N THR B 983 56.58 -11.09 134.65
CA THR B 983 55.59 -10.11 134.16
C THR B 983 54.65 -9.67 135.28
N LEU B 984 54.21 -10.61 136.12
CA LEU B 984 53.30 -10.29 137.20
C LEU B 984 53.92 -9.36 138.22
N VAL B 985 55.20 -9.58 138.57
CA VAL B 985 55.85 -8.69 139.53
C VAL B 985 56.12 -7.34 138.87
N ASP B 986 56.32 -7.31 137.54
CA ASP B 986 56.46 -6.05 136.82
C ASP B 986 55.21 -5.19 136.96
N ARG B 987 54.04 -5.76 136.65
CA ARG B 987 52.81 -4.98 136.78
C ARG B 987 52.43 -4.76 138.25
N LEU B 988 52.88 -5.62 139.16
CA LEU B 988 52.68 -5.39 140.59
C LEU B 988 53.45 -4.16 141.05
N ALA B 989 54.68 -3.99 140.55
CA ALA B 989 55.45 -2.79 140.84
C ALA B 989 54.82 -1.58 140.17
N GLU B 990 54.27 -1.78 138.96
CA GLU B 990 53.53 -0.72 138.29
C GLU B 990 52.37 -0.23 139.14
N ASN B 991 51.60 -1.15 139.70
CA ASN B 991 50.45 -0.76 140.51
C ASN B 991 50.87 -0.24 141.88
N GLY B 992 52.13 -0.43 142.26
CA GLY B 992 52.60 0.21 143.48
C GLY B 992 52.98 1.64 143.20
N HIS B 993 53.73 1.82 142.10
CA HIS B 993 54.17 3.14 141.67
C HIS B 993 52.99 4.05 141.36
N ASN B 994 51.96 3.53 140.70
CA ASN B 994 50.86 4.39 140.28
C ASN B 994 49.97 4.77 141.46
N VAL B 995 49.96 3.98 142.53
CA VAL B 995 49.23 4.36 143.73
C VAL B 995 50.02 5.41 144.49
N TRP B 996 51.35 5.23 144.56
CA TRP B 996 52.21 6.23 145.21
C TRP B 996 52.11 7.57 144.50
N ALA B 997 52.16 7.56 143.17
CA ALA B 997 52.07 8.78 142.37
C ALA B 997 50.70 9.42 142.52
N ARG B 998 49.63 8.60 142.54
CA ARG B 998 48.27 9.09 142.74
C ARG B 998 48.16 9.80 144.09
N ASP B 999 48.74 9.19 145.13
CA ASP B 999 48.69 9.78 146.47
C ASP B 999 49.44 11.11 146.51
N ARG B 1000 50.64 11.15 145.91
CA ARG B 1000 51.43 12.39 145.88
C ARG B 1000 50.68 13.51 145.16
N VAL B 1001 50.05 13.17 144.03
CA VAL B 1001 49.24 14.14 143.29
C VAL B 1001 48.09 14.61 144.16
N ALA B 1002 47.43 13.68 144.86
CA ALA B 1002 46.37 14.06 145.79
C ALA B 1002 46.87 14.92 146.94
N GLN B 1003 48.18 14.87 147.25
CA GLN B 1003 48.76 15.86 148.16
C GLN B 1003 49.35 17.05 147.41
N GLY B 1004 49.04 17.19 146.12
CA GLY B 1004 49.37 18.40 145.39
C GLY B 1004 50.62 18.33 144.53
N TRP B 1005 51.51 17.36 144.80
CA TRP B 1005 52.79 17.25 144.12
C TRP B 1005 52.66 17.11 142.60
N SER B 1006 53.76 17.37 141.89
CA SER B 1006 53.81 17.22 140.44
C SER B 1006 55.23 16.87 140.00
N TYR B 1007 55.41 16.78 138.68
CA TYR B 1007 56.68 16.36 138.10
C TYR B 1007 57.57 17.56 137.81
N SER B 1008 58.87 17.38 137.99
CA SER B 1008 59.88 18.34 137.57
C SER B 1008 61.19 17.58 137.47
N ALA B 1009 61.92 17.75 136.36
CA ALA B 1009 63.19 17.04 136.14
C ALA B 1009 64.25 17.36 137.18
N VAL B 1010 64.12 18.48 137.90
CA VAL B 1010 64.97 18.82 139.03
C VAL B 1010 64.09 18.79 140.27
N GLN B 1011 64.59 18.16 141.34
CA GLN B 1011 63.77 17.92 142.52
C GLN B 1011 63.69 19.19 143.34
N ASP B 1012 62.47 19.56 143.73
CA ASP B 1012 62.18 20.71 144.59
C ASP B 1012 61.22 20.28 145.67
N ILE B 1013 61.75 19.92 146.83
CA ILE B 1013 60.93 19.48 147.97
C ILE B 1013 60.07 20.61 148.52
N PRO B 1014 60.57 21.82 148.87
CA PRO B 1014 59.64 22.87 149.35
C PRO B 1014 58.60 23.29 148.33
N ALA B 1015 58.91 23.21 147.04
CA ALA B 1015 57.93 23.44 145.99
C ALA B 1015 57.12 22.20 145.66
N ARG B 1016 57.43 21.07 146.31
CA ARG B 1016 56.65 19.82 146.25
C ARG B 1016 56.61 19.26 144.84
N ARG B 1017 57.79 19.10 144.24
CA ARG B 1017 57.91 18.51 142.91
C ARG B 1017 59.04 17.48 142.93
N ASN B 1018 58.86 16.42 142.15
CA ASN B 1018 59.72 15.24 142.20
C ASN B 1018 60.08 14.85 140.76
N PRO B 1019 61.26 14.27 140.54
CA PRO B 1019 61.58 13.73 139.21
C PRO B 1019 61.00 12.37 138.91
N ARG B 1020 60.23 11.78 139.82
CA ARG B 1020 59.71 10.44 139.59
C ARG B 1020 58.19 10.41 139.58
N LEU B 1021 57.53 11.56 139.68
CA LEU B 1021 56.08 11.65 139.52
C LEU B 1021 55.68 11.60 138.04
N VAL B 1022 55.91 10.45 137.44
CA VAL B 1022 55.38 10.10 136.13
C VAL B 1022 54.87 8.68 136.26
N PRO B 1023 53.89 8.26 135.46
CA PRO B 1023 53.46 6.85 135.45
C PRO B 1023 54.61 5.90 135.13
N TYR B 1024 54.48 4.68 135.66
CA TYR B 1024 55.53 3.66 135.59
C TYR B 1024 56.01 3.44 134.17
N ARG B 1025 55.09 3.46 133.19
CA ARG B 1025 55.44 3.25 131.79
C ARG B 1025 56.37 4.34 131.28
N LEU B 1026 56.36 5.52 131.92
CA LEU B 1026 57.18 6.66 131.54
C LEU B 1026 58.38 6.81 132.47
N LEU B 1027 58.43 6.02 133.55
CA LEU B 1027 59.54 6.07 134.48
C LEU B 1027 60.84 5.60 133.80
N ASP B 1028 61.95 5.79 134.49
CA ASP B 1028 63.24 5.36 133.95
C ASP B 1028 63.53 3.93 134.37
N GLU B 1029 64.43 3.28 133.61
CA GLU B 1029 64.74 1.87 133.82
C GLU B 1029 65.43 1.62 135.15
N ALA B 1030 66.22 2.58 135.63
CA ALA B 1030 66.87 2.46 136.94
C ALA B 1030 65.84 2.33 138.05
N THR B 1031 64.85 3.25 138.06
CA THR B 1031 63.82 3.22 139.08
C THR B 1031 62.89 2.02 138.89
N LYS B 1032 62.61 1.65 137.63
CA LYS B 1032 61.84 0.43 137.35
C LYS B 1032 62.48 -0.79 137.99
N ARG B 1033 63.80 -0.94 137.79
CA ARG B 1033 64.52 -2.07 138.35
C ARG B 1033 64.55 -2.00 139.88
N SER B 1034 64.74 -0.79 140.43
CA SER B 1034 64.78 -0.62 141.88
C SER B 1034 63.47 -0.99 142.54
N ASN B 1035 62.34 -0.58 141.94
CA ASN B 1035 61.04 -1.01 142.46
C ASN B 1035 60.84 -2.51 142.29
N ARG B 1036 61.18 -3.04 141.12
CA ARG B 1036 60.92 -4.46 140.82
C ARG B 1036 61.76 -5.40 141.68
N ASP B 1037 62.94 -4.97 142.14
CA ASP B 1037 63.82 -5.86 142.91
C ASP B 1037 63.20 -6.30 144.24
N SER B 1038 62.62 -5.35 144.99
CA SER B 1038 62.06 -5.65 146.30
C SER B 1038 60.88 -6.61 146.19
N LEU B 1039 59.93 -6.29 145.32
CA LEU B 1039 58.76 -7.13 145.16
C LEU B 1039 59.10 -8.42 144.43
N CYS B 1040 60.19 -8.46 143.66
CA CYS B 1040 60.68 -9.72 143.09
C CYS B 1040 61.17 -10.64 144.20
N GLN B 1041 61.88 -10.08 145.18
CA GLN B 1041 62.26 -10.87 146.35
C GLN B 1041 61.04 -11.36 147.10
N ALA B 1042 60.03 -10.48 147.24
CA ALA B 1042 58.79 -10.83 147.94
C ALA B 1042 58.07 -12.00 147.26
N VAL B 1043 57.87 -11.90 145.94
CA VAL B 1043 57.16 -12.96 145.20
C VAL B 1043 58.03 -14.22 145.18
N ARG B 1044 59.36 -14.09 145.23
CA ARG B 1044 60.24 -15.24 145.33
C ARG B 1044 60.03 -15.97 146.66
N THR B 1045 59.94 -15.20 147.76
CA THR B 1045 59.67 -15.78 149.07
C THR B 1045 58.31 -16.45 149.10
N LEU B 1046 57.32 -15.87 148.41
CA LEU B 1046 56.01 -16.50 148.28
C LEU B 1046 56.12 -17.82 147.52
N LEU B 1047 56.90 -17.82 146.44
CA LEU B 1047 57.06 -19.01 145.60
C LEU B 1047 57.77 -20.12 146.36
N GLY B 1048 58.71 -19.76 147.25
CA GLY B 1048 59.43 -20.74 148.04
C GLY B 1048 58.53 -21.63 148.87
N TYR B 1049 57.48 -21.05 149.44
CA TYR B 1049 56.48 -21.81 150.21
C TYR B 1049 55.56 -22.66 149.33
N GLY B 1050 55.79 -22.70 148.02
CA GLY B 1050 55.10 -23.58 147.11
C GLY B 1050 53.73 -23.10 146.68
N TYR B 1051 53.31 -21.92 147.13
CA TYR B 1051 51.99 -21.42 146.76
C TYR B 1051 52.05 -20.84 145.36
N ASN B 1052 51.17 -21.35 144.50
CA ASN B 1052 51.21 -21.02 143.07
C ASN B 1052 50.93 -19.55 142.83
N ILE B 1053 51.64 -18.98 141.86
CA ILE B 1053 51.35 -17.63 141.37
C ILE B 1053 50.60 -17.83 140.06
N GLU B 1054 49.27 -17.67 140.11
CA GLU B 1054 48.43 -18.01 138.96
C GLU B 1054 48.29 -16.81 138.06
N PRO B 1055 48.73 -16.89 136.80
CA PRO B 1055 48.46 -15.79 135.88
C PRO B 1055 46.97 -15.63 135.64
N PRO B 1056 46.52 -14.40 135.46
CA PRO B 1056 45.11 -14.15 135.11
C PRO B 1056 44.88 -14.40 133.63
N ASP B 1057 43.63 -14.23 133.21
CA ASP B 1057 43.30 -14.33 131.80
C ASP B 1057 43.95 -13.19 131.01
N GLN B 1058 44.14 -13.43 129.72
CA GLN B 1058 44.79 -12.48 128.82
C GLN B 1058 43.74 -11.78 127.97
N GLU B 1059 43.74 -10.46 128.00
CA GLU B 1059 42.82 -9.67 127.18
C GLU B 1059 43.63 -8.74 126.28
N PRO B 1060 43.57 -8.92 124.97
CA PRO B 1060 44.30 -8.03 124.05
C PRO B 1060 43.61 -6.68 123.93
N SER B 1061 44.38 -5.61 124.12
CA SER B 1061 43.84 -4.25 124.09
C SER B 1061 44.74 -3.36 123.24
N GLN B 1062 44.12 -2.37 122.62
CA GLN B 1062 44.80 -1.37 121.80
C GLN B 1062 44.64 0.00 122.45
N VAL B 1063 45.76 0.72 122.57
CA VAL B 1063 45.76 2.02 123.24
C VAL B 1063 44.95 3.05 122.48
N GLU B 1064 45.16 3.14 121.16
CA GLU B 1064 44.43 4.07 120.32
C GLU B 1064 43.76 3.29 119.20
N ASN B 1065 42.45 3.49 119.03
CA ASN B 1065 41.69 2.75 118.04
C ASN B 1065 40.99 3.61 117.00
N GLN B 1066 40.52 4.81 117.39
CA GLN B 1066 39.73 5.66 116.51
C GLN B 1066 40.48 6.04 115.25
N SER B 1067 41.71 6.55 115.41
CA SER B 1067 42.49 7.02 114.27
C SER B 1067 43.24 5.86 113.63
N ARG B 1068 42.47 5.04 112.92
CA ARG B 1068 43.05 3.94 112.15
C ARG B 1068 43.83 4.44 110.93
N TRP B 1069 43.64 5.68 110.52
CA TRP B 1069 44.26 6.21 109.32
C TRP B 1069 45.62 6.82 109.61
N ASP B 1070 45.81 7.41 110.79
CA ASP B 1070 47.12 7.88 111.21
C ASP B 1070 47.98 6.72 111.72
N ARG B 1071 48.13 5.67 110.93
CA ARG B 1071 48.91 4.49 111.23
C ARG B 1071 49.87 4.14 110.11
N VAL B 1072 49.47 4.32 108.86
CA VAL B 1072 50.34 3.94 107.76
C VAL B 1072 50.57 5.21 106.94
N ARG B 1073 51.47 5.12 105.95
CA ARG B 1073 51.76 6.27 105.10
C ARG B 1073 52.31 5.72 103.78
N ILE B 1074 51.43 5.50 102.81
CA ILE B 1074 51.83 4.88 101.56
C ILE B 1074 52.74 5.83 100.78
N PHE B 1075 53.75 5.27 100.12
CA PHE B 1075 54.68 5.97 99.24
C PHE B 1075 54.71 5.24 97.92
N ARG B 1076 54.70 5.99 96.82
CA ARG B 1076 54.75 5.37 95.50
C ARG B 1076 55.27 6.38 94.50
N ALA B 1077 55.74 5.88 93.37
CA ALA B 1077 56.23 6.79 92.34
C ALA B 1077 55.07 7.46 91.63
N GLU B 1078 55.39 8.54 90.91
CA GLU B 1078 54.38 9.28 90.17
C GLU B 1078 53.81 8.42 89.03
N LYS B 1079 52.56 8.71 88.66
CA LYS B 1079 51.86 7.92 87.65
C LYS B 1079 52.52 7.94 86.27
N SER B 1080 53.31 8.98 85.97
CA SER B 1080 53.97 9.08 84.67
C SER B 1080 55.03 8.01 84.48
N TYR B 1081 55.55 7.44 85.56
CA TYR B 1081 56.56 6.40 85.52
C TYR B 1081 55.95 5.00 85.42
N THR B 1082 54.70 4.90 84.96
CA THR B 1082 54.04 3.61 84.77
C THR B 1082 54.77 2.77 83.74
N VAL B 1083 55.01 1.50 84.08
CA VAL B 1083 55.71 0.55 83.22
C VAL B 1083 54.74 -0.56 82.83
N GLN B 1084 54.81 -0.96 81.55
CA GLN B 1084 53.94 -2.00 81.03
C GLN B 1084 54.70 -3.08 80.27
N SER B 1085 56.03 -3.04 80.27
CA SER B 1085 56.84 -4.02 79.57
C SER B 1085 58.21 -4.10 80.21
N GLY B 1086 58.95 -5.16 79.86
CA GLY B 1086 60.28 -5.32 80.38
C GLY B 1086 60.35 -5.84 81.80
N ARG B 1087 61.58 -5.82 82.32
CA ARG B 1087 61.87 -6.29 83.66
C ARG B 1087 62.54 -5.18 84.45
N TRP B 1088 62.03 -4.92 85.65
CA TRP B 1088 62.50 -3.80 86.45
C TRP B 1088 62.85 -4.28 87.86
N TYR B 1089 63.71 -3.51 88.53
CA TYR B 1089 64.18 -3.89 89.85
C TYR B 1089 64.47 -2.65 90.68
N PHE B 1090 64.17 -2.75 91.98
CA PHE B 1090 64.45 -1.65 92.89
C PHE B 1090 64.68 -2.21 94.29
N GLU B 1091 65.28 -1.40 95.16
CA GLU B 1091 65.66 -1.87 96.48
C GLU B 1091 64.89 -1.14 97.57
N PHE B 1092 64.82 -1.77 98.75
CA PHE B 1092 64.16 -1.13 99.88
C PHE B 1092 64.84 -1.58 101.17
N GLU B 1093 65.82 -0.79 101.62
CA GLU B 1093 66.48 -1.06 102.89
C GLU B 1093 65.51 -0.83 104.03
N ALA B 1094 65.48 -1.77 104.97
CA ALA B 1094 64.58 -1.76 106.13
C ALA B 1094 65.37 -1.33 107.36
N VAL B 1095 65.39 -0.02 107.65
CA VAL B 1095 66.15 0.46 108.81
C VAL B 1095 65.56 -0.09 110.11
N THR B 1096 64.23 -0.05 110.23
CA THR B 1096 63.57 -0.65 111.39
C THR B 1096 63.09 -2.05 111.01
N THR B 1097 62.39 -2.71 111.95
CA THR B 1097 61.94 -4.09 111.76
C THR B 1097 60.44 -4.25 111.97
N GLY B 1098 59.67 -3.19 111.87
CA GLY B 1098 58.25 -3.22 112.17
C GLY B 1098 57.38 -3.51 110.97
N GLU B 1099 56.17 -2.98 111.01
CA GLU B 1099 55.17 -3.21 109.96
C GLU B 1099 55.48 -2.30 108.78
N MET B 1100 56.24 -2.83 107.83
CA MET B 1100 56.52 -2.12 106.58
C MET B 1100 56.30 -3.11 105.44
N ARG B 1101 55.70 -2.62 104.37
CA ARG B 1101 55.34 -3.45 103.23
C ARG B 1101 55.91 -2.84 101.96
N VAL B 1102 56.44 -3.68 101.07
CA VAL B 1102 57.05 -3.16 99.84
C VAL B 1102 56.64 -4.05 98.67
N GLY B 1103 56.38 -3.44 97.51
CA GLY B 1103 56.01 -4.21 96.34
C GLY B 1103 55.72 -3.38 95.10
N TRP B 1104 54.69 -3.76 94.37
CA TRP B 1104 54.29 -3.02 93.18
C TRP B 1104 52.79 -2.80 93.21
N ALA B 1105 52.35 -1.68 92.63
CA ALA B 1105 50.95 -1.29 92.69
C ALA B 1105 50.50 -0.77 91.33
N ARG B 1106 49.22 -0.90 91.08
CA ARG B 1106 48.60 -0.30 89.91
C ARG B 1106 48.34 1.19 90.17
N PRO B 1107 48.34 2.02 89.12
CA PRO B 1107 48.35 3.49 89.33
C PRO B 1107 47.17 4.06 90.09
N GLU B 1108 45.99 3.43 89.98
CA GLU B 1108 44.79 3.94 90.64
C GLU B 1108 44.63 3.45 92.07
N LEU B 1109 45.75 3.13 92.73
CA LEU B 1109 45.76 2.63 94.11
C LEU B 1109 45.12 3.64 95.06
N ARG B 1110 44.18 3.16 95.87
CA ARG B 1110 43.51 4.04 96.81
C ARG B 1110 44.47 4.41 97.95
N PRO B 1111 44.33 5.61 98.51
CA PRO B 1111 45.30 6.04 99.53
C PRO B 1111 44.91 5.61 100.94
N ASP B 1112 43.63 5.32 101.16
CA ASP B 1112 43.13 5.04 102.50
C ASP B 1112 42.95 3.55 102.79
N VAL B 1113 43.45 2.68 101.93
CA VAL B 1113 43.25 1.24 102.07
C VAL B 1113 44.62 0.60 102.17
N GLU B 1114 44.80 -0.29 103.14
CA GLU B 1114 46.05 -1.01 103.30
C GLU B 1114 46.37 -1.85 102.07
N LEU B 1115 47.66 -1.86 101.71
CA LEU B 1115 48.14 -2.57 100.53
C LEU B 1115 47.88 -4.06 100.62
N GLY B 1116 47.50 -4.65 99.49
CA GLY B 1116 47.21 -6.05 99.40
C GLY B 1116 45.78 -6.42 99.76
N ALA B 1117 45.15 -5.65 100.64
CA ALA B 1117 43.76 -5.87 101.04
C ALA B 1117 42.77 -5.73 99.87
N ASP B 1118 43.18 -5.04 98.81
CA ASP B 1118 42.46 -4.97 97.55
C ASP B 1118 43.32 -5.58 96.45
N GLU B 1119 42.80 -5.57 95.23
CA GLU B 1119 43.47 -6.16 94.09
C GLU B 1119 44.37 -5.18 93.35
N LEU B 1120 44.53 -3.96 93.86
CA LEU B 1120 45.25 -2.93 93.13
C LEU B 1120 46.75 -2.98 93.38
N ALA B 1121 47.22 -3.87 94.25
CA ALA B 1121 48.63 -3.91 94.59
C ALA B 1121 49.02 -5.33 94.97
N TYR B 1122 50.25 -5.68 94.62
CA TYR B 1122 50.91 -6.91 95.03
C TYR B 1122 52.03 -6.49 95.96
N VAL B 1123 51.96 -6.88 97.22
CA VAL B 1123 52.91 -6.33 98.17
C VAL B 1123 53.40 -7.45 99.10
N PHE B 1124 54.63 -7.33 99.58
CA PHE B 1124 55.21 -8.27 100.52
C PHE B 1124 55.37 -7.59 101.86
N ASN B 1125 54.77 -8.19 102.90
CA ASN B 1125 54.82 -7.72 104.28
C ASN B 1125 55.88 -8.57 104.99
N GLY B 1126 57.05 -8.00 105.20
CA GLY B 1126 58.10 -8.74 105.89
C GLY B 1126 58.21 -8.47 107.37
N HIS B 1127 57.16 -7.90 107.97
CA HIS B 1127 57.10 -7.90 109.43
C HIS B 1127 57.02 -9.34 109.95
N ARG B 1128 56.29 -10.21 109.26
CA ARG B 1128 56.23 -11.60 109.66
C ARG B 1128 56.26 -12.57 108.48
N GLY B 1129 56.70 -12.12 107.30
CA GLY B 1129 56.82 -13.01 106.16
C GLY B 1129 55.50 -13.42 105.53
N GLN B 1130 54.77 -12.45 104.98
CA GLN B 1130 53.49 -12.68 104.32
C GLN B 1130 53.48 -11.99 102.97
N ARG B 1131 52.74 -12.54 102.03
CA ARG B 1131 52.49 -11.87 100.76
C ARG B 1131 51.03 -11.48 100.71
N TRP B 1132 50.76 -10.24 100.28
CA TRP B 1132 49.43 -9.69 100.30
C TRP B 1132 48.98 -9.37 98.88
N HIS B 1133 47.87 -10.01 98.48
CA HIS B 1133 47.10 -9.63 97.29
C HIS B 1133 45.71 -10.23 97.46
N LEU B 1134 44.72 -9.38 97.76
CA LEU B 1134 43.34 -9.77 98.11
C LEU B 1134 43.33 -10.74 99.29
N GLY B 1135 44.22 -10.53 100.25
CA GLY B 1135 44.39 -11.41 101.38
C GLY B 1135 45.85 -11.76 101.58
N SER B 1136 46.11 -12.41 102.71
CA SER B 1136 47.46 -12.71 103.14
C SER B 1136 47.68 -14.21 103.24
N GLU B 1137 48.84 -14.65 102.76
CA GLU B 1137 49.31 -16.01 102.97
C GLU B 1137 50.81 -15.97 103.21
N PRO B 1138 51.34 -16.88 104.03
CA PRO B 1138 52.77 -16.84 104.37
C PRO B 1138 53.68 -17.09 103.16
N PHE B 1139 54.84 -16.44 103.20
CA PHE B 1139 55.81 -16.46 102.11
C PHE B 1139 57.12 -15.90 102.65
N GLY B 1140 58.24 -16.54 102.29
CA GLY B 1140 59.56 -16.07 102.66
C GLY B 1140 59.76 -16.07 104.16
N ARG B 1141 60.52 -15.10 104.63
CA ARG B 1141 60.81 -14.94 106.04
C ARG B 1141 60.84 -13.47 106.39
N PRO B 1142 60.52 -13.10 107.64
CA PRO B 1142 60.68 -11.70 108.05
C PRO B 1142 62.14 -11.29 108.09
N TRP B 1143 62.37 -9.99 107.87
CA TRP B 1143 63.73 -9.46 107.88
C TRP B 1143 64.20 -9.11 109.29
N GLN B 1144 65.35 -8.46 109.34
CA GLN B 1144 65.87 -7.77 110.51
C GLN B 1144 66.41 -6.42 110.02
N SER B 1145 67.07 -5.68 110.92
CA SER B 1145 67.64 -4.39 110.57
C SER B 1145 68.75 -4.53 109.52
N GLY B 1146 68.83 -3.54 108.64
CA GLY B 1146 69.87 -3.47 107.64
C GLY B 1146 69.61 -4.31 106.40
N ASP B 1147 68.48 -5.00 106.34
CA ASP B 1147 68.18 -5.86 105.21
C ASP B 1147 67.68 -5.06 104.00
N VAL B 1148 68.07 -5.48 102.82
CA VAL B 1148 67.74 -4.76 101.59
C VAL B 1148 66.78 -5.63 100.78
N VAL B 1149 65.48 -5.38 100.92
CA VAL B 1149 64.47 -6.16 100.22
C VAL B 1149 64.45 -5.70 98.77
N GLY B 1150 65.12 -6.44 97.89
CA GLY B 1150 65.12 -6.12 96.48
C GLY B 1150 63.90 -6.72 95.80
N CYS B 1151 63.19 -5.91 95.04
CA CYS B 1151 61.97 -6.31 94.37
C CYS B 1151 62.19 -6.33 92.86
N MET B 1152 61.98 -7.50 92.24
CA MET B 1152 61.97 -7.68 90.81
C MET B 1152 60.60 -7.24 90.27
N ILE B 1153 60.45 -7.32 88.93
CA ILE B 1153 59.17 -7.45 88.23
C ILE B 1153 59.48 -7.86 86.80
N ASP B 1154 58.66 -8.76 86.25
CA ASP B 1154 58.84 -9.33 84.91
C ASP B 1154 57.50 -9.22 84.21
N LEU B 1155 57.31 -8.14 83.43
CA LEU B 1155 56.07 -7.93 82.69
C LEU B 1155 55.93 -8.85 81.47
N THR B 1156 57.00 -9.52 81.06
CA THR B 1156 56.89 -10.51 79.98
C THR B 1156 56.43 -11.85 80.54
N GLU B 1157 57.08 -12.32 81.60
CA GLU B 1157 56.76 -13.60 82.21
C GLU B 1157 55.62 -13.49 83.20
N ASN B 1158 55.17 -12.26 83.48
CA ASN B 1158 54.07 -11.96 84.41
C ASN B 1158 54.38 -12.49 85.80
N THR B 1159 55.52 -12.09 86.34
CA THR B 1159 55.92 -12.55 87.67
C THR B 1159 56.52 -11.43 88.49
N ILE B 1160 56.45 -11.61 89.80
CA ILE B 1160 57.04 -10.71 90.79
C ILE B 1160 57.89 -11.55 91.73
N ILE B 1161 59.16 -11.20 91.86
CA ILE B 1161 60.12 -11.97 92.64
C ILE B 1161 60.70 -11.07 93.73
N PHE B 1162 60.68 -11.55 94.97
CA PHE B 1162 61.26 -10.81 96.07
C PHE B 1162 62.54 -11.51 96.50
N THR B 1163 63.63 -10.76 96.57
CA THR B 1163 64.94 -11.27 96.93
C THR B 1163 65.45 -10.52 98.14
N LEU B 1164 65.85 -11.25 99.18
CA LEU B 1164 66.32 -10.65 100.40
C LEU B 1164 67.82 -10.91 100.51
N ASN B 1165 68.59 -9.81 100.60
CA ASN B 1165 70.05 -9.82 100.72
C ASN B 1165 70.71 -10.68 99.63
N GLY B 1166 70.15 -10.61 98.42
CA GLY B 1166 70.63 -11.38 97.30
C GLY B 1166 70.10 -12.78 97.21
N GLU B 1167 69.27 -13.21 98.16
CA GLU B 1167 68.73 -14.56 98.20
C GLU B 1167 67.23 -14.49 97.93
N VAL B 1168 66.78 -15.27 96.94
CA VAL B 1168 65.38 -15.26 96.53
C VAL B 1168 64.50 -15.82 97.64
N LEU B 1169 63.51 -15.03 98.04
CA LEU B 1169 62.54 -15.49 99.04
C LEU B 1169 61.69 -16.61 98.47
N MET B 1170 61.55 -17.68 99.22
CA MET B 1170 61.04 -18.95 98.73
C MET B 1170 59.69 -19.23 99.38
N SER B 1171 58.72 -19.65 98.58
CA SER B 1171 57.41 -19.95 99.11
C SER B 1171 57.42 -21.31 99.81
N ASP B 1172 56.35 -21.58 100.56
CA ASP B 1172 56.22 -22.85 101.28
C ASP B 1172 55.69 -23.94 100.34
N SER B 1173 56.31 -24.07 99.18
CA SER B 1173 56.01 -25.04 98.13
C SER B 1173 57.19 -24.99 97.16
N GLY B 1174 57.05 -25.64 96.01
CA GLY B 1174 58.11 -25.59 95.00
C GLY B 1174 58.24 -24.27 94.28
N SER B 1175 57.26 -23.38 94.40
CA SER B 1175 57.30 -22.10 93.69
C SER B 1175 58.30 -21.15 94.33
N GLU B 1176 59.11 -20.49 93.49
CA GLU B 1176 60.07 -19.51 93.97
C GLU B 1176 59.65 -18.07 93.69
N THR B 1177 58.59 -17.87 92.92
CA THR B 1177 58.08 -16.55 92.58
C THR B 1177 56.84 -16.27 93.41
N ALA B 1178 56.79 -15.09 94.05
CA ALA B 1178 55.70 -14.74 94.95
C ALA B 1178 54.37 -14.70 94.22
N PHE B 1179 54.32 -14.08 93.04
CA PHE B 1179 53.10 -13.99 92.27
C PHE B 1179 53.39 -14.35 90.83
N ARG B 1180 52.37 -14.88 90.15
CA ARG B 1180 52.49 -15.31 88.76
C ARG B 1180 51.17 -15.03 88.06
N GLU B 1181 51.25 -14.99 86.72
CA GLU B 1181 50.10 -14.76 85.83
C GLU B 1181 49.39 -13.46 86.16
N ILE B 1182 50.17 -12.41 86.40
CA ILE B 1182 49.62 -11.09 86.67
C ILE B 1182 49.32 -10.37 85.35
N GLU B 1183 48.11 -9.86 85.24
CA GLU B 1183 47.69 -9.15 84.04
C GLU B 1183 48.37 -7.79 83.96
N ILE B 1184 48.70 -7.37 82.74
CA ILE B 1184 49.40 -6.11 82.53
C ILE B 1184 48.53 -4.94 82.99
N GLY B 1185 47.38 -4.77 82.34
CA GLY B 1185 46.45 -3.71 82.72
C GLY B 1185 47.05 -2.34 82.47
N ASP B 1186 46.76 -1.41 83.38
CA ASP B 1186 47.27 -0.06 83.26
C ASP B 1186 48.78 -0.04 83.39
N GLY B 1187 49.33 -0.87 84.27
CA GLY B 1187 50.75 -0.92 84.53
C GLY B 1187 51.03 -0.93 86.02
N PHE B 1188 52.31 -0.90 86.34
CA PHE B 1188 52.74 -1.07 87.72
C PHE B 1188 53.70 0.02 88.14
N LEU B 1189 53.66 0.35 89.42
CA LEU B 1189 54.51 1.36 90.04
C LEU B 1189 55.14 0.76 91.29
N PRO B 1190 56.42 1.03 91.55
CA PRO B 1190 57.01 0.66 92.84
C PRO B 1190 56.31 1.34 94.00
N VAL B 1191 56.08 0.59 95.08
CA VAL B 1191 55.28 1.11 96.17
C VAL B 1191 55.83 0.56 97.48
N CYS B 1192 55.68 1.34 98.54
CA CYS B 1192 56.01 0.90 99.89
C CYS B 1192 55.18 1.68 100.90
N SER B 1193 54.91 1.06 102.03
CA SER B 1193 54.19 1.68 103.12
C SER B 1193 54.90 1.38 104.43
N LEU B 1194 54.75 2.30 105.38
CA LEU B 1194 55.40 2.23 106.68
C LEU B 1194 54.41 2.47 107.80
N GLY B 1195 54.48 1.64 108.84
CA GLY B 1195 53.67 1.79 110.02
C GLY B 1195 54.24 2.81 110.97
N PRO B 1196 53.66 2.93 112.17
CA PRO B 1196 54.16 3.90 113.14
C PRO B 1196 55.59 3.57 113.55
N GLY B 1197 56.40 4.62 113.75
CA GLY B 1197 57.77 4.50 114.19
C GLY B 1197 58.63 3.62 113.30
N GLN B 1198 58.55 3.84 111.99
CA GLN B 1198 59.27 3.03 111.02
C GLN B 1198 60.11 3.91 110.12
N VAL B 1199 61.30 3.42 109.76
CA VAL B 1199 62.20 4.13 108.87
C VAL B 1199 62.64 3.19 107.74
N GLY B 1200 62.38 3.60 106.50
CA GLY B 1200 62.78 2.78 105.38
C GLY B 1200 63.44 3.58 104.27
N HIS B 1201 64.49 3.04 103.69
CA HIS B 1201 65.21 3.67 102.60
C HIS B 1201 64.73 3.03 101.31
N LEU B 1202 64.25 3.83 100.38
CA LEU B 1202 63.80 3.34 99.08
C LEU B 1202 64.83 3.77 98.05
N ASN B 1203 65.32 2.82 97.25
CA ASN B 1203 66.33 3.12 96.25
C ASN B 1203 65.86 2.57 94.91
N LEU B 1204 65.24 3.43 94.11
CA LEU B 1204 64.83 3.08 92.75
C LEU B 1204 66.01 2.88 91.81
N GLY B 1205 67.21 3.31 92.21
CA GLY B 1205 68.42 3.04 91.46
C GLY B 1205 68.70 4.07 90.40
N GLN B 1206 68.62 5.36 90.76
CA GLN B 1206 69.02 6.41 89.84
C GLN B 1206 70.50 6.30 89.49
N ASP B 1207 71.33 6.00 90.49
CA ASP B 1207 72.73 5.65 90.27
C ASP B 1207 72.84 4.13 90.40
N VAL B 1208 73.29 3.48 89.33
CA VAL B 1208 73.31 2.01 89.30
C VAL B 1208 74.33 1.47 90.31
N SER B 1209 75.49 2.13 90.43
CA SER B 1209 76.54 1.70 91.35
C SER B 1209 76.14 1.81 92.82
N SER B 1210 75.08 2.57 93.13
CA SER B 1210 74.61 2.69 94.50
C SER B 1210 73.87 1.44 94.96
N LEU B 1211 73.38 0.62 94.03
CA LEU B 1211 72.69 -0.60 94.40
C LEU B 1211 73.67 -1.60 94.98
N ARG B 1212 73.25 -2.29 96.04
CA ARG B 1212 74.12 -3.20 96.77
C ARG B 1212 73.93 -4.66 96.40
N PHE B 1213 72.78 -5.03 95.82
CA PHE B 1213 72.51 -6.41 95.50
C PHE B 1213 72.04 -6.60 94.06
N PHE B 1214 72.16 -5.57 93.22
CA PHE B 1214 71.84 -5.72 91.81
C PHE B 1214 72.86 -6.60 91.10
N ALA B 1215 74.14 -6.41 91.43
CA ALA B 1215 75.19 -7.26 90.84
C ALA B 1215 75.03 -8.71 91.25
N ILE B 1216 74.69 -8.94 92.52
CA ILE B 1216 74.48 -10.30 93.03
C ILE B 1216 73.28 -10.95 92.35
N CYS B 1217 72.15 -10.25 92.34
CA CYS B 1217 70.93 -10.78 91.76
C CYS B 1217 70.30 -9.71 90.86
N GLY B 1218 69.93 -10.11 89.65
CA GLY B 1218 69.27 -9.20 88.73
C GLY B 1218 70.10 -8.76 87.55
N LEU B 1219 71.40 -8.48 87.77
CA LEU B 1219 72.27 -7.99 86.70
C LEU B 1219 72.41 -9.01 85.57
N GLN B 1220 72.60 -10.28 85.91
CA GLN B 1220 72.79 -11.30 84.89
C GLN B 1220 71.48 -11.82 84.33
N GLU B 1221 70.35 -11.51 84.97
CA GLU B 1221 69.07 -12.01 84.53
C GLU B 1221 68.40 -11.11 83.49
N GLY B 1222 69.08 -10.06 83.04
CA GLY B 1222 68.48 -9.11 82.13
C GLY B 1222 67.65 -8.04 82.78
N PHE B 1223 67.55 -8.03 84.11
CA PHE B 1223 66.79 -7.01 84.79
C PHE B 1223 67.53 -5.68 84.77
N GLU B 1224 66.78 -4.60 84.96
CA GLU B 1224 67.33 -3.25 84.95
C GLU B 1224 66.80 -2.47 86.14
N PRO B 1225 67.54 -1.47 86.63
CA PRO B 1225 67.00 -0.60 87.67
C PRO B 1225 65.81 0.19 87.13
N PHE B 1226 64.89 0.54 88.03
CA PHE B 1226 63.68 1.25 87.62
C PHE B 1226 63.97 2.64 87.10
N ALA B 1227 65.04 3.27 87.57
CA ALA B 1227 65.38 4.64 87.18
C ALA B 1227 66.81 4.68 86.66
N ILE B 1228 67.12 3.76 85.75
CA ILE B 1228 68.50 3.56 85.29
C ILE B 1228 69.03 4.79 84.56
N ASN B 1229 68.23 5.40 83.68
CA ASN B 1229 68.66 6.55 82.89
C ASN B 1229 67.64 7.65 83.12
N MET B 1230 67.82 8.40 84.22
CA MET B 1230 66.98 9.55 84.52
C MET B 1230 67.84 10.59 85.21
N GLN B 1231 67.63 11.85 84.84
CA GLN B 1231 68.42 12.94 85.42
CA GLN B 1231 68.42 12.94 85.42
C GLN B 1231 67.85 13.38 86.76
N ARG B 1232 66.61 13.84 86.77
CA ARG B 1232 66.00 14.29 87.99
C ARG B 1232 65.59 13.08 88.83
N PRO B 1233 65.56 13.22 90.17
CA PRO B 1233 65.05 12.12 91.01
C PRO B 1233 63.59 11.85 90.69
N VAL B 1234 63.20 10.58 90.83
CA VAL B 1234 61.84 10.17 90.51
C VAL B 1234 60.88 10.83 91.49
N THR B 1235 59.80 11.41 90.95
CA THR B 1235 58.78 12.02 91.79
C THR B 1235 58.07 10.96 92.61
N THR B 1236 57.84 11.27 93.88
CA THR B 1236 57.18 10.38 94.81
C THR B 1236 55.92 11.04 95.36
N TRP B 1237 54.86 10.27 95.42
CA TRP B 1237 53.56 10.69 95.92
C TRP B 1237 53.27 9.86 97.15
N PHE B 1238 52.85 10.52 98.22
CA PHE B 1238 52.54 9.83 99.45
C PHE B 1238 51.11 10.11 99.86
N SER B 1239 50.59 9.28 100.75
CA SER B 1239 49.21 9.45 101.20
C SER B 1239 49.21 10.41 102.38
N LYS B 1240 48.76 11.64 102.13
CA LYS B 1240 48.65 12.64 103.17
C LYS B 1240 47.46 12.34 104.06
N SER B 1241 47.68 12.36 105.36
CA SER B 1241 46.66 12.04 106.36
C SER B 1241 45.92 13.30 106.80
N LEU B 1242 45.45 14.07 105.85
CA LEU B 1242 44.73 15.31 106.14
C LEU B 1242 43.37 15.28 105.46
N PRO B 1243 42.28 15.22 106.24
CA PRO B 1243 40.93 15.16 105.66
C PRO B 1243 40.62 16.37 104.77
N GLN B 1244 40.00 16.08 103.63
CA GLN B 1244 39.61 17.13 102.69
C GLN B 1244 38.22 16.85 102.18
N PHE B 1245 37.50 17.92 101.84
CA PHE B 1245 36.15 17.75 101.31
C PHE B 1245 36.25 17.41 99.84
N GLU B 1246 35.62 16.32 99.44
CA GLU B 1246 35.63 15.92 98.04
C GLU B 1246 34.22 15.51 97.62
N PRO B 1247 33.86 15.71 96.34
CA PRO B 1247 32.48 15.41 95.91
C PRO B 1247 32.13 13.94 96.04
N VAL B 1248 30.84 13.68 96.24
CA VAL B 1248 30.32 12.33 96.39
C VAL B 1248 30.41 11.61 95.05
N PRO B 1249 31.16 10.51 94.97
CA PRO B 1249 31.27 9.76 93.71
C PRO B 1249 29.92 9.21 93.28
N PRO B 1250 29.60 9.27 91.99
CA PRO B 1250 28.31 8.72 91.52
C PRO B 1250 28.20 7.22 91.67
N GLU B 1251 29.31 6.51 91.79
CA GLU B 1251 29.33 5.06 91.87
C GLU B 1251 29.44 4.53 93.29
N HIS B 1252 29.35 5.42 94.29
CA HIS B 1252 29.61 5.05 95.68
C HIS B 1252 28.65 3.96 96.16
N PRO B 1253 29.14 2.95 96.87
CA PRO B 1253 28.27 1.83 97.23
C PRO B 1253 27.25 2.16 98.32
N HIS B 1254 27.66 2.89 99.37
CA HIS B 1254 26.76 3.09 100.50
C HIS B 1254 25.94 4.36 100.39
N TYR B 1255 26.54 5.43 99.88
CA TYR B 1255 25.91 6.76 99.87
C TYR B 1255 25.52 7.15 98.45
N GLU B 1256 24.41 7.88 98.34
CA GLU B 1256 24.02 8.50 97.09
C GLU B 1256 23.35 9.83 97.39
N VAL B 1257 23.46 10.76 96.44
CA VAL B 1257 22.88 12.09 96.56
C VAL B 1257 21.97 12.31 95.36
N ALA B 1258 20.70 12.60 95.63
CA ALA B 1258 19.70 12.78 94.58
C ALA B 1258 19.33 14.25 94.49
N ARG B 1259 19.33 14.78 93.27
CA ARG B 1259 18.95 16.16 93.01
C ARG B 1259 17.46 16.20 92.68
N MET B 1260 16.68 16.86 93.54
CA MET B 1260 15.25 16.95 93.35
C MET B 1260 14.91 18.26 92.67
N ASP B 1261 14.06 18.19 91.64
CA ASP B 1261 13.64 19.39 90.94
C ASP B 1261 12.68 20.18 91.80
N GLY B 1262 12.78 21.51 91.74
CA GLY B 1262 11.91 22.37 92.50
C GLY B 1262 10.55 22.54 91.85
N THR B 1263 9.51 21.99 92.44
CA THR B 1263 8.16 22.11 91.89
C THR B 1263 7.60 23.50 92.22
N VAL B 1264 6.31 23.70 91.93
CA VAL B 1264 5.67 24.98 92.20
C VAL B 1264 5.56 25.24 93.70
N ASP B 1265 5.35 24.20 94.51
CA ASP B 1265 5.15 24.33 95.94
C ASP B 1265 6.28 23.72 96.76
N THR B 1266 7.32 23.20 96.12
CA THR B 1266 8.45 22.61 96.81
C THR B 1266 9.73 23.21 96.24
N PRO B 1267 10.64 23.68 97.08
CA PRO B 1267 11.92 24.21 96.60
C PRO B 1267 12.83 23.10 96.11
N PRO B 1268 13.83 23.41 95.27
CA PRO B 1268 14.80 22.38 94.87
C PRO B 1268 15.57 21.84 96.06
N CYS B 1269 15.95 20.57 95.94
CA CYS B 1269 16.50 19.84 97.07
C CYS B 1269 17.68 18.99 96.66
N LEU B 1270 18.49 18.67 97.65
CA LEU B 1270 19.61 17.74 97.57
C LEU B 1270 19.38 16.65 98.62
N ARG B 1271 18.60 15.64 98.26
CA ARG B 1271 18.21 14.61 99.21
C ARG B 1271 19.31 13.56 99.31
N LEU B 1272 19.69 13.21 100.53
CA LEU B 1272 20.69 12.17 100.76
C LEU B 1272 20.00 10.90 101.22
N ALA B 1273 20.35 9.77 100.59
CA ALA B 1273 19.74 8.50 100.95
C ALA B 1273 20.80 7.42 101.06
N HIS B 1274 20.67 6.59 102.10
CA HIS B 1274 21.61 5.50 102.33
C HIS B 1274 21.25 4.32 101.44
N ARG B 1275 22.18 3.91 100.58
CA ARG B 1275 21.88 2.89 99.58
C ARG B 1275 21.73 1.51 100.20
N THR B 1276 22.65 1.13 101.10
CA THR B 1276 22.70 -0.21 101.65
C THR B 1276 22.14 -0.31 103.07
N TRP B 1277 21.34 0.67 103.49
CA TRP B 1277 20.83 0.71 104.87
C TRP B 1277 19.92 -0.48 105.15
N GLY B 1278 20.14 -1.10 106.32
CA GLY B 1278 19.32 -2.21 106.77
C GLY B 1278 19.71 -3.55 106.19
N SER B 1279 20.75 -3.63 105.39
CA SER B 1279 21.18 -4.86 104.76
C SER B 1279 22.50 -5.32 105.36
N GLN B 1280 23.00 -6.46 104.86
CA GLN B 1280 24.26 -7.01 105.31
C GLN B 1280 25.41 -6.11 104.83
N ASN B 1281 26.43 -5.98 105.69
CA ASN B 1281 27.65 -5.19 105.43
C ASN B 1281 27.33 -3.74 105.10
N SER B 1282 26.38 -3.17 105.85
CA SER B 1282 26.04 -1.77 105.70
C SER B 1282 27.04 -0.91 106.45
N LEU B 1283 27.55 0.12 105.79
CA LEU B 1283 28.51 1.04 106.39
C LEU B 1283 27.72 2.09 107.15
N VAL B 1284 27.73 1.99 108.48
CA VAL B 1284 27.10 2.97 109.34
C VAL B 1284 28.20 3.57 110.20
N GLU B 1285 28.56 4.81 109.89
CA GLU B 1285 29.61 5.51 110.61
C GLU B 1285 29.38 7.01 110.48
N MET B 1286 30.24 7.77 111.16
CA MET B 1286 30.16 9.22 111.18
C MET B 1286 30.37 9.77 109.77
N LEU B 1287 29.56 10.75 109.37
CA LEU B 1287 29.63 11.28 108.02
C LEU B 1287 29.65 12.79 108.08
N PHE B 1288 30.53 13.40 107.26
CA PHE B 1288 30.64 14.84 107.22
C PHE B 1288 30.33 15.28 105.80
N LEU B 1289 29.41 16.25 105.67
CA LEU B 1289 28.96 16.77 104.39
C LEU B 1289 29.03 18.28 104.36
N ARG B 1290 29.16 18.82 103.16
CA ARG B 1290 29.11 20.26 102.93
C ARG B 1290 28.73 20.53 101.49
N LEU B 1291 28.22 21.72 101.24
CA LEU B 1291 27.93 22.14 99.89
C LEU B 1291 29.20 22.60 99.19
N SER B 1292 29.15 22.62 97.87
CA SER B 1292 30.38 22.86 97.10
C SER B 1292 30.74 24.34 97.02
N LEU B 1293 29.81 25.23 97.34
CA LEU B 1293 30.08 26.65 97.17
C LEU B 1293 29.82 27.39 98.48
N PRO B 1294 30.68 28.34 98.83
CA PRO B 1294 30.52 29.07 100.09
C PRO B 1294 29.76 30.37 99.92
N VAL B 1295 29.44 30.99 101.05
CA VAL B 1295 28.92 32.35 101.08
C VAL B 1295 29.91 33.22 101.87
N GLN B 1296 30.20 34.39 101.34
CA GLN B 1296 31.18 35.30 101.91
C GLN B 1296 30.48 36.54 102.47
N PHE B 1297 30.79 36.88 103.71
CA PHE B 1297 30.21 38.08 104.30
C PHE B 1297 30.84 39.34 103.69
N HIS B 1298 30.14 40.46 103.87
CA HIS B 1298 30.60 41.74 103.33
C HIS B 1298 31.91 42.15 103.99
N GLN B 1299 32.71 42.89 103.23
CA GLN B 1299 33.98 43.41 103.75
C GLN B 1299 33.76 44.39 104.90
N HIS B 1300 32.77 45.28 104.77
CA HIS B 1300 32.50 46.28 105.78
C HIS B 1300 31.15 45.99 106.43
N PHE B 1301 31.15 45.82 107.74
CA PHE B 1301 29.89 45.61 108.43
C PHE B 1301 29.12 46.93 108.55
N ARG B 1302 27.80 46.79 108.70
CA ARG B 1302 26.94 47.96 108.84
C ARG B 1302 27.24 48.72 110.13
N CYS B 1303 27.02 50.03 110.08
CA CYS B 1303 27.21 50.88 111.24
C CYS B 1303 26.21 50.53 112.34
N THR B 1304 26.66 50.70 113.59
CA THR B 1304 25.90 50.42 114.82
C THR B 1304 25.40 48.98 114.90
N ASP B 1419 -1.14 34.65 101.51
CA ASP B 1419 -0.22 35.35 102.40
C ASP B 1419 1.22 34.96 102.03
N ASN B 1420 2.16 35.30 102.92
CA ASN B 1420 3.60 35.10 102.76
C ASN B 1420 4.09 35.76 101.46
N ARG B 1421 3.63 36.98 101.23
CA ARG B 1421 4.00 37.74 100.05
C ARG B 1421 5.12 38.71 100.42
N ASP B 1422 6.26 38.58 99.74
CA ASP B 1422 7.42 39.38 100.10
C ASP B 1422 7.26 40.82 99.67
N ASP B 1423 7.79 41.73 100.48
CA ASP B 1423 7.76 43.16 100.17
C ASP B 1423 8.80 43.44 99.09
N PRO B 1424 8.39 43.96 97.92
CA PRO B 1424 9.36 44.18 96.82
C PRO B 1424 10.50 45.13 97.15
N GLU B 1425 10.26 46.13 98.01
CA GLU B 1425 11.31 47.06 98.40
C GLU B 1425 12.19 46.55 99.54
N ILE B 1426 11.81 45.43 100.16
CA ILE B 1426 12.65 44.81 101.18
C ILE B 1426 13.45 43.64 100.62
N ILE B 1427 12.81 42.83 99.75
CA ILE B 1427 13.43 41.66 99.14
C ILE B 1427 14.64 42.04 98.28
N LEU B 1428 14.66 43.27 97.75
CA LEU B 1428 15.80 43.68 96.93
C LEU B 1428 16.93 44.24 97.79
N ASN B 1429 16.62 44.82 98.95
CA ASN B 1429 17.63 45.45 99.80
C ASN B 1429 18.13 44.56 100.93
N THR B 1430 17.46 43.44 101.21
CA THR B 1430 17.84 42.57 102.32
C THR B 1430 19.23 41.96 102.11
N THR B 1431 19.92 41.77 103.23
CA THR B 1431 21.21 41.09 103.27
C THR B 1431 21.13 39.82 104.12
N THR B 1432 19.97 39.18 104.12
CA THR B 1432 19.74 37.97 104.88
C THR B 1432 19.40 36.83 103.94
N TYR B 1433 20.00 35.67 104.18
CA TYR B 1433 19.84 34.49 103.35
C TYR B 1433 19.57 33.27 104.22
N TYR B 1434 18.72 32.40 103.69
CA TYR B 1434 18.15 31.29 104.45
C TYR B 1434 18.30 29.99 103.67
N TYR B 1435 18.48 28.90 104.41
CA TYR B 1435 18.41 27.57 103.81
C TYR B 1435 17.94 26.60 104.88
N SER B 1436 17.33 25.50 104.47
CA SER B 1436 16.80 24.59 105.47
C SER B 1436 17.12 23.16 105.08
N VAL B 1437 17.20 22.30 106.08
CA VAL B 1437 17.40 20.88 105.84
C VAL B 1437 16.26 20.12 106.51
N ARG B 1438 15.73 19.15 105.79
CA ARG B 1438 14.58 18.39 106.24
C ARG B 1438 15.10 17.00 106.60
N VAL B 1439 15.33 16.80 107.90
CA VAL B 1439 15.79 15.52 108.43
C VAL B 1439 14.60 14.56 108.39
N PHE B 1440 14.63 13.58 107.49
CA PHE B 1440 13.52 12.66 107.31
C PHE B 1440 13.25 11.83 108.57
N ALA B 1441 12.01 11.32 108.64
CA ALA B 1441 11.60 10.47 109.75
C ALA B 1441 12.45 9.20 109.78
N GLY B 1442 12.73 8.73 110.99
CA GLY B 1442 13.55 7.56 111.16
C GLY B 1442 15.02 7.86 111.36
N GLN B 1443 15.42 9.11 111.16
CA GLN B 1443 16.78 9.55 111.45
C GLN B 1443 16.78 10.28 112.79
N GLU B 1444 17.63 9.81 113.70
CA GLU B 1444 17.66 10.32 115.06
C GLU B 1444 18.25 11.72 115.10
N PRO B 1445 17.51 12.73 115.57
CA PRO B 1445 18.09 14.09 115.68
C PRO B 1445 19.26 14.20 116.67
N SER B 1446 19.47 13.23 117.55
CA SER B 1446 20.61 13.22 118.44
C SER B 1446 21.95 13.03 117.73
N CYS B 1447 21.93 12.66 116.44
CA CYS B 1447 23.15 12.42 115.68
C CYS B 1447 23.21 13.32 114.45
N VAL B 1448 22.56 14.49 114.52
CA VAL B 1448 22.48 15.42 113.41
C VAL B 1448 22.93 16.79 113.88
N TRP B 1449 23.84 17.40 113.13
CA TRP B 1449 24.31 18.75 113.40
C TRP B 1449 24.15 19.55 112.11
N VAL B 1450 23.65 20.78 112.22
CA VAL B 1450 23.34 21.61 111.06
C VAL B 1450 23.88 23.02 111.28
N GLY B 1451 24.55 23.56 110.27
CA GLY B 1451 25.10 24.90 110.35
C GLY B 1451 26.04 25.24 109.22
N TRP B 1452 27.20 25.83 109.53
CA TRP B 1452 28.16 26.25 108.53
C TRP B 1452 29.57 25.94 109.01
N VAL B 1453 30.47 25.71 108.05
CA VAL B 1453 31.89 25.49 108.34
C VAL B 1453 32.74 26.40 107.46
N THR B 1454 33.81 26.92 108.04
CA THR B 1454 34.78 27.71 107.31
C THR B 1454 35.66 26.77 106.49
N PRO B 1455 36.30 27.26 105.39
CA PRO B 1455 37.10 26.35 104.52
C PRO B 1455 38.36 25.74 105.14
N ASP B 1456 38.63 25.94 106.43
CA ASP B 1456 39.81 25.37 107.07
C ASP B 1456 39.46 24.28 108.07
N TYR B 1457 38.29 23.65 107.92
CA TYR B 1457 37.91 22.55 108.81
C TYR B 1457 38.56 21.27 108.32
N HIS B 1458 39.35 20.64 109.19
CA HIS B 1458 40.07 19.40 108.87
C HIS B 1458 40.02 18.44 110.05
N GLN B 1459 38.85 18.25 110.63
CA GLN B 1459 38.66 17.35 111.76
C GLN B 1459 37.80 16.17 111.34
N HIS B 1460 38.37 14.96 111.43
CA HIS B 1460 37.68 13.72 111.12
C HIS B 1460 37.57 12.91 112.41
N ASP B 1461 36.51 13.16 113.17
CA ASP B 1461 36.31 12.52 114.47
C ASP B 1461 35.14 11.56 114.37
N MET B 1462 35.38 10.29 114.71
CA MET B 1462 34.32 9.28 114.65
C MET B 1462 33.30 9.41 115.77
N ASN B 1463 33.59 10.20 116.80
CA ASN B 1463 32.68 10.40 117.92
C ASN B 1463 32.32 11.87 118.06
N PHE B 1464 31.98 12.51 116.94
CA PHE B 1464 31.78 13.95 116.94
C PHE B 1464 30.57 14.36 117.77
N ASP B 1465 30.76 15.44 118.53
CA ASP B 1465 29.69 16.15 119.20
C ASP B 1465 30.12 17.62 119.23
N LEU B 1466 29.27 18.47 119.80
CA LEU B 1466 29.60 19.89 119.89
C LEU B 1466 30.78 20.18 120.83
N SER B 1467 31.20 19.22 121.65
CA SER B 1467 32.35 19.42 122.52
C SER B 1467 33.64 19.53 121.74
N LYS B 1468 33.79 18.70 120.70
CA LYS B 1468 35.03 18.61 119.93
C LYS B 1468 35.27 19.79 119.02
N VAL B 1469 34.29 20.67 118.85
CA VAL B 1469 34.39 21.82 117.96
C VAL B 1469 35.49 22.74 118.47
N ARG B 1470 36.53 22.94 117.65
CA ARG B 1470 37.63 23.82 118.02
C ARG B 1470 37.14 25.25 118.15
N ALA B 1471 37.65 25.96 119.15
CA ALA B 1471 37.29 27.36 119.36
C ALA B 1471 38.42 28.06 120.09
N VAL B 1472 38.41 29.39 120.00
CA VAL B 1472 39.41 30.22 120.69
C VAL B 1472 38.85 31.64 120.73
N THR B 1473 39.19 32.36 121.80
CA THR B 1473 38.77 33.73 122.03
C THR B 1473 40.02 34.60 122.04
N VAL B 1474 40.00 35.68 121.28
CA VAL B 1474 41.11 36.60 121.23
C VAL B 1474 40.73 37.82 122.06
N THR B 1475 41.48 38.05 123.15
CA THR B 1475 41.16 39.11 124.10
C THR B 1475 42.21 40.22 124.01
N MET B 1476 41.76 41.44 123.75
CA MET B 1476 42.57 42.63 123.52
C MET B 1476 42.12 43.76 124.41
N GLY B 1477 43.10 44.44 125.02
CA GLY B 1477 42.87 45.58 125.88
C GLY B 1477 44.01 46.55 125.80
N ASP B 1478 44.06 47.55 126.68
CA ASP B 1478 45.16 48.51 126.67
C ASP B 1478 46.24 48.01 127.62
N GLU B 1479 47.22 48.88 127.91
CA GLU B 1479 48.37 48.53 128.77
C GLU B 1479 47.93 48.11 130.17
N GLN B 1480 46.88 48.71 130.71
CA GLN B 1480 46.40 48.41 132.06
C GLN B 1480 44.98 47.86 131.96
N GLY B 1481 44.87 46.56 131.70
CA GLY B 1481 43.58 45.88 131.57
C GLY B 1481 42.75 46.50 130.45
N ASN B 1482 41.53 46.91 130.80
CA ASN B 1482 40.58 47.62 129.93
C ASN B 1482 40.34 46.89 128.61
N VAL B 1483 39.89 45.64 128.72
CA VAL B 1483 39.66 44.79 127.56
C VAL B 1483 38.56 45.40 126.71
N HIS B 1484 38.93 45.80 125.49
CA HIS B 1484 38.03 46.46 124.56
C HIS B 1484 37.85 45.65 123.28
N SER B 1485 38.19 44.36 123.31
CA SER B 1485 37.96 43.48 122.16
C SER B 1485 38.04 42.04 122.64
N SER B 1486 37.00 41.26 122.38
CA SER B 1486 37.01 39.85 122.73
C SER B 1486 36.26 39.13 121.63
N LEU B 1487 37.00 38.55 120.69
CA LEU B 1487 36.37 37.93 119.54
C LEU B 1487 36.43 36.40 119.65
N LYS B 1488 35.62 35.75 118.82
CA LYS B 1488 35.52 34.31 118.76
C LYS B 1488 35.99 33.81 117.40
N CYS B 1489 36.84 32.79 117.41
CA CYS B 1489 37.36 32.17 116.20
C CYS B 1489 37.09 30.68 116.30
N SER B 1490 36.51 30.12 115.24
CA SER B 1490 36.23 28.70 115.17
C SER B 1490 36.05 28.31 113.71
N ASN B 1491 36.29 27.03 113.43
CA ASN B 1491 36.13 26.51 112.09
C ASN B 1491 34.79 25.84 111.87
N CYS B 1492 33.94 25.83 112.89
CA CYS B 1492 32.68 25.13 112.86
C CYS B 1492 31.62 25.91 113.63
N TYR B 1493 30.50 26.18 112.97
CA TYR B 1493 29.39 26.88 113.61
C TYR B 1493 28.12 26.09 113.27
N MET B 1494 27.82 25.08 114.07
CA MET B 1494 26.56 24.36 113.89
C MET B 1494 25.90 24.12 115.24
N VAL B 1495 24.60 23.94 115.18
CA VAL B 1495 23.80 23.56 116.32
C VAL B 1495 23.61 22.06 116.32
N TRP B 1496 23.20 21.52 117.46
CA TRP B 1496 22.95 20.09 117.60
C TRP B 1496 21.45 19.87 117.45
N GLY B 1497 21.07 19.02 116.49
CA GLY B 1497 19.66 18.80 116.20
C GLY B 1497 18.90 18.05 117.27
N GLY B 1498 19.61 17.42 118.22
CA GLY B 1498 18.95 16.73 119.32
C GLY B 1498 18.33 17.64 120.34
N ASP B 1499 18.65 18.93 120.33
CA ASP B 1499 18.14 19.87 121.30
C ASP B 1499 16.88 20.59 120.83
N PHE B 1500 16.43 20.32 119.60
CA PHE B 1500 15.23 20.93 119.07
C PHE B 1500 14.01 20.00 119.09
N VAL B 1501 14.13 18.86 119.75
CA VAL B 1501 13.02 17.93 119.92
C VAL B 1501 12.59 17.96 121.38
N SER B 1502 11.28 18.09 121.60
CA SER B 1502 10.75 18.03 122.95
C SER B 1502 11.01 16.64 123.53
N PRO B 1503 11.50 16.54 124.76
CA PRO B 1503 11.82 15.21 125.33
C PRO B 1503 10.59 14.35 125.63
N GLY B 1504 10.00 13.80 124.58
CA GLY B 1504 8.84 12.95 124.75
C GLY B 1504 9.19 11.64 125.42
N GLN B 1505 8.16 10.96 125.93
CA GLN B 1505 8.35 9.73 126.69
C GLN B 1505 9.02 8.64 125.84
N GLN B 1506 8.47 8.40 124.65
CA GLN B 1506 9.05 7.46 123.69
C GLN B 1506 8.47 7.80 122.32
N GLY B 1507 9.10 7.24 121.29
CA GLY B 1507 8.74 7.54 119.93
C GLY B 1507 9.56 8.69 119.37
N ARG B 1508 10.89 8.57 119.48
CA ARG B 1508 11.81 9.55 118.91
C ARG B 1508 11.74 9.59 117.39
N ILE B 1509 11.13 8.59 116.76
CA ILE B 1509 10.89 8.57 115.33
C ILE B 1509 9.66 9.43 115.10
N SER B 1510 9.88 10.74 114.93
CA SER B 1510 8.78 11.66 114.75
C SER B 1510 8.18 11.49 113.36
N HIS B 1511 6.85 11.39 113.30
CA HIS B 1511 6.14 11.33 112.03
C HIS B 1511 6.30 12.61 111.21
N THR B 1512 6.60 13.73 111.85
CA THR B 1512 6.83 14.98 111.16
C THR B 1512 8.33 15.24 111.11
N ASP B 1513 8.83 15.55 109.92
CA ASP B 1513 10.28 15.73 109.75
C ASP B 1513 10.74 17.04 110.36
N LEU B 1514 11.85 16.98 111.09
CA LEU B 1514 12.45 18.18 111.64
C LEU B 1514 13.07 19.02 110.52
N VAL B 1515 12.65 20.28 110.44
CA VAL B 1515 13.13 21.18 109.40
C VAL B 1515 14.02 22.23 110.05
N ILE B 1516 15.31 21.95 110.15
CA ILE B 1516 16.23 22.92 110.73
C ILE B 1516 16.60 23.95 109.68
N GLY B 1517 16.31 25.23 109.97
CA GLY B 1517 16.66 26.31 109.07
C GLY B 1517 17.82 27.10 109.65
N CYS B 1518 18.59 27.72 108.76
CA CYS B 1518 19.69 28.59 109.12
C CYS B 1518 19.57 29.89 108.34
N LEU B 1519 19.94 30.99 109.01
CA LEU B 1519 19.91 32.32 108.43
C LEU B 1519 21.25 33.01 108.66
N VAL B 1520 21.62 33.85 107.71
CA VAL B 1520 22.87 34.62 107.76
C VAL B 1520 22.57 36.03 107.32
N ASP B 1521 23.20 37.00 107.99
CA ASP B 1521 23.19 38.37 107.53
C ASP B 1521 24.60 38.72 107.07
N LEU B 1522 24.77 38.93 105.76
CA LEU B 1522 26.09 39.23 105.23
C LEU B 1522 26.56 40.63 105.57
N ALA B 1523 25.68 41.51 106.02
CA ALA B 1523 26.04 42.87 106.39
C ALA B 1523 26.51 43.00 107.83
N THR B 1524 26.31 41.97 108.65
CA THR B 1524 26.67 42.02 110.06
C THR B 1524 27.48 40.81 110.52
N GLY B 1525 27.50 39.72 109.76
CA GLY B 1525 28.18 38.53 110.22
C GLY B 1525 27.44 37.78 111.29
N LEU B 1526 26.13 37.99 111.40
CA LEU B 1526 25.29 37.34 112.39
C LEU B 1526 24.59 36.13 111.80
N MET B 1527 24.58 35.04 112.57
CA MET B 1527 23.97 33.77 112.20
C MET B 1527 22.88 33.44 113.20
N THR B 1528 21.72 33.03 112.68
CA THR B 1528 20.59 32.62 113.49
C THR B 1528 20.09 31.28 112.97
N PHE B 1529 19.15 30.68 113.72
CA PHE B 1529 18.61 29.37 113.38
C PHE B 1529 17.13 29.32 113.71
N THR B 1530 16.42 28.44 113.03
CA THR B 1530 14.99 28.19 113.29
C THR B 1530 14.77 26.69 113.42
N ALA B 1531 14.39 26.26 114.62
CA ALA B 1531 14.21 24.83 114.89
C ALA B 1531 13.06 24.24 114.08
N ASN B 1532 11.88 24.88 114.15
CA ASN B 1532 10.73 24.44 113.37
C ASN B 1532 9.93 25.63 112.87
N GLY B 1533 10.58 26.76 112.63
CA GLY B 1533 9.90 28.01 112.41
C GLY B 1533 9.91 28.93 113.60
N LYS B 1534 10.50 28.50 114.71
CA LYS B 1534 10.68 29.31 115.90
C LYS B 1534 12.17 29.48 116.16
N GLU B 1535 12.55 30.68 116.59
CA GLU B 1535 13.96 30.98 116.78
C GLU B 1535 14.52 30.23 117.99
N SER B 1536 15.83 30.05 117.98
CA SER B 1536 16.55 29.42 119.07
C SER B 1536 17.47 30.44 119.72
N ASN B 1537 17.76 30.21 121.02
CA ASN B 1537 18.61 31.12 121.79
C ASN B 1537 20.02 31.22 121.23
N THR B 1538 20.47 30.21 120.50
CA THR B 1538 21.80 30.22 119.93
C THR B 1538 21.92 31.25 118.83
N PHE B 1539 23.08 31.90 118.76
CA PHE B 1539 23.36 32.91 117.75
C PHE B 1539 24.87 33.02 117.64
N PHE B 1540 25.35 33.34 116.44
CA PHE B 1540 26.78 33.41 116.21
C PHE B 1540 27.14 34.72 115.53
N GLN B 1541 28.25 35.33 115.95
CA GLN B 1541 28.75 36.52 115.29
C GLN B 1541 30.19 36.29 114.87
N VAL B 1542 30.49 36.60 113.61
CA VAL B 1542 31.80 36.37 113.04
C VAL B 1542 32.34 37.64 112.39
N GLU B 1543 33.66 37.67 112.24
CA GLU B 1543 34.36 38.78 111.63
C GLU B 1543 34.07 38.83 110.13
N PRO B 1544 34.28 40.01 109.47
CA PRO B 1544 34.13 40.06 108.01
C PRO B 1544 35.17 39.24 107.25
N ASN B 1545 35.00 39.20 105.92
CA ASN B 1545 35.79 38.40 104.96
C ASN B 1545 35.67 36.90 105.22
N THR B 1546 34.61 36.46 105.87
CA THR B 1546 34.47 35.07 106.26
C THR B 1546 33.71 34.31 105.17
N LYS B 1547 34.17 33.09 104.90
CA LYS B 1547 33.55 32.16 103.97
C LYS B 1547 32.92 31.01 104.76
N LEU B 1548 31.65 30.72 104.48
CA LEU B 1548 30.91 29.69 105.19
C LEU B 1548 30.29 28.71 104.22
N PHE B 1549 30.66 27.44 104.34
CA PHE B 1549 30.10 26.37 103.54
C PHE B 1549 28.97 25.72 104.31
N PRO B 1550 27.76 25.63 103.75
CA PRO B 1550 26.66 24.91 104.40
C PRO B 1550 27.03 23.45 104.67
N ALA B 1551 26.99 23.06 105.93
CA ALA B 1551 27.49 21.74 106.31
C ALA B 1551 26.49 21.00 107.19
N VAL B 1552 26.55 19.67 107.11
CA VAL B 1552 25.75 18.77 107.95
C VAL B 1552 26.61 17.57 108.30
N PHE B 1553 26.79 17.32 109.59
CA PHE B 1553 27.43 16.09 110.06
C PHE B 1553 26.31 15.18 110.54
N VAL B 1554 26.35 13.92 110.13
CA VAL B 1554 25.25 13.02 110.46
C VAL B 1554 25.74 11.58 110.53
N LEU B 1555 25.16 10.82 111.46
CA LEU B 1555 25.32 9.39 111.53
C LEU B 1555 24.03 8.75 111.03
N PRO B 1556 24.04 8.08 109.89
CA PRO B 1556 22.78 7.59 109.29
C PRO B 1556 22.10 6.52 110.14
N THR B 1557 20.78 6.63 110.28
CA THR B 1557 19.98 5.64 111.00
C THR B 1557 18.67 5.32 110.28
N HIS B 1558 18.63 5.49 108.95
CA HIS B 1558 17.42 5.27 108.17
C HIS B 1558 17.81 5.26 106.69
N GLN B 1559 16.87 4.83 105.85
CA GLN B 1559 17.10 4.83 104.41
C GLN B 1559 17.22 6.25 103.87
N ASN B 1560 16.25 7.10 104.22
CA ASN B 1560 16.28 8.52 103.87
C ASN B 1560 16.72 9.28 105.10
N VAL B 1561 17.77 10.07 104.96
CA VAL B 1561 18.39 10.71 106.11
C VAL B 1561 18.02 12.19 106.17
N ILE B 1562 18.51 12.97 105.21
CA ILE B 1562 18.35 14.42 105.21
C ILE B 1562 18.04 14.90 103.79
N GLN B 1563 17.65 16.17 103.69
CA GLN B 1563 17.27 16.74 102.40
C GLN B 1563 17.55 18.24 102.46
N PHE B 1564 18.64 18.66 101.80
CA PHE B 1564 18.96 20.09 101.69
C PHE B 1564 17.90 20.80 100.86
N GLU B 1565 17.06 21.61 101.50
CA GLU B 1565 16.03 22.39 100.84
C GLU B 1565 16.56 23.79 100.62
N LEU B 1566 16.67 24.20 99.36
CA LEU B 1566 17.21 25.52 99.03
C LEU B 1566 16.07 26.51 98.78
N GLY B 1567 15.24 26.69 99.80
CA GLY B 1567 14.10 27.57 99.71
C GLY B 1567 14.38 29.00 100.10
N LYS B 1568 13.34 29.68 100.57
CA LYS B 1568 13.44 31.07 100.97
C LYS B 1568 12.38 31.36 102.03
N GLN B 1569 12.61 32.44 102.76
CA GLN B 1569 11.69 32.94 103.77
C GLN B 1569 11.07 34.25 103.28
N LYS B 1570 10.16 34.79 104.09
CA LYS B 1570 9.50 36.04 103.73
C LYS B 1570 10.51 37.17 103.86
N ASN B 1571 10.61 37.99 102.79
CA ASN B 1571 11.55 39.10 102.66
C ASN B 1571 13.01 38.68 102.83
N ILE B 1572 13.32 37.40 102.60
CA ILE B 1572 14.66 36.85 102.76
C ILE B 1572 15.03 36.08 101.50
N MET B 1573 16.21 36.35 100.97
CA MET B 1573 16.68 35.78 99.72
C MET B 1573 17.14 34.34 99.91
N PRO B 1574 17.12 33.51 98.86
CA PRO B 1574 17.68 32.16 98.97
C PRO B 1574 19.20 32.17 98.89
N LEU B 1575 19.79 31.00 99.17
CA LEU B 1575 21.24 30.83 99.06
C LEU B 1575 21.72 31.02 97.62
N SER B 1576 20.94 30.51 96.65
CA SER B 1576 21.30 30.58 95.24
C SER B 1576 21.45 32.02 94.75
N ALA B 1577 20.87 32.99 95.46
CA ALA B 1577 21.06 34.39 95.16
C ALA B 1577 22.26 34.97 95.88
N ALA B 1578 22.91 34.18 96.73
CA ALA B 1578 24.08 34.60 97.47
C ALA B 1578 25.36 34.04 96.91
N MET B 1579 25.34 32.78 96.44
CA MET B 1579 26.60 32.20 96.01
C MET B 1579 27.02 32.66 94.62
N PHE B 1580 26.08 33.08 93.78
CA PHE B 1580 26.37 33.47 92.41
C PHE B 1580 26.21 34.98 92.27
N LEU B 1581 27.23 35.61 91.68
CA LEU B 1581 27.19 37.06 91.50
C LEU B 1581 26.05 37.49 90.58
N SER B 1582 25.84 36.76 89.47
CA SER B 1582 24.81 37.10 88.51
C SER B 1582 23.39 36.88 89.04
N GLU B 1583 23.24 36.22 90.19
CA GLU B 1583 21.94 35.88 90.73
C GLU B 1583 21.57 36.75 91.92
N ARG B 1584 22.30 37.84 92.17
CA ARG B 1584 22.12 38.67 93.36
C ARG B 1584 20.75 39.35 93.43
N LYS B 1585 20.01 39.40 92.33
CA LYS B 1585 18.72 40.09 92.28
C LYS B 1585 17.61 39.16 91.83
N ASN B 1586 17.71 37.88 92.17
CA ASN B 1586 16.72 36.89 91.74
C ASN B 1586 16.18 36.18 92.96
N PRO B 1587 14.90 36.39 93.32
CA PRO B 1587 14.33 35.69 94.48
C PRO B 1587 13.99 34.24 94.21
N ALA B 1588 13.83 33.85 92.95
CA ALA B 1588 13.44 32.49 92.62
C ALA B 1588 14.58 31.52 92.93
N PRO B 1589 14.33 30.45 93.69
CA PRO B 1589 15.39 29.49 94.00
C PRO B 1589 15.88 28.75 92.77
N GLN B 1590 17.17 28.42 92.78
CA GLN B 1590 17.80 27.65 91.72
C GLN B 1590 18.76 26.66 92.33
N CYS B 1591 19.04 25.59 91.58
CA CYS B 1591 20.04 24.59 91.97
C CYS B 1591 20.96 24.32 90.79
N PRO B 1592 21.88 25.26 90.49
CA PRO B 1592 22.75 25.10 89.32
C PRO B 1592 23.71 23.94 89.51
N PRO B 1593 24.15 23.30 88.41
CA PRO B 1593 24.93 22.05 88.52
C PRO B 1593 26.26 22.16 89.28
N ARG B 1594 26.83 23.36 89.43
CA ARG B 1594 28.03 23.51 90.25
C ARG B 1594 27.74 23.24 91.73
N LEU B 1595 26.49 23.39 92.15
CA LEU B 1595 26.14 23.20 93.55
C LEU B 1595 25.92 21.71 93.79
N GLU B 1596 26.71 21.12 94.68
CA GLU B 1596 26.61 19.69 94.93
C GLU B 1596 27.14 19.39 96.32
N VAL B 1597 26.80 18.20 96.79
CA VAL B 1597 27.16 17.75 98.14
C VAL B 1597 28.54 17.10 98.06
N GLN B 1598 29.35 17.32 99.09
CA GLN B 1598 30.70 16.77 99.18
C GLN B 1598 30.88 16.17 100.56
N MET B 1599 31.59 15.05 100.62
CA MET B 1599 31.87 14.41 101.89
C MET B 1599 33.23 14.88 102.38
N LEU B 1600 33.71 14.25 103.45
CA LEU B 1600 35.02 14.55 104.00
C LEU B 1600 35.88 13.28 103.98
N MET B 1601 36.68 13.14 102.93
CA MET B 1601 37.58 12.01 102.81
C MET B 1601 38.77 12.17 103.74
N PRO B 1602 39.04 11.20 104.62
CA PRO B 1602 40.08 11.38 105.65
C PRO B 1602 41.49 11.42 105.11
N VAL B 1603 41.80 10.68 104.04
CA VAL B 1603 43.16 10.55 103.52
C VAL B 1603 43.13 10.87 102.03
N SER B 1604 44.13 11.63 101.57
CA SER B 1604 44.19 12.01 100.17
C SER B 1604 45.63 11.90 99.70
N TRP B 1605 45.82 11.73 98.40
CA TRP B 1605 47.18 11.66 97.88
C TRP B 1605 47.82 13.04 97.87
N SER B 1606 49.15 13.06 97.76
CA SER B 1606 49.90 14.31 97.70
C SER B 1606 51.26 14.02 97.09
N ARG B 1607 52.05 15.07 96.94
CA ARG B 1607 53.34 15.02 96.27
C ARG B 1607 54.47 15.46 97.19
N MET B 1608 55.56 14.71 97.17
CA MET B 1608 56.75 15.07 97.93
C MET B 1608 57.57 16.08 97.15
N PRO B 1609 57.78 17.30 97.66
CA PRO B 1609 58.60 18.29 96.95
C PRO B 1609 60.02 17.79 96.73
N ASN B 1610 60.59 18.18 95.58
CA ASN B 1610 61.88 17.62 95.19
C ASN B 1610 63.03 18.11 96.05
N HIS B 1611 62.88 19.25 96.73
CA HIS B 1611 63.93 19.77 97.60
C HIS B 1611 63.32 20.31 98.88
N PHE B 1612 63.99 20.05 99.99
CA PHE B 1612 63.51 20.45 101.31
C PHE B 1612 64.52 21.40 101.93
N LEU B 1613 64.03 22.20 102.87
CA LEU B 1613 64.84 23.22 103.52
C LEU B 1613 65.97 22.60 104.33
N GLN B 1614 67.06 23.35 104.47
CA GLN B 1614 68.22 22.91 105.23
C GLN B 1614 68.22 23.64 106.57
N VAL B 1615 67.97 22.89 107.64
CA VAL B 1615 67.87 23.44 108.99
C VAL B 1615 68.96 22.82 109.83
N GLU B 1616 69.69 23.65 110.58
CA GLU B 1616 70.69 23.19 111.52
C GLU B 1616 70.15 23.34 112.93
N THR B 1617 70.11 22.23 113.66
CA THR B 1617 69.65 22.15 115.05
C THR B 1617 70.81 21.64 115.90
N ARG B 1618 71.36 22.50 116.73
CA ARG B 1618 72.49 22.15 117.57
C ARG B 1618 72.45 23.00 118.83
N ARG B 1619 73.16 22.54 119.86
CA ARG B 1619 73.24 23.31 121.11
C ARG B 1619 74.48 24.21 121.03
N ALA B 1620 74.24 25.52 120.94
CA ALA B 1620 75.34 26.48 120.81
C ALA B 1620 76.22 26.48 122.05
N GLY B 1621 75.61 26.39 123.23
CA GLY B 1621 76.36 26.36 124.47
C GLY B 1621 75.43 26.19 125.65
N GLU B 1622 76.02 26.20 126.84
CA GLU B 1622 75.24 26.07 128.06
C GLU B 1622 74.43 27.33 128.36
N ARG B 1623 74.93 28.49 127.96
CA ARG B 1623 74.24 29.76 128.19
C ARG B 1623 73.48 30.25 126.96
N LEU B 1624 74.05 30.06 125.77
CA LEU B 1624 73.43 30.53 124.54
C LEU B 1624 72.11 29.79 124.28
N GLY B 1625 72.08 28.50 124.53
CA GLY B 1625 70.91 27.70 124.29
C GLY B 1625 71.02 26.92 123.00
N TRP B 1626 69.86 26.58 122.45
CA TRP B 1626 69.84 25.81 121.20
C TRP B 1626 69.68 26.73 119.99
N ALA B 1627 70.53 26.55 118.99
CA ALA B 1627 70.51 27.45 117.83
C ALA B 1627 69.94 26.71 116.63
N VAL B 1628 68.99 27.37 115.97
CA VAL B 1628 68.34 26.91 114.75
C VAL B 1628 68.79 27.85 113.63
N GLN B 1629 69.26 27.27 112.53
CA GLN B 1629 69.82 28.07 111.45
C GLN B 1629 69.36 27.56 110.10
N CYS B 1630 68.66 28.40 109.34
CA CYS B 1630 68.25 28.06 107.98
C CYS B 1630 68.58 29.23 107.05
N GLN B 1631 69.30 28.94 105.97
CA GLN B 1631 69.80 30.03 105.13
C GLN B 1631 69.42 29.91 103.65
N ASP B 1632 69.49 28.72 103.07
CA ASP B 1632 69.26 28.55 101.63
C ASP B 1632 67.79 28.74 101.27
N PRO B 1633 67.46 29.63 100.35
CA PRO B 1633 66.05 29.85 100.00
C PRO B 1633 65.52 28.83 99.00
N LEU B 1634 64.25 28.48 99.19
CA LEU B 1634 63.52 27.62 98.26
C LEU B 1634 62.18 28.23 97.95
N THR B 1635 61.79 28.17 96.68
CA THR B 1635 60.54 28.77 96.22
C THR B 1635 59.77 27.73 95.42
N MET B 1636 58.45 27.70 95.62
CA MET B 1636 57.58 26.78 94.91
C MET B 1636 56.41 27.54 94.33
N MET B 1637 55.96 27.14 93.15
CA MET B 1637 54.89 27.82 92.44
C MET B 1637 53.54 27.24 92.87
N ALA B 1638 52.72 28.07 93.51
CA ALA B 1638 51.52 27.61 94.18
C ALA B 1638 50.30 27.92 93.32
N LEU B 1639 49.43 26.91 93.14
CA LEU B 1639 48.16 27.09 92.47
C LEU B 1639 47.07 27.13 93.52
N HIS B 1640 46.37 28.26 93.63
CA HIS B 1640 45.42 28.50 94.71
C HIS B 1640 44.01 28.46 94.17
N ILE B 1641 43.20 27.54 94.68
CA ILE B 1641 41.80 27.45 94.30
C ILE B 1641 41.06 28.53 95.09
N PRO B 1642 40.39 29.47 94.42
CA PRO B 1642 39.83 30.65 95.11
C PRO B 1642 38.72 30.32 96.08
N GLU B 1643 37.68 29.62 95.63
CA GLU B 1643 36.51 29.42 96.45
C GLU B 1643 36.75 28.44 97.60
N GLU B 1644 37.80 27.63 97.53
CA GLU B 1644 38.13 26.72 98.61
C GLU B 1644 39.22 27.24 99.52
N ASN B 1645 39.86 28.36 99.16
CA ASN B 1645 40.90 29.05 99.95
C ASN B 1645 42.05 28.10 100.31
N ARG B 1646 42.39 27.18 99.43
CA ARG B 1646 43.52 26.29 99.63
C ARG B 1646 44.34 26.18 98.34
N CYS B 1647 45.65 26.03 98.52
CA CYS B 1647 46.58 26.01 97.41
C CYS B 1647 47.36 24.70 97.42
N MET B 1648 47.75 24.27 96.23
CA MET B 1648 48.53 23.06 96.03
C MET B 1648 49.73 23.37 95.16
N ASP B 1649 50.73 22.49 95.25
CA ASP B 1649 51.88 22.56 94.35
C ASP B 1649 51.41 22.42 92.92
N ILE B 1650 51.90 23.30 92.04
CA ILE B 1650 51.47 23.28 90.64
C ILE B 1650 51.96 22.03 89.94
N LEU B 1651 53.01 21.38 90.44
CA LEU B 1651 53.50 20.14 89.86
C LEU B 1651 52.53 18.98 90.07
N GLU B 1652 51.55 19.11 90.96
CA GLU B 1652 50.52 18.09 91.12
C GLU B 1652 49.61 17.99 89.91
N LEU B 1653 49.62 18.99 89.01
CA LEU B 1653 48.79 18.92 87.83
C LEU B 1653 49.31 17.92 86.81
N SER B 1654 50.46 17.29 87.05
CA SER B 1654 50.91 16.14 86.27
C SER B 1654 50.07 14.89 86.56
N GLU B 1655 49.21 14.95 87.57
CA GLU B 1655 48.34 13.85 87.93
C GLU B 1655 46.90 14.29 88.12
N ARG B 1656 46.64 15.55 88.43
CA ARG B 1656 45.26 16.06 88.44
C ARG B 1656 44.97 16.62 87.05
N LEU B 1657 44.72 15.72 86.10
CA LEU B 1657 44.56 16.14 84.71
C LEU B 1657 43.26 16.93 84.45
N ASP B 1658 42.33 16.94 85.41
CA ASP B 1658 41.14 17.76 85.28
C ASP B 1658 41.50 19.23 85.45
N LEU B 1659 42.38 19.52 86.40
CA LEU B 1659 42.82 20.89 86.59
C LEU B 1659 43.81 21.27 85.50
N GLN B 1660 44.59 20.30 85.02
CA GLN B 1660 45.59 20.57 83.99
C GLN B 1660 44.92 21.01 82.69
N ARG B 1661 43.82 20.36 82.31
CA ARG B 1661 43.09 20.76 81.11
C ARG B 1661 42.51 22.17 81.24
N PHE B 1662 41.96 22.48 82.41
CA PHE B 1662 41.37 23.79 82.65
C PHE B 1662 42.43 24.88 82.65
N HIS B 1663 43.53 24.66 83.38
CA HIS B 1663 44.58 25.67 83.46
C HIS B 1663 45.24 25.88 82.10
N SER B 1664 45.56 24.79 81.40
CA SER B 1664 46.16 24.90 80.08
C SER B 1664 45.22 25.57 79.08
N HIS B 1665 43.91 25.53 79.32
CA HIS B 1665 43.00 26.35 78.52
C HIS B 1665 43.00 27.80 78.99
N THR B 1666 43.16 28.02 80.30
CA THR B 1666 43.20 29.37 80.85
C THR B 1666 44.36 30.17 80.29
N LEU B 1667 45.53 29.53 80.16
CA LEU B 1667 46.66 30.17 79.49
C LEU B 1667 46.37 30.50 78.03
N ARG B 1668 45.60 29.65 77.35
CA ARG B 1668 45.19 29.95 75.98
C ARG B 1668 44.23 31.13 75.93
N LEU B 1669 43.41 31.30 76.96
CA LEU B 1669 42.55 32.46 77.04
C LEU B 1669 43.37 33.72 77.31
N TYR B 1670 44.41 33.58 78.13
CA TYR B 1670 45.30 34.71 78.40
C TYR B 1670 45.99 35.16 77.11
N ARG B 1671 46.41 34.20 76.28
CA ARG B 1671 47.03 34.56 75.02
C ARG B 1671 46.01 35.14 74.05
N ALA B 1672 44.76 34.72 74.16
CA ALA B 1672 43.73 35.18 73.24
C ALA B 1672 43.38 36.63 73.53
N VAL B 1673 43.18 36.96 74.80
CA VAL B 1673 42.73 38.31 75.14
C VAL B 1673 43.84 39.34 74.90
N CYS B 1674 45.10 38.91 74.90
CA CYS B 1674 46.21 39.80 74.60
C CYS B 1674 46.79 39.56 73.21
N ALA B 1675 46.05 38.88 72.34
CA ALA B 1675 46.58 38.55 71.03
C ALA B 1675 46.45 39.73 70.09
N LEU B 1676 47.37 39.78 69.12
CA LEU B 1676 47.39 40.78 68.04
C LEU B 1676 47.51 42.21 68.57
N GLY B 1677 48.52 42.43 69.42
CA GLY B 1677 48.90 43.76 69.86
C GLY B 1677 47.88 44.52 70.68
N ASN B 1678 47.30 43.84 71.68
CA ASN B 1678 46.40 44.51 72.62
C ASN B 1678 47.19 44.88 73.88
N ASN B 1679 48.14 45.80 73.69
CA ASN B 1679 49.05 46.18 74.77
C ASN B 1679 48.35 46.85 75.95
N ARG B 1680 47.11 47.32 75.76
CA ARG B 1680 46.31 47.82 76.87
C ARG B 1680 45.95 46.69 77.82
N VAL B 1681 45.88 45.47 77.31
CA VAL B 1681 45.55 44.29 78.09
C VAL B 1681 46.80 43.55 78.52
N ALA B 1682 47.82 43.52 77.65
CA ALA B 1682 49.07 42.83 77.97
C ALA B 1682 49.73 43.41 79.23
N HIS B 1683 49.48 44.69 79.53
CA HIS B 1683 49.91 45.24 80.80
C HIS B 1683 49.10 44.67 81.95
N ALA B 1684 47.78 44.50 81.74
CA ALA B 1684 46.90 44.00 82.79
C ALA B 1684 47.26 42.57 83.18
N LEU B 1685 47.61 41.74 82.20
CA LEU B 1685 47.97 40.35 82.49
C LEU B 1685 49.21 40.23 83.35
N CYS B 1686 50.09 41.24 83.34
CA CYS B 1686 51.30 41.24 84.15
C CYS B 1686 51.02 41.35 85.65
N SER B 1687 49.79 41.63 86.04
CA SER B 1687 49.42 41.53 87.45
C SER B 1687 49.07 40.10 87.82
N HIS B 1688 48.28 39.44 86.97
CA HIS B 1688 47.87 38.06 87.23
C HIS B 1688 49.06 37.11 87.18
N VAL B 1689 49.89 37.23 86.15
CA VAL B 1689 51.12 36.45 86.06
C VAL B 1689 52.31 37.41 86.01
N ASP B 1690 53.08 37.44 87.10
CA ASP B 1690 54.16 38.40 87.22
C ASP B 1690 55.37 37.96 86.40
N GLN B 1691 56.44 38.76 86.47
CA GLN B 1691 57.67 38.40 85.78
C GLN B 1691 58.37 37.23 86.46
N ALA B 1692 58.27 37.17 87.79
CA ALA B 1692 58.96 36.15 88.57
C ALA B 1692 58.42 34.77 88.25
N GLN B 1693 57.10 34.64 88.13
CA GLN B 1693 56.47 33.35 87.86
C GLN B 1693 56.92 32.84 86.49
N LEU B 1694 56.92 33.72 85.48
CA LEU B 1694 57.33 33.33 84.14
C LEU B 1694 58.80 32.92 84.11
N LEU B 1695 59.66 33.67 84.80
CA LEU B 1695 61.09 33.36 84.83
C LEU B 1695 61.35 32.05 85.56
N HIS B 1696 60.62 31.79 86.64
CA HIS B 1696 60.75 30.51 87.32
C HIS B 1696 60.28 29.38 86.42
N ALA B 1697 59.15 29.57 85.74
CA ALA B 1697 58.62 28.56 84.83
C ALA B 1697 59.53 28.31 83.63
N LEU B 1698 60.47 29.23 83.36
CA LEU B 1698 61.43 28.97 82.30
C LEU B 1698 62.33 27.80 82.68
N GLU B 1699 62.82 27.79 83.91
CA GLU B 1699 63.77 26.79 84.34
C GLU B 1699 63.11 25.61 85.05
N ASP B 1700 61.80 25.69 85.32
CA ASP B 1700 61.10 24.62 86.03
C ASP B 1700 61.08 23.36 85.17
N ALA B 1701 61.89 22.38 85.54
CA ALA B 1701 62.02 21.17 84.74
C ALA B 1701 60.93 20.15 85.00
N HIS B 1702 60.14 20.29 86.06
CA HIS B 1702 59.13 19.30 86.38
C HIS B 1702 57.73 19.70 85.94
N LEU B 1703 57.58 20.83 85.25
CA LEU B 1703 56.27 21.24 84.77
C LEU B 1703 55.81 20.29 83.66
N PRO B 1704 54.51 20.03 83.56
CA PRO B 1704 54.01 19.20 82.46
C PRO B 1704 54.20 19.81 81.08
N GLY B 1705 53.83 19.04 80.05
CA GLY B 1705 53.96 19.44 78.66
C GLY B 1705 53.13 20.67 78.31
N PRO B 1706 51.79 20.52 78.32
CA PRO B 1706 50.93 21.64 77.92
C PRO B 1706 51.12 22.88 78.78
N LEU B 1707 51.46 22.73 80.06
CA LEU B 1707 51.66 23.91 80.88
C LEU B 1707 53.00 24.56 80.58
N ARG B 1708 54.00 23.78 80.20
CA ARG B 1708 55.30 24.34 79.86
C ARG B 1708 55.22 25.13 78.56
N ALA B 1709 54.61 24.52 77.54
CA ALA B 1709 54.46 25.24 76.27
C ALA B 1709 53.47 26.39 76.40
N GLY B 1710 52.43 26.25 77.23
CA GLY B 1710 51.53 27.35 77.46
C GLY B 1710 52.19 28.52 78.17
N TYR B 1711 53.19 28.24 79.00
CA TYR B 1711 53.79 29.33 79.75
C TYR B 1711 54.87 30.02 78.94
N TYR B 1712 55.59 29.29 78.09
CA TYR B 1712 56.49 29.99 77.19
C TYR B 1712 55.71 30.82 76.18
N ASP B 1713 54.64 30.24 75.59
CA ASP B 1713 53.86 31.00 74.63
C ASP B 1713 53.11 32.16 75.29
N LEU B 1714 52.83 32.06 76.60
CA LEU B 1714 52.25 33.21 77.29
C LEU B 1714 53.27 34.30 77.50
N LEU B 1715 54.53 33.92 77.77
CA LEU B 1715 55.60 34.92 77.87
C LEU B 1715 55.77 35.64 76.54
N ILE B 1716 55.76 34.87 75.44
CA ILE B 1716 55.96 35.43 74.11
C ILE B 1716 54.79 36.36 73.78
N SER B 1717 53.56 35.91 74.07
CA SER B 1717 52.37 36.71 73.76
C SER B 1717 52.35 38.00 74.55
N ILE B 1718 52.73 37.96 75.83
CA ILE B 1718 52.63 39.14 76.67
C ILE B 1718 53.73 40.14 76.31
N HIS B 1719 54.97 39.67 76.21
CA HIS B 1719 56.12 40.56 76.19
C HIS B 1719 56.84 40.70 74.86
N LEU B 1720 56.62 39.82 73.90
CA LEU B 1720 57.49 39.84 72.73
C LEU B 1720 56.78 40.04 71.40
N GLU B 1721 55.61 39.42 71.20
CA GLU B 1721 55.03 39.24 69.88
C GLU B 1721 54.71 40.56 69.18
N SER B 1722 54.21 41.56 69.92
CA SER B 1722 53.87 42.85 69.31
C SER B 1722 55.10 43.54 68.73
N ALA B 1723 56.22 43.48 69.44
CA ALA B 1723 57.46 44.03 68.92
C ALA B 1723 58.01 43.19 67.78
N CYS B 1724 57.86 41.85 67.89
CA CYS B 1724 58.42 40.95 66.90
C CYS B 1724 57.70 41.05 65.57
N ARG B 1725 56.37 41.12 65.58
CA ARG B 1725 55.60 41.17 64.35
C ARG B 1725 55.92 42.44 63.57
N SER B 1726 55.95 43.57 64.29
CA SER B 1726 56.26 44.86 63.68
C SER B 1726 57.67 44.88 63.12
N ARG B 1727 58.63 44.29 63.83
CA ARG B 1727 59.98 44.20 63.28
C ARG B 1727 59.99 43.31 62.03
N ARG B 1728 59.27 42.17 62.09
CA ARG B 1728 59.28 41.18 61.03
C ARG B 1728 58.72 41.77 59.75
N SER B 1729 57.79 42.72 59.88
CA SER B 1729 57.26 43.39 58.70
C SER B 1729 58.36 44.23 58.05
N MET B 1730 59.17 44.91 58.86
CA MET B 1730 60.24 45.75 58.31
C MET B 1730 61.42 44.93 57.80
N LEU B 1731 61.47 43.62 58.09
CA LEU B 1731 62.55 42.81 57.54
C LEU B 1731 62.49 42.65 56.02
N SER B 1732 61.36 42.93 55.39
CA SER B 1732 61.23 42.74 53.96
C SER B 1732 61.62 43.97 53.13
N GLU B 1733 61.90 45.10 53.77
CA GLU B 1733 62.35 46.29 53.08
C GLU B 1733 63.77 46.63 53.50
N TYR B 1734 64.57 47.07 52.53
CA TYR B 1734 65.99 47.35 52.76
C TYR B 1734 66.25 48.82 52.41
N ILE B 1735 66.08 49.69 53.40
CA ILE B 1735 66.45 51.10 53.25
C ILE B 1735 67.87 51.24 53.79
N VAL B 1736 68.80 51.59 52.91
CA VAL B 1736 70.21 51.63 53.29
C VAL B 1736 70.74 53.06 53.31
N PRO B 1737 70.93 53.66 54.48
CA PRO B 1737 71.54 54.99 54.55
C PRO B 1737 73.00 54.96 54.14
N LEU B 1738 73.48 56.11 53.67
CA LEU B 1738 74.87 56.25 53.22
C LEU B 1738 75.70 56.78 54.37
N THR B 1739 76.35 55.87 55.10
CA THR B 1739 77.15 56.13 56.28
C THR B 1739 78.48 55.40 56.14
N PRO B 1740 79.53 55.82 56.87
CA PRO B 1740 80.82 55.11 56.80
C PRO B 1740 80.73 53.63 57.13
N GLU B 1741 79.83 53.28 58.06
CA GLU B 1741 79.59 51.87 58.36
C GLU B 1741 79.06 51.17 57.13
N THR B 1742 78.14 51.82 56.39
CA THR B 1742 77.65 51.22 55.15
C THR B 1742 78.79 51.06 54.15
N ARG B 1743 79.72 52.03 54.14
CA ARG B 1743 80.83 52.00 53.20
CA ARG B 1743 80.83 51.99 53.18
C ARG B 1743 81.72 50.79 53.43
N ALA B 1744 81.99 50.48 54.71
CA ALA B 1744 82.91 49.39 55.03
C ALA B 1744 82.33 48.00 54.74
N ILE B 1745 81.04 47.90 54.43
CA ILE B 1745 80.39 46.61 54.21
C ILE B 1745 80.89 46.00 52.91
N THR B 1746 81.31 44.73 52.97
CA THR B 1746 81.76 44.01 51.78
C THR B 1746 81.15 42.61 51.78
N LEU B 1747 81.11 42.02 50.59
CA LEU B 1747 80.52 40.69 50.41
C LEU B 1747 81.29 39.63 51.20
N PHE B 1748 82.62 39.64 51.11
CA PHE B 1748 83.43 38.64 51.75
C PHE B 1748 84.31 39.28 52.82
N PRO B 1749 84.64 38.55 53.88
CA PRO B 1749 85.57 39.09 54.87
C PRO B 1749 86.96 39.19 54.28
N PRO B 1750 87.79 40.12 54.76
CA PRO B 1750 89.19 40.16 54.31
C PRO B 1750 89.96 38.93 54.74
N GLY B 1751 90.37 38.11 53.77
CA GLY B 1751 91.03 36.86 54.07
C GLY B 1751 92.07 36.46 53.06
N ARG B 1752 92.61 35.25 53.21
CA ARG B 1752 93.68 34.76 52.35
C ARG B 1752 93.36 33.38 51.75
N LYS B 1753 92.09 32.98 51.74
CA LYS B 1753 91.72 31.69 51.18
C LYS B 1753 91.79 31.71 49.65
N GLY B 1754 90.97 32.53 49.01
CA GLY B 1754 90.92 32.57 47.57
C GLY B 1754 90.54 33.93 47.02
N GLY B 1755 91.24 34.36 45.95
CA GLY B 1755 91.02 35.69 45.42
C GLY B 1755 89.63 35.90 44.84
N ASN B 1756 89.13 34.91 44.10
CA ASN B 1756 87.79 34.99 43.53
C ASN B 1756 86.73 35.04 44.63
N ALA B 1757 86.90 34.23 45.68
CA ALA B 1757 85.95 34.19 46.78
C ALA B 1757 86.64 33.61 48.00
N ARG B 1758 86.67 34.36 49.10
CA ARG B 1758 87.13 33.84 50.37
C ARG B 1758 86.08 32.89 50.95
N ARG B 1759 86.35 32.40 52.16
CA ARG B 1759 85.36 31.62 52.88
C ARG B 1759 84.20 32.52 53.26
N HIS B 1760 82.98 31.97 53.19
CA HIS B 1760 81.80 32.71 53.60
C HIS B 1760 81.89 33.08 55.07
N GLY B 1761 81.48 34.30 55.39
CA GLY B 1761 81.38 34.68 56.79
C GLY B 1761 80.24 33.96 57.49
N LEU B 1762 80.25 34.10 58.80
CA LEU B 1762 79.19 33.50 59.60
C LEU B 1762 77.91 34.30 59.37
N PRO B 1763 76.83 33.67 58.90
CA PRO B 1763 75.59 34.42 58.61
C PRO B 1763 75.02 35.05 59.86
N GLY B 1764 74.49 36.26 59.69
CA GLY B 1764 73.96 37.00 60.81
C GLY B 1764 75.00 37.64 61.71
N VAL B 1765 76.28 37.53 61.36
CA VAL B 1765 77.37 38.07 62.15
C VAL B 1765 78.03 39.19 61.35
N GLY B 1766 78.19 40.35 61.96
CA GLY B 1766 78.81 41.46 61.30
C GLY B 1766 78.06 42.74 61.60
N VAL B 1767 78.14 43.70 60.70
CA VAL B 1767 77.46 44.98 60.86
C VAL B 1767 76.42 45.11 59.75
N THR B 1768 75.21 45.51 60.12
CA THR B 1768 74.15 45.78 59.17
C THR B 1768 73.65 47.18 59.43
N THR B 1769 73.54 47.97 58.37
CA THR B 1769 73.15 49.35 58.48
C THR B 1769 71.74 49.63 58.03
N SER B 1770 70.99 48.61 57.60
CA SER B 1770 69.63 48.80 57.13
C SER B 1770 68.75 49.36 58.23
N LEU B 1771 67.80 50.21 57.85
CA LEU B 1771 66.98 50.90 58.82
C LEU B 1771 65.93 49.96 59.40
N ARG B 1772 65.87 49.89 60.72
CA ARG B 1772 64.80 49.21 61.44
C ARG B 1772 64.48 50.09 62.64
N PRO B 1773 63.20 50.45 62.84
CA PRO B 1773 62.86 51.26 64.01
C PRO B 1773 63.09 50.50 65.29
N PRO B 1774 63.50 51.19 66.36
CA PRO B 1774 63.73 50.49 67.63
C PRO B 1774 62.43 50.11 68.31
N HIS B 1775 62.53 49.11 69.18
CA HIS B 1775 61.40 48.69 69.98
C HIS B 1775 61.09 49.71 71.07
N HIS B 1776 59.85 49.69 71.53
CA HIS B 1776 59.40 50.57 72.60
C HIS B 1776 58.69 49.74 73.65
N PHE B 1777 59.08 49.91 74.90
CA PHE B 1777 58.46 49.17 76.00
C PHE B 1777 58.10 50.13 77.13
N SER B 1778 57.29 49.64 78.05
CA SER B 1778 56.96 50.39 79.24
C SER B 1778 57.09 49.49 80.46
N PRO B 1779 57.54 50.03 81.58
CA PRO B 1779 57.60 49.24 82.81
C PRO B 1779 56.20 49.05 83.38
N PRO B 1780 55.79 47.81 83.61
CA PRO B 1780 54.44 47.58 84.14
C PRO B 1780 54.30 48.02 85.59
N CYS B 1781 53.54 49.09 85.80
CA CYS B 1781 53.34 49.66 87.12
C CYS B 1781 51.86 49.92 87.34
N PHE B 1782 51.28 49.22 88.30
CA PHE B 1782 49.85 49.29 88.56
C PHE B 1782 49.49 50.28 89.65
N VAL B 1783 50.47 50.94 90.27
CA VAL B 1783 50.19 51.99 91.23
C VAL B 1783 50.27 53.37 90.61
N ALA B 1784 50.67 53.46 89.34
CA ALA B 1784 50.79 54.74 88.66
C ALA B 1784 49.42 55.40 88.54
N ALA B 1785 49.42 56.73 88.59
CA ALA B 1785 48.20 57.51 88.50
C ALA B 1785 47.50 57.28 87.16
N LEU B 1786 46.19 57.10 87.21
CA LEU B 1786 45.39 56.91 86.01
C LEU B 1786 45.45 58.18 85.15
N PRO B 1787 45.74 58.05 83.85
CA PRO B 1787 45.89 59.23 82.99
C PRO B 1787 44.62 60.05 82.92
N ALA B 1788 44.77 61.37 82.96
CA ALA B 1788 43.61 62.25 82.85
C ALA B 1788 43.06 62.30 81.44
N ALA B 1789 43.87 61.93 80.44
CA ALA B 1789 43.42 61.89 79.07
C ALA B 1789 42.34 60.82 78.89
N GLY B 1790 41.27 61.19 78.19
CA GLY B 1790 40.18 60.27 77.96
C GLY B 1790 40.56 59.16 76.99
N VAL B 1791 39.67 58.15 76.94
CA VAL B 1791 39.86 57.04 76.02
C VAL B 1791 39.79 57.56 74.58
N ALA B 1792 40.45 56.85 73.66
CA ALA B 1792 40.57 57.15 72.23
C ALA B 1792 41.30 58.48 71.96
N GLU B 1793 41.97 59.05 72.96
CA GLU B 1793 42.75 60.26 72.78
C GLU B 1793 44.15 60.07 73.36
N ALA B 1794 44.26 59.22 74.36
CA ALA B 1794 45.54 58.97 75.02
C ALA B 1794 46.48 58.22 74.07
N PRO B 1795 47.80 58.40 74.24
CA PRO B 1795 48.75 57.64 73.41
C PRO B 1795 48.65 56.14 73.63
N ALA B 1796 48.91 55.39 72.56
CA ALA B 1796 48.82 53.94 72.58
C ALA B 1796 49.80 53.33 73.58
N ARG B 1797 49.33 52.34 74.33
CA ARG B 1797 50.17 51.66 75.30
C ARG B 1797 51.24 50.83 74.60
N LEU B 1798 52.39 50.71 75.25
CA LEU B 1798 53.50 49.94 74.72
C LEU B 1798 53.50 48.55 75.36
N SER B 1799 54.31 47.67 74.79
CA SER B 1799 54.46 46.33 75.35
C SER B 1799 55.10 46.42 76.74
N PRO B 1800 54.62 45.63 77.70
CA PRO B 1800 55.27 45.58 79.02
C PRO B 1800 56.72 45.14 78.94
N ALA B 1801 57.58 45.83 79.69
CA ALA B 1801 59.00 45.58 79.61
C ALA B 1801 59.37 44.27 80.29
N ILE B 1802 60.49 43.70 79.86
CA ILE B 1802 61.07 42.51 80.48
C ILE B 1802 62.58 42.54 80.24
N PRO B 1803 63.43 42.19 81.24
CA PRO B 1803 64.89 42.28 81.04
C PRO B 1803 65.38 41.35 79.94
N LEU B 1804 65.78 41.95 78.83
CA LEU B 1804 66.13 41.17 77.66
C LEU B 1804 67.51 40.53 77.75
N GLU B 1805 68.47 41.19 78.41
CA GLU B 1805 69.81 40.61 78.56
C GLU B 1805 69.76 39.33 79.41
N ALA B 1806 68.97 39.35 80.47
CA ALA B 1806 68.77 38.16 81.29
C ALA B 1806 67.96 37.12 80.53
N LEU B 1807 66.92 37.56 79.81
CA LEU B 1807 66.10 36.60 79.09
C LEU B 1807 66.90 35.89 77.99
N ARG B 1808 67.73 36.63 77.25
CA ARG B 1808 68.54 36.02 76.19
C ARG B 1808 69.62 35.10 76.75
N ASP B 1809 70.17 35.43 77.93
CA ASP B 1809 71.18 34.54 78.50
C ASP B 1809 70.55 33.27 79.05
N LYS B 1810 69.40 33.41 79.73
CA LYS B 1810 68.72 32.25 80.26
C LYS B 1810 68.23 31.35 79.13
N ALA B 1811 67.78 31.96 78.03
CA ALA B 1811 67.32 31.20 76.86
C ALA B 1811 68.46 30.40 76.24
N LEU B 1812 69.64 31.04 76.12
CA LEU B 1812 70.80 30.33 75.59
C LEU B 1812 71.19 29.17 76.49
N ARG B 1813 71.15 29.41 77.81
CA ARG B 1813 71.54 28.38 78.77
C ARG B 1813 70.59 27.20 78.69
N MET B 1814 69.28 27.48 78.59
CA MET B 1814 68.28 26.41 78.49
C MET B 1814 68.46 25.61 77.21
N LEU B 1815 68.75 26.30 76.10
CA LEU B 1815 68.99 25.57 74.85
C LEU B 1815 70.23 24.69 74.94
N GLY B 1816 71.29 25.17 75.62
CA GLY B 1816 72.48 24.35 75.80
C GLY B 1816 72.21 23.10 76.62
N GLU B 1817 71.47 23.27 77.72
CA GLU B 1817 71.11 22.13 78.54
C GLU B 1817 70.21 21.17 77.76
N ALA B 1818 69.29 21.70 76.95
CA ALA B 1818 68.39 20.84 76.19
C ALA B 1818 69.17 20.01 75.17
N VAL B 1819 70.17 20.64 74.52
CA VAL B 1819 70.98 19.94 73.52
C VAL B 1819 71.76 18.81 74.15
N ARG B 1820 72.41 19.09 75.29
CA ARG B 1820 73.16 18.04 75.98
C ARG B 1820 72.25 16.95 76.54
N ASP B 1821 71.10 17.33 77.10
CA ASP B 1821 70.16 16.34 77.63
C ASP B 1821 69.63 15.45 76.52
N GLY B 1822 69.32 16.05 75.36
CA GLY B 1822 68.87 15.27 74.22
C GLY B 1822 69.96 14.32 73.74
N GLY B 1823 71.22 14.75 73.86
CA GLY B 1823 72.31 13.86 73.47
C GLY B 1823 72.42 12.66 74.40
N GLN B 1824 72.16 12.87 75.69
CA GLN B 1824 72.26 11.76 76.66
C GLN B 1824 71.20 10.68 76.46
N HIS B 1825 70.14 10.93 75.69
CA HIS B 1825 69.02 10.01 75.44
C HIS B 1825 68.36 9.54 76.74
N ALA B 1826 68.14 10.49 77.65
CA ALA B 1826 67.49 10.22 78.92
C ALA B 1826 66.05 9.72 78.72
N ARG B 1827 65.63 8.79 79.59
CA ARG B 1827 64.29 8.22 79.48
C ARG B 1827 63.20 9.17 79.94
N ASP B 1828 63.54 10.30 80.56
CA ASP B 1828 62.56 11.27 81.03
C ASP B 1828 62.93 12.67 80.54
N PRO B 1829 62.66 12.97 79.27
CA PRO B 1829 62.95 14.31 78.74
C PRO B 1829 62.05 15.36 79.40
N VAL B 1830 62.58 16.59 79.46
CA VAL B 1830 61.91 17.70 80.14
C VAL B 1830 60.54 17.95 79.53
N GLY B 1831 59.53 18.09 80.37
CA GLY B 1831 58.19 18.34 79.88
C GLY B 1831 57.45 17.09 79.45
N GLY B 1832 58.09 15.94 79.46
CA GLY B 1832 57.45 14.68 79.16
C GLY B 1832 57.76 14.13 77.79
N SER B 1833 58.26 14.95 76.88
CA SER B 1833 58.63 14.47 75.55
C SER B 1833 59.64 15.40 74.92
N VAL B 1834 60.28 14.90 73.86
CA VAL B 1834 61.30 15.65 73.13
C VAL B 1834 60.69 16.89 72.52
N GLU B 1835 59.47 16.76 71.99
CA GLU B 1835 58.78 17.89 71.37
C GLU B 1835 58.52 18.97 72.41
N PHE B 1836 58.02 18.58 73.59
CA PHE B 1836 57.75 19.52 74.66
C PHE B 1836 59.01 20.09 75.27
N GLN B 1837 60.17 19.51 74.97
CA GLN B 1837 61.42 19.99 75.51
C GLN B 1837 62.08 20.98 74.57
N PHE B 1838 62.01 20.72 73.27
CA PHE B 1838 62.68 21.54 72.27
C PHE B 1838 61.82 22.61 71.59
N VAL B 1839 60.57 22.30 71.20
CA VAL B 1839 59.76 23.28 70.46
C VAL B 1839 59.52 24.60 71.17
N PRO B 1840 59.05 24.65 72.45
CA PRO B 1840 58.85 25.96 73.09
C PRO B 1840 60.13 26.81 73.23
N VAL B 1841 61.26 26.14 73.51
CA VAL B 1841 62.52 26.88 73.64
C VAL B 1841 62.95 27.41 72.29
N LEU B 1842 62.84 26.58 71.24
CA LEU B 1842 63.23 27.04 69.91
C LEU B 1842 62.32 28.17 69.43
N LYS B 1843 61.06 28.19 69.91
CA LYS B 1843 60.18 29.31 69.64
C LYS B 1843 60.71 30.59 70.28
N LEU B 1844 61.21 30.47 71.51
CA LEU B 1844 61.71 31.64 72.22
C LEU B 1844 63.00 32.16 71.57
N VAL B 1845 63.86 31.22 71.14
CA VAL B 1845 65.10 31.59 70.46
C VAL B 1845 64.78 32.27 69.14
N SER B 1846 63.82 31.72 68.39
CA SER B 1846 63.45 32.28 67.10
C SER B 1846 62.92 33.69 67.26
N THR B 1847 62.09 33.91 68.29
CA THR B 1847 61.54 35.23 68.54
C THR B 1847 62.64 36.23 68.90
N LEU B 1848 63.64 35.79 69.67
CA LEU B 1848 64.69 36.73 70.04
C LEU B 1848 65.59 37.05 68.86
N LEU B 1849 65.83 36.07 67.98
CA LEU B 1849 66.59 36.32 66.76
C LEU B 1849 65.87 37.34 65.89
N VAL B 1850 64.56 37.15 65.69
CA VAL B 1850 63.82 38.03 64.81
C VAL B 1850 63.80 39.44 65.40
N MET B 1851 63.62 39.56 66.72
CA MET B 1851 63.73 40.85 67.38
C MET B 1851 65.14 41.42 67.38
N GLY B 1852 66.16 40.64 67.04
CA GLY B 1852 67.51 41.17 67.05
C GLY B 1852 68.11 41.35 68.43
N ILE B 1853 67.63 40.61 69.43
CA ILE B 1853 68.14 40.75 70.79
C ILE B 1853 69.57 40.24 70.88
N PHE B 1854 69.85 39.11 70.21
CA PHE B 1854 71.14 38.45 70.30
C PHE B 1854 72.23 39.26 69.60
N GLY B 1855 73.38 39.38 70.27
CA GLY B 1855 74.55 39.98 69.67
C GLY B 1855 75.34 38.97 68.87
N ASP B 1856 76.46 39.43 68.30
CA ASP B 1856 77.26 38.61 67.39
C ASP B 1856 77.84 37.38 68.08
N GLU B 1857 78.30 37.54 69.32
CA GLU B 1857 78.83 36.41 70.08
C GLU B 1857 77.75 35.38 70.34
N ASP B 1858 76.55 35.83 70.70
CA ASP B 1858 75.45 34.91 70.96
C ASP B 1858 75.03 34.20 69.68
N VAL B 1859 75.05 34.93 68.55
CA VAL B 1859 74.68 34.31 67.28
C VAL B 1859 75.71 33.24 66.92
N LYS B 1860 76.99 33.50 67.23
CA LYS B 1860 78.03 32.50 67.00
C LYS B 1860 77.77 31.27 67.84
N GLN B 1861 77.30 31.47 69.08
CA GLN B 1861 76.95 30.35 69.96
C GLN B 1861 75.84 29.52 69.34
N ILE B 1862 74.78 30.20 68.85
CA ILE B 1862 73.62 29.51 68.28
C ILE B 1862 74.02 28.72 67.04
N LEU B 1863 74.88 29.31 66.19
CA LEU B 1863 75.39 28.60 65.03
C LEU B 1863 76.18 27.36 65.44
N LYS B 1864 76.95 27.46 66.54
CA LYS B 1864 77.62 26.28 67.06
C LYS B 1864 76.62 25.23 67.56
N MET B 1865 75.51 25.66 68.14
CA MET B 1865 74.54 24.71 68.65
C MET B 1865 73.83 23.99 67.50
N ILE B 1866 73.57 24.72 66.42
CA ILE B 1866 72.93 24.13 65.25
C ILE B 1866 73.90 23.18 64.55
N GLU B 1867 75.14 23.61 64.33
CA GLU B 1867 76.15 22.76 63.72
C GLU B 1867 77.54 23.20 64.19
N PRO B 1868 78.14 22.46 65.13
CA PRO B 1868 79.41 22.90 65.72
C PRO B 1868 80.63 22.67 64.83
N GLU B 1869 80.49 22.10 63.65
CA GLU B 1869 81.65 21.88 62.78
C GLU B 1869 81.64 22.72 61.51
N VAL B 1870 80.47 22.91 60.88
CA VAL B 1870 80.38 23.72 59.68
C VAL B 1870 80.66 25.19 59.99
N PHE B 1871 80.14 25.67 61.11
CA PHE B 1871 80.20 27.08 61.47
C PHE B 1871 81.40 27.45 62.31
N THR B 1872 82.50 26.69 62.22
CA THR B 1872 83.72 27.02 62.92
C THR B 1872 84.43 28.17 62.23
N GLU B 1873 84.63 29.27 62.96
CA GLU B 1873 85.33 30.41 62.42
C GLU B 1873 86.83 30.18 62.48
N GLU B 1874 87.55 30.65 61.46
CA GLU B 1874 88.99 30.51 61.38
C GLU B 1874 89.57 31.48 60.36
N LEU B 1922 77.78 15.13 74.74
CA LEU B 1922 78.38 15.08 73.41
C LEU B 1922 78.19 16.42 72.70
N GLU B 1923 79.17 16.79 71.87
CA GLU B 1923 79.16 18.04 71.13
C GLU B 1923 78.56 17.86 69.73
N GLU B 1924 77.39 17.23 69.69
CA GLU B 1924 76.69 17.00 68.43
C GLU B 1924 75.60 18.03 68.25
N GLY B 1925 75.44 18.51 67.02
CA GLY B 1925 74.55 19.60 66.74
C GLY B 1925 73.10 19.17 66.69
N LEU B 1926 72.23 20.16 66.51
CA LEU B 1926 70.79 19.94 66.44
C LEU B 1926 70.36 19.24 65.17
N LEU B 1927 71.23 19.12 64.16
CA LEU B 1927 70.87 18.53 62.89
C LEU B 1927 71.20 17.05 62.82
N GLN B 1928 71.43 16.40 63.95
CA GLN B 1928 71.70 14.96 63.96
C GLN B 1928 70.99 14.22 65.08
N MET B 1929 70.03 14.84 65.75
CA MET B 1929 69.46 14.26 66.96
C MET B 1929 68.21 13.43 66.74
N LYS B 1930 67.80 13.24 65.47
CA LYS B 1930 66.59 12.50 65.07
C LYS B 1930 65.36 13.11 65.73
N LEU B 1931 65.12 14.37 65.38
CA LEU B 1931 64.04 15.15 65.94
C LEU B 1931 62.69 14.79 65.34
N PRO B 1932 61.59 15.06 66.06
CA PRO B 1932 60.27 14.87 65.46
C PRO B 1932 59.94 15.96 64.46
N GLU B 1933 58.76 15.88 63.84
CA GLU B 1933 58.35 16.85 62.82
C GLU B 1933 58.19 18.26 63.39
N SER B 1934 57.65 18.37 64.60
CA SER B 1934 57.37 19.67 65.21
C SER B 1934 58.63 20.49 65.44
N VAL B 1935 59.71 19.84 65.90
CA VAL B 1935 60.99 20.52 66.12
C VAL B 1935 61.60 20.97 64.80
N LYS B 1936 61.44 20.14 63.76
CA LYS B 1936 61.96 20.46 62.43
C LYS B 1936 61.40 21.76 61.88
N LEU B 1937 60.14 22.07 62.21
CA LEU B 1937 59.54 23.33 61.77
C LEU B 1937 60.28 24.53 62.37
N GLN B 1938 60.61 24.46 63.66
CA GLN B 1938 61.31 25.57 64.27
C GLN B 1938 62.73 25.66 63.75
N MET B 1939 63.31 24.50 63.39
CA MET B 1939 64.65 24.51 62.82
C MET B 1939 64.64 25.24 61.48
N CYS B 1940 63.58 25.00 60.69
CA CYS B 1940 63.42 25.69 59.43
C CYS B 1940 63.24 27.18 59.63
N ASN B 1941 62.52 27.58 60.68
CA ASN B 1941 62.36 29.00 60.98
C ASN B 1941 63.68 29.67 61.36
N LEU B 1942 64.56 28.91 62.00
CA LEU B 1942 65.89 29.42 62.32
C LEU B 1942 66.74 29.61 61.08
N LEU B 1943 66.75 28.58 60.22
CA LEU B 1943 67.52 28.69 58.99
C LEU B 1943 66.96 29.76 58.07
N GLU B 1944 65.63 29.93 58.06
CA GLU B 1944 65.02 30.98 57.27
C GLU B 1944 65.39 32.36 57.78
N TYR B 1945 65.72 32.46 59.08
CA TYR B 1945 66.22 33.74 59.57
C TYR B 1945 67.65 33.98 59.13
N PHE B 1946 68.47 32.93 59.12
CA PHE B 1946 69.86 33.16 58.72
C PHE B 1946 69.96 33.39 57.22
N CYS B 1947 69.06 32.78 56.44
CA CYS B 1947 69.00 33.04 55.01
C CYS B 1947 68.60 34.48 54.75
N ASP B 1948 67.63 35.00 55.51
CA ASP B 1948 67.25 36.41 55.35
C ASP B 1948 68.40 37.33 55.69
N GLN B 1949 69.14 37.02 56.76
CA GLN B 1949 70.30 37.83 57.12
C GLN B 1949 71.40 37.78 56.06
N GLU B 1950 71.55 36.63 55.38
CA GLU B 1950 72.44 36.54 54.22
C GLU B 1950 71.97 37.42 53.07
N LEU B 1951 70.66 37.44 52.81
CA LEU B 1951 70.13 38.24 51.72
C LEU B 1951 70.34 39.72 51.99
N GLN B 1952 70.03 40.16 53.21
CA GLN B 1952 70.23 41.55 53.58
C GLN B 1952 71.71 41.92 53.51
N HIS B 1953 72.60 40.96 53.84
CA HIS B 1953 74.04 41.21 53.75
C HIS B 1953 74.45 41.47 52.31
N ARG B 1954 73.86 40.70 51.38
CA ARG B 1954 74.13 40.90 49.96
C ARG B 1954 73.67 42.27 49.50
N VAL B 1955 72.44 42.64 49.87
CA VAL B 1955 71.87 43.92 49.44
C VAL B 1955 72.69 45.10 49.98
N GLU B 1956 73.11 45.02 51.26
CA GLU B 1956 73.97 46.05 51.83
C GLU B 1956 75.34 46.13 51.15
N SER B 1957 75.91 44.97 50.80
CA SER B 1957 77.18 44.94 50.07
C SER B 1957 77.03 45.60 48.70
N LEU B 1958 75.93 45.32 48.01
CA LEU B 1958 75.64 45.93 46.72
C LEU B 1958 75.48 47.44 46.84
N ALA B 1959 74.80 47.89 47.88
CA ALA B 1959 74.65 49.33 48.12
C ALA B 1959 75.99 50.01 48.40
N ALA B 1960 76.88 49.34 49.15
CA ALA B 1960 78.22 49.87 49.39
C ALA B 1960 79.01 49.99 48.10
N PHE B 1961 78.89 48.96 47.24
CA PHE B 1961 79.59 49.01 45.96
C PHE B 1961 79.04 50.13 45.11
N ALA B 1962 77.73 50.34 45.16
CA ALA B 1962 77.12 51.46 44.44
C ALA B 1962 77.62 52.80 44.95
N GLU B 1963 77.88 52.88 46.26
CA GLU B 1963 78.43 54.10 46.87
C GLU B 1963 79.79 54.43 46.30
N ARG B 1964 80.66 53.43 46.16
CA ARG B 1964 81.99 53.70 45.63
C ARG B 1964 81.98 53.89 44.11
N TYR B 1965 81.14 53.11 43.43
CA TYR B 1965 81.15 53.08 41.97
C TYR B 1965 80.54 54.34 41.39
N VAL B 1966 79.53 54.90 42.03
CA VAL B 1966 78.94 56.14 41.51
C VAL B 1966 79.94 57.28 41.64
N ASP B 1967 80.70 57.32 42.74
CA ASP B 1967 81.70 58.37 42.95
C ASP B 1967 82.77 58.35 41.87
N LYS B 1968 83.31 57.14 41.58
CA LYS B 1968 84.30 57.03 40.50
C LYS B 1968 83.70 57.32 39.13
N LEU B 1969 82.49 56.84 38.86
CA LEU B 1969 81.89 56.99 37.55
C LEU B 1969 81.51 58.45 37.29
N GLN B 1970 81.02 59.14 38.32
CA GLN B 1970 80.69 60.56 38.20
C GLN B 1970 81.94 61.38 37.97
N ALA B 1971 83.04 61.05 38.67
CA ALA B 1971 84.29 61.79 38.47
C ALA B 1971 84.80 61.61 37.05
N ASN B 1972 84.77 60.36 36.55
CA ASN B 1972 85.24 60.06 35.20
C ASN B 1972 84.42 60.78 34.14
N GLN B 1973 83.09 60.76 34.28
CA GLN B 1973 82.21 61.42 33.32
C GLN B 1973 82.33 62.94 33.39
N ARG B 1974 82.67 63.49 34.57
CA ARG B 1974 82.90 64.93 34.67
C ARG B 1974 84.20 65.30 33.96
N SER B 1975 85.26 64.52 34.17
CA SER B 1975 86.54 64.81 33.52
C SER B 1975 86.38 64.68 32.00
N ARG B 1976 85.66 63.64 31.54
CA ARG B 1976 85.42 63.51 30.11
C ARG B 1976 84.55 64.64 29.57
N TYR B 1977 83.76 65.31 30.42
CA TYR B 1977 83.02 66.48 29.97
C TYR B 1977 83.98 67.65 29.78
N ALA B 1978 84.94 67.79 30.69
CA ALA B 1978 85.95 68.83 30.56
C ALA B 1978 86.79 68.62 29.30
N LEU B 1979 87.15 67.36 29.02
CA LEU B 1979 87.85 67.05 27.77
C LEU B 1979 86.98 67.36 26.54
N LEU B 1980 85.67 67.12 26.65
CA LEU B 1980 84.80 67.46 25.53
C LEU B 1980 84.67 68.98 25.36
N MET B 1981 84.94 69.74 26.42
CA MET B 1981 84.86 71.19 26.29
C MET B 1981 85.93 71.72 25.35
N ARG B 1982 87.13 71.10 25.35
CA ARG B 1982 88.17 71.45 24.40
C ARG B 1982 88.23 70.52 23.20
N ALA B 1983 87.27 69.59 23.05
CA ALA B 1983 87.36 68.60 21.97
C ALA B 1983 87.17 69.23 20.59
N PHE B 1984 86.42 70.35 20.51
CA PHE B 1984 86.07 70.97 19.24
C PHE B 1984 87.30 71.42 18.46
N THR B 1985 88.39 71.75 19.16
CA THR B 1985 89.58 72.26 18.52
C THR B 1985 90.24 71.19 17.65
N MET B 1986 90.30 69.96 18.16
CA MET B 1986 90.92 68.85 17.44
C MET B 1986 89.88 67.92 16.80
N SER B 1987 88.61 68.33 16.77
CA SER B 1987 87.58 67.44 16.22
C SER B 1987 86.73 68.17 15.19
N ALA B 1988 85.64 67.53 14.77
CA ALA B 1988 84.76 68.03 13.73
C ALA B 1988 83.34 67.58 14.07
N ALA B 1989 82.46 67.54 13.07
CA ALA B 1989 81.04 67.20 13.22
C ALA B 1989 80.74 65.85 13.88
N GLU B 1990 81.74 64.99 14.11
CA GLU B 1990 81.54 63.72 14.80
C GLU B 1990 81.33 63.86 16.31
N THR B 1991 81.34 65.08 16.85
CA THR B 1991 81.15 65.31 18.29
C THR B 1991 79.77 64.95 18.81
N ALA B 1992 78.79 64.72 17.93
CA ALA B 1992 77.42 64.41 18.38
C ALA B 1992 77.38 63.12 19.19
N ARG B 1993 78.12 62.10 18.73
CA ARG B 1993 78.10 60.79 19.42
C ARG B 1993 78.70 60.90 20.82
N ARG B 1994 79.79 61.67 20.98
CA ARG B 1994 80.41 61.77 22.29
C ARG B 1994 79.62 62.71 23.21
N THR B 1995 79.00 63.77 22.66
CA THR B 1995 78.21 64.66 23.50
C THR B 1995 76.80 64.15 23.72
N ARG B 1996 76.46 63.00 23.12
CA ARG B 1996 75.14 62.42 23.31
C ARG B 1996 74.95 62.01 24.76
N GLU B 1997 76.01 61.45 25.38
CA GLU B 1997 75.89 60.98 26.76
C GLU B 1997 75.58 62.15 27.69
N PHE B 1998 76.32 63.25 27.54
CA PHE B 1998 76.06 64.45 28.32
C PHE B 1998 74.77 65.15 27.94
N ARG B 1999 74.15 64.79 26.81
CA ARG B 1999 72.84 65.31 26.44
C ARG B 1999 71.76 64.25 26.64
N SER B 2000 72.10 63.17 27.30
CA SER B 2000 71.11 62.14 27.52
C SER B 2000 70.70 62.13 28.99
N PRO B 2001 69.45 61.79 29.29
CA PRO B 2001 68.99 61.83 30.67
C PRO B 2001 69.71 60.80 31.53
N PRO B 2002 69.87 61.09 32.83
CA PRO B 2002 70.72 60.23 33.70
C PRO B 2002 70.24 58.81 33.82
N GLN B 2003 68.94 58.57 33.59
CA GLN B 2003 68.37 57.24 33.71
C GLN B 2003 69.02 56.28 32.72
N GLU B 2004 69.41 56.78 31.54
CA GLU B 2004 70.05 55.94 30.53
C GLU B 2004 71.52 56.27 30.30
N GLN B 2005 72.03 57.39 30.84
CA GLN B 2005 73.48 57.61 30.82
C GLN B 2005 74.20 56.43 31.46
N ILE B 2006 73.70 55.98 32.60
CA ILE B 2006 74.24 54.80 33.26
C ILE B 2006 74.02 53.56 32.40
N ASN B 2007 72.91 53.47 31.69
CA ASN B 2007 72.63 52.32 30.83
C ASN B 2007 73.75 52.13 29.80
N MET B 2008 74.07 53.21 29.06
CA MET B 2008 75.21 53.13 28.14
C MET B 2008 76.53 52.93 28.88
N LEU B 2009 76.71 53.59 30.03
CA LEU B 2009 77.97 53.46 30.77
C LEU B 2009 78.19 52.04 31.28
N LEU B 2010 77.13 51.33 31.64
CA LEU B 2010 77.19 49.97 32.12
C LEU B 2010 76.96 48.94 31.03
N HIS B 2011 76.82 49.40 29.78
CA HIS B 2011 76.43 48.51 28.69
C HIS B 2011 77.65 47.88 28.04
N PHE B 2012 78.39 47.12 28.85
CA PHE B 2012 79.60 46.45 28.37
C PHE B 2012 79.75 45.06 28.97
N LYS B 2013 78.65 44.39 29.29
CA LYS B 2013 78.74 43.07 29.91
C LYS B 2013 79.17 42.00 28.90
N ASP B 2014 78.64 42.05 27.69
CA ASP B 2014 78.75 40.95 26.74
C ASP B 2014 79.98 41.05 25.85
N GLU B 2015 80.82 42.08 26.03
CA GLU B 2015 82.09 42.35 25.34
C GLU B 2015 81.95 42.71 23.87
N ALA B 2016 80.74 42.72 23.30
CA ALA B 2016 80.53 43.02 21.90
C ALA B 2016 80.01 44.43 21.67
N ASP B 2017 80.05 45.29 22.70
CA ASP B 2017 79.57 46.65 22.57
C ASP B 2017 80.42 47.63 23.37
N GLU B 2018 81.71 47.36 23.51
CA GLU B 2018 82.62 48.21 24.26
C GLU B 2018 82.79 49.60 23.66
N GLU B 2019 82.56 49.74 22.35
CA GLU B 2019 82.77 51.02 21.67
C GLU B 2019 81.82 52.09 22.18
N ASP B 2020 80.61 51.72 22.59
CA ASP B 2020 79.69 52.71 23.15
C ASP B 2020 80.13 53.11 24.56
N CYS B 2021 80.76 52.19 25.28
CA CYS B 2021 81.17 52.45 26.65
C CYS B 2021 82.41 53.33 26.68
N PRO B 2022 82.37 54.51 27.30
CA PRO B 2022 83.57 55.34 27.43
C PRO B 2022 84.38 55.10 28.69
N LEU B 2023 84.15 54.01 29.41
CA LEU B 2023 84.85 53.87 30.68
C LEU B 2023 86.23 53.25 30.46
N PRO B 2024 87.21 53.68 31.25
CA PRO B 2024 88.51 53.01 31.24
C PRO B 2024 88.44 51.60 31.80
N GLU B 2025 89.42 50.80 31.38
CA GLU B 2025 89.43 49.37 31.66
C GLU B 2025 89.59 49.07 33.14
N ASP B 2026 90.20 49.97 33.93
CA ASP B 2026 90.29 49.74 35.37
C ASP B 2026 88.90 49.73 36.03
N ILE B 2027 88.04 50.68 35.65
CA ILE B 2027 86.65 50.71 36.09
C ILE B 2027 85.88 49.50 35.54
N ARG B 2028 86.13 49.17 34.27
CA ARG B 2028 85.47 47.99 33.69
C ARG B 2028 85.88 46.70 34.40
N GLN B 2029 87.15 46.56 34.75
CA GLN B 2029 87.60 45.41 35.52
C GLN B 2029 87.05 45.43 36.93
N ASP B 2030 86.81 46.63 37.47
CA ASP B 2030 86.25 46.76 38.82
C ASP B 2030 84.86 46.15 38.86
N LEU B 2031 84.00 46.58 37.93
CA LEU B 2031 82.64 46.05 37.88
C LEU B 2031 82.64 44.56 37.52
N GLN B 2032 83.45 44.15 36.54
CA GLN B 2032 83.53 42.74 36.16
C GLN B 2032 84.18 41.86 37.23
N ASP B 2033 84.81 42.44 38.25
CA ASP B 2033 85.28 41.75 39.44
C ASP B 2033 84.17 41.61 40.46
N PHE B 2034 83.46 42.72 40.72
CA PHE B 2034 82.40 42.68 41.71
C PHE B 2034 81.24 41.81 41.24
N HIS B 2035 81.03 41.70 39.93
CA HIS B 2035 80.01 40.78 39.43
C HIS B 2035 80.40 39.35 39.73
N GLN B 2036 81.70 39.04 39.58
CA GLN B 2036 82.16 37.66 39.68
C GLN B 2036 82.06 37.17 41.13
N ASP B 2037 82.58 37.97 42.07
CA ASP B 2037 82.46 37.50 43.45
C ASP B 2037 81.03 37.62 43.97
N LEU B 2038 80.21 38.51 43.39
CA LEU B 2038 78.77 38.51 43.73
C LEU B 2038 78.10 37.21 43.34
N LEU B 2039 78.40 36.70 42.13
CA LEU B 2039 77.92 35.38 41.72
C LEU B 2039 78.48 34.28 42.61
N ALA B 2040 79.75 34.41 43.03
CA ALA B 2040 80.33 33.43 43.94
C ALA B 2040 79.62 33.44 45.30
N HIS B 2041 79.35 34.64 45.84
CA HIS B 2041 78.67 34.75 47.12
C HIS B 2041 77.22 34.30 47.02
N CYS B 2042 76.64 34.34 45.82
CA CYS B 2042 75.32 33.75 45.59
C CYS B 2042 75.42 32.30 45.14
N GLY B 2043 76.62 31.74 45.14
CA GLY B 2043 76.82 30.33 44.85
C GLY B 2043 76.46 29.90 43.44
N ILE B 2044 76.80 30.71 42.45
CA ILE B 2044 76.52 30.35 41.07
C ILE B 2044 77.54 29.33 40.58
N GLN B 2045 78.81 29.73 40.54
CA GLN B 2045 79.90 28.85 40.14
C GLN B 2045 81.20 29.49 40.63
N LEU B 2046 82.25 28.69 40.68
CA LEU B 2046 83.56 29.16 41.13
C LEU B 2046 84.67 28.48 40.32
N GLU B 2088 83.96 14.53 50.04
CA GLU B 2088 83.58 15.93 50.22
C GLU B 2088 82.22 16.07 50.90
N LYS B 2089 82.09 15.42 52.06
CA LYS B 2089 80.84 15.47 52.81
C LYS B 2089 80.68 16.76 53.61
N LYS B 2090 81.69 17.63 53.61
CA LYS B 2090 81.63 18.89 54.33
C LYS B 2090 80.72 19.86 53.57
N PRO B 2091 79.62 20.33 54.17
CA PRO B 2091 78.79 21.34 53.49
C PRO B 2091 79.51 22.63 53.16
N GLN B 2092 80.42 23.09 54.05
CA GLN B 2092 81.34 24.22 53.85
C GLN B 2092 80.66 25.58 53.79
N SER B 2093 79.33 25.62 53.80
CA SER B 2093 78.57 26.86 53.69
C SER B 2093 77.12 26.60 54.07
N LEU B 2094 76.43 27.70 54.38
CA LEU B 2094 75.03 27.63 54.79
C LEU B 2094 74.13 27.11 53.66
N GLN B 2095 74.39 27.56 52.43
CA GLN B 2095 73.55 27.17 51.28
C GLN B 2095 73.61 25.67 51.03
N GLU B 2096 74.80 25.08 51.09
CA GLU B 2096 74.91 23.65 50.88
C GLU B 2096 74.43 22.89 52.10
N LEU B 2097 74.58 23.49 53.29
CA LEU B 2097 74.14 22.85 54.51
C LEU B 2097 72.63 22.68 54.49
N VAL B 2098 71.91 23.78 54.20
CA VAL B 2098 70.45 23.77 54.20
C VAL B 2098 69.94 22.84 53.10
N SER B 2099 70.52 22.94 51.89
CA SER B 2099 70.06 22.14 50.76
C SER B 2099 70.21 20.64 51.02
N HIS B 2100 71.34 20.23 51.60
CA HIS B 2100 71.54 18.82 51.92
CA HIS B 2100 71.54 18.83 51.91
C HIS B 2100 70.69 18.40 53.12
N MET B 2101 70.53 19.29 54.08
CA MET B 2101 69.75 19.00 55.28
C MET B 2101 68.30 18.74 54.89
N VAL B 2102 67.76 19.58 54.01
CA VAL B 2102 66.38 19.47 53.55
C VAL B 2102 66.20 18.16 52.80
N VAL B 2103 67.13 17.85 51.88
CA VAL B 2103 66.98 16.65 51.08
C VAL B 2103 67.09 15.40 51.97
N ARG B 2104 68.03 15.41 52.93
CA ARG B 2104 68.21 14.29 53.84
C ARG B 2104 66.95 14.03 54.67
N TRP B 2105 66.31 15.12 55.16
CA TRP B 2105 65.05 14.96 55.89
C TRP B 2105 63.97 14.39 54.99
N ALA B 2106 63.93 14.85 53.74
CA ALA B 2106 62.85 14.45 52.86
C ALA B 2106 62.97 12.97 52.51
N GLN B 2107 64.21 12.50 52.28
CA GLN B 2107 64.40 11.11 51.88
C GLN B 2107 64.65 10.19 53.07
N GLU B 2108 64.53 10.68 54.30
CA GLU B 2108 64.61 9.77 55.43
C GLU B 2108 63.26 9.21 55.86
N ASP B 2109 62.18 9.97 55.68
CA ASP B 2109 60.84 9.52 56.04
C ASP B 2109 59.81 10.42 55.38
N TYR B 2110 58.65 9.84 55.10
CA TYR B 2110 57.54 10.57 54.51
C TYR B 2110 57.05 11.63 55.49
N VAL B 2111 57.33 12.88 55.17
CA VAL B 2111 56.98 14.00 56.05
C VAL B 2111 55.48 14.21 56.03
N GLN B 2112 54.86 14.25 57.21
CA GLN B 2112 53.41 14.29 57.28
C GLN B 2112 52.84 15.69 57.48
N SER B 2113 53.62 16.65 57.98
CA SER B 2113 53.09 17.97 58.27
C SER B 2113 53.15 18.84 57.03
N PRO B 2114 52.01 19.28 56.48
CA PRO B 2114 52.05 20.15 55.29
C PRO B 2114 52.74 21.48 55.52
N GLU B 2115 52.71 22.01 56.75
CA GLU B 2115 53.42 23.26 57.01
C GLU B 2115 54.90 23.03 57.08
N LEU B 2116 55.31 21.81 57.47
CA LEU B 2116 56.74 21.51 57.50
C LEU B 2116 57.22 21.33 56.07
N VAL B 2117 56.42 20.63 55.25
CA VAL B 2117 56.79 20.36 53.86
C VAL B 2117 56.97 21.66 53.10
N ARG B 2118 56.01 22.58 53.29
CA ARG B 2118 56.10 23.90 52.67
C ARG B 2118 57.29 24.68 53.19
N ALA B 2119 57.56 24.57 54.50
CA ALA B 2119 58.66 25.31 55.10
C ALA B 2119 60.00 24.86 54.56
N MET B 2120 60.19 23.55 54.39
CA MET B 2120 61.49 23.08 53.91
C MET B 2120 61.64 23.32 52.41
N PHE B 2121 60.57 23.18 51.64
CA PHE B 2121 60.74 23.39 50.21
C PHE B 2121 60.88 24.85 49.84
N SER B 2122 60.35 25.77 50.68
CA SER B 2122 60.65 27.18 50.48
C SER B 2122 62.13 27.46 50.69
N LEU B 2123 62.72 26.83 51.72
CA LEU B 2123 64.14 26.98 51.97
C LEU B 2123 64.96 26.43 50.83
N LEU B 2124 64.58 25.25 50.33
CA LEU B 2124 65.35 24.59 49.28
C LEU B 2124 65.36 25.42 48.01
N HIS B 2125 64.19 26.00 47.69
CA HIS B 2125 64.10 26.86 46.51
C HIS B 2125 64.98 28.08 46.68
N ARG B 2126 65.02 28.64 47.89
CA ARG B 2126 65.84 29.83 48.11
C ARG B 2126 67.33 29.51 47.98
N GLN B 2127 67.75 28.33 48.46
CA GLN B 2127 69.17 28.00 48.39
C GLN B 2127 69.62 27.81 46.95
N TYR B 2128 68.86 27.02 46.19
CA TYR B 2128 69.24 26.81 44.79
C TYR B 2128 69.14 28.08 43.95
N ASP B 2129 68.04 28.83 44.09
CA ASP B 2129 67.85 30.04 43.31
C ASP B 2129 68.33 31.26 44.09
N GLY B 2130 69.64 31.27 44.34
CA GLY B 2130 70.26 32.36 45.08
C GLY B 2130 70.15 33.71 44.38
N LEU B 2131 70.39 33.72 43.07
CA LEU B 2131 70.32 34.96 42.31
C LEU B 2131 68.90 35.50 42.23
N GLY B 2132 67.92 34.61 41.97
CA GLY B 2132 66.55 35.03 41.80
C GLY B 2132 65.96 35.68 43.03
N GLU B 2133 66.30 35.17 44.22
CA GLU B 2133 65.85 35.78 45.46
C GLU B 2133 66.38 37.19 45.61
N LEU B 2134 67.64 37.41 45.25
CA LEU B 2134 68.20 38.77 45.25
C LEU B 2134 67.47 39.63 44.23
N LEU B 2135 67.11 39.03 43.08
CA LEU B 2135 66.41 39.76 42.04
C LEU B 2135 65.06 40.23 42.52
N ARG B 2136 64.35 39.36 43.26
CA ARG B 2136 63.04 39.73 43.77
C ARG B 2136 63.14 40.56 45.05
N ALA B 2137 64.34 40.72 45.60
CA ALA B 2137 64.53 41.55 46.78
C ALA B 2137 64.97 42.97 46.42
N LEU B 2138 65.60 43.12 45.27
CA LEU B 2138 66.03 44.44 44.81
C LEU B 2138 64.93 45.51 44.67
N PRO B 2139 63.70 45.23 44.15
CA PRO B 2139 62.70 46.33 44.02
C PRO B 2139 62.36 47.06 45.32
N ARG B 2140 62.51 46.42 46.46
CA ARG B 2140 62.26 47.05 47.74
C ARG B 2140 63.52 47.63 48.36
N ALA B 2141 64.65 47.56 47.67
CA ALA B 2141 65.85 48.17 48.19
C ALA B 2141 65.87 49.65 47.80
N TYR B 2142 66.50 50.46 48.65
CA TYR B 2142 66.53 51.90 48.43
C TYR B 2142 67.67 52.49 49.25
N THR B 2143 68.26 53.55 48.73
CA THR B 2143 69.36 54.24 49.39
C THR B 2143 68.94 55.68 49.68
N ILE B 2144 69.29 56.16 50.87
CA ILE B 2144 68.93 57.50 51.30
C ILE B 2144 70.17 58.23 51.80
N SER B 2145 70.05 59.54 51.84
CA SER B 2145 71.06 60.43 52.39
C SER B 2145 71.01 60.40 53.91
N PRO B 2146 72.16 60.45 54.58
CA PRO B 2146 72.18 60.43 56.07
C PRO B 2146 71.51 61.63 56.71
N SER B 2147 71.26 62.71 55.98
CA SER B 2147 70.65 63.91 56.54
C SER B 2147 69.17 63.77 56.87
N SER B 2148 68.52 62.66 56.49
CA SER B 2148 67.09 62.48 56.73
C SER B 2148 66.79 61.13 57.39
N VAL B 2149 67.74 60.58 58.14
CA VAL B 2149 67.52 59.29 58.78
C VAL B 2149 66.51 59.40 59.91
N GLU B 2150 66.60 60.44 60.75
CA GLU B 2150 65.67 60.56 61.86
C GLU B 2150 64.24 60.91 61.40
N ASP B 2151 64.09 61.49 60.21
CA ASP B 2151 62.75 61.63 59.63
C ASP B 2151 62.27 60.32 59.03
N THR B 2152 63.21 59.52 58.51
CA THR B 2152 62.86 58.19 58.00
C THR B 2152 62.40 57.30 59.13
N MET B 2153 63.04 57.42 60.30
CA MET B 2153 62.64 56.67 61.48
C MET B 2153 61.18 56.92 61.82
N SER B 2154 60.79 58.20 61.97
CA SER B 2154 59.41 58.55 62.28
C SER B 2154 58.43 58.14 61.19
N LEU B 2155 58.93 58.04 59.95
CA LEU B 2155 58.10 57.52 58.87
C LEU B 2155 57.87 56.03 59.05
N LEU B 2156 58.93 55.30 59.39
CA LEU B 2156 58.80 53.86 59.55
C LEU B 2156 57.93 53.52 60.76
N GLU B 2157 58.05 54.30 61.84
CA GLU B 2157 57.17 54.12 63.01
C GLU B 2157 55.70 54.32 62.64
N CYS B 2158 55.39 55.41 61.94
CA CYS B 2158 54.00 55.61 61.54
C CYS B 2158 53.52 54.58 60.53
N LEU B 2159 54.42 54.08 59.68
CA LEU B 2159 54.08 52.99 58.79
C LEU B 2159 53.78 51.72 59.58
N GLY B 2160 54.55 51.47 60.66
CA GLY B 2160 54.28 50.31 61.49
C GLY B 2160 52.93 50.43 62.17
N GLN B 2161 52.56 51.66 62.56
CA GLN B 2161 51.25 51.90 63.15
C GLN B 2161 50.15 51.58 62.15
N ILE B 2162 50.37 51.94 60.87
CA ILE B 2162 49.36 51.67 59.86
C ILE B 2162 49.26 50.16 59.60
N ARG B 2163 50.41 49.50 59.43
CA ARG B 2163 50.45 48.07 59.14
C ARG B 2163 49.82 47.25 60.26
N SER B 2164 50.00 47.69 61.51
CA SER B 2164 49.43 46.95 62.64
C SER B 2164 47.91 47.02 62.69
N LEU B 2165 47.27 47.88 61.90
CA LEU B 2165 45.82 47.97 61.86
C LEU B 2165 45.18 47.07 60.81
N LEU B 2166 45.98 46.30 60.07
CA LEU B 2166 45.41 45.39 59.09
C LEU B 2166 44.77 44.17 59.73
N ILE B 2167 45.12 43.82 60.95
CA ILE B 2167 44.71 42.57 61.55
C ILE B 2167 43.78 42.78 62.74
N VAL B 2168 43.23 43.97 62.91
CA VAL B 2168 42.40 44.29 64.06
C VAL B 2168 41.11 44.95 63.57
N GLN B 2169 39.98 44.56 64.16
CA GLN B 2169 38.73 45.25 63.89
C GLN B 2169 38.84 46.67 64.42
N MET B 2170 38.53 47.64 63.58
CA MET B 2170 38.75 49.03 63.92
C MET B 2170 37.76 49.54 64.97
N GLY B 2171 38.29 50.28 65.93
CA GLY B 2171 37.49 50.93 66.94
C GLY B 2171 37.93 52.38 67.11
N PRO B 2172 37.19 53.12 67.95
CA PRO B 2172 37.48 54.55 68.17
C PRO B 2172 38.89 54.84 68.66
N GLN B 2173 39.47 53.92 69.45
CA GLN B 2173 40.85 54.09 69.89
C GLN B 2173 41.82 54.01 68.71
N GLU B 2174 41.63 53.04 67.82
CA GLU B 2174 42.55 52.91 66.68
C GLU B 2174 42.34 54.02 65.65
N GLU B 2175 41.11 54.52 65.55
CA GLU B 2175 40.81 55.55 64.57
C GLU B 2175 41.64 56.81 64.81
N ASN B 2176 41.70 57.25 66.08
CA ASN B 2176 42.54 58.41 66.38
C ASN B 2176 44.02 58.06 66.35
N LEU B 2177 44.35 56.77 66.36
CA LEU B 2177 45.74 56.37 66.25
C LEU B 2177 46.20 56.60 64.83
N MET B 2178 45.35 56.23 63.87
CA MET B 2178 45.80 56.34 62.49
C MET B 2178 45.57 57.72 61.91
N ILE B 2179 44.62 58.51 62.41
CA ILE B 2179 44.49 59.88 61.92
C ILE B 2179 45.76 60.69 62.20
N GLN B 2180 46.30 60.55 63.41
CA GLN B 2180 47.58 61.19 63.70
C GLN B 2180 48.75 60.47 63.05
N SER B 2181 48.65 59.15 62.84
CA SER B 2181 49.70 58.44 62.11
C SER B 2181 49.82 58.95 60.69
N ILE B 2182 48.69 59.19 60.03
CA ILE B 2182 48.67 59.77 58.69
C ILE B 2182 49.20 61.21 58.74
N GLY B 2183 48.72 62.00 59.72
CA GLY B 2183 49.15 63.40 59.81
C GLY B 2183 50.65 63.54 60.03
N ASN B 2184 51.26 62.59 60.75
CA ASN B 2184 52.70 62.63 60.90
C ASN B 2184 53.42 62.23 59.62
N ILE B 2185 52.72 61.59 58.68
CA ILE B 2185 53.33 61.34 57.37
C ILE B 2185 53.19 62.59 56.52
N MET B 2186 52.06 63.30 56.70
CA MET B 2186 51.84 64.58 56.03
C MET B 2186 52.96 65.54 56.35
N ASN B 2187 53.24 65.72 57.65
CA ASN B 2187 54.27 66.63 58.11
C ASN B 2187 55.69 66.05 57.94
N ASN B 2188 55.87 64.96 57.21
CA ASN B 2188 57.17 64.34 57.01
C ASN B 2188 57.72 64.75 55.64
N LYS B 2189 58.87 65.43 55.65
CA LYS B 2189 59.46 65.95 54.42
C LYS B 2189 59.93 64.84 53.47
N VAL B 2190 60.22 63.65 53.98
CA VAL B 2190 60.65 62.54 53.12
C VAL B 2190 59.51 61.97 52.31
N PHE B 2191 58.27 62.23 52.73
CA PHE B 2191 57.08 61.85 51.96
C PHE B 2191 56.97 62.62 50.65
N TYR B 2192 57.68 63.73 50.53
CA TYR B 2192 57.71 64.49 49.29
C TYR B 2192 59.07 64.37 48.62
N GLN B 2193 60.14 64.31 49.40
CA GLN B 2193 61.49 64.28 48.83
C GLN B 2193 61.80 62.95 48.18
N HIS B 2194 61.15 61.86 48.61
CA HIS B 2194 61.39 60.54 48.04
C HIS B 2194 60.08 59.82 47.73
N PRO B 2195 59.30 60.32 46.76
CA PRO B 2195 57.99 59.68 46.47
C PRO B 2195 58.10 58.25 45.95
N ASN B 2196 59.23 57.86 45.37
CA ASN B 2196 59.39 56.47 44.93
C ASN B 2196 59.48 55.52 46.10
N LEU B 2197 60.03 56.00 47.22
CA LEU B 2197 60.19 55.18 48.41
C LEU B 2197 58.84 54.75 48.97
N MET B 2198 57.85 55.65 48.95
CA MET B 2198 56.51 55.30 49.44
C MET B 2198 55.90 54.15 48.67
N ARG B 2199 56.06 54.16 47.34
CA ARG B 2199 55.61 53.03 46.54
C ARG B 2199 56.42 51.77 46.80
N ALA B 2200 57.71 51.94 47.10
CA ALA B 2200 58.52 50.77 47.46
C ALA B 2200 58.05 50.16 48.78
N LEU B 2201 57.73 51.00 49.76
CA LEU B 2201 57.16 50.53 51.02
C LEU B 2201 55.71 50.08 50.88
N GLY B 2202 55.06 50.35 49.76
CA GLY B 2202 53.66 49.95 49.58
C GLY B 2202 52.67 50.59 50.52
N MET B 2203 52.88 51.85 50.89
CA MET B 2203 52.01 52.51 51.86
C MET B 2203 50.60 52.76 51.33
N HIS B 2204 50.47 53.05 50.03
CA HIS B 2204 49.17 53.35 49.45
C HIS B 2204 48.27 52.13 49.43
N GLU B 2205 48.86 50.93 49.24
CA GLU B 2205 48.07 49.70 49.35
C GLU B 2205 47.53 49.57 50.76
N THR B 2206 48.43 49.56 51.77
CA THR B 2206 48.04 49.25 53.14
C THR B 2206 46.96 50.20 53.64
N VAL B 2207 47.04 51.48 53.21
CA VAL B 2207 45.95 52.42 53.48
C VAL B 2207 44.69 51.99 52.74
N MET B 2208 44.85 51.42 51.53
CA MET B 2208 43.66 51.11 50.75
C MET B 2208 42.90 49.93 51.37
N GLU B 2209 43.61 48.87 51.80
CA GLU B 2209 42.89 47.78 52.49
C GLU B 2209 42.31 48.25 53.82
N VAL B 2210 42.98 49.17 54.54
CA VAL B 2210 42.39 49.72 55.76
C VAL B 2210 41.07 50.42 55.44
N MET B 2211 41.01 51.14 54.33
CA MET B 2211 39.76 51.73 53.86
C MET B 2211 38.73 50.66 53.54
N VAL B 2212 39.11 49.68 52.72
CA VAL B 2212 38.16 48.70 52.16
C VAL B 2212 37.56 47.83 53.26
N ASN B 2213 38.33 47.50 54.31
CA ASN B 2213 37.79 46.72 55.42
C ASN B 2213 36.65 47.43 56.13
N VAL B 2214 36.83 48.74 56.36
CA VAL B 2214 35.81 49.55 57.03
C VAL B 2214 34.60 49.75 56.13
N LEU B 2215 34.83 49.99 54.83
CA LEU B 2215 33.72 50.08 53.88
C LEU B 2215 32.95 48.76 53.80
N GLY B 2216 33.67 47.63 53.76
CA GLY B 2216 33.02 46.33 53.66
C GLY B 2216 32.20 46.00 54.90
N GLY B 2217 32.70 46.37 56.08
CA GLY B 2217 31.96 46.14 57.30
C GLY B 2217 30.77 47.07 57.38
N GLY B 2218 29.57 46.50 57.36
CA GLY B 2218 28.35 47.30 57.29
C GLY B 2218 28.19 48.03 55.98
N GLU B 2219 28.53 47.38 54.86
CA GLU B 2219 28.45 47.97 53.53
C GLU B 2219 27.02 48.23 53.07
N THR B 2220 26.01 47.69 53.75
CA THR B 2220 24.63 47.89 53.37
C THR B 2220 23.92 48.94 54.23
N LYS B 2221 24.03 48.82 55.55
CA LYS B 2221 23.24 49.65 56.45
C LYS B 2221 23.72 51.11 56.47
N GLU B 2222 24.95 51.35 56.92
CA GLU B 2222 25.49 52.69 57.09
C GLU B 2222 26.99 52.58 57.34
N ILE B 2223 27.74 53.54 56.80
CA ILE B 2223 29.19 53.57 56.96
C ILE B 2223 29.58 54.04 58.37
N ARG B 2224 30.17 53.14 59.15
CA ARG B 2224 30.68 53.55 60.44
C ARG B 2224 32.05 54.20 60.22
N PHE B 2225 32.42 55.07 61.17
CA PHE B 2225 33.67 55.83 61.22
C PHE B 2225 33.90 56.72 60.00
N PRO B 2226 33.02 57.66 59.66
CA PRO B 2226 33.31 58.55 58.50
C PRO B 2226 34.50 59.46 58.73
N LYS B 2227 34.81 59.76 60.00
CA LYS B 2227 35.89 60.68 60.36
C LYS B 2227 37.26 60.11 60.03
N MET B 2228 37.37 58.82 59.75
CA MET B 2228 38.63 58.25 59.34
C MET B 2228 38.71 58.23 57.82
N VAL B 2229 37.61 57.80 57.19
CA VAL B 2229 37.53 57.69 55.73
C VAL B 2229 37.77 59.04 55.07
N THR B 2230 37.27 60.11 55.69
CA THR B 2230 37.55 61.46 55.18
C THR B 2230 39.00 61.88 55.30
N SER B 2231 39.81 61.17 56.09
CA SER B 2231 41.24 61.43 56.16
C SER B 2231 42.02 60.52 55.22
N CYS B 2232 41.60 59.26 55.13
CA CYS B 2232 42.23 58.32 54.22
C CYS B 2232 42.07 58.73 52.77
N CYS B 2233 40.86 59.16 52.36
CA CYS B 2233 40.64 59.65 51.01
C CYS B 2233 41.49 60.88 50.71
N ARG B 2234 41.57 61.80 51.69
CA ARG B 2234 42.40 62.98 51.54
C ARG B 2234 43.87 62.61 51.39
N PHE B 2235 44.32 61.61 52.15
CA PHE B 2235 45.70 61.14 52.03
C PHE B 2235 45.96 60.55 50.65
N LEU B 2236 45.01 59.77 50.15
CA LEU B 2236 45.19 59.15 48.84
C LEU B 2236 45.24 60.20 47.74
N CYS B 2237 44.37 61.21 47.82
CA CYS B 2237 44.39 62.31 46.84
C CYS B 2237 45.70 63.09 46.91
N TYR B 2238 46.18 63.37 48.13
CA TYR B 2238 47.50 63.95 48.30
C TYR B 2238 48.58 63.07 47.71
N PHE B 2239 48.41 61.75 47.78
CA PHE B 2239 49.41 60.84 47.24
C PHE B 2239 49.39 60.87 45.73
N CYS B 2240 48.22 61.09 45.14
CA CYS B 2240 48.11 61.15 43.69
C CYS B 2240 48.76 62.42 43.16
N ARG B 2241 48.63 63.50 43.91
CA ARG B 2241 49.12 64.77 43.38
C ARG B 2241 50.63 64.94 43.49
N ILE B 2242 51.34 64.01 44.14
CA ILE B 2242 52.79 64.16 44.27
C ILE B 2242 53.50 63.98 42.93
N SER B 2243 53.10 62.97 42.16
CA SER B 2243 53.74 62.71 40.87
C SER B 2243 52.82 61.89 40.01
N ARG B 2244 53.24 61.67 38.76
CA ARG B 2244 52.47 60.86 37.83
C ARG B 2244 52.57 59.36 38.13
N GLN B 2245 53.77 58.88 38.48
CA GLN B 2245 53.93 57.45 38.79
C GLN B 2245 53.09 57.04 39.99
N ASN B 2246 53.03 57.91 41.01
CA ASN B 2246 52.14 57.67 42.15
C ASN B 2246 50.69 57.62 41.69
N GLN B 2247 50.33 58.51 40.77
CA GLN B 2247 49.00 58.52 40.19
C GLN B 2247 48.74 57.27 39.38
N ARG B 2248 49.73 56.81 38.61
CA ARG B 2248 49.58 55.62 37.78
C ARG B 2248 49.38 54.38 38.65
N SER B 2249 50.17 54.27 39.72
CA SER B 2249 50.06 53.14 40.63
C SER B 2249 48.71 53.15 41.31
N MET B 2250 48.26 54.32 41.78
CA MET B 2250 46.91 54.39 42.35
C MET B 2250 45.84 54.14 41.30
N PHE B 2251 46.13 54.45 40.03
CA PHE B 2251 45.20 54.24 38.93
C PHE B 2251 44.95 52.77 38.70
N ASP B 2252 45.96 51.92 38.94
CA ASP B 2252 45.81 50.49 38.68
C ASP B 2252 44.72 49.85 39.56
N HIS B 2253 44.43 50.43 40.72
CA HIS B 2253 43.36 50.00 41.62
C HIS B 2253 42.02 50.68 41.33
N LEU B 2254 41.78 51.11 40.08
CA LEU B 2254 40.58 51.88 39.76
C LEU B 2254 39.30 51.08 39.94
N SER B 2255 39.25 49.88 39.37
CA SER B 2255 38.07 49.02 39.48
C SER B 2255 37.82 48.61 40.93
N TYR B 2256 38.91 48.34 41.67
CA TYR B 2256 38.82 48.02 43.09
C TYR B 2256 38.18 49.15 43.88
N LEU B 2257 38.52 50.40 43.56
CA LEU B 2257 37.90 51.55 44.22
C LEU B 2257 36.46 51.75 43.78
N LEU B 2258 36.16 51.40 42.51
CA LEU B 2258 34.82 51.61 41.98
C LEU B 2258 33.82 50.69 42.66
N GLU B 2259 34.20 49.42 42.85
CA GLU B 2259 33.28 48.47 43.44
C GLU B 2259 32.97 48.85 44.89
N ASN B 2260 33.97 49.39 45.61
CA ASN B 2260 33.74 49.79 46.99
C ASN B 2260 33.16 51.20 47.10
N SER B 2261 32.93 51.89 45.98
CA SER B 2261 32.45 53.27 46.05
C SER B 2261 30.94 53.36 46.00
N GLY B 2262 30.24 52.22 46.00
CA GLY B 2262 28.79 52.23 45.90
C GLY B 2262 28.08 52.84 47.09
N ILE B 2263 28.62 52.62 48.30
CA ILE B 2263 27.96 53.08 49.51
C ILE B 2263 28.70 54.25 50.15
N GLY B 2264 29.94 54.53 49.75
CA GLY B 2264 30.73 55.63 50.28
C GLY B 2264 30.13 57.01 50.08
N LEU B 2265 29.18 57.15 49.15
CA LEU B 2265 28.49 58.41 48.93
C LEU B 2265 27.61 58.82 50.11
N GLY B 2266 27.29 57.87 51.01
CA GLY B 2266 26.49 58.21 52.18
C GLY B 2266 27.16 59.22 53.08
N MET B 2267 28.45 59.06 53.33
CA MET B 2267 29.19 60.06 54.08
C MET B 2267 29.45 61.29 53.22
N GLN B 2268 29.93 62.34 53.86
CA GLN B 2268 30.20 63.61 53.22
CA GLN B 2268 30.20 63.61 53.22
C GLN B 2268 31.63 64.04 53.49
N GLY B 2269 32.18 64.84 52.57
CA GLY B 2269 33.56 65.23 52.68
C GLY B 2269 34.38 64.74 51.50
N SER B 2270 35.28 63.80 51.74
CA SER B 2270 36.08 63.19 50.68
C SER B 2270 35.70 61.72 50.61
N THR B 2271 34.93 61.37 49.59
CA THR B 2271 34.41 60.02 49.42
C THR B 2271 35.48 59.13 48.81
N PRO B 2272 35.28 57.79 48.81
CA PRO B 2272 36.21 56.92 48.05
C PRO B 2272 36.29 57.23 46.57
N LEU B 2273 35.19 57.74 45.99
CA LEU B 2273 35.15 58.04 44.57
C LEU B 2273 36.09 59.19 44.22
N ASP B 2274 36.23 60.18 45.11
CA ASP B 2274 37.15 61.29 44.87
C ASP B 2274 38.61 60.85 44.76
N VAL B 2275 38.95 59.67 45.29
CA VAL B 2275 40.25 59.08 45.02
C VAL B 2275 40.33 58.65 43.57
N ALA B 2276 39.27 57.97 43.10
CA ALA B 2276 39.27 57.44 41.74
C ALA B 2276 39.34 58.59 40.74
N ALA B 2277 38.64 59.68 41.04
CA ALA B 2277 38.74 60.87 40.21
C ALA B 2277 40.16 61.43 40.25
N ALA B 2278 40.76 61.50 41.46
CA ALA B 2278 42.11 62.04 41.62
C ALA B 2278 43.16 61.19 40.96
N SER B 2279 42.82 59.96 40.59
CA SER B 2279 43.75 59.08 39.92
C SER B 2279 43.75 59.31 38.41
N VAL B 2280 42.81 60.09 37.90
CA VAL B 2280 42.71 60.35 36.47
C VAL B 2280 42.69 61.83 36.12
N ILE B 2281 42.73 62.73 37.11
CA ILE B 2281 42.69 64.16 36.78
C ILE B 2281 43.93 64.56 36.01
N ASP B 2282 43.72 65.19 34.83
CA ASP B 2282 44.76 65.81 34.01
C ASP B 2282 45.87 64.84 33.58
N ASN B 2283 45.48 63.63 33.21
CA ASN B 2283 46.41 62.64 32.70
C ASN B 2283 45.81 62.01 31.46
N ASN B 2284 46.37 62.35 30.30
CA ASN B 2284 45.82 61.88 29.03
C ASN B 2284 46.03 60.38 28.84
N GLU B 2285 47.22 59.90 29.20
CA GLU B 2285 47.54 58.48 29.06
C GLU B 2285 46.64 57.62 29.95
N LEU B 2286 46.41 58.06 31.18
CA LEU B 2286 45.54 57.32 32.10
C LEU B 2286 44.10 57.38 31.62
N ALA B 2287 43.67 58.55 31.14
CA ALA B 2287 42.30 58.71 30.67
C ALA B 2287 42.04 57.85 29.44
N LEU B 2288 43.02 57.77 28.53
CA LEU B 2288 42.85 56.92 27.36
C LEU B 2288 42.93 55.45 27.74
N ALA B 2289 43.79 55.10 28.70
CA ALA B 2289 43.91 53.71 29.11
C ALA B 2289 42.78 53.27 30.04
N LEU B 2290 41.87 54.19 30.41
CA LEU B 2290 40.75 53.84 31.26
C LEU B 2290 39.81 52.88 30.53
N GLN B 2291 39.63 51.69 31.08
CA GLN B 2291 38.79 50.67 30.48
C GLN B 2291 37.31 51.08 30.45
N GLU B 2292 36.66 50.78 29.33
CA GLU B 2292 35.24 51.06 29.14
C GLU B 2292 34.34 50.30 30.11
N GLN B 2293 34.82 49.17 30.65
CA GLN B 2293 34.04 48.39 31.61
C GLN B 2293 33.81 49.21 32.89
N ASP B 2294 34.82 49.98 33.28
CA ASP B 2294 34.69 50.85 34.44
C ASP B 2294 33.61 51.90 34.22
N LEU B 2295 33.55 52.45 33.00
CA LEU B 2295 32.48 53.37 32.64
C LEU B 2295 31.13 52.69 32.70
N GLU B 2296 31.07 51.42 32.28
CA GLU B 2296 29.83 50.65 32.40
C GLU B 2296 29.41 50.50 33.85
N LYS B 2297 30.40 50.39 34.75
CA LYS B 2297 30.11 50.25 36.17
C LYS B 2297 29.55 51.55 36.73
N VAL B 2298 30.16 52.67 36.33
CA VAL B 2298 29.72 53.96 36.85
C VAL B 2298 28.34 54.32 36.31
N VAL B 2299 28.07 54.06 35.03
CA VAL B 2299 26.75 54.35 34.49
C VAL B 2299 25.69 53.44 35.12
N SER B 2300 26.02 52.18 35.42
CA SER B 2300 25.07 51.30 36.10
C SER B 2300 24.75 51.81 37.49
N TYR B 2301 25.77 52.26 38.22
CA TYR B 2301 25.56 52.92 39.50
C TYR B 2301 24.70 54.17 39.34
N LEU B 2302 24.95 54.97 38.29
CA LEU B 2302 24.16 56.17 38.05
C LEU B 2302 22.71 55.79 37.76
N ALA B 2303 22.50 54.65 37.09
CA ALA B 2303 21.16 54.17 36.78
C ALA B 2303 20.41 53.89 38.08
N GLY B 2304 21.08 53.19 39.01
CA GLY B 2304 20.45 52.95 40.30
C GLY B 2304 20.17 54.26 41.03
N CYS B 2305 21.09 55.23 40.92
CA CYS B 2305 20.88 56.53 41.54
C CYS B 2305 19.70 57.27 40.90
N GLY B 2306 19.37 56.94 39.65
CA GLY B 2306 18.21 57.50 38.99
C GLY B 2306 16.98 56.63 39.04
N LEU B 2307 17.00 55.55 39.82
CA LEU B 2307 15.85 54.67 39.97
C LEU B 2307 15.44 54.42 41.41
N GLN B 2308 16.30 54.66 42.40
CA GLN B 2308 15.96 54.37 43.78
C GLN B 2308 16.36 55.57 44.65
N SER B 2309 15.64 55.73 45.76
CA SER B 2309 15.94 56.79 46.70
C SER B 2309 17.14 56.44 47.58
N CYS B 2310 17.71 57.46 48.19
CA CYS B 2310 18.84 57.25 49.09
C CYS B 2310 18.32 56.85 50.46
N PRO B 2311 18.66 55.64 50.95
CA PRO B 2311 18.16 55.20 52.27
C PRO B 2311 18.59 56.08 53.42
N MET B 2312 19.83 56.61 53.38
CA MET B 2312 20.32 57.50 54.42
C MET B 2312 19.52 58.81 54.42
N LEU B 2313 19.23 59.36 53.23
CA LEU B 2313 18.36 60.52 53.14
C LEU B 2313 16.95 60.20 53.63
N LEU B 2314 16.44 59.02 53.31
CA LEU B 2314 15.10 58.61 53.72
C LEU B 2314 15.00 58.49 55.24
N ALA B 2315 16.07 58.03 55.88
CA ALA B 2315 16.06 57.78 57.33
C ALA B 2315 15.91 59.05 58.15
N LYS B 2316 16.28 60.21 57.61
CA LYS B 2316 16.20 61.46 58.34
C LYS B 2316 14.81 62.10 58.28
N GLY B 2317 13.86 61.50 57.58
CA GLY B 2317 12.56 62.08 57.40
C GLY B 2317 12.37 62.91 56.14
N TYR B 2318 13.31 62.81 55.20
CA TYR B 2318 13.20 63.55 53.94
C TYR B 2318 12.03 63.03 53.11
N PRO B 2319 11.29 63.93 52.43
CA PRO B 2319 10.22 63.46 51.55
C PRO B 2319 10.78 62.56 50.45
N ASP B 2320 10.06 61.51 50.13
CA ASP B 2320 10.57 60.50 49.22
C ASP B 2320 10.41 60.96 47.78
N ILE B 2321 11.50 60.87 47.01
CA ILE B 2321 11.48 60.98 45.57
C ILE B 2321 12.13 59.73 45.02
N GLY B 2322 11.65 59.27 43.86
CA GLY B 2322 12.01 57.96 43.33
C GLY B 2322 13.41 57.80 42.76
N TRP B 2323 14.35 58.67 43.17
CA TRP B 2323 15.72 58.66 42.68
C TRP B 2323 16.61 59.45 43.62
N ASN B 2324 17.93 59.23 43.48
CA ASN B 2324 18.93 59.81 44.38
C ASN B 2324 19.72 60.89 43.63
N PRO B 2325 19.44 62.17 43.89
CA PRO B 2325 20.18 63.24 43.21
C PRO B 2325 21.61 63.38 43.68
N CYS B 2326 21.85 63.31 45.00
CA CYS B 2326 23.19 63.51 45.54
C CYS B 2326 24.15 62.43 45.04
N GLY B 2327 23.70 61.17 45.07
CA GLY B 2327 24.51 60.09 44.57
C GLY B 2327 24.72 60.19 43.07
N GLY B 2328 23.68 60.62 42.34
CA GLY B 2328 23.82 60.78 40.91
C GLY B 2328 24.84 61.85 40.58
N GLU B 2329 24.81 62.96 41.32
CA GLU B 2329 25.74 64.06 41.11
C GLU B 2329 27.17 63.60 41.39
N ARG B 2330 27.36 62.86 42.49
CA ARG B 2330 28.69 62.38 42.83
C ARG B 2330 29.25 61.40 41.81
N TYR B 2331 28.38 60.71 41.05
CA TYR B 2331 28.90 59.95 39.91
C TYR B 2331 29.16 60.83 38.69
N LEU B 2332 28.34 61.87 38.51
CA LEU B 2332 28.44 62.72 37.32
C LEU B 2332 29.73 63.52 37.35
N ASP B 2333 30.02 64.19 38.47
CA ASP B 2333 31.22 65.01 38.54
C ASP B 2333 32.51 64.19 38.47
N PHE B 2334 32.45 62.87 38.69
CA PHE B 2334 33.57 61.99 38.37
C PHE B 2334 33.66 61.79 36.87
N LEU B 2335 32.52 61.53 36.23
CA LEU B 2335 32.52 61.34 34.78
C LEU B 2335 33.00 62.61 34.06
N ARG B 2336 32.74 63.78 34.66
CA ARG B 2336 33.29 65.05 34.19
C ARG B 2336 34.81 65.04 34.16
N PHE B 2337 35.45 64.24 35.00
CA PHE B 2337 36.90 64.19 35.03
C PHE B 2337 37.40 63.07 34.15
N ALA B 2338 36.52 62.09 33.87
CA ALA B 2338 36.91 60.99 33.01
C ALA B 2338 36.87 61.39 31.54
N VAL B 2339 35.99 62.33 31.16
CA VAL B 2339 35.81 62.63 29.74
C VAL B 2339 36.52 63.91 29.31
N PHE B 2340 36.95 64.75 30.23
CA PHE B 2340 37.53 66.06 29.89
C PHE B 2340 38.90 66.19 30.54
N VAL B 2341 39.94 66.29 29.72
CA VAL B 2341 41.32 66.32 30.20
C VAL B 2341 42.02 67.52 29.59
N ASN B 2342 42.56 68.39 30.46
CA ASN B 2342 43.38 69.55 30.09
C ASN B 2342 42.66 70.51 29.14
N GLY B 2343 41.34 70.64 29.29
CA GLY B 2343 40.59 71.55 28.47
C GLY B 2343 40.19 71.04 27.10
N GLU B 2344 40.58 69.82 26.73
CA GLU B 2344 40.15 69.22 25.48
C GLU B 2344 39.42 67.92 25.79
N SER B 2345 38.25 67.73 25.16
CA SER B 2345 37.49 66.51 25.36
C SER B 2345 38.25 65.30 24.82
N VAL B 2346 38.04 64.15 25.46
CA VAL B 2346 38.61 62.89 24.99
C VAL B 2346 37.53 62.20 24.17
N GLU B 2347 37.85 61.92 22.90
CA GLU B 2347 36.83 61.50 21.95
C GLU B 2347 36.28 60.12 22.30
N GLU B 2348 37.18 59.17 22.58
CA GLU B 2348 36.77 57.78 22.83
C GLU B 2348 35.90 57.68 24.07
N ASN B 2349 36.31 58.37 25.14
CA ASN B 2349 35.56 58.30 26.40
C ASN B 2349 34.25 59.04 26.26
N ALA B 2350 34.24 60.17 25.54
CA ALA B 2350 33.02 60.93 25.37
C ALA B 2350 31.99 60.14 24.59
N ASN B 2351 32.42 59.47 23.52
CA ASN B 2351 31.52 58.66 22.71
C ASN B 2351 30.99 57.47 23.49
N VAL B 2352 31.86 56.79 24.25
CA VAL B 2352 31.42 55.62 25.03
C VAL B 2352 30.42 56.06 26.09
N VAL B 2353 30.68 57.20 26.74
CA VAL B 2353 29.78 57.69 27.79
C VAL B 2353 28.41 57.99 27.21
N VAL B 2354 28.37 58.77 26.11
CA VAL B 2354 27.07 59.19 25.59
C VAL B 2354 26.29 57.98 25.05
N ARG B 2355 26.99 57.00 24.45
CA ARG B 2355 26.26 55.83 23.99
C ARG B 2355 25.88 54.89 25.13
N LEU B 2356 26.43 55.10 26.33
CA LEU B 2356 25.91 54.30 27.44
C LEU B 2356 24.70 54.98 28.07
N LEU B 2357 24.78 56.30 28.25
CA LEU B 2357 23.66 57.04 28.83
C LEU B 2357 22.42 56.97 27.94
N ILE B 2358 22.57 56.96 26.61
CA ILE B 2358 21.37 56.81 25.79
C ILE B 2358 20.80 55.40 25.95
N ARG B 2359 21.66 54.38 26.06
CA ARG B 2359 21.20 53.00 26.21
C ARG B 2359 20.49 52.78 27.54
N LYS B 2360 20.77 53.62 28.53
CA LYS B 2360 20.11 53.54 29.84
C LYS B 2360 19.49 54.89 30.14
N PRO B 2361 18.34 55.20 29.54
CA PRO B 2361 17.75 56.56 29.65
C PRO B 2361 17.36 56.97 31.06
N GLU B 2362 17.23 56.03 31.99
CA GLU B 2362 16.93 56.35 33.38
C GLU B 2362 18.08 57.10 34.07
N CYS B 2363 19.30 57.04 33.52
CA CYS B 2363 20.41 57.82 34.06
C CYS B 2363 20.14 59.31 34.01
N PHE B 2364 19.34 59.77 33.04
CA PHE B 2364 19.08 61.19 32.90
C PHE B 2364 18.15 61.72 33.99
N GLY B 2365 17.25 60.89 34.49
CA GLY B 2365 16.41 61.30 35.59
C GLY B 2365 14.93 61.27 35.26
N PRO B 2366 14.13 61.93 36.09
CA PRO B 2366 12.68 62.01 35.79
C PRO B 2366 12.38 62.81 34.54
N ALA B 2367 13.02 63.97 34.35
CA ALA B 2367 13.00 64.56 33.02
C ALA B 2367 13.90 63.74 32.10
N LEU B 2368 13.77 63.99 30.78
CA LEU B 2368 14.48 63.29 29.70
C LEU B 2368 14.19 61.79 29.68
N ARG B 2369 13.08 61.39 30.30
CA ARG B 2369 12.69 60.00 30.44
CA ARG B 2369 12.72 59.99 30.44
C ARG B 2369 12.09 59.42 29.17
N GLY B 2370 11.65 60.28 28.26
CA GLY B 2370 10.95 59.79 27.08
C GLY B 2370 9.49 59.64 27.42
N GLU B 2371 8.89 58.50 27.03
CA GLU B 2371 7.50 58.15 27.29
C GLU B 2371 7.08 58.39 28.74
N GLY B 2372 6.17 59.34 28.94
CA GLY B 2372 5.76 59.69 30.29
C GLY B 2372 6.71 60.63 31.01
N GLY B 2373 7.63 61.27 30.31
CA GLY B 2373 8.56 62.18 30.97
C GLY B 2373 8.42 63.63 30.53
N SER B 2374 8.34 64.54 31.50
CA SER B 2374 8.25 65.96 31.18
C SER B 2374 9.61 66.51 30.77
N GLY B 2375 9.64 67.79 30.42
CA GLY B 2375 10.87 68.41 30.00
C GLY B 2375 11.85 68.72 31.11
N LEU B 2376 13.08 69.01 30.66
CA LEU B 2376 14.15 69.40 31.57
C LEU B 2376 13.83 70.70 32.26
N LEU B 2377 13.29 71.68 31.51
CA LEU B 2377 12.91 72.95 32.10
C LEU B 2377 11.79 72.75 33.12
N ALA B 2378 10.81 71.89 32.79
CA ALA B 2378 9.73 71.58 33.73
C ALA B 2378 10.29 71.04 35.04
N ALA B 2379 11.39 70.29 34.95
CA ALA B 2379 12.02 69.77 36.15
C ALA B 2379 12.76 70.89 36.89
N ILE B 2380 13.38 71.81 36.13
CA ILE B 2380 14.20 72.85 36.76
C ILE B 2380 13.32 73.78 37.56
N GLU B 2381 12.23 74.31 36.97
CA GLU B 2381 11.35 75.18 37.77
C GLU B 2381 10.59 74.40 38.84
N GLU B 2382 10.37 73.09 38.63
CA GLU B 2382 9.80 72.28 39.71
C GLU B 2382 10.73 72.23 40.90
N ALA B 2383 12.03 72.03 40.67
CA ALA B 2383 12.94 71.99 41.79
C ALA B 2383 13.24 73.38 42.35
N ILE B 2384 13.04 74.43 41.54
CA ILE B 2384 13.15 75.79 42.04
C ILE B 2384 12.08 76.05 43.09
N ARG B 2385 10.84 75.66 42.76
CA ARG B 2385 9.73 75.84 43.68
C ARG B 2385 9.91 74.97 44.92
N ILE B 2386 10.37 73.72 44.74
CA ILE B 2386 10.57 72.82 45.88
C ILE B 2386 11.64 73.38 46.80
N SER B 2387 12.75 73.86 46.22
CA SER B 2387 13.84 74.43 47.01
C SER B 2387 13.40 75.65 47.80
N GLU B 2388 12.58 76.52 47.17
CA GLU B 2388 12.05 77.68 47.90
C GLU B 2388 11.10 77.26 49.02
N ASP B 2389 10.29 76.24 48.79
CA ASP B 2389 9.29 75.81 49.76
C ASP B 2389 9.96 75.05 50.89
N PRO B 2390 9.83 75.48 52.15
CA PRO B 2390 10.22 74.61 53.27
C PRO B 2390 9.24 73.47 53.46
N ALA B 2391 9.68 72.47 54.24
CA ALA B 2391 8.97 71.22 54.59
C ALA B 2391 8.76 70.27 53.42
N ARG B 2392 9.13 70.71 52.21
CA ARG B 2392 9.26 69.86 51.04
C ARG B 2392 10.69 69.82 50.52
N ASP B 2393 11.56 70.69 51.02
CA ASP B 2393 12.97 70.66 50.68
C ASP B 2393 13.76 69.74 51.62
N GLY B 2394 13.26 69.55 52.84
CA GLY B 2394 13.94 68.71 53.80
C GLY B 2394 12.95 68.01 54.71
N PRO B 2395 13.46 67.42 55.80
CA PRO B 2395 12.56 66.72 56.75
C PRO B 2395 11.55 67.62 57.44
N GLY B 2396 11.80 68.92 57.53
CA GLY B 2396 10.87 69.86 58.11
C GLY B 2396 10.64 69.69 59.59
N VAL B 2397 11.70 69.46 60.36
CA VAL B 2397 11.60 69.31 61.81
C VAL B 2397 12.03 70.60 62.51
N PRO B 2410 24.60 74.83 57.92
CA PRO B 2410 23.44 73.93 58.04
C PRO B 2410 23.39 73.25 59.41
N PRO B 2411 22.24 72.70 59.81
CA PRO B 2411 22.17 71.94 61.08
C PRO B 2411 23.16 70.80 61.21
N GLU B 2412 23.25 69.91 60.22
CA GLU B 2412 24.29 68.90 60.19
C GLU B 2412 25.56 69.39 59.52
N GLU B 2413 25.61 70.67 59.11
CA GLU B 2413 26.67 71.40 58.43
C GLU B 2413 26.82 70.99 56.96
N ASN B 2414 26.14 69.92 56.56
CA ASN B 2414 25.99 69.52 55.17
C ASN B 2414 24.58 68.99 54.93
N ARG B 2415 23.58 69.67 55.47
CA ARG B 2415 22.19 69.24 55.37
C ARG B 2415 21.76 69.19 53.91
N VAL B 2416 21.11 68.10 53.54
CA VAL B 2416 20.68 67.91 52.16
C VAL B 2416 19.47 68.78 51.89
N HIS B 2417 19.45 69.41 50.72
CA HIS B 2417 18.31 70.18 50.23
C HIS B 2417 17.95 69.54 48.90
N LEU B 2418 16.78 68.88 48.85
CA LEU B 2418 16.40 68.10 47.68
C LEU B 2418 16.24 68.95 46.42
N GLY B 2419 15.72 70.17 46.55
CA GLY B 2419 15.63 71.07 45.41
C GLY B 2419 16.98 71.40 44.82
N HIS B 2420 17.95 71.73 45.69
CA HIS B 2420 19.28 72.05 45.22
C HIS B 2420 20.01 70.82 44.70
N ALA B 2421 19.77 69.67 45.33
CA ALA B 2421 20.38 68.42 44.87
C ALA B 2421 19.91 68.06 43.47
N ILE B 2422 18.62 68.22 43.20
CA ILE B 2422 18.07 67.94 41.87
C ILE B 2422 18.63 68.93 40.84
N MET B 2423 18.66 70.21 41.20
CA MET B 2423 19.20 71.24 40.30
C MET B 2423 20.68 71.01 40.00
N SER B 2424 21.47 70.68 41.04
CA SER B 2424 22.89 70.44 40.85
C SER B 2424 23.11 69.18 40.04
N PHE B 2425 22.21 68.18 40.19
CA PHE B 2425 22.32 66.96 39.41
C PHE B 2425 22.17 67.28 37.94
N TYR B 2426 21.15 68.07 37.61
CA TYR B 2426 20.91 68.41 36.21
C TYR B 2426 22.04 69.26 35.65
N ALA B 2427 22.54 70.23 36.43
CA ALA B 2427 23.68 71.03 35.99
C ALA B 2427 24.92 70.18 35.75
N ALA B 2428 25.20 69.21 36.63
CA ALA B 2428 26.33 68.32 36.41
C ALA B 2428 26.10 67.38 35.23
N LEU B 2429 24.85 67.00 34.95
CA LEU B 2429 24.56 66.18 33.79
C LEU B 2429 24.79 66.97 32.51
N ILE B 2430 24.28 68.20 32.48
CA ILE B 2430 24.39 69.03 31.29
C ILE B 2430 25.85 69.37 31.06
N ASP B 2431 26.57 69.73 32.13
CA ASP B 2431 27.99 70.08 32.03
C ASP B 2431 28.82 68.89 31.56
N LEU B 2432 28.45 67.67 32.00
CA LEU B 2432 29.08 66.45 31.50
C LEU B 2432 28.84 66.28 29.99
N LEU B 2433 27.59 66.44 29.55
CA LEU B 2433 27.31 66.33 28.12
C LEU B 2433 28.01 67.41 27.30
N GLY B 2434 28.10 68.62 27.87
CA GLY B 2434 28.86 69.70 27.25
C GLY B 2434 30.32 69.32 27.08
N ARG B 2435 30.91 68.70 28.10
CA ARG B 2435 32.30 68.32 27.95
C ARG B 2435 32.44 67.09 27.08
N CYS B 2436 31.35 66.33 26.91
CA CYS B 2436 31.35 65.17 26.03
C CYS B 2436 31.16 65.56 24.57
N ALA B 2437 30.80 66.82 24.31
CA ALA B 2437 30.57 67.26 22.95
C ALA B 2437 31.88 67.30 22.16
N PRO B 2438 31.86 66.98 20.87
CA PRO B 2438 33.09 66.96 20.08
C PRO B 2438 33.69 68.34 19.90
N GLU B 2439 35.01 68.37 19.77
CA GLU B 2439 35.72 69.63 19.58
C GLU B 2439 35.40 70.24 18.21
N MET B 2440 35.64 71.55 18.11
CA MET B 2440 35.28 72.32 16.93
C MET B 2440 36.02 71.86 15.68
N HIS B 2441 37.27 71.41 15.84
CA HIS B 2441 38.06 71.04 14.66
C HIS B 2441 37.57 69.72 14.08
N LEU B 2442 36.90 68.89 14.89
CA LEU B 2442 36.36 67.65 14.36
C LEU B 2442 35.16 67.95 13.49
N ILE B 2443 34.33 68.90 13.91
CA ILE B 2443 33.16 69.26 13.13
C ILE B 2443 33.62 69.94 11.84
N GLN B 2444 34.70 70.74 11.92
CA GLN B 2444 35.25 71.36 10.72
C GLN B 2444 35.77 70.30 9.75
N ALA B 2445 36.41 69.25 10.28
CA ALA B 2445 36.78 68.11 9.43
C ALA B 2445 35.59 67.27 9.00
N GLY B 2446 34.40 67.52 9.57
CA GLY B 2446 33.19 66.83 9.18
C GLY B 2446 33.15 65.34 9.46
N LYS B 2447 33.75 64.90 10.56
CA LYS B 2447 33.76 63.48 10.89
C LYS B 2447 32.35 62.97 11.15
N GLY B 2448 32.08 61.75 10.65
CA GLY B 2448 30.73 61.20 10.68
C GLY B 2448 30.19 61.00 12.09
N GLU B 2449 31.00 60.37 12.94
CA GLU B 2449 30.53 60.09 14.29
C GLU B 2449 30.49 61.36 15.12
N ALA B 2450 31.41 62.30 14.87
CA ALA B 2450 31.39 63.58 15.58
C ALA B 2450 30.12 64.34 15.30
N LEU B 2451 29.70 64.37 14.03
CA LEU B 2451 28.41 64.97 13.67
C LEU B 2451 27.26 64.20 14.30
N ARG B 2452 27.31 62.86 14.27
CA ARG B 2452 26.23 62.06 14.83
C ARG B 2452 26.06 62.31 16.32
N ILE B 2453 27.17 62.35 17.06
CA ILE B 2453 27.14 62.61 18.50
C ILE B 2453 26.58 63.98 18.80
N ARG B 2454 27.05 65.01 18.06
CA ARG B 2454 26.49 66.35 18.26
C ARG B 2454 25.00 66.40 17.94
N ALA B 2455 24.57 65.63 16.93
CA ALA B 2455 23.15 65.53 16.60
C ALA B 2455 22.36 64.91 17.74
N ILE B 2456 22.92 63.86 18.36
CA ILE B 2456 22.25 63.20 19.47
C ILE B 2456 22.11 64.15 20.66
N LEU B 2457 23.19 64.88 20.98
CA LEU B 2457 23.13 65.82 22.11
C LEU B 2457 22.12 66.93 21.85
N ARG B 2458 22.06 67.42 20.60
CA ARG B 2458 21.09 68.45 20.25
C ARG B 2458 19.67 67.92 20.40
N SER B 2459 19.44 66.67 19.98
CA SER B 2459 18.09 66.09 20.10
C SER B 2459 17.72 65.92 21.57
N LEU B 2460 18.68 65.51 22.40
CA LEU B 2460 18.41 65.27 23.81
C LEU B 2460 18.10 66.56 24.55
N VAL B 2461 18.94 67.59 24.39
CA VAL B 2461 18.78 68.85 25.09
C VAL B 2461 18.52 69.95 24.06
N PRO B 2462 17.27 70.39 23.91
CA PRO B 2462 16.98 71.49 22.99
C PRO B 2462 17.55 72.80 23.50
N LEU B 2463 17.91 73.67 22.55
CA LEU B 2463 18.46 74.98 22.85
C LEU B 2463 17.50 75.88 23.63
N ASP B 2464 16.20 75.72 23.39
CA ASP B 2464 15.18 76.60 23.98
C ASP B 2464 15.16 76.52 25.50
N ASP B 2465 15.33 75.30 26.04
CA ASP B 2465 15.32 75.15 27.49
C ASP B 2465 16.57 75.77 28.08
N LEU B 2466 17.69 75.66 27.34
CA LEU B 2466 18.95 76.24 27.80
C LEU B 2466 18.81 77.74 27.95
N VAL B 2467 18.23 78.39 26.91
CA VAL B 2467 18.06 79.84 26.94
C VAL B 2467 17.09 80.22 28.06
N GLY B 2468 16.06 79.39 28.30
CA GLY B 2468 15.14 79.66 29.40
C GLY B 2468 15.81 79.66 30.77
N ILE B 2469 16.68 78.67 31.00
CA ILE B 2469 17.39 78.57 32.28
C ILE B 2469 18.37 79.73 32.42
N ILE B 2470 19.11 80.07 31.36
CA ILE B 2470 20.00 81.22 31.42
C ILE B 2470 19.19 82.50 31.65
N SER B 2471 17.96 82.55 31.14
CA SER B 2471 17.09 83.69 31.35
C SER B 2471 16.44 83.71 32.72
N LEU B 2472 16.56 82.62 33.49
CA LEU B 2472 15.96 82.57 34.82
C LEU B 2472 16.63 83.57 35.76
N PRO B 2473 15.88 84.19 36.67
CA PRO B 2473 16.48 85.20 37.55
C PRO B 2473 17.35 84.59 38.63
N LEU B 2474 18.23 85.43 39.16
CA LEU B 2474 19.14 85.07 40.24
C LEU B 2474 18.88 85.98 41.43
N GLN B 2475 18.83 85.38 42.61
CA GLN B 2475 18.65 86.14 43.84
C GLN B 2475 19.87 87.03 44.08
N ILE B 2476 19.64 88.18 44.71
CA ILE B 2476 20.69 89.19 44.88
C ILE B 2476 20.90 89.43 46.37
N PRO B 2477 22.14 89.58 46.84
CA PRO B 2477 22.35 89.98 48.24
C PRO B 2477 21.87 91.42 48.45
N THR B 2478 21.00 91.60 49.43
CA THR B 2478 20.37 92.89 49.67
C THR B 2478 20.77 93.44 51.04
N LEU B 2479 20.83 94.76 51.11
CA LEU B 2479 21.15 95.49 52.34
C LEU B 2479 19.90 96.16 52.88
N GLY B 2480 19.66 95.98 54.17
CA GLY B 2480 18.51 96.58 54.81
C GLY B 2480 18.41 96.08 56.23
N LYS B 2481 17.46 96.68 56.95
CA LYS B 2481 17.17 96.39 58.37
C LYS B 2481 18.41 96.61 59.24
N ASP B 2482 18.86 97.87 59.28
CA ASP B 2482 20.01 98.34 60.06
C ASP B 2482 21.30 97.64 59.61
N GLY B 2483 21.63 97.82 58.34
CA GLY B 2483 22.90 97.37 57.79
C GLY B 2483 23.10 95.88 57.73
N ALA B 2484 22.04 95.08 57.79
CA ALA B 2484 22.15 93.63 57.71
C ALA B 2484 22.33 93.24 56.26
N LEU B 2485 23.53 92.77 55.91
CA LEU B 2485 23.85 92.33 54.55
C LEU B 2485 23.21 90.97 54.34
N VAL B 2486 21.93 90.99 53.97
CA VAL B 2486 21.16 89.77 53.78
C VAL B 2486 21.64 89.06 52.53
N GLN B 2487 21.97 87.78 52.67
CA GLN B 2487 22.45 86.94 51.59
C GLN B 2487 21.66 85.64 51.59
N PRO B 2488 21.47 85.01 50.42
CA PRO B 2488 20.72 83.75 50.37
C PRO B 2488 21.51 82.57 50.91
N LYS B 2489 20.88 81.40 50.95
CA LYS B 2489 21.54 80.15 51.32
C LYS B 2489 21.92 79.45 50.02
N MET B 2490 23.22 79.51 49.68
CA MET B 2490 23.72 78.93 48.43
C MET B 2490 23.55 77.41 48.40
N SER B 2491 23.37 76.76 49.53
CA SER B 2491 23.18 75.32 49.58
C SER B 2491 21.75 74.91 49.25
N ALA B 2492 20.83 75.87 49.09
CA ALA B 2492 19.45 75.55 48.75
C ALA B 2492 18.86 76.52 47.73
N SER B 2493 19.67 77.07 46.84
CA SER B 2493 19.19 78.13 45.97
C SER B 2493 19.82 78.01 44.59
N PHE B 2494 19.29 78.80 43.67
CA PHE B 2494 19.73 78.80 42.27
C PHE B 2494 21.08 79.48 42.19
N VAL B 2495 22.14 78.71 41.92
CA VAL B 2495 23.50 79.22 42.03
C VAL B 2495 24.03 79.60 40.64
N PRO B 2496 24.98 80.52 40.54
CA PRO B 2496 25.58 80.84 39.23
C PRO B 2496 26.25 79.68 38.51
N ASP B 2497 26.76 78.68 39.24
CA ASP B 2497 27.46 77.56 38.59
C ASP B 2497 26.52 76.70 37.75
N HIS B 2498 25.22 76.68 38.10
CA HIS B 2498 24.26 75.98 37.26
C HIS B 2498 24.18 76.64 35.88
N LYS B 2499 24.17 77.98 35.87
CA LYS B 2499 24.18 78.69 34.60
C LYS B 2499 25.52 78.49 33.89
N ALA B 2500 26.62 78.44 34.64
CA ALA B 2500 27.93 78.22 34.03
C ALA B 2500 27.99 76.89 33.29
N SER B 2501 27.30 75.88 33.82
CA SER B 2501 27.15 74.62 33.10
C SER B 2501 26.25 74.76 31.88
N MET B 2502 25.21 75.60 31.99
CA MET B 2502 24.32 75.82 30.86
C MET B 2502 25.07 76.51 29.72
N VAL B 2503 25.88 77.52 30.07
CA VAL B 2503 26.62 78.29 29.10
C VAL B 2503 27.66 77.42 28.41
N LEU B 2504 28.34 76.56 29.19
CA LEU B 2504 29.36 75.69 28.62
C LEU B 2504 28.75 74.73 27.60
N PHE B 2505 27.58 74.15 27.95
CA PHE B 2505 26.89 73.26 27.02
C PHE B 2505 26.46 73.99 25.76
N LEU B 2506 25.94 75.22 25.92
CA LEU B 2506 25.49 76.01 24.78
C LEU B 2506 26.67 76.37 23.88
N ASP B 2507 27.82 76.67 24.47
CA ASP B 2507 29.01 77.04 23.71
C ASP B 2507 29.52 75.84 22.92
N ARG B 2508 29.65 74.69 23.57
CA ARG B 2508 30.29 73.56 22.92
C ARG B 2508 29.35 72.83 21.95
N VAL B 2509 28.06 72.77 22.23
CA VAL B 2509 27.14 72.00 21.40
C VAL B 2509 26.53 72.87 20.31
N TYR B 2510 25.76 73.88 20.72
CA TYR B 2510 25.10 74.75 19.76
C TYR B 2510 26.00 75.87 19.28
N GLY B 2511 26.80 76.45 20.18
CA GLY B 2511 27.65 77.55 19.82
C GLY B 2511 26.85 78.82 19.63
N ILE B 2512 27.55 79.87 19.22
CA ILE B 2512 26.94 81.13 18.83
C ILE B 2512 27.47 81.49 17.45
N GLU B 2513 26.59 81.49 16.45
CA GLU B 2513 26.99 81.66 15.06
C GLU B 2513 26.58 83.01 14.50
N ASN B 2514 25.31 83.37 14.61
CA ASN B 2514 24.76 84.56 13.98
C ASN B 2514 24.38 85.62 15.01
N GLN B 2515 24.51 86.88 14.58
CA GLN B 2515 24.40 88.04 15.47
C GLN B 2515 23.03 88.15 16.13
N ASP B 2516 21.96 87.87 15.38
CA ASP B 2516 20.61 88.01 15.90
C ASP B 2516 20.37 87.08 17.09
N PHE B 2517 20.79 85.82 16.95
CA PHE B 2517 20.68 84.86 18.04
C PHE B 2517 21.64 85.21 19.17
N LEU B 2518 22.79 85.80 18.83
CA LEU B 2518 23.74 86.24 19.86
C LEU B 2518 23.10 87.27 20.76
N LEU B 2519 22.52 88.31 20.16
CA LEU B 2519 21.93 89.40 20.95
C LEU B 2519 20.68 88.92 21.66
N HIS B 2520 19.96 87.97 21.06
CA HIS B 2520 18.78 87.37 21.70
C HIS B 2520 19.18 86.60 22.95
N VAL B 2521 20.36 85.98 22.94
CA VAL B 2521 20.86 85.37 24.17
C VAL B 2521 21.27 86.45 25.16
N LEU B 2522 21.95 87.50 24.66
CA LEU B 2522 22.58 88.50 25.51
C LEU B 2522 21.59 89.29 26.35
N ASP B 2523 20.53 89.82 25.72
CA ASP B 2523 19.65 90.76 26.42
C ASP B 2523 18.84 90.12 27.54
N VAL B 2524 18.49 88.85 27.41
CA VAL B 2524 17.65 88.18 28.39
C VAL B 2524 18.39 87.14 29.23
N GLY B 2525 19.57 86.69 28.81
CA GLY B 2525 20.27 85.64 29.52
C GLY B 2525 21.48 86.09 30.31
N PHE B 2526 22.27 87.01 29.76
CA PHE B 2526 23.52 87.44 30.37
C PHE B 2526 23.42 88.84 30.97
N LEU B 2527 22.85 89.80 30.23
CA LEU B 2527 22.82 91.20 30.66
C LEU B 2527 22.21 91.46 32.03
N PRO B 2528 21.09 90.82 32.47
CA PRO B 2528 20.67 90.99 33.87
C PRO B 2528 21.73 90.56 34.87
N ASP B 2529 22.52 89.53 34.55
CA ASP B 2529 23.57 89.13 35.47
C ASP B 2529 24.76 90.08 35.41
N MET B 2530 25.07 90.63 34.22
CA MET B 2530 26.15 91.61 34.12
C MET B 2530 25.83 92.86 34.92
N ARG B 2531 24.58 93.35 34.84
CA ARG B 2531 24.25 94.55 35.59
C ARG B 2531 24.11 94.24 37.07
N ALA B 2532 23.64 93.03 37.43
CA ALA B 2532 23.53 92.66 38.83
C ALA B 2532 24.91 92.59 39.48
N ALA B 2533 25.88 92.00 38.79
CA ALA B 2533 27.25 91.95 39.32
C ALA B 2533 27.87 93.33 39.31
N ALA B 2534 27.51 94.17 38.33
CA ALA B 2534 28.04 95.52 38.26
C ALA B 2534 27.59 96.32 39.47
N SER B 2535 26.31 96.17 39.84
CA SER B 2535 25.74 96.87 40.98
C SER B 2535 26.33 96.35 42.29
N LEU B 2536 26.58 95.04 42.37
CA LEU B 2536 27.08 94.45 43.62
C LEU B 2536 28.46 94.96 44.02
N ASP B 2537 29.26 95.45 43.07
CA ASP B 2537 30.62 95.91 43.35
C ASP B 2537 30.56 97.23 44.11
N THR B 2538 30.41 97.12 45.43
CA THR B 2538 30.38 98.28 46.30
C THR B 2538 31.34 98.09 47.47
N ALA B 2539 31.30 98.98 48.46
CA ALA B 2539 32.11 98.79 49.65
C ALA B 2539 31.58 97.72 50.60
N THR B 2540 30.39 97.18 50.34
CA THR B 2540 29.76 96.20 51.23
C THR B 2540 29.65 94.81 50.62
N PHE B 2541 29.03 94.69 49.45
CA PHE B 2541 28.75 93.39 48.85
C PHE B 2541 29.92 92.78 48.09
N SER B 2542 31.00 93.54 47.85
CA SER B 2542 32.09 93.09 46.98
C SER B 2542 32.80 91.84 47.50
N THR B 2543 32.73 91.58 48.80
CA THR B 2543 33.36 90.41 49.39
C THR B 2543 32.36 89.32 49.74
N THR B 2544 31.06 89.59 49.59
CA THR B 2544 30.05 88.58 49.86
C THR B 2544 30.17 87.44 48.86
N GLU B 2545 29.91 86.22 49.36
CA GLU B 2545 30.24 85.00 48.62
C GLU B 2545 29.45 84.88 47.32
N MET B 2546 28.16 85.20 47.34
CA MET B 2546 27.34 85.07 46.14
C MET B 2546 27.80 86.04 45.06
N ALA B 2547 28.24 87.24 45.46
CA ALA B 2547 28.84 88.18 44.51
C ALA B 2547 30.12 87.61 43.92
N LEU B 2548 30.92 86.93 44.75
CA LEU B 2548 32.12 86.26 44.25
C LEU B 2548 31.74 85.15 43.26
N ALA B 2549 30.65 84.44 43.56
CA ALA B 2549 30.17 83.37 42.68
C ALA B 2549 29.77 83.94 41.32
N LEU B 2550 29.11 85.09 41.32
CA LEU B 2550 28.76 85.73 40.06
C LEU B 2550 29.99 86.27 39.33
N ASN B 2551 30.98 86.75 40.08
CA ASN B 2551 32.22 87.22 39.47
C ASN B 2551 32.95 86.09 38.76
N ARG B 2552 33.04 84.92 39.41
CA ARG B 2552 33.65 83.77 38.78
C ARG B 2552 32.81 83.29 37.61
N TYR B 2553 31.48 83.35 37.75
CA TYR B 2553 30.59 82.88 36.70
C TYR B 2553 30.76 83.71 35.44
N LEU B 2554 30.85 85.04 35.59
CA LEU B 2554 30.99 85.89 34.43
C LEU B 2554 32.36 85.73 33.81
N CYS B 2555 33.41 85.79 34.65
CA CYS B 2555 34.78 85.77 34.15
C CYS B 2555 35.22 84.40 33.64
N LEU B 2556 34.43 83.35 33.85
CA LEU B 2556 34.79 82.02 33.43
C LEU B 2556 33.84 81.43 32.41
N ALA B 2557 32.62 81.93 32.30
CA ALA B 2557 31.65 81.36 31.39
C ALA B 2557 31.12 82.36 30.37
N VAL B 2558 30.92 83.63 30.74
CA VAL B 2558 30.27 84.56 29.84
C VAL B 2558 31.32 85.33 29.04
N LEU B 2559 32.20 86.03 29.75
CA LEU B 2559 33.17 86.91 29.10
C LEU B 2559 34.09 86.22 28.08
N PRO B 2560 34.68 85.03 28.30
CA PRO B 2560 35.39 84.38 27.19
C PRO B 2560 34.52 84.07 25.98
N LEU B 2561 33.23 83.75 26.21
CA LEU B 2561 32.30 83.51 25.10
C LEU B 2561 32.08 84.78 24.30
N ILE B 2562 31.92 85.90 24.97
CA ILE B 2562 31.71 87.17 24.27
C ILE B 2562 32.99 87.57 23.54
N THR B 2563 34.15 87.34 24.18
CA THR B 2563 35.43 87.63 23.55
C THR B 2563 35.65 86.77 22.30
N LYS B 2564 35.09 85.57 22.29
CA LYS B 2564 35.13 84.74 21.09
C LYS B 2564 34.14 85.20 20.03
N CYS B 2565 32.98 85.71 20.45
CA CYS B 2565 31.95 86.13 19.52
C CYS B 2565 31.97 87.63 19.25
N ALA B 2566 33.09 88.28 19.54
CA ALA B 2566 33.24 89.71 19.26
C ALA B 2566 33.02 90.15 17.81
N PRO B 2567 33.51 89.46 16.76
CA PRO B 2567 33.27 89.95 15.37
C PRO B 2567 31.80 90.04 14.96
N LEU B 2568 30.89 89.33 15.63
CA LEU B 2568 29.46 89.41 15.32
C LEU B 2568 28.84 90.75 15.66
N PHE B 2569 29.53 91.63 16.37
CA PHE B 2569 29.06 92.97 16.68
C PHE B 2569 29.36 93.99 15.59
N ALA B 2570 29.68 93.53 14.38
CA ALA B 2570 30.00 94.47 13.29
C ALA B 2570 28.76 95.21 12.82
N GLY B 2571 27.66 94.49 12.60
CA GLY B 2571 26.47 95.11 12.05
C GLY B 2571 25.35 95.29 13.05
N THR B 2572 25.68 95.70 14.27
CA THR B 2572 24.69 95.88 15.33
C THR B 2572 24.40 97.37 15.53
N GLU B 2573 24.32 98.11 14.43
CA GLU B 2573 23.98 99.53 14.50
C GLU B 2573 22.58 99.76 15.05
N HIS B 2574 21.60 98.98 14.58
CA HIS B 2574 20.21 99.21 14.94
C HIS B 2574 19.89 98.83 16.39
N ARG B 2575 20.75 98.07 17.05
CA ARG B 2575 20.54 97.62 18.41
C ARG B 2575 21.59 98.25 19.34
N ALA B 2576 21.88 99.53 19.15
CA ALA B 2576 23.02 100.11 19.82
C ALA B 2576 22.76 100.58 21.24
N ILE B 2577 21.51 100.58 21.70
CA ILE B 2577 21.20 101.05 23.05
C ILE B 2577 21.72 100.06 24.09
N MET B 2578 21.49 98.77 23.85
CA MET B 2578 21.96 97.82 24.83
C MET B 2578 23.38 97.38 24.57
N VAL B 2579 23.88 97.58 23.34
CA VAL B 2579 25.32 97.44 23.09
C VAL B 2579 26.08 98.46 23.93
N ASP B 2580 25.58 99.71 23.96
CA ASP B 2580 26.18 100.75 24.79
C ASP B 2580 26.07 100.43 26.27
N SER B 2581 24.91 99.90 26.70
CA SER B 2581 24.76 99.51 28.11
C SER B 2581 25.71 98.37 28.46
N MET B 2582 25.86 97.40 27.56
CA MET B 2582 26.75 96.26 27.77
C MET B 2582 28.21 96.69 27.92
N LEU B 2583 28.69 97.53 27.00
CA LEU B 2583 30.07 98.01 27.10
C LEU B 2583 30.28 98.89 28.32
N HIS B 2584 29.23 99.62 28.75
CA HIS B 2584 29.34 100.41 29.96
CA HIS B 2584 29.33 100.40 29.97
C HIS B 2584 29.42 99.51 31.20
N THR B 2585 28.58 98.47 31.26
CA THR B 2585 28.57 97.57 32.40
C THR B 2585 29.88 96.80 32.52
N VAL B 2586 30.42 96.33 31.39
CA VAL B 2586 31.69 95.60 31.43
C VAL B 2586 32.84 96.54 31.82
N TYR B 2587 32.80 97.81 31.39
CA TYR B 2587 33.80 98.77 31.88
C TYR B 2587 33.65 99.03 33.39
N ARG B 2588 32.42 99.10 33.88
CA ARG B 2588 32.18 99.19 35.32
C ARG B 2588 32.74 97.96 36.04
N LEU B 2589 32.53 96.77 35.47
CA LEU B 2589 33.05 95.55 36.07
C LEU B 2589 34.58 95.53 36.03
N SER B 2590 35.18 96.18 35.03
CA SER B 2590 36.63 96.34 35.02
C SER B 2590 37.06 97.19 36.20
N ARG B 2591 36.27 98.22 36.51
CA ARG B 2591 36.53 99.05 37.68
C ARG B 2591 35.87 98.42 38.92
N GLY B 2592 36.36 97.24 39.27
CA GLY B 2592 35.79 96.46 40.36
C GLY B 2592 36.80 96.19 41.46
N ARG B 2593 36.33 96.18 42.70
CA ARG B 2593 37.18 95.86 43.84
C ARG B 2593 36.89 94.45 44.34
N SER B 2594 37.92 93.85 44.96
CA SER B 2594 37.94 92.46 45.44
C SER B 2594 37.65 91.47 44.31
N LEU B 2595 38.17 91.77 43.12
CA LEU B 2595 38.25 90.82 42.03
C LEU B 2595 39.71 90.48 41.74
N THR B 2596 39.98 89.20 41.51
CA THR B 2596 41.33 88.73 41.28
C THR B 2596 41.88 89.30 39.96
N LYS B 2597 43.20 89.42 39.89
CA LYS B 2597 43.87 89.89 38.68
C LYS B 2597 43.58 89.00 37.48
N ALA B 2598 43.38 87.69 37.72
CA ALA B 2598 42.95 86.79 36.67
C ALA B 2598 41.57 87.16 36.16
N GLN B 2599 40.65 87.52 37.06
CA GLN B 2599 39.34 87.96 36.61
C GLN B 2599 39.43 89.31 35.91
N ARG B 2600 40.35 90.16 36.36
CA ARG B 2600 40.52 91.49 35.80
C ARG B 2600 40.96 91.46 34.34
N ASP B 2601 41.92 90.58 34.01
CA ASP B 2601 42.45 90.58 32.65
C ASP B 2601 41.43 90.06 31.65
N VAL B 2602 40.59 89.11 32.06
CA VAL B 2602 39.53 88.58 31.19
C VAL B 2602 38.58 89.69 30.78
N ILE B 2603 38.22 90.55 31.74
CA ILE B 2603 37.38 91.71 31.47
C ILE B 2603 38.08 92.67 30.51
N GLU B 2604 39.39 92.91 30.73
CA GLU B 2604 40.14 93.82 29.87
C GLU B 2604 40.19 93.32 28.43
N ASP B 2605 40.42 92.01 28.27
CA ASP B 2605 40.46 91.38 26.96
C ASP B 2605 39.10 91.43 26.28
N CYS B 2606 38.02 91.21 27.06
CA CYS B 2606 36.68 91.27 26.49
C CYS B 2606 36.35 92.68 26.02
N LEU B 2607 36.71 93.69 26.81
CA LEU B 2607 36.38 95.06 26.45
C LEU B 2607 37.12 95.50 25.19
N MET B 2608 38.42 95.17 25.10
CA MET B 2608 39.18 95.49 23.89
C MET B 2608 38.64 94.74 22.68
N ALA B 2609 38.23 93.47 22.87
CA ALA B 2609 37.71 92.69 21.75
C ALA B 2609 36.38 93.27 21.27
N LEU B 2610 35.55 93.74 22.21
CA LEU B 2610 34.27 94.33 21.82
C LEU B 2610 34.49 95.64 21.06
N CYS B 2611 35.44 96.45 21.54
CA CYS B 2611 35.70 97.74 20.91
C CYS B 2611 36.28 97.58 19.52
N ARG B 2612 37.09 96.53 19.29
CA ARG B 2612 37.70 96.34 17.98
CA ARG B 2612 37.70 96.35 17.98
C ARG B 2612 36.66 96.10 16.89
N TYR B 2613 35.52 95.52 17.25
CA TYR B 2613 34.46 95.24 16.29
C TYR B 2613 33.23 96.11 16.49
N ILE B 2614 33.31 97.14 17.32
CA ILE B 2614 32.22 98.12 17.45
C ILE B 2614 32.60 99.33 16.61
N ARG B 2615 31.66 99.76 15.76
CA ARG B 2615 31.82 100.94 14.93
C ARG B 2615 31.90 102.21 15.78
N PRO B 2616 32.64 103.23 15.34
CA PRO B 2616 32.99 104.36 16.23
C PRO B 2616 31.81 105.16 16.77
N SER B 2617 30.61 105.04 16.17
CA SER B 2617 29.46 105.81 16.62
C SER B 2617 29.08 105.46 18.05
N MET B 2618 29.04 104.17 18.39
CA MET B 2618 28.61 103.78 19.73
C MET B 2618 29.68 104.00 20.78
N LEU B 2619 30.91 104.31 20.38
CA LEU B 2619 31.99 104.51 21.35
C LEU B 2619 31.99 105.92 21.93
N GLN B 2620 30.99 106.74 21.57
CA GLN B 2620 30.89 108.11 22.08
C GLN B 2620 30.68 108.10 23.59
N HIS B 2621 29.69 107.35 24.07
CA HIS B 2621 29.34 107.36 25.48
C HIS B 2621 30.45 106.77 26.33
N LEU B 2622 31.09 105.72 25.83
CA LEU B 2622 32.26 105.16 26.50
C LEU B 2622 33.40 106.16 26.59
N LEU B 2623 33.66 106.90 25.49
CA LEU B 2623 34.67 107.96 25.52
C LEU B 2623 34.29 109.06 26.50
N ARG B 2624 32.98 109.34 26.60
CA ARG B 2624 32.49 110.35 27.55
C ARG B 2624 32.80 109.93 28.98
N ARG B 2625 32.58 108.64 29.28
CA ARG B 2625 32.92 108.11 30.59
C ARG B 2625 34.42 108.20 30.82
N LEU B 2626 35.21 107.90 29.78
CA LEU B 2626 36.67 107.94 29.92
C LEU B 2626 37.22 109.35 30.11
N VAL B 2627 36.45 110.39 29.75
CA VAL B 2627 36.94 111.76 29.93
C VAL B 2627 37.16 112.06 31.41
N PHE B 2628 36.27 111.60 32.27
CA PHE B 2628 36.43 111.80 33.70
C PHE B 2628 37.35 110.76 34.36
N ASP B 2629 37.89 109.80 33.59
CA ASP B 2629 38.64 108.69 34.17
C ASP B 2629 40.10 108.68 33.76
N VAL B 2630 40.40 108.75 32.45
CA VAL B 2630 41.79 108.65 31.98
C VAL B 2630 42.73 109.73 32.52
N PRO B 2631 42.37 111.05 32.56
CA PRO B 2631 43.31 112.04 33.12
C PRO B 2631 43.70 111.83 34.58
N ILE B 2632 42.93 111.07 35.34
CA ILE B 2632 43.27 110.77 36.73
C ILE B 2632 44.59 109.99 36.80
N LEU B 2633 44.80 109.09 35.82
CA LEU B 2633 46.04 108.30 35.66
C LEU B 2633 46.31 107.40 36.86
N ASN B 2634 45.25 106.80 37.40
CA ASN B 2634 45.37 105.90 38.54
C ASN B 2634 45.77 104.50 38.05
N GLU B 2635 45.65 103.51 38.93
CA GLU B 2635 46.00 102.14 38.57
C GLU B 2635 44.99 101.55 37.58
N PHE B 2636 43.75 102.03 37.58
CA PHE B 2636 42.75 101.53 36.65
C PHE B 2636 42.81 102.20 35.28
N ALA B 2637 43.67 103.20 35.11
CA ALA B 2637 43.79 103.91 33.84
C ALA B 2637 44.69 103.21 32.83
N LYS B 2638 45.37 102.12 33.23
CA LYS B 2638 46.24 101.40 32.31
C LYS B 2638 45.46 100.82 31.14
N MET B 2639 44.32 100.19 31.42
CA MET B 2639 43.50 99.58 30.37
C MET B 2639 42.92 100.60 29.38
N PRO B 2640 42.29 101.72 29.79
CA PRO B 2640 41.81 102.69 28.77
C PRO B 2640 42.91 103.32 27.93
N LEU B 2641 44.14 103.39 28.44
CA LEU B 2641 45.23 104.00 27.68
C LEU B 2641 45.50 103.24 26.38
N LYS B 2642 45.58 101.91 26.48
CA LYS B 2642 45.73 101.10 25.26
C LYS B 2642 44.41 100.96 24.53
N LEU B 2643 43.28 100.99 25.26
CA LEU B 2643 41.97 100.89 24.62
C LEU B 2643 41.75 102.06 23.66
N LEU B 2644 42.08 103.28 24.12
CA LEU B 2644 41.97 104.45 23.27
C LEU B 2644 43.07 104.49 22.23
N THR B 2645 44.24 103.91 22.57
CA THR B 2645 45.35 103.87 21.62
C THR B 2645 44.94 103.11 20.37
N ASN B 2646 44.42 101.89 20.57
CA ASN B 2646 44.00 101.09 19.44
C ASN B 2646 42.74 101.66 18.80
N HIS B 2647 41.86 102.28 19.59
CA HIS B 2647 40.62 102.84 19.04
C HIS B 2647 40.91 103.97 18.06
N TYR B 2648 41.89 104.82 18.38
CA TYR B 2648 42.19 105.91 17.47
C TYR B 2648 43.14 105.49 16.36
N GLU B 2649 44.05 104.54 16.62
CA GLU B 2649 44.88 104.00 15.55
C GLU B 2649 44.04 103.26 14.52
N ARG B 2650 42.91 102.67 14.93
CA ARG B 2650 42.04 101.99 14.00
C ARG B 2650 41.08 102.97 13.33
N CYS B 2651 40.59 103.97 14.06
CA CYS B 2651 39.53 104.82 13.56
C CYS B 2651 39.96 106.27 13.37
N TRP B 2652 41.22 106.50 12.99
CA TRP B 2652 41.72 107.87 12.84
C TRP B 2652 41.05 108.59 11.68
N LYS B 2653 40.73 107.88 10.59
CA LYS B 2653 40.05 108.49 9.44
C LYS B 2653 38.68 109.04 9.79
N TYR B 2654 38.01 108.44 10.79
CA TYR B 2654 36.70 108.92 11.21
C TYR B 2654 36.79 110.30 11.83
N TYR B 2655 37.81 110.55 12.64
CA TYR B 2655 37.91 111.79 13.39
C TYR B 2655 38.79 112.85 12.72
N CYS B 2656 39.73 112.45 11.87
CA CYS B 2656 40.62 113.40 11.22
C CYS B 2656 40.02 113.95 9.93
N LEU B 2657 39.70 113.06 9.01
CA LEU B 2657 39.20 113.46 7.69
C LEU B 2657 37.82 114.10 7.82
N PRO B 2658 37.60 115.27 7.20
CA PRO B 2658 36.25 115.86 7.21
C PRO B 2658 35.19 114.99 6.56
N THR B 2659 35.56 114.22 5.53
CA THR B 2659 34.64 113.25 4.93
C THR B 2659 34.35 112.06 5.84
N GLY B 2660 35.08 111.91 6.93
CA GLY B 2660 34.86 110.81 7.85
C GLY B 2660 35.51 109.54 7.35
N TRP B 2661 35.26 108.46 8.08
CA TRP B 2661 35.76 107.15 7.70
C TRP B 2661 35.04 106.66 6.44
N ALA B 2662 35.66 105.71 5.75
CA ALA B 2662 35.09 105.11 4.55
C ALA B 2662 33.79 104.40 4.89
N ASN B 2663 32.68 104.88 4.30
CA ASN B 2663 31.31 104.32 4.37
C ASN B 2663 30.83 104.02 5.80
N PHE B 2664 31.38 104.71 6.80
CA PHE B 2664 30.99 104.52 8.19
C PHE B 2664 30.28 105.72 8.78
N GLY B 2665 30.65 106.93 8.38
CA GLY B 2665 30.03 108.13 8.86
C GLY B 2665 31.05 109.17 9.22
N VAL B 2666 30.58 110.24 9.86
CA VAL B 2666 31.40 111.38 10.23
C VAL B 2666 31.16 111.68 11.70
N THR B 2667 32.07 112.46 12.28
CA THR B 2667 32.04 112.76 13.70
C THR B 2667 30.84 113.62 14.06
N SER B 2668 30.51 113.64 15.35
CA SER B 2668 29.42 114.43 15.89
C SER B 2668 29.87 115.79 16.42
N GLU B 2669 31.16 116.15 16.22
CA GLU B 2669 31.82 117.42 16.57
C GLU B 2669 32.02 117.56 18.09
N GLU B 2670 31.40 116.68 18.87
CA GLU B 2670 31.56 116.63 20.32
C GLU B 2670 32.54 115.54 20.75
N GLU B 2671 32.58 114.43 20.02
CA GLU B 2671 33.61 113.41 20.25
C GLU B 2671 35.01 113.99 20.03
N LEU B 2672 35.16 114.86 19.03
CA LEU B 2672 36.41 115.60 18.83
C LEU B 2672 36.76 116.50 20.01
N HIS B 2673 35.75 117.19 20.56
CA HIS B 2673 35.94 117.98 21.79
C HIS B 2673 36.33 117.10 22.97
N LEU B 2674 35.70 115.95 23.10
CA LEU B 2674 36.06 114.96 24.12
C LEU B 2674 37.50 114.51 23.94
N THR B 2675 37.92 114.25 22.69
CA THR B 2675 39.29 113.85 22.41
C THR B 2675 40.26 114.96 22.79
N ARG B 2676 39.90 116.21 22.45
CA ARG B 2676 40.75 117.37 22.75
C ARG B 2676 40.95 117.53 24.26
N LYS B 2677 39.83 117.46 25.01
CA LYS B 2677 39.90 117.54 26.47
C LYS B 2677 40.68 116.38 27.06
N LEU B 2678 40.47 115.17 26.55
CA LEU B 2678 41.20 114.00 27.04
C LEU B 2678 42.69 114.13 26.80
N PHE B 2679 43.06 114.67 25.62
CA PHE B 2679 44.45 114.89 25.26
C PHE B 2679 45.10 115.91 26.20
N TRP B 2680 44.45 117.05 26.40
CA TRP B 2680 45.05 118.05 27.27
C TRP B 2680 45.04 117.61 28.73
N GLY B 2681 44.01 116.84 29.13
CA GLY B 2681 44.00 116.27 30.46
C GLY B 2681 45.16 115.34 30.73
N ILE B 2682 45.51 114.51 29.73
CA ILE B 2682 46.70 113.66 29.86
C ILE B 2682 47.97 114.50 29.84
N PHE B 2683 48.06 115.50 28.95
CA PHE B 2683 49.27 116.32 28.88
C PHE B 2683 49.51 117.07 30.18
N ASP B 2684 48.46 117.65 30.75
CA ASP B 2684 48.53 118.36 32.04
C ASP B 2684 48.88 117.41 33.18
N SER B 2685 48.18 116.27 33.28
CA SER B 2685 48.45 115.35 34.37
C SER B 2685 49.84 114.74 34.25
N LEU B 2686 50.27 114.48 33.01
CA LEU B 2686 51.58 113.91 32.74
C LEU B 2686 52.67 114.88 33.17
N ALA B 2687 52.46 116.18 32.89
CA ALA B 2687 53.45 117.19 33.25
C ALA B 2687 53.50 117.38 34.76
N HIS B 2688 52.32 117.51 35.40
CA HIS B 2688 52.27 117.72 36.85
C HIS B 2688 52.83 116.53 37.62
N LYS B 2689 52.44 115.32 37.23
CA LYS B 2689 52.82 114.12 37.95
C LYS B 2689 54.28 113.79 37.72
N LYS B 2690 54.90 113.15 38.72
CA LYS B 2690 56.28 112.74 38.61
C LYS B 2690 56.40 111.64 37.56
N TYR B 2691 57.56 111.59 36.88
CA TYR B 2691 57.84 110.61 35.85
C TYR B 2691 57.74 109.19 36.37
N ASP B 2692 56.85 108.40 35.76
CA ASP B 2692 56.73 106.97 35.99
C ASP B 2692 57.02 106.28 34.67
N GLN B 2693 58.10 105.50 34.62
CA GLN B 2693 58.58 104.89 33.38
C GLN B 2693 57.53 103.97 32.77
N GLU B 2694 56.95 103.08 33.60
CA GLU B 2694 55.97 102.11 33.12
C GLU B 2694 54.72 102.80 32.58
N LEU B 2695 54.24 103.83 33.27
CA LEU B 2695 53.10 104.60 32.79
C LEU B 2695 53.43 105.33 31.49
N TYR B 2696 54.63 105.93 31.42
CA TYR B 2696 54.98 106.78 30.28
C TYR B 2696 55.16 105.96 29.00
N ARG B 2697 55.68 104.73 29.10
CA ARG B 2697 55.91 103.90 27.92
C ARG B 2697 54.59 103.53 27.23
N MET B 2698 53.58 103.18 28.01
CA MET B 2698 52.31 102.75 27.45
C MET B 2698 51.26 103.85 27.54
N ALA B 2699 51.69 105.09 27.78
CA ALA B 2699 50.82 106.25 27.64
C ALA B 2699 51.22 107.15 26.48
N MET B 2700 52.51 107.14 26.08
CA MET B 2700 52.93 107.90 24.91
C MET B 2700 52.20 107.53 23.61
N PRO B 2701 52.04 106.23 23.23
CA PRO B 2701 51.26 105.94 22.01
C PRO B 2701 49.83 106.43 22.05
N CYS B 2702 49.21 106.50 23.24
CA CYS B 2702 47.86 107.05 23.36
C CYS B 2702 47.84 108.51 22.94
N LEU B 2703 48.85 109.27 23.36
CA LEU B 2703 48.96 110.68 22.99
C LEU B 2703 49.19 110.83 21.49
N CYS B 2704 50.12 110.04 20.94
CA CYS B 2704 50.42 110.14 19.51
C CYS B 2704 49.22 109.73 18.66
N ALA B 2705 48.51 108.67 19.06
CA ALA B 2705 47.30 108.23 18.37
C ALA B 2705 46.21 109.29 18.44
N ILE B 2706 46.05 109.94 19.61
CA ILE B 2706 45.05 111.00 19.71
C ILE B 2706 45.45 112.19 18.83
N ALA B 2707 46.76 112.48 18.78
CA ALA B 2707 47.26 113.62 18.02
C ALA B 2707 46.95 113.43 16.54
N GLY B 2708 47.21 112.21 16.03
CA GLY B 2708 46.89 111.92 14.65
C GLY B 2708 45.38 111.90 14.40
N ALA B 2709 44.62 111.40 15.38
CA ALA B 2709 43.18 111.25 15.24
C ALA B 2709 42.48 112.61 15.12
N LEU B 2710 42.88 113.57 15.95
CA LEU B 2710 42.26 114.88 15.96
C LEU B 2710 42.56 115.65 14.67
N PRO B 2711 41.61 116.45 14.19
CA PRO B 2711 41.86 117.27 13.00
C PRO B 2711 42.97 118.26 13.23
N PRO B 2712 43.81 118.51 12.23
CA PRO B 2712 44.87 119.53 12.38
C PRO B 2712 44.36 120.94 12.64
N ASP B 2713 43.22 121.31 12.06
CA ASP B 2713 42.64 122.63 12.25
C ASP B 2713 41.32 122.60 13.02
N TYR B 2714 41.22 121.73 14.02
CA TYR B 2714 39.99 121.59 14.79
C TYR B 2714 39.71 122.85 15.61
N VAL B 2715 38.42 123.23 15.66
CA VAL B 2715 37.96 124.37 16.43
C VAL B 2715 36.81 123.91 17.30
N ASP B 2716 36.92 124.16 18.61
CA ASP B 2716 35.88 123.80 19.56
C ASP B 2716 34.84 124.91 19.65
N ALA B 2717 33.61 124.53 20.01
CA ALA B 2717 32.50 125.48 20.06
C ALA B 2717 32.70 126.52 21.16
N SER B 2718 32.98 126.07 22.38
CA SER B 2718 33.07 126.95 23.53
C SER B 2718 34.52 127.03 23.99
N TYR B 2719 35.05 128.25 24.04
CA TYR B 2719 36.44 128.49 24.41
C TYR B 2719 36.59 128.76 25.90
N SER B 2720 36.03 127.87 26.72
CA SER B 2720 36.04 128.00 28.17
C SER B 2720 35.67 126.67 28.79
N SER B 2721 36.01 126.52 30.08
CA SER B 2721 35.72 125.31 30.82
C SER B 2721 35.75 125.63 32.32
N LYS B 2722 35.17 124.72 33.10
CA LYS B 2722 35.20 124.83 34.56
C LYS B 2722 36.63 124.76 35.09
N ALA B 2723 37.44 123.84 34.55
CA ALA B 2723 38.86 123.64 34.84
C ALA B 2723 39.09 123.36 36.33
N GLU B 2724 38.58 122.20 36.75
CA GLU B 2724 38.80 121.69 38.09
C GLU B 2724 39.49 120.33 38.02
N LYS B 2725 40.31 120.06 39.03
CA LYS B 2725 41.09 118.82 39.18
C LYS B 2725 42.00 118.52 38.00
N ASN B 2734 34.44 108.58 43.07
CA ASN B 2734 34.10 108.69 41.67
C ASN B 2734 33.57 110.08 41.33
N PHE B 2735 32.58 110.14 40.44
CA PHE B 2735 31.97 111.41 40.02
C PHE B 2735 31.12 111.97 41.16
N ASP B 2736 31.65 112.96 41.87
CA ASP B 2736 30.94 113.58 43.00
C ASP B 2736 30.96 115.10 42.87
N PRO B 2737 30.10 115.65 42.00
CA PRO B 2737 30.09 117.10 41.77
C PRO B 2737 29.74 117.89 43.02
N ARG B 2738 30.39 119.05 43.17
CA ARG B 2738 30.18 119.89 44.34
C ARG B 2738 29.28 121.06 43.96
N PRO B 2739 28.02 121.07 44.38
CA PRO B 2739 27.15 122.22 44.09
C PRO B 2739 27.62 123.47 44.80
N VAL B 2740 27.41 124.61 44.13
CA VAL B 2740 27.89 125.89 44.64
C VAL B 2740 27.04 126.29 45.85
N GLU B 2741 27.65 127.02 46.77
CA GLU B 2741 26.97 127.45 47.99
C GLU B 2741 26.06 128.65 47.70
N THR B 2742 24.77 128.49 47.99
CA THR B 2742 23.80 129.56 47.88
C THR B 2742 23.08 129.88 49.18
N LEU B 2743 23.01 128.93 50.13
CA LEU B 2743 22.41 129.20 51.43
C LEU B 2743 23.35 130.02 52.31
N ASN B 2744 24.66 129.76 52.20
CA ASN B 2744 25.65 130.44 53.03
C ASN B 2744 25.66 131.94 52.81
N VAL B 2745 25.62 132.37 51.55
CA VAL B 2745 25.62 133.79 51.23
C VAL B 2745 24.18 134.30 51.34
N ILE B 2746 24.04 135.54 51.81
CA ILE B 2746 22.72 136.14 51.97
C ILE B 2746 22.26 136.71 50.64
N ILE B 2747 21.01 136.45 50.29
CA ILE B 2747 20.43 136.93 49.03
C ILE B 2747 20.12 138.42 49.16
N PRO B 2748 20.70 139.27 48.32
CA PRO B 2748 20.33 140.69 48.34
C PRO B 2748 18.98 140.90 47.70
N GLU B 2749 17.96 141.21 48.50
CA GLU B 2749 16.58 141.34 48.02
C GLU B 2749 16.29 142.71 47.39
N LYS B 2750 17.33 143.40 46.91
CA LYS B 2750 17.18 144.67 46.20
C LYS B 2750 16.36 144.52 44.92
N LEU B 2751 16.48 143.36 44.26
CA LEU B 2751 15.83 143.10 42.98
C LEU B 2751 14.59 142.21 43.13
N ASP B 2752 13.91 142.31 44.29
CA ASP B 2752 12.71 141.52 44.55
C ASP B 2752 11.56 141.85 43.60
N SER B 2753 11.53 143.07 43.05
CA SER B 2753 10.55 143.44 42.04
C SER B 2753 10.80 142.71 40.72
N PHE B 2754 11.96 142.08 40.57
CA PHE B 2754 12.23 141.17 39.47
C PHE B 2754 12.06 139.71 39.91
N ILE B 2755 12.33 139.40 41.18
CA ILE B 2755 12.16 138.03 41.67
C ILE B 2755 10.70 137.60 41.60
N ASN B 2756 9.78 138.47 42.04
CA ASN B 2756 8.36 138.13 41.92
C ASN B 2756 7.89 138.12 40.46
N LYS B 2757 8.44 139.00 39.62
CA LYS B 2757 8.09 138.99 38.21
C LYS B 2757 8.58 137.71 37.53
N PHE B 2758 9.77 137.23 37.88
CA PHE B 2758 10.28 135.96 37.39
C PHE B 2758 9.62 134.77 38.06
N ALA B 2759 8.83 135.02 39.10
CA ALA B 2759 8.11 133.95 39.77
C ALA B 2759 6.75 133.77 39.09
N GLU B 2760 6.02 134.88 38.90
CA GLU B 2760 4.71 134.79 38.27
C GLU B 2760 4.83 134.53 36.77
N TYR B 2761 5.76 135.21 36.09
CA TYR B 2761 5.86 135.13 34.64
C TYR B 2761 6.37 133.78 34.15
N THR B 2762 7.20 133.07 34.93
CA THR B 2762 7.57 131.70 34.54
C THR B 2762 6.37 130.78 34.51
N HIS B 2763 5.48 130.89 35.50
CA HIS B 2763 4.23 130.13 35.46
C HIS B 2763 3.29 130.64 34.37
N GLU B 2764 3.38 131.94 34.05
CA GLU B 2764 2.68 132.47 32.88
C GLU B 2764 3.22 131.87 31.58
N LYS B 2765 4.54 131.74 31.47
CA LYS B 2765 5.14 131.06 30.32
C LYS B 2765 4.72 129.60 30.25
N TRP B 2766 4.60 128.94 31.40
CA TRP B 2766 4.05 127.59 31.47
C TRP B 2766 2.61 127.56 30.97
N ALA B 2767 1.82 128.56 31.34
CA ALA B 2767 0.46 128.72 30.80
C ALA B 2767 0.48 128.94 29.29
N PHE B 2768 1.47 129.70 28.79
CA PHE B 2768 1.63 129.86 27.35
C PHE B 2768 2.00 128.53 26.68
N ASP B 2769 2.76 127.70 27.38
CA ASP B 2769 3.06 126.35 26.90
C ASP B 2769 1.79 125.54 26.80
N LYS B 2770 0.91 125.65 27.80
CA LYS B 2770 -0.29 124.83 27.77
C LYS B 2770 -1.29 125.32 26.72
N ILE B 2771 -1.51 126.64 26.63
CA ILE B 2771 -2.40 127.18 25.61
C ILE B 2771 -1.85 126.96 24.20
N GLN B 2772 -0.54 126.80 24.05
CA GLN B 2772 0.06 126.38 22.79
C GLN B 2772 0.26 124.88 22.71
N ASN B 2773 -0.21 124.13 23.70
CA ASN B 2773 -0.14 122.68 23.69
C ASN B 2773 -1.47 122.05 23.28
N ASN B 2774 -2.31 122.82 22.58
CA ASN B 2774 -3.58 122.44 21.93
C ASN B 2774 -4.72 122.20 22.94
N TRP B 2775 -4.41 122.19 24.24
CA TRP B 2775 -5.42 121.89 25.27
C TRP B 2775 -5.43 122.99 26.32
N SER B 2776 -6.63 123.35 26.77
CA SER B 2776 -6.79 124.41 27.75
C SER B 2776 -6.60 123.87 29.17
N TYR B 2777 -6.97 124.68 30.16
CA TYR B 2777 -6.75 124.36 31.56
C TYR B 2777 -8.07 123.94 32.22
N GLY B 2778 -8.00 123.71 33.53
CA GLY B 2778 -9.16 123.34 34.31
C GLY B 2778 -8.90 123.56 35.79
N GLU B 2779 -9.98 123.53 36.56
CA GLU B 2779 -9.88 123.77 38.00
C GLU B 2779 -9.56 122.50 38.77
N ASN B 2780 -10.34 121.43 38.56
CA ASN B 2780 -10.16 120.18 39.29
C ASN B 2780 -8.84 119.51 38.94
N VAL B 2781 -8.26 118.83 39.93
CA VAL B 2781 -7.01 118.10 39.75
C VAL B 2781 -7.34 116.71 39.23
N ASP B 2782 -7.01 116.45 37.97
CA ASP B 2782 -7.25 115.16 37.35
C ASP B 2782 -6.30 114.98 36.16
N GLU B 2783 -5.97 113.72 35.87
CA GLU B 2783 -4.97 113.41 34.85
C GLU B 2783 -5.52 113.40 33.43
N GLU B 2784 -6.84 113.55 33.26
CA GLU B 2784 -7.45 113.52 31.92
C GLU B 2784 -7.02 114.69 31.04
N LEU B 2785 -6.50 115.77 31.63
CA LEU B 2785 -6.01 116.91 30.86
C LEU B 2785 -4.62 116.70 30.30
N LYS B 2786 -3.93 115.60 30.66
CA LYS B 2786 -2.56 115.20 30.28
C LYS B 2786 -1.52 116.33 30.38
N THR B 2787 -1.78 117.33 31.23
CA THR B 2787 -0.93 118.48 31.47
C THR B 2787 -1.11 118.87 32.94
N HIS B 2788 -0.72 120.09 33.29
CA HIS B 2788 -0.97 120.62 34.63
C HIS B 2788 -2.47 120.74 34.87
N PRO B 2789 -3.00 120.11 35.92
CA PRO B 2789 -4.46 120.00 36.05
C PRO B 2789 -5.16 121.14 36.77
N MET B 2790 -4.45 121.88 37.62
CA MET B 2790 -5.08 122.81 38.55
C MET B 2790 -5.05 124.26 38.06
N LEU B 2791 -4.42 124.53 36.90
CA LEU B 2791 -4.20 125.88 36.38
C LEU B 2791 -5.49 126.68 36.23
N ARG B 2792 -5.49 127.90 36.76
CA ARG B 2792 -6.63 128.81 36.75
C ARG B 2792 -6.13 130.22 36.46
N PRO B 2793 -6.99 131.10 35.94
CA PRO B 2793 -6.60 132.50 35.75
C PRO B 2793 -6.24 133.17 37.08
N TYR B 2794 -5.26 134.08 37.01
CA TYR B 2794 -4.66 134.71 38.19
C TYR B 2794 -5.64 135.51 39.03
N LYS B 2795 -6.74 135.99 38.44
CA LYS B 2795 -7.77 136.66 39.21
C LYS B 2795 -8.41 135.71 40.22
N THR B 2796 -8.66 134.47 39.82
CA THR B 2796 -9.24 133.45 40.70
C THR B 2796 -8.26 132.32 40.97
N PHE B 2797 -6.97 132.63 41.08
CA PHE B 2797 -5.94 131.65 41.39
C PHE B 2797 -5.36 131.96 42.77
N SER B 2798 -5.22 130.91 43.59
CA SER B 2798 -4.72 131.06 44.95
C SER B 2798 -3.27 131.53 44.95
N GLU B 2799 -2.91 132.28 45.98
CA GLU B 2799 -1.54 132.74 46.18
C GLU B 2799 -0.73 131.86 47.13
N LYS B 2800 -1.33 130.78 47.67
CA LYS B 2800 -0.61 129.83 48.51
C LYS B 2800 0.46 129.07 47.76
N ASP B 2801 0.38 129.03 46.43
CA ASP B 2801 1.36 128.34 45.62
C ASP B 2801 2.16 129.31 44.78
N LYS B 2802 1.61 130.49 44.47
CA LYS B 2802 2.36 131.49 43.76
C LYS B 2802 3.41 132.14 44.65
N GLU B 2803 3.23 132.08 45.97
CA GLU B 2803 4.26 132.60 46.85
C GLU B 2803 5.28 131.54 47.24
N ILE B 2804 5.13 130.30 46.77
CA ILE B 2804 6.11 129.25 47.00
C ILE B 2804 6.73 128.74 45.70
N TYR B 2805 6.30 129.26 44.55
CA TYR B 2805 6.88 128.82 43.29
C TYR B 2805 8.19 129.51 42.95
N ARG B 2806 8.66 130.45 43.77
CA ARG B 2806 9.88 131.18 43.47
C ARG B 2806 11.14 130.53 44.04
N TRP B 2807 11.03 129.30 44.56
CA TRP B 2807 12.20 128.56 45.05
C TRP B 2807 13.26 128.32 43.97
N PRO B 2808 12.94 127.84 42.74
CA PRO B 2808 13.98 127.86 41.69
C PRO B 2808 14.45 129.27 41.34
N ILE B 2809 13.56 130.25 41.40
CA ILE B 2809 13.93 131.62 41.07
C ILE B 2809 14.84 132.20 42.15
N LYS B 2810 14.51 131.92 43.42
CA LYS B 2810 15.34 132.36 44.54
C LYS B 2810 16.72 131.74 44.48
N GLU B 2811 16.80 130.43 44.21
CA GLU B 2811 18.10 129.78 44.22
C GLU B 2811 18.90 130.15 42.98
N SER B 2812 18.22 130.33 41.84
CA SER B 2812 18.88 130.71 40.60
C SER B 2812 19.53 132.08 40.75
N LEU B 2813 18.82 133.04 41.36
CA LEU B 2813 19.43 134.36 41.55
C LEU B 2813 20.47 134.37 42.66
N LYS B 2814 20.31 133.50 43.67
CA LYS B 2814 21.36 133.31 44.68
C LYS B 2814 22.66 132.86 44.03
N ALA B 2815 22.59 131.83 43.18
CA ALA B 2815 23.76 131.38 42.44
C ALA B 2815 24.22 132.39 41.40
N MET B 2816 23.30 133.22 40.88
CA MET B 2816 23.66 134.29 39.95
C MET B 2816 24.52 135.35 40.62
N ILE B 2817 24.25 135.67 41.87
CA ILE B 2817 25.00 136.72 42.55
C ILE B 2817 26.13 136.17 43.42
N ALA B 2818 26.10 134.89 43.80
CA ALA B 2818 27.16 134.32 44.61
C ALA B 2818 28.45 134.09 43.85
N TRP B 2819 28.39 133.99 42.52
CA TRP B 2819 29.59 133.76 41.72
C TRP B 2819 30.28 135.07 41.35
N GLU B 2820 30.51 135.96 42.33
CA GLU B 2820 31.12 137.30 42.25
C GLU B 2820 30.61 138.13 41.06
N TRP B 2821 29.36 137.91 40.67
CA TRP B 2821 28.69 138.69 39.63
C TRP B 2821 27.78 139.74 40.25
N THR B 2822 27.85 140.95 39.70
CA THR B 2822 26.96 142.03 40.10
C THR B 2822 25.84 142.18 39.07
N ILE B 2823 24.60 142.22 39.56
CA ILE B 2823 23.43 142.44 38.73
C ILE B 2823 22.86 143.82 39.07
N GLU B 2824 22.68 144.65 38.06
CA GLU B 2824 22.30 146.04 38.25
C GLU B 2824 20.98 146.33 37.56
N LYS B 2825 20.12 147.10 38.24
CA LYS B 2825 18.81 147.48 37.71
C LYS B 2825 19.00 148.71 36.82
N ALA B 2826 19.50 148.47 35.60
CA ALA B 2826 19.79 149.54 34.65
C ALA B 2826 18.53 150.23 34.13
N ARG B 2827 17.35 149.68 34.37
CA ARG B 2827 16.08 150.27 33.96
C ARG B 2827 15.31 150.75 35.17
N GLU B 2828 14.18 151.42 34.91
CA GLU B 2828 13.31 151.90 35.99
C GLU B 2828 11.87 151.82 35.46
N GLY B 2829 11.18 150.74 35.79
CA GLY B 2829 9.80 150.55 35.36
C GLY B 2829 9.08 149.60 36.29
N GLU B 2830 7.78 149.46 36.03
CA GLU B 2830 6.85 148.59 36.76
C GLU B 2830 6.85 148.81 38.27
N TYR B 2855 -4.98 137.25 32.77
CA TYR B 2855 -4.17 136.04 32.71
C TYR B 2855 -4.03 135.58 31.26
N ASN B 2856 -3.40 136.42 30.45
CA ASN B 2856 -3.23 136.13 29.02
C ASN B 2856 -1.79 136.44 28.64
N PRO B 2857 -0.97 135.41 28.39
CA PRO B 2857 0.47 135.64 28.15
C PRO B 2857 0.78 136.29 26.81
N GLN B 2858 0.40 137.56 26.66
CA GLN B 2858 0.73 138.29 25.45
C GLN B 2858 2.23 138.52 25.23
N PRO B 2859 3.04 139.02 26.18
CA PRO B 2859 4.47 139.29 25.88
C PRO B 2859 5.26 138.00 25.81
N PRO B 2860 5.82 137.63 24.63
CA PRO B 2860 6.66 136.43 24.59
C PRO B 2860 8.11 136.71 24.96
N ASP B 2861 8.55 136.13 26.06
CA ASP B 2861 9.95 136.25 26.50
C ASP B 2861 10.75 135.06 25.98
N LEU B 2862 10.81 134.96 24.66
CA LEU B 2862 11.47 133.86 23.97
C LEU B 2862 12.95 134.18 23.76
N SER B 2863 13.71 133.13 23.46
CA SER B 2863 15.15 133.22 23.24
C SER B 2863 15.53 132.78 21.83
N GLY B 2864 14.75 133.21 20.84
CA GLY B 2864 14.96 132.78 19.48
C GLY B 2864 16.07 133.48 18.72
N VAL B 2865 16.71 134.50 19.30
CA VAL B 2865 17.79 135.19 18.62
C VAL B 2865 19.07 135.06 19.44
N THR B 2866 20.17 135.60 18.92
CA THR B 2866 21.43 135.49 19.62
C THR B 2866 21.55 136.57 20.70
N LEU B 2867 22.46 136.32 21.64
CA LEU B 2867 22.71 137.21 22.77
C LEU B 2867 24.21 137.43 22.86
N SER B 2868 24.60 138.48 23.60
CA SER B 2868 26.00 138.86 23.77
C SER B 2868 26.82 137.72 24.33
N ARG B 2869 28.02 137.53 23.76
CA ARG B 2869 28.82 136.33 23.96
C ARG B 2869 29.27 136.13 25.41
N GLU B 2870 29.76 137.18 26.07
CA GLU B 2870 30.24 137.05 27.44
CA GLU B 2870 30.24 137.05 27.44
C GLU B 2870 29.11 136.71 28.41
N LEU B 2871 27.96 137.36 28.23
CA LEU B 2871 26.81 137.10 29.09
C LEU B 2871 26.25 135.70 28.82
N GLN B 2872 26.26 135.30 27.54
CA GLN B 2872 25.79 133.97 27.19
C GLN B 2872 26.70 132.90 27.79
N ALA B 2873 28.02 133.18 27.87
CA ALA B 2873 28.92 132.24 28.53
C ALA B 2873 28.63 132.18 30.02
N MET B 2874 28.15 133.30 30.59
CA MET B 2874 27.81 133.29 32.02
C MET B 2874 26.62 132.37 32.24
N ALA B 2875 25.65 132.44 31.31
CA ALA B 2875 24.46 131.60 31.44
C ALA B 2875 24.83 130.12 31.34
N GLU B 2876 25.77 129.78 30.46
CA GLU B 2876 26.21 128.39 30.31
C GLU B 2876 26.89 127.89 31.58
N GLN B 2877 27.70 128.74 32.22
CA GLN B 2877 28.29 128.38 33.51
C GLN B 2877 27.24 128.19 34.60
N LEU B 2878 26.22 129.06 34.63
CA LEU B 2878 25.15 128.86 35.61
C LEU B 2878 24.27 127.66 35.31
N ALA B 2879 24.03 127.36 34.03
CA ALA B 2879 23.39 126.10 33.65
C ALA B 2879 24.22 124.89 34.06
N GLU B 2880 25.55 125.00 34.00
CA GLU B 2880 26.42 123.95 34.52
C GLU B 2880 26.24 123.78 36.03
N ASN B 2881 26.07 124.90 36.76
CA ASN B 2881 25.73 124.81 38.18
C ASN B 2881 24.37 124.15 38.38
N TYR B 2882 23.40 124.47 37.52
CA TYR B 2882 22.06 123.87 37.60
C TYR B 2882 22.16 122.36 37.44
N HIS B 2883 22.98 121.93 36.48
CA HIS B 2883 23.11 120.51 36.18
C HIS B 2883 23.82 119.79 37.32
N ASN B 2884 24.90 120.36 37.86
CA ASN B 2884 25.61 119.65 38.92
C ASN B 2884 24.81 119.65 40.23
N THR B 2885 23.95 120.65 40.48
CA THR B 2885 23.01 120.57 41.60
C THR B 2885 22.00 119.44 41.43
N TRP B 2886 21.45 119.30 40.20
CA TRP B 2886 20.58 118.16 39.92
C TRP B 2886 21.34 116.83 40.02
N GLY B 2887 22.59 116.80 39.56
CA GLY B 2887 23.39 115.59 39.66
C GLY B 2887 23.67 115.22 41.11
N ARG B 2888 23.97 116.23 41.95
CA ARG B 2888 24.25 115.98 43.36
C ARG B 2888 23.02 115.40 44.06
N LYS B 2889 21.84 116.02 43.86
CA LYS B 2889 20.65 115.46 44.49
C LYS B 2889 20.24 114.12 43.90
N LYS B 2890 20.62 113.81 42.66
CA LYS B 2890 20.38 112.48 42.12
C LYS B 2890 21.38 111.46 42.68
N LYS B 2891 22.62 111.88 42.89
CA LYS B 2891 23.63 110.97 43.41
C LYS B 2891 23.48 110.74 44.89
N GLN B 2892 22.73 111.60 45.60
CA GLN B 2892 22.48 111.33 47.01
C GLN B 2892 21.65 110.06 47.17
N GLU B 2893 20.64 109.91 46.31
CA GLU B 2893 19.86 108.68 46.29
C GLU B 2893 20.60 107.55 45.58
N LEU B 2894 21.53 107.88 44.67
CA LEU B 2894 22.26 106.87 43.92
C LEU B 2894 23.44 106.28 44.68
N GLU B 2895 23.88 106.92 45.76
CA GLU B 2895 25.04 106.47 46.52
C GLU B 2895 24.70 105.41 47.55
N ALA B 2896 23.44 105.01 47.66
CA ALA B 2896 23.02 104.05 48.68
C ALA B 2896 23.19 102.60 48.24
N LYS B 2897 23.63 102.36 47.00
CA LYS B 2897 23.90 101.01 46.53
C LYS B 2897 25.35 100.76 46.18
N GLY B 2898 26.09 101.79 45.76
CA GLY B 2898 27.52 101.65 45.52
C GLY B 2898 27.91 101.04 44.20
N GLY B 2899 26.97 100.75 43.31
CA GLY B 2899 27.32 100.22 42.01
C GLY B 2899 26.37 100.67 40.91
N GLY B 2900 26.92 101.26 39.87
CA GLY B 2900 26.14 101.81 38.78
C GLY B 2900 26.17 103.33 38.78
N THR B 2901 25.63 103.90 37.70
CA THR B 2901 25.59 105.34 37.57
C THR B 2901 24.44 105.75 36.66
N HIS B 2902 23.90 106.94 36.92
CA HIS B 2902 22.83 107.49 36.12
C HIS B 2902 23.37 107.97 34.78
N PRO B 2903 22.60 107.84 33.70
CA PRO B 2903 23.07 108.35 32.39
C PRO B 2903 23.35 109.85 32.36
N LEU B 2904 22.68 110.63 33.22
CA LEU B 2904 22.89 112.07 33.27
C LEU B 2904 23.96 112.46 34.29
N LEU B 2905 24.62 111.49 34.92
CA LEU B 2905 25.72 111.77 35.85
C LEU B 2905 27.04 112.00 35.11
N VAL B 2906 27.03 112.98 34.22
CA VAL B 2906 28.22 113.39 33.48
C VAL B 2906 28.33 114.91 33.60
N PRO B 2907 29.54 115.48 33.52
CA PRO B 2907 29.67 116.94 33.53
C PRO B 2907 29.04 117.58 32.30
N TYR B 2908 28.74 118.87 32.42
CA TYR B 2908 28.08 119.63 31.37
C TYR B 2908 28.92 119.82 30.12
N ASP B 2909 30.23 119.57 30.18
CA ASP B 2909 31.09 119.76 29.02
C ASP B 2909 31.12 118.53 28.11
N THR B 2910 31.21 117.32 28.70
CA THR B 2910 31.25 116.09 27.91
C THR B 2910 29.96 115.87 27.15
N LEU B 2911 28.82 116.17 27.77
CA LEU B 2911 27.52 115.97 27.14
C LEU B 2911 27.30 116.92 25.97
N THR B 2912 26.70 116.41 24.91
CA THR B 2912 26.34 117.22 23.75
C THR B 2912 24.90 117.72 23.91
N ALA B 2913 24.32 118.24 22.84
CA ALA B 2913 23.01 118.90 22.89
C ALA B 2913 21.85 117.97 23.19
N LYS B 2914 22.03 116.65 23.10
CA LYS B 2914 20.93 115.71 23.31
C LYS B 2914 20.40 115.76 24.74
N GLU B 2915 21.27 116.06 25.71
CA GLU B 2915 20.90 116.22 27.12
C GLU B 2915 21.38 117.55 27.67
N LYS B 2916 21.47 118.57 26.81
CA LYS B 2916 21.90 119.90 27.19
C LYS B 2916 20.80 120.95 27.05
N ALA B 2917 19.89 120.77 26.09
CA ALA B 2917 18.88 121.79 25.78
C ALA B 2917 17.93 122.05 26.93
N ARG B 2918 17.73 121.07 27.82
CA ARG B 2918 16.82 121.22 28.97
C ARG B 2918 17.25 122.37 29.87
N ASP B 2919 18.54 122.44 30.20
CA ASP B 2919 19.07 123.58 30.94
C ASP B 2919 19.44 124.75 30.04
N ARG B 2920 19.81 124.49 28.78
CA ARG B 2920 20.18 125.54 27.84
C ARG B 2920 19.02 126.50 27.57
N GLU B 2921 17.86 125.97 27.21
CA GLU B 2921 16.68 126.78 26.93
C GLU B 2921 16.21 127.54 28.18
N LYS B 2922 16.26 126.89 29.34
CA LYS B 2922 15.92 127.55 30.61
C LYS B 2922 16.85 128.73 30.90
N ALA B 2923 18.17 128.53 30.74
CA ALA B 2923 19.14 129.60 30.95
C ALA B 2923 18.99 130.72 29.94
N GLN B 2924 18.76 130.36 28.67
CA GLN B 2924 18.56 131.36 27.62
C GLN B 2924 17.29 132.17 27.84
N GLU B 2925 16.20 131.50 28.26
CA GLU B 2925 14.96 132.22 28.59
C GLU B 2925 15.14 133.13 29.79
N LEU B 2926 15.88 132.67 30.81
CA LEU B 2926 16.20 133.51 31.97
C LEU B 2926 17.01 134.73 31.56
N LEU B 2927 18.01 134.53 30.70
CA LEU B 2927 18.92 135.60 30.35
C LEU B 2927 18.28 136.58 29.38
N LYS B 2928 17.43 136.10 28.46
CA LYS B 2928 16.61 137.00 27.67
C LYS B 2928 15.67 137.79 28.57
N PHE B 2929 15.06 137.11 29.56
CA PHE B 2929 14.15 137.77 30.47
C PHE B 2929 14.88 138.86 31.26
N LEU B 2930 16.20 138.71 31.44
CA LEU B 2930 17.00 139.80 31.98
C LEU B 2930 17.24 140.86 30.93
N GLN B 2931 17.24 140.45 29.65
CA GLN B 2931 17.68 141.36 28.60
C GLN B 2931 16.61 142.41 28.29
N MET B 2932 15.41 141.96 27.86
CA MET B 2932 14.39 142.97 27.49
C MET B 2932 13.95 143.80 28.70
N ASN B 2933 14.05 143.25 29.91
CA ASN B 2933 13.92 144.08 31.11
C ASN B 2933 15.03 145.10 31.17
N GLY B 2934 16.26 144.70 30.86
CA GLY B 2934 17.38 145.63 30.91
C GLY B 2934 18.42 145.33 31.97
N TYR B 2935 18.67 144.06 32.23
CA TYR B 2935 19.68 143.64 33.20
C TYR B 2935 20.93 143.21 32.46
N ALA B 2936 22.08 143.63 32.98
CA ALA B 2936 23.38 143.21 32.47
C ALA B 2936 24.23 142.67 33.62
N VAL B 2937 24.80 141.48 33.42
CA VAL B 2937 25.60 140.81 34.44
C VAL B 2937 27.02 140.72 33.90
N THR B 2938 27.97 141.28 34.66
CA THR B 2938 29.39 141.25 34.29
C THR B 2938 30.20 141.14 35.57
N ARG B 2939 31.32 140.40 35.51
CA ARG B 2939 32.19 140.19 36.67
C ARG B 2939 32.83 141.50 37.16
N LEU B 2946 38.56 134.76 26.30
CA LEU B 2946 38.03 136.11 26.22
C LEU B 2946 38.51 136.75 24.92
N ASP B 2947 37.54 136.96 24.01
CA ASP B 2947 37.75 137.54 22.67
C ASP B 2947 38.80 136.76 21.88
N THR B 2948 38.46 135.52 21.58
CA THR B 2948 39.28 134.64 20.77
C THR B 2948 38.77 134.59 19.34
N SER B 2949 39.69 134.40 18.40
CA SER B 2949 39.38 134.33 16.99
C SER B 2949 39.48 132.89 16.50
N SER B 2950 39.07 132.70 15.24
CA SER B 2950 39.10 131.38 14.61
C SER B 2950 40.53 130.84 14.50
N ILE B 2951 41.52 131.72 14.39
CA ILE B 2951 42.91 131.26 14.36
C ILE B 2951 43.31 130.76 15.73
N GLU B 2952 42.93 131.50 16.79
CA GLU B 2952 43.32 131.12 18.15
C GLU B 2952 42.59 129.87 18.64
N LYS B 2953 41.40 129.59 18.10
CA LYS B 2953 40.66 128.40 18.51
C LYS B 2953 41.22 127.10 17.92
N ARG B 2954 42.14 127.18 16.96
CA ARG B 2954 42.66 125.99 16.32
C ARG B 2954 43.45 125.12 17.28
N PHE B 2955 43.32 123.80 17.09
CA PHE B 2955 44.05 122.84 17.88
C PHE B 2955 45.56 122.94 17.64
N ALA B 2956 45.98 123.05 16.38
CA ALA B 2956 47.41 123.22 16.10
C ALA B 2956 47.95 124.53 16.66
N PHE B 2957 47.12 125.57 16.70
CA PHE B 2957 47.48 126.83 17.33
C PHE B 2957 47.75 126.66 18.81
N GLY B 2958 46.82 126.03 19.52
CA GLY B 2958 47.01 125.81 20.95
C GLY B 2958 48.14 124.84 21.22
N PHE B 2959 48.27 123.82 20.36
CA PHE B 2959 49.29 122.80 20.53
C PHE B 2959 50.69 123.40 20.40
N LEU B 2960 50.91 124.16 19.32
CA LEU B 2960 52.20 124.82 19.14
C LEU B 2960 52.44 125.88 20.20
N GLN B 2961 51.39 126.55 20.69
CA GLN B 2961 51.51 127.47 21.81
C GLN B 2961 52.08 126.78 23.05
N GLN B 2962 51.53 125.61 23.38
CA GLN B 2962 52.05 124.80 24.48
C GLN B 2962 53.47 124.30 24.19
N LEU B 2963 53.74 123.90 22.94
CA LEU B 2963 55.07 123.43 22.58
C LEU B 2963 56.11 124.51 22.74
N LEU B 2964 55.80 125.74 22.33
CA LEU B 2964 56.67 126.89 22.56
C LEU B 2964 56.84 127.18 24.05
N ARG B 2965 55.76 127.05 24.82
CA ARG B 2965 55.84 127.23 26.28
C ARG B 2965 56.77 126.21 26.92
N TRP B 2966 56.69 124.95 26.51
CA TRP B 2966 57.63 123.96 27.02
C TRP B 2966 59.00 124.08 26.36
N MET B 2967 59.08 124.76 25.23
CA MET B 2967 60.34 124.97 24.53
C MET B 2967 61.22 125.93 25.32
N ASP B 2968 60.64 127.05 25.77
CA ASP B 2968 61.44 128.01 26.54
C ASP B 2968 61.88 127.39 27.87
N ILE B 2969 61.03 126.55 28.47
CA ILE B 2969 61.41 125.78 29.66
C ILE B 2969 62.59 124.86 29.35
N SER B 2970 62.58 124.23 28.16
CA SER B 2970 63.69 123.39 27.75
C SER B 2970 64.99 124.19 27.62
N GLN B 2971 64.91 125.39 27.05
CA GLN B 2971 66.07 126.29 27.00
C GLN B 2971 66.50 126.69 28.40
N GLU B 2972 65.53 126.75 29.32
CA GLU B 2972 65.80 127.21 30.67
C GLU B 2972 66.64 126.16 31.38
N PHE B 2973 66.24 124.89 31.29
CA PHE B 2973 66.92 123.89 32.10
C PHE B 2973 68.21 123.40 31.46
N ILE B 2974 68.36 123.50 30.12
CA ILE B 2974 69.59 122.99 29.50
C ILE B 2974 70.82 123.75 30.01
N ALA B 2975 70.75 125.08 30.07
CA ALA B 2975 71.87 125.90 30.55
C ALA B 2975 72.20 125.61 32.01
N HIS B 2976 71.19 125.30 32.82
CA HIS B 2976 71.42 124.81 34.18
C HIS B 2976 72.18 123.49 34.16
N LEU B 2977 71.80 122.57 33.27
CA LEU B 2977 72.50 121.29 33.16
C LEU B 2977 73.95 121.48 32.71
N GLU B 2978 74.19 122.38 31.75
CA GLU B 2978 75.55 122.66 31.28
C GLU B 2978 76.39 123.29 32.37
N ALA B 2979 75.78 124.19 33.15
CA ALA B 2979 76.50 124.84 34.24
C ALA B 2979 76.89 123.84 35.31
N VAL B 2980 75.97 122.94 35.67
CA VAL B 2980 76.28 122.01 36.75
C VAL B 2980 77.13 120.84 36.26
N VAL B 2981 77.24 120.65 34.95
CA VAL B 2981 78.07 119.56 34.45
C VAL B 2981 79.50 120.06 34.22
N SER B 2982 79.68 121.33 33.86
CA SER B 2982 81.01 121.87 33.63
C SER B 2982 81.59 122.65 34.82
N SER B 2983 80.82 122.84 35.90
CA SER B 2983 81.34 123.56 37.06
C SER B 2983 80.48 123.24 38.27
N GLY B 2984 81.13 122.95 39.40
CA GLY B 2984 80.40 122.59 40.61
C GLY B 2984 79.57 121.34 40.43
N ARG B 2985 80.23 120.18 40.31
CA ARG B 2985 79.57 118.90 40.00
C ARG B 2985 78.49 118.52 40.99
N VAL B 2986 77.24 118.57 40.54
CA VAL B 2986 76.08 118.19 41.33
C VAL B 2986 75.05 117.59 40.38
N GLU B 2987 74.46 116.46 40.79
CA GLU B 2987 73.52 115.71 39.96
C GLU B 2987 72.15 115.64 40.61
N LYS B 2988 71.79 116.66 41.40
CA LYS B 2988 70.48 116.72 42.03
C LYS B 2988 69.37 116.82 40.99
N SER B 2989 69.57 117.66 39.96
CA SER B 2989 68.67 117.89 38.84
C SER B 2989 67.25 118.24 39.29
N PRO B 2990 67.02 119.47 39.78
CA PRO B 2990 65.67 119.85 40.24
C PRO B 2990 64.59 119.79 39.17
N HIS B 2991 64.96 119.84 37.89
CA HIS B 2991 64.01 119.82 36.78
C HIS B 2991 64.03 118.50 36.03
N GLU B 2992 64.45 117.41 36.70
CA GLU B 2992 64.52 116.09 36.07
C GLU B 2992 63.13 115.59 35.65
N GLN B 2993 62.08 116.01 36.34
CA GLN B 2993 60.72 115.72 35.89
C GLN B 2993 60.45 116.33 34.52
N GLU B 2994 60.89 117.57 34.32
CA GLU B 2994 60.81 118.20 33.01
C GLU B 2994 61.72 117.52 31.99
N ILE B 2995 62.92 117.12 32.40
CA ILE B 2995 63.87 116.46 31.49
C ILE B 2995 63.28 115.14 30.98
N LYS B 2996 62.74 114.33 31.87
CA LYS B 2996 62.07 113.09 31.51
C LYS B 2996 60.81 113.32 30.68
N PHE B 2997 60.03 114.35 31.03
CA PHE B 2997 58.84 114.67 30.27
C PHE B 2997 59.18 115.11 28.85
N PHE B 2998 60.22 115.93 28.70
CA PHE B 2998 60.65 116.37 27.37
C PHE B 2998 61.19 115.20 26.57
N ALA B 2999 62.13 114.45 27.15
CA ALA B 2999 62.87 113.43 26.42
C ALA B 2999 62.01 112.20 26.11
N LYS B 3000 60.91 112.01 26.83
CA LYS B 3000 60.08 110.84 26.63
C LYS B 3000 58.73 111.15 26.02
N ILE B 3001 58.30 112.43 26.00
CA ILE B 3001 57.01 112.82 25.49
C ILE B 3001 57.13 113.80 24.33
N LEU B 3002 57.87 114.90 24.53
CA LEU B 3002 57.96 115.93 23.49
C LEU B 3002 58.62 115.42 22.22
N LEU B 3003 59.69 114.62 22.34
CA LEU B 3003 60.35 114.09 21.13
C LEU B 3003 59.45 113.15 20.32
N PRO B 3004 58.76 112.13 20.90
CA PRO B 3004 57.90 111.32 20.03
C PRO B 3004 56.66 112.06 19.56
N LEU B 3005 56.03 112.87 20.41
CA LEU B 3005 54.79 113.55 20.01
C LEU B 3005 55.05 114.51 18.85
N ILE B 3006 56.13 115.29 18.93
CA ILE B 3006 56.51 116.18 17.82
C ILE B 3006 56.86 115.36 16.58
N ASN B 3007 57.52 114.20 16.77
CA ASN B 3007 57.87 113.34 15.65
C ASN B 3007 56.61 112.85 14.92
N GLN B 3008 55.61 112.41 15.67
CA GLN B 3008 54.48 111.76 15.02
C GLN B 3008 53.43 112.77 14.57
N TYR B 3009 53.23 113.85 15.35
CA TYR B 3009 52.21 114.84 15.02
C TYR B 3009 52.52 115.48 13.69
N PHE B 3010 53.79 115.89 13.49
CA PHE B 3010 54.12 116.46 12.21
C PHE B 3010 54.40 115.40 11.15
N THR B 3011 54.57 114.12 11.54
CA THR B 3011 54.58 113.06 10.52
C THR B 3011 53.22 112.95 9.88
N ASN B 3012 52.17 112.95 10.69
CA ASN B 3012 50.82 112.85 10.13
C ASN B 3012 50.37 114.17 9.49
N HIS B 3013 50.63 115.30 10.15
CA HIS B 3013 50.18 116.60 9.68
C HIS B 3013 51.26 117.37 8.93
N CYS B 3014 52.17 116.65 8.25
CA CYS B 3014 53.25 117.30 7.51
C CYS B 3014 52.71 118.19 6.39
N LEU B 3015 51.68 117.73 5.69
CA LEU B 3015 51.11 118.49 4.57
C LEU B 3015 50.27 119.67 5.04
N TYR B 3016 49.64 119.58 6.21
CA TYR B 3016 48.76 120.65 6.71
C TYR B 3016 49.53 121.95 6.93
N PHE B 3017 50.69 121.87 7.58
CA PHE B 3017 51.50 123.05 7.81
C PHE B 3017 52.21 123.49 6.55
N LEU B 3018 52.57 122.53 5.69
CA LEU B 3018 53.10 122.89 4.38
C LEU B 3018 52.04 123.47 3.46
N SER B 3019 50.76 123.24 3.75
CA SER B 3019 49.70 123.74 2.89
C SER B 3019 49.62 125.26 2.95
N THR B 3020 49.42 125.87 1.80
CA THR B 3020 49.15 127.28 1.62
C THR B 3020 47.86 127.40 0.81
N PRO B 3021 47.08 128.48 1.00
CA PRO B 3021 45.85 128.65 0.19
C PRO B 3021 46.09 128.67 -1.32
N ALA B 3022 47.26 129.13 -1.77
CA ALA B 3022 47.58 129.10 -3.19
C ALA B 3022 47.72 127.67 -3.72
N LYS B 3023 48.38 126.80 -2.96
CA LYS B 3023 48.63 125.42 -3.38
C LYS B 3023 48.24 124.48 -2.25
N VAL B 3024 47.14 123.76 -2.42
CA VAL B 3024 46.63 122.84 -1.40
C VAL B 3024 47.28 121.48 -1.60
N LEU B 3025 48.00 121.02 -0.58
CA LEU B 3025 48.74 119.76 -0.66
C LEU B 3025 47.91 118.59 -0.14
N GLY B 3026 47.50 118.65 1.12
CA GLY B 3026 46.76 117.57 1.74
C GLY B 3026 45.30 117.54 1.32
N SER B 3027 44.52 116.73 2.05
CA SER B 3027 43.08 116.62 1.79
C SER B 3027 42.38 117.95 1.98
N GLY B 3028 42.71 118.66 3.06
CA GLY B 3028 42.09 119.94 3.33
C GLY B 3028 42.79 120.61 4.49
N GLY B 3029 42.47 121.89 4.68
CA GLY B 3029 43.03 122.65 5.78
C GLY B 3029 44.43 123.15 5.49
N HIS B 3030 44.65 124.45 5.66
CA HIS B 3030 45.97 125.03 5.49
C HIS B 3030 46.29 125.83 6.75
N ALA B 3031 47.53 125.70 7.22
CA ALA B 3031 47.94 126.35 8.45
C ALA B 3031 47.91 127.86 8.29
N SER B 3032 47.64 128.57 9.38
CA SER B 3032 47.68 130.02 9.31
C SER B 3032 49.12 130.51 9.27
N ASN B 3033 49.26 131.80 8.96
CA ASN B 3033 50.56 132.45 8.91
C ASN B 3033 51.25 132.41 10.26
N LYS B 3034 50.48 132.67 11.32
CA LYS B 3034 51.01 132.63 12.68
C LYS B 3034 51.54 131.24 13.04
N GLU B 3035 50.78 130.19 12.71
CA GLU B 3035 51.22 128.82 12.98
C GLU B 3035 52.49 128.47 12.21
N LYS B 3036 52.59 128.90 10.95
CA LYS B 3036 53.82 128.71 10.16
C LYS B 3036 55.00 129.46 10.77
N GLU B 3037 54.75 130.60 11.40
CA GLU B 3037 55.82 131.30 12.10
C GLU B 3037 56.19 130.59 13.38
N MET B 3038 55.20 130.11 14.15
CA MET B 3038 55.47 129.41 15.39
C MET B 3038 56.28 128.14 15.16
N ILE B 3039 55.95 127.38 14.11
CA ILE B 3039 56.73 126.19 13.78
C ILE B 3039 58.14 126.56 13.30
N THR B 3040 58.28 127.67 12.54
CA THR B 3040 59.61 128.11 12.11
C THR B 3040 60.47 128.53 13.31
N SER B 3041 59.87 129.28 14.23
CA SER B 3041 60.55 129.67 15.46
C SER B 3041 60.93 128.46 16.29
N LEU B 3042 60.01 127.50 16.42
CA LEU B 3042 60.27 126.28 17.18
C LEU B 3042 61.40 125.47 16.56
N PHE B 3043 61.50 125.48 15.22
CA PHE B 3043 62.58 124.81 14.52
C PHE B 3043 63.92 125.44 14.86
N CYS B 3044 64.01 126.78 14.75
CA CYS B 3044 65.28 127.46 15.02
C CYS B 3044 65.67 127.35 16.49
N LYS B 3045 64.68 127.45 17.39
CA LYS B 3045 64.91 127.30 18.81
C LYS B 3045 65.44 125.90 19.11
N LEU B 3046 64.88 124.87 18.46
CA LEU B 3046 65.32 123.50 18.71
C LEU B 3046 66.77 123.34 18.26
N ALA B 3047 67.10 123.97 17.13
CA ALA B 3047 68.45 123.89 16.58
C ALA B 3047 69.46 124.49 17.54
N ALA B 3048 69.13 125.65 18.13
CA ALA B 3048 70.03 126.22 19.11
C ALA B 3048 69.96 125.49 20.44
N LEU B 3049 68.83 124.82 20.72
CA LEU B 3049 68.68 124.03 21.93
C LEU B 3049 69.67 122.89 21.97
N VAL B 3050 69.87 122.25 20.81
CA VAL B 3050 70.76 121.11 20.72
C VAL B 3050 72.16 121.53 20.26
N ARG B 3051 72.36 122.83 19.94
CA ARG B 3051 73.64 123.26 19.38
C ARG B 3051 74.79 123.07 20.36
N HIS B 3052 75.75 122.21 19.97
CA HIS B 3052 76.96 121.87 20.73
C HIS B 3052 76.65 121.18 22.05
N ARG B 3053 75.51 120.49 22.14
CA ARG B 3053 75.11 119.76 23.35
C ARG B 3053 74.68 118.34 23.03
N VAL B 3054 75.31 117.71 22.03
CA VAL B 3054 74.91 116.37 21.60
C VAL B 3054 75.24 115.33 22.67
N SER B 3055 76.36 115.49 23.37
CA SER B 3055 76.78 114.50 24.37
C SER B 3055 76.05 114.66 25.70
N LEU B 3056 75.39 115.78 25.94
CA LEU B 3056 74.71 116.03 27.20
C LEU B 3056 73.30 115.47 27.26
N PHE B 3057 72.74 115.04 26.13
CA PHE B 3057 71.39 114.50 26.08
C PHE B 3057 71.36 112.98 26.03
N GLY B 3058 72.51 112.32 26.12
CA GLY B 3058 72.56 110.87 26.01
C GLY B 3058 72.16 110.36 24.64
N THR B 3059 71.14 109.50 24.59
CA THR B 3059 70.67 108.93 23.35
C THR B 3059 69.33 109.52 22.90
N ASP B 3060 68.97 110.69 23.42
CA ASP B 3060 67.78 111.39 22.95
C ASP B 3060 68.05 112.17 21.66
N ALA B 3061 69.34 112.32 21.31
CA ALA B 3061 69.72 113.01 20.08
C ALA B 3061 69.13 112.41 18.80
N PRO B 3062 69.07 111.07 18.57
CA PRO B 3062 68.36 110.61 17.35
C PRO B 3062 66.92 111.07 17.27
N ALA B 3063 66.20 111.11 18.40
CA ALA B 3063 64.83 111.61 18.43
C ALA B 3063 64.80 113.10 18.09
N VAL B 3064 65.79 113.85 18.58
CA VAL B 3064 65.84 115.28 18.30
C VAL B 3064 66.10 115.52 16.82
N VAL B 3065 67.10 114.83 16.25
CA VAL B 3065 67.46 115.08 14.86
C VAL B 3065 66.34 114.62 13.93
N ASN B 3066 65.61 113.55 14.28
CA ASN B 3066 64.47 113.12 13.48
C ASN B 3066 63.36 114.16 13.47
N CYS B 3067 63.07 114.74 14.64
CA CYS B 3067 62.10 115.85 14.71
C CYS B 3067 62.57 117.05 13.91
N LEU B 3068 63.84 117.43 14.07
CA LEU B 3068 64.37 118.60 13.37
C LEU B 3068 64.44 118.38 11.86
N HIS B 3069 64.58 117.11 11.44
CA HIS B 3069 64.43 116.73 10.03
C HIS B 3069 63.01 116.92 9.55
N ILE B 3070 62.03 116.43 10.32
CA ILE B 3070 60.64 116.54 9.91
C ILE B 3070 60.20 118.00 9.88
N LEU B 3071 60.65 118.80 10.85
CA LEU B 3071 60.34 120.23 10.86
C LEU B 3071 60.90 120.93 9.62
N ALA B 3072 62.15 120.58 9.25
CA ALA B 3072 62.76 121.11 8.04
C ALA B 3072 61.97 120.71 6.80
N ARG B 3073 61.53 119.45 6.75
CA ARG B 3073 60.71 119.02 5.62
C ARG B 3073 59.34 119.67 5.65
N SER B 3074 58.87 120.09 6.82
CA SER B 3074 57.53 120.63 7.00
C SER B 3074 57.53 122.14 7.30
N LEU B 3075 58.43 122.89 6.67
CA LEU B 3075 58.49 124.35 6.86
C LEU B 3075 58.14 125.02 5.54
N ASP B 3076 57.12 125.89 5.58
CA ASP B 3076 56.79 126.74 4.44
C ASP B 3076 57.44 128.12 4.63
N ALA B 3077 58.77 128.10 4.60
CA ALA B 3077 59.57 129.30 4.84
C ALA B 3077 59.33 130.39 3.79
N ARG B 3078 58.82 130.02 2.60
CA ARG B 3078 58.41 131.03 1.62
C ARG B 3078 57.29 131.90 2.18
N THR B 3079 56.30 131.27 2.81
CA THR B 3079 55.18 132.03 3.36
C THR B 3079 55.60 132.73 4.62
N VAL B 3080 56.58 132.18 5.35
CA VAL B 3080 57.04 132.82 6.57
C VAL B 3080 57.77 134.12 6.24
N MET B 3081 58.70 134.07 5.27
CA MET B 3081 59.44 135.25 4.88
C MET B 3081 58.53 136.27 4.22
N LYS B 3082 57.62 135.82 3.33
CA LYS B 3082 56.71 136.74 2.67
C LYS B 3082 55.74 137.38 3.66
N SER B 3083 55.48 136.72 4.79
CA SER B 3083 54.62 137.25 5.82
C SER B 3083 55.07 136.63 7.15
N GLY B 3084 55.83 137.40 7.92
CA GLY B 3084 56.35 136.96 9.20
C GLY B 3084 56.96 138.10 9.99
N PRO B 3085 57.01 137.95 11.31
CA PRO B 3085 57.59 138.98 12.17
C PRO B 3085 59.11 139.00 12.12
N GLU B 3086 59.67 140.10 12.64
CA GLU B 3086 61.11 140.23 12.72
C GLU B 3086 61.71 139.22 13.68
N ILE B 3087 61.01 138.86 14.76
CA ILE B 3087 61.53 137.89 15.73
C ILE B 3087 61.76 136.53 15.07
N VAL B 3088 60.77 136.07 14.29
CA VAL B 3088 60.90 134.82 13.54
C VAL B 3088 61.96 134.92 12.46
N LYS B 3089 61.98 136.04 11.71
CA LYS B 3089 62.99 136.19 10.67
C LYS B 3089 64.39 136.26 11.26
N ALA B 3090 64.53 136.88 12.45
CA ALA B 3090 65.79 136.90 13.18
C ALA B 3090 66.21 135.50 13.59
N GLY B 3091 65.23 134.67 13.98
CA GLY B 3091 65.54 133.30 14.36
C GLY B 3091 66.05 132.49 13.18
N LEU B 3092 65.43 132.66 12.01
CA LEU B 3092 65.85 131.88 10.85
C LEU B 3092 67.19 132.38 10.31
N ARG B 3093 67.38 133.71 10.26
CA ARG B 3093 68.64 134.27 9.81
C ARG B 3093 69.77 133.87 10.76
N SER B 3094 69.50 133.85 12.07
CA SER B 3094 70.50 133.36 13.02
C SER B 3094 70.78 131.88 12.81
N PHE B 3095 69.76 131.12 12.35
CA PHE B 3095 69.99 129.70 12.08
C PHE B 3095 71.01 129.52 10.97
N PHE B 3096 70.87 130.32 9.89
CA PHE B 3096 71.87 130.23 8.83
C PHE B 3096 73.21 130.81 9.28
N GLU B 3097 73.17 131.79 10.19
CA GLU B 3097 74.38 132.41 10.70
C GLU B 3097 75.22 131.39 11.46
N SER B 3098 74.56 130.69 12.40
CA SER B 3098 75.23 129.67 13.20
C SER B 3098 75.68 128.50 12.34
N ALA B 3099 74.85 128.09 11.36
CA ALA B 3099 75.22 126.99 10.47
C ALA B 3099 76.47 127.33 9.67
N SER B 3100 76.55 128.57 9.17
CA SER B 3100 77.74 129.05 8.47
C SER B 3100 78.95 129.10 9.40
N GLU B 3101 78.74 129.45 10.67
CA GLU B 3101 79.85 129.51 11.61
C GLU B 3101 80.37 128.11 11.89
N ASP B 3102 79.47 127.16 12.15
CA ASP B 3102 79.88 125.81 12.49
C ASP B 3102 80.63 125.15 11.34
N ILE B 3103 80.12 125.31 10.11
CA ILE B 3103 80.85 124.74 8.97
C ILE B 3103 82.19 125.46 8.76
N GLU B 3104 82.25 126.78 9.03
CA GLU B 3104 83.53 127.47 8.94
C GLU B 3104 84.48 127.09 10.08
N LYS B 3105 83.98 126.46 11.14
CA LYS B 3105 84.84 125.98 12.20
C LYS B 3105 85.34 124.57 11.91
N MET B 3106 84.51 123.74 11.27
CA MET B 3106 85.04 122.44 10.84
C MET B 3106 86.08 122.58 9.73
N VAL B 3107 85.89 123.50 8.78
CA VAL B 3107 86.85 123.55 7.67
C VAL B 3107 88.26 123.92 8.16
N GLU B 3108 88.35 124.80 9.17
CA GLU B 3108 89.64 125.06 9.82
C GLU B 3108 90.08 123.96 10.77
N ASN B 3109 89.14 123.19 11.36
CA ASN B 3109 89.57 122.05 12.16
C ASN B 3109 90.06 120.90 11.29
N LEU B 3110 89.45 120.69 10.13
CA LEU B 3110 89.82 119.67 9.16
C LEU B 3110 90.92 120.13 8.22
N ARG B 3111 91.31 121.40 8.30
CA ARG B 3111 92.50 121.92 7.64
C ARG B 3111 93.77 121.72 8.47
N LEU B 3112 93.75 120.71 9.36
CA LEU B 3112 94.82 120.33 10.29
C LEU B 3112 95.11 121.43 11.31
N GLY B 3113 94.16 122.33 11.56
CA GLY B 3113 94.28 123.24 12.68
C GLY B 3113 94.20 122.56 14.02
N LYS B 3114 93.58 121.37 14.08
CA LYS B 3114 93.56 120.54 15.26
C LYS B 3114 93.89 119.11 14.84
N VAL B 3115 94.56 118.39 15.74
CA VAL B 3115 94.98 117.00 15.46
C VAL B 3115 93.76 116.11 15.26
N SER B 3116 92.81 116.17 16.19
CA SER B 3116 91.55 115.42 16.19
C SER B 3116 91.70 113.91 15.95
N LYS B 3123 88.57 118.86 23.82
CA LYS B 3123 88.26 120.28 23.94
C LYS B 3123 87.01 120.60 23.13
N GLY B 3124 86.74 121.90 22.94
CA GLY B 3124 85.56 122.32 22.19
C GLY B 3124 85.58 121.95 20.73
N VAL B 3125 86.77 121.68 20.17
CA VAL B 3125 86.90 121.24 18.79
C VAL B 3125 86.18 119.91 18.60
N GLY B 3126 86.35 118.99 19.57
CA GLY B 3126 85.69 117.70 19.50
C GLY B 3126 84.18 117.82 19.49
N GLN B 3127 83.63 118.69 20.35
CA GLN B 3127 82.20 118.93 20.43
C GLN B 3127 81.67 119.53 19.12
N ASN B 3128 82.42 120.49 18.55
CA ASN B 3128 82.03 121.09 17.28
C ASN B 3128 82.07 120.05 16.17
N LEU B 3129 83.09 119.19 16.18
CA LEU B 3129 83.24 118.15 15.16
C LEU B 3129 82.09 117.15 15.23
N THR B 3130 81.71 116.75 16.43
CA THR B 3130 80.68 115.73 16.54
C THR B 3130 79.27 116.33 16.51
N TYR B 3131 79.14 117.66 16.56
CA TYR B 3131 77.79 118.22 16.63
C TYR B 3131 77.16 118.37 15.25
N THR B 3132 77.77 119.18 14.37
CA THR B 3132 77.13 119.51 13.09
C THR B 3132 77.01 118.30 12.17
N THR B 3133 78.11 117.57 11.94
CA THR B 3133 78.12 116.46 10.98
C THR B 3133 77.21 115.30 11.38
N VAL B 3134 76.78 115.24 12.64
CA VAL B 3134 75.86 114.23 13.13
C VAL B 3134 74.44 114.76 13.22
N ALA B 3135 74.26 115.95 13.80
CA ALA B 3135 72.94 116.53 14.00
C ALA B 3135 72.58 117.59 12.95
N LEU B 3136 73.38 118.65 12.85
CA LEU B 3136 72.97 119.81 12.06
C LEU B 3136 73.14 119.57 10.57
N LEU B 3137 74.29 119.00 10.15
CA LEU B 3137 74.54 118.76 8.73
C LEU B 3137 73.52 117.84 8.07
N PRO B 3138 73.13 116.67 8.64
CA PRO B 3138 72.00 115.94 8.01
C PRO B 3138 70.72 116.74 8.01
N VAL B 3139 70.48 117.55 9.05
CA VAL B 3139 69.30 118.40 9.11
C VAL B 3139 69.40 119.53 8.08
N LEU B 3140 70.56 120.18 7.99
CA LEU B 3140 70.77 121.24 6.99
C LEU B 3140 70.64 120.70 5.57
N THR B 3141 71.21 119.51 5.32
CA THR B 3141 71.06 118.83 4.05
C THR B 3141 69.61 118.50 3.73
N THR B 3142 68.86 118.05 4.75
CA THR B 3142 67.44 117.75 4.58
C THR B 3142 66.65 119.03 4.29
N LEU B 3143 67.00 120.12 4.97
CA LEU B 3143 66.34 121.40 4.77
C LEU B 3143 66.55 121.88 3.34
N PHE B 3144 67.79 121.77 2.83
CA PHE B 3144 68.05 122.14 1.44
C PHE B 3144 67.35 121.22 0.46
N GLN B 3145 67.17 119.94 0.82
CA GLN B 3145 66.30 119.05 0.05
C GLN B 3145 64.88 119.57 -0.01
N HIS B 3146 64.36 120.02 1.14
CA HIS B 3146 63.02 120.59 1.20
C HIS B 3146 62.91 121.85 0.36
N ILE B 3147 63.94 122.71 0.40
CA ILE B 3147 63.94 123.94 -0.38
C ILE B 3147 63.94 123.59 -1.87
N ALA B 3148 64.78 122.62 -2.27
CA ALA B 3148 64.87 122.21 -3.66
C ALA B 3148 63.56 121.63 -4.18
N GLN B 3149 62.82 120.91 -3.32
CA GLN B 3149 61.56 120.31 -3.73
C GLN B 3149 60.54 121.35 -4.16
N HIS B 3150 60.30 122.34 -3.30
CA HIS B 3150 59.26 123.33 -3.52
C HIS B 3150 59.77 124.59 -4.23
N GLN B 3151 61.06 124.65 -4.55
CA GLN B 3151 61.74 125.84 -5.09
C GLN B 3151 61.54 127.06 -4.19
N PHE B 3152 61.84 126.87 -2.90
CA PHE B 3152 61.84 127.95 -1.92
C PHE B 3152 63.11 128.79 -1.93
N GLY B 3153 64.06 128.51 -2.82
CA GLY B 3153 65.25 129.33 -2.91
C GLY B 3153 64.98 130.78 -3.27
N ASP B 3154 64.12 131.00 -4.27
CA ASP B 3154 63.80 132.36 -4.72
C ASP B 3154 63.06 133.18 -3.67
N ASP B 3155 62.44 132.54 -2.68
CA ASP B 3155 61.60 133.22 -1.72
C ASP B 3155 62.25 133.47 -0.37
N VAL B 3156 63.25 132.66 0.01
CA VAL B 3156 63.88 132.75 1.31
C VAL B 3156 65.34 133.19 1.21
N ILE B 3157 66.06 132.69 0.20
CA ILE B 3157 67.47 133.03 0.02
C ILE B 3157 67.49 134.33 -0.77
N LEU B 3158 67.36 135.45 -0.04
CA LEU B 3158 67.21 136.76 -0.67
C LEU B 3158 68.35 137.72 -0.38
N ASP B 3159 68.64 138.05 0.87
CA ASP B 3159 69.62 139.10 1.16
C ASP B 3159 70.81 138.61 1.99
N ASP B 3160 70.58 138.02 3.16
CA ASP B 3160 71.67 137.55 4.00
C ASP B 3160 71.83 136.04 3.97
N VAL B 3161 70.75 135.32 3.66
CA VAL B 3161 70.84 133.89 3.43
C VAL B 3161 71.74 133.61 2.24
N GLN B 3162 71.75 134.51 1.25
CA GLN B 3162 72.62 134.40 0.09
C GLN B 3162 74.08 134.41 0.53
N VAL B 3163 74.43 135.37 1.39
CA VAL B 3163 75.78 135.48 1.95
C VAL B 3163 76.13 134.24 2.76
N SER B 3164 75.18 133.76 3.58
CA SER B 3164 75.38 132.53 4.35
C SER B 3164 75.67 131.34 3.44
N CYS B 3165 74.97 131.26 2.31
CA CYS B 3165 75.24 130.25 1.29
C CYS B 3165 76.62 130.42 0.70
N TYR B 3166 77.03 131.66 0.40
CA TYR B 3166 78.36 131.88 -0.16
C TYR B 3166 79.46 131.46 0.82
N ARG B 3167 79.28 131.79 2.10
CA ARG B 3167 80.26 131.43 3.13
C ARG B 3167 80.39 129.93 3.26
N THR B 3168 79.24 129.23 3.27
CA THR B 3168 79.27 127.77 3.35
C THR B 3168 79.89 127.17 2.09
N LEU B 3169 79.55 127.72 0.91
CA LEU B 3169 80.04 127.18 -0.35
C LEU B 3169 81.56 127.29 -0.43
N CYS B 3170 82.10 128.45 -0.03
CA CYS B 3170 83.54 128.68 -0.04
C CYS B 3170 84.23 127.69 0.90
N SER B 3171 83.65 127.53 2.10
CA SER B 3171 84.31 126.74 3.14
C SER B 3171 84.33 125.28 2.74
N ILE B 3172 83.18 124.75 2.29
CA ILE B 3172 83.11 123.33 1.92
C ILE B 3172 84.01 123.08 0.70
N TYR B 3173 83.97 123.99 -0.29
CA TYR B 3173 84.77 123.82 -1.51
C TYR B 3173 86.27 123.90 -1.23
N SER B 3174 86.67 124.40 -0.06
CA SER B 3174 88.09 124.48 0.26
C SER B 3174 88.72 123.12 0.61
N LEU B 3175 87.91 122.06 0.74
CA LEU B 3175 88.35 120.74 1.17
C LEU B 3175 88.94 119.89 0.06
N GLY B 3176 88.99 120.40 -1.18
CA GLY B 3176 89.39 119.59 -2.31
C GLY B 3176 90.84 119.11 -2.28
N THR B 3177 91.75 120.01 -1.95
CA THR B 3177 93.18 119.70 -1.99
C THR B 3177 93.75 119.24 -0.66
N THR B 3178 92.93 119.11 0.38
CA THR B 3178 93.38 118.66 1.69
C THR B 3178 92.91 117.24 1.94
N LYS B 3179 93.84 116.37 2.34
CA LYS B 3179 93.54 114.97 2.59
C LYS B 3179 93.76 114.66 4.06
N ASN B 3180 92.71 114.22 4.74
CA ASN B 3180 92.76 113.86 6.15
C ASN B 3180 91.82 112.69 6.38
N THR B 3181 91.96 112.04 7.55
CA THR B 3181 91.10 110.93 7.92
C THR B 3181 89.64 111.36 8.05
N TYR B 3182 89.42 112.52 8.68
CA TYR B 3182 88.07 113.05 8.84
C TYR B 3182 87.49 113.48 7.50
N VAL B 3183 88.32 114.10 6.65
CA VAL B 3183 87.86 114.52 5.33
C VAL B 3183 87.46 113.30 4.51
N GLU B 3184 88.30 112.24 4.58
CA GLU B 3184 88.05 111.01 3.84
C GLU B 3184 86.75 110.35 4.29
N LYS B 3185 86.51 110.27 5.59
CA LYS B 3185 85.28 109.66 6.05
C LYS B 3185 84.08 110.58 6.00
N LEU B 3186 84.26 111.86 5.68
CA LEU B 3186 83.14 112.79 5.56
C LEU B 3186 82.97 113.37 4.16
N ARG B 3187 83.66 112.81 3.16
CA ARG B 3187 83.44 113.21 1.76
C ARG B 3187 82.01 113.01 1.28
N PRO B 3188 81.32 111.84 1.48
CA PRO B 3188 79.94 111.74 0.97
C PRO B 3188 78.96 112.71 1.62
N ALA B 3189 78.94 112.79 2.96
CA ALA B 3189 78.00 113.66 3.66
C ALA B 3189 78.19 115.13 3.30
N LEU B 3190 79.44 115.60 3.25
CA LEU B 3190 79.73 116.96 2.80
C LEU B 3190 79.34 117.18 1.35
N GLY B 3191 79.65 116.21 0.48
CA GLY B 3191 79.30 116.33 -0.92
C GLY B 3191 77.80 116.41 -1.14
N GLU B 3192 77.03 115.62 -0.39
CA GLU B 3192 75.58 115.69 -0.50
C GLU B 3192 75.03 116.95 0.15
N CYS B 3193 75.70 117.44 1.20
CA CYS B 3193 75.26 118.65 1.88
C CYS B 3193 75.38 119.84 0.96
N LEU B 3194 76.51 119.94 0.26
CA LEU B 3194 76.70 121.05 -0.66
C LEU B 3194 75.89 120.84 -1.93
N ALA B 3195 75.70 119.60 -2.39
CA ALA B 3195 74.88 119.35 -3.57
C ALA B 3195 73.43 119.80 -3.35
N ARG B 3196 72.87 119.46 -2.18
CA ARG B 3196 71.55 119.97 -1.79
C ARG B 3196 71.56 121.49 -1.66
N LEU B 3197 72.63 122.06 -1.09
CA LEU B 3197 72.71 123.51 -0.97
C LEU B 3197 72.77 124.17 -2.35
N ALA B 3198 73.52 123.58 -3.28
CA ALA B 3198 73.61 124.09 -4.65
C ALA B 3198 72.25 124.04 -5.35
N ALA B 3199 71.50 122.95 -5.16
CA ALA B 3199 70.15 122.88 -5.70
C ALA B 3199 69.23 123.91 -5.03
N ALA B 3200 69.34 124.08 -3.72
CA ALA B 3200 68.55 125.06 -3.00
C ALA B 3200 68.98 126.50 -3.29
N MET B 3201 70.17 126.68 -3.85
CA MET B 3201 70.73 128.00 -4.11
C MET B 3201 70.11 128.61 -5.35
N PRO B 3202 69.45 129.76 -5.25
CA PRO B 3202 68.83 130.41 -6.41
C PRO B 3202 69.72 131.40 -7.15
N VAL B 3203 71.02 131.45 -6.86
CA VAL B 3203 71.90 132.47 -7.41
C VAL B 3203 72.94 131.80 -8.30
N ALA B 3204 73.25 132.45 -9.41
CA ALA B 3204 74.22 131.93 -10.37
C ALA B 3204 75.61 132.20 -9.83
N PHE B 3205 76.27 131.15 -9.34
CA PHE B 3205 77.63 131.29 -8.83
C PHE B 3205 78.67 130.61 -9.69
N LEU B 3206 78.32 129.53 -10.41
CA LEU B 3206 79.26 128.92 -11.33
C LEU B 3206 79.41 129.71 -12.61
N GLU B 3207 78.54 130.70 -12.84
CA GLU B 3207 78.65 131.64 -13.94
C GLU B 3207 78.54 133.07 -13.40
N PRO B 3208 79.54 133.53 -12.63
CA PRO B 3208 79.42 134.87 -11.99
C PRO B 3208 79.37 136.03 -12.98
N GLN B 3209 79.89 135.86 -14.20
CA GLN B 3209 79.89 136.93 -15.18
C GLN B 3209 78.48 137.31 -15.65
N LEU B 3210 77.49 136.44 -15.46
CA LEU B 3210 76.11 136.73 -15.82
C LEU B 3210 75.21 136.89 -14.60
N ASN B 3211 75.79 137.25 -13.45
CA ASN B 3211 75.02 137.46 -12.24
C ASN B 3211 74.11 138.69 -12.32
N GLU B 3212 74.40 139.62 -13.23
CA GLU B 3212 73.57 140.82 -13.37
C GLU B 3212 72.17 140.51 -13.89
N TYR B 3213 72.02 139.41 -14.64
CA TYR B 3213 70.71 139.06 -15.18
C TYR B 3213 69.80 138.43 -14.13
N ASN B 3214 70.38 137.96 -13.02
CA ASN B 3214 69.65 137.26 -11.96
C ASN B 3214 68.98 138.30 -11.06
N ALA B 3215 67.68 138.49 -11.23
CA ALA B 3215 66.91 139.38 -10.36
C ALA B 3215 66.83 138.88 -8.93
N CYS B 3216 66.98 137.58 -8.71
CA CYS B 3216 67.01 137.01 -7.35
C CYS B 3216 68.43 136.93 -6.81
N SER B 3217 69.15 138.05 -6.86
CA SER B 3217 70.53 138.11 -6.39
C SER B 3217 70.76 139.38 -5.60
N VAL B 3218 71.76 139.32 -4.71
CA VAL B 3218 72.11 140.48 -3.90
C VAL B 3218 72.75 141.56 -4.77
N TYR B 3219 73.64 141.17 -5.69
CA TYR B 3219 74.37 142.15 -6.49
C TYR B 3219 73.48 142.92 -7.47
N THR B 3220 72.24 142.47 -7.68
CA THR B 3220 71.24 143.20 -8.44
C THR B 3220 70.19 143.89 -7.57
N THR B 3221 69.68 143.21 -6.52
CA THR B 3221 68.68 143.83 -5.67
C THR B 3221 69.28 144.91 -4.77
N LYS B 3222 70.41 144.59 -4.14
CA LYS B 3222 71.04 145.49 -3.19
C LYS B 3222 71.70 146.66 -3.91
N SER B 3223 71.42 147.87 -3.43
CA SER B 3223 72.01 149.07 -3.99
C SER B 3223 73.50 149.11 -3.65
N PRO B 3224 74.33 149.71 -4.51
CA PRO B 3224 75.79 149.67 -4.29
C PRO B 3224 76.29 150.38 -3.03
N ARG B 3225 75.50 151.24 -2.39
CA ARG B 3225 76.03 151.96 -1.22
C ARG B 3225 76.18 151.06 0.01
N GLU B 3226 75.50 149.92 0.06
CA GLU B 3226 75.81 148.90 1.04
C GLU B 3226 76.82 147.92 0.44
N ARG B 3227 76.97 146.74 1.05
CA ARG B 3227 77.95 145.66 0.77
C ARG B 3227 79.37 146.06 1.14
N ALA B 3228 79.59 147.31 1.55
CA ALA B 3228 80.83 147.75 2.16
C ALA B 3228 80.68 148.07 3.63
N ILE B 3229 79.46 148.36 4.09
CA ILE B 3229 79.20 148.48 5.53
C ILE B 3229 79.41 147.13 6.22
N LEU B 3230 78.96 146.04 5.61
CA LEU B 3230 79.27 144.69 6.07
C LEU B 3230 80.33 144.10 5.17
N GLY B 3231 81.27 143.36 5.77
CA GLY B 3231 82.43 142.83 5.07
C GLY B 3231 82.11 141.92 3.91
N LEU B 3232 82.30 142.42 2.69
CA LEU B 3232 82.08 141.69 1.46
C LEU B 3232 83.18 142.07 0.48
N PRO B 3233 83.52 141.16 -0.45
CA PRO B 3233 84.55 141.48 -1.46
C PRO B 3233 84.08 142.40 -2.58
N ASN B 3234 82.83 142.88 -2.53
CA ASN B 3234 82.18 143.82 -3.45
C ASN B 3234 81.94 143.26 -4.86
N SER B 3235 82.40 142.05 -5.16
CA SER B 3235 82.20 141.48 -6.49
C SER B 3235 81.73 140.03 -6.38
N VAL B 3236 80.79 139.67 -7.27
CA VAL B 3236 80.26 138.32 -7.28
C VAL B 3236 81.34 137.33 -7.69
N GLU B 3237 82.25 137.73 -8.58
CA GLU B 3237 83.35 136.86 -8.96
C GLU B 3237 84.31 136.62 -7.79
N GLU B 3238 84.32 137.53 -6.80
CA GLU B 3238 85.24 137.46 -5.69
C GLU B 3238 84.58 136.98 -4.39
N MET B 3239 83.30 136.62 -4.40
CA MET B 3239 82.68 136.05 -3.20
C MET B 3239 83.35 134.73 -2.80
N CYS B 3240 83.44 133.80 -3.75
CA CYS B 3240 84.15 132.54 -3.57
C CYS B 3240 85.18 132.44 -4.69
N PRO B 3241 86.36 133.06 -4.50
CA PRO B 3241 87.39 133.01 -5.55
C PRO B 3241 87.93 131.61 -5.81
N ASP B 3242 87.77 130.66 -4.88
CA ASP B 3242 88.18 129.29 -5.11
C ASP B 3242 87.30 128.55 -6.11
N ILE B 3243 86.17 129.13 -6.49
CA ILE B 3243 85.24 128.50 -7.43
C ILE B 3243 85.70 128.84 -8.85
N PRO B 3244 86.08 127.85 -9.66
CA PRO B 3244 86.42 128.15 -11.05
C PRO B 3244 85.16 128.47 -11.86
N VAL B 3245 85.39 128.89 -13.10
CA VAL B 3245 84.26 129.16 -13.99
C VAL B 3245 83.71 127.84 -14.50
N LEU B 3246 82.52 127.90 -15.10
CA LEU B 3246 81.87 126.71 -15.62
C LEU B 3246 82.67 126.10 -16.76
N ASP B 3247 83.25 126.95 -17.61
CA ASP B 3247 84.03 126.47 -18.76
C ASP B 3247 85.27 125.70 -18.30
N ARG B 3248 86.04 126.27 -17.38
CA ARG B 3248 87.20 125.57 -16.82
C ARG B 3248 86.81 124.29 -16.08
N LEU B 3249 85.72 124.32 -15.31
CA LEU B 3249 85.20 123.12 -14.65
C LEU B 3249 84.83 122.03 -15.66
N MET B 3250 84.21 122.43 -16.77
CA MET B 3250 83.86 121.51 -17.84
C MET B 3250 85.10 120.94 -18.51
N ALA B 3251 86.09 121.78 -18.82
CA ALA B 3251 87.31 121.31 -19.45
C ALA B 3251 88.13 120.43 -18.50
N ASP B 3252 88.01 120.68 -17.19
CA ASP B 3252 88.62 119.83 -16.17
C ASP B 3252 88.05 118.43 -16.21
N ILE B 3253 86.74 118.31 -16.02
CA ILE B 3253 86.10 116.99 -15.98
C ILE B 3253 86.23 116.28 -17.32
N GLY B 3254 86.17 117.04 -18.42
CA GLY B 3254 86.33 116.47 -19.75
C GLY B 3254 87.70 115.88 -19.98
N GLY B 3255 88.76 116.61 -19.60
CA GLY B 3255 90.10 116.04 -19.70
C GLY B 3255 90.33 114.89 -18.74
N LEU B 3256 89.76 114.97 -17.54
CA LEU B 3256 89.93 113.91 -16.55
C LEU B 3256 89.30 112.60 -17.03
N ALA B 3257 88.15 112.70 -17.70
CA ALA B 3257 87.45 111.50 -18.16
C ALA B 3257 88.29 110.75 -19.20
N GLU B 3258 88.75 111.46 -20.23
CA GLU B 3258 89.56 110.85 -21.27
C GLU B 3258 90.94 110.44 -20.77
N SER B 3259 91.41 111.02 -19.66
CA SER B 3259 92.71 110.63 -19.12
C SER B 3259 92.72 109.19 -18.62
N GLY B 3260 91.56 108.70 -18.17
CA GLY B 3260 91.47 107.36 -17.63
C GLY B 3260 91.95 107.24 -16.21
N ALA B 3261 91.90 108.32 -15.45
CA ALA B 3261 92.33 108.31 -14.06
C ALA B 3261 91.30 107.61 -13.17
N ARG B 3262 91.80 106.99 -12.10
CA ARG B 3262 90.98 106.22 -11.17
C ARG B 3262 90.39 107.09 -10.07
N TYR B 3263 89.55 106.47 -9.23
CA TYR B 3263 88.92 107.18 -8.13
C TYR B 3263 89.95 107.58 -7.07
N THR B 3264 91.03 106.80 -6.96
CA THR B 3264 92.09 107.13 -6.01
C THR B 3264 92.71 108.49 -6.34
N GLU B 3265 92.91 108.76 -7.63
CA GLU B 3265 93.40 110.06 -8.08
C GLU B 3265 92.27 111.04 -8.42
N MET B 3266 91.01 110.68 -8.14
CA MET B 3266 89.90 111.64 -8.11
C MET B 3266 89.15 111.50 -6.79
N PRO B 3267 89.75 111.91 -5.64
CA PRO B 3267 88.96 111.91 -4.41
C PRO B 3267 88.06 113.13 -4.27
N HIS B 3268 88.45 114.25 -4.86
CA HIS B 3268 87.65 115.46 -4.83
C HIS B 3268 86.67 115.54 -5.98
N VAL B 3269 87.09 115.07 -7.16
CA VAL B 3269 86.28 115.21 -8.38
C VAL B 3269 85.01 114.38 -8.28
N ILE B 3270 85.15 113.11 -7.89
CA ILE B 3270 84.02 112.19 -7.88
C ILE B 3270 83.12 112.48 -6.69
N GLU B 3271 83.71 112.63 -5.51
CA GLU B 3271 82.94 112.77 -4.29
C GLU B 3271 82.28 114.16 -4.20
N ILE B 3272 82.89 115.18 -4.80
CA ILE B 3272 82.41 116.54 -4.59
C ILE B 3272 82.04 117.23 -5.90
N THR B 3273 82.97 117.30 -6.86
CA THR B 3273 82.80 118.14 -8.05
C THR B 3273 81.64 117.66 -8.93
N LEU B 3274 81.55 116.34 -9.13
CA LEU B 3274 80.47 115.78 -9.96
C LEU B 3274 79.07 116.04 -9.39
N PRO B 3275 78.77 115.83 -8.09
CA PRO B 3275 77.43 116.21 -7.61
C PRO B 3275 77.13 117.70 -7.67
N MET B 3276 78.16 118.57 -7.74
CA MET B 3276 77.91 120.00 -7.81
C MET B 3276 77.33 120.35 -9.16
N LEU B 3277 77.96 119.81 -10.22
CA LEU B 3277 77.43 120.02 -11.56
C LEU B 3277 76.08 119.34 -11.70
N CYS B 3278 75.94 118.12 -11.17
CA CYS B 3278 74.66 117.44 -11.23
C CYS B 3278 73.56 118.15 -10.44
N SER B 3279 73.94 119.02 -9.50
CA SER B 3279 73.01 119.84 -8.73
C SER B 3279 72.79 121.23 -9.29
N TYR B 3280 73.66 121.69 -10.18
CA TYR B 3280 73.54 123.02 -10.75
C TYR B 3280 73.05 123.03 -12.19
N LEU B 3281 73.62 122.18 -13.04
CA LEU B 3281 73.26 122.15 -14.46
C LEU B 3281 71.78 121.83 -14.70
N PRO B 3282 71.16 120.77 -14.11
CA PRO B 3282 69.70 120.64 -14.27
C PRO B 3282 68.90 121.80 -13.69
N ARG B 3283 69.38 122.39 -12.59
CA ARG B 3283 68.64 123.47 -11.92
C ARG B 3283 68.53 124.71 -12.79
N TRP B 3284 69.49 124.92 -13.69
CA TRP B 3284 69.48 126.09 -14.54
C TRP B 3284 69.39 125.76 -16.02
N TRP B 3285 69.22 124.48 -16.36
CA TRP B 3285 69.01 124.10 -17.76
C TRP B 3285 67.72 124.71 -18.30
N GLU B 3286 66.65 124.67 -17.52
CA GLU B 3286 65.37 125.18 -17.97
C GLU B 3286 65.26 126.69 -17.91
N ARG B 3287 66.28 127.38 -17.40
CA ARG B 3287 66.25 128.83 -17.23
C ARG B 3287 67.28 129.51 -18.10
N GLY B 3288 67.65 128.89 -19.23
CA GLY B 3288 68.62 129.46 -20.12
C GLY B 3288 68.50 128.98 -21.55
N PRO B 3289 69.64 128.70 -22.18
CA PRO B 3289 69.63 128.24 -23.57
C PRO B 3289 69.02 126.85 -23.71
N GLU B 3290 68.44 126.61 -24.90
CA GLU B 3290 67.72 125.38 -25.25
C GLU B 3290 66.56 125.10 -24.30
N ALA B 3291 65.95 126.16 -23.79
CA ALA B 3291 64.81 126.07 -22.88
C ALA B 3291 63.72 127.01 -23.39
N PRO B 3292 62.47 126.56 -23.44
CA PRO B 3292 61.34 127.40 -23.91
C PRO B 3292 60.81 128.29 -22.79
N PRO B 3293 61.31 129.51 -22.63
CA PRO B 3293 60.93 130.33 -21.46
C PRO B 3293 59.51 130.84 -21.55
N PRO B 3294 58.62 130.42 -20.60
CA PRO B 3294 57.22 130.87 -20.62
C PRO B 3294 56.99 132.23 -19.96
N ALA B 3295 57.85 133.18 -20.29
CA ALA B 3295 57.81 134.51 -19.69
C ALA B 3295 57.65 135.57 -20.77
N LEU B 3296 56.70 135.36 -21.67
CA LEU B 3296 56.46 136.27 -22.80
C LEU B 3296 56.23 137.75 -22.47
N PRO B 3297 55.45 138.17 -21.45
CA PRO B 3297 55.36 139.62 -21.20
C PRO B 3297 56.65 140.23 -20.70
N ALA B 3298 57.48 139.46 -20.00
CA ALA B 3298 58.73 139.96 -19.44
C ALA B 3298 59.91 139.17 -19.97
N GLY B 3299 59.94 138.92 -21.28
CA GLY B 3299 61.05 138.26 -21.93
C GLY B 3299 62.27 139.13 -22.17
N ALA B 3300 62.19 140.41 -21.80
CA ALA B 3300 63.31 141.33 -21.99
C ALA B 3300 64.63 140.93 -21.30
N PRO B 3301 64.67 140.46 -20.03
CA PRO B 3301 65.96 139.99 -19.49
C PRO B 3301 66.50 138.81 -20.28
N PRO B 3302 67.82 138.76 -20.50
CA PRO B 3302 68.40 137.63 -21.22
C PRO B 3302 68.64 136.47 -20.28
N PRO B 3303 68.96 135.27 -20.79
CA PRO B 3303 69.26 134.13 -19.90
C PRO B 3303 70.50 134.37 -19.04
N CYS B 3304 70.32 134.28 -17.72
CA CYS B 3304 71.34 134.42 -16.67
C CYS B 3304 72.27 133.21 -16.57
N THR B 3305 72.19 132.28 -17.52
CA THR B 3305 73.04 131.10 -17.55
C THR B 3305 73.25 130.70 -19.00
N ALA B 3306 74.25 129.87 -19.23
CA ALA B 3306 74.63 129.41 -20.55
C ALA B 3306 74.82 127.90 -20.55
N VAL B 3307 73.84 127.18 -20.00
CA VAL B 3307 73.89 125.73 -19.88
C VAL B 3307 72.93 125.14 -20.92
N THR B 3308 73.50 124.59 -21.98
CA THR B 3308 72.72 123.89 -22.98
C THR B 3308 72.61 122.42 -22.60
N SER B 3309 72.07 121.61 -23.51
CA SER B 3309 72.01 120.16 -23.27
C SER B 3309 73.38 119.51 -23.41
N ASP B 3310 74.29 120.11 -24.19
CA ASP B 3310 75.63 119.55 -24.37
C ASP B 3310 76.45 119.55 -23.09
N HIS B 3311 76.20 120.49 -22.18
CA HIS B 3311 76.85 120.49 -20.87
C HIS B 3311 76.53 119.22 -20.10
N LEU B 3312 75.25 118.82 -20.09
CA LEU B 3312 74.86 117.60 -19.41
C LEU B 3312 75.25 116.39 -20.23
N ASN B 3313 75.25 116.52 -21.56
CA ASN B 3313 75.59 115.40 -22.44
C ASN B 3313 77.03 114.96 -22.21
N SER B 3314 77.94 115.94 -22.27
CA SER B 3314 79.35 115.66 -22.01
C SER B 3314 79.59 115.27 -20.55
N LEU B 3315 78.86 115.86 -19.61
CA LEU B 3315 78.94 115.42 -18.21
C LEU B 3315 78.54 113.95 -18.04
N LEU B 3316 77.51 113.52 -18.76
CA LEU B 3316 77.12 112.10 -18.80
C LEU B 3316 78.22 111.24 -19.40
N GLY B 3317 78.77 111.68 -20.54
CA GLY B 3317 79.85 110.92 -21.15
C GLY B 3317 81.06 110.79 -20.24
N ASN B 3318 81.37 111.87 -19.50
CA ASN B 3318 82.44 111.84 -18.52
C ASN B 3318 82.18 110.82 -17.42
N ILE B 3319 80.93 110.77 -16.92
CA ILE B 3319 80.59 109.81 -15.87
C ILE B 3319 80.70 108.38 -16.39
N LEU B 3320 80.26 108.16 -17.64
CA LEU B 3320 80.34 106.83 -18.26
C LEU B 3320 81.78 106.37 -18.38
N ARG B 3321 82.67 107.27 -18.87
CA ARG B 3321 84.06 106.87 -19.03
C ARG B 3321 84.73 106.66 -17.68
N ILE B 3322 84.33 107.43 -16.66
CA ILE B 3322 84.92 107.27 -15.32
C ILE B 3322 84.61 105.87 -14.79
N ILE B 3323 83.33 105.48 -14.88
CA ILE B 3323 82.95 104.21 -14.26
C ILE B 3323 83.52 103.04 -15.03
N VAL B 3324 83.53 103.11 -16.37
CA VAL B 3324 84.16 102.02 -17.11
C VAL B 3324 85.68 102.00 -16.91
N ASN B 3325 86.29 103.13 -16.53
CA ASN B 3325 87.72 103.09 -16.23
C ASN B 3325 87.94 102.44 -14.87
N ASN B 3326 87.03 102.67 -13.93
CA ASN B 3326 87.08 102.00 -12.64
C ASN B 3326 86.32 100.67 -12.63
N LEU B 3327 86.13 100.06 -13.80
CA LEU B 3327 85.37 98.83 -13.90
C LEU B 3327 86.07 97.64 -13.23
N GLY B 3328 87.41 97.67 -13.17
CA GLY B 3328 88.19 96.59 -12.61
C GLY B 3328 88.49 96.60 -11.13
N ILE B 3329 88.13 97.65 -10.40
CA ILE B 3329 88.46 97.75 -8.98
C ILE B 3329 87.55 96.82 -8.18
N ASP B 3330 87.87 96.60 -6.91
CA ASP B 3330 87.15 95.64 -6.07
C ASP B 3330 86.10 96.31 -5.19
N GLU B 3331 86.43 97.41 -4.54
CA GLU B 3331 85.52 98.05 -3.59
C GLU B 3331 85.29 99.49 -4.03
N ALA B 3332 84.04 99.94 -3.95
CA ALA B 3332 83.68 101.32 -4.27
C ALA B 3332 82.30 101.62 -3.71
N THR B 3333 82.21 102.64 -2.87
CA THR B 3333 80.94 103.16 -2.40
C THR B 3333 80.49 104.41 -3.14
N TRP B 3334 81.36 104.98 -3.98
CA TRP B 3334 81.03 106.17 -4.76
C TRP B 3334 80.21 105.86 -6.00
N MET B 3335 80.26 104.64 -6.51
CA MET B 3335 79.57 104.28 -7.75
C MET B 3335 78.05 104.45 -7.64
N LYS B 3336 77.46 104.00 -6.52
CA LYS B 3336 76.03 104.21 -6.29
C LYS B 3336 75.68 105.68 -6.13
N ARG B 3337 76.52 106.43 -5.39
CA ARG B 3337 76.28 107.87 -5.23
C ARG B 3337 76.37 108.59 -6.56
N LEU B 3338 77.35 108.24 -7.39
CA LEU B 3338 77.51 108.84 -8.70
C LEU B 3338 76.29 108.51 -9.57
N ALA B 3339 75.78 107.28 -9.44
CA ALA B 3339 74.62 106.89 -10.23
C ALA B 3339 73.40 107.71 -9.82
N VAL B 3340 73.17 107.88 -8.50
CA VAL B 3340 71.96 108.56 -8.06
C VAL B 3340 72.03 110.05 -8.41
N PHE B 3341 73.22 110.67 -8.34
CA PHE B 3341 73.30 112.04 -8.83
C PHE B 3341 73.22 112.13 -10.35
N ALA B 3342 73.59 111.07 -11.08
CA ALA B 3342 73.51 111.08 -12.52
C ALA B 3342 72.11 110.77 -13.04
N GLN B 3343 71.22 110.26 -12.18
CA GLN B 3343 69.84 110.01 -12.60
C GLN B 3343 69.07 111.29 -12.99
N PRO B 3344 69.08 112.40 -12.23
CA PRO B 3344 68.38 113.60 -12.74
C PRO B 3344 69.00 114.20 -13.98
N ILE B 3345 70.31 114.06 -14.20
CA ILE B 3345 70.93 114.71 -15.35
C ILE B 3345 70.72 113.92 -16.64
N VAL B 3346 70.56 112.59 -16.56
CA VAL B 3346 70.40 111.77 -17.76
C VAL B 3346 69.02 111.92 -18.39
N SER B 3347 68.13 112.72 -17.81
CA SER B 3347 66.85 113.02 -18.46
C SER B 3347 67.00 113.80 -19.76
N ARG B 3348 68.14 114.46 -19.97
CA ARG B 3348 68.43 115.17 -21.22
C ARG B 3348 69.38 114.39 -22.12
N ALA B 3349 69.52 113.08 -21.93
CA ALA B 3349 70.45 112.26 -22.69
C ALA B 3349 70.13 112.27 -24.19
N ARG B 3350 71.14 112.53 -25.00
CA ARG B 3350 71.00 112.48 -26.45
C ARG B 3350 70.97 111.04 -26.94
N PRO B 3351 70.48 110.79 -28.17
CA PRO B 3351 70.61 109.44 -28.73
C PRO B 3351 72.03 108.95 -28.95
N GLU B 3352 73.03 109.85 -28.98
CA GLU B 3352 74.41 109.44 -29.21
C GLU B 3352 75.00 108.61 -28.07
N LEU B 3353 74.43 108.70 -26.86
CA LEU B 3353 74.97 108.00 -25.70
C LEU B 3353 74.93 106.50 -25.89
N LEU B 3354 73.98 106.01 -26.69
CA LEU B 3354 73.79 104.58 -26.90
C LEU B 3354 74.97 104.03 -27.69
N HIS B 3355 75.18 104.54 -28.90
CA HIS B 3355 76.22 104.00 -29.76
C HIS B 3355 77.59 104.31 -29.18
N SER B 3356 77.76 105.52 -28.63
CA SER B 3356 79.06 105.96 -28.13
C SER B 3356 79.52 105.14 -26.93
N HIS B 3357 78.65 104.88 -25.95
CA HIS B 3357 79.09 104.17 -24.75
C HIS B 3357 78.33 102.89 -24.46
N PHE B 3358 77.02 102.87 -24.65
CA PHE B 3358 76.20 101.79 -24.15
C PHE B 3358 76.37 100.51 -24.97
N ILE B 3359 76.79 100.62 -26.23
CA ILE B 3359 77.07 99.40 -26.99
C ILE B 3359 78.39 98.77 -26.57
N PRO B 3360 79.57 99.44 -26.55
CA PRO B 3360 80.79 98.68 -26.22
C PRO B 3360 80.92 98.31 -24.74
N THR B 3361 80.62 99.25 -23.84
CA THR B 3361 80.90 99.04 -22.41
C THR B 3361 80.07 97.90 -21.85
N ILE B 3362 78.79 97.81 -22.24
CA ILE B 3362 77.98 96.70 -21.79
C ILE B 3362 78.51 95.40 -22.40
N GLY B 3363 79.08 95.46 -23.61
CA GLY B 3363 79.75 94.30 -24.18
C GLY B 3363 80.93 93.84 -23.34
N ARG B 3364 81.65 94.80 -22.75
CA ARG B 3364 82.70 94.48 -21.79
C ARG B 3364 82.12 93.81 -20.55
N LEU B 3365 80.96 94.29 -20.10
CA LEU B 3365 80.27 93.64 -18.98
C LEU B 3365 79.80 92.24 -19.37
N ARG B 3366 79.40 92.07 -20.63
CA ARG B 3366 78.93 90.78 -21.14
C ARG B 3366 80.05 89.75 -21.15
N LYS B 3367 81.21 90.12 -21.72
CA LYS B 3367 82.33 89.18 -21.74
C LYS B 3367 82.86 88.92 -20.33
N ARG B 3368 82.77 89.91 -19.43
CA ARG B 3368 83.10 89.69 -18.02
C ARG B 3368 82.18 88.63 -17.41
N ALA B 3369 80.87 88.80 -17.57
CA ALA B 3369 79.91 87.84 -17.01
C ALA B 3369 80.07 86.47 -17.64
N GLY B 3370 80.28 86.42 -18.97
CA GLY B 3370 80.50 85.16 -19.65
C GLY B 3370 81.73 84.43 -19.17
N LYS B 3371 82.78 85.19 -18.82
CA LYS B 3371 83.98 84.56 -18.27
C LYS B 3371 83.75 84.07 -16.86
N VAL B 3372 83.04 84.86 -16.03
CA VAL B 3372 82.81 84.45 -14.64
C VAL B 3372 81.93 83.20 -14.59
N VAL B 3373 80.87 83.16 -15.41
CA VAL B 3373 80.04 81.94 -15.48
C VAL B 3373 80.81 80.77 -16.10
N ALA B 3374 81.72 81.03 -17.05
CA ALA B 3374 82.59 79.97 -17.57
C ALA B 3374 83.48 79.36 -16.49
N GLU B 3375 84.01 80.22 -15.61
CA GLU B 3375 84.74 79.72 -14.45
C GLU B 3375 83.82 78.97 -13.49
N GLU B 3376 82.58 79.44 -13.33
CA GLU B 3376 81.64 78.81 -12.42
C GLU B 3376 81.29 77.40 -12.89
N GLU B 3377 80.97 77.24 -14.17
CA GLU B 3377 80.71 75.91 -14.70
C GLU B 3377 81.97 75.05 -14.71
N GLN B 3378 83.14 75.67 -14.88
CA GLN B 3378 84.41 74.94 -14.80
C GLN B 3378 84.61 74.37 -13.41
N LEU B 3379 84.26 75.15 -12.38
CA LEU B 3379 84.37 74.70 -11.00
C LEU B 3379 83.33 73.63 -10.69
N ARG B 3380 82.14 73.73 -11.30
CA ARG B 3380 81.07 72.80 -10.96
C ARG B 3380 81.20 71.47 -11.70
N LEU B 3381 81.86 71.45 -12.87
CA LEU B 3381 81.99 70.19 -13.60
C LEU B 3381 82.98 69.24 -12.92
N GLU B 3382 83.95 69.78 -12.19
CA GLU B 3382 84.94 68.98 -11.50
C GLU B 3382 84.54 68.79 -10.04
N ALA B 3383 84.55 67.53 -9.58
CA ALA B 3383 84.17 67.17 -8.22
C ALA B 3383 85.44 66.92 -7.42
N LYS B 3384 85.80 67.86 -6.56
CA LYS B 3384 87.01 67.78 -5.75
C LYS B 3384 86.86 68.81 -4.64
N ALA B 3385 87.65 68.63 -3.57
CA ALA B 3385 87.62 69.54 -2.42
C ALA B 3385 88.06 70.96 -2.76
N GLU B 3386 88.71 71.17 -3.91
CA GLU B 3386 89.10 72.49 -4.38
C GLU B 3386 87.91 73.29 -4.93
N ALA B 3387 86.73 72.68 -5.06
CA ALA B 3387 85.55 73.34 -5.59
C ALA B 3387 85.19 74.58 -4.77
N GLU B 3388 85.22 74.47 -3.45
CA GLU B 3388 85.05 75.64 -2.60
C GLU B 3388 86.22 76.59 -2.69
N GLU B 3389 87.43 76.06 -2.89
CA GLU B 3389 88.65 76.87 -3.01
C GLU B 3389 88.65 77.51 -4.40
N GLY B 3390 87.91 78.60 -4.53
CA GLY B 3390 87.71 79.24 -5.81
C GLY B 3390 86.25 79.61 -5.96
N GLU B 3391 85.39 78.91 -5.21
CA GLU B 3391 84.00 79.32 -5.14
C GLU B 3391 83.89 80.71 -4.51
N LEU B 3392 84.65 80.97 -3.45
CA LEU B 3392 84.71 82.34 -2.92
C LEU B 3392 85.33 83.33 -3.91
N LEU B 3393 86.17 82.84 -4.83
CA LEU B 3393 86.75 83.71 -5.86
C LEU B 3393 85.68 84.14 -6.86
N VAL B 3394 84.89 83.17 -7.34
CA VAL B 3394 83.81 83.54 -8.26
C VAL B 3394 82.70 84.27 -7.53
N ARG B 3395 82.52 84.02 -6.22
CA ARG B 3395 81.61 84.84 -5.41
C ARG B 3395 82.07 86.30 -5.35
N ASP B 3396 83.38 86.52 -5.20
CA ASP B 3396 83.93 87.87 -5.28
C ASP B 3396 83.71 88.49 -6.65
N GLU B 3397 83.88 87.67 -7.71
CA GLU B 3397 83.62 88.15 -9.07
C GLU B 3397 82.14 88.48 -9.25
N PHE B 3398 81.26 87.72 -8.61
CA PHE B 3398 79.84 88.05 -8.60
C PHE B 3398 79.61 89.38 -7.89
N SER B 3399 80.28 89.61 -6.75
CA SER B 3399 80.07 90.83 -5.97
C SER B 3399 80.52 92.08 -6.73
N VAL B 3400 81.66 92.00 -7.42
CA VAL B 3400 82.11 93.14 -8.22
C VAL B 3400 81.21 93.31 -9.43
N LEU B 3401 80.78 92.20 -10.06
CA LEU B 3401 79.86 92.31 -11.20
C LEU B 3401 78.50 92.87 -10.78
N CYS B 3402 78.05 92.55 -9.56
CA CYS B 3402 76.86 93.16 -8.99
C CYS B 3402 77.02 94.67 -8.82
N ARG B 3403 78.18 95.10 -8.34
CA ARG B 3403 78.44 96.54 -8.22
C ARG B 3403 78.48 97.23 -9.58
N ASP B 3404 79.09 96.58 -10.58
CA ASP B 3404 79.17 97.16 -11.91
C ASP B 3404 77.80 97.21 -12.59
N LEU B 3405 77.01 96.15 -12.42
CA LEU B 3405 75.67 96.13 -13.03
C LEU B 3405 74.76 97.14 -12.35
N TYR B 3406 74.74 97.15 -11.01
CA TYR B 3406 73.83 98.02 -10.29
C TYR B 3406 74.29 99.48 -10.31
N ALA B 3407 75.49 99.78 -10.79
CA ALA B 3407 75.87 101.17 -10.98
C ALA B 3407 75.55 101.69 -12.36
N LEU B 3408 75.26 100.80 -13.31
CA LEU B 3408 74.97 101.17 -14.69
C LEU B 3408 73.51 101.01 -15.06
N TYR B 3409 72.80 100.08 -14.41
CA TYR B 3409 71.37 99.90 -14.67
C TYR B 3409 70.50 101.13 -14.36
N PRO B 3410 70.60 101.81 -13.19
CA PRO B 3410 69.78 103.03 -13.01
C PRO B 3410 70.03 104.11 -14.05
N LEU B 3411 71.26 104.20 -14.55
CA LEU B 3411 71.57 105.12 -15.64
C LEU B 3411 70.97 104.63 -16.95
N LEU B 3412 71.05 103.33 -17.23
CA LEU B 3412 70.52 102.79 -18.48
C LEU B 3412 69.00 102.88 -18.54
N ILE B 3413 68.32 102.62 -17.42
CA ILE B 3413 66.86 102.56 -17.37
C ILE B 3413 66.24 103.90 -17.76
N ARG B 3414 66.77 104.99 -17.20
CA ARG B 3414 66.27 106.33 -17.52
C ARG B 3414 66.48 106.66 -18.99
N TYR B 3415 67.59 106.19 -19.56
CA TYR B 3415 67.85 106.42 -20.98
C TYR B 3415 67.00 105.52 -21.86
N VAL B 3416 66.77 104.28 -21.40
CA VAL B 3416 65.92 103.34 -22.15
C VAL B 3416 64.49 103.87 -22.22
N ASP B 3417 63.95 104.27 -21.07
CA ASP B 3417 62.57 104.74 -20.98
C ASP B 3417 62.35 106.01 -21.80
N ASN B 3418 63.35 106.91 -21.81
CA ASN B 3418 63.20 108.19 -22.48
C ASN B 3418 63.05 108.02 -24.00
N ASN B 3419 63.74 107.05 -24.58
CA ASN B 3419 63.76 106.87 -26.02
C ASN B 3419 63.27 105.50 -26.46
N ARG B 3420 62.57 104.77 -25.58
CA ARG B 3420 61.92 103.53 -26.00
C ARG B 3420 60.84 103.80 -27.03
N ALA B 3421 60.14 104.93 -26.88
CA ALA B 3421 59.11 105.30 -27.83
C ALA B 3421 59.71 105.50 -29.22
N HIS B 3422 60.85 106.20 -29.29
CA HIS B 3422 61.50 106.43 -30.57
CA HIS B 3422 61.50 106.43 -30.58
C HIS B 3422 62.02 105.13 -31.18
N TRP B 3423 62.62 104.26 -30.35
CA TRP B 3423 63.12 102.98 -30.86
C TRP B 3423 61.99 102.07 -31.35
N LEU B 3424 60.83 102.14 -30.72
CA LEU B 3424 59.69 101.36 -31.21
C LEU B 3424 59.09 101.97 -32.47
N THR B 3425 58.98 103.32 -32.52
CA THR B 3425 58.42 104.00 -33.68
C THR B 3425 59.27 103.78 -34.92
N GLU B 3426 60.58 103.92 -34.80
CA GLU B 3426 61.51 103.65 -35.90
C GLU B 3426 62.54 102.67 -35.36
N PRO B 3427 62.71 101.50 -35.99
CA PRO B 3427 63.69 100.52 -35.51
C PRO B 3427 65.12 101.05 -35.54
N ASN B 3428 65.87 100.70 -34.49
CA ASN B 3428 67.22 101.20 -34.28
C ASN B 3428 68.12 100.00 -33.99
N ALA B 3429 68.98 99.65 -34.95
CA ALA B 3429 69.93 98.54 -34.79
C ALA B 3429 70.85 98.72 -33.60
N ASN B 3430 71.15 99.96 -33.22
CA ASN B 3430 71.92 100.24 -32.01
C ASN B 3430 71.19 99.77 -30.77
N ALA B 3431 69.88 100.02 -30.68
CA ALA B 3431 69.12 99.47 -29.55
C ALA B 3431 68.89 97.97 -29.70
N GLU B 3432 68.87 97.48 -30.94
CA GLU B 3432 68.73 96.04 -31.19
C GLU B 3432 69.90 95.27 -30.60
N GLU B 3433 71.11 95.77 -30.84
CA GLU B 3433 72.29 95.09 -30.34
C GLU B 3433 72.32 95.17 -28.82
N LEU B 3434 71.81 96.28 -28.26
CA LEU B 3434 71.74 96.44 -26.81
C LEU B 3434 70.80 95.40 -26.22
N PHE B 3435 69.69 95.12 -26.92
CA PHE B 3435 68.76 94.10 -26.46
C PHE B 3435 69.44 92.73 -26.48
N ARG B 3436 70.21 92.45 -27.54
CA ARG B 3436 70.92 91.18 -27.62
C ARG B 3436 71.90 91.03 -26.47
N MET B 3437 72.55 92.13 -26.07
CA MET B 3437 73.52 92.09 -25.00
C MET B 3437 72.84 91.86 -23.65
N VAL B 3438 71.79 92.64 -23.36
CA VAL B 3438 71.15 92.58 -22.05
C VAL B 3438 70.41 91.27 -21.88
N GLY B 3439 69.90 90.70 -22.98
CA GLY B 3439 69.20 89.44 -22.89
C GLY B 3439 70.13 88.33 -22.44
N GLU B 3440 71.35 88.30 -23.01
CA GLU B 3440 72.30 87.27 -22.63
C GLU B 3440 72.79 87.48 -21.20
N ILE B 3441 72.91 88.75 -20.77
CA ILE B 3441 73.24 89.04 -19.37
C ILE B 3441 72.18 88.46 -18.43
N PHE B 3442 70.90 88.63 -18.80
CA PHE B 3442 69.82 88.02 -18.02
C PHE B 3442 69.85 86.49 -18.11
N ILE B 3443 70.26 85.95 -19.27
CA ILE B 3443 70.35 84.49 -19.44
C ILE B 3443 71.35 83.92 -18.45
N TYR B 3444 72.53 84.58 -18.36
CA TYR B 3444 73.56 84.14 -17.44
C TYR B 3444 73.08 84.29 -15.99
N TRP B 3445 72.40 85.39 -15.69
CA TRP B 3445 71.91 85.60 -14.32
C TRP B 3445 70.89 84.54 -13.91
N SER B 3446 70.00 84.17 -14.84
CA SER B 3446 69.04 83.10 -14.62
C SER B 3446 69.73 81.75 -14.44
N LYS B 3447 70.76 81.47 -15.24
CA LYS B 3447 71.46 80.19 -15.13
C LYS B 3447 72.29 80.11 -13.85
N SER B 3448 72.90 81.21 -13.45
CA SER B 3448 73.82 81.23 -12.31
C SER B 3448 73.05 81.70 -11.08
N HIS B 3449 72.41 80.74 -10.41
CA HIS B 3449 71.72 81.03 -9.15
C HIS B 3449 72.68 81.43 -8.04
N ASN B 3450 73.96 81.08 -8.15
CA ASN B 3450 74.98 81.60 -7.25
C ASN B 3450 75.10 83.12 -7.39
N PHE B 3451 75.13 83.62 -8.63
CA PHE B 3451 75.14 85.06 -8.88
C PHE B 3451 73.89 85.75 -8.34
N LYS B 3452 72.76 85.01 -8.30
CA LYS B 3452 71.55 85.54 -7.69
C LYS B 3452 71.78 85.79 -6.21
N ARG B 3453 72.48 84.87 -5.52
CA ARG B 3453 72.63 84.94 -4.07
C ARG B 3453 73.37 86.21 -3.67
N GLU B 3454 74.46 86.52 -4.37
CA GLU B 3454 75.11 87.77 -4.03
C GLU B 3454 74.45 88.97 -4.68
N GLU B 3455 73.45 88.78 -5.54
CA GLU B 3455 72.69 89.95 -5.99
C GLU B 3455 71.90 90.54 -4.82
N GLN B 3456 71.13 89.69 -4.10
CA GLN B 3456 70.47 90.21 -2.90
C GLN B 3456 71.47 90.51 -1.79
N ASN B 3457 72.60 89.79 -1.72
CA ASN B 3457 73.60 90.13 -0.71
C ASN B 3457 74.14 91.54 -0.90
N PHE B 3458 74.42 91.91 -2.17
CA PHE B 3458 74.82 93.26 -2.51
C PHE B 3458 73.71 94.26 -2.22
N VAL B 3459 72.45 93.85 -2.42
CA VAL B 3459 71.33 94.76 -2.17
C VAL B 3459 71.19 95.04 -0.68
N VAL B 3460 71.19 94.00 0.15
CA VAL B 3460 70.98 94.18 1.58
C VAL B 3460 72.19 94.87 2.21
N GLN B 3461 73.41 94.53 1.77
CA GLN B 3461 74.60 95.07 2.41
C GLN B 3461 75.00 96.43 1.87
N ASN B 3462 74.36 96.90 0.79
CA ASN B 3462 74.58 98.26 0.33
C ASN B 3462 73.33 99.13 0.42
N GLU B 3463 72.25 98.60 1.02
CA GLU B 3463 70.95 99.28 1.14
C GLU B 3463 70.41 99.75 -0.21
N ILE B 3464 70.53 98.89 -1.22
CA ILE B 3464 70.00 99.17 -2.54
C ILE B 3464 68.48 99.13 -2.45
N ASN B 3465 67.86 100.31 -2.44
CA ASN B 3465 66.41 100.41 -2.24
C ASN B 3465 65.65 99.87 -3.43
N ASN B 3466 66.14 100.13 -4.66
CA ASN B 3466 65.59 99.75 -5.97
C ASN B 3466 64.27 100.44 -6.32
N MET B 3467 63.68 101.18 -5.38
CA MET B 3467 62.46 101.91 -5.65
C MET B 3467 62.74 103.23 -6.36
N SER B 3468 63.80 103.94 -5.96
CA SER B 3468 64.14 105.20 -6.60
C SER B 3468 64.63 104.98 -8.03
N PHE B 3469 65.29 103.85 -8.29
CA PHE B 3469 65.83 103.58 -9.62
C PHE B 3469 64.73 103.39 -10.66
N LEU B 3470 63.51 103.04 -10.23
CA LEU B 3470 62.37 102.92 -11.12
C LEU B 3470 61.40 104.07 -11.01
N THR B 3471 61.35 104.76 -9.88
CA THR B 3471 60.47 105.92 -9.68
C THR B 3471 61.17 107.26 -9.85
N ALA B 3472 62.40 107.29 -10.35
CA ALA B 3472 63.06 108.56 -10.63
C ALA B 3472 62.32 109.38 -11.69
N ASP B 3473 61.83 108.71 -12.74
CA ASP B 3473 60.94 109.35 -13.70
C ASP B 3473 59.63 109.78 -13.05
N SER B 3474 59.08 108.94 -12.15
CA SER B 3474 57.81 109.26 -11.52
C SER B 3474 57.93 110.51 -10.65
N LYS B 3475 59.02 110.61 -9.88
CA LYS B 3475 59.24 111.78 -9.06
C LYS B 3475 59.54 113.00 -9.93
N SER B 3476 60.27 112.80 -11.04
CA SER B 3476 60.61 113.94 -11.90
C SER B 3476 59.41 114.47 -12.66
N LYS B 3477 58.35 113.69 -12.80
CA LYS B 3477 57.17 114.13 -13.56
C LYS B 3477 56.05 114.64 -12.66
N MET B 3478 56.30 114.73 -11.35
CA MET B 3478 55.36 115.25 -10.35
C MET B 3478 54.04 114.47 -10.35
N ALA B 3479 54.14 113.19 -10.04
CA ALA B 3479 52.97 112.32 -9.98
C ALA B 3479 52.28 112.40 -8.62
N ARG B 3498 58.71 97.64 3.85
CA ARG B 3498 57.46 97.07 4.28
C ARG B 3498 57.43 95.56 4.02
N ARG B 3499 56.82 95.16 2.89
CA ARG B 3499 56.73 93.74 2.56
C ARG B 3499 58.02 93.23 1.92
N GLY B 3500 58.39 93.77 0.76
CA GLY B 3500 59.58 93.33 0.07
C GLY B 3500 60.58 94.44 -0.17
N ASP B 3501 60.65 95.40 0.76
CA ASP B 3501 61.58 96.52 0.64
C ASP B 3501 63.03 96.04 0.71
N ARG B 3502 63.31 95.06 1.58
CA ARG B 3502 64.68 94.58 1.77
C ARG B 3502 65.25 93.96 0.49
N TYR B 3503 64.48 93.08 -0.14
CA TYR B 3503 64.79 92.54 -1.46
C TYR B 3503 63.53 91.90 -2.01
N SER B 3504 63.41 91.91 -3.34
CA SER B 3504 62.31 91.30 -4.06
C SER B 3504 62.76 91.07 -5.49
N VAL B 3505 62.29 89.97 -6.08
CA VAL B 3505 62.58 89.67 -7.49
C VAL B 3505 61.92 90.71 -8.38
N GLN B 3506 60.74 91.21 -7.99
CA GLN B 3506 60.01 92.23 -8.75
C GLN B 3506 60.80 93.52 -8.88
N THR B 3507 61.61 93.88 -7.89
CA THR B 3507 62.43 95.08 -7.93
C THR B 3507 63.88 94.82 -8.32
N SER B 3508 64.21 93.61 -8.77
CA SER B 3508 65.55 93.32 -9.25
C SER B 3508 65.82 94.13 -10.50
N LEU B 3509 66.95 94.84 -10.53
CA LEU B 3509 67.22 95.73 -11.66
C LEU B 3509 67.56 94.98 -12.94
N ILE B 3510 68.01 93.73 -12.83
CA ILE B 3510 68.30 92.91 -14.01
C ILE B 3510 67.01 92.60 -14.77
N VAL B 3511 65.96 92.23 -14.03
CA VAL B 3511 64.72 91.92 -14.71
C VAL B 3511 63.98 93.21 -15.04
N ALA B 3512 64.10 94.24 -14.20
CA ALA B 3512 63.41 95.51 -14.44
C ALA B 3512 63.89 96.12 -15.75
N THR B 3513 65.22 96.10 -15.98
CA THR B 3513 65.75 96.58 -17.24
C THR B 3513 65.44 95.62 -18.38
N LEU B 3514 65.38 94.31 -18.10
CA LEU B 3514 65.00 93.35 -19.12
C LEU B 3514 63.59 93.61 -19.62
N LYS B 3515 62.65 93.83 -18.70
CA LYS B 3515 61.27 94.13 -19.05
C LYS B 3515 61.20 95.44 -19.84
N LYS B 3516 61.89 96.49 -19.33
CA LYS B 3516 61.86 97.79 -19.98
C LYS B 3516 62.50 97.75 -21.38
N MET B 3517 63.33 96.75 -21.68
CA MET B 3517 63.89 96.59 -23.01
C MET B 3517 63.14 95.54 -23.85
N LEU B 3518 62.24 94.78 -23.23
CA LEU B 3518 61.49 93.74 -23.95
C LEU B 3518 60.70 94.19 -25.18
N PRO B 3519 59.95 95.32 -25.20
CA PRO B 3519 59.23 95.68 -26.45
C PRO B 3519 60.12 95.83 -27.67
N ILE B 3520 61.35 96.30 -27.48
CA ILE B 3520 62.31 96.41 -28.58
C ILE B 3520 62.62 95.02 -29.13
N GLY B 3521 62.85 94.05 -28.24
CA GLY B 3521 63.11 92.70 -28.68
C GLY B 3521 61.90 92.07 -29.33
N LEU B 3522 60.71 92.40 -28.85
CA LEU B 3522 59.49 91.90 -29.48
C LEU B 3522 59.28 92.52 -30.86
N ASN B 3523 59.90 93.68 -31.12
CA ASN B 3523 59.81 94.33 -32.42
C ASN B 3523 60.66 93.64 -33.49
N MET B 3524 61.51 92.67 -33.12
CA MET B 3524 62.39 92.04 -34.10
C MET B 3524 61.62 91.17 -35.08
N CYS B 3525 60.72 90.34 -34.56
CA CYS B 3525 60.13 89.28 -35.36
C CYS B 3525 58.85 89.72 -36.04
N ALA B 3526 58.49 88.99 -37.09
CA ALA B 3526 57.24 89.19 -37.81
C ALA B 3526 56.12 88.50 -37.05
N PRO B 3527 54.87 88.95 -37.24
CA PRO B 3527 53.74 88.27 -36.59
C PRO B 3527 53.58 86.80 -36.93
N THR B 3528 53.94 86.37 -38.15
CA THR B 3528 53.87 84.96 -38.52
C THR B 3528 54.88 84.09 -37.79
N ASP B 3529 55.85 84.68 -37.11
CA ASP B 3529 56.87 83.94 -36.38
C ASP B 3529 56.40 83.42 -35.03
N GLN B 3530 55.15 83.70 -34.63
CA GLN B 3530 54.65 83.36 -33.29
C GLN B 3530 54.66 81.85 -33.06
N ASP B 3531 54.32 81.06 -34.08
CA ASP B 3531 54.48 79.61 -34.00
C ASP B 3531 55.95 79.23 -33.80
N LEU B 3532 56.86 79.92 -34.49
CA LEU B 3532 58.29 79.64 -34.32
C LEU B 3532 58.74 79.94 -32.90
N ILE B 3533 58.23 81.03 -32.32
CA ILE B 3533 58.52 81.36 -30.91
C ILE B 3533 58.02 80.26 -29.99
N MET B 3534 56.81 79.76 -30.25
CA MET B 3534 56.25 78.69 -29.41
C MET B 3534 57.10 77.40 -29.51
N LEU B 3535 57.51 77.04 -30.74
CA LEU B 3535 58.35 75.86 -30.94
C LEU B 3535 59.69 76.01 -30.26
N ALA B 3536 60.33 77.17 -30.40
CA ALA B 3536 61.61 77.40 -29.75
C ALA B 3536 61.45 77.41 -28.24
N LYS B 3537 60.35 78.00 -27.75
CA LYS B 3537 60.10 78.08 -26.31
C LYS B 3537 59.98 76.70 -25.71
N THR B 3538 59.21 75.82 -26.36
CA THR B 3538 59.03 74.49 -25.79
C THR B 3538 60.31 73.67 -25.91
N ARG B 3539 61.12 73.87 -26.96
CA ARG B 3539 62.38 73.15 -27.01
C ARG B 3539 63.35 73.66 -25.94
N TYR B 3540 63.31 74.97 -25.64
CA TYR B 3540 64.06 75.49 -24.50
C TYR B 3540 63.59 74.87 -23.20
N ALA B 3541 62.26 74.66 -23.07
CA ALA B 3541 61.73 74.01 -21.88
C ALA B 3541 62.17 72.56 -21.78
N LEU B 3542 62.48 71.92 -22.91
CA LEU B 3542 62.97 70.55 -22.91
C LEU B 3542 64.49 70.46 -22.86
N LYS B 3543 65.15 71.47 -22.28
CA LYS B 3543 66.59 71.52 -22.00
C LYS B 3543 67.43 71.38 -23.26
N ASP B 3544 67.31 72.38 -24.14
CA ASP B 3544 68.10 72.44 -25.36
C ASP B 3544 68.95 73.71 -25.36
N THR B 3545 70.13 73.62 -25.95
CA THR B 3545 71.00 74.79 -26.04
C THR B 3545 70.56 75.67 -27.21
N ASP B 3546 71.21 76.83 -27.33
CA ASP B 3546 70.85 77.79 -28.38
C ASP B 3546 71.12 77.25 -29.78
N GLU B 3547 72.17 76.43 -29.93
CA GLU B 3547 72.45 75.87 -31.26
C GLU B 3547 71.35 74.88 -31.63
N GLU B 3548 70.89 74.09 -30.66
CA GLU B 3548 69.91 73.05 -30.93
C GLU B 3548 68.62 73.66 -31.44
N VAL B 3549 68.13 74.70 -30.77
CA VAL B 3549 66.88 75.34 -31.19
C VAL B 3549 67.09 76.05 -32.53
N ARG B 3550 68.31 76.57 -32.79
CA ARG B 3550 68.58 77.22 -34.08
C ARG B 3550 68.44 76.24 -35.24
N GLU B 3551 69.11 75.09 -35.14
CA GLU B 3551 68.98 74.11 -36.22
C GLU B 3551 67.63 73.39 -36.20
N PHE B 3552 66.94 73.34 -35.06
CA PHE B 3552 65.54 72.92 -35.05
C PHE B 3552 64.66 73.85 -35.88
N LEU B 3553 64.88 75.16 -35.74
CA LEU B 3553 64.19 76.12 -36.61
C LEU B 3553 64.60 75.94 -38.07
N GLN B 3554 65.86 75.58 -38.31
CA GLN B 3554 66.30 75.29 -39.67
C GLN B 3554 65.59 74.07 -40.25
N ASN B 3555 65.26 73.10 -39.40
CA ASN B 3555 64.45 71.97 -39.84
C ASN B 3555 62.99 72.36 -40.00
N ASN B 3556 62.54 73.36 -39.25
CA ASN B 3556 61.14 73.78 -39.27
C ASN B 3556 60.99 75.19 -39.80
N LEU B 3557 61.70 75.50 -40.88
CA LEU B 3557 61.69 76.84 -41.49
C LEU B 3557 60.32 77.23 -42.02
N HIS B 3558 59.52 76.26 -42.46
CA HIS B 3558 58.24 76.53 -43.10
C HIS B 3558 57.09 76.57 -42.13
N LEU B 3559 57.34 76.45 -40.82
CA LEU B 3559 56.28 76.38 -39.81
C LEU B 3559 55.82 77.76 -39.35
N GLN B 3560 56.06 78.81 -40.13
CA GLN B 3560 55.58 80.13 -39.79
C GLN B 3560 54.07 80.21 -39.99
N GLY B 3561 53.48 81.26 -39.43
CA GLY B 3561 52.05 81.49 -39.60
C GLY B 3561 51.69 81.91 -41.01
N LYS B 3562 50.39 81.85 -41.29
CA LYS B 3562 49.83 82.24 -42.58
C LYS B 3562 48.77 83.30 -42.35
N VAL B 3563 48.86 84.40 -43.10
CA VAL B 3563 47.96 85.54 -42.92
C VAL B 3563 46.54 85.20 -43.35
N GLU B 3564 46.37 84.29 -44.32
CA GLU B 3564 45.04 83.89 -44.75
C GLU B 3564 44.30 83.10 -43.68
N GLY B 3565 45.03 82.41 -42.80
CA GLY B 3565 44.40 81.57 -41.80
C GLY B 3565 43.83 82.29 -40.60
N SER B 3566 44.22 83.55 -40.38
CA SER B 3566 43.74 84.30 -39.24
C SER B 3566 43.55 85.77 -39.63
N PRO B 3567 42.36 86.34 -39.41
CA PRO B 3567 42.14 87.76 -39.71
C PRO B 3567 42.99 88.72 -38.88
N SER B 3568 43.48 88.27 -37.72
CA SER B 3568 44.31 89.10 -36.85
C SER B 3568 45.61 89.49 -37.55
N LEU B 3569 46.20 88.53 -38.27
CA LEU B 3569 47.48 88.76 -38.94
C LEU B 3569 47.36 89.80 -40.04
N ARG B 3570 46.16 89.95 -40.63
CA ARG B 3570 45.99 90.91 -41.72
C ARG B 3570 46.23 92.33 -41.24
N TRP B 3571 45.61 92.71 -40.11
CA TRP B 3571 45.86 94.03 -39.57
C TRP B 3571 47.21 94.11 -38.90
N GLN B 3572 47.75 92.95 -38.44
CA GLN B 3572 49.07 92.97 -37.85
C GLN B 3572 50.11 93.31 -38.91
N MET B 3573 50.06 92.63 -40.06
CA MET B 3573 51.00 92.92 -41.15
C MET B 3573 50.79 94.33 -41.67
N ALA B 3574 49.52 94.75 -41.82
CA ALA B 3574 49.19 96.10 -42.26
C ALA B 3574 49.73 97.20 -41.33
N LEU B 3575 49.95 96.90 -40.06
CA LEU B 3575 50.61 97.85 -39.18
C LEU B 3575 52.12 97.62 -39.05
N TYR B 3576 52.55 96.37 -38.97
CA TYR B 3576 53.95 95.99 -38.78
C TYR B 3576 54.80 96.35 -39.98
N ARG B 3577 54.33 96.10 -41.19
CA ARG B 3577 55.10 96.38 -42.38
C ARG B 3577 54.94 97.81 -42.89
N GLY B 3578 54.16 98.63 -42.19
CA GLY B 3578 54.10 100.03 -42.54
C GLY B 3578 55.22 100.85 -41.95
N LEU B 3579 56.06 100.24 -41.10
CA LEU B 3579 57.18 100.94 -40.49
C LEU B 3579 58.22 101.31 -41.53
N PRO B 3580 58.78 102.53 -41.46
CA PRO B 3580 59.86 102.91 -42.40
C PRO B 3580 61.10 102.03 -42.31
N GLY B 3581 61.42 101.50 -41.12
CA GLY B 3581 62.61 100.69 -40.97
C GLY B 3581 62.47 99.24 -41.38
N ARG B 3582 61.31 98.84 -41.88
CA ARG B 3582 61.11 97.46 -42.31
C ARG B 3582 61.66 97.24 -43.71
N GLU B 3583 62.48 96.21 -43.85
CA GLU B 3583 62.97 95.78 -45.16
C GLU B 3583 62.38 94.41 -45.46
N GLU B 3584 61.73 94.28 -46.61
CA GLU B 3584 61.02 93.05 -46.97
C GLU B 3584 61.97 91.92 -47.35
N ASP B 3585 63.23 92.22 -47.66
CA ASP B 3585 64.23 91.20 -47.93
C ASP B 3585 65.17 90.97 -46.76
N ALA B 3586 64.99 91.69 -45.65
CA ALA B 3586 65.76 91.47 -44.42
C ALA B 3586 65.35 90.21 -43.67
N ASP B 3587 64.26 89.54 -44.08
CA ASP B 3587 63.79 88.32 -43.44
C ASP B 3587 64.52 87.07 -43.96
N ASP B 3588 65.85 87.12 -43.87
CA ASP B 3588 66.68 86.01 -44.33
C ASP B 3588 66.45 84.80 -43.44
N PRO B 3589 66.54 83.58 -44.00
CA PRO B 3589 66.31 82.36 -43.20
C PRO B 3589 67.21 82.21 -41.98
N GLU B 3590 68.46 82.65 -42.07
CA GLU B 3590 69.32 82.67 -40.90
C GLU B 3590 69.00 83.83 -39.96
N LYS B 3591 68.63 85.00 -40.52
CA LYS B 3591 68.33 86.16 -39.69
C LYS B 3591 67.11 85.93 -38.82
N ILE B 3592 66.06 85.33 -39.39
CA ILE B 3592 64.82 85.14 -38.67
C ILE B 3592 65.02 84.14 -37.52
N VAL B 3593 65.78 83.07 -37.78
CA VAL B 3593 65.98 82.06 -36.74
C VAL B 3593 66.85 82.63 -35.63
N ARG B 3594 67.82 83.50 -35.98
CA ARG B 3594 68.65 84.11 -34.94
C ARG B 3594 67.83 85.01 -34.03
N ARG B 3595 67.04 85.93 -34.61
CA ARG B 3595 66.25 86.85 -33.78
C ARG B 3595 65.15 86.12 -32.99
N VAL B 3596 64.56 85.08 -33.60
CA VAL B 3596 63.61 84.22 -32.89
C VAL B 3596 64.29 83.54 -31.70
N GLN B 3597 65.49 82.99 -31.90
CA GLN B 3597 66.23 82.34 -30.81
C GLN B 3597 66.55 83.32 -29.70
N GLU B 3598 66.96 84.54 -30.08
CA GLU B 3598 67.32 85.57 -29.11
C GLU B 3598 66.15 85.95 -28.23
N VAL B 3599 64.96 86.10 -28.82
CA VAL B 3599 63.85 86.46 -27.96
C VAL B 3599 63.25 85.24 -27.26
N SER B 3600 63.40 84.04 -27.85
CA SER B 3600 62.84 82.82 -27.29
C SER B 3600 63.49 82.48 -25.96
N ALA B 3601 64.83 82.52 -25.91
CA ALA B 3601 65.52 82.24 -24.67
C ALA B 3601 65.21 83.29 -23.60
N VAL B 3602 65.14 84.56 -24.01
CA VAL B 3602 64.85 85.66 -23.09
C VAL B 3602 63.48 85.47 -22.44
N LEU B 3603 62.45 85.23 -23.26
CA LEU B 3603 61.10 85.02 -22.74
C LEU B 3603 61.00 83.76 -21.90
N TYR B 3604 61.65 82.67 -22.34
CA TYR B 3604 61.60 81.41 -21.61
C TYR B 3604 62.20 81.54 -20.22
N HIS B 3605 63.37 82.18 -20.12
CA HIS B 3605 63.96 82.37 -18.80
C HIS B 3605 63.17 83.39 -18.01
N LEU B 3606 62.54 84.35 -18.69
CA LEU B 3606 61.78 85.38 -17.99
C LEU B 3606 60.59 84.75 -17.29
N GLU B 3607 59.85 83.87 -17.96
CA GLU B 3607 58.74 83.21 -17.28
C GLU B 3607 59.24 82.23 -16.22
N GLN B 3608 60.45 81.68 -16.40
CA GLN B 3608 61.02 80.76 -15.40
C GLN B 3608 61.34 81.49 -14.11
N THR B 3609 61.80 82.74 -14.21
CA THR B 3609 62.09 83.51 -13.00
C THR B 3609 60.86 84.26 -12.48
N GLU B 3610 59.89 84.58 -13.35
CA GLU B 3610 58.67 85.24 -12.91
C GLU B 3610 57.77 84.29 -12.13
N HIS B 3611 57.77 83.00 -12.45
CA HIS B 3611 57.03 82.03 -11.66
C HIS B 3611 58.04 81.08 -11.04
N PRO B 3612 58.29 81.19 -9.74
CA PRO B 3612 59.36 80.40 -9.09
C PRO B 3612 59.22 78.88 -9.07
N TYR B 3613 58.02 78.34 -8.79
CA TYR B 3613 57.70 76.88 -8.81
C TYR B 3613 58.66 76.09 -7.92
N LYS B 3614 58.98 76.64 -6.74
CA LYS B 3614 60.06 76.10 -5.91
C LYS B 3614 59.60 75.34 -4.67
N SER B 3615 58.33 75.01 -4.54
CA SER B 3615 57.90 74.43 -3.27
C SER B 3615 57.41 73.00 -3.51
N LYS B 3616 56.83 72.40 -2.45
CA LYS B 3616 56.17 71.09 -2.29
C LYS B 3616 57.19 70.04 -1.85
N LYS B 3617 58.37 70.47 -1.41
CA LYS B 3617 59.40 69.56 -0.93
C LYS B 3617 59.78 69.75 0.52
N ALA B 3618 59.93 70.99 0.98
CA ALA B 3618 60.33 71.29 2.36
C ALA B 3618 59.31 72.25 2.95
N VAL B 3619 58.23 71.68 3.49
CA VAL B 3619 57.11 72.42 4.06
C VAL B 3619 56.88 71.85 5.45
N TRP B 3620 56.37 72.70 6.36
CA TRP B 3620 56.06 72.41 7.76
C TRP B 3620 55.29 71.10 7.90
N HIS B 3621 55.91 70.13 8.59
CA HIS B 3621 55.33 68.81 8.75
C HIS B 3621 55.01 68.44 10.20
N LYS B 3622 55.46 69.24 11.16
CA LYS B 3622 55.25 69.08 12.62
C LYS B 3622 55.45 67.63 13.12
N LEU B 3623 56.66 67.12 12.84
CA LEU B 3623 57.08 65.78 13.26
C LEU B 3623 56.95 65.60 14.78
N LEU B 3624 57.71 66.38 15.54
CA LEU B 3624 57.56 66.40 17.00
C LEU B 3624 57.70 67.80 17.58
N SER B 3625 57.61 68.84 16.74
CA SER B 3625 57.80 70.21 17.22
C SER B 3625 56.62 70.69 18.07
N LYS B 3626 55.40 70.24 17.76
CA LYS B 3626 54.23 70.72 18.49
C LYS B 3626 54.21 70.22 19.93
N GLN B 3627 54.64 68.97 20.15
CA GLN B 3627 54.56 68.36 21.47
C GLN B 3627 55.90 68.26 22.19
N ARG B 3628 57.03 68.34 21.49
CA ARG B 3628 58.34 68.12 22.09
C ARG B 3628 59.33 69.21 21.68
N ARG B 3629 58.86 70.47 21.63
CA ARG B 3629 59.80 71.56 21.42
C ARG B 3629 60.59 71.84 22.69
N ARG B 3630 59.99 71.57 23.84
CA ARG B 3630 60.70 71.64 25.12
C ARG B 3630 61.79 70.57 25.24
N ALA B 3631 61.71 69.50 24.45
CA ALA B 3631 62.62 68.37 24.58
C ALA B 3631 64.07 68.76 24.27
N VAL B 3632 64.29 69.51 23.18
CA VAL B 3632 65.66 69.91 22.82
C VAL B 3632 66.23 70.90 23.83
N VAL B 3633 65.41 71.86 24.29
CA VAL B 3633 65.87 72.86 25.27
C VAL B 3633 66.20 72.17 26.59
N ALA B 3634 65.33 71.24 27.00
CA ALA B 3634 65.56 70.47 28.22
C ALA B 3634 66.83 69.65 28.07
N CYS B 3635 67.00 68.95 26.94
CA CYS B 3635 68.14 68.06 26.76
C CYS B 3635 69.46 68.83 26.82
N PHE B 3636 69.50 70.00 26.18
CA PHE B 3636 70.70 70.85 26.23
C PHE B 3636 70.94 71.47 27.60
N ARG B 3637 69.90 71.64 28.44
CA ARG B 3637 70.09 72.39 29.68
C ARG B 3637 70.03 71.56 30.95
N MET B 3638 69.49 70.35 30.90
CA MET B 3638 69.25 69.50 32.05
C MET B 3638 70.54 68.99 32.66
N THR B 3639 70.38 68.40 33.83
CA THR B 3639 71.49 68.12 34.72
C THR B 3639 72.31 66.94 34.19
N PRO B 3640 73.63 67.10 34.05
CA PRO B 3640 74.49 65.95 33.79
C PRO B 3640 74.60 65.08 35.03
N LEU B 3641 75.10 63.85 34.82
CA LEU B 3641 75.07 62.82 35.85
C LEU B 3641 75.90 63.20 37.08
N TYR B 3642 77.06 63.83 36.88
CA TYR B 3642 77.98 64.10 37.98
C TYR B 3642 77.44 65.10 39.00
N ASN B 3643 76.37 65.84 38.68
CA ASN B 3643 75.78 66.81 39.59
C ASN B 3643 74.63 66.25 40.42
N LEU B 3644 74.26 64.99 40.23
CA LEU B 3644 73.16 64.39 40.98
C LEU B 3644 73.60 64.04 42.41
N PRO B 3645 72.67 64.06 43.36
CA PRO B 3645 72.96 63.55 44.70
C PRO B 3645 73.30 62.07 44.64
N THR B 3646 74.17 61.65 45.56
CA THR B 3646 74.72 60.29 45.54
C THR B 3646 73.64 59.23 45.70
N HIS B 3647 72.69 59.44 46.62
CA HIS B 3647 71.61 58.46 46.81
C HIS B 3647 70.69 58.38 45.59
N ARG B 3648 70.38 59.52 44.96
CA ARG B 3648 69.54 59.51 43.77
C ARG B 3648 70.25 58.89 42.58
N ALA B 3649 71.57 59.01 42.54
CA ALA B 3649 72.33 58.34 41.49
C ALA B 3649 72.44 56.85 41.75
N CYS B 3650 72.66 56.47 43.01
CA CYS B 3650 72.84 55.07 43.37
C CYS B 3650 71.56 54.25 43.14
N ASN B 3651 70.39 54.83 43.45
CA ASN B 3651 69.13 54.11 43.21
C ASN B 3651 68.96 53.79 41.72
N MET B 3652 69.28 54.78 40.87
CA MET B 3652 69.24 54.60 39.42
C MET B 3652 70.24 53.56 38.99
N PHE B 3653 71.44 53.57 39.60
CA PHE B 3653 72.47 52.60 39.23
C PHE B 3653 72.01 51.20 39.58
N LEU B 3654 71.36 51.05 40.74
CA LEU B 3654 70.91 49.74 41.20
C LEU B 3654 69.90 49.15 40.24
N GLU B 3655 68.88 49.94 39.90
CA GLU B 3655 67.85 49.43 39.00
C GLU B 3655 68.36 49.26 37.57
N SER B 3656 69.39 50.00 37.17
CA SER B 3656 69.97 49.75 35.85
C SER B 3656 70.84 48.52 35.85
N TYR B 3657 71.59 48.33 36.95
CA TYR B 3657 72.51 47.20 37.09
C TYR B 3657 71.73 45.89 37.06
N LYS B 3658 70.62 45.81 37.78
CA LYS B 3658 69.87 44.56 37.80
C LYS B 3658 69.32 44.24 36.42
N ALA B 3659 68.84 45.26 35.71
CA ALA B 3659 68.26 45.09 34.38
C ALA B 3659 69.30 44.67 33.35
N ALA B 3660 70.56 45.10 33.52
CA ALA B 3660 71.57 44.86 32.51
C ALA B 3660 72.61 43.81 32.88
N TRP B 3661 72.68 43.38 34.13
CA TRP B 3661 73.70 42.41 34.54
C TRP B 3661 73.14 41.21 35.27
N ILE B 3662 72.01 41.39 35.95
CA ILE B 3662 71.38 40.33 36.72
C ILE B 3662 70.31 39.62 35.92
N LEU B 3663 69.39 40.38 35.32
CA LEU B 3663 68.37 39.79 34.45
C LEU B 3663 69.00 39.11 33.25
N THR B 3664 70.02 39.73 32.67
CA THR B 3664 70.73 39.15 31.52
C THR B 3664 71.45 37.85 31.88
N GLU B 3665 71.84 37.70 33.15
CA GLU B 3665 72.58 36.52 33.58
C GLU B 3665 71.72 35.26 33.48
N ASP B 3666 72.34 34.18 33.01
CA ASP B 3666 71.69 32.89 32.86
C ASP B 3666 72.25 31.91 33.88
N HIS B 3667 71.37 31.22 34.59
CA HIS B 3667 71.77 30.25 35.60
C HIS B 3667 70.84 29.05 35.49
N SER B 3668 71.35 27.95 34.94
CA SER B 3668 70.54 26.75 34.70
C SER B 3668 70.67 25.81 35.89
N PHE B 3669 69.75 25.96 36.84
CA PHE B 3669 69.67 25.11 38.02
C PHE B 3669 68.47 24.19 38.03
N GLU B 3670 67.59 24.33 37.03
CA GLU B 3670 66.33 23.58 37.00
C GLU B 3670 66.59 22.08 36.93
N ASP B 3671 67.54 21.66 36.11
CA ASP B 3671 67.80 20.23 36.01
C ASP B 3671 68.54 19.73 37.24
N ARG B 3672 69.26 20.61 37.94
CA ARG B 3672 70.07 20.13 39.04
C ARG B 3672 69.29 20.14 40.34
N MET B 3673 68.06 20.67 40.34
CA MET B 3673 67.22 20.31 41.48
C MET B 3673 66.63 18.93 41.25
N ILE B 3674 65.91 18.76 40.14
CA ILE B 3674 65.15 17.53 39.86
C ILE B 3674 66.05 16.29 39.79
N ASP B 3675 67.32 16.47 39.41
CA ASP B 3675 68.31 15.40 39.50
C ASP B 3675 68.52 14.97 40.94
N ASP B 3676 68.65 15.93 41.86
CA ASP B 3676 68.86 15.59 43.26
C ASP B 3676 67.58 15.07 43.88
N LEU B 3677 66.45 15.72 43.58
CA LEU B 3677 65.18 15.42 44.20
C LEU B 3677 64.59 14.10 43.73
N SER B 3678 65.09 13.54 42.63
CA SER B 3678 64.53 12.29 42.14
C SER B 3678 65.30 11.09 42.67
N LYS B 3679 66.31 11.31 43.50
CA LYS B 3679 67.14 10.24 44.02
C LYS B 3679 66.67 9.89 45.43
N ALA B 3680 66.22 8.65 45.61
CA ALA B 3680 65.87 8.13 46.92
C ALA B 3680 67.15 7.63 47.63
N GLY B 3681 67.97 8.60 48.02
CA GLY B 3681 69.29 8.28 48.56
C GLY B 3681 69.18 7.54 49.89
N GLU B 3682 70.13 6.61 50.10
CA GLU B 3682 70.31 5.77 51.28
C GLU B 3682 69.14 4.82 51.56
N GLN B 3683 68.08 4.86 50.73
CA GLN B 3683 66.97 3.96 50.92
C GLN B 3683 67.36 2.53 50.60
N GLU B 3684 68.29 2.34 49.65
CA GLU B 3684 68.84 1.01 49.38
C GLU B 3684 69.61 0.48 50.58
N GLU B 3685 70.28 1.39 51.31
CA GLU B 3685 70.88 1.03 52.60
C GLU B 3685 69.81 0.61 53.60
N GLU B 3686 68.68 1.33 53.63
CA GLU B 3686 67.60 1.00 54.55
C GLU B 3686 67.01 -0.38 54.25
N GLU B 3687 66.74 -0.67 52.97
CA GLU B 3687 66.11 -1.91 52.49
C GLU B 3687 64.82 -2.23 53.26
N GLU B 3688 63.84 -1.35 53.09
CA GLU B 3688 62.57 -1.51 53.80
C GLU B 3688 61.74 -2.64 53.21
N GLU B 3689 61.25 -3.51 54.09
CA GLU B 3689 60.45 -4.67 53.71
C GLU B 3689 59.14 -4.26 53.06
N VAL B 3690 58.52 -3.18 53.56
CA VAL B 3690 57.18 -2.77 53.15
C VAL B 3690 57.15 -2.44 51.66
N GLU B 3691 56.07 -2.91 51.00
CA GLU B 3691 55.85 -2.64 49.59
C GLU B 3691 55.66 -1.15 49.28
N GLU B 3692 54.93 -0.43 50.14
CA GLU B 3692 54.57 1.00 50.06
C GLU B 3692 55.62 1.90 49.39
N LYS B 3693 56.90 1.72 49.77
CA LYS B 3693 58.06 2.39 49.16
C LYS B 3693 57.92 3.91 49.24
N LYS B 3694 58.05 4.44 50.48
CA LYS B 3694 57.89 5.84 50.89
C LYS B 3694 58.50 6.80 49.85
N PRO B 3695 57.80 7.86 49.50
CA PRO B 3695 58.19 8.68 48.34
C PRO B 3695 59.52 9.40 48.48
N ASP B 3696 60.17 9.57 47.33
CA ASP B 3696 61.34 10.41 47.19
C ASP B 3696 60.89 11.88 47.25
N PRO B 3697 61.83 12.84 47.51
CA PRO B 3697 61.43 14.24 47.73
C PRO B 3697 60.56 14.88 46.67
N LEU B 3698 60.83 14.59 45.39
CA LEU B 3698 60.02 15.15 44.31
C LEU B 3698 58.58 14.66 44.41
N HIS B 3699 58.38 13.37 44.67
CA HIS B 3699 57.03 12.84 44.78
C HIS B 3699 56.33 13.37 46.02
N GLN B 3700 57.07 13.64 47.10
CA GLN B 3700 56.47 14.26 48.26
C GLN B 3700 56.02 15.69 47.96
N LEU B 3701 56.82 16.41 47.19
CA LEU B 3701 56.48 17.78 46.80
C LEU B 3701 55.23 17.79 45.94
N VAL B 3702 55.16 16.85 44.98
CA VAL B 3702 53.99 16.77 44.09
C VAL B 3702 52.75 16.41 44.89
N LEU B 3703 52.89 15.46 45.84
CA LEU B 3703 51.75 15.10 46.69
C LEU B 3703 51.27 16.30 47.49
N HIS B 3704 52.20 17.10 48.01
CA HIS B 3704 51.82 18.27 48.80
C HIS B 3704 51.05 19.26 47.96
N PHE B 3705 51.48 19.47 46.72
CA PHE B 3705 50.80 20.42 45.84
C PHE B 3705 49.44 19.88 45.41
N SER B 3706 49.34 18.57 45.21
CA SER B 3706 48.03 18.00 44.92
C SER B 3706 47.12 18.09 46.13
N ARG B 3707 47.67 18.00 47.34
CA ARG B 3707 46.86 18.14 48.54
C ARG B 3707 46.30 19.54 48.65
N THR B 3708 47.15 20.55 48.40
CA THR B 3708 46.67 21.92 48.48
C THR B 3708 45.84 22.32 47.28
N ALA B 3709 45.78 21.47 46.26
CA ALA B 3709 44.87 21.75 45.15
C ALA B 3709 43.55 21.03 45.33
N LEU B 3710 43.58 19.88 46.01
CA LEU B 3710 42.36 19.13 46.30
C LEU B 3710 41.57 19.71 47.46
N THR B 3711 42.20 20.50 48.32
CA THR B 3711 41.48 21.03 49.48
C THR B 3711 40.34 21.94 49.04
N GLU B 3712 39.20 21.83 49.72
CA GLU B 3712 38.00 22.58 49.35
C GLU B 3712 38.18 24.04 49.74
N LYS B 3713 38.44 24.88 48.74
CA LYS B 3713 38.54 26.32 48.91
C LYS B 3713 37.74 26.99 47.82
N SER B 3714 37.09 28.12 48.15
CA SER B 3714 36.31 28.86 47.17
C SER B 3714 37.19 29.40 46.04
N LYS B 3715 38.34 29.95 46.38
CA LYS B 3715 39.25 30.54 45.42
C LYS B 3715 40.62 29.86 45.53
N LEU B 3716 41.52 30.26 44.64
CA LEU B 3716 42.90 29.79 44.65
C LEU B 3716 43.83 30.95 44.91
N ASP B 3717 44.74 30.79 45.87
CA ASP B 3717 45.70 31.84 46.18
C ASP B 3717 46.92 31.71 45.28
N GLU B 3718 47.63 32.81 45.10
CA GLU B 3718 48.87 32.77 44.32
C GLU B 3718 50.00 32.21 45.16
N ASP B 3719 50.19 30.89 45.09
CA ASP B 3719 51.29 30.24 45.80
C ASP B 3719 52.60 30.52 45.05
N TYR B 3720 53.41 31.46 45.56
CA TYR B 3720 54.62 31.89 44.87
C TYR B 3720 55.65 30.77 44.76
N LEU B 3721 55.56 29.74 45.58
CA LEU B 3721 56.49 28.64 45.45
C LEU B 3721 55.96 27.62 44.48
N TYR B 3722 54.63 27.41 44.45
CA TYR B 3722 54.07 26.55 43.42
C TYR B 3722 54.36 27.13 42.04
N MET B 3723 54.24 28.46 41.90
CA MET B 3723 54.67 29.14 40.69
C MET B 3723 56.13 28.89 40.37
N ALA B 3724 56.99 28.94 41.39
CA ALA B 3724 58.42 28.75 41.13
C ALA B 3724 58.76 27.30 40.83
N TYR B 3725 57.98 26.36 41.36
CA TYR B 3725 58.33 24.98 41.14
C TYR B 3725 57.63 24.42 39.92
N ALA B 3726 56.49 24.99 39.54
CA ALA B 3726 55.90 24.66 38.26
C ALA B 3726 56.79 25.13 37.13
N ASP B 3727 57.36 26.34 37.26
CA ASP B 3727 58.29 26.81 36.24
C ASP B 3727 59.55 25.96 36.20
N ILE B 3728 60.05 25.54 37.36
CA ILE B 3728 61.26 24.70 37.42
C ILE B 3728 61.01 23.33 36.80
N MET B 3729 59.86 22.71 37.11
CA MET B 3729 59.52 21.41 36.54
C MET B 3729 59.31 21.52 35.04
N ALA B 3730 58.62 22.58 34.59
CA ALA B 3730 58.39 22.73 33.17
C ALA B 3730 59.70 22.96 32.42
N LYS B 3731 60.59 23.76 32.99
CA LYS B 3731 61.87 24.04 32.36
C LYS B 3731 62.83 22.86 32.44
N SER B 3732 62.54 21.85 33.25
CA SER B 3732 63.42 20.71 33.38
C SER B 3732 63.01 19.54 32.48
N CYS B 3733 62.16 19.78 31.49
CA CYS B 3733 61.72 18.73 30.59
C CYS B 3733 62.19 18.92 29.15
N HIS B 3734 61.87 20.08 28.54
CA HIS B 3734 62.13 20.25 27.11
C HIS B 3734 63.62 20.25 26.78
N LEU B 3735 64.42 21.07 27.48
CA LEU B 3735 65.86 21.27 27.23
C LEU B 3735 66.21 21.54 25.77
N GLU B 3736 65.29 22.12 25.00
CA GLU B 3736 65.49 22.30 23.56
C GLU B 3736 64.80 23.56 23.07
N VAL B 3749 72.79 20.50 7.82
CA VAL B 3749 71.61 20.86 8.58
C VAL B 3749 70.77 19.62 8.84
N GLU B 3750 71.18 18.50 8.26
CA GLU B 3750 70.47 17.24 8.43
C GLU B 3750 71.11 16.44 9.56
N VAL B 3751 70.32 16.16 10.58
CA VAL B 3751 70.74 15.35 11.72
C VAL B 3751 70.12 13.97 11.53
N SER B 3752 70.85 12.93 11.92
CA SER B 3752 70.42 11.57 11.66
C SER B 3752 69.15 11.25 12.44
N PHE B 3753 68.24 10.52 11.80
CA PHE B 3753 67.07 9.96 12.48
C PHE B 3753 67.46 8.98 13.59
N GLU B 3754 68.70 8.47 13.56
CA GLU B 3754 69.22 7.67 14.66
C GLU B 3754 69.62 8.57 15.84
N GLU B 3755 69.99 9.83 15.58
CA GLU B 3755 70.23 10.76 16.67
C GLU B 3755 68.89 11.21 17.24
N LYS B 3756 67.93 11.50 16.36
CA LYS B 3756 66.60 11.90 16.79
C LYS B 3756 65.94 10.79 17.61
N GLU B 3757 66.28 9.52 17.32
CA GLU B 3757 65.84 8.37 18.08
C GLU B 3757 66.45 8.32 19.48
N MET B 3758 67.50 9.09 19.73
CA MET B 3758 68.13 9.23 21.04
C MET B 3758 67.52 10.41 21.78
N GLU B 3759 67.43 11.54 21.07
CA GLU B 3759 66.84 12.75 21.65
C GLU B 3759 65.40 12.54 22.11
N LYS B 3760 64.58 11.85 21.29
CA LYS B 3760 63.20 11.59 21.68
C LYS B 3760 63.12 10.70 22.91
N GLN B 3761 63.96 9.68 23.00
CA GLN B 3761 63.91 8.79 24.14
C GLN B 3761 64.66 9.32 25.35
N ARG B 3762 65.32 10.47 25.22
CA ARG B 3762 65.80 11.16 26.41
C ARG B 3762 64.77 12.16 26.92
N LEU B 3763 64.10 12.86 26.00
CA LEU B 3763 63.01 13.73 26.40
C LEU B 3763 61.90 12.94 27.07
N LEU B 3764 61.55 11.78 26.50
CA LEU B 3764 60.54 10.92 27.11
C LEU B 3764 60.98 10.40 28.48
N TYR B 3765 62.28 10.34 28.73
CA TYR B 3765 62.76 9.94 30.05
C TYR B 3765 62.53 11.06 31.04
N GLN B 3766 62.86 12.29 30.65
CA GLN B 3766 62.67 13.43 31.55
C GLN B 3766 61.19 13.65 31.84
N GLN B 3767 60.34 13.48 30.83
CA GLN B 3767 58.88 13.50 31.05
C GLN B 3767 58.44 12.37 31.97
N SER B 3768 59.03 11.17 31.83
CA SER B 3768 58.70 10.07 32.70
C SER B 3768 59.14 10.30 34.13
N ARG B 3769 60.16 11.14 34.33
CA ARG B 3769 60.66 11.48 35.65
C ARG B 3769 59.62 12.25 36.45
N LEU B 3770 58.69 12.92 35.77
CA LEU B 3770 57.63 13.67 36.42
C LEU B 3770 56.36 12.85 36.45
N HIS B 3771 55.87 12.39 35.27
CA HIS B 3771 54.56 11.76 35.22
C HIS B 3771 54.53 10.43 35.97
N THR B 3772 55.68 9.80 36.23
CA THR B 3772 55.64 8.64 37.12
C THR B 3772 55.35 9.02 38.57
N ARG B 3773 55.39 10.31 38.91
CA ARG B 3773 55.22 10.78 40.27
C ARG B 3773 53.95 11.59 40.47
N GLY B 3774 52.91 11.34 39.67
CA GLY B 3774 51.63 12.01 39.85
C GLY B 3774 51.51 13.43 39.37
N ALA B 3775 52.52 13.96 38.66
CA ALA B 3775 52.44 15.33 38.15
C ALA B 3775 51.34 15.50 37.10
N ALA B 3776 50.93 14.41 36.45
CA ALA B 3776 49.85 14.48 35.48
C ALA B 3776 48.53 14.75 36.19
N GLU B 3777 48.29 14.07 37.30
CA GLU B 3777 47.05 14.28 38.01
C GLU B 3777 47.09 15.61 38.74
N MET B 3778 48.30 16.05 39.12
CA MET B 3778 48.47 17.34 39.78
C MET B 3778 48.08 18.48 38.85
N VAL B 3779 48.45 18.38 37.57
CA VAL B 3779 48.10 19.43 36.61
C VAL B 3779 46.59 19.51 36.45
N LEU B 3780 45.94 18.35 36.31
CA LEU B 3780 44.48 18.30 36.13
C LEU B 3780 43.76 18.83 37.36
N GLN B 3781 44.37 18.67 38.53
CA GLN B 3781 43.74 19.16 39.74
C GLN B 3781 43.89 20.67 39.84
N MET B 3782 45.04 21.22 39.45
CA MET B 3782 45.19 22.67 39.49
C MET B 3782 44.26 23.35 38.48
N ILE B 3783 44.08 22.71 37.31
CA ILE B 3783 43.15 23.24 36.31
C ILE B 3783 41.72 23.20 36.83
N SER B 3784 41.33 22.11 37.49
CA SER B 3784 39.97 22.05 38.03
C SER B 3784 39.79 23.01 39.20
N ALA B 3785 40.87 23.21 39.98
CA ALA B 3785 40.79 24.06 41.16
C ALA B 3785 40.73 25.55 40.81
N CYS B 3786 41.33 25.96 39.68
CA CYS B 3786 41.40 27.38 39.37
C CYS B 3786 40.04 28.01 39.06
N LYS B 3787 39.01 27.21 38.79
CA LYS B 3787 37.63 27.65 38.55
C LYS B 3787 37.48 28.61 37.37
N GLY B 3788 38.39 28.54 36.41
CA GLY B 3788 38.30 29.41 35.25
C GLY B 3788 38.61 30.86 35.51
N GLU B 3789 39.67 31.15 36.25
CA GLU B 3789 40.14 32.51 36.46
C GLU B 3789 41.51 32.62 35.80
N THR B 3790 41.58 33.43 34.74
CA THR B 3790 42.87 33.66 34.06
C THR B 3790 43.87 34.34 34.99
N GLY B 3791 45.10 33.85 34.95
CA GLY B 3791 46.15 34.44 35.74
C GLY B 3791 47.43 33.65 35.61
N ALA B 3792 48.46 34.15 36.30
CA ALA B 3792 49.74 33.44 36.32
C ALA B 3792 49.66 32.16 37.13
N MET B 3793 48.56 31.94 37.86
CA MET B 3793 48.36 30.74 38.64
C MET B 3793 48.11 29.58 37.70
N VAL B 3794 47.09 29.71 36.86
CA VAL B 3794 46.72 28.68 35.91
C VAL B 3794 47.74 28.62 34.77
N SER B 3795 48.34 29.77 34.37
CA SER B 3795 49.25 29.79 33.23
C SER B 3795 50.48 28.92 33.44
N SER B 3796 51.06 28.96 34.65
CA SER B 3796 52.20 28.10 34.96
C SER B 3796 51.80 26.63 34.97
N THR B 3797 50.53 26.34 35.27
CA THR B 3797 50.06 24.97 35.25
C THR B 3797 49.97 24.48 33.82
N LEU B 3798 49.41 25.32 32.94
CA LEU B 3798 49.32 24.96 31.53
C LEU B 3798 50.70 24.75 30.92
N LYS B 3799 51.65 25.63 31.25
CA LYS B 3799 53.02 25.47 30.75
C LYS B 3799 53.68 24.20 31.27
N LEU B 3800 53.30 23.75 32.47
CA LEU B 3800 53.80 22.45 32.92
C LEU B 3800 53.09 21.30 32.22
N GLY B 3801 51.78 21.47 31.96
CA GLY B 3801 51.02 20.44 31.27
C GLY B 3801 51.55 20.21 29.87
N ILE B 3802 51.90 21.30 29.17
CA ILE B 3802 52.52 21.16 27.86
C ILE B 3802 53.88 20.53 27.99
N SER B 3803 54.67 20.99 28.97
CA SER B 3803 56.05 20.56 29.11
C SER B 3803 56.16 19.07 29.43
N ILE B 3804 55.10 18.47 29.98
CA ILE B 3804 55.06 17.02 30.14
C ILE B 3804 54.24 16.35 29.05
N LEU B 3805 53.90 17.08 27.99
CA LEU B 3805 53.08 16.52 26.90
C LEU B 3805 53.66 16.79 25.52
N ASN B 3806 54.85 17.37 25.41
CA ASN B 3806 55.47 17.58 24.11
C ASN B 3806 55.70 16.25 23.41
N GLY B 3807 55.41 16.22 22.12
CA GLY B 3807 55.51 15.01 21.34
C GLY B 3807 54.39 14.02 21.56
N GLY B 3808 53.33 14.42 22.28
CA GLY B 3808 52.19 13.57 22.58
C GLY B 3808 52.52 12.30 23.35
N ASN B 3809 52.93 12.45 24.61
CA ASN B 3809 53.24 11.29 25.44
C ASN B 3809 52.00 10.44 25.69
N ALA B 3810 52.05 9.19 25.21
CA ALA B 3810 50.89 8.31 25.25
C ALA B 3810 50.58 7.90 26.68
N GLU B 3811 51.62 7.80 27.51
CA GLU B 3811 51.43 7.45 28.91
C GLU B 3811 50.74 8.57 29.64
N VAL B 3812 51.18 9.81 29.42
CA VAL B 3812 50.59 10.95 30.09
C VAL B 3812 49.12 11.08 29.69
N GLN B 3813 48.84 10.96 28.38
CA GLN B 3813 47.47 11.01 27.90
C GLN B 3813 46.61 9.90 28.48
N GLN B 3814 47.20 8.73 28.74
CA GLN B 3814 46.44 7.64 29.34
C GLN B 3814 46.18 7.87 30.82
N LYS B 3815 47.18 8.38 31.54
CA LYS B 3815 47.01 8.68 32.95
C LYS B 3815 45.98 9.78 33.16
N MET B 3816 46.04 10.82 32.33
CA MET B 3816 45.09 11.92 32.43
C MET B 3816 43.68 11.46 32.12
N LEU B 3817 43.50 10.67 31.05
CA LEU B 3817 42.15 10.22 30.69
C LEU B 3817 41.60 9.29 31.76
N ASP B 3818 42.44 8.42 32.31
CA ASP B 3818 42.01 7.52 33.38
C ASP B 3818 41.60 8.28 34.62
N TYR B 3819 42.38 9.31 35.00
CA TYR B 3819 42.05 10.07 36.19
C TYR B 3819 40.75 10.84 36.01
N LEU B 3820 40.53 11.41 34.82
CA LEU B 3820 39.30 12.15 34.60
C LEU B 3820 38.10 11.21 34.60
N LYS B 3821 38.30 9.99 34.08
CA LYS B 3821 37.18 9.08 33.94
C LYS B 3821 36.77 8.54 35.30
N ASP B 3822 37.73 8.12 36.13
CA ASP B 3822 37.29 7.55 37.38
C ASP B 3822 36.95 8.61 38.42
N LYS B 3823 37.43 9.86 38.27
CA LYS B 3823 36.98 10.88 39.20
C LYS B 3823 35.62 11.47 38.83
N LYS B 3824 35.26 11.45 37.53
CA LYS B 3824 34.00 12.00 37.03
C LYS B 3824 33.77 13.45 37.47
N GLU B 3825 34.81 14.27 37.40
CA GLU B 3825 34.73 15.67 37.82
C GLU B 3825 34.33 16.57 36.64
N VAL B 3826 33.27 17.35 36.83
CA VAL B 3826 32.89 18.35 35.84
C VAL B 3826 33.63 19.67 36.00
N GLY B 3827 34.39 19.83 37.10
CA GLY B 3827 35.05 21.09 37.36
C GLY B 3827 36.17 21.37 36.37
N PHE B 3828 36.77 20.31 35.82
CA PHE B 3828 37.86 20.47 34.87
C PHE B 3828 37.36 21.07 33.57
N PHE B 3829 36.29 20.51 33.01
CA PHE B 3829 35.81 21.02 31.75
C PHE B 3829 35.06 22.33 31.94
N GLN B 3830 34.40 22.52 33.08
CA GLN B 3830 33.78 23.82 33.34
C GLN B 3830 34.81 24.93 33.47
N SER B 3831 35.99 24.60 34.01
CA SER B 3831 37.03 25.61 34.12
C SER B 3831 37.70 25.86 32.77
N ILE B 3832 37.85 24.81 31.96
CA ILE B 3832 38.40 24.97 30.62
C ILE B 3832 37.48 25.84 29.77
N GLN B 3833 36.16 25.58 29.84
CA GLN B 3833 35.19 26.38 29.12
C GLN B 3833 35.19 27.84 29.56
N ALA B 3834 35.25 28.08 30.88
CA ALA B 3834 35.29 29.45 31.36
C ALA B 3834 36.57 30.16 30.94
N LEU B 3835 37.71 29.45 31.00
CA LEU B 3835 38.99 30.01 30.58
C LEU B 3835 38.96 30.38 29.11
N MET B 3836 38.36 29.51 28.29
CA MET B 3836 38.32 29.76 26.86
C MET B 3836 37.39 30.92 26.54
N GLN B 3837 36.28 31.02 27.27
CA GLN B 3837 35.34 32.12 27.05
C GLN B 3837 35.90 33.46 27.50
N THR B 3838 36.89 33.45 28.38
CA THR B 3838 37.48 34.70 28.85
C THR B 3838 38.63 35.19 27.97
N CYS B 3839 39.06 34.41 26.99
CA CYS B 3839 40.13 34.82 26.09
C CYS B 3839 39.71 36.01 25.24
N SER B 3840 40.70 36.85 24.90
CA SER B 3840 40.48 38.12 24.24
C SER B 3840 40.77 38.06 22.75
N VAL B 3841 40.00 38.82 21.98
CA VAL B 3841 40.20 38.96 20.54
C VAL B 3841 40.67 40.38 20.26
N LEU B 3842 40.97 40.67 18.99
CA LEU B 3842 41.45 41.99 18.57
C LEU B 3842 40.42 43.08 18.89
N ASP B 3843 40.91 44.21 19.40
CA ASP B 3843 40.03 45.31 19.80
C ASP B 3843 40.45 46.56 19.03
N LEU B 3844 39.49 47.11 18.28
CA LEU B 3844 39.71 48.36 17.56
C LEU B 3844 39.82 49.54 18.50
N ASN B 3845 38.89 49.64 19.46
CA ASN B 3845 38.88 50.79 20.37
C ASN B 3845 40.18 50.84 21.16
N ALA B 3846 40.63 49.69 21.67
CA ALA B 3846 41.91 49.61 22.37
C ALA B 3846 43.07 49.90 21.43
N PHE B 3847 42.90 49.62 20.13
CA PHE B 3847 43.99 49.89 19.20
C PHE B 3847 44.11 51.39 18.99
N GLU B 3848 42.98 52.07 18.82
CA GLU B 3848 43.00 53.52 18.63
C GLU B 3848 43.55 54.21 19.87
N ARG B 3849 43.11 53.79 21.06
CA ARG B 3849 43.64 54.36 22.30
C ARG B 3849 45.14 54.13 22.42
N GLN B 3850 45.62 52.95 22.02
CA GLN B 3850 47.05 52.66 22.04
C GLN B 3850 47.81 53.57 21.08
N ASN B 3851 47.22 53.83 19.91
CA ASN B 3851 47.84 54.68 18.92
C ASN B 3851 47.95 56.11 19.43
N LYS B 3852 46.85 56.64 19.98
CA LYS B 3852 46.86 58.01 20.50
C LYS B 3852 47.83 58.15 21.66
N ALA B 3853 47.86 57.16 22.56
CA ALA B 3853 48.82 57.18 23.66
C ALA B 3853 50.25 57.15 23.15
N GLU B 3854 50.49 56.38 22.07
CA GLU B 3854 51.82 56.38 21.48
C GLU B 3854 52.14 57.74 20.86
N GLY B 3855 51.12 58.41 20.31
CA GLY B 3855 51.31 59.73 19.74
C GLY B 3855 51.72 60.75 20.77
N LEU B 3856 51.20 60.64 22.00
CA LEU B 3856 51.60 61.56 23.07
C LEU B 3856 53.09 61.41 23.40
N GLY B 3857 53.56 60.17 23.52
CA GLY B 3857 54.95 59.89 23.86
C GLY B 3857 55.43 60.42 25.18
N MET B 3858 54.61 60.33 26.23
CA MET B 3858 54.93 60.98 27.49
C MET B 3858 55.97 60.16 28.24
N VAL B 3859 56.79 60.86 29.03
CA VAL B 3859 57.95 60.27 29.68
C VAL B 3859 57.86 60.53 31.18
N ASN B 3860 58.75 59.90 31.94
CA ASN B 3860 58.79 60.11 33.38
C ASN B 3860 59.69 61.28 33.74
N GLU B 3861 59.75 61.61 35.03
CA GLU B 3861 60.50 62.78 35.49
C GLU B 3861 61.95 62.45 35.79
N ASP B 3862 62.20 61.40 36.58
CA ASP B 3862 63.55 61.03 36.97
C ASP B 3862 64.29 60.37 35.80
N GLY B 3863 64.69 61.20 34.83
CA GLY B 3863 65.25 60.69 33.59
C GLY B 3863 64.21 60.74 32.50
N THR B 3864 64.26 59.78 31.57
CA THR B 3864 63.35 59.73 30.43
C THR B 3864 63.41 58.35 29.81
N VAL B 3865 62.25 57.72 29.64
CA VAL B 3865 62.13 56.51 28.83
C VAL B 3865 61.49 56.88 27.49
N ILE B 3866 62.22 56.66 26.41
CA ILE B 3866 61.76 57.03 25.08
C ILE B 3866 61.03 55.85 24.46
N ASN B 3867 59.80 56.08 24.02
CA ASN B 3867 58.90 55.07 23.45
C ASN B 3867 58.69 53.91 24.42
N ARG B 3868 58.04 54.25 25.54
CA ARG B 3868 57.83 53.34 26.66
C ARG B 3868 57.10 52.08 26.23
N GLN B 3869 57.57 50.93 26.72
CA GLN B 3869 57.06 49.63 26.31
C GLN B 3869 56.16 49.03 27.41
N ASN B 3870 55.30 49.86 28.00
CA ASN B 3870 54.28 49.37 28.91
C ASN B 3870 53.35 48.37 28.20
N GLY B 3871 52.68 47.54 29.00
CA GLY B 3871 51.93 46.37 28.53
C GLY B 3871 50.97 46.58 27.39
N GLU B 3872 51.03 45.69 26.40
CA GLU B 3872 50.18 45.79 25.22
C GLU B 3872 48.73 45.55 25.58
N LYS B 3873 47.85 46.45 25.16
CA LYS B 3873 46.45 46.37 25.52
C LYS B 3873 45.58 45.72 24.45
N VAL B 3874 46.19 45.20 23.39
CA VAL B 3874 45.49 44.40 22.39
C VAL B 3874 46.10 43.02 22.39
N MET B 3875 45.27 42.00 22.61
CA MET B 3875 45.69 40.59 22.76
C MET B 3875 46.75 40.44 23.83
N ALA B 3876 46.44 40.91 25.04
CA ALA B 3876 47.39 40.83 26.14
C ALA B 3876 47.67 39.38 26.52
N ASP B 3877 46.63 38.54 26.51
CA ASP B 3877 46.72 37.15 26.89
C ASP B 3877 46.84 36.23 25.68
N ASP B 3878 47.48 36.71 24.61
CA ASP B 3878 47.67 35.89 23.42
C ASP B 3878 48.55 34.68 23.69
N GLU B 3879 49.63 34.85 24.45
CA GLU B 3879 50.52 33.74 24.78
C GLU B 3879 49.80 32.70 25.63
N PHE B 3880 48.82 33.15 26.42
CA PHE B 3880 48.02 32.24 27.23
C PHE B 3880 47.00 31.51 26.38
N THR B 3881 46.38 32.20 25.43
CA THR B 3881 45.41 31.50 24.57
C THR B 3881 46.13 30.51 23.68
N GLN B 3882 47.36 30.87 23.27
CA GLN B 3882 48.19 30.00 22.46
C GLN B 3882 48.57 28.74 23.21
N ASP B 3883 48.98 28.88 24.48
CA ASP B 3883 49.38 27.65 25.12
C ASP B 3883 48.21 26.90 25.76
N LEU B 3884 47.04 27.53 25.87
CA LEU B 3884 45.85 26.78 26.23
C LEU B 3884 45.44 25.86 25.08
N PHE B 3885 45.46 26.39 23.86
CA PHE B 3885 45.11 25.54 22.74
C PHE B 3885 46.21 24.55 22.41
N ARG B 3886 47.47 24.93 22.67
CA ARG B 3886 48.56 23.97 22.51
C ARG B 3886 48.39 22.79 23.47
N PHE B 3887 47.97 23.07 24.71
CA PHE B 3887 47.69 22.00 25.67
C PHE B 3887 46.55 21.11 25.19
N LEU B 3888 45.49 21.73 24.66
CA LEU B 3888 44.36 20.96 24.16
C LEU B 3888 44.77 20.10 22.96
N GLN B 3889 45.59 20.66 22.07
CA GLN B 3889 46.08 19.89 20.93
C GLN B 3889 46.93 18.72 21.38
N LEU B 3890 47.80 18.95 22.38
CA LEU B 3890 48.67 17.91 22.88
C LEU B 3890 47.88 16.78 23.52
N LEU B 3891 46.68 17.09 24.03
CA LEU B 3891 45.86 16.06 24.66
C LEU B 3891 45.44 15.02 23.63
N CYS B 3892 45.06 15.46 22.43
CA CYS B 3892 44.58 14.58 21.38
C CYS B 3892 45.64 14.22 20.36
N GLU B 3893 46.90 14.62 20.57
CA GLU B 3893 47.94 14.36 19.58
C GLU B 3893 48.22 12.86 19.48
N GLY B 3894 48.47 12.40 18.25
CA GLY B 3894 48.65 10.99 18.02
C GLY B 3894 47.40 10.21 17.72
N HIS B 3895 46.31 10.91 17.33
CA HIS B 3895 44.99 10.34 17.02
C HIS B 3895 44.44 9.52 18.18
N ASN B 3896 44.52 10.09 19.37
CA ASN B 3896 44.03 9.46 20.60
C ASN B 3896 42.51 9.57 20.63
N ASN B 3897 41.86 8.71 19.83
CA ASN B 3897 40.41 8.74 19.63
C ASN B 3897 39.62 8.52 20.92
N ASP B 3898 40.23 7.86 21.91
CA ASP B 3898 39.64 7.72 23.24
C ASP B 3898 39.44 9.07 23.89
N PHE B 3899 40.39 9.97 23.70
CA PHE B 3899 40.35 11.26 24.37
C PHE B 3899 39.61 12.25 23.50
N GLN B 3900 39.69 12.05 22.17
CA GLN B 3900 38.97 12.87 21.22
C GLN B 3900 37.47 12.75 21.43
N ASN B 3901 36.98 11.53 21.66
CA ASN B 3901 35.56 11.38 21.93
C ASN B 3901 35.18 11.88 23.32
N TYR B 3902 36.15 11.94 24.23
CA TYR B 3902 35.89 12.47 25.56
C TYR B 3902 35.72 13.97 25.53
N LEU B 3903 36.50 14.66 24.70
CA LEU B 3903 36.37 16.10 24.59
C LEU B 3903 35.00 16.47 24.03
N ARG B 3904 34.54 15.71 23.03
CA ARG B 3904 33.25 16.00 22.42
C ARG B 3904 32.13 15.76 23.42
N THR B 3905 32.20 14.65 24.16
CA THR B 3905 31.18 14.37 25.15
C THR B 3905 31.75 13.46 26.23
N GLN B 3906 31.45 13.81 27.48
CA GLN B 3906 31.91 13.05 28.63
C GLN B 3906 30.75 12.16 29.08
N THR B 3907 30.92 10.86 28.92
CA THR B 3907 29.84 9.92 29.25
C THR B 3907 29.57 9.91 30.75
N GLY B 3908 30.62 9.75 31.55
CA GLY B 3908 30.47 9.52 32.99
C GLY B 3908 29.81 10.68 33.72
N ASN B 3909 30.24 11.90 33.42
CA ASN B 3909 29.81 13.08 34.17
C ASN B 3909 28.30 13.33 34.01
N THR B 3910 27.74 14.05 34.96
CA THR B 3910 26.34 14.41 34.89
C THR B 3910 26.10 15.49 33.85
N THR B 3911 27.03 16.43 33.72
CA THR B 3911 26.92 17.54 32.79
C THR B 3911 28.03 17.46 31.76
N THR B 3912 27.65 17.56 30.48
CA THR B 3912 28.57 17.40 29.37
C THR B 3912 28.87 18.77 28.78
N ILE B 3913 30.16 19.10 28.65
CA ILE B 3913 30.60 20.36 28.08
C ILE B 3913 31.28 20.09 26.74
N ASN B 3914 30.69 20.60 25.66
CA ASN B 3914 31.23 20.35 24.33
C ASN B 3914 32.36 21.35 24.09
N ILE B 3915 33.58 20.86 24.29
CA ILE B 3915 34.78 21.66 24.11
C ILE B 3915 34.93 22.02 22.64
N ILE B 3916 34.51 21.10 21.76
CA ILE B 3916 34.64 21.27 20.32
C ILE B 3916 33.86 22.50 19.85
N ILE B 3917 32.59 22.57 20.27
CA ILE B 3917 31.72 23.70 19.92
C ILE B 3917 32.25 24.98 20.55
N CYS B 3918 32.74 24.89 21.80
CA CYS B 3918 33.26 26.11 22.45
C CYS B 3918 34.50 26.63 21.73
N THR B 3919 35.31 25.71 21.19
CA THR B 3919 36.48 26.08 20.39
C THR B 3919 36.05 26.78 19.11
N VAL B 3920 35.00 26.26 18.47
CA VAL B 3920 34.50 26.88 17.24
C VAL B 3920 34.00 28.28 17.53
N ASP B 3921 33.23 28.43 18.62
CA ASP B 3921 32.70 29.74 19.00
C ASP B 3921 33.81 30.74 19.32
N TYR B 3922 34.96 30.24 19.79
CA TYR B 3922 36.10 31.14 19.97
C TYR B 3922 36.69 31.52 18.63
N LEU B 3923 36.73 30.57 17.68
CA LEU B 3923 37.25 30.88 16.35
C LEU B 3923 36.41 31.96 15.69
N LEU B 3924 35.08 31.84 15.83
CA LEU B 3924 34.16 32.84 15.30
C LEU B 3924 34.44 34.21 15.92
N ARG B 3925 34.66 34.24 17.24
CA ARG B 3925 34.96 35.52 17.90
C ARG B 3925 36.30 36.09 17.43
N LEU B 3926 37.23 35.23 17.05
CA LEU B 3926 38.53 35.70 16.60
C LEU B 3926 38.45 36.23 15.18
N GLN B 3927 37.66 35.57 14.34
CA GLN B 3927 37.55 36.02 12.95
C GLN B 3927 36.72 37.28 12.84
N GLU B 3928 35.72 37.47 13.71
CA GLU B 3928 34.95 38.71 13.68
C GLU B 3928 35.86 39.90 13.93
N SER B 3929 36.78 39.74 14.90
CA SER B 3929 37.77 40.76 15.22
C SER B 3929 38.71 40.98 14.04
N ILE B 3930 39.15 39.90 13.41
CA ILE B 3930 40.10 40.01 12.29
C ILE B 3930 39.45 40.73 11.10
N SER B 3931 38.21 40.37 10.77
CA SER B 3931 37.45 41.05 9.72
C SER B 3931 37.25 42.54 10.02
N ASP B 3932 36.88 42.85 11.27
CA ASP B 3932 36.75 44.25 11.62
C ASP B 3932 38.09 44.96 11.78
N PHE B 3933 39.20 44.24 11.81
CA PHE B 3933 40.48 44.92 11.76
C PHE B 3933 40.90 45.14 10.32
N TYR B 3934 40.45 44.25 9.42
CA TYR B 3934 40.61 44.47 7.99
C TYR B 3934 39.91 45.74 7.54
N TRP B 3935 38.60 45.82 7.80
CA TRP B 3935 37.77 46.89 7.23
C TRP B 3935 38.28 48.28 7.56
N TYR B 3936 38.86 48.45 8.76
CA TYR B 3936 39.37 49.76 9.14
C TYR B 3936 40.66 50.08 8.38
N TYR B 3937 41.37 49.07 7.90
CA TYR B 3937 42.54 49.26 7.04
C TYR B 3937 42.23 49.15 5.57
N SER B 3938 40.96 48.90 5.21
CA SER B 3938 40.58 48.81 3.81
C SER B 3938 40.83 50.13 3.09
N GLY B 3939 40.48 51.24 3.73
CA GLY B 3939 40.75 52.54 3.15
C GLY B 3939 42.24 52.83 3.07
N LYS B 3940 42.96 52.56 4.16
CA LYS B 3940 44.39 52.83 4.25
C LYS B 3940 45.18 51.98 3.26
N ASP B 3941 46.26 52.55 2.75
CA ASP B 3941 47.09 51.89 1.75
C ASP B 3941 48.30 51.17 2.32
N VAL B 3942 48.83 51.61 3.46
CA VAL B 3942 50.00 51.00 4.06
C VAL B 3942 49.62 50.51 5.47
N ILE B 3943 50.26 49.43 5.89
CA ILE B 3943 50.03 48.83 7.20
C ILE B 3943 51.24 49.11 8.08
N GLU B 3944 51.01 49.86 9.14
CA GLU B 3944 52.10 50.32 10.00
C GLU B 3944 52.60 49.20 10.93
N GLU B 3945 53.51 49.56 11.83
CA GLU B 3945 54.26 48.58 12.62
C GLU B 3945 53.36 47.87 13.63
N GLN B 3946 52.56 48.63 14.38
CA GLN B 3946 51.70 48.02 15.40
C GLN B 3946 50.66 47.13 14.74
N GLY B 3947 50.14 47.57 13.59
CA GLY B 3947 49.19 46.76 12.85
C GLY B 3947 49.79 45.44 12.39
N LYS B 3948 51.05 45.49 11.91
CA LYS B 3948 51.74 44.27 11.53
C LYS B 3948 51.95 43.35 12.71
N ARG B 3949 52.38 43.90 13.86
CA ARG B 3949 52.61 43.05 15.03
C ARG B 3949 51.32 42.44 15.56
N ASN B 3950 50.22 43.18 15.41
CA ASN B 3950 48.91 42.70 15.84
C ASN B 3950 48.45 41.56 14.94
N PHE B 3951 48.64 41.69 13.63
CA PHE B 3951 48.42 40.55 12.76
C PHE B 3951 49.33 39.38 13.07
N SER B 3952 50.61 39.63 13.35
CA SER B 3952 51.56 38.53 13.62
C SER B 3952 51.09 37.66 14.79
N LYS B 3953 50.63 38.30 15.86
CA LYS B 3953 50.11 37.52 16.98
C LYS B 3953 48.70 36.99 16.74
N ALA B 3954 47.85 37.69 16.00
CA ALA B 3954 46.52 37.15 15.74
C ALA B 3954 46.57 35.98 14.77
N MET B 3955 47.49 36.03 13.80
CA MET B 3955 47.69 34.90 12.90
C MET B 3955 48.25 33.71 13.66
N SER B 3956 49.20 33.95 14.57
CA SER B 3956 49.77 32.86 15.36
C SER B 3956 48.70 32.17 16.20
N VAL B 3957 47.80 32.97 16.79
CA VAL B 3957 46.70 32.41 17.58
C VAL B 3957 45.74 31.61 16.70
N ALA B 3958 45.38 32.16 15.54
CA ALA B 3958 44.48 31.45 14.63
C ALA B 3958 45.13 30.18 14.08
N LYS B 3959 46.44 30.20 13.90
CA LYS B 3959 47.18 28.99 13.52
C LYS B 3959 47.05 27.92 14.59
N GLN B 3960 47.21 28.32 15.86
CA GLN B 3960 47.17 27.33 16.94
C GLN B 3960 45.77 26.75 17.08
N VAL B 3961 44.75 27.60 16.89
CA VAL B 3961 43.36 27.13 16.93
C VAL B 3961 43.10 26.14 15.80
N PHE B 3962 43.57 26.47 14.59
CA PHE B 3962 43.33 25.60 13.44
C PHE B 3962 44.04 24.26 13.60
N ASN B 3963 45.27 24.27 14.14
CA ASN B 3963 45.98 23.02 14.42
C ASN B 3963 45.22 22.18 15.43
N SER B 3964 44.67 22.81 16.47
CA SER B 3964 43.89 22.07 17.46
C SER B 3964 42.64 21.47 16.83
N LEU B 3965 41.95 22.26 16.01
CA LEU B 3965 40.76 21.77 15.29
C LEU B 3965 41.11 20.65 14.31
N THR B 3966 42.34 20.65 13.79
CA THR B 3966 42.79 19.54 12.97
C THR B 3966 42.92 18.29 13.82
N GLU B 3967 43.55 18.43 15.00
CA GLU B 3967 43.79 17.29 15.89
C GLU B 3967 42.48 16.68 16.35
N TYR B 3968 41.49 17.52 16.65
CA TYR B 3968 40.17 17.04 17.08
C TYR B 3968 39.47 16.21 16.00
N ILE B 3969 39.87 16.36 14.74
CA ILE B 3969 39.19 15.74 13.62
C ILE B 3969 39.90 14.49 13.14
N GLN B 3970 41.24 14.54 13.04
CA GLN B 3970 42.00 13.48 12.40
C GLN B 3970 41.83 12.14 13.12
N GLY B 3971 42.13 11.08 12.40
CA GLY B 3971 42.03 9.73 12.94
C GLY B 3971 41.28 8.71 12.08
N PRO B 3972 40.10 9.06 11.47
CA PRO B 3972 39.17 10.19 11.70
C PRO B 3972 38.24 9.97 12.88
N CYS B 3973 37.80 11.04 13.53
CA CYS B 3973 36.82 10.98 14.61
C CYS B 3973 35.46 11.39 14.04
N THR B 3974 34.61 10.40 13.75
CA THR B 3974 33.36 10.65 13.04
C THR B 3974 32.44 11.57 13.83
N GLY B 3975 32.36 11.37 15.16
CA GLY B 3975 31.51 12.21 15.99
C GLY B 3975 31.93 13.66 15.94
N ASN B 3976 33.24 13.91 15.99
CA ASN B 3976 33.74 15.27 15.89
C ASN B 3976 33.44 15.85 14.52
N GLN B 3977 33.51 15.01 13.48
CA GLN B 3977 33.23 15.50 12.13
C GLN B 3977 31.78 15.97 12.00
N GLN B 3978 30.84 15.19 12.55
CA GLN B 3978 29.45 15.65 12.58
C GLN B 3978 29.27 16.90 13.44
N SER B 3979 30.06 17.02 14.52
CA SER B 3979 29.97 18.19 15.37
C SER B 3979 30.40 19.44 14.63
N LEU B 3980 31.51 19.34 13.87
CA LEU B 3980 31.95 20.50 13.09
C LEU B 3980 30.97 20.77 11.97
N ALA B 3981 30.36 19.71 11.41
CA ALA B 3981 29.40 19.88 10.32
C ALA B 3981 28.22 20.71 10.78
N HIS B 3982 27.72 20.43 12.00
CA HIS B 3982 26.63 21.21 12.55
C HIS B 3982 27.10 22.48 13.26
N SER B 3983 28.39 22.75 13.34
CA SER B 3983 28.89 23.91 14.06
C SER B 3983 28.69 25.21 13.26
N ARG B 3984 29.34 26.27 13.71
CA ARG B 3984 29.38 27.56 13.02
C ARG B 3984 30.67 27.72 12.21
N LEU B 3985 31.36 26.60 11.99
CA LEU B 3985 32.68 26.62 11.34
C LEU B 3985 32.57 27.18 9.93
N TRP B 3986 31.48 26.85 9.22
CA TRP B 3986 31.31 27.27 7.83
C TRP B 3986 31.32 28.79 7.71
N ASP B 3987 30.58 29.46 8.61
CA ASP B 3987 30.57 30.91 8.65
C ASP B 3987 31.94 31.47 9.00
N ALA B 3988 32.67 30.77 9.90
CA ALA B 3988 34.02 31.21 10.21
C ALA B 3988 34.95 31.07 9.00
N VAL B 3989 34.75 30.00 8.22
CA VAL B 3989 35.57 29.77 7.03
C VAL B 3989 35.29 30.85 6.00
N VAL B 3990 34.00 31.15 5.78
CA VAL B 3990 33.62 32.16 4.78
C VAL B 3990 34.26 33.49 5.13
N GLY B 3991 34.21 33.87 6.42
CA GLY B 3991 34.79 35.12 6.84
C GLY B 3991 36.31 35.14 6.64
N PHE B 3992 36.97 34.01 6.96
CA PHE B 3992 38.42 33.93 6.79
C PHE B 3992 38.80 34.04 5.32
N LEU B 3993 38.04 33.38 4.45
CA LEU B 3993 38.30 33.45 3.01
C LEU B 3993 38.16 34.87 2.51
N HIS B 3994 37.11 35.58 2.98
CA HIS B 3994 36.91 36.97 2.60
C HIS B 3994 38.08 37.85 3.03
N VAL B 3995 38.59 37.61 4.23
CA VAL B 3995 39.77 38.34 4.69
C VAL B 3995 41.01 37.98 3.87
N PHE B 3996 41.18 36.69 3.55
CA PHE B 3996 42.35 36.22 2.80
C PHE B 3996 42.40 36.78 1.39
N ALA B 3997 41.21 36.89 0.74
CA ALA B 3997 41.11 37.40 -0.62
C ALA B 3997 41.70 38.79 -0.73
N HIS B 3998 41.41 39.64 0.23
CA HIS B 3998 41.78 41.03 0.13
C HIS B 3998 43.12 41.29 0.78
N MET B 3999 43.50 40.46 1.77
CA MET B 3999 44.85 40.54 2.31
C MET B 3999 45.92 40.16 1.28
N MET B 4000 45.66 39.14 0.45
CA MET B 4000 46.60 38.79 -0.61
C MET B 4000 46.79 39.95 -1.59
N MET B 4001 45.68 40.55 -2.02
CA MET B 4001 45.73 41.63 -2.99
C MET B 4001 46.40 42.87 -2.40
N LYS B 4002 45.99 43.28 -1.20
CA LYS B 4002 46.54 44.48 -0.58
C LYS B 4002 48.02 44.31 -0.24
N LEU B 4003 48.41 43.13 0.26
CA LEU B 4003 49.78 42.94 0.70
C LEU B 4003 50.74 42.58 -0.43
N ALA B 4004 50.23 42.21 -1.60
CA ALA B 4004 51.17 41.88 -2.67
C ALA B 4004 51.65 43.10 -3.45
N GLN B 4005 50.99 44.25 -3.28
CA GLN B 4005 51.40 45.45 -4.02
C GLN B 4005 52.73 46.02 -3.57
N ASP B 4006 53.20 45.67 -2.37
CA ASP B 4006 54.40 46.26 -1.81
C ASP B 4006 55.31 45.20 -1.22
N SER B 4007 56.60 45.52 -1.17
CA SER B 4007 57.62 44.63 -0.65
C SER B 4007 57.88 44.83 0.83
N SER B 4008 57.22 45.80 1.47
CA SER B 4008 57.41 46.02 2.89
C SER B 4008 56.62 45.04 3.75
N GLN B 4009 55.63 44.37 3.17
CA GLN B 4009 54.78 43.44 3.90
C GLN B 4009 55.07 41.99 3.50
N ILE B 4010 56.31 41.70 3.13
CA ILE B 4010 56.68 40.35 2.69
C ILE B 4010 56.57 39.36 3.85
N GLU B 4011 57.14 39.71 5.01
CA GLU B 4011 57.10 38.84 6.18
C GLU B 4011 55.67 38.62 6.65
N LEU B 4012 54.88 39.69 6.67
CA LEU B 4012 53.48 39.62 7.07
C LEU B 4012 52.67 38.72 6.13
N LEU B 4013 52.88 38.87 4.82
CA LEU B 4013 52.20 37.99 3.86
C LEU B 4013 52.65 36.55 3.99
N LYS B 4014 53.96 36.32 4.18
CA LYS B 4014 54.47 34.96 4.36
C LYS B 4014 53.92 34.32 5.62
N GLU B 4015 53.84 35.08 6.71
CA GLU B 4015 53.20 34.62 7.93
C GLU B 4015 51.71 34.37 7.74
N LEU B 4016 51.07 35.13 6.85
CA LEU B 4016 49.67 34.89 6.57
C LEU B 4016 49.48 33.62 5.75
N LEU B 4017 50.45 33.28 4.90
CA LEU B 4017 50.30 32.18 3.94
C LEU B 4017 50.09 30.83 4.63
N ASP B 4018 50.92 30.52 5.64
CA ASP B 4018 50.76 29.22 6.26
C ASP B 4018 49.53 29.14 7.16
N LEU B 4019 48.88 30.27 7.47
CA LEU B 4019 47.60 30.19 8.17
C LEU B 4019 46.57 29.50 7.31
N GLN B 4020 46.39 29.98 6.07
CA GLN B 4020 45.45 29.28 5.20
C GLN B 4020 45.99 27.94 4.73
N LYS B 4021 47.30 27.72 4.77
CA LYS B 4021 47.82 26.37 4.52
C LYS B 4021 47.35 25.38 5.60
N ASP B 4022 47.46 25.75 6.87
CA ASP B 4022 46.95 24.87 7.92
C ASP B 4022 45.43 24.88 7.98
N MET B 4023 44.82 25.93 7.45
CA MET B 4023 43.36 25.96 7.33
C MET B 4023 42.90 24.92 6.32
N VAL B 4024 43.48 24.94 5.11
CA VAL B 4024 43.02 24.02 4.08
C VAL B 4024 43.36 22.59 4.49
N VAL B 4025 44.49 22.39 5.19
CA VAL B 4025 44.80 21.07 5.74
C VAL B 4025 43.70 20.60 6.70
N MET B 4026 43.14 21.53 7.50
CA MET B 4026 41.99 21.20 8.34
C MET B 4026 40.76 20.85 7.50
N LEU B 4027 40.53 21.61 6.42
CA LEU B 4027 39.41 21.28 5.53
C LEU B 4027 39.57 19.91 4.89
N LEU B 4028 40.80 19.55 4.51
CA LEU B 4028 41.05 18.22 3.96
C LEU B 4028 40.75 17.17 5.01
N SER B 4029 41.20 17.42 6.26
CA SER B 4029 41.02 16.47 7.34
C SER B 4029 39.55 16.24 7.64
N LEU B 4030 38.72 17.26 7.40
CA LEU B 4030 37.26 17.09 7.52
C LEU B 4030 36.68 16.14 6.49
N LEU B 4031 37.41 15.85 5.41
CA LEU B 4031 36.93 15.03 4.32
C LEU B 4031 37.40 13.59 4.40
N GLU B 4032 38.10 13.21 5.47
CA GLU B 4032 38.55 11.83 5.64
C GLU B 4032 37.36 10.89 5.79
N GLY B 4033 37.32 9.89 4.92
CA GLY B 4033 36.30 8.85 4.95
C GLY B 4033 34.89 9.34 4.73
N ASN B 4034 34.69 10.18 3.71
CA ASN B 4034 33.38 10.72 3.39
C ASN B 4034 32.72 9.91 2.27
N VAL B 4035 31.44 9.62 2.44
CA VAL B 4035 30.70 8.92 1.40
C VAL B 4035 30.30 9.90 0.31
N VAL B 4036 29.93 9.36 -0.85
CA VAL B 4036 29.47 10.19 -1.95
C VAL B 4036 28.13 10.82 -1.58
N ASN B 4037 27.95 12.08 -2.00
CA ASN B 4037 26.81 12.94 -1.61
C ASN B 4037 26.69 13.02 -0.09
N GLY B 4038 27.82 13.01 0.60
CA GLY B 4038 27.82 13.06 2.04
C GLY B 4038 27.35 14.40 2.58
N MET B 4039 26.96 14.36 3.85
CA MET B 4039 26.44 15.54 4.54
C MET B 4039 27.50 16.64 4.62
N ILE B 4040 28.69 16.28 5.15
CA ILE B 4040 29.79 17.23 5.35
C ILE B 4040 30.17 17.85 4.02
N ALA B 4041 30.20 17.02 2.97
CA ALA B 4041 30.56 17.49 1.64
C ALA B 4041 29.51 18.47 1.13
N ARG B 4042 28.24 18.22 1.47
CA ARG B 4042 27.15 19.06 0.98
C ARG B 4042 27.23 20.46 1.59
N GLN B 4043 27.42 20.55 2.92
CA GLN B 4043 27.63 21.88 3.49
C GLN B 4043 28.91 22.51 2.97
N MET B 4044 29.95 21.69 2.74
CA MET B 4044 31.22 22.22 2.24
C MET B 4044 31.06 22.85 0.87
N VAL B 4045 30.23 22.23 0.03
CA VAL B 4045 29.89 22.78 -1.27
C VAL B 4045 29.09 24.07 -1.10
N ASP B 4046 28.10 24.07 -0.21
CA ASP B 4046 27.34 25.31 0.05
C ASP B 4046 28.23 26.43 0.56
N MET B 4047 29.20 26.08 1.40
CA MET B 4047 30.23 26.99 1.90
C MET B 4047 30.97 27.61 0.73
N LEU B 4048 31.27 26.81 -0.29
CA LEU B 4048 32.02 27.36 -1.41
C LEU B 4048 31.10 28.19 -2.30
N VAL B 4049 29.80 27.88 -2.31
CA VAL B 4049 28.86 28.67 -3.12
C VAL B 4049 28.77 30.07 -2.55
N GLU B 4050 28.59 30.18 -1.23
CA GLU B 4050 28.53 31.50 -0.60
C GLU B 4050 29.86 32.24 -0.71
N SER B 4051 30.98 31.54 -0.53
CA SER B 4051 32.29 32.17 -0.67
C SER B 4051 32.87 32.06 -2.08
N SER B 4052 32.00 31.92 -3.10
CA SER B 4052 32.44 31.73 -4.49
C SER B 4052 33.29 32.87 -5.02
N SER B 4053 32.83 34.11 -4.87
CA SER B 4053 33.57 35.28 -5.35
C SER B 4053 34.93 35.40 -4.67
N ASN B 4054 34.95 35.17 -3.36
CA ASN B 4054 36.18 35.25 -2.58
C ASN B 4054 37.17 34.19 -3.04
N VAL B 4055 36.74 32.92 -3.07
CA VAL B 4055 37.65 31.84 -3.45
C VAL B 4055 38.07 32.02 -4.91
N GLU B 4056 37.21 32.63 -5.73
CA GLU B 4056 37.60 32.99 -7.09
C GLU B 4056 38.78 33.94 -7.07
N MET B 4057 38.76 34.91 -6.14
CA MET B 4057 39.88 35.85 -6.04
C MET B 4057 41.17 35.17 -5.57
N ILE B 4058 41.07 34.24 -4.61
CA ILE B 4058 42.25 33.46 -4.19
C ILE B 4058 42.80 32.60 -5.34
N LEU B 4059 41.91 31.90 -6.05
CA LEU B 4059 42.31 31.11 -7.21
C LEU B 4059 42.92 31.98 -8.31
N LYS B 4060 42.32 33.15 -8.56
CA LYS B 4060 42.85 34.05 -9.58
C LYS B 4060 44.24 34.52 -9.21
N PHE B 4061 44.49 34.77 -7.92
CA PHE B 4061 45.82 35.17 -7.46
C PHE B 4061 46.80 34.04 -7.73
N PHE B 4062 46.37 32.81 -7.45
CA PHE B 4062 47.28 31.67 -7.48
C PHE B 4062 47.66 31.35 -8.92
N ASP B 4063 46.65 31.08 -9.77
CA ASP B 4063 46.97 30.66 -11.13
C ASP B 4063 47.71 31.75 -11.89
N MET B 4064 47.34 33.04 -11.74
CA MET B 4064 48.10 34.05 -12.46
C MET B 4064 49.54 34.20 -11.93
N PHE B 4065 49.78 33.91 -10.64
CA PHE B 4065 51.15 33.91 -10.12
C PHE B 4065 51.91 32.62 -10.40
N LEU B 4066 51.22 31.56 -10.80
CA LEU B 4066 51.88 30.33 -11.20
C LEU B 4066 52.14 30.32 -12.70
N LYS B 4067 51.17 30.80 -13.48
CA LYS B 4067 51.33 30.94 -14.92
C LYS B 4067 52.46 31.90 -15.25
N LEU B 4068 52.58 33.02 -14.54
CA LEU B 4068 53.63 33.96 -14.93
C LEU B 4068 55.03 33.46 -14.59
N LYS B 4069 55.17 32.37 -13.81
CA LYS B 4069 56.46 31.72 -13.63
C LYS B 4069 56.95 31.04 -14.92
N ASP B 4070 56.04 30.71 -15.83
CA ASP B 4070 56.41 30.15 -17.13
C ASP B 4070 56.27 31.14 -18.28
N ILE B 4071 55.27 32.05 -18.22
CA ILE B 4071 55.05 33.03 -19.27
C ILE B 4071 56.24 34.01 -19.42
N VAL B 4072 57.13 34.09 -18.42
CA VAL B 4072 58.41 34.77 -18.61
C VAL B 4072 59.22 34.10 -19.72
N GLY B 4073 59.13 32.77 -19.84
CA GLY B 4073 59.71 32.00 -20.91
C GLY B 4073 58.88 31.89 -22.17
N SER B 4074 57.70 32.50 -22.21
CA SER B 4074 56.87 32.50 -23.41
C SER B 4074 57.54 33.31 -24.50
N GLU B 4075 57.40 32.84 -25.74
CA GLU B 4075 58.08 33.46 -26.88
C GLU B 4075 57.64 34.90 -27.11
N ALA B 4076 56.33 35.18 -27.02
CA ALA B 4076 55.83 36.54 -27.22
C ALA B 4076 56.40 37.54 -26.20
N PHE B 4077 56.50 37.11 -24.94
CA PHE B 4077 57.14 37.90 -23.91
C PHE B 4077 58.64 38.05 -24.16
N GLN B 4078 59.32 36.94 -24.49
CA GLN B 4078 60.77 36.99 -24.70
C GLN B 4078 61.12 37.87 -25.90
N ASP B 4079 60.32 37.79 -26.96
CA ASP B 4079 60.53 38.63 -28.13
C ASP B 4079 60.34 40.11 -27.78
N TYR B 4080 59.33 40.41 -26.95
CA TYR B 4080 59.16 41.80 -26.54
C TYR B 4080 60.29 42.28 -25.63
N VAL B 4081 60.94 41.35 -24.89
CA VAL B 4081 62.06 41.68 -24.02
C VAL B 4081 63.20 42.28 -24.83
N THR B 4082 63.64 43.48 -24.43
CA THR B 4082 64.72 44.19 -25.10
C THR B 4082 65.85 44.62 -24.18
N ASP B 4083 65.81 44.25 -22.90
CA ASP B 4083 66.82 44.66 -21.93
C ASP B 4083 67.65 43.44 -21.55
N PRO B 4084 68.90 43.33 -22.04
CA PRO B 4084 69.79 42.22 -21.62
C PRO B 4084 70.04 42.08 -20.12
N ARG B 4085 69.75 43.09 -19.30
CA ARG B 4085 70.07 43.06 -17.88
C ARG B 4085 69.09 42.20 -17.04
N GLY B 4086 68.32 41.31 -17.66
CA GLY B 4086 67.35 40.52 -16.91
C GLY B 4086 66.20 41.36 -16.42
N LEU B 4087 65.87 42.42 -17.13
CA LEU B 4087 64.87 43.40 -16.71
C LEU B 4087 63.93 43.69 -17.87
N ILE B 4088 62.81 44.36 -17.57
CA ILE B 4088 61.84 44.74 -18.60
C ILE B 4088 61.13 46.02 -18.17
N SER B 4089 60.99 46.98 -19.08
CA SER B 4089 60.33 48.23 -18.73
C SER B 4089 58.84 48.00 -18.55
N LYS B 4090 58.20 48.87 -17.76
CA LYS B 4090 56.75 48.77 -17.52
C LYS B 4090 55.93 48.85 -18.81
N LYS B 4091 56.31 49.73 -19.74
CA LYS B 4091 55.66 49.77 -21.05
C LYS B 4091 55.84 48.46 -21.82
N ASP B 4092 57.04 47.87 -21.74
CA ASP B 4092 57.30 46.61 -22.43
C ASP B 4092 56.56 45.45 -21.79
N PHE B 4093 56.46 45.45 -20.46
CA PHE B 4093 55.67 44.45 -19.76
C PHE B 4093 54.19 44.60 -20.13
N GLN B 4094 53.71 45.85 -20.21
CA GLN B 4094 52.33 46.12 -20.62
C GLN B 4094 52.02 45.58 -22.01
N LYS B 4095 52.96 45.76 -22.94
CA LYS B 4095 52.69 45.30 -24.30
C LYS B 4095 53.05 43.85 -24.54
N ALA B 4096 53.75 43.21 -23.60
CA ALA B 4096 54.07 41.79 -23.70
C ALA B 4096 53.11 40.89 -22.96
N MET B 4097 52.53 41.38 -21.86
CA MET B 4097 51.60 40.58 -21.07
C MET B 4097 50.34 40.24 -21.85
N ASP B 4098 49.81 41.21 -22.60
CA ASP B 4098 48.57 41.01 -23.35
C ASP B 4098 48.79 40.35 -24.69
N SER B 4099 50.04 40.06 -25.05
CA SER B 4099 50.32 39.38 -26.31
C SER B 4099 49.90 37.92 -26.26
N GLN B 4100 49.85 37.33 -25.08
CA GLN B 4100 49.34 35.96 -24.94
C GLN B 4100 47.82 35.91 -25.05
N LYS B 4101 47.15 37.06 -24.94
CA LYS B 4101 45.68 37.20 -24.99
C LYS B 4101 44.99 36.35 -23.93
N GLN B 4102 45.48 36.48 -22.69
CA GLN B 4102 45.03 35.63 -21.59
C GLN B 4102 44.59 36.39 -20.35
N PHE B 4103 44.81 37.70 -20.28
CA PHE B 4103 44.56 38.46 -19.06
C PHE B 4103 43.57 39.59 -19.32
N THR B 4104 42.66 39.80 -18.37
CA THR B 4104 41.69 40.89 -18.45
C THR B 4104 42.25 42.11 -17.71
N GLY B 4105 41.57 43.25 -17.88
CA GLY B 4105 42.00 44.57 -17.42
C GLY B 4105 42.47 44.71 -15.98
N PRO B 4106 41.67 44.27 -15.00
CA PRO B 4106 42.15 44.26 -13.61
C PRO B 4106 43.42 43.45 -13.44
N GLU B 4107 43.58 42.33 -14.14
CA GLU B 4107 44.84 41.60 -14.01
C GLU B 4107 45.95 42.24 -14.80
N ILE B 4108 45.61 43.06 -15.81
CA ILE B 4108 46.59 43.82 -16.58
C ILE B 4108 47.28 44.81 -15.66
N GLN B 4109 46.47 45.58 -14.93
CA GLN B 4109 47.07 46.64 -14.13
C GLN B 4109 47.59 46.08 -12.82
N PHE B 4110 46.87 45.10 -12.24
CA PHE B 4110 47.25 44.51 -10.97
C PHE B 4110 48.60 43.79 -11.06
N LEU B 4111 48.88 43.11 -12.17
CA LEU B 4111 50.18 42.46 -12.35
C LEU B 4111 51.30 43.50 -12.39
N LEU B 4112 51.01 44.62 -13.06
CA LEU B 4112 51.97 45.72 -13.16
C LEU B 4112 52.26 46.28 -11.78
N SER B 4113 51.20 46.50 -10.99
CA SER B 4113 51.37 47.12 -9.69
C SER B 4113 52.16 46.21 -8.75
N CYS B 4114 51.88 44.90 -8.79
CA CYS B 4114 52.63 43.95 -7.97
C CYS B 4114 54.09 43.87 -8.37
N SER B 4115 54.38 43.99 -9.67
CA SER B 4115 55.76 43.97 -10.12
C SER B 4115 56.57 45.10 -9.50
N GLU B 4116 57.78 44.78 -9.04
CA GLU B 4116 58.57 45.72 -8.25
C GLU B 4116 59.13 46.86 -9.11
N ALA B 4117 58.24 47.72 -9.59
CA ALA B 4117 58.66 48.90 -10.33
C ALA B 4117 59.43 49.84 -9.42
N ASP B 4118 60.68 50.13 -9.76
CA ASP B 4118 61.54 50.96 -8.96
C ASP B 4118 61.31 52.42 -9.35
N GLU B 4119 62.22 53.31 -8.95
CA GLU B 4119 62.14 54.72 -9.33
C GLU B 4119 62.24 54.92 -10.85
N ASN B 4120 62.78 53.94 -11.58
CA ASN B 4120 62.98 54.06 -13.02
C ASN B 4120 61.85 53.43 -13.83
N GLU B 4121 60.75 53.04 -13.16
CA GLU B 4121 59.64 52.26 -13.76
C GLU B 4121 60.17 50.98 -14.42
N MET B 4122 61.18 50.37 -13.81
CA MET B 4122 61.87 49.23 -14.38
C MET B 4122 61.41 47.99 -13.60
N ILE B 4123 60.87 46.99 -14.30
CA ILE B 4123 60.34 45.78 -13.67
C ILE B 4123 61.40 44.68 -13.66
N ASN B 4124 61.77 44.21 -12.46
CA ASN B 4124 62.71 43.10 -12.31
C ASN B 4124 61.95 41.77 -12.35
N PHE B 4125 61.68 41.30 -13.58
CA PHE B 4125 60.86 40.11 -13.75
C PHE B 4125 61.56 38.84 -13.30
N GLU B 4126 62.86 38.90 -12.99
CA GLU B 4126 63.60 37.73 -12.55
C GLU B 4126 63.10 37.27 -11.20
N GLU B 4127 63.03 38.19 -10.24
CA GLU B 4127 62.60 37.84 -8.91
C GLU B 4127 61.12 38.12 -8.68
N PHE B 4128 60.47 38.83 -9.62
CA PHE B 4128 59.03 39.07 -9.48
C PHE B 4128 58.26 37.76 -9.49
N ALA B 4129 58.63 36.84 -10.39
CA ALA B 4129 57.96 35.54 -10.41
C ALA B 4129 58.40 34.72 -9.19
N ASN B 4130 59.70 34.68 -8.93
CA ASN B 4130 60.27 33.75 -7.95
C ASN B 4130 60.07 34.18 -6.51
N ARG B 4131 59.33 35.27 -6.24
CA ARG B 4131 59.17 35.74 -4.87
C ARG B 4131 58.34 34.78 -4.03
N PHE B 4132 57.16 34.38 -4.51
CA PHE B 4132 56.24 33.55 -3.73
C PHE B 4132 56.04 32.14 -4.27
N GLN B 4133 56.73 31.74 -5.35
CA GLN B 4133 56.44 30.48 -6.03
C GLN B 4133 56.67 29.24 -5.17
N GLU B 4134 57.52 29.32 -4.15
CA GLU B 4134 57.68 28.17 -3.28
C GLU B 4134 56.50 28.02 -2.30
N PRO B 4135 56.17 28.98 -1.41
CA PRO B 4135 55.06 28.72 -0.47
C PRO B 4135 53.68 28.66 -1.13
N ALA B 4136 53.42 29.44 -2.17
CA ALA B 4136 52.10 29.44 -2.82
C ALA B 4136 51.77 28.16 -3.56
N ARG B 4137 52.75 27.28 -3.76
CA ARG B 4137 52.49 26.00 -4.41
C ARG B 4137 51.75 25.06 -3.49
N ASP B 4138 52.13 25.03 -2.21
CA ASP B 4138 51.52 24.11 -1.26
C ASP B 4138 50.02 24.39 -1.08
N ILE B 4139 49.66 25.67 -0.92
CA ILE B 4139 48.25 26.03 -0.84
C ILE B 4139 47.54 25.80 -2.17
N GLY B 4140 48.20 26.07 -3.31
CA GLY B 4140 47.55 25.83 -4.59
C GLY B 4140 47.24 24.36 -4.82
N PHE B 4141 48.19 23.49 -4.45
CA PHE B 4141 47.99 22.05 -4.60
C PHE B 4141 46.88 21.60 -3.67
N ASN B 4142 46.86 22.10 -2.42
CA ASN B 4142 45.89 21.58 -1.47
C ASN B 4142 44.48 22.04 -1.81
N VAL B 4143 44.30 23.27 -2.34
CA VAL B 4143 42.97 23.67 -2.78
C VAL B 4143 42.57 22.86 -4.02
N ALA B 4144 43.56 22.38 -4.79
CA ALA B 4144 43.26 21.48 -5.90
C ALA B 4144 42.79 20.13 -5.39
N VAL B 4145 43.44 19.62 -4.34
CA VAL B 4145 43.02 18.36 -3.72
C VAL B 4145 41.62 18.49 -3.17
N LEU B 4146 41.34 19.63 -2.53
CA LEU B 4146 40.02 19.89 -1.96
C LEU B 4146 38.95 19.92 -3.04
N LEU B 4147 39.24 20.61 -4.15
CA LEU B 4147 38.28 20.69 -5.24
C LEU B 4147 38.10 19.35 -5.95
N THR B 4148 39.19 18.57 -6.09
CA THR B 4148 39.09 17.23 -6.65
C THR B 4148 38.21 16.33 -5.79
N ASN B 4149 38.44 16.39 -4.47
CA ASN B 4149 37.74 15.53 -3.52
C ASN B 4149 36.26 15.86 -3.52
N LEU B 4150 35.94 17.16 -3.55
CA LEU B 4150 34.54 17.57 -3.60
C LEU B 4150 33.91 17.17 -4.91
N SER B 4151 34.63 17.33 -6.03
CA SER B 4151 34.07 17.06 -7.34
C SER B 4151 33.71 15.59 -7.47
N GLU B 4152 34.57 14.71 -6.95
CA GLU B 4152 34.32 13.28 -7.06
C GLU B 4152 33.21 12.84 -6.11
N HIS B 4153 33.22 13.33 -4.86
CA HIS B 4153 32.20 12.85 -3.92
C HIS B 4153 30.87 13.57 -4.03
N VAL B 4154 30.78 14.67 -4.78
CA VAL B 4154 29.51 15.34 -5.08
C VAL B 4154 29.50 15.53 -6.58
N PRO B 4155 29.23 14.50 -7.37
CA PRO B 4155 29.47 14.60 -8.81
C PRO B 4155 28.38 15.32 -9.56
N HIS B 4156 27.16 15.32 -9.04
CA HIS B 4156 25.99 15.81 -9.75
C HIS B 4156 25.57 17.19 -9.27
N ASP B 4157 26.51 18.06 -8.91
CA ASP B 4157 26.14 19.41 -8.48
C ASP B 4157 26.52 20.43 -9.54
N PRO B 4158 25.54 21.05 -10.21
CA PRO B 4158 25.84 22.10 -11.20
C PRO B 4158 26.56 23.29 -10.60
N ARG B 4159 26.24 23.64 -9.34
CA ARG B 4159 26.92 24.75 -8.70
C ARG B 4159 28.39 24.45 -8.53
N LEU B 4160 28.71 23.17 -8.28
CA LEU B 4160 30.09 22.74 -8.17
C LEU B 4160 30.78 22.83 -9.52
N ARG B 4161 30.05 22.50 -10.60
CA ARG B 4161 30.66 22.43 -11.94
C ARG B 4161 31.26 23.77 -12.34
N ASN B 4162 30.56 24.87 -11.98
CA ASN B 4162 31.04 26.19 -12.34
C ASN B 4162 32.35 26.48 -11.65
N PHE B 4163 32.51 25.96 -10.42
CA PHE B 4163 33.76 26.12 -9.69
C PHE B 4163 34.87 25.40 -10.43
N LEU B 4164 34.58 24.17 -10.88
CA LEU B 4164 35.62 23.38 -11.54
C LEU B 4164 36.08 24.09 -12.81
N GLU B 4165 35.13 24.70 -13.53
CA GLU B 4165 35.50 25.47 -14.72
C GLU B 4165 36.35 26.69 -14.36
N LEU B 4166 36.01 27.39 -13.27
CA LEU B 4166 36.83 28.52 -12.86
C LEU B 4166 38.19 28.10 -12.32
N ALA B 4167 38.35 26.84 -11.92
CA ALA B 4167 39.58 26.35 -11.32
C ALA B 4167 40.35 25.40 -12.22
N GLU B 4168 39.97 25.32 -13.51
CA GLU B 4168 40.59 24.37 -14.42
C GLU B 4168 42.09 24.61 -14.63
N SER B 4169 42.53 25.88 -14.61
CA SER B 4169 43.94 26.21 -14.80
C SER B 4169 44.82 25.63 -13.69
N ILE B 4170 44.33 25.67 -12.46
CA ILE B 4170 45.05 25.10 -11.33
C ILE B 4170 45.07 23.59 -11.45
N LEU B 4171 43.91 23.01 -11.74
CA LEU B 4171 43.78 21.56 -11.81
C LEU B 4171 44.65 20.98 -12.91
N GLU B 4172 44.66 21.63 -14.09
CA GLU B 4172 45.56 21.19 -15.15
C GLU B 4172 47.02 21.40 -14.78
N TYR B 4173 47.32 22.45 -14.01
CA TYR B 4173 48.70 22.66 -13.59
C TYR B 4173 49.17 21.56 -12.66
N PHE B 4174 48.30 21.10 -11.76
CA PHE B 4174 48.67 20.16 -10.72
C PHE B 4174 48.28 18.74 -11.03
N ARG B 4175 47.66 18.50 -12.18
CA ARG B 4175 47.29 17.13 -12.58
C ARG B 4175 48.47 16.15 -12.66
N PRO B 4176 49.65 16.48 -13.21
CA PRO B 4176 50.75 15.49 -13.20
C PRO B 4176 51.31 15.17 -11.82
N TYR B 4177 50.79 15.75 -10.74
CA TYR B 4177 51.35 15.59 -9.41
C TYR B 4177 50.36 15.05 -8.42
N LEU B 4178 49.06 15.18 -8.68
CA LEU B 4178 48.03 14.59 -7.84
C LEU B 4178 48.11 13.09 -7.94
N GLY B 4179 48.08 12.40 -6.81
CA GLY B 4179 48.02 10.97 -6.93
C GLY B 4179 46.79 10.51 -6.20
N ARG B 4180 46.25 9.36 -6.59
CA ARG B 4180 45.01 8.90 -6.00
C ARG B 4180 45.05 7.38 -5.93
N ILE B 4181 44.63 6.86 -4.80
CA ILE B 4181 44.55 5.42 -4.57
C ILE B 4181 43.26 5.14 -3.82
N GLU B 4182 42.79 3.90 -3.91
CA GLU B 4182 41.64 3.50 -3.10
C GLU B 4182 42.07 2.38 -2.16
N ILE B 4183 41.83 2.56 -0.87
CA ILE B 4183 42.13 1.53 0.11
C ILE B 4183 40.86 1.12 0.83
N MET B 4184 40.78 -0.14 1.21
CA MET B 4184 39.68 -0.53 2.09
C MET B 4184 40.07 -0.05 3.48
N GLY B 4185 39.32 0.89 4.03
CA GLY B 4185 39.71 1.56 5.25
C GLY B 4185 39.21 0.84 6.50
N ALA B 4186 39.35 1.54 7.63
CA ALA B 4186 38.94 0.96 8.90
C ALA B 4186 37.42 0.90 9.01
N SER B 4187 36.73 1.71 8.20
CA SER B 4187 35.28 1.80 8.15
C SER B 4187 34.64 0.60 7.47
N ARG B 4188 35.45 -0.27 6.85
CA ARG B 4188 35.05 -1.42 6.05
C ARG B 4188 34.44 -0.99 4.73
N ARG B 4189 34.78 0.22 4.30
CA ARG B 4189 34.35 0.79 3.04
C ARG B 4189 35.55 1.42 2.34
N ILE B 4190 35.55 1.32 1.02
CA ILE B 4190 36.62 1.88 0.20
C ILE B 4190 36.71 3.39 0.38
N GLU B 4191 37.93 3.90 0.56
CA GLU B 4191 38.17 5.33 0.70
C GLU B 4191 39.30 5.73 -0.24
N ARG B 4192 39.10 6.84 -0.95
CA ARG B 4192 40.15 7.42 -1.79
C ARG B 4192 41.15 8.22 -0.95
N ILE B 4193 42.41 8.12 -1.33
CA ILE B 4193 43.52 8.85 -0.70
C ILE B 4193 44.26 9.63 -1.77
N TYR B 4194 44.51 10.92 -1.49
CA TYR B 4194 45.18 11.84 -2.39
C TYR B 4194 46.56 12.13 -1.80
N PHE B 4195 47.60 12.00 -2.64
CA PHE B 4195 49.00 12.16 -2.24
C PHE B 4195 49.77 13.02 -3.24
N GLU B 4196 51.00 13.38 -2.88
CA GLU B 4196 51.86 14.20 -3.72
C GLU B 4196 52.90 13.34 -4.44
N ILE B 4197 52.80 13.25 -5.75
CA ILE B 4197 53.84 12.58 -6.50
C ILE B 4197 54.97 13.58 -6.69
N SER B 4198 56.22 13.17 -6.59
CA SER B 4198 57.26 14.17 -6.71
C SER B 4198 57.76 14.15 -8.15
N GLU B 4199 58.33 15.30 -8.59
CA GLU B 4199 58.75 15.41 -9.98
C GLU B 4199 59.87 14.42 -10.27
N THR B 4200 60.83 14.32 -9.33
CA THR B 4200 61.98 13.45 -9.49
C THR B 4200 61.52 12.00 -9.56
N ASN B 4201 60.54 11.65 -8.71
CA ASN B 4201 60.02 10.29 -8.64
C ASN B 4201 59.31 9.92 -9.93
N ARG B 4202 58.52 10.86 -10.47
CA ARG B 4202 57.83 10.58 -11.72
C ARG B 4202 58.82 10.40 -12.86
N ALA B 4203 59.88 11.23 -12.89
CA ALA B 4203 60.89 11.11 -13.94
C ALA B 4203 61.60 9.77 -13.81
N GLN B 4204 61.94 9.40 -12.58
CA GLN B 4204 62.73 8.21 -12.32
C GLN B 4204 61.86 6.97 -12.33
N TRP B 4205 60.56 7.15 -12.56
CA TRP B 4205 59.64 6.05 -12.76
C TRP B 4205 59.36 5.92 -14.24
N GLU B 4206 59.68 6.96 -15.00
CA GLU B 4206 59.44 6.95 -16.43
C GLU B 4206 60.71 6.58 -17.17
N MET B 4207 61.82 6.38 -16.44
CA MET B 4207 63.08 6.04 -17.08
C MET B 4207 63.02 4.63 -17.69
N PRO B 4208 63.82 4.35 -18.73
CA PRO B 4208 63.73 3.04 -19.42
C PRO B 4208 64.07 1.79 -18.62
N GLN B 4209 65.11 1.84 -17.77
CA GLN B 4209 65.45 0.67 -16.96
C GLN B 4209 64.37 0.32 -15.95
N VAL B 4210 63.78 1.32 -15.27
CA VAL B 4210 62.79 0.99 -14.25
C VAL B 4210 61.53 0.43 -14.94
N LYS B 4211 61.27 0.87 -16.18
CA LYS B 4211 60.15 0.35 -16.94
C LYS B 4211 60.41 -1.10 -17.31
N GLU B 4212 61.65 -1.43 -17.65
CA GLU B 4212 61.98 -2.80 -18.02
C GLU B 4212 61.88 -3.70 -16.79
N SER B 4213 62.30 -3.16 -15.63
CA SER B 4213 62.18 -3.90 -14.37
C SER B 4213 60.73 -4.16 -14.05
N LYS B 4214 59.87 -3.16 -14.31
CA LYS B 4214 58.44 -3.29 -14.06
C LYS B 4214 57.86 -4.37 -14.95
N ARG B 4215 58.25 -4.38 -16.23
CA ARG B 4215 57.74 -5.35 -17.19
C ARG B 4215 58.15 -6.76 -16.80
N GLN B 4216 59.39 -6.89 -16.31
CA GLN B 4216 59.90 -8.18 -15.86
C GLN B 4216 59.11 -8.66 -14.65
N PHE B 4217 58.84 -7.76 -13.70
CA PHE B 4217 58.10 -8.13 -12.50
C PHE B 4217 56.69 -8.59 -12.87
N ILE B 4218 56.03 -7.84 -13.76
CA ILE B 4218 54.66 -8.18 -14.15
C ILE B 4218 54.63 -9.54 -14.83
N PHE B 4219 55.65 -9.85 -15.64
CA PHE B 4219 55.72 -11.16 -16.28
C PHE B 4219 55.89 -12.28 -15.25
N ASP B 4220 56.81 -12.10 -14.31
CA ASP B 4220 57.08 -13.17 -13.34
C ASP B 4220 55.91 -13.37 -12.38
N VAL B 4221 55.30 -12.29 -11.91
CA VAL B 4221 54.13 -12.41 -11.04
C VAL B 4221 52.91 -12.99 -11.78
N VAL B 4222 52.65 -12.60 -13.04
CA VAL B 4222 51.43 -13.03 -13.71
C VAL B 4222 51.67 -14.36 -14.44
N ASN B 4223 52.89 -14.89 -14.38
CA ASN B 4223 53.13 -16.20 -14.97
C ASN B 4223 53.49 -17.25 -13.93
N GLU B 4224 54.49 -17.02 -13.09
CA GLU B 4224 54.93 -18.06 -12.17
C GLU B 4224 54.39 -17.88 -10.76
N GLY B 4225 53.81 -16.73 -10.44
CA GLY B 4225 53.38 -16.43 -9.08
C GLY B 4225 51.88 -16.56 -8.90
N GLY B 4226 51.48 -17.21 -7.82
CA GLY B 4226 50.08 -17.36 -7.52
C GLY B 4226 49.48 -16.08 -6.97
N GLU B 4227 48.14 -16.01 -7.00
CA GLU B 4227 47.43 -14.82 -6.54
C GLU B 4227 47.54 -14.62 -5.03
N ALA B 4228 47.77 -15.69 -4.27
CA ALA B 4228 47.79 -15.62 -2.81
C ALA B 4228 48.90 -14.72 -2.29
N GLU B 4229 50.06 -14.74 -2.93
CA GLU B 4229 51.24 -14.03 -2.45
C GLU B 4229 51.49 -12.79 -3.32
N LYS B 4230 50.55 -12.50 -4.24
CA LYS B 4230 50.71 -11.46 -5.25
C LYS B 4230 50.96 -10.08 -4.63
N MET B 4231 50.24 -9.75 -3.55
CA MET B 4231 50.40 -8.41 -3.02
C MET B 4231 51.66 -8.29 -2.18
N GLU B 4232 52.17 -9.41 -1.67
CA GLU B 4232 53.47 -9.38 -0.99
C GLU B 4232 54.57 -9.15 -2.01
N LEU B 4233 54.46 -9.85 -3.14
CA LEU B 4233 55.45 -9.73 -4.21
C LEU B 4233 55.42 -8.33 -4.79
N PHE B 4234 54.22 -7.76 -4.94
CA PHE B 4234 54.07 -6.41 -5.44
C PHE B 4234 54.71 -5.41 -4.50
N VAL B 4235 54.43 -5.52 -3.19
CA VAL B 4235 54.97 -4.55 -2.22
C VAL B 4235 56.49 -4.64 -2.18
N SER B 4236 57.03 -5.86 -2.29
CA SER B 4236 58.48 -6.05 -2.31
C SER B 4236 59.10 -5.43 -3.56
N PHE B 4237 58.44 -5.60 -4.71
CA PHE B 4237 58.88 -4.94 -5.94
C PHE B 4237 58.87 -3.43 -5.79
N CYS B 4238 57.83 -2.89 -5.13
CA CYS B 4238 57.74 -1.45 -4.93
C CYS B 4238 58.87 -0.95 -4.06
N GLU B 4239 59.23 -1.70 -3.02
CA GLU B 4239 60.35 -1.28 -2.16
C GLU B 4239 61.67 -1.35 -2.91
N ASP B 4240 61.81 -2.34 -3.79
CA ASP B 4240 63.04 -2.44 -4.58
C ASP B 4240 63.15 -1.27 -5.56
N THR B 4241 62.03 -0.92 -6.19
CA THR B 4241 61.97 0.23 -7.09
C THR B 4241 62.27 1.54 -6.36
N ILE B 4242 61.73 1.70 -5.14
CA ILE B 4242 61.98 2.90 -4.35
C ILE B 4242 63.46 3.02 -4.01
N PHE B 4243 64.08 1.91 -3.55
CA PHE B 4243 65.49 1.98 -3.16
C PHE B 4243 66.35 2.26 -4.39
N GLU B 4244 65.99 1.65 -5.53
CA GLU B 4244 66.71 1.88 -6.78
C GLU B 4244 66.63 3.34 -7.17
N MET B 4245 65.44 3.93 -6.99
CA MET B 4245 65.23 5.34 -7.29
C MET B 4245 66.10 6.22 -6.42
N GLN B 4246 66.23 5.86 -5.13
CA GLN B 4246 67.09 6.59 -4.20
C GLN B 4246 68.55 6.51 -4.63
N ILE B 4247 68.99 5.33 -5.08
CA ILE B 4247 70.35 5.17 -5.59
C ILE B 4247 70.54 6.02 -6.84
N ALA B 4248 69.54 6.08 -7.72
CA ALA B 4248 69.62 6.90 -8.92
C ALA B 4248 69.73 8.38 -8.56
N ALA B 4249 69.00 8.80 -7.53
CA ALA B 4249 69.07 10.17 -7.05
C ALA B 4249 70.45 10.48 -6.50
N GLN B 4250 71.03 9.55 -5.73
CA GLN B 4250 72.35 9.79 -5.14
C GLN B 4250 73.42 9.89 -6.23
N ILE B 4251 73.39 8.97 -7.21
CA ILE B 4251 74.42 8.93 -8.24
C ILE B 4251 74.32 10.15 -9.16
N SER B 4252 73.09 10.62 -9.43
CA SER B 4252 72.86 11.72 -10.37
C SER B 4252 73.62 12.97 -9.96
N GLU B 4253 74.21 13.64 -10.96
CA GLU B 4253 75.08 14.78 -10.72
C GLU B 4253 74.38 16.08 -11.08
N PRO B 4254 74.42 17.09 -10.19
CA PRO B 4254 73.84 18.40 -10.46
C PRO B 4254 74.83 19.38 -11.08
N GLU B 4543 88.45 17.28 -0.78
CA GLU B 4543 89.70 17.10 -1.51
C GLU B 4543 89.67 15.81 -2.34
N LEU B 4544 90.37 14.80 -1.84
CA LEU B 4544 90.41 13.49 -2.50
C LEU B 4544 89.02 12.86 -2.55
N GLU B 4545 88.24 13.03 -1.47
CA GLU B 4545 86.92 12.42 -1.35
C GLU B 4545 85.99 12.90 -2.44
N VAL B 4546 86.05 14.21 -2.76
CA VAL B 4546 85.16 14.79 -3.76
C VAL B 4546 85.40 14.13 -5.10
N GLN B 4547 86.69 13.97 -5.45
CA GLN B 4547 87.09 13.37 -6.72
C GLN B 4547 86.65 11.92 -6.78
N ARG B 4548 86.85 11.20 -5.66
CA ARG B 4548 86.38 9.82 -5.50
C ARG B 4548 84.89 9.71 -5.79
N VAL B 4549 84.07 10.53 -5.10
CA VAL B 4549 82.62 10.46 -5.24
C VAL B 4549 82.21 10.82 -6.67
N LYS B 4550 82.89 11.80 -7.26
CA LYS B 4550 82.54 12.27 -8.61
C LYS B 4550 82.84 11.17 -9.62
N PHE B 4551 84.00 10.51 -9.48
CA PHE B 4551 84.40 9.45 -10.38
C PHE B 4551 83.44 8.28 -10.26
N LEU B 4552 83.14 7.87 -9.01
CA LEU B 4552 82.26 6.71 -8.79
C LEU B 4552 80.87 6.98 -9.34
N ASN B 4553 80.38 8.22 -9.18
CA ASN B 4553 79.11 8.63 -9.76
C ASN B 4553 79.13 8.59 -11.28
N TYR B 4554 80.27 8.99 -11.88
CA TYR B 4554 80.40 8.91 -13.33
C TYR B 4554 80.34 7.47 -13.79
N LEU B 4555 81.05 6.57 -13.08
CA LEU B 4555 81.10 5.17 -13.48
C LEU B 4555 79.72 4.54 -13.36
N SER B 4556 78.99 4.92 -12.31
CA SER B 4556 77.65 4.36 -12.09
C SER B 4556 76.68 4.87 -13.15
N ARG B 4557 76.78 6.14 -13.52
CA ARG B 4557 75.92 6.68 -14.56
C ARG B 4557 76.23 6.08 -15.92
N ASN B 4558 77.50 5.77 -16.17
CA ASN B 4558 77.94 5.25 -17.46
C ASN B 4558 78.38 3.80 -17.40
N PHE B 4559 77.71 2.99 -16.57
CA PHE B 4559 78.12 1.59 -16.42
C PHE B 4559 77.70 0.78 -17.63
N TYR B 4560 76.45 0.97 -18.09
CA TYR B 4560 75.92 0.20 -19.22
C TYR B 4560 76.67 0.53 -20.50
N THR B 4561 77.04 1.81 -20.65
CA THR B 4561 77.83 2.27 -21.78
C THR B 4561 79.22 1.63 -21.74
N LEU B 4562 79.81 1.54 -20.55
CA LEU B 4562 81.14 0.93 -20.44
C LEU B 4562 81.09 -0.54 -20.82
N ARG B 4563 80.03 -1.24 -20.43
CA ARG B 4563 79.85 -2.65 -20.78
C ARG B 4563 79.70 -2.83 -22.29
N PHE B 4564 78.99 -1.89 -22.93
CA PHE B 4564 78.90 -1.93 -24.39
C PHE B 4564 80.25 -1.60 -25.04
N LEU B 4565 81.01 -0.69 -24.44
CA LEU B 4565 82.35 -0.39 -24.94
C LEU B 4565 83.23 -1.62 -24.85
N ALA B 4566 83.10 -2.38 -23.75
CA ALA B 4566 83.90 -3.58 -23.54
C ALA B 4566 83.58 -4.62 -24.61
N LEU B 4567 82.30 -4.72 -24.96
CA LEU B 4567 81.87 -5.61 -26.03
C LEU B 4567 82.45 -5.18 -27.37
N PHE B 4568 82.45 -3.86 -27.65
CA PHE B 4568 83.03 -3.35 -28.89
C PHE B 4568 84.52 -3.64 -28.93
N LEU B 4569 85.20 -3.45 -27.80
CA LEU B 4569 86.65 -3.61 -27.74
C LEU B 4569 87.02 -5.08 -27.97
N ALA B 4570 86.19 -5.98 -27.44
CA ALA B 4570 86.39 -7.41 -27.66
C ALA B 4570 86.17 -7.77 -29.13
N PHE B 4571 85.17 -7.16 -29.77
CA PHE B 4571 84.95 -7.38 -31.20
C PHE B 4571 86.11 -6.86 -32.03
N ALA B 4572 86.63 -5.68 -31.71
CA ALA B 4572 87.77 -5.13 -32.42
C ALA B 4572 89.02 -6.00 -32.24
N ILE B 4573 89.29 -6.47 -31.02
CA ILE B 4573 90.46 -7.32 -30.76
C ILE B 4573 90.34 -8.62 -31.54
N ASN B 4574 89.15 -9.22 -31.50
CA ASN B 4574 88.90 -10.48 -32.19
C ASN B 4574 89.05 -10.31 -33.71
N PHE B 4575 88.62 -9.15 -34.23
CA PHE B 4575 88.84 -8.84 -35.65
C PHE B 4575 90.34 -8.80 -35.96
N ILE B 4576 91.12 -8.12 -35.10
CA ILE B 4576 92.57 -7.99 -35.33
C ILE B 4576 93.22 -9.37 -35.24
N LEU B 4577 92.62 -10.28 -34.49
CA LEU B 4577 93.18 -11.61 -34.23
C LEU B 4577 92.89 -12.58 -35.35
N LEU B 4578 92.25 -12.13 -36.42
CA LEU B 4578 91.97 -12.93 -37.60
C LEU B 4578 93.07 -12.79 -38.63
N PHE B 4579 94.17 -12.14 -38.25
CA PHE B 4579 95.31 -11.89 -39.11
C PHE B 4579 96.56 -12.56 -38.57
N TYR B 4580 96.40 -13.50 -37.64
CA TYR B 4580 97.54 -14.19 -37.06
C TYR B 4580 97.99 -15.34 -37.97
N LYS B 4581 99.28 -15.60 -37.93
CA LYS B 4581 99.89 -16.62 -38.76
C LYS B 4581 100.90 -17.36 -37.90
N VAL B 4582 101.20 -18.60 -38.27
CA VAL B 4582 102.19 -19.40 -37.58
C VAL B 4582 103.30 -19.76 -38.56
N SER B 4583 104.55 -19.76 -38.07
CA SER B 4583 105.66 -20.23 -38.88
C SER B 4583 106.70 -20.88 -37.97
N ASP B 4584 107.32 -21.95 -38.47
CA ASP B 4584 108.38 -22.59 -37.69
C ASP B 4584 109.59 -21.67 -37.60
N SER B 4585 109.94 -21.01 -38.70
CA SER B 4585 111.04 -20.07 -38.71
C SER B 4585 110.64 -18.79 -37.97
N PRO B 4586 111.56 -18.17 -37.23
CA PRO B 4586 111.23 -16.90 -36.58
C PRO B 4586 110.99 -15.81 -37.60
N PRO B 4587 110.07 -14.86 -37.32
CA PRO B 4587 109.71 -13.81 -38.27
C PRO B 4587 110.84 -12.82 -38.54
N ASN B 4626 111.82 -27.38 -32.31
CA ASN B 4626 111.69 -26.20 -33.18
C ASN B 4626 110.35 -25.52 -32.95
N MET B 4627 110.26 -24.79 -31.83
CA MET B 4627 109.00 -24.17 -31.41
C MET B 4627 108.48 -23.19 -32.45
N VAL B 4628 107.17 -23.17 -32.64
CA VAL B 4628 106.56 -22.31 -33.63
C VAL B 4628 106.53 -20.86 -33.14
N TYR B 4629 106.51 -19.92 -34.08
CA TYR B 4629 106.35 -18.51 -33.80
C TYR B 4629 105.00 -18.04 -34.34
N TYR B 4630 104.21 -17.42 -33.48
CA TYR B 4630 102.94 -16.83 -33.88
C TYR B 4630 103.10 -15.33 -34.03
N PHE B 4631 102.70 -14.79 -35.19
CA PHE B 4631 102.90 -13.38 -35.45
C PHE B 4631 101.75 -12.84 -36.29
N LEU B 4632 101.54 -11.54 -36.20
CA LEU B 4632 100.53 -10.89 -37.02
C LEU B 4632 101.15 -10.57 -38.38
N GLU B 4633 100.45 -10.95 -39.44
CA GLU B 4633 100.86 -10.59 -40.79
C GLU B 4633 99.83 -9.66 -41.39
N GLU B 4634 100.10 -8.35 -41.32
CA GLU B 4634 99.26 -7.35 -41.97
C GLU B 4634 100.16 -6.40 -42.73
N SER B 4635 99.70 -5.98 -43.91
CA SER B 4635 100.52 -5.14 -44.77
C SER B 4635 100.77 -3.76 -44.18
N THR B 4636 99.73 -3.14 -43.60
CA THR B 4636 99.81 -1.75 -43.16
C THR B 4636 100.84 -1.54 -42.05
N GLY B 4637 100.94 -2.49 -41.11
CA GLY B 4637 101.84 -2.31 -39.98
C GLY B 4637 101.20 -1.60 -38.82
N TYR B 4638 99.90 -1.33 -38.89
CA TYR B 4638 99.14 -0.56 -37.90
C TYR B 4638 98.27 -1.43 -36.99
N MET B 4639 98.31 -2.75 -37.13
CA MET B 4639 97.44 -3.56 -36.29
C MET B 4639 98.09 -4.02 -34.98
N GLU B 4640 99.39 -4.33 -34.96
CA GLU B 4640 100.02 -4.68 -33.69
C GLU B 4640 100.03 -3.55 -32.64
N PRO B 4641 100.36 -2.28 -32.96
CA PRO B 4641 100.23 -1.23 -31.93
C PRO B 4641 98.80 -1.04 -31.47
N ALA B 4642 97.85 -1.09 -32.42
CA ALA B 4642 96.45 -0.96 -32.08
C ALA B 4642 96.02 -2.11 -31.18
N LEU B 4643 96.50 -3.31 -31.47
CA LEU B 4643 96.13 -4.50 -30.69
C LEU B 4643 96.60 -4.33 -29.25
N TRP B 4644 97.82 -3.78 -29.10
CA TRP B 4644 98.40 -3.60 -27.77
C TRP B 4644 97.59 -2.58 -26.97
N CYS B 4645 97.24 -1.46 -27.62
CA CYS B 4645 96.48 -0.41 -26.97
C CYS B 4645 95.07 -0.90 -26.64
N LEU B 4646 94.41 -1.56 -27.59
CA LEU B 4646 93.06 -2.08 -27.37
C LEU B 4646 93.04 -3.10 -26.24
N SER B 4647 94.08 -3.92 -26.13
CA SER B 4647 94.13 -4.94 -25.09
C SER B 4647 94.25 -4.31 -23.70
N LEU B 4648 95.14 -3.31 -23.58
CA LEU B 4648 95.26 -2.58 -22.33
C LEU B 4648 93.98 -1.80 -22.02
N LEU B 4649 93.35 -1.23 -23.05
CA LEU B 4649 92.10 -0.51 -22.86
C LEU B 4649 91.01 -1.46 -22.38
N HIS B 4650 90.97 -2.67 -22.94
CA HIS B 4650 89.96 -3.65 -22.57
C HIS B 4650 90.08 -4.04 -21.11
N THR B 4651 91.33 -4.25 -20.65
CA THR B 4651 91.55 -4.53 -19.23
C THR B 4651 91.13 -3.36 -18.35
N LEU B 4652 91.34 -2.13 -18.82
CA LEU B 4652 90.88 -0.94 -18.11
C LEU B 4652 89.36 -0.91 -17.99
N VAL B 4653 88.66 -1.13 -19.11
CA VAL B 4653 87.19 -1.08 -19.09
C VAL B 4653 86.61 -2.20 -18.23
N ALA B 4654 87.25 -3.38 -18.24
CA ALA B 4654 86.80 -4.48 -17.37
C ALA B 4654 86.94 -4.12 -15.90
N PHE B 4655 88.02 -3.42 -15.53
CA PHE B 4655 88.19 -3.00 -14.14
C PHE B 4655 87.20 -1.89 -13.78
N LEU B 4656 87.00 -0.93 -14.67
CA LEU B 4656 86.01 0.13 -14.45
C LEU B 4656 84.59 -0.44 -14.36
N CYS B 4657 84.29 -1.50 -15.12
CA CYS B 4657 82.97 -2.13 -15.04
C CYS B 4657 82.77 -2.81 -13.70
N ILE B 4658 83.81 -3.45 -13.15
CA ILE B 4658 83.70 -4.01 -11.80
C ILE B 4658 83.40 -2.91 -10.78
N ILE B 4659 84.11 -1.79 -10.88
CA ILE B 4659 83.89 -0.68 -9.95
C ILE B 4659 82.47 -0.13 -10.11
N GLY B 4660 82.02 0.03 -11.36
CA GLY B 4660 80.68 0.53 -11.62
C GLY B 4660 79.62 -0.39 -11.07
N TYR B 4661 79.88 -1.71 -11.14
CA TYR B 4661 78.94 -2.67 -10.55
C TYR B 4661 78.86 -2.46 -9.05
N ASN B 4662 80.03 -2.29 -8.40
CA ASN B 4662 80.08 -2.16 -6.95
C ASN B 4662 79.31 -0.93 -6.49
N CYS B 4663 79.47 0.18 -7.22
CA CYS B 4663 78.73 1.40 -6.89
C CYS B 4663 77.23 1.30 -7.20
N LEU B 4664 76.84 0.61 -8.28
CA LEU B 4664 75.45 0.68 -8.69
C LEU B 4664 74.57 -0.51 -8.32
N LYS B 4665 75.01 -1.73 -8.58
CA LYS B 4665 74.12 -2.88 -8.43
C LYS B 4665 74.35 -3.67 -7.15
N VAL B 4666 75.46 -3.46 -6.45
CA VAL B 4666 75.67 -4.10 -5.15
C VAL B 4666 74.75 -3.54 -4.06
N PRO B 4667 74.43 -2.21 -3.98
CA PRO B 4667 73.51 -1.74 -2.91
C PRO B 4667 72.16 -2.46 -2.91
N LEU B 4668 71.59 -2.73 -4.08
CA LEU B 4668 70.28 -3.38 -4.12
C LEU B 4668 70.37 -4.80 -3.60
N VAL B 4669 71.49 -5.48 -3.84
CA VAL B 4669 71.66 -6.86 -3.39
C VAL B 4669 71.76 -6.88 -1.87
N ILE B 4670 72.57 -5.96 -1.33
CA ILE B 4670 72.73 -5.83 0.12
C ILE B 4670 71.39 -5.47 0.75
N PHE B 4671 70.66 -4.54 0.12
CA PHE B 4671 69.36 -4.09 0.64
C PHE B 4671 68.38 -5.26 0.68
N LYS B 4672 68.32 -6.04 -0.39
CA LYS B 4672 67.39 -7.17 -0.46
C LYS B 4672 67.73 -8.23 0.57
N ARG B 4673 69.02 -8.49 0.78
CA ARG B 4673 69.43 -9.45 1.81
C ARG B 4673 69.08 -8.96 3.21
N GLU B 4674 69.33 -7.68 3.49
CA GLU B 4674 68.95 -7.11 4.78
C GLU B 4674 67.45 -7.14 4.98
N LYS B 4675 66.68 -6.89 3.91
CA LYS B 4675 65.22 -6.92 3.99
C LYS B 4675 64.71 -8.31 4.31
N GLU B 4676 65.27 -9.33 3.65
CA GLU B 4676 64.86 -10.71 3.91
C GLU B 4676 65.26 -11.15 5.31
N LEU B 4677 66.45 -10.77 5.76
CA LEU B 4677 66.86 -11.12 7.12
C LEU B 4677 65.96 -10.45 8.16
N ALA B 4678 65.68 -9.15 7.97
CA ALA B 4678 64.90 -8.38 8.94
C ALA B 4678 63.48 -8.94 9.04
N ARG B 4679 62.89 -9.27 7.88
CA ARG B 4679 61.55 -9.83 7.85
C ARG B 4679 61.54 -11.22 8.49
N LYS B 4680 62.54 -12.06 8.17
CA LYS B 4680 62.57 -13.40 8.71
C LYS B 4680 62.75 -13.39 10.22
N LEU B 4681 63.62 -12.50 10.71
CA LEU B 4681 63.81 -12.31 12.15
C LEU B 4681 62.52 -11.90 12.84
N GLU B 4682 61.98 -10.73 12.47
CA GLU B 4682 60.82 -10.20 13.18
C GLU B 4682 59.56 -11.04 12.99
N PHE B 4683 59.25 -11.44 11.77
CA PHE B 4683 57.98 -12.07 11.47
C PHE B 4683 58.04 -13.59 11.37
N ASP B 4684 59.20 -14.20 11.59
CA ASP B 4684 59.23 -15.65 11.62
C ASP B 4684 60.10 -16.25 12.71
N GLY B 4685 60.81 -15.44 13.50
CA GLY B 4685 61.74 -15.94 14.51
C GLY B 4685 62.76 -16.93 14.00
N LEU B 4686 63.50 -16.57 12.94
CA LEU B 4686 64.43 -17.52 12.32
C LEU B 4686 65.52 -17.97 13.28
N TYR B 4687 66.20 -17.03 13.92
CA TYR B 4687 67.32 -17.39 14.78
C TYR B 4687 66.90 -17.50 16.24
N ILE B 4688 65.85 -16.78 16.61
CA ILE B 4688 65.30 -16.85 17.96
C ILE B 4688 64.67 -18.22 18.24
N THR B 4689 63.97 -18.80 17.27
CA THR B 4689 63.23 -20.02 17.53
C THR B 4689 63.80 -21.23 16.81
N GLU B 4690 63.41 -21.49 15.55
CA GLU B 4690 63.76 -22.75 14.88
C GLU B 4690 65.26 -22.95 14.65
N GLN B 4691 65.97 -21.93 14.09
CA GLN B 4691 67.40 -21.89 13.73
C GLN B 4691 67.59 -22.62 12.41
N PRO B 4692 68.47 -22.15 11.52
CA PRO B 4692 68.73 -22.91 10.29
C PRO B 4692 69.53 -24.18 10.55
N GLY B 4693 69.76 -24.96 9.50
CA GLY B 4693 70.40 -26.26 9.68
C GLY B 4693 71.42 -26.68 8.65
N ASP B 4694 72.47 -25.86 8.44
CA ASP B 4694 73.65 -26.15 7.60
C ASP B 4694 73.37 -26.15 6.10
N ASP B 4695 72.21 -26.68 5.69
CA ASP B 4695 71.79 -26.63 4.29
C ASP B 4695 71.69 -25.19 3.80
N ASP B 4696 71.22 -24.29 4.65
CA ASP B 4696 71.10 -22.89 4.28
C ASP B 4696 72.45 -22.23 4.49
N VAL B 4697 73.24 -22.22 3.41
CA VAL B 4697 74.53 -21.53 3.41
C VAL B 4697 74.30 -20.04 3.62
N LYS B 4698 73.23 -19.52 3.02
CA LYS B 4698 72.88 -18.11 3.14
C LYS B 4698 72.55 -17.78 4.58
N GLY B 4699 71.79 -18.66 5.25
CA GLY B 4699 71.45 -18.45 6.65
C GLY B 4699 72.68 -18.46 7.54
N GLN B 4700 73.58 -19.43 7.29
CA GLN B 4700 74.79 -19.56 8.11
C GLN B 4700 75.63 -18.30 7.95
N TRP B 4701 75.77 -17.82 6.71
CA TRP B 4701 76.59 -16.64 6.48
C TRP B 4701 75.92 -15.44 7.14
N ASP B 4702 74.58 -15.39 7.07
CA ASP B 4702 73.81 -14.27 7.59
C ASP B 4702 73.93 -14.14 9.10
N ARG B 4703 74.26 -15.25 9.78
CA ARG B 4703 74.38 -15.23 11.24
C ARG B 4703 75.42 -14.21 11.71
N LEU B 4704 76.44 -13.98 10.88
CA LEU B 4704 77.57 -13.10 11.20
C LEU B 4704 77.15 -11.64 11.40
N VAL B 4705 76.19 -11.17 10.61
CA VAL B 4705 75.82 -9.75 10.68
C VAL B 4705 74.93 -9.40 11.86
N LEU B 4706 74.21 -10.37 12.45
CA LEU B 4706 73.18 -10.08 13.45
C LEU B 4706 73.73 -9.32 14.66
N ASN B 4707 74.87 -9.75 15.19
CA ASN B 4707 75.45 -9.07 16.34
C ASN B 4707 76.04 -7.70 16.01
N THR B 4708 76.37 -7.44 14.74
CA THR B 4708 77.11 -6.24 14.38
C THR B 4708 76.30 -4.97 14.66
N PRO B 4709 76.98 -3.89 15.06
CA PRO B 4709 76.28 -2.60 15.28
C PRO B 4709 75.60 -2.01 14.08
N SER B 4710 75.98 -2.39 12.85
CA SER B 4710 75.46 -1.72 11.66
C SER B 4710 74.57 -2.62 10.81
N PHE B 4711 73.88 -3.57 11.44
CA PHE B 4711 73.06 -4.55 10.71
C PHE B 4711 72.02 -3.93 9.77
N PRO B 4712 71.28 -2.84 10.11
CA PRO B 4712 70.46 -2.23 9.07
C PRO B 4712 71.09 -0.95 8.54
N SER B 4713 71.73 -1.05 7.37
CA SER B 4713 72.40 0.10 6.77
C SER B 4713 71.68 0.55 5.50
N ASN B 4714 71.55 -0.34 4.52
CA ASN B 4714 70.78 0.00 3.32
C ASN B 4714 69.29 0.04 3.60
N TYR B 4715 68.78 -0.91 4.38
CA TYR B 4715 67.35 -0.98 4.63
C TYR B 4715 66.86 0.20 5.46
N TRP B 4716 65.64 0.65 5.14
CA TRP B 4716 65.04 1.83 5.74
C TRP B 4716 64.76 1.69 7.23
N ASP B 4717 64.28 0.53 7.65
CA ASP B 4717 63.81 0.35 9.02
C ASP B 4717 64.98 0.21 9.98
N LYS B 4718 65.20 1.25 10.77
CA LYS B 4718 66.29 1.27 11.73
C LYS B 4718 65.85 0.74 13.08
N PHE B 4719 64.58 0.39 13.21
CA PHE B 4719 64.01 -0.08 14.46
C PHE B 4719 63.87 -1.57 14.51
N VAL B 4720 64.49 -2.31 13.57
CA VAL B 4720 64.26 -3.75 13.46
C VAL B 4720 64.68 -4.46 14.74
N LYS B 4721 65.81 -4.03 15.32
CA LYS B 4721 66.35 -4.69 16.50
C LYS B 4721 65.39 -4.53 17.67
N ARG B 4722 64.90 -3.29 17.87
CA ARG B 4722 63.93 -2.98 18.91
C ARG B 4722 62.62 -3.75 18.74
N LYS B 4723 62.09 -3.82 17.50
CA LYS B 4723 60.87 -4.60 17.28
C LYS B 4723 61.04 -6.09 17.56
N VAL B 4724 62.20 -6.67 17.21
CA VAL B 4724 62.42 -8.07 17.57
C VAL B 4724 62.55 -8.22 19.08
N LEU B 4725 63.25 -7.27 19.72
CA LEU B 4725 63.48 -7.35 21.16
C LEU B 4725 62.17 -7.28 21.93
N ASP B 4726 61.26 -6.42 21.48
CA ASP B 4726 59.96 -6.27 22.12
C ASP B 4726 59.06 -7.47 21.83
N LYS B 4727 59.02 -7.90 20.57
CA LYS B 4727 58.13 -8.98 20.16
C LYS B 4727 58.51 -10.33 20.77
N HIS B 4728 59.81 -10.63 20.86
CA HIS B 4728 60.24 -11.94 21.32
C HIS B 4728 60.97 -11.91 22.66
N GLY B 4729 61.09 -10.72 23.27
CA GLY B 4729 61.85 -10.59 24.51
C GLY B 4729 61.26 -11.35 25.68
N ASP B 4730 59.94 -11.33 25.81
CA ASP B 4730 59.28 -11.99 26.93
C ASP B 4730 59.39 -13.51 26.86
N ILE B 4731 59.02 -14.10 25.72
CA ILE B 4731 58.99 -15.56 25.61
C ILE B 4731 60.41 -16.14 25.61
N PHE B 4732 61.33 -15.56 24.83
CA PHE B 4732 62.66 -16.15 24.71
C PHE B 4732 63.70 -15.54 25.63
N GLY B 4733 63.41 -14.45 26.30
CA GLY B 4733 64.35 -13.93 27.27
C GLY B 4733 65.10 -12.75 26.68
N ARG B 4734 64.79 -11.57 27.25
CA ARG B 4734 65.34 -10.29 26.79
C ARG B 4734 66.86 -10.31 26.75
N GLU B 4735 67.49 -10.88 27.77
CA GLU B 4735 68.96 -10.88 27.85
C GLU B 4735 69.57 -11.66 26.71
N ARG B 4736 68.99 -12.83 26.40
CA ARG B 4736 69.45 -13.65 25.27
C ARG B 4736 69.25 -12.92 23.95
N ILE B 4737 68.09 -12.27 23.79
CA ILE B 4737 67.79 -11.55 22.56
C ILE B 4737 68.77 -10.39 22.39
N ALA B 4738 69.03 -9.67 23.48
CA ALA B 4738 69.92 -8.51 23.45
C ALA B 4738 71.34 -8.94 23.13
N GLU B 4739 71.75 -10.11 23.64
CA GLU B 4739 73.09 -10.60 23.33
C GLU B 4739 73.19 -10.99 21.85
N LEU B 4740 72.16 -11.69 21.34
CA LEU B 4740 72.20 -12.16 19.96
C LEU B 4740 72.21 -11.00 18.98
N LEU B 4741 71.42 -9.97 19.25
CA LEU B 4741 71.31 -8.80 18.38
C LEU B 4741 72.28 -7.70 18.76
N GLY B 4742 73.07 -7.91 19.80
CA GLY B 4742 74.15 -7.03 20.21
C GLY B 4742 73.80 -5.60 20.53
N MET B 4743 72.70 -5.37 21.24
CA MET B 4743 72.37 -4.04 21.74
C MET B 4743 72.24 -4.13 23.25
N ASP B 4744 72.90 -3.24 23.97
CA ASP B 4744 72.92 -3.34 25.42
C ASP B 4744 71.64 -2.78 26.04
N LEU B 4745 71.06 -3.54 26.95
CA LEU B 4745 69.82 -3.15 27.62
C LEU B 4745 70.01 -1.88 28.45
N ALA B 4746 71.17 -1.77 29.09
CA ALA B 4746 71.46 -0.69 30.05
C ALA B 4746 71.39 0.69 29.42
N SER B 4747 71.85 0.83 28.18
CA SER B 4747 71.99 2.14 27.54
C SER B 4747 70.66 2.90 27.42
N LEU B 4748 69.55 2.18 27.33
CA LEU B 4748 68.24 2.78 27.03
C LEU B 4748 67.73 3.75 28.11
N GLU B 4749 68.31 3.75 29.32
CA GLU B 4749 67.77 4.52 30.44
C GLU B 4749 67.72 6.02 30.14
N ILE B 4750 68.82 6.59 29.64
CA ILE B 4750 68.87 8.01 29.31
C ILE B 4750 68.98 8.19 27.80
N ASP B 4772 83.38 -1.40 11.03
CA ASP B 4772 82.72 -2.64 11.44
C ASP B 4772 83.22 -3.77 10.55
N VAL B 4773 84.31 -4.40 11.01
CA VAL B 4773 85.00 -5.44 10.26
C VAL B 4773 84.08 -6.62 9.98
N LYS B 4774 83.29 -7.05 10.98
CA LYS B 4774 82.45 -8.24 10.83
C LYS B 4774 81.38 -7.99 9.77
N TYR B 4775 80.85 -6.77 9.74
CA TYR B 4775 79.88 -6.36 8.73
C TYR B 4775 80.52 -6.37 7.36
N GLN B 4776 81.75 -5.84 7.24
CA GLN B 4776 82.42 -5.82 5.94
C GLN B 4776 82.70 -7.23 5.43
N ILE B 4777 83.07 -8.14 6.33
CA ILE B 4777 83.27 -9.55 5.97
C ILE B 4777 81.98 -10.16 5.44
N TRP B 4778 80.86 -9.86 6.12
CA TRP B 4778 79.57 -10.40 5.69
C TRP B 4778 79.22 -9.85 4.31
N LYS B 4779 79.40 -8.53 4.14
CA LYS B 4779 79.02 -7.86 2.90
C LYS B 4779 79.82 -8.43 1.74
N PHE B 4780 81.13 -8.62 1.93
CA PHE B 4780 81.97 -9.14 0.85
C PHE B 4780 81.59 -10.58 0.55
N GLY B 4781 81.18 -11.35 1.56
CA GLY B 4781 80.73 -12.70 1.29
C GLY B 4781 79.48 -12.71 0.44
N VAL B 4782 78.63 -11.70 0.60
CA VAL B 4782 77.39 -11.69 -0.19
C VAL B 4782 77.71 -11.18 -1.61
N ILE B 4783 78.73 -10.33 -1.73
CA ILE B 4783 79.17 -9.87 -3.04
C ILE B 4783 79.81 -11.04 -3.80
N PHE B 4784 80.62 -11.84 -3.13
CA PHE B 4784 81.26 -12.95 -3.81
C PHE B 4784 80.30 -14.10 -4.07
N THR B 4785 79.16 -14.14 -3.37
CA THR B 4785 78.12 -15.09 -3.80
C THR B 4785 77.24 -14.54 -4.93
N ASP B 4786 77.27 -13.22 -5.16
CA ASP B 4786 76.51 -12.65 -6.29
C ASP B 4786 77.03 -13.16 -7.62
N ASN B 4787 76.12 -13.70 -8.44
CA ASN B 4787 76.49 -14.34 -9.70
C ASN B 4787 77.00 -13.34 -10.74
N SER B 4788 76.37 -12.17 -10.83
CA SER B 4788 76.80 -11.16 -11.81
C SER B 4788 78.20 -10.65 -11.48
N PHE B 4789 78.53 -10.55 -10.19
CA PHE B 4789 79.83 -10.02 -9.81
C PHE B 4789 80.88 -11.07 -10.12
N LEU B 4790 80.51 -12.34 -9.98
CA LEU B 4790 81.41 -13.44 -10.29
C LEU B 4790 81.68 -13.49 -11.77
N TYR B 4791 80.64 -13.24 -12.58
CA TYR B 4791 80.81 -13.15 -14.03
C TYR B 4791 81.74 -12.00 -14.40
N LEU B 4792 81.58 -10.85 -13.74
CA LEU B 4792 82.40 -9.68 -14.08
C LEU B 4792 83.84 -9.92 -13.67
N GLY B 4793 84.04 -10.65 -12.57
CA GLY B 4793 85.38 -11.01 -12.14
C GLY B 4793 86.04 -11.99 -13.10
N TRP B 4794 85.28 -12.97 -13.58
CA TRP B 4794 85.79 -13.87 -14.61
C TRP B 4794 86.14 -13.11 -15.88
N TYR B 4795 85.33 -12.10 -16.23
CA TYR B 4795 85.58 -11.26 -17.40
C TYR B 4795 86.91 -10.52 -17.26
N MET B 4796 87.17 -10.00 -16.05
CA MET B 4796 88.43 -9.34 -15.77
C MET B 4796 89.59 -10.31 -15.81
N VAL B 4797 89.40 -11.51 -15.24
CA VAL B 4797 90.47 -12.50 -15.18
C VAL B 4797 90.85 -12.93 -16.60
N MET B 4798 89.86 -13.13 -17.46
CA MET B 4798 90.12 -13.49 -18.85
C MET B 4798 90.81 -12.34 -19.58
N SER B 4799 90.46 -11.09 -19.23
CA SER B 4799 91.12 -9.93 -19.82
C SER B 4799 92.58 -9.85 -19.39
N LEU B 4800 92.86 -10.19 -18.13
CA LEU B 4800 94.23 -10.19 -17.64
C LEU B 4800 95.04 -11.31 -18.29
N LEU B 4801 94.47 -12.51 -18.38
CA LEU B 4801 95.12 -13.62 -19.06
C LEU B 4801 95.30 -13.37 -20.56
N GLY B 4802 94.54 -12.44 -21.14
CA GLY B 4802 94.72 -12.15 -22.54
C GLY B 4802 96.00 -11.39 -22.84
N HIS B 4803 96.58 -10.75 -21.82
CA HIS B 4803 97.89 -10.14 -22.00
C HIS B 4803 98.98 -11.21 -22.02
N TYR B 4804 98.81 -12.27 -21.22
CA TYR B 4804 99.75 -13.38 -21.25
C TYR B 4804 99.70 -14.12 -22.57
N ASN B 4805 98.50 -14.47 -23.03
CA ASN B 4805 98.32 -15.10 -24.32
C ASN B 4805 97.19 -14.38 -25.04
N ASN B 4806 97.46 -13.87 -26.25
CA ASN B 4806 96.47 -13.04 -26.92
C ASN B 4806 95.22 -13.79 -27.35
N PHE B 4807 95.26 -15.13 -27.37
CA PHE B 4807 94.14 -15.90 -27.87
C PHE B 4807 93.13 -16.17 -26.78
N PHE B 4808 93.35 -15.62 -25.60
CA PHE B 4808 92.45 -15.68 -24.47
C PHE B 4808 91.47 -14.53 -24.49
N PHE B 4809 91.50 -13.72 -25.54
CA PHE B 4809 90.58 -12.61 -25.70
C PHE B 4809 89.33 -13.05 -26.47
N ALA B 4810 89.23 -14.35 -26.75
CA ALA B 4810 88.12 -14.93 -27.45
C ALA B 4810 87.04 -15.36 -26.48
N ALA B 4811 87.36 -15.34 -25.18
CA ALA B 4811 86.42 -15.67 -24.12
C ALA B 4811 85.44 -14.53 -23.88
N HIS B 4812 85.69 -13.37 -24.49
CA HIS B 4812 84.91 -12.18 -24.28
C HIS B 4812 83.86 -12.06 -25.37
N LEU B 4813 83.83 -13.02 -26.29
CA LEU B 4813 82.88 -13.04 -27.38
C LEU B 4813 81.66 -13.83 -26.98
N LEU B 4814 81.71 -14.45 -25.80
CA LEU B 4814 80.62 -15.20 -25.22
C LEU B 4814 79.79 -14.32 -24.32
N ASP B 4815 79.99 -13.01 -24.44
CA ASP B 4815 79.28 -12.01 -23.66
C ASP B 4815 78.19 -11.36 -24.50
N ILE B 4816 78.15 -11.70 -25.79
CA ILE B 4816 77.08 -11.25 -26.68
C ILE B 4816 75.75 -11.83 -26.23
N ALA B 4817 75.77 -13.06 -25.71
CA ALA B 4817 74.56 -13.75 -25.29
C ALA B 4817 73.89 -13.03 -24.13
N MET B 4818 74.66 -12.68 -23.11
CA MET B 4818 74.13 -11.90 -21.99
C MET B 4818 73.84 -10.46 -22.40
N GLY B 4819 74.72 -9.84 -23.19
CA GLY B 4819 74.55 -8.45 -23.53
C GLY B 4819 73.36 -8.16 -24.44
N VAL B 4820 73.18 -8.96 -25.48
CA VAL B 4820 72.13 -8.70 -26.45
C VAL B 4820 70.82 -9.35 -26.00
N LYS B 4821 69.76 -8.54 -25.94
CA LYS B 4821 68.48 -9.03 -25.45
C LYS B 4821 67.88 -10.05 -26.40
N THR B 4822 68.01 -9.79 -27.72
CA THR B 4822 67.41 -10.68 -28.71
C THR B 4822 68.08 -12.04 -28.64
N LEU B 4823 69.40 -12.04 -28.44
CA LEU B 4823 70.13 -13.29 -28.36
C LEU B 4823 69.74 -14.02 -27.10
N ARG B 4824 69.45 -13.26 -26.03
CA ARG B 4824 69.09 -13.90 -24.77
C ARG B 4824 67.75 -14.60 -24.91
N THR B 4825 66.82 -14.00 -25.67
CA THR B 4825 65.55 -14.66 -25.94
C THR B 4825 65.70 -15.88 -26.83
N ILE B 4826 66.54 -15.79 -27.87
CA ILE B 4826 66.76 -16.98 -28.72
C ILE B 4826 67.42 -18.11 -27.92
N LEU B 4827 68.38 -17.78 -27.07
CA LEU B 4827 69.07 -18.80 -26.30
C LEU B 4827 68.23 -19.33 -25.14
N SER B 4828 67.21 -18.57 -24.73
CA SER B 4828 66.30 -19.07 -23.72
C SER B 4828 65.49 -20.27 -24.23
N SER B 4829 65.25 -20.33 -25.54
CA SER B 4829 64.63 -21.53 -26.11
C SER B 4829 65.54 -22.75 -25.93
N VAL B 4830 66.85 -22.57 -26.11
CA VAL B 4830 67.81 -23.65 -25.87
C VAL B 4830 67.86 -24.04 -24.40
N THR B 4831 67.76 -23.08 -23.50
CA THR B 4831 67.92 -23.39 -22.08
C THR B 4831 66.61 -23.74 -21.38
N HIS B 4832 65.46 -23.47 -22.00
CA HIS B 4832 64.17 -23.75 -21.38
C HIS B 4832 63.98 -25.24 -21.15
N ASN B 4833 64.33 -26.05 -22.15
CA ASN B 4833 64.16 -27.49 -22.10
C ASN B 4833 65.52 -28.18 -22.01
N GLY B 4834 66.47 -27.50 -21.37
CA GLY B 4834 67.84 -27.99 -21.32
C GLY B 4834 68.00 -29.29 -20.58
N LYS B 4835 67.28 -29.45 -19.45
CA LYS B 4835 67.40 -30.66 -18.65
C LYS B 4835 66.93 -31.87 -19.46
N GLN B 4836 65.86 -31.69 -20.21
CA GLN B 4836 65.36 -32.75 -21.07
C GLN B 4836 66.29 -33.00 -22.24
N LEU B 4837 67.01 -31.97 -22.69
CA LEU B 4837 68.00 -32.18 -23.74
C LEU B 4837 69.20 -33.00 -23.26
N VAL B 4838 69.68 -32.74 -22.04
CA VAL B 4838 70.77 -33.59 -21.54
C VAL B 4838 70.27 -35.00 -21.25
N MET B 4839 69.03 -35.15 -20.77
CA MET B 4839 68.48 -36.49 -20.57
C MET B 4839 68.30 -37.25 -21.89
N THR B 4840 67.89 -36.57 -22.97
CA THR B 4840 67.79 -37.23 -24.27
C THR B 4840 69.17 -37.60 -24.82
N VAL B 4841 70.19 -36.77 -24.58
CA VAL B 4841 71.54 -37.13 -24.99
C VAL B 4841 72.04 -38.35 -24.22
N GLY B 4842 71.69 -38.44 -22.94
CA GLY B 4842 72.02 -39.63 -22.17
C GLY B 4842 71.31 -40.88 -22.67
N LEU B 4843 70.05 -40.72 -23.10
CA LEU B 4843 69.34 -41.83 -23.74
C LEU B 4843 70.00 -42.23 -25.06
N LEU B 4844 70.41 -41.25 -25.87
CA LEU B 4844 71.16 -41.54 -27.09
C LEU B 4844 72.46 -42.28 -26.82
N ALA B 4845 73.04 -42.07 -25.64
CA ALA B 4845 74.25 -42.78 -25.25
C ALA B 4845 73.93 -44.22 -24.88
N VAL B 4846 72.85 -44.42 -24.14
CA VAL B 4846 72.44 -45.76 -23.73
C VAL B 4846 72.09 -46.60 -24.95
N VAL B 4847 71.35 -46.00 -25.90
CA VAL B 4847 70.93 -46.72 -27.10
C VAL B 4847 72.15 -47.10 -27.94
N VAL B 4848 73.05 -46.14 -28.18
CA VAL B 4848 74.27 -46.43 -28.95
C VAL B 4848 75.14 -47.46 -28.22
N TYR B 4849 75.02 -47.57 -26.89
CA TYR B 4849 75.72 -48.62 -26.17
C TYR B 4849 75.10 -49.98 -26.43
N LEU B 4850 73.77 -50.04 -26.53
CA LEU B 4850 73.14 -51.33 -26.79
C LEU B 4850 73.42 -51.82 -28.20
N TYR B 4851 73.58 -50.87 -29.13
CA TYR B 4851 74.02 -51.24 -30.48
C TYR B 4851 75.47 -51.69 -30.47
N THR B 4852 76.29 -51.05 -29.63
CA THR B 4852 77.69 -51.47 -29.52
C THR B 4852 77.78 -52.89 -28.98
N VAL B 4853 76.97 -53.22 -27.97
CA VAL B 4853 76.98 -54.57 -27.38
C VAL B 4853 76.57 -55.62 -28.41
N VAL B 4854 75.54 -55.31 -29.21
CA VAL B 4854 75.09 -56.24 -30.25
C VAL B 4854 76.13 -56.39 -31.36
N ALA B 4855 76.76 -55.29 -31.76
CA ALA B 4855 77.81 -55.36 -32.77
C ALA B 4855 79.01 -56.16 -32.29
N PHE B 4856 79.42 -55.93 -31.03
CA PHE B 4856 80.60 -56.58 -30.48
C PHE B 4856 80.37 -58.09 -30.37
N ASN B 4857 79.17 -58.48 -29.95
CA ASN B 4857 78.86 -59.90 -29.81
C ASN B 4857 78.70 -60.60 -31.16
N PHE B 4858 78.06 -59.96 -32.14
CA PHE B 4858 77.68 -60.67 -33.36
C PHE B 4858 78.25 -60.16 -34.67
N PHE B 4859 78.69 -58.91 -34.77
CA PHE B 4859 79.05 -58.35 -36.06
C PHE B 4859 80.46 -57.76 -36.07
N ARG B 4860 81.36 -58.39 -35.32
CA ARG B 4860 82.74 -57.91 -35.19
C ARG B 4860 83.50 -57.96 -36.51
N LYS B 4861 83.14 -58.88 -37.39
CA LYS B 4861 83.87 -59.09 -38.64
C LYS B 4861 83.73 -57.90 -39.60
N PHE B 4862 82.66 -57.13 -39.49
CA PHE B 4862 82.34 -56.08 -40.44
C PHE B 4862 82.94 -54.72 -40.05
N TYR B 4863 83.77 -54.66 -39.03
CA TYR B 4863 84.28 -53.41 -38.50
C TYR B 4863 85.76 -53.23 -38.74
N ASN B 4864 86.26 -53.69 -39.89
CA ASN B 4864 87.65 -53.47 -40.26
C ASN B 4864 87.74 -52.24 -41.14
N LYS B 4865 88.44 -51.22 -40.65
CA LYS B 4865 88.56 -49.94 -41.35
C LYS B 4865 89.91 -49.79 -42.00
N SER B 4866 90.53 -50.88 -42.41
CA SER B 4866 91.86 -50.88 -42.99
C SER B 4866 91.81 -51.30 -44.46
N GLU B 4867 92.24 -50.39 -45.33
CA GLU B 4867 92.38 -50.75 -46.75
C GLU B 4867 93.52 -51.74 -46.92
N ASP B 4868 94.62 -51.53 -46.19
CA ASP B 4868 95.80 -52.39 -46.26
C ASP B 4868 95.43 -53.78 -45.75
N GLU B 4869 95.64 -54.79 -46.59
CA GLU B 4869 95.23 -56.14 -46.25
C GLU B 4869 96.11 -56.73 -45.14
N ASP B 4870 97.41 -56.46 -45.16
CA ASP B 4870 98.29 -57.11 -44.20
C ASP B 4870 98.24 -56.50 -42.82
N GLU B 4871 97.77 -55.26 -42.71
CA GLU B 4871 97.59 -54.64 -41.39
C GLU B 4871 96.11 -54.46 -41.16
N PRO B 4872 95.49 -55.17 -40.24
CA PRO B 4872 94.08 -54.91 -39.97
C PRO B 4872 93.86 -53.91 -38.84
N ASP B 4873 93.00 -52.94 -39.10
CA ASP B 4873 92.59 -51.98 -38.08
C ASP B 4873 91.17 -52.34 -37.69
N MET B 4874 91.02 -53.07 -36.59
CA MET B 4874 89.72 -53.56 -36.17
C MET B 4874 89.21 -52.63 -35.10
N LYS B 4875 88.01 -52.09 -35.30
CA LYS B 4875 87.48 -51.12 -34.37
C LYS B 4875 86.44 -51.71 -33.44
N CYS B 4876 86.24 -53.02 -33.47
CA CYS B 4876 85.37 -53.69 -32.52
C CYS B 4876 86.08 -54.88 -31.86
N ASP B 4877 87.39 -54.81 -31.69
CA ASP B 4877 88.08 -55.88 -30.99
C ASP B 4877 88.27 -55.50 -29.53
N ASP B 4878 87.74 -54.36 -29.13
CA ASP B 4878 87.71 -53.87 -27.77
C ASP B 4878 86.32 -53.26 -27.63
N MET B 4879 85.83 -53.13 -26.40
CA MET B 4879 84.49 -52.60 -26.30
C MET B 4879 84.48 -51.09 -26.17
N MET B 4880 85.55 -50.51 -25.64
CA MET B 4880 85.65 -49.06 -25.61
C MET B 4880 85.94 -48.50 -26.99
N THR B 4881 86.74 -49.20 -27.80
CA THR B 4881 86.98 -48.76 -29.17
C THR B 4881 85.71 -48.85 -30.00
N CYS B 4882 84.90 -49.89 -29.79
CA CYS B 4882 83.64 -50.01 -30.51
C CYS B 4882 82.67 -48.93 -30.08
N TYR B 4883 82.66 -48.60 -28.79
CA TYR B 4883 81.77 -47.56 -28.29
C TYR B 4883 82.16 -46.20 -28.84
N LEU B 4884 83.46 -45.90 -28.86
CA LEU B 4884 83.94 -44.64 -29.44
C LEU B 4884 83.67 -44.59 -30.93
N PHE B 4885 83.81 -45.74 -31.62
CA PHE B 4885 83.52 -45.81 -33.05
C PHE B 4885 82.06 -45.49 -33.33
N HIS B 4886 81.14 -46.17 -32.62
CA HIS B 4886 79.72 -45.94 -32.79
C HIS B 4886 79.34 -44.49 -32.50
N MET B 4887 79.80 -43.97 -31.36
CA MET B 4887 79.44 -42.62 -30.92
C MET B 4887 80.00 -41.55 -31.86
N TYR B 4888 81.20 -41.77 -32.37
CA TYR B 4888 81.79 -40.80 -33.29
C TYR B 4888 81.26 -40.93 -34.72
N VAL B 4889 81.62 -42.00 -35.42
CA VAL B 4889 81.23 -42.15 -36.82
C VAL B 4889 79.72 -42.37 -37.01
N GLY B 4890 79.06 -43.20 -36.19
CA GLY B 4890 77.67 -43.54 -36.43
C GLY B 4890 76.71 -42.39 -36.22
N VAL B 4891 76.90 -41.61 -35.16
CA VAL B 4891 75.98 -40.52 -34.89
C VAL B 4891 76.17 -39.42 -35.92
N ARG B 4892 77.42 -39.16 -36.31
CA ARG B 4892 77.72 -38.10 -37.25
C ARG B 4892 77.58 -38.54 -38.70
N ALA B 4893 77.17 -39.77 -38.95
CA ALA B 4893 76.95 -40.25 -40.30
C ALA B 4893 75.49 -40.17 -40.69
N GLY B 4894 75.24 -39.87 -41.96
CA GLY B 4894 73.88 -39.64 -42.43
C GLY B 4894 73.05 -40.92 -42.46
N GLY B 4895 73.66 -42.03 -42.85
CA GLY B 4895 73.00 -43.31 -42.86
C GLY B 4895 73.25 -44.18 -41.64
N GLY B 4896 73.96 -43.66 -40.65
CA GLY B 4896 74.27 -44.42 -39.47
C GLY B 4896 75.57 -45.19 -39.63
N ILE B 4897 75.69 -46.27 -38.86
CA ILE B 4897 76.92 -47.07 -38.87
C ILE B 4897 77.12 -47.76 -40.22
N GLY B 4898 76.02 -48.10 -40.92
CA GLY B 4898 76.10 -48.84 -42.17
C GLY B 4898 76.82 -48.10 -43.26
N ASP B 4899 76.94 -46.78 -43.12
CA ASP B 4899 77.55 -45.99 -44.15
C ASP B 4899 79.06 -46.15 -44.05
N GLU B 4900 79.54 -46.35 -42.83
CA GLU B 4900 80.97 -46.39 -42.55
C GLU B 4900 81.50 -47.79 -42.25
N ILE B 4901 80.69 -48.84 -42.44
CA ILE B 4901 81.17 -50.16 -42.09
C ILE B 4901 81.00 -51.03 -43.34
N GLU B 4902 81.70 -52.16 -43.35
CA GLU B 4902 81.77 -53.06 -44.50
C GLU B 4902 80.41 -53.55 -44.98
N ASP B 4903 80.33 -53.75 -46.30
CA ASP B 4903 79.08 -54.10 -46.97
C ASP B 4903 78.56 -55.46 -46.52
N PRO B 4904 77.25 -55.60 -46.31
CA PRO B 4904 76.70 -56.83 -45.76
C PRO B 4904 76.45 -57.94 -46.77
N ALA B 4905 76.75 -57.70 -48.05
CA ALA B 4905 76.38 -58.64 -49.10
C ALA B 4905 77.09 -59.97 -48.95
N GLY B 4906 76.40 -61.04 -49.38
CA GLY B 4906 76.93 -62.39 -49.39
C GLY B 4906 77.44 -62.93 -48.07
N ASP B 4907 76.68 -62.75 -46.99
CA ASP B 4907 77.07 -63.27 -45.69
C ASP B 4907 75.90 -63.96 -45.01
N GLU B 4908 76.24 -64.80 -44.03
CA GLU B 4908 75.24 -65.49 -43.23
C GLU B 4908 74.36 -64.54 -42.45
N TYR B 4909 74.91 -63.42 -41.99
CA TYR B 4909 74.19 -62.47 -41.17
C TYR B 4909 73.89 -61.20 -41.97
N GLU B 4910 73.56 -61.38 -43.25
CA GLU B 4910 73.16 -60.25 -44.08
C GLU B 4910 71.85 -59.64 -43.60
N LEU B 4911 70.87 -60.48 -43.25
CA LEU B 4911 69.57 -59.91 -42.94
C LEU B 4911 69.55 -59.36 -41.52
N TYR B 4912 70.38 -59.93 -40.65
CA TYR B 4912 70.52 -59.39 -39.31
C TYR B 4912 71.22 -58.05 -39.38
N ARG B 4913 72.25 -57.96 -40.22
CA ARG B 4913 72.97 -56.71 -40.39
C ARG B 4913 72.13 -55.62 -41.07
N VAL B 4914 71.19 -56.03 -41.92
CA VAL B 4914 70.26 -55.08 -42.53
C VAL B 4914 69.28 -54.53 -41.50
N VAL B 4915 68.72 -55.41 -40.66
CA VAL B 4915 67.83 -54.95 -39.61
C VAL B 4915 68.58 -54.11 -38.57
N PHE B 4916 69.83 -54.48 -38.28
CA PHE B 4916 70.67 -53.71 -37.36
C PHE B 4916 70.89 -52.28 -37.86
N ASP B 4917 71.22 -52.15 -39.14
CA ASP B 4917 71.46 -50.83 -39.72
C ASP B 4917 70.19 -50.01 -39.84
N ILE B 4918 69.08 -50.63 -40.28
CA ILE B 4918 67.83 -49.89 -40.44
C ILE B 4918 67.28 -49.44 -39.09
N THR B 4919 67.38 -50.27 -38.05
CA THR B 4919 66.92 -49.86 -36.73
C THR B 4919 67.81 -48.77 -36.15
N PHE B 4920 69.13 -48.85 -36.38
CA PHE B 4920 70.03 -47.79 -35.94
C PHE B 4920 69.72 -46.47 -36.64
N PHE B 4921 69.42 -46.53 -37.95
CA PHE B 4921 69.02 -45.34 -38.68
C PHE B 4921 67.74 -44.73 -38.13
N PHE B 4922 66.70 -45.54 -37.96
CA PHE B 4922 65.40 -45.01 -37.54
C PHE B 4922 65.45 -44.49 -36.11
N PHE B 4923 65.97 -45.31 -35.18
CA PHE B 4923 65.96 -44.94 -33.77
C PHE B 4923 66.95 -43.83 -33.46
N VAL B 4924 68.14 -43.84 -34.06
CA VAL B 4924 69.14 -42.86 -33.67
C VAL B 4924 69.12 -41.62 -34.57
N ILE B 4925 69.33 -41.80 -35.87
CA ILE B 4925 69.42 -40.66 -36.78
C ILE B 4925 68.08 -39.93 -36.91
N VAL B 4926 66.98 -40.67 -37.01
CA VAL B 4926 65.68 -40.08 -37.27
C VAL B 4926 64.94 -39.69 -36.00
N ILE B 4927 64.65 -40.69 -35.16
CA ILE B 4927 63.85 -40.45 -33.96
C ILE B 4927 64.60 -39.65 -32.91
N LEU B 4928 65.86 -40.00 -32.63
CA LEU B 4928 66.53 -39.36 -31.50
C LEU B 4928 67.17 -38.02 -31.84
N LEU B 4929 66.91 -37.48 -33.03
CA LEU B 4929 67.33 -36.15 -33.39
C LEU B 4929 66.13 -35.26 -33.63
N ALA B 4930 64.99 -35.86 -33.95
CA ALA B 4930 63.72 -35.15 -34.05
C ALA B 4930 63.23 -34.75 -32.68
N ILE B 4931 63.52 -35.53 -31.64
CA ILE B 4931 63.18 -35.15 -30.28
C ILE B 4931 63.93 -33.89 -29.86
N ILE B 4932 65.21 -33.76 -30.25
CA ILE B 4932 65.98 -32.55 -29.96
C ILE B 4932 65.42 -31.34 -30.70
N GLN B 4933 65.11 -31.51 -31.99
CA GLN B 4933 64.51 -30.41 -32.74
C GLN B 4933 63.11 -30.08 -32.24
N GLY B 4934 62.34 -31.09 -31.85
CA GLY B 4934 61.03 -30.86 -31.29
C GLY B 4934 61.05 -30.18 -29.94
N LEU B 4935 62.08 -30.42 -29.14
CA LEU B 4935 62.19 -29.71 -27.87
C LEU B 4935 62.50 -28.24 -28.10
N ILE B 4936 63.35 -27.92 -29.09
CA ILE B 4936 63.59 -26.52 -29.44
C ILE B 4936 62.33 -25.85 -29.97
N ILE B 4937 61.62 -26.52 -30.89
CA ILE B 4937 60.41 -25.96 -31.49
C ILE B 4937 59.33 -25.80 -30.43
N ASP B 4938 59.22 -26.76 -29.53
CA ASP B 4938 58.28 -26.67 -28.42
C ASP B 4938 58.64 -25.50 -27.51
N ALA B 4939 59.94 -25.26 -27.29
CA ALA B 4939 60.39 -24.19 -26.38
C ALA B 4939 59.95 -22.83 -26.88
N PHE B 4940 60.03 -22.64 -28.21
CA PHE B 4940 59.63 -21.35 -28.82
C PHE B 4940 58.17 -21.10 -28.53
N GLY B 4941 57.38 -22.17 -28.63
CA GLY B 4941 55.95 -22.12 -28.39
C GLY B 4941 55.64 -21.87 -26.93
N GLU B 4942 56.44 -22.45 -26.01
CA GLU B 4942 56.21 -22.22 -24.59
C GLU B 4942 56.44 -20.76 -24.25
N LEU B 4943 57.49 -20.16 -24.83
CA LEU B 4943 57.78 -18.75 -24.58
C LEU B 4943 56.67 -17.86 -25.12
N ARG B 4944 56.12 -18.23 -26.28
CA ARG B 4944 54.99 -17.49 -26.83
C ARG B 4944 53.76 -17.59 -25.95
N ASP B 4945 53.44 -18.79 -25.46
CA ASP B 4945 52.23 -18.91 -24.67
C ASP B 4945 52.38 -18.17 -23.35
N GLN B 4946 53.60 -18.13 -22.83
CA GLN B 4946 53.84 -17.43 -21.57
C GLN B 4946 53.59 -15.94 -21.75
N GLN B 4947 54.07 -15.38 -22.88
CA GLN B 4947 53.89 -13.95 -23.10
C GLN B 4947 52.44 -13.60 -23.42
N GLU B 4948 51.77 -14.43 -24.22
CA GLU B 4948 50.39 -14.11 -24.59
C GLU B 4948 49.47 -14.23 -23.39
N GLN B 4949 49.67 -15.25 -22.53
CA GLN B 4949 48.85 -15.40 -21.35
C GLN B 4949 49.06 -14.25 -20.37
N VAL B 4950 50.30 -13.76 -20.22
CA VAL B 4950 50.54 -12.58 -19.39
C VAL B 4950 49.85 -11.35 -19.98
N LYS B 4951 49.84 -11.24 -21.32
CA LYS B 4951 49.24 -10.08 -21.96
C LYS B 4951 47.72 -10.10 -21.80
N GLU B 4952 47.11 -11.26 -22.03
CA GLU B 4952 45.66 -11.38 -21.96
C GLU B 4952 45.15 -11.17 -20.53
N ASP B 4953 45.88 -11.69 -19.53
CA ASP B 4953 45.50 -11.43 -18.15
C ASP B 4953 45.62 -9.96 -17.81
N MET B 4954 46.73 -9.31 -18.22
CA MET B 4954 46.95 -7.91 -17.89
C MET B 4954 45.89 -7.03 -18.55
N GLU B 4955 45.49 -7.37 -19.78
CA GLU B 4955 44.58 -6.49 -20.50
C GLU B 4955 43.14 -6.95 -20.35
N THR B 4956 42.87 -7.94 -19.49
CA THR B 4956 41.50 -8.37 -19.28
C THR B 4956 41.05 -8.26 -17.82
N LYS B 4957 41.96 -8.06 -16.87
CA LYS B 4957 41.54 -7.84 -15.50
C LYS B 4957 42.45 -6.82 -14.83
N CYS B 4958 41.98 -6.29 -13.71
CA CYS B 4958 42.76 -5.32 -12.94
C CYS B 4958 43.73 -6.07 -12.06
N PHE B 4959 44.99 -5.65 -12.10
CA PHE B 4959 46.02 -6.21 -11.23
C PHE B 4959 45.70 -6.04 -9.75
N ILE B 4960 45.31 -4.82 -9.35
CA ILE B 4960 45.11 -4.53 -7.93
C ILE B 4960 43.87 -5.23 -7.38
N CYS B 4961 42.77 -5.24 -8.14
CA CYS B 4961 41.52 -5.72 -7.57
C CYS B 4961 40.97 -7.00 -8.18
N GLY B 4962 41.41 -7.40 -9.36
CA GLY B 4962 41.02 -8.68 -9.89
C GLY B 4962 39.73 -8.72 -10.66
N ILE B 4963 39.02 -7.60 -10.77
CA ILE B 4963 37.73 -7.62 -11.45
C ILE B 4963 37.94 -7.49 -12.95
N GLY B 4964 37.09 -8.20 -13.69
CA GLY B 4964 37.22 -8.25 -15.14
C GLY B 4964 36.83 -6.95 -15.79
N SER B 4965 37.36 -6.72 -17.00
CA SER B 4965 37.08 -5.52 -17.78
C SER B 4965 35.65 -5.46 -18.33
N ASP B 4966 34.82 -6.45 -18.01
CA ASP B 4966 33.44 -6.54 -18.45
C ASP B 4966 32.61 -5.53 -17.66
N TYR B 4967 32.75 -5.55 -16.34
CA TYR B 4967 32.05 -4.60 -15.49
C TYR B 4967 32.49 -3.18 -15.83
N PHE B 4968 33.81 -2.96 -15.85
CA PHE B 4968 34.34 -1.61 -15.99
C PHE B 4968 34.04 -1.02 -17.37
N ASP B 4969 33.88 -1.85 -18.39
CA ASP B 4969 33.75 -1.36 -19.74
C ASP B 4969 32.31 -0.99 -20.11
N THR B 4970 31.39 -1.01 -19.14
CA THR B 4970 30.03 -0.53 -19.40
C THR B 4970 30.06 0.95 -19.77
N THR B 4971 30.84 1.74 -19.04
CA THR B 4971 31.02 3.13 -19.37
C THR B 4971 32.04 3.19 -20.53
N PRO B 4972 32.01 4.23 -21.37
CA PRO B 4972 33.06 4.34 -22.40
C PRO B 4972 34.43 4.58 -21.79
N HIS B 4973 35.40 3.73 -22.19
CA HIS B 4973 36.79 3.76 -21.73
C HIS B 4973 36.89 3.56 -20.21
N GLY B 4974 35.95 2.78 -19.66
CA GLY B 4974 35.92 2.59 -18.23
C GLY B 4974 37.14 1.85 -17.71
N PHE B 4975 37.56 0.78 -18.41
CA PHE B 4975 38.68 0.00 -17.94
C PHE B 4975 39.95 0.85 -18.02
N GLU B 4976 40.06 1.64 -19.08
CA GLU B 4976 41.23 2.47 -19.32
C GLU B 4976 41.36 3.49 -18.21
N THR B 4977 40.23 4.12 -17.85
CA THR B 4977 40.23 5.13 -16.80
C THR B 4977 40.54 4.49 -15.46
N HIS B 4978 39.97 3.31 -15.22
CA HIS B 4978 40.13 2.63 -13.93
C HIS B 4978 41.60 2.27 -13.70
N THR B 4979 42.25 1.71 -14.72
CA THR B 4979 43.63 1.28 -14.56
C THR B 4979 44.62 2.44 -14.65
N LEU B 4980 44.28 3.52 -15.35
CA LEU B 4980 45.17 4.68 -15.34
C LEU B 4980 45.05 5.53 -14.08
N GLU B 4981 43.84 5.73 -13.55
CA GLU B 4981 43.65 6.63 -12.41
C GLU B 4981 43.25 5.93 -11.12
N GLU B 4982 42.12 5.21 -11.12
CA GLU B 4982 41.58 4.64 -9.89
C GLU B 4982 42.49 3.59 -9.26
N HIS B 4983 42.98 2.64 -10.06
CA HIS B 4983 43.74 1.55 -9.45
C HIS B 4983 45.17 1.43 -9.97
N ASN B 4984 45.76 2.50 -10.49
CA ASN B 4984 47.08 2.44 -11.11
C ASN B 4984 48.15 1.93 -10.14
N LEU B 4985 48.91 0.92 -10.56
CA LEU B 4985 49.94 0.32 -9.68
C LEU B 4985 51.02 1.33 -9.35
N ALA B 4986 51.32 2.23 -10.30
CA ALA B 4986 52.36 3.22 -10.11
C ALA B 4986 51.99 4.12 -8.96
N ASN B 4987 50.70 4.48 -8.85
CA ASN B 4987 50.24 5.35 -7.79
C ASN B 4987 50.41 4.69 -6.42
N TYR B 4988 50.24 3.37 -6.35
CA TYR B 4988 50.50 2.65 -5.11
C TYR B 4988 51.98 2.73 -4.76
N MET B 4989 52.86 2.60 -5.75
CA MET B 4989 54.29 2.72 -5.45
C MET B 4989 54.66 4.13 -5.02
N PHE B 4990 53.99 5.14 -5.61
CA PHE B 4990 54.23 6.53 -5.26
C PHE B 4990 53.72 6.83 -3.86
N PHE B 4991 52.62 6.19 -3.49
CA PHE B 4991 52.08 6.34 -2.16
C PHE B 4991 53.05 5.74 -1.15
N LEU B 4992 53.47 4.49 -1.39
CA LEU B 4992 54.47 3.83 -0.54
C LEU B 4992 55.68 4.72 -0.26
N MET B 4993 56.32 5.25 -1.32
CA MET B 4993 57.51 6.09 -1.12
C MET B 4993 57.15 7.39 -0.39
N TYR B 4994 55.96 7.91 -0.64
CA TYR B 4994 55.44 9.08 0.08
C TYR B 4994 55.30 8.79 1.57
N LEU B 4995 54.74 7.63 1.92
CA LEU B 4995 54.59 7.25 3.32
C LEU B 4995 55.93 7.07 3.99
N ILE B 4996 56.87 6.37 3.32
CA ILE B 4996 58.17 6.10 3.92
C ILE B 4996 58.94 7.39 4.15
N ASN B 4997 58.88 8.32 3.17
CA ASN B 4997 59.56 9.59 3.33
C ASN B 4997 58.91 10.47 4.40
N LYS B 4998 57.58 10.55 4.40
CA LYS B 4998 56.86 11.46 5.29
C LYS B 4998 57.03 11.07 6.76
N ASP B 4999 57.18 12.08 7.61
CA ASP B 4999 57.33 11.88 9.04
C ASP B 4999 56.11 11.23 9.68
N GLU B 5000 56.38 10.28 10.60
CA GLU B 5000 55.30 9.54 11.25
C GLU B 5000 54.41 10.48 12.04
N THR B 5001 55.03 11.49 12.68
CA THR B 5001 54.27 12.48 13.44
C THR B 5001 53.35 13.26 12.51
N GLU B 5002 53.82 13.51 11.28
CA GLU B 5002 53.10 14.32 10.32
C GLU B 5002 52.05 13.52 9.59
N HIS B 5003 51.99 12.20 9.81
CA HIS B 5003 51.05 11.35 9.08
C HIS B 5003 49.62 11.72 9.43
N THR B 5004 48.73 11.64 8.45
CA THR B 5004 47.32 11.82 8.74
C THR B 5004 46.73 10.49 9.20
N GLY B 5005 45.46 10.50 9.59
CA GLY B 5005 44.84 9.31 10.17
C GLY B 5005 44.72 8.16 9.19
N GLN B 5006 44.36 8.45 7.95
CA GLN B 5006 44.27 7.41 6.93
C GLN B 5006 45.66 6.92 6.57
N GLU B 5007 46.62 7.86 6.52
CA GLU B 5007 48.01 7.51 6.25
C GLU B 5007 48.58 6.68 7.37
N SER B 5008 48.26 7.04 8.62
CA SER B 5008 48.75 6.29 9.77
C SER B 5008 48.17 4.88 9.75
N TYR B 5009 46.91 4.75 9.32
CA TYR B 5009 46.27 3.44 9.22
C TYR B 5009 46.99 2.53 8.22
N VAL B 5010 47.33 3.08 7.04
CA VAL B 5010 47.99 2.19 6.06
C VAL B 5010 49.43 1.97 6.52
N TRP B 5011 49.99 2.95 7.24
CA TRP B 5011 51.32 2.82 7.83
C TRP B 5011 51.37 1.65 8.81
N LYS B 5012 50.33 1.51 9.62
CA LYS B 5012 50.33 0.46 10.64
C LYS B 5012 50.21 -0.90 9.98
N MET B 5013 49.22 -1.06 9.07
CA MET B 5013 49.16 -2.36 8.38
C MET B 5013 50.41 -2.64 7.55
N TYR B 5014 51.12 -1.62 7.09
CA TYR B 5014 52.42 -1.85 6.46
C TYR B 5014 53.46 -2.33 7.46
N GLN B 5015 53.46 -1.77 8.67
CA GLN B 5015 54.42 -2.19 9.69
C GLN B 5015 54.22 -3.63 10.11
N GLU B 5016 52.96 -4.03 10.37
CA GLU B 5016 52.71 -5.45 10.62
C GLU B 5016 52.39 -6.25 9.37
N ARG B 5017 52.77 -5.75 8.18
CA ARG B 5017 52.78 -6.50 6.91
C ARG B 5017 51.43 -7.12 6.57
N CYS B 5018 50.35 -6.38 6.83
CA CYS B 5018 48.99 -6.84 6.57
C CYS B 5018 48.47 -6.13 5.33
N TRP B 5019 48.10 -6.91 4.33
CA TRP B 5019 47.67 -6.36 3.04
C TRP B 5019 46.17 -6.41 2.86
N ASP B 5020 45.41 -6.20 3.94
CA ASP B 5020 43.97 -6.16 3.81
C ASP B 5020 43.49 -4.82 3.29
N PHE B 5021 44.33 -3.80 3.28
CA PHE B 5021 43.90 -2.50 2.78
C PHE B 5021 43.85 -2.45 1.27
N PHE B 5022 44.48 -3.40 0.59
CA PHE B 5022 44.39 -3.46 -0.86
C PHE B 5022 42.98 -3.90 -1.25
N PRO B 5023 42.28 -3.14 -2.08
CA PRO B 5023 40.92 -3.54 -2.49
C PRO B 5023 40.96 -4.80 -3.36
N ALA B 5024 40.19 -5.81 -2.95
CA ALA B 5024 40.16 -7.08 -3.64
C ALA B 5024 38.70 -7.41 -3.92
N GLY B 5025 38.36 -7.57 -5.20
CA GLY B 5025 37.01 -7.92 -5.57
C GLY B 5025 36.03 -6.77 -5.57
N ASP B 5026 36.46 -5.57 -5.18
CA ASP B 5026 35.58 -4.41 -5.11
C ASP B 5026 36.35 -3.15 -5.45
N CYS B 5027 35.60 -2.11 -5.80
CA CYS B 5027 36.16 -0.84 -6.20
C CYS B 5027 35.19 0.25 -5.76
N PHE B 5028 35.62 1.50 -5.93
CA PHE B 5028 34.79 2.63 -5.54
C PHE B 5028 33.52 2.69 -6.36
N ARG B 5029 33.61 2.37 -7.66
CA ARG B 5029 32.44 2.34 -8.53
C ARG B 5029 31.46 1.28 -8.07
N LYS B 5030 31.97 0.08 -7.76
CA LYS B 5030 31.11 -1.02 -7.37
C LYS B 5030 30.45 -0.72 -6.03
N GLN B 5031 31.22 -0.11 -5.11
CA GLN B 5031 30.69 0.16 -3.78
C GLN B 5031 29.59 1.21 -3.85
N TYR B 5032 29.80 2.25 -4.67
CA TYR B 5032 28.86 3.36 -4.74
C TYR B 5032 28.15 3.44 -6.09
N GLU B 5033 27.75 2.29 -6.66
CA GLU B 5033 27.18 2.27 -8.00
C GLU B 5033 25.87 3.04 -8.08
N ASP B 5034 25.01 2.92 -7.05
CA ASP B 5034 23.70 3.54 -7.06
C ASP B 5034 23.78 5.06 -7.00
N GLN B 5035 24.58 5.60 -6.09
CA GLN B 5035 24.74 7.04 -5.98
C GLN B 5035 25.50 7.62 -7.17
N LEU B 5036 26.61 7.00 -7.56
CA LEU B 5036 27.44 7.57 -8.62
C LEU B 5036 26.74 7.47 -9.96
N SER B 5037 26.06 6.35 -10.22
CA SER B 5037 25.38 6.14 -11.48
C SER B 5037 23.91 5.79 -11.25
N VAL C 11 14.75 25.67 8.10
CA VAL C 11 16.02 26.30 7.79
C VAL C 11 15.63 27.69 7.29
N GLN C 12 15.65 27.89 5.96
CA GLN C 12 15.18 29.10 5.26
C GLN C 12 15.89 30.36 5.79
N PHE C 13 17.17 30.43 5.45
CA PHE C 13 17.95 31.63 5.72
C PHE C 13 17.48 32.79 4.86
N LEU C 14 17.38 33.97 5.47
CA LEU C 14 17.03 35.17 4.71
C LEU C 14 18.19 35.60 3.82
N ARG C 15 17.86 36.36 2.79
CA ARG C 15 18.84 36.76 1.80
C ARG C 15 18.44 38.11 1.22
N THR C 16 19.40 38.80 0.61
CA THR C 16 19.08 40.04 -0.07
C THR C 16 18.23 39.75 -1.30
N ASP C 17 17.50 40.77 -1.76
CA ASP C 17 16.49 40.78 -2.82
C ASP C 17 15.24 40.00 -2.46
N ASP C 18 15.18 39.37 -1.28
CA ASP C 18 13.95 38.78 -0.80
C ASP C 18 12.95 39.87 -0.45
N GLU C 19 11.69 39.48 -0.35
CA GLU C 19 10.62 40.43 -0.07
C GLU C 19 9.98 40.06 1.26
N VAL C 20 9.98 41.00 2.21
CA VAL C 20 9.60 40.73 3.60
C VAL C 20 8.58 41.77 4.06
N VAL C 21 8.07 41.56 5.28
CA VAL C 21 7.21 42.51 5.98
C VAL C 21 7.70 42.60 7.42
N LEU C 22 7.69 43.81 7.98
CA LEU C 22 8.04 44.02 9.38
C LEU C 22 6.79 43.90 10.23
N GLN C 23 6.83 43.00 11.22
CA GLN C 23 5.64 42.60 11.95
C GLN C 23 5.88 42.59 13.46
N CYS C 24 4.95 43.18 14.21
CA CYS C 24 4.96 43.18 15.66
C CYS C 24 3.89 42.23 16.17
N SER C 25 3.74 42.20 17.49
CA SER C 25 2.60 41.54 18.15
C SER C 25 2.31 42.31 19.44
N ALA C 26 1.40 43.27 19.34
CA ALA C 26 1.01 44.08 20.48
C ALA C 26 0.07 43.31 21.40
N THR C 27 0.02 43.78 22.64
CA THR C 27 -0.84 43.22 23.69
C THR C 27 -1.67 44.37 24.26
N VAL C 28 -2.82 44.61 23.64
CA VAL C 28 -3.82 45.55 24.14
C VAL C 28 -5.16 44.85 24.01
N LEU C 29 -6.15 45.36 24.74
CA LEU C 29 -7.51 44.83 24.82
C LEU C 29 -7.57 43.41 25.37
N LYS C 30 -6.48 42.91 25.97
CA LYS C 30 -6.31 41.57 26.55
C LYS C 30 -6.33 40.48 25.47
N GLU C 31 -5.52 40.66 24.44
CA GLU C 31 -5.18 39.58 23.50
C GLU C 31 -3.85 39.91 22.84
N GLN C 32 -3.36 38.96 22.06
CA GLN C 32 -2.14 39.12 21.26
C GLN C 32 -2.58 39.40 19.83
N LEU C 33 -2.39 40.64 19.37
CA LEU C 33 -2.74 40.98 17.99
C LEU C 33 -1.47 41.34 17.23
N LYS C 34 -1.34 40.81 16.03
CA LYS C 34 -0.14 41.02 15.24
C LYS C 34 -0.34 42.25 14.34
N LEU C 35 0.73 43.01 14.16
CA LEU C 35 0.66 44.25 13.39
C LEU C 35 1.79 44.28 12.37
N CYS C 36 1.69 45.20 11.41
CA CYS C 36 2.72 45.31 10.39
C CYS C 36 2.97 46.78 10.07
N LEU C 37 4.20 47.07 9.62
CA LEU C 37 4.56 48.41 9.19
C LEU C 37 3.98 48.69 7.81
N ALA C 38 3.34 49.85 7.67
CA ALA C 38 2.77 50.23 6.38
C ALA C 38 2.72 51.74 6.25
N ALA C 39 2.93 52.22 5.02
CA ALA C 39 2.85 53.64 4.70
C ALA C 39 2.71 53.78 3.18
N GLU C 40 1.78 54.64 2.75
CA GLU C 40 1.55 54.84 1.33
C GLU C 40 2.76 55.44 0.64
N GLY C 41 3.35 56.47 1.23
CA GLY C 41 4.48 57.15 0.63
C GLY C 41 4.10 58.36 -0.19
N PHE C 42 3.25 58.16 -1.19
CA PHE C 42 2.75 59.25 -2.02
C PHE C 42 1.67 59.99 -1.26
N GLY C 43 2.04 61.13 -0.67
CA GLY C 43 1.12 61.96 0.06
C GLY C 43 1.19 61.80 1.57
N ASN C 44 1.77 60.71 2.05
CA ASN C 44 1.96 60.49 3.48
C ASN C 44 3.28 59.75 3.65
N ARG C 45 4.33 60.48 4.02
CA ARG C 45 5.64 59.85 4.18
C ARG C 45 5.73 59.06 5.48
N LEU C 46 4.95 59.44 6.48
CA LEU C 46 5.01 58.80 7.79
C LEU C 46 4.42 57.40 7.76
N CYS C 47 4.95 56.53 8.62
CA CYS C 47 4.49 55.16 8.75
C CYS C 47 3.37 55.06 9.77
N PHE C 48 2.66 53.94 9.72
CA PHE C 48 1.60 53.62 10.66
C PHE C 48 1.45 52.10 10.71
N LEU C 49 0.51 51.65 11.53
CA LEU C 49 0.34 50.22 11.79
C LEU C 49 -0.98 49.73 11.20
N GLU C 50 -0.91 48.63 10.45
CA GLU C 50 -2.10 48.01 9.88
C GLU C 50 -2.33 46.68 10.57
N PRO C 51 -3.39 46.54 11.38
CA PRO C 51 -3.62 45.27 12.09
C PRO C 51 -3.85 44.10 11.14
N THR C 52 -3.27 42.95 11.48
CA THR C 52 -3.38 41.77 10.63
C THR C 52 -3.76 40.52 11.40
N SER C 53 -4.05 40.63 12.69
CA SER C 53 -4.49 39.46 13.46
C SER C 53 -5.85 38.97 13.00
N ASN C 54 -6.77 39.90 12.74
CA ASN C 54 -8.13 39.57 12.31
C ASN C 54 -8.14 39.39 10.79
N ALA C 55 -7.52 38.30 10.36
CA ALA C 55 -7.33 37.99 8.95
C ALA C 55 -8.50 37.27 8.31
N GLN C 56 -9.65 37.19 8.99
CA GLN C 56 -10.81 36.50 8.44
C GLN C 56 -12.01 37.41 8.26
N ASN C 57 -12.39 38.16 9.31
CA ASN C 57 -13.51 39.09 9.20
C ASN C 57 -13.25 40.20 8.20
N VAL C 58 -12.04 40.77 8.22
CA VAL C 58 -11.64 41.82 7.28
C VAL C 58 -10.27 41.48 6.72
N PRO C 59 -10.10 41.41 5.40
CA PRO C 59 -8.78 41.14 4.86
C PRO C 59 -7.84 42.29 5.11
N PRO C 60 -6.54 42.02 5.22
CA PRO C 60 -5.58 43.10 5.51
C PRO C 60 -5.23 43.92 4.27
N ASP C 61 -4.25 44.81 4.41
CA ASP C 61 -3.77 45.64 3.30
C ASP C 61 -2.29 45.36 3.09
N LEU C 62 -1.98 44.33 2.30
CA LEU C 62 -0.59 43.96 2.05
C LEU C 62 0.05 44.74 0.91
N ALA C 63 -0.69 45.64 0.26
CA ALA C 63 -0.11 46.46 -0.80
C ALA C 63 0.94 47.42 -0.24
N ILE C 64 0.70 47.96 0.94
CA ILE C 64 1.55 49.01 1.51
C ILE C 64 2.43 48.51 2.64
N CYS C 65 2.41 47.21 2.94
CA CYS C 65 3.26 46.64 3.98
C CYS C 65 4.55 46.04 3.46
N CYS C 66 4.62 45.76 2.16
CA CYS C 66 5.72 45.00 1.60
C CYS C 66 7.02 45.81 1.58
N PHE C 67 8.14 45.15 1.94
CA PHE C 67 9.46 45.78 1.95
C PHE C 67 10.50 44.85 1.33
N THR C 68 11.49 45.45 0.68
CA THR C 68 12.52 44.69 -0.01
C THR C 68 13.89 44.95 0.60
N LEU C 69 14.67 43.89 0.79
CA LEU C 69 16.05 43.97 1.26
C LEU C 69 16.96 44.32 0.09
N GLU C 70 17.29 45.59 -0.04
CA GLU C 70 18.18 46.00 -1.14
C GLU C 70 19.60 45.50 -0.91
N GLN C 71 20.24 45.94 0.17
CA GLN C 71 21.62 45.61 0.44
C GLN C 71 21.79 45.23 1.91
N SER C 72 22.78 44.40 2.18
CA SER C 72 23.12 43.99 3.54
C SER C 72 24.63 44.09 3.68
N LEU C 73 25.08 45.00 4.54
CA LEU C 73 26.50 45.30 4.69
C LEU C 73 26.92 45.34 6.16
N SER C 74 28.18 45.05 6.40
CA SER C 74 28.75 45.18 7.74
C SER C 74 28.83 46.66 8.08
N VAL C 75 28.63 46.97 9.37
CA VAL C 75 28.57 48.36 9.84
C VAL C 75 29.85 49.12 9.52
N ARG C 76 31.00 48.51 9.81
CA ARG C 76 32.27 49.16 9.51
C ARG C 76 32.45 49.35 8.01
N ALA C 77 32.12 48.33 7.19
CA ALA C 77 32.21 48.50 5.74
C ALA C 77 31.27 49.60 5.24
N LEU C 78 30.13 49.74 5.94
CA LEU C 78 29.16 50.79 5.61
C LEU C 78 29.79 52.15 5.83
N GLN C 79 30.68 52.25 6.84
CA GLN C 79 31.30 53.54 7.14
C GLN C 79 32.13 54.02 5.95
N GLU C 80 32.99 53.14 5.39
CA GLU C 80 33.80 53.56 4.24
C GLU C 80 32.94 53.73 3.01
N MET C 81 31.85 52.96 2.89
CA MET C 81 30.92 53.16 1.77
C MET C 81 30.31 54.54 1.83
N LEU C 82 29.94 54.99 3.03
CA LEU C 82 29.39 56.33 3.21
C LEU C 82 30.46 57.36 2.96
N ALA C 83 31.71 57.05 3.33
CA ALA C 83 32.83 57.97 3.13
C ALA C 83 33.07 58.22 1.65
N ASN C 84 32.98 57.18 0.82
CA ASN C 84 33.13 57.34 -0.62
C ASN C 84 31.90 58.00 -1.22
N HIS C 98 23.47 38.03 -4.22
CA HIS C 98 22.51 37.63 -3.20
C HIS C 98 23.18 37.29 -1.88
N ARG C 99 23.66 38.32 -1.18
CA ARG C 99 24.31 38.14 0.10
C ARG C 99 23.31 37.66 1.15
N THR C 100 23.77 36.76 2.02
CA THR C 100 22.93 36.26 3.10
C THR C 100 22.86 37.28 4.22
N LEU C 101 21.67 37.45 4.79
CA LEU C 101 21.50 38.42 5.87
C LEU C 101 22.12 37.89 7.16
N LEU C 102 23.11 38.60 7.66
CA LEU C 102 23.86 38.22 8.85
C LEU C 102 23.52 39.14 10.02
N TYR C 103 23.46 38.56 11.23
CA TYR C 103 23.21 39.35 12.43
C TYR C 103 24.32 40.38 12.63
N GLY C 104 23.92 41.57 13.07
CA GLY C 104 24.86 42.64 13.29
C GLY C 104 25.27 43.38 12.04
N HIS C 105 24.73 43.03 10.88
CA HIS C 105 25.00 43.78 9.67
C HIS C 105 24.10 45.01 9.58
N ALA C 106 24.18 45.73 8.48
CA ALA C 106 23.32 46.88 8.22
C ALA C 106 22.48 46.62 6.98
N ILE C 107 21.18 46.91 7.08
CA ILE C 107 20.24 46.62 5.99
C ILE C 107 19.65 47.92 5.48
N LEU C 108 19.17 47.86 4.24
CA LEU C 108 18.52 48.98 3.55
C LEU C 108 17.12 48.54 3.11
N LEU C 109 16.10 48.95 3.86
CA LEU C 109 14.73 48.55 3.58
C LEU C 109 14.08 49.53 2.60
N ARG C 110 13.68 49.00 1.45
CA ARG C 110 13.00 49.77 0.41
C ARG C 110 11.54 49.33 0.34
N HIS C 111 10.64 50.31 0.31
CA HIS C 111 9.21 50.03 0.13
C HIS C 111 8.99 49.44 -1.27
N ALA C 112 7.94 48.64 -1.38
CA ALA C 112 7.70 47.97 -2.66
C ALA C 112 6.80 48.77 -3.58
N HIS C 113 5.74 49.37 -3.03
CA HIS C 113 4.83 50.16 -3.85
C HIS C 113 5.44 51.49 -4.23
N SER C 114 5.75 52.33 -3.24
CA SER C 114 6.18 53.69 -3.52
C SER C 114 7.65 53.82 -3.89
N ARG C 115 8.43 52.73 -3.79
CA ARG C 115 9.86 52.67 -4.10
C ARG C 115 10.72 53.62 -3.26
N MET C 116 10.18 54.19 -2.19
CA MET C 116 10.96 55.02 -1.29
C MET C 116 11.71 54.14 -0.29
N TYR C 117 12.52 54.75 0.55
CA TYR C 117 13.34 54.02 1.51
C TYR C 117 12.89 54.34 2.92
N LEU C 118 12.77 53.31 3.75
CA LEU C 118 12.46 53.50 5.16
C LEU C 118 13.64 54.18 5.86
N SER C 119 13.34 55.19 6.67
CA SER C 119 14.40 55.90 7.38
C SER C 119 13.85 56.65 8.57
N CYS C 120 14.76 56.92 9.52
CA CYS C 120 14.43 57.68 10.72
C CYS C 120 14.39 59.16 10.38
N LEU C 121 13.18 59.72 10.31
CA LEU C 121 13.01 61.12 9.92
C LEU C 121 13.59 62.04 11.00
N THR C 122 14.30 63.09 10.56
CA THR C 122 14.97 64.01 11.47
C THR C 122 13.97 64.74 12.37
N THR C 123 12.87 65.22 11.78
CA THR C 123 11.85 65.89 12.57
C THR C 123 11.02 64.86 13.32
N SER C 124 10.23 65.36 14.28
CA SER C 124 9.34 64.50 15.05
C SER C 124 8.16 65.34 15.53
N ARG C 125 6.98 64.75 15.54
CA ARG C 125 5.77 65.48 15.87
C ARG C 125 4.92 64.83 16.94
N SER C 126 5.27 63.64 17.42
CA SER C 126 4.51 62.98 18.47
C SER C 126 4.70 63.75 19.77
N MET C 127 3.67 64.50 20.17
CA MET C 127 3.70 65.31 21.38
C MET C 127 3.50 64.51 22.67
N THR C 128 3.62 63.18 22.62
CA THR C 128 3.61 62.37 23.84
C THR C 128 4.81 62.70 24.71
N ASP C 129 5.96 62.97 24.09
CA ASP C 129 7.19 63.26 24.80
C ASP C 129 8.14 64.00 23.86
N LYS C 130 9.41 64.04 24.25
CA LYS C 130 10.51 64.48 23.42
C LYS C 130 11.35 63.27 23.05
N LEU C 131 12.44 63.51 22.29
CA LEU C 131 13.47 62.54 21.89
C LEU C 131 12.93 61.24 21.27
N ALA C 132 11.70 61.27 20.75
CA ALA C 132 11.10 60.13 20.07
C ALA C 132 10.87 60.52 18.62
N PHE C 133 11.72 60.03 17.74
CA PHE C 133 11.65 60.36 16.32
C PHE C 133 10.69 59.41 15.61
N ASP C 134 9.84 59.97 14.75
CA ASP C 134 8.88 59.17 14.01
C ASP C 134 9.50 58.72 12.69
N VAL C 135 9.38 57.45 12.41
CA VAL C 135 9.97 56.87 11.20
C VAL C 135 9.06 57.15 10.00
N GLY C 136 9.67 57.21 8.82
CA GLY C 136 8.93 57.45 7.61
C GLY C 136 9.72 57.06 6.38
N LEU C 137 9.13 57.34 5.23
CA LEU C 137 9.76 57.01 3.95
C LEU C 137 10.65 58.16 3.47
N GLN C 138 11.76 57.80 2.84
CA GLN C 138 12.73 58.75 2.32
C GLN C 138 12.91 58.50 0.83
N GLU C 139 13.16 59.59 0.08
CA GLU C 139 13.19 59.55 -1.38
C GLU C 139 14.35 58.70 -1.89
N ASP C 140 15.52 58.84 -1.28
CA ASP C 140 16.74 58.25 -1.83
C ASP C 140 17.59 57.65 -0.71
N ALA C 141 18.57 56.86 -1.12
CA ALA C 141 19.47 56.16 -0.20
C ALA C 141 20.62 57.02 0.29
N THR C 142 20.71 58.27 -0.17
CA THR C 142 21.76 59.17 0.27
C THR C 142 21.64 59.47 1.75
N GLY C 143 22.78 59.59 2.42
CA GLY C 143 22.80 59.75 3.86
C GLY C 143 22.82 58.41 4.56
N GLU C 144 22.78 58.47 5.89
CA GLU C 144 22.81 57.27 6.71
C GLU C 144 21.51 56.98 7.44
N ALA C 145 20.55 57.90 7.40
CA ALA C 145 19.27 57.70 8.08
C ALA C 145 18.49 56.50 7.54
N CYS C 146 18.76 56.09 6.30
CA CYS C 146 18.09 54.96 5.70
C CYS C 146 18.50 53.63 6.32
N TRP C 147 19.67 53.55 6.91
CA TRP C 147 20.25 52.27 7.28
C TRP C 147 19.85 51.84 8.69
N TRP C 148 19.55 50.54 8.81
CA TRP C 148 19.22 49.92 10.09
C TRP C 148 20.14 48.74 10.30
N THR C 149 20.47 48.49 11.55
CA THR C 149 21.27 47.34 11.96
C THR C 149 20.42 46.40 12.80
N MET C 150 20.41 45.12 12.45
CA MET C 150 19.59 44.15 13.16
C MET C 150 20.43 43.35 14.13
N HIS C 151 20.00 43.33 15.37
CA HIS C 151 20.70 42.66 16.43
C HIS C 151 19.91 41.43 16.87
N PRO C 152 20.60 40.40 17.37
CA PRO C 152 19.93 39.23 17.94
C PRO C 152 19.05 39.62 19.12
N ALA C 153 17.90 38.94 19.23
CA ALA C 153 16.93 39.24 20.27
C ALA C 153 17.49 38.99 21.66
N SER C 154 18.19 37.88 21.82
CA SER C 154 18.74 37.50 23.11
C SER C 154 20.03 36.73 22.86
N LYS C 155 20.55 36.12 23.92
CA LYS C 155 21.79 35.34 23.83
C LYS C 155 21.63 34.03 23.09
N GLN C 156 20.40 33.61 22.75
CA GLN C 156 20.19 32.40 21.96
C GLN C 156 20.71 32.52 20.53
N ARG C 157 20.92 33.75 20.05
CA ARG C 157 21.59 33.99 18.79
C ARG C 157 22.69 35.02 19.02
N SER C 158 23.74 34.93 18.21
CA SER C 158 24.89 35.80 18.35
C SER C 158 25.10 36.59 17.05
N GLU C 159 25.92 37.64 17.16
CA GLU C 159 26.27 38.43 15.99
C GLU C 159 27.12 37.61 15.03
N GLY C 160 27.09 38.02 13.76
CA GLY C 160 27.93 37.39 12.76
C GLY C 160 27.42 36.09 12.19
N GLU C 161 26.21 35.66 12.56
CA GLU C 161 25.61 34.47 11.99
C GLU C 161 24.35 34.84 11.24
N LYS C 162 24.04 34.04 10.22
CA LYS C 162 22.92 34.31 9.35
C LYS C 162 21.59 34.14 10.07
N VAL C 163 20.67 35.06 9.81
CA VAL C 163 19.35 35.04 10.43
C VAL C 163 18.43 34.10 9.65
N ARG C 164 17.59 33.36 10.37
CA ARG C 164 16.65 32.40 9.83
C ARG C 164 15.25 32.97 9.92
N VAL C 165 14.30 32.31 9.24
CA VAL C 165 12.90 32.74 9.27
C VAL C 165 12.35 32.60 10.69
N GLY C 166 11.31 33.39 10.98
CA GLY C 166 10.70 33.41 12.29
C GLY C 166 11.52 33.96 13.43
N ASP C 167 12.81 34.28 13.20
CA ASP C 167 13.67 34.83 14.24
C ASP C 167 13.16 36.17 14.74
N ASP C 168 13.32 36.38 16.03
CA ASP C 168 13.09 37.70 16.61
C ASP C 168 14.30 38.59 16.39
N LEU C 169 14.06 39.86 16.07
CA LEU C 169 15.12 40.81 15.74
C LEU C 169 14.93 42.10 16.52
N ILE C 170 16.02 42.84 16.69
CA ILE C 170 15.97 44.22 17.19
C ILE C 170 16.60 45.13 16.13
N LEU C 171 15.87 46.15 15.69
CA LEU C 171 16.36 47.03 14.64
C LEU C 171 16.77 48.39 15.20
N VAL C 172 17.99 48.82 14.86
CA VAL C 172 18.60 50.04 15.37
C VAL C 172 18.89 50.98 14.21
N SER C 173 18.43 52.21 14.31
CA SER C 173 18.69 53.21 13.29
C SER C 173 20.15 53.62 13.36
N VAL C 174 20.82 53.65 12.20
CA VAL C 174 22.26 53.93 12.20
C VAL C 174 22.51 55.40 12.55
N SER C 175 21.73 56.31 11.97
CA SER C 175 22.00 57.73 12.11
C SER C 175 21.61 58.28 13.48
N SER C 176 20.63 57.69 14.16
CA SER C 176 20.17 58.21 15.43
C SER C 176 20.40 57.30 16.62
N GLU C 177 20.90 56.08 16.40
CA GLU C 177 21.20 55.09 17.46
C GLU C 177 19.99 54.82 18.35
N ARG C 178 18.83 54.68 17.73
CA ARG C 178 17.60 54.42 18.44
C ARG C 178 16.99 53.10 17.96
N TYR C 179 16.15 52.53 18.80
CA TYR C 179 15.47 51.30 18.44
C TYR C 179 14.20 51.58 17.63
N LEU C 180 13.71 50.55 16.96
CA LEU C 180 12.46 50.65 16.21
C LEU C 180 11.32 50.25 17.14
N HIS C 181 10.68 51.25 17.73
CA HIS C 181 9.72 51.09 18.81
C HIS C 181 8.29 51.29 18.29
N LEU C 182 7.31 50.91 19.10
CA LEU C 182 5.92 51.27 18.87
C LEU C 182 5.43 51.92 20.16
N SER C 183 4.78 53.08 20.04
CA SER C 183 4.40 53.88 21.20
C SER C 183 2.97 53.50 21.55
N THR C 184 2.83 52.59 22.51
CA THR C 184 1.54 52.15 23.01
C THR C 184 0.95 53.14 24.02
N ALA C 185 1.74 54.17 24.41
CA ALA C 185 1.33 55.13 25.44
C ALA C 185 0.07 55.89 25.06
N SER C 186 0.00 56.38 23.81
CA SER C 186 -1.20 57.00 23.31
C SER C 186 -2.27 55.95 23.05
N GLY C 187 -3.52 56.42 22.93
CA GLY C 187 -4.64 55.52 22.69
C GLY C 187 -4.50 54.73 21.40
N GLU C 188 -4.02 55.40 20.34
CA GLU C 188 -3.74 54.74 19.09
C GLU C 188 -2.38 54.04 19.17
N LEU C 189 -2.09 53.23 18.15
CA LEU C 189 -0.84 52.48 18.11
C LEU C 189 0.00 53.06 16.97
N GLN C 190 1.11 53.68 17.33
CA GLN C 190 2.02 54.29 16.35
C GLN C 190 3.31 53.49 16.28
N VAL C 191 4.26 54.02 15.51
CA VAL C 191 5.62 53.50 15.43
C VAL C 191 6.56 54.69 15.53
N ASP C 192 7.55 54.60 16.42
CA ASP C 192 8.51 55.68 16.61
C ASP C 192 9.89 55.07 16.79
N ALA C 193 10.90 55.91 16.60
CA ALA C 193 12.28 55.53 16.89
C ALA C 193 12.66 56.13 18.24
N SER C 194 12.59 55.31 19.28
CA SER C 194 12.88 55.76 20.63
C SER C 194 13.93 54.83 21.24
N PHE C 195 14.29 55.11 22.49
CA PHE C 195 15.37 54.41 23.16
C PHE C 195 14.93 53.08 23.77
N MET C 196 13.63 52.84 23.91
CA MET C 196 13.12 51.60 24.48
C MET C 196 12.83 50.61 23.37
N GLN C 197 13.48 49.44 23.42
CA GLN C 197 13.48 48.52 22.30
C GLN C 197 12.12 47.85 22.12
N THR C 198 11.94 47.29 20.92
CA THR C 198 10.79 46.46 20.59
C THR C 198 11.28 45.27 19.76
N LEU C 199 10.61 44.14 19.93
CA LEU C 199 10.96 42.90 19.27
C LEU C 199 10.13 42.77 18.00
N TRP C 200 10.79 42.69 16.85
CA TRP C 200 10.14 42.74 15.55
C TRP C 200 10.29 41.41 14.85
N ASN C 201 9.24 40.99 14.17
CA ASN C 201 9.26 39.78 13.34
C ASN C 201 9.35 40.17 11.87
N MET C 202 10.26 39.52 11.15
CA MET C 202 10.46 39.79 9.73
C MET C 202 9.91 38.60 8.95
N ASN C 203 8.62 38.62 8.67
CA ASN C 203 7.99 37.50 7.98
C ASN C 203 8.28 37.57 6.49
N PRO C 204 8.87 36.53 5.89
CA PRO C 204 9.14 36.56 4.46
C PRO C 204 7.87 36.45 3.64
N ILE C 205 7.93 36.98 2.43
CA ILE C 205 6.82 36.95 1.49
C ILE C 205 7.21 36.26 0.20
N CYS C 206 8.35 36.62 -0.36
CA CYS C 206 8.82 36.07 -1.61
C CYS C 206 10.34 36.02 -1.62
N SER C 207 10.89 35.00 -2.26
CA SER C 207 12.33 34.89 -2.44
C SER C 207 12.73 34.93 -3.91
N CYS C 208 12.23 33.99 -4.72
CA CYS C 208 12.59 33.89 -6.14
C CYS C 208 11.43 33.24 -6.86
N CYS C 209 10.74 34.01 -7.70
CA CYS C 209 9.71 33.47 -8.56
C CYS C 209 10.35 32.98 -9.86
N GLU C 210 9.99 31.76 -10.28
CA GLU C 210 10.49 31.24 -11.54
C GLU C 210 9.97 32.12 -12.68
N GLU C 211 10.80 32.25 -13.73
CA GLU C 211 10.49 33.14 -14.84
C GLU C 211 9.18 32.76 -15.53
N GLY C 212 8.31 33.74 -15.70
CA GLY C 212 7.02 33.52 -16.36
C GLY C 212 6.08 32.61 -15.60
N TYR C 213 6.00 32.74 -14.28
CA TYR C 213 5.08 31.94 -13.49
C TYR C 213 4.24 32.86 -12.61
N VAL C 214 3.01 32.46 -12.35
CA VAL C 214 2.10 33.28 -11.56
C VAL C 214 2.33 33.00 -10.09
N THR C 215 2.32 34.07 -9.28
CA THR C 215 2.48 33.97 -7.84
C THR C 215 1.44 34.87 -7.17
N GLY C 216 1.13 34.55 -5.92
CA GLY C 216 0.22 35.35 -5.15
C GLY C 216 0.76 36.75 -4.88
N GLY C 217 -0.16 37.70 -4.74
CA GLY C 217 0.18 39.08 -4.48
C GLY C 217 0.42 39.90 -5.73
N HIS C 218 0.58 39.27 -6.88
CA HIS C 218 0.80 39.98 -8.14
C HIS C 218 -0.45 40.75 -8.54
N VAL C 219 -0.26 41.77 -9.38
CA VAL C 219 -1.34 42.48 -10.04
C VAL C 219 -1.32 42.04 -11.51
N LEU C 220 -2.46 41.59 -12.01
CA LEU C 220 -2.48 40.93 -13.30
C LEU C 220 -3.89 41.03 -13.89
N ARG C 221 -4.00 40.78 -15.18
CA ARG C 221 -5.30 40.75 -15.84
C ARG C 221 -5.73 39.32 -16.14
N LEU C 222 -7.04 39.10 -16.05
CA LEU C 222 -7.68 37.82 -16.31
C LEU C 222 -8.38 37.91 -17.66
N PHE C 223 -7.71 37.45 -18.71
CA PHE C 223 -8.30 37.47 -20.05
C PHE C 223 -9.19 36.28 -20.31
N HIS C 224 -10.36 36.52 -20.90
CA HIS C 224 -11.13 35.42 -21.47
C HIS C 224 -10.30 34.79 -22.59
N GLY C 225 -10.52 33.48 -22.83
CA GLY C 225 -9.78 32.70 -23.84
C GLY C 225 -9.65 33.34 -25.21
N HIS C 226 -10.60 34.20 -25.58
CA HIS C 226 -10.59 34.96 -26.82
C HIS C 226 -9.46 35.99 -26.88
N MET C 227 -8.78 36.28 -25.76
CA MET C 227 -7.71 37.27 -25.59
C MET C 227 -8.23 38.70 -25.81
N ASP C 228 -9.55 38.90 -25.81
CA ASP C 228 -10.13 40.21 -25.99
C ASP C 228 -11.07 40.65 -24.87
N GLU C 229 -11.61 39.72 -24.09
CA GLU C 229 -12.50 40.07 -22.99
C GLU C 229 -11.77 39.92 -21.67
N CYS C 230 -11.86 40.94 -20.85
CA CYS C 230 -11.22 41.01 -19.53
C CYS C 230 -12.25 41.41 -18.49
N LEU C 231 -12.12 40.81 -17.31
CA LEU C 231 -13.07 41.02 -16.21
C LEU C 231 -12.92 42.45 -15.70
N THR C 232 -13.94 43.27 -15.87
CA THR C 232 -13.90 44.66 -15.42
C THR C 232 -15.14 44.99 -14.61
N ILE C 233 -14.98 45.93 -13.67
CA ILE C 233 -16.15 46.55 -13.06
C ILE C 233 -16.52 47.77 -13.90
N SER C 234 -17.68 48.38 -13.62
CA SER C 234 -18.19 49.52 -14.36
C SER C 234 -17.22 50.71 -14.35
N ALA C 235 -17.45 51.63 -15.28
CA ALA C 235 -16.65 52.84 -15.37
C ALA C 235 -16.90 53.76 -14.19
N ALA C 236 -15.96 54.68 -13.97
CA ALA C 236 -16.10 55.66 -12.90
C ALA C 236 -17.28 56.57 -13.15
N ASP C 237 -17.94 56.97 -12.04
CA ASP C 237 -19.13 57.82 -12.04
C ASP C 237 -20.26 57.20 -12.87
N SER C 238 -20.73 56.05 -12.40
CA SER C 238 -21.79 55.32 -13.08
C SER C 238 -22.89 54.97 -12.10
N ASP C 239 -24.10 54.77 -12.64
CA ASP C 239 -25.26 54.40 -11.86
C ASP C 239 -25.14 53.03 -11.22
N ASP C 240 -24.32 52.14 -11.79
CA ASP C 240 -24.10 50.79 -11.29
C ASP C 240 -23.39 50.76 -9.93
N GLN C 241 -22.80 51.90 -9.51
CA GLN C 241 -21.95 52.05 -8.32
C GLN C 241 -20.68 51.21 -8.40
N ARG C 242 -20.34 50.77 -9.62
CA ARG C 242 -19.13 50.01 -9.93
C ARG C 242 -19.03 48.73 -9.10
N ARG C 243 -20.18 48.08 -8.89
CA ARG C 243 -20.26 46.92 -8.03
C ARG C 243 -20.63 45.64 -8.78
N LEU C 244 -20.51 45.64 -10.10
CA LEU C 244 -20.88 44.47 -10.89
C LEU C 244 -19.76 44.15 -11.88
N VAL C 245 -19.47 42.87 -12.03
CA VAL C 245 -18.39 42.41 -12.89
C VAL C 245 -18.94 42.14 -14.28
N TYR C 246 -18.11 42.38 -15.29
CA TYR C 246 -18.48 42.19 -16.69
C TYR C 246 -17.30 41.58 -17.41
N TYR C 247 -17.59 40.87 -18.49
CA TYR C 247 -16.57 40.46 -19.46
C TYR C 247 -16.59 41.52 -20.54
N GLU C 248 -15.64 42.45 -20.51
CA GLU C 248 -15.69 43.58 -21.42
C GLU C 248 -14.48 43.55 -22.35
N GLY C 249 -14.65 44.09 -23.55
CA GLY C 249 -13.60 44.14 -24.53
C GLY C 249 -13.29 45.55 -24.99
N GLY C 250 -12.27 45.63 -25.86
CA GLY C 250 -11.89 46.90 -26.44
C GLY C 250 -10.75 47.57 -25.69
N ALA C 251 -10.73 48.90 -25.70
CA ALA C 251 -9.68 49.66 -25.04
C ALA C 251 -9.78 49.63 -23.53
N VAL C 252 -10.89 49.13 -22.98
CA VAL C 252 -11.05 48.99 -21.54
C VAL C 252 -10.06 47.96 -20.98
N CYS C 253 -9.67 46.97 -21.79
CA CYS C 253 -8.68 45.96 -21.41
C CYS C 253 -7.23 46.47 -21.45
N THR C 254 -7.03 47.79 -21.49
CA THR C 254 -5.74 48.41 -21.17
C THR C 254 -5.88 49.54 -20.19
N HIS C 255 -7.07 49.79 -19.66
CA HIS C 255 -7.30 50.84 -18.68
C HIS C 255 -6.88 50.33 -17.30
N ALA C 256 -7.19 51.09 -16.26
CA ALA C 256 -6.82 50.69 -14.91
C ALA C 256 -7.89 49.83 -14.23
N ARG C 257 -9.14 49.98 -14.66
CA ARG C 257 -10.27 49.27 -14.08
C ARG C 257 -10.20 47.75 -14.24
N SER C 258 -9.38 47.24 -15.15
CA SER C 258 -9.32 45.82 -15.45
C SER C 258 -8.14 45.13 -14.78
N LEU C 259 -7.74 45.59 -13.60
CA LEU C 259 -6.58 45.04 -12.91
C LEU C 259 -7.00 44.33 -11.64
N TRP C 260 -6.58 43.07 -11.49
CA TRP C 260 -6.94 42.29 -10.32
C TRP C 260 -5.68 41.85 -9.59
N ARG C 261 -5.75 41.81 -8.27
CA ARG C 261 -4.67 41.35 -7.42
C ARG C 261 -5.07 40.09 -6.67
N LEU C 262 -4.25 39.04 -6.80
CA LEU C 262 -4.45 37.74 -6.16
C LEU C 262 -3.96 37.82 -4.73
N GLU C 263 -4.88 37.98 -3.78
CA GLU C 263 -4.51 38.16 -2.38
C GLU C 263 -4.84 36.88 -1.62
N PRO C 264 -3.86 36.02 -1.29
CA PRO C 264 -4.19 34.78 -0.57
C PRO C 264 -4.62 35.00 0.88
N LEU C 265 -4.83 33.89 1.59
CA LEU C 265 -5.37 33.91 2.94
C LEU C 265 -4.28 33.92 4.00
N ARG C 266 -3.04 33.64 3.61
CA ARG C 266 -1.92 33.52 4.54
C ARG C 266 -1.06 34.76 4.45
N ILE C 267 -0.68 35.31 5.60
CA ILE C 267 0.18 36.49 5.61
C ILE C 267 1.60 36.09 5.22
N SER C 268 2.23 35.22 6.01
CA SER C 268 3.55 34.72 5.68
C SER C 268 3.50 33.90 4.39
N TRP C 269 4.54 34.05 3.57
CA TRP C 269 4.69 33.39 2.27
C TRP C 269 3.50 33.66 1.35
N SER C 270 2.97 34.89 1.41
CA SER C 270 1.88 35.30 0.52
C SER C 270 2.33 35.51 -0.92
N GLY C 271 3.62 35.43 -1.21
CA GLY C 271 4.11 35.64 -2.56
C GLY C 271 4.67 34.34 -3.12
N SER C 272 4.25 33.22 -2.51
CA SER C 272 4.64 31.91 -3.00
C SER C 272 3.97 31.61 -4.33
N HIS C 273 4.53 30.61 -5.04
CA HIS C 273 3.98 30.16 -6.31
C HIS C 273 2.54 29.68 -6.16
N LEU C 274 1.80 29.75 -7.25
CA LEU C 274 0.39 29.38 -7.21
C LEU C 274 0.21 27.89 -7.48
N ARG C 275 -0.40 27.20 -6.53
CA ARG C 275 -0.81 25.82 -6.71
C ARG C 275 -2.31 25.79 -6.99
N TRP C 276 -2.75 24.81 -7.78
CA TRP C 276 -4.16 24.75 -8.12
C TRP C 276 -5.02 24.46 -6.90
N GLY C 277 -6.24 24.99 -6.92
CA GLY C 277 -7.22 24.70 -5.90
C GLY C 277 -6.86 25.18 -4.51
N GLN C 278 -6.12 26.27 -4.40
CA GLN C 278 -5.85 26.78 -3.07
C GLN C 278 -6.59 28.10 -2.84
N PRO C 279 -7.18 28.28 -1.65
CA PRO C 279 -8.02 29.47 -1.39
C PRO C 279 -7.24 30.77 -1.54
N LEU C 280 -7.91 31.78 -2.11
CA LEU C 280 -7.36 33.10 -2.34
C LEU C 280 -8.48 34.06 -2.71
N ARG C 281 -8.43 35.28 -2.15
CA ARG C 281 -9.43 36.28 -2.47
C ARG C 281 -9.08 36.90 -3.82
N ILE C 282 -9.90 37.85 -4.27
CA ILE C 282 -9.63 38.63 -5.47
C ILE C 282 -9.88 40.09 -5.13
N ARG C 283 -8.90 40.95 -5.39
CA ARG C 283 -8.99 42.35 -5.00
C ARG C 283 -8.86 43.26 -6.21
N HIS C 284 -9.75 44.24 -6.31
CA HIS C 284 -9.66 45.27 -7.33
C HIS C 284 -8.81 46.39 -6.77
N VAL C 285 -7.73 46.73 -7.47
CA VAL C 285 -6.72 47.64 -6.93
C VAL C 285 -7.28 49.06 -6.84
N THR C 286 -7.92 49.55 -7.90
CA THR C 286 -8.31 50.95 -7.97
C THR C 286 -9.47 51.29 -7.04
N THR C 287 -10.26 50.30 -6.63
CA THR C 287 -11.42 50.52 -5.79
C THR C 287 -11.28 49.95 -4.39
N GLY C 288 -10.38 48.98 -4.19
CA GLY C 288 -10.23 48.36 -2.89
C GLY C 288 -11.43 47.52 -2.48
N ARG C 289 -11.92 46.70 -3.40
CA ARG C 289 -13.04 45.82 -3.12
C ARG C 289 -12.69 44.40 -3.54
N TYR C 290 -13.41 43.44 -2.95
CA TYR C 290 -13.11 42.02 -3.08
C TYR C 290 -14.24 41.30 -3.79
N LEU C 291 -13.87 40.39 -4.69
CA LEU C 291 -14.86 39.56 -5.38
C LEU C 291 -15.61 38.67 -4.39
N ALA C 292 -16.93 38.58 -4.56
CA ALA C 292 -17.75 37.89 -3.59
C ALA C 292 -19.03 37.39 -4.21
N LEU C 293 -19.65 36.45 -3.51
CA LEU C 293 -20.99 35.94 -3.79
C LEU C 293 -21.93 36.50 -2.73
N THR C 294 -22.78 37.43 -3.12
CA THR C 294 -23.72 38.04 -2.20
C THR C 294 -25.09 37.40 -2.39
N GLU C 295 -25.96 37.59 -1.40
CA GLU C 295 -27.26 36.94 -1.43
C GLU C 295 -28.23 37.63 -2.39
N ASP C 296 -28.17 38.95 -2.49
CA ASP C 296 -29.20 39.68 -3.23
C ASP C 296 -28.84 39.91 -4.69
N GLN C 297 -27.57 40.14 -5.01
CA GLN C 297 -27.16 40.46 -6.38
C GLN C 297 -26.15 39.46 -6.94
N GLY C 298 -25.97 38.30 -6.32
CA GLY C 298 -25.10 37.27 -6.85
C GLY C 298 -23.61 37.55 -6.76
N LEU C 299 -22.93 37.65 -7.90
CA LEU C 299 -21.51 37.93 -7.94
C LEU C 299 -21.28 39.44 -7.96
N VAL C 300 -20.86 40.01 -6.83
CA VAL C 300 -20.53 41.43 -6.74
C VAL C 300 -19.17 41.61 -6.08
N VAL C 301 -18.65 42.83 -6.15
CA VAL C 301 -17.44 43.19 -5.43
C VAL C 301 -17.86 43.94 -4.16
N VAL C 302 -17.55 43.34 -3.02
CA VAL C 302 -17.99 43.81 -1.72
C VAL C 302 -16.82 44.56 -1.10
N ASP C 303 -17.13 45.45 -0.16
CA ASP C 303 -16.12 46.28 0.51
C ASP C 303 -15.07 45.43 1.23
N ALA C 304 -13.97 46.07 1.59
CA ALA C 304 -12.94 45.41 2.38
C ALA C 304 -13.36 45.19 3.83
N CYS C 305 -14.41 45.86 4.29
CA CYS C 305 -14.86 45.76 5.67
C CYS C 305 -15.82 44.61 5.90
N LYS C 306 -16.25 43.91 4.84
CA LYS C 306 -17.27 42.87 4.96
C LYS C 306 -16.92 41.64 4.14
N ALA C 307 -15.64 41.32 4.02
CA ALA C 307 -15.20 40.12 3.29
C ALA C 307 -14.85 39.07 4.35
N HIS C 308 -15.85 38.25 4.70
CA HIS C 308 -15.73 37.29 5.80
C HIS C 308 -15.14 35.95 5.38
N THR C 309 -14.34 35.91 4.30
CA THR C 309 -13.47 34.80 3.88
C THR C 309 -14.26 33.56 3.41
N LYS C 310 -15.57 33.56 3.60
CA LYS C 310 -16.43 32.47 3.16
C LYS C 310 -16.97 32.70 1.76
N ALA C 311 -17.59 33.85 1.55
CA ALA C 311 -18.14 34.19 0.24
C ALA C 311 -17.13 34.83 -0.69
N THR C 312 -15.90 35.06 -0.23
CA THR C 312 -14.92 35.81 -1.00
C THR C 312 -13.74 34.97 -1.46
N SER C 313 -13.62 33.74 -1.00
CA SER C 313 -12.49 32.91 -1.39
C SER C 313 -12.75 32.22 -2.72
N PHE C 314 -11.68 31.89 -3.42
CA PHE C 314 -11.76 31.31 -4.75
C PHE C 314 -10.57 30.37 -4.94
N CYS C 315 -10.63 29.58 -6.01
CA CYS C 315 -9.59 28.62 -6.34
C CYS C 315 -9.42 28.56 -7.85
N PHE C 316 -8.23 28.16 -8.26
CA PHE C 316 -7.86 27.99 -9.66
C PHE C 316 -7.67 26.51 -9.96
N ARG C 317 -8.22 26.07 -11.09
CA ARG C 317 -8.21 24.64 -11.40
C ARG C 317 -8.08 24.45 -12.90
N VAL C 318 -7.62 23.26 -13.29
CA VAL C 318 -7.30 23.00 -14.70
C VAL C 318 -8.48 22.30 -15.37
N SER C 319 -9.28 21.57 -14.61
CA SER C 319 -10.43 20.87 -15.16
C SER C 319 -11.70 21.29 -14.43
N LYS C 320 -12.83 20.84 -14.98
CA LYS C 320 -14.14 21.18 -14.44
C LYS C 320 -14.74 20.05 -13.62
N GLU C 321 -13.95 19.05 -13.23
CA GLU C 321 -14.44 17.99 -12.37
C GLU C 321 -14.58 18.51 -10.94
N LYS C 322 -15.49 17.90 -10.20
CA LYS C 322 -15.76 18.28 -8.82
C LYS C 322 -14.65 17.76 -7.91
N LEU C 323 -13.91 18.67 -7.28
CA LEU C 323 -12.88 18.30 -6.31
C LEU C 323 -13.28 18.74 -4.92
N PRO C 327 -8.50 22.86 -1.25
CA PRO C 327 -7.42 23.35 -0.41
C PRO C 327 -6.45 22.25 0.02
N LYS C 328 -5.18 22.60 0.17
CA LYS C 328 -4.14 21.66 0.60
C LYS C 328 -3.44 22.24 1.82
N ARG C 329 -2.46 21.50 2.33
CA ARG C 329 -1.68 21.96 3.47
C ARG C 329 -0.55 22.86 2.99
N ASP C 330 -0.49 24.08 3.53
CA ASP C 330 0.48 25.06 3.10
C ASP C 330 1.90 24.62 3.43
N VAL C 331 2.83 24.98 2.56
CA VAL C 331 4.26 24.72 2.75
C VAL C 331 4.96 26.04 3.03
N GLU C 332 5.77 26.06 4.10
CA GLU C 332 6.54 27.25 4.46
C GLU C 332 7.79 27.33 3.57
N GLY C 333 7.55 27.68 2.31
CA GLY C 333 8.60 27.81 1.33
C GLY C 333 8.07 28.60 0.15
N MET C 334 8.90 28.67 -0.89
CA MET C 334 8.54 29.41 -2.09
C MET C 334 7.37 28.75 -2.84
N GLY C 335 7.13 27.46 -2.61
CA GLY C 335 5.95 26.82 -3.15
C GLY C 335 6.25 26.02 -4.40
N PRO C 336 5.28 25.24 -4.85
CA PRO C 336 5.47 24.47 -6.08
C PRO C 336 5.11 25.30 -7.30
N PRO C 337 6.06 25.48 -8.22
CA PRO C 337 5.79 26.30 -9.41
C PRO C 337 5.14 25.53 -10.56
N GLU C 338 3.86 25.76 -10.82
CA GLU C 338 3.31 25.19 -12.05
C GLU C 338 2.52 26.17 -12.92
N ILE C 339 1.69 27.05 -12.33
CA ILE C 339 0.88 27.96 -13.14
C ILE C 339 1.78 28.97 -13.83
N LYS C 340 1.54 29.18 -15.13
CA LYS C 340 2.34 30.04 -15.97
C LYS C 340 1.54 31.24 -16.48
N TYR C 341 2.25 32.13 -17.17
CA TYR C 341 1.69 33.35 -17.73
C TYR C 341 1.65 33.22 -19.24
N GLY C 342 0.48 33.45 -19.84
CA GLY C 342 0.28 33.31 -21.26
C GLY C 342 -0.11 31.93 -21.72
N GLU C 343 -0.04 30.93 -20.84
CA GLU C 343 -0.47 29.56 -21.10
C GLU C 343 -1.28 29.13 -19.90
N SER C 344 -1.56 27.82 -19.78
CA SER C 344 -2.18 27.18 -18.61
C SER C 344 -3.52 27.82 -18.26
N LEU C 345 -4.49 27.59 -19.17
CA LEU C 345 -5.86 28.08 -19.00
C LEU C 345 -6.45 27.63 -17.67
N CYS C 346 -7.03 28.58 -16.93
CA CYS C 346 -7.51 28.33 -15.59
C CYS C 346 -9.01 28.50 -15.50
N PHE C 347 -9.61 27.75 -14.58
CA PHE C 347 -11.02 27.85 -14.25
C PHE C 347 -11.12 28.29 -12.80
N VAL C 348 -11.83 29.38 -12.55
CA VAL C 348 -11.97 29.91 -11.20
C VAL C 348 -13.24 29.35 -10.59
N GLN C 349 -13.12 28.75 -9.41
CA GLN C 349 -14.27 28.20 -8.71
C GLN C 349 -14.34 28.79 -7.32
N HIS C 350 -15.53 29.28 -6.94
CA HIS C 350 -15.81 29.64 -5.56
C HIS C 350 -15.68 28.39 -4.69
N VAL C 351 -14.82 28.46 -3.67
CA VAL C 351 -14.52 27.25 -2.91
C VAL C 351 -15.67 26.90 -1.97
N ALA C 352 -16.48 27.87 -1.55
CA ALA C 352 -17.57 27.58 -0.63
C ALA C 352 -18.78 26.98 -1.36
N SER C 353 -19.37 27.74 -2.29
CA SER C 353 -20.57 27.29 -2.97
C SER C 353 -20.30 26.39 -4.16
N GLY C 354 -19.05 26.24 -4.57
CA GLY C 354 -18.69 25.34 -5.66
C GLY C 354 -19.11 25.79 -7.04
N LEU C 355 -19.67 26.99 -7.17
CA LEU C 355 -20.21 27.47 -8.44
C LEU C 355 -19.07 27.76 -9.43
N TRP C 356 -19.44 28.16 -10.66
CA TRP C 356 -18.44 28.47 -11.67
C TRP C 356 -18.80 29.78 -12.36
N LEU C 357 -17.79 30.59 -12.70
CA LEU C 357 -18.06 31.87 -13.32
C LEU C 357 -18.28 31.66 -14.80
N THR C 358 -19.27 32.33 -15.36
CA THR C 358 -19.55 32.26 -16.79
C THR C 358 -20.36 33.50 -17.16
N TYR C 359 -20.13 34.00 -18.37
CA TYR C 359 -20.87 35.13 -18.90
C TYR C 359 -22.35 34.80 -19.00
N ALA C 360 -23.20 35.74 -18.60
CA ALA C 360 -24.63 35.54 -18.72
C ALA C 360 -25.05 35.58 -20.19
N ALA C 361 -25.78 34.55 -20.61
CA ALA C 361 -26.29 34.51 -21.98
C ALA C 361 -27.24 35.66 -22.39
N PRO C 362 -28.24 36.11 -21.58
CA PRO C 362 -29.19 37.11 -22.10
C PRO C 362 -28.55 38.43 -22.53
N ASP C 363 -29.10 39.02 -23.58
CA ASP C 363 -28.65 40.32 -24.10
C ASP C 363 -29.88 41.12 -24.53
N PRO C 364 -30.31 42.09 -23.72
CA PRO C 364 -31.55 42.82 -24.02
C PRO C 364 -31.43 43.81 -25.17
N LYS C 365 -32.49 44.62 -25.34
CA LYS C 365 -32.54 45.61 -26.41
C LYS C 365 -31.38 46.60 -26.30
N ALA C 366 -30.97 46.96 -25.07
CA ALA C 366 -29.84 47.86 -24.89
C ALA C 366 -28.54 47.24 -25.42
N LEU C 367 -28.44 45.91 -25.37
CA LEU C 367 -27.28 45.19 -25.89
C LEU C 367 -27.52 44.61 -27.27
N ARG C 368 -28.63 44.97 -27.92
CA ARG C 368 -28.91 44.50 -29.27
C ARG C 368 -27.87 45.03 -30.26
N LEU C 369 -27.53 46.30 -30.15
CA LEU C 369 -26.56 46.95 -31.03
C LEU C 369 -25.45 47.64 -30.27
N GLY C 370 -25.65 47.98 -29.00
CA GLY C 370 -24.69 48.67 -28.16
C GLY C 370 -23.46 47.82 -27.87
N VAL C 371 -22.63 48.34 -26.96
CA VAL C 371 -21.37 47.70 -26.60
C VAL C 371 -21.65 46.32 -26.00
N LEU C 372 -20.81 45.35 -26.37
CA LEU C 372 -21.02 43.96 -25.97
C LEU C 372 -20.28 43.72 -24.66
N LYS C 373 -20.98 43.93 -23.56
CA LYS C 373 -20.50 43.56 -22.24
C LYS C 373 -21.34 42.40 -21.73
N LYS C 374 -20.67 41.35 -21.29
CA LYS C 374 -21.31 40.10 -20.88
C LYS C 374 -21.14 39.97 -19.37
N LYS C 375 -22.18 40.41 -18.63
CA LYS C 375 -22.15 40.43 -17.16
C LYS C 375 -21.92 39.04 -16.59
N ALA C 376 -20.74 38.81 -16.04
CA ALA C 376 -20.38 37.50 -15.53
C ALA C 376 -21.23 37.11 -14.33
N ILE C 377 -21.67 35.86 -14.32
CA ILE C 377 -22.49 35.33 -13.23
C ILE C 377 -21.84 34.04 -12.76
N LEU C 378 -21.75 33.87 -11.45
CA LEU C 378 -21.18 32.65 -10.87
C LEU C 378 -22.23 31.55 -10.98
N HIS C 379 -22.31 30.96 -12.16
CA HIS C 379 -23.35 29.98 -12.45
C HIS C 379 -23.07 28.67 -11.70
N GLN C 380 -24.13 27.89 -11.50
CA GLN C 380 -24.01 26.61 -10.82
C GLN C 380 -23.19 25.61 -11.63
N GLU C 381 -23.30 25.65 -12.94
CA GLU C 381 -22.48 24.74 -13.74
C GLU C 381 -21.73 25.44 -14.87
N GLY C 382 -22.35 26.43 -15.52
CA GLY C 382 -21.66 27.27 -16.48
C GLY C 382 -21.29 26.62 -17.80
N HIS C 383 -20.85 27.42 -18.77
CA HIS C 383 -20.55 26.91 -20.10
C HIS C 383 -19.20 26.21 -20.13
N MET C 384 -18.66 25.96 -21.32
CA MET C 384 -17.42 25.20 -21.45
C MET C 384 -16.21 26.07 -21.75
N ASP C 385 -16.39 27.18 -22.46
CA ASP C 385 -15.26 27.98 -22.90
C ASP C 385 -14.90 29.11 -21.93
N ASP C 386 -15.31 29.01 -20.67
CA ASP C 386 -15.08 30.04 -19.68
C ASP C 386 -13.73 29.91 -18.98
N ALA C 387 -12.75 29.26 -19.61
CA ALA C 387 -11.39 29.25 -19.10
C ALA C 387 -10.76 30.62 -19.23
N LEU C 388 -9.93 31.00 -18.26
CA LEU C 388 -9.32 32.31 -18.24
C LEU C 388 -7.80 32.22 -18.36
N PHE C 389 -7.25 33.07 -19.22
CA PHE C 389 -5.82 33.28 -19.30
C PHE C 389 -5.39 34.24 -18.20
N LEU C 390 -4.10 34.23 -17.90
CA LEU C 390 -3.48 35.13 -16.94
C LEU C 390 -2.34 35.90 -17.60
N THR C 391 -2.38 37.23 -17.52
CA THR C 391 -1.39 38.04 -18.21
C THR C 391 -0.88 39.11 -17.27
N ARG C 392 0.37 39.52 -17.47
CA ARG C 392 0.99 40.51 -16.61
C ARG C 392 0.45 41.91 -16.86
N CYS C 393 0.78 42.79 -15.92
CA CYS C 393 0.74 44.23 -16.09
C CYS C 393 2.04 44.81 -15.55
N GLN C 394 2.60 45.77 -16.28
CA GLN C 394 3.89 46.32 -15.87
C GLN C 394 3.75 47.12 -14.58
N GLN C 395 4.89 47.24 -13.88
CA GLN C 395 4.95 47.83 -12.54
C GLN C 395 4.43 49.26 -12.56
N GLU C 396 4.64 49.97 -13.68
CA GLU C 396 4.18 51.34 -13.79
C GLU C 396 2.67 51.42 -13.70
N GLU C 397 1.98 50.48 -14.36
CA GLU C 397 0.52 50.40 -14.30
C GLU C 397 0.06 50.05 -12.89
N SER C 398 0.66 49.01 -12.30
CA SER C 398 0.23 48.57 -10.97
C SER C 398 0.44 49.66 -9.90
N GLN C 399 1.60 50.32 -9.96
CA GLN C 399 1.89 51.43 -9.06
C GLN C 399 0.94 52.60 -9.31
N ALA C 400 0.66 52.91 -10.58
CA ALA C 400 -0.26 53.98 -10.90
C ALA C 400 -1.63 53.68 -10.34
N ALA C 401 -2.13 52.46 -10.55
CA ALA C 401 -3.47 52.05 -10.11
C ALA C 401 -3.62 52.23 -8.62
N ARG C 402 -2.62 51.74 -7.85
CA ARG C 402 -2.66 51.95 -6.41
C ARG C 402 -2.58 53.43 -6.07
N MET C 403 -1.92 54.23 -6.93
CA MET C 403 -1.82 55.67 -6.65
C MET C 403 -3.20 56.33 -6.79
N ILE C 404 -3.98 55.92 -7.81
CA ILE C 404 -5.37 56.43 -7.92
C ILE C 404 -6.16 56.03 -6.69
N HIS C 405 -6.05 54.76 -6.28
CA HIS C 405 -6.85 54.25 -5.17
C HIS C 405 -6.56 54.99 -3.87
N SER C 406 -5.27 55.24 -3.59
CA SER C 406 -4.89 56.07 -2.45
C SER C 406 -5.32 57.52 -2.61
N THR C 407 -5.20 58.07 -3.82
CA THR C 407 -5.50 59.46 -4.10
C THR C 407 -6.99 59.78 -3.91
N ALA C 408 -7.85 58.88 -4.35
CA ALA C 408 -9.30 59.10 -4.36
C ALA C 408 -9.84 59.31 -2.96
N GLY C 409 -9.42 58.49 -2.00
CA GLY C 409 -9.94 58.60 -0.64
C GLY C 409 -9.59 59.94 -0.02
N LEU C 410 -8.36 60.41 -0.26
CA LEU C 410 -7.89 61.65 0.34
C LEU C 410 -8.64 62.84 -0.25
N TYR C 411 -8.72 62.89 -1.59
CA TYR C 411 -9.42 64.01 -2.22
C TYR C 411 -10.92 63.99 -1.93
N ASN C 412 -11.54 62.80 -1.90
CA ASN C 412 -12.95 62.71 -1.53
C ASN C 412 -13.20 63.21 -0.12
N GLN C 413 -12.30 62.88 0.83
CA GLN C 413 -12.36 63.42 2.18
C GLN C 413 -12.23 64.94 2.18
N PHE C 414 -11.31 65.47 1.37
CA PHE C 414 -11.13 66.91 1.24
C PHE C 414 -12.39 67.58 0.71
N ILE C 415 -12.99 67.00 -0.34
CA ILE C 415 -14.21 67.55 -0.94
C ILE C 415 -15.35 67.54 0.06
N LYS C 416 -15.50 66.43 0.80
CA LYS C 416 -16.54 66.31 1.82
C LYS C 416 -16.36 67.36 2.90
N GLY C 417 -15.10 67.61 3.30
CA GLY C 417 -14.85 68.66 4.26
C GLY C 417 -15.19 70.02 3.68
N LEU C 418 -14.94 70.20 2.38
CA LEU C 418 -15.13 71.49 1.74
C LEU C 418 -16.59 71.88 1.73
N ASP C 419 -17.45 70.97 1.25
CA ASP C 419 -18.85 71.34 1.18
C ASP C 419 -19.55 71.19 2.52
N SER C 420 -18.88 70.60 3.53
CA SER C 420 -19.46 70.54 4.86
C SER C 420 -19.64 71.94 5.44
N PHE C 421 -18.65 72.82 5.25
CA PHE C 421 -18.75 74.20 5.69
C PHE C 421 -19.03 75.17 4.56
N SER C 422 -19.78 74.72 3.54
CA SER C 422 -20.09 75.55 2.38
C SER C 422 -20.86 76.82 2.78
N GLY C 423 -21.85 76.67 3.63
CA GLY C 423 -22.51 77.82 4.23
C GLY C 423 -21.95 78.06 5.61
N LYS C 424 -22.86 78.38 6.56
CA LYS C 424 -22.67 78.49 8.02
C LYS C 424 -21.35 79.13 8.44
N PRO C 425 -21.16 80.44 8.22
CA PRO C 425 -19.87 81.09 8.52
C PRO C 425 -19.44 80.93 9.97
N ARG C 426 -18.12 80.72 10.14
CA ARG C 426 -17.52 80.54 11.47
C ARG C 426 -17.73 81.75 12.36
N GLY C 427 -17.55 82.96 11.81
CA GLY C 427 -17.65 84.15 12.63
C GLY C 427 -16.38 84.35 13.43
N SER C 428 -16.48 84.14 14.74
CA SER C 428 -15.34 84.24 15.64
C SER C 428 -15.13 82.97 16.45
N GLY C 429 -15.73 81.86 16.02
CA GLY C 429 -15.63 80.61 16.77
C GLY C 429 -14.66 79.63 16.15
N PRO C 430 -14.93 78.34 16.32
CA PRO C 430 -14.04 77.32 15.75
C PRO C 430 -14.53 76.87 14.39
N PRO C 431 -13.73 76.09 13.63
CA PRO C 431 -14.23 75.51 12.39
C PRO C 431 -15.43 74.59 12.62
N ALA C 432 -16.32 74.57 11.63
CA ALA C 432 -17.61 73.87 11.76
C ALA C 432 -17.42 72.37 11.97
N GLY C 433 -16.84 71.68 10.99
CA GLY C 433 -16.75 70.24 11.06
C GLY C 433 -15.35 69.73 11.36
N PRO C 434 -15.03 68.54 10.85
CA PRO C 434 -13.68 67.99 11.05
C PRO C 434 -12.63 68.79 10.30
N ALA C 435 -11.41 68.75 10.83
CA ALA C 435 -10.30 69.50 10.27
C ALA C 435 -9.95 68.99 8.88
N LEU C 436 -9.67 69.93 7.98
CA LEU C 436 -9.27 69.58 6.62
C LEU C 436 -7.88 68.94 6.59
N PRO C 437 -7.69 67.87 5.80
CA PRO C 437 -6.35 67.27 5.63
C PRO C 437 -5.51 68.10 4.65
N ILE C 438 -5.20 69.33 5.08
CA ILE C 438 -4.50 70.29 4.23
C ILE C 438 -3.09 69.80 3.90
N GLU C 439 -2.32 69.41 4.93
CA GLU C 439 -0.93 69.04 4.72
C GLU C 439 -0.83 67.77 3.89
N ALA C 440 -1.76 66.83 4.10
CA ALA C 440 -1.82 65.61 3.31
C ALA C 440 -2.12 65.92 1.85
N VAL C 441 -3.03 66.86 1.61
CA VAL C 441 -3.41 67.18 0.24
C VAL C 441 -2.25 67.86 -0.47
N ILE C 442 -1.64 68.86 0.19
CA ILE C 442 -0.52 69.61 -0.39
C ILE C 442 0.65 68.68 -0.73
N LEU C 443 0.94 67.73 0.17
CA LEU C 443 1.96 66.72 -0.10
C LEU C 443 1.58 65.84 -1.29
N SER C 444 0.30 65.45 -1.36
CA SER C 444 -0.16 64.59 -2.46
C SER C 444 -0.06 65.33 -3.79
N LEU C 445 -0.42 66.60 -3.80
CA LEU C 445 -0.34 67.42 -5.00
C LEU C 445 1.10 67.56 -5.46
N GLN C 446 2.02 67.85 -4.53
CA GLN C 446 3.42 68.02 -4.93
C GLN C 446 4.02 66.72 -5.42
N ASP C 447 3.58 65.58 -4.85
CA ASP C 447 3.95 64.27 -5.36
C ASP C 447 3.41 64.04 -6.77
N LEU C 448 2.18 64.47 -7.03
CA LEU C 448 1.59 64.22 -8.35
C LEU C 448 2.22 65.12 -9.40
N ILE C 449 2.46 66.39 -9.06
CA ILE C 449 3.07 67.34 -9.98
C ILE C 449 4.46 66.86 -10.36
N GLY C 450 5.24 66.39 -9.38
CA GLY C 450 6.50 65.78 -9.77
C GLY C 450 6.36 64.44 -10.45
N TYR C 451 5.26 63.72 -10.20
CA TYR C 451 5.01 62.46 -10.86
C TYR C 451 4.68 62.63 -12.34
N PHE C 452 4.18 63.81 -12.72
CA PHE C 452 3.83 64.09 -14.11
C PHE C 452 4.74 65.12 -14.75
N GLU C 453 5.98 65.21 -14.29
CA GLU C 453 6.92 66.15 -14.89
C GLU C 453 7.26 65.73 -16.31
N PRO C 454 7.15 66.62 -17.30
CA PRO C 454 7.56 66.27 -18.64
C PRO C 454 9.05 66.00 -18.69
N PRO C 455 9.49 65.09 -19.57
CA PRO C 455 10.93 64.80 -19.67
C PRO C 455 11.73 66.01 -20.15
N SER C 456 12.97 66.09 -19.69
CA SER C 456 13.83 67.22 -20.01
C SER C 456 14.24 67.18 -21.48
N GLU C 457 14.56 68.37 -22.01
CA GLU C 457 14.82 68.53 -23.44
C GLU C 457 16.12 67.87 -23.88
N GLU C 458 17.15 67.88 -23.04
CA GLU C 458 18.47 67.46 -23.48
C GLU C 458 18.61 65.94 -23.65
N LEU C 459 17.60 65.17 -23.27
CA LEU C 459 17.65 63.71 -23.31
C LEU C 459 17.77 63.21 -24.75
N GLN C 460 18.39 62.04 -24.89
CA GLN C 460 18.48 61.39 -26.20
C GLN C 460 17.08 61.06 -26.70
N HIS C 461 16.89 61.21 -28.02
CA HIS C 461 15.58 60.96 -28.62
C HIS C 461 15.12 59.52 -28.48
N GLU C 462 16.07 58.58 -28.39
CA GLU C 462 15.73 57.16 -28.25
C GLU C 462 14.96 56.87 -26.97
N GLU C 463 15.37 57.45 -25.85
CA GLU C 463 14.74 57.19 -24.57
C GLU C 463 13.88 58.34 -24.09
N LYS C 464 13.89 59.47 -24.80
CA LYS C 464 12.93 60.53 -24.56
C LYS C 464 11.51 60.09 -24.89
N GLN C 465 11.34 59.47 -26.06
CA GLN C 465 10.01 59.07 -26.52
C GLN C 465 9.39 58.04 -25.59
N SER C 466 10.18 57.08 -25.10
CA SER C 466 9.63 56.11 -24.14
C SER C 466 9.15 56.77 -22.85
N LYS C 467 9.68 57.95 -22.52
CA LYS C 467 9.15 58.69 -21.38
C LYS C 467 7.92 59.47 -21.78
N LEU C 468 7.82 59.85 -23.05
CA LEU C 468 6.59 60.48 -23.52
C LEU C 468 5.46 59.47 -23.46
N ARG C 469 5.69 58.27 -23.98
CA ARG C 469 4.69 57.20 -23.98
C ARG C 469 4.29 56.82 -22.56
N SER C 470 5.27 56.78 -21.64
CA SER C 470 4.97 56.54 -20.23
C SER C 470 4.11 57.65 -19.63
N LEU C 471 4.41 58.91 -19.98
CA LEU C 471 3.65 60.02 -19.41
C LEU C 471 2.23 60.07 -19.97
N ARG C 472 2.07 59.87 -21.28
CA ARG C 472 0.74 59.85 -21.90
C ARG C 472 -0.09 58.71 -21.34
N ASN C 473 0.53 57.54 -21.14
CA ASN C 473 -0.15 56.39 -20.56
C ASN C 473 -0.63 56.71 -19.14
N ARG C 474 0.23 57.32 -18.33
CA ARG C 474 -0.13 57.62 -16.94
C ARG C 474 -1.27 58.63 -16.88
N GLN C 475 -1.19 59.65 -17.74
CA GLN C 475 -2.21 60.69 -17.75
C GLN C 475 -3.55 60.12 -18.17
N SER C 476 -3.54 59.23 -19.18
CA SER C 476 -4.78 58.64 -19.66
C SER C 476 -5.40 57.78 -18.58
N LEU C 477 -4.56 57.03 -17.84
CA LEU C 477 -5.07 56.19 -16.76
C LEU C 477 -5.75 57.03 -15.69
N PHE C 478 -5.14 58.17 -15.33
CA PHE C 478 -5.72 59.04 -14.32
C PHE C 478 -7.04 59.65 -14.80
N GLN C 479 -7.07 60.12 -16.05
CA GLN C 479 -8.30 60.69 -16.59
C GLN C 479 -9.40 59.65 -16.66
N GLU C 480 -9.05 58.43 -17.09
CA GLU C 480 -10.04 57.37 -17.23
C GLU C 480 -10.57 56.95 -15.86
N GLU C 481 -9.75 57.06 -14.81
CA GLU C 481 -10.24 56.77 -13.48
C GLU C 481 -10.92 57.96 -12.83
N GLY C 482 -10.97 59.12 -13.48
CA GLY C 482 -11.74 60.22 -12.93
C GLY C 482 -10.99 61.28 -12.16
N MET C 483 -9.67 61.15 -12.02
CA MET C 483 -8.88 62.16 -11.31
C MET C 483 -8.97 63.52 -12.00
N LEU C 484 -8.95 63.53 -13.33
CA LEU C 484 -9.13 64.77 -14.07
C LEU C 484 -10.48 65.43 -13.78
N SER C 485 -11.53 64.63 -13.58
CA SER C 485 -12.81 65.20 -13.14
C SER C 485 -12.79 65.56 -11.66
N LEU C 486 -12.05 64.79 -10.86
CA LEU C 486 -11.99 65.01 -9.42
C LEU C 486 -11.34 66.36 -9.12
N VAL C 487 -10.26 66.69 -9.83
CA VAL C 487 -9.63 67.97 -9.60
C VAL C 487 -10.56 69.10 -10.05
N LEU C 488 -11.31 68.89 -11.15
CA LEU C 488 -12.26 69.90 -11.61
C LEU C 488 -13.26 70.23 -10.52
N ASN C 489 -13.68 69.19 -9.79
CA ASN C 489 -14.53 69.38 -8.62
C ASN C 489 -13.80 70.19 -7.55
N CYS C 490 -12.50 69.89 -7.36
CA CYS C 490 -11.73 70.57 -6.32
C CYS C 490 -11.63 72.08 -6.59
N ILE C 491 -11.28 72.46 -7.83
CA ILE C 491 -11.22 73.88 -8.17
C ILE C 491 -12.61 74.51 -8.09
N ASP C 492 -13.65 73.74 -8.45
CA ASP C 492 -15.03 74.22 -8.36
C ASP C 492 -15.38 74.63 -6.93
N ARG C 493 -15.06 73.76 -5.97
CA ARG C 493 -15.37 74.08 -4.58
C ARG C 493 -14.48 75.21 -4.05
N LEU C 494 -13.17 75.17 -4.32
CA LEU C 494 -12.27 76.22 -3.84
C LEU C 494 -12.56 77.60 -4.43
N ASN C 495 -13.11 77.68 -5.63
CA ASN C 495 -13.23 78.97 -6.29
C ASN C 495 -14.38 79.83 -5.79
N VAL C 496 -15.33 79.27 -5.03
CA VAL C 496 -16.46 80.06 -4.55
C VAL C 496 -16.07 81.10 -3.51
N TYR C 497 -14.84 81.05 -2.99
CA TYR C 497 -14.33 82.02 -2.04
C TYR C 497 -13.35 82.91 -2.78
N THR C 498 -13.61 84.22 -2.77
CA THR C 498 -12.82 85.13 -3.60
C THR C 498 -11.40 85.30 -3.07
N THR C 499 -11.27 85.60 -1.78
CA THR C 499 -9.97 85.89 -1.18
C THR C 499 -9.74 84.98 0.02
N ALA C 500 -8.47 84.95 0.45
CA ALA C 500 -8.06 84.11 1.57
C ALA C 500 -8.79 84.50 2.85
N ALA C 501 -8.93 85.81 3.10
CA ALA C 501 -9.65 86.28 4.27
C ALA C 501 -11.11 85.81 4.24
N HIS C 502 -11.73 85.88 3.06
CA HIS C 502 -13.09 85.36 2.91
C HIS C 502 -13.13 83.86 3.18
N PHE C 503 -12.06 83.14 2.82
CA PHE C 503 -12.00 81.71 3.10
C PHE C 503 -11.85 81.44 4.59
N ALA C 504 -11.23 82.38 5.31
CA ALA C 504 -11.04 82.22 6.75
C ALA C 504 -12.38 82.20 7.47
N GLU C 505 -13.32 83.02 7.01
CA GLU C 505 -14.63 83.14 7.66
C GLU C 505 -15.45 81.85 7.56
N TYR C 506 -15.07 80.94 6.65
CA TYR C 506 -15.81 79.72 6.42
C TYR C 506 -15.01 78.45 6.69
N ALA C 507 -13.71 78.56 6.93
CA ALA C 507 -12.93 77.37 7.26
C ALA C 507 -12.08 77.58 8.50
N GLY C 508 -11.66 78.82 8.74
CA GLY C 508 -10.85 79.13 9.90
C GLY C 508 -9.62 79.92 9.51
N GLU C 509 -9.00 80.57 10.50
CA GLU C 509 -7.76 81.31 10.24
C GLU C 509 -6.59 80.38 9.99
N GLU C 510 -6.68 79.12 10.38
CA GLU C 510 -5.61 78.16 10.16
C GLU C 510 -5.56 77.68 8.71
N ALA C 511 -6.71 77.63 8.05
CA ALA C 511 -6.79 77.18 6.66
C ALA C 511 -6.57 78.29 5.64
N ALA C 512 -6.48 79.55 6.07
CA ALA C 512 -6.41 80.65 5.11
C ALA C 512 -5.06 80.72 4.41
N GLU C 513 -3.96 80.57 5.17
CA GLU C 513 -2.62 80.73 4.61
C GLU C 513 -2.27 79.68 3.55
N SER C 514 -2.93 78.54 3.56
CA SER C 514 -2.68 77.49 2.58
C SER C 514 -3.57 77.59 1.35
N TRP C 515 -4.48 78.56 1.30
CA TRP C 515 -5.45 78.65 0.21
C TRP C 515 -4.79 78.97 -1.13
N LYS C 516 -3.95 80.00 -1.16
CA LYS C 516 -3.30 80.41 -2.41
C LYS C 516 -2.37 79.32 -2.91
N GLU C 517 -1.64 78.68 -2.00
CA GLU C 517 -0.76 77.58 -2.37
C GLU C 517 -1.56 76.40 -2.92
N ILE C 518 -2.68 76.06 -2.28
CA ILE C 518 -3.39 74.86 -2.70
C ILE C 518 -4.08 75.10 -4.04
N VAL C 519 -4.55 76.32 -4.31
CA VAL C 519 -5.19 76.56 -5.59
C VAL C 519 -4.14 76.58 -6.71
N ASN C 520 -2.95 77.15 -6.45
CA ASN C 520 -1.91 77.16 -7.47
C ASN C 520 -1.47 75.74 -7.78
N LEU C 521 -1.32 74.89 -6.74
CA LEU C 521 -0.91 73.52 -6.96
C LEU C 521 -1.97 72.77 -7.76
N LEU C 522 -3.25 73.05 -7.48
CA LEU C 522 -4.33 72.39 -8.23
C LEU C 522 -4.28 72.74 -9.71
N TYR C 523 -4.01 74.02 -10.01
CA TYR C 523 -3.87 74.44 -11.41
C TYR C 523 -2.68 73.79 -12.08
N GLU C 524 -1.56 73.68 -11.35
CA GLU C 524 -0.38 73.02 -11.91
C GLU C 524 -0.64 71.54 -12.15
N LEU C 525 -1.36 70.88 -11.24
CA LEU C 525 -1.72 69.49 -11.44
C LEU C 525 -2.65 69.31 -12.63
N LEU C 526 -3.60 70.23 -12.82
CA LEU C 526 -4.47 70.18 -13.99
C LEU C 526 -3.67 70.32 -15.27
N ALA C 527 -2.73 71.27 -15.29
CA ALA C 527 -1.89 71.47 -16.46
C ALA C 527 -1.06 70.24 -16.76
N SER C 528 -0.47 69.64 -15.72
CA SER C 528 0.38 68.47 -15.95
C SER C 528 -0.44 67.27 -16.39
N LEU C 529 -1.70 67.18 -15.92
CA LEU C 529 -2.58 66.10 -16.34
C LEU C 529 -2.95 66.21 -17.81
N ILE C 530 -3.20 67.42 -18.28
CA ILE C 530 -3.73 67.57 -19.64
C ILE C 530 -2.67 67.90 -20.68
N ARG C 531 -1.48 68.36 -20.27
CA ARG C 531 -0.41 68.79 -21.17
C ARG C 531 0.06 67.68 -22.11
N GLY C 532 -0.26 67.83 -23.40
CA GLY C 532 0.20 66.91 -24.41
C GLY C 532 -0.82 65.89 -24.89
N ASN C 533 -1.94 65.73 -24.20
CA ASN C 533 -2.98 64.81 -24.64
C ASN C 533 -4.05 65.53 -25.46
N ARG C 534 -4.23 65.05 -26.69
CA ARG C 534 -5.39 65.42 -27.47
C ARG C 534 -6.66 64.95 -26.78
N ALA C 535 -6.61 63.73 -26.22
CA ALA C 535 -7.80 63.12 -25.62
C ALA C 535 -8.23 63.89 -24.37
N ASN C 536 -7.29 64.13 -23.45
CA ASN C 536 -7.66 64.82 -22.22
C ASN C 536 -7.96 66.29 -22.48
N CYS C 537 -7.23 66.93 -23.40
CA CYS C 537 -7.54 68.32 -23.73
C CYS C 537 -8.90 68.46 -24.39
N ALA C 538 -9.36 67.43 -25.12
CA ALA C 538 -10.66 67.48 -25.77
C ALA C 538 -11.82 67.54 -24.80
N LEU C 539 -11.61 67.15 -23.54
CA LEU C 539 -12.64 67.18 -22.51
C LEU C 539 -13.06 68.60 -22.12
N PHE C 540 -12.32 69.62 -22.53
CA PHE C 540 -12.63 70.99 -22.16
C PHE C 540 -13.48 71.69 -23.20
N SER C 541 -13.91 70.98 -24.25
CA SER C 541 -14.86 71.54 -25.21
C SER C 541 -16.20 71.85 -24.56
N THR C 542 -16.68 70.96 -23.69
CA THR C 542 -18.01 71.14 -23.11
C THR C 542 -18.02 72.25 -22.08
N ASN C 543 -16.90 72.47 -21.40
CA ASN C 543 -16.78 73.49 -20.37
C ASN C 543 -15.62 74.42 -20.66
N LEU C 544 -15.54 74.90 -21.91
CA LEU C 544 -14.51 75.87 -22.26
C LEU C 544 -14.71 77.19 -21.54
N ASP C 545 -15.96 77.62 -21.37
CA ASP C 545 -16.24 78.86 -20.66
C ASP C 545 -15.89 78.79 -19.17
N TRP C 546 -15.70 77.58 -18.64
CA TRP C 546 -15.30 77.40 -17.24
C TRP C 546 -13.94 78.03 -16.98
N VAL C 547 -12.94 77.66 -17.80
CA VAL C 547 -11.59 78.18 -17.60
C VAL C 547 -11.53 79.66 -17.97
N VAL C 548 -12.26 80.06 -19.02
CA VAL C 548 -12.23 81.44 -19.49
C VAL C 548 -12.79 82.38 -18.43
N SER C 549 -13.89 81.98 -17.78
CA SER C 549 -14.52 82.81 -16.76
C SER C 549 -13.60 83.05 -15.56
N LYS C 550 -12.68 82.13 -15.30
CA LYS C 550 -11.76 82.22 -14.17
C LYS C 550 -10.49 82.97 -14.49
N LEU C 551 -10.35 83.47 -15.72
CA LEU C 551 -9.11 84.09 -16.14
C LEU C 551 -8.77 85.34 -15.33
N ASP C 552 -9.78 86.15 -15.02
CA ASP C 552 -9.56 87.40 -14.31
C ASP C 552 -9.26 87.23 -12.82
N ARG C 553 -9.37 86.02 -12.29
CA ARG C 553 -9.02 85.76 -10.89
C ARG C 553 -7.56 86.08 -10.64
N LEU C 554 -7.29 86.68 -9.49
CA LEU C 554 -5.94 87.17 -9.21
C LEU C 554 -5.07 86.19 -8.45
N GLU C 555 -5.66 85.22 -7.75
CA GLU C 555 -4.89 84.31 -6.90
C GLU C 555 -3.88 83.47 -7.70
N ALA C 556 -4.30 82.93 -8.86
CA ALA C 556 -3.40 82.21 -9.76
C ALA C 556 -3.75 82.59 -11.19
N SER C 557 -3.15 83.66 -11.69
CA SER C 557 -3.40 84.11 -13.05
C SER C 557 -2.55 83.36 -14.07
N SER C 558 -1.26 83.19 -13.77
CA SER C 558 -0.39 82.45 -14.68
C SER C 558 -0.73 80.96 -14.72
N GLY C 559 -1.22 80.39 -13.61
CA GLY C 559 -1.57 78.98 -13.62
C GLY C 559 -2.75 78.69 -14.54
N ILE C 560 -3.79 79.52 -14.45
CA ILE C 560 -4.95 79.30 -15.30
C ILE C 560 -4.60 79.63 -16.75
N LEU C 561 -3.74 80.65 -16.97
CA LEU C 561 -3.30 80.94 -18.33
C LEU C 561 -2.50 79.78 -18.91
N GLU C 562 -1.72 79.09 -18.06
CA GLU C 562 -1.00 77.90 -18.49
C GLU C 562 -1.94 76.79 -18.90
N VAL C 563 -3.03 76.61 -18.13
CA VAL C 563 -4.03 75.59 -18.45
C VAL C 563 -4.69 75.90 -19.79
N LEU C 564 -5.03 77.18 -20.00
CA LEU C 564 -5.64 77.60 -21.25
C LEU C 564 -4.70 77.37 -22.42
N TYR C 565 -3.41 77.68 -22.23
CA TYR C 565 -2.44 77.54 -23.31
C TYR C 565 -2.23 76.07 -23.64
N CYS C 566 -2.30 75.19 -22.63
CA CYS C 566 -2.13 73.77 -22.87
C CYS C 566 -3.31 73.21 -23.62
N VAL C 567 -4.52 73.72 -23.34
CA VAL C 567 -5.70 73.24 -24.06
C VAL C 567 -5.62 73.67 -25.51
N LEU C 568 -5.36 74.96 -25.74
CA LEU C 568 -5.42 75.52 -27.08
C LEU C 568 -4.29 75.03 -27.97
N ILE C 569 -3.10 74.78 -27.42
CA ILE C 569 -1.97 74.32 -28.21
C ILE C 569 -2.14 72.85 -28.62
N GLU C 570 -3.19 72.19 -28.14
CA GLU C 570 -3.30 70.76 -28.33
C GLU C 570 -4.57 70.32 -29.03
N SER C 571 -5.71 70.96 -28.77
CA SER C 571 -6.95 70.48 -29.38
C SER C 571 -7.40 71.39 -30.52
N PRO C 572 -7.29 70.96 -31.78
CA PRO C 572 -7.89 71.74 -32.87
C PRO C 572 -9.41 71.80 -32.82
N GLU C 573 -10.05 70.89 -32.10
CA GLU C 573 -11.50 70.89 -31.97
C GLU C 573 -11.99 72.07 -31.14
N VAL C 574 -11.25 72.41 -30.07
CA VAL C 574 -11.68 73.43 -29.11
C VAL C 574 -11.79 74.80 -29.76
N LEU C 575 -10.88 75.11 -30.71
CA LEU C 575 -10.86 76.42 -31.36
C LEU C 575 -12.15 76.74 -32.10
N ASN C 576 -12.87 75.71 -32.57
CA ASN C 576 -14.12 75.94 -33.26
C ASN C 576 -15.22 76.45 -32.32
N ILE C 577 -15.07 76.20 -31.02
CA ILE C 577 -16.04 76.64 -30.02
C ILE C 577 -15.76 78.07 -29.54
N ILE C 578 -14.62 78.64 -29.93
CA ILE C 578 -14.20 79.95 -29.47
C ILE C 578 -15.13 81.02 -30.03
N GLN C 579 -15.62 81.90 -29.16
CA GLN C 579 -16.53 82.98 -29.53
C GLN C 579 -15.93 84.31 -29.09
N GLU C 580 -16.62 85.40 -29.46
CA GLU C 580 -16.14 86.74 -29.21
C GLU C 580 -16.06 87.09 -27.74
N ASN C 581 -16.86 86.45 -26.89
CA ASN C 581 -16.75 86.64 -25.44
C ASN C 581 -15.39 86.19 -24.94
N HIS C 582 -14.92 85.06 -25.46
CA HIS C 582 -13.66 84.50 -25.00
C HIS C 582 -12.49 85.34 -25.49
N ILE C 583 -12.53 85.75 -26.77
CA ILE C 583 -11.45 86.55 -27.32
C ILE C 583 -11.40 87.92 -26.66
N LYS C 584 -12.56 88.53 -26.40
CA LYS C 584 -12.59 89.77 -25.62
C LYS C 584 -12.22 89.58 -24.15
N SER C 585 -12.23 88.34 -23.66
CA SER C 585 -11.76 88.09 -22.31
C SER C 585 -10.25 87.99 -22.29
N ILE C 586 -9.71 87.30 -23.29
CA ILE C 586 -8.27 87.17 -23.41
C ILE C 586 -7.64 88.54 -23.65
N ILE C 587 -8.26 89.36 -24.51
CA ILE C 587 -7.76 90.72 -24.73
C ILE C 587 -7.88 91.54 -23.44
N SER C 588 -8.95 91.31 -22.65
CA SER C 588 -9.08 92.02 -21.38
C SER C 588 -7.95 91.66 -20.43
N LEU C 589 -7.40 90.44 -20.57
CA LEU C 589 -6.23 90.08 -19.78
C LEU C 589 -5.04 90.97 -20.15
N LEU C 590 -4.82 91.20 -21.45
CA LEU C 590 -3.74 92.09 -21.86
C LEU C 590 -3.95 93.49 -21.33
N ASP C 591 -5.21 93.92 -21.25
CA ASP C 591 -5.53 95.25 -20.76
C ASP C 591 -5.40 95.37 -19.24
N LYS C 592 -5.63 94.29 -18.49
CA LYS C 592 -5.65 94.36 -17.03
C LYS C 592 -4.41 93.78 -16.35
N HIS C 593 -3.74 92.81 -16.95
CA HIS C 593 -2.58 92.17 -16.36
C HIS C 593 -1.26 92.61 -17.00
N GLY C 594 -1.27 93.66 -17.80
CA GLY C 594 -0.05 94.16 -18.37
C GLY C 594 0.40 93.42 -19.63
N ARG C 595 1.59 93.78 -20.07
CA ARG C 595 2.19 93.23 -21.28
C ARG C 595 2.84 91.89 -20.97
N ASN C 596 2.03 90.83 -21.06
CA ASN C 596 2.46 89.46 -20.81
C ASN C 596 2.48 88.75 -22.16
N HIS C 597 3.67 88.41 -22.63
CA HIS C 597 3.83 87.80 -23.95
C HIS C 597 3.18 86.42 -24.05
N LYS C 598 2.99 85.72 -22.92
CA LYS C 598 2.31 84.43 -22.97
C LYS C 598 0.87 84.55 -23.46
N VAL C 599 0.26 85.74 -23.30
CA VAL C 599 -1.05 85.95 -23.89
C VAL C 599 -0.94 86.00 -25.40
N LEU C 600 0.13 86.63 -25.91
CA LEU C 600 0.35 86.62 -27.35
C LEU C 600 0.62 85.21 -27.84
N ASP C 601 1.28 84.39 -27.00
CA ASP C 601 1.47 82.97 -27.30
C ASP C 601 0.15 82.20 -27.30
N VAL C 602 -0.86 82.71 -26.63
CA VAL C 602 -2.20 82.12 -26.70
C VAL C 602 -2.88 82.55 -27.99
N LEU C 603 -2.87 83.86 -28.24
CA LEU C 603 -3.54 84.43 -29.42
C LEU C 603 -2.93 83.92 -30.72
N CYS C 604 -1.63 83.56 -30.72
CA CYS C 604 -1.06 82.94 -31.90
C CYS C 604 -1.61 81.54 -32.10
N SER C 605 -1.92 80.84 -31.02
CA SER C 605 -2.43 79.49 -31.13
C SER C 605 -3.88 79.50 -31.56
N LEU C 606 -4.61 80.55 -31.20
CA LEU C 606 -6.02 80.64 -31.58
C LEU C 606 -6.23 80.79 -33.08
N CYS C 607 -5.23 81.22 -33.83
CA CYS C 607 -5.43 81.45 -35.25
C CYS C 607 -5.21 80.18 -36.06
N VAL C 608 -4.02 79.59 -35.95
CA VAL C 608 -3.63 78.43 -36.74
C VAL C 608 -3.39 77.27 -35.79
N CYS C 609 -4.06 76.16 -36.03
CA CYS C 609 -3.89 74.95 -35.24
C CYS C 609 -3.68 73.79 -36.19
N ASN C 610 -2.54 73.09 -36.02
CA ASN C 610 -2.15 71.94 -36.83
C ASN C 610 -2.15 72.27 -38.32
N GLY C 611 -1.64 73.47 -38.63
CA GLY C 611 -1.53 73.92 -40.01
C GLY C 611 -2.85 74.20 -40.69
N VAL C 612 -3.92 74.44 -39.94
CA VAL C 612 -5.22 74.78 -40.52
C VAL C 612 -5.69 76.07 -39.87
N ALA C 613 -5.97 77.08 -40.70
CA ALA C 613 -6.37 78.39 -40.22
C ALA C 613 -7.84 78.42 -39.85
N VAL C 614 -8.18 79.17 -38.80
CA VAL C 614 -9.56 79.35 -38.37
C VAL C 614 -9.90 80.83 -38.56
N ARG C 615 -10.53 81.13 -39.70
CA ARG C 615 -10.65 82.51 -40.14
C ARG C 615 -11.65 83.29 -39.30
N SER C 616 -12.57 82.61 -38.61
CA SER C 616 -13.47 83.31 -37.69
C SER C 616 -12.69 83.87 -36.52
N ASN C 617 -11.74 83.10 -36.00
CA ASN C 617 -10.93 83.57 -34.88
C ASN C 617 -9.99 84.66 -35.36
N GLN C 618 -9.41 84.48 -36.56
CA GLN C 618 -8.48 85.49 -37.09
C GLN C 618 -9.17 86.83 -37.28
N ASP C 619 -10.40 86.81 -37.82
CA ASP C 619 -11.13 88.05 -38.03
C ASP C 619 -11.55 88.67 -36.70
N LEU C 620 -11.98 87.84 -35.74
CA LEU C 620 -12.43 88.37 -34.46
C LEU C 620 -11.27 89.03 -33.72
N ILE C 621 -10.09 88.39 -33.76
CA ILE C 621 -8.91 88.93 -33.08
C ILE C 621 -8.52 90.26 -33.72
N THR C 622 -8.45 90.30 -35.05
CA THR C 622 -8.10 91.56 -35.73
C THR C 622 -9.17 92.63 -35.56
N GLU C 623 -10.41 92.23 -35.29
CA GLU C 623 -11.50 93.19 -35.18
C GLU C 623 -11.63 93.73 -33.77
N ASN C 624 -11.08 93.01 -32.79
CA ASN C 624 -11.19 93.44 -31.40
C ASN C 624 -9.88 93.92 -30.80
N LEU C 625 -8.74 93.71 -31.48
CA LEU C 625 -7.44 94.03 -30.90
C LEU C 625 -6.74 95.15 -31.65
N LEU C 626 -6.57 94.99 -32.96
CA LEU C 626 -5.75 95.92 -33.74
C LEU C 626 -6.26 97.35 -33.83
N PRO C 627 -7.53 97.65 -34.19
CA PRO C 627 -7.90 99.06 -34.46
C PRO C 627 -7.83 99.99 -33.27
N GLY C 628 -7.85 99.47 -32.04
CA GLY C 628 -7.76 100.33 -30.87
C GLY C 628 -6.46 101.09 -30.78
N ARG C 629 -5.34 100.44 -31.16
CA ARG C 629 -3.99 101.02 -31.16
C ARG C 629 -3.58 101.56 -29.80
N GLU C 630 -3.94 100.84 -28.74
CA GLU C 630 -3.61 101.30 -27.40
C GLU C 630 -2.85 100.21 -26.64
N LEU C 631 -3.07 98.95 -26.99
CA LEU C 631 -2.38 97.86 -26.32
C LEU C 631 -1.03 97.59 -26.96
N LEU C 632 -1.04 97.27 -28.24
CA LEU C 632 0.19 96.91 -28.94
C LEU C 632 1.02 98.15 -29.24
N LEU C 633 2.33 97.98 -29.18
CA LEU C 633 3.24 99.08 -29.46
C LEU C 633 3.26 99.41 -30.95
N GLN C 634 3.09 100.68 -31.29
CA GLN C 634 3.00 101.11 -32.66
C GLN C 634 4.37 101.55 -33.17
N THR C 635 4.55 101.47 -34.49
CA THR C 635 5.80 101.83 -35.14
C THR C 635 5.53 102.79 -36.29
N ASN C 636 6.57 103.52 -36.70
CA ASN C 636 6.50 104.51 -37.76
C ASN C 636 7.92 104.97 -38.09
N LEU C 637 8.05 105.59 -39.25
CA LEU C 637 9.28 106.24 -39.68
C LEU C 637 9.12 107.74 -39.48
N ILE C 638 10.02 108.35 -38.71
CA ILE C 638 9.96 109.78 -38.45
C ILE C 638 11.29 110.43 -38.78
N ASN C 639 11.24 111.74 -39.00
CA ASN C 639 12.40 112.53 -39.35
C ASN C 639 13.11 113.03 -38.10
N TYR C 640 14.43 113.16 -38.21
CA TYR C 640 15.22 113.79 -37.16
C TYR C 640 15.02 115.30 -37.18
N VAL C 641 14.78 115.88 -36.02
CA VAL C 641 14.48 117.30 -35.88
C VAL C 641 15.50 117.91 -34.92
N THR C 642 16.12 119.00 -35.34
CA THR C 642 17.12 119.69 -34.52
C THR C 642 16.69 121.13 -34.30
N SER C 643 17.43 121.84 -33.45
CA SER C 643 17.16 123.23 -33.16
C SER C 643 18.45 124.03 -33.22
N ILE C 644 18.32 125.32 -33.49
CA ILE C 644 19.44 126.25 -33.60
C ILE C 644 19.05 127.55 -32.91
N ARG C 645 20.00 128.13 -32.15
CA ARG C 645 19.79 129.35 -31.41
C ARG C 645 20.93 130.34 -31.64
N PRO C 646 20.63 131.63 -31.60
CA PRO C 646 21.67 132.62 -31.34
C PRO C 646 22.02 132.63 -29.87
N ASN C 647 23.29 132.92 -29.55
CA ASN C 647 23.73 132.94 -28.16
C ASN C 647 23.34 134.26 -27.47
N ILE C 648 22.05 134.56 -27.52
CA ILE C 648 21.46 135.75 -26.92
C ILE C 648 20.54 135.28 -25.82
N PHE C 649 20.75 135.79 -24.61
CA PHE C 649 20.03 135.32 -23.43
C PHE C 649 19.47 136.53 -22.70
N VAL C 650 18.15 136.55 -22.50
CA VAL C 650 17.49 137.62 -21.77
C VAL C 650 16.59 136.98 -20.72
N GLY C 651 16.23 137.79 -19.72
CA GLY C 651 15.37 137.31 -18.66
C GLY C 651 15.00 138.46 -17.74
N ARG C 652 14.01 138.19 -16.90
CA ARG C 652 13.50 139.15 -15.94
C ARG C 652 13.76 138.68 -14.53
N ALA C 653 14.21 139.59 -13.68
CA ALA C 653 14.47 139.30 -12.28
C ALA C 653 14.38 140.60 -11.49
N GLU C 654 14.24 140.46 -10.18
CA GLU C 654 14.14 141.61 -9.28
C GLU C 654 15.47 142.34 -9.27
N GLY C 655 15.49 143.58 -9.78
CA GLY C 655 16.73 144.30 -9.91
C GLY C 655 17.63 143.84 -11.03
N SER C 656 17.09 143.10 -12.00
CA SER C 656 17.86 142.64 -13.15
C SER C 656 18.31 143.81 -14.02
N THR C 657 19.54 143.70 -14.54
CA THR C 657 20.11 144.74 -15.38
C THR C 657 19.74 144.59 -16.85
N GLN C 658 18.65 143.88 -17.15
CA GLN C 658 18.27 143.57 -18.51
C GLN C 658 16.93 144.18 -18.84
N TYR C 659 16.82 144.68 -20.07
CA TYR C 659 15.59 145.31 -20.53
C TYR C 659 14.56 144.25 -20.91
N GLY C 660 13.30 144.51 -20.58
CA GLY C 660 12.30 143.45 -20.61
C GLY C 660 11.51 143.25 -21.89
N LYS C 661 12.00 143.79 -23.00
CA LYS C 661 11.32 143.69 -24.29
C LYS C 661 12.37 143.46 -25.35
N TRP C 662 12.15 142.50 -26.24
CA TRP C 662 13.15 142.19 -27.26
C TRP C 662 12.44 141.72 -28.53
N TYR C 663 13.18 141.72 -29.64
CA TYR C 663 12.60 141.53 -30.96
C TYR C 663 13.63 140.97 -31.91
N PHE C 664 13.24 139.95 -32.67
CA PHE C 664 14.11 139.31 -33.65
C PHE C 664 13.26 138.79 -34.80
N GLU C 665 13.90 138.58 -35.96
CA GLU C 665 13.19 138.21 -37.18
C GLU C 665 13.86 137.03 -37.88
N VAL C 666 13.05 136.26 -38.61
CA VAL C 666 13.51 135.07 -39.31
C VAL C 666 13.04 135.15 -40.76
N MET C 667 13.97 134.95 -41.69
CA MET C 667 13.73 134.92 -43.13
C MET C 667 13.73 133.48 -43.61
N VAL C 668 12.77 133.13 -44.45
CA VAL C 668 12.66 131.77 -44.98
C VAL C 668 13.16 131.78 -46.41
N ASP C 669 14.24 131.06 -46.70
CA ASP C 669 14.80 131.08 -48.04
C ASP C 669 14.17 129.99 -48.91
N GLU C 670 14.34 128.73 -48.53
CA GLU C 670 13.80 127.60 -49.29
C GLU C 670 13.25 126.57 -48.31
N VAL C 671 12.08 126.01 -48.63
CA VAL C 671 11.46 124.96 -47.82
C VAL C 671 10.95 123.88 -48.77
N VAL C 672 11.54 122.70 -48.70
CA VAL C 672 11.03 121.56 -49.48
C VAL C 672 9.77 121.04 -48.78
N PRO C 673 8.63 120.93 -49.48
CA PRO C 673 7.37 120.56 -48.83
C PRO C 673 7.39 119.20 -48.15
N PHE C 674 7.70 118.16 -48.93
CA PHE C 674 7.78 116.79 -48.41
C PHE C 674 9.10 116.20 -48.88
N LEU C 675 10.17 116.45 -48.13
CA LEU C 675 11.46 115.87 -48.45
C LEU C 675 11.42 114.36 -48.34
N THR C 676 10.76 113.85 -47.30
CA THR C 676 10.51 112.44 -47.09
C THR C 676 9.00 112.23 -47.04
N ALA C 677 8.59 111.03 -46.62
CA ALA C 677 7.17 110.70 -46.49
C ALA C 677 6.44 111.58 -45.48
N GLN C 678 7.15 112.13 -44.51
CA GLN C 678 6.56 112.96 -43.47
C GLN C 678 6.75 114.42 -43.82
N ALA C 679 5.81 115.26 -43.39
CA ALA C 679 5.83 116.68 -43.69
C ALA C 679 7.06 117.33 -43.05
N THR C 680 7.67 118.26 -43.78
CA THR C 680 8.85 118.95 -43.29
C THR C 680 8.50 119.83 -42.10
N HIS C 681 9.35 119.80 -41.08
CA HIS C 681 9.11 120.50 -39.83
C HIS C 681 9.88 121.81 -39.82
N LEU C 682 9.22 122.87 -39.36
CA LEU C 682 9.86 124.18 -39.21
C LEU C 682 9.02 125.04 -38.27
N ARG C 683 9.61 125.45 -37.16
CA ARG C 683 8.94 126.28 -36.16
C ARG C 683 9.94 127.28 -35.62
N VAL C 684 9.43 128.44 -35.22
CA VAL C 684 10.25 129.54 -34.70
C VAL C 684 9.62 130.00 -33.40
N GLY C 685 10.44 130.25 -32.39
CA GLY C 685 9.90 130.75 -31.14
C GLY C 685 10.95 130.96 -30.08
N TRP C 686 10.47 131.09 -28.84
CA TRP C 686 11.30 131.33 -27.68
C TRP C 686 11.33 130.09 -26.80
N ALA C 687 12.48 129.86 -26.15
CA ALA C 687 12.68 128.69 -25.32
C ALA C 687 13.34 129.10 -24.00
N LEU C 688 13.15 128.26 -23.00
CA LEU C 688 13.60 128.52 -21.64
C LEU C 688 14.82 127.65 -21.36
N THR C 689 15.88 128.25 -20.80
CA THR C 689 17.17 127.60 -20.65
C THR C 689 17.21 126.50 -19.59
N GLU C 690 16.13 126.24 -18.88
CA GLU C 690 16.16 125.33 -17.75
C GLU C 690 15.15 124.21 -17.93
N GLY C 691 15.19 123.53 -19.06
CA GLY C 691 14.25 122.47 -19.34
C GLY C 691 13.90 122.28 -20.80
N TYR C 692 14.30 123.21 -21.67
CA TYR C 692 14.20 122.94 -23.10
C TYR C 692 15.44 122.16 -23.51
N SER C 693 15.32 120.84 -23.50
CA SER C 693 16.42 119.93 -23.79
C SER C 693 15.99 119.04 -24.95
N PRO C 694 16.28 119.44 -26.18
CA PRO C 694 15.84 118.65 -27.36
C PRO C 694 16.84 117.57 -27.78
N TYR C 695 16.80 116.47 -27.04
CA TYR C 695 17.65 115.32 -27.35
C TYR C 695 17.16 114.67 -28.64
N PRO C 696 18.05 114.43 -29.61
CA PRO C 696 17.62 113.90 -30.91
C PRO C 696 17.04 112.50 -30.82
N GLY C 697 16.09 112.22 -31.69
CA GLY C 697 15.48 110.90 -31.78
C GLY C 697 14.16 110.85 -31.04
N GLY C 698 14.02 109.91 -30.12
CA GLY C 698 12.77 109.71 -29.42
C GLY C 698 12.48 110.83 -28.43
N GLY C 699 11.26 110.80 -27.92
CA GLY C 699 10.84 111.81 -26.97
C GLY C 699 9.33 111.80 -26.79
N GLU C 700 8.79 113.00 -26.55
CA GLU C 700 7.36 113.14 -26.33
C GLU C 700 6.60 112.85 -27.62
N GLY C 701 5.40 112.28 -27.45
CA GLY C 701 4.47 112.04 -28.55
C GLY C 701 5.07 111.10 -29.58
N TRP C 702 5.13 111.57 -30.83
CA TRP C 702 5.62 110.75 -31.93
C TRP C 702 7.01 111.21 -32.37
N GLY C 703 7.81 111.74 -31.44
CA GLY C 703 9.18 112.11 -31.73
C GLY C 703 9.30 113.37 -32.55
N GLY C 704 10.55 113.64 -32.94
CA GLY C 704 10.89 114.86 -33.67
C GLY C 704 10.56 116.11 -32.89
N ASN C 705 10.79 116.08 -31.59
CA ASN C 705 10.44 117.20 -30.73
C ASN C 705 11.31 118.42 -31.01
N GLY C 706 10.69 119.59 -30.98
CA GLY C 706 11.39 120.85 -31.17
C GLY C 706 10.75 121.92 -30.34
N VAL C 707 10.56 123.09 -30.94
CA VAL C 707 9.94 124.21 -30.22
C VAL C 707 8.46 123.93 -30.03
N GLY C 708 7.98 124.12 -28.81
CA GLY C 708 6.58 123.96 -28.49
C GLY C 708 6.17 122.56 -28.11
N ASP C 709 7.09 121.60 -28.20
CA ASP C 709 6.75 120.23 -27.86
C ASP C 709 6.69 119.99 -26.36
N ASP C 710 7.11 120.96 -25.56
CA ASP C 710 7.02 120.88 -24.11
C ASP C 710 6.53 122.23 -23.61
N LEU C 711 6.54 122.41 -22.29
CA LEU C 711 6.14 123.68 -21.69
C LEU C 711 7.33 124.61 -21.46
N TYR C 712 8.52 124.26 -21.92
CA TYR C 712 9.67 125.13 -21.81
C TYR C 712 9.95 125.88 -23.10
N SER C 713 9.04 125.80 -24.06
CA SER C 713 9.20 126.46 -25.35
C SER C 713 7.83 126.90 -25.83
N TYR C 714 7.83 127.87 -26.75
CA TYR C 714 6.60 128.41 -27.30
C TYR C 714 6.91 128.76 -28.75
N GLY C 715 6.17 128.20 -29.71
CA GLY C 715 6.54 128.32 -31.10
C GLY C 715 5.36 128.54 -32.02
N PHE C 716 5.71 128.91 -33.25
CA PHE C 716 4.76 129.25 -34.30
C PHE C 716 5.28 128.69 -35.62
N ASP C 717 4.36 128.13 -36.41
CA ASP C 717 4.73 127.44 -37.65
C ASP C 717 4.03 127.99 -38.88
N GLY C 718 3.24 129.06 -38.75
CA GLY C 718 2.44 129.59 -39.82
C GLY C 718 0.97 129.28 -39.71
N LEU C 719 0.60 128.23 -38.98
CA LEU C 719 -0.80 127.91 -38.75
C LEU C 719 -1.13 127.55 -37.32
N HIS C 720 -0.16 127.23 -36.48
CA HIS C 720 -0.45 126.74 -35.14
C HIS C 720 0.44 127.43 -34.11
N LEU C 721 -0.06 127.47 -32.88
CA LEU C 721 0.69 127.94 -31.72
C LEU C 721 1.05 126.74 -30.87
N TRP C 722 2.33 126.38 -30.87
CA TRP C 722 2.79 125.16 -30.25
C TRP C 722 3.26 125.41 -28.82
N THR C 723 2.68 124.68 -27.88
CA THR C 723 3.12 124.65 -26.49
C THR C 723 2.55 123.40 -25.83
N GLY C 724 3.42 122.65 -25.15
CA GLY C 724 3.02 121.39 -24.55
C GLY C 724 2.59 120.33 -25.54
N HIS C 725 3.23 120.28 -26.71
CA HIS C 725 2.99 119.29 -27.77
C HIS C 725 1.52 119.27 -28.19
N VAL C 726 0.92 120.46 -28.30
CA VAL C 726 -0.44 120.64 -28.77
C VAL C 726 -0.44 121.77 -29.80
N ALA C 727 -1.14 121.56 -30.90
CA ALA C 727 -1.27 122.57 -31.95
C ALA C 727 -2.64 123.23 -31.84
N ARG C 728 -2.67 124.55 -31.97
CA ARG C 728 -3.91 125.33 -31.88
C ARG C 728 -3.94 126.27 -33.07
N PRO C 729 -4.98 126.23 -33.90
CA PRO C 729 -5.01 127.06 -35.12
C PRO C 729 -5.08 128.54 -34.79
N VAL C 730 -4.50 129.34 -35.68
CA VAL C 730 -4.47 130.80 -35.53
C VAL C 730 -4.95 131.45 -36.83
N THR C 731 -5.84 132.42 -36.69
CA THR C 731 -6.24 133.25 -37.82
C THR C 731 -5.05 134.12 -38.23
N SER C 732 -4.87 134.32 -39.53
CA SER C 732 -3.75 135.11 -40.04
C SER C 732 -4.19 135.75 -41.34
N PRO C 733 -3.54 136.85 -41.76
CA PRO C 733 -3.87 137.45 -43.06
C PRO C 733 -3.36 136.62 -44.24
N GLY C 734 -4.14 135.63 -44.64
CA GLY C 734 -3.70 134.72 -45.69
C GLY C 734 -2.88 133.60 -45.10
N GLN C 735 -3.48 132.88 -44.14
CA GLN C 735 -2.79 131.85 -43.37
C GLN C 735 -2.32 130.70 -44.26
N HIS C 736 -1.14 130.17 -43.92
CA HIS C 736 -0.53 129.02 -44.57
C HIS C 736 0.69 128.61 -43.75
N LEU C 737 1.24 127.44 -44.10
CA LEU C 737 2.52 127.02 -43.54
C LEU C 737 3.64 127.91 -44.06
N LEU C 738 4.77 127.89 -43.35
CA LEU C 738 5.90 128.73 -43.70
C LEU C 738 6.43 128.37 -45.08
N ALA C 739 6.25 129.28 -46.02
CA ALA C 739 6.66 129.17 -47.40
C ALA C 739 7.91 130.01 -47.62
N PRO C 740 8.64 129.81 -48.73
CA PRO C 740 9.80 130.68 -49.00
C PRO C 740 9.42 132.15 -49.11
N GLU C 741 10.36 133.00 -48.69
CA GLU C 741 10.19 134.46 -48.62
C GLU C 741 9.03 134.83 -47.71
N ASP C 742 9.18 134.49 -46.43
CA ASP C 742 8.21 134.85 -45.40
C ASP C 742 8.93 135.54 -44.26
N VAL C 743 8.23 136.45 -43.60
CA VAL C 743 8.79 137.26 -42.52
C VAL C 743 8.12 136.85 -41.22
N VAL C 744 8.92 136.39 -40.26
CA VAL C 744 8.42 135.97 -38.95
C VAL C 744 9.05 136.91 -37.93
N SER C 745 8.22 137.73 -37.28
CA SER C 745 8.69 138.67 -36.26
C SER C 745 8.08 138.29 -34.92
N CYS C 746 8.90 137.77 -34.01
CA CYS C 746 8.43 137.39 -32.68
C CYS C 746 8.78 138.49 -31.69
N CYS C 747 7.75 139.05 -31.06
CA CYS C 747 7.87 140.11 -30.08
C CYS C 747 7.76 139.50 -28.69
N LEU C 748 8.75 139.76 -27.84
CA LEU C 748 8.77 139.22 -26.49
C LEU C 748 8.67 140.35 -25.49
N ASP C 749 7.71 140.24 -24.57
CA ASP C 749 7.63 141.12 -23.42
C ASP C 749 7.64 140.24 -22.17
N LEU C 750 8.53 140.60 -21.25
CA LEU C 750 8.70 139.91 -19.98
C LEU C 750 8.08 140.64 -18.80
N SER C 751 7.94 141.98 -18.89
CA SER C 751 7.29 142.75 -17.82
C SER C 751 5.88 142.24 -17.59
N VAL C 752 5.09 142.17 -18.65
CA VAL C 752 3.84 141.43 -18.67
C VAL C 752 4.11 140.20 -19.51
N PRO C 753 3.72 139.00 -19.07
CA PRO C 753 4.03 137.80 -19.86
C PRO C 753 3.34 137.77 -21.22
N SER C 754 4.10 137.92 -22.31
CA SER C 754 3.46 137.97 -23.63
C SER C 754 4.44 137.77 -24.78
N ILE C 755 4.14 136.79 -25.63
CA ILE C 755 4.88 136.57 -26.86
C ILE C 755 3.91 136.70 -28.02
N SER C 756 4.17 137.67 -28.88
CA SER C 756 3.32 138.00 -30.02
C SER C 756 4.05 137.64 -31.30
N PHE C 757 3.32 137.10 -32.26
CA PHE C 757 3.89 136.73 -33.55
C PHE C 757 3.32 137.63 -34.64
N ARG C 758 4.16 137.97 -35.60
CA ARG C 758 3.75 138.77 -36.75
C ARG C 758 4.28 138.15 -38.03
N ILE C 759 3.36 137.70 -38.89
CA ILE C 759 3.73 137.07 -40.15
C ILE C 759 3.70 138.15 -41.23
N ASN C 760 4.80 138.28 -41.98
CA ASN C 760 4.96 139.22 -43.10
C ASN C 760 4.68 140.66 -42.69
N GLY C 761 4.99 140.99 -41.44
CA GLY C 761 4.72 142.29 -40.87
C GLY C 761 3.30 142.48 -40.39
N CYS C 762 2.43 141.47 -40.53
CA CYS C 762 1.02 141.56 -40.20
C CYS C 762 0.74 140.78 -38.92
N PRO C 763 -0.20 141.25 -38.08
CA PRO C 763 -0.43 140.61 -36.77
C PRO C 763 -1.02 139.22 -36.86
N VAL C 764 -0.67 138.39 -35.86
CA VAL C 764 -1.20 137.03 -35.72
C VAL C 764 -1.96 136.99 -34.41
N GLN C 765 -3.25 136.64 -34.51
CA GLN C 765 -4.21 136.79 -33.43
C GLN C 765 -4.10 135.65 -32.42
N GLY C 766 -3.03 135.70 -31.63
CA GLY C 766 -2.82 134.76 -30.55
C GLY C 766 -1.57 135.13 -29.78
N VAL C 767 -1.64 135.13 -28.45
CA VAL C 767 -0.51 135.47 -27.60
C VAL C 767 -0.46 134.53 -26.40
N PHE C 768 0.73 133.99 -26.12
CA PHE C 768 0.94 133.24 -24.89
C PHE C 768 1.02 134.20 -23.71
N GLU C 769 0.46 133.80 -22.57
CA GLU C 769 0.34 134.68 -21.42
C GLU C 769 0.48 133.86 -20.15
N ALA C 770 0.77 134.57 -19.04
CA ALA C 770 0.80 134.00 -17.68
C ALA C 770 1.75 132.82 -17.55
N PHE C 771 2.90 132.90 -18.20
CA PHE C 771 3.88 131.85 -18.17
C PHE C 771 4.99 132.18 -17.19
N ASN C 772 5.60 131.13 -16.63
CA ASN C 772 6.66 131.29 -15.66
C ASN C 772 7.89 131.94 -16.28
N LEU C 773 8.58 132.74 -15.47
CA LEU C 773 9.69 133.55 -15.97
C LEU C 773 11.06 133.06 -15.54
N ASP C 774 11.13 132.10 -14.60
CA ASP C 774 12.41 131.59 -14.10
C ASP C 774 13.24 131.01 -15.23
N GLY C 775 14.52 131.36 -15.26
CA GLY C 775 15.36 130.98 -16.37
C GLY C 775 15.44 132.08 -17.40
N LEU C 776 16.19 131.81 -18.46
CA LEU C 776 16.45 132.79 -19.50
C LEU C 776 15.72 132.41 -20.79
N PHE C 777 15.22 133.41 -21.50
CA PHE C 777 14.49 133.19 -22.74
C PHE C 777 15.41 133.51 -23.91
N PHE C 778 15.45 132.64 -24.91
CA PHE C 778 16.33 132.83 -26.04
C PHE C 778 15.62 132.45 -27.34
N PRO C 779 15.99 133.08 -28.47
CA PRO C 779 15.37 132.70 -29.74
C PRO C 779 15.82 131.30 -30.14
N VAL C 780 14.96 130.61 -30.89
CA VAL C 780 15.27 129.25 -31.33
C VAL C 780 14.41 128.95 -32.54
N VAL C 781 15.01 128.22 -33.49
CA VAL C 781 14.28 127.66 -34.62
C VAL C 781 14.51 126.16 -34.68
N SER C 782 13.41 125.39 -34.69
CA SER C 782 13.47 123.94 -34.77
C SER C 782 13.04 123.52 -36.17
N PHE C 783 13.81 122.61 -36.76
CA PHE C 783 13.60 122.28 -38.15
C PHE C 783 13.99 120.84 -38.40
N SER C 784 13.43 120.30 -39.48
CA SER C 784 13.84 119.03 -40.04
C SER C 784 14.77 119.33 -41.22
N ALA C 785 15.17 118.27 -41.92
CA ALA C 785 16.10 118.42 -43.03
C ALA C 785 15.46 119.10 -44.23
N GLY C 786 16.28 119.87 -44.95
CA GLY C 786 15.84 120.48 -46.19
C GLY C 786 15.27 121.87 -46.06
N VAL C 787 15.85 122.67 -45.16
CA VAL C 787 15.45 124.06 -44.97
C VAL C 787 16.67 124.98 -44.94
N LYS C 788 16.42 126.23 -45.30
CA LYS C 788 17.40 127.33 -45.26
C LYS C 788 16.71 128.52 -44.61
N VAL C 789 17.09 128.83 -43.38
CA VAL C 789 16.48 129.93 -42.63
C VAL C 789 17.55 130.92 -42.21
N ARG C 790 17.22 132.21 -42.29
CA ARG C 790 18.15 133.26 -41.94
C ARG C 790 17.68 134.04 -40.73
N PHE C 791 18.62 134.34 -39.83
CA PHE C 791 18.35 135.10 -38.62
C PHE C 791 18.68 136.56 -38.88
N LEU C 792 17.71 137.42 -38.61
CA LEU C 792 17.80 138.88 -38.67
C LEU C 792 17.71 139.41 -37.25
N LEU C 793 18.78 140.05 -36.78
CA LEU C 793 18.85 140.50 -35.40
C LEU C 793 19.03 142.00 -35.30
N GLY C 794 18.88 142.73 -36.40
CA GLY C 794 18.95 144.17 -36.39
C GLY C 794 20.38 144.67 -36.25
N GLY C 795 20.51 145.99 -36.31
CA GLY C 795 21.83 146.61 -36.29
C GLY C 795 22.67 146.13 -37.46
N ARG C 796 23.87 145.68 -37.15
CA ARG C 796 24.73 145.08 -38.16
C ARG C 796 24.44 143.60 -38.37
N HIS C 797 23.59 143.01 -37.52
CA HIS C 797 23.27 141.58 -37.60
C HIS C 797 21.90 141.34 -38.22
N GLY C 798 21.55 142.13 -39.22
CA GLY C 798 20.30 141.99 -39.93
C GLY C 798 19.77 143.35 -40.34
N GLU C 799 18.54 143.37 -40.83
CA GLU C 799 17.91 144.61 -41.29
C GLU C 799 16.51 144.80 -40.73
N PHE C 800 15.84 143.69 -40.38
CA PHE C 800 14.47 143.56 -39.89
C PHE C 800 13.39 143.83 -40.93
N LYS C 801 13.75 144.39 -42.09
CA LYS C 801 12.91 144.56 -43.28
C LYS C 801 11.53 145.19 -43.07
N PHE C 802 11.30 145.78 -41.90
CA PHE C 802 10.02 146.24 -41.37
C PHE C 802 10.33 147.15 -40.20
N LEU C 803 9.29 147.57 -39.49
CA LEU C 803 9.42 148.43 -38.33
C LEU C 803 9.04 147.67 -37.08
N PRO C 804 9.98 147.46 -36.16
CA PRO C 804 9.64 146.80 -34.90
C PRO C 804 8.65 147.63 -34.10
N PRO C 805 7.77 146.99 -33.33
CA PRO C 805 6.83 147.76 -32.51
C PRO C 805 7.56 148.55 -31.46
N PRO C 806 7.01 149.70 -31.04
CA PRO C 806 7.72 150.58 -30.10
C PRO C 806 7.99 149.92 -28.76
N GLY C 807 9.19 150.18 -28.23
CA GLY C 807 9.61 149.63 -26.98
C GLY C 807 10.34 148.31 -27.07
N TYR C 808 10.44 147.70 -28.24
CA TYR C 808 11.09 146.40 -28.39
C TYR C 808 12.46 146.59 -29.02
N ALA C 809 13.50 146.30 -28.24
CA ALA C 809 14.85 146.49 -28.73
C ALA C 809 15.28 145.29 -29.59
N PRO C 810 16.15 145.52 -30.59
CA PRO C 810 16.71 144.40 -31.35
C PRO C 810 17.49 143.45 -30.45
N CYS C 811 17.34 142.15 -30.70
CA CYS C 811 17.95 141.12 -29.85
C CYS C 811 19.47 141.13 -29.89
N HIS C 812 20.09 141.71 -30.92
CA HIS C 812 21.54 141.82 -31.01
C HIS C 812 22.15 142.76 -29.98
N GLU C 813 21.34 143.53 -29.26
CA GLU C 813 21.81 144.42 -28.23
C GLU C 813 21.93 143.74 -26.87
N ALA C 814 21.58 142.46 -26.77
CA ALA C 814 21.69 141.70 -25.54
C ALA C 814 22.95 140.86 -25.45
N VAL C 815 23.86 140.93 -26.43
CA VAL C 815 25.08 140.15 -26.38
C VAL C 815 25.96 140.61 -25.24
N LEU C 816 26.41 139.67 -24.42
CA LEU C 816 27.26 139.99 -23.28
C LEU C 816 28.63 140.45 -23.77
N PRO C 817 29.27 141.39 -23.05
CA PRO C 817 30.52 142.00 -23.56
C PRO C 817 31.68 141.02 -23.73
N ARG C 818 31.68 139.91 -23.00
CA ARG C 818 32.76 138.94 -23.08
C ARG C 818 32.60 137.95 -24.23
N GLU C 819 31.45 137.93 -24.89
CA GLU C 819 31.19 136.95 -25.93
C GLU C 819 30.68 137.63 -27.20
N ARG C 820 31.02 137.02 -28.33
CA ARG C 820 30.56 137.48 -29.63
C ARG C 820 29.28 136.74 -30.01
N LEU C 821 28.70 137.15 -31.13
CA LEU C 821 27.46 136.55 -31.61
C LEU C 821 27.79 135.38 -32.53
N ARG C 822 27.17 134.24 -32.26
CA ARG C 822 27.31 133.07 -33.11
C ARG C 822 26.09 132.18 -32.92
N LEU C 823 25.89 131.28 -33.87
CA LEU C 823 24.76 130.37 -33.86
C LEU C 823 25.25 128.97 -33.53
N GLU C 824 24.67 128.39 -32.48
CA GLU C 824 25.09 127.09 -32.00
C GLU C 824 23.86 126.29 -31.59
N PRO C 825 23.93 124.96 -31.67
CA PRO C 825 22.78 124.14 -31.28
C PRO C 825 22.54 124.20 -29.78
N ILE C 826 21.34 123.75 -29.38
CA ILE C 826 20.94 123.63 -27.99
C ILE C 826 21.77 122.49 -27.37
N LYS C 827 21.66 122.29 -26.04
CA LYS C 827 22.39 121.30 -25.23
C LYS C 827 22.61 119.98 -25.95
N GLU C 828 23.87 119.59 -26.05
CA GLU C 828 24.27 118.46 -26.86
C GLU C 828 25.22 117.56 -26.09
N TYR C 829 25.57 116.46 -26.72
CA TYR C 829 26.50 115.49 -26.18
C TYR C 829 27.54 115.02 -27.18
N ARG C 830 27.56 115.57 -28.39
CA ARG C 830 28.50 115.15 -29.41
C ARG C 830 28.62 116.27 -30.44
N ARG C 831 29.84 116.52 -30.90
CA ARG C 831 30.06 117.45 -31.99
C ARG C 831 31.19 116.91 -32.86
N GLU C 832 31.17 117.25 -34.15
CA GLU C 832 32.21 116.77 -35.04
C GLU C 832 33.56 117.40 -34.71
N GLY C 833 34.64 116.63 -34.90
CA GLY C 833 35.97 117.10 -34.62
C GLY C 833 36.89 116.73 -35.77
N PRO C 834 38.17 117.14 -35.65
CA PRO C 834 39.15 116.89 -36.73
C PRO C 834 39.33 115.41 -37.04
N ARG C 835 39.68 114.63 -36.02
CA ARG C 835 39.91 113.21 -36.19
C ARG C 835 38.73 112.35 -35.73
N GLY C 836 37.62 112.97 -35.28
CA GLY C 836 36.49 112.19 -34.86
C GLY C 836 35.51 112.97 -33.99
N PRO C 837 34.32 112.41 -33.80
CA PRO C 837 33.33 113.09 -32.95
C PRO C 837 33.84 113.24 -31.52
N HIS C 838 33.47 114.34 -30.90
CA HIS C 838 33.87 114.69 -29.56
C HIS C 838 32.65 114.58 -28.65
N LEU C 839 32.75 113.73 -27.63
CA LEU C 839 31.73 113.66 -26.61
C LEU C 839 31.81 114.90 -25.74
N VAL C 840 30.73 115.66 -25.68
CA VAL C 840 30.69 116.95 -25.01
C VAL C 840 29.87 116.80 -23.74
N GLY C 841 30.45 117.15 -22.59
CA GLY C 841 29.73 117.13 -21.35
C GLY C 841 28.71 118.25 -21.24
N PRO C 842 28.07 118.35 -20.07
CA PRO C 842 27.10 119.42 -19.82
C PRO C 842 27.69 120.81 -20.04
N SER C 843 26.84 121.73 -20.47
CA SER C 843 27.27 123.09 -20.76
C SER C 843 26.85 124.01 -19.62
N ARG C 844 27.78 124.85 -19.17
CA ARG C 844 27.46 125.82 -18.15
C ARG C 844 26.50 126.84 -18.73
N CYS C 845 25.40 127.09 -18.04
CA CYS C 845 24.36 127.96 -18.54
C CYS C 845 24.27 129.21 -17.65
N LEU C 846 24.18 130.36 -18.31
CA LEU C 846 24.04 131.61 -17.59
C LEU C 846 22.64 131.69 -16.97
N SER C 847 22.52 132.46 -15.89
CA SER C 847 21.28 132.57 -15.13
C SER C 847 20.88 134.02 -14.97
N HIS C 848 19.57 134.24 -14.79
CA HIS C 848 19.04 135.57 -14.54
C HIS C 848 19.62 136.12 -13.24
N THR C 849 19.74 135.27 -12.22
CA THR C 849 20.38 135.62 -10.94
C THR C 849 21.81 136.13 -11.11
N ASP C 850 22.47 135.83 -12.23
CA ASP C 850 23.80 136.33 -12.52
C ASP C 850 23.76 137.72 -13.16
N PHE C 851 22.58 138.30 -13.35
CA PHE C 851 22.48 139.67 -13.85
C PHE C 851 22.06 140.65 -12.77
N VAL C 852 21.77 140.19 -11.57
CA VAL C 852 21.47 141.15 -10.50
C VAL C 852 22.79 141.45 -9.79
N PRO C 853 23.17 142.72 -9.66
CA PRO C 853 24.40 143.01 -8.91
C PRO C 853 24.08 143.05 -7.42
N CYS C 854 24.68 142.12 -6.67
CA CYS C 854 24.43 141.99 -5.25
C CYS C 854 25.70 142.30 -4.47
N PRO C 855 25.90 143.55 -4.09
CA PRO C 855 27.12 143.92 -3.37
C PRO C 855 26.93 143.67 -1.88
N VAL C 856 27.95 143.99 -1.10
CA VAL C 856 27.83 143.99 0.36
C VAL C 856 27.46 145.40 0.81
N ASP C 857 26.43 145.49 1.64
CA ASP C 857 25.92 146.78 2.09
C ASP C 857 26.99 147.52 2.89
N THR C 858 27.20 148.79 2.54
CA THR C 858 28.22 149.61 3.18
C THR C 858 27.60 150.79 3.93
N VAL C 859 26.54 150.55 4.68
CA VAL C 859 25.87 151.59 5.46
C VAL C 859 26.06 151.39 6.95
N GLN C 860 25.73 150.20 7.47
CA GLN C 860 25.78 149.94 8.91
C GLN C 860 27.23 149.59 9.33
N ILE C 861 28.10 150.58 9.19
CA ILE C 861 29.52 150.46 9.56
C ILE C 861 29.93 151.74 10.28
N VAL C 862 30.15 151.65 11.59
CA VAL C 862 30.72 152.77 12.31
C VAL C 862 32.20 152.90 11.95
N LEU C 863 32.61 154.10 11.60
CA LEU C 863 33.94 154.34 11.04
C LEU C 863 34.98 154.35 12.16
N PRO C 864 36.03 153.53 12.06
CA PRO C 864 36.95 153.35 13.20
C PRO C 864 37.93 154.51 13.35
N PRO C 865 38.56 154.64 14.54
CA PRO C 865 39.55 155.71 14.73
C PRO C 865 40.78 155.57 13.85
N HIS C 866 41.28 154.34 13.63
CA HIS C 866 42.48 154.19 12.83
C HIS C 866 42.22 154.50 11.37
N LEU C 867 40.95 154.43 10.95
CA LEU C 867 40.57 154.80 9.60
C LEU C 867 40.38 156.30 9.46
N GLU C 868 39.67 156.96 10.40
CA GLU C 868 39.60 158.43 10.33
C GLU C 868 40.96 159.08 10.49
N ARG C 869 41.89 158.39 11.17
CA ARG C 869 43.27 158.84 11.26
C ARG C 869 43.96 158.84 9.91
N ILE C 870 43.56 157.94 9.00
CA ILE C 870 44.17 157.90 7.67
C ILE C 870 43.13 158.28 6.60
N ARG C 871 42.09 159.02 7.01
CA ARG C 871 41.00 159.42 6.12
C ARG C 871 41.46 160.39 5.02
N GLU C 872 42.62 161.03 5.19
CA GLU C 872 43.02 162.13 4.33
C GLU C 872 43.98 161.72 3.22
N LYS C 873 45.09 161.06 3.55
CA LYS C 873 46.10 160.70 2.56
C LYS C 873 45.56 159.77 1.48
N LEU C 874 44.77 158.77 1.89
CA LEU C 874 44.10 157.87 0.94
C LEU C 874 43.05 158.57 0.07
N ALA C 875 42.62 159.77 0.43
CA ALA C 875 41.76 160.58 -0.44
C ALA C 875 42.60 161.49 -1.34
N GLU C 876 43.64 162.10 -0.75
CA GLU C 876 44.53 162.98 -1.49
C GLU C 876 45.21 162.22 -2.61
N ASN C 877 45.44 160.92 -2.42
CA ASN C 877 46.11 160.14 -3.43
C ASN C 877 45.12 159.65 -4.49
N ILE C 878 43.82 159.86 -4.31
CA ILE C 878 42.85 159.46 -5.32
C ILE C 878 42.02 160.66 -5.77
N HIS C 879 42.52 161.87 -5.55
CA HIS C 879 41.80 163.05 -6.03
C HIS C 879 42.14 163.40 -7.47
N GLU C 880 43.36 163.10 -7.94
CA GLU C 880 43.70 163.30 -9.34
C GLU C 880 44.49 162.12 -9.91
N LEU C 881 44.32 160.93 -9.33
CA LEU C 881 45.05 159.77 -9.82
C LEU C 881 44.61 159.44 -11.25
N TRP C 882 43.31 159.55 -11.54
CA TRP C 882 42.85 159.41 -12.91
C TRP C 882 43.35 160.53 -13.81
N ALA C 883 43.78 161.65 -13.22
CA ALA C 883 44.27 162.79 -13.97
C ALA C 883 45.74 162.70 -14.30
N LEU C 884 46.49 161.84 -13.58
CA LEU C 884 47.95 161.80 -13.75
C LEU C 884 48.37 161.27 -15.11
N THR C 885 47.60 160.34 -15.67
CA THR C 885 47.98 159.64 -16.90
C THR C 885 48.10 160.57 -18.09
N ARG C 886 47.19 161.53 -18.22
CA ARG C 886 47.01 162.31 -19.44
C ARG C 886 47.69 163.67 -19.43
N ILE C 887 48.45 164.02 -18.38
CA ILE C 887 49.17 165.28 -18.37
C ILE C 887 50.33 165.18 -19.37
N GLU C 888 50.72 166.34 -19.95
CA GLU C 888 51.72 166.46 -21.02
C GLU C 888 51.28 165.74 -22.31
N GLN C 889 49.96 165.66 -22.52
CA GLN C 889 49.39 165.10 -23.74
C GLN C 889 48.42 166.11 -24.34
N GLY C 890 47.59 165.68 -25.30
CA GLY C 890 46.52 166.55 -25.80
C GLY C 890 45.52 166.98 -24.74
N TRP C 891 45.35 166.18 -23.69
CA TRP C 891 44.52 166.54 -22.54
C TRP C 891 45.38 167.11 -21.43
N THR C 892 46.00 168.26 -21.71
CA THR C 892 46.85 168.96 -20.76
C THR C 892 46.12 170.19 -20.26
N TYR C 893 46.10 170.36 -18.94
CA TYR C 893 45.28 171.34 -18.24
C TYR C 893 45.64 172.78 -18.63
N GLY C 894 44.72 173.70 -18.32
CA GLY C 894 44.88 175.11 -18.52
C GLY C 894 44.19 175.85 -17.39
N PRO C 895 44.78 176.98 -16.97
CA PRO C 895 44.21 177.74 -15.85
C PRO C 895 42.80 178.29 -16.08
N VAL C 896 42.42 178.54 -17.33
CA VAL C 896 41.10 179.12 -17.62
C VAL C 896 39.97 178.14 -17.31
N ARG C 897 40.16 176.86 -17.56
CA ARG C 897 39.12 175.86 -17.44
C ARG C 897 39.41 174.92 -16.28
N ASP C 898 38.59 173.89 -16.15
CA ASP C 898 38.66 172.92 -15.06
C ASP C 898 38.42 171.54 -15.67
N ASP C 899 38.08 170.57 -14.82
CA ASP C 899 37.82 169.20 -15.23
C ASP C 899 36.69 169.11 -16.26
N ASN C 900 36.68 167.99 -17.00
CA ASN C 900 35.66 167.59 -17.96
C ASN C 900 35.59 168.51 -19.19
N LYS C 901 36.62 169.31 -19.44
CA LYS C 901 36.65 170.25 -20.56
C LYS C 901 37.72 169.90 -21.60
N ARG C 902 37.97 168.60 -21.81
CA ARG C 902 38.98 168.02 -22.72
C ARG C 902 40.41 168.42 -22.40
N LEU C 903 40.63 169.11 -21.28
CA LEU C 903 41.91 169.53 -20.74
C LEU C 903 41.87 169.32 -19.21
N HIS C 904 41.36 168.16 -18.82
CA HIS C 904 40.93 167.89 -17.45
C HIS C 904 41.90 168.10 -16.28
N PRO C 905 43.25 167.64 -16.32
CA PRO C 905 43.97 167.29 -15.07
C PRO C 905 43.83 168.08 -13.77
N CYS C 906 44.16 169.38 -13.77
CA CYS C 906 44.14 170.28 -12.61
C CYS C 906 44.83 169.63 -11.40
N LEU C 907 46.14 169.41 -11.55
CA LEU C 907 46.93 168.69 -10.57
C LEU C 907 47.19 169.47 -9.28
N VAL C 908 46.79 170.74 -9.21
CA VAL C 908 47.17 171.64 -8.12
C VAL C 908 46.74 171.08 -6.77
N ASN C 909 45.43 170.97 -6.56
CA ASN C 909 44.81 170.48 -5.34
C ASN C 909 43.32 170.37 -5.58
N PHE C 910 42.64 169.72 -4.63
CA PHE C 910 41.19 169.61 -4.63
C PHE C 910 40.52 170.81 -3.99
N HIS C 911 41.28 171.70 -3.33
CA HIS C 911 40.71 172.95 -2.84
C HIS C 911 40.30 173.84 -4.00
N SER C 912 41.12 173.90 -5.05
CA SER C 912 40.74 174.60 -6.27
C SER C 912 39.54 173.93 -6.92
N LEU C 913 39.44 172.61 -6.80
CA LEU C 913 38.32 171.88 -7.36
C LEU C 913 37.07 172.10 -6.50
N PRO C 914 35.87 171.90 -7.09
CA PRO C 914 34.63 172.17 -6.34
C PRO C 914 34.48 171.35 -5.06
N GLU C 915 33.97 172.00 -4.02
CA GLU C 915 33.83 171.40 -2.69
C GLU C 915 32.94 170.15 -2.61
N PRO C 916 31.73 170.08 -3.22
CA PRO C 916 30.91 168.85 -3.06
C PRO C 916 31.58 167.60 -3.59
N GLU C 917 32.08 167.61 -4.84
CA GLU C 917 32.81 166.45 -5.34
C GLU C 917 34.10 166.22 -4.57
N ARG C 918 34.68 167.28 -3.97
CA ARG C 918 35.89 167.15 -3.15
C ARG C 918 35.62 166.28 -1.92
N ASN C 919 34.75 166.73 -1.01
CA ASN C 919 34.44 165.92 0.16
C ASN C 919 33.71 164.62 -0.21
N TYR C 920 33.07 164.58 -1.38
CA TYR C 920 32.58 163.32 -1.93
C TYR C 920 33.72 162.36 -2.19
N ASN C 921 34.84 162.85 -2.74
CA ASN C 921 36.01 162.00 -2.98
C ASN C 921 36.62 161.53 -1.66
N LEU C 922 36.66 162.42 -0.66
CA LEU C 922 37.09 162.01 0.70
C LEU C 922 36.23 160.86 1.22
N GLN C 923 34.90 161.03 1.19
CA GLN C 923 34.05 159.99 1.73
C GLN C 923 33.89 158.80 0.78
N MET C 924 34.33 158.92 -0.49
CA MET C 924 34.52 157.74 -1.33
C MET C 924 35.75 156.94 -0.93
N SER C 925 36.85 157.62 -0.54
CA SER C 925 37.97 156.92 0.06
C SER C 925 37.55 156.22 1.35
N GLY C 926 36.77 156.93 2.19
CA GLY C 926 36.15 156.31 3.35
C GLY C 926 35.23 155.15 2.99
N GLU C 927 34.52 155.28 1.86
CA GLU C 927 33.61 154.23 1.40
C GLU C 927 34.37 152.98 0.99
N THR C 928 35.51 153.15 0.32
CA THR C 928 36.39 152.02 0.02
C THR C 928 36.91 151.37 1.30
N LEU C 929 37.31 152.17 2.30
CA LEU C 929 37.68 151.59 3.59
C LEU C 929 36.51 150.89 4.27
N LYS C 930 35.29 151.37 4.07
CA LYS C 930 34.12 150.71 4.64
C LYS C 930 33.84 149.39 3.95
N THR C 931 34.07 149.34 2.63
CA THR C 931 34.05 148.07 1.91
C THR C 931 35.11 147.11 2.43
N LEU C 932 36.30 147.63 2.77
CA LEU C 932 37.35 146.80 3.36
C LEU C 932 36.90 146.21 4.70
N LEU C 933 36.21 147.03 5.49
CA LEU C 933 35.66 146.56 6.77
C LEU C 933 34.61 145.48 6.55
N ALA C 934 33.63 145.74 5.68
CA ALA C 934 32.56 144.77 5.45
C ALA C 934 33.09 143.48 4.84
N LEU C 935 34.18 143.58 4.06
CA LEU C 935 34.81 142.38 3.52
C LEU C 935 35.54 141.61 4.61
N GLY C 936 36.12 142.33 5.57
CA GLY C 936 36.92 141.68 6.59
C GLY C 936 38.39 142.08 6.61
N CYS C 937 38.68 143.32 6.25
CA CYS C 937 40.03 143.86 6.28
C CYS C 937 40.21 144.80 7.46
N HIS C 938 41.29 144.58 8.22
CA HIS C 938 41.64 145.38 9.38
C HIS C 938 43.11 145.74 9.31
N VAL C 939 43.48 146.85 9.94
CA VAL C 939 44.80 147.44 9.73
C VAL C 939 45.60 147.39 11.03
N GLY C 940 46.92 147.28 10.88
CA GLY C 940 47.85 147.30 12.01
C GLY C 940 49.17 147.91 11.60
N MET C 941 49.74 148.73 12.49
CA MET C 941 50.94 149.51 12.18
C MET C 941 52.13 148.89 12.88
N ALA C 942 53.17 148.56 12.09
CA ALA C 942 54.40 148.02 12.64
C ALA C 942 55.61 148.90 12.34
N ASP C 943 55.91 149.17 11.08
CA ASP C 943 57.26 149.58 10.70
C ASP C 943 57.36 151.12 10.69
N GLU C 944 58.45 151.63 10.12
CA GLU C 944 58.70 153.07 9.97
C GLU C 944 57.60 153.79 9.20
N LYS C 945 57.24 154.99 9.67
CA LYS C 945 56.16 155.77 9.06
C LYS C 945 56.59 156.18 7.66
N ALA C 946 55.81 155.78 6.65
CA ALA C 946 56.12 156.09 5.26
C ALA C 946 56.16 157.60 4.97
N GLU C 947 55.46 158.40 5.79
CA GLU C 947 55.46 159.86 5.65
C GLU C 947 56.88 160.44 5.66
N ASP C 948 57.76 159.86 6.48
CA ASP C 948 59.14 160.34 6.53
C ASP C 948 59.89 159.99 5.25
N ASN C 949 59.79 158.73 4.82
CA ASN C 949 60.64 158.19 3.77
C ASN C 949 59.91 158.28 2.41
N LEU C 950 58.85 159.08 2.34
CA LEU C 950 58.17 159.40 1.10
C LEU C 950 58.46 160.84 0.73
N LYS C 951 58.48 161.11 -0.58
CA LYS C 951 58.71 162.46 -1.07
C LYS C 951 57.89 162.67 -2.34
N LYS C 952 57.67 163.95 -2.65
CA LYS C 952 56.98 164.34 -3.88
C LYS C 952 58.03 164.67 -4.94
N THR C 953 57.82 164.16 -6.15
CA THR C 953 58.79 164.26 -7.23
C THR C 953 58.23 165.18 -8.31
N LYS C 954 58.80 166.37 -8.43
CA LYS C 954 58.48 167.29 -9.51
C LYS C 954 59.18 166.78 -10.76
N LEU C 955 58.51 165.86 -11.46
CA LEU C 955 59.06 165.26 -12.66
C LEU C 955 59.11 166.30 -13.79
N PRO C 956 60.01 166.11 -14.77
CA PRO C 956 59.93 166.94 -15.99
C PRO C 956 58.60 166.80 -16.70
N LYS C 957 58.05 165.59 -16.77
CA LYS C 957 56.67 165.41 -17.17
C LYS C 957 55.74 165.88 -16.05
N THR C 958 54.49 166.18 -16.44
CA THR C 958 53.42 166.71 -15.58
C THR C 958 53.77 168.09 -15.02
N TYR C 959 54.68 168.81 -15.66
CA TYR C 959 54.97 170.19 -15.28
C TYR C 959 53.86 171.11 -15.77
N MET C 960 53.38 171.97 -14.88
CA MET C 960 52.30 172.90 -15.20
C MET C 960 52.61 174.29 -14.69
N MET C 961 51.96 175.27 -15.33
CA MET C 961 52.13 176.68 -15.01
C MET C 961 51.15 177.16 -13.96
N SER C 962 50.05 176.41 -13.73
CA SER C 962 49.02 176.80 -12.80
C SER C 962 49.43 176.37 -11.40
N ASN C 963 49.93 177.35 -10.62
CA ASN C 963 50.25 177.22 -9.19
C ASN C 963 51.23 176.06 -8.93
N GLY C 964 52.35 176.09 -9.64
CA GLY C 964 53.40 175.12 -9.43
C GLY C 964 53.08 173.76 -10.01
N TYR C 965 54.09 172.89 -10.02
CA TYR C 965 53.95 171.56 -10.59
C TYR C 965 54.22 170.51 -9.51
N LYS C 966 53.44 169.44 -9.56
CA LYS C 966 53.51 168.34 -8.61
C LYS C 966 52.87 167.12 -9.25
N PRO C 967 53.14 165.92 -8.75
CA PRO C 967 52.34 164.75 -9.18
C PRO C 967 50.86 164.99 -8.87
N ALA C 968 50.00 164.61 -9.82
CA ALA C 968 48.56 164.83 -9.67
C ALA C 968 47.98 164.08 -8.46
N PRO C 969 48.24 162.76 -8.23
CA PRO C 969 47.91 162.21 -6.91
C PRO C 969 49.05 162.48 -5.95
N LEU C 970 48.98 161.97 -4.73
CA LEU C 970 50.09 162.10 -3.80
C LEU C 970 51.14 161.06 -4.17
N ASP C 971 52.41 161.48 -4.20
CA ASP C 971 53.48 160.62 -4.70
C ASP C 971 53.75 159.47 -3.73
N LEU C 972 54.41 158.44 -4.25
CA LEU C 972 54.73 157.25 -3.47
C LEU C 972 55.99 156.63 -4.04
N SER C 973 56.80 156.02 -3.17
CA SER C 973 58.05 155.38 -3.55
C SER C 973 57.79 153.89 -3.76
N HIS C 974 58.87 153.12 -3.90
CA HIS C 974 58.84 151.66 -4.05
C HIS C 974 58.04 150.94 -2.96
N VAL C 975 56.94 150.32 -3.37
CA VAL C 975 55.99 149.60 -2.51
C VAL C 975 55.46 148.44 -3.35
N ARG C 976 55.23 147.28 -2.73
CA ARG C 976 54.80 146.08 -3.45
C ARG C 976 53.50 145.57 -2.84
N LEU C 977 52.93 144.53 -3.46
CA LEU C 977 51.64 144.00 -3.03
C LEU C 977 51.63 142.49 -3.20
N THR C 978 51.16 141.79 -2.17
CA THR C 978 51.09 140.33 -2.18
C THR C 978 49.79 139.86 -2.86
N PRO C 979 49.73 138.57 -3.28
CA PRO C 979 48.50 138.09 -3.95
C PRO C 979 47.21 138.21 -3.14
N ALA C 980 47.27 138.10 -1.80
CA ALA C 980 46.10 138.37 -0.97
C ALA C 980 45.52 139.75 -1.26
N GLN C 981 46.40 140.75 -1.36
CA GLN C 981 45.98 142.11 -1.71
C GLN C 981 45.45 142.16 -3.14
N THR C 982 46.00 141.36 -4.05
CA THR C 982 45.49 141.34 -5.43
C THR C 982 44.05 140.84 -5.48
N THR C 983 43.78 139.69 -4.85
CA THR C 983 42.41 139.18 -4.79
C THR C 983 41.48 140.16 -4.08
N LEU C 984 41.95 140.75 -2.98
CA LEU C 984 41.12 141.68 -2.21
C LEU C 984 40.78 142.93 -3.02
N VAL C 985 41.74 143.47 -3.77
CA VAL C 985 41.44 144.65 -4.58
C VAL C 985 40.54 144.26 -5.75
N ASP C 986 40.65 143.01 -6.24
CA ASP C 986 39.75 142.52 -7.28
C ASP C 986 38.30 142.55 -6.80
N ARG C 987 38.03 141.95 -5.64
CA ARG C 987 36.65 141.96 -5.14
C ARG C 987 36.24 143.35 -4.63
N LEU C 988 37.20 144.19 -4.25
CA LEU C 988 36.90 145.58 -3.90
C LEU C 988 36.40 146.34 -5.12
N ALA C 989 37.03 146.12 -6.28
CA ALA C 989 36.56 146.72 -7.51
C ALA C 989 35.22 146.12 -7.93
N GLU C 990 35.04 144.82 -7.67
CA GLU C 990 33.75 144.18 -7.90
C GLU C 990 32.64 144.87 -7.10
N ASN C 991 32.89 145.14 -5.82
CA ASN C 991 31.87 145.76 -4.99
C ASN C 991 31.73 147.25 -5.31
N GLY C 992 32.65 147.83 -6.06
CA GLY C 992 32.45 149.19 -6.52
C GLY C 992 31.56 149.20 -7.74
N HIS C 993 31.89 148.29 -8.68
CA HIS C 993 31.12 148.15 -9.91
C HIS C 993 29.67 147.77 -9.62
N ASN C 994 29.44 146.85 -8.68
CA ASN C 994 28.09 146.37 -8.46
C ASN C 994 27.23 147.41 -7.73
N VAL C 995 27.85 148.33 -6.99
CA VAL C 995 27.10 149.41 -6.39
C VAL C 995 26.77 150.46 -7.44
N TRP C 996 27.73 150.74 -8.34
CA TRP C 996 27.48 151.67 -9.43
C TRP C 996 26.36 151.17 -10.34
N ALA C 997 26.40 149.87 -10.67
CA ALA C 997 25.38 149.26 -11.53
C ALA C 997 24.03 149.25 -10.83
N ARG C 998 24.02 148.95 -9.52
CA ARG C 998 22.79 148.98 -8.73
C ARG C 998 22.16 150.36 -8.76
N ASP C 999 23.00 151.40 -8.58
CA ASP C 999 22.51 152.77 -8.58
C ASP C 999 21.93 153.14 -9.95
N ARG C 1000 22.64 152.79 -11.03
CA ARG C 1000 22.15 153.09 -12.39
C ARG C 1000 20.81 152.41 -12.65
N VAL C 1001 20.69 151.15 -12.24
CA VAL C 1001 19.43 150.42 -12.37
C VAL C 1001 18.34 151.12 -11.57
N ALA C 1002 18.66 151.55 -10.34
CA ALA C 1002 17.71 152.31 -9.55
C ALA C 1002 17.35 153.65 -10.18
N GLN C 1003 18.19 154.18 -11.07
CA GLN C 1003 17.78 155.32 -11.90
C GLN C 1003 17.19 154.88 -13.23
N GLY C 1004 16.89 153.58 -13.38
CA GLY C 1004 16.16 153.10 -14.54
C GLY C 1004 16.99 152.49 -15.65
N TRP C 1005 18.29 152.77 -15.69
CA TRP C 1005 19.17 152.34 -16.76
C TRP C 1005 19.21 150.81 -16.93
N SER C 1006 19.68 150.36 -18.10
CA SER C 1006 19.83 148.94 -18.38
C SER C 1006 20.98 148.73 -19.37
N TYR C 1007 21.17 147.47 -19.76
CA TYR C 1007 22.28 147.07 -20.61
C TYR C 1007 21.88 147.13 -22.08
N SER C 1008 22.83 147.52 -22.93
CA SER C 1008 22.70 147.44 -24.38
C SER C 1008 24.11 147.47 -24.94
N ALA C 1009 24.43 146.55 -25.86
CA ALA C 1009 25.77 146.47 -26.45
C ALA C 1009 26.18 147.73 -27.21
N VAL C 1010 25.21 148.56 -27.62
CA VAL C 1010 25.47 149.86 -28.21
C VAL C 1010 24.96 150.92 -27.22
N GLN C 1011 25.77 151.94 -26.97
CA GLN C 1011 25.45 152.91 -25.93
C GLN C 1011 24.39 153.88 -26.43
N ASP C 1012 23.35 154.08 -25.63
CA ASP C 1012 22.27 155.03 -25.90
C ASP C 1012 22.01 155.84 -24.65
N ILE C 1013 22.62 157.02 -24.57
CA ILE C 1013 22.47 157.90 -23.41
C ILE C 1013 21.04 158.45 -23.30
N PRO C 1014 20.40 159.05 -24.34
CA PRO C 1014 19.00 159.51 -24.14
C PRO C 1014 18.03 158.38 -23.84
N ALA C 1015 18.28 157.18 -24.33
CA ALA C 1015 17.49 156.01 -23.97
C ALA C 1015 17.97 155.35 -22.68
N ARG C 1016 19.05 155.88 -22.08
CA ARG C 1016 19.54 155.49 -20.75
C ARG C 1016 19.96 154.03 -20.71
N ARG C 1017 20.82 153.65 -21.66
CA ARG C 1017 21.36 152.29 -21.71
C ARG C 1017 22.86 152.37 -21.95
N ASN C 1018 23.58 151.42 -21.36
CA ASN C 1018 25.04 151.45 -21.30
C ASN C 1018 25.56 150.07 -21.67
N PRO C 1019 26.76 149.98 -22.28
CA PRO C 1019 27.38 148.68 -22.51
C PRO C 1019 28.09 148.08 -21.32
N ARG C 1020 28.08 148.73 -20.17
CA ARG C 1020 28.80 148.22 -19.02
C ARG C 1020 27.89 147.92 -17.84
N LEU C 1021 26.58 148.06 -18.01
CA LEU C 1021 25.61 147.65 -16.99
C LEU C 1021 25.40 146.14 -17.00
N VAL C 1022 26.45 145.43 -16.63
CA VAL C 1022 26.39 144.01 -16.32
C VAL C 1022 27.18 143.84 -15.04
N PRO C 1023 26.91 142.81 -14.23
CA PRO C 1023 27.75 142.52 -13.06
C PRO C 1023 29.21 142.28 -13.45
N TYR C 1024 30.10 142.59 -12.49
CA TYR C 1024 31.55 142.57 -12.69
C TYR C 1024 32.01 141.24 -13.27
N ARG C 1025 31.42 140.13 -12.80
CA ARG C 1025 31.81 138.80 -13.27
C ARG C 1025 31.53 138.63 -14.76
N LEU C 1026 30.59 139.42 -15.31
CA LEU C 1026 30.21 139.37 -16.70
C LEU C 1026 30.83 140.52 -17.50
N LEU C 1027 31.48 141.46 -16.80
CA LEU C 1027 32.14 142.58 -17.46
C LEU C 1027 33.30 142.09 -18.33
N ASP C 1028 33.84 142.99 -19.14
CA ASP C 1028 34.97 142.65 -19.99
C ASP C 1028 36.28 142.90 -19.25
N GLU C 1029 37.35 142.23 -19.72
CA GLU C 1029 38.65 142.28 -19.07
C GLU C 1029 39.27 143.67 -19.12
N ALA C 1030 39.01 144.42 -20.20
CA ALA C 1030 39.50 145.79 -20.31
C ALA C 1030 38.96 146.67 -19.18
N THR C 1031 37.64 146.63 -18.98
CA THR C 1031 37.02 147.43 -17.93
C THR C 1031 37.39 146.90 -16.55
N LYS C 1032 37.50 145.56 -16.41
CA LYS C 1032 37.98 144.97 -15.16
C LYS C 1032 39.35 145.54 -14.76
N ARG C 1033 40.27 145.56 -15.71
CA ARG C 1033 41.61 146.08 -15.46
C ARG C 1033 41.57 147.57 -15.16
N SER C 1034 40.74 148.32 -15.90
CA SER C 1034 40.64 149.76 -15.71
C SER C 1034 40.11 150.11 -14.32
N ASN C 1035 39.08 149.38 -13.84
CA ASN C 1035 38.62 149.58 -12.47
C ASN C 1035 39.68 149.15 -11.46
N ARG C 1036 40.31 148.00 -11.67
CA ARG C 1036 41.26 147.48 -10.69
C ARG C 1036 42.51 148.32 -10.56
N ASP C 1037 42.91 149.04 -11.62
CA ASP C 1037 44.15 149.82 -11.57
C ASP C 1037 44.12 150.93 -10.53
N SER C 1038 43.02 151.69 -10.48
CA SER C 1038 42.89 152.83 -9.55
C SER C 1038 42.94 152.36 -8.11
N LEU C 1039 42.09 151.39 -7.78
CA LEU C 1039 42.03 150.89 -6.42
C LEU C 1039 43.25 150.06 -6.07
N CYS C 1040 43.95 149.50 -7.07
CA CYS C 1040 45.25 148.86 -6.81
C CYS C 1040 46.27 149.89 -6.37
N GLN C 1041 46.28 151.06 -7.02
CA GLN C 1041 47.14 152.14 -6.56
C GLN C 1041 46.76 152.58 -5.16
N ALA C 1042 45.45 152.65 -4.89
CA ALA C 1042 44.96 153.06 -3.56
C ALA C 1042 45.43 152.09 -2.47
N VAL C 1043 45.22 150.78 -2.68
CA VAL C 1043 45.62 149.79 -1.68
C VAL C 1043 47.15 149.74 -1.59
N ARG C 1044 47.86 150.05 -2.68
CA ARG C 1044 49.32 150.15 -2.63
C ARG C 1044 49.75 151.29 -1.73
N THR C 1045 49.10 152.45 -1.85
CA THR C 1045 49.38 153.59 -0.99
C THR C 1045 49.07 153.28 0.46
N LEU C 1046 48.00 152.50 0.70
CA LEU C 1046 47.69 152.05 2.05
C LEU C 1046 48.79 151.14 2.58
N LEU C 1047 49.28 150.23 1.73
CA LEU C 1047 50.31 149.27 2.12
C LEU C 1047 51.62 149.97 2.43
N GLY C 1048 51.92 151.06 1.70
CA GLY C 1048 53.14 151.82 1.93
C GLY C 1048 53.28 152.33 3.35
N TYR C 1049 52.16 152.78 3.94
CA TYR C 1049 52.15 153.23 5.34
C TYR C 1049 52.25 152.08 6.34
N GLY C 1050 52.42 150.84 5.88
CA GLY C 1050 52.68 149.71 6.73
C GLY C 1050 51.46 149.10 7.38
N TYR C 1051 50.27 149.64 7.11
CA TYR C 1051 49.07 149.11 7.72
C TYR C 1051 48.65 147.84 7.00
N ASN C 1052 48.50 146.77 7.77
CA ASN C 1052 48.27 145.44 7.21
C ASN C 1052 46.94 145.37 6.48
N ILE C 1053 46.92 144.64 5.37
CA ILE C 1053 45.69 144.31 4.66
C ILE C 1053 45.38 142.87 5.06
N GLU C 1054 44.43 142.69 5.98
CA GLU C 1054 44.19 141.37 6.55
C GLU C 1054 43.15 140.64 5.72
N PRO C 1055 43.47 139.49 5.15
CA PRO C 1055 42.46 138.70 4.47
C PRO C 1055 41.40 138.22 5.46
N PRO C 1056 40.15 138.14 5.02
CA PRO C 1056 39.09 137.58 5.85
C PRO C 1056 39.15 136.06 5.84
N ASP C 1057 38.23 135.44 6.59
CA ASP C 1057 38.11 134.00 6.57
C ASP C 1057 37.61 133.52 5.21
N GLN C 1058 37.93 132.27 4.90
CA GLN C 1058 37.58 131.65 3.63
C GLN C 1058 36.38 130.73 3.80
N GLU C 1059 35.34 130.95 3.02
CA GLU C 1059 34.14 130.11 3.05
C GLU C 1059 33.93 129.52 1.67
N PRO C 1060 34.03 128.20 1.51
CA PRO C 1060 33.77 127.58 0.20
C PRO C 1060 32.29 127.52 -0.12
N SER C 1061 31.91 128.01 -1.31
CA SER C 1061 30.52 128.08 -1.71
C SER C 1061 30.38 127.55 -3.14
N GLN C 1062 29.21 126.97 -3.40
CA GLN C 1062 28.84 126.46 -4.72
C GLN C 1062 27.68 127.25 -5.27
N VAL C 1063 27.80 127.68 -6.53
CA VAL C 1063 26.79 128.53 -7.15
C VAL C 1063 25.47 127.78 -7.33
N GLU C 1064 25.53 126.56 -7.86
CA GLU C 1064 24.35 125.73 -8.06
C GLU C 1064 24.55 124.41 -7.33
N ASN C 1065 23.58 124.04 -6.50
CA ASN C 1065 23.69 122.83 -5.70
C ASN C 1065 22.58 121.82 -5.93
N GLN C 1066 21.35 122.28 -6.20
CA GLN C 1066 20.19 121.41 -6.32
C GLN C 1066 20.35 120.37 -7.42
N SER C 1067 20.71 120.82 -8.62
CA SER C 1067 20.82 119.93 -9.77
C SER C 1067 22.20 119.28 -9.79
N ARG C 1068 22.37 118.32 -8.88
CA ARG C 1068 23.60 117.52 -8.85
C ARG C 1068 23.69 116.57 -10.03
N TRP C 1069 22.58 116.31 -10.72
CA TRP C 1069 22.56 115.33 -11.79
C TRP C 1069 22.92 115.95 -13.14
N ASP C 1070 22.57 117.22 -13.36
CA ASP C 1070 23.02 117.94 -14.54
C ASP C 1070 24.46 118.42 -14.38
N ARG C 1071 25.37 117.52 -14.05
CA ARG C 1071 26.79 117.79 -13.86
C ARG C 1071 27.65 116.83 -14.66
N VAL C 1072 27.27 115.57 -14.76
CA VAL C 1072 28.10 114.60 -15.45
C VAL C 1072 27.24 114.04 -16.58
N ARG C 1073 27.86 113.23 -17.44
CA ARG C 1073 27.15 112.62 -18.56
C ARG C 1073 27.92 111.35 -18.96
N ILE C 1074 27.55 110.22 -18.38
CA ILE C 1074 28.28 108.99 -18.61
C ILE C 1074 28.09 108.55 -20.06
N PHE C 1075 29.16 108.00 -20.65
CA PHE C 1075 29.19 107.42 -21.99
C PHE C 1075 29.78 106.03 -21.88
N ARG C 1076 29.18 105.07 -22.58
CA ARG C 1076 29.70 103.71 -22.56
C ARG C 1076 29.22 102.98 -23.81
N ALA C 1077 29.91 101.90 -24.13
CA ALA C 1077 29.50 101.12 -25.29
C ALA C 1077 28.25 100.32 -24.97
N GLU C 1078 27.60 99.82 -26.03
CA GLU C 1078 26.39 99.03 -25.87
C GLU C 1078 26.72 97.70 -25.20
N LYS C 1079 25.72 97.14 -24.51
CA LYS C 1079 25.90 95.91 -23.73
C LYS C 1079 26.30 94.71 -24.57
N SER C 1080 25.97 94.71 -25.87
CA SER C 1080 26.30 93.58 -26.74
C SER C 1080 27.80 93.43 -26.95
N TYR C 1081 28.56 94.50 -26.76
CA TYR C 1081 30.00 94.49 -26.91
C TYR C 1081 30.72 94.09 -25.62
N THR C 1082 30.03 93.39 -24.72
CA THR C 1082 30.64 92.91 -23.49
C THR C 1082 31.75 91.91 -23.77
N VAL C 1083 32.90 92.09 -23.11
CA VAL C 1083 34.08 91.26 -23.28
C VAL C 1083 34.35 90.52 -21.97
N GLN C 1084 34.70 89.24 -22.08
CA GLN C 1084 34.98 88.42 -20.91
C GLN C 1084 36.30 87.66 -21.03
N SER C 1085 37.10 87.93 -22.07
CA SER C 1085 38.36 87.24 -22.26
C SER C 1085 39.27 88.10 -23.11
N GLY C 1086 40.56 87.76 -23.11
CA GLY C 1086 41.51 88.48 -23.91
C GLY C 1086 41.97 89.80 -23.32
N ARG C 1087 42.70 90.53 -24.15
CA ARG C 1087 43.25 91.82 -23.77
C ARG C 1087 42.80 92.86 -24.77
N TRP C 1088 42.29 93.97 -24.25
CA TRP C 1088 41.70 95.02 -25.10
C TRP C 1088 42.29 96.37 -24.74
N TYR C 1089 42.21 97.29 -25.70
CA TYR C 1089 42.81 98.60 -25.53
C TYR C 1089 42.02 99.65 -26.29
N PHE C 1090 41.90 100.84 -25.70
CA PHE C 1090 41.22 101.95 -26.37
C PHE C 1090 41.79 103.26 -25.87
N GLU C 1091 41.53 104.33 -26.60
CA GLU C 1091 42.14 105.62 -26.30
C GLU C 1091 41.08 106.65 -25.90
N PHE C 1092 41.54 107.69 -25.19
CA PHE C 1092 40.63 108.76 -24.81
C PHE C 1092 41.41 110.08 -24.75
N GLU C 1093 41.38 110.80 -25.86
CA GLU C 1093 42.01 112.12 -25.92
C GLU C 1093 41.22 113.09 -25.03
N ALA C 1094 41.95 113.85 -24.23
CA ALA C 1094 41.39 114.81 -23.27
C ALA C 1094 41.54 116.22 -23.85
N VAL C 1095 40.52 116.70 -24.58
CA VAL C 1095 40.61 118.04 -25.18
C VAL C 1095 40.68 119.10 -24.09
N THR C 1096 39.83 118.99 -23.07
CA THR C 1096 39.89 119.90 -21.94
C THR C 1096 40.70 119.24 -20.82
N THR C 1097 40.78 119.93 -19.66
CA THR C 1097 41.59 119.46 -18.54
C THR C 1097 40.79 119.37 -17.25
N GLY C 1098 39.47 119.27 -17.32
CA GLY C 1098 38.62 119.30 -16.15
C GLY C 1098 38.31 117.93 -15.59
N GLU C 1099 37.14 117.82 -14.97
CA GLU C 1099 36.71 116.59 -14.31
C GLU C 1099 36.19 115.64 -15.38
N MET C 1100 37.06 114.77 -15.87
CA MET C 1100 36.69 113.72 -16.80
C MET C 1100 37.31 112.43 -16.30
N ARG C 1101 36.56 111.34 -16.39
CA ARG C 1101 37.00 110.05 -15.89
C ARG C 1101 36.87 109.00 -16.98
N VAL C 1102 37.87 108.12 -17.10
CA VAL C 1102 37.83 107.11 -18.16
C VAL C 1102 38.27 105.76 -17.59
N GLY C 1103 37.62 104.68 -18.02
CA GLY C 1103 38.01 103.37 -17.56
C GLY C 1103 37.18 102.23 -18.14
N TRP C 1104 36.83 101.26 -17.29
CA TRP C 1104 36.01 100.14 -17.71
C TRP C 1104 34.91 99.93 -16.69
N ALA C 1105 33.76 99.45 -17.16
CA ALA C 1105 32.58 99.30 -16.32
C ALA C 1105 31.90 97.97 -16.61
N ARG C 1106 31.20 97.47 -15.60
CA ARG C 1106 30.35 96.31 -15.77
C ARG C 1106 29.02 96.74 -16.40
N PRO C 1107 28.36 95.84 -17.15
CA PRO C 1107 27.22 96.25 -17.99
C PRO C 1107 26.04 96.87 -17.25
N GLU C 1108 25.80 96.45 -16.00
CA GLU C 1108 24.66 96.93 -15.24
C GLU C 1108 24.95 98.23 -14.49
N LEU C 1109 25.89 99.03 -14.99
CA LEU C 1109 26.29 100.30 -14.38
C LEU C 1109 25.10 101.25 -14.27
N ARG C 1110 24.90 101.80 -13.07
CA ARG C 1110 23.79 102.72 -12.87
C ARG C 1110 24.09 104.05 -13.55
N PRO C 1111 23.06 104.75 -14.04
CA PRO C 1111 23.32 105.98 -14.79
C PRO C 1111 23.42 107.21 -13.91
N ASP C 1112 22.87 107.15 -12.71
CA ASP C 1112 22.78 108.32 -11.84
C ASP C 1112 23.83 108.35 -10.74
N VAL C 1113 24.82 107.49 -10.79
CA VAL C 1113 25.83 107.37 -9.74
C VAL C 1113 27.19 107.62 -10.38
N GLU C 1114 27.99 108.48 -9.75
CA GLU C 1114 29.34 108.75 -10.24
C GLU C 1114 30.19 107.49 -10.27
N LEU C 1115 31.00 107.38 -11.33
CA LEU C 1115 31.85 106.22 -11.55
C LEU C 1115 32.87 106.04 -10.44
N GLY C 1116 33.09 104.79 -10.06
CA GLY C 1116 34.01 104.44 -9.01
C GLY C 1116 33.41 104.47 -7.62
N ALA C 1117 32.42 105.33 -7.39
CA ALA C 1117 31.73 105.42 -6.10
C ALA C 1117 31.01 104.13 -5.71
N ASP C 1118 30.72 103.27 -6.68
CA ASP C 1118 30.22 101.92 -6.48
C ASP C 1118 31.23 100.93 -7.02
N GLU C 1119 30.90 99.65 -6.92
CA GLU C 1119 31.78 98.57 -7.35
C GLU C 1119 31.56 98.17 -8.80
N LEU C 1120 30.70 98.88 -9.53
CA LEU C 1120 30.34 98.44 -10.87
C LEU C 1120 31.30 98.95 -11.93
N ALA C 1121 32.30 99.76 -11.55
CA ALA C 1121 33.20 100.34 -12.52
C ALA C 1121 34.56 100.57 -11.88
N TYR C 1122 35.60 100.41 -12.69
CA TYR C 1122 36.97 100.75 -12.35
C TYR C 1122 37.34 101.92 -13.24
N VAL C 1123 37.60 103.08 -12.66
CA VAL C 1123 37.76 104.27 -13.49
C VAL C 1123 38.94 105.08 -12.97
N PHE C 1124 39.60 105.79 -13.88
CA PHE C 1124 40.71 106.68 -13.53
C PHE C 1124 40.27 108.12 -13.74
N ASN C 1125 40.37 108.93 -12.68
CA ASN C 1125 40.03 110.34 -12.68
C ASN C 1125 41.35 111.10 -12.81
N GLY C 1126 41.63 111.61 -13.99
CA GLY C 1126 42.86 112.37 -14.19
C GLY C 1126 42.72 113.86 -14.09
N HIS C 1127 41.63 114.34 -13.49
CA HIS C 1127 41.59 115.74 -13.09
C HIS C 1127 42.66 116.03 -12.04
N ARG C 1128 42.90 115.09 -11.13
CA ARG C 1128 43.96 115.27 -10.15
C ARG C 1128 44.74 113.99 -9.87
N GLY C 1129 44.66 112.99 -10.76
CA GLY C 1129 45.42 111.77 -10.57
C GLY C 1129 44.93 110.85 -9.47
N GLN C 1130 43.72 110.33 -9.63
CA GLN C 1130 43.11 109.41 -8.67
C GLN C 1130 42.56 108.20 -9.39
N ARG C 1131 42.54 107.07 -8.72
CA ARG C 1131 41.85 105.89 -9.23
C ARG C 1131 40.64 105.63 -8.36
N TRP C 1132 39.50 105.34 -9.00
CA TRP C 1132 38.23 105.20 -8.31
C TRP C 1132 37.71 103.77 -8.49
N HIS C 1133 37.53 103.09 -7.36
CA HIS C 1133 36.75 101.86 -7.28
C HIS C 1133 36.37 101.67 -5.81
N LEU C 1134 35.08 101.90 -5.50
CA LEU C 1134 34.54 101.92 -4.13
C LEU C 1134 35.29 102.93 -3.26
N GLY C 1135 35.68 104.06 -3.84
CA GLY C 1135 36.47 105.06 -3.18
C GLY C 1135 37.65 105.48 -4.03
N SER C 1136 38.32 106.53 -3.57
CA SER C 1136 39.40 107.15 -4.33
C SER C 1136 40.72 107.07 -3.57
N GLU C 1137 41.78 106.75 -4.30
CA GLU C 1137 43.14 106.84 -3.80
C GLU C 1137 44.04 107.36 -4.91
N PRO C 1138 45.08 108.12 -4.57
CA PRO C 1138 45.93 108.72 -5.61
C PRO C 1138 46.67 107.68 -6.43
N PHE C 1139 46.90 108.03 -7.70
CA PHE C 1139 47.51 107.14 -8.69
C PHE C 1139 47.88 107.99 -9.90
N GLY C 1140 49.06 107.75 -10.45
CA GLY C 1140 49.51 108.43 -11.65
C GLY C 1140 49.65 109.92 -11.45
N ARG C 1141 49.35 110.66 -12.51
CA ARG C 1141 49.41 112.11 -12.49
C ARG C 1141 48.27 112.67 -13.32
N PRO C 1142 47.79 113.87 -13.00
CA PRO C 1142 46.79 114.51 -13.87
C PRO C 1142 47.37 114.87 -15.22
N TRP C 1143 46.49 114.90 -16.23
CA TRP C 1143 46.90 115.24 -17.58
C TRP C 1143 46.92 116.74 -17.82
N GLN C 1144 47.13 117.10 -19.09
CA GLN C 1144 46.90 118.43 -19.62
C GLN C 1144 46.18 118.26 -20.96
N SER C 1145 46.01 119.36 -21.69
CA SER C 1145 45.35 119.31 -22.99
C SER C 1145 46.13 118.47 -23.99
N GLY C 1146 45.41 117.78 -24.86
CA GLY C 1146 46.01 117.01 -25.93
C GLY C 1146 46.50 115.64 -25.53
N ASP C 1147 46.34 115.26 -24.26
CA ASP C 1147 46.84 113.98 -23.78
C ASP C 1147 45.89 112.84 -24.16
N VAL C 1148 46.47 111.69 -24.48
CA VAL C 1148 45.70 110.54 -24.96
C VAL C 1148 45.79 109.45 -23.89
N VAL C 1149 44.79 109.39 -23.01
CA VAL C 1149 44.77 108.41 -21.93
C VAL C 1149 44.40 107.06 -22.54
N GLY C 1150 45.40 106.22 -22.82
CA GLY C 1150 45.14 104.89 -23.34
C GLY C 1150 44.86 103.92 -22.20
N CYS C 1151 43.78 103.17 -22.33
CA CYS C 1151 43.34 102.23 -21.31
C CYS C 1151 43.49 100.81 -21.83
N MET C 1152 44.28 100.00 -21.11
CA MET C 1152 44.42 98.58 -21.33
C MET C 1152 43.23 97.86 -20.67
N ILE C 1153 43.20 96.53 -20.83
CA ILE C 1153 42.49 95.59 -19.94
C ILE C 1153 43.02 94.19 -20.27
N ASP C 1154 43.22 93.38 -19.22
CA ASP C 1154 43.77 92.03 -19.33
C ASP C 1154 42.85 91.11 -18.54
N LEU C 1155 41.89 90.47 -19.23
CA LEU C 1155 40.96 89.56 -18.59
C LEU C 1155 41.60 88.22 -18.21
N THR C 1156 42.79 87.91 -18.73
CA THR C 1156 43.49 86.71 -18.30
C THR C 1156 44.26 86.96 -17.01
N GLU C 1157 45.04 88.04 -16.98
CA GLU C 1157 45.84 88.39 -15.82
C GLU C 1157 45.05 89.16 -14.78
N ASN C 1158 43.81 89.53 -15.11
CA ASN C 1158 42.89 90.27 -14.23
C ASN C 1158 43.49 91.61 -13.81
N THR C 1159 43.89 92.40 -14.81
CA THR C 1159 44.50 93.69 -14.52
C THR C 1159 43.99 94.77 -15.46
N ILE C 1160 44.10 96.02 -14.99
CA ILE C 1160 43.75 97.20 -15.75
C ILE C 1160 44.93 98.16 -15.67
N ILE C 1161 45.45 98.57 -16.82
CA ILE C 1161 46.65 99.39 -16.91
C ILE C 1161 46.30 100.68 -17.63
N PHE C 1162 46.66 101.82 -17.05
CA PHE C 1162 46.44 103.11 -17.66
C PHE C 1162 47.78 103.66 -18.12
N THR C 1163 47.87 104.03 -19.39
CA THR C 1163 49.08 104.55 -20.00
C THR C 1163 48.80 105.93 -20.55
N LEU C 1164 49.63 106.90 -20.18
CA LEU C 1164 49.45 108.28 -20.60
C LEU C 1164 50.58 108.61 -21.57
N ASN C 1165 50.19 109.01 -22.80
CA ASN C 1165 51.11 109.38 -23.88
C ASN C 1165 52.18 108.32 -24.12
N GLY C 1166 51.78 107.05 -24.02
CA GLY C 1166 52.68 105.94 -24.20
C GLY C 1166 53.46 105.56 -22.96
N GLU C 1167 53.28 106.26 -21.85
CA GLU C 1167 54.01 106.00 -20.62
C GLU C 1167 53.03 105.48 -19.58
N VAL C 1168 53.36 104.32 -19.00
CA VAL C 1168 52.49 103.66 -18.03
C VAL C 1168 52.38 104.50 -16.77
N LEU C 1169 51.14 104.82 -16.38
CA LEU C 1169 50.91 105.54 -15.14
C LEU C 1169 51.27 104.66 -13.95
N MET C 1170 52.01 105.22 -13.02
CA MET C 1170 52.70 104.46 -11.98
C MET C 1170 52.09 104.81 -10.63
N SER C 1171 51.82 103.78 -9.83
CA SER C 1171 51.24 104.01 -8.51
C SER C 1171 52.31 104.49 -7.54
N ASP C 1172 51.87 104.99 -6.39
CA ASP C 1172 52.79 105.47 -5.36
C ASP C 1172 53.31 104.31 -4.51
N SER C 1173 53.80 103.27 -5.18
CA SER C 1173 54.38 102.05 -4.62
C SER C 1173 55.06 101.34 -5.78
N GLY C 1174 55.49 100.10 -5.55
CA GLY C 1174 56.10 99.32 -6.62
C GLY C 1174 55.14 98.84 -7.69
N SER C 1175 53.84 98.91 -7.45
CA SER C 1175 52.86 98.41 -8.42
C SER C 1175 52.72 99.36 -9.60
N GLU C 1176 52.71 98.79 -10.81
CA GLU C 1176 52.54 99.57 -12.02
C GLU C 1176 51.15 99.43 -12.63
N THR C 1177 50.33 98.52 -12.13
CA THR C 1177 48.98 98.28 -12.61
C THR C 1177 47.99 98.91 -11.63
N ALA C 1178 47.04 99.69 -12.16
CA ALA C 1178 46.09 100.41 -11.32
C ALA C 1178 45.23 99.46 -10.50
N PHE C 1179 44.72 98.41 -11.12
CA PHE C 1179 43.89 97.44 -10.42
C PHE C 1179 44.35 96.03 -10.76
N ARG C 1180 44.14 95.11 -9.82
CA ARG C 1180 44.54 93.73 -9.99
C ARG C 1180 43.51 92.83 -9.31
N GLU C 1181 43.53 91.55 -9.71
CA GLU C 1181 42.64 90.51 -9.18
C GLU C 1181 41.17 90.89 -9.35
N ILE C 1182 40.84 91.42 -10.51
CA ILE C 1182 39.46 91.77 -10.82
C ILE C 1182 38.71 90.55 -11.34
N GLU C 1183 37.55 90.29 -10.75
CA GLU C 1183 36.74 89.14 -11.14
C GLU C 1183 36.09 89.40 -12.49
N ILE C 1184 35.96 88.33 -13.28
CA ILE C 1184 35.40 88.44 -14.62
C ILE C 1184 33.94 88.90 -14.55
N GLY C 1185 33.09 88.08 -13.93
CA GLY C 1185 31.70 88.44 -13.77
C GLY C 1185 30.99 88.50 -15.11
N ASP C 1186 30.07 89.47 -15.23
CA ASP C 1186 29.33 89.64 -16.47
C ASP C 1186 30.25 90.05 -17.61
N GLY C 1187 31.24 90.88 -17.31
CA GLY C 1187 32.15 91.39 -18.31
C GLY C 1187 32.34 92.89 -18.16
N PHE C 1188 33.12 93.45 -19.08
CA PHE C 1188 33.51 94.84 -18.98
C PHE C 1188 33.24 95.58 -20.28
N LEU C 1189 32.97 96.87 -20.14
CA LEU C 1189 32.70 97.78 -21.25
C LEU C 1189 33.56 99.01 -21.07
N PRO C 1190 34.14 99.54 -22.16
CA PRO C 1190 34.80 100.85 -22.08
C PRO C 1190 33.83 101.95 -21.68
N VAL C 1191 34.28 102.85 -20.80
CA VAL C 1191 33.38 103.84 -20.24
C VAL C 1191 34.15 105.14 -20.03
N CYS C 1192 33.43 106.25 -20.12
CA CYS C 1192 34.00 107.55 -19.80
C CYS C 1192 32.87 108.50 -19.40
N SER C 1193 33.19 109.46 -18.55
CA SER C 1193 32.26 110.47 -18.12
C SER C 1193 32.93 111.83 -18.18
N LEU C 1194 32.12 112.86 -18.39
CA LEU C 1194 32.58 114.24 -18.54
C LEU C 1194 31.77 115.18 -17.66
N GLY C 1195 32.47 116.08 -16.97
CA GLY C 1195 31.85 117.10 -16.16
C GLY C 1195 31.40 118.28 -16.99
N PRO C 1196 30.95 119.36 -16.33
CA PRO C 1196 30.50 120.53 -17.07
C PRO C 1196 31.65 121.16 -17.87
N GLY C 1197 31.32 121.64 -19.07
CA GLY C 1197 32.27 122.32 -19.94
C GLY C 1197 33.48 121.47 -20.28
N GLN C 1198 33.26 120.21 -20.66
CA GLN C 1198 34.34 119.28 -20.95
C GLN C 1198 34.17 118.70 -22.33
N VAL C 1199 35.29 118.49 -23.04
CA VAL C 1199 35.29 117.89 -24.37
C VAL C 1199 36.30 116.74 -24.39
N GLY C 1200 35.82 115.55 -24.73
CA GLY C 1200 36.70 114.41 -24.81
C GLY C 1200 36.47 113.58 -26.05
N HIS C 1201 37.56 113.12 -26.67
CA HIS C 1201 37.51 112.29 -27.85
C HIS C 1201 37.72 110.85 -27.41
N LEU C 1202 36.79 109.98 -27.74
CA LEU C 1202 36.90 108.56 -27.41
C LEU C 1202 37.19 107.81 -28.69
N ASN C 1203 38.24 106.99 -28.68
CA ASN C 1203 38.63 106.25 -29.87
C ASN C 1203 38.78 104.78 -29.50
N LEU C 1204 37.71 104.01 -29.73
CA LEU C 1204 37.73 102.57 -29.52
C LEU C 1204 38.62 101.84 -30.53
N GLY C 1205 39.02 102.51 -31.61
CA GLY C 1205 39.99 101.97 -32.55
C GLY C 1205 39.34 101.13 -33.63
N GLN C 1206 38.29 101.66 -34.25
CA GLN C 1206 37.70 100.99 -35.42
C GLN C 1206 38.70 100.92 -36.56
N ASP C 1207 39.46 101.99 -36.77
CA ASP C 1207 40.60 101.99 -37.69
C ASP C 1207 41.86 101.91 -36.83
N VAL C 1208 42.65 100.86 -37.03
CA VAL C 1208 43.82 100.62 -36.18
C VAL C 1208 44.87 101.71 -36.39
N SER C 1209 45.07 102.15 -37.64
CA SER C 1209 46.06 103.17 -37.97
C SER C 1209 45.73 104.53 -37.38
N SER C 1210 44.47 104.75 -36.96
CA SER C 1210 44.09 106.01 -36.35
C SER C 1210 44.61 106.14 -34.93
N LEU C 1211 44.95 105.03 -34.27
CA LEU C 1211 45.48 105.08 -32.93
C LEU C 1211 46.88 105.67 -32.94
N ARG C 1212 47.17 106.53 -31.96
CA ARG C 1212 48.42 107.27 -31.90
C ARG C 1212 49.44 106.67 -30.96
N PHE C 1213 49.02 105.83 -30.00
CA PHE C 1213 49.94 105.26 -29.04
C PHE C 1213 49.80 103.76 -28.91
N PHE C 1214 49.06 103.12 -29.81
CA PHE C 1214 48.98 101.66 -29.80
C PHE C 1214 50.31 101.03 -30.23
N ALA C 1215 50.95 101.61 -31.24
CA ALA C 1215 52.26 101.11 -31.67
C ALA C 1215 53.31 101.27 -30.58
N ILE C 1216 53.28 102.41 -29.88
CA ILE C 1216 54.22 102.66 -28.79
C ILE C 1216 53.99 101.69 -27.65
N CYS C 1217 52.74 101.57 -27.20
CA CYS C 1217 52.39 100.70 -26.09
C CYS C 1217 51.16 99.87 -26.46
N GLY C 1218 51.25 98.57 -26.22
CA GLY C 1218 50.13 97.69 -26.48
C GLY C 1218 50.29 96.75 -27.66
N LEU C 1219 50.88 97.24 -28.76
CA LEU C 1219 51.03 96.44 -29.98
C LEU C 1219 51.92 95.22 -29.74
N GLN C 1220 53.03 95.40 -29.04
CA GLN C 1220 53.95 94.30 -28.81
C GLN C 1220 53.55 93.43 -27.63
N GLU C 1221 52.61 93.89 -26.81
CA GLU C 1221 52.20 93.16 -25.62
C GLU C 1221 51.09 92.16 -25.90
N GLY C 1222 50.68 92.00 -27.15
CA GLY C 1222 49.57 91.14 -27.49
C GLY C 1222 48.20 91.78 -27.34
N PHE C 1223 48.14 93.04 -26.96
CA PHE C 1223 46.86 93.72 -26.83
C PHE C 1223 46.28 94.03 -28.20
N GLU C 1224 44.97 94.24 -28.23
CA GLU C 1224 44.25 94.53 -29.46
C GLU C 1224 43.31 95.69 -29.25
N PRO C 1225 42.99 96.45 -30.30
CA PRO C 1225 41.96 97.49 -30.17
C PRO C 1225 40.61 96.86 -29.87
N PHE C 1226 39.76 97.63 -29.17
CA PHE C 1226 38.46 97.10 -28.75
C PHE C 1226 37.54 96.85 -29.94
N ALA C 1227 37.71 97.59 -31.02
CA ALA C 1227 36.85 97.48 -32.20
C ALA C 1227 37.70 97.24 -33.43
N ILE C 1228 38.62 96.28 -33.33
CA ILE C 1228 39.62 96.06 -34.38
C ILE C 1228 38.98 95.63 -35.70
N ASN C 1229 38.02 94.71 -35.65
CA ASN C 1229 37.38 94.19 -36.86
C ASN C 1229 35.87 94.40 -36.68
N MET C 1230 35.40 95.60 -37.02
CA MET C 1230 33.98 95.91 -36.99
C MET C 1230 33.69 96.89 -38.11
N GLN C 1231 32.57 96.67 -38.81
CA GLN C 1231 32.20 97.54 -39.92
CA GLN C 1231 32.20 97.54 -39.92
C GLN C 1231 31.51 98.81 -39.43
N ARG C 1232 30.38 98.65 -38.76
CA ARG C 1232 29.64 99.79 -38.27
C ARG C 1232 30.35 100.36 -37.04
N PRO C 1233 30.22 101.67 -36.79
CA PRO C 1233 30.76 102.23 -35.54
C PRO C 1233 30.07 101.61 -34.34
N VAL C 1234 30.83 101.49 -33.24
CA VAL C 1234 30.31 100.87 -32.03
C VAL C 1234 29.19 101.74 -31.46
N THR C 1235 28.08 101.10 -31.11
CA THR C 1235 26.97 101.82 -30.51
C THR C 1235 27.36 102.33 -29.14
N THR C 1236 26.97 103.57 -28.85
CA THR C 1236 27.26 104.22 -27.58
C THR C 1236 25.97 104.62 -26.90
N TRP C 1237 25.92 104.37 -25.61
CA TRP C 1237 24.78 104.67 -24.76
C TRP C 1237 25.26 105.69 -23.74
N PHE C 1238 24.48 106.75 -23.57
CA PHE C 1238 24.83 107.79 -22.62
C PHE C 1238 23.73 107.96 -21.60
N SER C 1239 24.06 108.61 -20.50
CA SER C 1239 23.07 108.82 -19.44
C SER C 1239 22.31 110.11 -19.74
N LYS C 1240 21.07 109.96 -20.20
CA LYS C 1240 20.21 111.09 -20.46
C LYS C 1240 19.72 111.69 -19.17
N SER C 1241 19.84 113.01 -19.04
CA SER C 1241 19.46 113.74 -17.84
C SER C 1241 18.02 114.23 -17.92
N LEU C 1242 17.11 113.32 -18.24
CA LEU C 1242 15.70 113.65 -18.38
C LEU C 1242 14.88 112.74 -17.48
N PRO C 1243 14.24 113.29 -16.43
CA PRO C 1243 13.46 112.47 -15.50
C PRO C 1243 12.33 111.71 -16.20
N GLN C 1244 12.16 110.46 -15.82
CA GLN C 1244 11.10 109.62 -16.38
C GLN C 1244 10.45 108.83 -15.26
N PHE C 1245 9.17 108.52 -15.44
CA PHE C 1245 8.47 107.73 -14.43
C PHE C 1245 8.79 106.27 -14.65
N GLU C 1246 9.27 105.61 -13.61
CA GLU C 1246 9.59 104.19 -13.70
C GLU C 1246 9.03 103.46 -12.48
N PRO C 1247 8.65 102.18 -12.62
CA PRO C 1247 8.03 101.46 -11.49
C PRO C 1247 8.97 101.31 -10.31
N VAL C 1248 8.37 101.23 -9.12
CA VAL C 1248 9.12 101.08 -7.88
C VAL C 1248 9.74 99.69 -7.83
N PRO C 1249 11.06 99.58 -7.76
CA PRO C 1249 11.72 98.28 -7.68
C PRO C 1249 11.32 97.52 -6.43
N PRO C 1250 11.07 96.22 -6.53
CA PRO C 1250 10.71 95.45 -5.33
C PRO C 1250 11.82 95.36 -4.30
N GLU C 1251 13.07 95.57 -4.69
CA GLU C 1251 14.22 95.44 -3.81
C GLU C 1251 14.71 96.76 -3.24
N HIS C 1252 13.95 97.85 -3.47
CA HIS C 1252 14.40 99.20 -3.12
C HIS C 1252 14.65 99.33 -1.62
N PRO C 1253 15.76 99.96 -1.23
CA PRO C 1253 16.10 99.99 0.20
C PRO C 1253 15.21 100.90 1.03
N HIS C 1254 14.89 102.10 0.54
CA HIS C 1254 14.18 103.07 1.37
C HIS C 1254 12.67 102.99 1.20
N TYR C 1255 12.19 102.77 -0.02
CA TYR C 1255 10.77 102.83 -0.34
C TYR C 1255 10.22 101.44 -0.62
N GLU C 1256 8.96 101.24 -0.23
CA GLU C 1256 8.23 100.04 -0.60
C GLU C 1256 6.77 100.40 -0.82
N VAL C 1257 6.11 99.64 -1.68
CA VAL C 1257 4.70 99.84 -2.01
C VAL C 1257 3.97 98.53 -1.73
N ALA C 1258 2.95 98.60 -0.87
CA ALA C 1258 2.20 97.43 -0.47
C ALA C 1258 0.81 97.48 -1.09
N ARG C 1259 0.40 96.38 -1.69
CA ARG C 1259 -0.92 96.25 -2.29
C ARG C 1259 -1.88 95.67 -1.26
N MET C 1260 -2.88 96.45 -0.85
CA MET C 1260 -3.83 96.01 0.14
C MET C 1260 -5.08 95.48 -0.55
N ASP C 1261 -5.55 94.32 -0.10
CA ASP C 1261 -6.75 93.73 -0.67
C ASP C 1261 -7.98 94.51 -0.20
N GLY C 1262 -8.94 94.67 -1.10
CA GLY C 1262 -10.16 95.37 -0.76
C GLY C 1262 -11.13 94.50 0.01
N THR C 1263 -11.35 94.81 1.28
CA THR C 1263 -12.28 94.04 2.10
C THR C 1263 -13.71 94.46 1.78
N VAL C 1264 -14.67 93.97 2.57
CA VAL C 1264 -16.08 94.31 2.36
C VAL C 1264 -16.35 95.78 2.64
N ASP C 1265 -15.65 96.38 3.61
CA ASP C 1265 -15.88 97.75 4.02
C ASP C 1265 -14.70 98.67 3.73
N THR C 1266 -13.65 98.16 3.09
CA THR C 1266 -12.49 98.96 2.74
C THR C 1266 -12.17 98.72 1.27
N PRO C 1267 -11.97 99.78 0.49
CA PRO C 1267 -11.60 99.62 -0.92
C PRO C 1267 -10.17 99.15 -1.06
N PRO C 1268 -9.79 98.56 -2.21
CA PRO C 1268 -8.38 98.20 -2.42
C PRO C 1268 -7.48 99.42 -2.41
N CYS C 1269 -6.25 99.20 -1.95
CA CYS C 1269 -5.34 100.28 -1.68
C CYS C 1269 -3.93 99.98 -2.17
N LEU C 1270 -3.18 101.05 -2.36
CA LEU C 1270 -1.75 101.04 -2.67
C LEU C 1270 -1.05 101.86 -1.59
N ARG C 1271 -0.73 101.21 -0.47
CA ARG C 1271 -0.16 101.91 0.67
C ARG C 1271 1.34 102.06 0.48
N LEU C 1272 1.85 103.27 0.68
CA LEU C 1272 3.29 103.52 0.60
C LEU C 1272 3.86 103.66 2.00
N ALA C 1273 4.96 102.95 2.26
CA ALA C 1273 5.58 103.00 3.58
C ALA C 1273 7.09 103.14 3.44
N HIS C 1274 7.66 104.01 4.28
CA HIS C 1274 9.10 104.25 4.28
C HIS C 1274 9.80 103.14 5.05
N ARG C 1275 10.70 102.42 4.39
CA ARG C 1275 11.31 101.25 5.00
C ARG C 1275 12.31 101.61 6.08
N THR C 1276 13.17 102.61 5.83
CA THR C 1276 14.26 102.95 6.72
C THR C 1276 13.99 104.21 7.54
N TRP C 1277 12.72 104.63 7.66
CA TRP C 1277 12.39 105.87 8.35
C TRP C 1277 12.76 105.80 9.83
N GLY C 1278 13.38 106.89 10.31
CA GLY C 1278 13.74 107.01 11.71
C GLY C 1278 15.03 106.33 12.09
N SER C 1279 15.74 105.73 11.14
CA SER C 1279 16.97 105.01 11.41
C SER C 1279 18.16 105.77 10.82
N GLN C 1280 19.35 105.22 11.00
CA GLN C 1280 20.57 105.80 10.47
C GLN C 1280 20.57 105.69 8.95
N ASN C 1281 21.11 106.73 8.29
CA ASN C 1281 21.24 106.81 6.83
C ASN C 1281 19.89 106.65 6.12
N SER C 1282 18.87 107.28 6.68
CA SER C 1282 17.55 107.28 6.05
C SER C 1282 17.49 108.32 4.95
N LEU C 1283 17.00 107.93 3.79
CA LEU C 1283 16.88 108.82 2.65
C LEU C 1283 15.56 109.57 2.80
N VAL C 1284 15.65 110.84 3.17
CA VAL C 1284 14.48 111.71 3.26
C VAL C 1284 14.69 112.83 2.27
N GLU C 1285 13.94 112.78 1.16
CA GLU C 1285 14.04 113.77 0.11
C GLU C 1285 12.72 113.82 -0.64
N MET C 1286 12.66 114.75 -1.60
CA MET C 1286 11.47 114.97 -2.41
C MET C 1286 11.17 113.72 -3.23
N LEU C 1287 9.89 113.33 -3.29
CA LEU C 1287 9.52 112.10 -3.98
C LEU C 1287 8.35 112.38 -4.89
N PHE C 1288 8.40 111.85 -6.11
CA PHE C 1288 7.34 112.03 -7.08
C PHE C 1288 6.81 110.66 -7.45
N LEU C 1289 5.48 110.50 -7.36
CA LEU C 1289 4.80 109.25 -7.62
C LEU C 1289 3.64 109.46 -8.59
N ARG C 1290 3.30 108.39 -9.30
CA ARG C 1290 2.14 108.38 -10.18
C ARG C 1290 1.70 106.94 -10.40
N LEU C 1291 0.45 106.78 -10.78
CA LEU C 1291 -0.06 105.47 -11.12
C LEU C 1291 0.36 105.10 -12.53
N SER C 1292 0.31 103.80 -12.83
CA SER C 1292 0.87 103.32 -14.08
C SER C 1292 -0.06 103.52 -15.27
N LEU C 1293 -1.34 103.79 -15.02
CA LEU C 1293 -2.28 103.89 -16.12
C LEU C 1293 -3.03 105.21 -16.06
N PRO C 1294 -3.24 105.86 -17.20
CA PRO C 1294 -3.91 107.16 -17.23
C PRO C 1294 -5.40 107.04 -17.47
N VAL C 1295 -6.08 108.17 -17.33
CA VAL C 1295 -7.47 108.30 -17.74
C VAL C 1295 -7.54 109.38 -18.83
N GLN C 1296 -8.29 109.09 -19.89
CA GLN C 1296 -8.40 109.96 -21.04
C GLN C 1296 -9.80 110.55 -21.12
N PHE C 1297 -9.88 111.87 -21.27
CA PHE C 1297 -11.18 112.51 -21.41
C PHE C 1297 -11.78 112.21 -22.79
N HIS C 1298 -13.09 112.42 -22.89
CA HIS C 1298 -13.81 112.17 -24.14
C HIS C 1298 -13.33 113.11 -25.23
N GLN C 1299 -13.41 112.63 -26.47
CA GLN C 1299 -13.03 113.44 -27.62
C GLN C 1299 -13.94 114.66 -27.77
N HIS C 1300 -15.24 114.49 -27.58
CA HIS C 1300 -16.20 115.57 -27.74
C HIS C 1300 -16.80 115.90 -26.38
N PHE C 1301 -16.68 117.15 -25.97
CA PHE C 1301 -17.29 117.56 -24.73
C PHE C 1301 -18.80 117.72 -24.90
N ARG C 1302 -19.51 117.61 -23.77
CA ARG C 1302 -20.96 117.76 -23.78
C ARG C 1302 -21.38 119.18 -24.18
N CYS C 1303 -22.54 119.28 -24.80
CA CYS C 1303 -23.09 120.57 -25.18
C CYS C 1303 -23.43 121.40 -23.95
N THR C 1304 -23.28 122.72 -24.10
CA THR C 1304 -23.54 123.74 -23.07
C THR C 1304 -22.71 123.51 -21.80
N ASP C 1419 -27.87 103.51 3.93
CA ASP C 1419 -27.86 104.65 3.02
C ASP C 1419 -26.66 104.49 2.07
N ASN C 1420 -26.35 105.59 1.36
CA ASN C 1420 -25.29 105.66 0.34
C ASN C 1420 -25.51 104.58 -0.73
N ARG C 1421 -26.76 104.46 -1.17
CA ARG C 1421 -27.13 103.49 -2.19
C ARG C 1421 -27.19 104.19 -3.54
N ASP C 1422 -26.39 103.73 -4.49
CA ASP C 1422 -26.29 104.41 -5.78
C ASP C 1422 -27.53 104.17 -6.62
N ASP C 1423 -27.91 105.18 -7.39
CA ASP C 1423 -29.05 105.09 -8.29
C ASP C 1423 -28.64 104.27 -9.50
N PRO C 1424 -29.29 103.14 -9.78
CA PRO C 1424 -28.87 102.28 -10.92
C PRO C 1424 -28.92 102.95 -12.28
N GLU C 1425 -29.85 103.89 -12.49
CA GLU C 1425 -29.93 104.59 -13.77
C GLU C 1425 -28.98 105.78 -13.86
N ILE C 1426 -28.34 106.16 -12.76
CA ILE C 1426 -27.33 107.21 -12.78
C ILE C 1426 -25.92 106.64 -12.81
N ILE C 1427 -25.68 105.57 -12.05
CA ILE C 1427 -24.38 104.92 -11.96
C ILE C 1427 -23.92 104.36 -13.32
N LEU C 1428 -24.87 104.02 -14.20
CA LEU C 1428 -24.51 103.51 -15.51
C LEU C 1428 -24.23 104.63 -16.50
N ASN C 1429 -24.88 105.78 -16.34
CA ASN C 1429 -24.76 106.89 -17.28
C ASN C 1429 -23.74 107.94 -16.87
N THR C 1430 -23.27 107.93 -15.63
CA THR C 1430 -22.35 108.95 -15.13
C THR C 1430 -21.02 108.92 -15.87
N THR C 1431 -20.44 110.11 -16.03
CA THR C 1431 -19.11 110.28 -16.59
C THR C 1431 -18.17 110.91 -15.56
N THR C 1432 -18.38 110.60 -14.30
CA THR C 1432 -17.56 111.13 -13.22
C THR C 1432 -16.89 109.98 -12.49
N TYR C 1433 -15.60 110.16 -12.20
CA TYR C 1433 -14.77 109.15 -11.56
C TYR C 1433 -13.98 109.76 -10.42
N TYR C 1434 -13.82 108.96 -9.36
CA TYR C 1434 -13.30 109.44 -8.09
C TYR C 1434 -12.19 108.52 -7.60
N TYR C 1435 -11.22 109.11 -6.91
CA TYR C 1435 -10.22 108.32 -6.20
C TYR C 1435 -9.75 109.13 -5.00
N SER C 1436 -9.27 108.46 -3.97
CA SER C 1436 -8.87 109.20 -2.79
C SER C 1436 -7.55 108.67 -2.27
N VAL C 1437 -6.82 109.53 -1.57
CA VAL C 1437 -5.59 109.13 -0.93
C VAL C 1437 -5.69 109.46 0.56
N ARG C 1438 -5.27 108.52 1.38
CA ARG C 1438 -5.38 108.63 2.82
C ARG C 1438 -3.97 108.88 3.35
N VAL C 1439 -3.66 110.15 3.59
CA VAL C 1439 -2.37 110.57 4.14
C VAL C 1439 -2.36 110.17 5.61
N PHE C 1440 -1.56 109.16 5.97
CA PHE C 1440 -1.52 108.64 7.32
C PHE C 1440 -1.04 109.69 8.33
N ALA C 1441 -1.41 109.45 9.59
CA ALA C 1441 -1.00 110.33 10.68
C ALA C 1441 0.52 110.34 10.80
N GLY C 1442 1.07 111.50 11.16
CA GLY C 1442 2.50 111.64 11.27
C GLY C 1442 3.16 112.16 10.02
N GLN C 1443 2.44 112.21 8.91
CA GLN C 1443 2.92 112.81 7.68
C GLN C 1443 2.36 114.22 7.56
N GLU C 1444 3.26 115.19 7.41
CA GLU C 1444 2.87 116.61 7.40
C GLU C 1444 2.14 116.94 6.11
N PRO C 1445 0.89 117.42 6.18
CA PRO C 1445 0.18 117.83 4.94
C PRO C 1445 0.81 119.02 4.22
N SER C 1446 1.71 119.77 4.85
CA SER C 1446 2.42 120.85 4.19
C SER C 1446 3.40 120.37 3.12
N CYS C 1447 3.68 119.07 3.05
CA CYS C 1447 4.62 118.52 2.09
C CYS C 1447 3.95 117.47 1.21
N VAL C 1448 2.63 117.58 1.02
CA VAL C 1448 1.85 116.62 0.26
C VAL C 1448 1.05 117.37 -0.80
N TRP C 1449 1.13 116.90 -2.04
CA TRP C 1449 0.36 117.43 -3.14
C TRP C 1449 -0.36 116.27 -3.81
N VAL C 1450 -1.64 116.47 -4.14
CA VAL C 1450 -2.49 115.40 -4.67
C VAL C 1450 -3.25 115.92 -5.88
N GLY C 1451 -3.27 115.14 -6.95
CA GLY C 1451 -3.98 115.52 -8.16
C GLY C 1451 -3.67 114.64 -9.35
N TRP C 1452 -3.42 115.25 -10.51
CA TRP C 1452 -3.15 114.52 -11.74
C TRP C 1452 -2.03 115.19 -12.51
N VAL C 1453 -1.30 114.40 -13.30
CA VAL C 1453 -0.24 114.91 -14.17
C VAL C 1453 -0.43 114.34 -15.58
N THR C 1454 -0.18 115.18 -16.57
CA THR C 1454 -0.20 114.76 -17.96
C THR C 1454 1.09 113.99 -18.26
N PRO C 1455 1.09 113.11 -19.30
CA PRO C 1455 2.30 112.28 -19.57
C PRO C 1455 3.56 113.02 -20.02
N ASP C 1456 3.57 114.36 -20.05
CA ASP C 1456 4.75 115.12 -20.45
C ASP C 1456 5.39 115.86 -19.29
N TYR C 1457 5.16 115.41 -18.05
CA TYR C 1457 5.78 116.05 -16.90
C TYR C 1457 7.20 115.50 -16.73
N HIS C 1458 8.18 116.41 -16.75
CA HIS C 1458 9.60 116.04 -16.63
C HIS C 1458 10.33 117.04 -15.74
N GLN C 1459 9.74 117.36 -14.59
CA GLN C 1459 10.35 118.29 -13.65
C GLN C 1459 10.74 117.55 -12.38
N HIS C 1460 12.03 117.57 -12.07
CA HIS C 1460 12.58 116.96 -10.86
C HIS C 1460 13.15 118.07 -9.99
N ASP C 1461 12.30 118.65 -9.15
CA ASP C 1461 12.68 119.78 -8.31
C ASP C 1461 12.70 119.34 -6.86
N MET C 1462 13.85 119.53 -6.20
CA MET C 1462 14.00 119.12 -4.81
C MET C 1462 13.26 120.04 -3.84
N ASN C 1463 12.82 121.22 -4.29
CA ASN C 1463 12.10 122.16 -3.45
C ASN C 1463 10.73 122.44 -4.02
N PHE C 1464 10.01 121.39 -4.42
CA PHE C 1464 8.76 121.56 -5.13
C PHE C 1464 7.69 122.21 -4.26
N ASP C 1465 6.96 123.13 -4.87
CA ASP C 1465 5.74 123.69 -4.32
C ASP C 1465 4.85 124.02 -5.53
N LEU C 1466 3.64 124.54 -5.25
CA LEU C 1466 2.75 124.89 -6.34
C LEU C 1466 3.24 126.06 -7.19
N SER C 1467 4.27 126.80 -6.75
CA SER C 1467 4.81 127.89 -7.54
C SER C 1467 5.53 127.38 -8.78
N LYS C 1468 6.27 126.28 -8.63
CA LYS C 1468 7.11 125.75 -9.70
C LYS C 1468 6.33 125.08 -10.82
N VAL C 1469 5.03 124.86 -10.64
CA VAL C 1469 4.19 124.18 -11.62
C VAL C 1469 4.15 125.01 -12.89
N ARG C 1470 4.63 124.44 -14.00
CA ARG C 1470 4.63 125.13 -15.28
C ARG C 1470 3.19 125.37 -15.73
N ALA C 1471 2.95 126.54 -16.31
CA ALA C 1471 1.64 126.89 -16.83
C ALA C 1471 1.79 127.90 -17.94
N VAL C 1472 0.74 128.01 -18.76
CA VAL C 1472 0.69 128.99 -19.85
C VAL C 1472 -0.76 129.13 -20.27
N THR C 1473 -1.12 130.33 -20.71
CA THR C 1473 -2.46 130.68 -21.16
C THR C 1473 -2.36 131.05 -22.63
N VAL C 1474 -3.23 130.46 -23.45
CA VAL C 1474 -3.27 130.76 -24.86
C VAL C 1474 -4.45 131.67 -25.11
N THR C 1475 -4.17 132.91 -25.57
CA THR C 1475 -5.21 133.92 -25.73
C THR C 1475 -5.42 134.19 -27.22
N MET C 1476 -6.67 134.04 -27.67
CA MET C 1476 -7.09 134.13 -29.06
C MET C 1476 -8.27 135.08 -29.19
N GLY C 1477 -8.19 135.95 -30.21
CA GLY C 1477 -9.23 136.91 -30.50
C GLY C 1477 -9.28 137.19 -31.99
N ASP C 1478 -10.04 138.19 -32.41
CA ASP C 1478 -10.11 138.53 -33.83
C ASP C 1478 -9.05 139.58 -34.13
N GLU C 1479 -9.13 140.17 -35.34
CA GLU C 1479 -8.14 141.16 -35.81
C GLU C 1479 -8.08 142.38 -34.89
N GLN C 1480 -9.20 142.80 -34.32
CA GLN C 1480 -9.26 143.98 -33.45
C GLN C 1480 -9.72 143.55 -32.05
N GLY C 1481 -8.75 143.08 -31.25
CA GLY C 1481 -9.02 142.61 -29.90
C GLY C 1481 -10.02 141.47 -29.89
N ASN C 1482 -11.10 141.64 -29.12
CA ASN C 1482 -12.24 140.73 -29.04
C ASN C 1482 -11.82 139.29 -28.73
N VAL C 1483 -11.12 139.13 -27.61
CA VAL C 1483 -10.59 137.84 -27.19
C VAL C 1483 -11.75 136.90 -26.91
N HIS C 1484 -11.84 135.84 -27.73
CA HIS C 1484 -12.91 134.86 -27.65
C HIS C 1484 -12.39 133.47 -27.33
N SER C 1485 -11.16 133.37 -26.81
CA SER C 1485 -10.62 132.08 -26.38
C SER C 1485 -9.44 132.35 -25.46
N SER C 1486 -9.47 131.80 -24.25
CA SER C 1486 -8.35 131.94 -23.33
C SER C 1486 -8.25 130.62 -22.58
N LEU C 1487 -7.35 129.76 -23.02
CA LEU C 1487 -7.24 128.43 -22.44
C LEU C 1487 -6.00 128.33 -21.54
N LYS C 1488 -5.99 127.28 -20.73
CA LYS C 1488 -4.92 126.99 -19.79
C LYS C 1488 -4.24 125.69 -20.17
N CYS C 1489 -2.91 125.70 -20.21
CA CYS C 1489 -2.10 124.53 -20.52
C CYS C 1489 -1.10 124.35 -19.39
N SER C 1490 -1.03 123.14 -18.86
CA SER C 1490 -0.07 122.81 -17.81
C SER C 1490 0.12 121.31 -17.78
N ASN C 1491 1.27 120.89 -17.26
CA ASN C 1491 1.58 119.48 -17.14
C ASN C 1491 1.28 118.92 -15.77
N CYS C 1492 0.76 119.76 -14.87
CA CYS C 1492 0.53 119.39 -13.50
C CYS C 1492 -0.73 120.05 -12.98
N TYR C 1493 -1.64 119.25 -12.44
CA TYR C 1493 -2.88 119.77 -11.86
C TYR C 1493 -3.05 119.09 -10.50
N MET C 1494 -2.44 119.66 -9.47
CA MET C 1494 -2.65 119.15 -8.12
C MET C 1494 -2.87 120.31 -7.16
N VAL C 1495 -3.54 119.98 -6.06
CA VAL C 1495 -3.74 120.89 -4.95
C VAL C 1495 -2.67 120.63 -3.91
N TRP C 1496 -2.49 121.59 -3.00
CA TRP C 1496 -1.53 121.47 -1.92
C TRP C 1496 -2.28 121.01 -0.68
N GLY C 1497 -1.86 119.89 -0.10
CA GLY C 1497 -2.55 119.31 1.04
C GLY C 1497 -2.42 120.10 2.32
N GLY C 1498 -1.50 121.07 2.38
CA GLY C 1498 -1.36 121.91 3.55
C GLY C 1498 -2.46 122.92 3.73
N ASP C 1499 -3.28 123.15 2.70
CA ASP C 1499 -4.33 124.14 2.76
C ASP C 1499 -5.67 123.55 3.18
N PHE C 1500 -5.74 122.24 3.39
CA PHE C 1500 -6.98 121.60 3.82
C PHE C 1500 -6.99 121.25 5.31
N VAL C 1501 -6.02 121.74 6.06
CA VAL C 1501 -5.97 121.57 7.51
C VAL C 1501 -6.26 122.92 8.16
N SER C 1502 -7.17 122.91 9.13
CA SER C 1502 -7.45 124.11 9.89
C SER C 1502 -6.21 124.52 10.67
N PRO C 1503 -5.82 125.80 10.65
CA PRO C 1503 -4.58 126.22 11.33
C PRO C 1503 -4.66 126.15 12.85
N GLY C 1504 -4.59 124.94 13.40
CA GLY C 1504 -4.65 124.77 14.83
C GLY C 1504 -3.39 125.29 15.51
N GLN C 1505 -3.50 125.49 16.82
CA GLN C 1505 -2.41 126.09 17.59
C GLN C 1505 -1.16 125.23 17.54
N GLN C 1506 -1.30 123.94 17.82
CA GLN C 1506 -0.21 122.98 17.73
C GLN C 1506 -0.82 121.59 17.63
N GLY C 1507 0.00 120.62 17.24
CA GLY C 1507 -0.46 119.28 17.02
C GLY C 1507 -0.85 119.06 15.58
N ARG C 1508 0.07 119.38 14.66
CA ARG C 1508 -0.14 119.14 13.23
C ARG C 1508 -0.21 117.66 12.90
N ILE C 1509 0.20 116.79 13.82
CA ILE C 1509 0.06 115.35 13.68
C ILE C 1509 -1.38 115.03 14.05
N SER C 1510 -2.27 115.09 13.05
CA SER C 1510 -3.68 114.85 13.30
C SER C 1510 -3.91 113.36 13.53
N HIS C 1511 -4.65 113.05 14.59
CA HIS C 1511 -5.04 111.67 14.87
C HIS C 1511 -5.96 111.09 13.79
N THR C 1512 -6.65 111.93 13.03
CA THR C 1512 -7.50 111.49 11.94
C THR C 1512 -6.76 111.75 10.63
N ASP C 1513 -6.70 110.73 9.78
CA ASP C 1513 -5.94 110.86 8.53
C ASP C 1513 -6.69 111.73 7.53
N LEU C 1514 -5.96 112.64 6.90
CA LEU C 1514 -6.53 113.45 5.84
C LEU C 1514 -6.81 112.61 4.61
N VAL C 1515 -8.05 112.64 4.14
CA VAL C 1515 -8.46 111.84 2.99
C VAL C 1515 -8.74 112.79 1.84
N ILE C 1516 -7.72 113.09 1.04
CA ILE C 1516 -7.91 113.96 -0.11
C ILE C 1516 -8.50 113.16 -1.26
N GLY C 1517 -9.67 113.57 -1.74
CA GLY C 1517 -10.31 112.92 -2.87
C GLY C 1517 -10.21 113.81 -4.10
N CYS C 1518 -10.22 113.18 -5.26
CA CYS C 1518 -10.23 113.87 -6.54
C CYS C 1518 -11.32 113.27 -7.41
N LEU C 1519 -11.95 114.15 -8.20
CA LEU C 1519 -13.02 113.78 -9.11
C LEU C 1519 -12.74 114.35 -10.50
N VAL C 1520 -13.16 113.62 -11.51
CA VAL C 1520 -13.00 114.01 -12.91
C VAL C 1520 -14.29 113.73 -13.63
N ASP C 1521 -14.66 114.64 -14.54
CA ASP C 1521 -15.76 114.39 -15.47
C ASP C 1521 -15.15 114.26 -16.86
N LEU C 1522 -15.20 113.05 -17.42
CA LEU C 1522 -14.63 112.82 -18.74
C LEU C 1522 -15.44 113.44 -19.86
N ALA C 1523 -16.68 113.84 -19.61
CA ALA C 1523 -17.52 114.46 -20.62
C ALA C 1523 -17.33 115.97 -20.72
N THR C 1524 -16.64 116.58 -19.75
CA THR C 1524 -16.45 118.03 -19.72
C THR C 1524 -15.01 118.45 -19.50
N GLY C 1525 -14.14 117.55 -19.04
CA GLY C 1525 -12.79 117.95 -18.74
C GLY C 1525 -12.66 118.75 -17.47
N LEU C 1526 -13.63 118.64 -16.57
CA LEU C 1526 -13.64 119.35 -15.31
C LEU C 1526 -13.12 118.48 -14.18
N MET C 1527 -12.28 119.06 -13.33
CA MET C 1527 -11.65 118.40 -12.21
C MET C 1527 -12.06 119.13 -10.93
N THR C 1528 -12.45 118.35 -9.92
CA THR C 1528 -12.84 118.86 -8.62
C THR C 1528 -12.09 118.07 -7.55
N PHE C 1529 -12.20 118.54 -6.30
CA PHE C 1529 -11.51 117.91 -5.18
C PHE C 1529 -12.39 117.96 -3.94
N THR C 1530 -12.13 117.04 -3.03
CA THR C 1530 -12.82 116.99 -1.73
C THR C 1530 -11.77 116.85 -0.63
N ALA C 1531 -11.67 117.88 0.21
CA ALA C 1531 -10.66 117.91 1.26
C ALA C 1531 -10.91 116.83 2.31
N ASN C 1532 -12.14 116.77 2.84
CA ASN C 1532 -12.51 115.73 3.80
C ASN C 1532 -13.94 115.27 3.58
N GLY C 1533 -14.42 115.32 2.34
CA GLY C 1533 -15.83 115.16 2.06
C GLY C 1533 -16.54 116.46 1.78
N LYS C 1534 -15.84 117.58 1.85
CA LYS C 1534 -16.37 118.90 1.50
C LYS C 1534 -15.58 119.45 0.33
N GLU C 1535 -16.28 120.11 -0.59
CA GLU C 1535 -15.65 120.59 -1.80
C GLU C 1535 -14.71 121.76 -1.49
N SER C 1536 -13.76 121.97 -2.38
CA SER C 1536 -12.82 123.07 -2.30
C SER C 1536 -13.05 124.03 -3.46
N ASN C 1537 -12.69 125.31 -3.24
CA ASN C 1537 -12.88 126.35 -4.24
C ASN C 1537 -12.08 126.08 -5.52
N THR C 1538 -11.01 125.30 -5.43
CA THR C 1538 -10.19 125.00 -6.59
C THR C 1538 -10.94 124.10 -7.56
N PHE C 1539 -10.72 124.34 -8.85
CA PHE C 1539 -11.35 123.56 -9.91
C PHE C 1539 -10.50 123.75 -11.15
N PHE C 1540 -10.45 122.72 -11.99
CA PHE C 1540 -9.62 122.77 -13.18
C PHE C 1540 -10.43 122.37 -14.41
N GLN C 1541 -10.22 123.07 -15.52
CA GLN C 1541 -10.85 122.69 -16.77
C GLN C 1541 -9.78 122.52 -17.84
N VAL C 1542 -9.84 121.39 -18.54
CA VAL C 1542 -8.84 121.04 -19.54
C VAL C 1542 -9.51 120.70 -20.86
N GLU C 1543 -8.71 120.80 -21.93
CA GLU C 1543 -9.16 120.50 -23.28
C GLU C 1543 -9.38 118.99 -23.44
N PRO C 1544 -10.17 118.56 -24.46
CA PRO C 1544 -10.30 117.12 -24.72
C PRO C 1544 -9.02 116.45 -25.20
N ASN C 1545 -9.09 115.13 -25.37
CA ASN C 1545 -7.97 114.22 -25.71
C ASN C 1545 -6.87 114.24 -24.66
N THR C 1546 -7.19 114.61 -23.42
CA THR C 1546 -6.18 114.75 -22.40
C THR C 1546 -6.05 113.45 -21.61
N LYS C 1547 -4.80 113.09 -21.29
CA LYS C 1547 -4.46 111.94 -20.48
C LYS C 1547 -3.94 112.43 -19.13
N LEU C 1548 -4.50 111.88 -18.05
CA LEU C 1548 -4.15 112.27 -16.69
C LEU C 1548 -3.77 111.07 -15.86
N PHE C 1549 -2.54 111.08 -15.35
CA PHE C 1549 -2.04 110.03 -14.47
C PHE C 1549 -2.23 110.48 -13.03
N PRO C 1550 -2.91 109.70 -12.19
CA PRO C 1550 -3.02 110.03 -10.76
C PRO C 1550 -1.66 110.14 -10.10
N ALA C 1551 -1.36 111.30 -9.54
CA ALA C 1551 -0.02 111.57 -9.04
C ALA C 1551 -0.06 112.14 -7.63
N VAL C 1552 1.02 111.88 -6.89
CA VAL C 1552 1.23 112.41 -5.54
C VAL C 1552 2.72 112.73 -5.39
N PHE C 1553 3.02 113.99 -5.08
CA PHE C 1553 4.38 114.38 -4.71
C PHE C 1553 4.41 114.51 -3.20
N VAL C 1554 5.42 113.93 -2.57
CA VAL C 1554 5.44 113.92 -1.11
C VAL C 1554 6.89 113.88 -0.60
N LEU C 1555 7.11 114.56 0.52
CA LEU C 1555 8.35 114.44 1.27
C LEU C 1555 8.04 113.63 2.53
N PRO C 1556 8.58 112.42 2.65
CA PRO C 1556 8.19 111.53 3.77
C PRO C 1556 8.61 112.08 5.13
N THR C 1557 7.70 111.98 6.10
CA THR C 1557 7.98 112.40 7.47
C THR C 1557 7.43 111.40 8.50
N HIS C 1558 7.27 110.13 8.12
CA HIS C 1558 6.69 109.11 8.99
C HIS C 1558 6.95 107.76 8.35
N GLN C 1559 6.69 106.70 9.12
CA GLN C 1559 6.84 105.34 8.62
C GLN C 1559 5.79 105.04 7.54
N ASN C 1560 4.53 105.33 7.85
CA ASN C 1560 3.43 105.20 6.90
C ASN C 1560 3.10 106.59 6.40
N VAL C 1561 3.14 106.76 5.08
CA VAL C 1561 3.02 108.09 4.50
C VAL C 1561 1.63 108.30 3.90
N ILE C 1562 1.31 107.56 2.83
CA ILE C 1562 0.07 107.74 2.08
C ILE C 1562 -0.50 106.38 1.70
N GLN C 1563 -1.73 106.40 1.21
CA GLN C 1563 -2.41 105.16 0.85
C GLN C 1563 -3.42 105.48 -0.25
N PHE C 1564 -3.09 105.11 -1.50
CA PHE C 1564 -4.00 105.27 -2.61
C PHE C 1564 -5.22 104.36 -2.44
N GLU C 1565 -6.37 104.95 -2.12
CA GLU C 1565 -7.62 104.23 -1.96
C GLU C 1565 -8.40 104.33 -3.27
N LEU C 1566 -8.65 103.18 -3.89
CA LEU C 1566 -9.35 103.15 -5.17
C LEU C 1566 -10.83 102.85 -4.96
N GLY C 1567 -11.49 103.71 -4.19
CA GLY C 1567 -12.89 103.54 -3.87
C GLY C 1567 -13.84 104.17 -4.86
N LYS C 1568 -15.02 104.54 -4.36
CA LYS C 1568 -16.05 105.15 -5.17
C LYS C 1568 -16.93 106.02 -4.30
N GLN C 1569 -17.63 106.94 -4.94
CA GLN C 1569 -18.60 107.83 -4.30
C GLN C 1569 -20.00 107.42 -4.73
N LYS C 1570 -21.00 108.12 -4.17
CA LYS C 1570 -22.38 107.83 -4.51
C LYS C 1570 -22.65 108.31 -5.93
N ASN C 1571 -23.23 107.41 -6.74
CA ASN C 1571 -23.52 107.61 -8.16
C ASN C 1571 -22.29 107.99 -8.98
N ILE C 1572 -21.09 107.64 -8.51
CA ILE C 1572 -19.83 107.96 -9.16
C ILE C 1572 -19.00 106.69 -9.27
N MET C 1573 -18.48 106.43 -10.47
CA MET C 1573 -17.74 105.22 -10.77
C MET C 1573 -16.32 105.28 -10.21
N PRO C 1574 -15.69 104.14 -9.95
CA PRO C 1574 -14.28 104.15 -9.54
C PRO C 1574 -13.35 104.35 -10.72
N LEU C 1575 -12.06 104.56 -10.40
CA LEU C 1575 -11.04 104.70 -11.44
C LEU C 1575 -10.88 103.42 -12.25
N SER C 1576 -10.97 102.25 -11.58
CA SER C 1576 -10.80 100.96 -12.23
C SER C 1576 -11.84 100.72 -13.33
N ALA C 1577 -12.96 101.45 -13.30
CA ALA C 1577 -13.95 101.40 -14.35
C ALA C 1577 -13.66 102.40 -15.45
N ALA C 1578 -12.64 103.23 -15.27
CA ALA C 1578 -12.24 104.23 -16.25
C ALA C 1578 -11.00 103.83 -17.02
N MET C 1579 -10.04 103.19 -16.35
CA MET C 1579 -8.79 102.92 -17.07
C MET C 1579 -8.90 101.72 -18.00
N PHE C 1580 -9.80 100.79 -17.73
CA PHE C 1580 -9.94 99.57 -18.51
C PHE C 1580 -11.22 99.62 -19.33
N LEU C 1581 -11.09 99.33 -20.62
CA LEU C 1581 -12.25 99.35 -21.51
C LEU C 1581 -13.29 98.32 -21.11
N SER C 1582 -12.85 97.10 -20.77
CA SER C 1582 -13.76 96.02 -20.41
C SER C 1582 -14.46 96.24 -19.08
N GLU C 1583 -14.03 97.23 -18.29
CA GLU C 1583 -14.57 97.47 -16.97
C GLU C 1583 -15.48 98.69 -16.93
N ARG C 1584 -15.88 99.22 -18.08
CA ARG C 1584 -16.65 100.46 -18.16
C ARG C 1584 -18.03 100.38 -17.51
N LYS C 1585 -18.54 99.19 -17.23
CA LYS C 1585 -19.87 99.00 -16.67
C LYS C 1585 -19.82 98.21 -15.37
N ASN C 1586 -18.76 98.38 -14.60
CA ASN C 1586 -18.59 97.63 -13.35
C ASN C 1586 -18.37 98.62 -12.22
N PRO C 1587 -19.33 98.76 -11.28
CA PRO C 1587 -19.13 99.68 -10.16
C PRO C 1587 -18.19 99.14 -9.09
N ALA C 1588 -17.99 97.83 -9.03
CA ALA C 1588 -17.17 97.24 -7.99
C ALA C 1588 -15.70 97.61 -8.21
N PRO C 1589 -15.02 98.15 -7.20
CA PRO C 1589 -13.60 98.51 -7.35
C PRO C 1589 -12.73 97.29 -7.57
N GLN C 1590 -11.66 97.49 -8.35
CA GLN C 1590 -10.66 96.46 -8.63
C GLN C 1590 -9.29 97.09 -8.62
N CYS C 1591 -8.29 96.26 -8.36
CA CYS C 1591 -6.88 96.67 -8.44
C CYS C 1591 -6.09 95.67 -9.26
N PRO C 1592 -6.26 95.67 -10.59
CA PRO C 1592 -5.60 94.68 -11.44
C PRO C 1592 -4.09 94.87 -11.43
N PRO C 1593 -3.32 93.79 -11.64
CA PRO C 1593 -1.86 93.86 -11.46
C PRO C 1593 -1.12 94.85 -12.36
N ARG C 1594 -1.71 95.28 -13.48
CA ARG C 1594 -1.09 96.32 -14.30
C ARG C 1594 -1.05 97.66 -13.57
N LEU C 1595 -1.95 97.87 -12.60
CA LEU C 1595 -2.01 99.13 -11.89
C LEU C 1595 -0.98 99.10 -10.77
N GLU C 1596 -0.03 100.04 -10.81
CA GLU C 1596 1.04 100.05 -9.82
C GLU C 1596 1.61 101.46 -9.71
N VAL C 1597 2.33 101.68 -8.63
CA VAL C 1597 2.90 102.98 -8.31
C VAL C 1597 4.27 103.07 -9.00
N GLN C 1598 4.60 104.25 -9.50
CA GLN C 1598 5.86 104.51 -10.18
C GLN C 1598 6.45 105.80 -9.63
N MET C 1599 7.77 105.82 -9.49
CA MET C 1599 8.45 107.02 -9.02
C MET C 1599 8.92 107.81 -10.22
N LEU C 1600 9.71 108.84 -9.96
CA LEU C 1600 10.29 109.67 -11.01
C LEU C 1600 11.81 109.62 -10.91
N MET C 1601 12.42 108.73 -11.68
CA MET C 1601 13.87 108.61 -11.71
C MET C 1601 14.48 109.76 -12.50
N PRO C 1602 15.41 110.53 -11.92
CA PRO C 1602 15.91 111.74 -12.58
C PRO C 1602 16.75 111.48 -13.81
N VAL C 1603 17.52 110.40 -13.85
CA VAL C 1603 18.46 110.12 -14.93
C VAL C 1603 18.19 108.71 -15.45
N SER C 1604 18.22 108.56 -16.78
CA SER C 1604 17.95 107.26 -17.39
C SER C 1604 18.94 107.06 -18.53
N TRP C 1605 19.18 105.81 -18.88
CA TRP C 1605 20.08 105.54 -20.00
C TRP C 1605 19.39 105.85 -21.33
N SER C 1606 20.20 106.00 -22.37
CA SER C 1606 19.68 106.27 -23.71
C SER C 1606 20.75 105.87 -24.72
N ARG C 1607 20.41 106.02 -25.99
CA ARG C 1607 21.24 105.60 -27.11
C ARG C 1607 21.59 106.77 -28.01
N MET C 1608 22.87 106.85 -28.40
CA MET C 1608 23.32 107.86 -29.34
C MET C 1608 23.03 107.40 -30.77
N PRO C 1609 22.21 108.11 -31.54
CA PRO C 1609 21.93 107.71 -32.92
C PRO C 1609 23.20 107.69 -33.76
N ASN C 1610 23.25 106.74 -34.70
CA ASN C 1610 24.49 106.51 -35.45
C ASN C 1610 24.81 107.63 -36.41
N HIS C 1611 23.83 108.43 -36.82
CA HIS C 1611 24.07 109.54 -37.73
C HIS C 1611 23.26 110.76 -37.28
N PHE C 1612 23.88 111.92 -37.39
CA PHE C 1612 23.27 113.17 -36.95
C PHE C 1612 23.15 114.10 -38.14
N LEU C 1613 22.21 115.05 -38.03
CA LEU C 1613 21.92 115.97 -39.11
C LEU C 1613 23.11 116.88 -39.41
N GLN C 1614 23.19 117.32 -40.66
CA GLN C 1614 24.26 118.21 -41.10
C GLN C 1614 23.68 119.62 -41.22
N VAL C 1615 24.12 120.51 -40.33
CA VAL C 1615 23.62 121.88 -40.27
C VAL C 1615 24.79 122.81 -40.53
N GLU C 1616 24.59 123.79 -41.41
CA GLU C 1616 25.57 124.82 -41.67
C GLU C 1616 25.12 126.11 -41.02
N THR C 1617 25.97 126.66 -40.15
CA THR C 1617 25.74 127.91 -39.42
C THR C 1617 26.86 128.87 -39.81
N ARG C 1618 26.53 129.91 -40.55
CA ARG C 1618 27.51 130.89 -41.00
C ARG C 1618 26.81 132.23 -41.18
N ARG C 1619 27.61 133.29 -41.21
CA ARG C 1619 27.06 134.63 -41.44
C ARG C 1619 27.12 134.92 -42.94
N ALA C 1620 25.94 134.97 -43.57
CA ALA C 1620 25.87 135.19 -45.02
C ALA C 1620 26.42 136.57 -45.39
N GLY C 1621 26.10 137.58 -44.60
CA GLY C 1621 26.59 138.92 -44.86
C GLY C 1621 26.15 139.87 -43.77
N GLU C 1622 26.51 141.13 -43.95
CA GLU C 1622 26.13 142.16 -42.99
C GLU C 1622 24.63 142.49 -43.05
N ARG C 1623 24.02 142.36 -44.23
CA ARG C 1623 22.61 142.64 -44.41
C ARG C 1623 21.75 141.38 -44.41
N LEU C 1624 22.25 140.30 -45.02
CA LEU C 1624 21.51 139.06 -45.11
C LEU C 1624 21.27 138.46 -43.73
N GLY C 1625 22.26 138.50 -42.87
CA GLY C 1625 22.17 137.93 -41.55
C GLY C 1625 22.84 136.59 -41.47
N TRP C 1626 22.40 135.79 -40.51
CA TRP C 1626 22.98 134.46 -40.32
C TRP C 1626 22.17 133.40 -41.04
N ALA C 1627 22.83 132.54 -41.81
CA ALA C 1627 22.12 131.54 -42.61
C ALA C 1627 22.34 130.17 -42.01
N VAL C 1628 21.23 129.45 -41.85
CA VAL C 1628 21.19 128.07 -41.36
C VAL C 1628 20.73 127.20 -42.53
N GLN C 1629 21.48 126.14 -42.79
CA GLN C 1629 21.19 125.31 -43.97
C GLN C 1629 21.31 123.83 -43.62
N CYS C 1630 20.22 123.09 -43.77
CA CYS C 1630 20.22 121.64 -43.57
C CYS C 1630 19.52 120.97 -44.75
N GLN C 1631 20.19 120.01 -45.37
CA GLN C 1631 19.64 119.44 -46.61
C GLN C 1631 19.50 117.92 -46.60
N ASP C 1632 20.48 117.20 -46.08
CA ASP C 1632 20.47 115.73 -46.13
C ASP C 1632 19.41 115.14 -45.21
N PRO C 1633 18.50 114.31 -45.71
CA PRO C 1633 17.46 113.75 -44.84
C PRO C 1633 17.94 112.54 -44.07
N LEU C 1634 17.42 112.42 -42.84
CA LEU C 1634 17.65 111.26 -41.99
C LEU C 1634 16.33 110.80 -41.39
N THR C 1635 16.14 109.49 -41.37
CA THR C 1635 14.90 108.89 -40.88
C THR C 1635 15.23 107.82 -39.85
N MET C 1636 14.44 107.76 -38.78
CA MET C 1636 14.63 106.78 -37.73
C MET C 1636 13.30 106.11 -37.42
N MET C 1637 13.35 104.82 -37.12
CA MET C 1637 12.15 104.04 -36.88
C MET C 1637 11.77 104.13 -35.41
N ALA C 1638 10.61 104.71 -35.13
CA ALA C 1638 10.22 105.07 -33.77
C ALA C 1638 9.23 104.06 -33.23
N LEU C 1639 9.48 103.58 -32.01
CA LEU C 1639 8.55 102.72 -31.29
C LEU C 1639 7.84 103.55 -30.23
N HIS C 1640 6.53 103.69 -30.37
CA HIS C 1640 5.76 104.59 -29.53
C HIS C 1640 4.91 103.80 -28.55
N ILE C 1641 5.14 104.03 -27.26
CA ILE C 1641 4.34 103.38 -26.23
C ILE C 1641 3.03 104.16 -26.12
N PRO C 1642 1.88 103.53 -26.33
CA PRO C 1642 0.61 104.27 -26.46
C PRO C 1642 0.18 104.96 -25.18
N GLU C 1643 0.09 104.22 -24.07
CA GLU C 1643 -0.48 104.78 -22.86
C GLU C 1643 0.44 105.79 -22.19
N GLU C 1644 1.73 105.80 -22.52
CA GLU C 1644 2.65 106.78 -21.97
C GLU C 1644 2.91 107.96 -22.90
N ASN C 1645 2.43 107.87 -24.15
CA ASN C 1645 2.53 108.93 -25.17
C ASN C 1645 3.99 109.36 -25.39
N ARG C 1646 4.92 108.43 -25.30
CA ARG C 1646 6.32 108.70 -25.58
C ARG C 1646 6.90 107.59 -26.45
N CYS C 1647 7.84 107.98 -27.31
CA CYS C 1647 8.43 107.07 -28.28
C CYS C 1647 9.94 107.03 -28.09
N MET C 1648 10.52 105.88 -28.41
CA MET C 1648 11.95 105.66 -28.32
C MET C 1648 12.45 105.08 -29.63
N ASP C 1649 13.76 105.22 -29.85
CA ASP C 1649 14.42 104.57 -30.97
C ASP C 1649 14.24 103.07 -30.86
N ILE C 1650 13.84 102.44 -31.97
CA ILE C 1650 13.59 101.00 -31.96
C ILE C 1650 14.88 100.22 -31.76
N LEU C 1651 16.04 100.81 -32.05
CA LEU C 1651 17.32 100.16 -31.81
C LEU C 1651 17.63 100.01 -30.32
N GLU C 1652 16.92 100.71 -29.44
CA GLU C 1652 17.08 100.53 -28.00
C GLU C 1652 16.60 99.17 -27.53
N LEU C 1653 15.82 98.45 -28.36
CA LEU C 1653 15.37 97.13 -27.96
C LEU C 1653 16.47 96.09 -27.99
N SER C 1654 17.68 96.45 -28.43
CA SER C 1654 18.86 95.60 -28.27
C SER C 1654 19.32 95.55 -26.82
N GLU C 1655 18.74 96.38 -25.96
CA GLU C 1655 19.07 96.41 -24.55
C GLU C 1655 17.83 96.39 -23.66
N ARG C 1656 16.68 96.82 -24.15
CA ARG C 1656 15.43 96.66 -23.41
C ARG C 1656 14.81 95.33 -23.84
N LEU C 1657 15.36 94.23 -23.33
CA LEU C 1657 14.92 92.92 -23.79
C LEU C 1657 13.51 92.54 -23.34
N ASP C 1658 12.92 93.30 -22.41
CA ASP C 1658 11.54 93.07 -22.02
C ASP C 1658 10.61 93.52 -23.14
N LEU C 1659 10.93 94.65 -23.76
CA LEU C 1659 10.12 95.11 -24.87
C LEU C 1659 10.44 94.29 -26.11
N GLN C 1660 11.68 93.82 -26.24
CA GLN C 1660 12.09 93.05 -27.41
C GLN C 1660 11.33 91.73 -27.47
N ARG C 1661 11.14 91.07 -26.32
CA ARG C 1661 10.38 89.82 -26.29
C ARG C 1661 8.92 90.04 -26.66
N PHE C 1662 8.33 91.12 -26.16
CA PHE C 1662 6.94 91.44 -26.44
C PHE C 1662 6.74 91.79 -27.90
N HIS C 1663 7.60 92.68 -28.44
CA HIS C 1663 7.45 93.09 -29.83
C HIS C 1663 7.70 91.94 -30.78
N SER C 1664 8.75 91.14 -30.53
CA SER C 1664 9.03 89.99 -31.37
C SER C 1664 7.92 88.94 -31.29
N HIS C 1665 7.15 88.93 -30.21
CA HIS C 1665 5.94 88.11 -30.20
C HIS C 1665 4.80 88.77 -30.96
N THR C 1666 4.72 90.10 -30.90
CA THR C 1666 3.69 90.84 -31.61
C THR C 1666 3.78 90.63 -33.11
N LEU C 1667 5.00 90.63 -33.65
CA LEU C 1667 5.21 90.28 -35.06
C LEU C 1667 4.76 88.85 -35.38
N ARG C 1668 4.95 87.92 -34.44
CA ARG C 1668 4.47 86.56 -34.63
C ARG C 1668 2.94 86.50 -34.62
N LEU C 1669 2.31 87.38 -33.85
CA LEU C 1669 0.86 87.46 -33.87
C LEU C 1669 0.38 88.07 -35.19
N TYR C 1670 1.12 89.04 -35.70
CA TYR C 1670 0.79 89.62 -37.01
C TYR C 1670 0.87 88.57 -38.10
N ARG C 1671 1.88 87.69 -38.04
CA ARG C 1671 1.98 86.64 -39.03
C ARG C 1671 0.89 85.59 -38.83
N ALA C 1672 0.45 85.41 -37.59
CA ALA C 1672 -0.55 84.39 -37.31
C ALA C 1672 -1.91 84.82 -37.84
N VAL C 1673 -2.28 86.07 -37.58
CA VAL C 1673 -3.63 86.51 -37.98
C VAL C 1673 -3.74 86.63 -39.50
N CYS C 1674 -2.63 86.81 -40.20
CA CYS C 1674 -2.64 86.84 -41.66
C CYS C 1674 -2.10 85.57 -42.28
N ALA C 1675 -2.02 84.49 -41.51
CA ALA C 1675 -1.43 83.26 -42.02
C ALA C 1675 -2.44 82.51 -42.86
N LEU C 1676 -1.92 81.73 -43.82
CA LEU C 1676 -2.68 80.83 -44.69
C LEU C 1676 -3.73 81.57 -45.52
N GLY C 1677 -3.29 82.62 -46.22
CA GLY C 1677 -4.10 83.31 -47.21
C GLY C 1677 -5.32 84.03 -46.69
N ASN C 1678 -5.15 84.80 -45.61
CA ASN C 1678 -6.22 85.64 -45.10
C ASN C 1678 -6.03 87.07 -45.63
N ASN C 1679 -6.17 87.20 -46.95
CA ASN C 1679 -5.90 88.47 -47.62
C ASN C 1679 -6.86 89.58 -47.21
N ARG C 1680 -8.00 89.23 -46.59
CA ARG C 1680 -8.88 90.24 -46.02
C ARG C 1680 -8.21 90.94 -44.84
N VAL C 1681 -7.30 90.24 -44.17
CA VAL C 1681 -6.58 90.77 -43.03
C VAL C 1681 -5.22 91.31 -43.44
N ALA C 1682 -4.57 90.65 -44.40
CA ALA C 1682 -3.26 91.09 -44.87
C ALA C 1682 -3.30 92.52 -45.42
N HIS C 1683 -4.46 92.95 -45.93
CA HIS C 1683 -4.62 94.35 -46.29
C HIS C 1683 -4.68 95.24 -45.06
N ALA C 1684 -5.36 94.77 -44.00
CA ALA C 1684 -5.51 95.54 -42.77
C ALA C 1684 -4.17 95.79 -42.10
N LEU C 1685 -3.30 94.77 -42.10
CA LEU C 1685 -1.98 94.92 -41.47
C LEU C 1685 -1.12 95.97 -42.15
N CYS C 1686 -1.37 96.27 -43.43
CA CYS C 1686 -0.62 97.28 -44.16
C CYS C 1686 -0.88 98.70 -43.66
N SER C 1687 -1.87 98.90 -42.79
CA SER C 1687 -2.02 100.18 -42.12
C SER C 1687 -1.11 100.26 -40.91
N HIS C 1688 -1.08 99.19 -40.11
CA HIS C 1688 -0.24 99.17 -38.90
C HIS C 1688 1.24 99.21 -39.25
N VAL C 1689 1.66 98.38 -40.21
CA VAL C 1689 3.03 98.40 -40.69
C VAL C 1689 3.00 98.72 -42.19
N ASP C 1690 3.47 99.91 -42.54
CA ASP C 1690 3.38 100.38 -43.91
C ASP C 1690 4.48 99.74 -44.77
N GLN C 1691 4.51 100.12 -46.04
CA GLN C 1691 5.54 99.63 -46.94
C GLN C 1691 6.89 100.24 -46.60
N ALA C 1692 6.89 101.51 -46.18
CA ALA C 1692 8.12 102.24 -45.91
C ALA C 1692 8.87 101.64 -44.74
N GLN C 1693 8.15 101.26 -43.68
CA GLN C 1693 8.77 100.68 -42.50
C GLN C 1693 9.46 99.37 -42.85
N LEU C 1694 8.76 98.52 -43.61
CA LEU C 1694 9.32 97.22 -44.02
C LEU C 1694 10.55 97.41 -44.89
N LEU C 1695 10.49 98.35 -45.84
CA LEU C 1695 11.62 98.60 -46.74
C LEU C 1695 12.82 99.16 -45.98
N HIS C 1696 12.56 100.04 -45.00
CA HIS C 1696 13.65 100.54 -44.18
C HIS C 1696 14.25 99.41 -43.35
N ALA C 1697 13.41 98.56 -42.76
CA ALA C 1697 13.88 97.45 -41.96
C ALA C 1697 14.62 96.41 -42.79
N LEU C 1698 14.48 96.44 -44.13
CA LEU C 1698 15.28 95.55 -44.95
C LEU C 1698 16.76 95.92 -44.85
N GLU C 1699 17.07 97.21 -44.93
CA GLU C 1699 18.45 97.66 -44.94
C GLU C 1699 18.97 98.05 -43.57
N ASP C 1700 18.09 98.08 -42.55
CA ASP C 1700 18.50 98.49 -41.20
C ASP C 1700 19.47 97.47 -40.64
N ALA C 1701 20.75 97.83 -40.58
CA ALA C 1701 21.78 96.90 -40.14
C ALA C 1701 21.91 96.81 -38.63
N HIS C 1702 21.31 97.71 -37.87
CA HIS C 1702 21.46 97.68 -36.43
C HIS C 1702 20.28 97.06 -35.70
N LEU C 1703 19.30 96.53 -36.43
CA LEU C 1703 18.17 95.87 -35.79
C LEU C 1703 18.63 94.57 -35.13
N PRO C 1704 18.02 94.20 -34.00
CA PRO C 1704 18.37 92.91 -33.38
C PRO C 1704 18.01 91.70 -34.22
N GLY C 1705 18.38 90.52 -33.71
CA GLY C 1705 18.15 89.25 -34.38
C GLY C 1705 16.67 88.94 -34.56
N PRO C 1706 15.96 88.68 -33.45
CA PRO C 1706 14.55 88.29 -33.56
C PRO C 1706 13.69 89.34 -34.25
N LEU C 1707 14.02 90.62 -34.11
CA LEU C 1707 13.22 91.64 -34.79
C LEU C 1707 13.52 91.69 -36.27
N ARG C 1708 14.77 91.39 -36.65
CA ARG C 1708 15.13 91.38 -38.06
C ARG C 1708 14.46 90.22 -38.78
N ALA C 1709 14.56 89.02 -38.20
CA ALA C 1709 13.90 87.87 -38.80
C ALA C 1709 12.39 87.98 -38.72
N GLY C 1710 11.85 88.57 -37.64
CA GLY C 1710 10.42 88.80 -37.56
C GLY C 1710 9.92 89.77 -38.60
N TYR C 1711 10.76 90.73 -39.00
CA TYR C 1711 10.27 91.72 -39.94
C TYR C 1711 10.40 91.24 -41.36
N TYR C 1712 11.42 90.44 -41.68
CA TYR C 1712 11.43 89.82 -43.00
C TYR C 1712 10.29 88.82 -43.14
N ASP C 1713 10.09 87.98 -42.12
CA ASP C 1713 9.00 87.01 -42.20
C ASP C 1713 7.63 87.67 -42.16
N LEU C 1714 7.53 88.88 -41.59
CA LEU C 1714 6.27 89.62 -41.67
C LEU C 1714 6.05 90.16 -43.06
N LEU C 1715 7.12 90.60 -43.73
CA LEU C 1715 7.00 91.04 -45.13
C LEU C 1715 6.54 89.89 -46.00
N ILE C 1716 7.13 88.71 -45.79
CA ILE C 1716 6.82 87.53 -46.59
C ILE C 1716 5.37 87.13 -46.33
N SER C 1717 4.96 87.12 -45.06
CA SER C 1717 3.60 86.72 -44.70
C SER C 1717 2.57 87.67 -45.28
N ILE C 1718 2.84 88.98 -45.23
CA ILE C 1718 1.85 89.94 -45.68
C ILE C 1718 1.74 89.95 -47.20
N HIS C 1719 2.88 90.01 -47.89
CA HIS C 1719 2.89 90.33 -49.31
C HIS C 1719 3.23 89.19 -50.26
N LEU C 1720 3.77 88.09 -49.78
CA LEU C 1720 4.30 87.12 -50.73
C LEU C 1720 3.70 85.73 -50.63
N GLU C 1721 3.46 85.23 -49.40
CA GLU C 1721 3.25 83.80 -49.17
C GLU C 1721 2.01 83.25 -49.88
N SER C 1722 0.92 84.03 -49.93
CA SER C 1722 -0.31 83.56 -50.58
C SER C 1722 -0.08 83.32 -52.07
N ALA C 1723 0.66 84.21 -52.72
CA ALA C 1723 0.99 84.02 -54.13
C ALA C 1723 1.99 82.89 -54.30
N CYS C 1724 2.95 82.78 -53.36
CA CYS C 1724 4.01 81.78 -53.48
C CYS C 1724 3.48 80.38 -53.31
N ARG C 1725 2.60 80.15 -52.33
CA ARG C 1725 2.08 78.81 -52.06
C ARG C 1725 1.29 78.30 -53.26
N SER C 1726 0.41 79.17 -53.79
CA SER C 1726 -0.41 78.83 -54.94
C SER C 1726 0.45 78.54 -56.17
N ARG C 1727 1.50 79.33 -56.37
CA ARG C 1727 2.41 79.03 -57.48
C ARG C 1727 3.11 77.69 -57.24
N ARG C 1728 3.57 77.46 -56.00
CA ARG C 1728 4.35 76.27 -55.66
C ARG C 1728 3.54 75.01 -55.89
N SER C 1729 2.22 75.10 -55.72
CA SER C 1729 1.36 73.96 -56.00
C SER C 1729 1.38 73.65 -57.49
N MET C 1730 1.35 74.68 -58.33
CA MET C 1730 1.36 74.47 -59.77
C MET C 1730 2.73 74.08 -60.31
N LEU C 1731 3.79 74.18 -59.49
CA LEU C 1731 5.09 73.72 -59.96
C LEU C 1731 5.18 72.21 -60.18
N SER C 1732 4.26 71.43 -59.63
CA SER C 1732 4.33 69.98 -59.75
C SER C 1732 3.60 69.44 -60.97
N GLU C 1733 2.89 70.27 -61.72
CA GLU C 1733 2.23 69.86 -62.95
C GLU C 1733 2.85 70.58 -64.14
N TYR C 1734 3.00 69.85 -65.24
CA TYR C 1734 3.65 70.37 -66.44
C TYR C 1734 2.66 70.31 -67.61
N ILE C 1735 1.87 71.35 -67.76
CA ILE C 1735 1.00 71.49 -68.93
C ILE C 1735 1.75 72.29 -69.97
N VAL C 1736 2.05 71.66 -71.10
CA VAL C 1736 2.90 72.29 -72.11
C VAL C 1736 2.10 72.62 -73.37
N PRO C 1737 1.75 73.88 -73.61
CA PRO C 1737 1.08 74.25 -74.85
C PRO C 1737 2.00 74.12 -76.05
N LEU C 1738 1.41 73.92 -77.21
CA LEU C 1738 2.15 73.76 -78.46
C LEU C 1738 2.25 75.11 -79.15
N THR C 1739 3.36 75.80 -78.92
CA THR C 1739 3.66 77.14 -79.41
C THR C 1739 5.05 77.14 -80.02
N PRO C 1740 5.37 78.11 -80.90
CA PRO C 1740 6.73 78.17 -81.48
C PRO C 1740 7.84 78.26 -80.45
N GLU C 1741 7.56 78.94 -79.33
CA GLU C 1741 8.51 78.98 -78.23
C GLU C 1741 8.74 77.59 -77.69
N THR C 1742 7.66 76.79 -77.55
CA THR C 1742 7.83 75.41 -77.11
C THR C 1742 8.66 74.63 -78.12
N ARG C 1743 8.47 74.93 -79.41
CA ARG C 1743 9.18 74.21 -80.46
CA ARG C 1743 9.19 74.20 -80.46
C ARG C 1743 10.68 74.44 -80.36
N ALA C 1744 11.09 75.68 -80.08
CA ALA C 1744 12.51 76.00 -80.05
C ALA C 1744 13.25 75.41 -78.85
N ILE C 1745 12.53 74.85 -77.87
CA ILE C 1745 13.14 74.34 -76.65
C ILE C 1745 13.93 73.08 -76.97
N THR C 1746 15.18 73.03 -76.51
CA THR C 1746 16.03 71.86 -76.71
C THR C 1746 16.75 71.53 -75.40
N LEU C 1747 17.19 70.28 -75.30
CA LEU C 1747 17.88 69.81 -74.09
C LEU C 1747 19.19 70.55 -73.85
N PHE C 1748 19.98 70.71 -74.89
CA PHE C 1748 21.28 71.34 -74.76
C PHE C 1748 21.32 72.63 -75.57
N PRO C 1749 22.10 73.62 -75.12
CA PRO C 1749 22.25 74.83 -75.93
C PRO C 1749 23.03 74.53 -77.19
N PRO C 1750 22.82 75.29 -78.27
CA PRO C 1750 23.66 75.11 -79.47
C PRO C 1750 25.10 75.50 -79.22
N GLY C 1751 25.99 74.51 -79.26
CA GLY C 1751 27.38 74.74 -78.95
C GLY C 1751 28.34 73.89 -79.74
N ARG C 1752 29.63 73.96 -79.39
CA ARG C 1752 30.68 73.25 -80.11
C ARG C 1752 31.56 72.41 -79.18
N LYS C 1753 31.08 72.11 -77.97
CA LYS C 1753 31.87 71.30 -77.05
C LYS C 1753 31.90 69.83 -77.47
N GLY C 1754 30.74 69.18 -77.49
CA GLY C 1754 30.69 67.77 -77.81
C GLY C 1754 29.38 67.37 -78.47
N GLY C 1755 29.48 66.53 -79.51
CA GLY C 1755 28.29 66.16 -80.28
C GLY C 1755 27.27 65.37 -79.48
N ASN C 1756 27.74 64.42 -78.67
CA ASN C 1756 26.84 63.62 -77.83
C ASN C 1756 26.15 64.50 -76.80
N ALA C 1757 26.89 65.43 -76.19
CA ALA C 1757 26.33 66.33 -75.18
C ALA C 1757 27.22 67.55 -75.07
N ARG C 1758 26.65 68.73 -75.28
CA ARG C 1758 27.34 69.98 -75.02
C ARG C 1758 27.44 70.22 -73.52
N ARG C 1759 27.99 71.37 -73.14
CA ARG C 1759 28.00 71.77 -71.75
C ARG C 1759 26.57 72.06 -71.31
N HIS C 1760 26.25 71.68 -70.07
CA HIS C 1760 24.93 71.97 -69.52
C HIS C 1760 24.70 73.47 -69.46
N GLY C 1761 23.49 73.89 -69.80
CA GLY C 1761 23.13 75.28 -69.63
C GLY C 1761 22.99 75.64 -68.16
N LEU C 1762 22.88 76.94 -67.94
CA LEU C 1762 22.69 77.44 -66.58
C LEU C 1762 21.28 77.09 -66.14
N PRO C 1763 21.11 76.34 -65.04
CA PRO C 1763 19.76 75.95 -64.62
C PRO C 1763 18.90 77.14 -64.27
N GLY C 1764 17.62 77.06 -64.63
CA GLY C 1764 16.71 78.16 -64.41
C GLY C 1764 16.85 79.31 -65.38
N VAL C 1765 17.74 79.20 -66.37
CA VAL C 1765 17.99 80.24 -67.34
C VAL C 1765 17.52 79.75 -68.71
N GLY C 1766 16.70 80.55 -69.38
CA GLY C 1766 16.22 80.18 -70.68
C GLY C 1766 14.75 80.52 -70.80
N VAL C 1767 14.03 79.80 -71.66
CA VAL C 1767 12.62 80.01 -71.87
C VAL C 1767 11.87 78.76 -71.41
N THR C 1768 10.80 78.96 -70.65
CA THR C 1768 9.95 77.88 -70.21
C THR C 1768 8.53 78.24 -70.62
N THR C 1769 7.84 77.31 -71.26
CA THR C 1769 6.50 77.55 -71.76
C THR C 1769 5.42 76.88 -70.96
N SER C 1770 5.76 76.19 -69.87
CA SER C 1770 4.77 75.50 -69.07
C SER C 1770 3.78 76.49 -68.46
N LEU C 1771 2.53 76.07 -68.34
CA LEU C 1771 1.48 76.97 -67.91
C LEU C 1771 1.57 77.20 -66.40
N ARG C 1772 1.58 78.47 -66.00
CA ARG C 1772 1.46 78.86 -64.61
C ARG C 1772 0.57 80.10 -64.61
N PRO C 1773 -0.50 80.11 -63.80
CA PRO C 1773 -1.36 81.30 -63.75
C PRO C 1773 -0.61 82.48 -63.17
N PRO C 1774 -0.90 83.69 -63.64
CA PRO C 1774 -0.20 84.86 -63.10
C PRO C 1774 -0.71 85.23 -61.72
N HIS C 1775 0.14 85.95 -60.99
CA HIS C 1775 -0.23 86.45 -59.69
C HIS C 1775 -1.23 87.61 -59.81
N HIS C 1776 -1.98 87.82 -58.75
CA HIS C 1776 -2.94 88.92 -58.68
C HIS C 1776 -2.73 89.67 -57.39
N PHE C 1777 -2.62 90.99 -57.49
CA PHE C 1777 -2.43 91.84 -56.31
C PHE C 1777 -3.40 93.00 -56.36
N SER C 1778 -3.52 93.69 -55.22
CA SER C 1778 -4.32 94.89 -55.14
C SER C 1778 -3.52 95.96 -54.41
N PRO C 1779 -3.67 97.22 -54.81
CA PRO C 1779 -3.02 98.31 -54.09
C PRO C 1779 -3.73 98.58 -52.78
N PRO C 1780 -3.01 98.54 -51.66
CA PRO C 1780 -3.66 98.77 -50.37
C PRO C 1780 -4.09 100.22 -50.19
N CYS C 1781 -5.41 100.44 -50.20
CA CYS C 1781 -5.98 101.77 -50.08
C CYS C 1781 -7.10 101.75 -49.05
N PHE C 1782 -6.90 102.47 -47.96
CA PHE C 1782 -7.85 102.47 -46.86
C PHE C 1782 -8.85 103.61 -46.93
N VAL C 1783 -8.75 104.48 -47.92
CA VAL C 1783 -9.75 105.52 -48.11
C VAL C 1783 -10.78 105.14 -49.15
N ALA C 1784 -10.61 103.99 -49.80
CA ALA C 1784 -11.54 103.53 -50.82
C ALA C 1784 -12.91 103.26 -50.20
N ALA C 1785 -13.95 103.51 -51.00
CA ALA C 1785 -15.32 103.30 -50.55
C ALA C 1785 -15.57 101.84 -50.19
N LEU C 1786 -16.25 101.63 -49.07
CA LEU C 1786 -16.59 100.29 -48.63
C LEU C 1786 -17.55 99.65 -49.64
N PRO C 1787 -17.26 98.41 -50.09
CA PRO C 1787 -18.11 97.78 -51.12
C PRO C 1787 -19.54 97.59 -50.65
N ALA C 1788 -20.48 97.85 -51.56
CA ALA C 1788 -21.89 97.66 -51.22
C ALA C 1788 -22.27 96.19 -51.17
N ALA C 1789 -21.47 95.32 -51.80
CA ALA C 1789 -21.72 93.90 -51.75
C ALA C 1789 -21.56 93.36 -50.33
N GLY C 1790 -22.50 92.54 -49.90
CA GLY C 1790 -22.46 91.99 -48.56
C GLY C 1790 -21.35 90.95 -48.41
N VAL C 1791 -21.10 90.59 -47.14
CA VAL C 1791 -20.11 89.57 -46.84
C VAL C 1791 -20.57 88.23 -47.43
N ALA C 1792 -19.60 87.35 -47.73
CA ALA C 1792 -19.77 86.03 -48.34
C ALA C 1792 -20.36 86.10 -49.75
N GLU C 1793 -20.39 87.28 -50.38
CA GLU C 1793 -20.86 87.42 -51.74
C GLU C 1793 -19.85 88.22 -52.56
N ALA C 1794 -19.10 89.09 -51.89
CA ALA C 1794 -18.12 89.93 -52.56
C ALA C 1794 -16.95 89.07 -53.06
N PRO C 1795 -16.27 89.50 -54.13
CA PRO C 1795 -15.08 88.76 -54.60
C PRO C 1795 -13.98 88.74 -53.57
N ALA C 1796 -13.23 87.64 -53.57
CA ALA C 1796 -12.14 87.43 -52.62
C ALA C 1796 -11.05 88.49 -52.78
N ARG C 1797 -10.57 88.99 -51.64
CA ARG C 1797 -9.51 89.99 -51.65
C ARG C 1797 -8.20 89.38 -52.13
N LEU C 1798 -7.40 90.21 -52.78
CA LEU C 1798 -6.11 89.79 -53.28
C LEU C 1798 -5.01 90.21 -52.30
N SER C 1799 -3.82 89.67 -52.52
CA SER C 1799 -2.67 90.06 -51.70
C SER C 1799 -2.35 91.53 -51.92
N PRO C 1800 -2.02 92.26 -50.85
CA PRO C 1800 -1.58 93.65 -51.00
C PRO C 1800 -0.33 93.78 -51.87
N ALA C 1801 -0.35 94.77 -52.76
CA ALA C 1801 0.73 94.92 -53.72
C ALA C 1801 1.99 95.46 -53.05
N ILE C 1802 3.13 95.17 -53.66
CA ILE C 1802 4.42 95.71 -53.24
C ILE C 1802 5.33 95.74 -54.48
N PRO C 1803 6.14 96.82 -54.68
CA PRO C 1803 6.96 96.92 -55.89
C PRO C 1803 8.00 95.80 -55.97
N LEU C 1804 7.78 94.88 -56.90
CA LEU C 1804 8.61 93.69 -56.97
C LEU C 1804 9.96 93.96 -57.61
N GLU C 1805 10.04 94.85 -58.59
CA GLU C 1805 11.32 95.16 -59.23
C GLU C 1805 12.30 95.80 -58.23
N ALA C 1806 11.79 96.68 -57.38
CA ALA C 1806 12.60 97.27 -56.32
C ALA C 1806 12.92 96.23 -55.26
N LEU C 1807 11.93 95.40 -54.90
CA LEU C 1807 12.18 94.41 -53.86
C LEU C 1807 13.23 93.39 -54.30
N ARG C 1808 13.16 92.94 -55.56
CA ARG C 1808 14.13 91.97 -56.05
C ARG C 1808 15.53 92.58 -56.20
N ASP C 1809 15.62 93.87 -56.54
CA ASP C 1809 16.94 94.47 -56.65
C ASP C 1809 17.55 94.71 -55.27
N LYS C 1810 16.72 95.18 -54.32
CA LYS C 1810 17.21 95.41 -52.97
C LYS C 1810 17.61 94.09 -52.32
N ALA C 1811 16.86 93.02 -52.60
CA ALA C 1811 17.17 91.69 -52.07
C ALA C 1811 18.50 91.18 -52.61
N LEU C 1812 18.74 91.38 -53.92
CA LEU C 1812 20.01 90.96 -54.51
C LEU C 1812 21.16 91.75 -53.89
N ARG C 1813 20.95 93.05 -53.70
CA ARG C 1813 22.00 93.91 -53.15
C ARG C 1813 22.34 93.48 -51.73
N MET C 1814 21.31 93.18 -50.92
CA MET C 1814 21.53 92.74 -49.54
C MET C 1814 22.27 91.43 -49.50
N LEU C 1815 21.91 90.49 -50.40
CA LEU C 1815 22.63 89.22 -50.44
C LEU C 1815 24.09 89.41 -50.84
N GLY C 1816 24.37 90.33 -51.77
CA GLY C 1816 25.75 90.61 -52.15
C GLY C 1816 26.56 91.17 -51.00
N GLU C 1817 25.97 92.12 -50.27
CA GLU C 1817 26.65 92.69 -49.11
C GLU C 1817 26.85 91.63 -48.04
N ALA C 1818 25.86 90.75 -47.84
CA ALA C 1818 25.98 89.72 -46.82
C ALA C 1818 27.10 88.75 -47.15
N VAL C 1819 27.23 88.39 -48.45
CA VAL C 1819 28.28 87.47 -48.89
C VAL C 1819 29.65 88.06 -48.65
N ARG C 1820 29.83 89.34 -49.05
CA ARG C 1820 31.12 89.98 -48.83
C ARG C 1820 31.42 90.21 -47.35
N ASP C 1821 30.41 90.59 -46.57
CA ASP C 1821 30.61 90.79 -45.13
C ASP C 1821 30.97 89.48 -44.45
N GLY C 1822 30.31 88.38 -44.85
CA GLY C 1822 30.65 87.08 -44.30
C GLY C 1822 32.06 86.67 -44.67
N GLY C 1823 32.51 87.08 -45.87
CA GLY C 1823 33.88 86.79 -46.26
C GLY C 1823 34.89 87.52 -45.40
N GLN C 1824 34.57 88.77 -45.02
CA GLN C 1824 35.50 89.56 -44.21
C GLN C 1824 35.70 89.02 -42.79
N HIS C 1825 34.84 88.11 -42.32
CA HIS C 1825 34.87 87.53 -40.97
C HIS C 1825 34.83 88.60 -39.88
N ALA C 1826 33.95 89.58 -40.06
CA ALA C 1826 33.76 90.66 -39.10
C ALA C 1826 33.27 90.13 -37.75
N ARG C 1827 33.74 90.75 -36.67
CA ARG C 1827 33.36 90.32 -35.34
C ARG C 1827 31.93 90.70 -34.96
N ASP C 1828 31.26 91.53 -35.75
CA ASP C 1828 29.88 91.95 -35.48
C ASP C 1828 29.01 91.74 -36.72
N PRO C 1829 28.61 90.50 -36.99
CA PRO C 1829 27.74 90.24 -38.14
C PRO C 1829 26.37 90.88 -37.93
N VAL C 1830 25.72 91.21 -39.06
CA VAL C 1830 24.44 91.91 -39.05
C VAL C 1830 23.40 91.09 -38.30
N GLY C 1831 22.66 91.74 -37.42
CA GLY C 1831 21.64 91.06 -36.66
C GLY C 1831 22.15 90.32 -35.45
N GLY C 1832 23.46 90.28 -35.24
CA GLY C 1832 24.05 89.69 -34.06
C GLY C 1832 24.67 88.33 -34.29
N SER C 1833 24.34 87.65 -35.38
CA SER C 1833 24.94 86.37 -35.68
C SER C 1833 24.83 86.07 -37.17
N VAL C 1834 25.63 85.09 -37.60
CA VAL C 1834 25.67 84.67 -39.01
C VAL C 1834 24.30 84.16 -39.43
N GLU C 1835 23.65 83.39 -38.54
CA GLU C 1835 22.34 82.83 -38.84
C GLU C 1835 21.33 83.95 -39.05
N PHE C 1836 21.33 84.95 -38.15
CA PHE C 1836 20.42 86.07 -38.26
C PHE C 1836 20.76 86.98 -39.43
N GLN C 1837 21.94 86.82 -40.03
CA GLN C 1837 22.34 87.65 -41.14
C GLN C 1837 21.96 87.00 -42.46
N PHE C 1838 22.12 85.68 -42.56
CA PHE C 1838 21.89 84.95 -43.81
C PHE C 1838 20.53 84.30 -43.95
N VAL C 1839 19.99 83.64 -42.91
CA VAL C 1839 18.72 82.91 -43.05
C VAL C 1839 17.53 83.76 -43.50
N PRO C 1840 17.20 84.91 -42.86
CA PRO C 1840 16.05 85.69 -43.34
C PRO C 1840 16.17 86.19 -44.79
N VAL C 1841 17.39 86.57 -45.19
CA VAL C 1841 17.60 87.03 -46.57
C VAL C 1841 17.45 85.88 -47.54
N LEU C 1842 18.03 84.72 -47.20
CA LEU C 1842 17.91 83.57 -48.08
C LEU C 1842 16.46 83.10 -48.18
N LYS C 1843 15.66 83.33 -47.12
CA LYS C 1843 14.24 83.07 -47.19
C LYS C 1843 13.56 83.98 -48.21
N LEU C 1844 13.97 85.25 -48.23
CA LEU C 1844 13.35 86.20 -49.15
C LEU C 1844 13.74 85.88 -50.59
N VAL C 1845 15.01 85.49 -50.79
CA VAL C 1845 15.50 85.12 -52.12
C VAL C 1845 14.76 83.87 -52.60
N SER C 1846 14.59 82.88 -51.71
CA SER C 1846 13.93 81.64 -52.07
C SER C 1846 12.49 81.90 -52.47
N THR C 1847 11.81 82.79 -51.73
CA THR C 1847 10.43 83.12 -52.04
C THR C 1847 10.32 83.82 -53.40
N LEU C 1848 11.29 84.68 -53.71
CA LEU C 1848 11.20 85.38 -55.00
C LEU C 1848 11.51 84.44 -56.16
N LEU C 1849 12.43 83.49 -55.95
CA LEU C 1849 12.69 82.48 -56.97
C LEU C 1849 11.45 81.65 -57.24
N VAL C 1850 10.79 81.19 -56.17
CA VAL C 1850 9.62 80.32 -56.34
C VAL C 1850 8.51 81.10 -57.04
N MET C 1851 8.32 82.37 -56.66
CA MET C 1851 7.36 83.22 -57.36
C MET C 1851 7.79 83.56 -58.78
N GLY C 1852 9.04 83.30 -59.17
CA GLY C 1852 9.46 83.64 -60.52
C GLY C 1852 9.69 85.11 -60.77
N ILE C 1853 9.96 85.90 -59.71
CA ILE C 1853 10.17 87.33 -59.87
C ILE C 1853 11.46 87.60 -60.63
N PHE C 1854 12.52 86.84 -60.33
CA PHE C 1854 13.84 87.07 -60.90
C PHE C 1854 13.88 86.71 -62.38
N GLY C 1855 14.49 87.59 -63.17
CA GLY C 1855 14.74 87.32 -64.57
C GLY C 1855 16.03 86.53 -64.75
N ASP C 1856 16.35 86.25 -66.01
CA ASP C 1856 17.50 85.39 -66.34
C ASP C 1856 18.82 86.00 -65.89
N GLU C 1857 18.98 87.31 -66.05
CA GLU C 1857 20.20 87.98 -65.59
C GLU C 1857 20.34 87.88 -64.09
N ASP C 1858 19.24 88.07 -63.35
CA ASP C 1858 19.28 87.99 -61.90
C ASP C 1858 19.58 86.57 -61.46
N VAL C 1859 19.03 85.58 -62.17
CA VAL C 1859 19.28 84.19 -61.82
C VAL C 1859 20.75 83.87 -62.05
N LYS C 1860 21.34 84.44 -63.11
CA LYS C 1860 22.77 84.27 -63.36
C LYS C 1860 23.58 84.85 -62.22
N GLN C 1861 23.13 86.00 -61.68
CA GLN C 1861 23.80 86.63 -60.54
C GLN C 1861 23.76 85.70 -59.34
N ILE C 1862 22.57 85.13 -59.06
CA ILE C 1862 22.39 84.26 -57.88
C ILE C 1862 23.26 83.02 -58.01
N LEU C 1863 23.33 82.44 -59.22
CA LEU C 1863 24.20 81.30 -59.46
C LEU C 1863 25.67 81.66 -59.22
N LYS C 1864 26.06 82.88 -59.61
CA LYS C 1864 27.41 83.34 -59.29
C LYS C 1864 27.62 83.50 -57.78
N MET C 1865 26.59 83.91 -57.05
CA MET C 1865 26.73 84.09 -55.62
C MET C 1865 26.86 82.74 -54.92
N ILE C 1866 26.12 81.75 -55.40
CA ILE C 1866 26.20 80.40 -54.84
C ILE C 1866 27.54 79.76 -55.17
N GLU C 1867 27.96 79.84 -56.42
CA GLU C 1867 29.27 79.31 -56.84
C GLU C 1867 29.77 80.09 -58.04
N PRO C 1868 30.73 81.00 -57.84
CA PRO C 1868 31.17 81.87 -58.94
C PRO C 1868 32.10 81.21 -59.94
N GLU C 1869 32.47 79.94 -59.78
CA GLU C 1869 33.36 79.29 -60.72
C GLU C 1869 32.69 78.17 -61.52
N VAL C 1870 31.81 77.37 -60.89
CA VAL C 1870 31.12 76.30 -61.59
C VAL C 1870 30.14 76.87 -62.62
N PHE C 1871 29.44 77.94 -62.25
CA PHE C 1871 28.37 78.50 -63.05
C PHE C 1871 28.83 79.61 -64.00
N THR C 1872 30.10 79.59 -64.40
CA THR C 1872 30.60 80.56 -65.37
C THR C 1872 30.13 80.18 -66.76
N GLU C 1873 29.40 81.09 -67.40
CA GLU C 1873 28.93 80.86 -68.75
C GLU C 1873 30.04 81.17 -69.75
N GLU C 1874 30.11 80.37 -70.81
CA GLU C 1874 31.12 80.54 -71.85
C GLU C 1874 30.71 79.80 -73.12
N LEU C 1922 36.27 89.20 -50.90
CA LEU C 1922 36.68 88.02 -51.64
C LEU C 1922 35.51 87.49 -52.47
N GLU C 1923 35.83 86.92 -53.63
CA GLU C 1923 34.84 86.38 -54.55
C GLU C 1923 34.61 84.89 -54.32
N GLU C 1924 34.37 84.53 -53.06
CA GLU C 1924 34.13 83.15 -52.68
C GLU C 1924 32.64 82.92 -52.51
N GLY C 1925 32.17 81.77 -52.96
CA GLY C 1925 30.75 81.49 -53.00
C GLY C 1925 30.20 81.11 -51.65
N LEU C 1926 28.88 80.92 -51.62
CA LEU C 1926 28.17 80.56 -50.41
C LEU C 1926 28.44 79.13 -49.96
N LEU C 1927 29.07 78.31 -50.78
CA LEU C 1927 29.32 76.91 -50.46
C LEU C 1927 30.68 76.68 -49.84
N GLN C 1928 31.34 77.75 -49.35
CA GLN C 1928 32.64 77.59 -48.70
C GLN C 1928 32.78 78.44 -47.44
N MET C 1929 31.69 79.01 -46.91
CA MET C 1929 31.81 79.99 -45.85
C MET C 1929 31.68 79.41 -44.45
N LYS C 1930 31.58 78.08 -44.32
CA LYS C 1930 31.41 77.36 -43.05
C LYS C 1930 30.16 77.87 -42.32
N LEU C 1931 29.03 77.66 -42.98
CA LEU C 1931 27.75 78.12 -42.49
C LEU C 1931 27.20 77.23 -41.38
N PRO C 1932 26.31 77.77 -40.53
CA PRO C 1932 25.64 76.92 -39.54
C PRO C 1932 24.57 76.05 -40.19
N GLU C 1933 23.91 75.21 -39.39
CA GLU C 1933 22.89 74.29 -39.90
C GLU C 1933 21.69 75.02 -40.49
N SER C 1934 21.26 76.11 -39.86
CA SER C 1934 20.07 76.84 -40.28
C SER C 1934 20.21 77.42 -41.69
N VAL C 1935 21.38 77.97 -42.01
CA VAL C 1935 21.63 78.52 -43.34
C VAL C 1935 21.67 77.42 -44.40
N LYS C 1936 22.22 76.26 -44.02
CA LYS C 1936 22.29 75.10 -44.92
C LYS C 1936 20.92 74.65 -45.40
N LEU C 1937 19.90 74.78 -44.55
CA LEU C 1937 18.54 74.43 -44.96
C LEU C 1937 18.04 75.33 -46.09
N GLN C 1938 18.31 76.63 -46.00
CA GLN C 1938 17.87 77.52 -47.06
C GLN C 1938 18.69 77.29 -48.32
N MET C 1939 19.95 76.88 -48.16
CA MET C 1939 20.77 76.57 -49.32
C MET C 1939 20.19 75.37 -50.06
N CYS C 1940 19.72 74.38 -49.29
CA CYS C 1940 19.09 73.21 -49.89
C CYS C 1940 17.80 73.59 -50.60
N ASN C 1941 17.05 74.55 -50.04
CA ASN C 1941 15.82 75.01 -50.70
C ASN C 1941 16.11 75.72 -52.02
N LEU C 1942 17.26 76.39 -52.09
CA LEU C 1942 17.68 77.04 -53.34
C LEU C 1942 18.06 76.01 -54.39
N LEU C 1943 18.87 75.03 -53.98
CA LEU C 1943 19.27 74.00 -54.93
C LEU C 1943 18.07 73.15 -55.35
N GLU C 1944 17.12 72.91 -54.44
CA GLU C 1944 15.91 72.19 -54.79
C GLU C 1944 15.06 72.95 -55.79
N TYR C 1945 15.18 74.29 -55.80
CA TYR C 1945 14.49 75.05 -56.83
C TYR C 1945 15.18 74.92 -58.17
N PHE C 1946 16.52 74.91 -58.17
CA PHE C 1946 17.20 74.81 -59.46
C PHE C 1946 17.07 73.41 -60.03
N CYS C 1947 17.00 72.40 -59.16
CA CYS C 1947 16.76 71.03 -59.61
C CYS C 1947 15.37 70.91 -60.23
N ASP C 1948 14.37 71.55 -59.62
CA ASP C 1948 13.03 71.52 -60.21
C ASP C 1948 13.02 72.21 -61.57
N GLN C 1949 13.72 73.34 -61.70
CA GLN C 1949 13.80 74.01 -62.98
C GLN C 1949 14.52 73.18 -64.05
N GLU C 1950 15.51 72.38 -63.62
CA GLU C 1950 16.14 71.41 -64.52
C GLU C 1950 15.15 70.33 -64.97
N LEU C 1951 14.32 69.84 -64.04
CA LEU C 1951 13.37 68.79 -64.37
C LEU C 1951 12.34 69.31 -65.36
N GLN C 1952 11.79 70.51 -65.10
CA GLN C 1952 10.83 71.10 -66.00
C GLN C 1952 11.45 71.37 -67.37
N HIS C 1953 12.76 71.72 -67.39
CA HIS C 1953 13.45 71.93 -68.67
C HIS C 1953 13.50 70.64 -69.47
N ARG C 1954 13.74 69.52 -68.77
CA ARG C 1954 13.75 68.21 -69.43
C ARG C 1954 12.39 67.88 -70.02
N VAL C 1955 11.34 68.07 -69.22
CA VAL C 1955 9.97 67.74 -69.65
C VAL C 1955 9.56 68.59 -70.86
N GLU C 1956 9.89 69.89 -70.83
CA GLU C 1956 9.61 70.76 -71.98
C GLU C 1956 10.40 70.35 -73.22
N SER C 1957 11.66 69.95 -73.05
CA SER C 1957 12.46 69.47 -74.17
C SER C 1957 11.85 68.21 -74.78
N LEU C 1958 11.39 67.30 -73.92
CA LEU C 1958 10.73 66.07 -74.37
C LEU C 1958 9.45 66.38 -75.13
N ALA C 1959 8.67 67.34 -74.64
CA ALA C 1959 7.45 67.75 -75.34
C ALA C 1959 7.74 68.37 -76.70
N ALA C 1960 8.82 69.17 -76.80
CA ALA C 1960 9.23 69.72 -78.08
C ALA C 1960 9.63 68.63 -79.06
N PHE C 1961 10.37 67.62 -78.56
CA PHE C 1961 10.76 66.52 -79.42
C PHE C 1961 9.54 65.75 -79.88
N ALA C 1962 8.55 65.59 -78.99
CA ALA C 1962 7.31 64.94 -79.37
C ALA C 1962 6.56 65.73 -80.44
N GLU C 1963 6.66 67.06 -80.38
CA GLU C 1963 6.04 67.93 -81.38
C GLU C 1963 6.62 67.67 -82.76
N ARG C 1964 7.95 67.56 -82.85
CA ARG C 1964 8.55 67.32 -84.15
C ARG C 1964 8.40 65.87 -84.61
N TYR C 1965 8.50 64.94 -83.67
CA TYR C 1965 8.52 63.52 -84.00
C TYR C 1965 7.16 63.02 -84.43
N VAL C 1966 6.08 63.55 -83.84
CA VAL C 1966 4.75 63.12 -84.26
C VAL C 1966 4.47 63.59 -85.68
N ASP C 1967 4.92 64.81 -86.03
CA ASP C 1967 4.71 65.34 -87.37
C ASP C 1967 5.39 64.49 -88.43
N LYS C 1968 6.66 64.13 -88.18
CA LYS C 1968 7.37 63.25 -89.13
C LYS C 1968 6.77 61.85 -89.16
N LEU C 1969 6.40 61.30 -88.01
CA LEU C 1969 5.90 59.93 -87.96
C LEU C 1969 4.52 59.82 -88.61
N GLN C 1970 3.67 60.84 -88.40
CA GLN C 1970 2.36 60.88 -89.03
C GLN C 1970 2.49 60.99 -90.54
N ALA C 1971 3.43 61.82 -91.01
CA ALA C 1971 3.61 61.97 -92.46
C ALA C 1971 4.08 60.66 -93.08
N ASN C 1972 5.04 59.98 -92.42
CA ASN C 1972 5.57 58.73 -92.92
C ASN C 1972 4.49 57.64 -92.97
N GLN C 1973 3.69 57.53 -91.91
CA GLN C 1973 2.62 56.53 -91.86
C GLN C 1973 1.50 56.84 -92.85
N ARG C 1974 1.29 58.13 -93.16
CA ARG C 1974 0.30 58.49 -94.18
C ARG C 1974 0.80 58.08 -95.56
N SER C 1975 2.07 58.37 -95.85
CA SER C 1975 2.63 58.02 -97.15
C SER C 1975 2.64 56.49 -97.31
N ARG C 1976 3.01 55.76 -96.25
CA ARG C 1976 2.96 54.30 -96.32
C ARG C 1976 1.53 53.78 -96.47
N TYR C 1977 0.52 54.56 -96.06
CA TYR C 1977 -0.85 54.16 -96.31
C TYR C 1977 -1.18 54.32 -97.79
N ALA C 1978 -0.69 55.40 -98.39
CA ALA C 1978 -0.88 55.62 -99.82
C ALA C 1978 -0.20 54.52 -100.63
N LEU C 1979 1.01 54.12 -100.21
CA LEU C 1979 1.69 52.99 -100.86
C LEU C 1979 0.91 51.70 -100.67
N LEU C 1980 0.28 51.51 -99.50
CA LEU C 1980 -0.53 50.31 -99.31
C LEU C 1980 -1.79 50.34 -100.15
N MET C 1981 -2.23 51.54 -100.57
CA MET C 1981 -3.42 51.61 -101.41
C MET C 1981 -3.17 50.97 -102.77
N ARG C 1982 -1.95 51.11 -103.31
CA ARG C 1982 -1.58 50.43 -104.54
C ARG C 1982 -0.81 49.13 -104.31
N ALA C 1983 -0.67 48.68 -103.06
CA ALA C 1983 0.16 47.50 -102.78
C ALA C 1983 -0.45 46.21 -103.33
N PHE C 1984 -1.80 46.16 -103.45
CA PHE C 1984 -2.50 44.95 -103.86
C PHE C 1984 -2.09 44.49 -105.25
N THR C 1985 -1.68 45.42 -106.12
CA THR C 1985 -1.34 45.08 -107.49
C THR C 1985 -0.10 44.21 -107.55
N MET C 1986 0.91 44.54 -106.74
CA MET C 1986 2.16 43.79 -106.71
C MET C 1986 2.25 42.84 -105.51
N SER C 1987 1.14 42.63 -104.79
CA SER C 1987 1.20 41.78 -103.61
C SER C 1987 0.11 40.73 -103.63
N ALA C 1988 -0.07 40.03 -102.52
CA ALA C 1988 -1.01 38.92 -102.39
C ALA C 1988 -1.52 38.93 -100.96
N ALA C 1989 -2.05 37.78 -100.50
CA ALA C 1989 -2.65 37.62 -99.17
C ALA C 1989 -1.78 38.01 -97.98
N GLU C 1990 -0.48 38.29 -98.16
CA GLU C 1990 0.39 38.73 -97.09
C GLU C 1990 0.15 40.19 -96.66
N THR C 1991 -0.79 40.90 -97.27
CA THR C 1991 -1.10 42.29 -96.93
C THR C 1991 -1.67 42.49 -95.53
N ALA C 1992 -2.10 41.42 -94.85
CA ALA C 1992 -2.69 41.56 -93.52
C ALA C 1992 -1.71 42.15 -92.52
N ARG C 1993 -0.45 41.69 -92.57
CA ARG C 1993 0.56 42.16 -91.62
C ARG C 1993 0.85 43.66 -91.81
N ARG C 1994 0.93 44.13 -93.07
CA ARG C 1994 1.23 45.53 -93.29
C ARG C 1994 0.01 46.41 -93.04
N THR C 1995 -1.21 45.92 -93.33
CA THR C 1995 -2.40 46.72 -93.06
C THR C 1995 -2.88 46.60 -91.62
N ARG C 1996 -2.18 45.78 -90.82
CA ARG C 1996 -2.54 45.64 -89.41
C ARG C 1996 -2.33 46.95 -88.69
N GLU C 1997 -1.25 47.67 -89.00
CA GLU C 1997 -0.94 48.92 -88.31
C GLU C 1997 -2.05 49.94 -88.56
N PHE C 1998 -2.46 50.09 -89.82
CA PHE C 1998 -3.56 50.98 -90.16
C PHE C 1998 -4.92 50.47 -89.68
N ARG C 1999 -5.01 49.21 -89.26
CA ARG C 1999 -6.23 48.68 -88.66
C ARG C 1999 -6.07 48.52 -87.15
N SER C 2000 -5.01 49.06 -86.61
CA SER C 2000 -4.81 48.95 -85.18
C SER C 2000 -5.05 50.30 -84.52
N PRO C 2001 -5.56 50.31 -83.29
CA PRO C 2001 -5.88 51.57 -82.63
C PRO C 2001 -4.63 52.39 -82.36
N PRO C 2002 -4.75 53.73 -82.35
CA PRO C 2002 -3.55 54.60 -82.28
C PRO C 2002 -2.73 54.42 -81.03
N GLN C 2003 -3.35 53.92 -79.95
CA GLN C 2003 -2.66 53.74 -78.68
C GLN C 2003 -1.50 52.76 -78.84
N GLU C 2004 -1.65 51.76 -79.72
CA GLU C 2004 -0.61 50.77 -79.93
C GLU C 2004 0.05 50.87 -81.30
N GLN C 2005 -0.51 51.65 -82.25
CA GLN C 2005 0.21 51.93 -83.49
C GLN C 2005 1.59 52.52 -83.19
N ILE C 2006 1.63 53.47 -82.25
CA ILE C 2006 2.89 54.03 -81.81
C ILE C 2006 3.73 52.98 -81.10
N ASN C 2007 3.10 52.06 -80.36
CA ASN C 2007 3.84 51.01 -79.66
C ASN C 2007 4.68 50.19 -80.64
N MET C 2008 4.03 49.69 -81.71
CA MET C 2008 4.80 48.99 -82.75
C MET C 2008 5.77 49.93 -83.47
N LEU C 2009 5.37 51.17 -83.73
CA LEU C 2009 6.25 52.12 -84.43
C LEU C 2009 7.51 52.44 -83.63
N LEU C 2010 7.41 52.49 -82.30
CA LEU C 2010 8.52 52.77 -81.42
C LEU C 2010 9.18 51.51 -80.89
N HIS C 2011 8.73 50.34 -81.35
CA HIS C 2011 9.19 49.07 -80.77
C HIS C 2011 10.44 48.58 -81.48
N PHE C 2012 11.50 49.39 -81.40
CA PHE C 2012 12.77 49.05 -82.03
C PHE C 2012 13.96 49.46 -81.17
N LYS C 2013 13.80 49.47 -79.85
CA LYS C 2013 14.89 49.89 -78.98
C LYS C 2013 15.99 48.83 -78.90
N ASP C 2014 15.63 47.57 -78.81
CA ASP C 2014 16.56 46.51 -78.46
C ASP C 2014 17.24 45.88 -79.66
N GLU C 2015 16.95 46.36 -80.89
CA GLU C 2015 17.53 45.96 -82.18
C GLU C 2015 17.16 44.56 -82.64
N ALA C 2016 16.40 43.79 -81.85
CA ALA C 2016 16.03 42.43 -82.21
C ALA C 2016 14.60 42.32 -82.71
N ASP C 2017 13.95 43.45 -83.00
CA ASP C 2017 12.58 43.43 -83.49
C ASP C 2017 12.34 44.52 -84.54
N GLU C 2018 13.36 44.85 -85.33
CA GLU C 2018 13.25 45.88 -86.36
C GLU C 2018 12.26 45.52 -87.47
N GLU C 2019 12.01 44.23 -87.69
CA GLU C 2019 11.14 43.79 -88.78
C GLU C 2019 9.70 44.26 -88.58
N ASP C 2020 9.24 44.38 -87.33
CA ASP C 2020 7.90 44.91 -87.10
C ASP C 2020 7.86 46.41 -87.34
N CYS C 2021 8.97 47.10 -87.09
CA CYS C 2021 9.02 48.55 -87.24
C CYS C 2021 9.10 48.93 -88.71
N PRO C 2022 8.14 49.70 -89.24
CA PRO C 2022 8.23 50.17 -90.62
C PRO C 2022 8.93 51.51 -90.81
N LEU C 2023 9.64 52.01 -89.80
CA LEU C 2023 10.19 53.35 -89.96
C LEU C 2023 11.53 53.30 -90.69
N PRO C 2024 11.79 54.31 -91.51
CA PRO C 2024 13.12 54.45 -92.10
C PRO C 2024 14.19 54.77 -91.07
N GLU C 2025 15.43 54.42 -91.44
CA GLU C 2025 16.56 54.49 -90.52
C GLU C 2025 16.89 55.92 -90.11
N ASP C 2026 16.56 56.93 -90.93
CA ASP C 2026 16.80 58.31 -90.52
C ASP C 2026 15.95 58.69 -89.31
N ILE C 2027 14.67 58.30 -89.31
CA ILE C 2027 13.78 58.48 -88.16
C ILE C 2027 14.26 57.63 -86.98
N ARG C 2028 14.67 56.39 -87.26
CA ARG C 2028 15.18 55.53 -86.19
C ARG C 2028 16.45 56.11 -85.55
N GLN C 2029 17.35 56.66 -86.37
CA GLN C 2029 18.54 57.32 -85.83
C GLN C 2029 18.18 58.60 -85.09
N ASP C 2030 17.08 59.25 -85.50
CA ASP C 2030 16.64 60.48 -84.84
C ASP C 2030 16.26 60.18 -83.40
N LEU C 2031 15.39 59.18 -83.22
CA LEU C 2031 14.97 58.79 -81.87
C LEU C 2031 16.14 58.23 -81.06
N GLN C 2032 16.96 57.36 -81.67
CA GLN C 2032 18.12 56.81 -80.97
C GLN C 2032 19.21 57.83 -80.69
N ASP C 2033 19.13 59.03 -81.27
CA ASP C 2033 19.98 60.18 -80.94
C ASP C 2033 19.40 60.94 -79.76
N PHE C 2034 18.09 61.22 -79.83
CA PHE C 2034 17.46 61.98 -78.76
C PHE C 2034 17.43 61.19 -77.46
N HIS C 2035 17.39 59.85 -77.54
CA HIS C 2035 17.48 59.05 -76.34
C HIS C 2035 18.85 59.20 -75.70
N GLN C 2036 19.89 59.25 -76.54
CA GLN C 2036 21.26 59.23 -76.04
C GLN C 2036 21.59 60.55 -75.33
N ASP C 2037 21.29 61.68 -75.99
CA ASP C 2037 21.57 62.93 -75.29
C ASP C 2037 20.59 63.18 -74.15
N LEU C 2038 19.39 62.60 -74.19
CA LEU C 2038 18.50 62.67 -73.01
C LEU C 2038 19.11 61.98 -71.81
N LEU C 2039 19.69 60.78 -72.01
CA LEU C 2039 20.43 60.10 -70.95
C LEU C 2039 21.64 60.91 -70.51
N ALA C 2040 22.32 61.56 -71.46
CA ALA C 2040 23.45 62.42 -71.09
C ALA C 2040 23.00 63.61 -70.24
N HIS C 2041 21.90 64.26 -70.63
CA HIS C 2041 21.39 65.39 -69.87
C HIS C 2041 20.85 64.96 -68.52
N CYS C 2042 20.46 63.69 -68.38
CA CYS C 2042 20.10 63.14 -67.08
C CYS C 2042 21.30 62.51 -66.39
N GLY C 2043 22.49 62.66 -66.97
CA GLY C 2043 23.72 62.20 -66.34
C GLY C 2043 23.83 60.71 -66.14
N ILE C 2044 23.41 59.92 -67.12
CA ILE C 2044 23.52 58.47 -67.01
C ILE C 2044 24.95 58.03 -67.30
N GLN C 2045 25.43 58.30 -68.51
CA GLN C 2045 26.79 57.98 -68.91
C GLN C 2045 27.09 58.79 -70.17
N LEU C 2046 28.37 58.92 -70.48
CA LEU C 2046 28.81 59.66 -71.66
C LEU C 2046 30.03 58.98 -72.28
N GLU C 2088 40.54 66.26 -61.07
CA GLU C 2088 39.22 66.57 -61.59
C GLU C 2088 38.26 67.00 -60.46
N LYS C 2089 38.69 68.00 -59.70
CA LYS C 2089 37.88 68.51 -58.60
C LYS C 2089 36.78 69.45 -59.07
N LYS C 2090 36.72 69.76 -60.36
CA LYS C 2090 35.69 70.63 -60.90
C LYS C 2090 34.37 69.86 -60.97
N PRO C 2091 33.32 70.32 -60.27
CA PRO C 2091 32.01 69.65 -60.40
C PRO C 2091 31.44 69.65 -61.81
N GLN C 2092 31.64 70.75 -62.57
CA GLN C 2092 31.32 70.89 -64.00
C GLN C 2092 29.83 70.90 -64.31
N SER C 2093 28.97 70.68 -63.32
CA SER C 2093 27.52 70.61 -63.51
C SER C 2093 26.84 70.67 -62.16
N LEU C 2094 25.55 71.01 -62.22
CA LEU C 2094 24.74 71.13 -61.01
C LEU C 2094 24.59 69.80 -60.28
N GLN C 2095 24.39 68.71 -61.03
CA GLN C 2095 24.19 67.40 -60.43
C GLN C 2095 25.38 66.93 -59.63
N GLU C 2096 26.59 67.13 -60.17
CA GLU C 2096 27.79 66.73 -59.45
C GLU C 2096 28.09 67.72 -58.34
N LEU C 2097 27.71 68.99 -58.53
CA LEU C 2097 27.95 70.01 -57.52
C LEU C 2097 27.14 69.68 -56.27
N VAL C 2098 25.84 69.43 -56.45
CA VAL C 2098 24.94 69.15 -55.33
C VAL C 2098 25.35 67.86 -54.64
N SER C 2099 25.63 66.80 -55.43
CA SER C 2099 25.98 65.51 -54.86
C SER C 2099 27.24 65.56 -54.01
N HIS C 2100 28.27 66.27 -54.50
CA HIS C 2100 29.50 66.42 -53.73
CA HIS C 2100 29.49 66.41 -53.73
C HIS C 2100 29.30 67.36 -52.54
N MET C 2101 28.50 68.41 -52.72
CA MET C 2101 28.25 69.38 -51.67
C MET C 2101 27.56 68.70 -50.50
N VAL C 2102 26.56 67.87 -50.80
CA VAL C 2102 25.80 67.15 -49.79
C VAL C 2102 26.71 66.19 -49.04
N VAL C 2103 27.53 65.43 -49.78
CA VAL C 2103 28.38 64.44 -49.13
C VAL C 2103 29.43 65.14 -48.26
N ARG C 2104 30.01 66.25 -48.75
CA ARG C 2104 31.00 67.00 -48.00
C ARG C 2104 30.42 67.54 -46.69
N TRP C 2105 29.18 68.06 -46.74
CA TRP C 2105 28.52 68.51 -45.51
C TRP C 2105 28.30 67.36 -44.56
N ALA C 2106 27.90 66.21 -45.10
CA ALA C 2106 27.55 65.09 -44.24
C ALA C 2106 28.79 64.55 -43.53
N GLN C 2107 29.93 64.49 -44.24
CA GLN C 2107 31.14 63.93 -43.65
C GLN C 2107 32.02 65.00 -43.00
N GLU C 2108 31.56 66.25 -42.92
CA GLU C 2108 32.32 67.23 -42.16
C GLU C 2108 31.93 67.31 -40.70
N ASP C 2109 30.66 67.05 -40.37
CA ASP C 2109 30.19 67.09 -38.99
C ASP C 2109 28.85 66.39 -38.90
N TYR C 2110 28.58 65.81 -37.73
CA TYR C 2110 27.32 65.15 -37.46
C TYR C 2110 26.18 66.17 -37.49
N VAL C 2111 25.36 66.09 -38.53
CA VAL C 2111 24.27 67.04 -38.73
C VAL C 2111 23.17 66.78 -37.72
N GLN C 2112 22.77 67.81 -37.00
CA GLN C 2112 21.85 67.63 -35.89
C GLN C 2112 20.39 67.91 -36.25
N SER C 2113 20.12 68.68 -37.30
CA SER C 2113 18.75 69.06 -37.62
C SER C 2113 18.11 67.98 -38.49
N PRO C 2114 17.06 67.31 -38.01
CA PRO C 2114 16.38 66.29 -38.84
C PRO C 2114 15.78 66.83 -40.12
N GLU C 2115 15.35 68.10 -40.13
CA GLU C 2115 14.79 68.67 -41.35
C GLU C 2115 15.91 68.99 -42.33
N LEU C 2116 17.11 69.25 -41.82
CA LEU C 2116 18.23 69.50 -42.72
C LEU C 2116 18.67 68.18 -43.32
N VAL C 2117 18.72 67.13 -42.48
CA VAL C 2117 19.17 65.81 -42.93
C VAL C 2117 18.25 65.29 -44.03
N ARG C 2118 16.93 65.43 -43.80
CA ARG C 2118 15.95 65.03 -44.81
C ARG C 2118 16.08 65.87 -46.07
N ALA C 2119 16.34 67.18 -45.90
CA ALA C 2119 16.42 68.08 -47.04
C ALA C 2119 17.62 67.73 -47.92
N MET C 2120 18.77 67.41 -47.32
CA MET C 2120 19.93 67.12 -48.14
C MET C 2120 19.84 65.74 -48.75
N PHE C 2121 19.29 64.75 -48.03
CA PHE C 2121 19.23 63.42 -48.62
C PHE C 2121 18.17 63.31 -49.70
N SER C 2122 17.12 64.16 -49.65
CA SER C 2122 16.19 64.22 -50.78
C SER C 2122 16.89 64.74 -52.02
N LEU C 2123 17.75 65.76 -51.85
CA LEU C 2123 18.52 66.30 -52.97
C LEU C 2123 19.44 65.25 -53.53
N LEU C 2124 20.14 64.52 -52.64
CA LEU C 2124 21.14 63.55 -53.09
C LEU C 2124 20.49 62.44 -53.89
N HIS C 2125 19.31 61.99 -53.43
CA HIS C 2125 18.58 60.96 -54.15
C HIS C 2125 18.16 61.46 -55.51
N ARG C 2126 17.74 62.73 -55.59
CA ARG C 2126 17.33 63.28 -56.89
C ARG C 2126 18.49 63.37 -57.86
N GLN C 2127 19.68 63.74 -57.36
CA GLN C 2127 20.82 63.89 -58.27
C GLN C 2127 21.24 62.54 -58.83
N TYR C 2128 21.39 61.55 -57.96
CA TYR C 2128 21.80 60.23 -58.45
C TYR C 2128 20.73 59.58 -59.32
N ASP C 2129 19.47 59.63 -58.91
CA ASP C 2129 18.40 59.00 -59.68
C ASP C 2129 17.74 60.03 -60.59
N GLY C 2130 18.54 60.51 -61.54
CA GLY C 2130 18.07 61.51 -62.49
C GLY C 2130 16.94 61.01 -63.39
N LEU C 2131 17.08 59.77 -63.89
CA LEU C 2131 16.06 59.21 -64.76
C LEU C 2131 14.76 58.95 -64.01
N GLY C 2132 14.85 58.38 -62.80
CA GLY C 2132 13.67 58.02 -62.03
C GLY C 2132 12.79 59.21 -61.68
N GLU C 2133 13.41 60.35 -61.36
CA GLU C 2133 12.65 61.56 -61.09
C GLU C 2133 11.86 62.02 -62.31
N LEU C 2134 12.48 61.92 -63.50
CA LEU C 2134 11.74 62.24 -64.73
C LEU C 2134 10.63 61.23 -64.94
N LEU C 2135 10.87 59.96 -64.57
CA LEU C 2135 9.87 58.92 -64.73
C LEU C 2135 8.66 59.21 -63.86
N ARG C 2136 8.91 59.67 -62.62
CA ARG C 2136 7.81 59.99 -61.73
C ARG C 2136 7.22 61.36 -61.99
N ALA C 2137 7.83 62.14 -62.88
CA ALA C 2137 7.30 63.45 -63.24
C ALA C 2137 6.46 63.38 -64.51
N LEU C 2138 6.73 62.40 -65.36
CA LEU C 2138 5.95 62.23 -66.59
C LEU C 2138 4.44 62.04 -66.43
N PRO C 2139 3.90 61.27 -65.44
CA PRO C 2139 2.42 61.13 -65.37
C PRO C 2139 1.63 62.42 -65.24
N ARG C 2140 2.23 63.48 -64.70
CA ARG C 2140 1.57 64.76 -64.59
C ARG C 2140 1.90 65.69 -65.75
N ALA C 2141 2.66 65.22 -66.74
CA ALA C 2141 2.91 66.02 -67.91
C ALA C 2141 1.77 65.87 -68.90
N TYR C 2142 1.52 66.93 -69.67
CA TYR C 2142 0.40 66.93 -70.61
C TYR C 2142 0.64 68.02 -71.64
N THR C 2143 0.18 67.78 -72.85
CA THR C 2143 0.31 68.73 -73.94
C THR C 2143 -1.07 69.14 -74.43
N ILE C 2144 -1.23 70.43 -74.70
CA ILE C 2144 -2.51 70.98 -75.13
C ILE C 2144 -2.32 71.80 -76.40
N SER C 2145 -3.42 72.01 -77.08
CA SER C 2145 -3.49 72.86 -78.26
C SER C 2145 -3.50 74.33 -77.84
N PRO C 2146 -2.82 75.20 -78.60
CA PRO C 2146 -2.80 76.64 -78.25
C PRO C 2146 -4.16 77.32 -78.31
N SER C 2147 -5.16 76.72 -78.94
CA SER C 2147 -6.48 77.33 -79.07
C SER C 2147 -7.28 77.35 -77.77
N SER C 2148 -6.81 76.70 -76.70
CA SER C 2148 -7.54 76.65 -75.44
C SER C 2148 -6.68 77.03 -74.25
N VAL C 2149 -5.66 77.85 -74.47
CA VAL C 2149 -4.78 78.25 -73.37
C VAL C 2149 -5.50 79.18 -72.39
N GLU C 2150 -6.25 80.16 -72.89
CA GLU C 2150 -6.92 81.09 -71.99
C GLU C 2150 -8.08 80.43 -71.22
N ASP C 2151 -8.63 79.33 -71.73
CA ASP C 2151 -9.57 78.54 -70.93
C ASP C 2151 -8.84 77.67 -69.91
N THR C 2152 -7.63 77.22 -70.27
CA THR C 2152 -6.80 76.47 -69.34
C THR C 2152 -6.38 77.35 -68.18
N MET C 2153 -6.08 78.63 -68.47
CA MET C 2153 -5.74 79.59 -67.43
C MET C 2153 -6.84 79.69 -66.39
N SER C 2154 -8.09 79.95 -66.82
CA SER C 2154 -9.22 80.05 -65.91
C SER C 2154 -9.50 78.74 -65.17
N LEU C 2155 -9.11 77.62 -65.78
CA LEU C 2155 -9.22 76.34 -65.09
C LEU C 2155 -8.19 76.25 -63.98
N LEU C 2156 -6.96 76.67 -64.27
CA LEU C 2156 -5.91 76.59 -63.26
C LEU C 2156 -6.18 77.56 -62.12
N GLU C 2157 -6.71 78.75 -62.42
CA GLU C 2157 -7.12 79.70 -61.36
C GLU C 2157 -8.18 79.09 -60.45
N CYS C 2158 -9.23 78.51 -61.03
CA CYS C 2158 -10.26 77.90 -60.18
C CYS C 2158 -9.74 76.68 -59.44
N LEU C 2159 -8.79 75.94 -60.03
CA LEU C 2159 -8.14 74.85 -59.31
C LEU C 2159 -7.33 75.39 -58.13
N GLY C 2160 -6.66 76.54 -58.32
CA GLY C 2160 -5.92 77.13 -57.23
C GLY C 2160 -6.85 77.56 -56.10
N GLN C 2161 -8.04 78.04 -56.47
CA GLN C 2161 -9.04 78.41 -55.47
C GLN C 2161 -9.47 77.19 -54.68
N ILE C 2162 -9.62 76.04 -55.36
CA ILE C 2162 -10.03 74.83 -54.67
C ILE C 2162 -8.91 74.35 -53.74
N ARG C 2163 -7.68 74.30 -54.26
CA ARG C 2163 -6.53 73.81 -53.50
C ARG C 2163 -6.27 74.66 -52.27
N SER C 2164 -6.51 75.98 -52.37
CA SER C 2164 -6.28 76.85 -51.23
C SER C 2164 -7.28 76.64 -50.10
N LEU C 2165 -8.35 75.88 -50.31
CA LEU C 2165 -9.31 75.59 -49.27
C LEU C 2165 -9.00 74.32 -48.49
N LEU C 2166 -7.90 73.63 -48.81
CA LEU C 2166 -7.54 72.44 -48.06
C LEU C 2166 -6.97 72.76 -46.68
N ILE C 2167 -6.48 73.97 -46.45
CA ILE C 2167 -5.75 74.29 -45.24
C ILE C 2167 -6.49 75.32 -44.39
N VAL C 2168 -7.77 75.54 -44.64
CA VAL C 2168 -8.54 76.55 -43.93
C VAL C 2168 -9.85 75.93 -43.45
N GLN C 2169 -10.25 76.24 -42.22
CA GLN C 2169 -11.56 75.85 -41.74
C GLN C 2169 -12.61 76.60 -42.54
N MET C 2170 -13.56 75.86 -43.10
CA MET C 2170 -14.53 76.44 -44.02
C MET C 2170 -15.53 77.35 -43.32
N GLY C 2171 -15.79 78.49 -43.94
CA GLY C 2171 -16.79 79.42 -43.49
C GLY C 2171 -17.66 79.87 -44.65
N PRO C 2172 -18.69 80.66 -44.34
CA PRO C 2172 -19.63 81.13 -45.37
C PRO C 2172 -18.98 81.93 -46.51
N GLN C 2173 -17.91 82.66 -46.21
CA GLN C 2173 -17.18 83.37 -47.26
C GLN C 2173 -16.53 82.38 -48.23
N GLU C 2174 -15.88 81.34 -47.72
CA GLU C 2174 -15.21 80.39 -48.61
C GLU C 2174 -16.21 79.51 -49.35
N GLU C 2175 -17.37 79.25 -48.74
CA GLU C 2175 -18.37 78.39 -49.36
C GLU C 2175 -18.84 78.97 -50.69
N ASN C 2176 -19.15 80.28 -50.71
CA ASN C 2176 -19.54 80.90 -51.97
C ASN C 2176 -18.35 81.09 -52.90
N LEU C 2177 -17.13 80.97 -52.38
CA LEU C 2177 -15.95 81.06 -53.22
C LEU C 2177 -15.86 79.80 -54.05
N MET C 2178 -16.09 78.66 -53.41
CA MET C 2178 -15.90 77.41 -54.13
C MET C 2178 -17.12 77.01 -54.93
N ILE C 2179 -18.34 77.43 -54.56
CA ILE C 2179 -19.50 77.13 -55.40
C ILE C 2179 -19.35 77.76 -56.78
N GLN C 2180 -18.90 79.02 -56.84
CA GLN C 2180 -18.61 79.63 -58.13
C GLN C 2180 -17.32 79.11 -58.74
N SER C 2181 -16.34 78.69 -57.92
CA SER C 2181 -15.14 78.08 -58.46
C SER C 2181 -15.46 76.79 -59.20
N ILE C 2182 -16.35 75.97 -58.63
CA ILE C 2182 -16.82 74.75 -59.29
C ILE C 2182 -17.63 75.11 -60.54
N GLY C 2183 -18.54 76.08 -60.42
CA GLY C 2183 -19.37 76.46 -61.57
C GLY C 2183 -18.55 76.96 -62.74
N ASN C 2184 -17.44 77.64 -62.47
CA ASN C 2184 -16.57 78.06 -63.56
C ASN C 2184 -15.81 76.89 -64.17
N ILE C 2185 -15.74 75.75 -63.48
CA ILE C 2185 -15.17 74.56 -64.10
C ILE C 2185 -16.24 73.89 -64.94
N MET C 2186 -17.50 73.96 -64.46
CA MET C 2186 -18.65 73.46 -65.22
C MET C 2186 -18.70 74.11 -66.59
N ASN C 2187 -18.66 75.45 -66.59
CA ASN C 2187 -18.74 76.22 -67.82
C ASN C 2187 -17.41 76.24 -68.60
N ASN C 2188 -16.44 75.40 -68.25
CA ASN C 2188 -15.15 75.35 -68.92
C ASN C 2188 -15.13 74.19 -69.91
N LYS C 2189 -14.95 74.50 -71.19
CA LYS C 2189 -15.00 73.50 -72.25
C LYS C 2189 -13.85 72.50 -72.15
N VAL C 2190 -12.72 72.87 -71.55
CA VAL C 2190 -11.59 71.95 -71.41
C VAL C 2190 -11.85 70.87 -70.38
N PHE C 2191 -12.82 71.09 -69.50
CA PHE C 2191 -13.25 70.06 -68.54
C PHE C 2191 -13.93 68.89 -69.23
N TYR C 2192 -14.37 69.06 -70.47
CA TYR C 2192 -14.93 67.98 -71.24
C TYR C 2192 -14.00 67.56 -72.36
N GLN C 2193 -13.29 68.51 -72.96
CA GLN C 2193 -12.44 68.19 -74.10
C GLN C 2193 -11.20 67.42 -73.69
N HIS C 2194 -10.74 67.57 -72.44
CA HIS C 2194 -9.56 66.86 -71.96
C HIS C 2194 -9.80 66.21 -70.61
N PRO C 2195 -10.68 65.19 -70.54
CA PRO C 2195 -10.99 64.58 -69.23
C PRO C 2195 -9.80 63.89 -68.57
N ASN C 2196 -8.79 63.47 -69.33
CA ASN C 2196 -7.60 62.87 -68.72
C ASN C 2196 -6.80 63.89 -67.94
N LEU C 2197 -6.84 65.15 -68.40
CA LEU C 2197 -6.09 66.22 -67.74
C LEU C 2197 -6.59 66.45 -66.32
N MET C 2198 -7.91 66.38 -66.11
CA MET C 2198 -8.46 66.56 -64.76
C MET C 2198 -7.93 65.52 -63.79
N ARG C 2199 -7.84 64.26 -64.23
CA ARG C 2199 -7.24 63.23 -63.39
C ARG C 2199 -5.75 63.46 -63.19
N ALA C 2200 -5.07 64.01 -64.20
CA ALA C 2200 -3.66 64.35 -64.03
C ALA C 2200 -3.47 65.44 -63.00
N LEU C 2201 -4.34 66.47 -63.03
CA LEU C 2201 -4.31 67.51 -62.01
C LEU C 2201 -4.86 67.06 -60.67
N GLY C 2202 -5.47 65.87 -60.60
CA GLY C 2202 -6.02 65.38 -59.34
C GLY C 2202 -7.13 66.21 -58.74
N MET C 2203 -8.00 66.79 -59.58
CA MET C 2203 -9.05 67.68 -59.08
C MET C 2203 -10.12 66.93 -58.28
N HIS C 2204 -10.43 65.69 -58.66
CA HIS C 2204 -11.47 64.92 -57.98
C HIS C 2204 -11.07 64.56 -56.56
N GLU C 2205 -9.76 64.31 -56.34
CA GLU C 2205 -9.28 64.10 -54.97
C GLU C 2205 -9.51 65.34 -54.15
N THR C 2206 -8.95 66.49 -54.59
CA THR C 2206 -8.94 67.70 -53.78
C THR C 2206 -10.36 68.13 -53.41
N VAL C 2207 -11.31 67.91 -54.35
CA VAL C 2207 -12.73 68.11 -54.02
C VAL C 2207 -13.17 67.10 -52.96
N MET C 2208 -12.63 65.87 -53.03
CA MET C 2208 -13.12 64.84 -52.12
C MET C 2208 -12.66 65.14 -50.68
N GLU C 2209 -11.39 65.53 -50.49
CA GLU C 2209 -10.98 65.91 -49.12
C GLU C 2209 -11.71 67.16 -48.64
N VAL C 2210 -12.01 68.12 -49.54
CA VAL C 2210 -12.81 69.28 -49.14
C VAL C 2210 -14.18 68.83 -48.62
N MET C 2211 -14.78 67.84 -49.28
CA MET C 2211 -16.01 67.24 -48.78
C MET C 2211 -15.82 66.58 -47.43
N VAL C 2212 -14.81 65.71 -47.32
CA VAL C 2212 -14.63 64.85 -46.14
C VAL C 2212 -14.32 65.68 -44.89
N ASN C 2213 -13.58 66.79 -45.04
CA ASN C 2213 -13.29 67.66 -43.90
C ASN C 2213 -14.57 68.25 -43.29
N VAL C 2214 -15.48 68.69 -44.15
CA VAL C 2214 -16.74 69.27 -43.71
C VAL C 2214 -17.65 68.20 -43.12
N LEU C 2215 -17.70 67.02 -43.74
CA LEU C 2215 -18.45 65.91 -43.17
C LEU C 2215 -17.89 65.49 -41.81
N GLY C 2216 -16.57 65.41 -41.69
CA GLY C 2216 -15.93 65.03 -40.44
C GLY C 2216 -16.19 66.02 -39.32
N GLY C 2217 -16.17 67.31 -39.65
CA GLY C 2217 -16.45 68.33 -38.66
C GLY C 2217 -17.91 68.32 -38.29
N GLY C 2218 -18.21 68.00 -37.03
CA GLY C 2218 -19.59 67.82 -36.59
C GLY C 2218 -20.27 66.62 -37.22
N GLU C 2219 -19.55 65.50 -37.35
CA GLU C 2219 -20.06 64.28 -37.97
C GLU C 2219 -21.16 63.61 -37.14
N THR C 2220 -21.35 64.01 -35.88
CA THR C 2220 -22.36 63.41 -35.03
C THR C 2220 -23.62 64.26 -34.92
N LYS C 2221 -23.46 65.55 -34.63
CA LYS C 2221 -24.60 66.40 -34.31
C LYS C 2221 -25.45 66.73 -35.54
N GLU C 2222 -24.88 67.42 -36.52
CA GLU C 2222 -25.60 67.89 -37.71
C GLU C 2222 -24.59 68.38 -38.72
N ILE C 2223 -24.88 68.14 -40.00
CA ILE C 2223 -24.00 68.57 -41.09
C ILE C 2223 -24.14 70.08 -41.33
N ARG C 2224 -23.06 70.81 -41.06
CA ARG C 2224 -23.06 72.22 -41.39
C ARG C 2224 -22.73 72.36 -42.88
N PHE C 2225 -23.18 73.48 -43.47
CA PHE C 2225 -23.00 73.87 -44.87
C PHE C 2225 -23.55 72.85 -45.86
N PRO C 2226 -24.84 72.49 -45.84
CA PRO C 2226 -25.37 71.56 -46.86
C PRO C 2226 -25.35 72.13 -48.27
N LYS C 2227 -25.38 73.47 -48.38
CA LYS C 2227 -25.44 74.15 -49.67
C LYS C 2227 -24.14 73.99 -50.46
N MET C 2228 -23.07 73.55 -49.83
CA MET C 2228 -21.84 73.31 -50.55
C MET C 2228 -21.78 71.85 -50.96
N VAL C 2229 -22.12 70.96 -50.01
CA VAL C 2229 -22.08 69.51 -50.23
C VAL C 2229 -22.99 69.12 -51.37
N THR C 2230 -24.15 69.78 -51.49
CA THR C 2230 -25.03 69.53 -52.63
C THR C 2230 -24.46 69.98 -53.96
N SER C 2231 -23.40 70.79 -53.97
CA SER C 2231 -22.72 71.16 -55.20
C SER C 2231 -21.53 70.27 -55.47
N CYS C 2232 -20.80 69.91 -54.42
CA CYS C 2232 -19.66 69.00 -54.54
C CYS C 2232 -20.09 67.62 -55.02
N CYS C 2233 -21.17 67.08 -54.44
CA CYS C 2233 -21.69 65.79 -54.89
C CYS C 2233 -22.14 65.83 -56.34
N ARG C 2234 -22.81 66.93 -56.73
CA ARG C 2234 -23.22 67.12 -58.11
C ARG C 2234 -22.03 67.18 -59.05
N PHE C 2235 -20.96 67.86 -58.61
CA PHE C 2235 -19.74 67.93 -59.41
C PHE C 2235 -19.11 66.56 -59.57
N LEU C 2236 -19.08 65.78 -58.50
CA LEU C 2236 -18.49 64.45 -58.57
C LEU C 2236 -19.29 63.54 -59.50
N CYS C 2237 -20.62 63.60 -59.43
CA CYS C 2237 -21.47 62.82 -60.33
C CYS C 2237 -21.27 63.23 -61.78
N TYR C 2238 -21.20 64.56 -62.03
CA TYR C 2238 -20.84 65.05 -63.35
C TYR C 2238 -19.47 64.54 -63.79
N PHE C 2239 -18.54 64.39 -62.84
CA PHE C 2239 -17.21 63.92 -63.19
C PHE C 2239 -17.24 62.45 -63.55
N CYS C 2240 -18.15 61.69 -62.92
CA CYS C 2240 -18.26 60.27 -63.22
C CYS C 2240 -18.85 60.06 -64.60
N ARG C 2241 -19.79 60.93 -64.97
CA ARG C 2241 -20.48 60.68 -66.24
C ARG C 2241 -19.67 61.10 -67.46
N ILE C 2242 -18.50 61.73 -67.30
CA ILE C 2242 -17.72 62.14 -68.46
C ILE C 2242 -17.14 60.95 -69.21
N SER C 2243 -16.60 59.97 -68.48
CA SER C 2243 -16.00 58.80 -69.12
C SER C 2243 -15.92 57.67 -68.12
N ARG C 2244 -15.49 56.51 -68.61
CA ARG C 2244 -15.33 55.34 -67.74
C ARG C 2244 -14.10 55.43 -66.86
N GLN C 2245 -12.97 55.92 -67.40
CA GLN C 2245 -11.75 56.04 -66.59
C GLN C 2245 -11.95 56.99 -65.42
N ASN C 2246 -12.67 58.10 -65.66
CA ASN C 2246 -13.03 59.01 -64.56
C ASN C 2246 -13.89 58.29 -63.54
N GLN C 2247 -14.82 57.45 -64.01
CA GLN C 2247 -15.65 56.65 -63.14
C GLN C 2247 -14.82 55.63 -62.38
N ARG C 2248 -13.85 55.00 -63.04
CA ARG C 2248 -13.00 53.99 -62.40
C ARG C 2248 -12.16 54.62 -61.30
N SER C 2249 -11.57 55.79 -61.59
CA SER C 2249 -10.76 56.48 -60.61
C SER C 2249 -11.61 56.91 -59.41
N MET C 2250 -12.80 57.44 -59.67
CA MET C 2250 -13.69 57.77 -58.56
C MET C 2250 -14.16 56.51 -57.83
N PHE C 2251 -14.22 55.37 -58.54
CA PHE C 2251 -14.63 54.10 -57.96
C PHE C 2251 -13.63 53.62 -56.94
N ASP C 2252 -12.34 53.91 -57.15
CA ASP C 2252 -11.31 53.42 -56.23
C ASP C 2252 -11.47 53.98 -54.81
N HIS C 2253 -12.11 55.14 -54.65
CA HIS C 2253 -12.43 55.75 -53.37
C HIS C 2253 -13.80 55.32 -52.83
N LEU C 2254 -14.28 54.13 -53.20
CA LEU C 2254 -15.63 53.71 -52.82
C LEU C 2254 -15.80 53.53 -51.32
N SER C 2255 -14.89 52.79 -50.69
CA SER C 2255 -14.94 52.56 -49.25
C SER C 2255 -14.77 53.86 -48.47
N TYR C 2256 -13.88 54.73 -48.96
CA TYR C 2256 -13.69 56.05 -48.37
C TYR C 2256 -14.97 56.87 -48.37
N LEU C 2257 -15.74 56.82 -49.46
CA LEU C 2257 -17.03 57.50 -49.52
C LEU C 2257 -18.07 56.83 -48.65
N LEU C 2258 -17.99 55.50 -48.51
CA LEU C 2258 -18.98 54.78 -47.74
C LEU C 2258 -18.88 55.10 -46.26
N GLU C 2259 -17.65 55.18 -45.74
CA GLU C 2259 -17.47 55.44 -44.33
C GLU C 2259 -17.96 56.85 -43.98
N ASN C 2260 -17.76 57.81 -44.89
CA ASN C 2260 -18.22 59.16 -44.64
C ASN C 2260 -19.69 59.37 -45.01
N SER C 2261 -20.37 58.34 -45.52
CA SER C 2261 -21.75 58.53 -45.97
C SER C 2261 -22.77 58.22 -44.88
N GLY C 2262 -22.30 57.92 -43.66
CA GLY C 2262 -23.20 57.54 -42.58
C GLY C 2262 -24.12 58.67 -42.13
N ILE C 2263 -23.62 59.90 -42.12
CA ILE C 2263 -24.38 61.03 -41.60
C ILE C 2263 -24.85 61.96 -42.72
N GLY C 2264 -24.30 61.84 -43.94
CA GLY C 2264 -24.67 62.66 -45.07
C GLY C 2264 -26.13 62.55 -45.49
N LEU C 2265 -26.82 61.50 -45.07
CA LEU C 2265 -28.25 61.35 -45.35
C LEU C 2265 -29.10 62.39 -44.65
N GLY C 2266 -28.56 63.06 -43.62
CA GLY C 2266 -29.31 64.11 -42.94
C GLY C 2266 -29.71 65.25 -43.84
N MET C 2267 -28.78 65.70 -44.68
CA MET C 2267 -29.10 66.72 -45.66
C MET C 2267 -29.90 66.11 -46.81
N GLN C 2268 -30.44 66.97 -47.65
CA GLN C 2268 -31.27 66.58 -48.78
CA GLN C 2268 -31.27 66.58 -48.78
C GLN C 2268 -30.72 67.17 -50.06
N GLY C 2269 -31.01 66.50 -51.17
CA GLY C 2269 -30.46 66.92 -52.44
C GLY C 2269 -29.57 65.85 -53.05
N SER C 2270 -28.27 66.11 -53.11
CA SER C 2270 -27.29 65.14 -53.61
C SER C 2270 -26.38 64.79 -52.45
N THR C 2271 -26.58 63.61 -51.89
CA THR C 2271 -25.85 63.15 -50.72
C THR C 2271 -24.48 62.63 -51.15
N PRO C 2272 -23.55 62.39 -50.20
CA PRO C 2272 -22.29 61.70 -50.56
C PRO C 2272 -22.49 60.31 -51.15
N LEU C 2273 -23.57 59.62 -50.76
CA LEU C 2273 -23.83 58.28 -51.25
C LEU C 2273 -24.15 58.28 -52.74
N ASP C 2274 -24.84 59.31 -53.23
CA ASP C 2274 -25.15 59.41 -54.65
C ASP C 2274 -23.90 59.52 -55.52
N VAL C 2275 -22.77 59.92 -54.95
CA VAL C 2275 -21.49 59.82 -55.66
C VAL C 2275 -21.11 58.36 -55.79
N ALA C 2276 -21.23 57.60 -54.69
CA ALA C 2276 -20.81 56.20 -54.69
C ALA C 2276 -21.67 55.41 -55.67
N ALA C 2277 -22.96 55.73 -55.72
CA ALA C 2277 -23.83 55.12 -56.72
C ALA C 2277 -23.39 55.50 -58.12
N ALA C 2278 -23.08 56.80 -58.34
CA ALA C 2278 -22.67 57.28 -59.65
C ALA C 2278 -21.35 56.71 -60.11
N SER C 2279 -20.59 56.10 -59.19
CA SER C 2279 -19.33 55.50 -59.53
C SER C 2279 -19.51 54.08 -60.02
N VAL C 2280 -20.71 53.51 -59.89
CA VAL C 2280 -20.97 52.14 -60.31
C VAL C 2280 -22.15 52.01 -61.26
N ILE C 2281 -22.83 53.11 -61.61
CA ILE C 2281 -23.98 52.99 -62.51
C ILE C 2281 -23.52 52.53 -63.88
N ASP C 2282 -24.15 51.44 -64.38
CA ASP C 2282 -24.00 50.93 -65.74
C ASP C 2282 -22.55 50.57 -66.10
N ASN C 2283 -21.84 49.96 -65.16
CA ASN C 2283 -20.48 49.49 -65.40
C ASN C 2283 -20.36 48.09 -64.86
N ASN C 2284 -20.28 47.11 -65.76
CA ASN C 2284 -20.26 45.70 -65.35
C ASN C 2284 -18.95 45.35 -64.66
N GLU C 2285 -17.83 45.84 -65.20
CA GLU C 2285 -16.52 45.57 -64.62
C GLU C 2285 -16.40 46.13 -63.21
N LEU C 2286 -16.89 47.35 -63.00
CA LEU C 2286 -16.84 47.97 -61.68
C LEU C 2286 -17.78 47.25 -60.73
N ALA C 2287 -18.96 46.88 -61.21
CA ALA C 2287 -19.94 46.19 -60.38
C ALA C 2287 -19.43 44.82 -59.95
N LEU C 2288 -18.76 44.11 -60.86
CA LEU C 2288 -18.20 42.81 -60.50
C LEU C 2288 -17.00 42.98 -59.59
N ALA C 2289 -16.18 44.02 -59.81
CA ALA C 2289 -15.02 44.24 -58.96
C ALA C 2289 -15.37 44.87 -57.62
N LEU C 2290 -16.65 45.19 -57.39
CA LEU C 2290 -17.08 45.76 -56.13
C LEU C 2290 -16.90 44.74 -55.01
N GLN C 2291 -16.08 45.07 -54.02
CA GLN C 2291 -15.80 44.18 -52.91
C GLN C 2291 -17.03 43.94 -52.03
N GLU C 2292 -17.20 42.69 -51.62
CA GLU C 2292 -18.30 42.28 -50.75
C GLU C 2292 -18.26 42.95 -49.37
N GLN C 2293 -17.07 43.39 -48.93
CA GLN C 2293 -16.94 44.07 -47.65
C GLN C 2293 -17.72 45.39 -47.66
N ASP C 2294 -17.71 46.07 -48.80
CA ASP C 2294 -18.47 47.30 -48.95
C ASP C 2294 -19.96 47.04 -48.81
N LEU C 2295 -20.43 45.93 -49.38
CA LEU C 2295 -21.82 45.51 -49.21
C LEU C 2295 -22.12 45.22 -47.75
N GLU C 2296 -21.16 44.61 -47.04
CA GLU C 2296 -21.32 44.39 -45.60
C GLU C 2296 -21.45 45.71 -44.85
N LYS C 2297 -20.76 46.74 -45.33
CA LYS C 2297 -20.83 48.05 -44.69
C LYS C 2297 -22.20 48.67 -44.91
N VAL C 2298 -22.71 48.56 -46.14
CA VAL C 2298 -23.99 49.18 -46.46
C VAL C 2298 -25.14 48.46 -45.75
N VAL C 2299 -25.09 47.12 -45.69
CA VAL C 2299 -26.13 46.39 -44.98
C VAL C 2299 -26.07 46.68 -43.48
N SER C 2300 -24.88 46.84 -42.90
CA SER C 2300 -24.77 47.20 -41.49
C SER C 2300 -25.37 48.57 -41.22
N TYR C 2301 -25.10 49.54 -42.10
CA TYR C 2301 -25.74 50.83 -42.03
C TYR C 2301 -27.26 50.70 -42.17
N LEU C 2302 -27.72 49.85 -43.09
CA LEU C 2302 -29.16 49.64 -43.25
C LEU C 2302 -29.77 49.04 -41.99
N ALA C 2303 -29.00 48.18 -41.30
CA ALA C 2303 -29.45 47.56 -40.06
C ALA C 2303 -29.69 48.64 -39.02
N GLY C 2304 -28.73 49.57 -38.89
CA GLY C 2304 -28.93 50.68 -37.96
C GLY C 2304 -30.13 51.52 -38.36
N CYS C 2305 -30.32 51.72 -39.68
CA CYS C 2305 -31.47 52.48 -40.15
C CYS C 2305 -32.78 51.75 -39.85
N GLY C 2306 -32.73 50.43 -39.69
CA GLY C 2306 -33.89 49.66 -39.30
C GLY C 2306 -33.97 49.34 -37.82
N LEU C 2307 -33.11 49.95 -37.01
CA LEU C 2307 -33.13 49.75 -35.56
C LEU C 2307 -33.18 51.04 -34.76
N GLN C 2308 -32.84 52.19 -35.33
CA GLN C 2308 -32.82 53.44 -34.57
C GLN C 2308 -33.52 54.53 -35.38
N SER C 2309 -34.08 55.49 -34.67
CA SER C 2309 -34.73 56.62 -35.31
C SER C 2309 -33.71 57.65 -35.81
N CYS C 2310 -34.16 58.50 -36.73
CA CYS C 2310 -33.31 59.55 -37.25
C CYS C 2310 -33.30 60.73 -36.29
N PRO C 2311 -32.14 61.08 -35.70
CA PRO C 2311 -32.11 62.21 -34.75
C PRO C 2311 -32.53 63.54 -35.34
N MET C 2312 -32.18 63.80 -36.61
CA MET C 2312 -32.58 65.03 -37.28
C MET C 2312 -34.10 65.08 -37.45
N LEU C 2313 -34.71 63.95 -37.84
CA LEU C 2313 -36.16 63.87 -37.89
C LEU C 2313 -36.79 64.04 -36.51
N LEU C 2314 -36.17 63.46 -35.48
CA LEU C 2314 -36.68 63.56 -34.12
C LEU C 2314 -36.65 64.99 -33.61
N ALA C 2315 -35.63 65.75 -34.00
CA ALA C 2315 -35.43 67.12 -33.50
C ALA C 2315 -36.52 68.07 -33.96
N LYS C 2316 -37.21 67.78 -35.07
CA LYS C 2316 -38.24 68.66 -35.59
C LYS C 2316 -39.60 68.44 -34.93
N GLY C 2317 -39.71 67.50 -34.00
CA GLY C 2317 -40.98 67.16 -33.40
C GLY C 2317 -41.74 66.03 -34.05
N TYR C 2318 -41.09 65.27 -34.93
CA TYR C 2318 -41.74 64.14 -35.59
C TYR C 2318 -42.06 63.05 -34.57
N PRO C 2319 -43.21 62.38 -34.71
CA PRO C 2319 -43.51 61.25 -33.82
C PRO C 2319 -42.46 60.15 -33.97
N ASP C 2320 -42.08 59.55 -32.86
CA ASP C 2320 -40.97 58.62 -32.86
C ASP C 2320 -41.43 57.25 -33.35
N ILE C 2321 -40.68 56.70 -34.30
CA ILE C 2321 -40.79 55.31 -34.70
C ILE C 2321 -39.40 54.71 -34.57
N GLY C 2322 -39.34 53.43 -34.21
CA GLY C 2322 -38.08 52.80 -33.82
C GLY C 2322 -37.09 52.47 -34.93
N TRP C 2323 -37.19 53.17 -36.07
CA TRP C 2323 -36.34 52.94 -37.22
C TRP C 2323 -36.41 54.14 -38.16
N ASN C 2324 -35.42 54.22 -39.07
CA ASN C 2324 -35.26 55.36 -39.97
C ASN C 2324 -35.61 54.93 -41.39
N PRO C 2325 -36.80 55.32 -41.89
CA PRO C 2325 -37.18 54.95 -43.26
C PRO C 2325 -36.41 55.70 -44.33
N CYS C 2326 -36.20 57.01 -44.15
CA CYS C 2326 -35.53 57.81 -45.17
C CYS C 2326 -34.08 57.34 -45.37
N GLY C 2327 -33.38 57.11 -44.26
CA GLY C 2327 -32.02 56.61 -44.35
C GLY C 2327 -31.97 55.21 -44.92
N GLY C 2328 -32.96 54.37 -44.55
CA GLY C 2328 -32.99 53.03 -45.10
C GLY C 2328 -33.20 53.05 -46.60
N GLU C 2329 -34.10 53.93 -47.07
CA GLU C 2329 -34.38 54.06 -48.49
C GLU C 2329 -33.14 54.52 -49.24
N ARG C 2330 -32.44 55.52 -48.68
CA ARG C 2330 -31.24 56.03 -49.33
C ARG C 2330 -30.13 54.99 -49.41
N TYR C 2331 -30.12 54.00 -48.51
CA TYR C 2331 -29.21 52.88 -48.71
C TYR C 2331 -29.73 51.87 -49.73
N LEU C 2332 -31.05 51.69 -49.76
CA LEU C 2332 -31.66 50.68 -50.64
C LEU C 2332 -31.50 51.06 -52.10
N ASP C 2333 -31.84 52.31 -52.45
CA ASP C 2333 -31.74 52.71 -53.85
C ASP C 2333 -30.30 52.76 -54.36
N PHE C 2334 -29.30 52.77 -53.47
CA PHE C 2334 -27.92 52.54 -53.87
C PHE C 2334 -27.70 51.07 -54.17
N LEU C 2335 -28.21 50.20 -53.29
CA LEU C 2335 -28.06 48.76 -53.53
C LEU C 2335 -28.76 48.33 -54.82
N ARG C 2336 -29.84 49.04 -55.19
CA ARG C 2336 -30.50 48.88 -56.48
C ARG C 2336 -29.54 49.12 -57.65
N PHE C 2337 -28.52 49.94 -57.45
CA PHE C 2337 -27.58 50.23 -58.52
C PHE C 2337 -26.39 49.30 -58.43
N ALA C 2338 -26.18 48.73 -57.24
CA ALA C 2338 -25.07 47.80 -57.08
C ALA C 2338 -25.41 46.42 -57.64
N VAL C 2339 -26.68 46.03 -57.62
CA VAL C 2339 -27.03 44.67 -58.00
C VAL C 2339 -27.60 44.55 -59.41
N PHE C 2340 -28.00 45.65 -60.03
CA PHE C 2340 -28.66 45.63 -61.34
C PHE C 2340 -27.92 46.52 -62.31
N VAL C 2341 -27.36 45.93 -63.36
CA VAL C 2341 -26.52 46.66 -64.31
C VAL C 2341 -27.03 46.37 -65.72
N ASN C 2342 -27.38 47.44 -66.45
CA ASN C 2342 -27.79 47.40 -67.86
C ASN C 2342 -28.99 46.49 -68.10
N GLY C 2343 -29.91 46.41 -67.14
CA GLY C 2343 -31.09 45.61 -67.31
C GLY C 2343 -30.93 44.13 -67.02
N GLU C 2344 -29.74 43.67 -66.67
CA GLU C 2344 -29.53 42.28 -66.27
C GLU C 2344 -28.96 42.26 -64.86
N SER C 2345 -29.53 41.41 -64.01
CA SER C 2345 -29.05 41.28 -62.64
C SER C 2345 -27.63 40.72 -62.62
N VAL C 2346 -26.85 41.13 -61.62
CA VAL C 2346 -25.52 40.60 -61.41
C VAL C 2346 -25.64 39.50 -60.37
N GLU C 2347 -25.22 38.28 -60.74
CA GLU C 2347 -25.52 37.11 -59.93
C GLU C 2347 -24.78 37.14 -58.60
N GLU C 2348 -23.47 37.45 -58.64
CA GLU C 2348 -22.63 37.41 -57.44
C GLU C 2348 -23.09 38.45 -56.43
N ASN C 2349 -23.38 39.66 -56.90
CA ASN C 2349 -23.79 40.73 -56.00
C ASN C 2349 -25.18 40.46 -55.46
N ALA C 2350 -26.08 39.93 -56.31
CA ALA C 2350 -27.43 39.65 -55.87
C ALA C 2350 -27.45 38.59 -54.79
N ASN C 2351 -26.65 37.52 -54.97
CA ASN C 2351 -26.58 36.45 -53.99
C ASN C 2351 -25.97 36.94 -52.68
N VAL C 2352 -24.89 37.74 -52.76
CA VAL C 2352 -24.25 38.25 -51.54
C VAL C 2352 -25.21 39.16 -50.79
N VAL C 2353 -25.95 40.00 -51.52
CA VAL C 2353 -26.89 40.93 -50.88
C VAL C 2353 -27.97 40.16 -50.15
N VAL C 2354 -28.61 39.19 -50.84
CA VAL C 2354 -29.75 38.50 -50.23
C VAL C 2354 -29.28 37.67 -49.04
N ARG C 2355 -28.07 37.07 -49.12
CA ARG C 2355 -27.61 36.32 -47.97
C ARG C 2355 -27.10 37.22 -46.85
N LEU C 2356 -26.92 38.51 -47.10
CA LEU C 2356 -26.61 39.39 -45.97
C LEU C 2356 -27.90 39.87 -45.30
N LEU C 2357 -28.89 40.25 -46.12
CA LEU C 2357 -30.16 40.72 -45.57
C LEU C 2357 -30.87 39.61 -44.79
N ILE C 2358 -30.77 38.35 -45.21
CA ILE C 2358 -31.40 37.31 -44.40
C ILE C 2358 -30.65 37.15 -43.08
N ARG C 2359 -29.31 37.26 -43.10
CA ARG C 2359 -28.51 37.12 -41.88
C ARG C 2359 -28.78 38.26 -40.90
N LYS C 2360 -29.26 39.40 -41.38
CA LYS C 2360 -29.61 40.53 -40.52
C LYS C 2360 -31.06 40.91 -40.79
N PRO C 2361 -32.01 40.16 -40.23
CA PRO C 2361 -33.44 40.35 -40.58
C PRO C 2361 -34.00 41.72 -40.20
N GLU C 2362 -33.35 42.45 -39.30
CA GLU C 2362 -33.78 43.80 -38.95
C GLU C 2362 -33.66 44.79 -40.11
N CYS C 2363 -32.86 44.47 -41.14
CA CYS C 2363 -32.78 45.31 -42.33
C CYS C 2363 -34.12 45.43 -43.03
N PHE C 2364 -34.97 44.41 -42.92
CA PHE C 2364 -36.25 44.43 -43.62
C PHE C 2364 -37.24 45.39 -42.97
N GLY C 2365 -37.15 45.59 -41.66
CA GLY C 2365 -37.99 46.57 -41.00
C GLY C 2365 -38.88 45.97 -39.94
N PRO C 2366 -39.89 46.73 -39.52
CA PRO C 2366 -40.85 46.18 -38.54
C PRO C 2366 -41.67 45.03 -39.08
N ALA C 2367 -42.19 45.13 -40.31
CA ALA C 2367 -42.66 43.92 -40.97
C ALA C 2367 -41.46 43.06 -41.38
N LEU C 2368 -41.74 41.80 -41.74
CA LEU C 2368 -40.75 40.78 -42.12
C LEU C 2368 -39.75 40.49 -40.99
N ARG C 2369 -40.12 40.83 -39.76
CA ARG C 2369 -39.27 40.69 -38.60
CA ARG C 2369 -39.24 40.69 -38.61
C ARG C 2369 -39.19 39.26 -38.09
N GLY C 2370 -40.13 38.42 -38.48
CA GLY C 2370 -40.19 37.06 -37.93
C GLY C 2370 -40.97 37.11 -36.64
N GLU C 2371 -40.45 36.45 -35.60
CA GLU C 2371 -41.03 36.40 -34.26
C GLU C 2371 -41.48 37.76 -33.75
N GLY C 2372 -42.79 37.93 -33.57
CA GLY C 2372 -43.32 39.21 -33.16
C GLY C 2372 -43.46 40.23 -34.27
N GLY C 2373 -43.40 39.81 -35.53
CA GLY C 2373 -43.54 40.76 -36.63
C GLY C 2373 -44.76 40.52 -37.49
N SER C 2374 -45.53 41.57 -37.75
CA SER C 2374 -46.70 41.45 -38.61
C SER C 2374 -46.29 41.38 -40.08
N GLY C 2375 -47.28 41.24 -40.95
CA GLY C 2375 -47.01 41.15 -42.37
C GLY C 2375 -46.64 42.46 -43.03
N LEU C 2376 -46.12 42.29 -44.26
CA LEU C 2376 -45.75 43.43 -45.09
C LEU C 2376 -46.98 44.23 -45.47
N LEU C 2377 -48.08 43.54 -45.82
CA LEU C 2377 -49.31 44.23 -46.16
C LEU C 2377 -49.85 44.99 -44.95
N ALA C 2378 -49.77 44.36 -43.75
CA ALA C 2378 -50.20 45.03 -42.52
C ALA C 2378 -49.43 46.32 -42.32
N ALA C 2379 -48.16 46.33 -42.73
CA ALA C 2379 -47.36 47.54 -42.61
C ALA C 2379 -47.77 48.55 -43.67
N ILE C 2380 -48.12 48.07 -44.88
CA ILE C 2380 -48.43 48.98 -45.98
C ILE C 2380 -49.71 49.74 -45.68
N GLU C 2381 -50.80 49.04 -45.31
CA GLU C 2381 -52.02 49.78 -44.97
C GLU C 2381 -51.88 50.56 -43.67
N GLU C 2382 -50.99 50.13 -42.77
CA GLU C 2382 -50.70 50.95 -41.59
C GLU C 2382 -50.09 52.28 -41.99
N ALA C 2383 -49.13 52.26 -42.91
CA ALA C 2383 -48.53 53.51 -43.32
C ALA C 2383 -49.44 54.31 -44.25
N ILE C 2384 -50.39 53.65 -44.92
CA ILE C 2384 -51.39 54.35 -45.71
C ILE C 2384 -52.25 55.21 -44.80
N ARG C 2385 -52.72 54.60 -43.70
CA ARG C 2385 -53.55 55.32 -42.74
C ARG C 2385 -52.74 56.43 -42.06
N ILE C 2386 -51.48 56.16 -41.70
CA ILE C 2386 -50.65 57.17 -41.04
C ILE C 2386 -50.42 58.34 -41.99
N SER C 2387 -50.12 58.06 -43.26
CA SER C 2387 -49.89 59.11 -44.24
C SER C 2387 -51.13 59.97 -44.46
N GLU C 2388 -52.31 59.34 -44.50
CA GLU C 2388 -53.55 60.12 -44.62
C GLU C 2388 -53.81 60.97 -43.38
N ASP C 2389 -53.51 60.45 -42.21
CA ASP C 2389 -53.79 61.14 -40.96
C ASP C 2389 -52.77 62.26 -40.74
N PRO C 2390 -53.19 63.52 -40.60
CA PRO C 2390 -52.27 64.55 -40.12
C PRO C 2390 -51.98 64.38 -38.64
N ALA C 2391 -50.92 65.08 -38.19
CA ALA C 2391 -50.38 65.11 -36.82
C ALA C 2391 -49.77 63.80 -36.36
N ARG C 2392 -49.87 62.75 -37.19
CA ARG C 2392 -49.13 61.51 -37.06
C ARG C 2392 -48.22 61.26 -38.25
N ASP C 2393 -48.36 62.04 -39.31
CA ASP C 2393 -47.46 61.97 -40.45
C ASP C 2393 -46.26 62.89 -40.27
N GLY C 2394 -46.41 63.96 -39.50
CA GLY C 2394 -45.34 64.90 -39.29
C GLY C 2394 -45.39 65.49 -37.90
N PRO C 2395 -44.62 66.56 -37.67
CA PRO C 2395 -44.62 67.21 -36.35
C PRO C 2395 -45.95 67.83 -35.95
N GLY C 2396 -46.82 68.15 -36.90
CA GLY C 2396 -48.14 68.69 -36.62
C GLY C 2396 -48.14 70.06 -35.99
N VAL C 2397 -47.30 70.96 -36.48
CA VAL C 2397 -47.25 72.33 -35.98
C VAL C 2397 -47.99 73.28 -36.91
N PRO C 2410 -43.54 71.75 -50.13
CA PRO C 2410 -43.56 71.53 -48.68
C PRO C 2410 -43.05 72.75 -47.91
N PRO C 2411 -43.33 72.85 -46.61
CA PRO C 2411 -42.78 73.95 -45.80
C PRO C 2411 -41.27 74.10 -45.84
N GLU C 2412 -40.51 73.03 -45.61
CA GLU C 2412 -39.07 73.04 -45.80
C GLU C 2412 -38.67 72.69 -47.22
N GLU C 2413 -39.65 72.50 -48.13
CA GLU C 2413 -39.57 72.14 -49.54
C GLU C 2413 -39.16 70.68 -49.75
N ASN C 2414 -38.74 70.00 -48.68
CA ASN C 2414 -38.52 68.57 -48.65
C ASN C 2414 -38.96 67.99 -47.32
N ARG C 2415 -40.13 68.44 -46.83
CA ARG C 2415 -40.65 68.02 -45.53
C ARG C 2415 -40.88 66.52 -45.52
N VAL C 2416 -40.42 65.87 -44.46
CA VAL C 2416 -40.54 64.43 -44.34
C VAL C 2416 -41.97 64.06 -44.00
N HIS C 2417 -42.48 63.02 -44.64
CA HIS C 2417 -43.78 62.45 -44.35
C HIS C 2417 -43.51 60.99 -44.00
N LEU C 2418 -43.71 60.63 -42.72
CA LEU C 2418 -43.33 59.31 -42.24
C LEU C 2418 -44.10 58.18 -42.93
N GLY C 2419 -45.38 58.39 -43.23
CA GLY C 2419 -46.14 57.40 -43.98
C GLY C 2419 -45.57 57.12 -45.34
N HIS C 2420 -45.22 58.19 -46.08
CA HIS C 2420 -44.66 58.02 -47.40
C HIS C 2420 -43.24 57.47 -47.33
N ALA C 2421 -42.48 57.87 -46.31
CA ALA C 2421 -41.12 57.36 -46.13
C ALA C 2421 -41.13 55.86 -45.89
N ILE C 2422 -42.06 55.38 -45.06
CA ILE C 2422 -42.18 53.95 -44.79
C ILE C 2422 -42.61 53.19 -46.05
N MET C 2423 -43.60 53.74 -46.76
CA MET C 2423 -44.07 53.12 -48.00
C MET C 2423 -42.97 53.06 -49.06
N SER C 2424 -42.23 54.17 -49.23
CA SER C 2424 -41.16 54.21 -50.21
C SER C 2424 -40.03 53.28 -49.81
N PHE C 2425 -39.81 53.11 -48.49
CA PHE C 2425 -38.78 52.20 -48.02
C PHE C 2425 -39.12 50.79 -48.45
N TYR C 2426 -40.38 50.39 -48.22
CA TYR C 2426 -40.79 49.04 -48.57
C TYR C 2426 -40.77 48.83 -50.07
N ALA C 2427 -41.21 49.82 -50.85
CA ALA C 2427 -41.14 49.72 -52.31
C ALA C 2427 -39.70 49.60 -52.81
N ALA C 2428 -38.77 50.36 -52.23
CA ALA C 2428 -37.37 50.22 -52.60
C ALA C 2428 -36.78 48.89 -52.15
N LEU C 2429 -37.25 48.34 -51.03
CA LEU C 2429 -36.78 47.03 -50.58
C LEU C 2429 -37.26 45.95 -51.54
N ILE C 2430 -38.54 46.00 -51.89
CA ILE C 2430 -39.13 44.99 -52.76
C ILE C 2430 -38.49 45.09 -54.14
N ASP C 2431 -38.33 46.31 -54.65
CA ASP C 2431 -37.72 46.53 -55.96
C ASP C 2431 -36.28 46.05 -56.00
N LEU C 2432 -35.55 46.23 -54.88
CA LEU C 2432 -34.20 45.68 -54.74
C LEU C 2432 -34.21 44.16 -54.81
N LEU C 2433 -35.12 43.52 -54.06
CA LEU C 2433 -35.21 42.05 -54.11
C LEU C 2433 -35.61 41.56 -55.49
N GLY C 2434 -36.51 42.29 -56.15
CA GLY C 2434 -36.89 41.99 -57.52
C GLY C 2434 -35.69 42.04 -58.45
N ARG C 2435 -34.84 43.04 -58.29
CA ARG C 2435 -33.67 43.11 -59.15
C ARG C 2435 -32.63 42.10 -58.73
N CYS C 2436 -32.71 41.62 -57.48
CA CYS C 2436 -31.79 40.59 -56.99
C CYS C 2436 -32.22 39.20 -57.43
N ALA C 2437 -33.43 39.07 -57.97
CA ALA C 2437 -33.92 37.76 -58.38
C ALA C 2437 -33.14 37.25 -59.59
N PRO C 2438 -32.90 35.94 -59.67
CA PRO C 2438 -32.13 35.40 -60.79
C PRO C 2438 -32.84 35.54 -62.13
N GLU C 2439 -32.05 35.66 -63.18
CA GLU C 2439 -32.60 35.78 -64.53
C GLU C 2439 -33.27 34.49 -64.97
N MET C 2440 -34.15 34.63 -65.96
CA MET C 2440 -34.99 33.53 -66.43
C MET C 2440 -34.17 32.38 -67.02
N HIS C 2441 -33.04 32.70 -67.67
CA HIS C 2441 -32.25 31.65 -68.31
C HIS C 2441 -31.52 30.80 -67.29
N LEU C 2442 -31.29 31.34 -66.09
CA LEU C 2442 -30.65 30.55 -65.05
C LEU C 2442 -31.62 29.52 -64.52
N ILE C 2443 -32.88 29.91 -64.36
CA ILE C 2443 -33.90 28.99 -63.87
C ILE C 2443 -34.14 27.92 -64.93
N GLN C 2444 -34.10 28.32 -66.22
CA GLN C 2444 -34.25 27.35 -67.29
C GLN C 2444 -33.10 26.34 -67.28
N ALA C 2445 -31.88 26.82 -67.01
CA ALA C 2445 -30.75 25.90 -66.82
C ALA C 2445 -30.83 25.14 -65.50
N GLY C 2446 -31.75 25.51 -64.61
CA GLY C 2446 -31.96 24.80 -63.36
C GLY C 2446 -30.82 24.85 -62.37
N LYS C 2447 -30.10 25.97 -62.30
CA LYS C 2447 -28.98 26.08 -61.38
C LYS C 2447 -29.45 26.00 -59.93
N GLY C 2448 -28.66 25.28 -59.11
CA GLY C 2448 -29.06 24.99 -57.75
C GLY C 2448 -29.24 26.22 -56.88
N GLU C 2449 -28.24 27.11 -56.92
CA GLU C 2449 -28.32 28.29 -56.07
C GLU C 2449 -29.34 29.28 -56.61
N ALA C 2450 -29.50 29.35 -57.94
CA ALA C 2450 -30.52 30.22 -58.52
C ALA C 2450 -31.91 29.82 -58.08
N LEU C 2451 -32.19 28.51 -58.07
CA LEU C 2451 -33.46 28.01 -57.53
C LEU C 2451 -33.57 28.30 -56.04
N ARG C 2452 -32.48 28.09 -55.29
CA ARG C 2452 -32.52 28.31 -53.85
C ARG C 2452 -32.82 29.77 -53.51
N ILE C 2453 -32.17 30.70 -54.22
CA ILE C 2453 -32.39 32.13 -54.01
C ILE C 2453 -33.81 32.52 -54.34
N ARG C 2454 -34.34 32.04 -55.49
CA ARG C 2454 -35.73 32.32 -55.82
C ARG C 2454 -36.69 31.74 -54.78
N ALA C 2455 -36.36 30.57 -54.23
CA ALA C 2455 -37.15 29.97 -53.16
C ALA C 2455 -37.15 30.84 -51.92
N ILE C 2456 -35.98 31.40 -51.57
CA ILE C 2456 -35.87 32.26 -50.40
C ILE C 2456 -36.71 33.52 -50.59
N LEU C 2457 -36.62 34.14 -51.77
CA LEU C 2457 -37.39 35.37 -52.03
C LEU C 2457 -38.89 35.09 -51.99
N ARG C 2458 -39.31 33.94 -52.53
CA ARG C 2458 -40.72 33.57 -52.49
C ARG C 2458 -41.19 33.37 -51.05
N SER C 2459 -40.35 32.74 -50.22
CA SER C 2459 -40.72 32.52 -48.82
C SER C 2459 -40.82 33.85 -48.09
N LEU C 2460 -39.90 34.78 -48.37
CA LEU C 2460 -39.88 36.07 -47.69
C LEU C 2460 -41.09 36.92 -48.06
N VAL C 2461 -41.37 37.07 -49.35
CA VAL C 2461 -42.46 37.90 -49.82
C VAL C 2461 -43.48 37.01 -50.53
N PRO C 2462 -44.60 36.70 -49.88
CA PRO C 2462 -45.64 35.91 -50.53
C PRO C 2462 -46.33 36.71 -51.64
N LEU C 2463 -46.79 35.97 -52.66
CA LEU C 2463 -47.48 36.56 -53.80
C LEU C 2463 -48.78 37.27 -53.42
N ASP C 2464 -49.46 36.78 -52.38
CA ASP C 2464 -50.78 37.29 -52.00
C ASP C 2464 -50.72 38.75 -51.57
N ASP C 2465 -49.66 39.13 -50.84
CA ASP C 2465 -49.55 40.51 -50.40
C ASP C 2465 -49.27 41.41 -51.60
N LEU C 2466 -48.49 40.89 -52.56
CA LEU C 2466 -48.16 41.64 -53.76
C LEU C 2466 -49.43 41.98 -54.52
N VAL C 2467 -50.30 40.97 -54.71
CA VAL C 2467 -51.54 41.17 -55.45
C VAL C 2467 -52.44 42.13 -54.67
N GLY C 2468 -52.42 42.06 -53.33
CA GLY C 2468 -53.21 43.00 -52.53
C GLY C 2468 -52.79 44.45 -52.71
N ILE C 2469 -51.47 44.69 -52.73
CA ILE C 2469 -50.95 46.05 -52.92
C ILE C 2469 -51.26 46.54 -54.33
N ILE C 2470 -51.07 45.70 -55.34
CA ILE C 2470 -51.43 46.09 -56.70
C ILE C 2470 -52.93 46.35 -56.80
N SER C 2471 -53.73 45.63 -56.01
CA SER C 2471 -55.16 45.84 -55.99
C SER C 2471 -55.58 47.06 -55.18
N LEU C 2472 -54.65 47.67 -54.43
CA LEU C 2472 -54.98 48.84 -53.63
C LEU C 2472 -55.35 50.02 -54.52
N PRO C 2473 -56.31 50.86 -54.11
CA PRO C 2473 -56.73 51.97 -54.97
C PRO C 2473 -55.70 53.09 -55.01
N LEU C 2474 -55.82 53.89 -56.06
CA LEU C 2474 -54.98 55.06 -56.29
C LEU C 2474 -55.85 56.30 -56.35
N GLN C 2475 -55.41 57.35 -55.68
CA GLN C 2475 -56.12 58.62 -55.71
C GLN C 2475 -56.06 59.22 -57.12
N ILE C 2476 -57.11 59.95 -57.48
CA ILE C 2476 -57.25 60.46 -58.85
C ILE C 2476 -57.31 61.98 -58.80
N PRO C 2477 -56.66 62.69 -59.73
CA PRO C 2477 -56.84 64.14 -59.81
C PRO C 2477 -58.27 64.47 -60.26
N THR C 2478 -58.95 65.29 -59.47
CA THR C 2478 -60.36 65.59 -59.70
C THR C 2478 -60.54 67.08 -60.02
N LEU C 2479 -61.54 67.35 -60.85
CA LEU C 2479 -61.91 68.71 -61.24
C LEU C 2479 -63.21 69.10 -60.56
N GLY C 2480 -63.22 70.29 -59.97
CA GLY C 2480 -64.40 70.78 -59.30
C GLY C 2480 -64.07 72.07 -58.58
N LYS C 2481 -65.13 72.69 -58.05
CA LYS C 2481 -65.08 73.97 -57.32
C LYS C 2481 -64.48 75.08 -58.19
N ASP C 2482 -65.20 75.38 -59.29
CA ASP C 2482 -64.85 76.42 -60.27
C ASP C 2482 -63.50 76.12 -60.93
N GLY C 2483 -63.45 74.98 -61.59
CA GLY C 2483 -62.31 74.61 -62.42
C GLY C 2483 -61.01 74.37 -61.69
N ALA C 2484 -61.05 74.12 -60.39
CA ALA C 2484 -59.83 73.85 -59.62
C ALA C 2484 -59.41 72.41 -59.87
N LEU C 2485 -58.30 72.23 -60.58
CA LEU C 2485 -57.75 70.90 -60.88
C LEU C 2485 -57.08 70.37 -59.62
N VAL C 2486 -57.90 69.78 -58.75
CA VAL C 2486 -57.41 69.28 -57.46
C VAL C 2486 -56.56 68.05 -57.70
N GLN C 2487 -55.35 68.06 -57.16
CA GLN C 2487 -54.39 66.97 -57.27
C GLN C 2487 -53.86 66.64 -55.88
N PRO C 2488 -53.48 65.38 -55.63
CA PRO C 2488 -52.95 65.01 -54.31
C PRO C 2488 -51.54 65.51 -54.08
N LYS C 2489 -51.01 65.26 -52.89
CA LYS C 2489 -49.62 65.55 -52.56
C LYS C 2489 -48.83 64.26 -52.73
N MET C 2490 -48.08 64.18 -53.84
CA MET C 2490 -47.31 62.97 -54.15
C MET C 2490 -46.22 62.68 -53.13
N SER C 2491 -45.82 63.66 -52.33
CA SER C 2491 -44.81 63.46 -51.31
C SER C 2491 -45.37 62.82 -50.05
N ALA C 2492 -46.70 62.63 -49.96
CA ALA C 2492 -47.30 62.00 -48.79
C ALA C 2492 -48.43 61.04 -49.16
N SER C 2493 -48.36 60.41 -50.32
CA SER C 2493 -49.49 59.63 -50.81
C SER C 2493 -49.00 58.38 -51.53
N PHE C 2494 -49.95 57.50 -51.82
CA PHE C 2494 -49.68 56.23 -52.49
C PHE C 2494 -49.38 56.49 -53.95
N VAL C 2495 -48.13 56.32 -54.36
CA VAL C 2495 -47.68 56.75 -55.68
C VAL C 2495 -47.65 55.55 -56.63
N PRO C 2496 -47.78 55.77 -57.94
CA PRO C 2496 -47.67 54.65 -58.90
C PRO C 2496 -46.34 53.90 -58.88
N ASP C 2497 -45.24 54.56 -58.50
CA ASP C 2497 -43.93 53.90 -58.51
C ASP C 2497 -43.83 52.79 -57.48
N HIS C 2498 -44.62 52.88 -56.39
CA HIS C 2498 -44.68 51.79 -55.43
C HIS C 2498 -45.23 50.53 -56.10
N LYS C 2499 -46.29 50.70 -56.89
CA LYS C 2499 -46.84 49.58 -57.63
C LYS C 2499 -45.86 49.10 -58.69
N ALA C 2500 -45.14 50.03 -59.33
CA ALA C 2500 -44.16 49.66 -60.34
C ALA C 2500 -43.07 48.75 -59.76
N SER C 2501 -42.71 48.99 -58.50
CA SER C 2501 -41.82 48.08 -57.80
C SER C 2501 -42.48 46.74 -57.49
N MET C 2502 -43.78 46.78 -57.16
CA MET C 2502 -44.51 45.55 -56.89
C MET C 2502 -44.58 44.68 -58.14
N VAL C 2503 -44.87 45.32 -59.28
CA VAL C 2503 -45.03 44.63 -60.55
C VAL C 2503 -43.70 44.02 -60.97
N LEU C 2504 -42.60 44.78 -60.80
CA LEU C 2504 -41.29 44.28 -61.18
C LEU C 2504 -40.91 43.04 -60.39
N PHE C 2505 -41.18 43.08 -59.06
CA PHE C 2505 -40.91 41.92 -58.22
C PHE C 2505 -41.75 40.72 -58.62
N LEU C 2506 -43.04 40.96 -58.93
CA LEU C 2506 -43.93 39.88 -59.33
C LEU C 2506 -43.49 39.28 -60.65
N ASP C 2507 -43.01 40.11 -61.58
CA ASP C 2507 -42.56 39.64 -62.87
C ASP C 2507 -41.31 38.79 -62.74
N ARG C 2508 -40.32 39.29 -61.99
CA ARG C 2508 -39.04 38.60 -61.95
C ARG C 2508 -39.05 37.39 -61.03
N VAL C 2509 -39.80 37.41 -59.94
CA VAL C 2509 -39.76 36.32 -58.97
C VAL C 2509 -40.83 35.28 -59.29
N TYR C 2510 -42.09 35.68 -59.20
CA TYR C 2510 -43.19 34.75 -59.45
C TYR C 2510 -43.51 34.61 -60.93
N GLY C 2511 -43.47 35.71 -61.67
CA GLY C 2511 -43.81 35.70 -63.07
C GLY C 2511 -45.31 35.54 -63.27
N ILE C 2512 -45.70 35.42 -64.53
CA ILE C 2512 -47.07 35.12 -64.91
C ILE C 2512 -47.02 33.93 -65.86
N GLU C 2513 -47.57 32.79 -65.43
CA GLU C 2513 -47.45 31.54 -66.16
C GLU C 2513 -48.77 31.12 -66.79
N ASN C 2514 -49.83 31.04 -66.01
CA ASN C 2514 -51.11 30.50 -66.45
C ASN C 2514 -52.18 31.59 -66.56
N GLN C 2515 -53.09 31.37 -67.51
CA GLN C 2515 -54.06 32.39 -67.92
C GLN C 2515 -55.00 32.79 -66.79
N ASP C 2516 -55.44 31.83 -65.97
CA ASP C 2516 -56.38 32.10 -64.90
C ASP C 2516 -55.80 33.08 -63.88
N PHE C 2517 -54.55 32.84 -63.47
CA PHE C 2517 -53.87 33.74 -62.56
C PHE C 2517 -53.55 35.06 -63.24
N LEU C 2518 -53.30 35.03 -64.55
CA LEU C 2518 -53.05 36.28 -65.30
C LEU C 2518 -54.26 37.18 -65.21
N LEU C 2519 -55.44 36.65 -65.54
CA LEU C 2519 -56.66 37.46 -65.56
C LEU C 2519 -57.06 37.85 -64.15
N HIS C 2520 -56.75 36.99 -63.16
CA HIS C 2520 -57.01 37.31 -61.76
C HIS C 2520 -56.16 38.49 -61.31
N VAL C 2521 -54.95 38.61 -61.83
CA VAL C 2521 -54.15 39.80 -61.55
C VAL C 2521 -54.75 41.00 -62.29
N LEU C 2522 -55.15 40.79 -63.56
CA LEU C 2522 -55.55 41.88 -64.45
C LEU C 2522 -56.78 42.63 -63.96
N ASP C 2523 -57.86 41.90 -63.62
CA ASP C 2523 -59.14 42.55 -63.35
C ASP C 2523 -59.13 43.40 -62.08
N VAL C 2524 -58.35 43.02 -61.07
CA VAL C 2524 -58.34 43.72 -59.81
C VAL C 2524 -57.07 44.52 -59.55
N GLY C 2525 -55.99 44.27 -60.28
CA GLY C 2525 -54.73 44.94 -60.02
C GLY C 2525 -54.33 45.99 -61.02
N PHE C 2526 -54.57 45.74 -62.31
CA PHE C 2526 -54.14 46.63 -63.38
C PHE C 2526 -55.29 47.40 -64.00
N LEU C 2527 -56.39 46.71 -64.32
CA LEU C 2527 -57.52 47.32 -65.03
C LEU C 2527 -58.10 48.58 -64.40
N PRO C 2528 -58.29 48.71 -63.06
CA PRO C 2528 -58.68 50.02 -62.51
C PRO C 2528 -57.69 51.13 -62.83
N ASP C 2529 -56.39 50.81 -62.89
CA ASP C 2529 -55.42 51.83 -63.23
C ASP C 2529 -55.44 52.13 -64.73
N MET C 2530 -55.68 51.12 -65.57
CA MET C 2530 -55.78 51.36 -67.01
C MET C 2530 -56.96 52.27 -67.33
N ARG C 2531 -58.11 52.02 -66.69
CA ARG C 2531 -59.26 52.87 -66.98
C ARG C 2531 -59.11 54.24 -66.34
N ALA C 2532 -58.45 54.32 -65.17
CA ALA C 2532 -58.22 55.61 -64.53
C ALA C 2532 -57.32 56.48 -65.39
N ALA C 2533 -56.25 55.91 -65.95
CA ALA C 2533 -55.38 56.67 -66.83
C ALA C 2533 -56.07 56.98 -68.14
N ALA C 2534 -56.95 56.08 -68.59
CA ALA C 2534 -57.67 56.31 -69.83
C ALA C 2534 -58.58 57.52 -69.68
N SER C 2535 -59.26 57.61 -68.53
CA SER C 2535 -60.16 58.72 -68.25
C SER C 2535 -59.39 60.03 -68.08
N LEU C 2536 -58.20 59.96 -67.46
CA LEU C 2536 -57.43 61.19 -67.19
C LEU C 2536 -56.98 61.90 -68.46
N ASP C 2537 -56.87 61.19 -69.59
CA ASP C 2537 -56.38 61.78 -70.84
C ASP C 2537 -57.46 62.71 -71.41
N THR C 2538 -57.47 63.94 -70.91
CA THR C 2538 -58.40 64.96 -71.39
C THR C 2538 -57.65 66.24 -71.72
N ALA C 2539 -58.38 67.32 -71.99
CA ALA C 2539 -57.72 68.60 -72.23
C ALA C 2539 -57.22 69.27 -70.95
N THR C 2540 -57.52 68.72 -69.78
CA THR C 2540 -57.14 69.33 -68.50
C THR C 2540 -56.12 68.51 -67.73
N PHE C 2541 -56.41 67.24 -67.45
CA PHE C 2541 -55.56 66.42 -66.60
C PHE C 2541 -54.36 65.81 -67.31
N SER C 2542 -54.29 65.88 -68.65
CA SER C 2542 -53.26 65.18 -69.41
C SER C 2542 -51.84 65.63 -69.07
N THR C 2543 -51.67 66.84 -68.56
CA THR C 2543 -50.36 67.36 -68.20
C THR C 2543 -50.13 67.36 -66.70
N THR C 2544 -51.15 67.01 -65.90
CA THR C 2544 -50.98 66.93 -64.46
C THR C 2544 -50.00 65.82 -64.10
N GLU C 2545 -49.21 66.08 -63.06
CA GLU C 2545 -48.05 65.24 -62.74
C GLU C 2545 -48.44 63.82 -62.38
N MET C 2546 -49.49 63.65 -61.58
CA MET C 2546 -49.90 62.31 -61.16
C MET C 2546 -50.38 61.48 -62.34
N ALA C 2547 -51.05 62.13 -63.31
CA ALA C 2547 -51.41 61.46 -64.56
C ALA C 2547 -50.17 61.04 -65.33
N LEU C 2548 -49.15 61.89 -65.34
CA LEU C 2548 -47.87 61.53 -65.97
C LEU C 2548 -47.25 60.34 -65.25
N ALA C 2549 -47.36 60.32 -63.91
CA ALA C 2549 -46.82 59.23 -63.12
C ALA C 2549 -47.50 57.91 -63.47
N LEU C 2550 -48.82 57.95 -63.66
CA LEU C 2550 -49.54 56.76 -64.07
C LEU C 2550 -49.21 56.36 -65.50
N ASN C 2551 -48.97 57.34 -66.38
CA ASN C 2551 -48.57 57.04 -67.75
C ASN C 2551 -47.23 56.32 -67.79
N ARG C 2552 -46.26 56.80 -67.01
CA ARG C 2552 -44.98 56.13 -66.93
C ARG C 2552 -45.12 54.77 -66.27
N TYR C 2553 -45.99 54.67 -65.26
CA TYR C 2553 -46.17 53.41 -64.54
C TYR C 2553 -46.72 52.34 -65.47
N LEU C 2554 -47.70 52.70 -66.30
CA LEU C 2554 -48.30 51.72 -67.19
C LEU C 2554 -47.32 51.35 -68.29
N CYS C 2555 -46.71 52.36 -68.93
CA CYS C 2555 -45.85 52.13 -70.08
C CYS C 2555 -44.50 51.52 -69.71
N LEU C 2556 -44.16 51.43 -68.43
CA LEU C 2556 -42.90 50.88 -68.00
C LEU C 2556 -43.02 49.63 -67.16
N ALA C 2557 -44.18 49.38 -66.56
CA ALA C 2557 -44.33 48.23 -65.69
C ALA C 2557 -45.45 47.28 -66.13
N VAL C 2558 -46.56 47.80 -66.65
CA VAL C 2558 -47.70 46.93 -66.93
C VAL C 2558 -47.65 46.46 -68.37
N LEU C 2559 -47.66 47.42 -69.31
CA LEU C 2559 -47.74 47.09 -70.73
C LEU C 2559 -46.64 46.17 -71.26
N PRO C 2560 -45.34 46.32 -70.94
CA PRO C 2560 -44.38 45.28 -71.36
C PRO C 2560 -44.68 43.90 -70.78
N LEU C 2561 -45.23 43.84 -69.56
CA LEU C 2561 -45.61 42.55 -68.96
C LEU C 2561 -46.75 41.91 -69.73
N ILE C 2562 -47.73 42.70 -70.14
CA ILE C 2562 -48.86 42.17 -70.91
C ILE C 2562 -48.38 41.76 -72.30
N THR C 2563 -47.48 42.56 -72.90
CA THR C 2563 -46.92 42.23 -74.20
C THR C 2563 -46.10 40.92 -74.14
N LYS C 2564 -45.51 40.63 -72.99
CA LYS C 2564 -44.83 39.36 -72.80
C LYS C 2564 -45.81 38.21 -72.57
N CYS C 2565 -46.93 38.47 -71.90
CA CYS C 2565 -47.89 37.44 -71.58
C CYS C 2565 -49.06 37.41 -72.56
N ALA C 2566 -48.88 37.99 -73.74
CA ALA C 2566 -49.91 37.95 -74.78
C ALA C 2566 -50.39 36.57 -75.22
N PRO C 2567 -49.54 35.53 -75.43
CA PRO C 2567 -50.08 34.21 -75.86
C PRO C 2567 -51.06 33.56 -74.89
N LEU C 2568 -51.07 33.93 -73.61
CA LEU C 2568 -52.01 33.38 -72.64
C LEU C 2568 -53.45 33.79 -72.89
N PHE C 2569 -53.72 34.74 -73.78
CA PHE C 2569 -55.06 35.14 -74.16
C PHE C 2569 -55.67 34.29 -75.26
N ALA C 2570 -55.12 33.11 -75.51
CA ALA C 2570 -55.66 32.25 -76.57
C ALA C 2570 -57.01 31.67 -76.18
N GLY C 2571 -57.12 31.14 -74.96
CA GLY C 2571 -58.34 30.48 -74.55
C GLY C 2571 -59.18 31.27 -73.57
N THR C 2572 -59.30 32.58 -73.79
CA THR C 2572 -60.05 33.45 -72.89
C THR C 2572 -61.40 33.81 -73.51
N GLU C 2573 -62.03 32.83 -74.15
CA GLU C 2573 -63.35 33.05 -74.73
C GLU C 2573 -64.41 33.35 -73.67
N HIS C 2574 -64.39 32.60 -72.56
CA HIS C 2574 -65.44 32.73 -71.56
C HIS C 2574 -65.34 34.02 -70.75
N ARG C 2575 -64.20 34.72 -70.79
CA ARG C 2575 -63.97 35.94 -70.04
C ARG C 2575 -63.82 37.12 -70.99
N ALA C 2576 -64.65 37.18 -72.04
CA ALA C 2576 -64.40 38.13 -73.10
C ALA C 2576 -64.93 39.53 -72.85
N ILE C 2577 -65.70 39.74 -71.78
CA ILE C 2577 -66.27 41.07 -71.51
C ILE C 2577 -65.16 42.03 -71.07
N MET C 2578 -64.29 41.57 -70.17
CA MET C 2578 -63.25 42.47 -69.73
C MET C 2578 -62.03 42.41 -70.61
N VAL C 2579 -61.88 41.34 -71.40
CA VAL C 2579 -60.88 41.34 -72.47
C VAL C 2579 -61.20 42.44 -73.48
N ASP C 2580 -62.50 42.57 -73.84
CA ASP C 2580 -62.95 43.63 -74.72
C ASP C 2580 -62.76 45.01 -74.10
N SER C 2581 -63.06 45.13 -72.80
CA SER C 2581 -62.85 46.42 -72.12
C SER C 2581 -61.36 46.77 -72.07
N MET C 2582 -60.51 45.78 -71.82
CA MET C 2582 -59.06 45.98 -71.76
C MET C 2582 -58.50 46.46 -73.09
N LEU C 2583 -58.85 45.77 -74.18
CA LEU C 2583 -58.38 46.19 -75.50
C LEU C 2583 -58.96 47.56 -75.90
N HIS C 2584 -60.17 47.88 -75.44
CA HIS C 2584 -60.72 49.20 -75.72
CA HIS C 2584 -60.72 49.20 -75.70
C HIS C 2584 -59.97 50.28 -74.95
N THR C 2585 -59.67 50.03 -73.66
CA THR C 2585 -58.97 51.01 -72.85
C THR C 2585 -57.55 51.25 -73.36
N VAL C 2586 -56.85 50.19 -73.75
CA VAL C 2586 -55.49 50.35 -74.27
C VAL C 2586 -55.52 51.08 -75.62
N TYR C 2587 -56.53 50.85 -76.46
CA TYR C 2587 -56.68 51.65 -77.68
C TYR C 2587 -56.97 53.12 -77.37
N ARG C 2588 -57.78 53.37 -76.36
CA ARG C 2588 -58.00 54.74 -75.88
C ARG C 2588 -56.69 55.37 -75.41
N LEU C 2589 -55.89 54.61 -74.67
CA LEU C 2589 -54.60 55.11 -74.19
C LEU C 2589 -53.65 55.35 -75.34
N SER C 2590 -53.78 54.58 -76.44
CA SER C 2590 -53.01 54.86 -77.64
C SER C 2590 -53.41 56.21 -78.20
N ARG C 2591 -54.71 56.52 -78.15
CA ARG C 2591 -55.20 57.83 -78.57
C ARG C 2591 -55.11 58.81 -77.40
N GLY C 2592 -53.88 59.07 -76.97
CA GLY C 2592 -53.63 59.92 -75.82
C GLY C 2592 -52.79 61.13 -76.17
N ARG C 2593 -53.07 62.25 -75.52
CA ARG C 2593 -52.29 63.46 -75.70
C ARG C 2593 -51.36 63.69 -74.51
N SER C 2594 -50.25 64.40 -74.80
CA SER C 2594 -49.15 64.66 -73.86
C SER C 2594 -48.55 63.37 -73.31
N LEU C 2595 -48.46 62.35 -74.17
CA LEU C 2595 -47.66 61.16 -73.92
C LEU C 2595 -46.50 61.11 -74.90
N THR C 2596 -45.33 60.75 -74.38
CA THR C 2596 -44.12 60.70 -75.19
C THR C 2596 -44.23 59.61 -76.26
N LYS C 2597 -43.51 59.80 -77.36
CA LYS C 2597 -43.46 58.81 -78.44
C LYS C 2597 -42.94 57.46 -77.96
N ALA C 2598 -42.04 57.47 -76.96
CA ALA C 2598 -41.59 56.24 -76.33
C ALA C 2598 -42.75 55.54 -75.63
N GLN C 2599 -43.60 56.30 -74.93
CA GLN C 2599 -44.75 55.69 -74.30
C GLN C 2599 -45.76 55.22 -75.34
N ARG C 2600 -45.85 55.95 -76.45
CA ARG C 2600 -46.80 55.63 -77.52
C ARG C 2600 -46.50 54.29 -78.18
N ASP C 2601 -45.22 54.02 -78.46
CA ASP C 2601 -44.89 52.79 -79.19
C ASP C 2601 -45.11 51.55 -78.33
N VAL C 2602 -44.90 51.66 -77.02
CA VAL C 2602 -45.12 50.54 -76.10
C VAL C 2602 -46.58 50.13 -76.13
N ILE C 2603 -47.48 51.13 -76.15
CA ILE C 2603 -48.91 50.87 -76.27
C ILE C 2603 -49.24 50.21 -77.61
N GLU C 2604 -48.61 50.70 -78.70
CA GLU C 2604 -48.86 50.14 -80.02
C GLU C 2604 -48.44 48.67 -80.10
N ASP C 2605 -47.27 48.37 -79.53
CA ASP C 2605 -46.75 47.01 -79.48
C ASP C 2605 -47.63 46.10 -78.64
N CYS C 2606 -48.13 46.63 -77.50
CA CYS C 2606 -49.01 45.85 -76.64
C CYS C 2606 -50.31 45.52 -77.35
N LEU C 2607 -50.89 46.51 -78.05
CA LEU C 2607 -52.17 46.30 -78.70
C LEU C 2607 -52.05 45.28 -79.83
N MET C 2608 -50.99 45.38 -80.64
CA MET C 2608 -50.77 44.39 -81.70
C MET C 2608 -50.51 43.01 -81.11
N ALA C 2609 -49.77 42.93 -80.00
CA ALA C 2609 -49.48 41.63 -79.39
C ALA C 2609 -50.76 41.01 -78.85
N LEU C 2610 -51.64 41.83 -78.27
CA LEU C 2610 -52.90 41.30 -77.74
C LEU C 2610 -53.79 40.80 -78.88
N CYS C 2611 -53.83 41.55 -79.98
CA CYS C 2611 -54.69 41.18 -81.10
C CYS C 2611 -54.21 39.91 -81.77
N ARG C 2612 -52.89 39.68 -81.81
CA ARG C 2612 -52.36 38.50 -82.47
CA ARG C 2612 -52.36 38.50 -82.48
C ARG C 2612 -52.81 37.21 -81.79
N TYR C 2613 -53.06 37.27 -80.48
CA TYR C 2613 -53.50 36.10 -79.73
C TYR C 2613 -54.95 36.19 -79.27
N ILE C 2614 -55.70 37.16 -79.76
CA ILE C 2614 -57.14 37.24 -79.48
C ILE C 2614 -57.86 36.66 -80.69
N ARG C 2615 -58.78 35.72 -80.44
CA ARG C 2615 -59.61 35.11 -81.46
C ARG C 2615 -60.55 36.14 -82.08
N PRO C 2616 -60.90 36.00 -83.38
CA PRO C 2616 -61.57 37.10 -84.11
C PRO C 2616 -62.93 37.53 -83.56
N SER C 2617 -63.58 36.70 -82.72
CA SER C 2617 -64.90 37.03 -82.20
C SER C 2617 -64.86 38.30 -81.36
N MET C 2618 -63.86 38.44 -80.47
CA MET C 2618 -63.83 39.60 -79.60
C MET C 2618 -63.33 40.86 -80.29
N LEU C 2619 -62.82 40.74 -81.51
CA LEU C 2619 -62.31 41.91 -82.23
C LEU C 2619 -63.42 42.68 -82.94
N GLN C 2620 -64.68 42.26 -82.76
CA GLN C 2620 -65.81 42.94 -83.38
C GLN C 2620 -65.94 44.37 -82.86
N HIS C 2621 -65.96 44.54 -81.54
CA HIS C 2621 -66.19 45.86 -80.95
C HIS C 2621 -65.04 46.80 -81.24
N LEU C 2622 -63.81 46.28 -81.22
CA LEU C 2622 -62.64 47.06 -81.62
C LEU C 2622 -62.73 47.50 -83.07
N LEU C 2623 -63.14 46.59 -83.97
CA LEU C 2623 -63.36 46.96 -85.37
C LEU C 2623 -64.46 48.00 -85.50
N ARG C 2624 -65.49 47.90 -84.66
CA ARG C 2624 -66.58 48.88 -84.66
C ARG C 2624 -66.06 50.26 -84.31
N ARG C 2625 -65.19 50.33 -83.30
CA ARG C 2625 -64.56 51.59 -82.93
C ARG C 2625 -63.70 52.11 -84.08
N LEU C 2626 -62.97 51.20 -84.74
CA LEU C 2626 -62.10 51.60 -85.86
C LEU C 2626 -62.87 52.09 -87.07
N VAL C 2627 -64.16 51.76 -87.20
CA VAL C 2627 -64.94 52.22 -88.35
C VAL C 2627 -65.04 53.75 -88.35
N PHE C 2628 -65.22 54.35 -87.19
CA PHE C 2628 -65.28 55.80 -87.10
C PHE C 2628 -63.90 56.46 -87.02
N ASP C 2629 -62.81 55.67 -87.04
CA ASP C 2629 -61.47 56.21 -86.81
C ASP C 2629 -60.56 56.08 -88.01
N VAL C 2630 -60.43 54.87 -88.59
CA VAL C 2630 -59.49 54.66 -89.70
C VAL C 2630 -59.77 55.52 -90.94
N PRO C 2631 -61.02 55.68 -91.45
CA PRO C 2631 -61.21 56.55 -92.64
C PRO C 2631 -60.81 58.00 -92.47
N ILE C 2632 -60.69 58.49 -91.23
CA ILE C 2632 -60.24 59.86 -90.98
C ILE C 2632 -58.81 60.05 -91.51
N LEU C 2633 -57.97 59.01 -91.36
CA LEU C 2633 -56.59 58.97 -91.87
C LEU C 2633 -55.71 60.05 -91.25
N ASN C 2634 -55.90 60.29 -89.96
CA ASN C 2634 -55.11 61.29 -89.24
C ASN C 2634 -53.77 60.69 -88.82
N GLU C 2635 -53.06 61.38 -87.92
CA GLU C 2635 -51.77 60.89 -87.45
C GLU C 2635 -51.93 59.65 -86.56
N PHE C 2636 -53.08 59.50 -85.90
CA PHE C 2636 -53.30 58.33 -85.05
C PHE C 2636 -53.79 57.11 -85.83
N ALA C 2637 -54.05 57.25 -87.12
CA ALA C 2637 -54.53 56.14 -87.94
C ALA C 2637 -53.42 55.23 -88.45
N LYS C 2638 -52.15 55.58 -88.21
CA LYS C 2638 -51.04 54.74 -88.66
C LYS C 2638 -51.07 53.38 -88.00
N MET C 2639 -51.28 53.34 -86.68
CA MET C 2639 -51.31 52.09 -85.93
C MET C 2639 -52.47 51.17 -86.34
N PRO C 2640 -53.74 51.61 -86.43
CA PRO C 2640 -54.79 50.67 -86.88
C PRO C 2640 -54.61 50.15 -88.30
N LEU C 2641 -53.91 50.88 -89.17
CA LEU C 2641 -53.71 50.43 -90.54
C LEU C 2641 -52.95 49.11 -90.60
N LYS C 2642 -51.85 49.02 -89.84
CA LYS C 2642 -51.13 47.75 -89.75
C LYS C 2642 -51.84 46.78 -88.83
N LEU C 2643 -52.56 47.28 -87.82
CA LEU C 2643 -53.29 46.41 -86.91
C LEU C 2643 -54.35 45.61 -87.67
N LEU C 2644 -55.09 46.28 -88.55
CA LEU C 2644 -56.09 45.61 -89.37
C LEU C 2644 -55.44 44.81 -90.48
N THR C 2645 -54.25 45.27 -90.94
CA THR C 2645 -53.54 44.55 -91.98
C THR C 2645 -53.19 43.15 -91.50
N ASN C 2646 -52.56 43.07 -90.33
CA ASN C 2646 -52.19 41.77 -89.79
C ASN C 2646 -53.42 41.00 -89.33
N HIS C 2647 -54.45 41.69 -88.84
CA HIS C 2647 -55.65 41.02 -88.36
C HIS C 2647 -56.36 40.28 -89.49
N TYR C 2648 -56.42 40.89 -90.67
CA TYR C 2648 -57.10 40.23 -91.78
C TYR C 2648 -56.18 39.27 -92.51
N GLU C 2649 -54.87 39.55 -92.57
CA GLU C 2649 -53.94 38.58 -93.13
C GLU C 2649 -53.87 37.32 -92.28
N ARG C 2650 -54.11 37.42 -90.98
CA ARG C 2650 -54.12 36.26 -90.12
C ARG C 2650 -55.48 35.57 -90.13
N CYS C 2651 -56.57 36.33 -90.19
CA CYS C 2651 -57.89 35.78 -90.01
C CYS C 2651 -58.76 35.89 -91.25
N TRP C 2652 -58.16 35.79 -92.45
CA TRP C 2652 -58.93 35.93 -93.68
C TRP C 2652 -59.92 34.78 -93.88
N LYS C 2653 -59.55 33.56 -93.47
CA LYS C 2653 -60.46 32.41 -93.59
C LYS C 2653 -61.73 32.57 -92.78
N TYR C 2654 -61.68 33.33 -91.67
CA TYR C 2654 -62.86 33.57 -90.86
C TYR C 2654 -63.90 34.39 -91.62
N TYR C 2655 -63.45 35.41 -92.36
CA TYR C 2655 -64.37 36.33 -93.00
C TYR C 2655 -64.66 36.00 -94.46
N CYS C 2656 -63.76 35.29 -95.15
CA CYS C 2656 -63.96 34.96 -96.55
C CYS C 2656 -64.76 33.67 -96.72
N LEU C 2657 -64.26 32.59 -96.16
CA LEU C 2657 -64.88 31.28 -96.33
C LEU C 2657 -66.24 31.23 -95.63
N PRO C 2658 -67.30 30.77 -96.31
CA PRO C 2658 -68.60 30.61 -95.64
C PRO C 2658 -68.57 29.66 -94.45
N THR C 2659 -67.72 28.61 -94.51
CA THR C 2659 -67.55 27.72 -93.37
C THR C 2659 -66.79 28.37 -92.22
N GLY C 2660 -66.22 29.55 -92.43
CA GLY C 2660 -65.49 30.24 -91.39
C GLY C 2660 -64.09 29.69 -91.24
N TRP C 2661 -63.40 30.20 -90.23
CA TRP C 2661 -62.06 29.73 -89.91
C TRP C 2661 -62.12 28.30 -89.36
N ALA C 2662 -60.98 27.60 -89.43
CA ALA C 2662 -60.87 26.24 -88.91
C ALA C 2662 -61.11 26.23 -87.42
N ASN C 2663 -62.18 25.52 -87.00
CA ASN C 2663 -62.59 25.25 -85.60
C ASN C 2663 -62.65 26.51 -84.71
N PHE C 2664 -62.84 27.68 -85.31
CA PHE C 2664 -62.94 28.94 -84.57
C PHE C 2664 -64.32 29.56 -84.60
N GLY C 2665 -65.04 29.41 -85.71
CA GLY C 2665 -66.37 29.94 -85.85
C GLY C 2665 -66.56 30.63 -87.17
N VAL C 2666 -67.69 31.32 -87.31
CA VAL C 2666 -68.08 32.00 -88.53
C VAL C 2666 -68.46 33.43 -88.18
N THR C 2667 -68.51 34.28 -89.21
CA THR C 2667 -68.76 35.69 -89.03
C THR C 2667 -70.18 35.95 -88.54
N SER C 2668 -70.40 37.14 -88.00
CA SER C 2668 -71.70 37.58 -87.52
C SER C 2668 -72.48 38.38 -88.56
N GLU C 2669 -71.97 38.47 -89.80
CA GLU C 2669 -72.56 39.12 -90.98
C GLU C 2669 -72.54 40.66 -90.86
N GLU C 2670 -72.23 41.17 -89.68
CA GLU C 2670 -72.09 42.60 -89.43
C GLU C 2670 -70.64 43.04 -89.43
N GLU C 2671 -69.74 42.18 -88.96
CA GLU C 2671 -68.30 42.44 -89.08
C GLU C 2671 -67.88 42.57 -90.55
N LEU C 2672 -68.48 41.75 -91.42
CA LEU C 2672 -68.28 41.90 -92.87
C LEU C 2672 -68.78 43.24 -93.40
N HIS C 2673 -69.94 43.69 -92.91
CA HIS C 2673 -70.45 45.03 -93.25
C HIS C 2673 -69.52 46.12 -92.74
N LEU C 2674 -69.00 45.97 -91.53
CA LEU C 2674 -68.00 46.88 -90.97
C LEU C 2674 -66.75 46.91 -91.84
N THR C 2675 -66.29 45.73 -92.30
CA THR C 2675 -65.13 45.65 -93.17
C THR C 2675 -65.40 46.36 -94.50
N ARG C 2676 -66.60 46.15 -95.05
CA ARG C 2676 -66.99 46.77 -96.33
C ARG C 2676 -67.00 48.29 -96.22
N LYS C 2677 -67.63 48.81 -95.14
CA LYS C 2677 -67.65 50.25 -94.90
C LYS C 2677 -66.26 50.80 -94.66
N LEU C 2678 -65.43 50.09 -93.89
CA LEU C 2678 -64.06 50.53 -93.63
C LEU C 2678 -63.25 50.59 -94.91
N PHE C 2679 -63.44 49.59 -95.79
CA PHE C 2679 -62.75 49.53 -97.07
C PHE C 2679 -63.15 50.71 -97.96
N TRP C 2680 -64.45 50.95 -98.09
CA TRP C 2680 -64.87 52.05 -98.96
C TRP C 2680 -64.53 53.40 -98.34
N GLY C 2681 -64.56 53.50 -97.00
CA GLY C 2681 -64.11 54.70 -96.32
C GLY C 2681 -62.66 55.04 -96.59
N ILE C 2682 -61.79 54.02 -96.59
CA ILE C 2682 -60.39 54.24 -96.97
C ILE C 2682 -60.26 54.57 -98.44
N PHE C 2683 -60.99 53.87 -99.32
CA PHE C 2683 -60.89 54.14 -100.75
C PHE C 2683 -61.33 55.57 -101.09
N ASP C 2684 -62.45 56.01 -100.49
CA ASP C 2684 -62.95 57.37 -100.67
C ASP C 2684 -61.99 58.41 -100.10
N SER C 2685 -61.52 58.21 -98.86
CA SER C 2685 -60.63 59.19 -98.25
C SER C 2685 -59.30 59.24 -98.98
N LEU C 2686 -58.83 58.08 -99.44
CA LEU C 2686 -57.57 57.97 -100.16
C LEU C 2686 -57.66 58.73 -101.48
N ALA C 2687 -58.80 58.61 -102.16
CA ALA C 2687 -58.98 59.29 -103.44
C ALA C 2687 -59.10 60.79 -103.24
N HIS C 2688 -59.94 61.22 -102.26
CA HIS C 2688 -60.13 62.65 -102.02
C HIS C 2688 -58.85 63.33 -101.55
N LYS C 2689 -58.14 62.70 -100.61
CA LYS C 2689 -56.96 63.29 -100.01
C LYS C 2689 -55.80 63.29 -100.98
N LYS C 2690 -54.92 64.29 -100.83
CA LYS C 2690 -53.74 64.38 -101.67
C LYS C 2690 -52.80 63.20 -101.34
N TYR C 2691 -52.05 62.76 -102.36
CA TYR C 2691 -51.10 61.66 -102.22
C TYR C 2691 -50.04 61.95 -101.17
N ASP C 2692 -49.98 61.08 -100.17
CA ASP C 2692 -48.93 61.07 -99.16
C ASP C 2692 -48.21 59.74 -99.27
N GLN C 2693 -46.93 59.78 -99.64
CA GLN C 2693 -46.16 58.57 -99.93
C GLN C 2693 -46.07 57.65 -98.72
N GLU C 2694 -45.74 58.22 -97.56
CA GLU C 2694 -45.58 57.43 -96.33
C GLU C 2694 -46.89 56.77 -95.92
N LEU C 2695 -48.00 57.51 -96.01
CA LEU C 2695 -49.31 56.94 -95.71
C LEU C 2695 -49.68 55.84 -96.71
N TYR C 2696 -49.42 56.09 -98.01
CA TYR C 2696 -49.86 55.17 -99.05
C TYR C 2696 -49.11 53.84 -99.00
N ARG C 2697 -47.82 53.85 -98.63
CA ARG C 2697 -47.03 52.62 -98.59
C ARG C 2697 -47.55 51.66 -97.52
N MET C 2698 -47.90 52.18 -96.35
CA MET C 2698 -48.35 51.34 -95.26
C MET C 2698 -49.86 51.39 -95.09
N ALA C 2699 -50.57 51.88 -96.11
CA ALA C 2699 -52.02 51.75 -96.18
C ALA C 2699 -52.48 50.84 -97.29
N MET C 2700 -51.68 50.68 -98.36
CA MET C 2700 -52.02 49.73 -99.42
C MET C 2700 -52.17 48.28 -98.95
N PRO C 2701 -51.26 47.69 -98.13
CA PRO C 2701 -51.51 46.32 -97.65
C PRO C 2701 -52.78 46.16 -96.85
N CYS C 2702 -53.22 47.21 -96.13
CA CYS C 2702 -54.48 47.17 -95.41
C CYS C 2702 -55.64 46.97 -96.37
N LEU C 2703 -55.61 47.68 -97.50
CA LEU C 2703 -56.65 47.54 -98.52
C LEU C 2703 -56.63 46.15 -99.13
N CYS C 2704 -55.44 45.67 -99.50
CA CYS C 2704 -55.33 44.35 -100.12
C CYS C 2704 -55.75 43.24 -99.17
N ALA C 2705 -55.35 43.35 -97.89
CA ALA C 2705 -55.76 42.39 -96.86
C ALA C 2705 -57.27 42.41 -96.65
N ILE C 2706 -57.88 43.61 -96.64
CA ILE C 2706 -59.33 43.68 -96.49
C ILE C 2706 -60.01 43.07 -97.72
N ALA C 2707 -59.43 43.30 -98.90
CA ALA C 2707 -60.02 42.82 -100.15
C ALA C 2707 -60.06 41.30 -100.15
N GLY C 2708 -58.95 40.67 -99.73
CA GLY C 2708 -58.92 39.23 -99.64
C GLY C 2708 -59.84 38.71 -98.54
N ALA C 2709 -59.91 39.45 -97.42
CA ALA C 2709 -60.69 39.02 -96.27
C ALA C 2709 -62.19 38.97 -96.58
N LEU C 2710 -62.69 39.99 -97.26
CA LEU C 2710 -64.10 40.09 -97.58
C LEU C 2710 -64.52 39.00 -98.57
N PRO C 2711 -65.74 38.47 -98.44
CA PRO C 2711 -66.23 37.48 -99.40
C PRO C 2711 -66.32 38.05 -100.80
N PRO C 2712 -66.00 37.27 -101.83
CA PRO C 2712 -66.14 37.76 -103.21
C PRO C 2712 -67.57 38.13 -103.61
N ASP C 2713 -68.56 37.41 -103.09
CA ASP C 2713 -69.96 37.68 -103.40
C ASP C 2713 -70.75 38.18 -102.19
N TYR C 2714 -70.13 39.01 -101.36
CA TYR C 2714 -70.78 39.50 -100.15
C TYR C 2714 -71.95 40.43 -100.50
N VAL C 2715 -73.03 40.31 -99.74
CA VAL C 2715 -74.22 41.13 -99.89
C VAL C 2715 -74.57 41.70 -98.53
N ASP C 2716 -74.70 43.03 -98.45
CA ASP C 2716 -75.06 43.70 -97.22
C ASP C 2716 -76.57 43.76 -97.08
N ALA C 2717 -77.03 43.83 -95.82
CA ALA C 2717 -78.46 43.81 -95.53
C ALA C 2717 -79.16 45.07 -96.04
N SER C 2718 -78.63 46.25 -95.69
CA SER C 2718 -79.27 47.51 -96.03
C SER C 2718 -78.43 48.23 -97.08
N TYR C 2719 -79.07 48.56 -98.21
CA TYR C 2719 -78.39 49.21 -99.33
C TYR C 2719 -78.51 50.73 -99.25
N SER C 2720 -78.15 51.29 -98.09
CA SER C 2720 -78.26 52.72 -97.84
C SER C 2720 -77.44 53.06 -96.61
N SER C 2721 -77.11 54.35 -96.48
CA SER C 2721 -76.34 54.84 -95.35
C SER C 2721 -76.57 56.35 -95.22
N LYS C 2722 -76.21 56.87 -94.04
CA LYS C 2722 -76.28 58.31 -93.80
C LYS C 2722 -75.34 59.08 -94.71
N ALA C 2723 -74.12 58.57 -94.90
CA ALA C 2723 -73.08 59.09 -95.80
C ALA C 2723 -72.72 60.54 -95.46
N GLU C 2724 -72.13 60.68 -94.27
CA GLU C 2724 -71.59 61.95 -93.82
C GLU C 2724 -70.09 61.81 -93.55
N LYS C 2725 -69.37 62.91 -93.77
CA LYS C 2725 -67.91 63.01 -93.58
C LYS C 2725 -67.11 61.98 -94.38
N ASN C 2734 -63.98 64.07 -81.44
CA ASN C 2734 -64.27 62.66 -81.57
C ASN C 2734 -65.70 62.44 -82.08
N PHE C 2735 -66.36 61.40 -81.57
CA PHE C 2735 -67.74 61.06 -81.97
C PHE C 2735 -68.70 62.09 -81.39
N ASP C 2736 -69.15 63.02 -82.22
CA ASP C 2736 -70.07 64.09 -81.79
C ASP C 2736 -71.25 64.18 -82.75
N PRO C 2737 -72.22 63.25 -82.62
CA PRO C 2737 -73.37 63.25 -83.55
C PRO C 2737 -74.20 64.52 -83.46
N ARG C 2738 -74.71 64.95 -84.61
CA ARG C 2738 -75.51 66.17 -84.68
C ARG C 2738 -76.97 65.80 -84.79
N PRO C 2739 -77.76 65.97 -83.73
CA PRO C 2739 -79.20 65.70 -83.83
C PRO C 2739 -79.90 66.66 -84.77
N VAL C 2740 -80.92 66.14 -85.46
CA VAL C 2740 -81.63 66.91 -86.47
C VAL C 2740 -82.47 67.99 -85.78
N GLU C 2741 -82.67 69.11 -86.47
CA GLU C 2741 -83.43 70.23 -85.92
C GLU C 2741 -84.93 69.95 -86.01
N THR C 2742 -85.60 69.97 -84.86
CA THR C 2742 -87.05 69.83 -84.80
C THR C 2742 -87.74 71.02 -84.13
N LEU C 2743 -87.03 71.79 -83.28
CA LEU C 2743 -87.63 72.97 -82.68
C LEU C 2743 -87.68 74.13 -83.68
N ASN C 2744 -86.67 74.23 -84.55
CA ASN C 2744 -86.58 75.32 -85.52
C ASN C 2744 -87.76 75.32 -86.48
N VAL C 2745 -88.12 74.16 -87.01
CA VAL C 2745 -89.24 74.05 -87.94
C VAL C 2745 -90.53 73.97 -87.12
N ILE C 2746 -91.59 74.58 -87.65
CA ILE C 2746 -92.88 74.58 -86.96
C ILE C 2746 -93.61 73.28 -87.27
N ILE C 2747 -94.18 72.67 -86.23
CA ILE C 2747 -94.92 71.42 -86.38
C ILE C 2747 -96.28 71.69 -87.00
N PRO C 2748 -96.59 71.11 -88.17
CA PRO C 2748 -97.93 71.27 -88.73
C PRO C 2748 -98.94 70.43 -87.97
N GLU C 2749 -99.81 71.06 -87.19
CA GLU C 2749 -100.76 70.36 -86.33
C GLU C 2749 -102.02 69.90 -87.08
N LYS C 2750 -101.92 69.73 -88.40
CA LYS C 2750 -103.01 69.20 -89.22
C LYS C 2750 -103.40 67.77 -88.81
N LEU C 2751 -102.42 66.99 -88.35
CA LEU C 2751 -102.62 65.59 -88.00
C LEU C 2751 -102.69 65.37 -86.48
N ASP C 2752 -103.18 66.38 -85.75
CA ASP C 2752 -103.29 66.30 -84.28
C ASP C 2752 -104.27 65.21 -83.84
N SER C 2753 -105.25 64.86 -84.68
CA SER C 2753 -106.15 63.74 -84.40
C SER C 2753 -105.42 62.40 -84.45
N PHE C 2754 -104.21 62.38 -85.00
CA PHE C 2754 -103.33 61.23 -84.91
C PHE C 2754 -102.29 61.40 -83.81
N ILE C 2755 -101.87 62.65 -83.53
CA ILE C 2755 -100.90 62.90 -82.46
C ILE C 2755 -101.46 62.50 -81.10
N ASN C 2756 -102.72 62.88 -80.82
CA ASN C 2756 -103.33 62.45 -79.56
C ASN C 2756 -103.61 60.94 -79.53
N LYS C 2757 -103.96 60.36 -80.68
CA LYS C 2757 -104.18 58.92 -80.74
C LYS C 2757 -102.87 58.16 -80.50
N PHE C 2758 -101.76 58.65 -81.04
CA PHE C 2758 -100.44 58.08 -80.78
C PHE C 2758 -99.91 58.44 -79.41
N ALA C 2759 -100.59 59.35 -78.71
CA ALA C 2759 -100.21 59.70 -77.36
C ALA C 2759 -100.90 58.77 -76.37
N GLU C 2760 -102.22 58.60 -76.52
CA GLU C 2760 -102.96 57.74 -75.62
C GLU C 2760 -102.69 56.26 -75.91
N TYR C 2761 -102.65 55.88 -77.19
CA TYR C 2761 -102.53 54.48 -77.55
C TYR C 2761 -101.15 53.90 -77.25
N THR C 2762 -100.08 54.70 -77.27
CA THR C 2762 -98.77 54.19 -76.83
C THR C 2762 -98.79 53.81 -75.36
N HIS C 2763 -99.43 54.62 -74.52
CA HIS C 2763 -99.61 54.24 -73.11
C HIS C 2763 -100.59 53.08 -72.96
N GLU C 2764 -101.55 52.98 -73.88
CA GLU C 2764 -102.41 51.79 -73.94
C GLU C 2764 -101.60 50.53 -74.31
N LYS C 2765 -100.68 50.65 -75.26
CA LYS C 2765 -99.77 49.55 -75.58
C LYS C 2765 -98.89 49.19 -74.40
N TRP C 2766 -98.44 50.19 -73.64
CA TRP C 2766 -97.72 49.95 -72.39
C TRP C 2766 -98.59 49.20 -71.39
N ALA C 2767 -99.87 49.57 -71.30
CA ALA C 2767 -100.83 48.81 -70.48
C ALA C 2767 -100.99 47.38 -70.99
N PHE C 2768 -100.98 47.19 -72.31
CA PHE C 2768 -101.00 45.84 -72.87
C PHE C 2768 -99.73 45.07 -72.52
N ASP C 2769 -98.60 45.76 -72.43
CA ASP C 2769 -97.36 45.15 -71.96
C ASP C 2769 -97.51 44.70 -70.52
N LYS C 2770 -98.14 45.53 -69.69
CA LYS C 2770 -98.24 45.16 -68.28
C LYS C 2770 -99.24 44.03 -68.06
N ILE C 2771 -100.41 44.09 -68.71
CA ILE C 2771 -101.40 43.02 -68.59
C ILE C 2771 -100.89 41.71 -69.21
N GLN C 2772 -99.94 41.79 -70.16
CA GLN C 2772 -99.25 40.61 -70.66
C GLN C 2772 -97.95 40.35 -69.93
N ASN C 2773 -97.64 41.12 -68.89
CA ASN C 2773 -96.46 40.91 -68.07
C ASN C 2773 -96.79 40.18 -66.77
N ASN C 2774 -97.92 39.44 -66.76
CA ASN C 2774 -98.40 38.53 -65.71
C ASN C 2774 -98.91 39.26 -64.46
N TRP C 2775 -98.72 40.58 -64.38
CA TRP C 2775 -99.10 41.35 -63.19
C TRP C 2775 -99.97 42.53 -63.59
N SER C 2776 -101.00 42.80 -62.79
CA SER C 2776 -101.93 43.88 -63.08
C SER C 2776 -101.39 45.21 -62.56
N TYR C 2777 -102.25 46.23 -62.53
CA TYR C 2777 -101.87 47.58 -62.18
C TYR C 2777 -102.35 47.92 -60.77
N GLY C 2778 -102.13 49.17 -60.37
CA GLY C 2778 -102.55 49.66 -59.07
C GLY C 2778 -102.56 51.17 -59.06
N GLU C 2779 -103.21 51.72 -58.03
CA GLU C 2779 -103.33 53.17 -57.92
C GLU C 2779 -102.13 53.80 -57.22
N ASN C 2780 -101.78 53.30 -56.03
CA ASN C 2780 -100.69 53.86 -55.25
C ASN C 2780 -99.35 53.66 -55.93
N VAL C 2781 -98.45 54.62 -55.73
CA VAL C 2781 -97.10 54.58 -56.29
C VAL C 2781 -96.22 53.81 -55.32
N ASP C 2782 -95.81 52.61 -55.71
CA ASP C 2782 -94.94 51.77 -54.90
C ASP C 2782 -94.21 50.76 -55.79
N GLU C 2783 -93.02 50.36 -55.36
CA GLU C 2783 -92.16 49.51 -56.18
C GLU C 2783 -92.49 48.03 -56.08
N GLU C 2784 -93.42 47.64 -55.21
CA GLU C 2784 -93.78 46.22 -55.04
C GLU C 2784 -94.43 45.62 -56.29
N LEU C 2785 -94.96 46.44 -57.19
CA LEU C 2785 -95.56 45.95 -58.43
C LEU C 2785 -94.53 45.63 -59.50
N LYS C 2786 -93.24 45.95 -59.27
CA LYS C 2786 -92.08 45.77 -60.17
C LYS C 2786 -92.32 46.22 -61.62
N THR C 2787 -93.26 47.15 -61.82
CA THR C 2787 -93.65 47.71 -63.11
C THR C 2787 -94.06 49.16 -62.86
N HIS C 2788 -94.78 49.75 -63.81
CA HIS C 2788 -95.35 51.08 -63.62
C HIS C 2788 -96.37 51.06 -62.49
N PRO C 2789 -96.20 51.89 -61.45
CA PRO C 2789 -97.02 51.73 -60.24
C PRO C 2789 -98.34 52.47 -60.23
N MET C 2790 -98.49 53.54 -61.02
CA MET C 2790 -99.61 54.44 -60.87
C MET C 2790 -100.73 54.20 -61.89
N LEU C 2791 -100.55 53.23 -62.80
CA LEU C 2791 -101.48 52.96 -63.90
C LEU C 2791 -102.91 52.69 -63.44
N ARG C 2792 -103.87 53.38 -64.05
CA ARG C 2792 -105.29 53.30 -63.72
C ARG C 2792 -106.08 53.31 -65.02
N PRO C 2793 -107.31 52.78 -65.01
CA PRO C 2793 -108.16 52.87 -66.20
C PRO C 2793 -108.47 54.32 -66.57
N TYR C 2794 -108.58 54.57 -67.88
CA TYR C 2794 -108.70 55.92 -68.44
C TYR C 2794 -109.94 56.68 -67.97
N LYS C 2795 -110.99 55.96 -67.55
CA LYS C 2795 -112.16 56.62 -66.99
C LYS C 2795 -111.80 57.35 -65.70
N THR C 2796 -110.99 56.73 -64.85
CA THR C 2796 -110.54 57.33 -63.59
C THR C 2796 -109.05 57.61 -63.59
N PHE C 2797 -108.50 58.00 -64.74
CA PHE C 2797 -107.08 58.35 -64.87
C PHE C 2797 -106.96 59.84 -65.17
N SER C 2798 -106.06 60.51 -64.45
CA SER C 2798 -105.87 61.95 -64.60
C SER C 2798 -105.33 62.28 -66.00
N GLU C 2799 -105.71 63.47 -66.48
CA GLU C 2799 -105.21 63.97 -67.75
C GLU C 2799 -104.03 64.92 -67.62
N LYS C 2800 -103.55 65.17 -66.39
CA LYS C 2800 -102.35 65.99 -66.16
C LYS C 2800 -101.09 65.34 -66.70
N ASP C 2801 -101.12 64.03 -66.93
CA ASP C 2801 -99.97 63.33 -67.45
C ASP C 2801 -100.23 62.79 -68.85
N LYS C 2802 -101.50 62.57 -69.20
CA LYS C 2802 -101.82 62.16 -70.55
C LYS C 2802 -101.69 63.31 -71.53
N GLU C 2803 -101.75 64.56 -71.05
CA GLU C 2803 -101.52 65.68 -71.94
C GLU C 2803 -100.05 66.09 -71.99
N ILE C 2804 -99.17 65.43 -71.24
CA ILE C 2804 -97.75 65.67 -71.31
C ILE C 2804 -96.96 64.45 -71.78
N TYR C 2805 -97.64 63.33 -72.03
CA TYR C 2805 -96.93 62.14 -72.50
C TYR C 2805 -96.67 62.16 -74.00
N ARG C 2806 -97.11 63.18 -74.73
CA ARG C 2806 -96.93 63.22 -76.17
C ARG C 2806 -95.64 63.91 -76.61
N TRP C 2807 -94.74 64.22 -75.66
CA TRP C 2807 -93.44 64.80 -76.00
C TRP C 2807 -92.59 63.91 -76.92
N PRO C 2808 -92.41 62.59 -76.68
CA PRO C 2808 -91.79 61.76 -77.73
C PRO C 2808 -92.60 61.72 -79.01
N ILE C 2809 -93.93 61.75 -78.91
CA ILE C 2809 -94.77 61.70 -80.10
C ILE C 2809 -94.66 63.00 -80.88
N LYS C 2810 -94.64 64.13 -80.17
CA LYS C 2810 -94.48 65.44 -80.80
C LYS C 2810 -93.14 65.55 -81.50
N GLU C 2811 -92.06 65.11 -80.83
CA GLU C 2811 -90.74 65.26 -81.44
C GLU C 2811 -90.54 64.26 -82.56
N SER C 2812 -91.10 63.05 -82.42
CA SER C 2812 -91.00 62.02 -83.44
C SER C 2812 -91.67 62.48 -84.73
N LEU C 2813 -92.85 63.09 -84.62
CA LEU C 2813 -93.52 63.58 -85.83
C LEU C 2813 -92.89 64.86 -86.37
N LYS C 2814 -92.30 65.68 -85.49
CA LYS C 2814 -91.50 66.83 -85.94
C LYS C 2814 -90.35 66.36 -86.81
N ALA C 2815 -89.58 65.38 -86.34
CA ALA C 2815 -88.50 64.80 -87.13
C ALA C 2815 -89.01 64.03 -88.34
N MET C 2816 -90.24 63.48 -88.26
CA MET C 2816 -90.85 62.80 -89.39
C MET C 2816 -91.15 63.76 -90.54
N ILE C 2817 -91.57 64.98 -90.22
CA ILE C 2817 -91.93 65.93 -91.27
C ILE C 2817 -90.80 66.90 -91.60
N ALA C 2818 -89.81 67.08 -90.71
CA ALA C 2818 -88.70 67.98 -90.99
C ALA C 2818 -87.73 67.45 -92.02
N TRP C 2819 -87.68 66.13 -92.22
CA TRP C 2819 -86.76 65.53 -93.19
C TRP C 2819 -87.36 65.49 -94.59
N GLU C 2820 -87.92 66.62 -95.07
CA GLU C 2820 -88.60 66.85 -96.36
C GLU C 2820 -89.57 65.72 -96.75
N TRP C 2821 -90.17 65.08 -95.76
CA TRP C 2821 -91.20 64.05 -95.96
C TRP C 2821 -92.59 64.64 -95.75
N THR C 2822 -93.49 64.30 -96.66
CA THR C 2822 -94.89 64.69 -96.53
C THR C 2822 -95.69 63.50 -96.01
N ILE C 2823 -96.49 63.75 -94.97
CA ILE C 2823 -97.39 62.76 -94.41
C ILE C 2823 -98.83 63.19 -94.72
N GLU C 2824 -99.59 62.29 -95.32
CA GLU C 2824 -100.92 62.60 -95.82
C GLU C 2824 -101.97 61.73 -95.15
N LYS C 2825 -103.10 62.35 -94.79
CA LYS C 2825 -104.21 61.65 -94.15
C LYS C 2825 -105.07 60.99 -95.24
N ALA C 2826 -104.56 59.88 -95.77
CA ALA C 2826 -105.23 59.16 -96.86
C ALA C 2826 -106.55 58.52 -96.43
N ARG C 2827 -106.85 58.46 -95.14
CA ARG C 2827 -108.10 57.90 -94.62
C ARG C 2827 -108.95 59.02 -94.04
N GLU C 2828 -110.17 58.65 -93.64
CA GLU C 2828 -111.09 59.61 -93.01
C GLU C 2828 -111.92 58.81 -91.99
N GLY C 2829 -111.50 58.86 -90.73
CA GLY C 2829 -112.20 58.16 -89.67
C GLY C 2829 -111.90 58.78 -88.33
N GLU C 2830 -112.60 58.27 -87.31
CA GLU C 2830 -112.49 58.68 -85.90
C GLU C 2830 -112.66 60.18 -85.68
N TYR C 2855 -110.89 50.96 -70.99
CA TYR C 2855 -109.45 50.88 -70.89
C TYR C 2855 -109.00 49.43 -71.07
N ASN C 2856 -109.27 48.88 -72.24
CA ASN C 2856 -108.93 47.48 -72.54
C ASN C 2856 -108.28 47.43 -73.91
N PRO C 2857 -106.97 47.18 -73.98
CA PRO C 2857 -106.26 47.24 -75.27
C PRO C 2857 -106.58 46.10 -76.22
N GLN C 2858 -107.81 46.07 -76.73
CA GLN C 2858 -108.19 45.05 -77.71
C GLN C 2858 -107.44 45.15 -79.04
N PRO C 2859 -107.33 46.30 -79.73
CA PRO C 2859 -106.65 46.31 -81.05
C PRO C 2859 -105.15 46.20 -80.90
N PRO C 2860 -104.52 45.11 -81.38
CA PRO C 2860 -103.05 45.05 -81.31
C PRO C 2860 -102.38 45.72 -82.50
N ASP C 2861 -101.65 46.78 -82.23
CA ASP C 2861 -100.88 47.48 -83.26
C ASP C 2861 -99.45 46.95 -83.29
N LEU C 2862 -99.34 45.67 -83.59
CA LEU C 2862 -98.06 44.96 -83.59
C LEU C 2862 -97.40 45.07 -84.96
N SER C 2863 -96.10 44.75 -84.98
CA SER C 2863 -95.28 44.83 -86.18
C SER C 2863 -94.70 43.47 -86.54
N GLY C 2864 -95.52 42.42 -86.44
CA GLY C 2864 -95.06 41.08 -86.66
C GLY C 2864 -94.91 40.65 -88.11
N VAL C 2865 -95.32 41.47 -89.07
CA VAL C 2865 -95.20 41.12 -90.47
C VAL C 2865 -94.31 42.13 -91.18
N THR C 2866 -94.04 41.90 -92.46
CA THR C 2866 -93.18 42.81 -93.20
C THR C 2866 -93.96 44.03 -93.69
N LEU C 2867 -93.20 45.08 -94.01
CA LEU C 2867 -93.74 46.35 -94.47
C LEU C 2867 -92.99 46.75 -95.73
N SER C 2868 -93.57 47.69 -96.48
CA SER C 2868 -93.00 48.17 -97.74
C SER C 2868 -91.60 48.71 -97.55
N ARG C 2869 -90.71 48.35 -98.48
CA ARG C 2869 -89.26 48.51 -98.33
C ARG C 2869 -88.83 49.97 -98.20
N GLU C 2870 -89.35 50.85 -99.06
CA GLU C 2870 -88.95 52.26 -99.03
CA GLU C 2870 -88.95 52.26 -99.03
C GLU C 2870 -89.39 52.94 -97.73
N LEU C 2871 -90.61 52.65 -97.28
CA LEU C 2871 -91.11 53.24 -96.04
C LEU C 2871 -90.36 52.66 -94.84
N GLN C 2872 -90.04 51.37 -94.91
CA GLN C 2872 -89.29 50.74 -93.84
C GLN C 2872 -87.88 51.34 -93.74
N ALA C 2873 -87.29 51.69 -94.90
CA ALA C 2873 -85.99 52.37 -94.87
C ALA C 2873 -86.12 53.76 -94.26
N MET C 2874 -87.29 54.39 -94.43
CA MET C 2874 -87.50 55.71 -93.83
C MET C 2874 -87.52 55.57 -92.32
N ALA C 2875 -88.17 54.50 -91.83
CA ALA C 2875 -88.24 54.28 -90.40
C ALA C 2875 -86.85 54.04 -89.81
N GLU C 2876 -86.00 53.30 -90.53
CA GLU C 2876 -84.64 53.04 -90.06
C GLU C 2876 -83.83 54.33 -89.98
N GLN C 2877 -83.99 55.22 -90.96
CA GLN C 2877 -83.35 56.53 -90.90
C GLN C 2877 -83.85 57.37 -89.73
N LEU C 2878 -85.16 57.34 -89.46
CA LEU C 2878 -85.66 58.07 -88.30
C LEU C 2878 -85.27 57.43 -86.97
N ALA C 2879 -85.18 56.10 -86.90
CA ALA C 2879 -84.59 55.43 -85.74
C ALA C 2879 -83.12 55.80 -85.56
N GLU C 2880 -82.39 56.00 -86.66
CA GLU C 2880 -81.02 56.52 -86.57
C GLU C 2880 -81.00 57.94 -85.97
N ASN C 2881 -81.98 58.77 -86.34
CA ASN C 2881 -82.12 60.08 -85.70
C ASN C 2881 -82.45 59.92 -84.21
N TYR C 2882 -83.30 58.96 -83.86
CA TYR C 2882 -83.66 58.70 -82.46
C TYR C 2882 -82.41 58.34 -81.67
N HIS C 2883 -81.56 57.50 -82.26
CA HIS C 2883 -80.37 57.02 -81.58
C HIS C 2883 -79.36 58.15 -81.42
N ASN C 2884 -79.14 58.96 -82.46
CA ASN C 2884 -78.15 60.02 -82.32
C ASN C 2884 -78.64 61.15 -81.41
N THR C 2885 -79.96 61.37 -81.29
CA THR C 2885 -80.47 62.28 -80.27
C THR C 2885 -80.21 61.76 -78.85
N TRP C 2886 -80.43 60.45 -78.64
CA TRP C 2886 -80.08 59.84 -77.36
C TRP C 2886 -78.57 59.89 -77.11
N GLY C 2887 -77.77 59.67 -78.15
CA GLY C 2887 -76.33 59.74 -78.02
C GLY C 2887 -75.86 61.15 -77.67
N ARG C 2888 -76.46 62.16 -78.29
CA ARG C 2888 -76.10 63.55 -78.04
C ARG C 2888 -76.40 63.92 -76.58
N LYS C 2889 -77.62 63.60 -76.10
CA LYS C 2889 -77.92 63.91 -74.71
C LYS C 2889 -77.12 63.05 -73.73
N LYS C 2890 -76.64 61.88 -74.13
CA LYS C 2890 -75.74 61.12 -73.27
C LYS C 2890 -74.33 61.70 -73.29
N LYS C 2891 -73.88 62.19 -74.44
CA LYS C 2891 -72.54 62.75 -74.54
C LYS C 2891 -72.45 64.13 -73.94
N GLN C 2892 -73.59 64.80 -73.72
CA GLN C 2892 -73.53 66.09 -73.03
C GLN C 2892 -73.06 65.90 -71.59
N GLU C 2893 -73.56 64.86 -70.93
CA GLU C 2893 -73.07 64.52 -69.60
C GLU C 2893 -71.73 63.80 -69.66
N LEU C 2894 -71.42 63.14 -70.78
CA LEU C 2894 -70.17 62.40 -70.91
C LEU C 2894 -68.98 63.27 -71.28
N GLU C 2895 -69.21 64.49 -71.74
CA GLU C 2895 -68.14 65.38 -72.18
C GLU C 2895 -67.51 66.16 -71.03
N ALA C 2896 -67.98 65.98 -69.80
CA ALA C 2896 -67.48 66.75 -68.67
C ALA C 2896 -66.24 66.14 -68.04
N LYS C 2897 -65.78 64.98 -68.52
CA LYS C 2897 -64.56 64.38 -68.02
C LYS C 2897 -63.46 64.27 -69.07
N GLY C 2898 -63.81 64.15 -70.35
CA GLY C 2898 -62.82 64.16 -71.41
C GLY C 2898 -62.09 62.86 -71.65
N GLY C 2899 -62.45 61.78 -70.97
CA GLY C 2899 -61.81 60.50 -71.22
C GLY C 2899 -62.75 59.33 -71.02
N GLY C 2900 -62.88 58.50 -72.04
CA GLY C 2900 -63.79 57.38 -72.04
C GLY C 2900 -64.97 57.60 -72.97
N THR C 2901 -65.75 56.54 -73.16
CA THR C 2901 -66.92 56.62 -74.03
C THR C 2901 -67.95 55.58 -73.60
N HIS C 2902 -69.21 55.91 -73.85
CA HIS C 2902 -70.31 55.01 -73.55
C HIS C 2902 -70.35 53.88 -74.57
N PRO C 2903 -70.73 52.66 -74.16
CA PRO C 2903 -70.84 51.56 -75.12
C PRO C 2903 -71.85 51.80 -76.25
N LEU C 2904 -72.87 52.62 -76.01
CA LEU C 2904 -73.87 52.92 -77.02
C LEU C 2904 -73.52 54.17 -77.83
N LEU C 2905 -72.35 54.76 -77.60
CA LEU C 2905 -71.88 55.91 -78.39
C LEU C 2905 -71.25 55.46 -79.71
N VAL C 2906 -72.02 54.74 -80.51
CA VAL C 2906 -71.61 54.30 -81.84
C VAL C 2906 -72.73 54.66 -82.81
N PRO C 2907 -72.44 54.89 -84.09
CA PRO C 2907 -73.50 55.14 -85.07
C PRO C 2907 -74.39 53.92 -85.26
N TYR C 2908 -75.60 54.17 -85.78
CA TYR C 2908 -76.60 53.14 -85.98
C TYR C 2908 -76.23 52.09 -87.03
N ASP C 2909 -75.23 52.36 -87.86
CA ASP C 2909 -74.84 51.43 -88.91
C ASP C 2909 -73.86 50.37 -88.40
N THR C 2910 -72.85 50.78 -87.61
CA THR C 2910 -71.86 49.85 -87.08
C THR C 2910 -72.49 48.83 -86.14
N LEU C 2911 -73.43 49.27 -85.31
CA LEU C 2911 -74.07 48.39 -84.34
C LEU C 2911 -74.96 47.35 -85.02
N THR C 2912 -74.92 46.13 -84.51
CA THR C 2912 -75.78 45.06 -84.99
C THR C 2912 -77.07 45.02 -84.16
N ALA C 2913 -77.84 43.95 -84.28
CA ALA C 2913 -79.17 43.85 -83.67
C ALA C 2913 -79.16 43.80 -82.15
N LYS C 2914 -78.01 43.54 -81.51
CA LYS C 2914 -77.95 43.41 -80.05
C LYS C 2914 -78.32 44.71 -79.35
N GLU C 2915 -78.01 45.86 -79.96
CA GLU C 2915 -78.36 47.18 -79.45
C GLU C 2915 -79.11 48.00 -80.48
N LYS C 2916 -79.86 47.32 -81.36
CA LYS C 2916 -80.64 47.97 -82.41
C LYS C 2916 -82.14 47.78 -82.23
N ALA C 2917 -82.57 46.66 -81.65
CA ALA C 2917 -83.99 46.32 -81.57
C ALA C 2917 -84.79 47.30 -80.72
N ARG C 2918 -84.14 47.99 -79.78
CA ARG C 2918 -84.82 48.96 -78.90
C ARG C 2918 -85.46 50.08 -79.71
N ASP C 2919 -84.71 50.65 -80.66
CA ASP C 2919 -85.28 51.63 -81.57
C ASP C 2919 -85.97 50.99 -82.77
N ARG C 2920 -85.54 49.80 -83.19
CA ARG C 2920 -86.14 49.11 -84.33
C ARG C 2920 -87.61 48.78 -84.08
N GLU C 2921 -87.90 48.13 -82.96
CA GLU C 2921 -89.28 47.76 -82.61
C GLU C 2921 -90.16 49.00 -82.42
N LYS C 2922 -89.62 50.04 -81.79
CA LYS C 2922 -90.35 51.30 -81.63
C LYS C 2922 -90.70 51.93 -82.99
N ALA C 2923 -89.72 52.00 -83.91
CA ALA C 2923 -89.96 52.54 -85.24
C ALA C 2923 -90.93 51.68 -86.04
N GLN C 2924 -90.80 50.36 -85.95
CA GLN C 2924 -91.71 49.44 -86.64
C GLN C 2924 -93.13 49.55 -86.10
N GLU C 2925 -93.28 49.65 -84.78
CA GLU C 2925 -94.61 49.85 -84.18
C GLU C 2925 -95.21 51.18 -84.58
N LEU C 2926 -94.40 52.25 -84.63
CA LEU C 2926 -94.86 53.55 -85.11
C LEU C 2926 -95.31 53.48 -86.56
N LEU C 2927 -94.54 52.80 -87.40
CA LEU C 2927 -94.81 52.78 -88.82
C LEU C 2927 -95.98 51.87 -89.16
N LYS C 2928 -96.13 50.75 -88.43
CA LYS C 2928 -97.34 49.96 -88.53
C LYS C 2928 -98.55 50.77 -88.08
N PHE C 2929 -98.39 51.52 -86.97
CA PHE C 2929 -99.47 52.34 -86.46
C PHE C 2929 -99.88 53.40 -87.48
N LEU C 2930 -98.94 53.79 -88.36
CA LEU C 2930 -99.30 54.63 -89.49
C LEU C 2930 -99.98 53.81 -90.57
N GLN C 2931 -99.67 52.50 -90.62
CA GLN C 2931 -100.11 51.69 -91.75
C GLN C 2931 -101.59 51.35 -91.64
N MET C 2932 -101.99 50.65 -90.55
CA MET C 2932 -103.41 50.24 -90.47
C MET C 2932 -104.33 51.46 -90.35
N ASN C 2933 -103.84 52.57 -89.81
CA ASN C 2933 -104.57 53.83 -89.92
C ASN C 2933 -104.69 54.26 -91.38
N GLY C 2934 -103.61 54.12 -92.15
CA GLY C 2934 -103.65 54.51 -93.54
C GLY C 2934 -102.77 55.68 -93.91
N TYR C 2935 -101.61 55.80 -93.28
CA TYR C 2935 -100.66 56.86 -93.56
C TYR C 2935 -99.55 56.32 -94.44
N ALA C 2936 -99.17 57.10 -95.45
CA ALA C 2936 -98.03 56.78 -96.30
C ALA C 2936 -97.09 57.97 -96.36
N VAL C 2937 -95.80 57.72 -96.12
CA VAL C 2937 -94.77 58.75 -96.10
C VAL C 2937 -93.83 58.48 -97.26
N THR C 2938 -93.67 59.47 -98.14
CA THR C 2938 -92.78 59.37 -99.29
C THR C 2938 -92.18 60.75 -99.54
N ARG C 2939 -90.92 60.79 -99.97
CA ARG C 2939 -90.21 62.05 -100.23
C ARG C 2939 -90.84 62.83 -101.38
N LEU C 2946 -82.01 52.35 -104.27
CA LEU C 2946 -83.39 52.37 -104.70
C LEU C 2946 -83.60 51.29 -105.75
N ASP C 2947 -84.37 50.26 -105.36
CA ASP C 2947 -84.69 49.08 -106.18
C ASP C 2947 -83.43 48.40 -106.70
N THR C 2948 -82.67 47.86 -105.76
CA THR C 2948 -81.47 47.09 -106.05
C THR C 2948 -81.74 45.60 -105.97
N SER C 2949 -81.03 44.83 -106.78
CA SER C 2949 -81.17 43.38 -106.83
C SER C 2949 -79.97 42.72 -106.15
N SER C 2950 -80.07 41.39 -106.02
CA SER C 2950 -79.02 40.60 -105.40
C SER C 2950 -77.71 40.68 -106.19
N ILE C 2951 -77.79 40.88 -107.50
CA ILE C 2951 -76.58 41.04 -108.30
C ILE C 2951 -75.93 42.37 -107.98
N GLU C 2952 -76.74 43.44 -107.89
CA GLU C 2952 -76.21 44.77 -107.63
C GLU C 2952 -75.68 44.94 -106.21
N LYS C 2953 -76.19 44.15 -105.26
CA LYS C 2953 -75.72 44.24 -103.88
C LYS C 2953 -74.35 43.58 -103.67
N ARG C 2954 -73.85 42.83 -104.64
CA ARG C 2954 -72.58 42.13 -104.48
C ARG C 2954 -71.41 43.08 -104.33
N PHE C 2955 -70.46 42.67 -103.48
CA PHE C 2955 -69.25 43.44 -103.28
C PHE C 2955 -68.39 43.50 -104.54
N ALA C 2956 -68.22 42.37 -105.23
CA ALA C 2956 -67.47 42.39 -106.49
C ALA C 2956 -68.17 43.22 -107.56
N PHE C 2957 -69.50 43.26 -107.54
CA PHE C 2957 -70.26 44.12 -108.43
C PHE C 2957 -69.96 45.58 -108.18
N GLY C 2958 -70.04 46.02 -106.92
CA GLY C 2958 -69.75 47.41 -106.60
C GLY C 2958 -68.29 47.73 -106.81
N PHE C 2959 -67.41 46.78 -106.51
CA PHE C 2959 -65.97 46.98 -106.63
C PHE C 2959 -65.58 47.20 -108.09
N LEU C 2960 -66.04 46.31 -108.97
CA LEU C 2960 -65.76 46.46 -110.39
C LEU C 2960 -66.45 47.69 -110.97
N GLN C 2961 -67.62 48.07 -110.44
CA GLN C 2961 -68.27 49.32 -110.84
C GLN C 2961 -67.38 50.53 -110.57
N GLN C 2962 -66.80 50.57 -109.36
CA GLN C 2962 -65.84 51.62 -109.01
C GLN C 2962 -64.57 51.53 -109.86
N LEU C 2963 -64.08 50.30 -110.12
CA LEU C 2963 -62.89 50.13 -110.94
C LEU C 2963 -63.10 50.64 -112.35
N LEU C 2964 -64.26 50.36 -112.95
CA LEU C 2964 -64.62 50.91 -114.25
C LEU C 2964 -64.74 52.43 -114.20
N ARG C 2965 -65.31 52.97 -113.12
CA ARG C 2965 -65.40 54.42 -112.95
C ARG C 2965 -64.02 55.07 -112.89
N TRP C 2966 -63.08 54.47 -112.17
CA TRP C 2966 -61.72 54.99 -112.17
C TRP C 2966 -60.97 54.62 -113.44
N MET C 2967 -61.46 53.64 -114.18
CA MET C 2967 -60.84 53.23 -115.44
C MET C 2967 -61.05 54.30 -116.50
N ASP C 2968 -62.29 54.79 -116.62
CA ASP C 2968 -62.55 55.83 -117.63
C ASP C 2968 -61.79 57.11 -117.28
N ILE C 2969 -61.65 57.42 -115.98
CA ILE C 2969 -60.82 58.52 -115.53
C ILE C 2969 -59.36 58.31 -115.95
N SER C 2970 -58.88 57.06 -115.84
CA SER C 2970 -57.52 56.74 -116.29
C SER C 2970 -57.35 56.97 -117.79
N GLN C 2971 -58.35 56.57 -118.58
CA GLN C 2971 -58.33 56.87 -120.02
C GLN C 2971 -58.38 58.37 -120.26
N GLU C 2972 -59.03 59.09 -119.34
CA GLU C 2972 -59.22 60.52 -119.50
C GLU C 2972 -57.88 61.22 -119.35
N PHE C 2973 -57.13 60.87 -118.30
CA PHE C 2973 -55.92 61.64 -118.02
C PHE C 2973 -54.73 61.18 -118.87
N ILE C 2974 -54.72 59.92 -119.36
CA ILE C 2974 -53.56 59.47 -120.14
C ILE C 2974 -53.40 60.30 -121.41
N ALA C 2975 -54.49 60.54 -122.15
CA ALA C 2975 -54.44 61.34 -123.38
C ALA C 2975 -54.00 62.77 -123.11
N HIS C 2976 -54.38 63.33 -121.96
CA HIS C 2976 -53.85 64.62 -121.53
C HIS C 2976 -52.35 64.56 -121.32
N LEU C 2977 -51.86 63.49 -120.68
CA LEU C 2977 -50.42 63.32 -120.48
C LEU C 2977 -49.68 63.18 -121.80
N GLU C 2978 -50.24 62.42 -122.75
CA GLU C 2978 -49.62 62.25 -124.07
C GLU C 2978 -49.59 63.56 -124.83
N ALA C 2979 -50.67 64.34 -124.73
CA ALA C 2979 -50.74 65.62 -125.41
C ALA C 2979 -49.71 66.59 -124.86
N VAL C 2980 -49.58 66.64 -123.52
CA VAL C 2980 -48.65 67.61 -122.95
C VAL C 2980 -47.21 67.13 -123.01
N VAL C 2981 -46.98 65.84 -123.28
CA VAL C 2981 -45.62 65.35 -123.38
C VAL C 2981 -45.13 65.46 -124.83
N SER C 2982 -46.01 65.33 -125.82
CA SER C 2982 -45.61 65.44 -127.22
C SER C 2982 -45.87 66.80 -127.84
N SER C 2983 -46.49 67.74 -127.12
CA SER C 2983 -46.74 69.07 -127.67
C SER C 2983 -47.01 70.05 -126.54
N GLY C 2984 -46.39 71.22 -126.59
CA GLY C 2984 -46.55 72.21 -125.54
C GLY C 2984 -46.08 71.69 -124.19
N ARG C 2985 -44.77 71.53 -124.03
CA ARG C 2985 -44.17 70.92 -122.83
C ARG C 2985 -44.54 71.63 -121.54
N VAL C 2986 -45.35 70.97 -120.72
CA VAL C 2986 -45.77 71.47 -119.42
C VAL C 2986 -45.94 70.27 -118.50
N GLU C 2987 -45.41 70.39 -117.28
CA GLU C 2987 -45.41 69.30 -116.30
C GLU C 2987 -46.20 69.67 -115.06
N LYS C 2988 -47.22 70.52 -115.22
CA LYS C 2988 -48.07 70.90 -114.10
C LYS C 2988 -48.84 69.70 -113.55
N SER C 2989 -49.38 68.86 -114.45
CA SER C 2989 -50.12 67.63 -114.17
C SER C 2989 -51.27 67.86 -113.19
N PRO C 2990 -52.38 68.47 -113.64
CA PRO C 2990 -53.51 68.73 -112.72
C PRO C 2990 -54.14 67.48 -112.12
N HIS C 2991 -53.95 66.31 -112.73
CA HIS C 2991 -54.52 65.05 -112.25
C HIS C 2991 -53.46 64.14 -111.66
N GLU C 2992 -52.35 64.71 -111.17
CA GLU C 2992 -51.28 63.91 -110.57
C GLU C 2992 -51.74 63.17 -109.31
N GLN C 2993 -52.72 63.72 -108.59
CA GLN C 2993 -53.33 62.98 -107.48
C GLN C 2993 -53.98 61.70 -107.97
N GLU C 2994 -54.69 61.76 -109.10
CA GLU C 2994 -55.23 60.56 -109.72
C GLU C 2994 -54.13 59.64 -110.25
N ILE C 2995 -53.08 60.20 -110.83
CA ILE C 2995 -51.97 59.40 -111.37
C ILE C 2995 -51.30 58.60 -110.25
N LYS C 2996 -51.00 59.25 -109.14
CA LYS C 2996 -50.43 58.59 -107.97
C LYS C 2996 -51.39 57.59 -107.35
N PHE C 2997 -52.68 57.94 -107.27
CA PHE C 2997 -53.68 57.02 -106.74
C PHE C 2997 -53.81 55.77 -107.60
N PHE C 2998 -53.81 55.93 -108.92
CA PHE C 2998 -53.89 54.79 -109.83
C PHE C 2998 -52.64 53.94 -109.72
N ALA C 2999 -51.47 54.56 -109.86
CA ALA C 2999 -50.21 53.84 -109.98
C ALA C 2999 -49.77 53.20 -108.67
N LYS C 3000 -50.31 53.67 -107.54
CA LYS C 3000 -49.90 53.15 -106.25
C LYS C 3000 -50.98 52.36 -105.54
N ILE C 3001 -52.25 52.44 -105.99
CA ILE C 3001 -53.36 51.77 -105.36
C ILE C 3001 -54.06 50.80 -106.32
N LEU C 3002 -54.46 51.29 -107.50
CA LEU C 3002 -55.21 50.46 -108.43
C LEU C 3002 -54.40 49.27 -108.92
N LEU C 3003 -53.11 49.46 -109.24
CA LEU C 3003 -52.29 48.34 -109.69
C LEU C 3003 -52.10 47.25 -108.64
N PRO C 3004 -51.74 47.53 -107.36
CA PRO C 3004 -51.63 46.41 -106.43
C PRO C 3004 -52.98 45.83 -106.03
N LEU C 3005 -54.00 46.66 -105.83
CA LEU C 3005 -55.31 46.14 -105.39
C LEU C 3005 -55.90 45.20 -106.44
N ILE C 3006 -55.84 45.59 -107.72
CA ILE C 3006 -56.31 44.71 -108.80
C ILE C 3006 -55.45 43.45 -108.87
N ASN C 3007 -54.13 43.59 -108.63
CA ASN C 3007 -53.23 42.44 -108.64
C ASN C 3007 -53.63 41.42 -107.56
N GLN C 3008 -53.90 41.91 -106.35
CA GLN C 3008 -54.09 40.97 -105.25
C GLN C 3008 -55.53 40.49 -105.17
N TYR C 3009 -56.51 41.37 -105.48
CA TYR C 3009 -57.92 41.00 -105.37
C TYR C 3009 -58.23 39.86 -106.31
N PHE C 3010 -57.77 39.96 -107.56
CA PHE C 3010 -58.01 38.85 -108.47
C PHE C 3010 -57.00 37.72 -108.29
N THR C 3011 -55.89 37.94 -107.56
CA THR C 3011 -55.05 36.81 -107.18
C THR C 3011 -55.81 35.91 -106.22
N ASN C 3012 -56.46 36.50 -105.22
CA ASN C 3012 -57.22 35.70 -104.27
C ASN C 3012 -58.53 35.19 -104.86
N HIS C 3013 -59.25 36.04 -105.59
CA HIS C 3013 -60.56 35.69 -106.14
C HIS C 3013 -60.50 35.27 -107.60
N CYS C 3014 -59.37 34.68 -108.03
CA CYS C 3014 -59.21 34.25 -109.41
C CYS C 3014 -60.25 33.20 -109.80
N LEU C 3015 -60.52 32.25 -108.90
CA LEU C 3015 -61.47 31.18 -109.19
C LEU C 3015 -62.92 31.65 -109.14
N TYR C 3016 -63.24 32.66 -108.33
CA TYR C 3016 -64.62 33.14 -108.19
C TYR C 3016 -65.16 33.68 -109.50
N PHE C 3017 -64.38 34.51 -110.19
CA PHE C 3017 -64.81 35.06 -111.46
C PHE C 3017 -64.71 34.03 -112.56
N LEU C 3018 -63.74 33.13 -112.47
CA LEU C 3018 -63.69 32.00 -113.39
C LEU C 3018 -64.81 30.99 -113.15
N SER C 3019 -65.42 31.01 -111.97
CA SER C 3019 -66.47 30.04 -111.66
C SER C 3019 -67.71 30.32 -112.51
N THR C 3020 -68.31 29.25 -112.99
CA THR C 3020 -69.59 29.22 -113.67
C THR C 3020 -70.49 28.22 -112.94
N PRO C 3021 -71.81 28.42 -112.96
CA PRO C 3021 -72.71 27.43 -112.31
C PRO C 3021 -72.57 26.01 -112.86
N ALA C 3022 -72.22 25.86 -114.13
CA ALA C 3022 -71.99 24.53 -114.70
C ALA C 3022 -70.78 23.83 -114.07
N LYS C 3023 -69.69 24.57 -113.86
CA LYS C 3023 -68.45 24.00 -113.33
C LYS C 3023 -67.96 24.90 -112.20
N VAL C 3024 -68.06 24.42 -110.97
CA VAL C 3024 -67.66 25.18 -109.79
C VAL C 3024 -66.19 24.91 -109.51
N LEU C 3025 -65.38 25.97 -109.54
CA LEU C 3025 -63.93 25.84 -109.37
C LEU C 3025 -63.53 26.03 -107.91
N GLY C 3026 -63.83 27.18 -107.33
CA GLY C 3026 -63.44 27.49 -105.98
C GLY C 3026 -64.32 26.80 -104.94
N SER C 3027 -64.17 27.25 -103.69
CA SER C 3027 -64.97 26.72 -102.59
C SER C 3027 -66.45 26.97 -102.80
N GLY C 3028 -66.80 28.18 -103.23
CA GLY C 3028 -68.19 28.52 -103.46
C GLY C 3028 -68.28 29.87 -104.13
N GLY C 3029 -69.49 30.18 -104.60
CA GLY C 3029 -69.74 31.46 -105.23
C GLY C 3029 -69.26 31.51 -106.67
N HIS C 3030 -70.14 31.91 -107.58
CA HIS C 3030 -69.79 32.08 -108.97
C HIS C 3030 -70.22 33.47 -109.41
N ALA C 3031 -69.35 34.14 -110.16
CA ALA C 3031 -69.61 35.51 -110.58
C ALA C 3031 -70.81 35.56 -111.51
N SER C 3032 -71.53 36.68 -111.46
CA SER C 3032 -72.65 36.83 -112.38
C SER C 3032 -72.15 37.13 -113.79
N ASN C 3033 -73.07 37.04 -114.74
CA ASN C 3033 -72.78 37.32 -116.14
C ASN C 3033 -72.32 38.76 -116.32
N LYS C 3034 -73.00 39.69 -115.64
CA LYS C 3034 -72.64 41.11 -115.70
C LYS C 3034 -71.22 41.35 -115.19
N GLU C 3035 -70.86 40.74 -114.06
CA GLU C 3035 -69.52 40.87 -113.50
C GLU C 3035 -68.45 40.31 -114.44
N LYS C 3036 -68.74 39.17 -115.08
CA LYS C 3036 -67.82 38.60 -116.08
C LYS C 3036 -67.68 39.52 -117.30
N GLU C 3037 -68.74 40.25 -117.64
CA GLU C 3037 -68.62 41.23 -118.71
C GLU C 3037 -67.83 42.44 -118.26
N MET C 3038 -68.07 42.93 -117.04
CA MET C 3038 -67.34 44.09 -116.53
C MET C 3038 -65.85 43.83 -116.44
N ILE C 3039 -65.46 42.64 -115.98
CA ILE C 3039 -64.04 42.29 -115.93
C ILE C 3039 -63.46 42.13 -117.35
N THR C 3040 -64.25 41.59 -118.30
CA THR C 3040 -63.77 41.48 -119.69
C THR C 3040 -63.56 42.86 -120.31
N SER C 3041 -64.52 43.76 -120.09
CA SER C 3041 -64.41 45.14 -120.56
C SER C 3041 -63.22 45.83 -119.92
N LEU C 3042 -63.04 45.65 -118.61
CA LEU C 3042 -61.92 46.26 -117.90
C LEU C 3042 -60.58 45.75 -118.42
N PHE C 3043 -60.53 44.47 -118.82
CA PHE C 3043 -59.34 43.89 -119.41
C PHE C 3043 -59.00 44.55 -120.73
N CYS C 3044 -60.00 44.66 -121.63
CA CYS C 3044 -59.74 45.25 -122.94
C CYS C 3044 -59.42 46.74 -122.82
N LYS C 3045 -60.11 47.44 -121.92
CA LYS C 3045 -59.85 48.85 -121.67
C LYS C 3045 -58.42 49.03 -121.16
N LEU C 3046 -57.96 48.15 -120.27
CA LEU C 3046 -56.60 48.27 -119.72
C LEU C 3046 -55.59 48.08 -120.84
N ALA C 3047 -55.88 47.13 -121.74
CA ALA C 3047 -54.98 46.84 -122.85
C ALA C 3047 -54.82 48.05 -123.76
N ALA C 3048 -55.94 48.72 -124.06
CA ALA C 3048 -55.84 49.93 -124.86
C ALA C 3048 -55.30 51.10 -124.05
N LEU C 3049 -55.47 51.06 -122.72
CA LEU C 3049 -54.94 52.10 -121.85
C LEU C 3049 -53.43 52.15 -121.91
N VAL C 3050 -52.81 50.97 -121.95
CA VAL C 3050 -51.37 50.88 -121.97
C VAL C 3050 -50.83 50.76 -123.40
N ARG C 3051 -51.72 50.67 -124.40
CA ARG C 3051 -51.28 50.42 -125.77
C ARG C 3051 -50.41 51.56 -126.31
N HIS C 3052 -49.14 51.23 -126.62
CA HIS C 3052 -48.13 52.14 -127.16
C HIS C 3052 -47.78 53.28 -126.20
N ARG C 3053 -47.94 53.05 -124.88
CA ARG C 3053 -47.61 54.04 -123.86
C ARG C 3053 -46.77 53.45 -122.75
N VAL C 3054 -45.88 52.50 -123.09
CA VAL C 3054 -45.07 51.81 -122.08
C VAL C 3054 -44.05 52.76 -121.45
N SER C 3055 -43.48 53.67 -122.24
CA SER C 3055 -42.45 54.57 -121.73
C SER C 3055 -43.02 55.75 -120.95
N LEU C 3056 -44.31 56.03 -121.07
CA LEU C 3056 -44.93 57.17 -120.40
C LEU C 3056 -45.36 56.88 -118.97
N PHE C 3057 -45.37 55.61 -118.55
CA PHE C 3057 -45.78 55.24 -117.21
C PHE C 3057 -44.60 54.96 -116.28
N GLY C 3058 -43.38 55.17 -116.74
CA GLY C 3058 -42.20 54.86 -115.94
C GLY C 3058 -42.06 53.38 -115.65
N THR C 3059 -42.01 53.02 -114.36
CA THR C 3059 -41.85 51.64 -113.96
C THR C 3059 -43.14 51.04 -113.39
N ASP C 3060 -44.29 51.65 -113.70
CA ASP C 3060 -45.57 51.08 -113.33
C ASP C 3060 -46.01 49.99 -114.30
N ALA C 3061 -45.34 49.91 -115.45
CA ALA C 3061 -45.64 48.88 -116.45
C ALA C 3061 -45.54 47.44 -115.94
N PRO C 3062 -44.53 47.01 -115.15
CA PRO C 3062 -44.60 45.63 -114.62
C PRO C 3062 -45.85 45.35 -113.81
N ALA C 3063 -46.33 46.33 -113.02
CA ALA C 3063 -47.57 46.17 -112.27
C ALA C 3063 -48.76 46.05 -113.22
N VAL C 3064 -48.74 46.82 -114.31
CA VAL C 3064 -49.83 46.77 -115.27
C VAL C 3064 -49.86 45.41 -115.96
N VAL C 3065 -48.69 44.95 -116.45
CA VAL C 3065 -48.67 43.70 -117.20
C VAL C 3065 -49.01 42.52 -116.29
N ASN C 3066 -48.61 42.56 -115.01
CA ASN C 3066 -48.98 41.51 -114.06
C ASN C 3066 -50.49 41.46 -113.85
N CYS C 3067 -51.12 42.63 -113.69
CA CYS C 3067 -52.59 42.67 -113.61
C CYS C 3067 -53.25 42.16 -114.88
N LEU C 3068 -52.76 42.60 -116.04
CA LEU C 3068 -53.35 42.20 -117.31
C LEU C 3068 -53.14 40.70 -117.59
N HIS C 3069 -52.05 40.13 -117.03
CA HIS C 3069 -51.84 38.68 -117.01
C HIS C 3069 -52.88 37.98 -116.16
N ILE C 3070 -53.10 38.48 -114.93
CA ILE C 3070 -54.04 37.83 -114.03
C ILE C 3070 -55.46 37.94 -114.58
N LEU C 3071 -55.81 39.09 -115.18
CA LEU C 3071 -57.12 39.24 -115.80
C LEU C 3071 -57.32 38.25 -116.94
N ALA C 3072 -56.28 38.06 -117.77
CA ALA C 3072 -56.32 37.08 -118.85
C ALA C 3072 -56.50 35.67 -118.29
N ARG C 3073 -55.78 35.35 -117.21
CA ARG C 3073 -55.95 34.04 -116.59
C ARG C 3073 -57.30 33.91 -115.91
N SER C 3074 -57.92 35.03 -115.54
CA SER C 3074 -59.18 35.04 -114.80
C SER C 3074 -60.36 35.55 -115.64
N LEU C 3075 -60.40 35.21 -116.93
CA LEU C 3075 -61.50 35.61 -117.81
C LEU C 3075 -62.25 34.37 -118.25
N ASP C 3076 -63.56 34.35 -117.98
CA ASP C 3076 -64.44 33.30 -118.52
C ASP C 3076 -65.12 33.81 -119.80
N ALA C 3077 -64.28 34.02 -120.81
CA ALA C 3077 -64.73 34.58 -122.08
C ALA C 3077 -65.73 33.68 -122.80
N ARG C 3078 -65.77 32.37 -122.47
CA ARG C 3078 -66.81 31.49 -122.99
C ARG C 3078 -68.18 31.95 -122.53
N THR C 3079 -68.30 32.29 -121.24
CA THR C 3079 -69.59 32.73 -120.72
C THR C 3079 -69.88 34.13 -121.17
N VAL C 3080 -68.84 34.94 -121.41
CA VAL C 3080 -69.06 36.31 -121.86
C VAL C 3080 -69.62 36.31 -123.28
N MET C 3081 -69.02 35.52 -124.18
CA MET C 3081 -69.48 35.46 -125.55
C MET C 3081 -70.85 34.80 -125.62
N LYS C 3082 -71.06 33.70 -124.87
CA LYS C 3082 -72.35 33.03 -124.88
C LYS C 3082 -73.45 33.90 -124.30
N SER C 3083 -73.09 34.86 -123.43
CA SER C 3083 -74.04 35.78 -122.85
C SER C 3083 -73.28 37.06 -122.51
N GLY C 3084 -73.41 38.07 -123.37
CA GLY C 3084 -72.74 39.34 -123.21
C GLY C 3084 -73.25 40.39 -124.17
N PRO C 3085 -73.10 41.66 -123.81
CA PRO C 3085 -73.56 42.75 -124.67
C PRO C 3085 -72.63 42.98 -125.85
N GLU C 3086 -73.14 43.75 -126.80
CA GLU C 3086 -72.36 44.11 -127.98
C GLU C 3086 -71.19 45.02 -127.60
N ILE C 3087 -71.35 45.88 -126.59
CA ILE C 3087 -70.26 46.78 -126.18
C ILE C 3087 -69.05 45.98 -125.69
N VAL C 3088 -69.30 44.96 -124.85
CA VAL C 3088 -68.24 44.08 -124.37
C VAL C 3088 -67.66 43.25 -125.50
N LYS C 3089 -68.53 42.67 -126.35
CA LYS C 3089 -68.03 41.88 -127.46
C LYS C 3089 -67.21 42.73 -128.44
N ALA C 3090 -67.61 43.99 -128.63
CA ALA C 3090 -66.85 44.94 -129.44
C ALA C 3090 -65.49 45.21 -128.82
N GLY C 3091 -65.45 45.29 -127.49
CA GLY C 3091 -64.18 45.51 -126.81
C GLY C 3091 -63.22 44.34 -126.99
N LEU C 3092 -63.74 43.12 -126.89
CA LEU C 3092 -62.87 41.95 -127.01
C LEU C 3092 -62.43 41.75 -128.47
N ARG C 3093 -63.36 41.93 -129.42
CA ARG C 3093 -63.02 41.81 -130.83
C ARG C 3093 -62.01 42.88 -131.23
N SER C 3094 -62.15 44.11 -130.70
CA SER C 3094 -61.15 45.14 -130.95
C SER C 3094 -59.82 44.76 -130.32
N PHE C 3095 -59.84 44.02 -129.20
CA PHE C 3095 -58.60 43.60 -128.58
C PHE C 3095 -57.83 42.68 -129.51
N PHE C 3096 -58.54 41.72 -130.13
CA PHE C 3096 -57.85 40.86 -131.10
C PHE C 3096 -57.48 41.63 -132.36
N GLU C 3097 -58.27 42.65 -132.70
CA GLU C 3097 -58.01 43.46 -133.89
C GLU C 3097 -56.68 44.20 -133.72
N SER C 3098 -56.54 44.89 -132.59
CA SER C 3098 -55.33 45.65 -132.29
C SER C 3098 -54.13 44.72 -132.13
N ALA C 3099 -54.32 43.56 -131.49
CA ALA C 3099 -53.23 42.61 -131.32
C ALA C 3099 -52.72 42.10 -132.67
N SER C 3100 -53.65 41.81 -133.59
CA SER C 3100 -53.29 41.43 -134.96
C SER C 3100 -52.58 42.56 -135.69
N GLU C 3101 -52.99 43.80 -135.44
CA GLU C 3101 -52.35 44.93 -136.10
C GLU C 3101 -50.92 45.09 -135.60
N ASP C 3102 -50.73 45.04 -134.27
CA ASP C 3102 -49.42 45.26 -133.69
C ASP C 3102 -48.44 44.17 -134.14
N ILE C 3103 -48.87 42.91 -134.14
CA ILE C 3103 -47.98 41.85 -134.62
C ILE C 3103 -47.72 42.00 -136.13
N GLU C 3104 -48.72 42.47 -136.90
CA GLU C 3104 -48.47 42.72 -138.32
C GLU C 3104 -47.58 43.95 -138.55
N LYS C 3105 -47.40 44.79 -137.53
CA LYS C 3105 -46.48 45.91 -137.65
C LYS C 3105 -45.07 45.51 -137.25
N MET C 3106 -44.92 44.62 -136.27
CA MET C 3106 -43.58 44.11 -136.00
C MET C 3106 -43.05 43.25 -137.14
N VAL C 3107 -43.89 42.42 -137.77
CA VAL C 3107 -43.34 41.53 -138.79
C VAL C 3107 -42.76 42.31 -139.98
N GLU C 3108 -43.39 43.44 -140.34
CA GLU C 3108 -42.79 44.35 -141.32
C GLU C 3108 -41.66 45.19 -140.77
N ASN C 3109 -41.64 45.49 -139.46
CA ASN C 3109 -40.47 46.18 -138.91
C ASN C 3109 -39.26 45.25 -138.80
N LEU C 3110 -39.48 43.98 -138.48
CA LEU C 3110 -38.45 42.96 -138.38
C LEU C 3110 -38.13 42.31 -139.72
N ARG C 3111 -38.88 42.65 -140.76
CA ARG C 3111 -38.56 42.30 -142.14
C ARG C 3111 -37.61 43.32 -142.79
N LEU C 3112 -36.83 44.03 -141.96
CA LEU C 3112 -35.88 45.07 -142.33
C LEU C 3112 -36.55 46.28 -142.97
N GLY C 3113 -37.86 46.47 -142.72
CA GLY C 3113 -38.49 47.72 -143.10
C GLY C 3113 -38.00 48.91 -142.31
N LYS C 3114 -37.46 48.67 -141.11
CA LYS C 3114 -36.81 49.70 -140.32
C LYS C 3114 -35.49 49.14 -139.81
N VAL C 3115 -34.50 50.03 -139.68
CA VAL C 3115 -33.17 49.64 -139.23
C VAL C 3115 -33.21 49.09 -137.81
N SER C 3116 -33.84 49.83 -136.90
CA SER C 3116 -34.03 49.49 -135.48
C SER C 3116 -32.76 49.06 -134.75
N LYS C 3123 -38.58 56.86 -133.48
CA LYS C 3123 -39.88 57.12 -134.07
C LYS C 3123 -40.91 56.14 -133.50
N GLY C 3124 -42.10 56.10 -134.12
CA GLY C 3124 -43.16 55.22 -133.65
C GLY C 3124 -42.86 53.75 -133.79
N VAL C 3125 -41.91 53.39 -134.66
CA VAL C 3125 -41.48 52.00 -134.82
C VAL C 3125 -40.89 51.50 -133.52
N GLY C 3126 -40.06 52.33 -132.87
CA GLY C 3126 -39.45 51.95 -131.60
C GLY C 3126 -40.48 51.68 -130.52
N GLN C 3127 -41.50 52.55 -130.43
CA GLN C 3127 -42.58 52.39 -129.46
C GLN C 3127 -43.38 51.11 -129.73
N ASN C 3128 -43.66 50.84 -131.01
CA ASN C 3128 -44.38 49.61 -131.37
C ASN C 3128 -43.53 48.39 -131.03
N LEU C 3129 -42.23 48.47 -131.29
CA LEU C 3129 -41.33 47.35 -131.03
C LEU C 3129 -41.25 47.06 -129.54
N THR C 3130 -41.16 48.10 -128.71
CA THR C 3130 -41.01 47.87 -127.29
C THR C 3130 -42.35 47.66 -126.58
N TYR C 3131 -43.47 47.88 -127.27
CA TYR C 3131 -44.75 47.78 -126.57
C TYR C 3131 -45.25 46.34 -126.50
N THR C 3132 -45.52 45.72 -127.66
CA THR C 3132 -46.17 44.41 -127.66
C THR C 3132 -45.29 43.32 -127.06
N THR C 3133 -44.03 43.18 -127.52
CA THR C 3133 -43.16 42.09 -127.08
C THR C 3133 -42.82 42.14 -125.60
N VAL C 3134 -43.04 43.29 -124.94
CA VAL C 3134 -42.81 43.45 -123.51
C VAL C 3134 -44.10 43.34 -122.72
N ALA C 3135 -45.15 44.05 -123.17
CA ALA C 3135 -46.43 44.08 -122.46
C ALA C 3135 -47.47 43.15 -123.07
N LEU C 3136 -47.81 43.36 -124.34
CA LEU C 3136 -48.98 42.68 -124.91
C LEU C 3136 -48.68 41.23 -125.25
N LEU C 3137 -47.53 40.95 -125.88
CA LEU C 3137 -47.19 39.58 -126.27
C LEU C 3137 -47.09 38.62 -125.08
N PRO C 3138 -46.42 38.93 -123.95
CA PRO C 3138 -46.54 38.00 -122.80
C PRO C 3138 -47.97 37.88 -122.30
N VAL C 3139 -48.74 38.97 -122.36
CA VAL C 3139 -50.15 38.93 -121.96
C VAL C 3139 -50.97 38.11 -122.95
N LEU C 3140 -50.76 38.33 -124.25
CA LEU C 3140 -51.46 37.56 -125.28
C LEU C 3140 -51.12 36.07 -125.19
N THR C 3141 -49.84 35.77 -124.97
CA THR C 3141 -49.39 34.40 -124.74
C THR C 3141 -50.04 33.78 -123.52
N THR C 3142 -50.14 34.56 -122.43
CA THR C 3142 -50.79 34.09 -121.21
C THR C 3142 -52.28 33.85 -121.44
N LEU C 3143 -52.92 34.74 -122.21
CA LEU C 3143 -54.34 34.60 -122.52
C LEU C 3143 -54.58 33.32 -123.31
N PHE C 3144 -53.73 33.05 -124.31
CA PHE C 3144 -53.86 31.79 -125.05
C PHE C 3144 -53.56 30.58 -124.20
N GLN C 3145 -52.67 30.71 -123.21
CA GLN C 3145 -52.51 29.67 -122.19
C GLN C 3145 -53.80 29.43 -121.43
N HIS C 3146 -54.48 30.51 -121.04
CA HIS C 3146 -55.76 30.40 -120.34
C HIS C 3146 -56.81 29.75 -121.21
N ILE C 3147 -56.85 30.11 -122.50
CA ILE C 3147 -57.81 29.52 -123.42
C ILE C 3147 -57.54 28.03 -123.57
N ALA C 3148 -56.26 27.65 -123.70
CA ALA C 3148 -55.88 26.26 -123.87
C ALA C 3148 -56.24 25.43 -122.64
N GLN C 3149 -56.14 26.02 -121.44
CA GLN C 3149 -56.44 25.30 -120.21
C GLN C 3149 -57.89 24.84 -120.16
N HIS C 3150 -58.81 25.78 -120.37
CA HIS C 3150 -60.24 25.52 -120.23
C HIS C 3150 -60.90 25.11 -121.53
N GLN C 3151 -60.16 25.04 -122.64
CA GLN C 3151 -60.67 24.82 -123.99
C GLN C 3151 -61.75 25.84 -124.36
N PHE C 3152 -61.42 27.11 -124.17
CA PHE C 3152 -62.27 28.23 -124.59
C PHE C 3152 -62.15 28.58 -126.07
N GLY C 3153 -61.34 27.84 -126.84
CA GLY C 3153 -61.24 28.10 -128.27
C GLY C 3153 -62.55 27.91 -129.01
N ASP C 3154 -63.26 26.81 -128.72
CA ASP C 3154 -64.52 26.52 -129.40
C ASP C 3154 -65.63 27.52 -129.08
N ASP C 3155 -65.50 28.27 -127.99
CA ASP C 3155 -66.56 29.15 -127.53
C ASP C 3155 -66.34 30.62 -127.86
N VAL C 3156 -65.10 31.05 -128.05
CA VAL C 3156 -64.77 32.45 -128.28
C VAL C 3156 -64.22 32.68 -129.68
N ILE C 3157 -63.38 31.76 -130.16
CA ILE C 3157 -62.77 31.90 -131.49
C ILE C 3157 -63.79 31.32 -132.47
N LEU C 3158 -64.74 32.17 -132.88
CA LEU C 3158 -65.87 31.72 -133.70
C LEU C 3158 -65.91 32.35 -135.08
N ASP C 3159 -65.99 33.67 -135.20
CA ASP C 3159 -66.21 34.29 -136.51
C ASP C 3159 -65.09 35.24 -136.93
N ASP C 3160 -64.77 36.25 -136.13
CA ASP C 3160 -63.72 37.20 -136.48
C ASP C 3160 -62.44 36.98 -135.70
N VAL C 3161 -62.55 36.37 -134.52
CA VAL C 3161 -61.36 35.95 -133.77
C VAL C 3161 -60.59 34.92 -134.58
N GLN C 3162 -61.29 34.10 -135.36
CA GLN C 3162 -60.66 33.11 -136.24
C GLN C 3162 -59.77 33.81 -137.25
N VAL C 3163 -60.31 34.85 -137.89
CA VAL C 3163 -59.56 35.66 -138.86
C VAL C 3163 -58.37 36.33 -138.18
N SER C 3164 -58.57 36.89 -136.98
CA SER C 3164 -57.49 37.49 -136.21
C SER C 3164 -56.37 36.49 -135.94
N CYS C 3165 -56.75 35.25 -135.61
CA CYS C 3165 -55.78 34.15 -135.45
C CYS C 3165 -55.05 33.86 -136.76
N TYR C 3166 -55.78 33.83 -137.88
CA TYR C 3166 -55.13 33.56 -139.16
C TYR C 3166 -54.13 34.66 -139.52
N ARG C 3167 -54.50 35.92 -139.28
CA ARG C 3167 -53.61 37.04 -139.57
C ARG C 3167 -52.34 36.98 -138.73
N THR C 3168 -52.50 36.67 -137.43
CA THR C 3168 -51.34 36.54 -136.56
C THR C 3168 -50.49 35.34 -136.96
N LEU C 3169 -51.13 34.22 -137.32
CA LEU C 3169 -50.41 33.00 -137.66
C LEU C 3169 -49.55 33.22 -138.91
N CYS C 3170 -50.13 33.88 -139.92
CA CYS C 3170 -49.42 34.17 -141.16
C CYS C 3170 -48.22 35.07 -140.87
N SER C 3171 -48.44 36.10 -140.05
CA SER C 3171 -47.41 37.12 -139.84
C SER C 3171 -46.25 36.52 -139.05
N ILE C 3172 -46.54 35.79 -137.97
CA ILE C 3172 -45.48 35.21 -137.16
C ILE C 3172 -44.72 34.16 -137.98
N TYR C 3173 -45.47 33.32 -138.73
CA TYR C 3173 -44.84 32.26 -139.53
C TYR C 3173 -43.97 32.82 -140.65
N SER C 3174 -44.11 34.11 -140.99
CA SER C 3174 -43.30 34.69 -142.04
C SER C 3174 -41.84 34.94 -141.61
N LEU C 3175 -41.51 34.76 -140.34
CA LEU C 3175 -40.20 35.07 -139.78
C LEU C 3175 -39.17 33.97 -139.98
N GLY C 3176 -39.54 32.86 -140.61
CA GLY C 3176 -38.65 31.71 -140.70
C GLY C 3176 -37.39 31.94 -141.51
N THR C 3177 -37.52 32.57 -142.67
CA THR C 3177 -36.40 32.74 -143.59
C THR C 3177 -35.68 34.08 -143.43
N THR C 3178 -36.09 34.91 -142.48
CA THR C 3178 -35.46 36.20 -142.24
C THR C 3178 -34.63 36.16 -140.97
N LYS C 3179 -33.37 36.58 -141.06
CA LYS C 3179 -32.46 36.57 -139.94
C LYS C 3179 -32.07 38.00 -139.57
N ASN C 3180 -32.38 38.40 -138.35
CA ASN C 3180 -32.07 39.73 -137.83
C ASN C 3180 -31.72 39.60 -136.35
N THR C 3181 -31.13 40.67 -135.80
CA THR C 3181 -30.79 40.71 -134.39
C THR C 3181 -32.03 40.63 -133.51
N TYR C 3182 -33.08 41.37 -133.89
CA TYR C 3182 -34.33 41.35 -133.14
C TYR C 3182 -35.02 40.01 -133.27
N VAL C 3183 -35.00 39.42 -134.48
CA VAL C 3183 -35.62 38.12 -134.68
C VAL C 3183 -34.90 37.07 -133.84
N GLU C 3184 -33.56 37.14 -133.83
CA GLU C 3184 -32.74 36.20 -133.07
C GLU C 3184 -33.03 36.29 -131.58
N LYS C 3185 -33.11 37.50 -131.04
CA LYS C 3185 -33.39 37.63 -129.62
C LYS C 3185 -34.86 37.49 -129.27
N LEU C 3186 -35.75 37.41 -130.26
CA LEU C 3186 -37.18 37.22 -129.98
C LEU C 3186 -37.73 35.91 -130.54
N ARG C 3187 -36.87 34.99 -130.96
CA ARG C 3187 -37.32 33.64 -131.36
C ARG C 3187 -38.05 32.88 -130.26
N PRO C 3188 -37.56 32.78 -128.99
CA PRO C 3188 -38.33 32.01 -127.99
C PRO C 3188 -39.71 32.61 -127.67
N ALA C 3189 -39.78 33.92 -127.40
CA ALA C 3189 -41.04 34.55 -127.03
C ALA C 3189 -42.08 34.45 -128.15
N LEU C 3190 -41.67 34.70 -129.40
CA LEU C 3190 -42.57 34.52 -130.54
C LEU C 3190 -42.98 33.06 -130.72
N GLY C 3191 -42.03 32.14 -130.57
CA GLY C 3191 -42.34 30.73 -130.70
C GLY C 3191 -43.32 30.24 -129.65
N GLU C 3192 -43.18 30.72 -128.42
CA GLU C 3192 -44.13 30.35 -127.38
C GLU C 3192 -45.46 31.07 -127.57
N CYS C 3193 -45.43 32.28 -128.13
CA CYS C 3193 -46.66 33.04 -128.36
C CYS C 3193 -47.52 32.34 -129.39
N LEU C 3194 -46.90 31.88 -130.47
CA LEU C 3194 -47.65 31.19 -131.50
C LEU C 3194 -47.99 29.77 -131.05
N ALA C 3195 -47.13 29.11 -130.27
CA ALA C 3195 -47.44 27.78 -129.78
C ALA C 3195 -48.69 27.79 -128.88
N ARG C 3196 -48.77 28.78 -127.98
CA ARG C 3196 -49.99 28.98 -127.19
C ARG C 3196 -51.18 29.33 -128.07
N LEU C 3197 -50.96 30.17 -129.10
CA LEU C 3197 -52.05 30.51 -130.00
C LEU C 3197 -52.54 29.28 -130.77
N ALA C 3198 -51.61 28.43 -131.21
CA ALA C 3198 -51.96 27.19 -131.90
C ALA C 3198 -52.76 26.25 -131.01
N ALA C 3199 -52.36 26.13 -129.73
CA ALA C 3199 -53.15 25.35 -128.79
C ALA C 3199 -54.52 25.98 -128.53
N ALA C 3200 -54.58 27.30 -128.42
CA ALA C 3200 -55.85 28.00 -128.24
C ALA C 3200 -56.71 28.00 -129.50
N MET C 3201 -56.12 27.70 -130.65
CA MET C 3201 -56.81 27.74 -131.93
C MET C 3201 -57.67 26.51 -132.11
N PRO C 3202 -58.99 26.66 -132.28
CA PRO C 3202 -59.88 25.52 -132.47
C PRO C 3202 -60.11 25.10 -133.91
N VAL C 3203 -59.34 25.63 -134.87
CA VAL C 3203 -59.60 25.41 -136.29
C VAL C 3203 -58.43 24.64 -136.89
N ALA C 3204 -58.75 23.71 -137.78
CA ALA C 3204 -57.74 22.88 -138.43
C ALA C 3204 -57.09 23.70 -139.52
N PHE C 3205 -55.86 24.15 -139.29
CA PHE C 3205 -55.13 24.92 -140.29
C PHE C 3205 -53.95 24.17 -140.88
N LEU C 3206 -53.32 23.26 -140.13
CA LEU C 3206 -52.26 22.44 -140.70
C LEU C 3206 -52.79 21.34 -141.59
N GLU C 3207 -54.10 21.10 -141.57
CA GLU C 3207 -54.77 20.19 -142.49
C GLU C 3207 -55.96 20.90 -143.12
N PRO C 3208 -55.71 21.90 -143.99
CA PRO C 3208 -56.83 22.69 -144.55
C PRO C 3208 -57.77 21.90 -145.44
N GLN C 3209 -57.32 20.78 -146.03
CA GLN C 3209 -58.17 19.98 -146.90
C GLN C 3209 -59.33 19.33 -146.17
N LEU C 3210 -59.26 19.20 -144.84
CA LEU C 3210 -60.35 18.63 -144.05
C LEU C 3210 -61.02 19.68 -143.16
N ASN C 3211 -60.95 20.95 -143.56
CA ASN C 3211 -61.59 22.02 -142.80
C ASN C 3211 -63.12 21.96 -142.87
N GLU C 3212 -63.68 21.26 -143.87
CA GLU C 3212 -65.13 21.14 -143.99
C GLU C 3212 -65.75 20.34 -142.85
N TYR C 3213 -64.98 19.42 -142.25
CA TYR C 3213 -65.52 18.60 -141.17
C TYR C 3213 -65.58 19.36 -139.85
N ASN C 3214 -64.86 20.48 -139.75
CA ASN C 3214 -64.76 21.27 -138.52
C ASN C 3214 -65.99 22.18 -138.42
N ALA C 3215 -66.94 21.79 -137.58
CA ALA C 3215 -68.12 22.63 -137.33
C ALA C 3215 -67.77 23.93 -136.62
N CYS C 3216 -66.66 23.99 -135.91
CA CYS C 3216 -66.20 25.23 -135.27
C CYS C 3216 -65.25 26.00 -136.18
N SER C 3217 -65.68 26.25 -137.41
CA SER C 3217 -64.87 26.97 -138.39
C SER C 3217 -65.73 27.97 -139.15
N VAL C 3218 -65.06 29.01 -139.66
CA VAL C 3218 -65.76 30.03 -140.44
C VAL C 3218 -66.21 29.46 -141.78
N TYR C 3219 -65.36 28.67 -142.44
CA TYR C 3219 -65.68 28.17 -143.77
C TYR C 3219 -66.83 27.17 -143.78
N THR C 3220 -67.24 26.67 -142.62
CA THR C 3220 -68.44 25.85 -142.48
C THR C 3220 -69.63 26.60 -141.88
N THR C 3221 -69.41 27.43 -140.84
CA THR C 3221 -70.52 28.17 -140.25
C THR C 3221 -70.98 29.30 -141.15
N LYS C 3222 -70.04 30.08 -141.66
CA LYS C 3222 -70.35 31.25 -142.47
C LYS C 3222 -70.86 30.84 -143.84
N SER C 3223 -71.99 31.44 -144.24
CA SER C 3223 -72.57 31.18 -145.55
C SER C 3223 -71.68 31.78 -146.63
N PRO C 3224 -71.64 31.19 -147.83
CA PRO C 3224 -70.70 31.67 -148.86
C PRO C 3224 -70.95 33.09 -149.37
N ARG C 3225 -72.11 33.70 -149.14
CA ARG C 3225 -72.36 35.03 -149.70
C ARG C 3225 -71.55 36.13 -148.99
N GLU C 3226 -71.08 35.88 -147.77
CA GLU C 3226 -70.08 36.75 -147.15
C GLU C 3226 -68.69 36.20 -147.49
N ARG C 3227 -67.67 36.65 -146.74
CA ARG C 3227 -66.22 36.40 -146.91
C ARG C 3227 -65.65 37.09 -148.15
N ALA C 3228 -66.50 37.71 -148.97
CA ALA C 3228 -66.07 38.59 -150.04
C ALA C 3228 -66.41 40.04 -149.78
N ILE C 3229 -67.40 40.30 -148.91
CA ILE C 3229 -67.65 41.67 -148.44
C ILE C 3229 -66.46 42.19 -147.63
N LEU C 3230 -65.88 41.35 -146.78
CA LEU C 3230 -64.63 41.66 -146.09
C LEU C 3230 -63.51 40.89 -146.75
N GLY C 3231 -62.35 41.53 -146.89
CA GLY C 3231 -61.22 40.99 -147.62
C GLY C 3231 -60.70 39.68 -147.10
N LEU C 3232 -60.98 38.60 -147.83
CA LEU C 3232 -60.54 37.26 -147.52
C LEU C 3232 -60.16 36.56 -148.81
N PRO C 3233 -59.23 35.58 -148.75
CA PRO C 3233 -58.85 34.85 -149.96
C PRO C 3233 -59.86 33.80 -150.42
N ASN C 3234 -61.01 33.69 -149.75
CA ASN C 3234 -62.16 32.81 -150.03
C ASN C 3234 -61.86 31.32 -149.84
N SER C 3235 -60.63 30.93 -149.53
CA SER C 3235 -60.29 29.52 -149.34
C SER C 3235 -59.45 29.33 -148.10
N VAL C 3236 -59.76 28.24 -147.38
CA VAL C 3236 -59.02 27.93 -146.16
C VAL C 3236 -57.57 27.59 -146.48
N GLU C 3237 -57.32 26.95 -147.63
CA GLU C 3237 -55.96 26.66 -148.04
C GLU C 3237 -55.18 27.94 -148.35
N GLU C 3238 -55.89 29.03 -148.67
CA GLU C 3238 -55.27 30.28 -149.06
C GLU C 3238 -55.29 31.34 -147.97
N MET C 3239 -55.80 31.04 -146.78
CA MET C 3239 -55.74 32.02 -145.68
C MET C 3239 -54.29 32.33 -145.31
N CYS C 3240 -53.50 31.29 -145.05
CA CYS C 3240 -52.07 31.42 -144.78
C CYS C 3240 -51.36 30.50 -145.77
N PRO C 3241 -51.11 30.99 -147.00
CA PRO C 3241 -50.44 30.16 -148.00
C PRO C 3241 -49.00 29.80 -147.64
N ASP C 3242 -48.36 30.54 -146.73
CA ASP C 3242 -47.02 30.19 -146.27
C ASP C 3242 -46.99 28.95 -145.38
N ILE C 3243 -48.14 28.45 -144.96
CA ILE C 3243 -48.23 27.27 -144.09
C ILE C 3243 -48.21 26.03 -144.98
N PRO C 3244 -47.20 25.17 -144.87
CA PRO C 3244 -47.22 23.92 -145.64
C PRO C 3244 -48.25 22.96 -145.06
N VAL C 3245 -48.45 21.84 -145.78
CA VAL C 3245 -49.36 20.82 -145.29
C VAL C 3245 -48.66 20.03 -144.19
N LEU C 3246 -49.44 19.23 -143.46
CA LEU C 3246 -48.90 18.43 -142.36
C LEU C 3246 -47.93 17.38 -142.89
N ASP C 3247 -48.24 16.79 -144.04
CA ASP C 3247 -47.39 15.74 -144.62
C ASP C 3247 -46.01 16.30 -144.99
N ARG C 3248 -45.98 17.43 -145.70
CA ARG C 3248 -44.71 18.08 -146.03
C ARG C 3248 -43.94 18.54 -144.80
N LEU C 3249 -44.65 19.09 -143.80
CA LEU C 3249 -44.03 19.46 -142.52
C LEU C 3249 -43.39 18.25 -141.83
N MET C 3250 -44.09 17.12 -141.84
CA MET C 3250 -43.59 15.88 -141.28
C MET C 3250 -42.37 15.38 -142.05
N ALA C 3251 -42.43 15.38 -143.38
CA ALA C 3251 -41.29 14.93 -144.19
C ALA C 3251 -40.10 15.87 -144.06
N ASP C 3252 -40.37 17.16 -143.80
CA ASP C 3252 -39.32 18.14 -143.52
C ASP C 3252 -38.58 17.79 -142.25
N ILE C 3253 -39.29 17.71 -141.12
CA ILE C 3253 -38.65 17.45 -139.83
C ILE C 3253 -38.02 16.06 -139.83
N GLY C 3254 -38.66 15.09 -140.50
CA GLY C 3254 -38.11 13.75 -140.59
C GLY C 3254 -36.79 13.69 -141.34
N GLY C 3255 -36.71 14.36 -142.50
CA GLY C 3255 -35.43 14.43 -143.20
C GLY C 3255 -34.39 15.23 -142.46
N LEU C 3256 -34.81 16.30 -141.79
CA LEU C 3256 -33.87 17.14 -141.05
C LEU C 3256 -33.23 16.37 -139.90
N ALA C 3257 -34.01 15.53 -139.23
CA ALA C 3257 -33.51 14.77 -138.09
C ALA C 3257 -32.40 13.81 -138.52
N GLU C 3258 -32.67 13.00 -139.54
CA GLU C 3258 -31.69 12.04 -140.03
C GLU C 3258 -30.51 12.73 -140.73
N SER C 3259 -30.68 13.97 -141.18
CA SER C 3259 -29.57 14.68 -141.81
C SER C 3259 -28.44 14.96 -140.83
N GLY C 3260 -28.77 15.11 -139.55
CA GLY C 3260 -27.77 15.42 -138.55
C GLY C 3260 -27.38 16.88 -138.50
N ALA C 3261 -28.26 17.77 -138.94
CA ALA C 3261 -27.98 19.19 -138.93
C ALA C 3261 -28.06 19.76 -137.52
N ARG C 3262 -27.27 20.80 -137.27
CA ARG C 3262 -27.17 21.44 -135.96
C ARG C 3262 -28.22 22.53 -135.77
N TYR C 3263 -28.26 23.10 -134.56
CA TYR C 3263 -29.20 24.16 -134.25
C TYR C 3263 -28.87 25.44 -135.03
N THR C 3264 -27.59 25.63 -135.36
CA THR C 3264 -27.20 26.80 -136.14
C THR C 3264 -27.89 26.79 -137.51
N GLU C 3265 -27.98 25.61 -138.13
CA GLU C 3265 -28.69 25.46 -139.39
C GLU C 3265 -30.16 25.07 -139.20
N MET C 3266 -30.65 25.05 -137.95
CA MET C 3266 -32.10 25.01 -137.68
C MET C 3266 -32.45 26.14 -136.71
N PRO C 3267 -32.40 27.42 -137.14
CA PRO C 3267 -32.89 28.48 -136.25
C PRO C 3267 -34.40 28.62 -136.26
N HIS C 3268 -35.03 28.28 -137.38
CA HIS C 3268 -36.49 28.34 -137.49
C HIS C 3268 -37.16 27.05 -137.05
N VAL C 3269 -36.53 25.91 -137.37
CA VAL C 3269 -37.14 24.61 -137.12
C VAL C 3269 -37.27 24.35 -135.63
N ILE C 3270 -36.20 24.56 -134.88
CA ILE C 3270 -36.17 24.23 -133.46
C ILE C 3270 -36.95 25.26 -132.67
N GLU C 3271 -36.71 26.54 -132.93
CA GLU C 3271 -37.29 27.61 -132.15
C GLU C 3271 -38.79 27.77 -132.45
N ILE C 3272 -39.21 27.45 -133.67
CA ILE C 3272 -40.57 27.76 -134.07
C ILE C 3272 -41.35 26.52 -134.51
N THR C 3273 -40.83 25.78 -135.49
CA THR C 3273 -41.59 24.71 -136.14
C THR C 3273 -41.93 23.57 -135.18
N LEU C 3274 -40.96 23.16 -134.36
CA LEU C 3274 -41.19 22.07 -133.40
C LEU C 3274 -42.26 22.41 -132.35
N PRO C 3275 -42.28 23.59 -131.69
CA PRO C 3275 -43.40 23.86 -130.78
C PRO C 3275 -44.76 23.97 -131.47
N MET C 3276 -44.80 24.22 -132.79
CA MET C 3276 -46.08 24.31 -133.47
C MET C 3276 -46.71 22.94 -133.56
N LEU C 3277 -45.91 21.94 -133.96
CA LEU C 3277 -46.40 20.58 -134.00
C LEU C 3277 -46.70 20.09 -132.60
N CYS C 3278 -45.83 20.40 -131.63
CA CYS C 3278 -46.08 20.01 -130.25
C CYS C 3278 -47.32 20.68 -129.66
N SER C 3279 -47.77 21.79 -130.25
CA SER C 3279 -48.99 22.49 -129.85
C SER C 3279 -50.22 22.11 -130.65
N TYR C 3280 -50.04 21.47 -131.80
CA TYR C 3280 -51.16 21.09 -132.65
C TYR C 3280 -51.47 19.60 -132.61
N LEU C 3281 -50.45 18.75 -132.74
CA LEU C 3281 -50.65 17.30 -132.78
C LEU C 3281 -51.32 16.75 -131.51
N PRO C 3282 -50.87 17.05 -130.27
CA PRO C 3282 -51.67 16.61 -129.11
C PRO C 3282 -53.06 17.20 -129.05
N ARG C 3283 -53.24 18.44 -129.52
CA ARG C 3283 -54.54 19.11 -129.44
C ARG C 3283 -55.59 18.42 -130.31
N TRP C 3284 -55.16 17.76 -131.39
CA TRP C 3284 -56.09 17.10 -132.29
C TRP C 3284 -55.88 15.60 -132.36
N TRP C 3285 -54.99 15.05 -131.54
CA TRP C 3285 -54.82 13.59 -131.49
C TRP C 3285 -56.09 12.92 -131.00
N GLU C 3286 -56.73 13.47 -129.97
CA GLU C 3286 -57.92 12.88 -129.40
C GLU C 3286 -59.17 13.14 -130.21
N ARG C 3287 -59.08 13.92 -131.28
CA ARG C 3287 -60.24 14.29 -132.09
C ARG C 3287 -60.14 13.73 -133.50
N GLY C 3288 -59.42 12.61 -133.66
CA GLY C 3288 -59.27 12.01 -134.96
C GLY C 3288 -58.97 10.53 -134.92
N PRO C 3289 -58.04 10.09 -135.77
CA PRO C 3289 -57.68 8.66 -135.82
C PRO C 3289 -56.98 8.21 -134.54
N GLU C 3290 -57.15 6.92 -134.24
CA GLU C 3290 -56.61 6.26 -133.03
C GLU C 3290 -57.12 6.93 -131.75
N ALA C 3291 -58.33 7.47 -131.81
CA ALA C 3291 -58.96 8.13 -130.67
C ALA C 3291 -60.37 7.58 -130.52
N PRO C 3292 -60.79 7.23 -129.30
CA PRO C 3292 -62.15 6.69 -129.05
C PRO C 3292 -63.18 7.80 -128.92
N PRO C 3293 -63.83 8.22 -130.00
CA PRO C 3293 -64.71 9.41 -129.93
C PRO C 3293 -65.99 9.14 -129.17
N PRO C 3294 -66.21 9.84 -128.02
CA PRO C 3294 -67.42 9.62 -127.21
C PRO C 3294 -68.63 10.43 -127.71
N ALA C 3295 -68.85 10.40 -129.02
CA ALA C 3295 -69.92 11.17 -129.65
C ALA C 3295 -70.86 10.25 -130.41
N LEU C 3296 -71.28 9.16 -129.77
CA LEU C 3296 -72.13 8.15 -130.41
C LEU C 3296 -73.45 8.65 -131.04
N PRO C 3297 -74.26 9.56 -130.46
CA PRO C 3297 -75.46 9.99 -131.20
C PRO C 3297 -75.14 10.81 -132.44
N ALA C 3298 -74.01 11.54 -132.44
CA ALA C 3298 -73.64 12.38 -133.57
C ALA C 3298 -72.28 11.97 -134.11
N GLY C 3299 -72.07 10.66 -134.29
CA GLY C 3299 -70.87 10.14 -134.90
C GLY C 3299 -70.80 10.26 -136.41
N ALA C 3300 -71.84 10.79 -137.03
CA ALA C 3300 -71.89 10.95 -138.48
C ALA C 3300 -70.75 11.80 -139.09
N PRO C 3301 -70.36 12.97 -138.54
CA PRO C 3301 -69.18 13.67 -139.11
C PRO C 3301 -67.92 12.83 -139.01
N PRO C 3302 -67.07 12.85 -140.03
CA PRO C 3302 -65.83 12.10 -139.97
C PRO C 3302 -64.77 12.89 -139.23
N PRO C 3303 -63.62 12.27 -138.87
CA PRO C 3303 -62.54 13.03 -138.21
C PRO C 3303 -61.96 14.13 -139.10
N CYS C 3304 -62.00 15.36 -138.59
CA CYS C 3304 -61.48 16.59 -139.21
C CYS C 3304 -59.95 16.68 -139.17
N THR C 3305 -59.27 15.61 -138.77
CA THR C 3305 -57.82 15.57 -138.72
C THR C 3305 -57.38 14.14 -138.98
N ALA C 3306 -56.11 13.98 -139.30
CA ALA C 3306 -55.51 12.69 -139.63
C ALA C 3306 -54.21 12.51 -138.86
N VAL C 3307 -54.25 12.76 -137.55
CA VAL C 3307 -53.08 12.68 -136.69
C VAL C 3307 -53.21 11.40 -135.85
N THR C 3308 -52.42 10.39 -136.20
CA THR C 3308 -52.36 9.18 -135.42
C THR C 3308 -51.27 9.31 -134.36
N SER C 3309 -50.97 8.21 -133.68
CA SER C 3309 -49.87 8.21 -132.71
C SER C 3309 -48.51 8.25 -133.39
N ASP C 3310 -48.41 7.74 -134.63
CA ASP C 3310 -47.15 7.73 -135.36
C ASP C 3310 -46.63 9.12 -135.68
N HIS C 3311 -47.53 10.10 -135.85
CA HIS C 3311 -47.12 11.49 -136.03
C HIS C 3311 -46.33 12.00 -134.84
N LEU C 3312 -46.81 11.71 -133.62
CA LEU C 3312 -46.10 12.12 -132.43
C LEU C 3312 -44.90 11.22 -132.19
N ASN C 3313 -45.00 9.95 -132.59
CA ASN C 3313 -43.91 8.99 -132.38
C ASN C 3313 -42.68 9.42 -133.17
N SER C 3314 -42.88 9.67 -134.46
CA SER C 3314 -41.79 10.14 -135.30
C SER C 3314 -41.32 11.54 -134.91
N LEU C 3315 -42.25 12.41 -134.49
CA LEU C 3315 -41.85 13.73 -133.95
C LEU C 3315 -40.95 13.60 -132.73
N LEU C 3316 -41.24 12.65 -131.85
CA LEU C 3316 -40.37 12.33 -130.71
C LEU C 3316 -39.02 11.82 -131.17
N GLY C 3317 -39.01 10.89 -132.12
CA GLY C 3317 -37.75 10.38 -132.64
C GLY C 3317 -36.91 11.47 -133.27
N ASN C 3318 -37.56 12.40 -133.98
CA ASN C 3318 -36.87 13.55 -134.55
C ASN C 3318 -36.23 14.41 -133.48
N ILE C 3319 -36.97 14.67 -132.38
CA ILE C 3319 -36.42 15.48 -131.29
C ILE C 3319 -35.23 14.79 -130.64
N LEU C 3320 -35.33 13.46 -130.46
CA LEU C 3320 -34.24 12.68 -129.87
C LEU C 3320 -32.99 12.77 -130.73
N ARG C 3321 -33.14 12.58 -132.06
CA ARG C 3321 -31.97 12.62 -132.92
C ARG C 3321 -31.39 14.03 -132.99
N ILE C 3322 -32.24 15.06 -132.90
CA ILE C 3322 -31.75 16.44 -132.94
C ILE C 3322 -30.84 16.70 -131.74
N ILE C 3323 -31.32 16.32 -130.54
CA ILE C 3323 -30.56 16.67 -129.34
C ILE C 3323 -29.29 15.85 -129.26
N VAL C 3324 -29.34 14.56 -129.63
CA VAL C 3324 -28.09 13.80 -129.63
C VAL C 3324 -27.14 14.27 -130.73
N ASN C 3325 -27.65 14.92 -131.79
CA ASN C 3325 -26.73 15.47 -132.78
C ASN C 3325 -26.08 16.74 -132.24
N ASN C 3326 -26.83 17.52 -131.46
CA ASN C 3326 -26.27 18.68 -130.79
C ASN C 3326 -25.69 18.36 -129.41
N LEU C 3327 -25.33 17.10 -129.17
CA LEU C 3327 -24.84 16.68 -127.87
C LEU C 3327 -23.47 17.29 -127.54
N GLY C 3328 -22.67 17.60 -128.56
CA GLY C 3328 -21.33 18.13 -128.38
C GLY C 3328 -21.16 19.62 -128.27
N ILE C 3329 -22.20 20.42 -128.45
CA ILE C 3329 -22.08 21.88 -128.43
C ILE C 3329 -21.90 22.35 -126.99
N ASP C 3330 -21.53 23.61 -126.80
CA ASP C 3330 -21.23 24.15 -125.48
C ASP C 3330 -22.40 24.91 -124.87
N GLU C 3331 -23.06 25.77 -125.63
CA GLU C 3331 -24.13 26.61 -125.10
C GLU C 3331 -25.40 26.35 -125.89
N ALA C 3332 -26.53 26.27 -125.19
CA ALA C 3332 -27.83 26.09 -125.82
C ALA C 3332 -28.92 26.42 -124.81
N THR C 3333 -29.78 27.37 -125.16
CA THR C 3333 -30.98 27.67 -124.39
C THR C 3333 -32.24 27.05 -124.98
N TRP C 3334 -32.15 26.48 -126.17
CA TRP C 3334 -33.28 25.83 -126.82
C TRP C 3334 -33.55 24.43 -126.30
N MET C 3335 -32.56 23.76 -125.73
CA MET C 3335 -32.71 22.38 -125.28
C MET C 3335 -33.77 22.24 -124.18
N LYS C 3336 -33.79 23.15 -123.21
CA LYS C 3336 -34.83 23.14 -122.19
C LYS C 3336 -36.21 23.45 -122.77
N ARG C 3337 -36.28 24.42 -123.69
CA ARG C 3337 -37.56 24.75 -124.33
C ARG C 3337 -38.07 23.57 -125.14
N LEU C 3338 -37.19 22.90 -125.88
CA LEU C 3338 -37.56 21.74 -126.67
C LEU C 3338 -38.06 20.63 -125.75
N ALA C 3339 -37.41 20.48 -124.58
CA ALA C 3339 -37.82 19.44 -123.64
C ALA C 3339 -39.22 19.73 -123.11
N VAL C 3340 -39.49 20.99 -122.73
CA VAL C 3340 -40.78 21.30 -122.11
C VAL C 3340 -41.90 21.18 -123.14
N PHE C 3341 -41.66 21.57 -124.41
CA PHE C 3341 -42.68 21.31 -125.41
C PHE C 3341 -42.80 19.83 -125.76
N ALA C 3342 -41.74 19.03 -125.57
CA ALA C 3342 -41.80 17.61 -125.86
C ALA C 3342 -42.42 16.81 -124.73
N GLN C 3343 -42.57 17.40 -123.54
CA GLN C 3343 -43.23 16.71 -122.44
C GLN C 3343 -44.71 16.37 -122.71
N PRO C 3344 -45.58 17.28 -123.20
CA PRO C 3344 -46.95 16.83 -123.51
C PRO C 3344 -47.04 15.82 -124.63
N ILE C 3345 -46.12 15.83 -125.60
CA ILE C 3345 -46.24 14.92 -126.74
C ILE C 3345 -45.75 13.53 -126.41
N VAL C 3346 -44.81 13.37 -125.46
CA VAL C 3346 -44.27 12.05 -125.13
C VAL C 3346 -45.23 11.20 -124.31
N SER C 3347 -46.42 11.72 -123.99
CA SER C 3347 -47.45 10.90 -123.34
C SER C 3347 -47.97 9.78 -124.23
N ARG C 3348 -47.78 9.88 -125.55
CA ARG C 3348 -48.15 8.82 -126.48
C ARG C 3348 -46.96 8.00 -126.96
N ALA C 3349 -45.85 8.03 -126.23
CA ALA C 3349 -44.63 7.34 -126.63
C ALA C 3349 -44.83 5.82 -126.74
N ARG C 3350 -44.41 5.26 -127.86
CA ARG C 3350 -44.46 3.82 -128.07
C ARG C 3350 -43.35 3.13 -127.29
N PRO C 3351 -43.45 1.82 -127.06
CA PRO C 3351 -42.31 1.09 -126.46
C PRO C 3351 -41.05 1.07 -127.32
N GLU C 3352 -41.14 1.35 -128.62
CA GLU C 3352 -39.97 1.32 -129.49
C GLU C 3352 -38.95 2.42 -129.18
N LEU C 3353 -39.37 3.50 -128.51
CA LEU C 3353 -38.47 4.63 -128.23
C LEU C 3353 -37.32 4.22 -127.34
N LEU C 3354 -37.53 3.20 -126.50
CA LEU C 3354 -36.53 2.74 -125.55
C LEU C 3354 -35.36 2.12 -126.30
N HIS C 3355 -35.64 1.05 -127.06
CA HIS C 3355 -34.57 0.33 -127.73
C HIS C 3355 -33.97 1.19 -128.83
N SER C 3356 -34.81 1.94 -129.55
CA SER C 3356 -34.35 2.72 -130.70
C SER C 3356 -33.42 3.86 -130.27
N HIS C 3357 -33.75 4.61 -129.22
CA HIS C 3357 -32.93 5.75 -128.85
C HIS C 3357 -32.38 5.70 -127.43
N PHE C 3358 -33.19 5.28 -126.46
CA PHE C 3358 -32.84 5.45 -125.06
C PHE C 3358 -31.73 4.50 -124.62
N ILE C 3359 -31.56 3.38 -125.31
CA ILE C 3359 -30.43 2.51 -124.96
C ILE C 3359 -29.11 3.07 -125.50
N PRO C 3360 -28.91 3.40 -126.79
CA PRO C 3360 -27.56 3.84 -127.19
C PRO C 3360 -27.19 5.24 -126.72
N THR C 3361 -28.10 6.21 -126.84
CA THR C 3361 -27.77 7.61 -126.59
C THR C 3361 -27.39 7.84 -125.14
N ILE C 3362 -28.11 7.21 -124.21
CA ILE C 3362 -27.73 7.33 -122.80
C ILE C 3362 -26.39 6.65 -122.57
N GLY C 3363 -26.09 5.58 -123.33
CA GLY C 3363 -24.76 4.99 -123.29
C GLY C 3363 -23.67 5.96 -123.71
N ARG C 3364 -23.98 6.80 -124.70
CA ARG C 3364 -23.07 7.88 -125.08
C ARG C 3364 -22.91 8.88 -123.94
N LEU C 3365 -24.01 9.18 -123.24
CA LEU C 3365 -23.91 10.04 -122.06
C LEU C 3365 -23.11 9.37 -120.95
N ARG C 3366 -23.23 8.05 -120.84
CA ARG C 3366 -22.50 7.28 -119.82
C ARG C 3366 -21.00 7.33 -120.07
N LYS C 3367 -20.57 7.04 -121.31
CA LYS C 3367 -19.14 7.09 -121.61
C LYS C 3367 -18.61 8.52 -121.52
N ARG C 3368 -19.45 9.53 -121.83
CA ARG C 3368 -19.07 10.92 -121.62
C ARG C 3368 -18.80 11.19 -120.14
N ALA C 3369 -19.74 10.82 -119.27
CA ALA C 3369 -19.58 11.04 -117.84
C ALA C 3369 -18.41 10.26 -117.28
N GLY C 3370 -18.24 9.00 -117.73
CA GLY C 3370 -17.12 8.19 -117.29
C GLY C 3370 -15.78 8.78 -117.68
N LYS C 3371 -15.72 9.43 -118.85
CA LYS C 3371 -14.49 10.09 -119.27
C LYS C 3371 -14.25 11.35 -118.46
N VAL C 3372 -15.30 12.14 -118.20
CA VAL C 3372 -15.12 13.38 -117.45
C VAL C 3372 -14.69 13.09 -116.01
N VAL C 3373 -15.31 12.09 -115.37
CA VAL C 3373 -14.86 11.70 -114.03
C VAL C 3373 -13.47 11.06 -114.05
N ALA C 3374 -13.11 10.35 -115.13
CA ALA C 3374 -11.74 9.84 -115.27
C ALA C 3374 -10.71 10.97 -115.34
N GLU C 3375 -11.06 12.05 -116.05
CA GLU C 3375 -10.21 13.24 -116.03
C GLU C 3375 -10.19 13.89 -114.65
N GLU C 3376 -11.33 13.89 -113.96
CA GLU C 3376 -11.41 14.51 -112.65
C GLU C 3376 -10.52 13.79 -111.64
N GLU C 3377 -10.60 12.45 -111.60
CA GLU C 3377 -9.71 11.69 -110.72
C GLU C 3377 -8.26 11.79 -111.18
N GLN C 3378 -8.02 11.93 -112.48
CA GLN C 3378 -6.66 12.13 -112.99
C GLN C 3378 -6.09 13.45 -112.48
N LEU C 3379 -6.92 14.49 -112.44
CA LEU C 3379 -6.49 15.79 -111.92
C LEU C 3379 -6.30 15.74 -110.42
N ARG C 3380 -7.11 14.95 -109.71
CA ARG C 3380 -7.04 14.94 -108.25
C ARG C 3380 -5.92 14.05 -107.73
N LEU C 3381 -5.50 13.04 -108.49
CA LEU C 3381 -4.42 12.17 -108.01
C LEU C 3381 -3.07 12.87 -108.03
N GLU C 3382 -2.90 13.84 -108.93
CA GLU C 3382 -1.65 14.58 -109.04
C GLU C 3382 -1.75 15.89 -108.28
N ALA C 3383 -0.75 16.15 -107.42
CA ALA C 3383 -0.70 17.36 -106.60
C ALA C 3383 0.28 18.33 -107.22
N LYS C 3384 -0.23 19.37 -107.85
CA LYS C 3384 0.58 20.37 -108.54
C LYS C 3384 -0.32 21.58 -108.79
N ALA C 3385 0.30 22.74 -109.03
CA ALA C 3385 -0.43 23.98 -109.29
C ALA C 3385 -1.27 23.94 -110.56
N GLU C 3386 -1.03 22.97 -111.45
CA GLU C 3386 -1.83 22.77 -112.65
C GLU C 3386 -3.19 22.13 -112.35
N ALA C 3387 -3.44 21.72 -111.11
CA ALA C 3387 -4.70 21.07 -110.74
C ALA C 3387 -5.90 21.98 -111.01
N GLU C 3388 -5.79 23.25 -110.66
CA GLU C 3388 -6.81 24.22 -111.02
C GLU C 3388 -6.83 24.49 -112.52
N GLU C 3389 -5.67 24.44 -113.17
CA GLU C 3389 -5.56 24.67 -114.62
C GLU C 3389 -6.05 23.41 -115.33
N GLY C 3390 -7.37 23.30 -115.45
CA GLY C 3390 -7.99 22.11 -115.97
C GLY C 3390 -9.19 21.75 -115.12
N GLU C 3391 -9.17 22.23 -113.87
CA GLU C 3391 -10.36 22.10 -113.04
C GLU C 3391 -11.51 22.89 -113.64
N LEU C 3392 -11.25 24.09 -114.14
CA LEU C 3392 -12.29 24.82 -114.87
C LEU C 3392 -12.68 24.12 -116.17
N LEU C 3393 -11.78 23.31 -116.75
CA LEU C 3393 -12.10 22.54 -117.95
C LEU C 3393 -13.10 21.43 -117.62
N VAL C 3394 -12.83 20.68 -116.55
CA VAL C 3394 -13.79 19.64 -116.17
C VAL C 3394 -15.05 20.25 -115.58
N ARG C 3395 -14.96 21.45 -114.99
CA ARG C 3395 -16.17 22.19 -114.60
C ARG C 3395 -17.03 22.55 -115.81
N ASP C 3396 -16.39 22.97 -116.91
CA ASP C 3396 -17.11 23.20 -118.16
C ASP C 3396 -17.74 21.90 -118.68
N GLU C 3397 -16.99 20.80 -118.58
CA GLU C 3397 -17.52 19.49 -118.98
C GLU C 3397 -18.70 19.09 -118.10
N PHE C 3398 -18.65 19.44 -116.81
CA PHE C 3398 -19.79 19.24 -115.93
C PHE C 3398 -20.98 20.08 -116.38
N SER C 3399 -20.74 21.34 -116.76
CA SER C 3399 -21.83 22.24 -117.15
C SER C 3399 -22.54 21.77 -118.43
N VAL C 3400 -21.76 21.30 -119.41
CA VAL C 3400 -22.38 20.77 -120.63
C VAL C 3400 -23.07 19.44 -120.33
N LEU C 3401 -22.47 18.59 -119.49
CA LEU C 3401 -23.12 17.33 -119.12
C LEU C 3401 -24.41 17.58 -118.32
N CYS C 3402 -24.43 18.63 -117.50
CA CYS C 3402 -25.65 19.05 -116.81
C CYS C 3402 -26.73 19.47 -117.80
N ARG C 3403 -26.36 20.21 -118.84
CA ARG C 3403 -27.32 20.59 -119.88
C ARG C 3403 -27.84 19.37 -120.64
N ASP C 3404 -26.95 18.43 -120.95
CA ASP C 3404 -27.36 17.22 -121.67
C ASP C 3404 -28.25 16.32 -120.81
N LEU C 3405 -27.90 16.18 -119.53
CA LEU C 3405 -28.72 15.34 -118.64
C LEU C 3405 -30.07 15.98 -118.40
N TYR C 3406 -30.09 17.28 -118.07
CA TYR C 3406 -31.34 17.95 -117.73
C TYR C 3406 -32.21 18.22 -118.96
N ALA C 3407 -31.69 18.01 -120.17
CA ALA C 3407 -32.54 18.12 -121.34
C ALA C 3407 -33.16 16.78 -121.74
N LEU C 3408 -32.64 15.67 -121.20
CA LEU C 3408 -33.11 14.33 -121.53
C LEU C 3408 -33.89 13.67 -120.40
N TYR C 3409 -33.60 14.04 -119.15
CA TYR C 3409 -34.34 13.50 -118.01
C TYR C 3409 -35.84 13.82 -118.01
N PRO C 3410 -36.32 15.07 -118.22
CA PRO C 3410 -37.78 15.28 -118.28
C PRO C 3410 -38.47 14.47 -119.37
N LEU C 3411 -37.79 14.23 -120.48
CA LEU C 3411 -38.32 13.35 -121.53
C LEU C 3411 -38.31 11.90 -121.09
N LEU C 3412 -37.24 11.45 -120.43
CA LEU C 3412 -37.14 10.07 -120.00
C LEU C 3412 -38.14 9.74 -118.90
N ILE C 3413 -38.36 10.67 -117.96
CA ILE C 3413 -39.22 10.43 -116.80
C ILE C 3413 -40.66 10.13 -117.22
N ARG C 3414 -41.19 10.93 -118.16
CA ARG C 3414 -42.54 10.73 -118.65
C ARG C 3414 -42.68 9.39 -119.35
N TYR C 3415 -41.62 8.97 -120.06
CA TYR C 3415 -41.65 7.67 -120.73
C TYR C 3415 -41.45 6.53 -119.74
N VAL C 3416 -40.63 6.75 -118.71
CA VAL C 3416 -40.42 5.73 -117.68
C VAL C 3416 -41.72 5.47 -116.92
N ASP C 3417 -42.37 6.55 -116.47
CA ASP C 3417 -43.60 6.45 -115.69
C ASP C 3417 -44.73 5.80 -116.47
N ASN C 3418 -44.81 6.11 -117.78
CA ASN C 3418 -45.91 5.61 -118.60
C ASN C 3418 -45.87 4.09 -118.73
N ASN C 3419 -44.68 3.51 -118.81
CA ASN C 3419 -44.53 2.08 -119.06
C ASN C 3419 -43.76 1.36 -117.96
N ARG C 3420 -43.62 1.99 -116.78
CA ARG C 3420 -43.03 1.28 -115.63
C ARG C 3420 -43.92 0.12 -115.22
N ALA C 3421 -45.24 0.30 -115.32
CA ALA C 3421 -46.18 -0.77 -114.99
C ALA C 3421 -45.96 -1.97 -115.89
N HIS C 3422 -45.81 -1.73 -117.20
CA HIS C 3422 -45.58 -2.82 -118.14
CA HIS C 3422 -45.58 -2.83 -118.14
C HIS C 3422 -44.24 -3.51 -117.90
N TRP C 3423 -43.19 -2.72 -117.64
CA TRP C 3423 -41.87 -3.31 -117.37
C TRP C 3423 -41.85 -4.12 -116.08
N LEU C 3424 -42.63 -3.71 -115.08
CA LEU C 3424 -42.72 -4.52 -113.86
C LEU C 3424 -43.57 -5.77 -114.07
N THR C 3425 -44.70 -5.63 -114.80
CA THR C 3425 -45.58 -6.76 -115.06
C THR C 3425 -44.89 -7.85 -115.88
N GLU C 3426 -44.18 -7.47 -116.93
CA GLU C 3426 -43.40 -8.40 -117.73
C GLU C 3426 -41.99 -7.83 -117.80
N PRO C 3427 -40.96 -8.59 -117.37
CA PRO C 3427 -39.59 -8.09 -117.42
C PRO C 3427 -39.12 -7.77 -118.83
N ASN C 3428 -38.38 -6.66 -118.96
CA ASN C 3428 -37.93 -6.14 -120.25
C ASN C 3428 -36.44 -5.86 -120.14
N ALA C 3429 -35.63 -6.68 -120.81
CA ALA C 3429 -34.17 -6.52 -120.83
C ALA C 3429 -33.74 -5.15 -121.36
N ASN C 3430 -34.53 -4.56 -122.25
CA ASN C 3430 -34.28 -3.20 -122.72
C ASN C 3430 -34.36 -2.19 -121.58
N ALA C 3431 -35.36 -2.31 -120.70
CA ALA C 3431 -35.40 -1.44 -119.54
C ALA C 3431 -34.37 -1.85 -118.50
N GLU C 3432 -33.99 -3.13 -118.48
CA GLU C 3432 -32.95 -3.60 -117.56
C GLU C 3432 -31.63 -2.93 -117.85
N GLU C 3433 -31.27 -2.87 -119.14
CA GLU C 3433 -29.99 -2.26 -119.51
C GLU C 3433 -30.05 -0.77 -119.22
N LEU C 3434 -31.24 -0.15 -119.37
CA LEU C 3434 -31.40 1.26 -119.07
C LEU C 3434 -31.16 1.52 -117.59
N PHE C 3435 -31.63 0.59 -116.74
CA PHE C 3435 -31.39 0.71 -115.30
C PHE C 3435 -29.91 0.62 -115.00
N ARG C 3436 -29.21 -0.31 -115.67
CA ARG C 3436 -27.77 -0.44 -115.48
C ARG C 3436 -27.05 0.84 -115.86
N MET C 3437 -27.51 1.50 -116.92
CA MET C 3437 -26.88 2.72 -117.39
C MET C 3437 -27.11 3.88 -116.42
N VAL C 3438 -28.38 4.08 -116.01
CA VAL C 3438 -28.73 5.22 -115.18
C VAL C 3438 -28.16 5.06 -113.78
N GLY C 3439 -28.03 3.81 -113.31
CA GLY C 3439 -27.47 3.59 -112.00
C GLY C 3439 -26.02 4.03 -111.94
N GLU C 3440 -25.25 3.70 -112.98
CA GLU C 3440 -23.85 4.10 -113.00
C GLU C 3440 -23.71 5.61 -113.17
N ILE C 3441 -24.63 6.23 -113.92
CA ILE C 3441 -24.66 7.69 -114.02
C ILE C 3441 -24.86 8.33 -112.63
N PHE C 3442 -25.78 7.76 -111.85
CA PHE C 3442 -25.97 8.22 -110.47
C PHE C 3442 -24.75 7.92 -109.60
N ILE C 3443 -24.07 6.79 -109.85
CA ILE C 3443 -22.87 6.43 -109.09
C ILE C 3443 -21.80 7.49 -109.28
N TYR C 3444 -21.59 7.89 -110.55
CA TYR C 3444 -20.60 8.92 -110.86
C TYR C 3444 -21.01 10.25 -110.24
N TRP C 3445 -22.30 10.59 -110.32
CA TRP C 3445 -22.77 11.86 -109.75
C TRP C 3445 -22.57 11.91 -108.23
N SER C 3446 -22.83 10.79 -107.55
CA SER C 3446 -22.58 10.66 -106.12
C SER C 3446 -21.09 10.77 -105.80
N LYS C 3447 -20.24 10.15 -106.59
CA LYS C 3447 -18.80 10.19 -106.34
C LYS C 3447 -18.22 11.58 -106.62
N SER C 3448 -18.70 12.24 -107.66
CA SER C 3448 -18.16 13.52 -108.10
C SER C 3448 -19.00 14.65 -107.51
N HIS C 3449 -18.64 15.04 -106.28
CA HIS C 3449 -19.29 16.18 -105.63
C HIS C 3449 -19.02 17.50 -106.35
N ASN C 3450 -17.95 17.56 -107.14
CA ASN C 3450 -17.73 18.71 -108.02
C ASN C 3450 -18.85 18.82 -109.05
N PHE C 3451 -19.22 17.69 -109.67
CA PHE C 3451 -20.35 17.66 -110.61
C PHE C 3451 -21.66 18.05 -109.94
N LYS C 3452 -21.78 17.77 -108.62
CA LYS C 3452 -22.95 18.22 -107.87
C LYS C 3452 -23.00 19.74 -107.85
N ARG C 3453 -21.84 20.40 -107.67
CA ARG C 3453 -21.80 21.85 -107.49
C ARG C 3453 -22.34 22.57 -108.72
N GLU C 3454 -21.91 22.13 -109.91
CA GLU C 3454 -22.49 22.76 -111.07
C GLU C 3454 -23.85 22.19 -111.44
N GLU C 3455 -24.31 21.13 -110.77
CA GLU C 3455 -25.70 20.73 -110.99
C GLU C 3455 -26.65 21.81 -110.47
N GLN C 3456 -26.46 22.24 -109.20
CA GLN C 3456 -27.27 23.36 -108.73
C GLN C 3456 -26.90 24.67 -109.41
N ASN C 3457 -25.63 24.84 -109.82
CA ASN C 3457 -25.27 26.06 -110.55
C ASN C 3457 -26.05 26.17 -111.86
N PHE C 3458 -26.17 25.05 -112.59
CA PHE C 3458 -26.98 24.98 -113.80
C PHE C 3458 -28.46 25.21 -113.48
N VAL C 3459 -28.91 24.73 -112.32
CA VAL C 3459 -30.32 24.89 -111.95
C VAL C 3459 -30.63 26.35 -111.66
N VAL C 3460 -29.80 27.01 -110.84
CA VAL C 3460 -30.08 28.39 -110.45
C VAL C 3460 -29.87 29.33 -111.64
N GLN C 3461 -28.85 29.07 -112.47
CA GLN C 3461 -28.54 29.99 -113.55
C GLN C 3461 -29.36 29.74 -114.80
N ASN C 3462 -30.13 28.64 -114.85
CA ASN C 3462 -31.06 28.43 -115.95
C ASN C 3462 -32.51 28.42 -115.49
N GLU C 3463 -32.77 28.72 -114.20
CA GLU C 3463 -34.10 28.70 -113.60
C GLU C 3463 -34.81 27.36 -113.78
N ILE C 3464 -34.06 26.27 -113.60
CA ILE C 3464 -34.61 24.93 -113.67
C ILE C 3464 -35.51 24.73 -112.47
N ASN C 3465 -36.83 24.80 -112.70
CA ASN C 3465 -37.80 24.74 -111.61
C ASN C 3465 -37.85 23.36 -110.98
N ASN C 3466 -37.76 22.30 -111.80
CA ASN C 3466 -37.80 20.87 -111.45
C ASN C 3466 -39.15 20.38 -110.95
N MET C 3467 -40.10 21.30 -110.73
CA MET C 3467 -41.43 20.91 -110.29
C MET C 3467 -42.29 20.47 -111.46
N SER C 3468 -42.19 21.16 -112.60
CA SER C 3468 -42.97 20.78 -113.77
C SER C 3468 -42.50 19.46 -114.36
N PHE C 3469 -41.20 19.15 -114.24
CA PHE C 3469 -40.66 17.92 -114.80
C PHE C 3469 -41.18 16.67 -114.10
N LEU C 3470 -41.67 16.83 -112.86
CA LEU C 3470 -42.28 15.73 -112.12
C LEU C 3470 -43.79 15.82 -112.04
N THR C 3471 -44.36 17.01 -112.15
CA THR C 3471 -45.81 17.22 -112.13
C THR C 3471 -46.43 17.38 -113.51
N ALA C 3472 -45.69 17.13 -114.59
CA ALA C 3472 -46.28 17.16 -115.92
C ALA C 3472 -47.38 16.11 -116.10
N ASP C 3473 -47.16 14.91 -115.57
CA ASP C 3473 -48.22 13.90 -115.50
C ASP C 3473 -49.36 14.35 -114.60
N SER C 3474 -49.05 15.00 -113.47
CA SER C 3474 -50.08 15.43 -112.53
C SER C 3474 -50.99 16.47 -113.18
N LYS C 3475 -50.39 17.44 -113.89
CA LYS C 3475 -51.18 18.45 -114.57
C LYS C 3475 -51.94 17.83 -115.74
N SER C 3476 -51.34 16.86 -116.43
CA SER C 3476 -52.03 16.26 -117.58
C SER C 3476 -53.19 15.38 -117.16
N LYS C 3477 -53.23 14.92 -115.92
CA LYS C 3477 -54.30 14.04 -115.46
C LYS C 3477 -55.40 14.78 -114.71
N MET C 3478 -55.32 16.11 -114.64
CA MET C 3478 -56.30 16.99 -114.00
C MET C 3478 -56.51 16.63 -112.52
N ALA C 3479 -55.44 16.76 -111.76
CA ALA C 3479 -55.48 16.48 -110.33
C ALA C 3479 -55.96 17.68 -109.53
N ARG C 3498 -40.38 28.83 -102.63
CA ARG C 3498 -40.71 28.93 -101.23
C ARG C 3498 -39.55 28.46 -100.36
N ARG C 3499 -39.61 27.19 -99.92
CA ARG C 3499 -38.55 26.64 -99.07
C ARG C 3499 -37.35 26.19 -99.90
N GLY C 3500 -37.55 25.21 -100.78
CA GLY C 3500 -36.47 24.69 -101.59
C GLY C 3500 -36.72 24.80 -103.08
N ASP C 3501 -37.43 25.87 -103.49
CA ASP C 3501 -37.73 26.08 -104.90
C ASP C 3501 -36.46 26.35 -105.70
N ARG C 3502 -35.51 27.10 -105.12
CA ARG C 3502 -34.28 27.47 -105.83
C ARG C 3502 -33.45 26.24 -106.20
N TYR C 3503 -33.24 25.36 -105.23
CA TYR C 3503 -32.62 24.05 -105.45
C TYR C 3503 -32.90 23.19 -104.23
N SER C 3504 -32.98 21.88 -104.47
CA SER C 3504 -33.18 20.88 -103.43
C SER C 3504 -32.72 19.55 -103.96
N VAL C 3505 -32.14 18.73 -103.08
CA VAL C 3505 -31.74 17.37 -103.46
C VAL C 3505 -32.96 16.52 -103.79
N GLN C 3506 -34.08 16.76 -103.09
CA GLN C 3506 -35.33 16.04 -103.33
C GLN C 3506 -35.86 16.25 -104.75
N THR C 3507 -35.63 17.41 -105.35
CA THR C 3507 -36.08 17.70 -106.70
C THR C 3507 -34.98 17.54 -107.74
N SER C 3508 -33.82 17.00 -107.37
CA SER C 3508 -32.77 16.74 -108.34
C SER C 3508 -33.23 15.69 -109.32
N LEU C 3509 -33.10 15.97 -110.62
CA LEU C 3509 -33.63 15.05 -111.62
C LEU C 3509 -32.83 13.76 -111.74
N ILE C 3510 -31.56 13.77 -111.30
CA ILE C 3510 -30.75 12.56 -111.31
C ILE C 3510 -31.30 11.54 -110.32
N VAL C 3511 -31.66 12.00 -109.12
CA VAL C 3511 -32.19 11.07 -108.15
C VAL C 3511 -33.66 10.80 -108.43
N ALA C 3512 -34.39 11.79 -108.95
CA ALA C 3512 -35.81 11.61 -109.23
C ALA C 3512 -36.00 10.52 -110.28
N THR C 3513 -35.16 10.54 -111.34
CA THR C 3513 -35.21 9.48 -112.33
C THR C 3513 -34.65 8.17 -111.78
N LEU C 3514 -33.66 8.25 -110.88
CA LEU C 3514 -33.13 7.04 -110.26
C LEU C 3514 -34.21 6.33 -109.45
N LYS C 3515 -34.97 7.09 -108.65
CA LYS C 3515 -36.06 6.53 -107.86
C LYS C 3515 -37.13 5.96 -108.78
N LYS C 3516 -37.52 6.73 -109.81
CA LYS C 3516 -38.56 6.27 -110.73
C LYS C 3516 -38.15 5.03 -111.52
N MET C 3517 -36.84 4.74 -111.62
CA MET C 3517 -36.36 3.53 -112.26
C MET C 3517 -36.01 2.44 -111.27
N LEU C 3518 -35.97 2.74 -109.97
CA LEU C 3518 -35.61 1.76 -108.95
C LEU C 3518 -36.46 0.48 -108.90
N PRO C 3519 -37.81 0.49 -109.02
CA PRO C 3519 -38.54 -0.80 -108.98
C PRO C 3519 -38.11 -1.81 -110.03
N ILE C 3520 -37.72 -1.32 -111.21
CA ILE C 3520 -37.21 -2.20 -112.27
C ILE C 3520 -35.93 -2.88 -111.80
N GLY C 3521 -35.02 -2.11 -111.18
CA GLY C 3521 -33.80 -2.69 -110.67
C GLY C 3521 -34.05 -3.64 -109.51
N LEU C 3522 -35.04 -3.34 -108.68
CA LEU C 3522 -35.42 -4.26 -107.62
C LEU C 3522 -36.02 -5.55 -108.15
N ASN C 3523 -36.56 -5.52 -109.38
CA ASN C 3523 -37.12 -6.70 -110.01
C ASN C 3523 -36.06 -7.68 -110.50
N MET C 3524 -34.77 -7.31 -110.48
CA MET C 3524 -33.73 -8.19 -111.00
C MET C 3524 -33.53 -9.41 -110.12
N CYS C 3525 -33.43 -9.19 -108.81
CA CYS C 3525 -32.95 -10.23 -107.90
C CYS C 3525 -34.10 -11.07 -107.35
N ALA C 3526 -33.75 -12.26 -106.89
CA ALA C 3526 -34.68 -13.16 -106.23
C ALA C 3526 -34.83 -12.73 -104.78
N PRO C 3527 -35.95 -13.08 -104.14
CA PRO C 3527 -36.12 -12.75 -102.71
C PRO C 3527 -35.06 -13.34 -101.78
N THR C 3528 -34.51 -14.51 -102.09
CA THR C 3528 -33.44 -15.09 -101.28
C THR C 3528 -32.13 -14.32 -101.35
N ASP C 3529 -31.99 -13.39 -102.29
CA ASP C 3529 -30.78 -12.60 -102.45
C ASP C 3529 -30.67 -11.45 -101.47
N GLN C 3530 -31.65 -11.25 -100.59
CA GLN C 3530 -31.69 -10.10 -99.68
C GLN C 3530 -30.50 -10.08 -98.73
N ASP C 3531 -30.10 -11.26 -98.24
CA ASP C 3531 -28.85 -11.37 -97.46
C ASP C 3531 -27.65 -10.96 -98.31
N LEU C 3532 -27.62 -11.34 -99.59
CA LEU C 3532 -26.53 -10.97 -100.47
C LEU C 3532 -26.48 -9.46 -100.66
N ILE C 3533 -27.65 -8.83 -100.79
CA ILE C 3533 -27.73 -7.36 -100.88
C ILE C 3533 -27.18 -6.72 -99.61
N MET C 3534 -27.53 -7.27 -98.44
CA MET C 3534 -27.02 -6.72 -97.19
C MET C 3534 -25.50 -6.84 -97.08
N LEU C 3535 -24.96 -8.00 -97.47
CA LEU C 3535 -23.51 -8.22 -97.44
C LEU C 3535 -22.80 -7.29 -98.40
N ALA C 3536 -23.33 -7.14 -99.62
CA ALA C 3536 -22.71 -6.24 -100.58
C ALA C 3536 -22.81 -4.80 -100.11
N LYS C 3537 -23.96 -4.44 -99.51
CA LYS C 3537 -24.18 -3.08 -99.03
C LYS C 3537 -23.16 -2.72 -97.96
N THR C 3538 -22.95 -3.62 -97.00
CA THR C 3538 -22.01 -3.29 -95.93
C THR C 3538 -20.58 -3.29 -96.44
N ARG C 3539 -20.24 -4.14 -97.42
CA ARG C 3539 -18.89 -4.06 -97.97
C ARG C 3539 -18.69 -2.77 -98.76
N TYR C 3540 -19.75 -2.29 -99.45
CA TYR C 3540 -19.69 -0.96 -100.07
C TYR C 3540 -19.50 0.12 -99.03
N ALA C 3541 -20.15 -0.03 -97.86
CA ALA C 3541 -19.97 0.94 -96.78
C ALA C 3541 -18.56 0.90 -96.22
N LEU C 3542 -17.86 -0.23 -96.34
CA LEU C 3542 -16.48 -0.34 -95.89
C LEU C 3542 -15.47 -0.03 -96.98
N LYS C 3543 -15.86 0.81 -97.96
CA LYS C 3543 -15.00 1.35 -99.02
C LYS C 3543 -14.38 0.26 -99.88
N ASP C 3544 -15.23 -0.47 -100.59
CA ASP C 3544 -14.79 -1.50 -101.53
C ASP C 3544 -15.27 -1.16 -102.93
N THR C 3545 -14.47 -1.53 -103.92
CA THR C 3545 -14.85 -1.29 -105.31
C THR C 3545 -15.81 -2.38 -105.78
N ASP C 3546 -16.32 -2.20 -107.00
CA ASP C 3546 -17.30 -3.15 -107.55
C ASP C 3546 -16.71 -4.53 -107.76
N GLU C 3547 -15.42 -4.61 -108.10
CA GLU C 3547 -14.80 -5.92 -108.29
C GLU C 3547 -14.70 -6.64 -106.95
N GLU C 3548 -14.37 -5.89 -105.89
CA GLU C 3548 -14.15 -6.49 -104.57
C GLU C 3548 -15.43 -7.14 -104.09
N VAL C 3549 -16.55 -6.41 -104.17
CA VAL C 3549 -17.83 -6.97 -103.71
C VAL C 3549 -18.26 -8.13 -104.61
N ARG C 3550 -17.91 -8.08 -105.91
CA ARG C 3550 -18.26 -9.19 -106.81
C ARG C 3550 -17.56 -10.48 -106.38
N GLU C 3551 -16.25 -10.43 -106.19
CA GLU C 3551 -15.57 -11.65 -105.75
C GLU C 3551 -15.83 -11.99 -104.29
N PHE C 3552 -16.22 -11.01 -103.46
CA PHE C 3552 -16.76 -11.32 -102.13
C PHE C 3552 -18.03 -12.15 -102.22
N LEU C 3553 -18.93 -11.79 -103.14
CA LEU C 3553 -20.11 -12.62 -103.40
C LEU C 3553 -19.72 -13.99 -103.94
N GLN C 3554 -18.65 -14.04 -104.75
CA GLN C 3554 -18.15 -15.33 -105.23
C GLN C 3554 -17.64 -16.20 -104.08
N ASN C 3555 -17.08 -15.57 -103.05
CA ASN C 3555 -16.68 -16.32 -101.86
C ASN C 3555 -17.90 -16.68 -101.01
N ASN C 3556 -18.97 -15.90 -101.10
CA ASN C 3556 -20.16 -16.11 -100.29
C ASN C 3556 -21.36 -16.45 -101.14
N LEU C 3557 -21.16 -17.32 -102.13
CA LEU C 3557 -22.23 -17.71 -103.07
C LEU C 3557 -23.38 -18.43 -102.38
N HIS C 3558 -23.11 -19.15 -101.29
CA HIS C 3558 -24.11 -19.97 -100.63
C HIS C 3558 -24.86 -19.23 -99.54
N LEU C 3559 -24.61 -17.93 -99.35
CA LEU C 3559 -25.21 -17.15 -98.27
C LEU C 3559 -26.58 -16.58 -98.63
N GLN C 3560 -27.25 -17.15 -99.63
CA GLN C 3560 -28.58 -16.70 -99.97
C GLN C 3560 -29.59 -17.17 -98.92
N GLY C 3561 -30.78 -16.59 -98.96
CA GLY C 3561 -31.84 -16.98 -98.06
C GLY C 3561 -32.40 -18.36 -98.37
N LYS C 3562 -33.15 -18.88 -97.40
CA LYS C 3562 -33.80 -20.18 -97.52
C LYS C 3562 -35.29 -20.00 -97.29
N VAL C 3563 -36.10 -20.55 -98.19
CA VAL C 3563 -37.55 -20.37 -98.15
C VAL C 3563 -38.17 -21.10 -96.96
N GLU C 3564 -37.56 -22.21 -96.52
CA GLU C 3564 -38.07 -22.93 -95.36
C GLU C 3564 -37.90 -22.14 -94.06
N GLY C 3565 -36.91 -21.24 -94.00
CA GLY C 3565 -36.63 -20.52 -92.77
C GLY C 3565 -37.55 -19.36 -92.49
N SER C 3566 -38.30 -18.88 -93.50
CA SER C 3566 -39.19 -17.76 -93.32
C SER C 3566 -40.46 -17.95 -94.15
N PRO C 3567 -41.64 -17.88 -93.52
CA PRO C 3567 -42.90 -18.01 -94.29
C PRO C 3567 -43.12 -16.90 -95.31
N SER C 3568 -42.47 -15.74 -95.15
CA SER C 3568 -42.61 -14.63 -96.08
C SER C 3568 -42.11 -15.01 -97.46
N LEU C 3569 -40.99 -15.74 -97.51
CA LEU C 3569 -40.37 -16.12 -98.77
C LEU C 3569 -41.26 -17.07 -99.57
N ARG C 3570 -42.13 -17.83 -98.89
CA ARG C 3570 -42.99 -18.79 -99.59
C ARG C 3570 -43.96 -18.06 -100.52
N TRP C 3571 -44.64 -17.03 -100.00
CA TRP C 3571 -45.52 -16.27 -100.86
C TRP C 3571 -44.74 -15.35 -101.78
N GLN C 3572 -43.51 -14.98 -101.39
CA GLN C 3572 -42.70 -14.16 -102.27
C GLN C 3572 -42.33 -14.95 -103.52
N MET C 3573 -41.82 -16.17 -103.34
CA MET C 3573 -41.47 -17.01 -104.49
C MET C 3573 -42.71 -17.35 -105.30
N ALA C 3574 -43.83 -17.67 -104.62
CA ALA C 3574 -45.09 -17.96 -105.28
C ALA C 3574 -45.62 -16.80 -106.13
N LEU C 3575 -45.25 -15.57 -105.82
CA LEU C 3575 -45.58 -14.45 -106.69
C LEU C 3575 -44.47 -14.08 -107.68
N TYR C 3576 -43.22 -14.10 -107.23
CA TYR C 3576 -42.06 -13.71 -108.03
C TYR C 3576 -41.80 -14.68 -109.19
N ARG C 3577 -41.92 -15.97 -108.95
CA ARG C 3577 -41.65 -16.95 -109.99
C ARG C 3577 -42.87 -17.26 -110.84
N GLY C 3578 -44.00 -16.60 -110.58
CA GLY C 3578 -45.14 -16.75 -111.46
C GLY C 3578 -45.09 -15.85 -112.67
N LEU C 3579 -44.09 -14.97 -112.75
CA LEU C 3579 -43.94 -14.06 -113.87
C LEU C 3579 -43.60 -14.83 -115.14
N PRO C 3580 -44.21 -14.47 -116.28
CA PRO C 3580 -43.83 -15.13 -117.54
C PRO C 3580 -42.38 -14.95 -117.95
N GLY C 3581 -41.77 -13.81 -117.60
CA GLY C 3581 -40.39 -13.56 -117.98
C GLY C 3581 -39.35 -14.20 -117.10
N ARG C 3582 -39.74 -14.96 -116.09
CA ARG C 3582 -38.78 -15.61 -115.20
C ARG C 3582 -38.27 -16.90 -115.83
N GLU C 3583 -36.96 -17.04 -115.88
CA GLU C 3583 -36.31 -18.28 -116.29
C GLU C 3583 -35.60 -18.89 -115.08
N GLU C 3584 -35.91 -20.14 -114.79
CA GLU C 3584 -35.38 -20.80 -113.59
C GLU C 3584 -33.91 -21.16 -113.73
N ASP C 3585 -33.36 -21.19 -114.94
CA ASP C 3585 -31.93 -21.41 -115.16
C ASP C 3585 -31.17 -20.13 -115.46
N ALA C 3586 -31.85 -18.98 -115.49
CA ALA C 3586 -31.19 -17.68 -115.65
C ALA C 3586 -30.46 -17.21 -114.40
N ASP C 3587 -30.61 -17.91 -113.28
CA ASP C 3587 -29.95 -17.55 -112.03
C ASP C 3587 -28.51 -18.11 -111.96
N ASP C 3588 -27.72 -17.77 -112.97
CA ASP C 3588 -26.34 -18.22 -113.06
C ASP C 3588 -25.53 -17.57 -111.95
N PRO C 3589 -24.52 -18.28 -111.42
CA PRO C 3589 -23.70 -17.72 -110.32
C PRO C 3589 -23.03 -16.39 -110.62
N GLU C 3590 -22.60 -16.18 -111.87
CA GLU C 3590 -22.08 -14.88 -112.26
C GLU C 3590 -23.19 -13.86 -112.50
N LYS C 3591 -24.34 -14.30 -113.04
CA LYS C 3591 -25.44 -13.38 -113.32
C LYS C 3591 -26.01 -12.80 -112.04
N ILE C 3592 -26.19 -13.64 -111.01
CA ILE C 3592 -26.81 -13.18 -109.78
C ILE C 3592 -25.90 -12.18 -109.07
N VAL C 3593 -24.58 -12.45 -109.06
CA VAL C 3593 -23.67 -11.55 -108.37
C VAL C 3593 -23.57 -10.23 -109.11
N ARG C 3594 -23.67 -10.26 -110.45
CA ARG C 3594 -23.63 -9.00 -111.21
C ARG C 3594 -24.84 -8.14 -110.91
N ARG C 3595 -26.05 -8.72 -111.00
CA ARG C 3595 -27.27 -7.92 -110.75
C ARG C 3595 -27.36 -7.47 -109.30
N VAL C 3596 -26.92 -8.32 -108.35
CA VAL C 3596 -26.83 -7.92 -106.95
C VAL C 3596 -25.87 -6.74 -106.78
N GLN C 3597 -24.70 -6.80 -107.40
CA GLN C 3597 -23.73 -5.70 -107.31
C GLN C 3597 -24.30 -4.41 -107.90
N GLU C 3598 -25.01 -4.53 -109.04
CA GLU C 3598 -25.59 -3.37 -109.70
C GLU C 3598 -26.61 -2.68 -108.82
N VAL C 3599 -27.47 -3.45 -108.15
CA VAL C 3599 -28.44 -2.77 -107.32
C VAL C 3599 -27.85 -2.38 -105.96
N SER C 3600 -26.82 -3.10 -105.50
CA SER C 3600 -26.21 -2.83 -104.20
C SER C 3600 -25.53 -1.47 -104.18
N ALA C 3601 -24.74 -1.17 -105.22
CA ALA C 3601 -24.09 0.14 -105.28
C ALA C 3601 -25.10 1.26 -105.42
N VAL C 3602 -26.15 1.03 -106.23
CA VAL C 3602 -27.19 2.03 -106.45
C VAL C 3602 -27.88 2.39 -105.14
N LEU C 3603 -28.33 1.37 -104.40
CA LEU C 3603 -29.00 1.59 -103.12
C LEU C 3603 -28.08 2.20 -102.09
N TYR C 3604 -26.82 1.74 -102.03
CA TYR C 3604 -25.86 2.25 -101.06
C TYR C 3604 -25.59 3.73 -101.27
N HIS C 3605 -25.37 4.14 -102.53
CA HIS C 3605 -25.15 5.56 -102.79
C HIS C 3605 -26.44 6.33 -102.61
N LEU C 3606 -27.59 5.69 -102.87
CA LEU C 3606 -28.87 6.38 -102.74
C LEU C 3606 -29.11 6.77 -101.29
N GLU C 3607 -28.88 5.83 -100.35
CA GLU C 3607 -29.04 6.19 -98.94
C GLU C 3607 -27.96 7.17 -98.50
N GLN C 3608 -26.78 7.14 -99.13
CA GLN C 3608 -25.71 8.08 -98.77
C GLN C 3608 -26.09 9.51 -99.15
N THR C 3609 -26.77 9.68 -100.28
CA THR C 3609 -27.20 11.02 -100.68
C THR C 3609 -28.55 11.41 -100.06
N GLU C 3610 -29.40 10.43 -99.73
CA GLU C 3610 -30.68 10.73 -99.08
C GLU C 3610 -30.48 11.18 -97.64
N HIS C 3611 -29.47 10.68 -96.94
CA HIS C 3611 -29.17 11.17 -95.60
C HIS C 3611 -27.80 11.82 -95.66
N PRO C 3612 -27.73 13.16 -95.61
CA PRO C 3612 -26.45 13.86 -95.80
C PRO C 3612 -25.34 13.63 -94.78
N TYR C 3613 -25.65 13.61 -93.47
CA TYR C 3613 -24.71 13.32 -92.35
C TYR C 3613 -23.49 14.24 -92.40
N LYS C 3614 -23.73 15.53 -92.70
CA LYS C 3614 -22.64 16.45 -93.01
C LYS C 3614 -22.32 17.46 -91.90
N SER C 3615 -22.85 17.31 -90.70
CA SER C 3615 -22.65 18.38 -89.73
C SER C 3615 -21.83 17.85 -88.56
N LYS C 3616 -21.73 18.68 -87.50
CA LYS C 3616 -21.10 18.53 -86.17
C LYS C 3616 -19.65 18.98 -86.21
N LYS C 3617 -19.25 19.69 -87.27
CA LYS C 3617 -17.90 20.22 -87.40
C LYS C 3617 -17.81 21.73 -87.47
N ALA C 3618 -18.70 22.39 -88.21
CA ALA C 3618 -18.68 23.84 -88.38
C ALA C 3618 -20.07 24.36 -88.02
N VAL C 3619 -20.29 24.61 -86.73
CA VAL C 3619 -21.57 25.06 -86.20
C VAL C 3619 -21.26 26.29 -85.35
N TRP C 3620 -22.25 27.20 -85.25
CA TRP C 3620 -22.21 28.46 -84.52
C TRP C 3620 -21.65 28.27 -83.10
N HIS C 3621 -20.50 28.91 -82.83
CA HIS C 3621 -19.83 28.77 -81.55
C HIS C 3621 -19.73 30.06 -80.75
N LYS C 3622 -20.08 31.21 -81.35
CA LYS C 3622 -20.08 32.55 -80.75
C LYS C 3622 -18.82 32.86 -79.91
N LEU C 3623 -17.68 32.75 -80.59
CA LEU C 3623 -16.36 33.04 -80.02
C LEU C 3623 -16.30 34.45 -79.45
N LEU C 3624 -16.44 35.45 -80.32
CA LEU C 3624 -16.55 36.84 -79.87
C LEU C 3624 -17.57 37.63 -80.69
N SER C 3625 -18.43 36.96 -81.44
CA SER C 3625 -19.39 37.65 -82.29
C SER C 3625 -20.50 38.33 -81.48
N LYS C 3626 -20.90 37.74 -80.35
CA LYS C 3626 -22.01 38.31 -79.58
C LYS C 3626 -21.62 39.63 -78.92
N GLN C 3627 -20.37 39.74 -78.45
CA GLN C 3627 -19.94 40.92 -77.71
C GLN C 3627 -19.03 41.85 -78.50
N ARG C 3628 -18.40 41.39 -79.58
CA ARG C 3628 -17.42 42.19 -80.31
C ARG C 3628 -17.66 42.13 -81.81
N ARG C 3629 -18.93 42.18 -82.22
CA ARG C 3629 -19.22 42.30 -83.64
C ARG C 3629 -18.95 43.72 -84.12
N ARG C 3630 -19.10 44.71 -83.22
CA ARG C 3630 -18.71 46.07 -83.51
C ARG C 3630 -17.21 46.24 -83.67
N ALA C 3631 -16.41 45.30 -83.15
CA ALA C 3631 -14.96 45.43 -83.14
C ALA C 3631 -14.37 45.45 -84.55
N VAL C 3632 -14.82 44.55 -85.42
CA VAL C 3632 -14.30 44.51 -86.80
C VAL C 3632 -14.72 45.74 -87.59
N VAL C 3633 -15.98 46.17 -87.44
CA VAL C 3633 -16.48 47.35 -88.15
C VAL C 3633 -15.73 48.60 -87.68
N ALA C 3634 -15.54 48.70 -86.36
CA ALA C 3634 -14.79 49.81 -85.79
C ALA C 3634 -13.37 49.79 -86.30
N CYS C 3635 -12.71 48.62 -86.27
CA CYS C 3635 -11.30 48.52 -86.65
C CYS C 3635 -11.09 48.94 -88.10
N PHE C 3636 -11.99 48.49 -89.00
CA PHE C 3636 -11.91 48.89 -90.41
C PHE C 3636 -12.25 50.36 -90.64
N ARG C 3637 -13.03 51.00 -89.76
CA ARG C 3637 -13.50 52.35 -90.06
C ARG C 3637 -12.89 53.46 -89.21
N MET C 3638 -12.26 53.13 -88.08
CA MET C 3638 -11.75 54.08 -87.12
C MET C 3638 -10.54 54.84 -87.66
N THR C 3639 -10.18 55.86 -86.90
CA THR C 3639 -9.27 56.89 -87.37
C THR C 3639 -7.84 56.35 -87.42
N PRO C 3640 -7.15 56.48 -88.55
CA PRO C 3640 -5.71 56.22 -88.57
C PRO C 3640 -4.96 57.32 -87.85
N LEU C 3641 -3.69 57.03 -87.54
CA LEU C 3641 -2.89 57.88 -86.66
C LEU C 3641 -2.68 59.28 -87.23
N TYR C 3642 -2.46 59.39 -88.54
CA TYR C 3642 -2.10 60.67 -89.15
C TYR C 3642 -3.22 61.71 -89.09
N ASN C 3643 -4.46 61.30 -88.80
CA ASN C 3643 -5.59 62.22 -88.72
C ASN C 3643 -5.86 62.73 -87.30
N LEU C 3644 -5.10 62.30 -86.31
CA LEU C 3644 -5.30 62.74 -84.93
C LEU C 3644 -4.76 64.15 -84.72
N PRO C 3645 -5.36 64.91 -83.79
CA PRO C 3645 -4.77 66.19 -83.40
C PRO C 3645 -3.40 65.98 -82.78
N THR C 3646 -2.53 66.97 -82.98
CA THR C 3646 -1.12 66.86 -82.59
C THR C 3646 -0.95 66.66 -81.08
N HIS C 3647 -1.70 67.41 -80.27
CA HIS C 3647 -1.61 67.25 -78.81
C HIS C 3647 -2.11 65.88 -78.35
N ARG C 3648 -3.20 65.38 -78.94
CA ARG C 3648 -3.71 64.07 -78.57
C ARG C 3648 -2.78 62.95 -79.02
N ALA C 3649 -2.06 63.18 -80.11
CA ALA C 3649 -1.07 62.19 -80.54
C ALA C 3649 0.17 62.25 -79.66
N CYS C 3650 0.61 63.46 -79.31
CA CYS C 3650 1.82 63.64 -78.52
C CYS C 3650 1.67 63.07 -77.11
N ASN C 3651 0.50 63.23 -76.49
CA ASN C 3651 0.28 62.65 -75.15
C ASN C 3651 0.42 61.13 -75.18
N MET C 3652 -0.16 60.51 -76.21
CA MET C 3652 -0.05 59.08 -76.41
C MET C 3652 1.40 58.68 -76.66
N PHE C 3653 2.13 59.50 -77.44
CA PHE C 3653 3.53 59.19 -77.73
C PHE C 3653 4.34 59.24 -76.45
N LEU C 3654 4.06 60.23 -75.60
CA LEU C 3654 4.82 60.41 -74.35
C LEU C 3654 4.65 59.19 -73.45
N GLU C 3655 3.40 58.79 -73.23
CA GLU C 3655 3.16 57.64 -72.35
C GLU C 3655 3.61 56.33 -72.97
N SER C 3656 3.66 56.23 -74.30
CA SER C 3656 4.21 55.03 -74.89
C SER C 3656 5.73 55.01 -74.83
N TYR C 3657 6.34 56.19 -75.03
CA TYR C 3657 7.79 56.33 -75.01
C TYR C 3657 8.35 55.96 -73.64
N LYS C 3658 7.72 56.44 -72.57
CA LYS C 3658 8.23 56.15 -71.24
C LYS C 3658 8.14 54.65 -70.96
N ALA C 3659 7.05 54.02 -71.38
CA ALA C 3659 6.83 52.61 -71.14
C ALA C 3659 7.79 51.73 -71.93
N ALA C 3660 8.23 52.19 -73.11
CA ALA C 3660 9.05 51.35 -73.97
C ALA C 3660 10.52 51.76 -74.04
N TRP C 3661 10.90 52.92 -73.54
CA TRP C 3661 12.29 53.37 -73.65
C TRP C 3661 12.88 53.80 -72.32
N ILE C 3662 12.04 54.28 -71.41
CA ILE C 3662 12.50 54.76 -70.11
C ILE C 3662 12.39 53.67 -69.05
N LEU C 3663 11.22 53.04 -68.94
CA LEU C 3663 11.05 51.91 -68.02
C LEU C 3663 11.98 50.76 -68.37
N THR C 3664 12.13 50.48 -69.67
CA THR C 3664 13.01 49.41 -70.13
C THR C 3664 14.47 49.70 -69.81
N GLU C 3665 14.84 50.98 -69.72
CA GLU C 3665 16.22 51.37 -69.48
C GLU C 3665 16.69 50.92 -68.09
N ASP C 3666 17.92 50.43 -68.02
CA ASP C 3666 18.53 49.97 -66.79
C ASP C 3666 19.64 50.92 -66.38
N HIS C 3667 19.64 51.35 -65.13
CA HIS C 3667 20.66 52.27 -64.61
C HIS C 3667 21.02 51.81 -63.20
N SER C 3668 22.20 51.21 -63.06
CA SER C 3668 22.64 50.65 -61.78
C SER C 3668 23.46 51.69 -61.03
N PHE C 3669 22.77 52.47 -60.19
CA PHE C 3669 23.39 53.48 -59.35
C PHE C 3669 23.37 53.13 -57.88
N GLU C 3670 22.71 52.02 -57.52
CA GLU C 3670 22.53 51.65 -56.12
C GLU C 3670 23.87 51.41 -55.43
N ASP C 3671 24.79 50.73 -56.10
CA ASP C 3671 26.07 50.47 -55.46
C ASP C 3671 26.92 51.72 -55.44
N ARG C 3672 26.68 52.67 -56.35
CA ARG C 3672 27.55 53.82 -56.42
C ARG C 3672 27.06 54.94 -55.52
N MET C 3673 25.89 54.80 -54.91
CA MET C 3673 25.65 55.69 -53.78
C MET C 3673 26.37 55.16 -52.55
N ILE C 3674 26.06 53.92 -52.16
CA ILE C 3674 26.55 53.33 -50.91
C ILE C 3674 28.09 53.26 -50.87
N ASP C 3675 28.73 53.13 -52.03
CA ASP C 3675 30.18 53.25 -52.12
C ASP C 3675 30.65 54.63 -51.69
N ASP C 3676 29.97 55.68 -52.15
CA ASP C 3676 30.38 57.03 -51.77
C ASP C 3676 29.99 57.32 -50.34
N LEU C 3677 28.78 56.91 -49.94
CA LEU C 3677 28.23 57.24 -48.64
C LEU C 3677 28.90 56.49 -47.51
N SER C 3678 29.65 55.43 -47.81
CA SER C 3678 30.28 54.67 -46.75
C SER C 3678 31.71 55.14 -46.48
N LYS C 3679 32.16 56.17 -47.19
CA LYS C 3679 33.52 56.68 -47.07
C LYS C 3679 33.50 57.90 -46.16
N ALA C 3680 34.20 57.81 -45.03
CA ALA C 3680 34.39 58.96 -44.14
C ALA C 3680 35.57 59.80 -44.65
N GLY C 3681 35.32 60.47 -45.78
CA GLY C 3681 36.38 61.20 -46.46
C GLY C 3681 36.90 62.37 -45.62
N GLU C 3682 38.22 62.60 -45.74
CA GLU C 3682 39.00 63.67 -45.09
C GLU C 3682 39.00 63.58 -43.55
N GLN C 3683 38.33 62.59 -42.97
CA GLN C 3683 38.34 62.44 -41.53
C GLN C 3683 39.72 61.98 -41.05
N GLU C 3684 40.43 61.21 -41.87
CA GLU C 3684 41.81 60.85 -41.55
C GLU C 3684 42.71 62.08 -41.55
N GLU C 3685 42.41 63.05 -42.42
CA GLU C 3685 43.07 64.36 -42.36
C GLU C 3685 42.74 65.07 -41.06
N GLU C 3686 41.47 64.99 -40.62
CA GLU C 3686 41.06 65.64 -39.38
C GLU C 3686 41.78 65.04 -38.17
N GLU C 3687 41.84 63.71 -38.10
CA GLU C 3687 42.43 62.95 -36.98
C GLU C 3687 41.88 63.40 -35.62
N GLU C 3688 40.58 63.19 -35.44
CA GLU C 3688 39.92 63.62 -34.21
C GLU C 3688 40.30 62.72 -33.04
N GLU C 3689 40.68 63.37 -31.93
CA GLU C 3689 41.09 62.68 -30.71
C GLU C 3689 39.96 61.87 -30.11
N VAL C 3690 38.73 62.39 -30.17
CA VAL C 3690 37.58 61.81 -29.49
C VAL C 3690 37.30 60.40 -30.01
N GLU C 3691 37.00 59.50 -29.06
CA GLU C 3691 36.65 58.12 -29.39
C GLU C 3691 35.37 58.00 -30.20
N GLU C 3692 34.34 58.82 -29.88
CA GLU C 3692 33.00 58.88 -30.49
C GLU C 3692 32.94 58.55 -31.99
N LYS C 3693 33.88 59.12 -32.77
CA LYS C 3693 34.06 58.85 -34.19
C LYS C 3693 32.78 59.12 -34.99
N LYS C 3694 32.45 60.43 -35.11
CA LYS C 3694 31.25 61.00 -35.74
C LYS C 3694 30.88 60.26 -37.03
N PRO C 3695 29.60 59.93 -37.21
CA PRO C 3695 29.21 58.99 -38.27
C PRO C 3695 29.46 59.48 -39.69
N ASP C 3696 29.73 58.50 -40.56
CA ASP C 3696 29.79 58.72 -41.99
C ASP C 3696 28.36 58.91 -42.52
N PRO C 3697 28.19 59.46 -43.75
CA PRO C 3697 26.84 59.81 -44.24
C PRO C 3697 25.80 58.71 -44.21
N LEU C 3698 26.19 57.47 -44.54
CA LEU C 3698 25.25 56.36 -44.51
C LEU C 3698 24.74 56.12 -43.09
N HIS C 3699 25.64 56.14 -42.10
CA HIS C 3699 25.21 55.93 -40.73
C HIS C 3699 24.37 57.08 -40.22
N GLN C 3700 24.62 58.30 -40.69
CA GLN C 3700 23.75 59.41 -40.33
C GLN C 3700 22.36 59.24 -40.92
N LEU C 3701 22.28 58.75 -42.15
CA LEU C 3701 21.00 58.51 -42.80
C LEU C 3701 20.21 57.45 -42.05
N VAL C 3702 20.90 56.36 -41.66
CA VAL C 3702 20.25 55.27 -40.94
C VAL C 3702 19.77 55.77 -39.58
N LEU C 3703 20.59 56.58 -38.88
CA LEU C 3703 20.18 57.14 -37.60
C LEU C 3703 18.94 58.00 -37.77
N HIS C 3704 18.88 58.79 -38.84
CA HIS C 3704 17.73 59.67 -39.06
C HIS C 3704 16.47 58.85 -39.27
N PHE C 3705 16.58 57.76 -40.02
CA PHE C 3705 15.41 56.91 -40.27
C PHE C 3705 14.99 56.17 -39.02
N SER C 3706 15.96 55.76 -38.20
CA SER C 3706 15.60 55.15 -36.93
C SER C 3706 14.96 56.17 -35.99
N ARG C 3707 15.37 57.44 -36.08
CA ARG C 3707 14.77 58.47 -35.26
C ARG C 3707 13.32 58.68 -35.65
N THR C 3708 13.05 58.74 -36.97
CA THR C 3708 11.67 58.94 -37.40
C THR C 3708 10.85 57.67 -37.29
N ALA C 3709 11.47 56.54 -36.98
CA ALA C 3709 10.70 55.34 -36.71
C ALA C 3709 10.44 55.18 -35.23
N LEU C 3710 11.36 55.66 -34.39
CA LEU C 3710 11.20 55.61 -32.95
C LEU C 3710 10.26 56.67 -32.42
N THR C 3711 10.02 57.75 -33.17
CA THR C 3711 9.16 58.82 -32.67
C THR C 3711 7.74 58.31 -32.45
N GLU C 3712 7.13 58.75 -31.35
CA GLU C 3712 5.79 58.28 -30.98
C GLU C 3712 4.76 58.90 -31.90
N LYS C 3713 4.26 58.10 -32.84
CA LYS C 3713 3.19 58.49 -33.74
C LYS C 3713 2.16 57.38 -33.79
N SER C 3714 0.88 57.75 -33.89
CA SER C 3714 -0.18 56.76 -33.97
C SER C 3714 -0.07 55.91 -35.23
N LYS C 3715 0.21 56.53 -36.37
CA LYS C 3715 0.31 55.85 -37.64
C LYS C 3715 1.69 56.11 -38.25
N LEU C 3716 1.93 55.47 -39.39
CA LEU C 3716 3.16 55.66 -40.16
C LEU C 3716 2.82 56.26 -41.51
N ASP C 3717 3.51 57.34 -41.88
CA ASP C 3717 3.27 57.97 -43.17
C ASP C 3717 4.14 57.30 -44.23
N GLU C 3718 3.71 57.41 -45.49
CA GLU C 3718 4.51 56.88 -46.59
C GLU C 3718 5.65 57.82 -46.91
N ASP C 3719 6.80 57.60 -46.29
CA ASP C 3719 8.00 58.40 -46.57
C ASP C 3719 8.58 57.95 -47.91
N TYR C 3720 8.34 58.74 -48.96
CA TYR C 3720 8.77 58.36 -50.32
C TYR C 3720 10.28 58.27 -50.46
N LEU C 3721 11.03 58.91 -49.57
CA LEU C 3721 12.47 58.78 -49.66
C LEU C 3721 12.94 57.60 -48.86
N TYR C 3722 12.28 57.29 -47.74
CA TYR C 3722 12.62 56.06 -47.03
C TYR C 3722 12.34 54.86 -47.92
N MET C 3723 11.22 54.89 -48.66
CA MET C 3723 10.95 53.89 -49.69
C MET C 3723 12.05 53.81 -50.73
N ALA C 3724 12.55 54.98 -51.18
CA ALA C 3724 13.58 54.97 -52.22
C ALA C 3724 14.93 54.51 -51.67
N TYR C 3725 15.18 54.75 -50.39
CA TYR C 3725 16.48 54.40 -49.88
C TYR C 3725 16.49 53.00 -49.29
N ALA C 3726 15.34 52.51 -48.85
CA ALA C 3726 15.23 51.11 -48.50
C ALA C 3726 15.41 50.24 -49.73
N ASP C 3727 14.81 50.65 -50.86
CA ASP C 3727 15.01 49.90 -52.10
C ASP C 3727 16.47 49.96 -52.55
N ILE C 3728 17.11 51.12 -52.42
CA ILE C 3728 18.51 51.28 -52.81
C ILE C 3728 19.43 50.43 -51.95
N MET C 3729 19.21 50.44 -50.62
CA MET C 3729 20.03 49.63 -49.72
C MET C 3729 19.81 48.15 -49.98
N ALA C 3730 18.54 47.74 -50.20
CA ALA C 3730 18.28 46.33 -50.45
C ALA C 3730 18.91 45.88 -51.76
N LYS C 3731 18.84 46.73 -52.79
CA LYS C 3731 19.41 46.38 -54.08
C LYS C 3731 20.93 46.47 -54.09
N SER C 3732 21.54 47.06 -53.07
CA SER C 3732 22.99 47.18 -53.02
C SER C 3732 23.65 46.05 -52.22
N CYS C 3733 22.93 44.97 -51.94
CA CYS C 3733 23.49 43.86 -51.19
C CYS C 3733 23.62 42.57 -52.00
N HIS C 3734 22.52 42.09 -52.60
CA HIS C 3734 22.54 40.78 -53.24
C HIS C 3734 23.46 40.73 -54.45
N LEU C 3735 23.31 41.68 -55.39
CA LEU C 3735 24.04 41.74 -56.67
C LEU C 3735 24.06 40.41 -57.45
N GLU C 3736 23.03 39.59 -57.27
CA GLU C 3736 23.01 38.25 -57.87
C GLU C 3736 21.59 37.83 -58.21
N VAL C 3749 28.93 24.03 -66.07
CA VAL C 3749 27.92 24.61 -65.21
C VAL C 3749 28.38 24.52 -63.76
N GLU C 3750 29.50 23.87 -63.54
CA GLU C 3750 30.06 23.72 -62.19
C GLU C 3750 31.08 24.82 -61.94
N VAL C 3751 30.81 25.63 -60.92
CA VAL C 3751 31.71 26.69 -60.49
C VAL C 3751 32.41 26.19 -59.23
N SER C 3752 33.68 26.55 -59.07
CA SER C 3752 34.48 26.02 -57.98
C SER C 3752 33.95 26.51 -56.64
N PHE C 3753 33.96 25.61 -55.66
CA PHE C 3753 33.67 25.96 -54.27
C PHE C 3753 34.69 26.98 -53.72
N GLU C 3754 35.86 27.10 -54.36
CA GLU C 3754 36.80 28.15 -54.02
C GLU C 3754 36.35 29.50 -54.59
N GLU C 3755 35.59 29.49 -55.69
CA GLU C 3755 35.00 30.73 -56.17
C GLU C 3755 33.83 31.11 -55.29
N LYS C 3756 33.00 30.12 -54.94
CA LYS C 3756 31.86 30.35 -54.06
C LYS C 3756 32.33 30.87 -52.69
N GLU C 3757 33.53 30.46 -52.26
CA GLU C 3757 34.18 30.95 -51.04
C GLU C 3757 34.59 32.41 -51.15
N MET C 3758 34.63 32.96 -52.36
CA MET C 3758 34.91 34.37 -52.62
C MET C 3758 33.60 35.15 -52.69
N GLU C 3759 32.65 34.62 -53.46
CA GLU C 3759 31.35 35.24 -53.61
C GLU C 3759 30.62 35.39 -52.27
N LYS C 3760 30.65 34.34 -51.43
CA LYS C 3760 30.00 34.43 -50.12
C LYS C 3760 30.65 35.50 -49.24
N GLN C 3761 31.98 35.58 -49.25
CA GLN C 3761 32.65 36.55 -48.40
C GLN C 3761 32.69 37.93 -49.02
N ARG C 3762 32.20 38.10 -50.24
CA ARG C 3762 31.96 39.44 -50.74
C ARG C 3762 30.54 39.90 -50.44
N LEU C 3763 29.57 38.98 -50.56
CA LEU C 3763 28.20 39.30 -50.15
C LEU C 3763 28.14 39.62 -48.67
N LEU C 3764 28.84 38.84 -47.84
CA LEU C 3764 28.89 39.12 -46.42
C LEU C 3764 29.57 40.45 -46.11
N TYR C 3765 30.42 40.93 -47.01
CA TYR C 3765 31.04 42.25 -46.83
C TYR C 3765 30.02 43.33 -47.09
N GLN C 3766 29.25 43.19 -48.18
CA GLN C 3766 28.24 44.19 -48.50
C GLN C 3766 27.15 44.23 -47.44
N GLN C 3767 26.75 43.07 -46.92
CA GLN C 3767 25.84 43.02 -45.77
C GLN C 3767 26.46 43.67 -44.54
N SER C 3768 27.76 43.46 -44.30
CA SER C 3768 28.43 44.09 -43.17
C SER C 3768 28.50 45.60 -43.32
N ARG C 3769 28.48 46.10 -44.56
CA ARG C 3769 28.53 47.53 -44.83
C ARG C 3769 27.28 48.22 -44.31
N LEU C 3770 26.18 47.50 -44.17
CA LEU C 3770 24.94 48.03 -43.65
C LEU C 3770 24.79 47.70 -42.18
N HIS C 3771 24.85 46.41 -41.82
CA HIS C 3771 24.54 46.02 -40.45
C HIS C 3771 25.56 46.55 -39.44
N THR C 3772 26.77 46.93 -39.88
CA THR C 3772 27.65 47.61 -38.94
C THR C 3772 27.18 49.03 -38.61
N ARG C 3773 26.18 49.55 -39.34
CA ARG C 3773 25.72 50.91 -39.17
C ARG C 3773 24.29 50.99 -38.64
N GLY C 3774 23.84 49.98 -37.89
CA GLY C 3774 22.53 50.02 -37.27
C GLY C 3774 21.34 49.74 -38.14
N ALA C 3775 21.55 49.31 -39.40
CA ALA C 3775 20.42 49.00 -40.28
C ALA C 3775 19.61 47.80 -39.79
N ALA C 3776 20.21 46.93 -38.97
CA ALA C 3776 19.48 45.80 -38.42
C ALA C 3776 18.46 46.28 -37.41
N GLU C 3777 18.84 47.22 -36.55
CA GLU C 3777 17.91 47.71 -35.57
C GLU C 3777 16.89 48.63 -36.23
N MET C 3778 17.29 49.28 -37.32
CA MET C 3778 16.39 50.14 -38.06
C MET C 3778 15.25 49.34 -38.68
N VAL C 3779 15.55 48.14 -39.20
CA VAL C 3779 14.51 47.29 -39.79
C VAL C 3779 13.51 46.87 -38.72
N LEU C 3780 14.02 46.45 -37.56
CA LEU C 3780 13.16 46.00 -36.47
C LEU C 3780 12.30 47.14 -35.95
N GLN C 3781 12.80 48.37 -36.03
CA GLN C 3781 12.03 49.50 -35.57
C GLN C 3781 10.93 49.84 -36.56
N MET C 3782 11.22 49.77 -37.87
CA MET C 3782 10.17 50.04 -38.84
C MET C 3782 9.06 48.98 -38.78
N ILE C 3783 9.45 47.72 -38.53
CA ILE C 3783 8.45 46.65 -38.37
C ILE C 3783 7.60 46.88 -37.13
N SER C 3784 8.22 47.29 -36.03
CA SER C 3784 7.42 47.56 -34.83
C SER C 3784 6.56 48.81 -34.99
N ALA C 3785 7.07 49.79 -35.75
CA ALA C 3785 6.34 51.05 -35.92
C ALA C 3785 5.14 50.91 -36.85
N CYS C 3786 5.20 49.99 -37.82
CA CYS C 3786 4.12 49.90 -38.81
C CYS C 3786 2.78 49.45 -38.22
N LYS C 3787 2.78 48.87 -37.01
CA LYS C 3787 1.58 48.45 -36.28
C LYS C 3787 0.73 47.43 -37.03
N GLY C 3788 1.35 46.64 -37.90
CA GLY C 3788 0.61 45.62 -38.63
C GLY C 3788 -0.34 46.14 -39.68
N GLU C 3789 0.08 47.11 -40.48
CA GLU C 3789 -0.69 47.60 -41.61
C GLU C 3789 0.07 47.21 -42.88
N THR C 3790 -0.52 46.32 -43.67
CA THR C 3790 0.09 45.93 -44.95
C THR C 3790 0.18 47.11 -45.91
N GLY C 3791 1.32 47.24 -46.56
CA GLY C 3791 1.50 48.29 -47.53
C GLY C 3791 2.92 48.28 -48.06
N ALA C 3792 3.17 49.21 -48.99
CA ALA C 3792 4.51 49.37 -49.54
C ALA C 3792 5.48 49.95 -48.51
N MET C 3793 4.96 50.42 -47.37
CA MET C 3793 5.78 50.97 -46.31
C MET C 3793 6.55 49.84 -45.65
N VAL C 3794 5.80 48.87 -45.14
CA VAL C 3794 6.39 47.71 -44.47
C VAL C 3794 7.07 46.79 -45.48
N SER C 3795 6.53 46.68 -46.72
CA SER C 3795 7.08 45.74 -47.69
C SER C 3795 8.53 46.05 -48.06
N SER C 3796 8.86 47.33 -48.25
CA SER C 3796 10.23 47.72 -48.53
C SER C 3796 11.14 47.44 -47.33
N THR C 3797 10.58 47.45 -46.12
CA THR C 3797 11.37 47.16 -44.94
C THR C 3797 11.69 45.67 -44.91
N LEU C 3798 10.70 44.83 -45.20
CA LEU C 3798 10.92 43.39 -45.24
C LEU C 3798 11.94 43.03 -46.32
N LYS C 3799 11.83 43.65 -47.49
CA LYS C 3799 12.80 43.39 -48.56
C LYS C 3799 14.21 43.83 -48.18
N LEU C 3800 14.34 44.86 -47.34
CA LEU C 3800 15.66 45.21 -46.82
C LEU C 3800 16.13 44.22 -45.77
N GLY C 3801 15.19 43.77 -44.93
CA GLY C 3801 15.52 42.80 -43.89
C GLY C 3801 16.03 41.50 -44.49
N ILE C 3802 15.40 41.04 -45.56
CA ILE C 3802 15.87 39.86 -46.27
C ILE C 3802 17.22 40.15 -46.90
N SER C 3803 17.34 41.32 -47.55
CA SER C 3803 18.54 41.64 -48.31
C SER C 3803 19.78 41.75 -47.42
N ILE C 3804 19.59 42.00 -46.13
CA ILE C 3804 20.71 41.95 -45.18
C ILE C 3804 20.72 40.63 -44.41
N LEU C 3805 19.95 39.64 -44.83
CA LEU C 3805 19.88 38.36 -44.14
C LEU C 3805 20.01 37.16 -45.05
N ASN C 3806 20.29 37.37 -46.34
CA ASN C 3806 20.51 36.24 -47.25
C ASN C 3806 21.70 35.41 -46.79
N GLY C 3807 21.54 34.10 -46.86
CA GLY C 3807 22.55 33.18 -46.39
C GLY C 3807 22.65 33.05 -44.88
N GLY C 3808 21.68 33.60 -44.15
CA GLY C 3808 21.64 33.57 -42.70
C GLY C 3808 22.84 34.19 -42.01
N ASN C 3809 22.98 35.51 -42.11
CA ASN C 3809 24.08 36.20 -41.46
C ASN C 3809 23.99 36.10 -39.94
N ALA C 3810 25.00 35.45 -39.34
CA ALA C 3810 24.97 35.16 -37.92
C ALA C 3810 25.10 36.42 -37.09
N GLU C 3811 25.82 37.41 -37.63
CA GLU C 3811 25.99 38.68 -36.94
C GLU C 3811 24.67 39.43 -36.92
N VAL C 3812 23.98 39.47 -38.06
CA VAL C 3812 22.70 40.19 -38.13
C VAL C 3812 21.70 39.54 -37.18
N GLN C 3813 21.62 38.20 -37.21
CA GLN C 3813 20.73 37.49 -36.30
C GLN C 3813 21.06 37.73 -34.83
N GLN C 3814 22.35 37.92 -34.52
CA GLN C 3814 22.75 38.20 -33.15
C GLN C 3814 22.40 39.62 -32.74
N LYS C 3815 22.63 40.59 -33.64
CA LYS C 3815 22.28 41.98 -33.36
C LYS C 3815 20.78 42.15 -33.18
N MET C 3816 20.00 41.50 -34.05
CA MET C 3816 18.55 41.58 -33.96
C MET C 3816 18.03 40.95 -32.68
N LEU C 3817 18.54 39.77 -32.32
CA LEU C 3817 18.07 39.11 -31.11
C LEU C 3817 18.45 39.90 -29.88
N ASP C 3818 19.66 40.47 -29.87
CA ASP C 3818 20.10 41.29 -28.74
C ASP C 3818 19.24 42.54 -28.59
N TYR C 3819 18.93 43.20 -29.72
CA TYR C 3819 18.12 44.41 -29.65
C TYR C 3819 16.71 44.11 -29.16
N LEU C 3820 16.13 42.99 -29.61
CA LEU C 3820 14.78 42.66 -29.17
C LEU C 3820 14.78 42.30 -27.69
N LYS C 3821 15.86 41.66 -27.23
CA LYS C 3821 15.89 41.18 -25.86
C LYS C 3821 16.06 42.34 -24.90
N ASP C 3822 16.98 43.26 -25.19
CA ASP C 3822 17.16 44.32 -24.21
C ASP C 3822 16.11 45.42 -24.35
N LYS C 3823 15.43 45.54 -25.50
CA LYS C 3823 14.35 46.51 -25.55
C LYS C 3823 13.05 45.99 -24.95
N LYS C 3824 12.84 44.66 -24.97
CA LYS C 3824 11.62 44.01 -24.46
C LYS C 3824 10.33 44.62 -25.05
N GLU C 3825 10.34 44.86 -26.35
CA GLU C 3825 9.19 45.46 -27.03
C GLU C 3825 8.25 44.37 -27.56
N VAL C 3826 6.97 44.47 -27.16
CA VAL C 3826 5.95 43.58 -27.71
C VAL C 3826 5.37 44.07 -29.03
N GLY C 3827 5.71 45.30 -29.45
CA GLY C 3827 5.14 45.86 -30.65
C GLY C 3827 5.60 45.14 -31.91
N PHE C 3828 6.81 44.57 -31.85
CA PHE C 3828 7.35 43.86 -33.01
C PHE C 3828 6.57 42.60 -33.29
N PHE C 3829 6.36 41.79 -32.27
CA PHE C 3829 5.65 40.53 -32.51
C PHE C 3829 4.16 40.77 -32.68
N GLN C 3830 3.60 41.79 -32.02
CA GLN C 3830 2.20 42.12 -32.26
C GLN C 3830 1.97 42.60 -33.69
N SER C 3831 2.96 43.29 -34.27
CA SER C 3831 2.81 43.73 -35.64
C SER C 3831 3.02 42.59 -36.62
N ILE C 3832 3.94 41.67 -36.30
CA ILE C 3832 4.16 40.49 -37.13
C ILE C 3832 2.90 39.63 -37.15
N GLN C 3833 2.29 39.42 -35.97
CA GLN C 3833 1.06 38.65 -35.87
C GLN C 3833 -0.08 39.30 -36.65
N ALA C 3834 -0.23 40.62 -36.53
CA ALA C 3834 -1.29 41.30 -37.27
C ALA C 3834 -1.06 41.23 -38.78
N LEU C 3835 0.21 41.39 -39.20
CA LEU C 3835 0.56 41.30 -40.61
C LEU C 3835 0.25 39.92 -41.16
N MET C 3836 0.56 38.88 -40.37
CA MET C 3836 0.34 37.52 -40.83
C MET C 3836 -1.15 37.21 -40.90
N GLN C 3837 -1.91 37.74 -39.93
CA GLN C 3837 -3.36 37.50 -39.93
C GLN C 3837 -4.06 38.24 -41.05
N THR C 3838 -3.44 39.27 -41.60
CA THR C 3838 -4.06 40.02 -42.69
C THR C 3838 -3.73 39.46 -44.07
N CYS C 3839 -2.86 38.46 -44.16
CA CYS C 3839 -2.52 37.85 -45.44
C CYS C 3839 -3.71 37.12 -46.03
N SER C 3840 -3.76 37.09 -47.36
CA SER C 3840 -4.90 36.60 -48.12
C SER C 3840 -4.66 35.19 -48.66
N VAL C 3841 -5.74 34.41 -48.71
CA VAL C 3841 -5.72 33.07 -49.28
C VAL C 3841 -6.55 33.09 -50.56
N LEU C 3842 -6.60 31.95 -51.26
CA LEU C 3842 -7.33 31.83 -52.52
C LEU C 3842 -8.83 32.11 -52.32
N ASP C 3843 -9.42 32.86 -53.25
CA ASP C 3843 -10.82 33.25 -53.15
C ASP C 3843 -11.55 32.76 -54.40
N LEU C 3844 -12.57 31.94 -54.18
CA LEU C 3844 -13.41 31.45 -55.26
C LEU C 3844 -14.28 32.56 -55.83
N ASN C 3845 -14.93 33.34 -54.96
CA ASN C 3845 -15.84 34.39 -55.42
C ASN C 3845 -15.08 35.40 -56.27
N ALA C 3846 -13.89 35.82 -55.80
CA ALA C 3846 -13.04 36.72 -56.56
C ALA C 3846 -12.55 36.06 -57.84
N PHE C 3847 -12.43 34.73 -57.85
CA PHE C 3847 -11.98 34.06 -59.06
C PHE C 3847 -13.07 34.10 -60.11
N GLU C 3848 -14.31 33.83 -59.70
CA GLU C 3848 -15.44 33.86 -60.62
C GLU C 3848 -15.65 35.27 -61.17
N ARG C 3849 -15.58 36.28 -60.30
CA ARG C 3849 -15.69 37.66 -60.76
C ARG C 3849 -14.59 38.02 -61.74
N GLN C 3850 -13.37 37.55 -61.49
CA GLN C 3850 -12.26 37.80 -62.40
C GLN C 3850 -12.50 37.13 -63.75
N ASN C 3851 -13.07 35.93 -63.73
CA ASN C 3851 -13.35 35.20 -64.96
C ASN C 3851 -14.41 35.93 -65.77
N LYS C 3852 -15.51 36.34 -65.12
CA LYS C 3852 -16.57 37.04 -65.83
C LYS C 3852 -16.09 38.37 -66.38
N ALA C 3853 -15.28 39.11 -65.60
CA ALA C 3853 -14.71 40.36 -66.09
C ALA C 3853 -13.80 40.12 -67.28
N GLU C 3854 -13.05 39.00 -67.26
CA GLU C 3854 -12.22 38.67 -68.41
C GLU C 3854 -13.09 38.34 -69.62
N GLY C 3855 -14.25 37.72 -69.36
CA GLY C 3855 -15.17 37.38 -70.44
C GLY C 3855 -15.72 38.62 -71.13
N LEU C 3856 -15.95 39.68 -70.37
CA LEU C 3856 -16.44 40.93 -70.98
C LEU C 3856 -15.39 41.51 -71.95
N GLY C 3857 -14.13 41.53 -71.54
CA GLY C 3857 -13.05 42.07 -72.35
C GLY C 3857 -13.17 43.53 -72.72
N MET C 3858 -13.60 44.38 -71.80
CA MET C 3858 -13.91 45.76 -72.14
C MET C 3858 -12.62 46.56 -72.26
N VAL C 3859 -12.67 47.59 -73.12
CA VAL C 3859 -11.49 48.35 -73.50
C VAL C 3859 -11.75 49.83 -73.23
N ASN C 3860 -10.70 50.63 -73.36
CA ASN C 3860 -10.83 52.07 -73.17
C ASN C 3860 -11.20 52.76 -74.49
N GLU C 3861 -11.43 54.07 -74.42
CA GLU C 3861 -11.88 54.82 -75.59
C GLU C 3861 -10.72 55.34 -76.42
N ASP C 3862 -9.74 56.00 -75.80
CA ASP C 3862 -8.61 56.57 -76.51
C ASP C 3862 -7.64 55.47 -76.96
N GLY C 3863 -8.04 54.73 -77.99
CA GLY C 3863 -7.30 53.56 -78.41
C GLY C 3863 -7.98 52.31 -77.90
N THR C 3864 -7.19 51.27 -77.58
CA THR C 3864 -7.72 49.99 -77.12
C THR C 3864 -6.60 49.19 -76.48
N VAL C 3865 -6.82 48.72 -75.26
CA VAL C 3865 -5.94 47.74 -74.63
C VAL C 3865 -6.64 46.37 -74.68
N ILE C 3866 -6.00 45.43 -75.36
CA ILE C 3866 -6.58 44.11 -75.54
C ILE C 3866 -6.11 43.19 -74.43
N ASN C 3867 -7.05 42.58 -73.72
CA ASN C 3867 -6.81 41.70 -72.56
C ASN C 3867 -6.03 42.44 -71.48
N ARG C 3868 -6.71 43.46 -70.92
CA ARG C 3868 -6.11 44.38 -69.95
C ARG C 3868 -5.58 43.63 -68.74
N GLN C 3869 -4.38 44.03 -68.29
CA GLN C 3869 -3.68 43.35 -67.21
C GLN C 3869 -3.77 44.16 -65.91
N ASN C 3870 -4.95 44.70 -65.61
CA ASN C 3870 -5.20 45.33 -64.32
C ASN C 3870 -4.98 44.32 -63.19
N GLY C 3871 -4.74 44.85 -61.98
CA GLY C 3871 -4.29 44.08 -60.82
C GLY C 3871 -5.06 42.83 -60.48
N GLU C 3872 -4.31 41.75 -60.22
CA GLU C 3872 -4.92 40.46 -59.91
C GLU C 3872 -5.63 40.51 -58.57
N LYS C 3873 -6.88 40.06 -58.54
CA LYS C 3873 -7.69 40.15 -57.34
C LYS C 3873 -7.71 38.85 -56.54
N VAL C 3874 -6.92 37.86 -56.93
CA VAL C 3874 -6.73 36.64 -56.16
C VAL C 3874 -5.27 36.55 -55.79
N MET C 3875 -4.98 36.46 -54.49
CA MET C 3875 -3.62 36.48 -53.93
C MET C 3875 -2.83 37.70 -54.39
N ALA C 3876 -3.40 38.89 -54.16
CA ALA C 3876 -2.75 40.12 -54.58
C ALA C 3876 -1.43 40.33 -53.83
N ASP C 3877 -1.43 40.00 -52.54
CA ASP C 3877 -0.27 40.18 -51.68
C ASP C 3877 0.53 38.89 -51.50
N ASP C 3878 0.54 38.04 -52.53
CA ASP C 3878 1.30 36.80 -52.47
C ASP C 3878 2.80 37.05 -52.35
N GLU C 3879 3.34 38.01 -53.10
CA GLU C 3879 4.76 38.34 -53.03
C GLU C 3879 5.12 38.88 -51.65
N PHE C 3880 4.17 39.53 -50.99
CA PHE C 3880 4.39 40.04 -49.64
C PHE C 3880 4.33 38.92 -48.63
N THR C 3881 3.41 37.97 -48.79
CA THR C 3881 3.36 36.87 -47.83
C THR C 3881 4.58 35.98 -47.99
N GLN C 3882 5.06 35.86 -49.25
CA GLN C 3882 6.26 35.10 -49.55
C GLN C 3882 7.48 35.73 -48.91
N ASP C 3883 7.62 37.05 -49.00
CA ASP C 3883 8.84 37.57 -48.42
C ASP C 3883 8.71 37.86 -46.92
N LEU C 3884 7.49 37.85 -46.38
CA LEU C 3884 7.33 37.87 -44.94
C LEU C 3884 7.81 36.54 -44.34
N PHE C 3885 7.41 35.43 -44.96
CA PHE C 3885 7.86 34.16 -44.44
C PHE C 3885 9.31 33.90 -44.77
N ARG C 3886 9.80 34.43 -45.90
CA ARG C 3886 11.23 34.34 -46.18
C ARG C 3886 12.05 35.07 -45.13
N PHE C 3887 11.57 36.24 -44.68
CA PHE C 3887 12.22 36.97 -43.60
C PHE C 3887 12.22 36.16 -42.31
N LEU C 3888 11.08 35.54 -41.99
CA LEU C 3888 10.99 34.73 -40.79
C LEU C 3888 11.91 33.52 -40.87
N GLN C 3889 11.99 32.88 -42.04
CA GLN C 3889 12.89 31.75 -42.22
C GLN C 3889 14.34 32.18 -42.06
N LEU C 3890 14.70 33.34 -42.63
CA LEU C 3890 16.06 33.85 -42.55
C LEU C 3890 16.44 34.15 -41.11
N LEU C 3891 15.46 34.47 -40.26
CA LEU C 3891 15.77 34.78 -38.87
C LEU C 3891 16.33 33.55 -38.16
N CYS C 3892 15.74 32.38 -38.43
CA CYS C 3892 16.13 31.14 -37.78
C CYS C 3892 17.08 30.29 -38.61
N GLU C 3893 17.54 30.79 -39.76
CA GLU C 3893 18.39 29.98 -40.63
C GLU C 3893 19.73 29.71 -39.97
N GLY C 3894 20.26 28.51 -40.17
CA GLY C 3894 21.48 28.09 -39.52
C GLY C 3894 21.31 27.46 -38.16
N HIS C 3895 20.09 26.99 -37.85
CA HIS C 3895 19.72 26.36 -36.57
C HIS C 3895 20.03 27.26 -35.38
N ASN C 3896 19.62 28.52 -35.50
CA ASN C 3896 19.82 29.53 -34.46
C ASN C 3896 18.79 29.29 -33.35
N ASN C 3897 19.07 28.27 -32.52
CA ASN C 3897 18.15 27.82 -31.49
C ASN C 3897 17.83 28.89 -30.46
N ASP C 3898 18.73 29.87 -30.29
CA ASP C 3898 18.47 31.03 -29.43
C ASP C 3898 17.28 31.83 -29.95
N PHE C 3899 17.17 31.95 -31.26
CA PHE C 3899 16.13 32.78 -31.84
C PHE C 3899 14.89 31.94 -32.08
N GLN C 3900 15.11 30.64 -32.34
CA GLN C 3900 14.01 29.70 -32.50
C GLN C 3900 13.17 29.61 -31.23
N ASN C 3901 13.83 29.57 -30.07
CA ASN C 3901 13.07 29.55 -28.83
C ASN C 3901 12.44 30.90 -28.51
N TYR C 3902 13.00 31.97 -29.08
CA TYR C 3902 12.42 33.29 -28.88
C TYR C 3902 11.13 33.45 -29.66
N LEU C 3903 11.08 32.88 -30.87
CA LEU C 3903 9.85 32.97 -31.66
C LEU C 3903 8.72 32.22 -30.96
N ARG C 3904 9.03 31.05 -30.40
CA ARG C 3904 8.01 30.26 -29.73
C ARG C 3904 7.51 30.99 -28.50
N THR C 3905 8.43 31.56 -27.71
CA THR C 3905 8.01 32.30 -26.53
C THR C 3905 9.08 33.32 -26.16
N GLN C 3906 8.62 34.53 -25.85
CA GLN C 3906 9.50 35.62 -25.47
C GLN C 3906 9.48 35.72 -23.95
N THR C 3907 10.62 35.40 -23.32
CA THR C 3907 10.69 35.39 -21.86
C THR C 3907 10.52 36.79 -21.29
N GLY C 3908 11.30 37.75 -21.82
CA GLY C 3908 11.38 39.07 -21.22
C GLY C 3908 10.07 39.84 -21.25
N ASN C 3909 9.37 39.80 -22.38
CA ASN C 3909 8.18 40.62 -22.58
C ASN C 3909 7.06 40.22 -21.62
N THR C 3910 6.15 41.16 -21.40
CA THR C 3910 4.99 40.88 -20.56
C THR C 3910 4.00 39.97 -21.27
N THR C 3911 3.83 40.16 -22.58
CA THR C 3911 2.89 39.40 -23.38
C THR C 3911 3.63 38.59 -24.42
N THR C 3912 3.33 37.30 -24.50
CA THR C 3912 4.02 36.36 -25.37
C THR C 3912 3.13 36.05 -26.56
N ILE C 3913 3.67 36.20 -27.77
CA ILE C 3913 2.95 35.91 -29.00
C ILE C 3913 3.58 34.70 -29.67
N ASN C 3914 2.82 33.61 -29.77
CA ASN C 3914 3.34 32.39 -30.35
C ASN C 3914 3.26 32.50 -31.88
N ILE C 3915 4.40 32.85 -32.47
CA ILE C 3915 4.51 33.02 -33.91
C ILE C 3915 4.32 31.67 -34.59
N ILE C 3916 4.78 30.60 -33.91
CA ILE C 3916 4.73 29.25 -34.45
C ILE C 3916 3.28 28.83 -34.70
N ILE C 3917 2.44 29.01 -33.69
CA ILE C 3917 1.02 28.69 -33.78
C ILE C 3917 0.34 29.59 -34.81
N CYS C 3918 0.71 30.88 -34.83
CA CYS C 3918 0.08 31.77 -35.80
C CYS C 3918 0.43 31.37 -37.24
N THR C 3919 1.66 30.87 -37.44
CA THR C 3919 2.09 30.36 -38.74
C THR C 3919 1.27 29.14 -39.13
N VAL C 3920 1.03 28.25 -38.16
CA VAL C 3920 0.24 27.05 -38.44
C VAL C 3920 -1.18 27.44 -38.84
N ASP C 3921 -1.77 28.38 -38.09
CA ASP C 3921 -3.12 28.85 -38.38
C ASP C 3921 -3.23 29.51 -39.75
N TYR C 3922 -2.12 30.11 -40.22
CA TYR C 3922 -2.12 30.62 -41.59
C TYR C 3922 -2.06 29.48 -42.58
N LEU C 3923 -1.29 28.43 -42.27
CA LEU C 3923 -1.20 27.28 -43.16
C LEU C 3923 -2.57 26.64 -43.31
N LEU C 3924 -3.30 26.51 -42.20
CA LEU C 3924 -4.66 25.97 -42.23
C LEU C 3924 -5.56 26.83 -43.11
N ARG C 3925 -5.45 28.17 -42.99
CA ARG C 3925 -6.27 29.03 -43.83
C ARG C 3925 -5.89 28.91 -45.31
N LEU C 3926 -4.63 28.59 -45.59
CA LEU C 3926 -4.20 28.46 -46.98
C LEU C 3926 -4.68 27.14 -47.56
N GLN C 3927 -4.64 26.08 -46.76
CA GLN C 3927 -5.06 24.78 -47.28
C GLN C 3927 -6.56 24.70 -47.43
N GLU C 3928 -7.33 25.39 -46.58
CA GLU C 3928 -8.78 25.40 -46.74
C GLU C 3928 -9.16 25.99 -48.09
N SER C 3929 -8.47 27.07 -48.47
CA SER C 3929 -8.65 27.71 -49.76
C SER C 3929 -8.24 26.77 -50.90
N ILE C 3930 -7.11 26.08 -50.73
CA ILE C 3930 -6.62 25.19 -51.78
C ILE C 3930 -7.59 24.02 -52.00
N SER C 3931 -8.07 23.42 -50.91
CA SER C 3931 -9.07 22.35 -50.99
C SER C 3931 -10.36 22.83 -51.66
N ASP C 3932 -10.84 24.01 -51.27
CA ASP C 3932 -12.02 24.54 -51.93
C ASP C 3932 -11.75 25.04 -53.34
N PHE C 3933 -10.50 25.18 -53.75
CA PHE C 3933 -10.24 25.47 -55.15
C PHE C 3933 -10.15 24.17 -55.94
N TYR C 3934 -9.73 23.09 -55.27
CA TYR C 3934 -9.81 21.75 -55.86
C TYR C 3934 -11.24 21.37 -56.20
N TRP C 3935 -12.11 21.39 -55.18
CA TRP C 3935 -13.46 20.84 -55.32
C TRP C 3935 -14.24 21.47 -56.47
N TYR C 3936 -14.02 22.76 -56.74
CA TYR C 3936 -14.73 23.42 -57.82
C TYR C 3936 -14.19 22.97 -59.18
N TYR C 3937 -12.95 22.49 -59.23
CA TYR C 3937 -12.38 21.89 -60.44
C TYR C 3937 -12.49 20.38 -60.47
N SER C 3938 -13.08 19.77 -59.45
CA SER C 3938 -13.24 18.32 -59.43
C SER C 3938 -14.12 17.86 -60.58
N GLY C 3939 -15.21 18.58 -60.84
CA GLY C 3939 -16.07 18.26 -61.97
C GLY C 3939 -15.37 18.50 -63.29
N LYS C 3940 -14.71 19.65 -63.42
CA LYS C 3940 -14.05 20.04 -64.65
C LYS C 3940 -12.88 19.10 -64.97
N ASP C 3941 -12.67 18.88 -66.27
CA ASP C 3941 -11.64 17.97 -66.74
C ASP C 3941 -10.31 18.65 -67.10
N VAL C 3942 -10.34 19.91 -67.50
CA VAL C 3942 -9.13 20.62 -67.88
C VAL C 3942 -8.98 21.85 -66.97
N ILE C 3943 -7.74 22.22 -66.71
CA ILE C 3943 -7.41 23.36 -65.86
C ILE C 3943 -6.88 24.48 -66.75
N GLU C 3944 -7.61 25.58 -66.78
CA GLU C 3944 -7.30 26.69 -67.68
C GLU C 3944 -6.11 27.51 -67.17
N GLU C 3945 -5.83 28.61 -67.87
CA GLU C 3945 -4.60 29.37 -67.67
C GLU C 3945 -4.59 30.09 -66.32
N GLN C 3946 -5.70 30.78 -65.98
CA GLN C 3946 -5.73 31.52 -64.72
C GLN C 3946 -5.68 30.56 -63.55
N GLY C 3947 -6.34 29.41 -63.69
CA GLY C 3947 -6.30 28.39 -62.64
C GLY C 3947 -4.88 27.88 -62.42
N LYS C 3948 -4.15 27.64 -63.52
CA LYS C 3948 -2.77 27.22 -63.41
C LYS C 3948 -1.91 28.27 -62.74
N ARG C 3949 -2.08 29.55 -63.13
CA ARG C 3949 -1.27 30.61 -62.52
C ARG C 3949 -1.59 30.79 -61.04
N ASN C 3950 -2.85 30.55 -60.68
CA ASN C 3950 -3.28 30.65 -59.29
C ASN C 3950 -2.67 29.53 -58.46
N PHE C 3951 -2.65 28.31 -59.00
CA PHE C 3951 -1.90 27.25 -58.35
C PHE C 3951 -0.42 27.56 -58.27
N SER C 3952 0.18 28.11 -59.33
CA SER C 3952 1.63 28.40 -59.32
C SER C 3952 2.03 29.30 -58.17
N LYS C 3953 1.24 30.35 -57.95
CA LYS C 3953 1.53 31.23 -56.83
C LYS C 3953 1.08 30.66 -55.47
N ALA C 3954 0.00 29.89 -55.43
CA ALA C 3954 -0.41 29.31 -54.15
C ALA C 3954 0.56 28.21 -53.72
N MET C 3955 1.08 27.44 -54.67
CA MET C 3955 2.09 26.43 -54.37
C MET C 3955 3.37 27.10 -53.90
N SER C 3956 3.77 28.20 -54.55
CA SER C 3956 4.98 28.91 -54.15
C SER C 3956 4.86 29.43 -52.71
N VAL C 3957 3.68 29.96 -52.36
CA VAL C 3957 3.44 30.44 -51.01
C VAL C 3957 3.48 29.29 -50.00
N ALA C 3958 2.81 28.18 -50.33
CA ALA C 3958 2.82 27.02 -49.43
C ALA C 3958 4.22 26.42 -49.28
N LYS C 3959 5.02 26.49 -50.35
CA LYS C 3959 6.42 26.08 -50.27
C LYS C 3959 7.18 26.95 -49.28
N GLN C 3960 6.97 28.26 -49.35
CA GLN C 3960 7.72 29.16 -48.47
C GLN C 3960 7.31 28.96 -47.01
N VAL C 3961 6.00 28.70 -46.78
CA VAL C 3961 5.51 28.42 -45.43
C VAL C 3961 6.14 27.13 -44.91
N PHE C 3962 6.17 26.09 -45.75
CA PHE C 3962 6.70 24.80 -45.32
C PHE C 3962 8.19 24.89 -45.01
N ASN C 3963 8.95 25.65 -45.83
CA ASN C 3963 10.36 25.87 -45.56
C ASN C 3963 10.56 26.59 -44.23
N SER C 3964 9.73 27.59 -43.95
CA SER C 3964 9.83 28.30 -42.67
C SER C 3964 9.52 27.36 -41.51
N LEU C 3965 8.46 26.56 -41.64
CA LEU C 3965 8.12 25.58 -40.62
C LEU C 3965 9.21 24.52 -40.44
N THR C 3966 9.98 24.23 -41.50
CA THR C 3966 11.13 23.36 -41.37
C THR C 3966 12.20 24.03 -40.52
N GLU C 3967 12.48 25.31 -40.81
CA GLU C 3967 13.52 26.05 -40.09
C GLU C 3967 13.18 26.17 -38.61
N TYR C 3968 11.91 26.40 -38.30
CA TYR C 3968 11.47 26.50 -36.90
C TYR C 3968 11.69 25.20 -36.12
N ILE C 3969 11.82 24.08 -36.81
CA ILE C 3969 11.88 22.77 -36.18
C ILE C 3969 13.31 22.25 -36.08
N GLN C 3970 14.09 22.41 -37.16
CA GLN C 3970 15.40 21.78 -37.26
C GLN C 3970 16.35 22.25 -36.15
N GLY C 3971 17.37 21.44 -35.90
CA GLY C 3971 18.36 21.75 -34.90
C GLY C 3971 18.70 20.63 -33.92
N PRO C 3972 17.69 19.87 -33.36
CA PRO C 3972 16.24 20.09 -33.28
C PRO C 3972 15.83 21.03 -32.17
N CYS C 3973 14.72 21.74 -32.32
CA CYS C 3973 14.15 22.60 -31.27
C CYS C 3973 13.00 21.85 -30.62
N THR C 3974 13.25 21.27 -29.45
CA THR C 3974 12.28 20.39 -28.80
C THR C 3974 10.99 21.12 -28.47
N GLY C 3975 11.10 22.36 -27.98
CA GLY C 3975 9.91 23.14 -27.63
C GLY C 3975 9.02 23.38 -28.83
N ASN C 3976 9.64 23.71 -29.98
CA ASN C 3976 8.88 23.90 -31.20
C ASN C 3976 8.24 22.60 -31.65
N GLN C 3977 8.94 21.48 -31.44
CA GLN C 3977 8.39 20.19 -31.84
C GLN C 3977 7.12 19.86 -31.04
N GLN C 3978 7.15 20.11 -29.72
CA GLN C 3978 5.93 19.94 -28.94
C GLN C 3978 4.84 20.94 -29.34
N SER C 3979 5.24 22.14 -29.77
CA SER C 3979 4.26 23.13 -30.20
C SER C 3979 3.55 22.67 -31.46
N LEU C 3980 4.30 22.12 -32.42
CA LEU C 3980 3.67 21.61 -33.64
C LEU C 3980 2.85 20.38 -33.32
N ALA C 3981 3.30 19.57 -32.35
CA ALA C 3981 2.57 18.36 -31.97
C ALA C 3981 1.19 18.71 -31.46
N HIS C 3982 1.11 19.76 -30.63
CA HIS C 3982 -0.18 20.21 -30.13
C HIS C 3982 -0.90 21.18 -31.08
N SER C 3983 -0.30 21.52 -32.21
CA SER C 3983 -0.91 22.49 -33.12
C SER C 3983 -2.05 21.86 -33.94
N ARG C 3984 -2.48 22.58 -34.97
CA ARG C 3984 -3.47 22.11 -35.94
C ARG C 3984 -2.80 21.58 -37.21
N LEU C 3985 -1.49 21.32 -37.12
CA LEU C 3985 -0.69 20.94 -38.29
C LEU C 3985 -1.20 19.63 -38.87
N TRP C 3986 -1.62 18.69 -38.02
CA TRP C 3986 -2.05 17.37 -38.46
C TRP C 3986 -3.24 17.48 -39.40
N ASP C 3987 -4.22 18.32 -39.04
CA ASP C 3987 -5.37 18.56 -39.88
C ASP C 3987 -4.96 19.24 -41.18
N ALA C 3988 -3.95 20.14 -41.11
CA ALA C 3988 -3.47 20.76 -42.34
C ALA C 3988 -2.78 19.75 -43.24
N VAL C 3989 -2.07 18.79 -42.64
CA VAL C 3989 -1.38 17.75 -43.40
C VAL C 3989 -2.40 16.85 -44.08
N VAL C 3990 -3.44 16.44 -43.33
CA VAL C 3990 -4.46 15.55 -43.88
C VAL C 3990 -5.12 16.20 -45.09
N GLY C 3991 -5.44 17.50 -44.97
CA GLY C 3991 -6.06 18.20 -46.07
C GLY C 3991 -5.14 18.29 -47.28
N PHE C 3992 -3.84 18.55 -47.04
CA PHE C 3992 -2.89 18.64 -48.14
C PHE C 3992 -2.74 17.31 -48.84
N LEU C 3993 -2.69 16.22 -48.07
CA LEU C 3993 -2.59 14.88 -48.65
C LEU C 3993 -3.80 14.58 -49.51
N HIS C 3994 -4.99 14.94 -49.03
CA HIS C 3994 -6.22 14.74 -49.80
C HIS C 3994 -6.17 15.49 -51.11
N VAL C 3995 -5.67 16.72 -51.08
CA VAL C 3995 -5.51 17.50 -52.31
C VAL C 3995 -4.46 16.87 -53.24
N PHE C 3996 -3.34 16.41 -52.67
CA PHE C 3996 -2.25 15.83 -53.45
C PHE C 3996 -2.67 14.55 -54.16
N ALA C 3997 -3.49 13.72 -53.47
CA ALA C 3997 -3.95 12.44 -54.03
C ALA C 3997 -4.68 12.65 -55.33
N HIS C 3998 -5.53 13.66 -55.40
CA HIS C 3998 -6.39 13.83 -56.54
C HIS C 3998 -5.76 14.75 -57.56
N MET C 3999 -4.87 15.65 -57.12
CA MET C 3999 -4.10 16.44 -58.08
C MET C 3999 -3.14 15.59 -58.90
N MET C 4000 -2.50 14.58 -58.29
CA MET C 4000 -1.64 13.67 -59.05
C MET C 4000 -2.44 12.93 -60.12
N MET C 4001 -3.59 12.39 -59.74
CA MET C 4001 -4.42 11.62 -60.65
C MET C 4001 -4.98 12.49 -61.77
N LYS C 4002 -5.55 13.64 -61.42
CA LYS C 4002 -6.16 14.52 -62.41
C LYS C 4002 -5.11 15.10 -63.36
N LEU C 4003 -3.94 15.49 -62.84
CA LEU C 4003 -2.94 16.14 -63.66
C LEU C 4003 -2.06 15.16 -64.44
N ALA C 4004 -2.09 13.88 -64.11
CA ALA C 4004 -1.25 12.96 -64.88
C ALA C 4004 -1.91 12.48 -66.16
N GLN C 4005 -3.22 12.68 -66.31
CA GLN C 4005 -3.91 12.22 -67.52
C GLN C 4005 -3.54 12.98 -68.77
N ASP C 4006 -2.97 14.18 -68.64
CA ASP C 4006 -2.69 15.03 -69.78
C ASP C 4006 -1.29 15.62 -69.70
N SER C 4007 -0.75 15.97 -70.86
CA SER C 4007 0.58 16.52 -70.98
C SER C 4007 0.59 18.04 -70.95
N SER C 4008 -0.58 18.68 -70.88
CA SER C 4008 -0.64 20.12 -70.82
C SER C 4008 -0.35 20.67 -69.43
N GLN C 4009 -0.43 19.82 -68.40
CA GLN C 4009 -0.23 20.24 -67.03
C GLN C 4009 1.08 19.70 -66.47
N ILE C 4010 2.08 19.53 -67.33
CA ILE C 4010 3.36 18.98 -66.90
C ILE C 4010 4.08 19.93 -65.96
N GLU C 4011 4.15 21.22 -66.33
CA GLU C 4011 4.81 22.22 -65.50
C GLU C 4011 4.10 22.39 -64.16
N LEU C 4012 2.77 22.41 -64.20
CA LEU C 4012 1.97 22.53 -62.99
C LEU C 4012 2.17 21.33 -62.06
N LEU C 4013 2.18 20.12 -62.61
CA LEU C 4013 2.45 18.94 -61.80
C LEU C 4013 3.86 18.94 -61.24
N LYS C 4014 4.85 19.33 -62.05
CA LYS C 4014 6.23 19.40 -61.59
C LYS C 4014 6.40 20.43 -60.48
N GLU C 4015 5.75 21.59 -60.62
CA GLU C 4015 5.72 22.58 -59.57
C GLU C 4015 5.00 22.08 -58.33
N LEU C 4016 4.00 21.23 -58.51
CA LEU C 4016 3.32 20.64 -57.35
C LEU C 4016 4.20 19.63 -56.64
N LEU C 4017 5.07 18.94 -57.38
CA LEU C 4017 5.85 17.82 -56.83
C LEU C 4017 6.77 18.25 -55.69
N ASP C 4018 7.52 19.34 -55.90
CA ASP C 4018 8.45 19.72 -54.85
C ASP C 4018 7.75 20.36 -53.66
N LEU C 4019 6.46 20.71 -53.76
CA LEU C 4019 5.73 21.14 -52.58
C LEU C 4019 5.64 20.00 -51.57
N GLN C 4020 5.15 18.84 -52.02
CA GLN C 4020 5.12 17.72 -51.09
C GLN C 4020 6.50 17.17 -50.80
N LYS C 4021 7.49 17.42 -51.66
CA LYS C 4021 8.87 17.07 -51.30
C LYS C 4021 9.36 17.89 -50.10
N ASP C 4022 9.14 19.21 -50.11
CA ASP C 4022 9.51 20.00 -48.94
C ASP C 4022 8.57 19.77 -47.77
N MET C 4023 7.36 19.30 -48.06
CA MET C 4023 6.44 18.92 -46.99
C MET C 4023 6.96 17.71 -46.25
N VAL C 4024 7.30 16.64 -46.99
CA VAL C 4024 7.75 15.41 -46.33
C VAL C 4024 9.08 15.67 -45.63
N VAL C 4025 9.94 16.52 -46.21
CA VAL C 4025 11.17 16.93 -45.52
C VAL C 4025 10.85 17.59 -44.18
N MET C 4026 9.78 18.40 -44.12
CA MET C 4026 9.32 18.95 -42.85
C MET C 4026 8.84 17.86 -41.90
N LEU C 4027 8.10 16.88 -42.43
CA LEU C 4027 7.66 15.76 -41.58
C LEU C 4027 8.84 14.96 -41.04
N LEU C 4028 9.88 14.77 -41.84
CA LEU C 4028 11.08 14.09 -41.37
C LEU C 4028 11.73 14.91 -40.26
N SER C 4029 11.80 16.23 -40.46
CA SER C 4029 12.44 17.11 -39.50
C SER C 4029 11.72 17.09 -38.17
N LEU C 4030 10.40 16.86 -38.20
CA LEU C 4030 9.63 16.68 -36.96
C LEU C 4030 10.03 15.43 -36.18
N LEU C 4031 10.69 14.48 -36.82
CA LEU C 4031 11.04 13.21 -36.21
C LEU C 4031 12.47 13.16 -35.69
N GLU C 4032 13.20 14.28 -35.75
CA GLU C 4032 14.55 14.33 -35.22
C GLU C 4032 14.56 14.11 -33.72
N GLY C 4033 15.33 13.12 -33.28
CA GLY C 4033 15.51 12.81 -31.88
C GLY C 4033 14.25 12.40 -31.14
N ASN C 4034 13.47 11.50 -31.74
CA ASN C 4034 12.23 11.02 -31.13
C ASN C 4034 12.47 9.71 -30.41
N VAL C 4035 11.90 9.58 -29.21
CA VAL C 4035 11.99 8.33 -28.48
C VAL C 4035 10.97 7.34 -29.02
N VAL C 4036 11.17 6.06 -28.68
CA VAL C 4036 10.22 5.03 -29.09
C VAL C 4036 8.90 5.24 -28.36
N ASN C 4037 7.80 4.98 -29.07
CA ASN C 4037 6.43 5.27 -28.63
C ASN C 4037 6.28 6.74 -28.23
N GLY C 4038 6.99 7.62 -28.92
CA GLY C 4038 6.95 9.02 -28.61
C GLY C 4038 5.61 9.66 -28.94
N MET C 4039 5.40 10.81 -28.31
CA MET C 4039 4.15 11.56 -28.46
C MET C 4039 3.95 12.00 -29.90
N ILE C 4040 4.96 12.67 -30.48
CA ILE C 4040 4.90 13.21 -31.84
C ILE C 4040 4.64 12.08 -32.82
N ALA C 4041 5.32 10.94 -32.59
CA ALA C 4041 5.17 9.79 -33.46
C ALA C 4041 3.74 9.25 -33.37
N ARG C 4042 3.16 9.30 -32.17
CA ARG C 4042 1.83 8.75 -31.96
C ARG C 4042 0.78 9.56 -32.72
N GLN C 4043 0.82 10.90 -32.61
CA GLN C 4043 -0.09 11.69 -33.43
C GLN C 4043 0.21 11.52 -34.91
N MET C 4044 1.49 11.36 -35.27
CA MET C 4044 1.87 11.20 -36.67
C MET C 4044 1.27 9.91 -37.25
N VAL C 4045 1.24 8.86 -36.44
CA VAL C 4045 0.59 7.61 -36.82
C VAL C 4045 -0.91 7.81 -36.95
N ASP C 4046 -1.53 8.50 -35.97
CA ASP C 4046 -2.97 8.79 -36.08
C ASP C 4046 -3.30 9.61 -37.31
N MET C 4047 -2.42 10.56 -37.64
CA MET C 4047 -2.51 11.36 -38.86
C MET C 4047 -2.53 10.46 -40.08
N LEU C 4048 -1.72 9.40 -40.06
CA LEU C 4048 -1.69 8.54 -41.23
C LEU C 4048 -2.90 7.62 -41.24
N VAL C 4049 -3.47 7.32 -40.06
CA VAL C 4049 -4.67 6.49 -40.01
C VAL C 4049 -5.83 7.22 -40.64
N GLU C 4050 -6.02 8.49 -40.26
CA GLU C 4050 -7.10 9.28 -40.86
C GLU C 4050 -6.86 9.53 -42.35
N SER C 4051 -5.62 9.81 -42.74
CA SER C 4051 -5.30 10.01 -44.16
C SER C 4051 -4.86 8.72 -44.86
N SER C 4052 -5.28 7.55 -44.35
CA SER C 4052 -4.87 6.26 -44.89
C SER C 4052 -5.23 6.06 -46.36
N SER C 4053 -6.49 6.30 -46.72
CA SER C 4053 -6.95 6.15 -48.10
C SER C 4053 -6.20 7.08 -49.05
N ASN C 4054 -6.01 8.32 -48.62
CA ASN C 4054 -5.31 9.31 -49.43
C ASN C 4054 -3.86 8.89 -49.65
N VAL C 4055 -3.13 8.60 -48.56
CA VAL C 4055 -1.72 8.25 -48.70
C VAL C 4055 -1.60 6.94 -49.47
N GLU C 4056 -2.62 6.06 -49.38
CA GLU C 4056 -2.66 4.87 -50.21
C GLU C 4056 -2.67 5.24 -51.68
N MET C 4057 -3.45 6.28 -52.03
CA MET C 4057 -3.50 6.72 -53.43
C MET C 4057 -2.17 7.32 -53.89
N ILE C 4058 -1.49 8.10 -53.03
CA ILE C 4058 -0.15 8.61 -53.36
C ILE C 4058 0.87 7.47 -53.54
N LEU C 4059 0.87 6.52 -52.60
CA LEU C 4059 1.73 5.35 -52.71
C LEU C 4059 1.42 4.52 -53.95
N LYS C 4060 0.14 4.33 -54.26
CA LYS C 4060 -0.24 3.57 -55.44
C LYS C 4060 0.25 4.25 -56.71
N PHE C 4061 0.20 5.59 -56.74
CA PHE C 4061 0.71 6.34 -57.89
C PHE C 4061 2.21 6.09 -58.02
N PHE C 4062 2.91 6.11 -56.89
CA PHE C 4062 4.37 6.08 -56.91
C PHE C 4062 4.85 4.71 -57.34
N ASP C 4063 4.44 3.65 -56.61
CA ASP C 4063 4.97 2.33 -56.92
C ASP C 4063 4.58 1.89 -58.32
N MET C 4064 3.33 2.15 -58.77
CA MET C 4064 3.00 1.74 -60.13
C MET C 4064 3.78 2.54 -61.20
N PHE C 4065 4.15 3.80 -60.90
CA PHE C 4065 5.01 4.55 -61.82
C PHE C 4065 6.48 4.23 -61.69
N LEU C 4066 6.89 3.56 -60.63
CA LEU C 4066 8.26 3.12 -60.48
C LEU C 4066 8.44 1.72 -61.03
N LYS C 4067 7.45 0.84 -60.76
CA LYS C 4067 7.45 -0.51 -61.30
C LYS C 4067 7.38 -0.48 -62.82
N LEU C 4068 6.58 0.40 -63.42
CA LEU C 4068 6.49 0.35 -64.88
C LEU C 4068 7.76 0.88 -65.57
N LYS C 4069 8.69 1.49 -64.84
CA LYS C 4069 10.01 1.81 -65.38
C LYS C 4069 10.84 0.54 -65.66
N ASP C 4070 10.53 -0.56 -64.98
CA ASP C 4070 11.20 -1.83 -65.24
C ASP C 4070 10.34 -2.84 -65.99
N ILE C 4071 9.01 -2.82 -65.77
CA ILE C 4071 8.10 -3.75 -66.44
C ILE C 4071 8.06 -3.53 -67.96
N VAL C 4072 8.56 -2.38 -68.46
CA VAL C 4072 8.82 -2.23 -69.89
C VAL C 4072 9.84 -3.26 -70.36
N GLY C 4073 10.82 -3.58 -69.52
CA GLY C 4073 11.79 -4.63 -69.75
C GLY C 4073 11.36 -6.02 -69.35
N SER C 4074 10.15 -6.19 -68.83
CA SER C 4074 9.64 -7.51 -68.48
C SER C 4074 9.42 -8.33 -69.73
N GLU C 4075 9.70 -9.63 -69.64
CA GLU C 4075 9.63 -10.52 -70.79
C GLU C 4075 8.22 -10.61 -71.38
N ALA C 4076 7.19 -10.72 -70.53
CA ALA C 4076 5.82 -10.81 -71.01
C ALA C 4076 5.39 -9.57 -71.80
N PHE C 4077 5.79 -8.39 -71.32
CA PHE C 4077 5.56 -7.14 -72.05
C PHE C 4077 6.38 -7.10 -73.34
N GLN C 4078 7.67 -7.45 -73.27
CA GLN C 4078 8.53 -7.39 -74.45
C GLN C 4078 8.05 -8.36 -75.53
N ASP C 4079 7.62 -9.55 -75.13
CA ASP C 4079 7.08 -10.53 -76.07
C ASP C 4079 5.81 -10.00 -76.72
N TYR C 4080 4.94 -9.34 -75.94
CA TYR C 4080 3.75 -8.77 -76.56
C TYR C 4080 4.07 -7.61 -77.49
N VAL C 4081 5.20 -6.91 -77.25
CA VAL C 4081 5.64 -5.80 -78.10
C VAL C 4081 5.87 -6.29 -79.53
N THR C 4082 5.20 -5.65 -80.49
CA THR C 4082 5.31 -6.00 -81.89
C THR C 4082 5.66 -4.83 -82.80
N ASP C 4083 5.93 -3.65 -82.25
CA ASP C 4083 6.24 -2.46 -83.03
C ASP C 4083 7.72 -2.12 -82.84
N PRO C 4084 8.58 -2.37 -83.85
CA PRO C 4084 9.99 -1.96 -83.77
C PRO C 4084 10.27 -0.49 -83.52
N ARG C 4085 9.29 0.41 -83.71
CA ARG C 4085 9.51 1.85 -83.60
C ARG C 4085 9.58 2.35 -82.14
N GLY C 4086 9.80 1.48 -81.17
CA GLY C 4086 9.83 1.91 -79.77
C GLY C 4086 8.45 2.30 -79.28
N LEU C 4087 7.42 1.71 -79.83
CA LEU C 4087 6.03 2.07 -79.56
C LEU C 4087 5.22 0.81 -79.29
N ILE C 4088 4.00 1.00 -78.77
CA ILE C 4088 3.10 -0.13 -78.49
C ILE C 4088 1.65 0.34 -78.62
N SER C 4089 0.81 -0.43 -79.31
CA SER C 4089 -0.58 -0.02 -79.48
C SER C 4089 -1.31 -0.16 -78.15
N LYS C 4090 -2.39 0.62 -78.00
CA LYS C 4090 -3.22 0.57 -76.78
C LYS C 4090 -3.79 -0.82 -76.50
N LYS C 4091 -4.24 -1.53 -77.54
CA LYS C 4091 -4.67 -2.92 -77.38
C LYS C 4091 -3.54 -3.83 -76.91
N ASP C 4092 -2.33 -3.61 -77.44
CA ASP C 4092 -1.18 -4.42 -77.06
C ASP C 4092 -0.73 -4.10 -75.64
N PHE C 4093 -0.79 -2.83 -75.25
CA PHE C 4093 -0.49 -2.44 -73.88
C PHE C 4093 -1.52 -3.05 -72.93
N GLN C 4094 -2.80 -3.03 -73.33
CA GLN C 4094 -3.87 -3.64 -72.54
C GLN C 4094 -3.63 -5.12 -72.31
N LYS C 4095 -3.20 -5.84 -73.35
CA LYS C 4095 -3.01 -7.28 -73.19
C LYS C 4095 -1.64 -7.65 -72.65
N ALA C 4096 -0.70 -6.71 -72.58
CA ALA C 4096 0.61 -6.95 -72.00
C ALA C 4096 0.72 -6.54 -70.54
N MET C 4097 -0.02 -5.51 -70.13
CA MET C 4097 0.03 -5.02 -68.76
C MET C 4097 -0.48 -6.07 -67.77
N ASP C 4098 -1.57 -6.76 -68.13
CA ASP C 4098 -2.18 -7.73 -67.24
C ASP C 4098 -1.52 -9.10 -67.32
N SER C 4099 -0.52 -9.26 -68.19
CA SER C 4099 0.19 -10.52 -68.30
C SER C 4099 1.07 -10.78 -67.08
N GLN C 4100 1.50 -9.72 -66.41
CA GLN C 4100 2.25 -9.88 -65.16
C GLN C 4100 1.36 -10.28 -64.00
N LYS C 4101 0.04 -10.12 -64.15
CA LYS C 4101 -0.98 -10.43 -63.13
C LYS C 4101 -0.73 -9.64 -61.84
N GLN C 4102 -0.54 -8.33 -62.00
CA GLN C 4102 -0.15 -7.47 -60.89
C GLN C 4102 -1.01 -6.23 -60.72
N PHE C 4103 -1.90 -5.93 -61.66
CA PHE C 4103 -2.66 -4.68 -61.63
C PHE C 4103 -4.16 -4.96 -61.60
N THR C 4104 -4.89 -4.17 -60.83
CA THR C 4104 -6.33 -4.25 -60.76
C THR C 4104 -6.95 -3.27 -61.75
N GLY C 4105 -8.27 -3.39 -61.96
CA GLY C 4105 -9.04 -2.67 -62.96
C GLY C 4105 -8.86 -1.17 -63.08
N PRO C 4106 -9.00 -0.43 -61.95
CA PRO C 4106 -8.71 1.01 -62.00
C PRO C 4106 -7.28 1.30 -62.44
N GLU C 4107 -6.30 0.49 -62.05
CA GLU C 4107 -4.95 0.73 -62.54
C GLU C 4107 -4.77 0.27 -63.97
N ILE C 4108 -5.62 -0.66 -64.43
CA ILE C 4108 -5.60 -1.11 -65.82
C ILE C 4108 -5.96 0.05 -66.72
N GLN C 4109 -7.06 0.72 -66.40
CA GLN C 4109 -7.53 1.76 -67.30
C GLN C 4109 -6.77 3.06 -67.06
N PHE C 4110 -6.45 3.34 -65.79
CA PHE C 4110 -5.74 4.56 -65.42
C PHE C 4110 -4.34 4.62 -66.04
N LEU C 4111 -3.64 3.48 -66.11
CA LEU C 4111 -2.33 3.46 -66.75
C LEU C 4111 -2.45 3.77 -68.24
N LEU C 4112 -3.51 3.24 -68.85
CA LEU C 4112 -3.78 3.48 -70.27
C LEU C 4112 -4.03 4.96 -70.50
N SER C 4113 -4.86 5.56 -69.64
CA SER C 4113 -5.25 6.95 -69.84
C SER C 4113 -4.04 7.87 -69.68
N CYS C 4114 -3.19 7.59 -68.68
CA CYS C 4114 -1.98 8.39 -68.48
C CYS C 4114 -1.01 8.25 -69.64
N SER C 4115 -0.93 7.07 -70.24
CA SER C 4115 -0.05 6.88 -71.40
C SER C 4115 -0.44 7.79 -72.55
N GLU C 4116 0.56 8.42 -73.17
CA GLU C 4116 0.31 9.47 -74.15
C GLU C 4116 -0.24 8.91 -75.46
N ALA C 4117 -1.46 8.40 -75.42
CA ALA C 4117 -2.13 7.93 -76.63
C ALA C 4117 -2.39 9.10 -77.56
N ASP C 4118 -1.85 9.03 -78.77
CA ASP C 4118 -1.97 10.09 -79.74
C ASP C 4118 -3.26 9.88 -80.53
N GLU C 4119 -3.39 10.57 -81.66
CA GLU C 4119 -4.55 10.39 -82.55
C GLU C 4119 -4.65 8.96 -83.09
N ASN C 4120 -3.54 8.21 -83.10
CA ASN C 4120 -3.51 6.86 -83.66
C ASN C 4120 -3.72 5.78 -82.61
N GLU C 4121 -4.10 6.17 -81.37
CA GLU C 4121 -4.17 5.26 -80.20
C GLU C 4121 -2.84 4.53 -79.99
N MET C 4122 -1.73 5.23 -80.25
CA MET C 4122 -0.41 4.63 -80.22
C MET C 4122 0.28 5.13 -78.94
N ILE C 4123 0.73 4.20 -78.10
CA ILE C 4123 1.36 4.54 -76.81
C ILE C 4123 2.88 4.59 -76.96
N ASN C 4124 3.48 5.74 -76.68
CA ASN C 4124 4.93 5.91 -76.70
C ASN C 4124 5.50 5.53 -75.33
N PHE C 4125 5.71 4.21 -75.13
CA PHE C 4125 6.13 3.73 -73.82
C PHE C 4125 7.57 4.11 -73.48
N GLU C 4126 8.32 4.65 -74.44
CA GLU C 4126 9.70 5.05 -74.21
C GLU C 4126 9.75 6.21 -73.22
N GLU C 4127 8.98 7.26 -73.50
CA GLU C 4127 9.00 8.42 -72.64
C GLU C 4127 7.86 8.42 -71.63
N PHE C 4128 6.90 7.48 -71.77
CA PHE C 4128 5.82 7.38 -70.80
C PHE C 4128 6.37 7.04 -69.42
N ALA C 4129 7.33 6.11 -69.36
CA ALA C 4129 7.94 5.78 -68.08
C ALA C 4129 8.85 6.91 -67.63
N ASN C 4130 9.69 7.42 -68.54
CA ASN C 4130 10.77 8.32 -68.18
C ASN C 4130 10.31 9.75 -67.94
N ARG C 4131 8.99 10.04 -67.98
CA ARG C 4131 8.52 11.41 -67.81
C ARG C 4131 8.77 11.93 -66.40
N PHE C 4132 8.35 11.19 -65.38
CA PHE C 4132 8.43 11.66 -63.99
C PHE C 4132 9.42 10.89 -63.12
N GLN C 4133 10.16 9.92 -63.67
CA GLN C 4133 10.97 9.01 -62.84
C GLN C 4133 12.09 9.71 -62.07
N GLU C 4134 12.55 10.87 -62.53
CA GLU C 4134 13.55 11.57 -61.74
C GLU C 4134 12.94 12.29 -60.54
N PRO C 4135 11.98 13.23 -60.65
CA PRO C 4135 11.50 13.90 -59.42
C PRO C 4135 10.70 13.01 -58.49
N ALA C 4136 9.92 12.05 -59.00
CA ALA C 4136 9.10 11.18 -58.15
C ALA C 4136 9.91 10.21 -57.30
N ARG C 4137 11.20 10.07 -57.56
CA ARG C 4137 12.04 9.20 -56.75
C ARG C 4137 12.33 9.82 -55.40
N ASP C 4138 12.59 11.13 -55.37
CA ASP C 4138 12.93 11.80 -54.13
C ASP C 4138 11.79 11.75 -53.11
N ILE C 4139 10.56 12.03 -53.57
CA ILE C 4139 9.40 11.89 -52.69
C ILE C 4139 9.14 10.43 -52.32
N GLY C 4140 9.34 9.49 -53.26
CA GLY C 4140 9.12 8.09 -52.92
C GLY C 4140 10.09 7.59 -51.85
N PHE C 4141 11.36 8.00 -51.97
CA PHE C 4141 12.36 7.61 -50.98
C PHE C 4141 12.03 8.24 -49.65
N ASN C 4142 11.63 9.52 -49.64
CA ASN C 4142 11.43 10.19 -48.36
C ASN C 4142 10.20 9.67 -47.64
N VAL C 4143 9.13 9.30 -48.36
CA VAL C 4143 7.99 8.69 -47.69
C VAL C 4143 8.38 7.29 -47.20
N ALA C 4144 9.37 6.67 -47.84
CA ALA C 4144 9.89 5.39 -47.34
C ALA C 4144 10.66 5.60 -46.04
N VAL C 4145 11.46 6.66 -45.99
CA VAL C 4145 12.19 7.01 -44.77
C VAL C 4145 11.22 7.30 -43.64
N LEU C 4146 10.15 8.04 -43.96
CA LEU C 4146 9.13 8.39 -42.98
C LEU C 4146 8.45 7.15 -42.43
N LEU C 4147 8.08 6.22 -43.32
CA LEU C 4147 7.43 5.00 -42.89
C LEU C 4147 8.37 4.08 -42.13
N THR C 4148 9.65 4.03 -42.52
CA THR C 4148 10.65 3.26 -41.77
C THR C 4148 10.80 3.81 -40.36
N ASN C 4149 10.91 5.15 -40.25
CA ASN C 4149 11.15 5.81 -38.98
C ASN C 4149 9.97 5.58 -38.05
N LEU C 4150 8.76 5.69 -38.58
CA LEU C 4150 7.57 5.45 -37.78
C LEU C 4150 7.48 3.99 -37.37
N SER C 4151 7.81 3.07 -38.28
CA SER C 4151 7.67 1.65 -38.00
C SER C 4151 8.60 1.24 -36.87
N GLU C 4152 9.83 1.79 -36.88
CA GLU C 4152 10.79 1.41 -35.85
C GLU C 4152 10.45 2.07 -34.52
N HIS C 4153 10.08 3.35 -34.51
CA HIS C 4153 9.82 4.01 -33.24
C HIS C 4153 8.43 3.76 -32.68
N VAL C 4154 7.51 3.18 -33.45
CA VAL C 4154 6.20 2.75 -32.95
C VAL C 4154 6.04 1.31 -33.41
N PRO C 4155 6.68 0.35 -32.77
CA PRO C 4155 6.77 -0.99 -33.35
C PRO C 4155 5.52 -1.82 -33.14
N HIS C 4156 4.76 -1.54 -32.07
CA HIS C 4156 3.65 -2.37 -31.65
C HIS C 4156 2.31 -1.78 -32.04
N ASP C 4157 2.21 -1.12 -33.20
CA ASP C 4157 0.92 -0.59 -33.62
C ASP C 4157 0.35 -1.39 -34.78
N PRO C 4158 -0.74 -2.14 -34.56
CA PRO C 4158 -1.38 -2.89 -35.65
C PRO C 4158 -1.87 -2.00 -36.77
N ARG C 4159 -2.34 -0.78 -36.44
CA ARG C 4159 -2.80 0.13 -37.48
C ARG C 4159 -1.64 0.52 -38.38
N LEU C 4160 -0.44 0.65 -37.80
CA LEU C 4160 0.74 0.94 -38.57
C LEU C 4160 1.11 -0.23 -39.47
N ARG C 4161 0.91 -1.47 -38.97
CA ARG C 4161 1.34 -2.67 -39.71
C ARG C 4161 0.66 -2.75 -41.06
N ASN C 4162 -0.64 -2.38 -41.11
CA ASN C 4162 -1.38 -2.44 -42.35
C ASN C 4162 -0.79 -1.47 -43.37
N PHE C 4163 -0.28 -0.33 -42.88
CA PHE C 4163 0.37 0.63 -43.76
C PHE C 4163 1.61 0.01 -44.35
N LEU C 4164 2.40 -0.65 -43.50
CA LEU C 4164 3.66 -1.22 -43.97
C LEU C 4164 3.39 -2.27 -45.04
N GLU C 4165 2.32 -3.06 -44.86
CA GLU C 4165 1.94 -4.04 -45.88
C GLU C 4165 1.52 -3.35 -47.17
N LEU C 4166 0.76 -2.25 -47.09
CA LEU C 4166 0.38 -1.53 -48.29
C LEU C 4166 1.55 -0.82 -48.96
N ALA C 4167 2.64 -0.59 -48.21
CA ALA C 4167 3.78 0.15 -48.73
C ALA C 4167 5.00 -0.72 -48.96
N GLU C 4168 4.84 -2.04 -48.92
CA GLU C 4168 5.96 -2.97 -49.04
C GLU C 4168 6.70 -2.85 -50.38
N SER C 4169 5.97 -2.57 -51.47
CA SER C 4169 6.59 -2.44 -52.79
C SER C 4169 7.59 -1.29 -52.85
N ILE C 4170 7.25 -0.17 -52.21
CA ILE C 4170 8.15 0.97 -52.16
C ILE C 4170 9.35 0.64 -51.29
N LEU C 4171 9.08 0.05 -50.12
CA LEU C 4171 10.14 -0.25 -49.17
C LEU C 4171 11.14 -1.25 -49.75
N GLU C 4172 10.63 -2.30 -50.42
CA GLU C 4172 11.53 -3.23 -51.09
C GLU C 4172 12.27 -2.56 -52.25
N TYR C 4173 11.63 -1.60 -52.93
CA TYR C 4173 12.32 -0.90 -54.01
C TYR C 4173 13.48 -0.08 -53.49
N PHE C 4174 13.29 0.56 -52.33
CA PHE C 4174 14.27 1.51 -51.81
C PHE C 4174 15.15 0.92 -50.73
N ARG C 4175 14.95 -0.34 -50.37
CA ARG C 4175 15.79 -1.00 -49.37
C ARG C 4175 17.29 -1.00 -49.70
N PRO C 4176 17.76 -1.27 -50.93
CA PRO C 4176 19.22 -1.20 -51.16
C PRO C 4176 19.83 0.20 -51.08
N TYR C 4177 19.04 1.24 -50.78
CA TYR C 4177 19.52 2.61 -50.80
C TYR C 4177 19.32 3.32 -49.48
N LEU C 4178 18.42 2.83 -48.64
CA LEU C 4178 18.25 3.37 -47.30
C LEU C 4178 19.48 3.07 -46.47
N GLY C 4179 20.00 4.07 -45.77
CA GLY C 4179 21.08 3.73 -44.90
C GLY C 4179 20.70 4.14 -43.50
N ARG C 4180 21.26 3.50 -42.50
CA ARG C 4180 20.85 3.77 -41.13
C ARG C 4180 22.07 3.63 -40.23
N ILE C 4181 22.22 4.58 -39.33
CA ILE C 4181 23.31 4.57 -38.35
C ILE C 4181 22.73 5.02 -37.02
N GLU C 4182 23.41 4.67 -35.94
CA GLU C 4182 23.01 5.19 -34.63
C GLU C 4182 24.16 6.01 -34.07
N ILE C 4183 23.87 7.25 -33.69
CA ILE C 4183 24.86 8.11 -33.07
C ILE C 4183 24.40 8.52 -31.68
N MET C 4184 25.34 8.69 -30.77
CA MET C 4184 24.97 9.28 -29.49
C MET C 4184 24.83 10.77 -29.75
N GLY C 4185 23.63 11.31 -29.61
CA GLY C 4185 23.35 12.66 -30.02
C GLY C 4185 23.60 13.68 -28.92
N ALA C 4186 23.14 14.91 -29.18
CA ALA C 4186 23.34 15.98 -28.22
C ALA C 4186 22.45 15.79 -27.00
N SER C 4187 21.39 15.00 -27.14
CA SER C 4187 20.42 14.69 -26.11
C SER C 4187 20.96 13.75 -25.06
N ARG C 4188 22.15 13.17 -25.29
CA ARG C 4188 22.81 12.14 -24.49
C ARG C 4188 22.09 10.81 -24.59
N ARG C 4189 21.35 10.64 -25.68
CA ARG C 4189 20.63 9.41 -25.99
C ARG C 4189 20.88 9.05 -27.45
N ILE C 4190 20.95 7.74 -27.70
CA ILE C 4190 21.18 7.23 -29.05
C ILE C 4190 20.05 7.64 -29.98
N GLU C 4191 20.40 8.12 -31.17
CA GLU C 4191 19.43 8.50 -32.19
C GLU C 4191 19.81 7.86 -33.52
N ARG C 4192 18.82 7.30 -34.20
CA ARG C 4192 19.01 6.76 -35.54
C ARG C 4192 19.00 7.87 -36.59
N ILE C 4193 19.86 7.73 -37.58
CA ILE C 4193 19.97 8.65 -38.72
C ILE C 4193 19.82 7.86 -40.00
N TYR C 4194 18.97 8.36 -40.89
CA TYR C 4194 18.65 7.75 -42.18
C TYR C 4194 19.27 8.61 -43.27
N PHE C 4195 20.02 7.98 -44.18
CA PHE C 4195 20.76 8.65 -45.25
C PHE C 4195 20.56 7.94 -46.60
N GLU C 4196 21.04 8.57 -47.67
CA GLU C 4196 20.93 8.04 -49.02
C GLU C 4196 22.24 7.40 -49.46
N ILE C 4197 22.26 6.09 -49.64
CA ILE C 4197 23.43 5.46 -50.21
C ILE C 4197 23.33 5.63 -51.72
N SER C 4198 24.43 5.90 -52.40
CA SER C 4198 24.29 6.11 -53.82
C SER C 4198 24.61 4.81 -54.53
N GLU C 4199 24.07 4.66 -55.75
CA GLU C 4199 24.23 3.39 -56.47
C GLU C 4199 25.70 3.18 -56.81
N THR C 4200 26.38 4.25 -57.26
CA THR C 4200 27.78 4.18 -57.65
C THR C 4200 28.63 3.82 -56.44
N ASN C 4201 28.30 4.41 -55.28
CA ASN C 4201 29.04 4.19 -54.06
C ASN C 4201 28.90 2.75 -53.60
N ARG C 4202 27.67 2.21 -53.68
CA ARG C 4202 27.46 0.82 -53.28
C ARG C 4202 28.22 -0.12 -54.19
N ALA C 4203 28.22 0.16 -55.51
CA ALA C 4203 28.94 -0.68 -56.45
C ALA C 4203 30.43 -0.62 -56.17
N GLN C 4204 30.94 0.59 -55.91
CA GLN C 4204 32.35 0.80 -55.74
C GLN C 4204 32.79 0.46 -54.33
N TRP C 4205 31.84 0.02 -53.50
CA TRP C 4205 32.14 -0.50 -52.19
C TRP C 4205 32.07 -2.02 -52.24
N GLU C 4206 31.45 -2.54 -53.29
CA GLU C 4206 31.31 -3.97 -53.43
C GLU C 4206 32.38 -4.52 -54.36
N MET C 4207 33.23 -3.63 -54.90
CA MET C 4207 34.27 -4.06 -55.82
C MET C 4207 35.34 -4.88 -55.07
N PRO C 4208 36.05 -5.78 -55.76
CA PRO C 4208 37.03 -6.66 -55.06
C PRO C 4208 38.22 -6.00 -54.39
N GLN C 4209 38.83 -4.98 -55.01
CA GLN C 4209 39.96 -4.30 -54.37
C GLN C 4209 39.56 -3.57 -53.10
N VAL C 4210 38.42 -2.87 -53.09
CA VAL C 4210 38.06 -2.11 -51.89
C VAL C 4210 37.73 -3.09 -50.76
N LYS C 4211 37.22 -4.29 -51.12
CA LYS C 4211 36.93 -5.31 -50.12
C LYS C 4211 38.23 -5.83 -49.54
N GLU C 4212 39.26 -5.98 -50.38
CA GLU C 4212 40.54 -6.48 -49.89
C GLU C 4212 41.18 -5.43 -48.98
N SER C 4213 41.02 -4.15 -49.35
CA SER C 4213 41.53 -3.05 -48.52
C SER C 4213 40.83 -3.05 -47.18
N LYS C 4214 39.52 -3.31 -47.19
CA LYS C 4214 38.73 -3.36 -45.96
C LYS C 4214 39.22 -4.49 -45.07
N ARG C 4215 39.47 -5.66 -45.67
CA ARG C 4215 39.92 -6.83 -44.92
C ARG C 4215 41.28 -6.57 -44.30
N GLN C 4216 42.15 -5.89 -45.05
CA GLN C 4216 43.48 -5.55 -44.55
C GLN C 4216 43.36 -4.59 -43.37
N PHE C 4217 42.49 -3.59 -43.49
CA PHE C 4217 42.33 -2.61 -42.41
C PHE C 4217 41.82 -3.30 -41.16
N ILE C 4218 40.82 -4.18 -41.31
CA ILE C 4218 40.24 -4.85 -40.14
C ILE C 4218 41.29 -5.72 -39.47
N PHE C 4219 42.16 -6.36 -40.26
CA PHE C 4219 43.24 -7.16 -39.67
C PHE C 4219 44.22 -6.30 -38.89
N ASP C 4220 44.65 -5.18 -39.48
CA ASP C 4220 45.66 -4.35 -38.81
C ASP C 4220 45.09 -3.66 -37.57
N VAL C 4221 43.86 -3.16 -37.64
CA VAL C 4221 43.23 -2.55 -36.47
C VAL C 4221 42.93 -3.58 -35.37
N VAL C 4222 42.46 -4.79 -35.70
CA VAL C 4222 42.05 -5.74 -34.66
C VAL C 4222 43.25 -6.58 -34.22
N ASN C 4223 44.42 -6.38 -34.81
CA ASN C 4223 45.59 -7.10 -34.36
C ASN C 4223 46.64 -6.18 -33.75
N GLU C 4224 47.07 -5.15 -34.46
CA GLU C 4224 48.17 -4.32 -33.96
C GLU C 4224 47.69 -3.03 -33.31
N GLY C 4225 46.43 -2.65 -33.49
CA GLY C 4225 45.93 -1.37 -33.02
C GLY C 4225 45.10 -1.49 -31.76
N GLY C 4226 45.37 -0.60 -30.81
CA GLY C 4226 44.62 -0.59 -29.58
C GLY C 4226 43.23 0.02 -29.75
N GLU C 4227 42.36 -0.25 -28.78
CA GLU C 4227 40.99 0.24 -28.84
C GLU C 4227 40.90 1.75 -28.70
N ALA C 4228 41.88 2.38 -28.05
CA ALA C 4228 41.84 3.81 -27.76
C ALA C 4228 41.82 4.65 -29.03
N GLU C 4229 42.56 4.25 -30.05
CA GLU C 4229 42.72 5.03 -31.27
C GLU C 4229 41.91 4.41 -32.41
N LYS C 4230 41.09 3.39 -32.08
CA LYS C 4230 40.37 2.59 -33.07
C LYS C 4230 39.45 3.43 -33.94
N MET C 4231 38.75 4.40 -33.34
CA MET C 4231 37.79 5.14 -34.14
C MET C 4231 38.47 6.21 -34.97
N GLU C 4232 39.67 6.63 -34.58
CA GLU C 4232 40.44 7.54 -35.42
C GLU C 4232 40.94 6.79 -36.63
N LEU C 4233 41.43 5.57 -36.40
CA LEU C 4233 41.95 4.73 -37.47
C LEU C 4233 40.83 4.37 -38.43
N PHE C 4234 39.65 4.07 -37.89
CA PHE C 4234 38.48 3.76 -38.72
C PHE C 4234 38.09 4.94 -39.59
N VAL C 4235 38.01 6.15 -39.00
CA VAL C 4235 37.58 7.32 -39.76
C VAL C 4235 38.60 7.65 -40.86
N SER C 4236 39.89 7.44 -40.56
CA SER C 4236 40.92 7.67 -41.56
C SER C 4236 40.82 6.66 -42.70
N PHE C 4237 40.55 5.39 -42.37
CA PHE C 4237 40.31 4.37 -43.39
C PHE C 4237 39.11 4.74 -44.25
N CYS C 4238 38.05 5.27 -43.63
CA CYS C 4238 36.86 5.66 -44.38
C CYS C 4238 37.17 6.78 -45.34
N GLU C 4239 37.98 7.76 -44.92
CA GLU C 4239 38.34 8.86 -45.82
C GLU C 4239 39.21 8.36 -46.96
N ASP C 4240 40.08 7.39 -46.69
CA ASP C 4240 40.92 6.83 -47.75
C ASP C 4240 40.07 6.08 -48.76
N THR C 4241 39.09 5.31 -48.27
CA THR C 4241 38.15 4.59 -49.13
C THR C 4241 37.31 5.54 -49.97
N ILE C 4242 36.85 6.64 -49.37
CA ILE C 4242 36.06 7.64 -50.10
C ILE C 4242 36.89 8.26 -51.22
N PHE C 4243 38.13 8.67 -50.91
CA PHE C 4243 38.96 9.31 -51.95
C PHE C 4243 39.27 8.31 -53.06
N GLU C 4244 39.52 7.05 -52.68
CA GLU C 4244 39.79 6.00 -53.66
C GLU C 4244 38.59 5.82 -54.58
N MET C 4245 37.39 5.87 -53.98
CA MET C 4245 36.15 5.73 -54.73
C MET C 4245 36.01 6.89 -55.73
N GLN C 4246 36.37 8.10 -55.30
CA GLN C 4246 36.33 9.26 -56.18
C GLN C 4246 37.30 9.10 -57.35
N ILE C 4247 38.50 8.58 -57.07
CA ILE C 4247 39.46 8.30 -58.14
C ILE C 4247 38.91 7.26 -59.10
N ALA C 4248 38.24 6.23 -58.58
CA ALA C 4248 37.65 5.19 -59.41
C ALA C 4248 36.56 5.77 -60.30
N ALA C 4249 35.77 6.71 -59.75
CA ALA C 4249 34.74 7.39 -60.51
C ALA C 4249 35.36 8.23 -61.62
N GLN C 4250 36.44 8.94 -61.33
CA GLN C 4250 37.06 9.79 -62.35
C GLN C 4250 37.65 8.94 -63.47
N ILE C 4251 38.35 7.85 -63.13
CA ILE C 4251 39.01 7.04 -64.13
C ILE C 4251 38.00 6.30 -65.01
N SER C 4252 36.87 5.88 -64.42
CA SER C 4252 35.87 5.08 -65.12
C SER C 4252 35.35 5.81 -66.36
N GLU C 4253 35.18 5.04 -67.44
CA GLU C 4253 34.83 5.60 -68.74
C GLU C 4253 33.38 5.31 -69.07
N PRO C 4254 32.61 6.33 -69.50
CA PRO C 4254 31.22 6.15 -69.91
C PRO C 4254 31.07 5.87 -71.40
N GLU C 4543 41.15 18.10 -78.12
CA GLU C 4543 42.06 17.58 -79.13
C GLU C 4543 43.05 16.60 -78.53
N LEU C 4544 44.29 17.06 -78.34
CA LEU C 4544 45.33 16.23 -77.74
C LEU C 4544 44.97 15.83 -76.31
N GLU C 4545 44.35 16.77 -75.57
CA GLU C 4545 44.02 16.55 -74.16
C GLU C 4545 43.06 15.39 -74.00
N VAL C 4546 42.08 15.28 -74.89
CA VAL C 4546 41.06 14.23 -74.80
C VAL C 4546 41.73 12.87 -74.91
N GLN C 4547 42.66 12.75 -75.87
CA GLN C 4547 43.37 11.50 -76.13
C GLN C 4547 44.24 11.15 -74.93
N ARG C 4548 44.93 12.16 -74.39
CA ARG C 4548 45.72 12.03 -73.16
C ARG C 4548 44.89 11.46 -72.02
N VAL C 4549 43.74 12.10 -71.73
CA VAL C 4549 42.90 11.69 -70.61
C VAL C 4549 42.36 10.28 -70.85
N LYS C 4550 42.00 9.96 -72.10
CA LYS C 4550 41.43 8.67 -72.43
C LYS C 4550 42.47 7.57 -72.24
N PHE C 4551 43.70 7.83 -72.70
CA PHE C 4551 44.78 6.87 -72.57
C PHE C 4551 45.11 6.64 -71.10
N LEU C 4552 45.25 7.74 -70.34
CA LEU C 4552 45.61 7.62 -68.92
C LEU C 4552 44.54 6.87 -68.15
N ASN C 4553 43.27 7.12 -68.49
CA ASN C 4553 42.16 6.38 -67.89
C ASN C 4553 42.20 4.90 -68.25
N TYR C 4554 42.59 4.59 -69.49
CA TYR C 4554 42.74 3.19 -69.89
C TYR C 4554 43.83 2.52 -69.09
N LEU C 4555 44.97 3.21 -68.92
CA LEU C 4555 46.10 2.63 -68.21
C LEU C 4555 45.75 2.40 -66.75
N SER C 4556 44.99 3.34 -66.17
CA SER C 4556 44.61 3.22 -64.77
C SER C 4556 43.61 2.08 -64.58
N ARG C 4557 42.67 1.93 -65.51
CA ARG C 4557 41.71 0.84 -65.42
C ARG C 4557 42.38 -0.51 -65.61
N ASN C 4558 43.40 -0.57 -66.46
CA ASN C 4558 44.08 -1.82 -66.79
C ASN C 4558 45.50 -1.88 -66.23
N PHE C 4559 45.72 -1.32 -65.04
CA PHE C 4559 47.07 -1.30 -64.48
C PHE C 4559 47.45 -2.68 -63.95
N TYR C 4560 46.53 -3.33 -63.22
CA TYR C 4560 46.80 -4.63 -62.62
C TYR C 4560 47.01 -5.70 -63.70
N THR C 4561 46.23 -5.58 -64.78
CA THR C 4561 46.35 -6.46 -65.92
C THR C 4561 47.71 -6.27 -66.59
N LEU C 4562 48.16 -5.02 -66.71
CA LEU C 4562 49.46 -4.75 -67.33
C LEU C 4562 50.58 -5.34 -66.50
N ARG C 4563 50.48 -5.26 -65.18
CA ARG C 4563 51.48 -5.83 -64.28
C ARG C 4563 51.52 -7.36 -64.41
N PHE C 4564 50.35 -7.98 -64.58
CA PHE C 4564 50.32 -9.42 -64.83
C PHE C 4564 50.90 -9.76 -66.21
N LEU C 4565 50.65 -8.90 -67.20
CA LEU C 4565 51.24 -9.09 -68.52
C LEU C 4565 52.76 -9.02 -68.43
N ALA C 4566 53.27 -8.09 -67.62
CA ALA C 4566 54.71 -7.91 -67.46
C ALA C 4566 55.32 -9.16 -66.84
N LEU C 4567 54.61 -9.76 -65.88
CA LEU C 4567 55.05 -11.01 -65.27
C LEU C 4567 55.07 -12.14 -66.29
N PHE C 4568 54.03 -12.22 -67.14
CA PHE C 4568 53.98 -13.24 -68.18
C PHE C 4568 55.13 -13.05 -69.16
N LEU C 4569 55.41 -11.79 -69.53
CA LEU C 4569 56.43 -11.49 -70.53
C LEU C 4569 57.81 -11.85 -69.98
N ALA C 4570 58.01 -11.63 -68.68
CA ALA C 4570 59.25 -12.02 -68.03
C ALA C 4570 59.41 -13.53 -67.98
N PHE C 4571 58.31 -14.25 -67.74
CA PHE C 4571 58.34 -15.72 -67.77
C PHE C 4571 58.65 -16.24 -69.17
N ALA C 4572 58.04 -15.65 -70.20
CA ALA C 4572 58.33 -16.05 -71.56
C ALA C 4572 59.77 -15.77 -71.96
N ILE C 4573 60.31 -14.60 -71.59
CA ILE C 4573 61.70 -14.27 -71.92
C ILE C 4573 62.64 -15.24 -71.23
N ASN C 4574 62.39 -15.50 -69.95
CA ASN C 4574 63.22 -16.41 -69.17
C ASN C 4574 63.17 -17.83 -69.74
N PHE C 4575 62.00 -18.25 -70.23
CA PHE C 4575 61.89 -19.53 -70.92
C PHE C 4575 62.78 -19.55 -72.16
N ILE C 4576 62.74 -18.48 -72.95
CA ILE C 4576 63.53 -18.41 -74.20
C ILE C 4576 65.02 -18.40 -73.85
N LEU C 4577 65.37 -17.92 -72.66
CA LEU C 4577 66.75 -17.76 -72.23
C LEU C 4577 67.34 -19.05 -71.69
N LEU C 4578 66.58 -20.14 -71.72
CA LEU C 4578 67.04 -21.45 -71.30
C LEU C 4578 67.61 -22.22 -72.47
N PHE C 4579 67.78 -21.56 -73.61
CA PHE C 4579 68.29 -22.15 -74.84
C PHE C 4579 69.60 -21.49 -75.25
N TYR C 4580 70.23 -20.76 -74.35
CA TYR C 4580 71.48 -20.08 -74.67
C TYR C 4580 72.65 -21.04 -74.54
N LYS C 4581 73.66 -20.81 -75.36
CA LYS C 4581 74.84 -21.65 -75.40
C LYS C 4581 76.05 -20.73 -75.54
N VAL C 4582 77.20 -21.22 -75.11
CA VAL C 4582 78.45 -20.49 -75.22
C VAL C 4582 79.42 -21.28 -76.08
N SER C 4583 80.18 -20.57 -76.91
CA SER C 4583 81.25 -21.23 -77.68
C SER C 4583 82.40 -20.25 -77.85
N ASP C 4584 83.63 -20.77 -77.81
CA ASP C 4584 84.78 -19.92 -78.05
C ASP C 4584 84.81 -19.48 -79.51
N SER C 4585 84.50 -20.38 -80.43
CA SER C 4585 84.44 -20.05 -81.84
C SER C 4585 83.19 -19.22 -82.13
N PRO C 4586 83.28 -18.24 -83.03
CA PRO C 4586 82.08 -17.48 -83.39
C PRO C 4586 81.07 -18.36 -84.10
N PRO C 4587 79.76 -18.12 -83.89
CA PRO C 4587 78.70 -18.94 -84.48
C PRO C 4587 78.64 -18.86 -86.01
N ASN C 4626 90.67 -14.76 -76.54
CA ASN C 4626 89.68 -15.45 -77.35
C ASN C 4626 88.31 -15.37 -76.68
N MET C 4627 87.67 -14.20 -76.79
CA MET C 4627 86.41 -13.93 -76.10
C MET C 4627 85.32 -14.89 -76.54
N VAL C 4628 84.49 -15.32 -75.58
CA VAL C 4628 83.43 -16.27 -75.88
C VAL C 4628 82.28 -15.59 -76.61
N TYR C 4629 81.53 -16.37 -77.37
CA TYR C 4629 80.32 -15.92 -78.04
C TYR C 4629 79.12 -16.62 -77.42
N TYR C 4630 78.14 -15.84 -76.99
CA TYR C 4630 76.89 -16.38 -76.46
C TYR C 4630 75.81 -16.28 -77.53
N PHE C 4631 75.14 -17.39 -77.82
CA PHE C 4631 74.16 -17.41 -78.88
C PHE C 4631 73.02 -18.35 -78.53
N LEU C 4632 71.86 -18.12 -79.12
CA LEU C 4632 70.73 -19.01 -78.93
C LEU C 4632 70.85 -20.16 -79.91
N GLU C 4633 70.73 -21.39 -79.41
CA GLU C 4633 70.70 -22.57 -80.25
C GLU C 4633 69.33 -23.21 -80.17
N GLU C 4634 68.47 -22.90 -81.14
CA GLU C 4634 67.16 -23.54 -81.26
C GLU C 4634 66.98 -23.97 -82.70
N SER C 4635 66.36 -25.14 -82.87
CA SER C 4635 66.21 -25.71 -84.21
C SER C 4635 65.27 -24.89 -85.09
N THR C 4636 64.14 -24.42 -84.53
CA THR C 4636 63.10 -23.78 -85.32
C THR C 4636 63.58 -22.47 -85.97
N GLY C 4637 64.38 -21.69 -85.26
CA GLY C 4637 64.80 -20.39 -85.78
C GLY C 4637 63.84 -19.27 -85.45
N TYR C 4638 62.83 -19.55 -84.64
CA TYR C 4638 61.76 -18.62 -84.28
C TYR C 4638 61.90 -18.02 -82.89
N MET C 4639 62.96 -18.34 -82.16
CA MET C 4639 63.07 -17.80 -80.81
C MET C 4639 63.83 -16.48 -80.72
N GLU C 4640 64.87 -16.26 -81.53
CA GLU C 4640 65.54 -14.96 -81.49
C GLU C 4640 64.66 -13.78 -81.93
N PRO C 4641 63.87 -13.83 -83.03
CA PRO C 4641 62.96 -12.70 -83.31
C PRO C 4641 61.92 -12.50 -82.23
N ALA C 4642 61.38 -13.60 -81.70
CA ALA C 4642 60.41 -13.52 -80.62
C ALA C 4642 61.05 -12.89 -79.40
N LEU C 4643 62.30 -13.25 -79.10
CA LEU C 4643 62.99 -12.74 -77.93
C LEU C 4643 63.15 -11.23 -78.05
N TRP C 4644 63.47 -10.76 -79.27
CA TRP C 4644 63.69 -9.34 -79.52
C TRP C 4644 62.39 -8.56 -79.33
N CYS C 4645 61.29 -9.11 -79.88
CA CYS C 4645 60.00 -8.46 -79.77
C CYS C 4645 59.51 -8.46 -78.33
N LEU C 4646 59.62 -9.61 -77.65
CA LEU C 4646 59.19 -9.73 -76.26
C LEU C 4646 59.98 -8.78 -75.36
N SER C 4647 61.28 -8.60 -75.62
CA SER C 4647 62.10 -7.73 -74.81
C SER C 4647 61.68 -6.27 -74.97
N LEU C 4648 61.45 -5.84 -76.22
CA LEU C 4648 60.94 -4.49 -76.44
C LEU C 4648 59.55 -4.31 -75.87
N LEU C 4649 58.71 -5.35 -75.98
CA LEU C 4649 57.37 -5.29 -75.40
C LEU C 4649 57.43 -5.16 -73.89
N HIS C 4650 58.37 -5.89 -73.26
CA HIS C 4650 58.51 -5.86 -71.81
C HIS C 4650 58.90 -4.47 -71.33
N THR C 4651 59.83 -3.83 -72.05
CA THR C 4651 60.18 -2.45 -71.71
C THR C 4651 59.01 -1.50 -71.89
N LEU C 4652 58.18 -1.74 -72.90
CA LEU C 4652 56.96 -0.96 -73.10
C LEU C 4652 55.99 -1.12 -71.92
N VAL C 4653 55.72 -2.36 -71.52
CA VAL C 4653 54.78 -2.61 -70.43
C VAL C 4653 55.30 -2.05 -69.11
N ALA C 4654 56.62 -2.11 -68.89
CA ALA C 4654 57.21 -1.50 -67.68
C ALA C 4654 57.01 0.01 -67.65
N PHE C 4655 57.13 0.66 -68.81
CA PHE C 4655 56.91 2.10 -68.87
C PHE C 4655 55.43 2.43 -68.69
N LEU C 4656 54.54 1.67 -69.33
CA LEU C 4656 53.11 1.86 -69.16
C LEU C 4656 52.67 1.59 -67.71
N CYS C 4657 53.32 0.65 -67.03
CA CYS C 4657 53.00 0.39 -65.62
C CYS C 4657 53.40 1.56 -64.74
N ILE C 4658 54.56 2.20 -65.02
CA ILE C 4658 54.93 3.41 -64.28
C ILE C 4658 53.88 4.49 -64.47
N ILE C 4659 53.44 4.69 -65.72
CA ILE C 4659 52.43 5.72 -65.99
C ILE C 4659 51.12 5.38 -65.28
N GLY C 4660 50.71 4.11 -65.33
CA GLY C 4660 49.49 3.68 -64.66
C GLY C 4660 49.56 3.89 -63.17
N TYR C 4661 50.75 3.67 -62.59
CA TYR C 4661 50.93 3.93 -61.16
C TYR C 4661 50.72 5.40 -60.87
N ASN C 4662 51.31 6.27 -61.71
CA ASN C 4662 51.23 7.71 -61.49
C ASN C 4662 49.79 8.20 -61.53
N CYS C 4663 49.02 7.68 -62.49
CA CYS C 4663 47.60 8.04 -62.58
C CYS C 4663 46.76 7.46 -61.45
N LEU C 4664 47.05 6.23 -61.00
CA LEU C 4664 46.14 5.58 -60.07
C LEU C 4664 46.53 5.61 -58.60
N LYS C 4665 47.76 5.26 -58.26
CA LYS C 4665 48.12 5.08 -56.86
C LYS C 4665 48.88 6.25 -56.25
N VAL C 4666 49.40 7.16 -57.06
CA VAL C 4666 50.03 8.37 -56.53
C VAL C 4666 49.02 9.34 -55.91
N PRO C 4667 47.78 9.56 -56.44
CA PRO C 4667 46.85 10.48 -55.77
C PRO C 4667 46.58 10.14 -54.31
N LEU C 4668 46.43 8.85 -53.99
CA LEU C 4668 46.13 8.48 -52.60
C LEU C 4668 47.31 8.79 -51.69
N VAL C 4669 48.53 8.66 -52.20
CA VAL C 4669 49.72 8.93 -51.39
C VAL C 4669 49.80 10.42 -51.10
N ILE C 4670 49.58 11.24 -52.15
CA ILE C 4670 49.57 12.69 -52.00
C ILE C 4670 48.47 13.11 -51.05
N PHE C 4671 47.28 12.50 -51.19
CA PHE C 4671 46.13 12.82 -50.35
C PHE C 4671 46.44 12.52 -48.89
N LYS C 4672 47.02 11.35 -48.63
CA LYS C 4672 47.33 10.95 -47.26
C LYS C 4672 48.37 11.86 -46.64
N ARG C 4673 49.37 12.27 -47.42
CA ARG C 4673 50.38 13.19 -46.91
C ARG C 4673 49.78 14.56 -46.61
N GLU C 4674 48.92 15.07 -47.50
CA GLU C 4674 48.25 16.34 -47.26
C GLU C 4674 47.33 16.26 -46.04
N LYS C 4675 46.67 15.11 -45.85
CA LYS C 4675 45.78 14.92 -44.71
C LYS C 4675 46.57 14.92 -43.40
N GLU C 4676 47.71 14.24 -43.38
CA GLU C 4676 48.53 14.21 -42.16
C GLU C 4676 49.13 15.58 -41.88
N LEU C 4677 49.57 16.30 -42.91
CA LEU C 4677 50.10 17.64 -42.70
C LEU C 4677 49.02 18.58 -42.17
N ALA C 4678 47.83 18.54 -42.78
CA ALA C 4678 46.74 19.45 -42.42
C ALA C 4678 46.30 19.20 -40.98
N ARG C 4679 46.19 17.92 -40.60
CA ARG C 4679 45.81 17.57 -39.24
C ARG C 4679 46.89 17.98 -38.25
N LYS C 4680 48.17 17.73 -38.58
CA LYS C 4680 49.24 18.06 -37.67
C LYS C 4680 49.34 19.56 -37.46
N LEU C 4681 49.19 20.33 -38.55
CA LEU C 4681 49.16 21.79 -38.47
C LEU C 4681 48.04 22.29 -37.57
N GLU C 4682 46.79 22.00 -37.94
CA GLU C 4682 45.64 22.55 -37.20
C GLU C 4682 45.53 22.01 -35.79
N PHE C 4683 45.66 20.70 -35.60
CA PHE C 4683 45.37 20.10 -34.32
C PHE C 4683 46.59 19.79 -33.48
N ASP C 4684 47.79 20.12 -33.95
CA ASP C 4684 48.94 19.94 -33.09
C ASP C 4684 49.95 21.08 -33.13
N GLY C 4685 49.76 22.09 -33.98
CA GLY C 4685 50.73 23.17 -34.14
C GLY C 4685 52.14 22.73 -34.45
N LEU C 4686 52.32 21.88 -35.48
CA LEU C 4686 53.63 21.31 -35.77
C LEU C 4686 54.66 22.38 -36.11
N TYR C 4687 54.34 23.26 -37.04
CA TYR C 4687 55.31 24.25 -37.47
C TYR C 4687 55.15 25.58 -36.74
N ILE C 4688 53.94 25.85 -36.29
CA ILE C 4688 53.65 27.05 -35.51
C ILE C 4688 54.33 27.02 -34.14
N THR C 4689 54.35 25.85 -33.48
CA THR C 4689 54.86 25.79 -32.13
C THR C 4689 56.16 25.02 -32.01
N GLU C 4690 56.12 23.69 -31.84
CA GLU C 4690 57.32 22.91 -31.51
C GLU C 4690 58.41 22.93 -32.59
N GLN C 4691 58.05 22.68 -33.87
CA GLN C 4691 58.91 22.59 -35.08
C GLN C 4691 59.60 21.23 -35.09
N PRO C 4692 59.77 20.60 -36.26
CA PRO C 4692 60.53 19.35 -36.29
C PRO C 4692 62.02 19.56 -36.08
N GLY C 4693 62.78 18.48 -36.03
CA GLY C 4693 64.19 18.58 -35.70
C GLY C 4693 65.15 17.71 -36.46
N ASP C 4694 65.16 17.81 -37.81
CA ASP C 4694 66.10 17.17 -38.73
C ASP C 4694 65.95 15.67 -38.87
N ASP C 4695 65.64 14.97 -37.76
CA ASP C 4695 65.34 13.54 -37.80
C ASP C 4695 64.15 13.25 -38.70
N ASP C 4696 63.15 14.12 -38.68
CA ASP C 4696 61.97 13.94 -39.52
C ASP C 4696 62.29 14.49 -40.90
N VAL C 4697 62.77 13.59 -41.77
CA VAL C 4697 63.03 13.94 -43.17
C VAL C 4697 61.71 14.31 -43.84
N LYS C 4698 60.64 13.60 -43.47
CA LYS C 4698 59.32 13.86 -44.03
C LYS C 4698 58.86 15.26 -43.63
N GLY C 4699 59.08 15.63 -42.36
CA GLY C 4699 58.70 16.96 -41.90
C GLY C 4699 59.48 18.05 -42.62
N GLN C 4700 60.79 17.84 -42.79
CA GLN C 4700 61.64 18.83 -43.44
C GLN C 4700 61.17 19.02 -44.88
N TRP C 4701 60.88 17.91 -45.57
CA TRP C 4701 60.46 18.01 -46.95
C TRP C 4701 59.11 18.70 -47.01
N ASP C 4702 58.24 18.39 -46.03
CA ASP C 4702 56.88 18.92 -46.00
C ASP C 4702 56.86 20.43 -45.81
N ARG C 4703 57.93 20.99 -45.23
CA ARG C 4703 57.99 22.44 -45.00
C ARG C 4703 57.83 23.23 -46.30
N LEU C 4704 58.28 22.65 -47.41
CA LEU C 4704 58.28 23.29 -48.72
C LEU C 4704 56.88 23.62 -49.23
N VAL C 4705 55.91 22.75 -48.96
CA VAL C 4705 54.57 22.95 -49.52
C VAL C 4705 53.74 23.99 -48.77
N LEU C 4706 54.06 24.29 -47.51
CA LEU C 4706 53.20 25.11 -46.65
C LEU C 4706 52.94 26.50 -47.24
N ASN C 4707 53.99 27.16 -47.74
CA ASN C 4707 53.81 28.49 -48.31
C ASN C 4707 53.10 28.47 -49.66
N THR C 4708 53.10 27.34 -50.38
CA THR C 4708 52.62 27.30 -51.75
C THR C 4708 51.12 27.61 -51.82
N PRO C 4709 50.69 28.28 -52.90
CA PRO C 4709 49.26 28.57 -53.08
C PRO C 4709 48.35 27.34 -53.21
N SER C 4710 48.88 26.17 -53.56
CA SER C 4710 48.04 25.02 -53.84
C SER C 4710 48.20 23.89 -52.83
N PHE C 4711 48.52 24.24 -51.58
CA PHE C 4711 48.78 23.23 -50.54
C PHE C 4711 47.65 22.22 -50.33
N PRO C 4712 46.34 22.57 -50.34
CA PRO C 4712 45.34 21.50 -50.33
C PRO C 4712 44.74 21.28 -51.71
N SER C 4713 45.20 20.25 -52.40
CA SER C 4713 44.71 19.96 -53.75
C SER C 4713 43.92 18.66 -53.77
N ASN C 4714 44.53 17.55 -53.37
CA ASN C 4714 43.79 16.30 -53.27
C ASN C 4714 42.83 16.30 -52.09
N TYR C 4715 43.27 16.82 -50.95
CA TYR C 4715 42.44 16.79 -49.75
C TYR C 4715 41.21 17.68 -49.89
N TRP C 4716 40.10 17.21 -49.31
CA TRP C 4716 38.80 17.85 -49.41
C TRP C 4716 38.74 19.23 -48.77
N ASP C 4717 39.36 19.38 -47.61
CA ASP C 4717 39.21 20.60 -46.81
C ASP C 4717 40.04 21.73 -47.40
N LYS C 4718 39.36 22.69 -48.00
CA LYS C 4718 40.02 23.82 -48.62
C LYS C 4718 40.17 24.98 -47.65
N PHE C 4719 39.66 24.82 -46.44
CA PHE C 4719 39.67 25.86 -45.43
C PHE C 4719 40.76 25.66 -44.41
N VAL C 4720 41.72 24.76 -44.66
CA VAL C 4720 42.72 24.40 -43.65
C VAL C 4720 43.53 25.61 -43.24
N LYS C 4721 43.89 26.45 -44.22
CA LYS C 4721 44.74 27.60 -43.96
C LYS C 4721 44.03 28.59 -43.05
N ARG C 4722 42.75 28.87 -43.38
CA ARG C 4722 41.90 29.74 -42.57
C ARG C 4722 41.69 29.23 -41.15
N LYS C 4723 41.42 27.93 -41.00
CA LYS C 4723 41.28 27.36 -39.65
C LYS C 4723 42.56 27.46 -38.82
N VAL C 4724 43.73 27.24 -39.44
CA VAL C 4724 44.97 27.42 -38.68
C VAL C 4724 45.16 28.89 -38.33
N LEU C 4725 44.86 29.79 -39.28
CA LEU C 4725 45.06 31.22 -39.07
C LEU C 4725 44.19 31.73 -37.93
N ASP C 4726 42.96 31.25 -37.87
CA ASP C 4726 42.04 31.65 -36.81
C ASP C 4726 42.42 31.03 -35.47
N LYS C 4727 42.73 29.73 -35.48
CA LYS C 4727 43.02 29.02 -34.24
C LYS C 4727 44.32 29.48 -33.58
N HIS C 4728 45.36 29.77 -34.37
CA HIS C 4728 46.66 30.10 -33.81
C HIS C 4728 47.08 31.54 -34.06
N GLY C 4729 46.23 32.33 -34.73
CA GLY C 4729 46.59 33.69 -35.09
C GLY C 4729 46.83 34.61 -33.91
N ASP C 4730 45.99 34.50 -32.89
CA ASP C 4730 46.11 35.38 -31.72
C ASP C 4730 47.37 35.10 -30.90
N ILE C 4731 47.60 33.83 -30.54
CA ILE C 4731 48.74 33.52 -29.67
C ILE C 4731 50.07 33.69 -30.40
N PHE C 4732 50.18 33.18 -31.63
CA PHE C 4732 51.47 33.22 -32.32
C PHE C 4732 51.64 34.40 -33.27
N GLY C 4733 50.59 35.16 -33.54
CA GLY C 4733 50.77 36.35 -34.35
C GLY C 4733 50.31 36.09 -35.76
N ARG C 4734 49.19 36.75 -36.10
CA ARG C 4734 48.53 36.60 -37.40
C ARG C 4734 49.48 36.84 -38.56
N GLU C 4735 50.32 37.86 -38.46
CA GLU C 4735 51.22 38.21 -39.56
C GLU C 4735 52.22 37.10 -39.83
N ARG C 4736 52.78 36.53 -38.76
CA ARG C 4736 53.70 35.39 -38.88
C ARG C 4736 53.01 34.19 -39.48
N ILE C 4737 51.77 33.91 -39.02
CA ILE C 4737 51.03 32.76 -39.51
C ILE C 4737 50.72 32.94 -41.00
N ALA C 4738 50.31 34.15 -41.38
CA ALA C 4738 49.95 34.46 -42.76
C ALA C 4738 51.17 34.34 -43.66
N GLU C 4739 52.34 34.74 -43.15
CA GLU C 4739 53.56 34.62 -43.95
C GLU C 4739 53.93 33.16 -44.14
N LEU C 4740 53.84 32.36 -43.06
CA LEU C 4740 54.23 30.95 -43.12
C LEU C 4740 53.32 30.17 -44.06
N LEU C 4741 52.02 30.44 -44.01
CA LEU C 4741 51.04 29.74 -44.83
C LEU C 4741 50.77 30.45 -46.15
N GLY C 4742 51.43 31.58 -46.38
CA GLY C 4742 51.41 32.30 -47.64
C GLY C 4742 50.07 32.76 -48.16
N MET C 4743 49.20 33.28 -47.29
CA MET C 4743 47.96 33.90 -47.72
C MET C 4743 47.95 35.32 -47.21
N ASP C 4744 47.66 36.28 -48.08
CA ASP C 4744 47.75 37.69 -47.69
C ASP C 4744 46.52 38.12 -46.91
N LEU C 4745 46.77 38.80 -45.78
CA LEU C 4745 45.68 39.27 -44.92
C LEU C 4745 44.80 40.30 -45.63
N ALA C 4746 45.44 41.16 -46.44
CA ALA C 4746 44.77 42.30 -47.08
C ALA C 4746 43.64 41.88 -48.01
N SER C 4747 43.81 40.77 -48.73
CA SER C 4747 42.87 40.37 -49.78
C SER C 4747 41.45 40.12 -49.25
N LEU C 4748 41.32 39.72 -47.98
CA LEU C 4748 40.05 39.28 -47.42
C LEU C 4748 38.97 40.37 -47.36
N GLU C 4749 39.33 41.65 -47.52
CA GLU C 4749 38.39 42.76 -47.31
C GLU C 4749 37.18 42.68 -48.24
N ILE C 4750 37.41 42.48 -49.53
CA ILE C 4750 36.33 42.37 -50.51
C ILE C 4750 36.26 40.95 -51.06
N ASP C 4772 52.69 25.91 -60.23
CA ASP C 4772 53.26 26.00 -58.89
C ASP C 4772 54.45 25.07 -58.80
N VAL C 4773 55.62 25.64 -59.15
CA VAL C 4773 56.87 24.87 -59.22
C VAL C 4773 57.22 24.25 -57.87
N LYS C 4774 57.08 25.02 -56.78
CA LYS C 4774 57.48 24.55 -55.45
C LYS C 4774 56.63 23.36 -55.04
N TYR C 4775 55.34 23.41 -55.38
CA TYR C 4775 54.42 22.31 -55.12
C TYR C 4775 54.83 21.08 -55.93
N GLN C 4776 55.17 21.27 -57.21
CA GLN C 4776 55.57 20.14 -58.04
C GLN C 4776 56.85 19.49 -57.51
N ILE C 4777 57.80 20.31 -57.05
CA ILE C 4777 59.03 19.78 -56.44
C ILE C 4777 58.70 18.94 -55.22
N TRP C 4778 57.78 19.43 -54.38
CA TRP C 4778 57.41 18.70 -53.17
C TRP C 4778 56.76 17.38 -53.55
N LYS C 4779 55.82 17.44 -54.53
CA LYS C 4779 55.06 16.26 -54.94
C LYS C 4779 56.01 15.19 -55.48
N PHE C 4780 56.97 15.60 -56.32
CA PHE C 4780 57.89 14.62 -56.90
C PHE C 4780 58.79 14.05 -55.82
N GLY C 4781 59.14 14.85 -54.80
CA GLY C 4781 59.92 14.31 -53.71
C GLY C 4781 59.16 13.24 -52.95
N VAL C 4782 57.84 13.39 -52.87
CA VAL C 4782 57.06 12.40 -52.12
C VAL C 4782 56.85 11.16 -52.99
N ILE C 4783 56.83 11.35 -54.32
CA ILE C 4783 56.74 10.22 -55.24
C ILE C 4783 58.04 9.43 -55.20
N PHE C 4784 59.18 10.12 -55.18
CA PHE C 4784 60.45 9.40 -55.16
C PHE C 4784 60.76 8.82 -53.80
N THR C 4785 60.08 9.27 -52.74
CA THR C 4785 60.18 8.53 -51.48
C THR C 4785 59.21 7.36 -51.40
N ASP C 4786 58.19 7.32 -52.27
CA ASP C 4786 57.27 6.18 -52.30
C ASP C 4786 57.99 4.89 -52.70
N ASN C 4787 57.86 3.85 -51.87
CA ASN C 4787 58.59 2.61 -52.08
C ASN C 4787 58.11 1.83 -53.30
N SER C 4788 56.80 1.79 -53.55
CA SER C 4788 56.28 1.08 -54.72
C SER C 4788 56.74 1.73 -56.01
N PHE C 4789 56.86 3.05 -56.03
CA PHE C 4789 57.26 3.74 -57.25
C PHE C 4789 58.74 3.48 -57.49
N LEU C 4790 59.50 3.37 -56.41
CA LEU C 4790 60.93 3.07 -56.50
C LEU C 4790 61.13 1.67 -57.03
N TYR C 4791 60.29 0.72 -56.58
CA TYR C 4791 60.32 -0.63 -57.11
C TYR C 4791 59.99 -0.65 -58.60
N LEU C 4792 58.98 0.13 -59.01
CA LEU C 4792 58.58 0.12 -60.42
C LEU C 4792 59.66 0.74 -61.28
N GLY C 4793 60.35 1.74 -60.73
CA GLY C 4793 61.47 2.36 -61.43
C GLY C 4793 62.64 1.41 -61.58
N TRP C 4794 62.95 0.66 -60.52
CA TRP C 4794 63.98 -0.38 -60.61
C TRP C 4794 63.58 -1.44 -61.63
N TYR C 4795 62.29 -1.78 -61.71
CA TYR C 4795 61.78 -2.74 -62.68
C TYR C 4795 62.03 -2.27 -64.10
N MET C 4796 61.78 -0.97 -64.33
CA MET C 4796 62.03 -0.35 -65.62
C MET C 4796 63.52 -0.33 -65.93
N VAL C 4797 64.35 0.02 -64.94
CA VAL C 4797 65.79 0.12 -65.14
C VAL C 4797 66.36 -1.24 -65.52
N MET C 4798 65.90 -2.29 -64.83
CA MET C 4798 66.34 -3.65 -65.15
C MET C 4798 65.87 -4.05 -66.54
N SER C 4799 64.68 -3.60 -66.94
CA SER C 4799 64.17 -3.88 -68.28
C SER C 4799 65.01 -3.18 -69.34
N LEU C 4800 65.45 -1.97 -69.06
CA LEU C 4800 66.29 -1.24 -69.99
C LEU C 4800 67.67 -1.88 -70.09
N LEU C 4801 68.26 -2.25 -68.94
CA LEU C 4801 69.54 -2.95 -68.94
C LEU C 4801 69.46 -4.34 -69.58
N GLY C 4802 68.25 -4.90 -69.69
CA GLY C 4802 68.14 -6.19 -70.33
C GLY C 4802 68.33 -6.14 -71.83
N HIS C 4803 68.19 -4.95 -72.42
CA HIS C 4803 68.52 -4.78 -73.83
C HIS C 4803 70.03 -4.76 -74.03
N TYR C 4804 70.76 -4.17 -73.07
CA TYR C 4804 72.22 -4.19 -73.13
C TYR C 4804 72.76 -5.59 -72.96
N ASN C 4805 72.29 -6.31 -71.94
CA ASN C 4805 72.68 -7.69 -71.73
C ASN C 4805 71.42 -8.49 -71.47
N ASN C 4806 71.18 -9.54 -72.26
CA ASN C 4806 69.91 -10.26 -72.17
C ASN C 4806 69.73 -11.01 -70.86
N PHE C 4807 70.80 -11.22 -70.09
CA PHE C 4807 70.72 -12.03 -68.89
C PHE C 4807 70.31 -11.19 -67.70
N PHE C 4808 70.01 -9.92 -67.92
CA PHE C 4808 69.50 -9.01 -66.93
C PHE C 4808 68.00 -9.04 -66.88
N PHE C 4809 67.37 -9.94 -67.63
CA PHE C 4809 65.94 -10.10 -67.62
C PHE C 4809 65.51 -11.13 -66.60
N ALA C 4810 66.46 -11.61 -65.81
CA ALA C 4810 66.23 -12.59 -64.77
C ALA C 4810 65.91 -11.90 -63.46
N ALA C 4811 66.09 -10.58 -63.42
CA ALA C 4811 65.77 -9.77 -62.25
C ALA C 4811 64.26 -9.55 -62.13
N HIS C 4812 63.51 -9.93 -63.16
CA HIS C 4812 62.09 -9.70 -63.23
C HIS C 4812 61.34 -10.93 -62.76
N LEU C 4813 62.08 -11.96 -62.38
CA LEU C 4813 61.50 -13.21 -61.90
C LEU C 4813 61.37 -13.16 -60.39
N LEU C 4814 61.89 -12.10 -59.79
CA LEU C 4814 61.81 -11.85 -58.36
C LEU C 4814 60.60 -11.00 -58.05
N ASP C 4815 59.70 -10.88 -59.01
CA ASP C 4815 58.47 -10.11 -58.88
C ASP C 4815 57.29 -11.03 -58.65
N ILE C 4816 57.53 -12.34 -58.72
CA ILE C 4816 56.52 -13.34 -58.38
C ILE C 4816 56.14 -13.23 -56.90
N ALA C 4817 57.12 -12.90 -56.06
CA ALA C 4817 56.92 -12.82 -54.62
C ALA C 4817 55.94 -11.71 -54.27
N MET C 4818 56.14 -10.52 -54.83
CA MET C 4818 55.20 -9.42 -54.63
C MET C 4818 53.89 -9.66 -55.37
N GLY C 4819 53.95 -10.18 -56.59
CA GLY C 4819 52.75 -10.34 -57.39
C GLY C 4819 51.79 -11.40 -56.87
N VAL C 4820 52.31 -12.57 -56.49
CA VAL C 4820 51.44 -13.66 -56.08
C VAL C 4820 51.15 -13.55 -54.58
N LYS C 4821 49.86 -13.58 -54.24
CA LYS C 4821 49.45 -13.41 -52.85
C LYS C 4821 49.88 -14.60 -52.01
N THR C 4822 49.76 -15.81 -52.57
CA THR C 4822 50.09 -17.01 -51.81
C THR C 4822 51.57 -17.01 -51.49
N LEU C 4823 52.38 -16.59 -52.45
CA LEU C 4823 53.82 -16.56 -52.24
C LEU C 4823 54.15 -15.51 -51.21
N ARG C 4824 53.37 -14.41 -51.19
CA ARG C 4824 53.66 -13.35 -50.23
C ARG C 4824 53.37 -13.83 -48.82
N THR C 4825 52.33 -14.66 -48.65
CA THR C 4825 52.06 -15.25 -47.34
C THR C 4825 53.11 -16.27 -46.94
N ILE C 4826 53.56 -17.11 -47.87
CA ILE C 4826 54.63 -18.06 -47.54
C ILE C 4826 55.92 -17.33 -47.17
N LEU C 4827 56.26 -16.28 -47.90
CA LEU C 4827 57.49 -15.56 -47.63
C LEU C 4827 57.39 -14.66 -46.40
N SER C 4828 56.16 -14.34 -45.98
CA SER C 4828 55.99 -13.60 -44.74
C SER C 4828 56.43 -14.41 -43.53
N SER C 4829 56.33 -15.74 -43.61
CA SER C 4829 56.90 -16.58 -42.56
C SER C 4829 58.41 -16.42 -42.47
N VAL C 4830 59.08 -16.32 -43.62
CA VAL C 4830 60.52 -16.08 -43.65
C VAL C 4830 60.86 -14.70 -43.11
N THR C 4831 60.04 -13.70 -43.40
CA THR C 4831 60.39 -12.33 -43.00
C THR C 4831 59.85 -11.95 -41.62
N HIS C 4832 58.93 -12.73 -41.05
CA HIS C 4832 58.35 -12.40 -39.76
C HIS C 4832 59.40 -12.43 -38.67
N ASN C 4833 60.26 -13.45 -38.68
CA ASN C 4833 61.28 -13.65 -37.67
C ASN C 4833 62.66 -13.41 -38.27
N GLY C 4834 62.72 -12.52 -39.26
CA GLY C 4834 63.94 -12.28 -39.99
C GLY C 4834 65.07 -11.72 -39.16
N LYS C 4835 64.75 -10.79 -38.26
CA LYS C 4835 65.78 -10.16 -37.43
C LYS C 4835 66.44 -11.20 -36.53
N GLN C 4836 65.63 -12.11 -35.99
CA GLN C 4836 66.17 -13.18 -35.17
C GLN C 4836 66.93 -14.20 -36.01
N LEU C 4837 66.57 -14.34 -37.29
CA LEU C 4837 67.34 -15.21 -38.17
C LEU C 4837 68.73 -14.64 -38.48
N VAL C 4838 68.82 -13.34 -38.72
CA VAL C 4838 70.16 -12.77 -38.92
C VAL C 4838 70.96 -12.79 -37.61
N MET C 4839 70.31 -12.57 -36.47
CA MET C 4839 71.02 -12.68 -35.20
C MET C 4839 71.51 -14.10 -34.91
N THR C 4840 70.72 -15.12 -35.26
CA THR C 4840 71.17 -16.51 -35.09
C THR C 4840 72.32 -16.84 -36.06
N VAL C 4841 72.30 -16.29 -37.28
CA VAL C 4841 73.42 -16.50 -38.19
C VAL C 4841 74.69 -15.84 -37.65
N GLY C 4842 74.54 -14.67 -37.03
CA GLY C 4842 75.68 -14.03 -36.38
C GLY C 4842 76.21 -14.83 -35.21
N LEU C 4843 75.32 -15.46 -34.45
CA LEU C 4843 75.75 -16.38 -33.39
C LEU C 4843 76.48 -17.60 -33.96
N LEU C 4844 75.96 -18.17 -35.05
CA LEU C 4844 76.65 -19.26 -35.73
C LEU C 4844 78.04 -18.86 -36.22
N ALA C 4845 78.23 -17.57 -36.52
CA ALA C 4845 79.54 -17.08 -36.93
C ALA C 4845 80.47 -16.99 -35.73
N VAL C 4846 79.95 -16.50 -34.61
CA VAL C 4846 80.75 -16.37 -33.39
C VAL C 4846 81.20 -17.75 -32.90
N VAL C 4847 80.27 -18.72 -32.92
CA VAL C 4847 80.58 -20.07 -32.45
C VAL C 4847 81.63 -20.71 -33.36
N VAL C 4848 81.44 -20.63 -34.68
CA VAL C 4848 82.41 -21.20 -35.60
C VAL C 4848 83.77 -20.49 -35.48
N TYR C 4849 83.78 -19.23 -35.02
CA TYR C 4849 85.03 -18.55 -34.75
C TYR C 4849 85.72 -19.12 -33.52
N LEU C 4850 84.94 -19.47 -32.49
CA LEU C 4850 85.57 -20.03 -31.30
C LEU C 4850 86.13 -21.41 -31.55
N TYR C 4851 85.48 -22.15 -32.46
CA TYR C 4851 86.03 -23.44 -32.89
C TYR C 4851 87.28 -23.23 -33.73
N THR C 4852 87.30 -22.16 -34.54
CA THR C 4852 88.49 -21.86 -35.33
C THR C 4852 89.66 -21.53 -34.42
N VAL C 4853 89.42 -20.75 -33.37
CA VAL C 4853 90.48 -20.36 -32.43
C VAL C 4853 91.05 -21.60 -31.72
N VAL C 4854 90.18 -22.52 -31.31
CA VAL C 4854 90.63 -23.74 -30.65
C VAL C 4854 91.39 -24.65 -31.62
N ALA C 4855 90.92 -24.76 -32.85
CA ALA C 4855 91.61 -25.57 -33.85
C ALA C 4855 92.99 -24.98 -34.17
N PHE C 4856 93.06 -23.67 -34.32
CA PHE C 4856 94.31 -23.00 -34.71
C PHE C 4856 95.34 -23.16 -33.60
N ASN C 4857 94.91 -23.03 -32.34
CA ASN C 4857 95.84 -23.16 -31.23
C ASN C 4857 96.29 -24.61 -30.99
N PHE C 4858 95.39 -25.58 -31.13
CA PHE C 4858 95.72 -26.93 -30.70
C PHE C 4858 95.66 -28.03 -31.75
N PHE C 4859 94.95 -27.86 -32.86
CA PHE C 4859 94.74 -28.97 -33.77
C PHE C 4859 95.14 -28.63 -35.20
N ARG C 4860 96.20 -27.83 -35.34
CA ARG C 4860 96.67 -27.38 -36.65
C ARG C 4860 97.17 -28.53 -37.51
N LYS C 4861 97.68 -29.59 -36.89
CA LYS C 4861 98.29 -30.70 -37.62
C LYS C 4861 97.27 -31.47 -38.45
N PHE C 4862 96.01 -31.46 -38.07
CA PHE C 4862 94.98 -32.28 -38.68
C PHE C 4862 94.29 -31.60 -39.85
N TYR C 4863 94.76 -30.44 -40.29
CA TYR C 4863 94.08 -29.66 -41.31
C TYR C 4863 94.87 -29.58 -42.61
N ASN C 4864 95.53 -30.68 -42.98
CA ASN C 4864 96.22 -30.75 -44.26
C ASN C 4864 95.31 -31.41 -45.27
N LYS C 4865 94.93 -30.66 -46.31
CA LYS C 4865 94.01 -31.13 -47.34
C LYS C 4865 94.72 -31.49 -48.62
N SER C 4866 95.96 -31.94 -48.52
CA SER C 4866 96.79 -32.26 -49.67
C SER C 4866 97.08 -33.75 -49.73
N GLU C 4867 96.64 -34.39 -50.81
CA GLU C 4867 97.01 -35.79 -51.03
C GLU C 4867 98.48 -35.89 -51.36
N ASP C 4868 99.00 -34.95 -52.15
CA ASP C 4868 100.40 -34.91 -52.54
C ASP C 4868 101.27 -34.69 -51.31
N GLU C 4869 102.19 -35.62 -51.06
CA GLU C 4869 103.00 -35.55 -49.86
C GLU C 4869 104.01 -34.42 -49.90
N ASP C 4870 104.60 -34.15 -51.07
CA ASP C 4870 105.66 -33.15 -51.13
C ASP C 4870 105.14 -31.73 -51.13
N GLU C 4871 103.88 -31.52 -51.49
CA GLU C 4871 103.29 -30.19 -51.42
C GLU C 4871 102.23 -30.21 -50.34
N PRO C 4872 102.41 -29.53 -49.22
CA PRO C 4872 101.33 -29.49 -48.24
C PRO C 4872 100.41 -28.29 -48.41
N ASP C 4873 99.11 -28.55 -48.39
CA ASP C 4873 98.11 -27.50 -48.42
C ASP C 4873 97.51 -27.44 -47.02
N MET C 4874 97.99 -26.51 -46.21
CA MET C 4874 97.57 -26.41 -44.83
C MET C 4874 96.52 -25.32 -44.74
N LYS C 4875 95.36 -25.66 -44.20
CA LYS C 4875 94.26 -24.72 -44.16
C LYS C 4875 94.09 -24.08 -42.80
N CYS C 4876 95.00 -24.35 -41.86
CA CYS C 4876 94.99 -23.68 -40.57
C CYS C 4876 96.35 -23.09 -40.23
N ASP C 4877 97.11 -22.67 -41.24
CA ASP C 4877 98.38 -22.00 -40.96
C ASP C 4877 98.20 -20.50 -40.99
N ASP C 4878 96.97 -20.05 -41.17
CA ASP C 4878 96.57 -18.66 -41.13
C ASP C 4878 95.24 -18.69 -40.40
N MET C 4879 94.84 -17.57 -39.81
CA MET C 4879 93.59 -17.64 -39.08
C MET C 4879 92.39 -17.29 -39.95
N MET C 4880 92.60 -16.50 -41.00
CA MET C 4880 91.52 -16.24 -41.94
C MET C 4880 91.26 -17.45 -42.82
N THR C 4881 92.31 -18.19 -43.20
CA THR C 4881 92.10 -19.41 -43.97
C THR C 4881 91.39 -20.46 -43.15
N CYS C 4882 91.71 -20.56 -41.85
CA CYS C 4882 91.03 -21.52 -40.99
C CYS C 4882 89.57 -21.12 -40.79
N TYR C 4883 89.31 -19.82 -40.68
CA TYR C 4883 87.94 -19.35 -40.51
C TYR C 4883 87.11 -19.61 -41.76
N LEU C 4884 87.69 -19.35 -42.93
CA LEU C 4884 87.00 -19.62 -44.19
C LEU C 4884 86.79 -21.12 -44.36
N PHE C 4885 87.76 -21.93 -43.94
CA PHE C 4885 87.64 -23.38 -44.01
C PHE C 4885 86.49 -23.88 -43.16
N HIS C 4886 86.46 -23.46 -41.89
CA HIS C 4886 85.40 -23.85 -40.97
C HIS C 4886 84.03 -23.43 -41.48
N MET C 4887 83.90 -22.16 -41.89
CA MET C 4887 82.62 -21.60 -42.32
C MET C 4887 82.12 -22.26 -43.60
N TYR C 4888 83.03 -22.57 -44.52
CA TYR C 4888 82.64 -23.21 -45.77
C TYR C 4888 82.41 -24.71 -45.62
N VAL C 4889 83.48 -25.49 -45.41
CA VAL C 4889 83.35 -26.95 -45.36
C VAL C 4889 82.59 -27.44 -44.11
N GLY C 4890 82.84 -26.87 -42.92
CA GLY C 4890 82.24 -27.43 -41.71
C GLY C 4890 80.74 -27.23 -41.62
N VAL C 4891 80.26 -26.04 -41.98
CA VAL C 4891 78.83 -25.80 -41.86
C VAL C 4891 78.08 -26.60 -42.93
N ARG C 4892 78.65 -26.71 -44.12
CA ARG C 4892 78.00 -27.41 -45.21
C ARG C 4892 78.26 -28.92 -45.18
N ALA C 4893 78.98 -29.41 -44.18
CA ALA C 4893 79.22 -30.83 -44.04
C ALA C 4893 78.24 -31.47 -43.07
N GLY C 4894 77.85 -32.71 -43.36
CA GLY C 4894 76.84 -33.38 -42.56
C GLY C 4894 77.32 -33.76 -41.18
N GLY C 4895 78.57 -34.18 -41.06
CA GLY C 4895 79.17 -34.50 -39.79
C GLY C 4895 80.01 -33.40 -39.18
N GLY C 4896 80.03 -32.23 -39.80
CA GLY C 4896 80.83 -31.13 -39.30
C GLY C 4896 82.24 -31.16 -39.86
N ILE C 4897 83.16 -30.54 -39.13
CA ILE C 4897 84.55 -30.45 -39.59
C ILE C 4897 85.22 -31.82 -39.65
N GLY C 4898 84.80 -32.76 -38.77
CA GLY C 4898 85.43 -34.06 -38.67
C GLY C 4898 85.30 -34.88 -39.93
N ASP C 4899 84.33 -34.53 -40.78
CA ASP C 4899 84.09 -35.31 -41.97
C ASP C 4899 85.15 -34.96 -43.00
N GLU C 4900 85.60 -33.71 -42.96
CA GLU C 4900 86.52 -33.18 -43.95
C GLU C 4900 87.94 -32.99 -43.45
N ILE C 4901 88.27 -33.48 -42.25
CA ILE C 4901 89.62 -33.24 -41.72
C ILE C 4901 90.18 -34.62 -41.37
N GLU C 4902 91.50 -34.66 -41.23
CA GLU C 4902 92.25 -35.90 -41.02
C GLU C 4902 91.80 -36.69 -39.80
N ASP C 4903 91.91 -38.01 -39.92
CA ASP C 4903 91.41 -38.95 -38.92
C ASP C 4903 92.16 -38.80 -37.60
N PRO C 4904 91.45 -38.86 -36.47
CA PRO C 4904 92.09 -38.61 -35.16
C PRO C 4904 92.80 -39.80 -34.56
N ALA C 4905 92.80 -40.95 -35.23
CA ALA C 4905 93.30 -42.18 -34.63
C ALA C 4905 94.79 -42.10 -34.34
N GLY C 4906 95.21 -42.79 -33.27
CA GLY C 4906 96.59 -42.91 -32.85
C GLY C 4906 97.33 -41.61 -32.62
N ASP C 4907 96.71 -40.67 -31.89
CA ASP C 4907 97.37 -39.42 -31.57
C ASP C 4907 97.18 -39.07 -30.10
N GLU C 4908 98.06 -38.17 -29.63
CA GLU C 4908 97.99 -37.69 -28.25
C GLU C 4908 96.69 -36.95 -27.97
N TYR C 4909 96.15 -36.24 -28.96
CA TYR C 4909 94.95 -35.43 -28.79
C TYR C 4909 93.78 -36.07 -29.51
N GLU C 4910 93.71 -37.41 -29.45
CA GLU C 4910 92.59 -38.12 -30.01
C GLU C 4910 91.29 -37.82 -29.27
N LEU C 4911 91.34 -37.78 -27.94
CA LEU C 4911 90.09 -37.64 -27.22
C LEU C 4911 89.65 -36.18 -27.20
N TYR C 4912 90.61 -35.26 -27.28
CA TYR C 4912 90.27 -33.85 -27.40
C TYR C 4912 89.65 -33.59 -28.76
N ARG C 4913 90.22 -34.20 -29.79
CA ARG C 4913 89.68 -34.06 -31.14
C ARG C 4913 88.31 -34.72 -31.31
N VAL C 4914 88.04 -35.78 -30.55
CA VAL C 4914 86.72 -36.41 -30.55
C VAL C 4914 85.68 -35.50 -29.89
N VAL C 4915 86.03 -34.92 -28.74
CA VAL C 4915 85.12 -33.99 -28.09
C VAL C 4915 84.92 -32.73 -28.92
N PHE C 4916 85.99 -32.26 -29.58
CA PHE C 4916 85.90 -31.10 -30.47
C PHE C 4916 84.92 -31.34 -31.60
N ASP C 4917 85.02 -32.50 -32.24
CA ASP C 4917 84.13 -32.83 -33.36
C ASP C 4917 82.69 -33.06 -32.91
N ILE C 4918 82.49 -33.78 -31.80
CA ILE C 4918 81.15 -34.06 -31.31
C ILE C 4918 80.45 -32.78 -30.86
N THR C 4919 81.16 -31.88 -30.18
CA THR C 4919 80.56 -30.61 -29.77
C THR C 4919 80.25 -29.74 -30.98
N PHE C 4920 81.13 -29.73 -31.99
CA PHE C 4920 80.86 -28.98 -33.21
C PHE C 4920 79.63 -29.53 -33.93
N PHE C 4921 79.49 -30.85 -33.96
CA PHE C 4921 78.31 -31.47 -34.56
C PHE C 4921 77.03 -31.09 -33.81
N PHE C 4922 77.03 -31.23 -32.49
CA PHE C 4922 75.80 -30.98 -31.72
C PHE C 4922 75.44 -29.51 -31.73
N PHE C 4923 76.39 -28.63 -31.41
CA PHE C 4923 76.10 -27.21 -31.30
C PHE C 4923 75.84 -26.56 -32.65
N VAL C 4924 76.58 -26.92 -33.70
CA VAL C 4924 76.43 -26.22 -34.96
C VAL C 4924 75.45 -26.91 -35.89
N ILE C 4925 75.71 -28.17 -36.25
CA ILE C 4925 74.88 -28.86 -37.22
C ILE C 4925 73.47 -29.13 -36.67
N VAL C 4926 73.38 -29.53 -35.41
CA VAL C 4926 72.11 -29.95 -34.84
C VAL C 4926 71.35 -28.79 -34.20
N ILE C 4927 71.95 -28.16 -33.18
CA ILE C 4927 71.27 -27.12 -32.43
C ILE C 4927 71.11 -25.85 -33.24
N LEU C 4928 72.15 -25.40 -33.92
CA LEU C 4928 72.07 -24.08 -34.55
C LEU C 4928 71.42 -24.10 -35.93
N LEU C 4929 70.83 -25.22 -36.32
CA LEU C 4929 70.04 -25.30 -37.54
C LEU C 4929 68.60 -25.62 -37.22
N ALA C 4930 68.37 -26.23 -36.06
CA ALA C 4930 67.03 -26.45 -35.54
C ALA C 4930 66.40 -25.16 -35.09
N ILE C 4931 67.20 -24.22 -34.59
CA ILE C 4931 66.69 -22.89 -34.24
C ILE C 4931 66.16 -22.17 -35.48
N ILE C 4932 66.85 -22.29 -36.61
CA ILE C 4932 66.38 -21.69 -37.87
C ILE C 4932 65.09 -22.34 -38.34
N GLN C 4933 65.02 -23.67 -38.31
CA GLN C 4933 63.78 -24.35 -38.68
C GLN C 4933 62.66 -24.07 -37.70
N GLY C 4934 62.98 -23.98 -36.41
CA GLY C 4934 61.99 -23.65 -35.41
C GLY C 4934 61.46 -22.23 -35.52
N LEU C 4935 62.29 -21.30 -35.98
CA LEU C 4935 61.81 -19.95 -36.19
C LEU C 4935 60.84 -19.89 -37.36
N ILE C 4936 61.13 -20.65 -38.43
CA ILE C 4936 60.16 -20.74 -39.54
C ILE C 4936 58.85 -21.40 -39.11
N ILE C 4937 58.95 -22.51 -38.38
CA ILE C 4937 57.75 -23.24 -37.94
C ILE C 4937 56.96 -22.39 -36.96
N ASP C 4938 57.65 -21.67 -36.08
CA ASP C 4938 57.00 -20.75 -35.16
C ASP C 4938 56.30 -19.64 -35.92
N ALA C 4939 56.91 -19.13 -37.01
CA ALA C 4939 56.36 -18.02 -37.77
C ALA C 4939 55.02 -18.39 -38.38
N PHE C 4940 54.91 -19.64 -38.87
CA PHE C 4940 53.66 -20.10 -39.49
C PHE C 4940 52.55 -20.07 -38.45
N GLY C 4941 52.91 -20.46 -37.22
CA GLY C 4941 51.98 -20.49 -36.11
C GLY C 4941 51.59 -19.08 -35.68
N GLU C 4942 52.54 -18.14 -35.73
CA GLU C 4942 52.22 -16.77 -35.35
C GLU C 4942 51.22 -16.17 -36.33
N LEU C 4943 51.40 -16.46 -37.63
CA LEU C 4943 50.47 -15.96 -38.64
C LEU C 4943 49.08 -16.55 -38.45
N ARG C 4944 49.03 -17.85 -38.08
CA ARG C 4944 47.75 -18.47 -37.79
C ARG C 4944 47.06 -17.87 -36.58
N ASP C 4945 47.81 -17.61 -35.50
CA ASP C 4945 47.16 -17.09 -34.31
C ASP C 4945 46.67 -15.68 -34.57
N GLN C 4946 47.40 -14.93 -35.40
CA GLN C 4946 47.00 -13.56 -35.71
C GLN C 4946 45.67 -13.57 -36.46
N GLN C 4947 45.52 -14.50 -37.43
CA GLN C 4947 44.29 -14.54 -38.20
C GLN C 4947 43.12 -15.05 -37.38
N GLU C 4948 43.35 -16.09 -36.55
CA GLU C 4948 42.25 -16.65 -35.78
C GLU C 4948 41.78 -15.66 -34.72
N GLN C 4949 42.70 -14.96 -34.06
CA GLN C 4949 42.31 -13.97 -33.07
C GLN C 4949 41.53 -12.82 -33.69
N VAL C 4950 41.92 -12.37 -34.90
CA VAL C 4950 41.14 -11.35 -35.59
C VAL C 4950 39.75 -11.88 -35.95
N LYS C 4951 39.66 -13.16 -36.32
CA LYS C 4951 38.37 -13.72 -36.71
C LYS C 4951 37.45 -13.85 -35.50
N GLU C 4952 37.98 -14.35 -34.38
CA GLU C 4952 37.18 -14.57 -33.19
C GLU C 4952 36.70 -13.25 -32.59
N ASP C 4953 37.56 -12.22 -32.61
CA ASP C 4953 37.12 -10.91 -32.14
C ASP C 4953 36.03 -10.34 -33.04
N MET C 4954 36.22 -10.44 -34.37
CA MET C 4954 35.25 -9.88 -35.30
C MET C 4954 33.91 -10.58 -35.18
N GLU C 4955 33.92 -11.90 -34.96
CA GLU C 4955 32.68 -12.63 -34.96
C GLU C 4955 32.14 -12.83 -33.56
N THR C 4956 32.75 -12.19 -32.55
CA THR C 4956 32.24 -12.29 -31.20
C THR C 4956 31.88 -10.95 -30.57
N LYS C 4957 32.29 -9.83 -31.17
CA LYS C 4957 31.86 -8.54 -30.65
C LYS C 4957 31.62 -7.56 -31.80
N CYS C 4958 30.91 -6.48 -31.50
CA CYS C 4958 30.62 -5.46 -32.50
C CYS C 4958 31.82 -4.54 -32.58
N PHE C 4959 32.27 -4.28 -33.81
CA PHE C 4959 33.35 -3.33 -34.04
C PHE C 4959 33.01 -1.92 -33.56
N ILE C 4960 31.82 -1.43 -33.90
CA ILE C 4960 31.47 -0.04 -33.59
C ILE C 4960 31.25 0.17 -32.09
N CYS C 4961 30.58 -0.77 -31.43
CA CYS C 4961 30.17 -0.53 -30.04
C CYS C 4961 30.84 -1.41 -29.01
N GLY C 4962 31.43 -2.53 -29.38
CA GLY C 4962 32.20 -3.30 -28.43
C GLY C 4962 31.42 -4.30 -27.60
N ILE C 4963 30.11 -4.37 -27.76
CA ILE C 4963 29.32 -5.27 -26.93
C ILE C 4963 29.36 -6.67 -27.52
N GLY C 4964 29.38 -7.66 -26.62
CA GLY C 4964 29.50 -9.05 -27.02
C GLY C 4964 28.23 -9.56 -27.66
N SER C 4965 28.39 -10.61 -28.49
CA SER C 4965 27.27 -11.24 -29.18
C SER C 4965 26.35 -12.02 -28.25
N ASP C 4966 26.61 -12.02 -26.94
CA ASP C 4966 25.82 -12.71 -25.95
C ASP C 4966 24.51 -11.96 -25.73
N TYR C 4967 24.62 -10.65 -25.52
CA TYR C 4967 23.43 -9.81 -25.35
C TYR C 4967 22.59 -9.85 -26.62
N PHE C 4968 23.23 -9.59 -27.77
CA PHE C 4968 22.50 -9.43 -29.02
C PHE C 4968 21.85 -10.74 -29.47
N ASP C 4969 22.41 -11.88 -29.09
CA ASP C 4969 21.94 -13.16 -29.60
C ASP C 4969 20.76 -13.73 -28.81
N THR C 4970 20.21 -12.96 -27.86
CA THR C 4970 18.99 -13.39 -27.18
C THR C 4970 17.84 -13.52 -28.18
N THR C 4971 17.71 -12.56 -29.07
CA THR C 4971 16.72 -12.65 -30.13
C THR C 4971 17.31 -13.57 -31.21
N PRO C 4972 16.47 -14.24 -32.02
CA PRO C 4972 17.03 -15.04 -33.12
C PRO C 4972 17.69 -14.15 -34.17
N HIS C 4973 18.95 -14.49 -34.49
CA HIS C 4973 19.79 -13.78 -35.47
C HIS C 4973 20.01 -12.31 -35.07
N GLY C 4974 20.04 -12.07 -33.75
CA GLY C 4974 20.19 -10.71 -33.27
C GLY C 4974 21.52 -10.09 -33.65
N PHE C 4975 22.60 -10.84 -33.48
CA PHE C 4975 23.93 -10.29 -33.76
C PHE C 4975 24.05 -10.01 -35.25
N GLU C 4976 23.49 -10.91 -36.06
CA GLU C 4976 23.56 -10.80 -37.52
C GLU C 4976 22.83 -9.54 -37.96
N THR C 4977 21.64 -9.32 -37.39
CA THR C 4977 20.85 -8.15 -37.75
C THR C 4977 21.54 -6.89 -37.29
N HIS C 4978 22.13 -6.92 -36.09
CA HIS C 4978 22.76 -5.74 -35.51
C HIS C 4978 23.94 -5.30 -36.35
N THR C 4979 24.78 -6.26 -36.75
CA THR C 4979 25.98 -5.91 -37.51
C THR C 4979 25.68 -5.65 -38.99
N LEU C 4980 24.62 -6.23 -39.54
CA LEU C 4980 24.25 -5.88 -40.91
C LEU C 4980 23.52 -4.56 -41.04
N GLU C 4981 22.62 -4.23 -40.11
CA GLU C 4981 21.79 -3.03 -40.24
C GLU C 4981 22.09 -1.96 -39.21
N GLU C 4982 21.96 -2.27 -37.91
CA GLU C 4982 22.07 -1.26 -36.87
C GLU C 4982 23.46 -0.64 -36.78
N HIS C 4983 24.52 -1.46 -36.77
CA HIS C 4983 25.84 -0.89 -36.56
C HIS C 4983 26.82 -1.14 -37.70
N ASN C 4984 26.34 -1.38 -38.92
CA ASN C 4984 27.20 -1.75 -40.04
C ASN C 4984 28.27 -0.68 -40.32
N LEU C 4985 29.53 -1.09 -40.39
CA LEU C 4985 30.64 -0.15 -40.60
C LEU C 4985 30.52 0.53 -41.96
N ALA C 4986 30.00 -0.21 -42.95
CA ALA C 4986 29.86 0.31 -44.30
C ALA C 4986 28.92 1.49 -44.29
N ASN C 4987 27.84 1.41 -43.49
CA ASN C 4987 26.88 2.49 -43.42
C ASN C 4987 27.49 3.75 -42.83
N TYR C 4988 28.43 3.59 -41.88
CA TYR C 4988 29.16 4.74 -41.36
C TYR C 4988 30.01 5.37 -42.46
N MET C 4989 30.65 4.55 -43.28
CA MET C 4989 31.45 5.12 -44.38
C MET C 4989 30.57 5.81 -45.41
N PHE C 4990 29.36 5.27 -45.63
CA PHE C 4990 28.42 5.85 -46.57
C PHE C 4990 27.87 7.16 -46.04
N PHE C 4991 27.69 7.22 -44.72
CA PHE C 4991 27.25 8.45 -44.09
C PHE C 4991 28.31 9.51 -44.22
N LEU C 4992 29.55 9.18 -43.85
CA LEU C 4992 30.69 10.09 -44.02
C LEU C 4992 30.73 10.72 -45.41
N MET C 4993 30.72 9.88 -46.47
CA MET C 4993 30.79 10.42 -47.84
C MET C 4993 29.56 11.25 -48.18
N TYR C 4994 28.40 10.86 -47.64
CA TYR C 4994 27.17 11.64 -47.77
C TYR C 4994 27.30 13.02 -47.14
N LEU C 4995 27.87 13.08 -45.94
CA LEU C 4995 28.08 14.36 -45.26
C LEU C 4995 29.06 15.23 -46.02
N ILE C 4996 30.18 14.66 -46.47
CA ILE C 4996 31.20 15.44 -47.16
C ILE C 4996 30.66 15.99 -48.48
N ASN C 4997 29.89 15.18 -49.21
CA ASN C 4997 29.32 15.64 -50.47
C ASN C 4997 28.23 16.68 -50.24
N LYS C 4998 27.33 16.45 -49.28
CA LYS C 4998 26.18 17.32 -49.06
C LYS C 4998 26.59 18.71 -48.61
N ASP C 4999 25.88 19.72 -49.13
CA ASP C 4999 26.14 21.10 -48.80
C ASP C 4999 25.89 21.41 -47.32
N GLU C 5000 26.80 22.21 -46.74
CA GLU C 5000 26.72 22.54 -45.31
C GLU C 5000 25.43 23.28 -45.02
N THR C 5001 25.02 24.16 -45.95
CA THR C 5001 23.78 24.90 -45.78
C THR C 5001 22.60 23.94 -45.77
N GLU C 5002 22.70 22.88 -46.57
CA GLU C 5002 21.61 21.92 -46.73
C GLU C 5002 21.58 20.90 -45.62
N HIS C 5003 22.58 20.92 -44.73
CA HIS C 5003 22.67 19.91 -43.67
C HIS C 5003 21.49 20.04 -42.72
N THR C 5004 21.01 18.91 -42.22
CA THR C 5004 19.99 18.95 -41.18
C THR C 5004 20.68 19.10 -39.83
N GLY C 5005 19.88 19.25 -38.77
CA GLY C 5005 20.43 19.52 -37.45
C GLY C 5005 21.27 18.39 -36.89
N GLN C 5006 20.81 17.15 -37.08
CA GLN C 5006 21.58 16.00 -36.63
C GLN C 5006 22.81 15.83 -37.48
N GLU C 5007 22.67 16.09 -38.78
CA GLU C 5007 23.81 16.03 -39.70
C GLU C 5007 24.82 17.11 -39.36
N SER C 5008 24.33 18.31 -39.06
CA SER C 5008 25.22 19.41 -38.71
C SER C 5008 25.97 19.08 -37.42
N TYR C 5009 25.30 18.42 -36.48
CA TYR C 5009 25.93 18.01 -35.23
C TYR C 5009 27.08 17.03 -35.47
N VAL C 5010 26.87 16.03 -36.33
CA VAL C 5010 27.97 15.07 -36.54
C VAL C 5010 29.04 15.74 -37.39
N TRP C 5011 28.62 16.70 -38.24
CA TRP C 5011 29.54 17.50 -39.04
C TRP C 5011 30.49 18.28 -38.15
N LYS C 5012 29.96 18.86 -37.07
CA LYS C 5012 30.78 19.70 -36.21
C LYS C 5012 31.77 18.84 -35.45
N MET C 5013 31.29 17.75 -34.81
CA MET C 5013 32.27 16.88 -34.15
C MET C 5013 33.27 16.27 -35.13
N TYR C 5014 32.90 16.09 -36.40
CA TYR C 5014 33.88 15.69 -37.40
C TYR C 5014 34.91 16.78 -37.66
N GLN C 5015 34.47 18.05 -37.71
CA GLN C 5015 35.39 19.15 -37.96
C GLN C 5015 36.41 19.30 -36.83
N GLU C 5016 35.95 19.27 -35.58
CA GLU C 5016 36.90 19.26 -34.47
C GLU C 5016 37.33 17.86 -34.04
N ARG C 5017 37.17 16.86 -34.91
CA ARG C 5017 37.76 15.51 -34.77
C ARG C 5017 37.41 14.84 -33.44
N CYS C 5018 36.17 15.00 -33.01
CA CYS C 5018 35.69 14.44 -31.75
C CYS C 5018 34.81 13.25 -32.08
N TRP C 5019 35.19 12.08 -31.56
CA TRP C 5019 34.49 10.83 -31.87
C TRP C 5019 33.61 10.37 -30.73
N ASP C 5020 32.97 11.30 -30.02
CA ASP C 5020 32.05 10.93 -28.98
C ASP C 5020 30.70 10.52 -29.53
N PHE C 5021 30.41 10.81 -30.80
CA PHE C 5021 29.12 10.45 -31.37
C PHE C 5021 29.05 8.97 -31.71
N PHE C 5022 30.19 8.29 -31.78
CA PHE C 5022 30.18 6.85 -32.01
C PHE C 5022 29.66 6.15 -30.76
N PRO C 5023 28.62 5.32 -30.88
CA PRO C 5023 28.10 4.61 -29.71
C PRO C 5023 29.11 3.59 -29.18
N ALA C 5024 29.42 3.70 -27.89
CA ALA C 5024 30.40 2.85 -27.26
C ALA C 5024 29.77 2.26 -26.01
N GLY C 5025 29.67 0.93 -25.96
CA GLY C 5025 29.12 0.26 -24.81
C GLY C 5025 27.61 0.25 -24.76
N ASP C 5026 26.93 0.88 -25.71
CA ASP C 5026 25.48 0.96 -25.72
C ASP C 5026 24.96 0.95 -27.15
N CYS C 5027 23.68 0.63 -27.28
CA CYS C 5027 23.03 0.52 -28.57
C CYS C 5027 21.57 0.93 -28.38
N PHE C 5028 20.86 1.03 -29.50
CA PHE C 5028 19.46 1.42 -29.46
C PHE C 5028 18.62 0.40 -28.71
N ARG C 5029 18.93 -0.90 -28.90
CA ARG C 5029 18.23 -1.96 -28.19
C ARG C 5029 18.45 -1.85 -26.69
N LYS C 5030 19.71 -1.63 -26.29
CA LYS C 5030 20.05 -1.56 -24.88
C LYS C 5030 19.40 -0.34 -24.24
N GLN C 5031 19.40 0.78 -24.97
CA GLN C 5031 18.86 2.01 -24.41
C GLN C 5031 17.35 1.90 -24.23
N TYR C 5032 16.68 1.29 -25.21
CA TYR C 5032 15.22 1.21 -25.17
C TYR C 5032 14.71 -0.22 -25.00
N GLU C 5033 15.37 -1.01 -24.13
CA GLU C 5033 15.03 -2.43 -23.99
C GLU C 5033 13.61 -2.63 -23.48
N ASP C 5034 13.18 -1.81 -22.51
CA ASP C 5034 11.88 -1.97 -21.89
C ASP C 5034 10.73 -1.67 -22.85
N GLN C 5035 10.81 -0.56 -23.57
CA GLN C 5035 9.77 -0.22 -24.53
C GLN C 5035 9.78 -1.15 -25.74
N LEU C 5036 10.96 -1.40 -26.31
CA LEU C 5036 11.03 -2.21 -27.52
C LEU C 5036 10.67 -3.66 -27.25
N SER C 5037 11.13 -4.19 -26.12
CA SER C 5037 10.88 -5.58 -25.77
C SER C 5037 10.24 -5.67 -24.39
N VAL D 11 -11.04 14.35 -24.78
CA VAL D 11 -10.75 14.37 -26.20
C VAL D 11 -12.08 14.01 -26.86
N GLN D 12 -12.23 12.75 -27.31
CA GLN D 12 -13.47 12.17 -27.84
C GLN D 12 -14.01 13.00 -29.02
N PHE D 13 -13.29 12.91 -30.12
CA PHE D 13 -13.74 13.49 -31.38
C PHE D 13 -14.94 12.74 -31.91
N LEU D 14 -15.93 13.48 -32.40
CA LEU D 14 -17.09 12.86 -33.03
C LEU D 14 -16.71 12.27 -34.39
N ARG D 15 -17.52 11.31 -34.84
CA ARG D 15 -17.23 10.59 -36.06
C ARG D 15 -18.54 10.17 -36.70
N THR D 16 -18.48 9.84 -38.00
CA THR D 16 -19.65 9.30 -38.65
C THR D 16 -19.95 7.90 -38.12
N ASP D 17 -21.20 7.48 -38.29
CA ASP D 17 -21.84 6.25 -37.78
C ASP D 17 -21.99 6.26 -36.26
N ASP D 18 -21.54 7.30 -35.56
CA ASP D 18 -21.84 7.46 -34.15
C ASP D 18 -23.31 7.78 -33.96
N GLU D 19 -23.78 7.58 -32.74
CA GLU D 19 -25.19 7.80 -32.43
C GLU D 19 -25.30 8.91 -31.40
N VAL D 20 -26.04 9.97 -31.75
CA VAL D 20 -26.06 11.21 -30.97
C VAL D 20 -27.50 11.62 -30.70
N VAL D 21 -27.65 12.68 -29.90
CA VAL D 21 -28.93 13.35 -29.66
C VAL D 21 -28.70 14.86 -29.74
N LEU D 22 -29.66 15.57 -30.33
CA LEU D 22 -29.61 17.02 -30.39
C LEU D 22 -30.29 17.61 -29.15
N GLN D 23 -29.56 18.45 -28.42
CA GLN D 23 -29.97 18.87 -27.10
C GLN D 23 -29.82 20.39 -26.92
N CYS D 24 -30.86 21.02 -26.39
CA CYS D 24 -30.84 22.44 -26.06
C CYS D 24 -30.76 22.60 -24.55
N SER D 25 -30.83 23.85 -24.11
CA SER D 25 -31.02 24.18 -22.68
C SER D 25 -31.80 25.50 -22.62
N ALA D 26 -33.11 25.37 -22.53
CA ALA D 26 -33.99 26.53 -22.45
C ALA D 26 -33.98 27.14 -21.05
N THR D 27 -34.37 28.40 -21.00
CA THR D 27 -34.47 29.18 -19.77
C THR D 27 -35.88 29.75 -19.68
N VAL D 28 -36.79 28.97 -19.09
CA VAL D 28 -38.14 29.40 -18.78
C VAL D 28 -38.42 28.93 -17.37
N LEU D 29 -39.43 29.53 -16.75
CA LEU D 29 -39.86 29.28 -15.37
C LEU D 29 -38.78 29.59 -14.34
N LYS D 30 -37.71 30.31 -14.74
CA LYS D 30 -36.55 30.71 -13.92
C LYS D 30 -35.70 29.49 -13.50
N GLU D 31 -35.35 28.67 -14.48
CA GLU D 31 -34.29 27.66 -14.30
C GLU D 31 -33.72 27.31 -15.67
N GLN D 32 -32.67 26.51 -15.66
CA GLN D 32 -32.06 25.99 -16.87
C GLN D 32 -32.55 24.55 -17.04
N LEU D 33 -33.39 24.31 -18.05
CA LEU D 33 -33.88 22.96 -18.31
C LEU D 33 -33.38 22.51 -19.67
N LYS D 34 -32.88 21.29 -19.74
CA LYS D 34 -32.31 20.77 -20.97
C LYS D 34 -33.39 20.04 -21.76
N LEU D 35 -33.34 20.17 -23.08
CA LEU D 35 -34.34 19.59 -23.95
C LEU D 35 -33.67 18.81 -25.07
N CYS D 36 -34.45 18.00 -25.78
CA CYS D 36 -33.91 17.21 -26.87
C CYS D 36 -34.91 17.16 -28.02
N LEU D 37 -34.38 17.00 -29.23
CA LEU D 37 -35.21 16.84 -30.42
C LEU D 37 -35.79 15.43 -30.48
N ALA D 38 -37.09 15.35 -30.71
CA ALA D 38 -37.75 14.04 -30.81
C ALA D 38 -38.97 14.14 -31.71
N ALA D 39 -39.22 13.05 -32.44
CA ALA D 39 -40.37 12.92 -33.32
C ALA D 39 -40.57 11.45 -33.65
N GLU D 40 -41.82 10.98 -33.56
CA GLU D 40 -42.13 9.58 -33.83
C GLU D 40 -41.85 9.22 -35.29
N GLY D 41 -42.29 10.06 -36.22
CA GLY D 41 -42.13 9.78 -37.62
C GLY D 41 -43.32 9.09 -38.26
N PHE D 42 -43.68 7.93 -37.72
CA PHE D 42 -44.84 7.19 -38.20
C PHE D 42 -46.10 7.85 -37.63
N GLY D 43 -46.76 8.65 -38.46
CA GLY D 43 -47.99 9.32 -38.08
C GLY D 43 -47.82 10.76 -37.69
N ASN D 44 -46.60 11.18 -37.36
CA ASN D 44 -46.31 12.58 -37.04
C ASN D 44 -44.91 12.88 -37.57
N ARG D 45 -44.83 13.53 -38.71
CA ARG D 45 -43.53 13.83 -39.30
C ARG D 45 -42.86 15.00 -38.59
N LEU D 46 -43.63 15.89 -37.98
CA LEU D 46 -43.09 17.08 -37.33
C LEU D 46 -42.35 16.74 -36.05
N CYS D 47 -41.35 17.54 -35.74
CA CYS D 47 -40.55 17.39 -34.53
C CYS D 47 -41.17 18.15 -33.37
N PHE D 48 -40.72 17.81 -32.17
CA PHE D 48 -41.14 18.49 -30.94
C PHE D 48 -40.03 18.28 -29.91
N LEU D 49 -40.25 18.84 -28.73
CA LEU D 49 -39.24 18.85 -27.67
C LEU D 49 -39.67 17.97 -26.51
N GLU D 50 -38.78 17.09 -26.07
CA GLU D 50 -39.02 16.22 -24.93
C GLU D 50 -38.11 16.66 -23.79
N PRO D 51 -38.66 17.23 -22.71
CA PRO D 51 -37.80 17.69 -21.60
C PRO D 51 -37.02 16.55 -20.95
N THR D 52 -35.76 16.82 -20.62
CA THR D 52 -34.91 15.80 -20.02
C THR D 52 -34.15 16.30 -18.80
N SER D 53 -34.43 17.53 -18.34
CA SER D 53 -33.77 18.02 -17.12
C SER D 53 -34.23 17.24 -15.90
N ASN D 54 -35.53 16.96 -15.82
CA ASN D 54 -36.11 16.24 -14.68
C ASN D 54 -35.98 14.74 -14.92
N ALA D 55 -34.73 14.27 -14.84
CA ALA D 55 -34.38 12.89 -15.14
C ALA D 55 -34.53 11.95 -13.95
N GLN D 56 -35.18 12.38 -12.87
CA GLN D 56 -35.36 11.54 -11.70
C GLN D 56 -36.82 11.27 -11.37
N ASN D 57 -37.64 12.33 -11.29
CA ASN D 57 -39.07 12.16 -11.01
C ASN D 57 -39.78 11.39 -12.12
N VAL D 58 -39.48 11.72 -13.38
CA VAL D 58 -40.05 11.03 -14.53
C VAL D 58 -38.94 10.69 -15.51
N PRO D 59 -38.78 9.43 -15.90
CA PRO D 59 -37.75 9.10 -16.88
C PRO D 59 -38.07 9.69 -18.23
N PRO D 60 -37.05 10.00 -19.04
CA PRO D 60 -37.31 10.62 -20.35
C PRO D 60 -37.75 9.60 -21.40
N ASP D 61 -37.83 10.04 -22.65
CA ASP D 61 -38.19 9.18 -23.78
C ASP D 61 -37.05 9.20 -24.79
N LEU D 62 -36.05 8.34 -24.60
CA LEU D 62 -34.90 8.30 -25.49
C LEU D 62 -35.12 7.43 -26.72
N ALA D 63 -36.28 6.79 -26.84
CA ALA D 63 -36.57 5.99 -28.03
C ALA D 63 -36.67 6.86 -29.28
N ILE D 64 -37.24 8.04 -29.14
CA ILE D 64 -37.55 8.90 -30.29
C ILE D 64 -36.60 10.09 -30.40
N CYS D 65 -35.60 10.19 -29.53
CA CYS D 65 -34.63 11.27 -29.59
C CYS D 65 -33.36 10.92 -30.34
N CYS D 66 -33.09 9.63 -30.52
CA CYS D 66 -31.81 9.18 -31.05
C CYS D 66 -31.65 9.52 -32.53
N PHE D 67 -30.44 9.97 -32.90
CA PHE D 67 -30.12 10.33 -34.28
C PHE D 67 -28.75 9.78 -34.66
N THR D 68 -28.60 9.42 -35.93
CA THR D 68 -27.36 8.82 -36.43
C THR D 68 -26.72 9.71 -37.49
N LEU D 69 -25.40 9.88 -37.40
CA LEU D 69 -24.61 10.61 -38.39
C LEU D 69 -24.33 9.69 -39.57
N GLU D 70 -25.12 9.81 -40.62
CA GLU D 70 -24.91 8.97 -41.80
C GLU D 70 -23.63 9.38 -42.52
N GLN D 71 -23.57 10.61 -43.03
CA GLN D 71 -22.45 11.08 -43.82
C GLN D 71 -22.05 12.48 -43.38
N SER D 72 -20.78 12.80 -43.57
CA SER D 72 -20.25 14.13 -43.27
C SER D 72 -19.41 14.57 -44.45
N LEU D 73 -19.84 15.61 -45.14
CA LEU D 73 -19.19 16.06 -46.36
C LEU D 73 -18.97 17.58 -46.36
N SER D 74 -17.95 18.00 -47.10
CA SER D 74 -17.70 19.42 -47.30
C SER D 74 -18.81 20.00 -48.17
N VAL D 75 -19.18 21.25 -47.90
CA VAL D 75 -20.32 21.89 -48.58
C VAL D 75 -20.12 21.94 -50.08
N ARG D 76 -18.93 22.33 -50.52
CA ARG D 76 -18.65 22.37 -51.96
C ARG D 76 -18.69 20.98 -52.56
N ALA D 77 -18.10 19.97 -51.89
CA ALA D 77 -18.17 18.60 -52.40
C ALA D 77 -19.62 18.11 -52.46
N LEU D 78 -20.44 18.59 -51.51
CA LEU D 78 -21.86 18.25 -51.48
C LEU D 78 -22.53 18.78 -52.73
N GLN D 79 -22.06 19.94 -53.23
CA GLN D 79 -22.69 20.54 -54.41
C GLN D 79 -22.56 19.60 -55.61
N GLU D 80 -21.35 19.09 -55.87
CA GLU D 80 -21.18 18.19 -57.00
C GLU D 80 -21.83 16.85 -56.74
N MET D 81 -21.90 16.42 -55.48
CA MET D 81 -22.63 15.19 -55.15
C MET D 81 -24.11 15.34 -55.49
N LEU D 82 -24.67 16.50 -55.21
CA LEU D 82 -26.07 16.77 -55.55
C LEU D 82 -26.22 16.87 -57.05
N ALA D 83 -25.20 17.42 -57.73
CA ALA D 83 -25.23 17.57 -59.18
C ALA D 83 -25.28 16.21 -59.87
N ASN D 84 -24.52 15.24 -59.36
CA ASN D 84 -24.55 13.90 -59.92
C ASN D 84 -25.84 13.17 -59.52
N HIS D 98 -15.35 5.78 -41.77
CA HIS D 98 -15.64 6.54 -40.56
C HIS D 98 -14.95 7.90 -40.56
N ARG D 99 -15.47 8.81 -41.38
CA ARG D 99 -14.92 10.16 -41.47
C ARG D 99 -15.16 10.92 -40.17
N THR D 100 -14.17 11.72 -39.77
CA THR D 100 -14.30 12.54 -38.58
C THR D 100 -15.15 13.76 -38.88
N LEU D 101 -16.02 14.13 -37.94
CA LEU D 101 -16.88 15.28 -38.13
C LEU D 101 -16.08 16.57 -37.98
N LEU D 102 -16.02 17.36 -39.05
CA LEU D 102 -15.26 18.59 -39.11
C LEU D 102 -16.19 19.79 -39.13
N TYR D 103 -15.78 20.87 -38.45
CA TYR D 103 -16.55 22.11 -38.46
C TYR D 103 -16.68 22.67 -39.86
N GLY D 104 -17.84 23.20 -40.17
CA GLY D 104 -18.12 23.73 -41.49
C GLY D 104 -18.44 22.70 -42.54
N HIS D 105 -18.50 21.42 -42.19
CA HIS D 105 -18.92 20.40 -43.13
C HIS D 105 -20.44 20.33 -43.20
N ALA D 106 -20.96 19.38 -43.95
CA ALA D 106 -22.40 19.14 -44.06
C ALA D 106 -22.72 17.74 -43.55
N ILE D 107 -23.75 17.64 -42.71
CA ILE D 107 -24.10 16.38 -42.08
C ILE D 107 -25.50 15.95 -42.52
N LEU D 108 -25.74 14.65 -42.41
CA LEU D 108 -27.02 14.02 -42.75
C LEU D 108 -27.54 13.27 -41.52
N LEU D 109 -28.50 13.87 -40.82
CA LEU D 109 -29.03 13.28 -39.59
C LEU D 109 -30.20 12.36 -39.91
N ARG D 110 -30.04 11.09 -39.56
CA ARG D 110 -31.06 10.07 -39.74
C ARG D 110 -31.62 9.66 -38.39
N HIS D 111 -32.95 9.61 -38.29
CA HIS D 111 -33.60 9.13 -37.08
C HIS D 111 -33.29 7.65 -36.88
N ALA D 112 -33.30 7.22 -35.62
CA ALA D 112 -32.92 5.84 -35.34
C ALA D 112 -34.12 4.90 -35.34
N HIS D 113 -35.24 5.32 -34.77
CA HIS D 113 -36.42 4.47 -34.74
C HIS D 113 -37.09 4.41 -36.11
N SER D 114 -37.56 5.55 -36.61
CA SER D 114 -38.36 5.56 -37.82
C SER D 114 -37.55 5.50 -39.11
N ARG D 115 -36.21 5.57 -39.03
CA ARG D 115 -35.28 5.53 -40.16
C ARG D 115 -35.49 6.64 -41.19
N MET D 116 -36.27 7.66 -40.87
CA MET D 116 -36.45 8.80 -41.74
C MET D 116 -35.30 9.78 -41.55
N TYR D 117 -35.27 10.84 -42.34
CA TYR D 117 -34.19 11.81 -42.30
C TYR D 117 -34.72 13.15 -41.83
N LEU D 118 -33.98 13.78 -40.92
CA LEU D 118 -34.32 15.12 -40.47
C LEU D 118 -34.13 16.12 -41.60
N SER D 119 -35.11 17.00 -41.80
CA SER D 119 -35.01 17.99 -42.87
C SER D 119 -35.93 19.16 -42.61
N CYS D 120 -35.59 20.28 -43.25
CA CYS D 120 -36.38 21.50 -43.17
C CYS D 120 -37.58 21.38 -44.10
N LEU D 121 -38.76 21.17 -43.54
CA LEU D 121 -39.96 20.97 -44.34
C LEU D 121 -40.33 22.25 -45.08
N THR D 122 -40.71 22.11 -46.36
CA THR D 122 -41.02 23.26 -47.20
C THR D 122 -42.21 24.05 -46.67
N THR D 123 -43.27 23.35 -46.26
CA THR D 123 -44.42 24.02 -45.70
C THR D 123 -44.14 24.45 -44.27
N SER D 124 -45.01 25.30 -43.74
CA SER D 124 -44.89 25.77 -42.36
C SER D 124 -46.28 26.14 -41.86
N ARG D 125 -46.55 25.84 -40.59
CA ARG D 125 -47.87 26.04 -40.03
C ARG D 125 -47.88 26.84 -38.74
N SER D 126 -46.73 27.19 -38.18
CA SER D 126 -46.69 27.98 -36.96
C SER D 126 -47.17 29.38 -37.26
N MET D 127 -48.39 29.70 -36.83
CA MET D 127 -49.02 31.00 -37.06
C MET D 127 -48.50 32.09 -36.12
N THR D 128 -47.38 31.87 -35.42
CA THR D 128 -46.77 32.94 -34.63
C THR D 128 -46.27 34.06 -35.55
N ASP D 129 -45.78 33.70 -36.73
CA ASP D 129 -45.24 34.67 -37.68
C ASP D 129 -45.24 34.04 -39.07
N LYS D 130 -44.48 34.65 -39.97
CA LYS D 130 -44.14 34.11 -41.28
C LYS D 130 -42.68 33.73 -41.27
N LEU D 131 -42.20 33.24 -42.42
CA LEU D 131 -40.79 32.89 -42.74
C LEU D 131 -40.11 31.99 -41.68
N ALA D 132 -40.88 31.27 -40.88
CA ALA D 132 -40.36 30.33 -39.90
C ALA D 132 -40.82 28.94 -40.30
N PHE D 133 -39.90 28.17 -40.86
CA PHE D 133 -40.21 26.82 -41.34
C PHE D 133 -40.06 25.82 -40.20
N ASP D 134 -41.02 24.91 -40.09
CA ASP D 134 -40.99 23.89 -39.06
C ASP D 134 -40.25 22.66 -39.57
N VAL D 135 -39.32 22.18 -38.78
CA VAL D 135 -38.51 21.03 -39.17
C VAL D 135 -39.29 19.74 -38.93
N GLY D 136 -38.95 18.71 -39.70
CA GLY D 136 -39.61 17.43 -39.56
C GLY D 136 -38.82 16.33 -40.22
N LEU D 137 -39.39 15.14 -40.21
CA LEU D 137 -38.74 13.97 -40.80
C LEU D 137 -39.10 13.83 -42.28
N GLN D 138 -38.13 13.36 -43.06
CA GLN D 138 -38.28 13.18 -44.49
C GLN D 138 -37.97 11.73 -44.83
N GLU D 139 -38.68 11.21 -45.85
CA GLU D 139 -38.63 9.79 -46.19
C GLU D 139 -37.25 9.38 -46.69
N ASP D 140 -36.62 10.21 -47.53
CA ASP D 140 -35.41 9.81 -48.23
C ASP D 140 -34.42 10.97 -48.26
N ALA D 141 -33.18 10.64 -48.63
CA ALA D 141 -32.08 11.59 -48.67
C ALA D 141 -32.05 12.42 -49.95
N THR D 142 -32.96 12.16 -50.88
CA THR D 142 -33.02 12.91 -52.13
C THR D 142 -33.34 14.38 -51.86
N GLY D 143 -32.73 15.26 -52.65
CA GLY D 143 -32.83 16.68 -52.42
C GLY D 143 -31.77 17.17 -51.46
N GLU D 144 -31.84 18.46 -51.16
CA GLU D 144 -30.87 19.09 -50.27
C GLU D 144 -31.46 19.52 -48.93
N ALA D 145 -32.78 19.44 -48.75
CA ALA D 145 -33.40 19.83 -47.50
C ALA D 145 -32.95 18.99 -46.31
N CYS D 146 -32.46 17.78 -46.56
CA CYS D 146 -31.99 16.90 -45.51
C CYS D 146 -30.69 17.38 -44.88
N TRP D 147 -29.90 18.17 -45.59
CA TRP D 147 -28.54 18.45 -45.17
C TRP D 147 -28.44 19.67 -44.27
N TRP D 148 -27.61 19.55 -43.24
CA TRP D 148 -27.32 20.64 -42.32
C TRP D 148 -25.83 20.84 -42.25
N THR D 149 -25.42 22.08 -42.06
CA THR D 149 -24.03 22.46 -41.88
C THR D 149 -23.81 22.98 -40.47
N MET D 150 -22.82 22.45 -39.78
CA MET D 150 -22.57 22.85 -38.40
C MET D 150 -21.41 23.84 -38.34
N HIS D 151 -21.66 24.95 -37.70
CA HIS D 151 -20.70 26.02 -37.58
C HIS D 151 -20.22 26.12 -36.14
N PRO D 152 -18.99 26.58 -35.93
CA PRO D 152 -18.48 26.84 -34.57
C PRO D 152 -19.33 27.88 -33.86
N ALA D 153 -19.51 27.67 -32.55
CA ALA D 153 -20.35 28.55 -31.75
C ALA D 153 -19.80 29.97 -31.69
N SER D 154 -18.49 30.10 -31.52
CA SER D 154 -17.85 31.41 -31.42
C SER D 154 -16.45 31.28 -31.99
N LYS D 155 -15.64 32.32 -31.77
CA LYS D 155 -14.27 32.34 -32.27
C LYS D 155 -13.34 31.40 -31.54
N GLN D 156 -13.77 30.78 -30.43
CA GLN D 156 -12.94 29.80 -29.72
C GLN D 156 -12.73 28.53 -30.53
N ARG D 157 -13.57 28.27 -31.54
CA ARG D 157 -13.35 27.21 -32.50
C ARG D 157 -13.46 27.79 -33.91
N SER D 158 -12.75 27.18 -34.84
CA SER D 158 -12.72 27.65 -36.21
C SER D 158 -13.21 26.56 -37.14
N GLU D 159 -13.53 26.96 -38.38
CA GLU D 159 -13.93 26.01 -39.40
C GLU D 159 -12.76 25.10 -39.78
N GLY D 160 -13.10 23.93 -40.30
CA GLY D 160 -12.09 23.01 -40.80
C GLY D 160 -11.38 22.18 -39.76
N GLU D 161 -11.79 22.26 -38.49
CA GLU D 161 -11.23 21.41 -37.46
C GLU D 161 -12.31 20.51 -36.88
N LYS D 162 -11.86 19.34 -36.42
CA LYS D 162 -12.78 18.32 -35.93
C LYS D 162 -13.47 18.76 -34.63
N VAL D 163 -14.75 18.47 -34.55
CA VAL D 163 -15.55 18.82 -33.39
C VAL D 163 -15.39 17.76 -32.30
N ARG D 164 -15.33 18.20 -31.04
CA ARG D 164 -15.15 17.36 -29.88
C ARG D 164 -16.47 17.27 -29.13
N VAL D 165 -16.53 16.33 -28.16
CA VAL D 165 -17.74 16.17 -27.35
C VAL D 165 -17.97 17.43 -26.51
N GLY D 166 -19.23 17.64 -26.12
CA GLY D 166 -19.62 18.79 -25.36
C GLY D 166 -19.55 20.14 -26.05
N ASP D 167 -19.01 20.20 -27.27
CA ASP D 167 -18.90 21.45 -28.03
C ASP D 167 -20.27 22.03 -28.32
N ASP D 168 -20.34 23.36 -28.27
CA ASP D 168 -21.51 24.06 -28.74
C ASP D 168 -21.47 24.20 -30.26
N LEU D 169 -22.61 24.03 -30.91
CA LEU D 169 -22.70 24.05 -32.37
C LEU D 169 -23.83 24.96 -32.82
N ILE D 170 -23.73 25.43 -34.06
CA ILE D 170 -24.85 26.11 -34.73
C ILE D 170 -25.17 25.33 -36.01
N LEU D 171 -26.43 24.92 -36.17
CA LEU D 171 -26.82 24.12 -37.33
C LEU D 171 -27.63 24.93 -38.32
N VAL D 172 -27.22 24.89 -39.59
CA VAL D 172 -27.80 25.68 -40.66
C VAL D 172 -28.35 24.74 -41.73
N SER D 173 -29.61 24.93 -42.09
CA SER D 173 -30.24 24.14 -43.13
C SER D 173 -29.65 24.53 -44.48
N VAL D 174 -29.26 23.53 -45.28
CA VAL D 174 -28.60 23.84 -46.55
C VAL D 174 -29.59 24.44 -47.54
N SER D 175 -30.79 23.86 -47.62
CA SER D 175 -31.74 24.26 -48.66
C SER D 175 -32.41 25.60 -48.37
N SER D 176 -32.55 25.99 -47.10
CA SER D 176 -33.25 27.21 -46.77
C SER D 176 -32.39 28.29 -46.12
N GLU D 177 -31.12 27.99 -45.81
CA GLU D 177 -30.16 28.92 -45.20
C GLU D 177 -30.69 29.53 -43.90
N ARG D 178 -31.30 28.69 -43.08
CA ARG D 178 -31.86 29.11 -41.81
C ARG D 178 -31.20 28.34 -40.67
N TYR D 179 -31.27 28.92 -39.48
CA TYR D 179 -30.72 28.26 -38.31
C TYR D 179 -31.73 27.29 -37.71
N LEU D 180 -31.23 26.39 -36.86
CA LEU D 180 -32.07 25.45 -36.15
C LEU D 180 -32.47 26.08 -34.82
N HIS D 181 -33.65 26.68 -34.79
CA HIS D 181 -34.11 27.53 -33.71
C HIS D 181 -35.16 26.80 -32.86
N LEU D 182 -35.46 27.35 -31.69
CA LEU D 182 -36.61 26.92 -30.90
C LEU D 182 -37.42 28.18 -30.61
N SER D 183 -38.73 28.11 -30.84
CA SER D 183 -39.60 29.28 -30.76
C SER D 183 -40.18 29.30 -29.35
N THR D 184 -39.56 30.08 -28.48
CA THR D 184 -40.02 30.27 -27.10
C THR D 184 -41.15 31.28 -27.02
N ALA D 185 -41.48 31.95 -28.14
CA ALA D 185 -42.48 33.02 -28.17
C ALA D 185 -43.86 32.52 -27.75
N SER D 186 -44.28 31.37 -28.29
CA SER D 186 -45.51 30.75 -27.86
C SER D 186 -45.35 30.15 -26.47
N GLY D 187 -46.49 29.87 -25.83
CA GLY D 187 -46.48 29.30 -24.49
C GLY D 187 -45.77 27.96 -24.43
N GLU D 188 -46.00 27.11 -25.44
CA GLU D 188 -45.31 25.85 -25.55
C GLU D 188 -43.92 26.09 -26.15
N LEU D 189 -43.11 25.03 -26.13
CA LEU D 189 -41.74 25.11 -26.64
C LEU D 189 -41.69 24.24 -27.90
N GLN D 190 -41.47 24.88 -29.04
CA GLN D 190 -41.41 24.19 -30.32
C GLN D 190 -39.97 24.24 -30.85
N VAL D 191 -39.79 23.75 -32.08
CA VAL D 191 -38.55 23.85 -32.82
C VAL D 191 -38.90 24.28 -34.23
N ASP D 192 -38.22 25.32 -34.73
CA ASP D 192 -38.47 25.84 -36.06
C ASP D 192 -37.14 26.19 -36.71
N ALA D 193 -37.17 26.31 -38.03
CA ALA D 193 -36.02 26.79 -38.78
C ALA D 193 -36.26 28.26 -39.12
N SER D 194 -35.65 29.14 -38.33
CA SER D 194 -35.82 30.57 -38.50
C SER D 194 -34.45 31.22 -38.59
N PHE D 195 -34.45 32.54 -38.75
CA PHE D 195 -33.23 33.29 -38.99
C PHE D 195 -32.46 33.61 -37.72
N MET D 196 -33.07 33.48 -36.55
CA MET D 196 -32.41 33.75 -35.27
C MET D 196 -31.81 32.47 -34.72
N GLN D 197 -30.49 32.47 -34.51
CA GLN D 197 -29.77 31.25 -34.21
C GLN D 197 -30.08 30.72 -32.81
N THR D 198 -29.76 29.44 -32.62
CA THR D 198 -29.81 28.78 -31.33
C THR D 198 -28.57 27.90 -31.17
N LEU D 199 -28.11 27.77 -29.94
CA LEU D 199 -26.91 27.02 -29.62
C LEU D 199 -27.33 25.61 -29.21
N TRP D 200 -26.86 24.60 -29.94
CA TRP D 200 -27.30 23.23 -29.78
C TRP D 200 -26.16 22.38 -29.26
N ASN D 201 -26.48 21.46 -28.36
CA ASN D 201 -25.52 20.49 -27.85
C ASN D 201 -25.76 19.13 -28.49
N MET D 202 -24.69 18.50 -28.96
CA MET D 202 -24.78 17.20 -29.61
C MET D 202 -24.18 16.16 -28.67
N ASN D 203 -25.00 15.66 -27.76
CA ASN D 203 -24.52 14.71 -26.76
C ASN D 203 -24.39 13.33 -27.38
N PRO D 204 -23.21 12.70 -27.34
CA PRO D 204 -23.06 11.36 -27.91
C PRO D 204 -23.77 10.32 -27.06
N ILE D 205 -24.14 9.22 -27.71
CA ILE D 205 -24.81 8.10 -27.07
C ILE D 205 -24.03 6.81 -27.25
N CYS D 206 -23.61 6.54 -28.48
CA CYS D 206 -22.88 5.32 -28.80
C CYS D 206 -21.91 5.60 -29.93
N SER D 207 -20.76 4.93 -29.88
CA SER D 207 -19.78 5.00 -30.96
C SER D 207 -19.57 3.65 -31.63
N CYS D 208 -19.14 2.63 -30.88
CA CYS D 208 -18.84 1.31 -31.43
C CYS D 208 -19.04 0.29 -30.32
N CYS D 209 -20.08 -0.53 -30.45
CA CYS D 209 -20.29 -1.64 -29.54
C CYS D 209 -19.51 -2.86 -30.05
N GLU D 210 -18.78 -3.50 -29.14
CA GLU D 210 -18.06 -4.72 -29.50
C GLU D 210 -19.07 -5.79 -29.91
N GLU D 211 -18.67 -6.64 -30.86
CA GLU D 211 -19.56 -7.65 -31.43
C GLU D 211 -20.07 -8.62 -30.36
N GLY D 212 -21.37 -8.80 -30.32
CA GLY D 212 -22.00 -9.71 -29.36
C GLY D 212 -21.87 -9.28 -27.92
N TYR D 213 -22.02 -7.99 -27.63
CA TYR D 213 -21.96 -7.51 -26.26
C TYR D 213 -23.19 -6.67 -25.96
N VAL D 214 -23.64 -6.71 -24.72
CA VAL D 214 -24.86 -5.99 -24.33
C VAL D 214 -24.49 -4.56 -23.99
N THR D 215 -25.33 -3.62 -24.43
CA THR D 215 -25.16 -2.20 -24.16
C THR D 215 -26.51 -1.61 -23.75
N GLY D 216 -26.44 -0.50 -23.03
CA GLY D 216 -27.65 0.20 -22.62
C GLY D 216 -28.41 0.76 -23.82
N GLY D 217 -29.72 0.87 -23.66
CA GLY D 217 -30.60 1.38 -24.68
C GLY D 217 -31.09 0.33 -25.65
N HIS D 218 -30.50 -0.85 -25.67
CA HIS D 218 -30.93 -1.92 -26.56
C HIS D 218 -32.30 -2.44 -26.16
N VAL D 219 -32.98 -3.07 -27.12
CA VAL D 219 -34.21 -3.81 -26.88
C VAL D 219 -33.85 -5.29 -26.97
N LEU D 220 -34.20 -6.06 -25.94
CA LEU D 220 -33.70 -7.41 -25.84
C LEU D 220 -34.64 -8.22 -24.96
N ARG D 221 -34.52 -9.54 -25.03
CA ARG D 221 -35.31 -10.42 -24.18
C ARG D 221 -34.45 -11.01 -23.06
N LEU D 222 -35.08 -11.19 -21.91
CA LEU D 222 -34.47 -11.75 -20.71
C LEU D 222 -34.98 -13.18 -20.55
N PHE D 223 -34.20 -14.14 -21.03
CA PHE D 223 -34.58 -15.54 -20.91
C PHE D 223 -34.20 -16.14 -19.57
N HIS D 224 -35.11 -16.90 -18.96
CA HIS D 224 -34.72 -17.75 -17.84
C HIS D 224 -33.72 -18.78 -18.36
N GLY D 225 -32.82 -19.24 -17.46
CA GLY D 225 -31.76 -20.19 -17.80
C GLY D 225 -32.18 -21.41 -18.61
N HIS D 226 -33.44 -21.82 -18.48
CA HIS D 226 -34.04 -22.92 -19.23
C HIS D 226 -34.14 -22.62 -20.74
N MET D 227 -33.95 -21.36 -21.17
CA MET D 227 -34.06 -20.85 -22.54
C MET D 227 -35.51 -20.95 -23.06
N ASP D 228 -36.48 -21.17 -22.16
CA ASP D 228 -37.87 -21.26 -22.56
C ASP D 228 -38.79 -20.29 -21.84
N GLU D 229 -38.40 -19.75 -20.68
CA GLU D 229 -39.23 -18.81 -19.95
C GLU D 229 -38.65 -17.41 -20.10
N CYS D 230 -39.51 -16.47 -20.46
CA CYS D 230 -39.17 -15.07 -20.67
C CYS D 230 -40.12 -14.18 -19.89
N LEU D 231 -39.57 -13.10 -19.35
CA LEU D 231 -40.32 -12.18 -18.49
C LEU D 231 -41.35 -11.45 -19.35
N THR D 232 -42.63 -11.69 -19.10
CA THR D 232 -43.70 -11.03 -19.86
C THR D 232 -44.72 -10.43 -18.93
N ILE D 233 -45.36 -9.35 -19.38
CA ILE D 233 -46.57 -8.88 -18.72
C ILE D 233 -47.75 -9.59 -19.37
N SER D 234 -48.95 -9.44 -18.79
CA SER D 234 -50.17 -10.09 -19.26
C SER D 234 -50.50 -9.73 -20.71
N ALA D 235 -51.37 -10.54 -21.31
CA ALA D 235 -51.83 -10.30 -22.67
C ALA D 235 -52.70 -9.07 -22.75
N ALA D 236 -52.84 -8.55 -23.97
CA ALA D 236 -53.70 -7.39 -24.20
C ALA D 236 -55.14 -7.71 -23.90
N ASP D 237 -55.86 -6.70 -23.38
CA ASP D 237 -57.27 -6.79 -22.98
C ASP D 237 -57.47 -7.90 -21.94
N SER D 238 -56.86 -7.70 -20.78
CA SER D 238 -56.95 -8.66 -19.69
C SER D 238 -57.35 -7.96 -18.41
N ASP D 239 -57.95 -8.74 -17.50
CA ASP D 239 -58.37 -8.25 -16.20
C ASP D 239 -57.22 -7.80 -15.32
N ASP D 240 -56.02 -8.34 -15.55
CA ASP D 240 -54.82 -8.01 -14.78
C ASP D 240 -54.36 -6.56 -14.99
N GLN D 241 -54.88 -5.88 -16.02
CA GLN D 241 -54.48 -4.54 -16.48
C GLN D 241 -53.03 -4.51 -16.97
N ARG D 242 -52.47 -5.69 -17.25
CA ARG D 242 -51.13 -5.88 -17.79
C ARG D 242 -50.07 -5.24 -16.90
N ARG D 243 -50.26 -5.35 -15.58
CA ARG D 243 -49.40 -4.69 -14.62
C ARG D 243 -48.63 -5.68 -13.75
N LEU D 244 -48.55 -6.94 -14.15
CA LEU D 244 -47.86 -7.95 -13.35
C LEU D 244 -46.92 -8.75 -14.25
N VAL D 245 -45.73 -9.03 -13.73
CA VAL D 245 -44.71 -9.73 -14.48
C VAL D 245 -44.84 -11.22 -14.22
N TYR D 246 -44.51 -12.02 -15.25
CA TYR D 246 -44.59 -13.47 -15.17
C TYR D 246 -43.38 -14.04 -15.88
N TYR D 247 -42.99 -15.25 -15.48
CA TYR D 247 -42.05 -16.06 -16.24
C TYR D 247 -42.90 -16.97 -17.12
N GLU D 248 -43.04 -16.63 -18.40
CA GLU D 248 -43.96 -17.36 -19.26
C GLU D 248 -43.18 -18.04 -20.38
N GLY D 249 -43.72 -19.15 -20.86
CA GLY D 249 -43.10 -19.91 -21.92
C GLY D 249 -44.02 -20.10 -23.12
N GLY D 250 -43.46 -20.73 -24.15
CA GLY D 250 -44.21 -21.05 -25.34
C GLY D 250 -44.04 -20.01 -26.43
N ALA D 251 -45.07 -19.82 -27.25
CA ALA D 251 -45.02 -18.87 -28.36
C ALA D 251 -45.05 -17.43 -27.90
N VAL D 252 -45.35 -17.18 -26.62
CA VAL D 252 -45.33 -15.82 -26.08
C VAL D 252 -43.92 -15.25 -26.09
N CYS D 253 -42.89 -16.11 -25.98
CA CYS D 253 -41.49 -15.71 -26.04
C CYS D 253 -41.00 -15.40 -27.46
N THR D 254 -41.90 -15.21 -28.42
CA THR D 254 -41.59 -14.57 -29.70
C THR D 254 -42.57 -13.47 -30.05
N HIS D 255 -43.50 -13.15 -29.15
CA HIS D 255 -44.46 -12.08 -29.39
C HIS D 255 -43.81 -10.74 -29.07
N ALA D 256 -44.59 -9.67 -29.04
CA ALA D 256 -44.05 -8.35 -28.77
C ALA D 256 -44.04 -8.01 -27.28
N ARG D 257 -44.92 -8.64 -26.51
CA ARG D 257 -45.07 -8.39 -25.09
C ARG D 257 -43.83 -8.75 -24.27
N SER D 258 -42.93 -9.56 -24.80
CA SER D 258 -41.77 -10.05 -24.06
C SER D 258 -40.49 -9.28 -24.39
N LEU D 259 -40.61 -7.99 -24.69
CA LEU D 259 -39.46 -7.19 -25.09
C LEU D 259 -39.16 -6.13 -24.04
N TRP D 260 -37.92 -6.10 -23.57
CA TRP D 260 -37.52 -5.14 -22.55
C TRP D 260 -36.39 -4.27 -23.08
N ARG D 261 -36.41 -3.00 -22.69
CA ARG D 261 -35.38 -2.03 -23.03
C ARG D 261 -34.64 -1.57 -21.79
N LEU D 262 -33.31 -1.69 -21.83
CA LEU D 262 -32.41 -1.30 -20.74
C LEU D 262 -32.16 0.19 -20.82
N GLU D 263 -32.86 0.97 -19.99
CA GLU D 263 -32.77 2.42 -20.05
C GLU D 263 -31.97 2.92 -18.85
N PRO D 264 -30.69 3.30 -19.01
CA PRO D 264 -29.92 3.75 -17.84
C PRO D 264 -30.35 5.11 -17.30
N LEU D 265 -29.61 5.60 -16.31
CA LEU D 265 -29.97 6.81 -15.59
C LEU D 265 -29.30 8.05 -16.18
N ARG D 266 -28.31 7.86 -17.05
CA ARG D 266 -27.52 8.96 -17.61
C ARG D 266 -27.96 9.20 -19.04
N ILE D 267 -28.15 10.47 -19.39
CA ILE D 267 -28.55 10.81 -20.75
C ILE D 267 -27.36 10.64 -21.68
N SER D 268 -26.29 11.40 -21.46
CA SER D 268 -25.08 11.24 -22.25
C SER D 268 -24.46 9.87 -22.02
N TRP D 269 -23.94 9.28 -23.10
CA TRP D 269 -23.33 7.94 -23.11
C TRP D 269 -24.28 6.87 -22.58
N SER D 270 -25.57 7.01 -22.90
CA SER D 270 -26.57 6.01 -22.54
C SER D 270 -26.46 4.72 -23.34
N GLY D 271 -25.60 4.67 -24.35
CA GLY D 271 -25.45 3.48 -25.17
C GLY D 271 -24.10 2.85 -24.94
N SER D 272 -23.47 3.19 -23.81
CA SER D 272 -22.20 2.60 -23.43
C SER D 272 -22.37 1.14 -23.05
N HIS D 273 -21.25 0.41 -23.05
CA HIS D 273 -21.23 -1.00 -22.65
C HIS D 273 -21.75 -1.18 -21.23
N LEU D 274 -22.27 -2.37 -20.96
CA LEU D 274 -22.84 -2.65 -19.66
C LEU D 274 -21.78 -3.15 -18.69
N ARG D 275 -21.62 -2.45 -17.58
CA ARG D 275 -20.79 -2.90 -16.48
C ARG D 275 -21.70 -3.46 -15.39
N TRP D 276 -21.21 -4.44 -14.64
CA TRP D 276 -22.02 -5.05 -13.61
C TRP D 276 -22.33 -4.06 -12.49
N GLY D 277 -23.50 -4.24 -11.88
CA GLY D 277 -23.88 -3.45 -10.71
C GLY D 277 -24.04 -1.97 -10.95
N GLN D 278 -24.43 -1.57 -12.15
CA GLN D 278 -24.66 -0.15 -12.35
C GLN D 278 -26.15 0.13 -12.53
N PRO D 279 -26.66 1.20 -11.90
CA PRO D 279 -28.11 1.47 -11.92
C PRO D 279 -28.65 1.66 -13.33
N LEU D 280 -29.86 1.13 -13.55
CA LEU D 280 -30.56 1.20 -14.83
C LEU D 280 -32.01 0.78 -14.64
N ARG D 281 -32.93 1.50 -15.27
CA ARG D 281 -34.34 1.16 -15.19
C ARG D 281 -34.61 -0.01 -16.14
N ILE D 282 -35.87 -0.45 -16.19
CA ILE D 282 -36.31 -1.46 -17.15
C ILE D 282 -37.61 -0.96 -17.76
N ARG D 283 -37.68 -0.91 -19.09
CA ARG D 283 -38.84 -0.34 -19.77
C ARG D 283 -39.47 -1.36 -20.70
N HIS D 284 -40.79 -1.48 -20.63
CA HIS D 284 -41.54 -2.30 -21.56
C HIS D 284 -41.90 -1.43 -22.75
N VAL D 285 -41.50 -1.87 -23.94
CA VAL D 285 -41.59 -1.02 -25.13
C VAL D 285 -43.05 -0.83 -25.54
N THR D 286 -43.83 -1.91 -25.59
CA THR D 286 -45.18 -1.84 -26.16
C THR D 286 -46.16 -1.11 -25.25
N THR D 287 -45.86 -1.00 -23.96
CA THR D 287 -46.76 -0.36 -23.01
C THR D 287 -46.22 0.94 -22.44
N GLY D 288 -44.91 1.16 -22.50
CA GLY D 288 -44.32 2.36 -21.94
C GLY D 288 -44.40 2.41 -20.42
N ARG D 289 -44.07 1.31 -19.77
CA ARG D 289 -44.07 1.24 -18.32
C ARG D 289 -42.73 0.70 -17.83
N TYR D 290 -42.42 1.00 -16.57
CA TYR D 290 -41.12 0.72 -15.98
C TYR D 290 -41.26 -0.28 -14.85
N LEU D 291 -40.32 -1.22 -14.79
CA LEU D 291 -40.28 -2.20 -13.70
C LEU D 291 -40.04 -1.51 -12.36
N ALA D 292 -40.78 -1.93 -11.34
CA ALA D 292 -40.75 -1.23 -10.07
C ALA D 292 -41.15 -2.15 -8.94
N LEU D 293 -40.79 -1.72 -7.73
CA LEU D 293 -41.22 -2.32 -6.47
C LEU D 293 -42.24 -1.37 -5.84
N THR D 294 -43.50 -1.77 -5.83
CA THR D 294 -44.56 -0.96 -5.27
C THR D 294 -44.91 -1.50 -3.88
N GLU D 295 -45.59 -0.67 -3.10
CA GLU D 295 -45.88 -1.03 -1.72
C GLU D 295 -47.02 -2.04 -1.62
N ASP D 296 -48.03 -1.93 -2.49
CA ASP D 296 -49.24 -2.73 -2.32
C ASP D 296 -49.20 -4.06 -3.07
N GLN D 297 -48.60 -4.10 -4.26
CA GLN D 297 -48.59 -5.30 -5.08
C GLN D 297 -47.19 -5.82 -5.38
N GLY D 298 -46.16 -5.34 -4.68
CA GLY D 298 -44.81 -5.86 -4.84
C GLY D 298 -44.11 -5.45 -6.13
N LEU D 299 -43.77 -6.42 -6.98
CA LEU D 299 -43.11 -6.14 -8.25
C LEU D 299 -44.16 -5.91 -9.33
N VAL D 300 -44.34 -4.65 -9.73
CA VAL D 300 -45.26 -4.30 -10.81
C VAL D 300 -44.55 -3.37 -11.80
N VAL D 301 -45.19 -3.17 -12.95
CA VAL D 301 -44.73 -2.19 -13.92
C VAL D 301 -45.57 -0.91 -13.75
N VAL D 302 -44.91 0.15 -13.36
CA VAL D 302 -45.55 1.40 -13.00
C VAL D 302 -45.41 2.33 -14.20
N ASP D 303 -46.30 3.32 -14.28
CA ASP D 303 -46.34 4.27 -15.39
C ASP D 303 -45.02 5.04 -15.51
N ALA D 304 -44.83 5.69 -16.66
CA ALA D 304 -43.67 6.55 -16.85
C ALA D 304 -43.77 7.85 -16.06
N CYS D 305 -44.94 8.20 -15.55
CA CYS D 305 -45.14 9.45 -14.83
C CYS D 305 -44.83 9.33 -13.35
N LYS D 306 -44.55 8.11 -12.85
CA LYS D 306 -44.36 7.89 -11.42
C LYS D 306 -43.18 6.98 -11.14
N ALA D 307 -42.13 7.05 -11.94
CA ALA D 307 -40.93 6.25 -11.73
C ALA D 307 -39.88 7.19 -11.12
N HIS D 308 -39.86 7.23 -9.79
CA HIS D 308 -39.03 8.18 -9.04
C HIS D 308 -37.61 7.68 -8.78
N THR D 309 -37.08 6.78 -9.62
CA THR D 309 -35.67 6.36 -9.72
C THR D 309 -35.19 5.58 -8.49
N LYS D 310 -36.00 5.52 -7.44
CA LYS D 310 -35.67 4.78 -6.23
C LYS D 310 -36.19 3.35 -6.28
N ALA D 311 -37.48 3.19 -6.55
CA ALA D 311 -38.09 1.88 -6.63
C ALA D 311 -37.97 1.25 -8.02
N THR D 312 -37.39 1.96 -8.99
CA THR D 312 -37.37 1.50 -10.37
C THR D 312 -35.97 1.14 -10.87
N SER D 313 -34.93 1.44 -10.11
CA SER D 313 -33.59 1.15 -10.57
C SER D 313 -33.21 -0.29 -10.26
N PHE D 314 -32.28 -0.82 -11.05
CA PHE D 314 -31.88 -2.22 -10.96
C PHE D 314 -30.40 -2.32 -11.35
N CYS D 315 -29.82 -3.48 -11.07
CA CYS D 315 -28.42 -3.76 -11.37
C CYS D 315 -28.27 -5.20 -11.83
N PHE D 316 -27.21 -5.44 -12.59
CA PHE D 316 -26.86 -6.75 -13.10
C PHE D 316 -25.58 -7.23 -12.42
N ARG D 317 -25.56 -8.50 -12.00
CA ARG D 317 -24.44 -9.00 -11.22
C ARG D 317 -24.21 -10.46 -11.56
N VAL D 318 -22.99 -10.93 -11.29
CA VAL D 318 -22.59 -12.27 -11.71
C VAL D 318 -22.77 -13.25 -10.55
N SER D 319 -22.69 -12.76 -9.32
CA SER D 319 -22.85 -13.62 -8.15
C SER D 319 -23.96 -13.08 -7.26
N LYS D 320 -24.32 -13.89 -6.25
CA LYS D 320 -25.40 -13.56 -5.33
C LYS D 320 -24.88 -13.03 -4.00
N GLU D 321 -23.60 -12.66 -3.92
CA GLU D 321 -23.08 -12.06 -2.70
C GLU D 321 -23.56 -10.62 -2.57
N LYS D 322 -23.65 -10.16 -1.33
CA LYS D 322 -24.11 -8.81 -1.03
C LYS D 322 -23.02 -7.80 -1.35
N LEU D 323 -23.27 -6.92 -2.31
CA LEU D 323 -22.35 -5.84 -2.65
C LEU D 323 -22.95 -4.49 -2.27
N PRO D 327 -23.21 0.55 -7.54
CA PRO D 327 -22.94 1.64 -8.47
C PRO D 327 -21.48 2.09 -8.44
N LYS D 328 -20.96 2.50 -9.59
CA LYS D 328 -19.58 2.98 -9.71
C LYS D 328 -19.61 4.39 -10.31
N ARG D 329 -18.42 4.96 -10.50
CA ARG D 329 -18.29 6.27 -11.10
C ARG D 329 -18.30 6.14 -12.62
N ASP D 330 -19.22 6.85 -13.27
CA ASP D 330 -19.40 6.76 -14.70
C ASP D 330 -18.17 7.28 -15.44
N VAL D 331 -17.88 6.65 -16.58
CA VAL D 331 -16.79 7.06 -17.46
C VAL D 331 -17.39 7.67 -18.73
N GLU D 332 -16.91 8.85 -19.11
CA GLU D 332 -17.36 9.52 -20.33
C GLU D 332 -16.65 8.90 -21.53
N GLY D 333 -17.08 7.68 -21.86
CA GLY D 333 -16.54 6.94 -22.96
C GLY D 333 -17.47 5.81 -23.32
N MET D 334 -17.01 4.96 -24.24
CA MET D 334 -17.83 3.83 -24.69
C MET D 334 -18.03 2.79 -23.57
N GLY D 335 -17.17 2.79 -22.56
CA GLY D 335 -17.39 1.95 -21.41
C GLY D 335 -16.58 0.67 -21.45
N PRO D 336 -16.57 -0.06 -20.34
CA PRO D 336 -15.85 -1.33 -20.32
C PRO D 336 -16.71 -2.46 -20.83
N PRO D 337 -16.27 -3.16 -21.88
CA PRO D 337 -17.09 -4.24 -22.45
C PRO D 337 -16.88 -5.59 -21.75
N GLU D 338 -17.86 -6.04 -20.98
CA GLU D 338 -17.75 -7.42 -20.50
C GLU D 338 -19.01 -8.27 -20.70
N ILE D 339 -20.21 -7.72 -20.46
CA ILE D 339 -21.43 -8.53 -20.57
C ILE D 339 -21.67 -8.88 -22.03
N LYS D 340 -21.98 -10.16 -22.28
CA LYS D 340 -22.16 -10.70 -23.61
C LYS D 340 -23.59 -11.16 -23.84
N TYR D 341 -23.86 -11.58 -25.07
CA TYR D 341 -25.16 -12.06 -25.51
C TYR D 341 -25.09 -13.55 -25.76
N GLY D 342 -25.99 -14.31 -25.13
CA GLY D 342 -26.00 -15.75 -25.24
C GLY D 342 -25.16 -16.47 -24.22
N GLU D 343 -24.33 -15.74 -23.47
CA GLU D 343 -23.53 -16.28 -22.38
C GLU D 343 -23.69 -15.31 -21.21
N SER D 344 -22.83 -15.45 -20.19
CA SER D 344 -22.71 -14.52 -19.06
C SER D 344 -24.05 -14.34 -18.33
N LEU D 345 -24.47 -15.43 -17.66
CA LEU D 345 -25.69 -15.45 -16.88
C LEU D 345 -25.71 -14.33 -15.84
N CYS D 346 -26.81 -13.58 -15.80
CA CYS D 346 -26.91 -12.40 -14.96
C CYS D 346 -27.97 -12.57 -13.89
N PHE D 347 -27.76 -11.89 -12.77
CA PHE D 347 -28.71 -11.82 -11.67
C PHE D 347 -29.11 -10.35 -11.53
N VAL D 348 -30.41 -10.09 -11.58
CA VAL D 348 -30.91 -8.73 -11.47
C VAL D 348 -31.25 -8.46 -10.02
N GLN D 349 -30.71 -7.37 -9.48
CA GLN D 349 -30.98 -6.98 -8.10
C GLN D 349 -31.49 -5.56 -8.08
N HIS D 350 -32.61 -5.34 -7.37
CA HIS D 350 -33.07 -4.00 -7.05
C HIS D 350 -32.01 -3.31 -6.19
N VAL D 351 -31.53 -2.15 -6.66
CA VAL D 351 -30.39 -1.53 -5.98
C VAL D 351 -30.83 -0.88 -4.66
N ALA D 352 -32.09 -0.48 -4.53
CA ALA D 352 -32.54 0.16 -3.30
C ALA D 352 -32.82 -0.85 -2.20
N SER D 353 -33.78 -1.75 -2.42
CA SER D 353 -34.17 -2.70 -1.39
C SER D 353 -33.29 -3.94 -1.34
N GLY D 354 -32.40 -4.13 -2.30
CA GLY D 354 -31.47 -5.25 -2.29
C GLY D 354 -32.09 -6.60 -2.57
N LEU D 355 -33.38 -6.66 -2.89
CA LEU D 355 -34.09 -7.92 -3.06
C LEU D 355 -33.62 -8.63 -4.34
N TRP D 356 -34.15 -9.84 -4.59
CA TRP D 356 -33.78 -10.59 -5.78
C TRP D 356 -35.03 -11.14 -6.45
N LEU D 357 -35.04 -11.16 -7.79
CA LEU D 357 -36.22 -11.63 -8.50
C LEU D 357 -36.19 -13.14 -8.56
N THR D 358 -37.33 -13.77 -8.33
CA THR D 358 -37.45 -15.22 -8.41
C THR D 358 -38.92 -15.54 -8.63
N TYR D 359 -39.18 -16.61 -9.38
CA TYR D 359 -40.52 -17.10 -9.63
C TYR D 359 -41.17 -17.51 -8.32
N ALA D 360 -42.44 -17.14 -8.15
CA ALA D 360 -43.17 -17.56 -6.96
C ALA D 360 -43.45 -19.05 -7.01
N ALA D 361 -43.10 -19.75 -5.93
CA ALA D 361 -43.39 -21.18 -5.84
C ALA D 361 -44.88 -21.58 -5.90
N PRO D 362 -45.85 -20.91 -5.22
CA PRO D 362 -47.23 -21.45 -5.22
C PRO D 362 -47.87 -21.55 -6.60
N ASP D 363 -48.67 -22.59 -6.78
CA ASP D 363 -49.41 -22.82 -8.03
C ASP D 363 -50.80 -23.36 -7.67
N PRO D 364 -51.83 -22.51 -7.74
CA PRO D 364 -53.17 -22.92 -7.30
C PRO D 364 -53.88 -23.87 -8.26
N LYS D 365 -55.16 -24.11 -7.97
CA LYS D 365 -55.98 -25.01 -8.79
C LYS D 365 -56.04 -24.55 -10.24
N ALA D 366 -56.07 -23.23 -10.48
CA ALA D 366 -56.07 -22.72 -11.84
C ALA D 366 -54.78 -23.08 -12.58
N LEU D 367 -53.67 -23.21 -11.85
CA LEU D 367 -52.39 -23.60 -12.43
C LEU D 367 -52.09 -25.07 -12.22
N ARG D 368 -53.06 -25.86 -11.74
CA ARG D 368 -52.86 -27.29 -11.56
C ARG D 368 -52.64 -27.98 -12.90
N LEU D 369 -53.42 -27.63 -13.90
CA LEU D 369 -53.34 -28.21 -15.24
C LEU D 369 -53.19 -27.16 -16.33
N GLY D 370 -53.58 -25.92 -16.08
CA GLY D 370 -53.52 -24.82 -17.03
C GLY D 370 -52.10 -24.44 -17.40
N VAL D 371 -51.99 -23.32 -18.13
CA VAL D 371 -50.71 -22.83 -18.62
C VAL D 371 -49.79 -22.50 -17.43
N LEU D 372 -48.51 -22.85 -17.58
CA LEU D 372 -47.55 -22.70 -16.49
C LEU D 372 -46.90 -21.33 -16.60
N LYS D 373 -47.50 -20.36 -15.93
CA LYS D 373 -46.92 -19.04 -15.76
C LYS D 373 -46.53 -18.87 -14.30
N LYS D 374 -45.29 -18.47 -14.08
CA LYS D 374 -44.70 -18.37 -12.75
C LYS D 374 -44.50 -16.89 -12.44
N LYS D 375 -45.48 -16.30 -11.74
CA LYS D 375 -45.47 -14.87 -11.43
C LYS D 375 -44.24 -14.48 -10.63
N ALA D 376 -43.33 -13.75 -11.27
CA ALA D 376 -42.07 -13.38 -10.64
C ALA D 376 -42.30 -12.43 -9.46
N ILE D 377 -41.58 -12.68 -8.37
CA ILE D 377 -41.67 -11.85 -7.17
C ILE D 377 -40.26 -11.47 -6.79
N LEU D 378 -40.07 -10.20 -6.44
CA LEU D 378 -38.76 -9.71 -6.01
C LEU D 378 -38.55 -10.17 -4.57
N HIS D 379 -38.13 -11.42 -4.43
CA HIS D 379 -38.00 -12.04 -3.12
C HIS D 379 -36.80 -11.45 -2.37
N GLN D 380 -36.85 -11.56 -1.04
CA GLN D 380 -35.76 -11.07 -0.20
C GLN D 380 -34.47 -11.85 -0.42
N GLU D 381 -34.57 -13.14 -0.67
CA GLU D 381 -33.35 -13.89 -0.94
C GLU D 381 -33.44 -14.75 -2.19
N GLY D 382 -34.60 -15.35 -2.47
CA GLY D 382 -34.83 -16.03 -3.73
C GLY D 382 -34.09 -17.35 -3.94
N HIS D 383 -34.45 -18.09 -4.98
CA HIS D 383 -33.86 -19.40 -5.22
C HIS D 383 -32.48 -19.28 -5.83
N MET D 384 -31.95 -20.38 -6.37
CA MET D 384 -30.59 -20.38 -6.89
C MET D 384 -30.52 -20.33 -8.40
N ASP D 385 -31.50 -20.89 -9.11
CA ASP D 385 -31.43 -20.99 -10.56
C ASP D 385 -32.10 -19.82 -11.28
N ASP D 386 -32.27 -18.69 -10.61
CA ASP D 386 -32.94 -17.53 -11.17
C ASP D 386 -32.00 -16.62 -11.96
N ALA D 387 -30.89 -17.14 -12.47
CA ALA D 387 -30.03 -16.39 -13.38
C ALA D 387 -30.72 -16.21 -14.72
N LEU D 388 -30.51 -15.05 -15.34
CA LEU D 388 -31.16 -14.73 -16.60
C LEU D 388 -30.15 -14.59 -17.73
N PHE D 389 -30.48 -15.19 -18.86
CA PHE D 389 -29.76 -14.97 -20.10
C PHE D 389 -30.25 -13.67 -20.75
N LEU D 390 -29.44 -13.16 -21.66
CA LEU D 390 -29.76 -11.98 -22.45
C LEU D 390 -29.66 -12.29 -23.93
N THR D 391 -30.73 -12.04 -24.68
CA THR D 391 -30.75 -12.41 -26.09
C THR D 391 -31.28 -11.23 -26.90
N ARG D 392 -30.83 -11.15 -28.15
CA ARG D 392 -31.22 -10.05 -29.02
C ARG D 392 -32.66 -10.18 -29.51
N CYS D 393 -33.14 -9.08 -30.07
CA CYS D 393 -34.30 -9.04 -30.94
C CYS D 393 -33.95 -8.20 -32.16
N GLN D 394 -34.35 -8.66 -33.33
CA GLN D 394 -33.99 -7.94 -34.55
C GLN D 394 -34.71 -6.60 -34.63
N GLN D 395 -34.10 -5.69 -35.40
CA GLN D 395 -34.52 -4.29 -35.48
C GLN D 395 -35.96 -4.20 -35.95
N GLU D 396 -36.39 -5.14 -36.80
CA GLU D 396 -37.76 -5.13 -37.30
C GLU D 396 -38.75 -5.32 -36.17
N GLU D 397 -38.44 -6.23 -35.24
CA GLU D 397 -39.28 -6.44 -34.06
C GLU D 397 -39.29 -5.21 -33.17
N SER D 398 -38.10 -4.68 -32.86
CA SER D 398 -38.03 -3.53 -31.95
C SER D 398 -38.74 -2.30 -32.52
N GLN D 399 -38.55 -2.03 -33.82
CA GLN D 399 -39.25 -0.94 -34.49
C GLN D 399 -40.74 -1.19 -34.53
N ALA D 400 -41.16 -2.44 -34.80
CA ALA D 400 -42.58 -2.77 -34.82
C ALA D 400 -43.19 -2.51 -33.46
N ALA D 401 -42.54 -2.99 -32.39
CA ALA D 401 -43.05 -2.87 -31.02
C ALA D 401 -43.27 -1.42 -30.66
N ARG D 402 -42.27 -0.56 -30.95
CA ARG D 402 -42.46 0.86 -30.71
C ARG D 402 -43.58 1.42 -31.58
N MET D 403 -43.80 0.83 -32.77
CA MET D 403 -44.87 1.33 -33.63
C MET D 403 -46.23 1.03 -33.02
N ILE D 404 -46.40 -0.16 -32.41
CA ILE D 404 -47.65 -0.45 -31.68
C ILE D 404 -47.83 0.54 -30.55
N HIS D 405 -46.76 0.77 -29.78
CA HIS D 405 -46.86 1.63 -28.59
C HIS D 405 -47.26 3.05 -28.96
N SER D 406 -46.66 3.60 -30.03
CA SER D 406 -47.07 4.90 -30.55
C SER D 406 -48.49 4.88 -31.13
N THR D 407 -48.84 3.80 -31.84
CA THR D 407 -50.12 3.68 -32.51
C THR D 407 -51.29 3.63 -31.52
N ALA D 408 -51.12 2.91 -30.42
CA ALA D 408 -52.18 2.68 -29.45
C ALA D 408 -52.69 3.97 -28.84
N GLY D 409 -51.78 4.85 -28.43
CA GLY D 409 -52.19 6.09 -27.78
C GLY D 409 -53.03 6.96 -28.71
N LEU D 410 -52.64 7.03 -29.99
CA LEU D 410 -53.32 7.87 -30.95
C LEU D 410 -54.71 7.33 -31.24
N TYR D 411 -54.81 6.03 -31.52
CA TYR D 411 -56.12 5.44 -31.81
C TYR D 411 -57.03 5.45 -30.58
N ASN D 412 -56.48 5.19 -29.39
CA ASN D 412 -57.28 5.27 -28.17
C ASN D 412 -57.83 6.68 -27.95
N GLN D 413 -57.01 7.71 -28.21
CA GLN D 413 -57.47 9.09 -28.17
C GLN D 413 -58.59 9.34 -29.19
N PHE D 414 -58.43 8.80 -30.40
CA PHE D 414 -59.45 8.92 -31.43
C PHE D 414 -60.76 8.26 -30.99
N ILE D 415 -60.67 7.05 -30.44
CA ILE D 415 -61.86 6.32 -29.97
C ILE D 415 -62.56 7.09 -28.86
N LYS D 416 -61.78 7.61 -27.91
CA LYS D 416 -62.33 8.39 -26.80
C LYS D 416 -63.04 9.63 -27.32
N GLY D 417 -62.46 10.29 -28.33
CA GLY D 417 -63.14 11.43 -28.93
C GLY D 417 -64.41 11.00 -29.62
N LEU D 418 -64.40 9.80 -30.23
CA LEU D 418 -65.53 9.34 -31.02
C LEU D 418 -66.73 9.11 -30.13
N ASP D 419 -66.55 8.35 -29.04
CA ASP D 419 -67.71 8.08 -28.21
C ASP D 419 -68.03 9.23 -27.28
N SER D 420 -67.15 10.25 -27.19
CA SER D 420 -67.47 11.43 -26.40
C SER D 420 -68.67 12.16 -26.97
N PHE D 421 -68.75 12.29 -28.30
CA PHE D 421 -69.89 12.91 -28.95
C PHE D 421 -70.83 11.89 -29.59
N SER D 422 -70.94 10.70 -28.98
CA SER D 422 -71.79 9.63 -29.51
C SER D 422 -73.25 10.06 -29.60
N GLY D 423 -73.75 10.69 -28.55
CA GLY D 423 -75.06 11.30 -28.59
C GLY D 423 -74.90 12.79 -28.84
N LYS D 424 -75.71 13.60 -28.11
CA LYS D 424 -75.70 15.07 -27.98
C LYS D 424 -75.37 15.82 -29.28
N PRO D 425 -76.29 15.83 -30.26
CA PRO D 425 -76.00 16.45 -31.57
C PRO D 425 -75.60 17.92 -31.46
N ARG D 426 -74.63 18.29 -32.30
CA ARG D 426 -74.11 19.67 -32.34
C ARG D 426 -75.19 20.68 -32.70
N GLY D 427 -76.03 20.35 -33.69
CA GLY D 427 -77.02 21.30 -34.13
C GLY D 427 -76.40 22.34 -35.04
N SER D 428 -76.30 23.57 -34.52
CA SER D 428 -75.67 24.67 -35.25
C SER D 428 -74.53 25.30 -34.45
N GLY D 429 -74.03 24.62 -33.43
CA GLY D 429 -73.00 25.18 -32.59
C GLY D 429 -71.62 24.61 -32.87
N PRO D 430 -70.77 24.54 -31.85
CA PRO D 430 -69.42 24.00 -32.05
C PRO D 430 -69.38 22.52 -31.73
N PRO D 431 -68.27 21.82 -32.05
CA PRO D 431 -68.12 20.43 -31.61
C PRO D 431 -68.14 20.31 -30.09
N ALA D 432 -68.68 19.18 -29.62
CA ALA D 432 -68.93 18.96 -28.20
C ALA D 432 -67.64 18.98 -27.38
N GLY D 433 -66.73 18.04 -27.64
CA GLY D 433 -65.55 17.91 -26.83
C GLY D 433 -64.28 18.38 -27.52
N PRO D 434 -63.15 17.78 -27.17
CA PRO D 434 -61.88 18.14 -27.82
C PRO D 434 -61.85 17.72 -29.28
N ALA D 435 -61.07 18.46 -30.06
CA ALA D 435 -60.97 18.22 -31.49
C ALA D 435 -60.35 16.86 -31.79
N LEU D 436 -60.91 16.17 -32.78
CA LEU D 436 -60.40 14.88 -33.19
C LEU D 436 -59.03 15.02 -33.87
N PRO D 437 -58.09 14.13 -33.56
CA PRO D 437 -56.78 14.12 -34.27
C PRO D 437 -56.91 13.44 -35.63
N ILE D 438 -57.68 14.10 -36.51
CA ILE D 438 -58.01 13.54 -37.82
C ILE D 438 -56.75 13.41 -38.68
N GLU D 439 -55.97 14.50 -38.79
CA GLU D 439 -54.81 14.49 -39.68
C GLU D 439 -53.75 13.52 -39.19
N ALA D 440 -53.59 13.41 -37.86
CA ALA D 440 -52.67 12.45 -37.27
C ALA D 440 -53.10 11.03 -37.58
N VAL D 441 -54.41 10.76 -37.50
CA VAL D 441 -54.89 9.41 -37.72
C VAL D 441 -54.71 9.03 -39.18
N ILE D 442 -55.11 9.94 -40.10
CA ILE D 442 -55.01 9.69 -41.54
C ILE D 442 -53.56 9.43 -41.95
N LEU D 443 -52.63 10.23 -41.39
CA LEU D 443 -51.21 10.00 -41.63
C LEU D 443 -50.75 8.65 -41.09
N SER D 444 -51.24 8.28 -39.90
CA SER D 444 -50.84 7.01 -39.29
C SER D 444 -51.36 5.84 -40.12
N LEU D 445 -52.59 5.95 -40.61
CA LEU D 445 -53.18 4.92 -41.45
C LEU D 445 -52.40 4.76 -42.74
N GLN D 446 -52.06 5.87 -43.39
CA GLN D 446 -51.33 5.77 -44.66
C GLN D 446 -49.93 5.21 -44.45
N ASP D 447 -49.32 5.52 -43.29
CA ASP D 447 -48.06 4.90 -42.92
C ASP D 447 -48.20 3.40 -42.70
N LEU D 448 -49.31 2.98 -42.08
CA LEU D 448 -49.48 1.56 -41.79
C LEU D 448 -49.79 0.78 -43.06
N ILE D 449 -50.64 1.34 -43.92
CA ILE D 449 -51.01 0.70 -45.18
C ILE D 449 -49.77 0.52 -46.04
N GLY D 450 -48.92 1.54 -46.12
CA GLY D 450 -47.66 1.31 -46.81
C GLY D 450 -46.70 0.43 -46.06
N TYR D 451 -46.82 0.36 -44.73
CA TYR D 451 -45.98 -0.51 -43.93
C TYR D 451 -46.31 -1.98 -44.13
N PHE D 452 -47.55 -2.28 -44.54
CA PHE D 452 -47.99 -3.66 -44.77
C PHE D 452 -48.24 -3.95 -46.24
N GLU D 453 -47.54 -3.27 -47.13
CA GLU D 453 -47.70 -3.54 -48.56
C GLU D 453 -47.15 -4.91 -48.89
N PRO D 454 -47.92 -5.77 -49.58
CA PRO D 454 -47.39 -7.05 -50.00
C PRO D 454 -46.26 -6.86 -50.99
N PRO D 455 -45.28 -7.77 -50.98
CA PRO D 455 -44.16 -7.64 -51.93
C PRO D 455 -44.61 -7.79 -53.38
N SER D 456 -43.91 -7.09 -54.27
CA SER D 456 -44.27 -7.09 -55.68
C SER D 456 -43.98 -8.44 -56.32
N GLU D 457 -44.72 -8.72 -57.40
CA GLU D 457 -44.68 -10.04 -58.03
C GLU D 457 -43.36 -10.32 -58.72
N GLU D 458 -42.73 -9.31 -59.32
CA GLU D 458 -41.58 -9.57 -60.19
C GLU D 458 -40.30 -9.93 -59.42
N LEU D 459 -40.33 -9.85 -58.08
CA LEU D 459 -39.15 -10.10 -57.26
C LEU D 459 -38.68 -11.54 -57.40
N GLN D 460 -37.37 -11.74 -57.20
CA GLN D 460 -36.81 -13.09 -57.19
C GLN D 460 -37.41 -13.88 -56.03
N HIS D 461 -37.65 -15.18 -56.29
CA HIS D 461 -38.27 -16.04 -55.28
C HIS D 461 -37.42 -16.20 -54.03
N GLU D 462 -36.09 -16.07 -54.16
CA GLU D 462 -35.19 -16.21 -53.03
C GLU D 462 -35.43 -15.14 -51.95
N GLU D 463 -35.64 -13.90 -52.36
CA GLU D 463 -35.82 -12.81 -51.42
C GLU D 463 -37.26 -12.33 -51.34
N LYS D 464 -38.14 -12.86 -52.19
CA LYS D 464 -39.57 -12.65 -52.05
C LYS D 464 -40.10 -13.29 -50.77
N GLN D 465 -39.72 -14.56 -50.55
CA GLN D 465 -40.22 -15.30 -49.39
C GLN D 465 -39.80 -14.66 -48.08
N SER D 466 -38.56 -14.18 -47.99
CA SER D 466 -38.13 -13.49 -46.77
C SER D 466 -38.95 -12.23 -46.49
N LYS D 467 -39.55 -11.64 -47.53
CA LYS D 467 -40.45 -10.53 -47.30
C LYS D 467 -41.84 -11.02 -46.92
N LEU D 468 -42.19 -12.23 -47.38
CA LEU D 468 -43.44 -12.82 -46.92
C LEU D 468 -43.36 -13.11 -45.44
N ARG D 469 -42.27 -13.75 -45.02
CA ARG D 469 -42.05 -14.09 -43.61
C ARG D 469 -42.00 -12.84 -42.75
N SER D 470 -41.36 -11.78 -43.25
CA SER D 470 -41.36 -10.50 -42.55
C SER D 470 -42.76 -9.91 -42.42
N LEU D 471 -43.57 -10.01 -43.48
CA LEU D 471 -44.91 -9.43 -43.44
C LEU D 471 -45.82 -10.23 -42.51
N ARG D 472 -45.76 -11.56 -42.58
CA ARG D 472 -46.57 -12.41 -41.70
C ARG D 472 -46.19 -12.19 -40.25
N ASN D 473 -44.88 -12.05 -39.97
CA ASN D 473 -44.41 -11.78 -38.62
C ASN D 473 -44.96 -10.44 -38.11
N ARG D 474 -44.90 -9.40 -38.94
CA ARG D 474 -45.35 -8.08 -38.52
C ARG D 474 -46.85 -8.08 -38.25
N GLN D 475 -47.61 -8.76 -39.12
CA GLN D 475 -49.05 -8.80 -38.98
C GLN D 475 -49.44 -9.54 -37.70
N SER D 476 -48.73 -10.64 -37.42
CA SER D 476 -49.04 -11.43 -36.23
C SER D 476 -48.74 -10.62 -34.98
N LEU D 477 -47.63 -9.86 -35.00
CA LEU D 477 -47.29 -9.02 -33.85
C LEU D 477 -48.36 -7.97 -33.59
N PHE D 478 -48.89 -7.35 -34.65
CA PHE D 478 -49.94 -6.35 -34.49
C PHE D 478 -51.23 -6.98 -33.97
N GLN D 479 -51.62 -8.13 -34.52
CA GLN D 479 -52.83 -8.80 -34.05
C GLN D 479 -52.68 -9.22 -32.60
N GLU D 480 -51.51 -9.75 -32.24
CA GLU D 480 -51.29 -10.22 -30.87
C GLU D 480 -51.29 -9.05 -29.90
N GLU D 481 -50.87 -7.87 -30.35
CA GLU D 481 -50.94 -6.71 -29.48
C GLU D 481 -52.30 -6.02 -29.52
N GLY D 482 -53.24 -6.50 -30.33
CA GLY D 482 -54.58 -5.94 -30.28
C GLY D 482 -54.95 -4.90 -31.30
N MET D 483 -54.03 -4.54 -32.21
CA MET D 483 -54.34 -3.56 -33.25
C MET D 483 -55.46 -4.05 -34.16
N LEU D 484 -55.46 -5.33 -34.49
CA LEU D 484 -56.54 -5.91 -35.28
C LEU D 484 -57.89 -5.78 -34.58
N SER D 485 -57.92 -5.89 -33.24
CA SER D 485 -59.15 -5.61 -32.51
C SER D 485 -59.42 -4.12 -32.39
N LEU D 486 -58.36 -3.32 -32.30
CA LEU D 486 -58.50 -1.88 -32.14
C LEU D 486 -59.16 -1.27 -33.38
N VAL D 487 -58.75 -1.72 -34.57
CA VAL D 487 -59.37 -1.19 -35.77
C VAL D 487 -60.82 -1.63 -35.84
N LEU D 488 -61.13 -2.87 -35.40
CA LEU D 488 -62.51 -3.35 -35.39
C LEU D 488 -63.38 -2.43 -34.56
N ASN D 489 -62.83 -1.94 -33.45
CA ASN D 489 -63.51 -0.93 -32.64
C ASN D 489 -63.68 0.36 -33.43
N CYS D 490 -62.65 0.74 -34.20
CA CYS D 490 -62.70 1.99 -34.96
C CYS D 490 -63.83 1.97 -36.00
N ILE D 491 -63.91 0.89 -36.79
CA ILE D 491 -64.99 0.77 -37.77
C ILE D 491 -66.34 0.68 -37.06
N ASP D 492 -66.38 0.03 -35.89
CA ASP D 492 -67.62 -0.06 -35.11
C ASP D 492 -68.15 1.32 -34.75
N ARG D 493 -67.27 2.18 -34.24
CA ARG D 493 -67.71 3.53 -33.88
C ARG D 493 -68.05 4.37 -35.11
N LEU D 494 -67.21 4.34 -36.15
CA LEU D 494 -67.48 5.13 -37.36
C LEU D 494 -68.75 4.71 -38.10
N ASN D 495 -69.14 3.44 -38.01
CA ASN D 495 -70.23 2.97 -38.85
C ASN D 495 -71.61 3.37 -38.37
N VAL D 496 -71.76 3.85 -37.13
CA VAL D 496 -73.08 4.23 -36.63
C VAL D 496 -73.66 5.46 -37.31
N TYR D 497 -72.86 6.19 -38.09
CA TYR D 497 -73.31 7.35 -38.85
C TYR D 497 -73.40 6.94 -40.30
N THR D 498 -74.59 7.09 -40.89
CA THR D 498 -74.81 6.56 -42.23
C THR D 498 -74.07 7.36 -43.30
N THR D 499 -74.22 8.69 -43.26
CA THR D 499 -73.65 9.55 -44.29
C THR D 499 -72.79 10.62 -43.64
N ALA D 500 -71.99 11.28 -44.48
CA ALA D 500 -71.06 12.32 -44.03
C ALA D 500 -71.82 13.48 -43.41
N ALA D 501 -72.94 13.89 -44.04
CA ALA D 501 -73.75 14.97 -43.49
C ALA D 501 -74.29 14.60 -42.11
N HIS D 502 -74.72 13.35 -41.95
CA HIS D 502 -75.16 12.87 -40.64
C HIS D 502 -74.00 12.91 -39.63
N PHE D 503 -72.77 12.65 -40.10
CA PHE D 503 -71.61 12.73 -39.23
C PHE D 503 -71.32 14.16 -38.83
N ALA D 504 -71.66 15.11 -39.70
CA ALA D 504 -71.42 16.52 -39.41
C ALA D 504 -72.24 16.97 -38.20
N GLU D 505 -73.47 16.48 -38.08
CA GLU D 505 -74.37 16.87 -37.00
C GLU D 505 -73.86 16.44 -35.63
N TYR D 506 -72.91 15.50 -35.58
CA TYR D 506 -72.41 14.96 -34.33
C TYR D 506 -70.92 15.19 -34.12
N ALA D 507 -70.21 15.68 -35.13
CA ALA D 507 -68.79 15.97 -34.92
C ALA D 507 -68.42 17.36 -35.41
N GLY D 508 -69.13 17.84 -36.42
CA GLY D 508 -68.88 19.17 -36.95
C GLY D 508 -68.74 19.14 -38.46
N GLU D 509 -68.86 20.31 -39.09
CA GLU D 509 -68.68 20.39 -40.54
C GLU D 509 -67.22 20.23 -40.94
N GLU D 510 -66.28 20.41 -40.02
CA GLU D 510 -64.87 20.24 -40.31
C GLU D 510 -64.47 18.78 -40.40
N ALA D 511 -65.14 17.91 -39.65
CA ALA D 511 -64.83 16.49 -39.65
C ALA D 511 -65.57 15.69 -40.72
N ALA D 512 -66.51 16.32 -41.44
CA ALA D 512 -67.33 15.56 -42.38
C ALA D 512 -66.55 15.14 -43.63
N GLU D 513 -65.75 16.05 -44.19
CA GLU D 513 -65.04 15.78 -45.45
C GLU D 513 -64.00 14.66 -45.33
N SER D 514 -63.51 14.39 -44.14
CA SER D 514 -62.54 13.32 -43.92
C SER D 514 -63.17 11.98 -43.60
N TRP D 515 -64.49 11.91 -43.50
CA TRP D 515 -65.16 10.67 -43.07
C TRP D 515 -65.00 9.55 -44.08
N LYS D 516 -65.30 9.82 -45.35
CA LYS D 516 -65.22 8.79 -46.39
C LYS D 516 -63.79 8.31 -46.55
N GLU D 517 -62.83 9.24 -46.52
CA GLU D 517 -61.42 8.88 -46.61
C GLU D 517 -60.99 8.02 -45.43
N ILE D 518 -61.41 8.39 -44.21
CA ILE D 518 -60.91 7.68 -43.05
C ILE D 518 -61.52 6.28 -42.98
N VAL D 519 -62.78 6.11 -43.42
CA VAL D 519 -63.36 4.78 -43.38
C VAL D 519 -62.73 3.89 -44.45
N ASN D 520 -62.44 4.45 -45.65
CA ASN D 520 -61.80 3.65 -46.68
C ASN D 520 -60.42 3.23 -46.24
N LEU D 521 -59.66 4.13 -45.60
CA LEU D 521 -58.33 3.80 -45.14
C LEU D 521 -58.39 2.72 -44.07
N LEU D 522 -59.41 2.79 -43.19
CA LEU D 522 -59.55 1.77 -42.15
C LEU D 522 -59.80 0.39 -42.75
N TYR D 523 -60.64 0.33 -43.79
CA TYR D 523 -60.88 -0.94 -44.47
C TYR D 523 -59.63 -1.46 -45.15
N GLU D 524 -58.86 -0.57 -45.78
CA GLU D 524 -57.61 -0.99 -46.41
C GLU D 524 -56.61 -1.49 -45.38
N LEU D 525 -56.53 -0.83 -44.22
CA LEU D 525 -55.66 -1.29 -43.15
C LEU D 525 -56.10 -2.64 -42.62
N LEU D 526 -57.41 -2.87 -42.49
CA LEU D 526 -57.92 -4.18 -42.07
C LEU D 526 -57.53 -5.26 -43.06
N ALA D 527 -57.69 -4.95 -44.36
CA ALA D 527 -57.33 -5.92 -45.40
C ALA D 527 -55.85 -6.23 -45.36
N SER D 528 -55.01 -5.19 -45.21
CA SER D 528 -53.57 -5.44 -45.20
C SER D 528 -53.13 -6.19 -43.96
N LEU D 529 -53.83 -5.98 -42.83
CA LEU D 529 -53.53 -6.71 -41.61
C LEU D 529 -53.85 -8.19 -41.74
N ILE D 530 -54.96 -8.52 -42.39
CA ILE D 530 -55.40 -9.91 -42.40
C ILE D 530 -55.01 -10.68 -43.65
N ARG D 531 -54.64 -10.00 -44.74
CA ARG D 531 -54.31 -10.61 -46.02
C ARG D 531 -53.15 -11.60 -45.93
N GLY D 532 -53.46 -12.89 -46.08
CA GLY D 532 -52.45 -13.92 -46.12
C GLY D 532 -52.28 -14.72 -44.84
N ASN D 533 -52.85 -14.28 -43.73
CA ASN D 533 -52.78 -15.03 -42.48
C ASN D 533 -54.00 -15.93 -42.29
N ARG D 534 -53.73 -17.23 -42.16
CA ARG D 534 -54.75 -18.14 -41.68
C ARG D 534 -55.16 -17.78 -40.26
N ALA D 535 -54.17 -17.41 -39.43
CA ALA D 535 -54.43 -17.13 -38.02
C ALA D 535 -55.30 -15.88 -37.86
N ASN D 536 -54.91 -14.78 -38.51
CA ASN D 536 -55.68 -13.55 -38.35
C ASN D 536 -57.01 -13.64 -39.07
N CYS D 537 -57.06 -14.31 -40.22
CA CYS D 537 -58.35 -14.48 -40.89
C CYS D 537 -59.31 -15.35 -40.10
N ALA D 538 -58.78 -16.30 -39.30
CA ALA D 538 -59.62 -17.17 -38.49
C ALA D 538 -60.38 -16.43 -37.41
N LEU D 539 -59.95 -15.22 -37.04
CA LEU D 539 -60.61 -14.41 -36.03
C LEU D 539 -61.98 -13.89 -36.47
N PHE D 540 -62.33 -14.01 -37.74
CA PHE D 540 -63.60 -13.51 -38.24
C PHE D 540 -64.68 -14.58 -38.26
N SER D 541 -64.38 -15.78 -37.75
CA SER D 541 -65.41 -16.80 -37.59
C SER D 541 -66.48 -16.37 -36.60
N THR D 542 -66.08 -15.75 -35.49
CA THR D 542 -67.04 -15.40 -34.46
C THR D 542 -67.92 -14.24 -34.87
N ASN D 543 -67.40 -13.34 -35.70
CA ASN D 543 -68.13 -12.17 -36.16
C ASN D 543 -68.15 -12.10 -37.67
N LEU D 544 -68.47 -13.23 -38.32
CA LEU D 544 -68.59 -13.24 -39.77
C LEU D 544 -69.75 -12.38 -40.24
N ASP D 545 -70.86 -12.39 -39.50
CA ASP D 545 -72.01 -11.57 -39.87
C ASP D 545 -71.74 -10.07 -39.75
N TRP D 546 -70.67 -9.69 -39.03
CA TRP D 546 -70.29 -8.28 -38.90
C TRP D 546 -69.93 -7.69 -40.26
N VAL D 547 -69.03 -8.35 -40.99
CA VAL D 547 -68.60 -7.83 -42.29
C VAL D 547 -69.73 -7.96 -43.31
N VAL D 548 -70.50 -9.06 -43.24
CA VAL D 548 -71.56 -9.31 -44.21
C VAL D 548 -72.64 -8.25 -44.10
N SER D 549 -73.00 -7.88 -42.86
CA SER D 549 -74.05 -6.88 -42.64
C SER D 549 -73.67 -5.51 -43.20
N LYS D 550 -72.37 -5.22 -43.29
CA LYS D 550 -71.88 -3.94 -43.78
C LYS D 550 -71.68 -3.91 -45.27
N LEU D 551 -71.99 -5.00 -45.98
CA LEU D 551 -71.71 -5.10 -47.40
C LEU D 551 -72.48 -4.06 -48.21
N ASP D 552 -73.74 -3.83 -47.85
CA ASP D 552 -74.59 -2.92 -48.61
C ASP D 552 -74.27 -1.44 -48.39
N ARG D 553 -73.38 -1.12 -47.45
CA ARG D 553 -72.96 0.27 -47.23
C ARG D 553 -72.31 0.83 -48.49
N LEU D 554 -72.62 2.09 -48.78
CA LEU D 554 -72.17 2.68 -50.04
C LEU D 554 -70.85 3.44 -49.93
N GLU D 555 -70.46 3.86 -48.73
CA GLU D 555 -69.27 4.69 -48.57
C GLU D 555 -67.99 3.98 -49.03
N ALA D 556 -67.82 2.70 -48.65
CA ALA D 556 -66.69 1.89 -49.12
C ALA D 556 -67.21 0.49 -49.42
N SER D 557 -67.68 0.27 -50.64
CA SER D 557 -68.19 -1.03 -51.04
C SER D 557 -67.07 -1.98 -51.47
N SER D 558 -66.15 -1.47 -52.28
CA SER D 558 -65.03 -2.31 -52.72
C SER D 558 -64.07 -2.62 -51.57
N GLY D 559 -63.92 -1.72 -50.60
CA GLY D 559 -63.03 -2.00 -49.49
C GLY D 559 -63.53 -3.16 -48.63
N ILE D 560 -64.82 -3.14 -48.31
CA ILE D 560 -65.37 -4.21 -47.49
C ILE D 560 -65.42 -5.51 -48.29
N LEU D 561 -65.68 -5.41 -49.62
CA LEU D 561 -65.64 -6.61 -50.45
C LEU D 561 -64.24 -7.19 -50.50
N GLU D 562 -63.21 -6.33 -50.48
CA GLU D 562 -61.83 -6.78 -50.42
C GLU D 562 -61.55 -7.52 -49.12
N VAL D 563 -62.07 -7.00 -48.01
CA VAL D 563 -61.89 -7.64 -46.71
C VAL D 563 -62.54 -9.02 -46.70
N LEU D 564 -63.76 -9.10 -47.26
CA LEU D 564 -64.47 -10.37 -47.34
C LEU D 564 -63.70 -11.36 -48.20
N TYR D 565 -63.15 -10.90 -49.32
CA TYR D 565 -62.44 -11.78 -50.23
C TYR D 565 -61.15 -12.28 -49.59
N CYS D 566 -60.51 -11.44 -48.77
CA CYS D 566 -59.28 -11.85 -48.10
C CYS D 566 -59.58 -12.88 -47.04
N VAL D 567 -60.73 -12.76 -46.36
CA VAL D 567 -61.07 -13.74 -45.34
C VAL D 567 -61.36 -15.08 -46.00
N LEU D 568 -62.22 -15.07 -47.03
CA LEU D 568 -62.70 -16.30 -47.63
C LEU D 568 -61.61 -17.02 -48.41
N ILE D 569 -60.68 -16.30 -49.04
CA ILE D 569 -59.63 -16.94 -49.82
C ILE D 569 -58.57 -17.58 -48.90
N GLU D 570 -58.70 -17.41 -47.58
CA GLU D 570 -57.65 -17.81 -46.68
C GLU D 570 -58.09 -18.80 -45.62
N SER D 571 -59.30 -18.65 -45.07
CA SER D 571 -59.69 -19.55 -43.98
C SER D 571 -60.68 -20.60 -44.45
N PRO D 572 -60.28 -21.88 -44.57
CA PRO D 572 -61.26 -22.93 -44.84
C PRO D 572 -62.25 -23.16 -43.71
N GLU D 573 -61.93 -22.71 -42.50
CA GLU D 573 -62.82 -22.85 -41.36
C GLU D 573 -64.06 -21.96 -41.50
N VAL D 574 -63.87 -20.73 -42.01
CA VAL D 574 -64.93 -19.73 -42.07
C VAL D 574 -66.07 -20.18 -42.97
N LEU D 575 -65.76 -20.89 -44.06
CA LEU D 575 -66.77 -21.33 -45.03
C LEU D 575 -67.83 -22.24 -44.41
N ASN D 576 -67.46 -22.98 -43.35
CA ASN D 576 -68.42 -23.85 -42.69
C ASN D 576 -69.50 -23.06 -41.95
N ILE D 577 -69.20 -21.80 -41.60
CA ILE D 577 -70.15 -20.95 -40.88
C ILE D 577 -71.10 -20.22 -41.85
N ILE D 578 -70.84 -20.31 -43.16
CA ILE D 578 -71.62 -19.60 -44.16
C ILE D 578 -73.03 -20.16 -44.21
N GLN D 579 -74.02 -19.27 -44.17
CA GLN D 579 -75.43 -19.63 -44.21
C GLN D 579 -76.10 -18.90 -45.36
N GLU D 580 -77.39 -19.24 -45.58
CA GLU D 580 -78.14 -18.71 -46.70
C GLU D 580 -78.37 -17.21 -46.62
N ASN D 581 -78.36 -16.63 -45.42
CA ASN D 581 -78.45 -15.17 -45.28
C ASN D 581 -77.25 -14.50 -45.92
N HIS D 582 -76.07 -15.08 -45.73
CA HIS D 582 -74.85 -14.48 -46.25
C HIS D 582 -74.79 -14.63 -47.77
N ILE D 583 -75.13 -15.82 -48.28
CA ILE D 583 -75.10 -16.04 -49.72
C ILE D 583 -76.14 -15.18 -50.42
N LYS D 584 -77.34 -15.05 -49.84
CA LYS D 584 -78.33 -14.12 -50.38
C LYS D 584 -77.95 -12.65 -50.21
N SER D 585 -76.98 -12.36 -49.34
CA SER D 585 -76.50 -10.99 -49.22
C SER D 585 -75.48 -10.71 -50.31
N ILE D 586 -74.60 -11.69 -50.55
CA ILE D 586 -73.61 -11.56 -51.60
C ILE D 586 -74.31 -11.47 -52.96
N ILE D 587 -75.33 -12.30 -53.18
CA ILE D 587 -76.08 -12.22 -54.43
C ILE D 587 -76.80 -10.88 -54.53
N SER D 588 -77.29 -10.34 -53.39
CA SER D 588 -77.92 -9.03 -53.41
C SER D 588 -76.94 -7.95 -53.84
N LEU D 589 -75.65 -8.16 -53.56
CA LEU D 589 -74.64 -7.23 -54.06
C LEU D 589 -74.60 -7.24 -55.58
N LEU D 590 -74.64 -8.42 -56.19
CA LEU D 590 -74.67 -8.50 -57.65
C LEU D 590 -75.91 -7.81 -58.21
N ASP D 591 -77.02 -7.91 -57.48
CA ASP D 591 -78.26 -7.29 -57.92
C ASP D 591 -78.28 -5.77 -57.74
N LYS D 592 -77.57 -5.25 -56.74
CA LYS D 592 -77.64 -3.82 -56.42
C LYS D 592 -76.42 -3.02 -56.86
N HIS D 593 -75.24 -3.62 -56.93
CA HIS D 593 -74.02 -2.93 -57.29
C HIS D 593 -73.55 -3.23 -58.71
N GLY D 594 -74.38 -3.86 -59.52
CA GLY D 594 -74.01 -4.12 -60.89
C GLY D 594 -73.16 -5.36 -61.09
N ARG D 595 -72.70 -5.53 -62.31
CA ARG D 595 -71.90 -6.67 -62.73
C ARG D 595 -70.45 -6.45 -62.35
N ASN D 596 -70.12 -6.84 -61.11
CA ASN D 596 -68.77 -6.71 -60.56
C ASN D 596 -68.20 -8.12 -60.46
N HIS D 597 -67.20 -8.41 -61.28
CA HIS D 597 -66.62 -9.76 -61.34
C HIS D 597 -65.94 -10.17 -60.04
N LYS D 598 -65.51 -9.21 -59.21
CA LYS D 598 -64.91 -9.57 -57.92
C LYS D 598 -65.90 -10.30 -57.01
N VAL D 599 -67.21 -10.08 -57.22
CA VAL D 599 -68.19 -10.86 -56.49
C VAL D 599 -68.16 -12.31 -56.96
N LEU D 600 -68.00 -12.52 -58.27
CA LEU D 600 -67.85 -13.87 -58.78
C LEU D 600 -66.57 -14.51 -58.25
N ASP D 601 -65.52 -13.69 -58.06
CA ASP D 601 -64.29 -14.15 -57.42
C ASP D 601 -64.50 -14.51 -55.95
N VAL D 602 -65.53 -13.97 -55.33
CA VAL D 602 -65.88 -14.36 -53.97
C VAL D 602 -66.65 -15.68 -54.01
N LEU D 603 -67.68 -15.74 -54.87
CA LEU D 603 -68.53 -16.91 -54.98
C LEU D 603 -67.75 -18.15 -55.44
N CYS D 604 -66.68 -17.96 -56.22
CA CYS D 604 -65.84 -19.09 -56.56
C CYS D 604 -65.08 -19.59 -55.34
N SER D 605 -64.71 -18.70 -54.43
CA SER D 605 -63.97 -19.10 -53.25
C SER D 605 -64.87 -19.78 -52.25
N LEU D 606 -66.15 -19.41 -52.24
CA LEU D 606 -67.10 -20.03 -51.31
C LEU D 606 -67.34 -21.51 -51.60
N CYS D 607 -67.06 -21.99 -52.80
CA CYS D 607 -67.37 -23.38 -53.12
C CYS D 607 -66.23 -24.30 -52.71
N VAL D 608 -65.04 -24.07 -53.24
CA VAL D 608 -63.88 -24.93 -53.02
C VAL D 608 -62.82 -24.12 -52.28
N CYS D 609 -62.36 -24.65 -51.16
CA CYS D 609 -61.31 -24.02 -50.38
C CYS D 609 -60.26 -25.08 -50.08
N ASN D 610 -59.01 -24.81 -50.47
CA ASN D 610 -57.87 -25.69 -50.27
C ASN D 610 -58.12 -27.09 -50.83
N GLY D 611 -58.75 -27.12 -52.00
CA GLY D 611 -59.04 -28.38 -52.68
C GLY D 611 -60.08 -29.24 -52.01
N VAL D 612 -60.93 -28.68 -51.15
CA VAL D 612 -62.00 -29.43 -50.51
C VAL D 612 -63.31 -28.70 -50.77
N ALA D 613 -64.27 -29.40 -51.36
CA ALA D 613 -65.55 -28.83 -51.73
C ALA D 613 -66.48 -28.73 -50.53
N VAL D 614 -67.28 -27.67 -50.48
CA VAL D 614 -68.27 -27.47 -49.43
C VAL D 614 -69.64 -27.51 -50.11
N ARG D 615 -70.27 -28.69 -50.07
CA ARG D 615 -71.43 -28.92 -50.92
C ARG D 615 -72.66 -28.18 -50.43
N SER D 616 -72.69 -27.78 -49.15
CA SER D 616 -73.79 -26.96 -48.67
C SER D 616 -73.76 -25.59 -49.33
N ASN D 617 -72.56 -25.02 -49.46
CA ASN D 617 -72.43 -23.72 -50.10
C ASN D 617 -72.71 -23.86 -51.59
N GLN D 618 -72.21 -24.94 -52.21
CA GLN D 618 -72.43 -25.14 -53.64
C GLN D 618 -73.91 -25.25 -53.97
N ASP D 619 -74.65 -26.01 -53.15
CA ASP D 619 -76.08 -26.16 -53.38
C ASP D 619 -76.83 -24.86 -53.12
N LEU D 620 -76.44 -24.13 -52.06
CA LEU D 620 -77.13 -22.89 -51.75
C LEU D 620 -76.93 -21.86 -52.85
N ILE D 621 -75.71 -21.77 -53.38
CA ILE D 621 -75.40 -20.82 -54.44
C ILE D 621 -76.20 -21.17 -55.69
N THR D 622 -76.18 -22.44 -56.08
CA THR D 622 -76.96 -22.85 -57.26
C THR D 622 -78.46 -22.74 -57.05
N GLU D 623 -78.92 -22.76 -55.80
CA GLU D 623 -80.34 -22.71 -55.52
C GLU D 623 -80.85 -21.29 -55.42
N ASN D 624 -79.95 -20.34 -55.17
CA ASN D 624 -80.35 -18.94 -55.01
C ASN D 624 -79.91 -18.05 -56.16
N LEU D 625 -79.05 -18.53 -57.06
CA LEU D 625 -78.49 -17.68 -58.11
C LEU D 625 -78.94 -18.11 -59.50
N LEU D 626 -78.71 -19.38 -59.85
CA LEU D 626 -78.93 -19.85 -61.22
C LEU D 626 -80.38 -19.82 -61.70
N PRO D 627 -81.40 -20.37 -61.00
CA PRO D 627 -82.73 -20.49 -61.63
C PRO D 627 -83.42 -19.19 -61.97
N GLY D 628 -83.02 -18.07 -61.34
CA GLY D 628 -83.64 -16.79 -61.65
C GLY D 628 -83.43 -16.35 -63.09
N ARG D 629 -82.23 -16.61 -63.63
CA ARG D 629 -81.85 -16.28 -65.02
C ARG D 629 -82.02 -14.80 -65.33
N GLU D 630 -81.67 -13.94 -64.38
CA GLU D 630 -81.83 -12.51 -64.59
C GLU D 630 -80.51 -11.79 -64.33
N LEU D 631 -79.66 -12.36 -63.49
CA LEU D 631 -78.37 -11.73 -63.20
C LEU D 631 -77.33 -12.15 -64.23
N LEU D 632 -77.07 -13.44 -64.33
CA LEU D 632 -76.03 -13.95 -65.21
C LEU D 632 -76.49 -13.91 -66.66
N LEU D 633 -75.54 -13.63 -67.55
CA LEU D 633 -75.85 -13.57 -68.97
C LEU D 633 -76.09 -14.97 -69.53
N GLN D 634 -77.20 -15.14 -70.25
CA GLN D 634 -77.59 -16.43 -70.76
C GLN D 634 -77.10 -16.61 -72.20
N THR D 635 -76.92 -17.87 -72.59
CA THR D 635 -76.44 -18.21 -73.92
C THR D 635 -77.36 -19.25 -74.55
N ASN D 636 -77.28 -19.34 -75.88
CA ASN D 636 -78.10 -20.24 -76.68
C ASN D 636 -77.59 -20.24 -78.11
N LEU D 637 -78.00 -21.25 -78.87
CA LEU D 637 -77.74 -21.34 -80.29
C LEU D 637 -79.02 -20.96 -81.02
N ILE D 638 -78.94 -19.95 -81.89
CA ILE D 638 -80.11 -19.51 -82.65
C ILE D 638 -79.80 -19.49 -84.13
N ASN D 639 -80.85 -19.52 -84.93
CA ASN D 639 -80.76 -19.53 -86.38
C ASN D 639 -80.71 -18.11 -86.93
N TYR D 640 -80.00 -17.95 -88.04
CA TYR D 640 -80.00 -16.69 -88.77
C TYR D 640 -81.31 -16.54 -89.54
N VAL D 641 -81.92 -15.36 -89.42
CA VAL D 641 -83.22 -15.07 -90.02
C VAL D 641 -83.07 -13.86 -90.94
N THR D 642 -83.54 -14.00 -92.17
CA THR D 642 -83.46 -12.92 -93.15
C THR D 642 -84.86 -12.58 -93.64
N SER D 643 -84.95 -11.50 -94.43
CA SER D 643 -86.22 -11.07 -94.99
C SER D 643 -86.04 -10.77 -96.47
N ILE D 644 -87.14 -10.87 -97.21
CA ILE D 644 -87.18 -10.63 -98.65
C ILE D 644 -88.45 -9.84 -98.97
N ARG D 645 -88.31 -8.85 -99.86
CA ARG D 645 -89.40 -7.99 -100.26
C ARG D 645 -89.47 -7.86 -101.78
N PRO D 646 -90.67 -7.69 -102.32
CA PRO D 646 -90.80 -7.10 -103.66
C PRO D 646 -90.59 -5.60 -103.58
N ASN D 647 -90.03 -5.02 -104.65
CA ASN D 647 -89.78 -3.58 -104.67
C ASN D 647 -91.05 -2.80 -105.00
N ILE D 648 -92.09 -3.03 -104.21
CA ILE D 648 -93.39 -2.39 -104.33
C ILE D 648 -93.59 -1.55 -103.09
N PHE D 649 -93.86 -0.27 -103.27
CA PHE D 649 -93.94 0.68 -102.17
C PHE D 649 -95.23 1.46 -102.29
N VAL D 650 -96.06 1.42 -101.24
CA VAL D 650 -97.31 2.16 -101.21
C VAL D 650 -97.37 2.92 -99.89
N GLY D 651 -98.22 3.94 -99.87
CA GLY D 651 -98.38 4.75 -98.68
C GLY D 651 -99.51 5.74 -98.86
N ARG D 652 -99.91 6.34 -97.75
CA ARG D 652 -100.99 7.31 -97.71
C ARG D 652 -100.45 8.67 -97.29
N ALA D 653 -100.88 9.71 -97.99
CA ALA D 653 -100.50 11.07 -97.68
C ALA D 653 -101.57 12.01 -98.20
N GLU D 654 -101.55 13.24 -97.71
CA GLU D 654 -102.51 14.26 -98.12
C GLU D 654 -102.26 14.63 -99.57
N GLY D 655 -103.23 14.31 -100.44
CA GLY D 655 -103.03 14.52 -101.86
C GLY D 655 -102.11 13.53 -102.53
N SER D 656 -101.86 12.38 -101.91
CA SER D 656 -101.02 11.34 -102.49
C SER D 656 -101.66 10.75 -103.73
N THR D 657 -100.82 10.45 -104.73
CA THR D 657 -101.28 9.90 -105.99
C THR D 657 -101.39 8.37 -105.97
N GLN D 658 -101.51 7.78 -104.78
CA GLN D 658 -101.50 6.34 -104.62
C GLN D 658 -102.81 5.86 -104.04
N TYR D 659 -103.28 4.72 -104.54
CA TYR D 659 -104.53 4.13 -104.09
C TYR D 659 -104.33 3.43 -102.76
N GLY D 660 -105.32 3.55 -101.87
CA GLY D 660 -105.11 3.18 -100.48
C GLY D 660 -105.44 1.76 -100.06
N LYS D 661 -105.56 0.85 -101.02
CA LYS D 661 -105.89 -0.54 -100.74
C LYS D 661 -105.07 -1.41 -101.66
N TRP D 662 -104.45 -2.46 -101.12
CA TRP D 662 -103.59 -3.31 -101.94
C TRP D 662 -103.66 -4.74 -101.41
N TYR D 663 -103.20 -5.68 -102.24
CA TYR D 663 -103.42 -7.10 -101.99
C TYR D 663 -102.33 -7.93 -102.67
N PHE D 664 -101.78 -8.88 -101.93
CA PHE D 664 -100.73 -9.76 -102.44
C PHE D 664 -100.86 -11.12 -101.75
N GLU D 665 -100.29 -12.15 -102.39
CA GLU D 665 -100.44 -13.53 -101.91
C GLU D 665 -99.10 -14.25 -101.87
N VAL D 666 -99.00 -15.22 -100.97
CA VAL D 666 -97.78 -16.00 -100.77
C VAL D 666 -98.14 -17.48 -100.80
N MET D 667 -97.41 -18.25 -101.61
CA MET D 667 -97.53 -19.69 -101.75
C MET D 667 -96.39 -20.36 -100.99
N VAL D 668 -96.72 -21.41 -100.25
CA VAL D 668 -95.71 -22.13 -99.47
C VAL D 668 -95.42 -23.44 -100.19
N ASP D 669 -94.18 -23.63 -100.66
CA ASP D 669 -93.85 -24.83 -101.41
C ASP D 669 -93.38 -25.95 -100.49
N GLU D 670 -92.29 -25.73 -99.76
CA GLU D 670 -91.74 -26.73 -98.84
C GLU D 670 -91.27 -26.03 -97.58
N VAL D 671 -91.55 -26.64 -96.43
CA VAL D 671 -91.10 -26.13 -95.13
C VAL D 671 -90.58 -27.30 -94.31
N VAL D 672 -89.29 -27.29 -94.04
CA VAL D 672 -88.71 -28.30 -93.15
C VAL D 672 -89.08 -27.93 -91.71
N PRO D 673 -89.69 -28.85 -90.93
CA PRO D 673 -90.18 -28.50 -89.59
C PRO D 673 -89.09 -28.04 -88.64
N PHE D 674 -88.09 -28.88 -88.43
CA PHE D 674 -86.97 -28.57 -87.54
C PHE D 674 -85.69 -28.87 -88.31
N LEU D 675 -85.23 -27.90 -89.10
CA LEU D 675 -83.97 -28.06 -89.81
C LEU D 675 -82.80 -28.17 -88.85
N THR D 676 -82.81 -27.37 -87.79
CA THR D 676 -81.86 -27.42 -86.70
C THR D 676 -82.63 -27.67 -85.42
N ALA D 677 -81.94 -27.52 -84.28
CA ALA D 677 -82.55 -27.70 -82.97
C ALA D 677 -83.70 -26.73 -82.70
N GLN D 678 -83.70 -25.57 -83.34
CA GLN D 678 -84.71 -24.55 -83.14
C GLN D 678 -85.74 -24.64 -84.25
N ALA D 679 -86.98 -24.27 -83.94
CA ALA D 679 -88.08 -24.35 -84.88
C ALA D 679 -87.84 -23.41 -86.06
N THR D 680 -88.18 -23.87 -87.25
CA THR D 680 -87.99 -23.08 -88.46
C THR D 680 -88.91 -21.86 -88.44
N HIS D 681 -88.36 -20.71 -88.83
CA HIS D 681 -89.06 -19.44 -88.78
C HIS D 681 -89.61 -19.10 -90.15
N LEU D 682 -90.85 -18.61 -90.17
CA LEU D 682 -91.48 -18.16 -91.41
C LEU D 682 -92.67 -17.28 -91.07
N ARG D 683 -92.64 -16.03 -91.50
CA ARG D 683 -93.70 -15.06 -91.26
C ARG D 683 -93.87 -14.21 -92.49
N VAL D 684 -95.09 -13.74 -92.71
CA VAL D 684 -95.45 -12.92 -93.87
C VAL D 684 -96.20 -11.70 -93.36
N GLY D 685 -95.89 -10.54 -93.90
CA GLY D 685 -96.61 -9.35 -93.49
C GLY D 685 -96.13 -8.09 -94.17
N TRP D 686 -96.53 -6.96 -93.59
CA TRP D 686 -96.20 -5.64 -94.10
C TRP D 686 -95.21 -4.96 -93.17
N ALA D 687 -94.32 -4.15 -93.75
CA ALA D 687 -93.27 -3.48 -93.01
C ALA D 687 -93.18 -2.02 -93.44
N LEU D 688 -92.65 -1.20 -92.56
CA LEU D 688 -92.57 0.24 -92.74
C LEU D 688 -91.13 0.61 -93.09
N THR D 689 -90.95 1.44 -94.12
CA THR D 689 -89.64 1.73 -94.69
C THR D 689 -88.75 2.60 -93.80
N GLU D 690 -89.21 3.06 -92.65
CA GLU D 690 -88.47 4.03 -91.86
C GLU D 690 -88.23 3.51 -90.46
N GLY D 691 -87.66 2.31 -90.35
CA GLY D 691 -87.41 1.71 -89.06
C GLY D 691 -87.49 0.20 -89.02
N TYR D 692 -87.97 -0.43 -90.08
CA TYR D 692 -87.81 -1.88 -90.18
C TYR D 692 -86.44 -2.16 -90.76
N SER D 693 -85.47 -2.37 -89.87
CA SER D 693 -84.08 -2.58 -90.23
C SER D 693 -83.64 -3.92 -89.64
N PRO D 694 -83.78 -5.01 -90.39
CA PRO D 694 -83.43 -6.35 -89.86
C PRO D 694 -81.97 -6.73 -90.08
N TYR D 695 -81.13 -6.18 -89.21
CA TYR D 695 -79.70 -6.49 -89.24
C TYR D 695 -79.48 -7.93 -88.78
N PRO D 696 -78.75 -8.74 -89.54
CA PRO D 696 -78.60 -10.16 -89.20
C PRO D 696 -77.86 -10.38 -87.89
N GLY D 697 -78.23 -11.45 -87.20
CA GLY D 697 -77.57 -11.83 -85.97
C GLY D 697 -78.35 -11.37 -84.76
N GLY D 698 -77.69 -10.64 -83.87
CA GLY D 698 -78.31 -10.22 -82.63
C GLY D 698 -79.36 -9.15 -82.85
N GLY D 699 -80.10 -8.89 -81.78
CA GLY D 699 -81.15 -7.89 -81.84
C GLY D 699 -82.08 -8.00 -80.64
N GLU D 700 -83.35 -7.69 -80.89
CA GLU D 700 -84.34 -7.72 -79.83
C GLU D 700 -84.59 -9.15 -79.38
N GLY D 701 -84.89 -9.29 -78.08
CA GLY D 701 -85.27 -10.57 -77.49
C GLY D 701 -84.16 -11.60 -77.62
N TRP D 702 -84.50 -12.73 -78.24
CA TRP D 702 -83.55 -13.83 -78.39
C TRP D 702 -83.05 -13.93 -79.83
N GLY D 703 -82.97 -12.80 -80.54
CA GLY D 703 -82.41 -12.78 -81.87
C GLY D 703 -83.33 -13.37 -82.93
N GLY D 704 -82.77 -13.48 -84.13
CA GLY D 704 -83.52 -13.95 -85.29
C GLY D 704 -84.71 -13.07 -85.61
N ASN D 705 -84.54 -11.76 -85.46
CA ASN D 705 -85.63 -10.83 -85.66
C ASN D 705 -86.05 -10.77 -87.13
N GLY D 706 -87.36 -10.68 -87.35
CA GLY D 706 -87.91 -10.55 -88.68
C GLY D 706 -89.14 -9.71 -88.65
N VAL D 707 -90.19 -10.15 -89.34
CA VAL D 707 -91.45 -9.41 -89.38
C VAL D 707 -92.15 -9.54 -88.03
N GLY D 708 -92.59 -8.41 -87.49
CA GLY D 708 -93.34 -8.38 -86.25
C GLY D 708 -92.48 -8.29 -85.01
N ASP D 709 -91.16 -8.35 -85.16
CA ASP D 709 -90.30 -8.29 -83.99
C ASP D 709 -90.13 -6.87 -83.45
N ASP D 710 -90.64 -5.87 -84.16
CA ASP D 710 -90.64 -4.49 -83.70
C ASP D 710 -92.00 -3.90 -84.03
N LEU D 711 -92.14 -2.59 -83.83
CA LEU D 711 -93.38 -1.89 -84.15
C LEU D 711 -93.38 -1.31 -85.56
N TYR D 712 -92.36 -1.59 -86.36
CA TYR D 712 -92.34 -1.15 -87.74
C TYR D 712 -92.75 -2.24 -88.71
N SER D 713 -93.25 -3.35 -88.20
CA SER D 713 -93.67 -4.48 -89.02
C SER D 713 -94.86 -5.14 -88.35
N TYR D 714 -95.63 -5.88 -89.14
CA TYR D 714 -96.82 -6.57 -88.66
C TYR D 714 -96.90 -7.87 -89.45
N GLY D 715 -96.92 -9.02 -88.77
CA GLY D 715 -96.79 -10.29 -89.45
C GLY D 715 -97.68 -11.37 -88.90
N PHE D 716 -97.76 -12.45 -89.68
CA PHE D 716 -98.61 -13.59 -89.41
C PHE D 716 -97.86 -14.86 -89.78
N ASP D 717 -97.99 -15.88 -88.93
CA ASP D 717 -97.22 -17.12 -89.08
C ASP D 717 -98.08 -18.36 -89.17
N GLY D 718 -99.41 -18.22 -89.18
CA GLY D 718 -100.32 -19.34 -89.14
C GLY D 718 -100.99 -19.54 -87.80
N LEU D 719 -100.39 -19.06 -86.72
CA LEU D 719 -101.00 -19.14 -85.40
C LEU D 719 -100.93 -17.86 -84.60
N HIS D 720 -100.07 -16.91 -84.95
CA HIS D 720 -99.87 -15.73 -84.12
C HIS D 720 -99.86 -14.47 -84.97
N LEU D 721 -100.20 -13.35 -84.33
CA LEU D 721 -100.11 -12.02 -84.91
C LEU D 721 -98.94 -11.31 -84.26
N TRP D 722 -97.87 -11.12 -85.02
CA TRP D 722 -96.62 -10.62 -84.49
C TRP D 722 -96.53 -9.10 -84.66
N THR D 723 -96.31 -8.40 -83.56
CA THR D 723 -96.01 -6.98 -83.55
C THR D 723 -95.38 -6.62 -82.21
N GLY D 724 -94.26 -5.91 -82.27
CA GLY D 724 -93.52 -5.58 -81.06
C GLY D 724 -92.95 -6.78 -80.33
N HIS D 725 -92.51 -7.81 -81.07
CA HIS D 725 -91.88 -9.02 -80.53
C HIS D 725 -92.78 -9.70 -79.50
N VAL D 726 -94.09 -9.75 -79.78
CA VAL D 726 -95.07 -10.44 -78.96
C VAL D 726 -95.96 -11.27 -79.88
N ALA D 727 -96.22 -12.50 -79.48
CA ALA D 727 -97.10 -13.39 -80.24
C ALA D 727 -98.46 -13.45 -79.56
N ARG D 728 -99.52 -13.38 -80.36
CA ARG D 728 -100.89 -13.41 -79.87
C ARG D 728 -101.66 -14.43 -80.69
N PRO D 729 -102.27 -15.44 -80.06
CA PRO D 729 -102.94 -16.51 -80.83
C PRO D 729 -104.14 -15.99 -81.59
N VAL D 730 -104.42 -16.63 -82.72
CA VAL D 730 -105.54 -16.27 -83.58
C VAL D 730 -106.35 -17.52 -83.92
N THR D 731 -107.67 -17.41 -83.78
CA THR D 731 -108.57 -18.46 -84.24
C THR D 731 -108.52 -18.51 -85.77
N SER D 732 -108.56 -19.71 -86.34
CA SER D 732 -108.49 -19.88 -87.78
C SER D 732 -109.27 -21.14 -88.14
N PRO D 733 -109.73 -21.26 -89.40
CA PRO D 733 -110.40 -22.50 -89.81
C PRO D 733 -109.44 -23.67 -89.98
N GLY D 734 -109.14 -24.35 -88.88
CA GLY D 734 -108.15 -25.42 -88.91
C GLY D 734 -106.76 -24.86 -88.73
N GLN D 735 -106.57 -24.15 -87.61
CA GLN D 735 -105.34 -23.42 -87.34
C GLN D 735 -104.14 -24.37 -87.22
N HIS D 736 -102.99 -23.90 -87.72
CA HIS D 736 -101.70 -24.58 -87.65
C HIS D 736 -100.63 -23.63 -88.14
N LEU D 737 -99.38 -24.03 -87.94
CA LEU D 737 -98.26 -23.31 -88.53
C LEU D 737 -98.27 -23.47 -90.04
N LEU D 738 -97.55 -22.58 -90.73
CA LEU D 738 -97.50 -22.59 -92.18
C LEU D 738 -96.90 -23.89 -92.69
N ALA D 739 -97.73 -24.70 -93.32
CA ALA D 739 -97.39 -25.98 -93.89
C ALA D 739 -97.27 -25.84 -95.41
N PRO D 740 -96.66 -26.81 -96.11
CA PRO D 740 -96.63 -26.74 -97.58
C PRO D 740 -98.02 -26.70 -98.19
N GLU D 741 -98.11 -25.99 -99.33
CA GLU D 741 -99.36 -25.74 -100.06
C GLU D 741 -100.37 -25.02 -99.18
N ASP D 742 -100.01 -23.80 -98.79
CA ASP D 742 -100.88 -22.93 -98.03
C ASP D 742 -100.98 -21.58 -98.72
N VAL D 743 -102.13 -20.94 -98.57
CA VAL D 743 -102.42 -19.67 -99.24
C VAL D 743 -102.51 -18.59 -98.18
N VAL D 744 -101.65 -17.58 -98.28
CA VAL D 744 -101.64 -16.45 -97.34
C VAL D 744 -101.98 -15.21 -98.14
N SER D 745 -103.14 -14.61 -97.85
CA SER D 745 -103.59 -13.39 -98.53
C SER D 745 -103.67 -12.26 -97.53
N CYS D 746 -102.75 -11.30 -97.62
CA CYS D 746 -102.74 -10.15 -96.72
C CYS D 746 -103.39 -8.96 -97.42
N CYS D 747 -104.46 -8.46 -96.82
CA CYS D 747 -105.22 -7.33 -97.32
C CYS D 747 -104.82 -6.09 -96.54
N LEU D 748 -104.40 -5.04 -97.25
CA LEU D 748 -103.96 -3.81 -96.63
C LEU D 748 -104.91 -2.68 -96.99
N ASP D 749 -105.43 -1.99 -95.98
CA ASP D 749 -106.17 -0.75 -96.17
C ASP D 749 -105.47 0.33 -95.36
N LEU D 750 -105.19 1.45 -96.04
CA LEU D 750 -104.54 2.61 -95.46
C LEU D 750 -105.50 3.75 -95.14
N SER D 751 -106.64 3.84 -95.86
CA SER D 751 -107.65 4.87 -95.58
C SER D 751 -108.12 4.75 -94.14
N VAL D 752 -108.56 3.57 -93.75
CA VAL D 752 -108.75 3.21 -92.35
C VAL D 752 -107.62 2.26 -92.01
N PRO D 753 -106.91 2.45 -90.89
CA PRO D 753 -105.77 1.56 -90.59
C PRO D 753 -106.19 0.11 -90.37
N SER D 754 -105.83 -0.79 -91.29
CA SER D 754 -106.27 -2.18 -91.15
C SER D 754 -105.51 -3.15 -92.05
N ILE D 755 -104.93 -4.18 -91.43
CA ILE D 755 -104.29 -5.27 -92.15
C ILE D 755 -104.99 -6.56 -91.76
N SER D 756 -105.60 -7.21 -92.75
CA SER D 756 -106.38 -8.42 -92.56
C SER D 756 -105.65 -9.59 -93.21
N PHE D 757 -105.67 -10.73 -92.54
CA PHE D 757 -105.04 -11.93 -93.06
C PHE D 757 -106.09 -12.97 -93.42
N ARG D 758 -105.84 -13.69 -94.50
CA ARG D 758 -106.72 -14.77 -94.94
C ARG D 758 -105.91 -16.01 -95.26
N ILE D 759 -106.12 -17.07 -94.50
CA ILE D 759 -105.40 -18.33 -94.70
C ILE D 759 -106.27 -19.22 -95.58
N ASN D 760 -105.69 -19.73 -96.68
CA ASN D 760 -106.33 -20.65 -97.62
C ASN D 760 -107.64 -20.09 -98.18
N GLY D 761 -107.70 -18.77 -98.32
CA GLY D 761 -108.89 -18.08 -98.76
C GLY D 761 -109.92 -17.85 -97.68
N CYS D 762 -109.66 -18.29 -96.44
CA CYS D 762 -110.60 -18.22 -95.34
C CYS D 762 -110.17 -17.14 -94.35
N PRO D 763 -111.11 -16.42 -93.72
CA PRO D 763 -110.75 -15.29 -92.86
C PRO D 763 -110.02 -15.69 -91.59
N VAL D 764 -109.15 -14.78 -91.13
CA VAL D 764 -108.41 -14.94 -89.88
C VAL D 764 -108.86 -13.82 -88.95
N GLN D 765 -109.38 -14.19 -87.78
CA GLN D 765 -110.09 -13.30 -86.88
C GLN D 765 -109.13 -12.46 -86.04
N GLY D 766 -108.51 -11.49 -86.71
CA GLY D 766 -107.64 -10.54 -86.05
C GLY D 766 -107.16 -9.51 -87.04
N VAL D 767 -107.19 -8.23 -86.68
CA VAL D 767 -106.76 -7.14 -87.55
C VAL D 767 -105.99 -6.10 -86.73
N PHE D 768 -104.83 -5.69 -87.25
CA PHE D 768 -104.11 -4.57 -86.68
C PHE D 768 -104.82 -3.26 -87.04
N GLU D 769 -104.85 -2.32 -86.10
CA GLU D 769 -105.61 -1.09 -86.27
C GLU D 769 -104.88 0.05 -85.59
N ALA D 770 -105.26 1.27 -85.97
CA ALA D 770 -104.79 2.52 -85.33
C ALA D 770 -103.28 2.66 -85.32
N PHE D 771 -102.63 2.24 -86.39
CA PHE D 771 -101.19 2.29 -86.50
C PHE D 771 -100.77 3.51 -87.32
N ASN D 772 -99.57 4.01 -87.02
CA ASN D 772 -99.04 5.18 -87.70
C ASN D 772 -98.79 4.90 -89.17
N LEU D 773 -98.98 5.93 -89.99
CA LEU D 773 -98.94 5.77 -91.44
C LEU D 773 -97.70 6.37 -92.10
N ASP D 774 -96.90 7.14 -91.35
CA ASP D 774 -95.72 7.80 -91.90
C ASP D 774 -94.74 6.76 -92.45
N GLY D 775 -94.23 7.03 -93.64
CA GLY D 775 -93.41 6.05 -94.33
C GLY D 775 -94.23 5.22 -95.29
N LEU D 776 -93.55 4.29 -95.95
CA LEU D 776 -94.16 3.47 -96.98
C LEU D 776 -94.31 2.03 -96.50
N PHE D 777 -95.41 1.39 -96.88
CA PHE D 777 -95.69 0.02 -96.49
C PHE D 777 -95.37 -0.91 -97.66
N PHE D 778 -94.66 -1.99 -97.40
CA PHE D 778 -94.27 -2.91 -98.45
C PHE D 778 -94.41 -4.35 -97.98
N PRO D 779 -94.67 -5.29 -98.91
CA PRO D 779 -94.76 -6.70 -98.52
C PRO D 779 -93.39 -7.21 -98.11
N VAL D 780 -93.38 -8.20 -97.22
CA VAL D 780 -92.12 -8.76 -96.73
C VAL D 780 -92.41 -10.14 -96.18
N VAL D 781 -91.47 -11.06 -96.42
CA VAL D 781 -91.48 -12.38 -95.80
C VAL D 781 -90.16 -12.61 -95.08
N SER D 782 -90.23 -12.93 -93.79
CA SER D 782 -89.06 -13.21 -92.98
C SER D 782 -88.99 -14.71 -92.73
N PHE D 783 -87.80 -15.28 -92.91
CA PHE D 783 -87.67 -16.72 -92.87
C PHE D 783 -86.30 -17.10 -92.35
N SER D 784 -86.23 -18.33 -91.87
CA SER D 784 -84.97 -18.98 -91.55
C SER D 784 -84.62 -19.91 -92.70
N ALA D 785 -83.55 -20.68 -92.55
CA ALA D 785 -83.10 -21.56 -93.61
C ALA D 785 -84.03 -22.75 -93.81
N GLY D 786 -84.13 -23.19 -95.07
CA GLY D 786 -84.87 -24.38 -95.40
C GLY D 786 -86.32 -24.15 -95.77
N VAL D 787 -86.59 -23.06 -96.48
CA VAL D 787 -87.93 -22.74 -96.96
C VAL D 787 -87.90 -22.36 -98.43
N LYS D 788 -89.04 -22.57 -99.09
CA LYS D 788 -89.30 -22.19 -100.48
C LYS D 788 -90.65 -21.51 -100.52
N VAL D 789 -90.67 -20.20 -100.71
CA VAL D 789 -91.90 -19.42 -100.73
C VAL D 789 -92.02 -18.67 -102.04
N ARG D 790 -93.23 -18.62 -102.59
CA ARG D 790 -93.49 -17.96 -103.85
C ARG D 790 -94.39 -16.75 -103.67
N PHE D 791 -94.05 -15.67 -104.36
CA PHE D 791 -94.81 -14.43 -104.32
C PHE D 791 -95.75 -14.41 -105.51
N LEU D 792 -97.03 -14.19 -105.22
CA LEU D 792 -98.12 -14.02 -106.19
C LEU D 792 -98.59 -12.58 -106.10
N LEU D 793 -98.43 -11.84 -107.19
CA LEU D 793 -98.74 -10.42 -107.19
C LEU D 793 -99.81 -10.06 -108.21
N GLY D 794 -100.47 -11.06 -108.79
CA GLY D 794 -101.57 -10.82 -109.70
C GLY D 794 -101.07 -10.35 -111.06
N GLY D 795 -102.03 -10.19 -111.98
CA GLY D 795 -101.70 -9.84 -113.35
C GLY D 795 -100.80 -10.89 -113.98
N ARG D 796 -99.70 -10.43 -114.55
CA ARG D 796 -98.70 -11.35 -115.09
C ARG D 796 -97.72 -11.81 -114.02
N HIS D 797 -97.78 -11.23 -112.82
CA HIS D 797 -96.85 -11.58 -111.73
C HIS D 797 -97.52 -12.47 -110.69
N GLY D 798 -98.35 -13.39 -111.12
CA GLY D 798 -99.01 -14.33 -110.26
C GLY D 798 -100.41 -14.63 -110.77
N GLU D 799 -101.19 -15.33 -109.95
CA GLU D 799 -102.55 -15.72 -110.33
C GLU D 799 -103.57 -15.40 -109.24
N PHE D 800 -103.11 -15.35 -107.98
CA PHE D 800 -103.85 -15.14 -106.74
C PHE D 800 -104.73 -16.32 -106.32
N LYS D 801 -104.94 -17.30 -107.22
CA LYS D 801 -105.61 -18.58 -106.96
C LYS D 801 -106.95 -18.54 -106.22
N PHE D 802 -107.55 -17.36 -106.13
CA PHE D 802 -108.71 -17.01 -105.31
C PHE D 802 -109.24 -15.68 -105.81
N LEU D 803 -110.21 -15.12 -105.10
CA LEU D 803 -110.81 -13.85 -105.45
C LEU D 803 -110.44 -12.82 -104.40
N PRO D 804 -109.69 -11.77 -104.78
CA PRO D 804 -109.39 -10.71 -103.82
C PRO D 804 -110.65 -10.00 -103.39
N PRO D 805 -110.69 -9.50 -102.15
CA PRO D 805 -111.87 -8.77 -101.69
C PRO D 805 -112.05 -7.49 -102.48
N PRO D 806 -113.29 -7.03 -102.65
CA PRO D 806 -113.55 -5.85 -103.50
C PRO D 806 -112.85 -4.59 -103.00
N GLY D 807 -112.33 -3.83 -103.94
CA GLY D 807 -111.62 -2.60 -103.64
C GLY D 807 -110.13 -2.75 -103.42
N TYR D 808 -109.60 -3.96 -103.41
CA TYR D 808 -108.17 -4.18 -103.16
C TYR D 808 -107.48 -4.50 -104.47
N ALA D 809 -106.60 -3.60 -104.91
CA ALA D 809 -105.91 -3.80 -106.17
C ALA D 809 -104.71 -4.73 -105.98
N PRO D 810 -104.36 -5.50 -107.02
CA PRO D 810 -103.13 -6.30 -106.95
C PRO D 810 -101.90 -5.42 -106.76
N CYS D 811 -100.97 -5.89 -105.92
CA CYS D 811 -99.78 -5.10 -105.57
C CYS D 811 -98.85 -4.85 -106.75
N HIS D 812 -98.92 -5.66 -107.81
CA HIS D 812 -98.11 -5.46 -109.01
C HIS D 812 -98.47 -4.21 -109.79
N GLU D 813 -99.58 -3.55 -109.47
CA GLU D 813 -99.99 -2.33 -110.12
C GLU D 813 -99.37 -1.09 -109.49
N ALA D 814 -98.59 -1.24 -108.42
CA ALA D 814 -97.92 -0.13 -107.76
C ALA D 814 -96.48 0.07 -108.20
N VAL D 815 -95.98 -0.71 -109.16
CA VAL D 815 -94.60 -0.55 -109.61
C VAL D 815 -94.42 0.79 -110.30
N LEU D 816 -93.40 1.53 -109.88
CA LEU D 816 -93.13 2.84 -110.45
C LEU D 816 -92.64 2.69 -111.89
N PRO D 817 -92.99 3.64 -112.78
CA PRO D 817 -92.69 3.47 -114.22
C PRO D 817 -91.20 3.38 -114.56
N ARG D 818 -90.33 3.92 -113.72
CA ARG D 818 -88.90 3.89 -113.98
C ARG D 818 -88.22 2.61 -113.53
N GLU D 819 -88.92 1.75 -112.79
CA GLU D 819 -88.31 0.55 -112.26
C GLU D 819 -89.16 -0.68 -112.57
N ARG D 820 -88.48 -1.81 -112.73
CA ARG D 820 -89.12 -3.08 -112.95
C ARG D 820 -89.33 -3.81 -111.63
N LEU D 821 -90.02 -4.94 -111.69
CA LEU D 821 -90.31 -5.72 -110.50
C LEU D 821 -89.19 -6.72 -110.26
N ARG D 822 -88.68 -6.74 -109.04
CA ARG D 822 -87.67 -7.71 -108.64
C ARG D 822 -87.72 -7.88 -107.14
N LEU D 823 -87.14 -8.98 -106.67
CA LEU D 823 -87.12 -9.31 -105.25
C LEU D 823 -85.72 -9.10 -104.70
N GLU D 824 -85.62 -8.27 -103.67
CA GLU D 824 -84.34 -7.92 -103.09
C GLU D 824 -84.47 -7.86 -101.58
N PRO D 825 -83.39 -8.12 -100.85
CA PRO D 825 -83.45 -8.07 -99.39
C PRO D 825 -83.65 -6.65 -98.89
N ILE D 826 -84.03 -6.55 -97.61
CA ILE D 826 -84.19 -5.29 -96.90
C ILE D 826 -82.78 -4.70 -96.71
N LYS D 827 -82.69 -3.46 -96.19
CA LYS D 827 -81.46 -2.67 -95.96
C LYS D 827 -80.29 -3.53 -95.50
N GLU D 828 -79.20 -3.45 -96.25
CA GLU D 828 -78.07 -4.33 -96.07
C GLU D 828 -76.77 -3.54 -96.07
N TYR D 829 -75.69 -4.25 -95.82
CA TYR D 829 -74.35 -3.69 -95.83
C TYR D 829 -73.34 -4.54 -96.57
N ARG D 830 -73.76 -5.63 -97.20
CA ARG D 830 -72.85 -6.52 -97.91
C ARG D 830 -73.66 -7.33 -98.91
N ARG D 831 -73.10 -7.52 -100.11
CA ARG D 831 -73.70 -8.40 -101.10
C ARG D 831 -72.58 -9.11 -101.83
N GLU D 832 -72.85 -10.31 -102.33
CA GLU D 832 -71.83 -11.06 -103.04
C GLU D 832 -71.49 -10.40 -104.38
N GLY D 833 -70.22 -10.50 -104.78
CA GLY D 833 -69.76 -9.92 -106.01
C GLY D 833 -68.90 -10.90 -106.77
N PRO D 834 -68.44 -10.51 -107.96
CA PRO D 834 -67.63 -11.40 -108.81
C PRO D 834 -66.36 -11.89 -108.13
N ARG D 835 -65.52 -10.95 -107.69
CA ARG D 835 -64.27 -11.27 -107.05
C ARG D 835 -64.33 -11.18 -105.53
N GLY D 836 -65.49 -10.86 -104.95
CA GLY D 836 -65.59 -10.76 -103.51
C GLY D 836 -66.80 -9.99 -103.03
N PRO D 837 -67.10 -10.10 -101.74
CA PRO D 837 -68.25 -9.36 -101.19
C PRO D 837 -68.05 -7.86 -101.34
N HIS D 838 -69.14 -7.16 -101.57
CA HIS D 838 -69.17 -5.73 -101.77
C HIS D 838 -69.84 -5.09 -100.56
N LEU D 839 -69.11 -4.21 -99.89
CA LEU D 839 -69.68 -3.41 -98.82
C LEU D 839 -70.60 -2.37 -99.42
N VAL D 840 -71.86 -2.40 -99.04
CA VAL D 840 -72.90 -1.56 -99.63
C VAL D 840 -73.30 -0.51 -98.61
N GLY D 841 -73.21 0.77 -98.99
CA GLY D 841 -73.64 1.84 -98.14
C GLY D 841 -75.15 1.92 -98.01
N PRO D 842 -75.62 2.95 -97.31
CA PRO D 842 -77.07 3.17 -97.15
C PRO D 842 -77.79 3.28 -98.49
N SER D 843 -79.04 2.83 -98.49
CA SER D 843 -79.85 2.82 -99.71
C SER D 843 -80.83 3.99 -99.67
N ARG D 844 -80.91 4.72 -100.78
CA ARG D 844 -81.87 5.80 -100.88
C ARG D 844 -83.27 5.20 -100.90
N CYS D 845 -84.15 5.71 -100.05
CA CYS D 845 -85.47 5.16 -99.89
C CYS D 845 -86.50 6.18 -100.36
N LEU D 846 -87.47 5.70 -101.14
CA LEU D 846 -88.54 6.56 -101.62
C LEU D 846 -89.47 6.91 -100.45
N SER D 847 -90.14 8.05 -100.57
CA SER D 847 -90.99 8.57 -99.51
C SER D 847 -92.38 8.87 -100.04
N HIS D 848 -93.36 8.83 -99.12
CA HIS D 848 -94.74 9.18 -99.46
C HIS D 848 -94.82 10.63 -99.93
N THR D 849 -94.07 11.52 -99.27
CA THR D 849 -93.95 12.92 -99.67
C THR D 849 -93.46 13.10 -101.10
N ASP D 850 -92.82 12.09 -101.69
CA ASP D 850 -92.40 12.13 -103.08
C ASP D 850 -93.50 11.70 -104.04
N PHE D 851 -94.69 11.38 -103.53
CA PHE D 851 -95.83 11.08 -104.39
C PHE D 851 -96.86 12.19 -104.41
N VAL D 852 -96.68 13.24 -103.63
CA VAL D 852 -97.62 14.36 -103.72
C VAL D 852 -97.04 15.34 -104.74
N PRO D 853 -97.80 15.73 -105.76
CA PRO D 853 -97.27 16.72 -106.70
C PRO D 853 -97.49 18.11 -106.14
N CYS D 854 -96.39 18.82 -105.86
CA CYS D 854 -96.45 20.13 -105.25
C CYS D 854 -95.90 21.17 -106.22
N PRO D 855 -96.76 21.76 -107.04
CA PRO D 855 -96.29 22.74 -108.02
C PRO D 855 -96.21 24.12 -107.37
N VAL D 856 -95.84 25.11 -108.17
CA VAL D 856 -95.91 26.50 -107.73
C VAL D 856 -97.25 27.08 -108.19
N ASP D 857 -97.95 27.72 -107.26
CA ASP D 857 -99.28 28.24 -107.54
C ASP D 857 -99.20 29.33 -108.61
N THR D 858 -100.07 29.22 -109.62
CA THR D 858 -100.08 30.14 -110.74
C THR D 858 -101.39 30.93 -110.80
N VAL D 859 -101.86 31.42 -109.67
CA VAL D 859 -103.09 32.21 -109.60
C VAL D 859 -102.81 33.67 -109.27
N GLN D 860 -102.08 33.93 -108.19
CA GLN D 860 -101.84 35.31 -107.73
C GLN D 860 -100.68 35.93 -108.53
N ILE D 861 -100.92 36.10 -109.82
CA ILE D 861 -99.95 36.70 -110.74
C ILE D 861 -100.70 37.66 -111.66
N VAL D 862 -100.48 38.97 -111.46
CA VAL D 862 -101.01 39.94 -112.40
C VAL D 862 -100.20 39.88 -113.70
N LEU D 863 -100.89 39.79 -114.81
CA LEU D 863 -100.26 39.52 -116.11
C LEU D 863 -99.62 40.80 -116.64
N PRO D 864 -98.33 40.79 -116.97
CA PRO D 864 -97.61 42.03 -117.30
C PRO D 864 -97.92 42.53 -118.71
N PRO D 865 -97.63 43.82 -118.99
CA PRO D 865 -97.86 44.35 -120.34
C PRO D 865 -96.98 43.70 -121.41
N HIS D 866 -95.72 43.40 -121.10
CA HIS D 866 -94.85 42.82 -122.12
C HIS D 866 -95.26 41.39 -122.44
N LEU D 867 -96.00 40.75 -121.54
CA LEU D 867 -96.52 39.41 -121.78
C LEU D 867 -97.82 39.47 -122.58
N GLU D 868 -98.77 40.34 -122.21
CA GLU D 868 -99.97 40.48 -123.05
C GLU D 868 -99.64 40.98 -124.45
N ARG D 869 -98.52 41.71 -124.58
CA ARG D 869 -98.02 42.12 -125.88
C ARG D 869 -97.59 40.93 -126.73
N ILE D 870 -97.13 39.85 -126.10
CA ILE D 870 -96.72 38.66 -126.85
C ILE D 870 -97.67 37.48 -126.54
N ARG D 871 -98.89 37.79 -126.10
CA ARG D 871 -99.88 36.79 -125.71
C ARG D 871 -100.36 35.95 -126.90
N GLU D 872 -100.14 36.41 -128.13
CA GLU D 872 -100.76 35.82 -129.30
C GLU D 872 -99.84 34.86 -130.05
N LYS D 873 -98.63 35.29 -130.42
CA LYS D 873 -97.73 34.46 -131.22
C LYS D 873 -97.34 33.17 -130.49
N LEU D 874 -97.04 33.28 -129.20
CA LEU D 874 -96.75 32.10 -128.36
C LEU D 874 -97.95 31.16 -128.18
N ALA D 875 -99.16 31.61 -128.50
CA ALA D 875 -100.32 30.72 -128.53
C ALA D 875 -100.52 30.14 -129.93
N GLU D 876 -100.36 30.99 -130.95
CA GLU D 876 -100.49 30.57 -132.33
C GLU D 876 -99.48 29.49 -132.66
N ASN D 877 -98.32 29.53 -132.01
CA ASN D 877 -97.29 28.55 -132.29
C ASN D 877 -97.52 27.28 -131.49
N ILE D 878 -98.48 27.24 -130.58
CA ILE D 878 -98.78 26.02 -129.84
C ILE D 878 -100.23 25.61 -130.03
N HIS D 879 -100.87 26.08 -131.08
CA HIS D 879 -102.24 25.66 -131.37
C HIS D 879 -102.31 24.37 -132.17
N GLU D 880 -101.32 24.10 -133.03
CA GLU D 880 -101.27 22.83 -133.74
C GLU D 880 -99.85 22.24 -133.77
N LEU D 881 -99.02 22.61 -132.79
CA LEU D 881 -97.66 22.10 -132.76
C LEU D 881 -97.67 20.58 -132.57
N TRP D 882 -98.56 20.07 -131.70
CA TRP D 882 -98.74 18.63 -131.59
C TRP D 882 -99.31 18.02 -132.86
N ALA D 883 -99.92 18.83 -133.73
CA ALA D 883 -100.51 18.36 -134.96
C ALA D 883 -99.53 18.30 -136.10
N LEU D 884 -98.40 19.01 -135.99
CA LEU D 884 -97.47 19.11 -137.12
C LEU D 884 -96.78 17.79 -137.45
N THR D 885 -96.53 16.96 -136.43
CA THR D 885 -95.75 15.74 -136.58
C THR D 885 -96.40 14.74 -137.52
N ARG D 886 -97.72 14.58 -137.43
CA ARG D 886 -98.45 13.48 -138.05
C ARG D 886 -99.10 13.81 -139.39
N ILE D 887 -98.89 15.03 -139.93
CA ILE D 887 -99.44 15.35 -141.24
C ILE D 887 -98.65 14.57 -142.30
N GLU D 888 -99.31 14.25 -143.42
CA GLU D 888 -98.79 13.41 -144.52
C GLU D 888 -98.50 11.98 -144.05
N GLN D 889 -99.25 11.52 -143.04
CA GLN D 889 -99.17 10.14 -142.56
C GLN D 889 -100.57 9.54 -142.56
N GLY D 890 -100.74 8.39 -141.90
CA GLY D 890 -102.08 7.83 -141.72
C GLY D 890 -103.04 8.73 -140.97
N TRP D 891 -102.52 9.61 -140.11
CA TRP D 891 -103.31 10.62 -139.42
C TRP D 891 -103.23 11.95 -140.16
N THR D 892 -103.75 11.96 -141.39
CA THR D 892 -103.77 13.13 -142.24
C THR D 892 -105.19 13.67 -142.31
N TYR D 893 -105.33 14.97 -142.08
CA TYR D 893 -106.61 15.64 -141.88
C TYR D 893 -107.52 15.54 -143.11
N GLY D 894 -108.81 15.81 -142.89
CA GLY D 894 -109.81 15.84 -143.90
C GLY D 894 -110.82 16.93 -143.55
N PRO D 895 -111.35 17.60 -144.59
CA PRO D 895 -112.30 18.70 -144.35
C PRO D 895 -113.60 18.30 -143.65
N VAL D 896 -114.03 17.05 -143.81
CA VAL D 896 -115.31 16.61 -143.22
C VAL D 896 -115.24 16.56 -141.69
N ARG D 897 -114.11 16.16 -141.13
CA ARG D 897 -113.97 15.95 -139.70
C ARG D 897 -113.05 16.99 -139.09
N ASP D 898 -112.75 16.81 -137.81
CA ASP D 898 -111.94 17.74 -137.02
C ASP D 898 -111.01 16.91 -136.15
N ASP D 899 -110.46 17.53 -135.11
CA ASP D 899 -109.54 16.88 -134.18
C ASP D 899 -110.18 15.65 -133.51
N ASN D 900 -109.30 14.77 -133.01
CA ASN D 900 -109.62 13.59 -132.21
C ASN D 900 -110.38 12.52 -133.00
N LYS D 901 -110.37 12.58 -134.33
CA LYS D 901 -111.09 11.64 -135.17
C LYS D 901 -110.16 10.77 -136.02
N ARG D 902 -108.98 10.42 -135.49
CA ARG D 902 -107.91 9.64 -136.12
C ARG D 902 -107.33 10.28 -137.38
N LEU D 903 -107.74 11.50 -137.70
CA LEU D 903 -107.27 12.33 -138.80
C LEU D 903 -107.14 13.77 -138.29
N HIS D 904 -106.53 13.88 -137.11
CA HIS D 904 -106.59 15.10 -136.29
C HIS D 904 -106.15 16.45 -136.89
N PRO D 905 -104.96 16.60 -137.65
CA PRO D 905 -104.24 17.89 -137.70
C PRO D 905 -104.94 19.24 -137.76
N CYS D 906 -105.76 19.49 -138.79
CA CYS D 906 -106.47 20.75 -139.04
C CYS D 906 -105.54 21.96 -138.90
N LEU D 907 -104.56 22.02 -139.80
CA LEU D 907 -103.50 23.02 -139.74
C LEU D 907 -103.95 24.43 -140.10
N VAL D 908 -105.20 24.61 -140.54
CA VAL D 908 -105.67 25.87 -141.12
C VAL D 908 -105.50 27.02 -140.13
N ASN D 909 -106.22 26.97 -139.02
CA ASN D 909 -106.22 27.97 -137.97
C ASN D 909 -107.06 27.45 -136.81
N PHE D 910 -106.96 28.15 -135.68
CA PHE D 910 -107.77 27.87 -134.51
C PHE D 910 -109.14 28.54 -134.57
N HIS D 911 -109.36 29.45 -135.53
CA HIS D 911 -110.69 30.01 -135.73
C HIS D 911 -111.65 28.93 -136.23
N SER D 912 -111.19 28.07 -137.14
CA SER D 912 -111.98 26.92 -137.55
C SER D 912 -112.19 25.97 -136.39
N LEU D 913 -111.22 25.87 -135.49
CA LEU D 913 -111.33 25.01 -134.32
C LEU D 913 -112.28 25.65 -133.30
N PRO D 914 -112.87 24.83 -132.40
CA PRO D 914 -113.85 25.36 -131.44
C PRO D 914 -113.29 26.46 -130.53
N GLU D 915 -114.12 27.48 -130.29
CA GLU D 915 -113.73 28.65 -129.51
C GLU D 915 -113.30 28.38 -128.06
N PRO D 916 -114.00 27.56 -127.23
CA PRO D 916 -113.54 27.38 -125.83
C PRO D 916 -112.14 26.80 -125.72
N GLU D 917 -111.84 25.69 -126.40
CA GLU D 917 -110.48 25.16 -126.37
C GLU D 917 -109.50 26.12 -127.04
N ARG D 918 -109.97 26.96 -127.98
CA ARG D 918 -109.12 27.97 -128.63
C ARG D 918 -108.60 28.98 -127.62
N ASN D 919 -109.49 29.77 -127.01
CA ASN D 919 -109.05 30.73 -126.01
C ASN D 919 -108.48 30.05 -124.76
N TYR D 920 -108.84 28.79 -124.52
CA TYR D 920 -108.16 27.98 -123.51
C TYR D 920 -106.70 27.79 -123.87
N ASN D 921 -106.39 27.55 -125.16
CA ASN D 921 -105.00 27.40 -125.59
C ASN D 921 -104.25 28.72 -125.46
N LEU D 922 -104.93 29.84 -125.80
CA LEU D 922 -104.34 31.17 -125.56
C LEU D 922 -103.97 31.36 -124.08
N GLN D 923 -104.92 31.11 -123.18
CA GLN D 923 -104.64 31.32 -121.78
C GLN D 923 -103.80 30.19 -121.16
N MET D 924 -103.61 29.06 -121.87
CA MET D 924 -102.57 28.11 -121.50
C MET D 924 -101.18 28.61 -121.87
N SER D 925 -101.04 29.28 -123.02
CA SER D 925 -99.79 29.98 -123.32
C SER D 925 -99.50 31.05 -122.27
N GLY D 926 -100.54 31.82 -121.90
CA GLY D 926 -100.44 32.75 -120.79
C GLY D 926 -100.10 32.06 -119.47
N GLU D 927 -100.64 30.85 -119.27
CA GLU D 927 -100.38 30.08 -118.06
C GLU D 927 -98.93 29.64 -117.98
N THR D 928 -98.35 29.22 -119.11
CA THR D 928 -96.92 28.93 -119.18
C THR D 928 -96.08 30.17 -118.88
N LEU D 929 -96.47 31.33 -119.43
CA LEU D 929 -95.78 32.57 -119.06
C LEU D 929 -95.96 32.92 -117.58
N LYS D 930 -97.10 32.57 -116.98
CA LYS D 930 -97.30 32.81 -115.56
C LYS D 930 -96.43 31.90 -114.72
N THR D 931 -96.25 30.65 -115.17
CA THR D 931 -95.27 29.76 -114.57
C THR D 931 -93.86 30.32 -114.68
N LEU D 932 -93.53 30.95 -115.82
CA LEU D 932 -92.22 31.59 -115.98
C LEU D 932 -92.04 32.72 -114.97
N LEU D 933 -93.11 33.49 -114.75
CA LEU D 933 -93.09 34.55 -113.74
C LEU D 933 -92.88 34.00 -112.35
N ALA D 934 -93.69 33.01 -111.96
CA ALA D 934 -93.60 32.44 -110.61
C ALA D 934 -92.25 31.76 -110.39
N LEU D 935 -91.66 31.22 -111.46
CA LEU D 935 -90.33 30.63 -111.35
C LEU D 935 -89.27 31.71 -111.19
N GLY D 936 -89.47 32.86 -111.84
CA GLY D 936 -88.46 33.90 -111.81
C GLY D 936 -87.87 34.25 -113.17
N CYS D 937 -88.67 34.14 -114.22
CA CYS D 937 -88.26 34.50 -115.57
C CYS D 937 -88.89 35.81 -116.00
N HIS D 938 -88.05 36.72 -116.51
CA HIS D 938 -88.47 38.03 -116.98
C HIS D 938 -87.83 38.28 -118.35
N VAL D 939 -88.47 39.13 -119.14
CA VAL D 939 -88.12 39.26 -120.56
C VAL D 939 -87.58 40.66 -120.84
N GLY D 940 -86.68 40.74 -121.80
CA GLY D 940 -86.12 42.00 -122.26
C GLY D 940 -85.78 41.95 -123.73
N MET D 941 -86.07 43.03 -124.46
CA MET D 941 -85.95 43.07 -125.91
C MET D 941 -84.72 43.87 -126.29
N ALA D 942 -83.82 43.25 -127.07
CA ALA D 942 -82.63 43.93 -127.55
C ALA D 942 -82.58 44.00 -129.08
N ASP D 943 -82.60 42.86 -129.77
CA ASP D 943 -82.09 42.81 -131.13
C ASP D 943 -83.24 43.04 -132.13
N GLU D 944 -82.96 42.76 -133.41
CA GLU D 944 -83.94 42.87 -134.50
C GLU D 944 -85.19 42.02 -134.28
N LYS D 945 -86.35 42.59 -134.61
CA LYS D 945 -87.63 41.91 -134.40
C LYS D 945 -87.69 40.69 -135.30
N ALA D 946 -87.86 39.50 -134.70
CA ALA D 946 -87.91 38.25 -135.46
C ALA D 946 -89.07 38.21 -136.46
N GLU D 947 -90.14 38.98 -136.21
CA GLU D 947 -91.28 39.07 -137.12
C GLU D 947 -90.87 39.43 -138.55
N ASP D 948 -89.86 40.29 -138.69
CA ASP D 948 -89.39 40.67 -140.02
C ASP D 948 -88.64 39.52 -140.68
N ASN D 949 -87.72 38.90 -139.95
CA ASN D 949 -86.77 37.95 -140.52
C ASN D 949 -87.29 36.51 -140.34
N LEU D 950 -88.57 36.36 -140.02
CA LEU D 950 -89.24 35.08 -139.99
C LEU D 950 -90.20 34.98 -141.16
N LYS D 951 -90.40 33.75 -141.65
CA LYS D 951 -91.31 33.51 -142.75
C LYS D 951 -91.99 32.16 -142.55
N LYS D 952 -93.13 32.00 -143.23
CA LYS D 952 -93.86 30.74 -143.22
C LYS D 952 -93.48 29.95 -144.47
N THR D 953 -93.21 28.66 -144.29
CA THR D 953 -92.68 27.81 -145.34
C THR D 953 -93.75 26.79 -145.72
N LYS D 954 -94.34 26.95 -146.91
CA LYS D 954 -95.26 25.97 -147.46
C LYS D 954 -94.43 24.81 -147.99
N LEU D 955 -94.12 23.87 -147.09
CA LEU D 955 -93.31 22.72 -147.43
C LEU D 955 -94.09 21.78 -148.36
N PRO D 956 -93.39 20.97 -149.17
CA PRO D 956 -94.09 19.89 -149.88
C PRO D 956 -94.81 18.93 -148.95
N LYS D 957 -94.19 18.59 -147.82
CA LYS D 957 -94.90 17.92 -146.75
C LYS D 957 -95.85 18.91 -146.06
N THR D 958 -96.86 18.34 -145.38
CA THR D 958 -97.94 19.06 -144.69
C THR D 958 -98.81 19.87 -145.65
N TYR D 959 -98.81 19.51 -146.93
CA TYR D 959 -99.71 20.14 -147.88
C TYR D 959 -101.12 19.59 -147.71
N MET D 960 -102.09 20.49 -147.65
CA MET D 960 -103.49 20.12 -147.46
C MET D 960 -104.40 20.88 -148.41
N MET D 961 -105.56 20.28 -148.66
CA MET D 961 -106.57 20.83 -149.56
C MET D 961 -107.55 21.74 -148.84
N SER D 962 -107.64 21.65 -147.51
CA SER D 962 -108.59 22.42 -146.73
C SER D 962 -107.99 23.80 -146.46
N ASN D 963 -108.45 24.79 -147.24
CA ASN D 963 -108.15 26.22 -147.07
C ASN D 963 -106.63 26.48 -147.07
N GLY D 964 -105.97 26.00 -148.11
CA GLY D 964 -104.55 26.26 -148.28
C GLY D 964 -103.68 25.43 -147.35
N TYR D 965 -102.37 25.48 -147.61
CA TYR D 965 -101.42 24.72 -146.82
C TYR D 965 -100.43 25.66 -146.15
N LYS D 966 -100.07 25.31 -144.92
CA LYS D 966 -99.16 26.08 -144.10
C LYS D 966 -98.59 25.16 -143.02
N PRO D 967 -97.48 25.52 -142.38
CA PRO D 967 -97.07 24.79 -141.17
C PRO D 967 -98.16 24.86 -140.11
N ALA D 968 -98.40 23.71 -139.46
CA ALA D 968 -99.46 23.63 -138.45
C ALA D 968 -99.23 24.59 -137.27
N PRO D 969 -98.03 24.67 -136.62
CA PRO D 969 -97.80 25.81 -135.73
C PRO D 969 -97.31 27.00 -136.54
N LEU D 970 -96.95 28.09 -135.88
CA LEU D 970 -96.37 29.21 -136.59
C LEU D 970 -94.90 28.90 -136.86
N ASP D 971 -94.45 29.17 -138.08
CA ASP D 971 -93.11 28.76 -138.51
C ASP D 971 -92.03 29.58 -137.79
N LEU D 972 -90.82 29.04 -137.80
CA LEU D 972 -89.69 29.69 -137.15
C LEU D 972 -88.41 29.27 -137.87
N SER D 973 -87.44 30.18 -137.91
CA SER D 973 -86.17 29.95 -138.58
C SER D 973 -85.16 29.48 -137.53
N HIS D 974 -83.88 29.43 -137.93
CA HIS D 974 -82.75 29.07 -137.06
C HIS D 974 -82.68 29.87 -135.76
N VAL D 975 -82.88 29.18 -134.64
CA VAL D 975 -82.89 29.74 -133.28
C VAL D 975 -82.32 28.65 -132.38
N ARG D 976 -81.55 29.04 -131.36
CA ARG D 976 -80.87 28.09 -130.48
C ARG D 976 -81.27 28.37 -129.04
N LEU D 977 -80.81 27.51 -128.12
CA LEU D 977 -81.19 27.61 -126.72
C LEU D 977 -80.01 27.22 -125.84
N THR D 978 -79.75 28.03 -124.82
CA THR D 978 -78.65 27.80 -123.89
C THR D 978 -79.08 26.82 -122.77
N PRO D 979 -78.11 26.22 -122.05
CA PRO D 979 -78.49 25.27 -120.98
C PRO D 979 -79.38 25.84 -119.88
N ALA D 980 -79.26 27.14 -119.54
CA ALA D 980 -80.19 27.77 -118.61
C ALA D 980 -81.63 27.58 -119.07
N GLN D 981 -81.88 27.79 -120.37
CA GLN D 981 -83.20 27.57 -120.95
C GLN D 981 -83.58 26.09 -120.91
N THR D 982 -82.60 25.19 -121.06
CA THR D 982 -82.90 23.76 -120.99
C THR D 982 -83.40 23.36 -119.60
N THR D 983 -82.67 23.76 -118.55
CA THR D 983 -83.12 23.49 -117.18
C THR D 983 -84.46 24.15 -116.89
N LEU D 984 -84.63 25.39 -117.35
CA LEU D 984 -85.88 26.12 -117.10
C LEU D 984 -87.06 25.46 -117.78
N VAL D 985 -86.90 24.99 -119.01
CA VAL D 985 -88.01 24.31 -119.69
C VAL D 985 -88.26 22.95 -119.04
N ASP D 986 -87.21 22.32 -118.48
CA ASP D 986 -87.38 21.07 -117.74
C ASP D 986 -88.30 21.27 -116.54
N ARG D 987 -88.00 22.26 -115.70
CA ARG D 987 -88.86 22.49 -114.54
C ARG D 987 -90.21 23.11 -114.94
N LEU D 988 -90.27 23.78 -116.09
CA LEU D 988 -91.55 24.27 -116.61
C LEU D 988 -92.46 23.11 -116.98
N ALA D 989 -91.89 22.07 -117.59
CA ALA D 989 -92.66 20.87 -117.89
C ALA D 989 -93.02 20.13 -116.61
N GLU D 990 -92.10 20.15 -115.63
CA GLU D 990 -92.40 19.60 -114.31
C GLU D 990 -93.63 20.27 -113.69
N ASN D 991 -93.68 21.60 -113.74
CA ASN D 991 -94.80 22.31 -113.14
C ASN D 991 -96.06 22.19 -114.00
N GLY D 992 -95.94 21.72 -115.23
CA GLY D 992 -97.14 21.43 -116.00
C GLY D 992 -97.70 20.08 -115.61
N HIS D 993 -96.78 19.10 -115.54
CA HIS D 993 -97.15 17.74 -115.16
C HIS D 993 -97.74 17.69 -113.76
N ASN D 994 -97.17 18.44 -112.81
CA ASN D 994 -97.63 18.33 -111.43
C ASN D 994 -98.97 19.03 -111.23
N VAL D 995 -99.30 20.00 -112.09
CA VAL D 995 -100.63 20.61 -112.03
C VAL D 995 -101.65 19.67 -112.65
N TRP D 996 -101.28 19.02 -113.75
CA TRP D 996 -102.17 18.04 -114.39
C TRP D 996 -102.46 16.89 -113.44
N ALA D 997 -101.42 16.38 -112.77
CA ALA D 997 -101.57 15.27 -111.83
C ALA D 997 -102.40 15.69 -110.63
N ARG D 998 -102.17 16.92 -110.13
CA ARG D 998 -102.95 17.47 -109.02
C ARG D 998 -104.43 17.53 -109.38
N ASP D 999 -104.72 18.01 -110.60
CA ASP D 999 -106.10 18.11 -111.05
C ASP D 999 -106.76 16.73 -111.15
N ARG D 1000 -106.04 15.76 -111.73
CA ARG D 1000 -106.58 14.40 -111.86
C ARG D 1000 -106.88 13.79 -110.49
N VAL D 1001 -105.96 13.99 -109.55
CA VAL D 1001 -106.17 13.52 -108.17
C VAL D 1001 -107.39 14.20 -107.58
N ALA D 1002 -107.53 15.51 -107.79
CA ALA D 1002 -108.71 16.22 -107.34
C ALA D 1002 -109.98 15.74 -108.01
N GLN D 1003 -109.89 15.10 -109.19
CA GLN D 1003 -111.03 14.39 -109.75
C GLN D 1003 -111.05 12.92 -109.35
N GLY D 1004 -110.22 12.53 -108.38
CA GLY D 1004 -110.29 11.20 -107.81
C GLY D 1004 -109.31 10.18 -108.33
N TRP D 1005 -108.72 10.43 -109.51
CA TRP D 1005 -107.83 9.48 -110.17
C TRP D 1005 -106.61 9.10 -109.32
N SER D 1006 -105.97 8.00 -109.68
CA SER D 1006 -104.76 7.54 -109.01
C SER D 1006 -103.88 6.76 -109.99
N TYR D 1007 -102.77 6.23 -109.47
CA TYR D 1007 -101.77 5.55 -110.28
C TYR D 1007 -102.07 4.06 -110.36
N SER D 1008 -101.78 3.46 -111.52
CA SER D 1008 -101.80 2.02 -111.71
C SER D 1008 -100.96 1.74 -112.94
N ALA D 1009 -100.04 0.77 -112.85
CA ALA D 1009 -99.14 0.43 -113.96
C ALA D 1009 -99.88 -0.05 -115.20
N VAL D 1010 -101.13 -0.50 -115.06
CA VAL D 1010 -102.00 -0.84 -116.18
C VAL D 1010 -103.14 0.18 -116.20
N GLN D 1011 -103.45 0.72 -117.37
CA GLN D 1011 -104.41 1.82 -117.46
C GLN D 1011 -105.82 1.28 -117.35
N ASP D 1012 -106.62 1.89 -116.49
CA ASP D 1012 -108.03 1.57 -116.30
C ASP D 1012 -108.83 2.85 -116.30
N ILE D 1013 -109.38 3.22 -117.45
CA ILE D 1013 -110.17 4.44 -117.60
C ILE D 1013 -111.48 4.37 -116.80
N PRO D 1014 -112.35 3.33 -116.92
CA PRO D 1014 -113.57 3.33 -116.08
C PRO D 1014 -113.29 3.28 -114.59
N ALA D 1015 -112.19 2.67 -114.18
CA ALA D 1015 -111.76 2.71 -112.79
C ALA D 1015 -110.95 3.95 -112.45
N ARG D 1016 -110.69 4.81 -113.45
CA ARG D 1016 -110.08 6.14 -113.28
C ARG D 1016 -108.67 6.04 -112.72
N ARG D 1017 -107.84 5.22 -113.37
CA ARG D 1017 -106.45 5.08 -112.97
C ARG D 1017 -105.58 5.12 -114.22
N ASN D 1018 -104.38 5.70 -114.07
CA ASN D 1018 -103.51 6.03 -115.18
C ASN D 1018 -102.10 5.56 -114.84
N PRO D 1019 -101.29 5.18 -115.84
CA PRO D 1019 -99.88 4.88 -115.59
C PRO D 1019 -98.97 6.08 -115.49
N ARG D 1020 -99.49 7.29 -115.60
CA ARG D 1020 -98.64 8.47 -115.57
C ARG D 1020 -98.97 9.40 -114.42
N LEU D 1021 -99.89 9.02 -113.54
CA LEU D 1021 -100.17 9.77 -112.32
C LEU D 1021 -99.11 9.50 -111.25
N VAL D 1022 -97.90 9.95 -111.54
CA VAL D 1022 -96.82 10.03 -110.56
C VAL D 1022 -96.19 11.40 -110.77
N PRO D 1023 -95.55 11.98 -109.75
CA PRO D 1023 -94.81 13.24 -109.95
C PRO D 1023 -93.71 13.09 -111.00
N TYR D 1024 -93.41 14.24 -111.65
CA TYR D 1024 -92.50 14.30 -112.79
C TYR D 1024 -91.17 13.64 -112.48
N ARG D 1025 -90.67 13.81 -111.25
CA ARG D 1025 -89.38 13.24 -110.85
C ARG D 1025 -89.42 11.71 -110.89
N LEU D 1026 -90.62 11.12 -110.78
CA LEU D 1026 -90.82 9.69 -110.79
C LEU D 1026 -91.33 9.20 -112.14
N LEU D 1027 -91.68 10.13 -113.04
CA LEU D 1027 -92.15 9.78 -114.37
C LEU D 1027 -91.04 9.07 -115.17
N ASP D 1028 -91.41 8.52 -116.31
CA ASP D 1028 -90.45 7.85 -117.16
C ASP D 1028 -89.83 8.85 -118.15
N GLU D 1029 -88.65 8.49 -118.66
CA GLU D 1029 -87.88 9.38 -119.54
C GLU D 1029 -88.59 9.64 -120.86
N ALA D 1030 -89.34 8.65 -121.36
CA ALA D 1030 -90.12 8.83 -122.59
C ALA D 1030 -91.14 9.96 -122.44
N THR D 1031 -91.92 9.91 -121.36
CA THR D 1031 -92.93 10.93 -121.12
C THR D 1031 -92.29 12.26 -120.75
N LYS D 1032 -91.17 12.23 -120.01
CA LYS D 1032 -90.40 13.44 -119.72
C LYS D 1032 -90.01 14.17 -121.01
N ARG D 1033 -89.46 13.41 -121.96
CA ARG D 1033 -89.04 13.98 -123.23
C ARG D 1033 -90.23 14.48 -124.03
N SER D 1034 -91.33 13.72 -124.02
CA SER D 1034 -92.53 14.10 -124.76
C SER D 1034 -93.13 15.40 -124.24
N ASN D 1035 -93.19 15.57 -122.91
CA ASN D 1035 -93.63 16.84 -122.36
C ASN D 1035 -92.64 17.96 -122.67
N ARG D 1036 -91.35 17.70 -122.50
CA ARG D 1036 -90.35 18.75 -122.68
C ARG D 1036 -90.23 19.24 -124.11
N ASP D 1037 -90.56 18.39 -125.10
CA ASP D 1037 -90.40 18.77 -126.51
C ASP D 1037 -91.29 19.95 -126.91
N SER D 1038 -92.57 19.90 -126.51
CA SER D 1038 -93.54 20.95 -126.88
C SER D 1038 -93.15 22.29 -126.29
N LEU D 1039 -92.90 22.31 -124.98
CA LEU D 1039 -92.55 23.55 -124.32
C LEU D 1039 -91.14 23.99 -124.67
N CYS D 1040 -90.27 23.07 -125.10
CA CYS D 1040 -88.96 23.46 -125.65
C CYS D 1040 -89.14 24.23 -126.94
N GLN D 1041 -90.05 23.77 -127.80
CA GLN D 1041 -90.37 24.53 -129.00
C GLN D 1041 -90.95 25.89 -128.65
N ALA D 1042 -91.82 25.93 -127.63
CA ALA D 1042 -92.44 27.18 -127.18
C ALA D 1042 -91.39 28.19 -126.70
N VAL D 1043 -90.49 27.75 -125.81
CA VAL D 1043 -89.46 28.65 -125.29
C VAL D 1043 -88.48 29.02 -126.40
N ARG D 1044 -88.28 28.13 -127.38
CA ARG D 1044 -87.46 28.46 -128.55
C ARG D 1044 -88.09 29.59 -129.35
N THR D 1045 -89.40 29.52 -129.58
CA THR D 1045 -90.12 30.57 -130.28
C THR D 1045 -90.07 31.88 -129.51
N LEU D 1046 -90.12 31.80 -128.17
CA LEU D 1046 -89.95 32.99 -127.34
C LEU D 1046 -88.55 33.58 -127.51
N LEU D 1047 -87.54 32.71 -127.53
CA LEU D 1047 -86.15 33.14 -127.66
C LEU D 1047 -85.89 33.79 -129.01
N GLY D 1048 -86.56 33.29 -130.06
CA GLY D 1048 -86.41 33.85 -131.39
C GLY D 1048 -86.72 35.33 -131.48
N TYR D 1049 -87.76 35.77 -130.75
CA TYR D 1049 -88.12 37.18 -130.68
C TYR D 1049 -87.16 38.01 -129.83
N GLY D 1050 -86.08 37.41 -129.33
CA GLY D 1050 -85.03 38.12 -128.65
C GLY D 1050 -85.30 38.44 -127.20
N TYR D 1051 -86.46 38.03 -126.68
CA TYR D 1051 -86.79 38.33 -125.29
C TYR D 1051 -86.06 37.36 -124.38
N ASN D 1052 -85.30 37.93 -123.44
CA ASN D 1052 -84.40 37.15 -122.60
C ASN D 1052 -85.17 36.19 -121.71
N ILE D 1053 -84.61 34.99 -121.52
CA ILE D 1053 -85.11 34.04 -120.55
C ILE D 1053 -84.17 34.15 -119.35
N GLU D 1054 -84.62 34.84 -118.31
CA GLU D 1054 -83.73 35.16 -117.19
C GLU D 1054 -83.80 34.06 -116.16
N PRO D 1055 -82.69 33.39 -115.84
CA PRO D 1055 -82.70 32.43 -114.75
C PRO D 1055 -82.97 33.12 -113.43
N PRO D 1056 -83.68 32.45 -112.53
CA PRO D 1056 -83.91 32.99 -111.18
C PRO D 1056 -82.68 32.76 -110.31
N ASP D 1057 -82.76 33.24 -109.07
CA ASP D 1057 -81.70 32.99 -108.11
C ASP D 1057 -81.63 31.50 -107.76
N GLN D 1058 -80.45 31.07 -107.32
CA GLN D 1058 -80.18 29.68 -106.99
C GLN D 1058 -80.20 29.50 -105.48
N GLU D 1059 -81.02 28.57 -105.00
CA GLU D 1059 -81.10 28.26 -103.57
C GLU D 1059 -80.77 26.79 -103.38
N PRO D 1060 -79.67 26.46 -102.70
CA PRO D 1060 -79.34 25.05 -102.44
C PRO D 1060 -80.21 24.46 -101.35
N SER D 1061 -80.83 23.32 -101.63
CA SER D 1061 -81.74 22.66 -100.70
C SER D 1061 -81.42 21.18 -100.61
N GLN D 1062 -81.69 20.62 -99.44
CA GLN D 1062 -81.51 19.20 -99.16
C GLN D 1062 -82.85 18.57 -98.87
N VAL D 1063 -83.12 17.43 -99.53
CA VAL D 1063 -84.41 16.76 -99.41
C VAL D 1063 -84.63 16.24 -97.99
N GLU D 1064 -83.64 15.55 -97.43
CA GLU D 1064 -83.72 15.02 -96.08
C GLU D 1064 -82.56 15.56 -95.26
N ASN D 1065 -82.86 16.14 -94.11
CA ASN D 1065 -81.84 16.76 -93.27
C ASN D 1065 -81.74 16.19 -91.87
N GLN D 1066 -82.86 15.77 -91.27
CA GLN D 1066 -82.89 15.31 -89.89
C GLN D 1066 -81.98 14.12 -89.65
N SER D 1067 -82.11 13.08 -90.48
CA SER D 1067 -81.35 11.86 -90.29
C SER D 1067 -79.98 11.99 -90.96
N ARG D 1068 -79.12 12.77 -90.31
CA ARG D 1068 -77.74 12.91 -90.75
C ARG D 1068 -76.93 11.64 -90.53
N TRP D 1069 -77.41 10.73 -89.68
CA TRP D 1069 -76.66 9.54 -89.33
C TRP D 1069 -76.92 8.39 -90.30
N ASP D 1070 -78.14 8.30 -90.85
CA ASP D 1070 -78.42 7.33 -91.90
C ASP D 1070 -77.91 7.82 -93.26
N ARG D 1071 -76.64 8.18 -93.33
CA ARG D 1071 -75.98 8.66 -94.53
C ARG D 1071 -74.69 7.92 -94.80
N VAL D 1072 -73.93 7.56 -93.77
CA VAL D 1072 -72.66 6.90 -93.99
C VAL D 1072 -72.74 5.57 -93.26
N ARG D 1073 -71.73 4.73 -93.45
CA ARG D 1073 -71.69 3.42 -92.80
C ARG D 1073 -70.22 2.99 -92.72
N ILE D 1074 -69.56 3.31 -91.62
CA ILE D 1074 -68.14 3.05 -91.49
C ILE D 1074 -67.91 1.54 -91.42
N PHE D 1075 -66.82 1.08 -92.05
CA PHE D 1075 -66.35 -0.30 -92.04
C PHE D 1075 -64.89 -0.29 -91.64
N ARG D 1076 -64.51 -1.22 -90.77
CA ARG D 1076 -63.12 -1.30 -90.34
C ARG D 1076 -62.84 -2.70 -89.83
N ALA D 1077 -61.56 -3.06 -89.78
CA ALA D 1077 -61.20 -4.37 -89.27
C ALA D 1077 -61.35 -4.41 -87.75
N GLU D 1078 -61.36 -5.63 -87.22
CA GLU D 1078 -61.49 -5.82 -85.78
C GLU D 1078 -60.24 -5.30 -85.07
N LYS D 1079 -60.42 -4.89 -83.80
CA LYS D 1079 -59.34 -4.28 -83.03
C LYS D 1079 -58.15 -5.20 -82.81
N SER D 1080 -58.36 -6.53 -82.85
CA SER D 1080 -57.26 -7.46 -82.63
C SER D 1080 -56.22 -7.42 -83.74
N TYR D 1081 -56.59 -6.94 -84.92
CA TYR D 1081 -55.69 -6.82 -86.05
C TYR D 1081 -54.93 -5.49 -86.05
N THR D 1082 -54.80 -4.85 -84.89
CA THR D 1082 -54.04 -3.61 -84.78
C THR D 1082 -52.58 -3.83 -85.09
N VAL D 1083 -52.01 -2.95 -85.92
CA VAL D 1083 -50.63 -3.01 -86.36
C VAL D 1083 -49.88 -1.79 -85.82
N GLN D 1084 -48.66 -2.03 -85.35
CA GLN D 1084 -47.83 -0.96 -84.79
C GLN D 1084 -46.42 -0.94 -85.37
N SER D 1085 -46.14 -1.76 -86.38
CA SER D 1085 -44.81 -1.81 -86.98
C SER D 1085 -44.93 -2.35 -88.39
N GLY D 1086 -43.86 -2.16 -89.16
CA GLY D 1086 -43.84 -2.66 -90.52
C GLY D 1086 -44.60 -1.80 -91.52
N ARG D 1087 -44.72 -2.37 -92.72
CA ARG D 1087 -45.39 -1.71 -93.82
C ARG D 1087 -46.49 -2.61 -94.34
N TRP D 1088 -47.68 -2.05 -94.49
CA TRP D 1088 -48.86 -2.83 -94.86
C TRP D 1088 -49.56 -2.17 -96.05
N TYR D 1089 -50.33 -2.98 -96.77
CA TYR D 1089 -51.00 -2.51 -97.98
C TYR D 1089 -52.31 -3.25 -98.18
N PHE D 1090 -53.31 -2.52 -98.67
CA PHE D 1090 -54.61 -3.13 -98.97
C PHE D 1090 -55.28 -2.36 -100.08
N GLU D 1091 -56.29 -2.96 -100.70
CA GLU D 1091 -56.92 -2.37 -101.87
C GLU D 1091 -58.38 -2.02 -101.58
N PHE D 1092 -58.92 -1.10 -102.39
CA PHE D 1092 -60.32 -0.74 -102.25
C PHE D 1092 -60.88 -0.34 -103.62
N GLU D 1093 -61.46 -1.32 -104.30
CA GLU D 1093 -62.11 -1.07 -105.58
C GLU D 1093 -63.35 -0.21 -105.36
N ALA D 1094 -63.51 0.81 -106.18
CA ALA D 1094 -64.61 1.78 -106.11
C ALA D 1094 -65.62 1.45 -107.20
N VAL D 1095 -66.63 0.62 -106.89
CA VAL D 1095 -67.62 0.26 -107.90
C VAL D 1095 -68.42 1.48 -108.34
N THR D 1096 -68.85 2.30 -107.38
CA THR D 1096 -69.53 3.55 -107.71
C THR D 1096 -68.51 4.69 -107.66
N THR D 1097 -69.01 5.93 -107.87
CA THR D 1097 -68.13 7.10 -107.93
C THR D 1097 -68.56 8.19 -106.96
N GLY D 1098 -69.30 7.86 -105.93
CA GLY D 1098 -69.84 8.85 -105.02
C GLY D 1098 -68.96 9.14 -103.82
N GLU D 1099 -69.60 9.50 -102.72
CA GLU D 1099 -68.90 9.89 -101.48
C GLU D 1099 -68.47 8.61 -100.76
N MET D 1100 -67.24 8.18 -101.03
CA MET D 1100 -66.65 7.04 -100.33
C MET D 1100 -65.25 7.46 -99.92
N ARG D 1101 -64.86 7.07 -98.71
CA ARG D 1101 -63.58 7.45 -98.15
C ARG D 1101 -62.84 6.21 -97.68
N VAL D 1102 -61.53 6.15 -97.94
CA VAL D 1102 -60.76 4.97 -97.54
C VAL D 1102 -59.42 5.41 -96.95
N GLY D 1103 -58.98 4.71 -95.91
CA GLY D 1103 -57.70 5.03 -95.29
C GLY D 1103 -57.33 4.16 -94.12
N TRP D 1104 -56.78 4.78 -93.07
CA TRP D 1104 -56.42 4.06 -91.86
C TRP D 1104 -56.92 4.81 -90.65
N ALA D 1105 -57.26 4.07 -89.60
CA ALA D 1105 -57.87 4.65 -88.42
C ALA D 1105 -57.25 4.05 -87.16
N ARG D 1106 -57.28 4.82 -86.10
CA ARG D 1106 -56.90 4.34 -84.79
C ARG D 1106 -58.06 3.54 -84.18
N PRO D 1107 -57.76 2.56 -83.31
CA PRO D 1107 -58.79 1.59 -82.88
C PRO D 1107 -60.00 2.19 -82.18
N GLU D 1108 -59.83 3.29 -81.45
CA GLU D 1108 -60.91 3.90 -80.69
C GLU D 1108 -61.74 4.87 -81.51
N LEU D 1109 -61.79 4.67 -82.83
CA LEU D 1109 -62.54 5.52 -83.75
C LEU D 1109 -64.02 5.54 -83.39
N ARG D 1110 -64.58 6.75 -83.29
CA ARG D 1110 -65.99 6.88 -82.95
C ARG D 1110 -66.85 6.47 -84.14
N PRO D 1111 -68.04 5.91 -83.88
CA PRO D 1111 -68.84 5.40 -85.00
C PRO D 1111 -69.75 6.45 -85.61
N ASP D 1112 -70.04 7.51 -84.87
CA ASP D 1112 -71.02 8.51 -85.30
C ASP D 1112 -70.39 9.78 -85.86
N VAL D 1113 -69.10 9.78 -86.11
CA VAL D 1113 -68.38 10.97 -86.56
C VAL D 1113 -67.74 10.64 -87.90
N GLU D 1114 -67.91 11.52 -88.88
CA GLU D 1114 -67.30 11.34 -90.19
C GLU D 1114 -65.78 11.28 -90.09
N LEU D 1115 -65.19 10.39 -90.89
CA LEU D 1115 -63.76 10.16 -90.90
C LEU D 1115 -62.98 11.40 -91.30
N GLY D 1116 -61.87 11.64 -90.63
CA GLY D 1116 -61.01 12.77 -90.88
C GLY D 1116 -61.41 14.01 -90.11
N ALA D 1117 -62.70 14.18 -89.81
CA ALA D 1117 -63.20 15.31 -89.04
C ALA D 1117 -62.62 15.37 -87.62
N ASP D 1118 -62.13 14.25 -87.12
CA ASP D 1118 -61.38 14.16 -85.87
C ASP D 1118 -59.97 13.67 -86.17
N GLU D 1119 -59.17 13.52 -85.13
CA GLU D 1119 -57.79 13.12 -85.26
C GLU D 1119 -57.61 11.61 -85.18
N LEU D 1120 -58.69 10.84 -85.13
CA LEU D 1120 -58.57 9.40 -84.91
C LEU D 1120 -58.38 8.64 -86.20
N ALA D 1121 -58.40 9.31 -87.35
CA ALA D 1121 -58.30 8.61 -88.62
C ALA D 1121 -57.64 9.52 -89.65
N TYR D 1122 -56.87 8.90 -90.54
CA TYR D 1122 -56.29 9.53 -91.70
C TYR D 1122 -56.98 8.90 -92.90
N VAL D 1123 -57.73 9.69 -93.66
CA VAL D 1123 -58.56 9.08 -94.70
C VAL D 1123 -58.48 9.93 -95.96
N PHE D 1124 -58.62 9.27 -97.11
CA PHE D 1124 -58.64 9.94 -98.40
C PHE D 1124 -60.05 9.86 -98.98
N ASN D 1125 -60.61 11.03 -99.29
CA ASN D 1125 -61.93 11.18 -99.89
C ASN D 1125 -61.71 11.41 -101.38
N GLY D 1126 -61.94 10.38 -102.18
CA GLY D 1126 -61.77 10.53 -103.62
C GLY D 1126 -63.04 10.82 -104.39
N HIS D 1127 -64.09 11.26 -103.70
CA HIS D 1127 -65.21 11.85 -104.42
C HIS D 1127 -64.78 13.11 -105.16
N ARG D 1128 -63.89 13.90 -104.57
CA ARG D 1128 -63.37 15.07 -105.26
C ARG D 1128 -61.88 15.30 -105.02
N GLY D 1129 -61.15 14.29 -104.56
CA GLY D 1129 -59.72 14.42 -104.37
C GLY D 1129 -59.30 15.27 -103.18
N GLN D 1130 -59.64 14.82 -101.97
CA GLN D 1130 -59.30 15.51 -100.73
C GLN D 1130 -58.69 14.52 -99.76
N ARG D 1131 -57.81 15.01 -98.90
CA ARG D 1131 -57.30 14.21 -97.79
C ARG D 1131 -57.85 14.80 -96.50
N TRP D 1132 -58.33 13.92 -95.61
CA TRP D 1132 -59.00 14.34 -94.39
C TRP D 1132 -58.21 13.86 -93.18
N HIS D 1133 -57.78 14.82 -92.36
CA HIS D 1133 -57.29 14.59 -91.01
C HIS D 1133 -57.39 15.91 -90.26
N LEU D 1134 -58.36 16.01 -89.34
CA LEU D 1134 -58.71 17.24 -88.62
C LEU D 1134 -59.04 18.38 -89.60
N GLY D 1135 -59.68 18.04 -90.70
CA GLY D 1135 -59.98 18.98 -91.76
C GLY D 1135 -59.58 18.43 -93.11
N SER D 1136 -59.99 19.16 -94.14
CA SER D 1136 -59.81 18.71 -95.52
C SER D 1136 -58.93 19.68 -96.30
N GLU D 1137 -58.02 19.12 -97.09
CA GLU D 1137 -57.25 19.87 -98.07
C GLU D 1137 -57.10 19.03 -99.32
N PRO D 1138 -57.06 19.66 -100.50
CA PRO D 1138 -57.00 18.90 -101.75
C PRO D 1138 -55.73 18.08 -101.89
N PHE D 1139 -55.86 16.94 -102.57
CA PHE D 1139 -54.79 15.97 -102.74
C PHE D 1139 -55.23 14.98 -103.82
N GLY D 1140 -54.31 14.63 -104.70
CA GLY D 1140 -54.56 13.64 -105.74
C GLY D 1140 -55.65 14.08 -106.68
N ARG D 1141 -56.42 13.11 -107.15
CA ARG D 1141 -57.52 13.35 -108.07
C ARG D 1141 -58.66 12.41 -107.73
N PRO D 1142 -59.90 12.81 -108.01
CA PRO D 1142 -61.02 11.88 -107.84
C PRO D 1142 -60.95 10.72 -108.81
N TRP D 1143 -61.52 9.58 -108.40
CA TRP D 1143 -61.53 8.39 -109.23
C TRP D 1143 -62.70 8.38 -110.21
N GLN D 1144 -62.85 7.25 -110.88
CA GLN D 1144 -64.04 6.88 -111.63
C GLN D 1144 -64.35 5.42 -111.29
N SER D 1145 -65.32 4.84 -112.00
CA SER D 1145 -65.69 3.45 -111.77
C SER D 1145 -64.55 2.49 -112.10
N GLY D 1146 -64.45 1.41 -111.34
CA GLY D 1146 -63.48 0.37 -111.58
C GLY D 1146 -62.09 0.66 -111.04
N ASP D 1147 -61.90 1.80 -110.39
CA ASP D 1147 -60.58 2.18 -109.89
C ASP D 1147 -60.28 1.47 -108.57
N VAL D 1148 -59.02 1.09 -108.39
CA VAL D 1148 -58.59 0.32 -107.23
C VAL D 1148 -57.67 1.21 -106.39
N VAL D 1149 -58.24 1.87 -105.38
CA VAL D 1149 -57.49 2.78 -104.52
C VAL D 1149 -56.66 1.92 -103.57
N GLY D 1150 -55.38 1.71 -103.89
CA GLY D 1150 -54.50 0.96 -103.02
C GLY D 1150 -53.91 1.87 -101.96
N CYS D 1151 -53.98 1.44 -100.71
CA CYS D 1151 -53.52 2.21 -99.58
C CYS D 1151 -52.31 1.53 -98.95
N MET D 1152 -51.18 2.26 -98.90
CA MET D 1152 -49.98 1.86 -98.20
C MET D 1152 -50.15 2.17 -96.71
N ILE D 1153 -49.12 1.82 -95.92
CA ILE D 1153 -48.83 2.42 -94.61
C ILE D 1153 -47.40 1.99 -94.25
N ASP D 1154 -46.64 2.93 -93.66
CA ASP D 1154 -45.24 2.73 -93.30
C ASP D 1154 -45.08 3.19 -91.86
N LEU D 1155 -45.17 2.25 -90.91
CA LEU D 1155 -45.03 2.57 -89.49
C LEU D 1155 -43.58 2.86 -89.09
N THR D 1156 -42.61 2.53 -89.93
CA THR D 1156 -41.23 2.90 -89.64
C THR D 1156 -40.95 4.33 -90.08
N GLU D 1157 -41.32 4.67 -91.32
CA GLU D 1157 -41.09 5.99 -91.87
C GLU D 1157 -42.18 6.97 -91.48
N ASN D 1158 -43.25 6.47 -90.84
CA ASN D 1158 -44.39 7.27 -90.37
C ASN D 1158 -45.07 7.98 -91.54
N THR D 1159 -45.45 7.20 -92.55
CA THR D 1159 -46.09 7.78 -93.73
C THR D 1159 -47.25 6.93 -94.20
N ILE D 1160 -48.16 7.59 -94.92
CA ILE D 1160 -49.31 6.96 -95.55
C ILE D 1160 -49.33 7.39 -97.01
N ILE D 1161 -49.34 6.43 -97.92
CA ILE D 1161 -49.23 6.69 -99.35
C ILE D 1161 -50.47 6.11 -100.03
N PHE D 1162 -51.13 6.91 -100.85
CA PHE D 1162 -52.29 6.46 -101.60
C PHE D 1162 -51.89 6.34 -103.07
N THR D 1163 -52.13 5.17 -103.66
CA THR D 1163 -51.79 4.88 -105.04
C THR D 1163 -53.04 4.50 -105.79
N LEU D 1164 -53.29 5.16 -106.92
CA LEU D 1164 -54.49 4.91 -107.71
C LEU D 1164 -54.05 4.23 -109.00
N ASN D 1165 -54.60 3.03 -109.23
CA ASN D 1165 -54.33 2.19 -110.41
C ASN D 1165 -52.83 2.00 -110.65
N GLY D 1166 -52.08 1.84 -109.55
CA GLY D 1166 -50.65 1.67 -109.62
C GLY D 1166 -49.87 2.96 -109.69
N GLU D 1167 -50.53 4.11 -109.72
CA GLU D 1167 -49.88 5.41 -109.82
C GLU D 1167 -50.07 6.16 -108.52
N VAL D 1168 -48.95 6.61 -107.93
CA VAL D 1168 -48.97 7.29 -106.64
C VAL D 1168 -49.70 8.63 -106.77
N LEU D 1169 -50.72 8.82 -105.92
CA LEU D 1169 -51.43 10.09 -105.89
C LEU D 1169 -50.52 11.19 -105.35
N MET D 1170 -50.49 12.32 -106.04
CA MET D 1170 -49.47 13.33 -105.86
C MET D 1170 -50.13 14.58 -105.29
N SER D 1171 -49.49 15.16 -104.27
CA SER D 1171 -50.02 16.37 -103.66
C SER D 1171 -49.74 17.58 -104.54
N ASP D 1172 -50.40 18.69 -104.23
CA ASP D 1172 -50.21 19.93 -104.98
C ASP D 1172 -48.98 20.69 -104.48
N SER D 1173 -47.85 19.98 -104.39
CA SER D 1173 -46.55 20.45 -103.96
C SER D 1173 -45.56 19.35 -104.33
N GLY D 1174 -44.32 19.46 -103.86
CA GLY D 1174 -43.33 18.42 -104.11
C GLY D 1174 -43.54 17.13 -103.34
N SER D 1175 -44.40 17.14 -102.33
CA SER D 1175 -44.62 15.95 -101.51
C SER D 1175 -45.45 14.91 -102.25
N GLU D 1176 -45.01 13.65 -102.19
CA GLU D 1176 -45.73 12.55 -102.81
C GLU D 1176 -46.48 11.68 -101.81
N THR D 1177 -46.27 11.89 -100.51
CA THR D 1177 -46.92 11.14 -99.45
C THR D 1177 -48.02 11.99 -98.84
N ALA D 1178 -49.22 11.41 -98.71
CA ALA D 1178 -50.38 12.16 -98.23
C ALA D 1178 -50.16 12.66 -96.80
N PHE D 1179 -49.65 11.81 -95.92
CA PHE D 1179 -49.40 12.20 -94.55
C PHE D 1179 -48.02 11.75 -94.13
N ARG D 1180 -47.43 12.48 -93.20
CA ARG D 1180 -46.08 12.20 -92.71
C ARG D 1180 -46.02 12.54 -91.23
N GLU D 1181 -45.00 11.96 -90.57
CA GLU D 1181 -44.74 12.16 -89.13
C GLU D 1181 -45.94 11.78 -88.28
N ILE D 1182 -46.57 10.67 -88.62
CA ILE D 1182 -47.70 10.16 -87.85
C ILE D 1182 -47.20 9.34 -86.66
N GLU D 1183 -47.71 9.67 -85.48
CA GLU D 1183 -47.31 8.97 -84.27
C GLU D 1183 -47.91 7.58 -84.24
N ILE D 1184 -47.15 6.63 -83.69
CA ILE D 1184 -47.59 5.24 -83.64
C ILE D 1184 -48.85 5.10 -82.79
N GLY D 1185 -48.74 5.43 -81.50
CA GLY D 1185 -49.88 5.38 -80.61
C GLY D 1185 -50.37 3.96 -80.42
N ASP D 1186 -51.69 3.81 -80.33
CA ASP D 1186 -52.29 2.50 -80.16
C ASP D 1186 -52.04 1.62 -81.38
N GLY D 1187 -52.08 2.21 -82.57
CA GLY D 1187 -51.92 1.49 -83.80
C GLY D 1187 -52.98 1.88 -84.81
N PHE D 1188 -52.94 1.21 -85.96
CA PHE D 1188 -53.79 1.58 -87.07
C PHE D 1188 -54.54 0.39 -87.62
N LEU D 1189 -55.72 0.65 -88.15
CA LEU D 1189 -56.60 -0.34 -88.75
C LEU D 1189 -57.04 0.17 -90.11
N PRO D 1190 -57.10 -0.70 -91.13
CA PRO D 1190 -57.72 -0.31 -92.40
C PRO D 1190 -59.18 0.06 -92.22
N VAL D 1191 -59.60 1.12 -92.90
CA VAL D 1191 -60.94 1.65 -92.68
C VAL D 1191 -61.49 2.19 -93.99
N CYS D 1192 -62.81 2.12 -94.14
CA CYS D 1192 -63.48 2.74 -95.28
C CYS D 1192 -64.92 3.05 -94.89
N SER D 1193 -65.47 4.08 -95.51
CA SER D 1193 -66.85 4.47 -95.31
C SER D 1193 -67.50 4.74 -96.65
N LEU D 1194 -68.81 4.53 -96.70
CA LEU D 1194 -69.60 4.67 -97.91
C LEU D 1194 -70.84 5.52 -97.66
N GLY D 1195 -71.12 6.44 -98.57
CA GLY D 1195 -72.30 7.27 -98.52
C GLY D 1195 -73.51 6.55 -99.08
N PRO D 1196 -74.64 7.26 -99.23
CA PRO D 1196 -75.84 6.63 -99.77
C PRO D 1196 -75.62 6.16 -101.21
N GLY D 1197 -76.20 5.00 -101.53
CA GLY D 1197 -76.14 4.43 -102.87
C GLY D 1197 -74.73 4.21 -103.37
N GLN D 1198 -73.88 3.61 -102.52
CA GLN D 1198 -72.48 3.40 -102.87
C GLN D 1198 -72.13 1.93 -102.71
N VAL D 1199 -71.27 1.42 -103.60
CA VAL D 1199 -70.80 0.05 -103.56
C VAL D 1199 -69.27 0.04 -103.64
N GLY D 1200 -68.63 -0.55 -102.64
CA GLY D 1200 -67.19 -0.63 -102.65
C GLY D 1200 -66.68 -2.00 -102.27
N HIS D 1201 -65.65 -2.47 -102.97
CA HIS D 1201 -65.03 -3.75 -102.70
C HIS D 1201 -63.77 -3.49 -101.90
N LEU D 1202 -63.66 -4.11 -100.73
CA LEU D 1202 -62.48 -3.98 -99.89
C LEU D 1202 -61.71 -5.28 -99.97
N ASN D 1203 -60.41 -5.19 -100.27
CA ASN D 1203 -59.59 -6.39 -100.40
C ASN D 1203 -58.34 -6.22 -99.55
N LEU D 1204 -58.40 -6.75 -98.32
CA LEU D 1204 -57.26 -6.76 -97.42
C LEU D 1204 -56.13 -7.68 -97.90
N GLY D 1205 -56.41 -8.55 -98.86
CA GLY D 1205 -55.39 -9.37 -99.50
C GLY D 1205 -55.13 -10.66 -98.76
N GLN D 1206 -56.20 -11.38 -98.42
CA GLN D 1206 -56.04 -12.72 -97.84
C GLN D 1206 -55.36 -13.66 -98.83
N ASP D 1207 -55.73 -13.57 -100.10
CA ASP D 1207 -55.03 -14.24 -101.19
C ASP D 1207 -54.18 -13.19 -101.90
N VAL D 1208 -52.87 -13.39 -101.92
CA VAL D 1208 -51.96 -12.38 -102.46
C VAL D 1208 -52.16 -12.24 -103.98
N SER D 1209 -52.39 -13.35 -104.68
CA SER D 1209 -52.58 -13.34 -106.13
C SER D 1209 -53.86 -12.63 -106.56
N SER D 1210 -54.80 -12.42 -105.63
CA SER D 1210 -56.03 -11.71 -105.95
C SER D 1210 -55.81 -10.21 -106.10
N LEU D 1211 -54.73 -9.68 -105.53
CA LEU D 1211 -54.43 -8.26 -105.66
C LEU D 1211 -54.03 -7.93 -107.08
N ARG D 1212 -54.53 -6.80 -107.58
CA ARG D 1212 -54.34 -6.40 -108.97
C ARG D 1212 -53.23 -5.38 -109.17
N PHE D 1213 -52.83 -4.66 -108.12
CA PHE D 1213 -51.82 -3.63 -108.25
C PHE D 1213 -50.72 -3.76 -107.21
N PHE D 1214 -50.68 -4.86 -106.47
CA PHE D 1214 -49.58 -5.08 -105.53
C PHE D 1214 -48.27 -5.34 -106.27
N ALA D 1215 -48.32 -6.12 -107.35
CA ALA D 1215 -47.12 -6.38 -108.15
C ALA D 1215 -46.60 -5.09 -108.79
N ILE D 1216 -47.51 -4.26 -109.29
CA ILE D 1216 -47.13 -2.99 -109.90
C ILE D 1216 -46.51 -2.06 -108.87
N CYS D 1217 -47.19 -1.88 -107.73
CA CYS D 1217 -46.71 -0.98 -106.69
C CYS D 1217 -46.82 -1.69 -105.33
N GLY D 1218 -45.75 -1.64 -104.56
CA GLY D 1218 -45.75 -2.23 -103.24
C GLY D 1218 -44.91 -3.47 -103.08
N LEU D 1219 -44.94 -4.37 -104.08
CA LEU D 1219 -44.22 -5.64 -104.00
C LEU D 1219 -42.71 -5.42 -103.89
N GLN D 1220 -42.16 -4.51 -104.69
CA GLN D 1220 -40.72 -4.28 -104.66
C GLN D 1220 -40.29 -3.33 -103.56
N GLU D 1221 -41.23 -2.63 -102.93
CA GLU D 1221 -40.91 -1.67 -101.89
C GLU D 1221 -40.81 -2.28 -100.50
N GLY D 1222 -40.94 -3.60 -100.39
CA GLY D 1222 -40.95 -4.26 -99.11
C GLY D 1222 -42.30 -4.27 -98.42
N PHE D 1223 -43.33 -3.73 -99.04
CA PHE D 1223 -44.65 -3.74 -98.44
C PHE D 1223 -45.25 -5.14 -98.51
N GLU D 1224 -46.23 -5.38 -97.63
CA GLU D 1224 -46.91 -6.67 -97.55
C GLU D 1224 -48.40 -6.46 -97.48
N PRO D 1225 -49.20 -7.43 -97.94
CA PRO D 1225 -50.65 -7.34 -97.75
C PRO D 1225 -50.99 -7.39 -96.27
N PHE D 1226 -52.11 -6.75 -95.92
CA PHE D 1226 -52.51 -6.67 -94.51
C PHE D 1226 -52.88 -8.03 -93.94
N ALA D 1227 -53.36 -8.94 -94.76
CA ALA D 1227 -53.80 -10.26 -94.32
C ALA D 1227 -53.09 -11.34 -95.11
N ILE D 1228 -51.77 -11.21 -95.21
CA ILE D 1228 -50.98 -12.07 -96.10
C ILE D 1228 -51.03 -13.53 -95.66
N ASN D 1229 -50.91 -13.81 -94.36
CA ASN D 1229 -50.90 -15.17 -93.84
C ASN D 1229 -51.99 -15.24 -92.78
N MET D 1230 -53.22 -15.49 -93.22
CA MET D 1230 -54.35 -15.68 -92.31
C MET D 1230 -55.30 -16.68 -92.94
N GLN D 1231 -55.82 -17.59 -92.12
CA GLN D 1231 -56.73 -18.62 -92.62
CA GLN D 1231 -56.73 -18.62 -92.62
C GLN D 1231 -58.16 -18.08 -92.74
N ARG D 1232 -58.73 -17.67 -91.62
CA ARG D 1232 -60.09 -17.16 -91.63
C ARG D 1232 -60.09 -15.75 -92.23
N PRO D 1233 -61.20 -15.33 -92.85
CA PRO D 1233 -61.30 -13.94 -93.32
C PRO D 1233 -61.24 -12.99 -92.13
N VAL D 1234 -60.68 -11.80 -92.38
CA VAL D 1234 -60.51 -10.81 -91.32
C VAL D 1234 -61.89 -10.33 -90.86
N THR D 1235 -62.08 -10.30 -89.54
CA THR D 1235 -63.32 -9.81 -88.98
C THR D 1235 -63.48 -8.33 -89.27
N THR D 1236 -64.70 -7.94 -89.65
CA THR D 1236 -65.03 -6.56 -89.96
C THR D 1236 -66.14 -6.08 -89.05
N TRP D 1237 -65.98 -4.87 -88.56
CA TRP D 1237 -66.92 -4.21 -87.68
C TRP D 1237 -67.42 -2.98 -88.41
N PHE D 1238 -68.74 -2.80 -88.41
CA PHE D 1238 -69.34 -1.66 -89.09
C PHE D 1238 -70.15 -0.85 -88.10
N SER D 1239 -70.46 0.38 -88.49
CA SER D 1239 -71.23 1.25 -87.61
C SER D 1239 -72.71 1.00 -87.88
N LYS D 1240 -73.36 0.31 -86.95
CA LYS D 1240 -74.79 0.06 -87.04
C LYS D 1240 -75.56 1.32 -86.71
N SER D 1241 -76.52 1.65 -87.57
CA SER D 1241 -77.33 2.86 -87.44
C SER D 1241 -78.61 2.59 -86.65
N LEU D 1242 -78.46 1.97 -85.48
CA LEU D 1242 -79.58 1.63 -84.63
C LEU D 1242 -79.37 2.22 -83.25
N PRO D 1243 -80.20 3.20 -82.85
CA PRO D 1243 -80.04 3.83 -81.54
C PRO D 1243 -80.15 2.84 -80.38
N GLN D 1244 -79.26 2.99 -79.41
CA GLN D 1244 -79.27 2.14 -78.23
C GLN D 1244 -79.05 2.98 -76.99
N PHE D 1245 -79.59 2.53 -75.87
CA PHE D 1245 -79.41 3.27 -74.63
C PHE D 1245 -78.05 2.90 -74.04
N GLU D 1246 -77.24 3.90 -73.77
CA GLU D 1246 -75.94 3.67 -73.17
C GLU D 1246 -75.70 4.64 -72.03
N PRO D 1247 -74.93 4.24 -71.01
CA PRO D 1247 -74.76 5.13 -69.83
C PRO D 1247 -74.05 6.43 -70.18
N VAL D 1248 -74.36 7.46 -69.40
CA VAL D 1248 -73.78 8.78 -69.58
C VAL D 1248 -72.30 8.74 -69.21
N PRO D 1249 -71.40 9.03 -70.14
CA PRO D 1249 -69.96 9.04 -69.84
C PRO D 1249 -69.62 10.08 -68.78
N PRO D 1250 -68.75 9.75 -67.83
CA PRO D 1250 -68.36 10.73 -66.81
C PRO D 1250 -67.60 11.92 -67.36
N GLU D 1251 -67.00 11.80 -68.54
CA GLU D 1251 -66.19 12.85 -69.13
C GLU D 1251 -66.93 13.69 -70.16
N HIS D 1252 -68.25 13.48 -70.29
CA HIS D 1252 -69.03 14.10 -71.36
C HIS D 1252 -68.98 15.63 -71.29
N PRO D 1253 -68.78 16.31 -72.41
CA PRO D 1253 -68.60 17.76 -72.35
C PRO D 1253 -69.86 18.54 -72.03
N HIS D 1254 -71.01 18.17 -72.62
CA HIS D 1254 -72.20 18.99 -72.46
C HIS D 1254 -73.08 18.54 -71.31
N TYR D 1255 -73.20 17.24 -71.10
CA TYR D 1255 -74.12 16.67 -70.13
C TYR D 1255 -73.37 16.09 -68.93
N GLU D 1256 -73.99 16.21 -67.76
CA GLU D 1256 -73.51 15.54 -66.56
C GLU D 1256 -74.69 15.11 -65.72
N VAL D 1257 -74.50 14.04 -64.96
CA VAL D 1257 -75.54 13.49 -64.08
C VAL D 1257 -74.96 13.44 -62.67
N ALA D 1258 -75.64 14.09 -61.73
CA ALA D 1258 -75.18 14.17 -60.36
C ALA D 1258 -76.09 13.32 -59.48
N ARG D 1259 -75.47 12.50 -58.64
CA ARG D 1259 -76.19 11.65 -57.70
C ARG D 1259 -76.32 12.40 -56.37
N MET D 1260 -77.56 12.72 -55.98
CA MET D 1260 -77.81 13.45 -54.76
C MET D 1260 -78.16 12.47 -53.65
N ASP D 1261 -77.54 12.65 -52.48
CA ASP D 1261 -77.82 11.79 -51.35
C ASP D 1261 -79.19 12.13 -50.77
N GLY D 1262 -79.91 11.09 -50.35
CA GLY D 1262 -81.21 11.30 -49.75
C GLY D 1262 -81.14 11.74 -48.31
N THR D 1263 -81.50 12.99 -48.03
CA THR D 1263 -81.48 13.51 -46.66
C THR D 1263 -82.70 12.99 -45.90
N VAL D 1264 -82.90 13.51 -44.68
CA VAL D 1264 -84.04 13.09 -43.86
C VAL D 1264 -85.37 13.53 -44.47
N ASP D 1265 -85.40 14.69 -45.13
CA ASP D 1265 -86.62 15.24 -45.68
C ASP D 1265 -86.61 15.31 -47.21
N THR D 1266 -85.56 14.81 -47.86
CA THR D 1266 -85.47 14.80 -49.31
C THR D 1266 -85.09 13.40 -49.76
N PRO D 1267 -85.80 12.83 -50.72
CA PRO D 1267 -85.44 11.51 -51.25
C PRO D 1267 -84.19 11.57 -52.09
N PRO D 1268 -83.50 10.43 -52.29
CA PRO D 1268 -82.34 10.43 -53.20
C PRO D 1268 -82.74 10.79 -54.63
N CYS D 1269 -81.80 11.43 -55.32
CA CYS D 1269 -82.09 12.02 -56.61
C CYS D 1269 -80.98 11.76 -57.61
N LEU D 1270 -81.36 11.87 -58.87
CA LEU D 1270 -80.47 11.83 -60.03
C LEU D 1270 -80.68 13.13 -60.81
N ARG D 1271 -79.97 14.18 -60.40
CA ARG D 1271 -80.17 15.49 -60.98
C ARG D 1271 -79.36 15.61 -62.26
N LEU D 1272 -79.99 16.08 -63.34
CA LEU D 1272 -79.30 16.30 -64.60
C LEU D 1272 -79.05 17.79 -64.79
N ALA D 1273 -77.81 18.14 -65.15
CA ALA D 1273 -77.47 19.55 -65.34
C ALA D 1273 -76.64 19.71 -66.61
N HIS D 1274 -76.97 20.76 -67.37
CA HIS D 1274 -76.27 21.06 -68.61
C HIS D 1274 -74.97 21.78 -68.30
N ARG D 1275 -73.84 21.19 -68.71
CA ARG D 1275 -72.54 21.72 -68.33
C ARG D 1275 -72.21 23.02 -69.06
N THR D 1276 -72.46 23.07 -70.37
CA THR D 1276 -72.07 24.20 -71.19
C THR D 1276 -73.22 25.12 -71.56
N TRP D 1277 -74.33 25.07 -70.81
CA TRP D 1277 -75.51 25.86 -71.14
C TRP D 1277 -75.24 27.36 -71.04
N GLY D 1278 -75.69 28.09 -72.04
CA GLY D 1278 -75.57 29.53 -72.07
C GLY D 1278 -74.24 30.04 -72.56
N SER D 1279 -73.32 29.17 -72.96
CA SER D 1279 -72.00 29.55 -73.41
C SER D 1279 -71.86 29.30 -74.91
N GLN D 1280 -70.70 29.63 -75.43
CA GLN D 1280 -70.40 29.42 -76.85
C GLN D 1280 -70.30 27.92 -77.14
N ASN D 1281 -70.79 27.53 -78.33
CA ASN D 1281 -70.78 26.15 -78.82
C ASN D 1281 -71.49 25.19 -77.86
N SER D 1282 -72.62 25.64 -77.33
CA SER D 1282 -73.42 24.79 -76.47
C SER D 1282 -74.28 23.86 -77.31
N LEU D 1283 -74.27 22.58 -76.97
CA LEU D 1283 -75.05 21.58 -77.68
C LEU D 1283 -76.45 21.59 -77.09
N VAL D 1284 -77.40 22.15 -77.84
CA VAL D 1284 -78.81 22.15 -77.44
C VAL D 1284 -79.56 21.38 -78.51
N GLU D 1285 -79.98 20.17 -78.17
CA GLU D 1285 -80.70 19.30 -79.09
C GLU D 1285 -81.56 18.34 -78.29
N MET D 1286 -82.32 17.53 -79.03
CA MET D 1286 -83.23 16.56 -78.44
C MET D 1286 -82.44 15.52 -77.65
N LEU D 1287 -82.92 15.17 -76.46
CA LEU D 1287 -82.18 14.25 -75.60
C LEU D 1287 -83.13 13.19 -75.08
N PHE D 1288 -82.68 11.94 -75.09
CA PHE D 1288 -83.48 10.83 -74.62
C PHE D 1288 -82.73 10.17 -73.48
N LEU D 1289 -83.43 9.99 -72.35
CA LEU D 1289 -82.87 9.42 -71.13
C LEU D 1289 -83.75 8.30 -70.61
N ARG D 1290 -83.12 7.40 -69.87
CA ARG D 1290 -83.83 6.32 -69.18
C ARG D 1290 -82.97 5.82 -68.03
N LEU D 1291 -83.62 5.20 -67.07
CA LEU D 1291 -82.91 4.57 -65.97
C LEU D 1291 -82.35 3.23 -66.41
N SER D 1292 -81.37 2.74 -65.66
CA SER D 1292 -80.64 1.56 -66.09
C SER D 1292 -81.37 0.26 -65.79
N LEU D 1293 -82.38 0.30 -64.91
CA LEU D 1293 -83.04 -0.92 -64.50
C LEU D 1293 -84.54 -0.81 -64.72
N PRO D 1294 -85.18 -1.86 -65.21
CA PRO D 1294 -86.62 -1.82 -65.50
C PRO D 1294 -87.44 -2.35 -64.33
N VAL D 1295 -88.76 -2.17 -64.46
CA VAL D 1295 -89.72 -2.81 -63.58
C VAL D 1295 -90.61 -3.73 -64.42
N GLN D 1296 -90.84 -4.93 -63.93
CA GLN D 1296 -91.59 -5.95 -64.64
C GLN D 1296 -92.93 -6.20 -63.95
N PHE D 1297 -94.01 -6.17 -64.71
CA PHE D 1297 -95.32 -6.45 -64.14
C PHE D 1297 -95.46 -7.95 -63.83
N HIS D 1298 -96.44 -8.25 -62.97
CA HIS D 1298 -96.68 -9.64 -62.57
C HIS D 1298 -97.12 -10.47 -63.76
N GLN D 1299 -96.79 -11.76 -63.69
CA GLN D 1299 -97.20 -12.69 -64.75
C GLN D 1299 -98.72 -12.83 -64.82
N HIS D 1300 -99.39 -12.91 -63.68
CA HIS D 1300 -100.83 -13.08 -63.63
C HIS D 1300 -101.47 -11.83 -63.05
N PHE D 1301 -102.37 -11.22 -63.80
CA PHE D 1301 -103.07 -10.06 -63.29
C PHE D 1301 -104.13 -10.48 -62.27
N ARG D 1302 -104.49 -9.55 -61.40
CA ARG D 1302 -105.50 -9.81 -60.38
C ARG D 1302 -106.87 -10.05 -61.01
N CYS D 1303 -107.67 -10.85 -60.33
CA CYS D 1303 -109.02 -11.14 -60.78
C CYS D 1303 -109.88 -9.88 -60.73
N THR D 1304 -110.83 -9.81 -61.67
CA THR D 1304 -111.79 -8.70 -61.84
C THR D 1304 -111.10 -7.35 -62.04
N ASP D 1419 -98.56 13.79 -40.01
CA ASP D 1419 -99.45 13.06 -40.92
C ASP D 1419 -98.59 12.34 -41.98
N ASN D 1420 -99.26 11.87 -43.03
CA ASN D 1420 -98.66 11.08 -44.12
C ASN D 1420 -97.95 9.84 -43.56
N ARG D 1421 -98.62 9.17 -42.64
CA ARG D 1421 -98.10 7.96 -42.01
C ARG D 1421 -98.68 6.75 -42.70
N ASP D 1422 -97.82 5.90 -43.26
CA ASP D 1422 -98.30 4.77 -44.05
C ASP D 1422 -98.88 3.67 -43.16
N ASP D 1423 -99.91 3.02 -43.65
CA ASP D 1423 -100.54 1.92 -42.94
C ASP D 1423 -99.65 0.70 -43.05
N PRO D 1424 -99.16 0.14 -41.93
CA PRO D 1424 -98.23 -1.01 -42.02
C PRO D 1424 -98.79 -2.24 -42.69
N GLU D 1425 -100.09 -2.49 -42.60
CA GLU D 1425 -100.69 -3.64 -43.26
C GLU D 1425 -101.05 -3.38 -44.72
N ILE D 1426 -100.94 -2.14 -45.18
CA ILE D 1426 -101.15 -1.82 -46.59
C ILE D 1426 -99.83 -1.67 -47.33
N ILE D 1427 -98.83 -1.04 -46.69
CA ILE D 1427 -97.52 -0.81 -47.28
C ILE D 1427 -96.80 -2.13 -47.60
N LEU D 1428 -97.12 -3.21 -46.88
CA LEU D 1428 -96.49 -4.49 -47.16
C LEU D 1428 -97.20 -5.24 -48.28
N ASN D 1429 -98.51 -5.04 -48.44
CA ASN D 1429 -99.31 -5.77 -49.42
C ASN D 1429 -99.50 -5.03 -50.73
N THR D 1430 -99.20 -3.73 -50.79
CA THR D 1430 -99.44 -2.94 -51.98
C THR D 1430 -98.58 -3.40 -53.16
N THR D 1431 -99.16 -3.28 -54.36
CA THR D 1431 -98.48 -3.56 -55.61
C THR D 1431 -98.39 -2.29 -56.46
N THR D 1432 -98.27 -1.14 -55.82
CA THR D 1432 -98.18 0.14 -56.51
C THR D 1432 -96.85 0.80 -56.16
N TYR D 1433 -96.20 1.34 -57.18
CA TYR D 1433 -94.90 1.97 -57.06
C TYR D 1433 -94.89 3.32 -57.76
N TYR D 1434 -94.16 4.25 -57.16
CA TYR D 1434 -94.21 5.66 -57.53
C TYR D 1434 -92.80 6.21 -57.72
N TYR D 1435 -92.67 7.14 -58.65
CA TYR D 1435 -91.43 7.90 -58.77
C TYR D 1435 -91.78 9.27 -59.33
N SER D 1436 -90.94 10.26 -59.06
CA SER D 1436 -91.28 11.59 -59.53
C SER D 1436 -90.05 12.27 -60.09
N VAL D 1437 -90.27 13.20 -61.00
CA VAL D 1437 -89.19 14.00 -61.56
C VAL D 1437 -89.52 15.47 -61.32
N ARG D 1438 -88.52 16.21 -60.89
CA ARG D 1438 -88.68 17.61 -60.53
C ARG D 1438 -88.00 18.41 -61.63
N VAL D 1439 -88.80 18.89 -62.57
CA VAL D 1439 -88.33 19.72 -63.68
C VAL D 1439 -88.01 21.10 -63.11
N PHE D 1440 -86.72 21.45 -63.02
CA PHE D 1440 -86.29 22.70 -62.42
C PHE D 1440 -86.82 23.91 -63.18
N ALA D 1441 -86.86 25.04 -62.47
CA ALA D 1441 -87.29 26.30 -63.05
C ALA D 1441 -86.36 26.70 -64.19
N GLY D 1442 -86.93 27.32 -65.22
CA GLY D 1442 -86.16 27.71 -66.37
C GLY D 1442 -86.16 26.70 -67.48
N GLN D 1443 -86.65 25.49 -67.22
CA GLN D 1443 -86.82 24.47 -68.24
C GLN D 1443 -88.27 24.46 -68.69
N GLU D 1444 -88.48 24.61 -69.99
CA GLU D 1444 -89.83 24.74 -70.55
C GLU D 1444 -90.55 23.40 -70.50
N PRO D 1445 -91.70 23.31 -69.81
CA PRO D 1445 -92.46 22.04 -69.81
C PRO D 1445 -93.01 21.63 -71.17
N SER D 1446 -93.04 22.51 -72.16
CA SER D 1446 -93.44 22.16 -73.52
C SER D 1446 -92.47 21.23 -74.23
N CYS D 1447 -91.27 21.02 -73.67
CA CYS D 1447 -90.25 20.18 -74.29
C CYS D 1447 -89.84 19.05 -73.35
N VAL D 1448 -90.75 18.64 -72.46
CA VAL D 1448 -90.48 17.62 -71.46
C VAL D 1448 -91.56 16.55 -71.55
N TRP D 1449 -91.14 15.29 -71.62
CA TRP D 1449 -92.04 14.15 -71.61
C TRP D 1449 -91.57 13.20 -70.52
N VAL D 1450 -92.52 12.67 -69.74
CA VAL D 1450 -92.20 11.85 -68.57
C VAL D 1450 -93.09 10.61 -68.59
N GLY D 1451 -92.49 9.44 -68.36
CA GLY D 1451 -93.23 8.19 -68.33
C GLY D 1451 -92.34 6.97 -68.32
N TRP D 1452 -92.66 5.97 -69.15
CA TRP D 1452 -91.93 4.73 -69.20
C TRP D 1452 -91.77 4.28 -70.64
N VAL D 1453 -90.69 3.53 -70.91
CA VAL D 1453 -90.43 2.96 -72.23
C VAL D 1453 -90.11 1.47 -72.07
N THR D 1454 -90.61 0.68 -73.00
CA THR D 1454 -90.29 -0.74 -73.06
C THR D 1454 -88.89 -0.90 -73.65
N PRO D 1455 -88.19 -2.05 -73.37
CA PRO D 1455 -86.80 -2.21 -73.86
C PRO D 1455 -86.60 -2.30 -75.38
N ASP D 1456 -87.65 -2.13 -76.19
CA ASP D 1456 -87.52 -2.19 -77.64
C ASP D 1456 -87.70 -0.84 -78.31
N TYR D 1457 -87.49 0.26 -77.57
CA TYR D 1457 -87.60 1.58 -78.16
C TYR D 1457 -86.30 1.93 -78.87
N HIS D 1458 -86.40 2.23 -80.16
CA HIS D 1458 -85.24 2.54 -81.00
C HIS D 1458 -85.57 3.69 -81.95
N GLN D 1459 -86.18 4.75 -81.42
CA GLN D 1459 -86.54 5.91 -82.23
C GLN D 1459 -85.72 7.11 -81.78
N HIS D 1460 -84.93 7.65 -82.71
CA HIS D 1460 -84.11 8.84 -82.48
C HIS D 1460 -84.63 9.95 -83.37
N ASP D 1461 -85.62 10.69 -82.88
CA ASP D 1461 -86.27 11.75 -83.65
C ASP D 1461 -85.90 13.10 -83.05
N MET D 1462 -85.34 13.98 -83.89
CA MET D 1462 -84.93 15.30 -83.43
C MET D 1462 -86.10 16.24 -83.19
N ASN D 1463 -87.30 15.90 -83.67
CA ASN D 1463 -88.49 16.71 -83.49
C ASN D 1463 -89.56 15.94 -82.75
N PHE D 1464 -89.17 15.27 -81.66
CA PHE D 1464 -90.09 14.38 -80.97
C PHE D 1464 -91.26 15.12 -80.34
N ASP D 1465 -92.44 14.53 -80.48
CA ASP D 1465 -93.63 14.91 -79.76
C ASP D 1465 -94.44 13.63 -79.56
N LEU D 1466 -95.59 13.75 -78.89
CA LEU D 1466 -96.42 12.57 -78.67
C LEU D 1466 -97.04 12.01 -79.95
N SER D 1467 -96.99 12.74 -81.08
CA SER D 1467 -97.50 12.23 -82.33
C SER D 1467 -96.66 11.09 -82.86
N LYS D 1468 -95.34 11.20 -82.73
CA LYS D 1468 -94.41 10.24 -83.31
C LYS D 1468 -94.36 8.91 -82.58
N VAL D 1469 -94.99 8.82 -81.40
CA VAL D 1469 -94.97 7.61 -80.59
C VAL D 1469 -95.66 6.49 -81.35
N ARG D 1470 -94.90 5.42 -81.64
CA ARG D 1470 -95.46 4.27 -82.35
C ARG D 1470 -96.53 3.60 -81.51
N ALA D 1471 -97.60 3.16 -82.17
CA ALA D 1471 -98.68 2.47 -81.49
C ALA D 1471 -99.39 1.56 -82.48
N VAL D 1472 -100.12 0.59 -81.93
CA VAL D 1472 -100.92 -0.33 -82.75
C VAL D 1472 -101.93 -0.99 -81.82
N THR D 1473 -103.10 -1.31 -82.37
CA THR D 1473 -104.20 -1.94 -81.67
C THR D 1473 -104.43 -3.30 -82.30
N VAL D 1474 -104.51 -4.34 -81.48
CA VAL D 1474 -104.76 -5.69 -81.97
C VAL D 1474 -106.22 -6.01 -81.67
N THR D 1475 -107.01 -6.22 -82.73
CA THR D 1475 -108.45 -6.42 -82.59
C THR D 1475 -108.80 -7.87 -82.94
N MET D 1476 -109.44 -8.56 -82.00
CA MET D 1476 -109.78 -9.97 -82.05
C MET D 1476 -111.26 -10.17 -81.76
N GLY D 1477 -111.89 -11.02 -82.59
CA GLY D 1477 -113.29 -11.36 -82.44
C GLY D 1477 -113.54 -12.78 -82.91
N ASP D 1478 -114.80 -13.18 -83.04
CA ASP D 1478 -115.11 -14.53 -83.52
C ASP D 1478 -115.28 -14.47 -85.04
N GLU D 1479 -115.79 -15.57 -85.62
CA GLU D 1479 -115.96 -15.70 -87.07
C GLU D 1479 -116.88 -14.62 -87.64
N GLN D 1480 -117.90 -14.21 -86.90
CA GLN D 1480 -118.87 -13.20 -87.36
C GLN D 1480 -118.81 -11.99 -86.42
N GLY D 1481 -117.84 -11.11 -86.68
CA GLY D 1481 -117.64 -9.91 -85.88
C GLY D 1481 -117.36 -10.25 -84.43
N ASN D 1482 -118.16 -9.68 -83.53
CA ASN D 1482 -118.15 -9.94 -82.09
C ASN D 1482 -116.76 -9.77 -81.47
N VAL D 1483 -116.20 -8.57 -81.65
CA VAL D 1483 -114.85 -8.26 -81.18
C VAL D 1483 -114.83 -8.34 -79.66
N HIS D 1484 -114.06 -9.31 -79.15
CA HIS D 1484 -113.96 -9.57 -77.72
C HIS D 1484 -112.54 -9.36 -77.21
N SER D 1485 -111.70 -8.65 -77.96
CA SER D 1485 -110.35 -8.32 -77.50
C SER D 1485 -109.83 -7.17 -78.35
N SER D 1486 -109.42 -6.08 -77.71
CA SER D 1486 -108.83 -4.96 -78.43
C SER D 1486 -107.74 -4.40 -77.54
N LEU D 1487 -106.50 -4.79 -77.82
CA LEU D 1487 -105.39 -4.39 -76.96
C LEU D 1487 -104.54 -3.31 -77.63
N LYS D 1488 -103.72 -2.67 -76.82
CA LYS D 1488 -102.82 -1.61 -77.24
C LYS D 1488 -101.38 -2.04 -77.07
N CYS D 1489 -100.57 -1.83 -78.10
CA CYS D 1489 -99.15 -2.15 -78.09
C CYS D 1489 -98.39 -0.90 -78.48
N SER D 1490 -97.39 -0.55 -77.69
CA SER D 1490 -96.54 0.60 -77.97
C SER D 1490 -95.24 0.45 -77.20
N ASN D 1491 -94.20 1.10 -77.70
CA ASN D 1491 -92.90 1.07 -77.07
C ASN D 1491 -92.65 2.27 -76.18
N CYS D 1492 -93.62 3.17 -76.08
CA CYS D 1492 -93.48 4.41 -75.35
C CYS D 1492 -94.78 4.78 -74.67
N TYR D 1493 -94.71 5.02 -73.36
CA TYR D 1493 -95.88 5.43 -72.59
C TYR D 1493 -95.45 6.61 -71.74
N MET D 1494 -95.52 7.81 -72.30
CA MET D 1494 -95.26 9.01 -71.51
C MET D 1494 -96.30 10.08 -71.82
N VAL D 1495 -96.45 10.97 -70.85
CA VAL D 1495 -97.30 12.14 -70.99
C VAL D 1495 -96.43 13.31 -71.41
N TRP D 1496 -97.07 14.37 -71.90
CA TRP D 1496 -96.38 15.58 -72.31
C TRP D 1496 -96.49 16.58 -71.17
N GLY D 1497 -95.34 17.06 -70.68
CA GLY D 1497 -95.31 17.95 -69.54
C GLY D 1497 -95.86 19.34 -69.80
N GLY D 1498 -96.04 19.71 -71.08
CA GLY D 1498 -96.62 20.99 -71.41
C GLY D 1498 -98.09 21.11 -71.14
N ASP D 1499 -98.78 20.00 -70.90
CA ASP D 1499 -100.21 20.01 -70.67
C ASP D 1499 -100.58 20.08 -69.20
N PHE D 1500 -99.59 20.08 -68.30
CA PHE D 1500 -99.85 20.18 -66.87
C PHE D 1500 -99.59 21.56 -66.31
N VAL D 1501 -99.37 22.55 -67.17
CA VAL D 1501 -99.20 23.94 -66.76
C VAL D 1501 -100.44 24.72 -67.19
N SER D 1502 -100.99 25.49 -66.26
CA SER D 1502 -102.12 26.35 -66.59
C SER D 1502 -101.67 27.41 -67.60
N PRO D 1503 -102.43 27.64 -68.67
CA PRO D 1503 -101.99 28.58 -69.71
C PRO D 1503 -101.99 30.04 -69.25
N GLY D 1504 -101.00 30.41 -68.45
CA GLY D 1504 -100.89 31.76 -67.96
C GLY D 1504 -100.53 32.72 -69.08
N GLN D 1505 -100.75 34.02 -68.81
CA GLN D 1505 -100.55 35.06 -69.82
C GLN D 1505 -99.10 35.12 -70.27
N GLN D 1506 -98.16 35.17 -69.32
CA GLN D 1506 -96.74 35.14 -69.60
C GLN D 1506 -96.03 34.73 -68.31
N GLY D 1507 -94.76 34.36 -68.45
CA GLY D 1507 -93.98 33.87 -67.35
C GLY D 1507 -94.06 32.36 -67.26
N ARG D 1508 -93.74 31.68 -68.37
CA ARG D 1508 -93.68 30.23 -68.40
C ARG D 1508 -92.57 29.67 -67.53
N ILE D 1509 -91.63 30.51 -67.11
CA ILE D 1509 -90.58 30.15 -66.17
C ILE D 1509 -91.22 30.18 -64.79
N SER D 1510 -91.82 29.07 -64.38
CA SER D 1510 -92.50 29.02 -63.10
C SER D 1510 -91.47 28.97 -61.98
N HIS D 1511 -91.68 29.82 -60.97
CA HIS D 1511 -90.85 29.82 -59.78
C HIS D 1511 -90.96 28.52 -58.99
N THR D 1512 -92.05 27.78 -59.14
CA THR D 1512 -92.22 26.50 -58.49
C THR D 1512 -91.97 25.40 -59.51
N ASP D 1513 -91.13 24.43 -59.15
CA ASP D 1513 -90.77 23.38 -60.10
C ASP D 1513 -91.92 22.40 -60.28
N LEU D 1514 -92.18 22.05 -61.54
CA LEU D 1514 -93.17 21.03 -61.84
C LEU D 1514 -92.69 19.66 -61.41
N VAL D 1515 -93.47 18.98 -60.59
CA VAL D 1515 -93.10 17.67 -60.06
C VAL D 1515 -94.02 16.64 -60.70
N ILE D 1516 -93.63 16.10 -61.84
CA ILE D 1516 -94.43 15.07 -62.49
C ILE D 1516 -94.16 13.73 -61.84
N GLY D 1517 -95.21 13.11 -61.30
CA GLY D 1517 -95.10 11.79 -60.69
C GLY D 1517 -95.74 10.75 -61.58
N CYS D 1518 -95.24 9.52 -61.47
CA CYS D 1518 -95.79 8.38 -62.18
C CYS D 1518 -96.01 7.24 -61.20
N LEU D 1519 -97.08 6.49 -61.43
CA LEU D 1519 -97.45 5.35 -60.60
C LEU D 1519 -97.73 4.14 -61.49
N VAL D 1520 -97.41 2.97 -60.96
CA VAL D 1520 -97.62 1.70 -61.65
C VAL D 1520 -98.20 0.71 -60.66
N ASP D 1521 -99.14 -0.10 -61.14
CA ASP D 1521 -99.63 -1.25 -60.37
C ASP D 1521 -99.15 -2.51 -61.09
N LEU D 1522 -98.23 -3.24 -60.45
CA LEU D 1522 -97.69 -4.44 -61.06
C LEU D 1522 -98.69 -5.59 -61.08
N ALA D 1523 -99.77 -5.52 -60.32
CA ALA D 1523 -100.78 -6.57 -60.29
C ALA D 1523 -101.84 -6.40 -61.36
N THR D 1524 -101.90 -5.25 -62.03
CA THR D 1524 -102.92 -4.98 -63.03
C THR D 1524 -102.35 -4.44 -64.33
N GLY D 1525 -101.11 -3.95 -64.35
CA GLY D 1525 -100.58 -3.36 -65.55
C GLY D 1525 -101.13 -1.98 -65.83
N LEU D 1526 -101.65 -1.30 -64.81
CA LEU D 1526 -102.21 0.03 -64.94
C LEU D 1526 -101.21 1.09 -64.54
N MET D 1527 -101.14 2.15 -65.34
CA MET D 1527 -100.24 3.27 -65.16
C MET D 1527 -101.06 4.54 -64.98
N THR D 1528 -100.69 5.33 -63.97
CA THR D 1528 -101.33 6.61 -63.68
C THR D 1528 -100.25 7.67 -63.52
N PHE D 1529 -100.68 8.93 -63.43
CA PHE D 1529 -99.76 10.05 -63.32
C PHE D 1529 -100.34 11.10 -62.38
N THR D 1530 -99.45 11.90 -61.81
CA THR D 1530 -99.84 13.03 -60.95
C THR D 1530 -99.09 14.27 -61.41
N ALA D 1531 -99.84 15.25 -61.91
CA ALA D 1531 -99.23 16.47 -62.44
C ALA D 1531 -98.53 17.28 -61.36
N ASN D 1532 -99.25 17.56 -60.26
CA ASN D 1532 -98.66 18.28 -59.13
C ASN D 1532 -99.18 17.73 -57.81
N GLY D 1533 -99.52 16.45 -57.77
CA GLY D 1533 -100.27 15.89 -56.66
C GLY D 1533 -101.73 15.68 -56.96
N LYS D 1534 -102.18 16.04 -58.16
CA LYS D 1534 -103.54 15.80 -58.62
C LYS D 1534 -103.48 14.88 -59.84
N GLU D 1535 -104.43 13.96 -59.91
CA GLU D 1535 -104.43 12.97 -60.97
C GLU D 1535 -104.76 13.61 -62.32
N SER D 1536 -104.34 12.95 -63.38
CA SER D 1536 -104.62 13.36 -64.74
C SER D 1536 -105.52 12.33 -65.41
N ASN D 1537 -106.30 12.80 -66.40
CA ASN D 1537 -107.24 11.94 -67.12
C ASN D 1537 -106.54 10.80 -67.87
N THR D 1538 -105.26 10.98 -68.20
CA THR D 1538 -104.51 9.96 -68.91
C THR D 1538 -104.27 8.74 -68.03
N PHE D 1539 -104.33 7.57 -68.64
CA PHE D 1539 -104.10 6.31 -67.95
C PHE D 1539 -103.73 5.28 -69.00
N PHE D 1540 -102.88 4.33 -68.61
CA PHE D 1540 -102.41 3.33 -69.56
C PHE D 1540 -102.60 1.94 -68.99
N GLN D 1541 -103.02 1.00 -69.83
CA GLN D 1541 -103.12 -0.39 -69.42
C GLN D 1541 -102.31 -1.26 -70.38
N VAL D 1542 -101.46 -2.12 -69.83
CA VAL D 1542 -100.58 -2.96 -70.62
C VAL D 1542 -100.72 -4.42 -70.21
N GLU D 1543 -100.31 -5.29 -71.13
CA GLU D 1543 -100.35 -6.73 -70.92
C GLU D 1543 -99.30 -7.14 -69.89
N PRO D 1544 -99.45 -8.35 -69.27
CA PRO D 1544 -98.40 -8.83 -68.36
C PRO D 1544 -97.08 -9.16 -69.05
N ASN D 1545 -96.08 -9.53 -68.24
CA ASN D 1545 -94.69 -9.79 -68.63
C ASN D 1545 -94.02 -8.56 -69.23
N THR D 1546 -94.50 -7.36 -68.93
CA THR D 1546 -93.99 -6.16 -69.54
C THR D 1546 -92.88 -5.56 -68.66
N LYS D 1547 -91.83 -5.07 -69.33
CA LYS D 1547 -90.71 -4.38 -68.71
C LYS D 1547 -90.78 -2.91 -69.08
N LEU D 1548 -90.69 -2.04 -68.07
CA LEU D 1548 -90.78 -0.60 -68.26
C LEU D 1548 -89.60 0.11 -67.62
N PHE D 1549 -88.85 0.83 -68.45
CA PHE D 1549 -87.72 1.62 -67.99
C PHE D 1549 -88.19 3.06 -67.78
N PRO D 1550 -87.99 3.63 -66.59
CA PRO D 1550 -88.32 5.05 -66.37
C PRO D 1550 -87.57 5.96 -67.32
N ALA D 1551 -88.29 6.72 -68.12
CA ALA D 1551 -87.67 7.50 -69.18
C ALA D 1551 -88.14 8.95 -69.16
N VAL D 1552 -87.27 9.83 -69.66
CA VAL D 1552 -87.55 11.25 -69.82
C VAL D 1552 -86.89 11.72 -71.11
N PHE D 1553 -87.69 12.26 -72.03
CA PHE D 1553 -87.16 12.92 -73.22
C PHE D 1553 -87.23 14.42 -72.96
N VAL D 1554 -86.16 15.14 -73.23
CA VAL D 1554 -86.14 16.56 -72.90
C VAL D 1554 -85.21 17.30 -73.86
N LEU D 1555 -85.60 18.54 -74.18
CA LEU D 1555 -84.75 19.48 -74.87
C LEU D 1555 -84.30 20.53 -73.85
N PRO D 1556 -83.01 20.57 -73.51
CA PRO D 1556 -82.56 21.45 -72.42
C PRO D 1556 -82.73 22.93 -72.74
N THR D 1557 -83.21 23.69 -71.76
CA THR D 1557 -83.36 25.14 -71.91
C THR D 1557 -82.93 25.90 -70.64
N HIS D 1558 -82.03 25.31 -69.85
CA HIS D 1558 -81.59 25.90 -68.58
C HIS D 1558 -80.36 25.13 -68.12
N GLN D 1559 -79.68 25.68 -67.11
CA GLN D 1559 -78.52 25.01 -66.52
C GLN D 1559 -78.94 23.73 -65.79
N ASN D 1560 -79.94 23.84 -64.93
CA ASN D 1560 -80.52 22.69 -64.24
C ASN D 1560 -81.82 22.35 -64.94
N VAL D 1561 -81.95 21.10 -65.38
CA VAL D 1561 -83.05 20.71 -66.22
C VAL D 1561 -84.07 19.90 -65.43
N ILE D 1562 -83.69 18.70 -65.00
CA ILE D 1562 -84.60 17.76 -64.34
C ILE D 1562 -83.88 17.09 -63.17
N GLN D 1563 -84.66 16.39 -62.35
CA GLN D 1563 -84.11 15.73 -61.17
C GLN D 1563 -84.99 14.52 -60.86
N PHE D 1564 -84.49 13.32 -61.18
CA PHE D 1564 -85.18 12.09 -60.84
C PHE D 1564 -85.22 11.90 -59.32
N GLU D 1565 -86.40 12.08 -58.72
CA GLU D 1565 -86.61 11.90 -57.30
C GLU D 1565 -87.16 10.50 -57.07
N LEU D 1566 -86.42 9.68 -56.34
CA LEU D 1566 -86.83 8.30 -56.08
C LEU D 1566 -87.51 8.19 -54.73
N GLY D 1567 -88.59 8.94 -54.56
CA GLY D 1567 -89.32 8.97 -53.31
C GLY D 1567 -90.41 7.93 -53.20
N LYS D 1568 -91.42 8.25 -52.40
CA LYS D 1568 -92.54 7.36 -52.17
C LYS D 1568 -93.77 8.18 -51.82
N GLN D 1569 -94.93 7.54 -51.98
CA GLN D 1569 -96.22 8.12 -51.63
C GLN D 1569 -96.78 7.39 -50.41
N LYS D 1570 -97.93 7.85 -49.94
CA LYS D 1570 -98.57 7.23 -48.79
C LYS D 1570 -99.11 5.87 -49.21
N ASN D 1571 -98.76 4.84 -48.42
CA ASN D 1571 -99.10 3.43 -48.65
C ASN D 1571 -98.64 2.92 -50.01
N ILE D 1572 -97.62 3.54 -50.60
CA ILE D 1572 -97.09 3.20 -51.92
C ILE D 1572 -95.58 3.05 -51.81
N MET D 1573 -95.05 1.95 -52.34
CA MET D 1573 -93.65 1.61 -52.24
C MET D 1573 -92.82 2.43 -53.23
N PRO D 1574 -91.53 2.63 -52.97
CA PRO D 1574 -90.66 3.30 -53.95
C PRO D 1574 -90.25 2.35 -55.06
N LEU D 1575 -89.61 2.92 -56.09
CA LEU D 1575 -89.10 2.13 -57.20
C LEU D 1575 -87.99 1.18 -56.74
N SER D 1576 -87.13 1.64 -55.82
CA SER D 1576 -86.01 0.85 -55.32
C SER D 1576 -86.46 -0.44 -54.64
N ALA D 1577 -87.73 -0.51 -54.22
CA ALA D 1577 -88.30 -1.72 -53.68
C ALA D 1577 -88.91 -2.59 -54.77
N ALA D 1578 -88.92 -2.11 -56.00
CA ALA D 1578 -89.47 -2.84 -57.13
C ALA D 1578 -88.39 -3.42 -58.02
N MET D 1579 -87.29 -2.68 -58.22
CA MET D 1579 -86.31 -3.19 -59.17
C MET D 1579 -85.43 -4.29 -58.59
N PHE D 1580 -85.26 -4.33 -57.28
CA PHE D 1580 -84.38 -5.29 -56.62
C PHE D 1580 -85.22 -6.31 -55.87
N LEU D 1581 -84.91 -7.59 -56.10
CA LEU D 1581 -85.65 -8.66 -55.44
C LEU D 1581 -85.48 -8.62 -53.92
N SER D 1582 -84.25 -8.39 -53.45
CA SER D 1582 -83.96 -8.36 -52.02
C SER D 1582 -84.57 -7.16 -51.31
N GLU D 1583 -85.08 -6.18 -52.04
CA GLU D 1583 -85.60 -4.96 -51.46
C GLU D 1583 -87.12 -4.90 -51.49
N ARG D 1584 -87.79 -6.03 -51.77
CA ARG D 1584 -89.24 -6.06 -51.95
C ARG D 1584 -90.03 -5.69 -50.70
N LYS D 1585 -89.40 -5.69 -49.52
CA LYS D 1585 -90.08 -5.42 -48.26
C LYS D 1585 -89.43 -4.26 -47.52
N ASN D 1586 -88.90 -3.29 -48.25
CA ASN D 1586 -88.21 -2.15 -47.64
C ASN D 1586 -88.85 -0.87 -48.13
N PRO D 1587 -89.55 -0.12 -47.27
CA PRO D 1587 -90.15 1.14 -47.71
C PRO D 1587 -89.15 2.28 -47.85
N ALA D 1588 -88.00 2.18 -47.20
CA ALA D 1588 -87.02 3.26 -47.23
C ALA D 1588 -86.40 3.37 -48.62
N PRO D 1589 -86.40 4.56 -49.23
CA PRO D 1589 -85.81 4.72 -50.56
C PRO D 1589 -84.32 4.49 -50.55
N GLN D 1590 -83.81 3.96 -51.67
CA GLN D 1590 -82.39 3.73 -51.88
C GLN D 1590 -82.03 4.08 -53.30
N CYS D 1591 -80.76 4.39 -53.51
CA CYS D 1591 -80.21 4.64 -54.85
C CYS D 1591 -78.93 3.84 -55.04
N PRO D 1592 -79.05 2.51 -55.23
CA PRO D 1592 -77.85 1.67 -55.33
C PRO D 1592 -77.07 1.99 -56.60
N PRO D 1593 -75.75 1.76 -56.58
CA PRO D 1593 -74.89 2.22 -57.70
C PRO D 1593 -75.22 1.63 -59.07
N ARG D 1594 -75.92 0.49 -59.14
CA ARG D 1594 -76.35 -0.04 -60.44
C ARG D 1594 -77.39 0.88 -61.10
N LEU D 1595 -78.10 1.68 -60.31
CA LEU D 1595 -79.13 2.55 -60.86
C LEU D 1595 -78.47 3.82 -61.37
N GLU D 1596 -78.62 4.09 -62.66
CA GLU D 1596 -77.97 5.26 -63.25
C GLU D 1596 -78.72 5.67 -64.50
N VAL D 1597 -78.45 6.89 -64.94
CA VAL D 1597 -79.12 7.49 -66.08
C VAL D 1597 -78.34 7.09 -67.34
N GLN D 1598 -79.07 6.84 -68.42
CA GLN D 1598 -78.49 6.45 -69.70
C GLN D 1598 -79.14 7.28 -70.79
N MET D 1599 -78.34 7.66 -71.78
CA MET D 1599 -78.86 8.42 -72.91
C MET D 1599 -79.19 7.45 -74.03
N LEU D 1600 -79.51 8.00 -75.19
CA LEU D 1600 -79.81 7.21 -76.38
C LEU D 1600 -78.82 7.58 -77.49
N MET D 1601 -77.75 6.81 -77.60
CA MET D 1601 -76.76 7.03 -78.64
C MET D 1601 -77.28 6.54 -79.98
N PRO D 1602 -77.31 7.39 -81.01
CA PRO D 1602 -77.96 7.02 -82.28
C PRO D 1602 -77.23 5.94 -83.06
N VAL D 1603 -75.90 5.89 -83.01
CA VAL D 1603 -75.10 4.97 -83.81
C VAL D 1603 -74.16 4.21 -82.88
N SER D 1604 -74.03 2.90 -83.12
CA SER D 1604 -73.18 2.07 -82.28
C SER D 1604 -72.40 1.11 -83.18
N TRP D 1605 -71.27 0.63 -82.70
CA TRP D 1605 -70.51 -0.33 -83.49
C TRP D 1605 -71.18 -1.70 -83.46
N SER D 1606 -70.79 -2.54 -84.41
CA SER D 1606 -71.32 -3.90 -84.50
C SER D 1606 -70.35 -4.74 -85.31
N ARG D 1607 -70.69 -6.02 -85.44
CA ARG D 1607 -69.84 -7.01 -86.08
C ARG D 1607 -70.54 -7.64 -87.27
N MET D 1608 -69.81 -7.79 -88.38
CA MET D 1608 -70.32 -8.47 -89.56
C MET D 1608 -70.14 -9.97 -89.39
N PRO D 1609 -71.21 -10.77 -89.37
CA PRO D 1609 -71.08 -12.22 -89.24
C PRO D 1609 -70.27 -12.81 -90.40
N ASN D 1610 -69.49 -13.85 -90.09
CA ASN D 1610 -68.55 -14.38 -91.07
C ASN D 1610 -69.23 -15.10 -92.22
N HIS D 1611 -70.46 -15.56 -92.05
CA HIS D 1611 -71.19 -16.24 -93.11
C HIS D 1611 -72.64 -15.77 -93.12
N PHE D 1612 -73.17 -15.59 -94.32
CA PHE D 1612 -74.53 -15.09 -94.51
C PHE D 1612 -75.34 -16.14 -95.25
N LEU D 1613 -76.66 -16.07 -95.08
CA LEU D 1613 -77.57 -17.03 -95.67
C LEU D 1613 -77.55 -16.97 -97.19
N GLN D 1614 -77.85 -18.11 -97.81
CA GLN D 1614 -77.89 -18.21 -99.26
C GLN D 1614 -79.35 -18.23 -99.70
N VAL D 1615 -79.78 -17.15 -100.35
CA VAL D 1615 -81.16 -16.99 -100.79
C VAL D 1615 -81.17 -16.89 -102.30
N GLU D 1616 -82.07 -17.64 -102.94
CA GLU D 1616 -82.27 -17.56 -104.37
C GLU D 1616 -83.56 -16.82 -104.65
N THR D 1617 -83.47 -15.74 -105.43
CA THR D 1617 -84.59 -14.89 -105.83
C THR D 1617 -84.65 -14.92 -107.35
N ARG D 1618 -85.67 -15.55 -107.90
CA ARG D 1618 -85.83 -15.66 -109.35
C ARG D 1618 -87.32 -15.77 -109.66
N ARG D 1619 -87.66 -15.50 -110.91
CA ARG D 1619 -89.05 -15.63 -111.35
C ARG D 1619 -89.24 -17.03 -111.92
N ALA D 1620 -90.02 -17.85 -111.21
CA ALA D 1620 -90.23 -19.24 -111.62
C ALA D 1620 -90.97 -19.31 -112.95
N GLY D 1621 -91.96 -18.44 -113.14
CA GLY D 1621 -92.71 -18.41 -114.38
C GLY D 1621 -93.73 -17.30 -114.35
N GLU D 1622 -94.50 -17.22 -115.43
CA GLU D 1622 -95.55 -16.20 -115.54
C GLU D 1622 -96.73 -16.49 -114.60
N ARG D 1623 -97.01 -17.77 -114.34
CA ARG D 1623 -98.10 -18.17 -113.47
C ARG D 1623 -97.64 -18.51 -112.06
N LEU D 1624 -96.48 -19.17 -111.93
CA LEU D 1624 -95.97 -19.57 -110.64
C LEU D 1624 -95.64 -18.36 -109.77
N GLY D 1625 -95.06 -17.34 -110.35
CA GLY D 1625 -94.68 -16.15 -109.63
C GLY D 1625 -93.19 -16.14 -109.32
N TRP D 1626 -92.84 -15.41 -108.27
CA TRP D 1626 -91.44 -15.32 -107.87
C TRP D 1626 -91.11 -16.32 -106.79
N ALA D 1627 -90.03 -17.07 -106.95
CA ALA D 1627 -89.69 -18.13 -106.00
C ALA D 1627 -88.47 -17.71 -105.20
N VAL D 1628 -88.58 -17.85 -103.88
CA VAL D 1628 -87.53 -17.59 -102.91
C VAL D 1628 -87.13 -18.94 -102.31
N GLN D 1629 -85.83 -19.21 -102.30
CA GLN D 1629 -85.36 -20.52 -101.86
C GLN D 1629 -84.13 -20.38 -100.99
N CYS D 1630 -84.22 -20.84 -99.74
CA CYS D 1630 -83.08 -20.86 -98.83
C CYS D 1630 -82.99 -22.23 -98.16
N GLN D 1631 -81.82 -22.85 -98.24
CA GLN D 1631 -81.72 -24.24 -97.77
C GLN D 1631 -80.60 -24.48 -96.75
N ASP D 1632 -79.43 -23.89 -96.94
CA ASP D 1632 -78.29 -24.16 -96.06
C ASP D 1632 -78.47 -23.55 -94.68
N PRO D 1633 -78.38 -24.32 -93.60
CA PRO D 1633 -78.58 -23.76 -92.27
C PRO D 1633 -77.34 -23.09 -91.72
N LEU D 1634 -77.57 -22.01 -90.97
CA LEU D 1634 -76.51 -21.31 -90.24
C LEU D 1634 -76.97 -21.04 -88.82
N THR D 1635 -76.05 -21.24 -87.88
CA THR D 1635 -76.35 -21.09 -86.46
C THR D 1635 -75.31 -20.18 -85.83
N MET D 1636 -75.75 -19.30 -84.94
CA MET D 1636 -74.86 -18.38 -84.24
C MET D 1636 -75.16 -18.43 -82.75
N MET D 1637 -74.11 -18.32 -81.95
CA MET D 1637 -74.24 -18.42 -80.50
C MET D 1637 -74.55 -17.04 -79.92
N ALA D 1638 -75.72 -16.90 -79.32
CA ALA D 1638 -76.24 -15.60 -78.92
C ALA D 1638 -76.06 -15.40 -77.43
N LEU D 1639 -75.53 -14.23 -77.05
CA LEU D 1639 -75.42 -13.84 -75.65
C LEU D 1639 -76.52 -12.82 -75.35
N HIS D 1640 -77.44 -13.17 -74.47
CA HIS D 1640 -78.63 -12.37 -74.22
C HIS D 1640 -78.53 -11.69 -72.87
N ILE D 1641 -78.56 -10.36 -72.88
CA ILE D 1641 -78.55 -9.60 -71.63
C ILE D 1641 -79.97 -9.62 -71.08
N PRO D 1642 -80.19 -10.13 -69.87
CA PRO D 1642 -81.55 -10.38 -69.38
C PRO D 1642 -82.36 -9.12 -69.16
N GLU D 1643 -81.83 -8.16 -68.39
CA GLU D 1643 -82.63 -7.02 -68.00
C GLU D 1643 -82.85 -6.04 -69.16
N GLU D 1644 -82.07 -6.13 -70.22
CA GLU D 1644 -82.27 -5.27 -71.39
C GLU D 1644 -83.03 -5.96 -72.51
N ASN D 1645 -83.26 -7.27 -72.39
CA ASN D 1645 -84.03 -8.09 -73.34
C ASN D 1645 -83.47 -7.98 -74.76
N ARG D 1646 -82.15 -7.86 -74.90
CA ARG D 1646 -81.50 -7.83 -76.19
C ARG D 1646 -80.27 -8.73 -76.17
N CYS D 1647 -80.00 -9.34 -77.33
CA CYS D 1647 -78.92 -10.30 -77.46
C CYS D 1647 -77.95 -9.84 -78.55
N MET D 1648 -76.69 -10.21 -78.37
CA MET D 1648 -75.63 -9.89 -79.31
C MET D 1648 -74.87 -11.16 -79.65
N ASP D 1649 -74.17 -11.11 -80.79
CA ASP D 1649 -73.26 -12.18 -81.16
C ASP D 1649 -72.18 -12.32 -80.10
N ILE D 1650 -71.94 -13.56 -79.67
CA ILE D 1650 -70.95 -13.81 -78.62
C ILE D 1650 -69.55 -13.49 -79.09
N LEU D 1651 -69.29 -13.47 -80.40
CA LEU D 1651 -67.99 -13.10 -80.93
C LEU D 1651 -67.68 -11.62 -80.72
N GLU D 1652 -68.67 -10.79 -80.39
CA GLU D 1652 -68.43 -9.39 -80.07
C GLU D 1652 -67.66 -9.22 -78.77
N LEU D 1653 -67.57 -10.27 -77.94
CA LEU D 1653 -66.82 -10.16 -76.71
C LEU D 1653 -65.32 -10.14 -76.93
N SER D 1654 -64.85 -10.28 -78.18
CA SER D 1654 -63.46 -10.04 -78.53
C SER D 1654 -63.13 -8.55 -78.50
N GLU D 1655 -64.14 -7.70 -78.36
CA GLU D 1655 -63.96 -6.26 -78.30
C GLU D 1655 -64.71 -5.64 -77.13
N ARG D 1656 -65.76 -6.26 -76.63
CA ARG D 1656 -66.41 -5.79 -75.40
C ARG D 1656 -65.75 -6.52 -74.23
N LEU D 1657 -64.55 -6.08 -73.87
CA LEU D 1657 -63.78 -6.80 -72.85
C LEU D 1657 -64.36 -6.68 -71.44
N ASP D 1658 -65.31 -5.77 -71.23
CA ASP D 1658 -65.99 -5.69 -69.95
C ASP D 1658 -66.92 -6.88 -69.77
N LEU D 1659 -67.61 -7.26 -70.84
CA LEU D 1659 -68.47 -8.42 -70.76
C LEU D 1659 -67.64 -9.69 -70.80
N GLN D 1660 -66.49 -9.64 -71.50
CA GLN D 1660 -65.64 -10.82 -71.62
C GLN D 1660 -65.07 -11.22 -70.26
N ARG D 1661 -64.66 -10.23 -69.45
CA ARG D 1661 -64.16 -10.52 -68.11
C ARG D 1661 -65.23 -11.12 -67.21
N PHE D 1662 -66.45 -10.58 -67.30
CA PHE D 1662 -67.56 -11.07 -66.49
C PHE D 1662 -67.96 -12.48 -66.90
N HIS D 1663 -68.13 -12.71 -68.21
CA HIS D 1663 -68.55 -14.02 -68.67
C HIS D 1663 -67.48 -15.07 -68.39
N SER D 1664 -66.21 -14.76 -68.66
CA SER D 1664 -65.13 -15.68 -68.38
C SER D 1664 -64.99 -15.96 -66.88
N HIS D 1665 -65.46 -15.06 -66.03
CA HIS D 1665 -65.56 -15.39 -64.62
C HIS D 1665 -66.78 -16.25 -64.31
N THR D 1666 -67.88 -16.01 -65.05
CA THR D 1666 -69.10 -16.78 -64.87
C THR D 1666 -68.88 -18.25 -65.16
N LEU D 1667 -68.13 -18.55 -66.22
CA LEU D 1667 -67.72 -19.94 -66.50
C LEU D 1667 -66.88 -20.54 -65.38
N ARG D 1668 -66.03 -19.72 -64.75
CA ARG D 1668 -65.26 -20.20 -63.60
C ARG D 1668 -66.16 -20.48 -62.40
N LEU D 1669 -67.24 -19.72 -62.26
CA LEU D 1669 -68.20 -19.99 -61.21
C LEU D 1669 -68.97 -21.28 -61.51
N TYR D 1670 -69.27 -21.50 -62.79
CA TYR D 1670 -69.94 -22.74 -63.19
C TYR D 1670 -69.06 -23.94 -62.87
N ARG D 1671 -67.75 -23.83 -63.11
CA ARG D 1671 -66.86 -24.93 -62.78
C ARG D 1671 -66.71 -25.08 -61.28
N ALA D 1672 -66.84 -23.99 -60.54
CA ALA D 1672 -66.66 -24.04 -59.09
C ALA D 1672 -67.83 -24.74 -58.44
N VAL D 1673 -69.05 -24.39 -58.84
CA VAL D 1673 -70.23 -24.96 -58.17
C VAL D 1673 -70.39 -26.43 -58.52
N CYS D 1674 -69.84 -26.89 -59.64
CA CYS D 1674 -69.89 -28.30 -59.99
C CYS D 1674 -68.55 -28.99 -59.79
N ALA D 1675 -67.65 -28.38 -59.02
CA ALA D 1675 -66.32 -28.95 -58.85
C ALA D 1675 -66.35 -30.06 -57.82
N LEU D 1676 -65.42 -31.01 -57.98
CA LEU D 1676 -65.18 -32.13 -57.06
C LEU D 1676 -66.42 -33.02 -56.90
N GLY D 1677 -66.96 -33.47 -58.03
CA GLY D 1677 -68.01 -34.48 -58.07
C GLY D 1677 -69.33 -34.09 -57.45
N ASN D 1678 -69.83 -32.90 -57.78
CA ASN D 1678 -71.16 -32.48 -57.35
C ASN D 1678 -72.16 -32.75 -58.47
N ASN D 1679 -72.34 -34.04 -58.76
CA ASN D 1679 -73.18 -34.46 -59.89
C ASN D 1679 -74.65 -34.07 -59.73
N ARG D 1680 -75.08 -33.74 -58.50
CA ARG D 1680 -76.42 -33.19 -58.30
C ARG D 1680 -76.55 -31.82 -58.95
N VAL D 1681 -75.43 -31.11 -59.07
CA VAL D 1681 -75.40 -29.78 -59.67
C VAL D 1681 -74.99 -29.85 -61.13
N ALA D 1682 -74.07 -30.77 -61.45
CA ALA D 1682 -73.60 -30.91 -62.83
C ALA D 1682 -74.75 -31.25 -63.79
N HIS D 1683 -75.81 -31.89 -63.28
CA HIS D 1683 -77.01 -32.07 -64.08
C HIS D 1683 -77.74 -30.75 -64.28
N ALA D 1684 -77.79 -29.92 -63.23
CA ALA D 1684 -78.49 -28.64 -63.29
C ALA D 1684 -77.85 -27.71 -64.31
N LEU D 1685 -76.52 -27.69 -64.36
CA LEU D 1685 -75.81 -26.82 -65.31
C LEU D 1685 -76.11 -27.16 -66.76
N CYS D 1686 -76.50 -28.41 -67.05
CA CYS D 1686 -76.83 -28.84 -68.41
C CYS D 1686 -78.11 -28.19 -68.94
N SER D 1687 -78.88 -27.50 -68.10
CA SER D 1687 -79.98 -26.69 -68.60
C SER D 1687 -79.47 -25.33 -69.06
N HIS D 1688 -78.62 -24.70 -68.25
CA HIS D 1688 -78.09 -23.38 -68.59
C HIS D 1688 -77.20 -23.44 -69.82
N VAL D 1689 -76.29 -24.41 -69.87
CA VAL D 1689 -75.45 -24.63 -71.05
C VAL D 1689 -75.72 -26.04 -71.57
N ASP D 1690 -76.37 -26.12 -72.72
CA ASP D 1690 -76.80 -27.40 -73.27
C ASP D 1690 -75.61 -28.12 -73.91
N GLN D 1691 -75.89 -29.30 -74.47
CA GLN D 1691 -74.86 -30.05 -75.18
C GLN D 1691 -74.51 -29.39 -76.49
N ALA D 1692 -75.51 -28.80 -77.15
CA ALA D 1692 -75.33 -28.20 -78.47
C ALA D 1692 -74.39 -27.01 -78.41
N GLN D 1693 -74.54 -26.17 -77.37
CA GLN D 1693 -73.69 -24.99 -77.23
C GLN D 1693 -72.24 -25.39 -77.05
N LEU D 1694 -71.99 -26.39 -76.18
CA LEU D 1694 -70.64 -26.87 -75.93
C LEU D 1694 -70.02 -27.46 -77.18
N LEU D 1695 -70.80 -28.26 -77.92
CA LEU D 1695 -70.30 -28.89 -79.15
C LEU D 1695 -70.00 -27.84 -80.22
N HIS D 1696 -70.85 -26.82 -80.32
CA HIS D 1696 -70.56 -25.74 -81.26
C HIS D 1696 -69.30 -24.98 -80.85
N ALA D 1697 -69.16 -24.70 -79.55
CA ALA D 1697 -68.00 -24.00 -79.06
C ALA D 1697 -66.71 -24.82 -79.20
N LEU D 1698 -66.83 -26.13 -79.42
CA LEU D 1698 -65.64 -26.92 -79.69
C LEU D 1698 -65.01 -26.50 -81.02
N GLU D 1699 -65.83 -26.32 -82.05
CA GLU D 1699 -65.33 -26.02 -83.37
C GLU D 1699 -65.32 -24.53 -83.68
N ASP D 1700 -65.89 -23.70 -82.80
CA ASP D 1700 -65.95 -22.25 -83.03
C ASP D 1700 -64.55 -21.67 -83.03
N ALA D 1701 -64.04 -21.33 -84.21
CA ALA D 1701 -62.68 -20.85 -84.33
C ALA D 1701 -62.51 -19.37 -84.01
N HIS D 1702 -63.60 -18.61 -83.92
CA HIS D 1702 -63.48 -17.18 -83.69
C HIS D 1702 -63.72 -16.79 -82.24
N LEU D 1703 -63.92 -17.75 -81.34
CA LEU D 1703 -64.10 -17.44 -79.93
C LEU D 1703 -62.79 -16.89 -79.35
N PRO D 1704 -62.87 -15.97 -78.39
CA PRO D 1704 -61.65 -15.49 -77.74
C PRO D 1704 -60.92 -16.55 -76.93
N GLY D 1705 -59.76 -16.16 -76.39
CA GLY D 1705 -58.91 -17.03 -75.61
C GLY D 1705 -59.58 -17.53 -74.33
N PRO D 1706 -59.81 -16.62 -73.37
CA PRO D 1706 -60.38 -17.05 -72.08
C PRO D 1706 -61.74 -17.72 -72.23
N LEU D 1707 -62.54 -17.34 -73.21
CA LEU D 1707 -63.84 -17.99 -73.37
C LEU D 1707 -63.69 -19.37 -73.99
N ARG D 1708 -62.68 -19.56 -74.84
CA ARG D 1708 -62.45 -20.86 -75.45
C ARG D 1708 -61.96 -21.85 -74.40
N ALA D 1709 -60.95 -21.44 -73.63
CA ALA D 1709 -60.46 -22.32 -72.57
C ALA D 1709 -61.48 -22.50 -71.46
N GLY D 1710 -62.27 -21.46 -71.15
CA GLY D 1710 -63.33 -21.62 -70.18
C GLY D 1710 -64.41 -22.58 -70.63
N TYR D 1711 -64.64 -22.67 -71.94
CA TYR D 1711 -65.72 -23.53 -72.38
C TYR D 1711 -65.26 -24.96 -72.53
N TYR D 1712 -64.00 -25.20 -72.90
CA TYR D 1712 -63.52 -26.58 -72.85
C TYR D 1712 -63.44 -27.06 -71.40
N ASP D 1713 -62.90 -26.23 -70.51
CA ASP D 1713 -62.81 -26.65 -69.11
C ASP D 1713 -64.17 -26.77 -68.45
N LEU D 1714 -65.19 -26.06 -68.97
CA LEU D 1714 -66.55 -26.26 -68.47
C LEU D 1714 -67.11 -27.57 -68.96
N LEU D 1715 -66.80 -27.96 -70.20
CA LEU D 1715 -67.22 -29.28 -70.70
C LEU D 1715 -66.59 -30.38 -69.86
N ILE D 1716 -65.30 -30.23 -69.55
CA ILE D 1716 -64.57 -31.24 -68.79
C ILE D 1716 -65.15 -31.32 -67.38
N SER D 1717 -65.40 -30.16 -66.76
CA SER D 1717 -65.93 -30.12 -65.40
C SER D 1717 -67.31 -30.73 -65.32
N ILE D 1718 -68.17 -30.45 -66.30
CA ILE D 1718 -69.54 -30.92 -66.23
C ILE D 1718 -69.61 -32.42 -66.51
N HIS D 1719 -68.95 -32.87 -67.58
CA HIS D 1719 -69.21 -34.20 -68.12
C HIS D 1719 -68.10 -35.23 -67.91
N LEU D 1720 -66.89 -34.83 -67.56
CA LEU D 1720 -65.81 -35.80 -67.60
C LEU D 1720 -65.08 -36.01 -66.28
N GLU D 1721 -64.84 -34.94 -65.51
CA GLU D 1721 -63.85 -34.96 -64.43
C GLU D 1721 -64.19 -35.95 -63.32
N SER D 1722 -65.47 -36.09 -62.97
CA SER D 1722 -65.87 -37.02 -61.90
C SER D 1722 -65.54 -38.46 -62.28
N ALA D 1723 -65.78 -38.83 -63.53
CA ALA D 1723 -65.42 -40.16 -64.01
C ALA D 1723 -63.92 -40.31 -64.13
N CYS D 1724 -63.24 -39.24 -64.57
CA CYS D 1724 -61.80 -39.30 -64.81
C CYS D 1724 -61.02 -39.44 -63.52
N ARG D 1725 -61.38 -38.68 -62.48
CA ARG D 1725 -60.66 -38.71 -61.22
C ARG D 1725 -60.75 -40.09 -60.59
N SER D 1726 -61.97 -40.64 -60.57
CA SER D 1726 -62.21 -41.97 -60.00
C SER D 1726 -61.46 -43.04 -60.77
N ARG D 1727 -61.41 -42.94 -62.11
CA ARG D 1727 -60.62 -43.88 -62.88
C ARG D 1727 -59.13 -43.72 -62.55
N ARG D 1728 -58.67 -42.46 -62.47
CA ARG D 1728 -57.26 -42.16 -62.27
C ARG D 1728 -56.77 -42.72 -60.95
N SER D 1729 -57.66 -42.78 -59.96
CA SER D 1729 -57.28 -43.37 -58.68
C SER D 1729 -57.03 -44.87 -58.86
N MET D 1730 -57.87 -45.54 -59.65
CA MET D 1730 -57.70 -46.97 -59.87
C MET D 1730 -56.54 -47.29 -60.81
N LEU D 1731 -55.96 -46.29 -61.49
CA LEU D 1731 -54.79 -46.57 -62.32
C LEU D 1731 -53.55 -46.99 -61.53
N SER D 1732 -53.51 -46.74 -60.23
CA SER D 1732 -52.33 -47.06 -59.44
C SER D 1732 -52.35 -48.46 -58.84
N GLU D 1733 -53.45 -49.20 -58.98
CA GLU D 1733 -53.53 -50.57 -58.51
C GLU D 1733 -53.72 -51.51 -59.70
N TYR D 1734 -53.06 -52.66 -59.63
CA TYR D 1734 -53.06 -53.63 -60.73
C TYR D 1734 -53.62 -54.94 -60.21
N ILE D 1735 -54.94 -55.10 -60.27
CA ILE D 1735 -55.58 -56.37 -59.96
C ILE D 1735 -55.75 -57.13 -61.26
N VAL D 1736 -55.05 -58.27 -61.38
CA VAL D 1736 -55.04 -58.99 -62.64
C VAL D 1736 -55.79 -60.32 -62.52
N PRO D 1737 -56.99 -60.43 -63.07
CA PRO D 1737 -57.70 -61.71 -63.07
C PRO D 1737 -57.03 -62.72 -63.99
N LEU D 1738 -57.24 -64.00 -63.68
CA LEU D 1738 -56.65 -65.10 -64.45
C LEU D 1738 -57.65 -65.54 -65.50
N THR D 1739 -57.51 -65.02 -66.71
CA THR D 1739 -58.38 -65.25 -67.85
C THR D 1739 -57.52 -65.58 -69.06
N PRO D 1740 -58.08 -66.24 -70.10
CA PRO D 1740 -57.29 -66.54 -71.31
C PRO D 1740 -56.68 -65.32 -71.96
N GLU D 1741 -57.38 -64.18 -71.90
CA GLU D 1741 -56.82 -62.93 -72.39
C GLU D 1741 -55.59 -62.57 -71.60
N THR D 1742 -55.63 -62.75 -70.27
CA THR D 1742 -54.44 -62.49 -69.46
C THR D 1742 -53.32 -63.43 -69.86
N ARG D 1743 -53.67 -64.68 -70.21
CA ARG D 1743 -52.67 -65.67 -70.56
CA ARG D 1743 -52.65 -65.67 -70.56
C ARG D 1743 -51.91 -65.27 -71.82
N ALA D 1744 -52.63 -64.74 -72.81
CA ALA D 1744 -52.01 -64.40 -74.08
C ALA D 1744 -51.09 -63.18 -74.01
N ILE D 1745 -51.10 -62.44 -72.89
CA ILE D 1745 -50.31 -61.22 -72.77
C ILE D 1745 -48.82 -61.57 -72.68
N THR D 1746 -48.02 -60.90 -73.50
CA THR D 1746 -46.57 -61.10 -73.50
C THR D 1746 -45.87 -59.74 -73.53
N LEU D 1747 -44.62 -59.75 -73.10
CA LEU D 1747 -43.82 -58.52 -73.05
C LEU D 1747 -43.60 -57.93 -74.45
N PHE D 1748 -43.23 -58.77 -75.40
CA PHE D 1748 -42.92 -58.31 -76.74
C PHE D 1748 -43.91 -58.91 -77.73
N PRO D 1749 -44.20 -58.19 -78.82
CA PRO D 1749 -45.06 -58.76 -79.85
C PRO D 1749 -44.34 -59.89 -80.56
N PRO D 1750 -45.07 -60.87 -81.11
CA PRO D 1750 -44.41 -61.90 -81.92
C PRO D 1750 -43.82 -61.33 -83.19
N GLY D 1751 -42.49 -61.36 -83.29
CA GLY D 1751 -41.82 -60.75 -84.42
C GLY D 1751 -40.56 -61.47 -84.83
N ARG D 1752 -39.81 -60.89 -85.77
CA ARG D 1752 -38.61 -61.51 -86.32
C ARG D 1752 -37.40 -60.56 -86.26
N LYS D 1753 -37.46 -59.52 -85.43
CA LYS D 1753 -36.34 -58.59 -85.33
C LYS D 1753 -35.17 -59.21 -84.57
N GLY D 1754 -35.37 -59.54 -83.30
CA GLY D 1754 -34.30 -60.07 -82.49
C GLY D 1754 -34.79 -61.01 -81.41
N GLY D 1755 -34.07 -62.13 -81.21
CA GLY D 1755 -34.52 -63.14 -80.27
C GLY D 1755 -34.52 -62.67 -78.82
N ASN D 1756 -33.49 -61.94 -78.42
CA ASN D 1756 -33.42 -61.40 -77.06
C ASN D 1756 -34.53 -60.40 -76.82
N ALA D 1757 -34.81 -59.53 -77.80
CA ALA D 1757 -35.85 -58.52 -77.67
C ALA D 1757 -36.27 -58.08 -79.06
N ARG D 1758 -37.55 -58.22 -79.39
CA ARG D 1758 -38.10 -57.64 -80.60
C ARG D 1758 -38.23 -56.14 -80.47
N ARG D 1759 -38.79 -55.50 -81.49
CA ARG D 1759 -39.10 -54.09 -81.41
C ARG D 1759 -40.21 -53.89 -80.39
N HIS D 1760 -40.11 -52.79 -79.63
CA HIS D 1760 -41.15 -52.46 -78.67
C HIS D 1760 -42.48 -52.22 -79.37
N GLY D 1761 -43.55 -52.72 -78.78
CA GLY D 1761 -44.86 -52.41 -79.30
C GLY D 1761 -45.24 -50.96 -79.07
N LEU D 1762 -46.33 -50.57 -79.72
CA LEU D 1762 -46.84 -49.22 -79.55
C LEU D 1762 -47.43 -49.10 -78.16
N PRO D 1763 -46.95 -48.18 -77.32
CA PRO D 1763 -47.48 -48.07 -75.95
C PRO D 1763 -48.95 -47.71 -75.93
N GLY D 1764 -49.67 -48.32 -75.00
CA GLY D 1764 -51.10 -48.11 -74.91
C GLY D 1764 -51.92 -48.85 -75.94
N VAL D 1765 -51.28 -49.67 -76.78
CA VAL D 1765 -51.95 -50.42 -77.82
C VAL D 1765 -51.85 -51.90 -77.49
N GLY D 1766 -52.98 -52.58 -77.51
CA GLY D 1766 -52.99 -53.99 -77.22
C GLY D 1766 -54.17 -54.33 -76.33
N VAL D 1767 -54.05 -55.40 -75.56
CA VAL D 1767 -55.09 -55.84 -74.65
C VAL D 1767 -54.57 -55.71 -73.22
N THR D 1768 -55.39 -55.14 -72.35
CA THR D 1768 -55.06 -55.03 -70.94
C THR D 1768 -56.23 -55.64 -70.17
N THR D 1769 -55.92 -56.52 -69.23
CA THR D 1769 -56.93 -57.23 -68.48
C THR D 1769 -57.09 -56.74 -67.06
N SER D 1770 -56.33 -55.73 -66.65
CA SER D 1770 -56.40 -55.22 -65.28
C SER D 1770 -57.79 -54.67 -64.98
N LEU D 1771 -58.23 -54.85 -63.74
CA LEU D 1771 -59.59 -54.49 -63.38
C LEU D 1771 -59.72 -52.98 -63.23
N ARG D 1772 -60.69 -52.40 -63.91
CA ARG D 1772 -61.09 -51.01 -63.73
C ARG D 1772 -62.61 -51.00 -63.79
N PRO D 1773 -63.28 -50.41 -62.79
CA PRO D 1773 -64.74 -50.34 -62.84
C PRO D 1773 -65.21 -49.47 -63.98
N PRO D 1774 -66.34 -49.80 -64.60
CA PRO D 1774 -66.83 -48.98 -65.71
C PRO D 1774 -67.43 -47.67 -65.23
N HIS D 1775 -67.47 -46.71 -66.13
CA HIS D 1775 -68.10 -45.43 -65.84
C HIS D 1775 -69.61 -45.57 -65.81
N HIS D 1776 -70.25 -44.64 -65.11
CA HIS D 1776 -71.70 -44.59 -65.02
C HIS D 1776 -72.17 -43.19 -65.33
N PHE D 1777 -73.14 -43.07 -66.23
CA PHE D 1777 -73.68 -41.78 -66.60
C PHE D 1777 -75.20 -41.82 -66.58
N SER D 1778 -75.80 -40.65 -66.62
CA SER D 1778 -77.24 -40.53 -66.72
C SER D 1778 -77.60 -39.53 -67.80
N PRO D 1779 -78.68 -39.76 -68.54
CA PRO D 1779 -79.13 -38.78 -69.53
C PRO D 1779 -79.78 -37.60 -68.84
N PRO D 1780 -79.31 -36.38 -69.10
CA PRO D 1780 -79.89 -35.21 -68.44
C PRO D 1780 -81.29 -34.91 -68.93
N CYS D 1781 -82.27 -35.13 -68.07
CA CYS D 1781 -83.68 -34.92 -68.40
C CYS D 1781 -84.35 -34.13 -67.29
N PHE D 1782 -84.80 -32.93 -67.62
CA PHE D 1782 -85.38 -32.03 -66.63
C PHE D 1782 -86.89 -32.11 -66.57
N VAL D 1783 -87.53 -32.94 -67.40
CA VAL D 1783 -88.96 -33.16 -67.31
C VAL D 1783 -89.30 -34.41 -66.54
N ALA D 1784 -88.29 -35.18 -66.13
CA ALA D 1784 -88.51 -36.41 -65.39
C ALA D 1784 -89.14 -36.10 -64.03
N ALA D 1785 -89.98 -37.03 -63.57
CA ALA D 1785 -90.66 -36.88 -62.30
C ALA D 1785 -89.67 -36.79 -61.14
N LEU D 1786 -89.92 -35.86 -60.24
CA LEU D 1786 -89.07 -35.69 -59.07
C LEU D 1786 -89.17 -36.94 -58.19
N PRO D 1787 -88.02 -37.50 -57.77
CA PRO D 1787 -88.04 -38.75 -56.98
C PRO D 1787 -88.78 -38.59 -55.67
N ALA D 1788 -89.57 -39.61 -55.32
CA ALA D 1788 -90.30 -39.57 -54.05
C ALA D 1788 -89.37 -39.80 -52.87
N ALA D 1789 -88.20 -40.39 -53.10
CA ALA D 1789 -87.23 -40.60 -52.04
C ALA D 1789 -86.71 -39.27 -51.51
N GLY D 1790 -86.65 -39.14 -50.19
CA GLY D 1790 -86.19 -37.92 -49.58
C GLY D 1790 -84.69 -37.72 -49.77
N VAL D 1791 -84.25 -36.49 -49.44
CA VAL D 1791 -82.83 -36.16 -49.51
C VAL D 1791 -82.07 -37.02 -48.49
N ALA D 1792 -80.78 -37.26 -48.77
CA ALA D 1792 -79.85 -38.07 -48.00
C ALA D 1792 -80.26 -39.55 -47.93
N GLU D 1793 -81.21 -39.99 -48.75
CA GLU D 1793 -81.62 -41.38 -48.80
C GLU D 1793 -81.61 -41.87 -50.25
N ALA D 1794 -81.84 -40.96 -51.18
CA ALA D 1794 -81.89 -41.31 -52.59
C ALA D 1794 -80.49 -41.70 -53.09
N PRO D 1795 -80.41 -42.55 -54.12
CA PRO D 1795 -79.10 -42.89 -54.69
C PRO D 1795 -78.39 -41.69 -55.28
N ALA D 1796 -77.06 -41.71 -55.19
CA ALA D 1796 -76.22 -40.62 -55.68
C ALA D 1796 -76.39 -40.42 -57.18
N ARG D 1797 -76.47 -39.15 -57.58
CA ARG D 1797 -76.61 -38.82 -58.99
C ARG D 1797 -75.32 -39.13 -59.74
N LEU D 1798 -75.48 -39.50 -61.00
CA LEU D 1798 -74.34 -39.81 -61.86
C LEU D 1798 -74.00 -38.59 -62.71
N SER D 1799 -72.84 -38.65 -63.35
CA SER D 1799 -72.43 -37.59 -64.27
C SER D 1799 -73.39 -37.52 -65.46
N PRO D 1800 -73.76 -36.33 -65.89
CA PRO D 1800 -74.58 -36.19 -67.10
C PRO D 1800 -73.91 -36.78 -68.33
N ALA D 1801 -74.70 -37.51 -69.12
CA ALA D 1801 -74.15 -38.22 -70.26
C ALA D 1801 -73.79 -37.26 -71.39
N ILE D 1802 -72.86 -37.69 -72.23
CA ILE D 1802 -72.48 -36.96 -73.44
C ILE D 1802 -71.95 -37.98 -74.45
N PRO D 1803 -72.29 -37.87 -75.76
CA PRO D 1803 -71.86 -38.89 -76.74
C PRO D 1803 -70.35 -38.94 -76.88
N LEU D 1804 -69.76 -40.02 -76.37
CA LEU D 1804 -68.31 -40.11 -76.30
C LEU D 1804 -67.68 -40.44 -77.65
N GLU D 1805 -68.34 -41.24 -78.48
CA GLU D 1805 -67.79 -41.58 -79.79
C GLU D 1805 -67.68 -40.34 -80.68
N ALA D 1806 -68.69 -39.48 -80.63
CA ALA D 1806 -68.65 -38.22 -81.35
C ALA D 1806 -67.64 -37.28 -80.72
N LEU D 1807 -67.60 -37.23 -79.39
CA LEU D 1807 -66.67 -36.32 -78.74
C LEU D 1807 -65.21 -36.70 -79.03
N ARG D 1808 -64.90 -38.00 -79.00
CA ARG D 1808 -63.54 -38.44 -79.28
C ARG D 1808 -63.15 -38.24 -80.74
N ASP D 1809 -64.11 -38.37 -81.67
CA ASP D 1809 -63.77 -38.14 -83.06
C ASP D 1809 -63.58 -36.65 -83.35
N LYS D 1810 -64.46 -35.81 -82.77
CA LYS D 1810 -64.33 -34.38 -82.97
C LYS D 1810 -63.05 -33.87 -82.33
N ALA D 1811 -62.67 -34.44 -81.17
CA ALA D 1811 -61.44 -34.06 -80.49
C ALA D 1811 -60.21 -34.41 -81.33
N LEU D 1812 -60.22 -35.61 -81.94
CA LEU D 1812 -59.11 -36.00 -82.80
C LEU D 1812 -59.01 -35.08 -84.00
N ARG D 1813 -60.17 -34.74 -84.58
CA ARG D 1813 -60.19 -33.89 -85.76
C ARG D 1813 -59.65 -32.51 -85.43
N MET D 1814 -60.05 -31.96 -84.27
CA MET D 1814 -59.57 -30.64 -83.85
C MET D 1814 -58.08 -30.65 -83.62
N LEU D 1815 -57.56 -31.73 -82.99
CA LEU D 1815 -56.12 -31.82 -82.79
C LEU D 1815 -55.36 -31.90 -84.11
N GLY D 1816 -55.91 -32.63 -85.09
CA GLY D 1816 -55.28 -32.70 -86.40
C GLY D 1816 -55.22 -31.36 -87.09
N GLU D 1817 -56.33 -30.62 -87.05
CA GLU D 1817 -56.36 -29.28 -87.63
C GLU D 1817 -55.40 -28.35 -86.89
N ALA D 1818 -55.32 -28.48 -85.56
CA ALA D 1818 -54.44 -27.61 -84.79
C ALA D 1818 -52.98 -27.88 -85.15
N VAL D 1819 -52.62 -29.16 -85.34
CA VAL D 1819 -51.25 -29.53 -85.68
C VAL D 1819 -50.87 -28.96 -87.03
N ARG D 1820 -51.76 -29.11 -88.03
CA ARG D 1820 -51.46 -28.58 -89.35
C ARG D 1820 -51.45 -27.05 -89.37
N ASP D 1821 -52.38 -26.42 -88.65
CA ASP D 1821 -52.42 -24.96 -88.58
C ASP D 1821 -51.16 -24.42 -87.91
N GLY D 1822 -50.71 -25.09 -86.83
CA GLY D 1822 -49.47 -24.69 -86.18
C GLY D 1822 -48.29 -24.85 -87.10
N GLY D 1823 -48.32 -25.85 -87.97
CA GLY D 1823 -47.25 -26.03 -88.94
C GLY D 1823 -47.20 -24.91 -89.95
N GLN D 1824 -48.37 -24.42 -90.36
CA GLN D 1824 -48.42 -23.34 -91.36
C GLN D 1824 -47.87 -22.01 -90.86
N HIS D 1825 -47.69 -21.84 -89.53
CA HIS D 1825 -47.21 -20.60 -88.89
C HIS D 1825 -48.08 -19.39 -89.25
N ALA D 1826 -49.40 -19.59 -89.20
CA ALA D 1826 -50.36 -18.53 -89.48
C ALA D 1826 -50.24 -17.39 -88.47
N ARG D 1827 -50.45 -16.16 -88.95
CA ARG D 1827 -50.34 -15.00 -88.09
C ARG D 1827 -51.52 -14.84 -87.13
N ASP D 1828 -52.59 -15.62 -87.31
CA ASP D 1828 -53.77 -15.54 -86.45
C ASP D 1828 -54.15 -16.94 -85.95
N PRO D 1829 -53.42 -17.46 -84.96
CA PRO D 1829 -53.76 -18.77 -84.41
C PRO D 1829 -55.10 -18.73 -83.69
N VAL D 1830 -55.76 -19.90 -83.66
CA VAL D 1830 -57.11 -20.02 -83.11
C VAL D 1830 -57.11 -19.61 -81.64
N GLY D 1831 -58.08 -18.79 -81.26
CA GLY D 1831 -58.17 -18.34 -79.89
C GLY D 1831 -57.27 -17.18 -79.55
N GLY D 1832 -56.44 -16.74 -80.48
CA GLY D 1832 -55.60 -15.57 -80.30
C GLY D 1832 -54.15 -15.88 -80.01
N SER D 1833 -53.82 -17.10 -79.61
CA SER D 1833 -52.44 -17.47 -79.36
C SER D 1833 -52.28 -18.97 -79.45
N VAL D 1834 -51.01 -19.40 -79.57
CA VAL D 1834 -50.66 -20.81 -79.68
C VAL D 1834 -51.10 -21.55 -78.43
N GLU D 1835 -50.90 -20.92 -77.27
CA GLU D 1835 -51.27 -21.53 -76.00
C GLU D 1835 -52.78 -21.76 -75.95
N PHE D 1836 -53.56 -20.74 -76.33
CA PHE D 1836 -55.01 -20.85 -76.35
C PHE D 1836 -55.52 -21.79 -77.42
N GLN D 1837 -54.66 -22.18 -78.36
CA GLN D 1837 -55.06 -23.07 -79.43
C GLN D 1837 -54.79 -24.52 -79.06
N PHE D 1838 -53.65 -24.77 -78.42
CA PHE D 1838 -53.22 -26.13 -78.10
C PHE D 1838 -53.55 -26.62 -76.70
N VAL D 1839 -53.36 -25.79 -75.64
CA VAL D 1839 -53.57 -26.27 -74.27
C VAL D 1839 -54.98 -26.81 -73.98
N PRO D 1840 -56.09 -26.08 -74.27
CA PRO D 1840 -57.42 -26.65 -73.97
C PRO D 1840 -57.73 -27.96 -74.71
N VAL D 1841 -57.27 -28.08 -75.96
CA VAL D 1841 -57.51 -29.30 -76.72
C VAL D 1841 -56.70 -30.44 -76.14
N LEU D 1842 -55.43 -30.18 -75.80
CA LEU D 1842 -54.60 -31.23 -75.23
C LEU D 1842 -55.13 -31.66 -73.86
N LYS D 1843 -55.80 -30.74 -73.15
CA LYS D 1843 -56.48 -31.11 -71.92
C LYS D 1843 -57.61 -32.09 -72.19
N LEU D 1844 -58.36 -31.85 -73.27
CA LEU D 1844 -59.49 -32.72 -73.59
C LEU D 1844 -59.00 -34.10 -74.03
N VAL D 1845 -57.91 -34.11 -74.81
CA VAL D 1845 -57.31 -35.37 -75.26
C VAL D 1845 -56.79 -36.15 -74.07
N SER D 1846 -56.11 -35.47 -73.14
CA SER D 1846 -55.55 -36.12 -71.96
C SER D 1846 -56.64 -36.74 -71.13
N THR D 1847 -57.77 -36.01 -70.96
CA THR D 1847 -58.88 -36.52 -70.18
C THR D 1847 -59.49 -37.75 -70.84
N LEU D 1848 -59.58 -37.76 -72.17
CA LEU D 1848 -60.18 -38.92 -72.83
C LEU D 1848 -59.25 -40.13 -72.76
N LEU D 1849 -57.93 -39.90 -72.85
CA LEU D 1849 -56.98 -40.99 -72.69
C LEU D 1849 -57.09 -41.59 -71.30
N VAL D 1850 -57.13 -40.75 -70.27
CA VAL D 1850 -57.18 -41.25 -68.90
C VAL D 1850 -58.48 -42.02 -68.68
N MET D 1851 -59.59 -41.50 -69.20
CA MET D 1851 -60.86 -42.25 -69.15
C MET D 1851 -60.86 -43.50 -70.02
N GLY D 1852 -59.88 -43.68 -70.90
CA GLY D 1852 -59.89 -44.86 -71.75
C GLY D 1852 -60.91 -44.85 -72.87
N ILE D 1853 -61.36 -43.66 -73.30
CA ILE D 1853 -62.35 -43.56 -74.36
C ILE D 1853 -61.76 -44.02 -75.69
N PHE D 1854 -60.52 -43.64 -75.96
CA PHE D 1854 -59.87 -43.92 -77.24
C PHE D 1854 -59.57 -45.41 -77.41
N GLY D 1855 -59.88 -45.94 -78.59
CA GLY D 1855 -59.51 -47.29 -78.95
C GLY D 1855 -58.10 -47.34 -79.50
N ASP D 1856 -57.68 -48.55 -79.87
CA ASP D 1856 -56.30 -48.79 -80.31
C ASP D 1856 -55.95 -48.01 -81.58
N GLU D 1857 -56.89 -47.94 -82.53
CA GLU D 1857 -56.66 -47.18 -83.75
C GLU D 1857 -56.49 -45.70 -83.45
N ASP D 1858 -57.32 -45.16 -82.55
CA ASP D 1858 -57.23 -43.75 -82.19
C ASP D 1858 -55.93 -43.48 -81.46
N VAL D 1859 -55.50 -44.42 -80.61
CA VAL D 1859 -54.25 -44.24 -79.89
C VAL D 1859 -53.08 -44.23 -80.87
N LYS D 1860 -53.17 -45.07 -81.91
CA LYS D 1860 -52.15 -45.07 -82.96
C LYS D 1860 -52.11 -43.73 -83.66
N GLN D 1861 -53.29 -43.13 -83.88
CA GLN D 1861 -53.36 -41.80 -84.50
C GLN D 1861 -52.66 -40.77 -83.63
N ILE D 1862 -52.94 -40.80 -82.32
CA ILE D 1862 -52.38 -39.82 -81.38
C ILE D 1862 -50.86 -39.97 -81.32
N LEU D 1863 -50.37 -41.22 -81.31
CA LEU D 1863 -48.93 -41.45 -81.35
C LEU D 1863 -48.31 -40.90 -82.63
N LYS D 1864 -49.02 -41.02 -83.76
CA LYS D 1864 -48.55 -40.40 -84.99
C LYS D 1864 -48.55 -38.87 -84.89
N MET D 1865 -49.51 -38.29 -84.18
CA MET D 1865 -49.55 -36.84 -84.05
C MET D 1865 -48.41 -36.34 -83.18
N ILE D 1866 -48.09 -37.09 -82.13
CA ILE D 1866 -46.99 -36.72 -81.24
C ILE D 1866 -45.65 -36.89 -81.96
N GLU D 1867 -45.45 -38.03 -82.63
CA GLU D 1867 -44.23 -38.26 -83.41
C GLU D 1867 -44.54 -39.22 -84.54
N PRO D 1868 -44.66 -38.72 -85.77
CA PRO D 1868 -45.07 -39.58 -86.90
C PRO D 1868 -43.97 -40.48 -87.44
N GLU D 1869 -42.75 -40.43 -86.92
CA GLU D 1869 -41.69 -41.28 -87.43
C GLU D 1869 -41.22 -42.35 -86.44
N VAL D 1870 -41.14 -42.02 -85.14
CA VAL D 1870 -40.72 -42.98 -84.13
C VAL D 1870 -41.77 -44.07 -83.97
N PHE D 1871 -43.05 -43.69 -83.99
CA PHE D 1871 -44.15 -44.59 -83.69
C PHE D 1871 -44.73 -45.26 -84.93
N THR D 1872 -43.94 -45.41 -85.99
CA THR D 1872 -44.40 -46.12 -87.19
C THR D 1872 -44.39 -47.62 -86.92
N GLU D 1873 -45.55 -48.25 -87.06
CA GLU D 1873 -45.67 -49.67 -86.88
C GLU D 1873 -45.22 -50.38 -88.15
N GLU D 1874 -44.55 -51.53 -87.98
CA GLU D 1874 -44.06 -52.33 -89.09
C GLU D 1874 -43.73 -53.75 -88.63
N LEU D 1922 -47.67 -29.75 -93.31
CA LEU D 1922 -46.49 -30.57 -93.08
C LEU D 1922 -46.79 -31.67 -92.06
N GLU D 1923 -46.15 -32.82 -92.24
CA GLU D 1923 -46.34 -33.98 -91.36
C GLU D 1923 -45.30 -34.02 -90.24
N GLU D 1924 -45.17 -32.88 -89.56
CA GLU D 1924 -44.24 -32.76 -88.44
C GLU D 1924 -44.98 -32.90 -87.13
N GLY D 1925 -44.36 -33.60 -86.18
CA GLY D 1925 -45.03 -33.94 -84.94
C GLY D 1925 -45.07 -32.79 -83.98
N LEU D 1926 -45.74 -33.03 -82.85
CA LEU D 1926 -45.89 -32.03 -81.80
C LEU D 1926 -44.60 -31.74 -81.05
N LEU D 1927 -43.56 -32.56 -81.22
CA LEU D 1927 -42.31 -32.40 -80.50
C LEU D 1927 -41.29 -31.57 -81.26
N GLN D 1928 -41.72 -30.83 -82.29
CA GLN D 1928 -40.79 -29.98 -83.03
C GLN D 1928 -41.37 -28.61 -83.35
N MET D 1929 -42.49 -28.21 -82.74
CA MET D 1929 -43.19 -27.02 -83.17
C MET D 1929 -42.81 -25.76 -82.39
N LYS D 1930 -41.83 -25.85 -81.49
CA LYS D 1930 -41.37 -24.74 -80.63
C LYS D 1930 -42.54 -24.19 -79.80
N LEU D 1931 -43.07 -25.06 -78.97
CA LEU D 1931 -44.23 -24.77 -78.16
C LEU D 1931 -43.87 -23.93 -76.94
N PRO D 1932 -44.85 -23.18 -76.38
CA PRO D 1932 -44.59 -22.47 -75.13
C PRO D 1932 -44.56 -23.43 -73.94
N GLU D 1933 -44.32 -22.89 -72.75
CA GLU D 1933 -44.22 -23.71 -71.53
C GLU D 1933 -45.54 -24.39 -71.19
N SER D 1934 -46.66 -23.70 -71.37
CA SER D 1934 -47.97 -24.23 -71.00
C SER D 1934 -48.34 -25.48 -71.79
N VAL D 1935 -48.05 -25.50 -73.09
CA VAL D 1935 -48.33 -26.67 -73.92
C VAL D 1935 -47.44 -27.85 -73.53
N LYS D 1936 -46.18 -27.55 -73.17
CA LYS D 1936 -45.23 -28.57 -72.75
C LYS D 1936 -45.73 -29.37 -71.54
N LEU D 1937 -46.47 -28.71 -70.64
CA LEU D 1937 -47.03 -29.41 -69.48
C LEU D 1937 -48.03 -30.47 -69.91
N GLN D 1938 -48.90 -30.14 -70.87
CA GLN D 1938 -49.87 -31.13 -71.33
C GLN D 1938 -49.19 -32.24 -72.11
N MET D 1939 -48.08 -31.90 -72.78
CA MET D 1939 -47.33 -32.92 -73.50
C MET D 1939 -46.75 -33.92 -72.51
N CYS D 1940 -46.26 -33.41 -71.37
CA CYS D 1940 -45.74 -34.27 -70.33
C CYS D 1940 -46.83 -35.15 -69.74
N ASN D 1941 -48.05 -34.61 -69.61
CA ASN D 1941 -49.17 -35.40 -69.11
C ASN D 1941 -49.55 -36.53 -70.07
N LEU D 1942 -49.37 -36.29 -71.37
CA LEU D 1942 -49.61 -37.33 -72.37
C LEU D 1942 -48.57 -38.43 -72.28
N LEU D 1943 -47.30 -38.03 -72.21
CA LEU D 1943 -46.24 -39.02 -72.13
C LEU D 1943 -46.31 -39.78 -70.80
N GLU D 1944 -46.71 -39.10 -69.72
CA GLU D 1944 -46.90 -39.77 -68.44
C GLU D 1944 -48.02 -40.79 -68.49
N TYR D 1945 -49.00 -40.58 -69.39
CA TYR D 1945 -50.03 -41.60 -69.56
C TYR D 1945 -49.49 -42.80 -70.33
N PHE D 1946 -48.66 -42.55 -71.34
CA PHE D 1946 -48.16 -43.69 -72.10
C PHE D 1946 -47.14 -44.47 -71.30
N CYS D 1947 -46.39 -43.79 -70.43
CA CYS D 1947 -45.47 -44.47 -69.53
C CYS D 1947 -46.23 -45.35 -68.54
N ASP D 1948 -47.35 -44.85 -68.02
CA ASP D 1948 -48.16 -45.67 -67.12
C ASP D 1948 -48.71 -46.90 -67.84
N GLN D 1949 -49.16 -46.73 -69.08
CA GLN D 1949 -49.64 -47.86 -69.86
C GLN D 1949 -48.54 -48.88 -70.15
N GLU D 1950 -47.30 -48.40 -70.33
CA GLU D 1950 -46.15 -49.31 -70.43
C GLU D 1950 -45.92 -50.08 -69.14
N LEU D 1951 -46.04 -49.40 -67.99
CA LEU D 1951 -45.81 -50.05 -66.71
C LEU D 1951 -46.85 -51.13 -66.47
N GLN D 1952 -48.13 -50.80 -66.71
CA GLN D 1952 -49.19 -51.77 -66.55
C GLN D 1952 -49.01 -52.94 -67.51
N HIS D 1953 -48.48 -52.68 -68.72
CA HIS D 1953 -48.22 -53.75 -69.67
C HIS D 1953 -47.18 -54.71 -69.13
N ARG D 1954 -46.15 -54.16 -68.47
CA ARG D 1954 -45.12 -54.99 -67.85
C ARG D 1954 -45.70 -55.85 -66.75
N VAL D 1955 -46.50 -55.24 -65.87
CA VAL D 1955 -47.08 -55.96 -64.73
C VAL D 1955 -48.01 -57.09 -65.21
N GLU D 1956 -48.82 -56.81 -66.23
CA GLU D 1956 -49.68 -57.85 -66.81
C GLU D 1956 -48.88 -58.98 -67.47
N SER D 1957 -47.78 -58.63 -68.15
CA SER D 1957 -46.91 -59.65 -68.73
C SER D 1957 -46.29 -60.53 -67.65
N LEU D 1958 -45.86 -59.92 -66.55
CA LEU D 1958 -45.30 -60.65 -65.42
C LEU D 1958 -46.34 -61.59 -64.80
N ALA D 1959 -47.58 -61.11 -64.67
CA ALA D 1959 -48.66 -61.96 -64.14
C ALA D 1959 -48.96 -63.13 -65.07
N ALA D 1960 -48.92 -62.91 -66.39
CA ALA D 1960 -49.10 -64.01 -67.34
C ALA D 1960 -48.00 -65.05 -67.22
N PHE D 1961 -46.75 -64.57 -67.06
CA PHE D 1961 -45.64 -65.49 -66.90
C PHE D 1961 -45.80 -66.27 -65.61
N ALA D 1962 -46.28 -65.62 -64.55
CA ALA D 1962 -46.54 -66.31 -63.30
C ALA D 1962 -47.62 -67.37 -63.46
N GLU D 1963 -48.60 -67.10 -64.31
CA GLU D 1963 -49.67 -68.05 -64.61
C GLU D 1963 -49.11 -69.33 -65.21
N ARG D 1964 -48.20 -69.18 -66.18
CA ARG D 1964 -47.64 -70.38 -66.81
C ARG D 1964 -46.59 -71.07 -65.93
N TYR D 1965 -45.81 -70.27 -65.22
CA TYR D 1965 -44.68 -70.80 -64.46
C TYR D 1965 -45.13 -71.54 -63.22
N VAL D 1966 -46.20 -71.09 -62.58
CA VAL D 1966 -46.69 -71.80 -61.40
C VAL D 1966 -47.23 -73.17 -61.81
N ASP D 1967 -47.91 -73.23 -62.96
CA ASP D 1967 -48.47 -74.51 -63.44
C ASP D 1967 -47.37 -75.53 -63.70
N LYS D 1968 -46.31 -75.12 -64.40
CA LYS D 1968 -45.18 -76.03 -64.63
C LYS D 1968 -44.45 -76.38 -63.33
N LEU D 1969 -44.24 -75.41 -62.45
CA LEU D 1969 -43.47 -75.65 -61.24
C LEU D 1969 -44.24 -76.55 -60.27
N GLN D 1970 -45.56 -76.36 -60.19
CA GLN D 1970 -46.41 -77.21 -59.34
C GLN D 1970 -46.42 -78.63 -59.88
N ALA D 1971 -46.49 -78.80 -61.20
CA ALA D 1971 -46.49 -80.14 -61.78
C ALA D 1971 -45.17 -80.85 -61.49
N ASN D 1972 -44.05 -80.13 -61.66
CA ASN D 1972 -42.74 -80.71 -61.43
C ASN D 1972 -42.56 -81.11 -59.96
N GLN D 1973 -42.96 -80.24 -59.03
CA GLN D 1973 -42.83 -80.55 -57.60
C GLN D 1973 -43.77 -81.67 -57.17
N ARG D 1974 -44.92 -81.82 -57.85
CA ARG D 1974 -45.81 -82.94 -57.55
C ARG D 1974 -45.18 -84.25 -58.02
N SER D 1975 -44.62 -84.25 -59.23
CA SER D 1975 -44.00 -85.47 -59.75
C SER D 1975 -42.80 -85.85 -58.88
N ARG D 1976 -41.99 -84.85 -58.47
CA ARG D 1976 -40.88 -85.14 -57.57
C ARG D 1976 -41.35 -85.63 -56.21
N TYR D 1977 -42.59 -85.30 -55.81
CA TYR D 1977 -43.12 -85.86 -54.57
C TYR D 1977 -43.45 -87.33 -54.77
N ALA D 1978 -44.00 -87.67 -55.93
CA ALA D 1978 -44.29 -89.06 -56.25
C ALA D 1978 -43.01 -89.88 -56.30
N LEU D 1979 -41.95 -89.31 -56.89
CA LEU D 1979 -40.64 -89.98 -56.88
C LEU D 1979 -40.10 -90.12 -55.46
N LEU D 1980 -40.34 -89.13 -54.60
CA LEU D 1980 -39.90 -89.27 -53.22
C LEU D 1980 -40.71 -90.31 -52.47
N MET D 1981 -41.91 -90.63 -52.95
CA MET D 1981 -42.71 -91.66 -52.28
C MET D 1981 -42.06 -93.03 -52.41
N ARG D 1982 -41.41 -93.31 -53.55
CA ARG D 1982 -40.64 -94.53 -53.71
C ARG D 1982 -39.15 -94.36 -53.47
N ALA D 1983 -38.71 -93.18 -53.00
CA ALA D 1983 -37.27 -92.93 -52.87
C ALA D 1983 -36.64 -93.77 -51.76
N PHE D 1984 -37.43 -94.14 -50.73
CA PHE D 1984 -36.91 -94.85 -49.56
C PHE D 1984 -36.30 -96.19 -49.92
N THR D 1985 -36.77 -96.82 -50.99
CA THR D 1985 -36.30 -98.14 -51.38
C THR D 1985 -34.84 -98.09 -51.82
N MET D 1986 -34.48 -97.07 -52.59
CA MET D 1986 -33.11 -96.92 -53.09
C MET D 1986 -32.32 -95.88 -52.31
N SER D 1987 -32.84 -95.42 -51.16
CA SER D 1987 -32.13 -94.38 -50.42
C SER D 1987 -31.98 -94.76 -48.96
N ALA D 1988 -31.54 -93.81 -48.14
CA ALA D 1988 -31.25 -94.02 -46.73
C ALA D 1988 -31.57 -92.72 -46.00
N ALA D 1989 -30.99 -92.54 -44.81
CA ALA D 1989 -31.25 -91.38 -43.93
C ALA D 1989 -31.01 -90.01 -44.55
N GLU D 1990 -30.42 -89.91 -45.76
CA GLU D 1990 -30.24 -88.63 -46.43
C GLU D 1990 -31.52 -88.04 -47.03
N THR D 1991 -32.67 -88.72 -46.88
CA THR D 1991 -33.94 -88.24 -47.40
C THR D 1991 -34.46 -86.95 -46.75
N ALA D 1992 -33.88 -86.52 -45.62
CA ALA D 1992 -34.37 -85.32 -44.94
C ALA D 1992 -34.21 -84.09 -45.81
N ARG D 1993 -33.07 -83.96 -46.51
CA ARG D 1993 -32.82 -82.79 -47.34
C ARG D 1993 -33.82 -82.70 -48.50
N ARG D 1994 -34.13 -83.83 -49.14
CA ARG D 1994 -35.05 -83.80 -50.26
C ARG D 1994 -36.50 -83.65 -49.80
N THR D 1995 -36.87 -84.22 -48.64
CA THR D 1995 -38.24 -84.07 -48.16
C THR D 1995 -38.43 -82.78 -47.38
N ARG D 1996 -37.36 -81.99 -47.23
CA ARG D 1996 -37.47 -80.71 -46.54
C ARG D 1996 -38.37 -79.77 -47.32
N GLU D 1997 -38.26 -79.78 -48.66
CA GLU D 1997 -39.06 -78.86 -49.47
C GLU D 1997 -40.55 -79.16 -49.29
N PHE D 1998 -40.92 -80.44 -49.37
CA PHE D 1998 -42.30 -80.85 -49.14
C PHE D 1998 -42.73 -80.71 -47.69
N ARG D 1999 -41.80 -80.50 -46.76
CA ARG D 1999 -42.15 -80.22 -45.37
C ARG D 1999 -41.92 -78.75 -45.04
N SER D 2000 -41.68 -77.93 -46.05
CA SER D 2000 -41.47 -76.53 -45.80
C SER D 2000 -42.68 -75.73 -46.27
N PRO D 2001 -43.01 -74.64 -45.60
CA PRO D 2001 -44.19 -73.86 -45.96
C PRO D 2001 -44.06 -73.25 -47.34
N PRO D 2002 -45.19 -73.07 -48.05
CA PRO D 2002 -45.14 -72.66 -49.47
C PRO D 2002 -44.48 -71.32 -49.70
N GLN D 2003 -44.47 -70.45 -48.67
CA GLN D 2003 -43.90 -69.11 -48.80
C GLN D 2003 -42.42 -69.20 -49.13
N GLU D 2004 -41.72 -70.23 -48.62
CA GLU D 2004 -40.30 -70.39 -48.87
C GLU D 2004 -39.97 -71.59 -49.76
N GLN D 2005 -40.93 -72.49 -50.02
CA GLN D 2005 -40.71 -73.52 -51.03
C GLN D 2005 -40.32 -72.89 -52.36
N ILE D 2006 -41.04 -71.84 -52.75
CA ILE D 2006 -40.70 -71.09 -53.94
C ILE D 2006 -39.35 -70.40 -53.79
N ASN D 2007 -39.02 -69.93 -52.58
CA ASN D 2007 -37.73 -69.27 -52.35
C ASN D 2007 -36.57 -70.19 -52.72
N MET D 2008 -36.58 -71.41 -52.18
CA MET D 2008 -35.56 -72.39 -52.59
C MET D 2008 -35.69 -72.76 -54.07
N LEU D 2009 -36.92 -72.92 -54.57
CA LEU D 2009 -37.11 -73.30 -55.98
C LEU D 2009 -36.59 -72.24 -56.94
N LEU D 2010 -36.69 -70.96 -56.58
CA LEU D 2010 -36.22 -69.85 -57.39
C LEU D 2010 -34.83 -69.41 -57.01
N HIS D 2011 -34.18 -70.09 -56.07
CA HIS D 2011 -32.91 -69.64 -55.52
C HIS D 2011 -31.75 -70.17 -56.35
N PHE D 2012 -31.73 -69.78 -57.63
CA PHE D 2012 -30.68 -70.21 -58.55
C PHE D 2012 -30.26 -69.09 -59.49
N LYS D 2013 -30.36 -67.83 -59.07
CA LYS D 2013 -30.02 -66.73 -59.96
C LYS D 2013 -28.51 -66.60 -60.14
N ASP D 2014 -27.74 -66.77 -59.08
CA ASP D 2014 -26.33 -66.41 -59.07
C ASP D 2014 -25.42 -67.55 -59.50
N GLU D 2015 -25.97 -68.72 -59.85
CA GLU D 2015 -25.31 -69.92 -60.36
C GLU D 2015 -24.43 -70.64 -59.34
N ALA D 2016 -24.30 -70.14 -58.11
CA ALA D 2016 -23.46 -70.74 -57.10
C ALA D 2016 -24.26 -71.51 -56.06
N ASP D 2017 -25.55 -71.75 -56.31
CA ASP D 2017 -26.38 -72.49 -55.37
C ASP D 2017 -27.38 -73.39 -56.08
N GLU D 2018 -27.01 -73.93 -57.24
CA GLU D 2018 -27.89 -74.79 -58.03
C GLU D 2018 -28.22 -76.10 -57.31
N GLU D 2019 -27.36 -76.55 -56.40
CA GLU D 2019 -27.55 -77.83 -55.72
C GLU D 2019 -28.82 -77.84 -54.86
N ASP D 2020 -29.19 -76.69 -54.29
CA ASP D 2020 -30.43 -76.64 -53.52
C ASP D 2020 -31.64 -76.66 -54.46
N CYS D 2021 -31.49 -76.11 -55.66
CA CYS D 2021 -32.60 -76.03 -56.61
C CYS D 2021 -32.85 -77.40 -57.24
N PRO D 2022 -34.04 -77.98 -57.10
CA PRO D 2022 -34.36 -79.24 -57.78
C PRO D 2022 -34.98 -79.09 -59.15
N LEU D 2023 -34.94 -77.91 -59.76
CA LEU D 2023 -35.66 -77.76 -61.02
C LEU D 2023 -34.79 -78.23 -62.19
N PRO D 2024 -35.42 -78.84 -63.19
CA PRO D 2024 -34.69 -79.15 -64.43
C PRO D 2024 -34.29 -77.89 -65.20
N GLU D 2025 -33.26 -78.08 -66.02
CA GLU D 2025 -32.61 -76.97 -66.71
C GLU D 2025 -33.52 -76.30 -67.72
N ASP D 2026 -34.52 -77.01 -68.27
CA ASP D 2026 -35.46 -76.37 -69.18
C ASP D 2026 -36.28 -75.29 -68.48
N ILE D 2027 -36.77 -75.58 -67.27
CA ILE D 2027 -37.46 -74.61 -66.43
C ILE D 2027 -36.50 -73.49 -66.00
N ARG D 2028 -35.26 -73.86 -65.64
CA ARG D 2028 -34.27 -72.86 -65.26
C ARG D 2028 -33.94 -71.92 -66.43
N GLN D 2029 -33.82 -72.46 -67.64
CA GLN D 2029 -33.61 -71.63 -68.82
C GLN D 2029 -34.83 -70.79 -69.13
N ASP D 2030 -36.02 -71.29 -68.79
CA ASP D 2030 -37.26 -70.56 -69.03
C ASP D 2030 -37.26 -69.27 -68.22
N LEU D 2031 -37.00 -69.40 -66.91
CA LEU D 2031 -36.97 -68.23 -66.04
C LEU D 2031 -35.81 -67.31 -66.41
N GLN D 2032 -34.62 -67.87 -66.65
CA GLN D 2032 -33.46 -67.06 -67.04
C GLN D 2032 -33.59 -66.43 -68.43
N ASP D 2033 -34.57 -66.84 -69.23
CA ASP D 2033 -34.95 -66.19 -70.48
C ASP D 2033 -35.92 -65.05 -70.22
N PHE D 2034 -36.94 -65.32 -69.41
CA PHE D 2034 -37.93 -64.28 -69.14
C PHE D 2034 -37.32 -63.13 -68.32
N HIS D 2035 -36.30 -63.42 -67.51
CA HIS D 2035 -35.61 -62.34 -66.81
C HIS D 2035 -34.89 -61.45 -67.80
N GLN D 2036 -34.28 -62.06 -68.83
CA GLN D 2036 -33.42 -61.33 -69.74
C GLN D 2036 -34.25 -60.39 -70.61
N ASP D 2037 -35.32 -60.92 -71.21
CA ASP D 2037 -36.13 -60.00 -72.02
C ASP D 2037 -36.93 -59.04 -71.16
N LEU D 2038 -37.23 -59.38 -69.90
CA LEU D 2038 -37.82 -58.40 -68.99
C LEU D 2038 -36.90 -57.21 -68.75
N LEU D 2039 -35.60 -57.48 -68.52
CA LEU D 2039 -34.61 -56.41 -68.43
C LEU D 2039 -34.50 -55.64 -69.74
N ALA D 2040 -34.59 -56.34 -70.87
CA ALA D 2040 -34.56 -55.65 -72.16
C ALA D 2040 -35.77 -54.74 -72.34
N HIS D 2041 -36.97 -55.22 -71.98
CA HIS D 2041 -38.17 -54.42 -72.09
C HIS D 2041 -38.17 -53.26 -71.10
N CYS D 2042 -37.41 -53.38 -70.01
CA CYS D 2042 -37.20 -52.27 -69.10
C CYS D 2042 -35.96 -51.47 -69.47
N GLY D 2043 -35.34 -51.79 -70.60
CA GLY D 2043 -34.22 -51.02 -71.12
C GLY D 2043 -32.98 -51.02 -70.26
N ILE D 2044 -32.63 -52.17 -69.69
CA ILE D 2044 -31.42 -52.25 -68.89
C ILE D 2044 -30.19 -52.33 -69.78
N GLN D 2045 -30.10 -53.38 -70.58
CA GLN D 2045 -29.01 -53.57 -71.53
C GLN D 2045 -29.46 -54.62 -72.54
N LEU D 2046 -28.77 -54.67 -73.67
CA LEU D 2046 -29.08 -55.62 -74.73
C LEU D 2046 -27.79 -56.10 -75.40
N GLU D 2088 -27.01 -42.20 -85.17
CA GLU D 2088 -28.07 -42.90 -84.46
C GLU D 2088 -28.99 -41.92 -83.73
N LYS D 2089 -29.52 -40.94 -84.48
CA LYS D 2089 -30.42 -39.96 -83.91
C LYS D 2089 -31.84 -40.48 -83.74
N LYS D 2090 -32.12 -41.69 -84.19
CA LYS D 2090 -33.44 -42.29 -84.04
C LYS D 2090 -33.65 -42.72 -82.59
N PRO D 2091 -34.66 -42.17 -81.90
CA PRO D 2091 -34.94 -42.63 -80.53
C PRO D 2091 -35.31 -44.11 -80.43
N GLN D 2092 -36.04 -44.64 -81.42
CA GLN D 2092 -36.34 -46.07 -81.60
C GLN D 2092 -37.28 -46.65 -80.54
N SER D 2093 -37.64 -45.87 -79.51
CA SER D 2093 -38.47 -46.34 -78.42
C SER D 2093 -38.95 -45.14 -77.61
N LEU D 2094 -40.01 -45.38 -76.84
CA LEU D 2094 -40.61 -44.34 -76.01
C LEU D 2094 -39.65 -43.86 -74.92
N GLN D 2095 -38.92 -44.78 -74.30
CA GLN D 2095 -38.02 -44.43 -73.21
C GLN D 2095 -36.90 -43.50 -73.66
N GLU D 2096 -36.32 -43.77 -74.82
CA GLU D 2096 -35.27 -42.91 -75.33
C GLU D 2096 -35.86 -41.63 -75.89
N LEU D 2097 -37.09 -41.70 -76.41
CA LEU D 2097 -37.74 -40.53 -76.97
C LEU D 2097 -37.98 -39.51 -75.85
N VAL D 2098 -38.59 -39.96 -74.75
CA VAL D 2098 -38.93 -39.08 -73.64
C VAL D 2098 -37.66 -38.52 -73.01
N SER D 2099 -36.65 -39.39 -72.78
CA SER D 2099 -35.42 -38.95 -72.13
C SER D 2099 -34.68 -37.89 -72.93
N HIS D 2100 -34.61 -38.07 -74.25
CA HIS D 2100 -33.96 -37.08 -75.10
CA HIS D 2100 -33.95 -37.07 -75.09
C HIS D 2100 -34.81 -35.82 -75.23
N MET D 2101 -36.14 -36.00 -75.30
CA MET D 2101 -37.05 -34.88 -75.44
C MET D 2101 -36.94 -33.97 -74.23
N VAL D 2102 -36.92 -34.56 -73.04
CA VAL D 2102 -36.81 -33.82 -71.79
C VAL D 2102 -35.50 -33.06 -71.73
N VAL D 2103 -34.39 -33.75 -72.07
CA VAL D 2103 -33.09 -33.10 -71.98
C VAL D 2103 -32.99 -31.96 -72.99
N ARG D 2104 -33.51 -32.17 -74.22
CA ARG D 2104 -33.49 -31.15 -75.25
C ARG D 2104 -34.27 -29.90 -74.82
N TRP D 2105 -35.44 -30.11 -74.19
CA TRP D 2105 -36.20 -28.97 -73.68
C TRP D 2105 -35.43 -28.25 -72.59
N ALA D 2106 -34.77 -29.02 -71.72
CA ALA D 2106 -34.12 -28.41 -70.58
C ALA D 2106 -32.92 -27.57 -71.04
N GLN D 2107 -32.17 -28.05 -72.03
CA GLN D 2107 -30.99 -27.34 -72.48
C GLN D 2107 -31.28 -26.39 -73.64
N GLU D 2108 -32.55 -26.22 -74.02
CA GLU D 2108 -32.84 -25.19 -75.02
C GLU D 2108 -33.15 -23.84 -74.42
N ASP D 2109 -33.73 -23.79 -73.22
CA ASP D 2109 -34.05 -22.53 -72.57
C ASP D 2109 -34.33 -22.79 -71.10
N TYR D 2110 -34.04 -21.79 -70.27
CA TYR D 2110 -34.30 -21.85 -68.84
C TYR D 2110 -35.80 -21.94 -68.59
N VAL D 2111 -36.25 -23.12 -68.17
CA VAL D 2111 -37.67 -23.38 -67.95
C VAL D 2111 -38.14 -22.63 -66.72
N GLN D 2112 -39.21 -21.85 -66.86
CA GLN D 2112 -39.63 -20.98 -65.77
C GLN D 2112 -40.75 -21.55 -64.93
N SER D 2113 -41.53 -22.51 -65.44
CA SER D 2113 -42.68 -23.02 -64.69
C SER D 2113 -42.23 -24.14 -63.76
N PRO D 2114 -42.35 -23.97 -62.44
CA PRO D 2114 -41.97 -25.05 -61.51
C PRO D 2114 -42.76 -26.33 -61.67
N GLU D 2115 -44.02 -26.22 -62.10
CA GLU D 2115 -44.82 -27.43 -62.31
C GLU D 2115 -44.38 -28.14 -63.58
N LEU D 2116 -43.84 -27.38 -64.54
CA LEU D 2116 -43.35 -28.02 -65.75
C LEU D 2116 -42.04 -28.70 -65.44
N VAL D 2117 -41.17 -28.04 -64.65
CA VAL D 2117 -39.86 -28.58 -64.30
C VAL D 2117 -40.02 -29.89 -63.55
N ARG D 2118 -40.95 -29.89 -62.57
CA ARG D 2118 -41.25 -31.11 -61.83
C ARG D 2118 -41.82 -32.19 -62.72
N ALA D 2119 -42.69 -31.79 -63.66
CA ALA D 2119 -43.35 -32.75 -64.54
C ALA D 2119 -42.34 -33.44 -65.45
N MET D 2120 -41.38 -32.69 -65.99
CA MET D 2120 -40.42 -33.31 -66.90
C MET D 2120 -39.39 -34.12 -66.13
N PHE D 2121 -38.96 -33.67 -64.96
CA PHE D 2121 -37.96 -34.45 -64.25
C PHE D 2121 -38.53 -35.71 -63.63
N SER D 2122 -39.84 -35.73 -63.33
CA SER D 2122 -40.46 -36.99 -62.92
C SER D 2122 -40.44 -37.99 -64.06
N LEU D 2123 -40.71 -37.52 -65.29
CA LEU D 2123 -40.66 -38.38 -66.47
C LEU D 2123 -39.26 -38.91 -66.68
N LEU D 2124 -38.25 -38.03 -66.56
CA LEU D 2124 -36.88 -38.42 -66.84
C LEU D 2124 -36.41 -39.48 -65.86
N HIS D 2125 -36.78 -39.31 -64.59
CA HIS D 2125 -36.42 -40.29 -63.58
C HIS D 2125 -37.08 -41.63 -63.88
N ARG D 2126 -38.33 -41.60 -64.35
CA ARG D 2126 -39.02 -42.85 -64.66
C ARG D 2126 -38.37 -43.56 -65.83
N GLN D 2127 -37.93 -42.81 -66.85
CA GLN D 2127 -37.34 -43.46 -68.02
C GLN D 2127 -36.03 -44.13 -67.66
N TYR D 2128 -35.15 -43.40 -66.98
CA TYR D 2128 -33.86 -43.99 -66.61
C TYR D 2128 -34.01 -45.13 -65.61
N ASP D 2129 -34.83 -44.96 -64.58
CA ASP D 2129 -35.00 -46.00 -63.56
C ASP D 2129 -36.22 -46.85 -63.90
N GLY D 2130 -36.10 -47.56 -65.02
CA GLY D 2130 -37.17 -48.42 -65.48
C GLY D 2130 -37.47 -49.57 -64.53
N LEU D 2131 -36.43 -50.21 -64.01
CA LEU D 2131 -36.61 -51.33 -63.10
C LEU D 2131 -37.21 -50.88 -61.77
N GLY D 2132 -36.71 -49.77 -61.22
CA GLY D 2132 -37.16 -49.30 -59.92
C GLY D 2132 -38.64 -48.95 -59.88
N GLU D 2133 -39.15 -48.36 -60.96
CA GLU D 2133 -40.57 -48.05 -61.05
C GLU D 2133 -41.41 -49.32 -61.01
N LEU D 2134 -40.96 -50.37 -61.70
CA LEU D 2134 -41.65 -51.65 -61.62
C LEU D 2134 -41.56 -52.22 -60.21
N LEU D 2135 -40.41 -52.00 -59.55
CA LEU D 2135 -40.22 -52.49 -58.19
C LEU D 2135 -41.19 -51.83 -57.24
N ARG D 2136 -41.40 -50.51 -57.41
CA ARG D 2136 -42.32 -49.78 -56.55
C ARG D 2136 -43.77 -49.95 -56.99
N ALA D 2137 -44.00 -50.60 -58.14
CA ALA D 2137 -45.36 -50.86 -58.60
C ALA D 2137 -45.83 -52.25 -58.22
N LEU D 2138 -44.89 -53.18 -58.03
CA LEU D 2138 -45.24 -54.54 -57.63
C LEU D 2138 -46.03 -54.68 -56.32
N PRO D 2139 -45.76 -53.94 -55.21
CA PRO D 2139 -46.56 -54.17 -53.98
C PRO D 2139 -48.06 -53.99 -54.12
N ARG D 2140 -48.52 -53.21 -55.09
CA ARG D 2140 -49.94 -53.04 -55.33
C ARG D 2140 -50.47 -53.96 -56.41
N ALA D 2141 -49.63 -54.85 -56.95
CA ALA D 2141 -50.10 -55.82 -57.90
C ALA D 2141 -50.69 -57.02 -57.17
N TYR D 2142 -51.68 -57.66 -57.79
CA TYR D 2142 -52.36 -58.77 -57.16
C TYR D 2142 -53.08 -59.57 -58.25
N THR D 2143 -53.17 -60.88 -58.03
CA THR D 2143 -53.83 -61.78 -58.96
C THR D 2143 -55.02 -62.44 -58.26
N ILE D 2144 -56.13 -62.55 -58.98
CA ILE D 2144 -57.36 -63.12 -58.43
C ILE D 2144 -57.88 -64.20 -59.38
N SER D 2145 -58.72 -65.04 -58.82
CA SER D 2145 -59.44 -66.07 -59.55
C SER D 2145 -60.60 -65.45 -60.33
N PRO D 2146 -60.86 -65.94 -61.55
CA PRO D 2146 -61.98 -65.38 -62.35
C PRO D 2146 -63.36 -65.59 -61.74
N SER D 2147 -63.50 -66.48 -60.77
CA SER D 2147 -64.80 -66.75 -60.15
C SER D 2147 -65.31 -65.64 -59.24
N SER D 2148 -64.50 -64.60 -58.96
CA SER D 2148 -64.92 -63.53 -58.06
C SER D 2148 -64.69 -62.15 -58.68
N VAL D 2149 -64.70 -62.06 -60.01
CA VAL D 2149 -64.47 -60.77 -60.66
C VAL D 2149 -65.65 -59.82 -60.43
N GLU D 2150 -66.88 -60.30 -60.57
CA GLU D 2150 -68.02 -59.41 -60.40
C GLU D 2150 -68.22 -58.97 -58.95
N ASP D 2151 -67.70 -59.73 -57.98
CA ASP D 2151 -67.66 -59.24 -56.60
C ASP D 2151 -66.53 -58.24 -56.40
N THR D 2152 -65.42 -58.44 -57.14
CA THR D 2152 -64.32 -57.48 -57.10
C THR D 2152 -64.76 -56.15 -57.67
N MET D 2153 -65.57 -56.19 -58.74
CA MET D 2153 -66.11 -54.98 -59.33
C MET D 2153 -66.87 -54.16 -58.31
N SER D 2154 -67.85 -54.77 -57.61
CA SER D 2154 -68.62 -54.07 -56.59
C SER D 2154 -67.77 -53.60 -55.42
N LEU D 2155 -66.65 -54.29 -55.18
CA LEU D 2155 -65.71 -53.82 -54.17
C LEU D 2155 -65.01 -52.56 -54.64
N LEU D 2156 -64.57 -52.56 -55.90
CA LEU D 2156 -63.86 -51.39 -56.42
C LEU D 2156 -64.79 -50.18 -56.53
N GLU D 2157 -66.05 -50.41 -56.90
CA GLU D 2157 -67.05 -49.32 -56.91
C GLU D 2157 -67.23 -48.71 -55.53
N CYS D 2158 -67.42 -49.56 -54.51
CA CYS D 2158 -67.57 -49.02 -53.16
C CYS D 2158 -66.29 -48.37 -52.65
N LEU D 2159 -65.13 -48.88 -53.07
CA LEU D 2159 -63.87 -48.22 -52.74
C LEU D 2159 -63.79 -46.85 -53.40
N GLY D 2160 -64.28 -46.74 -54.65
CA GLY D 2160 -64.28 -45.45 -55.32
C GLY D 2160 -65.20 -44.47 -54.60
N GLN D 2161 -66.32 -44.98 -54.06
CA GLN D 2161 -67.22 -44.13 -53.29
C GLN D 2161 -66.52 -43.62 -52.04
N ILE D 2162 -65.72 -44.48 -51.40
CA ILE D 2162 -65.02 -44.06 -50.19
C ILE D 2162 -63.95 -43.02 -50.54
N ARG D 2163 -63.15 -43.31 -51.57
CA ARG D 2163 -62.06 -42.43 -51.98
C ARG D 2163 -62.56 -41.06 -52.40
N SER D 2164 -63.74 -41.01 -53.03
CA SER D 2164 -64.29 -39.73 -53.46
C SER D 2164 -64.73 -38.85 -52.30
N LEU D 2165 -64.80 -39.36 -51.08
CA LEU D 2165 -65.17 -38.57 -49.92
C LEU D 2165 -63.98 -37.94 -49.22
N LEU D 2166 -62.76 -38.15 -49.72
CA LEU D 2166 -61.60 -37.52 -49.10
C LEU D 2166 -61.50 -36.03 -49.40
N ILE D 2167 -62.14 -35.55 -50.45
CA ILE D 2167 -61.95 -34.19 -50.91
C ILE D 2167 -63.21 -33.34 -50.77
N VAL D 2168 -64.18 -33.79 -49.99
CA VAL D 2168 -65.44 -33.10 -49.84
C VAL D 2168 -65.77 -32.97 -48.35
N GLN D 2169 -66.26 -31.79 -47.95
CA GLN D 2169 -66.76 -31.63 -46.59
C GLN D 2169 -68.00 -32.50 -46.43
N MET D 2170 -68.01 -33.32 -45.39
CA MET D 2170 -69.07 -34.30 -45.22
C MET D 2170 -70.40 -33.68 -44.84
N GLY D 2171 -71.45 -34.17 -45.48
CA GLY D 2171 -72.80 -33.78 -45.16
C GLY D 2171 -73.69 -35.00 -45.04
N PRO D 2172 -74.96 -34.77 -44.65
CA PRO D 2172 -75.91 -35.88 -44.46
C PRO D 2172 -76.13 -36.75 -45.69
N GLN D 2173 -76.04 -36.16 -46.89
CA GLN D 2173 -76.15 -36.94 -48.12
C GLN D 2173 -74.97 -37.90 -48.25
N GLU D 2174 -73.75 -37.44 -48.00
CA GLU D 2174 -72.59 -38.31 -48.15
C GLU D 2174 -72.52 -39.35 -47.03
N GLU D 2175 -73.04 -39.00 -45.85
CA GLU D 2175 -72.98 -39.92 -44.72
C GLU D 2175 -73.72 -41.22 -45.02
N ASN D 2176 -74.94 -41.10 -45.57
CA ASN D 2176 -75.67 -42.31 -45.95
C ASN D 2176 -75.08 -42.97 -47.18
N LEU D 2177 -74.24 -42.25 -47.92
CA LEU D 2177 -73.58 -42.84 -49.07
C LEU D 2177 -72.53 -43.81 -48.58
N MET D 2178 -71.78 -43.40 -47.57
CA MET D 2178 -70.68 -44.25 -47.14
C MET D 2178 -71.12 -45.31 -46.15
N ILE D 2179 -72.20 -45.11 -45.38
CA ILE D 2179 -72.69 -46.18 -44.52
C ILE D 2179 -73.08 -47.41 -45.34
N GLN D 2180 -73.80 -47.20 -46.45
CA GLN D 2180 -74.10 -48.31 -47.34
C GLN D 2180 -72.89 -48.74 -48.16
N SER D 2181 -71.96 -47.82 -48.45
CA SER D 2181 -70.73 -48.22 -49.14
C SER D 2181 -69.93 -49.19 -48.29
N ILE D 2182 -69.83 -48.92 -46.98
CA ILE D 2182 -69.17 -49.82 -46.05
C ILE D 2182 -69.94 -51.13 -45.94
N GLY D 2183 -71.28 -51.04 -45.80
CA GLY D 2183 -72.08 -52.26 -45.66
C GLY D 2183 -71.98 -53.17 -46.87
N ASN D 2184 -71.81 -52.60 -48.06
CA ASN D 2184 -71.61 -53.44 -49.23
C ASN D 2184 -70.22 -54.07 -49.25
N ILE D 2185 -69.29 -53.55 -48.46
CA ILE D 2185 -67.99 -54.21 -48.33
C ILE D 2185 -68.13 -55.33 -47.30
N MET D 2186 -68.96 -55.08 -46.27
CA MET D 2186 -69.28 -56.11 -45.27
C MET D 2186 -69.82 -57.35 -45.94
N ASN D 2187 -70.85 -57.16 -46.78
CA ASN D 2187 -71.51 -58.25 -47.47
C ASN D 2187 -70.70 -58.76 -48.68
N ASN D 2188 -69.44 -58.36 -48.83
CA ASN D 2188 -68.61 -58.78 -49.95
C ASN D 2188 -67.68 -59.91 -49.50
N LYS D 2189 -67.82 -61.08 -50.12
CA LYS D 2189 -67.06 -62.26 -49.74
C LYS D 2189 -65.55 -62.10 -49.99
N VAL D 2190 -65.16 -61.25 -50.93
CA VAL D 2190 -63.73 -61.04 -51.22
C VAL D 2190 -63.04 -60.25 -50.12
N PHE D 2191 -63.81 -59.53 -49.30
CA PHE D 2191 -63.27 -58.83 -48.13
C PHE D 2191 -62.77 -59.80 -47.07
N TYR D 2192 -63.18 -61.06 -47.13
CA TYR D 2192 -62.69 -62.07 -46.23
C TYR D 2192 -61.77 -63.06 -46.95
N GLN D 2193 -62.08 -63.37 -48.20
CA GLN D 2193 -61.31 -64.36 -48.94
C GLN D 2193 -59.94 -63.85 -49.32
N HIS D 2194 -59.77 -62.53 -49.46
CA HIS D 2194 -58.47 -61.95 -49.83
C HIS D 2194 -58.11 -60.77 -48.94
N PRO D 2195 -57.86 -61.01 -47.64
CA PRO D 2195 -57.57 -59.88 -46.73
C PRO D 2195 -56.29 -59.13 -47.06
N ASN D 2196 -55.34 -59.74 -47.76
CA ASN D 2196 -54.13 -59.02 -48.16
C ASN D 2196 -54.44 -57.96 -49.21
N LEU D 2197 -55.45 -58.23 -50.04
CA LEU D 2197 -55.83 -57.30 -51.10
C LEU D 2197 -56.32 -55.97 -50.52
N MET D 2198 -57.07 -56.02 -49.42
CA MET D 2198 -57.56 -54.78 -48.79
C MET D 2198 -56.42 -53.90 -48.34
N ARG D 2199 -55.37 -54.49 -47.76
CA ARG D 2199 -54.19 -53.72 -47.41
C ARG D 2199 -53.44 -53.21 -48.63
N ALA D 2200 -53.46 -53.99 -49.72
CA ALA D 2200 -52.85 -53.52 -50.96
C ALA D 2200 -53.59 -52.32 -51.52
N LEU D 2201 -54.92 -52.36 -51.48
CA LEU D 2201 -55.74 -51.21 -51.89
C LEU D 2201 -55.72 -50.06 -50.88
N GLY D 2202 -55.16 -50.28 -49.69
CA GLY D 2202 -55.12 -49.24 -48.67
C GLY D 2202 -56.46 -48.74 -48.18
N MET D 2203 -57.45 -49.63 -48.06
CA MET D 2203 -58.80 -49.22 -47.68
C MET D 2203 -58.87 -48.74 -46.23
N HIS D 2204 -58.08 -49.35 -45.33
CA HIS D 2204 -58.13 -48.99 -43.91
C HIS D 2204 -57.59 -47.59 -43.67
N GLU D 2205 -56.59 -47.17 -44.46
CA GLU D 2205 -56.13 -45.79 -44.38
C GLU D 2205 -57.25 -44.84 -44.76
N THR D 2206 -57.80 -45.00 -45.98
CA THR D 2206 -58.75 -44.04 -46.53
C THR D 2206 -59.97 -43.88 -45.62
N VAL D 2207 -60.38 -44.99 -44.98
CA VAL D 2207 -61.41 -44.91 -43.94
C VAL D 2207 -60.89 -44.11 -42.75
N MET D 2208 -59.59 -44.25 -42.43
CA MET D 2208 -59.08 -43.61 -41.22
C MET D 2208 -59.03 -42.09 -41.41
N GLU D 2209 -58.55 -41.61 -42.58
CA GLU D 2209 -58.60 -40.15 -42.80
C GLU D 2209 -60.03 -39.64 -42.88
N VAL D 2210 -60.97 -40.41 -43.44
CA VAL D 2210 -62.38 -40.01 -43.42
C VAL D 2210 -62.87 -39.83 -41.99
N MET D 2211 -62.47 -40.72 -41.09
CA MET D 2211 -62.76 -40.55 -39.67
C MET D 2211 -62.11 -39.30 -39.10
N VAL D 2212 -60.80 -39.13 -39.33
CA VAL D 2212 -60.02 -38.07 -38.67
C VAL D 2212 -60.48 -36.69 -39.12
N ASN D 2213 -60.90 -36.54 -40.38
CA ASN D 2213 -61.40 -35.23 -40.85
C ASN D 2213 -62.65 -34.80 -40.09
N VAL D 2214 -63.56 -35.74 -39.87
CA VAL D 2214 -64.80 -35.46 -39.15
C VAL D 2214 -64.52 -35.21 -37.67
N LEU D 2215 -63.63 -36.00 -37.06
CA LEU D 2215 -63.21 -35.75 -35.68
C LEU D 2215 -62.54 -34.38 -35.54
N GLY D 2216 -61.66 -34.03 -36.48
CA GLY D 2216 -60.96 -32.75 -36.44
C GLY D 2216 -61.90 -31.57 -36.58
N GLY D 2217 -62.90 -31.70 -37.45
CA GLY D 2217 -63.88 -30.63 -37.61
C GLY D 2217 -64.77 -30.55 -36.40
N GLY D 2218 -64.71 -29.43 -35.68
CA GLY D 2218 -65.42 -29.27 -34.42
C GLY D 2218 -64.90 -30.20 -33.33
N GLU D 2219 -63.57 -30.35 -33.24
CA GLU D 2219 -62.93 -31.22 -32.26
C GLU D 2219 -63.08 -30.71 -30.82
N THR D 2220 -63.51 -29.47 -30.62
CA THR D 2220 -63.67 -28.92 -29.29
C THR D 2220 -65.12 -28.92 -28.81
N LYS D 2221 -66.03 -28.42 -29.64
CA LYS D 2221 -67.41 -28.19 -29.20
C LYS D 2221 -68.19 -29.50 -29.04
N GLU D 2222 -68.38 -30.25 -30.13
CA GLU D 2222 -69.19 -31.46 -30.14
C GLU D 2222 -68.95 -32.19 -31.45
N ILE D 2223 -68.95 -33.52 -31.38
CA ILE D 2223 -68.74 -34.36 -32.56
C ILE D 2223 -70.01 -34.39 -33.42
N ARG D 2224 -69.92 -33.83 -34.63
CA ARG D 2224 -71.03 -33.95 -35.55
C ARG D 2224 -70.93 -35.31 -36.24
N PHE D 2225 -72.09 -35.80 -36.70
CA PHE D 2225 -72.29 -37.07 -37.40
C PHE D 2225 -71.83 -38.29 -36.60
N PRO D 2226 -72.34 -38.55 -35.40
CA PRO D 2226 -71.94 -39.78 -34.67
C PRO D 2226 -72.37 -41.06 -35.37
N LYS D 2227 -73.44 -40.99 -36.17
CA LYS D 2227 -74.02 -42.15 -36.84
C LYS D 2227 -73.09 -42.70 -37.92
N MET D 2228 -72.08 -41.95 -38.33
CA MET D 2228 -71.13 -42.46 -39.29
C MET D 2228 -69.94 -43.06 -38.56
N VAL D 2229 -69.46 -42.33 -37.54
CA VAL D 2229 -68.30 -42.74 -36.75
C VAL D 2229 -68.55 -44.08 -36.08
N THR D 2230 -69.79 -44.31 -35.62
CA THR D 2230 -70.14 -45.63 -35.07
C THR D 2230 -70.14 -46.75 -36.09
N SER D 2231 -70.12 -46.44 -37.39
CA SER D 2231 -69.99 -47.46 -38.42
C SER D 2231 -68.56 -47.63 -38.86
N CYS D 2232 -67.82 -46.52 -38.95
CA CYS D 2232 -66.40 -46.57 -39.30
C CYS D 2232 -65.58 -47.31 -38.26
N CYS D 2233 -65.82 -47.03 -36.97
CA CYS D 2233 -65.13 -47.75 -35.90
C CYS D 2233 -65.44 -49.24 -35.93
N ARG D 2234 -66.72 -49.58 -36.17
CA ARG D 2234 -67.13 -50.97 -36.29
C ARG D 2234 -66.44 -51.65 -37.46
N PHE D 2235 -66.31 -50.93 -38.58
CA PHE D 2235 -65.61 -51.47 -39.74
C PHE D 2235 -64.14 -51.71 -39.44
N LEU D 2236 -63.51 -50.77 -38.74
CA LEU D 2236 -62.10 -50.93 -38.41
C LEU D 2236 -61.88 -52.12 -37.47
N CYS D 2237 -62.75 -52.28 -36.47
CA CYS D 2237 -62.66 -53.43 -35.56
C CYS D 2237 -62.87 -54.74 -36.31
N TYR D 2238 -63.86 -54.78 -37.22
CA TYR D 2238 -64.03 -55.92 -38.10
C TYR D 2238 -62.79 -56.17 -38.94
N PHE D 2239 -62.09 -55.10 -39.34
CA PHE D 2239 -60.89 -55.26 -40.16
C PHE D 2239 -59.76 -55.83 -39.33
N CYS D 2240 -59.73 -55.50 -38.04
CA CYS D 2240 -58.68 -56.01 -37.17
C CYS D 2240 -58.88 -57.49 -36.91
N ARG D 2241 -60.14 -57.91 -36.81
CA ARG D 2241 -60.38 -59.30 -36.43
C ARG D 2241 -60.20 -60.28 -37.58
N ILE D 2242 -59.97 -59.81 -38.81
CA ILE D 2242 -59.82 -60.74 -39.93
C ILE D 2242 -58.51 -61.54 -39.83
N SER D 2243 -57.42 -60.87 -39.49
CA SER D 2243 -56.13 -61.55 -39.40
C SER D 2243 -55.19 -60.73 -38.54
N ARG D 2244 -54.01 -61.29 -38.29
CA ARG D 2244 -52.99 -60.59 -37.50
C ARG D 2244 -52.30 -59.49 -38.29
N GLN D 2245 -51.99 -59.74 -39.58
CA GLN D 2245 -51.33 -58.71 -40.39
C GLN D 2245 -52.20 -57.47 -40.53
N ASN D 2246 -53.52 -57.67 -40.71
CA ASN D 2246 -54.45 -56.54 -40.72
C ASN D 2246 -54.42 -55.81 -39.39
N GLN D 2247 -54.33 -56.56 -38.29
CA GLN D 2247 -54.22 -55.98 -36.96
C GLN D 2247 -52.90 -55.24 -36.80
N ARG D 2248 -51.80 -55.80 -37.32
CA ARG D 2248 -50.49 -55.17 -37.21
C ARG D 2248 -50.46 -53.85 -37.98
N SER D 2249 -51.02 -53.85 -39.19
CA SER D 2249 -51.06 -52.65 -40.00
C SER D 2249 -51.92 -51.58 -39.33
N MET D 2250 -53.08 -51.97 -38.80
CA MET D 2250 -53.88 -51.01 -38.05
C MET D 2250 -53.18 -50.57 -36.77
N PHE D 2251 -52.33 -51.43 -36.21
CA PHE D 2251 -51.58 -51.14 -34.99
C PHE D 2251 -50.58 -50.03 -35.23
N ASP D 2252 -50.02 -49.95 -36.44
CA ASP D 2252 -49.00 -48.94 -36.71
C ASP D 2252 -49.53 -47.51 -36.59
N HIS D 2253 -50.84 -47.31 -36.76
CA HIS D 2253 -51.52 -46.03 -36.58
C HIS D 2253 -52.03 -45.82 -35.16
N LEU D 2254 -51.39 -46.44 -34.15
CA LEU D 2254 -51.89 -46.38 -32.78
C LEU D 2254 -51.85 -44.98 -32.19
N SER D 2255 -50.71 -44.31 -32.29
CA SER D 2255 -50.56 -42.95 -31.78
C SER D 2255 -51.48 -41.97 -32.51
N TYR D 2256 -51.62 -42.16 -33.82
CA TYR D 2256 -52.53 -41.36 -34.62
C TYR D 2256 -53.97 -41.48 -34.14
N LEU D 2257 -54.40 -42.69 -33.78
CA LEU D 2257 -55.74 -42.88 -33.22
C LEU D 2257 -55.86 -42.32 -31.81
N LEU D 2258 -54.76 -42.37 -31.04
CA LEU D 2258 -54.80 -41.91 -29.66
C LEU D 2258 -54.99 -40.40 -29.60
N GLU D 2259 -54.29 -39.66 -30.46
CA GLU D 2259 -54.39 -38.22 -30.41
C GLU D 2259 -55.79 -37.77 -30.81
N ASN D 2260 -56.43 -38.47 -31.75
CA ASN D 2260 -57.77 -38.11 -32.16
C ASN D 2260 -58.85 -38.71 -31.24
N SER D 2261 -58.46 -39.49 -30.23
CA SER D 2261 -59.46 -40.15 -29.39
C SER D 2261 -59.84 -39.32 -28.17
N GLY D 2262 -59.32 -38.09 -28.06
CA GLY D 2262 -59.58 -37.27 -26.89
C GLY D 2262 -61.03 -36.83 -26.76
N ILE D 2263 -61.69 -36.55 -27.89
CA ILE D 2263 -63.05 -36.03 -27.86
C ILE D 2263 -64.07 -37.07 -28.33
N GLY D 2264 -63.64 -38.17 -28.96
CA GLY D 2264 -64.51 -39.21 -29.44
C GLY D 2264 -65.33 -39.91 -28.36
N LEU D 2265 -64.93 -39.78 -27.09
CA LEU D 2265 -65.70 -40.34 -25.98
C LEU D 2265 -67.04 -39.66 -25.79
N GLY D 2266 -67.24 -38.46 -26.36
CA GLY D 2266 -68.52 -37.79 -26.26
C GLY D 2266 -69.66 -38.57 -26.86
N MET D 2267 -69.44 -39.15 -28.04
CA MET D 2267 -70.44 -40.01 -28.63
C MET D 2267 -70.46 -41.37 -27.92
N GLN D 2268 -71.47 -42.16 -28.23
CA GLN D 2268 -71.68 -43.46 -27.63
CA GLN D 2268 -71.68 -43.46 -27.63
C GLN D 2268 -71.80 -44.52 -28.71
N GLY D 2269 -71.45 -45.75 -28.34
CA GLY D 2269 -71.44 -46.83 -29.31
C GLY D 2269 -70.05 -47.41 -29.49
N SER D 2270 -69.45 -47.19 -30.65
CA SER D 2270 -68.09 -47.63 -30.93
C SER D 2270 -67.25 -46.39 -31.15
N THR D 2271 -66.45 -46.05 -30.15
CA THR D 2271 -65.63 -44.85 -30.16
C THR D 2271 -64.38 -45.09 -31.00
N PRO D 2272 -63.61 -44.03 -31.33
CA PRO D 2272 -62.29 -44.25 -31.96
C PRO D 2272 -61.33 -45.07 -31.12
N LEU D 2273 -61.44 -44.98 -29.79
CA LEU D 2273 -60.55 -45.70 -28.90
C LEU D 2273 -60.76 -47.21 -29.00
N ASP D 2274 -61.99 -47.66 -29.21
CA ASP D 2274 -62.27 -49.09 -29.37
C ASP D 2274 -61.57 -49.69 -30.60
N VAL D 2275 -61.19 -48.87 -31.57
CA VAL D 2275 -60.32 -49.33 -32.64
C VAL D 2275 -58.93 -49.61 -32.09
N ALA D 2276 -58.41 -48.67 -31.29
CA ALA D 2276 -57.05 -48.79 -30.76
C ALA D 2276 -56.97 -50.02 -29.86
N ALA D 2277 -58.01 -50.26 -29.08
CA ALA D 2277 -58.07 -51.48 -28.28
C ALA D 2277 -58.11 -52.71 -29.18
N ALA D 2278 -58.92 -52.66 -30.25
CA ALA D 2278 -59.06 -53.80 -31.16
C ALA D 2278 -57.79 -54.08 -31.93
N SER D 2279 -56.85 -53.14 -31.93
CA SER D 2279 -55.59 -53.33 -32.61
C SER D 2279 -54.58 -54.04 -31.74
N VAL D 2280 -54.88 -54.22 -30.45
CA VAL D 2280 -53.97 -54.87 -29.52
C VAL D 2280 -54.59 -56.04 -28.77
N ILE D 2281 -55.88 -56.34 -28.99
CA ILE D 2281 -56.50 -57.45 -28.25
C ILE D 2281 -55.85 -58.77 -28.65
N ASP D 2282 -55.39 -59.52 -27.63
CA ASP D 2282 -54.89 -60.89 -27.76
C ASP D 2282 -53.71 -61.03 -28.74
N ASN D 2283 -52.79 -60.07 -28.70
CA ASN D 2283 -51.59 -60.12 -29.51
C ASN D 2283 -50.40 -59.76 -28.63
N ASN D 2284 -49.59 -60.78 -28.31
CA ASN D 2284 -48.47 -60.59 -27.39
C ASN D 2284 -47.38 -59.72 -28.01
N GLU D 2285 -47.08 -59.97 -29.29
CA GLU D 2285 -46.04 -59.20 -29.98
C GLU D 2285 -46.42 -57.73 -30.08
N LEU D 2286 -47.68 -57.44 -30.39
CA LEU D 2286 -48.13 -56.05 -30.49
C LEU D 2286 -48.15 -55.40 -29.12
N ALA D 2287 -48.59 -56.15 -28.10
CA ALA D 2287 -48.65 -55.62 -26.75
C ALA D 2287 -47.26 -55.31 -26.22
N LEU D 2288 -46.28 -56.17 -26.51
CA LEU D 2288 -44.92 -55.91 -26.08
C LEU D 2288 -44.30 -54.77 -26.88
N ALA D 2289 -44.62 -54.69 -28.18
CA ALA D 2289 -44.07 -53.62 -29.00
C ALA D 2289 -44.79 -52.29 -28.79
N LEU D 2290 -45.83 -52.26 -27.96
CA LEU D 2290 -46.55 -51.02 -27.68
C LEU D 2290 -45.63 -50.05 -26.93
N GLN D 2291 -45.38 -48.89 -27.53
CA GLN D 2291 -44.51 -47.89 -26.94
C GLN D 2291 -45.08 -47.30 -25.65
N GLU D 2292 -44.20 -47.10 -24.67
CA GLU D 2292 -44.56 -46.53 -23.38
C GLU D 2292 -45.06 -45.08 -23.50
N GLN D 2293 -44.68 -44.38 -24.56
CA GLN D 2293 -45.13 -43.01 -24.77
C GLN D 2293 -46.65 -42.97 -24.97
N ASP D 2294 -47.18 -43.98 -25.65
CA ASP D 2294 -48.61 -44.08 -25.85
C ASP D 2294 -49.32 -44.25 -24.52
N LEU D 2295 -48.75 -45.07 -23.63
CA LEU D 2295 -49.28 -45.21 -22.27
C LEU D 2295 -49.23 -43.89 -21.53
N GLU D 2296 -48.16 -43.11 -21.73
CA GLU D 2296 -48.09 -41.77 -21.13
C GLU D 2296 -49.21 -40.88 -21.65
N LYS D 2297 -49.59 -41.07 -22.91
CA LYS D 2297 -50.66 -40.27 -23.49
C LYS D 2297 -51.99 -40.64 -22.88
N VAL D 2298 -52.22 -41.95 -22.71
CA VAL D 2298 -53.50 -42.41 -22.18
C VAL D 2298 -53.64 -42.03 -20.70
N VAL D 2299 -52.56 -42.16 -19.92
CA VAL D 2299 -52.64 -41.77 -18.52
C VAL D 2299 -52.82 -40.25 -18.38
N SER D 2300 -52.21 -39.45 -19.26
CA SER D 2300 -52.43 -38.01 -19.22
C SER D 2300 -53.88 -37.66 -19.52
N TYR D 2301 -54.46 -38.32 -20.52
CA TYR D 2301 -55.88 -38.18 -20.79
C TYR D 2301 -56.72 -38.61 -19.58
N LEU D 2302 -56.33 -39.72 -18.93
CA LEU D 2302 -57.06 -40.17 -17.75
C LEU D 2302 -56.96 -39.14 -16.63
N ALA D 2303 -55.81 -38.46 -16.54
CA ALA D 2303 -55.60 -37.43 -15.53
C ALA D 2303 -56.60 -36.30 -15.75
N GLY D 2304 -56.74 -35.87 -17.01
CA GLY D 2304 -57.73 -34.84 -17.31
C GLY D 2304 -59.13 -35.33 -16.99
N CYS D 2305 -59.41 -36.61 -17.28
CA CYS D 2305 -60.72 -37.17 -16.96
C CYS D 2305 -60.96 -37.22 -15.45
N GLY D 2306 -59.89 -37.26 -14.66
CA GLY D 2306 -59.99 -37.20 -13.22
C GLY D 2306 -59.80 -35.83 -12.62
N LEU D 2307 -59.74 -34.79 -13.46
CA LEU D 2307 -59.60 -33.42 -12.98
C LEU D 2307 -60.65 -32.46 -13.52
N GLN D 2308 -61.34 -32.78 -14.61
CA GLN D 2308 -62.30 -31.86 -15.20
C GLN D 2308 -63.59 -32.62 -15.51
N SER D 2309 -64.70 -31.89 -15.49
CA SER D 2309 -65.99 -32.47 -15.83
C SER D 2309 -66.17 -32.62 -17.34
N CYS D 2310 -67.11 -33.47 -17.72
CA CYS D 2310 -67.40 -33.66 -19.13
C CYS D 2310 -68.33 -32.55 -19.62
N PRO D 2311 -67.89 -31.72 -20.57
CA PRO D 2311 -68.76 -30.62 -21.05
C PRO D 2311 -70.06 -31.08 -21.67
N MET D 2312 -70.05 -32.21 -22.40
CA MET D 2312 -71.27 -32.75 -22.99
C MET D 2312 -72.25 -33.19 -21.90
N LEU D 2313 -71.74 -33.85 -20.84
CA LEU D 2313 -72.56 -34.18 -19.70
C LEU D 2313 -73.09 -32.93 -19.00
N LEU D 2314 -72.25 -31.90 -18.88
CA LEU D 2314 -72.64 -30.66 -18.23
C LEU D 2314 -73.75 -29.94 -19.00
N ALA D 2315 -73.71 -30.02 -20.32
CA ALA D 2315 -74.67 -29.31 -21.17
C ALA D 2315 -76.09 -29.81 -21.02
N LYS D 2316 -76.29 -31.06 -20.59
CA LYS D 2316 -77.62 -31.62 -20.45
C LYS D 2316 -78.29 -31.27 -19.13
N GLY D 2317 -77.62 -30.53 -18.26
CA GLY D 2317 -78.13 -30.22 -16.94
C GLY D 2317 -77.72 -31.17 -15.83
N TYR D 2318 -76.72 -32.01 -16.08
CA TYR D 2318 -76.23 -32.93 -15.06
C TYR D 2318 -75.57 -32.16 -13.92
N PRO D 2319 -75.75 -32.61 -12.67
CA PRO D 2319 -75.05 -31.96 -11.55
C PRO D 2319 -73.54 -32.07 -11.73
N ASP D 2320 -72.84 -31.01 -11.40
CA ASP D 2320 -71.42 -30.94 -11.69
C ASP D 2320 -70.63 -31.70 -10.63
N ILE D 2321 -69.73 -32.58 -11.09
CA ILE D 2321 -68.71 -33.18 -10.27
C ILE D 2321 -67.37 -32.89 -10.94
N GLY D 2322 -66.33 -32.71 -10.13
CA GLY D 2322 -65.06 -32.19 -10.62
C GLY D 2322 -64.19 -33.14 -11.44
N TRP D 2323 -64.80 -34.16 -12.05
CA TRP D 2323 -64.09 -35.16 -12.84
C TRP D 2323 -65.07 -35.91 -13.72
N ASN D 2324 -64.53 -36.60 -14.74
CA ASN D 2324 -65.32 -37.28 -15.76
C ASN D 2324 -65.21 -38.79 -15.57
N PRO D 2325 -66.25 -39.43 -15.02
CA PRO D 2325 -66.19 -40.88 -14.82
C PRO D 2325 -66.30 -41.66 -16.11
N CYS D 2326 -67.21 -41.27 -17.02
CA CYS D 2326 -67.42 -42.02 -18.25
C CYS D 2326 -66.16 -42.01 -19.12
N GLY D 2327 -65.54 -40.84 -19.26
CA GLY D 2327 -64.31 -40.75 -20.01
C GLY D 2327 -63.18 -41.50 -19.35
N GLY D 2328 -63.12 -41.45 -18.00
CA GLY D 2328 -62.09 -42.18 -17.30
C GLY D 2328 -62.24 -43.68 -17.50
N GLU D 2329 -63.49 -44.17 -17.46
CA GLU D 2329 -63.76 -45.59 -17.65
C GLU D 2329 -63.36 -46.01 -19.06
N ARG D 2330 -63.71 -45.20 -20.06
CA ARG D 2330 -63.37 -45.53 -21.44
C ARG D 2330 -61.87 -45.55 -21.68
N TYR D 2331 -61.08 -44.83 -20.87
CA TYR D 2331 -59.64 -45.01 -20.95
C TYR D 2331 -59.17 -46.25 -20.18
N LEU D 2332 -59.84 -46.55 -19.07
CA LEU D 2332 -59.43 -47.66 -18.21
C LEU D 2332 -59.63 -49.00 -18.90
N ASP D 2333 -60.82 -49.22 -19.47
CA ASP D 2333 -61.07 -50.51 -20.12
C ASP D 2333 -60.23 -50.73 -21.37
N PHE D 2334 -59.61 -49.67 -21.93
CA PHE D 2334 -58.57 -49.84 -22.94
C PHE D 2334 -57.28 -50.31 -22.29
N LEU D 2335 -56.91 -49.68 -21.18
CA LEU D 2335 -55.69 -50.09 -20.48
C LEU D 2335 -55.79 -51.53 -19.99
N ARG D 2336 -57.01 -51.99 -19.68
CA ARG D 2336 -57.29 -53.39 -19.39
C ARG D 2336 -56.90 -54.31 -20.53
N PHE D 2337 -56.91 -53.82 -21.76
CA PHE D 2337 -56.56 -54.63 -22.90
C PHE D 2337 -55.09 -54.46 -23.23
N ALA D 2338 -54.50 -53.36 -22.78
CA ALA D 2338 -53.09 -53.13 -23.03
C ALA D 2338 -52.22 -53.93 -22.07
N VAL D 2339 -52.70 -54.21 -20.85
CA VAL D 2339 -51.84 -54.84 -19.86
C VAL D 2339 -52.11 -56.33 -19.69
N PHE D 2340 -53.22 -56.85 -20.19
CA PHE D 2340 -53.61 -58.24 -19.97
C PHE D 2340 -53.86 -58.92 -21.31
N VAL D 2341 -53.04 -59.92 -21.63
CA VAL D 2341 -53.10 -60.59 -22.93
C VAL D 2341 -53.19 -62.09 -22.70
N ASN D 2342 -54.25 -62.71 -23.25
CA ASN D 2342 -54.47 -64.16 -23.24
C ASN D 2342 -54.50 -64.76 -21.84
N GLY D 2343 -54.99 -64.00 -20.86
CA GLY D 2343 -55.10 -64.51 -19.52
C GLY D 2343 -53.84 -64.40 -18.68
N GLU D 2344 -52.73 -63.91 -19.23
CA GLU D 2344 -51.52 -63.69 -18.47
C GLU D 2344 -51.15 -62.22 -18.55
N SER D 2345 -50.84 -61.62 -17.41
CA SER D 2345 -50.43 -60.22 -17.37
C SER D 2345 -49.11 -60.02 -18.11
N VAL D 2346 -48.95 -58.85 -18.72
CA VAL D 2346 -47.71 -58.47 -19.37
C VAL D 2346 -46.92 -57.64 -18.37
N GLU D 2347 -45.71 -58.10 -18.05
CA GLU D 2347 -44.97 -57.53 -16.93
C GLU D 2347 -44.54 -56.11 -17.20
N GLU D 2348 -43.97 -55.86 -18.39
CA GLU D 2348 -43.42 -54.55 -18.73
C GLU D 2348 -44.52 -53.49 -18.76
N ASN D 2349 -45.65 -53.83 -19.38
CA ASN D 2349 -46.75 -52.87 -19.50
C ASN D 2349 -47.39 -52.65 -18.14
N ALA D 2350 -47.53 -53.70 -17.34
CA ALA D 2350 -48.15 -53.58 -16.04
C ALA D 2350 -47.32 -52.68 -15.13
N ASN D 2351 -45.99 -52.87 -15.14
CA ASN D 2351 -45.11 -52.06 -14.32
C ASN D 2351 -45.11 -50.61 -14.77
N VAL D 2352 -45.07 -50.36 -16.10
CA VAL D 2352 -45.08 -48.99 -16.61
C VAL D 2352 -46.38 -48.30 -16.24
N VAL D 2353 -47.50 -49.02 -16.36
CA VAL D 2353 -48.82 -48.44 -16.05
C VAL D 2353 -48.87 -48.05 -14.58
N VAL D 2354 -48.51 -48.98 -13.68
CA VAL D 2354 -48.68 -48.69 -12.25
C VAL D 2354 -47.73 -47.57 -11.83
N ARG D 2355 -46.51 -47.51 -12.41
CA ARG D 2355 -45.64 -46.42 -12.04
C ARG D 2355 -46.03 -45.10 -12.70
N LEU D 2356 -46.94 -45.13 -13.68
CA LEU D 2356 -47.42 -43.84 -14.16
C LEU D 2356 -48.60 -43.36 -13.32
N LEU D 2357 -49.52 -44.28 -12.99
CA LEU D 2357 -50.67 -43.92 -12.17
C LEU D 2357 -50.24 -43.45 -10.78
N ILE D 2358 -49.19 -44.03 -10.19
CA ILE D 2358 -48.76 -43.51 -8.90
C ILE D 2358 -48.17 -42.10 -9.07
N ARG D 2359 -47.43 -41.86 -10.16
CA ARG D 2359 -46.82 -40.55 -10.40
C ARG D 2359 -47.88 -39.48 -10.65
N LYS D 2360 -49.07 -39.87 -11.07
CA LYS D 2360 -50.18 -38.93 -11.28
C LYS D 2360 -51.37 -39.40 -10.47
N PRO D 2361 -51.37 -39.15 -9.16
CA PRO D 2361 -52.40 -39.72 -8.27
C PRO D 2361 -53.83 -39.25 -8.57
N GLU D 2362 -54.00 -38.16 -9.31
CA GLU D 2362 -55.33 -37.70 -9.70
C GLU D 2362 -56.03 -38.66 -10.66
N CYS D 2363 -55.28 -39.56 -11.32
CA CYS D 2363 -55.90 -40.58 -12.17
C CYS D 2363 -56.82 -41.49 -11.38
N PHE D 2364 -56.54 -41.69 -10.09
CA PHE D 2364 -57.35 -42.60 -9.29
C PHE D 2364 -58.72 -42.01 -8.96
N GLY D 2365 -58.82 -40.69 -8.84
CA GLY D 2365 -60.11 -40.07 -8.63
C GLY D 2365 -60.19 -39.28 -7.34
N PRO D 2366 -61.41 -38.95 -6.92
CA PRO D 2366 -61.57 -38.26 -5.63
C PRO D 2366 -61.17 -39.11 -4.44
N ALA D 2367 -61.57 -40.38 -4.40
CA ALA D 2367 -60.92 -41.28 -3.47
C ALA D 2367 -59.50 -41.58 -3.96
N LEU D 2368 -58.68 -42.17 -3.07
CA LEU D 2368 -57.27 -42.50 -3.31
C LEU D 2368 -56.42 -41.27 -3.63
N ARG D 2369 -56.92 -40.09 -3.25
CA ARG D 2369 -56.28 -38.82 -3.55
CA ARG D 2369 -56.26 -38.83 -3.58
C ARG D 2369 -55.11 -38.52 -2.63
N GLY D 2370 -55.03 -39.20 -1.50
CA GLY D 2370 -54.00 -38.88 -0.52
C GLY D 2370 -54.52 -37.76 0.36
N GLU D 2371 -53.68 -36.74 0.60
CA GLU D 2371 -54.00 -35.56 1.39
C GLU D 2371 -55.34 -34.95 1.04
N GLY D 2372 -56.28 -34.99 1.97
CA GLY D 2372 -57.62 -34.50 1.71
C GLY D 2372 -58.51 -35.46 0.94
N GLY D 2373 -58.14 -36.73 0.85
CA GLY D 2373 -58.97 -37.69 0.13
C GLY D 2373 -59.54 -38.79 1.00
N SER D 2374 -60.85 -39.03 0.90
CA SER D 2374 -61.48 -40.10 1.66
C SER D 2374 -61.17 -41.46 1.04
N GLY D 2375 -61.67 -42.51 1.68
CA GLY D 2375 -61.43 -43.85 1.19
C GLY D 2375 -62.23 -44.24 -0.03
N LEU D 2376 -61.78 -45.35 -0.62
CA LEU D 2376 -62.44 -45.94 -1.78
C LEU D 2376 -63.83 -46.41 -1.41
N LEU D 2377 -63.97 -47.06 -0.24
CA LEU D 2377 -65.28 -47.51 0.21
C LEU D 2377 -66.20 -46.32 0.44
N ALA D 2378 -65.66 -45.24 1.04
CA ALA D 2378 -66.45 -44.02 1.26
C ALA D 2378 -66.99 -43.49 -0.06
N ALA D 2379 -66.21 -43.66 -1.13
CA ALA D 2379 -66.67 -43.22 -2.44
C ALA D 2379 -67.72 -44.18 -2.98
N ILE D 2380 -67.55 -45.49 -2.71
CA ILE D 2380 -68.47 -46.49 -3.28
C ILE D 2380 -69.85 -46.32 -2.69
N GLU D 2381 -69.97 -46.26 -1.35
CA GLU D 2381 -71.31 -46.04 -0.78
C GLU D 2381 -71.84 -44.64 -1.05
N GLU D 2382 -70.95 -43.66 -1.26
CA GLU D 2382 -71.42 -42.35 -1.70
C GLU D 2382 -72.08 -42.43 -3.06
N ALA D 2383 -71.47 -43.15 -4.00
CA ALA D 2383 -72.09 -43.25 -5.30
C ALA D 2383 -73.28 -44.21 -5.31
N ILE D 2384 -73.34 -45.13 -4.34
CA ILE D 2384 -74.52 -45.98 -4.19
C ILE D 2384 -75.72 -45.13 -3.82
N ARG D 2385 -75.53 -44.23 -2.85
CA ARG D 2385 -76.61 -43.35 -2.42
C ARG D 2385 -76.99 -42.38 -3.55
N ILE D 2386 -75.99 -41.84 -4.26
CA ILE D 2386 -76.27 -40.90 -5.35
C ILE D 2386 -77.05 -41.60 -6.45
N SER D 2387 -76.64 -42.82 -6.81
CA SER D 2387 -77.32 -43.58 -7.85
C SER D 2387 -78.77 -43.89 -7.47
N GLU D 2388 -79.00 -44.25 -6.20
CA GLU D 2388 -80.38 -44.48 -5.75
C GLU D 2388 -81.21 -43.20 -5.77
N ASP D 2389 -80.62 -42.08 -5.40
CA ASP D 2389 -81.33 -40.81 -5.32
C ASP D 2389 -81.58 -40.25 -6.72
N PRO D 2390 -82.83 -40.01 -7.12
CA PRO D 2390 -83.07 -39.22 -8.33
C PRO D 2390 -82.76 -37.75 -8.10
N ALA D 2391 -82.65 -37.02 -9.22
CA ALA D 2391 -82.34 -35.58 -9.34
C ALA D 2391 -80.93 -35.21 -8.90
N ARG D 2392 -80.17 -36.19 -8.39
CA ARG D 2392 -78.74 -36.11 -8.18
C ARG D 2392 -77.98 -37.13 -9.00
N ASP D 2393 -78.68 -38.08 -9.61
CA ASP D 2393 -78.06 -39.03 -10.53
C ASP D 2393 -78.04 -38.51 -11.96
N GLY D 2394 -78.98 -37.63 -12.30
CA GLY D 2394 -79.06 -37.08 -13.64
C GLY D 2394 -79.56 -35.66 -13.63
N PRO D 2395 -79.92 -35.14 -14.81
CA PRO D 2395 -80.42 -33.75 -14.89
C PRO D 2395 -81.74 -33.52 -14.15
N GLY D 2396 -82.52 -34.56 -13.90
CA GLY D 2396 -83.76 -34.45 -13.15
C GLY D 2396 -84.84 -33.64 -13.82
N VAL D 2397 -85.03 -33.83 -15.12
CA VAL D 2397 -86.08 -33.13 -15.86
C VAL D 2397 -87.28 -34.04 -16.09
N PRO D 2410 -83.33 -46.29 -21.68
CA PRO D 2410 -83.17 -44.92 -21.20
C PRO D 2410 -83.81 -43.90 -22.14
N PRO D 2411 -84.06 -42.66 -21.67
CA PRO D 2411 -84.59 -41.62 -22.57
C PRO D 2411 -83.77 -41.36 -23.82
N GLU D 2412 -82.46 -41.15 -23.70
CA GLU D 2412 -81.58 -41.07 -24.85
C GLU D 2412 -81.06 -42.43 -25.28
N GLU D 2413 -81.51 -43.51 -24.63
CA GLU D 2413 -81.18 -44.93 -24.81
C GLU D 2413 -79.78 -45.26 -24.29
N ASN D 2414 -78.99 -44.25 -23.96
CA ASN D 2414 -77.72 -44.39 -23.26
C ASN D 2414 -77.55 -43.26 -22.26
N ARG D 2415 -78.62 -42.94 -21.52
CA ARG D 2415 -78.61 -41.83 -20.57
C ARG D 2415 -77.57 -42.08 -19.49
N VAL D 2416 -76.78 -41.06 -19.19
CA VAL D 2416 -75.72 -41.17 -18.21
C VAL D 2416 -76.32 -41.17 -16.82
N HIS D 2417 -75.81 -42.03 -15.95
CA HIS D 2417 -76.17 -42.08 -14.54
C HIS D 2417 -74.86 -41.90 -13.79
N LEU D 2418 -74.70 -40.74 -13.12
CA LEU D 2418 -73.42 -40.40 -12.50
C LEU D 2418 -73.01 -41.37 -11.40
N GLY D 2419 -73.97 -41.87 -10.62
CA GLY D 2419 -73.66 -42.88 -9.62
C GLY D 2419 -73.09 -44.14 -10.21
N HIS D 2420 -73.72 -44.64 -11.29
CA HIS D 2420 -73.24 -45.84 -11.93
C HIS D 2420 -71.93 -45.60 -12.67
N ALA D 2421 -71.77 -44.40 -13.25
CA ALA D 2421 -70.53 -44.06 -13.94
C ALA D 2421 -69.35 -44.04 -12.97
N ILE D 2422 -69.55 -43.48 -11.78
CA ILE D 2422 -68.50 -43.44 -10.76
C ILE D 2422 -68.17 -44.86 -10.27
N MET D 2423 -69.22 -45.65 -10.02
CA MET D 2423 -69.02 -47.04 -9.58
C MET D 2423 -68.29 -47.86 -10.63
N SER D 2424 -68.71 -47.73 -11.90
CA SER D 2424 -68.08 -48.49 -12.97
C SER D 2424 -66.65 -48.03 -13.18
N PHE D 2425 -66.38 -46.72 -12.94
CA PHE D 2425 -65.02 -46.21 -13.07
C PHE D 2425 -64.12 -46.90 -12.06
N TYR D 2426 -64.60 -46.97 -10.81
CA TYR D 2426 -63.79 -47.58 -9.76
C TYR D 2426 -63.61 -49.07 -10.01
N ALA D 2427 -64.66 -49.76 -10.44
CA ALA D 2427 -64.54 -51.18 -10.78
C ALA D 2427 -63.55 -51.41 -11.92
N ALA D 2428 -63.58 -50.57 -12.95
CA ALA D 2428 -62.60 -50.69 -14.04
C ALA D 2428 -61.19 -50.33 -13.58
N LEU D 2429 -61.05 -49.42 -12.63
CA LEU D 2429 -59.73 -49.09 -12.09
C LEU D 2429 -59.18 -50.26 -11.30
N ILE D 2430 -60.01 -50.83 -10.43
CA ILE D 2430 -59.58 -51.93 -9.58
C ILE D 2430 -59.26 -53.14 -10.45
N ASP D 2431 -60.12 -53.43 -11.43
CA ASP D 2431 -59.92 -54.56 -12.33
C ASP D 2431 -58.65 -54.40 -13.16
N LEU D 2432 -58.34 -53.15 -13.56
CA LEU D 2432 -57.07 -52.85 -14.22
C LEU D 2432 -55.88 -53.14 -13.32
N LEU D 2433 -55.94 -52.67 -12.07
CA LEU D 2433 -54.85 -52.95 -11.13
C LEU D 2433 -54.71 -54.44 -10.85
N GLY D 2434 -55.84 -55.14 -10.75
CA GLY D 2434 -55.84 -56.59 -10.61
C GLY D 2434 -55.14 -57.26 -11.77
N ARG D 2435 -55.40 -56.80 -12.99
CA ARG D 2435 -54.73 -57.42 -14.12
C ARG D 2435 -53.29 -56.96 -14.21
N CYS D 2436 -52.96 -55.83 -13.57
CA CYS D 2436 -51.59 -55.33 -13.54
C CYS D 2436 -50.76 -56.04 -12.48
N ALA D 2437 -51.40 -56.81 -11.60
CA ALA D 2437 -50.68 -57.49 -10.53
C ALA D 2437 -49.80 -58.60 -11.11
N PRO D 2438 -48.62 -58.83 -10.52
CA PRO D 2438 -47.72 -59.85 -11.06
C PRO D 2438 -48.27 -61.26 -10.91
N GLU D 2439 -47.87 -62.12 -11.83
CA GLU D 2439 -48.31 -63.51 -11.80
C GLU D 2439 -47.71 -64.25 -10.61
N MET D 2440 -48.37 -65.36 -10.27
CA MET D 2440 -48.02 -66.13 -9.07
C MET D 2440 -46.61 -66.72 -9.15
N HIS D 2441 -46.16 -67.09 -10.35
CA HIS D 2441 -44.85 -67.73 -10.47
C HIS D 2441 -43.73 -66.72 -10.28
N LEU D 2442 -44.01 -65.43 -10.50
CA LEU D 2442 -42.99 -64.43 -10.27
C LEU D 2442 -42.79 -64.24 -8.78
N ILE D 2443 -43.87 -64.26 -8.01
CA ILE D 2443 -43.78 -64.10 -6.57
C ILE D 2443 -43.09 -65.33 -5.99
N GLN D 2444 -43.38 -66.52 -6.56
CA GLN D 2444 -42.70 -67.74 -6.12
C GLN D 2444 -41.20 -67.65 -6.39
N ALA D 2445 -40.83 -67.10 -7.55
CA ALA D 2445 -39.41 -66.84 -7.81
C ALA D 2445 -38.86 -65.68 -6.98
N GLY D 2446 -39.72 -64.93 -6.29
CA GLY D 2446 -39.29 -63.86 -5.41
C GLY D 2446 -38.62 -62.68 -6.08
N LYS D 2447 -39.05 -62.32 -7.29
CA LYS D 2447 -38.45 -61.20 -7.99
C LYS D 2447 -38.67 -59.89 -7.24
N GLY D 2448 -37.62 -59.05 -7.22
CA GLY D 2448 -37.64 -57.84 -6.42
C GLY D 2448 -38.72 -56.85 -6.82
N GLU D 2449 -38.80 -56.58 -8.12
CA GLU D 2449 -39.77 -55.59 -8.58
C GLU D 2449 -41.18 -56.17 -8.52
N ALA D 2450 -41.34 -57.48 -8.75
CA ALA D 2450 -42.65 -58.10 -8.64
C ALA D 2450 -43.20 -57.99 -7.23
N LEU D 2451 -42.34 -58.22 -6.22
CA LEU D 2451 -42.74 -58.00 -4.83
C LEU D 2451 -43.03 -56.53 -4.57
N ARG D 2452 -42.19 -55.63 -5.09
CA ARG D 2452 -42.38 -54.21 -4.86
C ARG D 2452 -43.72 -53.73 -5.42
N ILE D 2453 -44.05 -54.15 -6.65
CA ILE D 2453 -45.31 -53.78 -7.30
C ILE D 2453 -46.50 -54.31 -6.52
N ARG D 2454 -46.44 -55.59 -6.09
CA ARG D 2454 -47.52 -56.13 -5.28
C ARG D 2454 -47.66 -55.39 -3.95
N ALA D 2455 -46.54 -54.96 -3.38
CA ALA D 2455 -46.55 -54.15 -2.15
C ALA D 2455 -47.24 -52.82 -2.39
N ILE D 2456 -46.96 -52.19 -3.54
CA ILE D 2456 -47.56 -50.90 -3.86
C ILE D 2456 -49.07 -51.05 -4.02
N LEU D 2457 -49.50 -52.09 -4.75
CA LEU D 2457 -50.94 -52.31 -4.96
C LEU D 2457 -51.65 -52.59 -3.63
N ARG D 2458 -51.00 -53.35 -2.75
CA ARG D 2458 -51.59 -53.62 -1.44
C ARG D 2458 -51.73 -52.35 -0.62
N SER D 2459 -50.71 -51.48 -0.69
CA SER D 2459 -50.76 -50.22 0.06
C SER D 2459 -51.87 -49.33 -0.50
N LEU D 2460 -52.03 -49.30 -1.82
CA LEU D 2460 -53.03 -48.45 -2.45
C LEU D 2460 -54.45 -48.90 -2.13
N VAL D 2461 -54.74 -50.18 -2.30
CA VAL D 2461 -56.07 -50.73 -2.08
C VAL D 2461 -56.00 -51.74 -0.93
N PRO D 2462 -56.45 -51.35 0.26
CA PRO D 2462 -56.48 -52.29 1.38
C PRO D 2462 -57.52 -53.39 1.16
N LEU D 2463 -57.23 -54.57 1.71
CA LEU D 2463 -58.12 -55.72 1.62
C LEU D 2463 -59.48 -55.49 2.27
N ASP D 2464 -59.52 -54.67 3.33
CA ASP D 2464 -60.73 -54.47 4.12
C ASP D 2464 -61.85 -53.83 3.30
N ASP D 2465 -61.49 -52.87 2.44
CA ASP D 2465 -62.51 -52.22 1.62
C ASP D 2465 -63.04 -53.20 0.59
N LEU D 2466 -62.14 -54.07 0.08
CA LEU D 2466 -62.54 -55.06 -0.91
C LEU D 2466 -63.59 -55.99 -0.32
N VAL D 2467 -63.32 -56.47 0.91
CA VAL D 2467 -64.26 -57.40 1.56
C VAL D 2467 -65.57 -56.67 1.85
N GLY D 2468 -65.50 -55.38 2.19
CA GLY D 2468 -66.72 -54.61 2.42
C GLY D 2468 -67.60 -54.49 1.19
N ILE D 2469 -66.98 -54.23 0.03
CA ILE D 2469 -67.73 -54.12 -1.22
C ILE D 2469 -68.30 -55.47 -1.62
N ILE D 2470 -67.52 -56.54 -1.50
CA ILE D 2470 -68.05 -57.88 -1.78
C ILE D 2470 -69.18 -58.22 -0.81
N SER D 2471 -69.12 -57.70 0.42
CA SER D 2471 -70.17 -57.91 1.39
C SER D 2471 -71.38 -57.02 1.17
N LEU D 2472 -71.29 -56.04 0.27
CA LEU D 2472 -72.41 -55.15 0.01
C LEU D 2472 -73.57 -55.90 -0.63
N PRO D 2473 -74.82 -55.56 -0.31
CA PRO D 2473 -75.95 -56.31 -0.86
C PRO D 2473 -76.20 -56.00 -2.33
N LEU D 2474 -76.90 -56.93 -2.96
CA LEU D 2474 -77.30 -56.82 -4.36
C LEU D 2474 -78.81 -56.86 -4.46
N GLN D 2475 -79.36 -55.97 -5.27
CA GLN D 2475 -80.80 -55.95 -5.50
C GLN D 2475 -81.24 -57.22 -6.23
N ILE D 2476 -82.46 -57.66 -5.96
CA ILE D 2476 -82.95 -58.94 -6.48
C ILE D 2476 -84.18 -58.69 -7.34
N PRO D 2477 -84.33 -59.36 -8.47
CA PRO D 2477 -85.59 -59.26 -9.23
C PRO D 2477 -86.73 -59.91 -8.44
N THR D 2478 -87.79 -59.15 -8.23
CA THR D 2478 -88.90 -59.59 -7.39
C THR D 2478 -90.19 -59.72 -8.22
N LEU D 2479 -91.02 -60.67 -7.81
CA LEU D 2479 -92.31 -60.92 -8.45
C LEU D 2479 -93.43 -60.44 -7.53
N GLY D 2480 -94.37 -59.70 -8.09
CA GLY D 2480 -95.48 -59.19 -7.33
C GLY D 2480 -96.29 -58.25 -8.19
N LYS D 2481 -97.43 -57.84 -7.62
CA LYS D 2481 -98.40 -56.93 -8.26
C LYS D 2481 -98.90 -57.50 -9.59
N ASP D 2482 -99.58 -58.65 -9.48
CA ASP D 2482 -100.19 -59.39 -10.60
C ASP D 2482 -99.12 -59.83 -11.61
N GLY D 2483 -98.19 -60.63 -11.12
CA GLY D 2483 -97.19 -61.28 -11.96
C GLY D 2483 -96.20 -60.37 -12.63
N ALA D 2484 -96.02 -59.15 -12.15
CA ALA D 2484 -95.06 -58.21 -12.74
C ALA D 2484 -93.67 -58.58 -12.25
N LEU D 2485 -92.84 -59.10 -13.16
CA LEU D 2485 -91.46 -59.48 -12.84
C LEU D 2485 -90.63 -58.21 -12.75
N VAL D 2486 -90.67 -57.60 -11.56
CA VAL D 2486 -89.98 -56.33 -11.33
C VAL D 2486 -88.48 -56.59 -11.30
N GLN D 2487 -87.74 -55.83 -12.10
CA GLN D 2487 -86.29 -55.92 -12.20
C GLN D 2487 -85.70 -54.53 -12.08
N PRO D 2488 -84.47 -54.40 -11.56
CA PRO D 2488 -83.86 -53.08 -11.42
C PRO D 2488 -83.38 -52.52 -12.75
N LYS D 2489 -82.86 -51.30 -12.72
CA LYS D 2489 -82.23 -50.67 -13.88
C LYS D 2489 -80.72 -50.89 -13.75
N MET D 2490 -80.19 -51.83 -14.54
CA MET D 2490 -78.77 -52.17 -14.47
C MET D 2490 -77.87 -51.02 -14.89
N SER D 2491 -78.39 -50.03 -15.59
CA SER D 2491 -77.60 -48.88 -16.01
C SER D 2491 -77.45 -47.85 -14.89
N ALA D 2492 -78.11 -48.03 -13.75
CA ALA D 2492 -78.00 -47.10 -12.64
C ALA D 2492 -77.94 -47.81 -11.28
N SER D 2493 -77.40 -49.02 -11.23
CA SER D 2493 -77.49 -49.81 -10.01
C SER D 2493 -76.21 -50.61 -9.80
N PHE D 2494 -76.11 -51.19 -8.62
CA PHE D 2494 -74.94 -51.98 -8.22
C PHE D 2494 -74.96 -53.31 -8.95
N VAL D 2495 -74.04 -53.49 -9.89
CA VAL D 2495 -74.11 -54.64 -10.81
C VAL D 2495 -73.15 -55.73 -10.34
N PRO D 2496 -73.40 -57.00 -10.67
CA PRO D 2496 -72.45 -58.06 -10.31
C PRO D 2496 -71.05 -57.91 -10.87
N ASP D 2497 -70.88 -57.24 -12.02
CA ASP D 2497 -69.55 -57.11 -12.62
C ASP D 2497 -68.62 -56.25 -11.79
N HIS D 2498 -69.17 -55.33 -10.99
CA HIS D 2498 -68.35 -54.56 -10.06
C HIS D 2498 -67.71 -55.50 -9.03
N LYS D 2499 -68.50 -56.44 -8.52
CA LYS D 2499 -67.96 -57.42 -7.59
C LYS D 2499 -66.98 -58.34 -8.31
N ALA D 2500 -67.26 -58.69 -9.57
CA ALA D 2500 -66.35 -59.55 -10.32
C ALA D 2500 -64.97 -58.92 -10.48
N SER D 2501 -64.94 -57.59 -10.60
CA SER D 2501 -63.66 -56.88 -10.58
C SER D 2501 -63.03 -56.89 -9.19
N MET D 2502 -63.87 -56.81 -8.14
CA MET D 2502 -63.35 -56.86 -6.78
C MET D 2502 -62.71 -58.22 -6.50
N VAL D 2503 -63.39 -59.29 -6.93
CA VAL D 2503 -62.94 -60.65 -6.69
C VAL D 2503 -61.65 -60.90 -7.44
N LEU D 2504 -61.56 -60.42 -8.70
CA LEU D 2504 -60.36 -60.62 -9.49
C LEU D 2504 -59.15 -59.95 -8.84
N PHE D 2505 -59.35 -58.72 -8.35
CA PHE D 2505 -58.27 -58.01 -7.66
C PHE D 2505 -57.85 -58.74 -6.39
N LEU D 2506 -58.83 -59.24 -5.63
CA LEU D 2506 -58.54 -59.95 -4.39
C LEU D 2506 -57.80 -61.25 -4.68
N ASP D 2507 -58.15 -61.93 -5.76
CA ASP D 2507 -57.50 -63.18 -6.12
C ASP D 2507 -56.07 -62.94 -6.54
N ARG D 2508 -55.84 -61.96 -7.41
CA ARG D 2508 -54.51 -61.79 -7.97
C ARG D 2508 -53.56 -61.07 -7.02
N VAL D 2509 -54.04 -60.14 -6.20
CA VAL D 2509 -53.16 -59.36 -5.35
C VAL D 2509 -53.00 -60.01 -3.98
N TYR D 2510 -54.10 -60.10 -3.24
CA TYR D 2510 -54.05 -60.68 -1.90
C TYR D 2510 -54.14 -62.20 -1.92
N GLY D 2511 -54.98 -62.75 -2.79
CA GLY D 2511 -55.18 -64.18 -2.84
C GLY D 2511 -55.98 -64.67 -1.66
N ILE D 2512 -56.13 -65.99 -1.58
CA ILE D 2512 -56.74 -66.65 -0.44
C ILE D 2512 -55.78 -67.74 0.02
N GLU D 2513 -55.22 -67.59 1.21
CA GLU D 2513 -54.17 -68.45 1.71
C GLU D 2513 -54.65 -69.37 2.82
N ASN D 2514 -55.24 -68.82 3.86
CA ASN D 2514 -55.62 -69.56 5.06
C ASN D 2514 -57.13 -69.71 5.19
N GLN D 2515 -57.52 -70.84 5.79
CA GLN D 2515 -58.92 -71.27 5.83
C GLN D 2515 -59.82 -70.28 6.57
N ASP D 2516 -59.33 -69.72 7.68
CA ASP D 2516 -60.14 -68.80 8.49
C ASP D 2516 -60.54 -67.56 7.70
N PHE D 2517 -59.58 -66.97 6.98
CA PHE D 2517 -59.86 -65.83 6.13
C PHE D 2517 -60.71 -66.23 4.94
N LEU D 2518 -60.53 -67.47 4.45
CA LEU D 2518 -61.35 -67.96 3.34
C LEU D 2518 -62.81 -67.97 3.74
N LEU D 2519 -63.12 -68.59 4.88
CA LEU D 2519 -64.51 -68.71 5.32
C LEU D 2519 -65.07 -67.35 5.72
N HIS D 2520 -64.20 -66.47 6.24
CA HIS D 2520 -64.62 -65.10 6.57
C HIS D 2520 -65.02 -64.34 5.32
N VAL D 2521 -64.35 -64.61 4.20
CA VAL D 2521 -64.80 -64.01 2.94
C VAL D 2521 -66.11 -64.67 2.50
N LEU D 2522 -66.20 -66.00 2.64
CA LEU D 2522 -67.30 -66.78 2.07
C LEU D 2522 -68.65 -66.43 2.68
N ASP D 2523 -68.74 -66.40 4.02
CA ASP D 2523 -70.04 -66.27 4.68
C ASP D 2523 -70.71 -64.92 4.45
N VAL D 2524 -69.92 -63.85 4.32
CA VAL D 2524 -70.47 -62.52 4.20
C VAL D 2524 -70.31 -61.91 2.80
N GLY D 2525 -69.45 -62.46 1.96
CA GLY D 2525 -69.19 -61.88 0.66
C GLY D 2525 -69.77 -62.63 -0.52
N PHE D 2526 -69.72 -63.96 -0.48
CA PHE D 2526 -70.15 -64.79 -1.60
C PHE D 2526 -71.47 -65.50 -1.33
N LEU D 2527 -71.62 -66.11 -0.15
CA LEU D 2527 -72.79 -66.92 0.16
C LEU D 2527 -74.15 -66.23 0.01
N PRO D 2528 -74.35 -64.94 0.39
CA PRO D 2528 -75.63 -64.29 0.03
C PRO D 2528 -75.89 -64.25 -1.47
N ASP D 2529 -74.84 -64.11 -2.28
CA ASP D 2529 -75.04 -64.12 -3.72
C ASP D 2529 -75.28 -65.53 -4.24
N MET D 2530 -74.63 -66.55 -3.64
CA MET D 2530 -74.89 -67.93 -4.05
C MET D 2530 -76.34 -68.32 -3.77
N ARG D 2531 -76.85 -67.95 -2.59
CA ARG D 2531 -78.23 -68.32 -2.29
C ARG D 2531 -79.21 -67.47 -3.08
N ALA D 2532 -78.87 -66.20 -3.36
CA ALA D 2532 -79.74 -65.35 -4.16
C ALA D 2532 -79.87 -65.89 -5.57
N ALA D 2533 -78.75 -66.32 -6.17
CA ALA D 2533 -78.80 -66.90 -7.51
C ALA D 2533 -79.48 -68.26 -7.47
N ALA D 2534 -79.32 -69.00 -6.37
CA ALA D 2534 -79.95 -70.30 -6.24
C ALA D 2534 -81.47 -70.14 -6.24
N SER D 2535 -81.96 -69.13 -5.51
CA SER D 2535 -83.38 -68.87 -5.42
C SER D 2535 -83.93 -68.37 -6.75
N LEU D 2536 -83.15 -67.56 -7.48
CA LEU D 2536 -83.63 -66.98 -8.74
C LEU D 2536 -83.91 -68.02 -9.81
N ASP D 2537 -83.29 -69.20 -9.74
CA ASP D 2537 -83.46 -70.24 -10.75
C ASP D 2537 -84.85 -70.86 -10.63
N THR D 2538 -85.82 -70.20 -11.24
CA THR D 2538 -87.20 -70.68 -11.25
C THR D 2538 -87.74 -70.68 -12.67
N ALA D 2539 -89.04 -70.92 -12.83
CA ALA D 2539 -89.64 -70.84 -14.16
C ALA D 2539 -89.86 -69.41 -14.65
N THR D 2540 -89.61 -68.41 -13.81
CA THR D 2540 -89.85 -67.01 -14.16
C THR D 2540 -88.58 -66.19 -14.27
N PHE D 2541 -87.76 -66.16 -13.22
CA PHE D 2541 -86.59 -65.29 -13.17
C PHE D 2541 -85.37 -65.85 -13.88
N SER D 2542 -85.38 -67.12 -14.30
CA SER D 2542 -84.19 -67.78 -14.84
C SER D 2542 -83.67 -67.13 -16.12
N THR D 2543 -84.52 -66.42 -16.86
CA THR D 2543 -84.11 -65.75 -18.08
C THR D 2543 -83.97 -64.25 -17.91
N THR D 2544 -84.32 -63.71 -16.73
CA THR D 2544 -84.16 -62.29 -16.48
C THR D 2544 -82.68 -61.93 -16.47
N GLU D 2545 -82.39 -60.73 -16.98
CA GLU D 2545 -81.01 -60.33 -17.30
C GLU D 2545 -80.13 -60.25 -16.06
N MET D 2546 -80.65 -59.70 -14.96
CA MET D 2546 -79.86 -59.56 -13.74
C MET D 2546 -79.50 -60.92 -13.16
N ALA D 2547 -80.43 -61.89 -13.27
CA ALA D 2547 -80.12 -63.27 -12.88
C ALA D 2547 -79.03 -63.85 -13.75
N LEU D 2548 -79.06 -63.55 -15.05
CA LEU D 2548 -77.99 -63.97 -15.95
C LEU D 2548 -76.66 -63.33 -15.55
N ALA D 2549 -76.72 -62.05 -15.14
CA ALA D 2549 -75.52 -61.34 -14.71
C ALA D 2549 -74.92 -62.00 -13.47
N LEU D 2550 -75.77 -62.43 -12.54
CA LEU D 2550 -75.27 -63.13 -11.37
C LEU D 2550 -74.75 -64.52 -11.72
N ASN D 2551 -75.37 -65.18 -12.69
CA ASN D 2551 -74.90 -66.49 -13.15
C ASN D 2551 -73.50 -66.39 -13.74
N ARG D 2552 -73.28 -65.38 -14.59
CA ARG D 2552 -71.95 -65.16 -15.15
C ARG D 2552 -70.97 -64.75 -14.07
N TYR D 2553 -71.44 -63.94 -13.10
CA TYR D 2553 -70.56 -63.46 -12.04
C TYR D 2553 -70.05 -64.62 -11.20
N LEU D 2554 -70.94 -65.55 -10.86
CA LEU D 2554 -70.54 -66.66 -10.03
C LEU D 2554 -69.64 -67.61 -10.81
N CYS D 2555 -70.07 -67.97 -12.03
CA CYS D 2555 -69.36 -68.97 -12.82
C CYS D 2555 -68.04 -68.45 -13.40
N LEU D 2556 -67.76 -67.15 -13.29
CA LEU D 2556 -66.55 -66.59 -13.83
C LEU D 2556 -65.64 -65.97 -12.79
N ALA D 2557 -66.15 -65.64 -11.61
CA ALA D 2557 -65.34 -64.99 -10.60
C ALA D 2557 -65.30 -65.76 -9.28
N VAL D 2558 -66.39 -66.40 -8.86
CA VAL D 2558 -66.41 -67.00 -7.54
C VAL D 2558 -66.02 -68.47 -7.64
N LEU D 2559 -66.77 -69.24 -8.42
CA LEU D 2559 -66.57 -70.68 -8.50
C LEU D 2559 -65.16 -71.13 -8.91
N PRO D 2560 -64.47 -70.56 -9.92
CA PRO D 2560 -63.06 -70.94 -10.12
C PRO D 2560 -62.17 -70.63 -8.92
N LEU D 2561 -62.46 -69.56 -8.18
CA LEU D 2561 -61.68 -69.23 -6.98
C LEU D 2561 -61.88 -70.29 -5.91
N ILE D 2562 -63.11 -70.75 -5.73
CA ILE D 2562 -63.39 -71.78 -4.73
C ILE D 2562 -62.77 -73.10 -5.17
N THR D 2563 -62.84 -73.40 -6.48
CA THR D 2563 -62.23 -74.61 -7.02
C THR D 2563 -60.71 -74.60 -6.84
N LYS D 2564 -60.11 -73.41 -6.85
CA LYS D 2564 -58.69 -73.29 -6.56
C LYS D 2564 -58.39 -73.41 -5.07
N CYS D 2565 -59.29 -72.93 -4.21
CA CYS D 2565 -59.08 -72.94 -2.78
C CYS D 2565 -59.77 -74.12 -2.10
N ALA D 2566 -60.12 -75.15 -2.87
CA ALA D 2566 -60.73 -76.35 -2.30
C ALA D 2566 -59.94 -77.07 -1.21
N PRO D 2567 -58.59 -77.27 -1.28
CA PRO D 2567 -57.89 -77.97 -0.18
C PRO D 2567 -57.99 -77.32 1.20
N LEU D 2568 -58.29 -76.02 1.27
CA LEU D 2568 -58.44 -75.33 2.55
C LEU D 2568 -59.65 -75.78 3.35
N PHE D 2569 -60.56 -76.55 2.77
CA PHE D 2569 -61.71 -77.11 3.47
C PHE D 2569 -61.42 -78.42 4.19
N ALA D 2570 -60.14 -78.73 4.42
CA ALA D 2570 -59.80 -79.99 5.09
C ALA D 2570 -60.19 -79.94 6.56
N GLY D 2571 -59.84 -78.86 7.26
CA GLY D 2571 -60.07 -78.78 8.68
C GLY D 2571 -61.21 -77.87 9.08
N THR D 2572 -62.31 -77.91 8.34
CA THR D 2572 -63.46 -77.04 8.59
C THR D 2572 -64.58 -77.84 9.26
N GLU D 2573 -64.21 -78.73 10.18
CA GLU D 2573 -65.19 -79.51 10.93
C GLU D 2573 -66.08 -78.63 11.79
N HIS D 2574 -65.49 -77.66 12.50
CA HIS D 2574 -66.23 -76.85 13.45
C HIS D 2574 -67.19 -75.85 12.79
N ARG D 2575 -67.03 -75.59 11.50
CA ARG D 2575 -67.84 -74.64 10.77
C ARG D 2575 -68.68 -75.37 9.72
N ALA D 2576 -69.24 -76.52 10.07
CA ALA D 2576 -69.84 -77.37 9.05
C ALA D 2576 -71.26 -77.02 8.68
N ILE D 2577 -71.91 -76.10 9.39
CA ILE D 2577 -73.30 -75.74 9.09
C ILE D 2577 -73.36 -74.97 7.77
N MET D 2578 -72.47 -74.00 7.59
CA MET D 2578 -72.53 -73.25 6.36
C MET D 2578 -71.72 -73.89 5.26
N VAL D 2579 -70.80 -74.79 5.60
CA VAL D 2579 -70.18 -75.64 4.58
C VAL D 2579 -71.24 -76.52 3.93
N ASP D 2580 -72.14 -77.09 4.76
CA ASP D 2580 -73.25 -77.88 4.25
C ASP D 2580 -74.22 -77.03 3.43
N SER D 2581 -74.50 -75.81 3.89
CA SER D 2581 -75.38 -74.92 3.12
C SER D 2581 -74.74 -74.55 1.78
N MET D 2582 -73.43 -74.29 1.79
CA MET D 2582 -72.70 -73.93 0.57
C MET D 2582 -72.72 -75.06 -0.46
N LEU D 2583 -72.40 -76.28 -0.03
CA LEU D 2583 -72.45 -77.42 -0.95
C LEU D 2583 -73.86 -77.71 -1.43
N HIS D 2584 -74.88 -77.44 -0.59
CA HIS D 2584 -76.25 -77.62 -1.03
CA HIS D 2584 -76.25 -77.61 -1.02
C HIS D 2584 -76.64 -76.57 -2.07
N THR D 2585 -76.26 -75.31 -1.85
CA THR D 2585 -76.59 -74.24 -2.78
C THR D 2585 -75.91 -74.44 -4.13
N VAL D 2586 -74.62 -74.85 -4.12
CA VAL D 2586 -73.92 -75.08 -5.37
C VAL D 2586 -74.51 -76.29 -6.11
N TYR D 2587 -74.96 -77.33 -5.39
CA TYR D 2587 -75.68 -78.43 -6.05
C TYR D 2587 -77.01 -77.96 -6.65
N ARG D 2588 -77.72 -77.09 -5.93
CA ARG D 2588 -78.93 -76.47 -6.48
C ARG D 2588 -78.61 -75.68 -7.74
N LEU D 2589 -77.52 -74.92 -7.72
CA LEU D 2589 -77.11 -74.14 -8.89
C LEU D 2589 -76.70 -75.05 -10.04
N SER D 2590 -76.19 -76.26 -9.73
CA SER D 2590 -75.93 -77.24 -10.77
C SER D 2590 -77.24 -77.66 -11.41
N ARG D 2591 -78.28 -77.80 -10.59
CA ARG D 2591 -79.62 -78.12 -11.11
C ARG D 2591 -80.34 -76.82 -11.48
N GLY D 2592 -79.78 -76.14 -12.48
CA GLY D 2592 -80.29 -74.84 -12.91
C GLY D 2592 -80.72 -74.85 -14.36
N ARG D 2593 -81.78 -74.11 -14.67
CA ARG D 2593 -82.24 -73.96 -16.04
C ARG D 2593 -81.85 -72.61 -16.61
N SER D 2594 -81.72 -72.57 -17.94
CA SER D 2594 -81.24 -71.42 -18.72
C SER D 2594 -79.85 -70.97 -18.27
N LEU D 2595 -79.00 -71.93 -17.93
CA LEU D 2595 -77.58 -71.71 -17.77
C LEU D 2595 -76.82 -72.46 -18.85
N THR D 2596 -75.81 -71.79 -19.41
CA THR D 2596 -75.02 -72.36 -20.49
C THR D 2596 -74.23 -73.58 -20.00
N LYS D 2597 -73.93 -74.49 -20.94
CA LYS D 2597 -73.13 -75.67 -20.63
C LYS D 2597 -71.75 -75.31 -20.10
N ALA D 2598 -71.20 -74.17 -20.56
CA ALA D 2598 -69.95 -73.66 -20.01
C ALA D 2598 -70.12 -73.29 -18.55
N GLN D 2599 -71.24 -72.66 -18.19
CA GLN D 2599 -71.47 -72.35 -16.79
C GLN D 2599 -71.72 -73.62 -15.99
N ARG D 2600 -72.36 -74.61 -16.61
CA ARG D 2600 -72.70 -75.86 -15.95
C ARG D 2600 -71.46 -76.64 -15.52
N ASP D 2601 -70.45 -76.72 -16.41
CA ASP D 2601 -69.28 -77.54 -16.09
C ASP D 2601 -68.45 -76.93 -14.98
N VAL D 2602 -68.39 -75.60 -14.90
CA VAL D 2602 -67.66 -74.92 -13.84
C VAL D 2602 -68.24 -75.28 -12.48
N ILE D 2603 -69.58 -75.31 -12.39
CA ILE D 2603 -70.27 -75.73 -11.18
C ILE D 2603 -69.95 -77.19 -10.85
N GLU D 2604 -69.95 -78.06 -11.88
CA GLU D 2604 -69.66 -79.47 -11.66
C GLU D 2604 -68.25 -79.68 -11.12
N ASP D 2605 -67.28 -78.95 -11.70
CA ASP D 2605 -65.89 -79.02 -11.27
C ASP D 2605 -65.73 -78.49 -9.85
N CYS D 2606 -66.45 -77.40 -9.52
CA CYS D 2606 -66.37 -76.85 -8.18
C CYS D 2606 -66.92 -77.81 -7.15
N LEU D 2607 -68.06 -78.46 -7.47
CA LEU D 2607 -68.69 -79.37 -6.52
C LEU D 2607 -67.81 -80.59 -6.26
N MET D 2608 -67.24 -81.16 -7.32
CA MET D 2608 -66.33 -82.30 -7.14
C MET D 2608 -65.08 -81.88 -6.37
N ALA D 2609 -64.56 -80.68 -6.63
CA ALA D 2609 -63.36 -80.22 -5.93
C ALA D 2609 -63.66 -80.02 -4.45
N LEU D 2610 -64.85 -79.50 -4.13
CA LEU D 2610 -65.21 -79.30 -2.73
C LEU D 2610 -65.37 -80.63 -2.01
N CYS D 2611 -65.99 -81.60 -2.69
CA CYS D 2611 -66.23 -82.90 -2.07
C CYS D 2611 -64.94 -83.66 -1.84
N ARG D 2612 -63.93 -83.49 -2.72
CA ARG D 2612 -62.68 -84.20 -2.57
CA ARG D 2612 -62.68 -84.21 -2.57
C ARG D 2612 -61.95 -83.81 -1.28
N TYR D 2613 -62.15 -82.58 -0.82
CA TYR D 2613 -61.50 -82.10 0.39
C TYR D 2613 -62.47 -81.91 1.55
N ILE D 2614 -63.70 -82.38 1.43
CA ILE D 2614 -64.64 -82.37 2.55
C ILE D 2614 -64.64 -83.76 3.16
N ARG D 2615 -64.47 -83.82 4.48
CA ARG D 2615 -64.50 -85.05 5.24
C ARG D 2615 -65.90 -85.68 5.20
N PRO D 2616 -66.00 -87.02 5.24
CA PRO D 2616 -67.28 -87.70 4.92
C PRO D 2616 -68.46 -87.35 5.84
N SER D 2617 -68.21 -86.77 7.02
CA SER D 2617 -69.29 -86.46 7.95
C SER D 2617 -70.25 -85.45 7.36
N MET D 2618 -69.75 -84.39 6.72
CA MET D 2618 -70.64 -83.36 6.20
C MET D 2618 -71.32 -83.77 4.90
N LEU D 2619 -70.91 -84.87 4.29
CA LEU D 2619 -71.51 -85.31 3.04
C LEU D 2619 -72.81 -86.09 3.25
N GLN D 2620 -73.26 -86.21 4.51
CA GLN D 2620 -74.49 -86.92 4.82
C GLN D 2620 -75.70 -86.23 4.18
N HIS D 2621 -75.84 -84.93 4.40
CA HIS D 2621 -77.01 -84.20 3.93
C HIS D 2621 -77.04 -84.14 2.41
N LEU D 2622 -75.88 -83.96 1.79
CA LEU D 2622 -75.77 -84.02 0.34
C LEU D 2622 -76.17 -85.39 -0.20
N LEU D 2623 -75.71 -86.47 0.45
CA LEU D 2623 -76.13 -87.82 0.06
C LEU D 2623 -77.63 -87.99 0.24
N ARG D 2624 -78.19 -87.38 1.29
CA ARG D 2624 -79.63 -87.44 1.53
C ARG D 2624 -80.39 -86.81 0.38
N ARG D 2625 -79.90 -85.65 -0.07
CA ARG D 2625 -80.51 -84.99 -1.23
C ARG D 2625 -80.39 -85.87 -2.47
N LEU D 2626 -79.22 -86.52 -2.64
CA LEU D 2626 -79.00 -87.38 -3.80
C LEU D 2626 -79.86 -88.63 -3.80
N VAL D 2627 -80.40 -89.04 -2.64
CA VAL D 2627 -81.25 -90.23 -2.59
C VAL D 2627 -82.50 -90.03 -3.44
N PHE D 2628 -83.10 -88.85 -3.39
CA PHE D 2628 -84.27 -88.56 -4.19
C PHE D 2628 -83.92 -88.14 -5.63
N ASP D 2629 -82.64 -88.06 -5.99
CA ASP D 2629 -82.22 -87.51 -7.27
C ASP D 2629 -81.57 -88.54 -8.18
N VAL D 2630 -80.54 -89.25 -7.69
CA VAL D 2630 -79.79 -90.19 -8.54
C VAL D 2630 -80.63 -91.32 -9.14
N PRO D 2631 -81.54 -92.02 -8.40
CA PRO D 2631 -82.33 -93.09 -9.05
C PRO D 2631 -83.23 -92.63 -10.20
N ILE D 2632 -83.54 -91.34 -10.29
CA ILE D 2632 -84.34 -90.81 -11.40
C ILE D 2632 -83.61 -91.03 -12.72
N LEU D 2633 -82.27 -90.88 -12.71
CA LEU D 2633 -81.38 -91.13 -13.85
C LEU D 2633 -81.69 -90.21 -15.04
N ASN D 2634 -81.99 -88.95 -14.73
CA ASN D 2634 -82.29 -87.96 -15.77
C ASN D 2634 -80.99 -87.39 -16.32
N GLU D 2635 -81.09 -86.29 -17.07
CA GLU D 2635 -79.91 -85.67 -17.65
C GLU D 2635 -79.03 -85.01 -16.58
N PHE D 2636 -79.63 -84.60 -15.45
CA PHE D 2636 -78.85 -83.99 -14.38
C PHE D 2636 -78.19 -85.01 -13.46
N ALA D 2637 -78.46 -86.30 -13.65
CA ALA D 2637 -77.89 -87.34 -12.80
C ALA D 2637 -76.48 -87.76 -13.22
N LYS D 2638 -75.97 -87.25 -14.35
CA LYS D 2638 -74.63 -87.60 -14.79
C LYS D 2638 -73.57 -87.16 -13.80
N MET D 2639 -73.67 -85.92 -13.31
CA MET D 2639 -72.71 -85.39 -12.35
C MET D 2639 -72.70 -86.14 -11.01
N PRO D 2640 -73.84 -86.39 -10.33
CA PRO D 2640 -73.75 -87.16 -9.07
C PRO D 2640 -73.23 -88.58 -9.22
N LEU D 2641 -73.37 -89.19 -10.41
CA LEU D 2641 -72.90 -90.55 -10.61
C LEU D 2641 -71.39 -90.66 -10.41
N LYS D 2642 -70.64 -89.73 -11.02
CA LYS D 2642 -69.19 -89.70 -10.78
C LYS D 2642 -68.86 -89.08 -9.44
N LEU D 2643 -69.70 -88.15 -8.96
CA LEU D 2643 -69.47 -87.54 -7.66
C LEU D 2643 -69.49 -88.58 -6.55
N LEU D 2644 -70.49 -89.47 -6.59
CA LEU D 2644 -70.58 -90.55 -5.62
C LEU D 2644 -69.55 -91.63 -5.90
N THR D 2645 -69.17 -91.79 -7.18
CA THR D 2645 -68.16 -92.78 -7.54
C THR D 2645 -66.85 -92.46 -6.85
N ASN D 2646 -66.39 -91.21 -7.01
CA ASN D 2646 -65.15 -90.81 -6.39
C ASN D 2646 -65.29 -90.69 -4.88
N HIS D 2647 -66.49 -90.31 -4.39
CA HIS D 2647 -66.70 -90.17 -2.95
C HIS D 2647 -66.56 -91.50 -2.24
N TYR D 2648 -67.08 -92.57 -2.83
CA TYR D 2648 -66.98 -93.87 -2.18
C TYR D 2648 -65.65 -94.55 -2.48
N GLU D 2649 -65.06 -94.33 -3.66
CA GLU D 2649 -63.72 -94.84 -3.92
C GLU D 2649 -62.69 -94.19 -3.01
N ARG D 2650 -62.92 -92.95 -2.59
CA ARG D 2650 -62.01 -92.29 -1.68
C ARG D 2650 -62.31 -92.65 -0.23
N CYS D 2651 -63.58 -92.80 0.13
CA CYS D 2651 -63.97 -92.94 1.52
C CYS D 2651 -64.59 -94.30 1.83
N TRP D 2652 -64.14 -95.36 1.15
CA TRP D 2652 -64.73 -96.68 1.36
C TRP D 2652 -64.44 -97.23 2.75
N LYS D 2653 -63.26 -96.94 3.31
CA LYS D 2653 -62.91 -97.39 4.66
C LYS D 2653 -63.83 -96.82 5.73
N TYR D 2654 -64.39 -95.62 5.49
CA TYR D 2654 -65.31 -95.02 6.44
C TYR D 2654 -66.59 -95.82 6.56
N TYR D 2655 -67.12 -96.31 5.44
CA TYR D 2655 -68.41 -96.97 5.42
C TYR D 2655 -68.33 -98.49 5.50
N CYS D 2656 -67.21 -99.10 5.08
CA CYS D 2656 -67.08 -100.55 5.10
C CYS D 2656 -66.57 -101.05 6.45
N LEU D 2657 -65.40 -100.56 6.85
CA LEU D 2657 -64.76 -101.04 8.08
C LEU D 2657 -65.56 -100.61 9.30
N PRO D 2658 -65.85 -101.54 10.23
CA PRO D 2658 -66.53 -101.15 11.47
C PRO D 2658 -65.76 -100.14 12.30
N THR D 2659 -64.42 -100.18 12.27
CA THR D 2659 -63.61 -99.18 12.94
C THR D 2659 -63.64 -97.82 12.24
N GLY D 2660 -64.22 -97.75 11.05
CA GLY D 2660 -64.32 -96.50 10.33
C GLY D 2660 -63.02 -96.17 9.62
N TRP D 2661 -62.99 -94.99 9.02
CA TRP D 2661 -61.79 -94.50 8.36
C TRP D 2661 -60.71 -94.19 9.39
N ALA D 2662 -59.46 -94.14 8.93
CA ALA D 2662 -58.32 -93.82 9.79
C ALA D 2662 -58.45 -92.42 10.33
N ASN D 2663 -58.56 -92.31 11.67
CA ASN D 2663 -58.60 -91.06 12.47
C ASN D 2663 -59.62 -90.03 11.96
N PHE D 2664 -60.66 -90.47 11.27
CA PHE D 2664 -61.71 -89.59 10.76
C PHE D 2664 -63.05 -89.78 11.44
N GLY D 2665 -63.38 -91.01 11.82
CA GLY D 2665 -64.62 -91.33 12.48
C GLY D 2665 -65.28 -92.54 11.90
N VAL D 2666 -66.52 -92.78 12.32
CA VAL D 2666 -67.30 -93.94 11.92
C VAL D 2666 -68.66 -93.46 11.43
N THR D 2667 -69.35 -94.35 10.72
CA THR D 2667 -70.61 -94.02 10.10
C THR D 2667 -71.70 -93.77 11.15
N SER D 2668 -72.76 -93.11 10.72
CA SER D 2668 -73.92 -92.82 11.57
C SER D 2668 -75.03 -93.85 11.44
N GLU D 2669 -74.79 -94.95 10.70
CA GLU D 2669 -75.67 -96.11 10.48
C GLU D 2669 -76.86 -95.77 9.57
N GLU D 2670 -77.08 -94.48 9.30
CA GLU D 2670 -78.11 -94.01 8.40
C GLU D 2670 -77.56 -93.67 7.02
N GLU D 2671 -76.32 -93.18 6.96
CA GLU D 2671 -75.64 -92.99 5.68
C GLU D 2671 -75.48 -94.32 4.94
N LEU D 2672 -75.21 -95.40 5.68
CA LEU D 2672 -75.20 -96.74 5.10
C LEU D 2672 -76.57 -97.16 4.55
N HIS D 2673 -77.64 -96.84 5.28
CA HIS D 2673 -79.01 -97.06 4.78
C HIS D 2673 -79.29 -96.23 3.53
N LEU D 2674 -78.84 -94.98 3.52
CA LEU D 2674 -78.94 -94.13 2.33
C LEU D 2674 -78.19 -94.74 1.15
N THR D 2675 -76.98 -95.26 1.41
CA THR D 2675 -76.20 -95.91 0.36
C THR D 2675 -76.93 -97.15 -0.17
N ARG D 2676 -77.51 -97.94 0.75
CA ARG D 2676 -78.24 -99.16 0.37
C ARG D 2676 -79.44 -98.83 -0.51
N LYS D 2677 -80.22 -97.84 -0.09
CA LYS D 2677 -81.37 -97.39 -0.88
C LYS D 2677 -80.95 -96.82 -2.22
N LEU D 2678 -79.87 -96.02 -2.24
CA LEU D 2678 -79.37 -95.45 -3.49
C LEU D 2678 -78.92 -96.54 -4.45
N PHE D 2679 -78.26 -97.57 -3.91
CA PHE D 2679 -77.78 -98.70 -4.70
C PHE D 2679 -78.94 -99.47 -5.32
N TRP D 2680 -79.95 -99.80 -4.50
CA TRP D 2680 -81.07 -100.55 -5.04
C TRP D 2680 -81.92 -99.68 -5.97
N GLY D 2681 -82.01 -98.38 -5.69
CA GLY D 2681 -82.69 -97.46 -6.59
C GLY D 2681 -82.06 -97.41 -7.97
N ILE D 2682 -80.71 -97.40 -8.02
CA ILE D 2682 -80.02 -97.48 -9.31
C ILE D 2682 -80.20 -98.84 -9.95
N PHE D 2683 -80.09 -99.93 -9.19
CA PHE D 2683 -80.25 -101.27 -9.77
C PHE D 2683 -81.65 -101.46 -10.36
N ASP D 2684 -82.68 -101.02 -9.64
CA ASP D 2684 -84.06 -101.10 -10.12
C ASP D 2684 -84.29 -100.21 -11.33
N SER D 2685 -83.84 -98.94 -11.28
CA SER D 2685 -84.06 -98.04 -12.40
C SER D 2685 -83.28 -98.50 -13.62
N LEU D 2686 -82.07 -99.03 -13.39
CA LEU D 2686 -81.21 -99.51 -14.46
C LEU D 2686 -81.86 -100.70 -15.16
N ALA D 2687 -82.47 -101.60 -14.37
CA ALA D 2687 -83.12 -102.77 -14.95
C ALA D 2687 -84.38 -102.38 -15.71
N HIS D 2688 -85.22 -101.52 -15.10
CA HIS D 2688 -86.47 -101.11 -15.75
C HIS D 2688 -86.21 -100.32 -17.03
N LYS D 2689 -85.28 -99.37 -16.97
CA LYS D 2689 -85.02 -98.47 -18.09
C LYS D 2689 -84.29 -99.21 -19.20
N LYS D 2690 -84.53 -98.76 -20.44
CA LYS D 2690 -83.86 -99.34 -21.60
C LYS D 2690 -82.37 -99.02 -21.53
N TYR D 2691 -81.56 -99.93 -22.07
CA TYR D 2691 -80.11 -99.79 -22.10
C TYR D 2691 -79.68 -98.52 -22.83
N ASP D 2692 -78.94 -97.67 -22.12
CA ASP D 2692 -78.29 -96.49 -22.69
C ASP D 2692 -76.80 -96.66 -22.46
N GLN D 2693 -76.04 -96.78 -23.55
CA GLN D 2693 -74.62 -97.10 -23.48
C GLN D 2693 -73.84 -96.04 -22.71
N GLU D 2694 -74.08 -94.76 -23.03
CA GLU D 2694 -73.37 -93.66 -22.39
C GLU D 2694 -73.66 -93.60 -20.90
N LEU D 2695 -74.93 -93.78 -20.51
CA LEU D 2695 -75.28 -93.81 -19.10
C LEU D 2695 -74.65 -95.02 -18.39
N TYR D 2696 -74.68 -96.18 -19.05
CA TYR D 2696 -74.23 -97.42 -18.40
C TYR D 2696 -72.72 -97.43 -18.15
N ARG D 2697 -71.94 -96.83 -19.07
CA ARG D 2697 -70.49 -96.82 -18.92
C ARG D 2697 -70.05 -96.02 -17.69
N MET D 2698 -70.67 -94.87 -17.46
CA MET D 2698 -70.29 -94.00 -16.36
C MET D 2698 -71.27 -94.13 -15.19
N ALA D 2699 -72.09 -95.17 -15.19
CA ALA D 2699 -72.88 -95.52 -14.02
C ALA D 2699 -72.45 -96.83 -13.38
N MET D 2700 -71.84 -97.74 -14.16
CA MET D 2700 -71.30 -98.97 -13.57
C MET D 2700 -70.25 -98.74 -12.47
N PRO D 2701 -69.23 -97.88 -12.62
CA PRO D 2701 -68.31 -97.66 -11.49
C PRO D 2701 -68.97 -97.13 -10.24
N CYS D 2702 -70.06 -96.36 -10.37
CA CYS D 2702 -70.80 -95.90 -9.21
C CYS D 2702 -71.37 -97.08 -8.42
N LEU D 2703 -71.91 -98.06 -9.14
CA LEU D 2703 -72.45 -99.27 -8.50
C LEU D 2703 -71.34 -100.07 -7.83
N CYS D 2704 -70.22 -100.27 -8.54
CA CYS D 2704 -69.12 -101.05 -7.97
C CYS D 2704 -68.51 -100.36 -6.76
N ALA D 2705 -68.35 -99.03 -6.83
CA ALA D 2705 -67.84 -98.25 -5.70
C ALA D 2705 -68.79 -98.32 -4.50
N ILE D 2706 -70.11 -98.25 -4.76
CA ILE D 2706 -71.07 -98.36 -3.66
C ILE D 2706 -71.00 -99.76 -3.06
N ALA D 2707 -70.84 -100.77 -3.92
CA ALA D 2707 -70.82 -102.17 -3.48
C ALA D 2707 -69.64 -102.40 -2.54
N GLY D 2708 -68.47 -101.87 -2.91
CA GLY D 2708 -67.32 -101.99 -2.04
C GLY D 2708 -67.48 -101.17 -0.77
N ALA D 2709 -68.10 -99.99 -0.89
CA ALA D 2709 -68.25 -99.07 0.23
C ALA D 2709 -69.14 -99.66 1.33
N LEU D 2710 -70.25 -100.27 0.94
CA LEU D 2710 -71.20 -100.82 1.89
C LEU D 2710 -70.61 -102.02 2.63
N PRO D 2711 -70.94 -102.19 3.91
CA PRO D 2711 -70.47 -103.37 4.66
C PRO D 2711 -70.97 -104.66 4.05
N PRO D 2712 -70.16 -105.71 4.03
CA PRO D 2712 -70.64 -107.01 3.52
C PRO D 2712 -71.81 -107.60 4.30
N ASP D 2713 -71.86 -107.39 5.61
CA ASP D 2713 -72.93 -107.91 6.45
C ASP D 2713 -73.82 -106.81 7.03
N TYR D 2714 -74.08 -105.77 6.25
CA TYR D 2714 -74.87 -104.64 6.74
C TYR D 2714 -76.32 -105.06 6.98
N VAL D 2715 -76.90 -104.53 8.07
CA VAL D 2715 -78.28 -104.78 8.44
C VAL D 2715 -78.95 -103.44 8.69
N ASP D 2716 -80.05 -103.20 8.00
CA ASP D 2716 -80.82 -101.96 8.16
C ASP D 2716 -81.80 -102.10 9.32
N ALA D 2717 -82.14 -100.95 9.93
CA ALA D 2717 -83.01 -100.94 11.10
C ALA D 2717 -84.42 -101.39 10.75
N SER D 2718 -85.02 -100.77 9.72
CA SER D 2718 -86.41 -101.03 9.37
C SER D 2718 -86.46 -101.80 8.05
N TYR D 2719 -87.10 -102.96 8.07
CA TYR D 2719 -87.20 -103.83 6.91
C TYR D 2719 -88.47 -103.55 6.10
N SER D 2720 -88.69 -102.28 5.77
CA SER D 2720 -89.88 -101.84 5.04
C SER D 2720 -89.64 -100.45 4.50
N SER D 2721 -90.45 -100.07 3.51
CA SER D 2721 -90.36 -98.76 2.89
C SER D 2721 -91.68 -98.45 2.19
N LYS D 2722 -91.87 -97.17 1.88
CA LYS D 2722 -93.04 -96.73 1.12
C LYS D 2722 -93.07 -97.34 -0.28
N ALA D 2723 -91.91 -97.37 -0.94
CA ALA D 2723 -91.68 -97.98 -2.26
C ALA D 2723 -92.60 -97.37 -3.32
N GLU D 2724 -92.33 -96.09 -3.59
CA GLU D 2724 -93.00 -95.36 -4.65
C GLU D 2724 -91.97 -94.84 -5.65
N LYS D 2725 -92.37 -94.77 -6.92
CA LYS D 2725 -91.57 -94.29 -8.05
C LYS D 2725 -90.26 -95.07 -8.23
N ASN D 2734 -89.96 -81.61 -8.83
CA ASN D 2734 -89.03 -82.00 -7.78
C ASN D 2734 -89.74 -82.79 -6.68
N PHE D 2735 -89.33 -82.57 -5.43
CA PHE D 2735 -89.91 -83.26 -4.27
C PHE D 2735 -91.32 -82.72 -4.02
N ASP D 2736 -92.33 -83.48 -4.43
CA ASP D 2736 -93.73 -83.07 -4.27
C ASP D 2736 -94.54 -84.21 -3.65
N PRO D 2737 -94.42 -84.40 -2.32
CA PRO D 2737 -95.12 -85.51 -1.66
C PRO D 2737 -96.63 -85.39 -1.76
N ARG D 2738 -97.29 -86.55 -1.90
CA ARG D 2738 -98.73 -86.59 -2.05
C ARG D 2738 -99.36 -87.01 -0.73
N PRO D 2739 -99.98 -86.11 0.02
CA PRO D 2739 -100.66 -86.51 1.25
C PRO D 2739 -101.85 -87.41 0.99
N VAL D 2740 -102.06 -88.34 1.93
CA VAL D 2740 -103.11 -89.34 1.77
C VAL D 2740 -104.48 -88.67 1.92
N GLU D 2741 -105.48 -89.21 1.24
CA GLU D 2741 -106.83 -88.66 1.27
C GLU D 2741 -107.53 -89.07 2.56
N THR D 2742 -107.97 -88.07 3.33
CA THR D 2742 -108.76 -88.29 4.54
C THR D 2742 -110.12 -87.60 4.51
N LEU D 2743 -110.28 -86.54 3.70
CA LEU D 2743 -111.57 -85.89 3.59
C LEU D 2743 -112.52 -86.69 2.70
N ASN D 2744 -111.97 -87.34 1.67
CA ASN D 2744 -112.78 -88.11 0.72
C ASN D 2744 -113.50 -89.26 1.38
N VAL D 2745 -112.82 -90.01 2.23
CA VAL D 2745 -113.43 -91.13 2.93
C VAL D 2745 -114.16 -90.59 4.16
N ILE D 2746 -115.30 -91.21 4.48
CA ILE D 2746 -116.10 -90.78 5.62
C ILE D 2746 -115.53 -91.40 6.89
N ILE D 2747 -115.40 -90.59 7.95
CA ILE D 2747 -114.87 -91.05 9.22
C ILE D 2747 -115.93 -91.87 9.95
N PRO D 2748 -115.66 -93.14 10.26
CA PRO D 2748 -116.62 -93.91 11.06
C PRO D 2748 -116.58 -93.48 12.51
N GLU D 2749 -117.62 -92.80 12.98
CA GLU D 2749 -117.65 -92.24 14.33
C GLU D 2749 -118.08 -93.26 15.40
N LYS D 2750 -117.88 -94.55 15.11
CA LYS D 2750 -118.14 -95.63 16.07
C LYS D 2750 -117.26 -95.51 17.32
N LEU D 2751 -116.04 -95.01 17.15
CA LEU D 2751 -115.05 -94.90 18.22
C LEU D 2751 -114.93 -93.47 18.77
N ASP D 2752 -116.03 -92.70 18.71
CA ASP D 2752 -116.04 -91.32 19.19
C ASP D 2752 -115.78 -91.21 20.69
N SER D 2753 -116.11 -92.27 21.45
CA SER D 2753 -115.79 -92.32 22.88
C SER D 2753 -114.29 -92.43 23.12
N PHE D 2754 -113.52 -92.74 22.08
CA PHE D 2754 -112.07 -92.67 22.12
C PHE D 2754 -111.57 -91.37 21.48
N ILE D 2755 -112.29 -90.85 20.47
CA ILE D 2755 -111.88 -89.59 19.84
C ILE D 2755 -111.91 -88.43 20.83
N ASN D 2756 -112.99 -88.33 21.62
CA ASN D 2756 -113.03 -87.29 22.65
C ASN D 2756 -112.02 -87.53 23.77
N LYS D 2757 -111.78 -88.80 24.12
CA LYS D 2757 -110.78 -89.11 25.14
C LYS D 2757 -109.38 -88.74 24.65
N PHE D 2758 -109.07 -88.99 23.37
CA PHE D 2758 -107.81 -88.58 22.77
C PHE D 2758 -107.76 -87.09 22.48
N ALA D 2759 -108.89 -86.41 22.62
CA ALA D 2759 -108.93 -84.97 22.43
C ALA D 2759 -108.62 -84.28 23.75
N GLU D 2760 -109.31 -84.70 24.82
CA GLU D 2760 -109.10 -84.08 26.12
C GLU D 2760 -107.76 -84.53 26.73
N TYR D 2761 -107.44 -85.82 26.62
CA TYR D 2761 -106.26 -86.35 27.29
C TYR D 2761 -104.96 -85.89 26.66
N THR D 2762 -104.93 -85.59 25.35
CA THR D 2762 -103.72 -85.00 24.77
C THR D 2762 -103.42 -83.63 25.36
N HIS D 2763 -104.46 -82.81 25.56
CA HIS D 2763 -104.27 -81.53 26.25
C HIS D 2763 -103.97 -81.74 27.73
N GLU D 2764 -104.48 -82.82 28.31
CA GLU D 2764 -104.07 -83.21 29.67
C GLU D 2764 -102.59 -83.60 29.72
N LYS D 2765 -102.11 -84.34 28.72
CA LYS D 2765 -100.68 -84.65 28.62
C LYS D 2765 -99.86 -83.38 28.44
N TRP D 2766 -100.37 -82.42 27.67
CA TRP D 2766 -99.74 -81.11 27.56
C TRP D 2766 -99.68 -80.40 28.91
N ALA D 2767 -100.76 -80.50 29.69
CA ALA D 2767 -100.76 -79.99 31.07
C ALA D 2767 -99.73 -80.73 31.93
N PHE D 2768 -99.58 -82.04 31.72
CA PHE D 2768 -98.53 -82.78 32.43
C PHE D 2768 -97.14 -82.32 32.00
N ASP D 2769 -96.99 -81.92 30.74
CA ASP D 2769 -95.74 -81.32 30.27
C ASP D 2769 -95.48 -80.02 31.00
N LYS D 2770 -96.52 -79.20 31.18
CA LYS D 2770 -96.29 -77.91 31.80
C LYS D 2770 -96.02 -78.05 33.30
N ILE D 2771 -96.79 -78.89 34.00
CA ILE D 2771 -96.56 -79.11 35.43
C ILE D 2771 -95.22 -79.81 35.68
N GLN D 2772 -94.69 -80.54 34.69
CA GLN D 2772 -93.34 -81.07 34.75
C GLN D 2772 -92.33 -80.16 34.09
N ASN D 2773 -92.74 -78.98 33.64
CA ASN D 2773 -91.84 -78.00 33.05
C ASN D 2773 -91.48 -76.90 34.05
N ASN D 2774 -91.60 -77.20 35.35
CA ASN D 2774 -91.18 -76.40 36.52
C ASN D 2774 -92.07 -75.18 36.76
N TRP D 2775 -92.99 -74.87 35.84
CA TRP D 2775 -93.83 -73.67 35.95
C TRP D 2775 -95.29 -74.06 35.81
N SER D 2776 -96.14 -73.43 36.62
CA SER D 2776 -97.57 -73.72 36.62
C SER D 2776 -98.28 -72.92 35.52
N TYR D 2777 -99.61 -72.91 35.58
CA TYR D 2777 -100.44 -72.29 34.55
C TYR D 2777 -100.99 -70.96 35.05
N GLY D 2778 -101.84 -70.35 34.23
CA GLY D 2778 -102.49 -69.10 34.56
C GLY D 2778 -103.68 -68.87 33.66
N GLU D 2779 -104.52 -67.91 34.07
CA GLU D 2779 -105.73 -67.61 33.31
C GLU D 2779 -105.48 -66.61 32.19
N ASN D 2780 -104.87 -65.47 32.50
CA ASN D 2780 -104.63 -64.42 31.51
C ASN D 2780 -103.64 -64.87 30.45
N VAL D 2781 -103.85 -64.37 29.23
CA VAL D 2781 -102.98 -64.67 28.10
C VAL D 2781 -101.83 -63.68 28.11
N ASP D 2782 -100.63 -64.15 28.43
CA ASP D 2782 -99.43 -63.33 28.45
C ASP D 2782 -98.19 -64.21 28.30
N GLU D 2783 -97.14 -63.62 27.73
CA GLU D 2783 -95.94 -64.39 27.39
C GLU D 2783 -94.98 -64.57 28.56
N GLU D 2784 -95.25 -63.95 29.72
CA GLU D 2784 -94.36 -64.07 30.88
C GLU D 2784 -94.29 -65.48 31.45
N LEU D 2785 -95.26 -66.34 31.14
CA LEU D 2785 -95.24 -67.72 31.60
C LEU D 2785 -94.36 -68.62 30.76
N LYS D 2786 -93.81 -68.12 29.63
CA LYS D 2786 -92.95 -68.80 28.64
C LYS D 2786 -93.46 -70.19 28.21
N THR D 2787 -94.77 -70.42 28.33
CA THR D 2787 -95.45 -71.66 27.98
C THR D 2787 -96.84 -71.28 27.48
N HIS D 2788 -97.75 -72.25 27.45
CA HIS D 2788 -99.15 -71.98 27.13
C HIS D 2788 -99.76 -71.07 28.19
N PRO D 2789 -100.31 -69.92 27.81
CA PRO D 2789 -100.69 -68.91 28.81
C PRO D 2789 -102.09 -69.04 29.38
N MET D 2790 -103.02 -69.67 28.67
CA MET D 2790 -104.43 -69.60 29.01
C MET D 2790 -104.93 -70.84 29.78
N LEU D 2791 -104.05 -71.83 30.01
CA LEU D 2791 -104.42 -73.11 30.62
C LEU D 2791 -105.09 -72.96 31.99
N ARG D 2792 -106.22 -73.63 32.15
CA ARG D 2792 -107.04 -73.59 33.37
C ARG D 2792 -107.54 -75.00 33.66
N PRO D 2793 -107.89 -75.30 34.92
CA PRO D 2793 -108.49 -76.59 35.23
C PRO D 2793 -109.82 -76.79 34.51
N TYR D 2794 -110.07 -78.05 34.14
CA TYR D 2794 -111.21 -78.42 33.29
C TYR D 2794 -112.57 -78.08 33.89
N LYS D 2795 -112.66 -77.98 35.21
CA LYS D 2795 -113.91 -77.55 35.84
C LYS D 2795 -114.26 -76.12 35.44
N THR D 2796 -113.26 -75.24 35.39
CA THR D 2796 -113.46 -73.84 34.99
C THR D 2796 -112.74 -73.53 33.67
N PHE D 2797 -112.73 -74.49 32.75
CA PHE D 2797 -112.12 -74.30 31.43
C PHE D 2797 -113.22 -74.35 30.37
N SER D 2798 -113.18 -73.39 29.45
CA SER D 2798 -114.20 -73.29 28.40
C SER D 2798 -114.13 -74.50 27.46
N GLU D 2799 -115.29 -74.86 26.93
CA GLU D 2799 -115.39 -75.94 25.95
C GLU D 2799 -115.39 -75.45 24.50
N LYS D 2800 -115.30 -74.13 24.27
CA LYS D 2800 -115.20 -73.57 22.92
C LYS D 2800 -113.91 -73.96 22.22
N ASP D 2801 -112.90 -74.37 22.97
CA ASP D 2801 -111.63 -74.77 22.40
C ASP D 2801 -111.37 -76.26 22.59
N LYS D 2802 -111.99 -76.87 23.61
CA LYS D 2802 -111.85 -78.30 23.78
C LYS D 2802 -112.69 -79.05 22.76
N GLU D 2803 -113.70 -78.41 22.17
CA GLU D 2803 -114.44 -79.08 21.11
C GLU D 2803 -113.86 -78.80 19.74
N ILE D 2804 -112.79 -78.00 19.64
CA ILE D 2804 -112.10 -77.76 18.38
C ILE D 2804 -110.66 -78.25 18.41
N TYR D 2805 -110.20 -78.79 19.54
CA TYR D 2805 -108.82 -79.29 19.60
C TYR D 2805 -108.67 -80.70 19.04
N ARG D 2806 -109.76 -81.34 18.59
CA ARG D 2806 -109.67 -82.71 18.09
C ARG D 2806 -109.42 -82.79 16.59
N TRP D 2807 -109.11 -81.66 15.94
CA TRP D 2807 -108.75 -81.66 14.51
C TRP D 2807 -107.53 -82.53 14.18
N PRO D 2808 -106.38 -82.45 14.89
CA PRO D 2808 -105.34 -83.48 14.67
C PRO D 2808 -105.81 -84.88 15.02
N ILE D 2809 -106.66 -85.02 16.04
CA ILE D 2809 -107.14 -86.34 16.43
C ILE D 2809 -108.10 -86.89 15.38
N LYS D 2810 -108.97 -86.03 14.85
CA LYS D 2810 -109.91 -86.43 13.79
C LYS D 2810 -109.16 -86.84 12.54
N GLU D 2811 -108.14 -86.06 12.14
CA GLU D 2811 -107.45 -86.37 10.90
C GLU D 2811 -106.54 -87.58 11.08
N SER D 2812 -105.93 -87.72 12.27
CA SER D 2812 -105.06 -88.84 12.57
C SER D 2812 -105.84 -90.16 12.50
N LEU D 2813 -107.05 -90.17 13.07
CA LEU D 2813 -107.85 -91.40 12.99
C LEU D 2813 -108.46 -91.62 11.62
N LYS D 2814 -108.75 -90.54 10.88
CA LYS D 2814 -109.15 -90.67 9.48
C LYS D 2814 -108.06 -91.37 8.66
N ALA D 2815 -106.82 -90.91 8.78
CA ALA D 2815 -105.71 -91.57 8.12
C ALA D 2815 -105.42 -92.94 8.69
N MET D 2816 -105.74 -93.17 9.98
CA MET D 2816 -105.58 -94.49 10.59
C MET D 2816 -106.53 -95.51 9.96
N ILE D 2817 -107.74 -95.10 9.63
CA ILE D 2817 -108.71 -96.05 9.09
C ILE D 2817 -108.78 -96.02 7.56
N ALA D 2818 -108.31 -94.95 6.91
CA ALA D 2818 -108.33 -94.89 5.46
C ALA D 2818 -107.30 -95.79 4.79
N TRP D 2819 -106.24 -96.17 5.50
CA TRP D 2819 -105.21 -97.02 4.93
C TRP D 2819 -105.54 -98.50 5.08
N GLU D 2820 -106.77 -98.91 4.72
CA GLU D 2820 -107.37 -100.25 4.79
C GLU D 2820 -107.08 -100.98 6.12
N TRP D 2821 -106.96 -100.21 7.20
CA TRP D 2821 -106.79 -100.75 8.55
C TRP D 2821 -108.10 -100.72 9.30
N THR D 2822 -108.40 -101.82 9.99
CA THR D 2822 -109.57 -101.90 10.86
C THR D 2822 -109.13 -101.71 12.31
N ILE D 2823 -109.83 -100.81 13.01
CA ILE D 2823 -109.61 -100.59 14.43
C ILE D 2823 -110.83 -101.08 15.19
N GLU D 2824 -110.60 -101.94 16.18
CA GLU D 2824 -111.66 -102.63 16.89
C GLU D 2824 -111.63 -102.29 18.36
N LYS D 2825 -112.82 -102.06 18.94
CA LYS D 2825 -112.96 -101.75 20.36
C LYS D 2825 -112.97 -103.06 21.15
N ALA D 2826 -111.78 -103.64 21.32
CA ALA D 2826 -111.62 -104.93 22.00
C ALA D 2826 -111.93 -104.86 23.49
N ARG D 2827 -112.07 -103.66 24.06
CA ARG D 2827 -112.41 -103.47 25.47
C ARG D 2827 -113.82 -102.90 25.59
N GLU D 2828 -114.28 -102.79 26.83
CA GLU D 2828 -115.60 -102.20 27.11
C GLU D 2828 -115.49 -101.48 28.46
N GLY D 2829 -115.26 -100.18 28.41
CA GLY D 2829 -115.15 -99.38 29.62
C GLY D 2829 -115.45 -97.93 29.33
N GLU D 2830 -115.48 -97.14 30.41
CA GLU D 2830 -115.73 -95.69 30.41
C GLU D 2830 -117.02 -95.29 29.69
N TYR D 2855 -108.67 -82.04 37.34
CA TYR D 2855 -107.72 -81.68 36.31
C TYR D 2855 -106.30 -81.99 36.80
N ASN D 2856 -106.03 -83.25 37.05
CA ASN D 2856 -104.73 -83.68 37.58
C ASN D 2856 -104.28 -84.91 36.78
N PRO D 2857 -103.28 -84.77 35.92
CA PRO D 2857 -102.89 -85.88 35.03
C PRO D 2857 -102.18 -87.03 35.74
N GLN D 2858 -102.93 -87.75 36.58
CA GLN D 2858 -102.36 -88.92 37.25
C GLN D 2858 -101.98 -90.07 36.30
N PRO D 2859 -102.82 -90.55 35.36
CA PRO D 2859 -102.41 -91.71 34.53
C PRO D 2859 -101.39 -91.30 33.49
N PRO D 2860 -100.14 -91.81 33.55
CA PRO D 2860 -99.19 -91.48 32.48
C PRO D 2860 -99.29 -92.41 31.29
N ASP D 2861 -99.68 -91.86 30.15
CA ASP D 2861 -99.75 -92.62 28.90
C ASP D 2861 -98.44 -92.46 28.11
N LEU D 2862 -97.37 -92.91 28.74
CA LEU D 2862 -96.02 -92.79 28.18
C LEU D 2862 -95.71 -93.98 27.29
N SER D 2863 -94.66 -93.81 26.49
CA SER D 2863 -94.21 -94.81 25.53
C SER D 2863 -92.78 -95.25 25.82
N GLY D 2864 -92.47 -95.45 27.10
CA GLY D 2864 -91.12 -95.78 27.50
C GLY D 2864 -90.70 -97.22 27.31
N VAL D 2865 -91.60 -98.11 26.90
CA VAL D 2865 -91.24 -99.51 26.69
C VAL D 2865 -91.49 -99.88 25.23
N THR D 2866 -91.14 -101.11 24.86
CA THR D 2866 -91.32 -101.54 23.49
C THR D 2866 -92.76 -101.98 23.23
N LEU D 2867 -93.12 -102.00 21.94
CA LEU D 2867 -94.45 -102.36 21.49
C LEU D 2867 -94.30 -103.38 20.38
N SER D 2868 -95.40 -104.09 20.07
CA SER D 2868 -95.43 -105.13 19.06
C SER D 2868 -94.98 -104.61 17.71
N ARG D 2869 -94.15 -105.41 17.03
CA ARG D 2869 -93.38 -104.96 15.86
C ARG D 2869 -94.26 -104.55 14.68
N GLU D 2870 -95.28 -105.35 14.35
CA GLU D 2870 -96.14 -105.04 13.21
CA GLU D 2870 -96.14 -105.04 13.21
C GLU D 2870 -96.94 -103.76 13.43
N LEU D 2871 -97.47 -103.59 14.65
CA LEU D 2871 -98.24 -102.39 14.97
C LEU D 2871 -97.32 -101.18 15.02
N GLN D 2872 -96.10 -101.37 15.54
CA GLN D 2872 -95.14 -100.28 15.60
C GLN D 2872 -94.75 -99.84 14.19
N ALA D 2873 -94.66 -100.80 13.25
CA ALA D 2873 -94.39 -100.44 11.85
C ALA D 2873 -95.56 -99.66 11.27
N MET D 2874 -96.78 -99.96 11.74
CA MET D 2874 -97.95 -99.21 11.24
C MET D 2874 -97.85 -97.77 11.70
N ALA D 2875 -97.40 -97.58 12.95
CA ALA D 2875 -97.28 -96.23 13.48
C ALA D 2875 -96.23 -95.44 12.70
N GLU D 2876 -95.13 -96.09 12.33
CA GLU D 2876 -94.08 -95.42 11.56
C GLU D 2876 -94.59 -95.00 10.18
N GLN D 2877 -95.39 -95.85 9.54
CA GLN D 2877 -96.02 -95.48 8.27
C GLN D 2877 -96.99 -94.31 8.42
N LEU D 2878 -97.77 -94.30 9.51
CA LEU D 2878 -98.66 -93.15 9.73
C LEU D 2878 -97.91 -91.88 10.12
N ALA D 2879 -96.81 -92.00 10.87
CA ALA D 2879 -95.92 -90.86 11.10
C ALA D 2879 -95.30 -90.35 9.79
N GLU D 2880 -95.01 -91.26 8.85
CA GLU D 2880 -94.58 -90.84 7.52
C GLU D 2880 -95.67 -90.05 6.80
N ASN D 2881 -96.94 -90.47 6.95
CA ASN D 2881 -98.04 -89.68 6.42
C ASN D 2881 -98.13 -88.32 7.12
N TYR D 2882 -97.89 -88.28 8.43
CA TYR D 2882 -97.91 -87.02 9.19
C TYR D 2882 -96.86 -86.07 8.64
N HIS D 2883 -95.67 -86.62 8.36
CA HIS D 2883 -94.56 -85.80 7.89
C HIS D 2883 -94.82 -85.29 6.49
N ASN D 2884 -95.32 -86.15 5.59
CA ASN D 2884 -95.54 -85.68 4.22
C ASN D 2884 -96.73 -84.71 4.13
N THR D 2885 -97.72 -84.81 5.03
CA THR D 2885 -98.75 -83.78 5.12
C THR D 2885 -98.18 -82.43 5.57
N TRP D 2886 -97.29 -82.46 6.58
CA TRP D 2886 -96.59 -81.23 6.97
C TRP D 2886 -95.70 -80.71 5.85
N GLY D 2887 -95.03 -81.61 5.13
CA GLY D 2887 -94.19 -81.20 4.01
C GLY D 2887 -95.01 -80.57 2.89
N ARG D 2888 -96.18 -81.14 2.60
CA ARG D 2888 -97.05 -80.62 1.55
C ARG D 2888 -97.52 -79.20 1.89
N LYS D 2889 -98.02 -79.01 3.13
CA LYS D 2889 -98.45 -77.67 3.50
C LYS D 2889 -97.28 -76.69 3.64
N LYS D 2890 -96.06 -77.16 3.88
CA LYS D 2890 -94.91 -76.27 3.85
C LYS D 2890 -94.49 -75.95 2.42
N LYS D 2891 -94.61 -76.91 1.51
CA LYS D 2891 -94.21 -76.68 0.14
C LYS D 2891 -95.24 -75.88 -0.63
N GLN D 2892 -96.47 -75.77 -0.11
CA GLN D 2892 -97.45 -74.91 -0.76
C GLN D 2892 -97.01 -73.45 -0.68
N GLU D 2893 -96.50 -73.05 0.49
CA GLU D 2893 -95.93 -71.72 0.63
C GLU D 2893 -94.53 -71.63 0.03
N LEU D 2894 -93.82 -72.76 -0.07
CA LEU D 2894 -92.46 -72.76 -0.61
C LEU D 2894 -92.42 -72.78 -2.14
N GLU D 2895 -93.52 -73.09 -2.80
CA GLU D 2895 -93.56 -73.18 -4.26
C GLU D 2895 -93.78 -71.85 -4.94
N ALA D 2896 -93.92 -70.76 -4.18
CA ALA D 2896 -94.23 -69.46 -4.76
C ALA D 2896 -92.97 -68.70 -5.19
N LYS D 2897 -91.78 -69.25 -4.96
CA LYS D 2897 -90.55 -68.63 -5.41
C LYS D 2897 -89.78 -69.46 -6.43
N GLY D 2898 -89.90 -70.79 -6.40
CA GLY D 2898 -89.30 -71.63 -7.41
C GLY D 2898 -87.83 -71.93 -7.23
N GLY D 2899 -87.20 -71.49 -6.15
CA GLY D 2899 -85.81 -71.80 -5.93
C GLY D 2899 -85.47 -71.96 -4.46
N GLY D 2900 -84.90 -73.09 -4.10
CA GLY D 2900 -84.58 -73.42 -2.73
C GLY D 2900 -85.49 -74.51 -2.19
N THR D 2901 -85.14 -74.99 -1.00
CA THR D 2901 -85.91 -76.04 -0.36
C THR D 2901 -85.74 -75.97 1.15
N HIS D 2902 -86.78 -76.39 1.86
CA HIS D 2902 -86.75 -76.44 3.32
C HIS D 2902 -85.89 -77.60 3.78
N PRO D 2903 -85.17 -77.45 4.90
CA PRO D 2903 -84.36 -78.57 5.42
C PRO D 2903 -85.18 -79.81 5.78
N LEU D 2904 -86.45 -79.65 6.13
CA LEU D 2904 -87.31 -80.77 6.47
C LEU D 2904 -88.07 -81.31 5.26
N LEU D 2905 -87.82 -80.79 4.07
CA LEU D 2905 -88.43 -81.30 2.84
C LEU D 2905 -87.69 -82.53 2.31
N VAL D 2906 -87.61 -83.55 3.15
CA VAL D 2906 -87.00 -84.84 2.79
C VAL D 2906 -87.98 -85.93 3.20
N PRO D 2907 -87.98 -87.09 2.53
CA PRO D 2907 -88.83 -88.20 2.96
C PRO D 2907 -88.42 -88.73 4.33
N TYR D 2908 -89.37 -89.42 4.98
CA TYR D 2908 -89.18 -89.95 6.32
C TYR D 2908 -88.12 -91.06 6.41
N ASP D 2909 -87.71 -91.65 5.29
CA ASP D 2909 -86.74 -92.72 5.31
C ASP D 2909 -85.31 -92.20 5.32
N THR D 2910 -85.01 -91.18 4.49
CA THR D 2910 -83.65 -90.63 4.41
C THR D 2910 -83.25 -89.98 5.73
N LEU D 2911 -84.17 -89.28 6.38
CA LEU D 2911 -83.88 -88.59 7.63
C LEU D 2911 -83.61 -89.56 8.77
N THR D 2912 -82.63 -89.23 9.59
CA THR D 2912 -82.33 -90.02 10.78
C THR D 2912 -83.09 -89.45 11.98
N ALA D 2913 -82.72 -89.87 13.19
CA ALA D 2913 -83.47 -89.53 14.41
C ALA D 2913 -83.42 -88.06 14.79
N LYS D 2914 -82.51 -87.26 14.21
CA LYS D 2914 -82.37 -85.86 14.59
C LYS D 2914 -83.62 -85.05 14.25
N GLU D 2915 -84.33 -85.42 13.19
CA GLU D 2915 -85.58 -84.80 12.78
C GLU D 2915 -86.68 -85.83 12.62
N LYS D 2916 -86.62 -86.91 13.39
CA LYS D 2916 -87.61 -87.98 13.35
C LYS D 2916 -88.40 -88.11 14.65
N ALA D 2917 -87.78 -87.79 15.79
CA ALA D 2917 -88.39 -88.03 17.09
C ALA D 2917 -89.66 -87.20 17.31
N ARG D 2918 -89.79 -86.07 16.63
CA ARG D 2918 -90.97 -85.20 16.77
C ARG D 2918 -92.25 -85.94 16.40
N ASP D 2919 -92.24 -86.64 15.26
CA ASP D 2919 -93.36 -87.49 14.89
C ASP D 2919 -93.29 -88.88 15.52
N ARG D 2920 -92.08 -89.38 15.80
CA ARG D 2920 -91.91 -90.70 16.41
C ARG D 2920 -92.56 -90.78 17.79
N GLU D 2921 -92.23 -89.84 18.67
CA GLU D 2921 -92.80 -89.80 20.02
C GLU D 2921 -94.31 -89.60 20.00
N LYS D 2922 -94.80 -88.74 19.11
CA LYS D 2922 -96.24 -88.53 18.94
C LYS D 2922 -96.94 -89.82 18.51
N ALA D 2923 -96.40 -90.52 17.51
CA ALA D 2923 -96.96 -91.79 17.05
C ALA D 2923 -96.90 -92.87 18.12
N GLN D 2924 -95.77 -92.95 18.83
CA GLN D 2924 -95.62 -93.93 19.92
C GLN D 2924 -96.58 -93.64 21.07
N GLU D 2925 -96.76 -92.37 21.43
CA GLU D 2925 -97.73 -92.00 22.47
C GLU D 2925 -99.15 -92.31 22.04
N LEU D 2926 -99.49 -92.06 20.76
CA LEU D 2926 -100.80 -92.41 20.21
C LEU D 2926 -101.02 -93.92 20.26
N LEU D 2927 -100.01 -94.69 19.88
CA LEU D 2927 -100.17 -96.13 19.77
C LEU D 2927 -100.17 -96.80 21.13
N LYS D 2928 -99.38 -96.28 22.09
CA LYS D 2928 -99.51 -96.73 23.47
C LYS D 2928 -100.89 -96.39 24.00
N PHE D 2929 -101.39 -95.17 23.69
CA PHE D 2929 -102.70 -94.76 24.15
C PHE D 2929 -103.78 -95.67 23.59
N LEU D 2930 -103.51 -96.29 22.43
CA LEU D 2930 -104.39 -97.34 21.93
C LEU D 2930 -104.17 -98.63 22.69
N GLN D 2931 -102.95 -98.81 23.23
CA GLN D 2931 -102.59 -100.11 23.78
C GLN D 2931 -103.24 -100.32 25.14
N MET D 2932 -102.92 -99.45 26.12
CA MET D 2932 -103.49 -99.68 27.47
C MET D 2932 -105.02 -99.57 27.48
N ASN D 2933 -105.59 -98.78 26.55
CA ASN D 2933 -107.03 -98.84 26.33
C ASN D 2933 -107.43 -100.22 25.82
N GLY D 2934 -106.65 -100.79 24.90
CA GLY D 2934 -106.99 -102.10 24.37
C GLY D 2934 -107.37 -102.12 22.91
N TYR D 2935 -106.74 -101.28 22.10
CA TYR D 2935 -106.99 -101.22 20.67
C TYR D 2935 -105.88 -101.94 19.94
N ALA D 2936 -106.26 -102.74 18.94
CA ALA D 2936 -105.30 -103.41 18.06
C ALA D 2936 -105.66 -103.11 16.62
N VAL D 2937 -104.66 -102.69 15.84
CA VAL D 2937 -104.84 -102.32 14.44
C VAL D 2937 -104.04 -103.31 13.61
N THR D 2938 -104.71 -104.00 12.68
CA THR D 2938 -104.09 -104.96 11.79
C THR D 2938 -104.81 -104.89 10.45
N ARG D 2939 -104.06 -105.07 9.35
CA ARG D 2939 -104.61 -105.01 8.00
C ARG D 2939 -105.61 -106.14 7.74
N LEU D 2946 -91.90 -108.84 6.61
CA LEU D 2946 -92.79 -109.51 7.56
C LEU D 2946 -92.07 -110.73 8.12
N ASP D 2947 -91.73 -110.64 9.42
CA ASP D 2947 -91.01 -111.67 10.18
C ASP D 2947 -89.69 -112.04 9.51
N THR D 2948 -88.79 -111.06 9.47
CA THR D 2948 -87.45 -111.24 8.95
C THR D 2948 -86.45 -111.43 10.07
N SER D 2949 -85.40 -112.20 9.79
CA SER D 2949 -84.35 -112.48 10.76
C SER D 2949 -83.09 -111.70 10.41
N SER D 2950 -82.11 -111.79 11.31
CA SER D 2950 -80.83 -111.11 11.13
C SER D 2950 -80.08 -111.61 9.90
N ILE D 2951 -80.29 -112.88 9.54
CA ILE D 2951 -79.67 -113.40 8.32
C ILE D 2951 -80.32 -112.78 7.10
N GLU D 2952 -81.66 -112.68 7.10
CA GLU D 2952 -82.37 -112.14 5.95
C GLU D 2952 -82.18 -110.64 5.78
N LYS D 2953 -81.87 -109.92 6.87
CA LYS D 2953 -81.65 -108.49 6.78
C LYS D 2953 -80.29 -108.12 6.18
N ARG D 2954 -79.38 -109.09 6.02
CA ARG D 2954 -78.05 -108.80 5.51
C ARG D 2954 -78.07 -108.30 4.08
N PHE D 2955 -77.16 -107.36 3.81
CA PHE D 2955 -77.02 -106.82 2.46
C PHE D 2955 -76.54 -107.88 1.47
N ALA D 2956 -75.54 -108.69 1.86
CA ALA D 2956 -75.09 -109.77 0.98
C ALA D 2956 -76.18 -110.81 0.76
N PHE D 2957 -77.03 -111.04 1.76
CA PHE D 2957 -78.18 -111.92 1.62
C PHE D 2957 -79.14 -111.40 0.56
N GLY D 2958 -79.54 -110.13 0.66
CA GLY D 2958 -80.45 -109.56 -0.32
C GLY D 2958 -79.80 -109.45 -1.69
N PHE D 2959 -78.50 -109.13 -1.71
CA PHE D 2959 -77.77 -108.96 -2.97
C PHE D 2959 -77.70 -110.26 -3.73
N LEU D 2960 -77.29 -111.34 -3.05
CA LEU D 2960 -77.24 -112.65 -3.69
C LEU D 2960 -78.63 -113.16 -4.04
N GLN D 2961 -79.65 -112.80 -3.25
CA GLN D 2961 -81.04 -113.13 -3.60
C GLN D 2961 -81.43 -112.52 -4.94
N GLN D 2962 -81.11 -111.24 -5.13
CA GLN D 2962 -81.33 -110.57 -6.41
C GLN D 2962 -80.48 -111.17 -7.53
N LEU D 2963 -79.22 -111.52 -7.22
CA LEU D 2963 -78.34 -112.12 -8.22
C LEU D 2963 -78.87 -113.46 -8.70
N LEU D 2964 -79.37 -114.29 -7.78
CA LEU D 2964 -80.03 -115.54 -8.15
C LEU D 2964 -81.29 -115.30 -8.96
N ARG D 2965 -82.07 -114.26 -8.59
CA ARG D 2965 -83.27 -113.91 -9.35
C ARG D 2965 -82.93 -113.50 -10.78
N TRP D 2966 -81.87 -112.72 -10.97
CA TRP D 2966 -81.43 -112.39 -12.33
C TRP D 2966 -80.68 -113.54 -12.98
N MET D 2967 -80.22 -114.49 -12.18
CA MET D 2967 -79.52 -115.66 -12.70
C MET D 2967 -80.48 -116.57 -13.44
N ASP D 2968 -81.64 -116.85 -12.82
CA ASP D 2968 -82.61 -117.72 -13.48
C ASP D 2968 -83.14 -117.06 -14.75
N ILE D 2969 -83.30 -115.72 -14.73
CA ILE D 2969 -83.65 -114.97 -15.93
C ILE D 2969 -82.58 -115.14 -17.01
N SER D 2970 -81.31 -115.13 -16.60
CA SER D 2970 -80.22 -115.36 -17.55
C SER D 2970 -80.29 -116.75 -18.17
N GLN D 2971 -80.60 -117.76 -17.35
CA GLN D 2971 -80.83 -119.12 -17.90
C GLN D 2971 -82.03 -119.14 -18.81
N GLU D 2972 -83.00 -118.26 -18.53
CA GLU D 2972 -84.25 -118.24 -19.28
C GLU D 2972 -83.96 -117.75 -20.70
N PHE D 2973 -83.22 -116.63 -20.81
CA PHE D 2973 -83.08 -116.04 -22.13
C PHE D 2973 -81.99 -116.70 -22.96
N ILE D 2974 -80.99 -117.36 -22.32
CA ILE D 2974 -79.92 -117.96 -23.12
C ILE D 2974 -80.47 -119.05 -24.05
N ALA D 2975 -81.33 -119.94 -23.53
CA ALA D 2975 -81.93 -121.01 -24.34
C ALA D 2975 -82.78 -120.46 -25.47
N HIS D 2976 -83.46 -119.33 -25.25
CA HIS D 2976 -84.14 -118.63 -26.33
C HIS D 2976 -83.16 -118.15 -27.39
N LEU D 2977 -82.02 -117.59 -26.96
CA LEU D 2977 -81.00 -117.16 -27.91
C LEU D 2977 -80.42 -118.34 -28.71
N GLU D 2978 -80.18 -119.47 -28.05
CA GLU D 2978 -79.66 -120.66 -28.73
C GLU D 2978 -80.68 -121.20 -29.72
N ALA D 2979 -81.96 -121.19 -29.34
CA ALA D 2979 -83.01 -121.68 -30.22
C ALA D 2979 -83.13 -120.81 -31.45
N VAL D 2980 -83.09 -119.48 -31.28
CA VAL D 2980 -83.27 -118.61 -32.44
C VAL D 2980 -82.00 -118.47 -33.25
N VAL D 2981 -80.85 -118.88 -32.71
CA VAL D 2981 -79.62 -118.80 -33.49
C VAL D 2981 -79.41 -120.10 -34.27
N SER D 2982 -79.85 -121.25 -33.75
CA SER D 2982 -79.69 -122.51 -34.45
C SER D 2982 -80.92 -122.97 -35.22
N SER D 2983 -82.04 -122.24 -35.14
CA SER D 2983 -83.24 -122.63 -35.88
C SER D 2983 -84.18 -121.44 -35.99
N GLY D 2984 -84.71 -121.21 -37.18
CA GLY D 2984 -85.58 -120.07 -37.41
C GLY D 2984 -84.90 -118.74 -37.14
N ARG D 2985 -83.95 -118.37 -38.01
CA ARG D 2985 -83.11 -117.18 -37.81
C ARG D 2985 -83.89 -115.89 -37.65
N VAL D 2986 -83.87 -115.35 -36.44
CA VAL D 2986 -84.52 -114.08 -36.12
C VAL D 2986 -83.68 -113.40 -35.05
N GLU D 2987 -83.46 -112.09 -35.24
CA GLU D 2987 -82.60 -111.30 -34.36
C GLU D 2987 -83.38 -110.18 -33.68
N LYS D 2988 -84.67 -110.41 -33.45
CA LYS D 2988 -85.50 -109.42 -32.77
C LYS D 2988 -85.03 -109.21 -31.33
N SER D 2989 -84.70 -110.30 -30.63
CA SER D 2989 -84.19 -110.34 -29.26
C SER D 2989 -85.09 -109.57 -28.28
N PRO D 2990 -86.25 -110.12 -27.91
CA PRO D 2990 -87.15 -109.40 -26.98
C PRO D 2990 -86.56 -109.11 -25.61
N HIS D 2991 -85.53 -109.84 -25.20
CA HIS D 2991 -84.89 -109.67 -23.89
C HIS D 2991 -83.52 -109.03 -24.01
N GLU D 2992 -83.28 -108.26 -25.08
CA GLU D 2992 -81.99 -107.60 -25.29
C GLU D 2992 -81.69 -106.58 -24.20
N GLN D 2993 -82.73 -105.98 -23.60
CA GLN D 2993 -82.53 -105.12 -22.43
C GLN D 2993 -81.92 -105.90 -21.28
N GLU D 2994 -82.40 -107.12 -21.04
CA GLU D 2994 -81.80 -108.00 -20.06
C GLU D 2994 -80.40 -108.44 -20.46
N ILE D 2995 -80.18 -108.73 -21.75
CA ILE D 2995 -78.87 -109.17 -22.23
C ILE D 2995 -77.82 -108.07 -21.99
N LYS D 2996 -78.15 -106.84 -22.36
CA LYS D 2996 -77.28 -105.70 -22.12
C LYS D 2996 -77.08 -105.41 -20.64
N PHE D 2997 -78.16 -105.53 -19.85
CA PHE D 2997 -78.05 -105.33 -18.41
C PHE D 2997 -77.15 -106.37 -17.76
N PHE D 2998 -77.28 -107.63 -18.17
CA PHE D 2998 -76.44 -108.69 -17.63
C PHE D 2998 -74.99 -108.49 -18.06
N ALA D 2999 -74.76 -108.31 -19.35
CA ALA D 2999 -73.42 -108.30 -19.90
C ALA D 2999 -72.64 -107.04 -19.55
N LYS D 3000 -73.35 -105.97 -19.15
CA LYS D 3000 -72.68 -104.72 -18.85
C LYS D 3000 -72.73 -104.35 -17.39
N ILE D 3001 -73.58 -105.01 -16.57
CA ILE D 3001 -73.72 -104.70 -15.16
C ILE D 3001 -73.41 -105.89 -14.28
N LEU D 3002 -74.04 -107.05 -14.55
CA LEU D 3002 -73.85 -108.21 -13.69
C LEU D 3002 -72.41 -108.72 -13.71
N LEU D 3003 -71.77 -108.75 -14.88
CA LEU D 3003 -70.38 -109.21 -14.94
C LEU D 3003 -69.41 -108.31 -14.18
N PRO D 3004 -69.40 -106.96 -14.33
CA PRO D 3004 -68.45 -106.19 -13.52
C PRO D 3004 -68.83 -106.14 -12.05
N LEU D 3005 -70.12 -106.02 -11.72
CA LEU D 3005 -70.51 -105.90 -10.31
C LEU D 3005 -70.14 -107.16 -9.54
N ILE D 3006 -70.41 -108.35 -10.11
CA ILE D 3006 -70.01 -109.61 -9.48
C ILE D 3006 -68.50 -109.70 -9.40
N ASN D 3007 -67.79 -109.21 -10.44
CA ASN D 3007 -66.33 -109.22 -10.43
C ASN D 3007 -65.77 -108.40 -9.26
N GLN D 3008 -66.32 -107.20 -9.06
CA GLN D 3008 -65.70 -106.30 -8.09
C GLN D 3008 -66.22 -106.56 -6.68
N TYR D 3009 -67.50 -106.91 -6.54
CA TYR D 3009 -68.10 -107.12 -5.22
C TYR D 3009 -67.39 -108.26 -4.51
N PHE D 3010 -67.18 -109.37 -5.23
CA PHE D 3010 -66.47 -110.46 -4.59
C PHE D 3010 -64.95 -110.27 -4.63
N THR D 3011 -64.44 -109.32 -5.44
CA THR D 3011 -63.03 -108.96 -5.31
C THR D 3011 -62.79 -108.30 -3.97
N ASN D 3012 -63.66 -107.37 -3.59
CA ASN D 3012 -63.49 -106.69 -2.30
C ASN D 3012 -63.91 -107.59 -1.14
N HIS D 3013 -65.02 -108.30 -1.27
CA HIS D 3013 -65.56 -109.13 -0.19
C HIS D 3013 -65.19 -110.60 -0.33
N CYS D 3014 -64.03 -110.89 -0.93
CA CYS D 3014 -63.60 -112.27 -1.12
C CYS D 3014 -63.40 -113.00 0.21
N LEU D 3015 -62.83 -112.31 1.20
CA LEU D 3015 -62.58 -112.92 2.50
C LEU D 3015 -63.84 -113.07 3.34
N TYR D 3016 -64.83 -112.20 3.16
CA TYR D 3016 -66.06 -112.24 3.96
C TYR D 3016 -66.83 -113.54 3.75
N PHE D 3017 -67.00 -113.93 2.48
CA PHE D 3017 -67.70 -115.18 2.18
C PHE D 3017 -66.82 -116.38 2.47
N LEU D 3018 -65.51 -116.24 2.29
CA LEU D 3018 -64.59 -117.29 2.71
C LEU D 3018 -64.49 -117.42 4.22
N SER D 3019 -64.89 -116.38 4.97
CA SER D 3019 -64.78 -116.41 6.42
C SER D 3019 -65.76 -117.42 7.01
N THR D 3020 -65.29 -118.16 7.99
CA THR D 3020 -66.07 -119.06 8.83
C THR D 3020 -65.83 -118.66 10.28
N PRO D 3021 -66.81 -118.90 11.17
CA PRO D 3021 -66.58 -118.58 12.60
C PRO D 3021 -65.39 -119.29 13.22
N ALA D 3022 -65.04 -120.48 12.75
CA ALA D 3022 -63.86 -121.19 13.24
C ALA D 3022 -62.57 -120.46 12.88
N LYS D 3023 -62.47 -119.94 11.65
CA LYS D 3023 -61.26 -119.28 11.17
C LYS D 3023 -61.66 -117.96 10.52
N VAL D 3024 -61.35 -116.85 11.18
CA VAL D 3024 -61.70 -115.52 10.70
C VAL D 3024 -60.57 -115.02 9.80
N LEU D 3025 -60.90 -114.75 8.54
CA LEU D 3025 -59.90 -114.33 7.55
C LEU D 3025 -59.80 -112.81 7.47
N GLY D 3026 -60.90 -112.14 7.14
CA GLY D 3026 -60.89 -110.69 6.98
C GLY D 3026 -60.90 -109.96 8.31
N SER D 3027 -61.16 -108.65 8.22
CA SER D 3027 -61.23 -107.80 9.41
C SER D 3027 -62.35 -108.25 10.34
N GLY D 3028 -63.52 -108.55 9.78
CA GLY D 3028 -64.64 -108.98 10.58
C GLY D 3028 -65.76 -109.45 9.68
N GLY D 3029 -66.75 -110.09 10.31
CA GLY D 3029 -67.91 -110.56 9.58
C GLY D 3029 -67.66 -111.86 8.85
N HIS D 3030 -68.51 -112.84 9.07
CA HIS D 3030 -68.43 -114.11 8.36
C HIS D 3030 -69.79 -114.41 7.75
N ALA D 3031 -69.77 -114.89 6.50
CA ALA D 3031 -71.01 -115.14 5.78
C ALA D 3031 -71.80 -116.26 6.46
N SER D 3032 -73.12 -116.19 6.35
CA SER D 3032 -73.93 -117.26 6.89
C SER D 3032 -73.85 -118.50 5.99
N ASN D 3033 -74.36 -119.60 6.53
CA ASN D 3033 -74.40 -120.86 5.81
C ASN D 3033 -75.25 -120.75 4.55
N LYS D 3034 -76.40 -120.07 4.67
CA LYS D 3034 -77.29 -119.86 3.53
C LYS D 3034 -76.60 -119.07 2.42
N GLU D 3035 -75.90 -117.99 2.78
CA GLU D 3035 -75.17 -117.18 1.80
C GLU D 3035 -74.07 -117.98 1.11
N LYS D 3036 -73.35 -118.82 1.86
CA LYS D 3036 -72.34 -119.70 1.27
C LYS D 3036 -72.97 -120.73 0.32
N GLU D 3037 -74.20 -121.15 0.61
CA GLU D 3037 -74.90 -122.03 -0.32
C GLU D 3037 -75.36 -121.26 -1.55
N MET D 3038 -75.89 -120.06 -1.37
CA MET D 3038 -76.36 -119.26 -2.51
C MET D 3038 -75.23 -118.93 -3.46
N ILE D 3039 -74.05 -118.58 -2.94
CA ILE D 3039 -72.89 -118.33 -3.80
C ILE D 3039 -72.42 -119.62 -4.48
N THR D 3040 -72.48 -120.77 -3.78
CA THR D 3040 -72.10 -122.04 -4.41
C THR D 3040 -73.05 -122.41 -5.54
N SER D 3041 -74.35 -122.24 -5.30
CA SER D 3041 -75.37 -122.47 -6.32
C SER D 3041 -75.18 -121.53 -7.49
N LEU D 3042 -74.92 -120.25 -7.22
CA LEU D 3042 -74.71 -119.27 -8.27
C LEU D 3042 -73.48 -119.60 -9.11
N PHE D 3043 -72.44 -120.16 -8.47
CA PHE D 3043 -71.25 -120.60 -9.17
C PHE D 3043 -71.56 -121.73 -10.15
N CYS D 3044 -72.27 -122.77 -9.66
CA CYS D 3044 -72.57 -123.91 -10.52
C CYS D 3044 -73.53 -123.52 -11.63
N LYS D 3045 -74.52 -122.67 -11.31
CA LYS D 3045 -75.45 -122.17 -12.30
C LYS D 3045 -74.72 -121.39 -13.38
N LEU D 3046 -73.74 -120.57 -12.99
CA LEU D 3046 -73.00 -119.77 -13.97
C LEU D 3046 -72.22 -120.69 -14.89
N ALA D 3047 -71.65 -121.76 -14.32
CA ALA D 3047 -70.86 -122.71 -15.09
C ALA D 3047 -71.72 -123.38 -16.14
N ALA D 3048 -72.94 -123.79 -15.76
CA ALA D 3048 -73.82 -124.38 -16.77
C ALA D 3048 -74.42 -123.32 -17.68
N LEU D 3049 -74.49 -122.06 -17.22
CA LEU D 3049 -74.98 -120.96 -18.04
C LEU D 3049 -74.09 -120.74 -19.24
N VAL D 3050 -72.77 -120.83 -19.01
CA VAL D 3050 -71.81 -120.60 -20.07
C VAL D 3050 -71.38 -121.91 -20.74
N ARG D 3051 -71.87 -123.06 -20.24
CA ARG D 3051 -71.40 -124.35 -20.75
C ARG D 3051 -71.76 -124.55 -22.23
N HIS D 3052 -70.71 -124.66 -23.07
CA HIS D 3052 -70.80 -124.86 -24.52
C HIS D 3052 -71.47 -123.69 -25.24
N ARG D 3053 -71.40 -122.48 -24.67
CA ARG D 3053 -71.98 -121.28 -25.28
C ARG D 3053 -70.97 -120.13 -25.30
N VAL D 3054 -69.69 -120.44 -25.49
CA VAL D 3054 -68.65 -119.41 -25.46
C VAL D 3054 -68.76 -118.47 -26.67
N SER D 3055 -69.12 -119.00 -27.84
CA SER D 3055 -69.19 -118.18 -29.04
C SER D 3055 -70.47 -117.36 -29.14
N LEU D 3056 -71.49 -117.67 -28.34
CA LEU D 3056 -72.77 -116.97 -28.39
C LEU D 3056 -72.80 -115.70 -27.55
N PHE D 3057 -71.81 -115.49 -26.69
CA PHE D 3057 -71.78 -114.30 -25.84
C PHE D 3057 -70.83 -113.23 -26.35
N GLY D 3058 -70.23 -113.42 -27.52
CA GLY D 3058 -69.27 -112.47 -28.04
C GLY D 3058 -68.01 -112.37 -27.19
N THR D 3059 -67.70 -111.17 -26.71
CA THR D 3059 -66.51 -110.94 -25.90
C THR D 3059 -66.84 -110.72 -24.43
N ASP D 3060 -68.04 -111.14 -23.99
CA ASP D 3060 -68.38 -111.10 -22.58
C ASP D 3060 -67.80 -112.29 -21.82
N ALA D 3061 -67.32 -113.30 -22.55
CA ALA D 3061 -66.70 -114.47 -21.94
C ALA D 3061 -65.50 -114.17 -21.03
N PRO D 3062 -64.54 -113.27 -21.36
CA PRO D 3062 -63.50 -112.97 -20.35
C PRO D 3062 -64.05 -112.46 -19.03
N ALA D 3063 -65.10 -111.64 -19.07
CA ALA D 3063 -65.76 -111.16 -17.85
C ALA D 3063 -66.40 -112.32 -17.10
N VAL D 3064 -66.99 -113.26 -17.83
CA VAL D 3064 -67.63 -114.41 -17.19
C VAL D 3064 -66.57 -115.28 -16.52
N VAL D 3065 -65.49 -115.60 -17.24
CA VAL D 3065 -64.50 -116.51 -16.68
C VAL D 3065 -63.78 -115.86 -15.50
N ASN D 3066 -63.57 -114.54 -15.53
CA ASN D 3066 -62.97 -113.84 -14.40
C ASN D 3066 -63.86 -113.92 -13.16
N CYS D 3067 -65.17 -113.72 -13.34
CA CYS D 3067 -66.11 -113.90 -12.23
C CYS D 3067 -66.12 -115.33 -11.72
N LEU D 3068 -66.16 -116.30 -12.64
CA LEU D 3068 -66.21 -117.71 -12.24
C LEU D 3068 -64.91 -118.15 -11.57
N HIS D 3069 -63.78 -117.50 -11.91
CA HIS D 3069 -62.52 -117.65 -11.20
C HIS D 3069 -62.61 -117.10 -9.79
N ILE D 3070 -63.13 -115.89 -9.64
CA ILE D 3070 -63.21 -115.28 -8.31
C ILE D 3070 -64.17 -116.06 -7.42
N LEU D 3071 -65.29 -116.54 -7.99
CA LEU D 3071 -66.22 -117.37 -7.23
C LEU D 3071 -65.57 -118.65 -6.74
N ALA D 3072 -64.77 -119.30 -7.62
CA ALA D 3072 -64.03 -120.49 -7.25
C ALA D 3072 -63.03 -120.19 -6.14
N ARG D 3073 -62.34 -119.05 -6.24
CA ARG D 3073 -61.42 -118.68 -5.18
C ARG D 3073 -62.15 -118.29 -3.91
N SER D 3074 -63.41 -117.88 -4.02
CA SER D 3074 -64.20 -117.39 -2.89
C SER D 3074 -65.33 -118.34 -2.49
N LEU D 3075 -65.08 -119.66 -2.56
CA LEU D 3075 -66.08 -120.66 -2.17
C LEU D 3075 -65.58 -121.41 -0.95
N ASP D 3076 -66.36 -121.40 0.12
CA ASP D 3076 -66.09 -122.23 1.30
C ASP D 3076 -66.91 -123.52 1.21
N ALA D 3077 -66.54 -124.32 0.20
CA ALA D 3077 -67.27 -125.55 -0.08
C ALA D 3077 -67.18 -126.57 1.05
N ARG D 3078 -66.18 -126.45 1.94
CA ARG D 3078 -66.12 -127.27 3.14
C ARG D 3078 -67.34 -127.01 4.02
N THR D 3079 -67.68 -125.74 4.21
CA THR D 3079 -68.81 -125.39 5.05
C THR D 3079 -70.10 -125.69 4.33
N VAL D 3080 -70.09 -125.61 2.99
CA VAL D 3080 -71.31 -125.89 2.23
C VAL D 3080 -71.66 -127.37 2.33
N MET D 3081 -70.66 -128.25 2.13
CA MET D 3081 -70.91 -129.68 2.19
C MET D 3081 -71.23 -130.10 3.63
N LYS D 3082 -70.50 -129.56 4.62
CA LYS D 3082 -70.77 -129.91 6.00
C LYS D 3082 -72.13 -129.42 6.46
N SER D 3083 -72.66 -128.37 5.81
CA SER D 3083 -73.98 -127.85 6.12
C SER D 3083 -74.51 -127.19 4.85
N GLY D 3084 -75.38 -127.90 4.14
CA GLY D 3084 -75.96 -127.44 2.90
C GLY D 3084 -77.11 -128.31 2.44
N PRO D 3085 -78.01 -127.74 1.64
CA PRO D 3085 -79.15 -128.51 1.13
C PRO D 3085 -78.76 -129.45 0.00
N GLU D 3086 -79.69 -130.36 -0.29
CA GLU D 3086 -79.48 -131.31 -1.38
C GLU D 3086 -79.46 -130.60 -2.73
N ILE D 3087 -80.24 -129.51 -2.89
CA ILE D 3087 -80.28 -128.78 -4.16
C ILE D 3087 -78.89 -128.19 -4.49
N VAL D 3088 -78.25 -127.57 -3.49
CA VAL D 3088 -76.91 -127.04 -3.66
C VAL D 3088 -75.89 -128.16 -3.87
N LYS D 3089 -75.99 -129.23 -3.05
CA LYS D 3089 -75.05 -130.33 -3.23
C LYS D 3089 -75.21 -131.00 -4.59
N ALA D 3090 -76.45 -131.08 -5.09
CA ALA D 3090 -76.72 -131.59 -6.43
C ALA D 3090 -76.10 -130.69 -7.48
N GLY D 3091 -76.13 -129.38 -7.25
CA GLY D 3091 -75.52 -128.45 -8.19
C GLY D 3091 -74.01 -128.62 -8.27
N LEU D 3092 -73.37 -128.80 -7.11
CA LEU D 3092 -71.91 -128.93 -7.09
C LEU D 3092 -71.48 -130.29 -7.66
N ARG D 3093 -72.20 -131.36 -7.28
CA ARG D 3093 -71.89 -132.69 -7.81
C ARG D 3093 -72.11 -132.73 -9.31
N SER D 3094 -73.17 -132.07 -9.81
CA SER D 3094 -73.36 -131.97 -11.25
C SER D 3094 -72.24 -131.17 -11.90
N PHE D 3095 -71.67 -130.19 -11.17
CA PHE D 3095 -70.57 -129.42 -11.72
C PHE D 3095 -69.36 -130.32 -11.97
N PHE D 3096 -69.05 -131.19 -11.00
CA PHE D 3096 -67.95 -132.12 -11.24
C PHE D 3096 -68.33 -133.18 -12.28
N GLU D 3097 -69.62 -133.51 -12.37
CA GLU D 3097 -70.10 -134.49 -13.34
C GLU D 3097 -69.86 -133.98 -14.76
N SER D 3098 -70.31 -132.75 -15.02
CA SER D 3098 -70.16 -132.13 -16.33
C SER D 3098 -68.69 -131.89 -16.64
N ALA D 3099 -67.89 -131.46 -15.64
CA ALA D 3099 -66.47 -131.24 -15.87
C ALA D 3099 -65.76 -132.53 -16.27
N SER D 3100 -66.10 -133.64 -15.61
CA SER D 3100 -65.57 -134.95 -15.98
C SER D 3100 -66.03 -135.37 -17.36
N GLU D 3101 -67.26 -135.02 -17.74
CA GLU D 3101 -67.75 -135.38 -19.07
C GLU D 3101 -67.00 -134.61 -20.13
N ASP D 3102 -66.84 -133.29 -19.94
CA ASP D 3102 -66.19 -132.45 -20.93
C ASP D 3102 -64.74 -132.86 -21.14
N ILE D 3103 -64.01 -133.13 -20.04
CA ILE D 3103 -62.63 -133.59 -20.20
C ILE D 3103 -62.59 -134.98 -20.85
N GLU D 3104 -63.56 -135.86 -20.55
CA GLU D 3104 -63.61 -137.15 -21.23
C GLU D 3104 -64.02 -137.03 -22.70
N LYS D 3105 -64.58 -135.88 -23.10
CA LYS D 3105 -64.89 -135.67 -24.50
C LYS D 3105 -63.71 -135.08 -25.25
N MET D 3106 -62.91 -134.23 -24.59
CA MET D 3106 -61.68 -133.79 -25.24
C MET D 3106 -60.67 -134.92 -25.40
N VAL D 3107 -60.54 -135.81 -24.41
CA VAL D 3107 -59.49 -136.83 -24.54
C VAL D 3107 -59.76 -137.76 -25.73
N GLU D 3108 -61.04 -138.06 -26.01
CA GLU D 3108 -61.37 -138.79 -27.24
C GLU D 3108 -61.35 -137.91 -28.49
N ASN D 3109 -61.55 -136.59 -28.38
CA ASN D 3109 -61.38 -135.74 -29.55
C ASN D 3109 -59.90 -135.54 -29.89
N LEU D 3110 -59.04 -135.46 -28.88
CA LEU D 3110 -57.60 -135.32 -29.03
C LEU D 3110 -56.89 -136.66 -29.20
N ARG D 3111 -57.62 -137.77 -29.08
CA ARG D 3111 -57.14 -139.10 -29.43
C ARG D 3111 -57.36 -139.39 -30.93
N LEU D 3112 -57.44 -138.34 -31.75
CA LEU D 3112 -57.67 -138.37 -33.19
C LEU D 3112 -59.04 -138.95 -33.55
N GLY D 3113 -59.99 -138.92 -32.62
CA GLY D 3113 -61.37 -139.22 -32.97
C GLY D 3113 -62.00 -138.18 -33.87
N LYS D 3114 -61.48 -136.96 -33.87
CA LYS D 3114 -61.89 -135.92 -34.79
C LYS D 3114 -60.63 -135.26 -35.35
N VAL D 3115 -60.72 -134.82 -36.60
CA VAL D 3115 -59.58 -134.20 -37.28
C VAL D 3115 -59.18 -132.90 -36.58
N SER D 3116 -60.15 -132.03 -36.33
CA SER D 3116 -60.00 -130.74 -35.65
C SER D 3116 -58.88 -129.85 -36.19
N LYS D 3123 -68.59 -128.56 -36.14
CA LYS D 3123 -69.61 -129.33 -35.43
C LYS D 3123 -69.48 -129.11 -33.93
N GLY D 3124 -70.18 -129.93 -33.14
CA GLY D 3124 -70.15 -129.80 -31.69
C GLY D 3124 -68.81 -130.10 -31.07
N VAL D 3125 -67.94 -130.82 -31.79
CA VAL D 3125 -66.59 -131.10 -31.32
C VAL D 3125 -65.81 -129.79 -31.16
N GLY D 3126 -65.96 -128.90 -32.14
CA GLY D 3126 -65.28 -127.61 -32.08
C GLY D 3126 -65.70 -126.79 -30.88
N GLN D 3127 -67.02 -126.76 -30.60
CA GLN D 3127 -67.56 -126.04 -29.44
C GLN D 3127 -67.05 -126.63 -28.13
N ASN D 3128 -67.02 -127.97 -28.05
CA ASN D 3128 -66.50 -128.63 -26.85
C ASN D 3128 -65.01 -128.32 -26.69
N LEU D 3129 -64.26 -128.33 -27.79
CA LEU D 3129 -62.83 -128.06 -27.75
C LEU D 3129 -62.55 -126.64 -27.28
N THR D 3130 -63.32 -125.68 -27.77
CA THR D 3130 -63.03 -124.29 -27.41
C THR D 3130 -63.70 -123.89 -26.11
N TYR D 3131 -64.57 -124.73 -25.54
CA TYR D 3131 -65.28 -124.30 -24.34
C TYR D 3131 -64.47 -124.53 -23.08
N THR D 3132 -64.14 -125.80 -22.78
CA THR D 3132 -63.51 -126.11 -21.48
C THR D 3132 -62.11 -125.53 -21.36
N THR D 3133 -61.23 -125.76 -22.35
CA THR D 3133 -59.83 -125.34 -22.26
C THR D 3133 -59.66 -123.82 -22.20
N VAL D 3134 -60.69 -123.06 -22.56
CA VAL D 3134 -60.67 -121.60 -22.50
C VAL D 3134 -61.39 -121.09 -21.26
N ALA D 3135 -62.60 -121.61 -20.99
CA ALA D 3135 -63.42 -121.16 -19.87
C ALA D 3135 -63.33 -122.08 -18.65
N LEU D 3136 -63.70 -123.34 -18.82
CA LEU D 3136 -63.89 -124.22 -17.66
C LEU D 3136 -62.57 -124.70 -17.08
N LEU D 3137 -61.64 -125.14 -17.95
CA LEU D 3137 -60.34 -125.66 -17.49
C LEU D 3137 -59.53 -124.63 -16.70
N PRO D 3138 -59.35 -123.36 -17.13
CA PRO D 3138 -58.71 -122.40 -16.20
C PRO D 3138 -59.50 -122.19 -14.92
N VAL D 3139 -60.83 -122.22 -15.00
CA VAL D 3139 -61.67 -122.11 -13.81
C VAL D 3139 -61.53 -123.34 -12.93
N LEU D 3140 -61.58 -124.54 -13.53
CA LEU D 3140 -61.41 -125.78 -12.77
C LEU D 3140 -60.03 -125.85 -12.11
N THR D 3141 -59.00 -125.44 -12.85
CA THR D 3141 -57.63 -125.34 -12.32
C THR D 3141 -57.55 -124.35 -11.16
N THR D 3142 -58.23 -123.20 -11.30
CA THR D 3142 -58.26 -122.20 -10.24
C THR D 3142 -59.00 -122.74 -9.01
N LEU D 3143 -60.09 -123.48 -9.23
CA LEU D 3143 -60.86 -124.06 -8.14
C LEU D 3143 -60.00 -125.06 -7.37
N PHE D 3144 -59.26 -125.91 -8.09
CA PHE D 3144 -58.36 -126.84 -7.42
C PHE D 3144 -57.22 -126.14 -6.70
N GLN D 3145 -56.76 -124.99 -7.24
CA GLN D 3145 -55.85 -124.12 -6.50
C GLN D 3145 -56.46 -123.66 -5.18
N HIS D 3146 -57.73 -123.24 -5.22
CA HIS D 3146 -58.44 -122.81 -4.02
C HIS D 3146 -58.58 -123.95 -3.02
N ILE D 3147 -58.88 -125.16 -3.52
CA ILE D 3147 -59.01 -126.32 -2.65
C ILE D 3147 -57.68 -126.63 -1.99
N ALA D 3148 -56.59 -126.58 -2.78
CA ALA D 3148 -55.26 -126.88 -2.26
C ALA D 3148 -54.82 -125.87 -1.21
N GLN D 3149 -55.23 -124.59 -1.36
CA GLN D 3149 -54.85 -123.55 -0.40
C GLN D 3149 -55.39 -123.85 0.99
N HIS D 3150 -56.70 -124.08 1.08
CA HIS D 3150 -57.37 -124.25 2.36
C HIS D 3150 -57.46 -125.69 2.81
N GLN D 3151 -56.95 -126.64 2.02
CA GLN D 3151 -57.09 -128.09 2.23
C GLN D 3151 -58.56 -128.50 2.36
N PHE D 3152 -59.36 -128.07 1.38
CA PHE D 3152 -60.76 -128.47 1.26
C PHE D 3152 -60.96 -129.83 0.61
N GLY D 3153 -59.88 -130.53 0.25
CA GLY D 3153 -60.02 -131.87 -0.32
C GLY D 3153 -60.68 -132.86 0.63
N ASP D 3154 -60.26 -132.87 1.90
CA ASP D 3154 -60.81 -133.81 2.88
C ASP D 3154 -62.28 -133.56 3.19
N ASP D 3155 -62.79 -132.35 2.91
CA ASP D 3155 -64.14 -131.98 3.29
C ASP D 3155 -65.16 -132.05 2.17
N VAL D 3156 -64.72 -131.94 0.92
CA VAL D 3156 -65.62 -131.90 -0.23
C VAL D 3156 -65.46 -133.13 -1.13
N ILE D 3157 -64.23 -133.57 -1.33
CA ILE D 3157 -63.96 -134.73 -2.18
C ILE D 3157 -64.13 -135.96 -1.29
N LEU D 3158 -65.38 -136.41 -1.17
CA LEU D 3158 -65.74 -137.46 -0.24
C LEU D 3158 -66.26 -138.73 -0.90
N ASP D 3159 -67.35 -138.67 -1.66
CA ASP D 3159 -67.97 -139.90 -2.18
C ASP D 3159 -68.02 -139.96 -3.70
N ASP D 3160 -68.61 -138.97 -4.37
CA ASP D 3160 -68.71 -138.99 -5.82
C ASP D 3160 -67.75 -138.02 -6.48
N VAL D 3161 -67.33 -136.97 -5.76
CA VAL D 3161 -66.27 -136.09 -6.24
C VAL D 3161 -64.99 -136.89 -6.40
N GLN D 3162 -64.77 -137.90 -5.55
CA GLN D 3162 -63.61 -138.77 -5.64
C GLN D 3162 -63.60 -139.50 -6.99
N VAL D 3163 -64.75 -140.07 -7.35
CA VAL D 3163 -64.93 -140.75 -8.64
C VAL D 3163 -64.72 -139.77 -9.79
N SER D 3164 -65.28 -138.56 -9.68
CA SER D 3164 -65.08 -137.51 -10.70
C SER D 3164 -63.60 -137.19 -10.88
N CYS D 3165 -62.86 -137.14 -9.78
CA CYS D 3165 -61.41 -136.96 -9.81
C CYS D 3165 -60.72 -138.13 -10.50
N TYR D 3166 -61.15 -139.37 -10.19
CA TYR D 3166 -60.54 -140.53 -10.83
C TYR D 3166 -60.78 -140.53 -12.34
N ARG D 3167 -62.00 -140.17 -12.76
CA ARG D 3167 -62.33 -140.14 -14.18
C ARG D 3167 -61.50 -139.10 -14.91
N THR D 3168 -61.35 -137.91 -14.30
CA THR D 3168 -60.54 -136.87 -14.90
C THR D 3168 -59.06 -137.28 -14.93
N LEU D 3169 -58.58 -137.90 -13.85
CA LEU D 3169 -57.17 -138.29 -13.75
C LEU D 3169 -56.82 -139.30 -14.82
N CYS D 3170 -57.70 -140.30 -15.02
CA CYS D 3170 -57.49 -141.33 -16.03
C CYS D 3170 -57.45 -140.70 -17.41
N SER D 3171 -58.40 -139.79 -17.67
CA SER D 3171 -58.56 -139.25 -19.02
C SER D 3171 -57.36 -138.36 -19.37
N ILE D 3172 -56.98 -137.46 -18.45
CA ILE D 3172 -55.86 -136.57 -18.72
C ILE D 3172 -54.57 -137.37 -18.85
N TYR D 3173 -54.36 -138.37 -17.96
CA TYR D 3173 -53.15 -139.18 -17.99
C TYR D 3173 -53.05 -140.02 -19.26
N SER D 3174 -54.15 -140.19 -20.00
CA SER D 3174 -54.11 -140.98 -21.22
C SER D 3174 -53.41 -140.26 -22.38
N LEU D 3175 -53.06 -138.99 -22.23
CA LEU D 3175 -52.49 -138.15 -23.28
C LEU D 3175 -50.98 -138.32 -23.46
N GLY D 3176 -50.35 -139.17 -22.65
CA GLY D 3176 -48.89 -139.24 -22.66
C GLY D 3176 -48.30 -139.78 -23.96
N THR D 3177 -48.87 -140.84 -24.50
CA THR D 3177 -48.31 -141.50 -25.68
C THR D 3177 -48.92 -141.02 -26.99
N THR D 3178 -49.82 -140.04 -26.96
CA THR D 3178 -50.44 -139.51 -28.16
C THR D 3178 -49.90 -138.13 -28.47
N LYS D 3179 -49.46 -137.92 -29.71
CA LYS D 3179 -48.86 -136.65 -30.14
C LYS D 3179 -49.75 -136.03 -31.21
N ASN D 3180 -50.27 -134.83 -30.92
CA ASN D 3180 -51.11 -134.08 -31.83
C ASN D 3180 -50.80 -132.60 -31.68
N THR D 3181 -51.27 -131.80 -32.64
CA THR D 3181 -51.09 -130.35 -32.59
C THR D 3181 -51.81 -129.74 -31.39
N TYR D 3182 -53.03 -130.20 -31.12
CA TYR D 3182 -53.79 -129.70 -29.98
C TYR D 3182 -53.17 -130.15 -28.67
N VAL D 3183 -52.69 -131.41 -28.62
CA VAL D 3183 -52.05 -131.91 -27.41
C VAL D 3183 -50.78 -131.12 -27.13
N GLU D 3184 -50.00 -130.84 -28.20
CA GLU D 3184 -48.75 -130.10 -28.07
C GLU D 3184 -49.00 -128.68 -27.55
N LYS D 3185 -50.01 -128.00 -28.10
CA LYS D 3185 -50.27 -126.64 -27.63
C LYS D 3185 -51.08 -126.60 -26.34
N LEU D 3186 -51.57 -127.74 -25.84
CA LEU D 3186 -52.30 -127.76 -24.58
C LEU D 3186 -51.61 -128.58 -23.49
N ARG D 3187 -50.36 -128.99 -23.70
CA ARG D 3187 -49.58 -129.65 -22.64
C ARG D 3187 -49.43 -128.81 -21.37
N PRO D 3188 -49.04 -127.52 -21.38
CA PRO D 3188 -48.93 -126.80 -20.09
C PRO D 3188 -50.24 -126.66 -19.33
N ALA D 3189 -51.31 -126.20 -20.00
CA ALA D 3189 -52.59 -126.00 -19.33
C ALA D 3189 -53.15 -127.28 -18.73
N LEU D 3190 -53.10 -128.39 -19.49
CA LEU D 3190 -53.52 -129.69 -18.97
C LEU D 3190 -52.63 -130.15 -17.82
N GLY D 3191 -51.31 -129.97 -17.95
CA GLY D 3191 -50.39 -130.36 -16.90
C GLY D 3191 -50.62 -129.59 -15.61
N GLU D 3192 -50.90 -128.30 -15.72
CA GLU D 3192 -51.21 -127.51 -14.52
C GLU D 3192 -52.60 -127.84 -13.99
N CYS D 3193 -53.53 -128.20 -14.87
CA CYS D 3193 -54.89 -128.55 -14.45
C CYS D 3193 -54.87 -129.81 -13.61
N LEU D 3194 -54.12 -130.81 -14.06
CA LEU D 3194 -54.04 -132.05 -13.31
C LEU D 3194 -53.14 -131.89 -12.09
N ALA D 3195 -52.09 -131.07 -12.17
CA ALA D 3195 -51.24 -130.84 -11.01
C ALA D 3195 -52.02 -130.19 -9.86
N ARG D 3196 -52.84 -129.19 -10.17
CA ARG D 3196 -53.75 -128.62 -9.18
C ARG D 3196 -54.77 -129.64 -8.69
N LEU D 3197 -55.29 -130.47 -9.60
CA LEU D 3197 -56.24 -131.51 -9.19
C LEU D 3197 -55.57 -132.52 -8.26
N ALA D 3198 -54.33 -132.90 -8.56
CA ALA D 3198 -53.56 -133.82 -7.71
C ALA D 3198 -53.32 -133.24 -6.33
N ALA D 3199 -52.98 -131.95 -6.26
CA ALA D 3199 -52.86 -131.28 -4.96
C ALA D 3199 -54.19 -131.20 -4.22
N ALA D 3200 -55.28 -130.91 -4.95
CA ALA D 3200 -56.61 -130.86 -4.37
C ALA D 3200 -57.14 -132.25 -4.01
N MET D 3201 -56.54 -133.29 -4.55
CA MET D 3201 -57.00 -134.65 -4.35
C MET D 3201 -56.57 -135.18 -2.99
N PRO D 3202 -57.50 -135.56 -2.11
CA PRO D 3202 -57.16 -136.08 -0.79
C PRO D 3202 -56.96 -137.59 -0.71
N VAL D 3203 -56.92 -138.29 -1.83
CA VAL D 3203 -56.90 -139.75 -1.83
C VAL D 3203 -55.57 -140.23 -2.41
N ALA D 3204 -55.04 -141.29 -1.82
CA ALA D 3204 -53.76 -141.86 -2.24
C ALA D 3204 -54.00 -142.69 -3.49
N PHE D 3205 -53.60 -142.16 -4.64
CA PHE D 3205 -53.74 -142.88 -5.90
C PHE D 3205 -52.43 -143.35 -6.49
N LEU D 3206 -51.32 -142.64 -6.24
CA LEU D 3206 -50.03 -143.11 -6.70
C LEU D 3206 -49.49 -144.24 -5.84
N GLU D 3207 -50.11 -144.50 -4.69
CA GLU D 3207 -49.81 -145.65 -3.85
C GLU D 3207 -51.11 -146.38 -3.51
N PRO D 3208 -51.74 -147.03 -4.51
CA PRO D 3208 -53.05 -147.66 -4.27
C PRO D 3208 -53.02 -148.83 -3.27
N GLN D 3209 -51.85 -149.47 -3.09
CA GLN D 3209 -51.74 -150.59 -2.17
C GLN D 3209 -51.96 -150.19 -0.71
N LEU D 3210 -51.81 -148.91 -0.37
CA LEU D 3210 -52.04 -148.42 0.98
C LEU D 3210 -53.28 -147.54 1.07
N ASN D 3211 -54.23 -147.72 0.16
CA ASN D 3211 -55.48 -146.95 0.19
C ASN D 3211 -56.37 -147.31 1.38
N GLU D 3212 -56.16 -148.48 2.00
CA GLU D 3212 -56.97 -148.89 3.13
C GLU D 3212 -56.71 -148.01 4.36
N TYR D 3213 -55.53 -147.42 4.47
CA TYR D 3213 -55.21 -146.59 5.62
C TYR D 3213 -55.85 -145.20 5.53
N ASN D 3214 -56.28 -144.81 4.33
CA ASN D 3214 -56.84 -143.48 4.07
C ASN D 3214 -58.31 -143.48 4.47
N ALA D 3215 -58.60 -142.90 5.64
CA ALA D 3215 -59.98 -142.74 6.10
C ALA D 3215 -60.80 -141.81 5.21
N CYS D 3216 -60.15 -140.90 4.50
CA CYS D 3216 -60.84 -140.01 3.55
C CYS D 3216 -60.86 -140.60 2.15
N SER D 3217 -61.32 -141.85 2.03
CA SER D 3217 -61.39 -142.54 0.76
C SER D 3217 -62.71 -143.29 0.63
N VAL D 3218 -63.11 -143.52 -0.63
CA VAL D 3218 -64.34 -144.25 -0.89
C VAL D 3218 -64.18 -145.73 -0.51
N TYR D 3219 -63.03 -146.32 -0.85
CA TYR D 3219 -62.83 -147.75 -0.62
C TYR D 3219 -62.76 -148.12 0.86
N THR D 3220 -62.62 -147.14 1.75
CA THR D 3220 -62.72 -147.33 3.19
C THR D 3220 -64.05 -146.87 3.79
N THR D 3221 -64.55 -145.70 3.38
CA THR D 3221 -65.82 -145.22 3.91
C THR D 3221 -67.00 -146.01 3.37
N LYS D 3222 -67.04 -146.22 2.06
CA LYS D 3222 -68.15 -146.89 1.41
C LYS D 3222 -68.14 -148.38 1.72
N SER D 3223 -69.30 -148.88 2.13
CA SER D 3223 -69.46 -150.31 2.42
C SER D 3223 -69.39 -151.11 1.13
N PRO D 3224 -68.90 -152.35 1.17
CA PRO D 3224 -68.69 -153.11 -0.08
C PRO D 3224 -69.96 -153.45 -0.87
N ARG D 3225 -71.16 -153.35 -0.29
CA ARG D 3225 -72.36 -153.74 -1.04
C ARG D 3225 -72.72 -152.74 -2.14
N GLU D 3226 -72.23 -151.51 -2.07
CA GLU D 3226 -72.30 -150.60 -3.21
C GLU D 3226 -71.01 -150.74 -4.01
N ARG D 3227 -70.72 -149.76 -4.90
CA ARG D 3227 -69.64 -149.70 -5.89
C ARG D 3227 -69.82 -150.70 -7.03
N ALA D 3228 -70.84 -151.56 -6.95
CA ALA D 3228 -71.26 -152.39 -8.06
C ALA D 3228 -72.61 -151.99 -8.60
N ILE D 3229 -73.43 -151.29 -7.80
CA ILE D 3229 -74.65 -150.68 -8.32
C ILE D 3229 -74.33 -149.60 -9.35
N LEU D 3230 -73.31 -148.78 -9.09
CA LEU D 3230 -72.78 -147.84 -10.07
C LEU D 3230 -71.48 -148.39 -10.62
N GLY D 3231 -71.27 -148.20 -11.93
CA GLY D 3231 -70.15 -148.79 -12.63
C GLY D 3231 -68.79 -148.38 -12.12
N LEU D 3232 -68.12 -149.30 -11.43
CA LEU D 3232 -66.80 -149.11 -10.88
C LEU D 3232 -66.00 -150.40 -11.06
N PRO D 3233 -64.67 -150.32 -11.17
CA PRO D 3233 -63.86 -151.53 -11.30
C PRO D 3233 -63.66 -152.32 -10.01
N ASN D 3234 -64.28 -151.89 -8.91
CA ASN D 3234 -64.30 -152.51 -7.57
C ASN D 3234 -62.94 -152.48 -6.85
N SER D 3235 -61.87 -152.01 -7.49
CA SER D 3235 -60.56 -151.97 -6.85
C SER D 3235 -59.89 -150.63 -7.08
N VAL D 3236 -59.22 -150.15 -6.03
CA VAL D 3236 -58.53 -148.87 -6.12
C VAL D 3236 -57.37 -148.97 -7.10
N GLU D 3237 -56.70 -150.13 -7.17
CA GLU D 3237 -55.63 -150.32 -8.13
C GLU D 3237 -56.16 -150.29 -9.57
N GLU D 3238 -57.46 -150.58 -9.76
CA GLU D 3238 -58.05 -150.66 -11.08
C GLU D 3238 -58.90 -149.45 -11.44
N MET D 3239 -58.98 -148.42 -10.59
CA MET D 3239 -59.71 -147.21 -10.97
C MET D 3239 -59.06 -146.53 -12.18
N CYS D 3240 -57.75 -146.28 -12.09
CA CYS D 3240 -56.97 -145.74 -13.20
C CYS D 3240 -55.81 -146.70 -13.43
N PRO D 3241 -56.04 -147.78 -14.19
CA PRO D 3241 -54.96 -148.76 -14.45
C PRO D 3241 -53.79 -148.19 -15.24
N ASP D 3242 -53.98 -147.08 -15.96
CA ASP D 3242 -52.87 -146.44 -16.67
C ASP D 3242 -51.88 -145.76 -15.73
N ILE D 3243 -52.20 -145.62 -14.45
CA ILE D 3243 -51.33 -144.97 -13.48
C ILE D 3243 -50.34 -146.01 -12.96
N PRO D 3244 -49.04 -145.83 -13.18
CA PRO D 3244 -48.07 -146.77 -12.60
C PRO D 3244 -47.95 -146.55 -11.09
N VAL D 3245 -47.20 -147.44 -10.44
CA VAL D 3245 -46.96 -147.28 -9.02
C VAL D 3245 -45.89 -146.20 -8.82
N LEU D 3246 -45.76 -145.75 -7.57
CA LEU D 3246 -44.80 -144.70 -7.24
C LEU D 3246 -43.37 -145.18 -7.47
N ASP D 3247 -43.10 -146.45 -7.15
CA ASP D 3247 -41.76 -147.01 -7.31
C ASP D 3247 -41.34 -147.03 -8.78
N ARG D 3248 -42.21 -147.55 -9.66
CA ARG D 3248 -41.94 -147.55 -11.09
C ARG D 3248 -41.82 -146.14 -11.66
N LEU D 3249 -42.69 -145.21 -11.22
CA LEU D 3249 -42.59 -143.81 -11.62
C LEU D 3249 -41.26 -143.19 -11.21
N MET D 3250 -40.80 -143.50 -10.00
CA MET D 3250 -39.51 -143.04 -9.51
C MET D 3250 -38.36 -143.64 -10.32
N ALA D 3251 -38.40 -144.94 -10.59
CA ALA D 3251 -37.34 -145.58 -11.37
C ALA D 3251 -37.35 -145.10 -12.82
N ASP D 3252 -38.52 -144.71 -13.33
CA ASP D 3252 -38.64 -144.10 -14.65
C ASP D 3252 -37.91 -142.78 -14.71
N ILE D 3253 -38.29 -141.83 -13.85
CA ILE D 3253 -37.69 -140.50 -13.88
C ILE D 3253 -36.21 -140.58 -13.53
N GLY D 3254 -35.84 -141.49 -12.62
CA GLY D 3254 -34.44 -141.67 -12.25
C GLY D 3254 -33.58 -142.16 -13.40
N GLY D 3255 -34.05 -143.18 -14.14
CA GLY D 3255 -33.33 -143.62 -15.31
C GLY D 3255 -33.31 -142.59 -16.43
N LEU D 3256 -34.41 -141.85 -16.59
CA LEU D 3256 -34.49 -140.83 -17.64
C LEU D 3256 -33.49 -139.71 -17.39
N ALA D 3257 -33.30 -139.33 -16.12
CA ALA D 3257 -32.39 -138.24 -15.79
C ALA D 3257 -30.96 -138.59 -16.16
N GLU D 3258 -30.49 -139.75 -15.70
CA GLU D 3258 -29.13 -140.19 -15.99
C GLU D 3258 -28.94 -140.55 -17.47
N SER D 3259 -30.02 -140.83 -18.20
CA SER D 3259 -29.89 -141.15 -19.63
C SER D 3259 -29.41 -139.94 -20.42
N GLY D 3260 -29.73 -138.73 -19.96
CA GLY D 3260 -29.36 -137.52 -20.67
C GLY D 3260 -30.26 -137.20 -21.84
N ALA D 3261 -31.50 -137.65 -21.80
CA ALA D 3261 -32.45 -137.39 -22.86
C ALA D 3261 -32.96 -135.95 -22.81
N ARG D 3262 -33.28 -135.41 -23.99
CA ARG D 3262 -33.72 -134.03 -24.14
C ARG D 3262 -35.23 -133.88 -23.95
N TYR D 3263 -35.69 -132.63 -23.98
CA TYR D 3263 -37.11 -132.35 -23.82
C TYR D 3263 -37.91 -132.84 -25.02
N THR D 3264 -37.28 -132.91 -26.19
CA THR D 3264 -37.94 -133.43 -27.38
C THR D 3264 -38.37 -134.88 -27.17
N GLU D 3265 -37.50 -135.68 -26.54
CA GLU D 3265 -37.82 -137.06 -26.20
C GLU D 3265 -38.42 -137.19 -24.80
N MET D 3266 -38.71 -136.08 -24.12
CA MET D 3266 -39.57 -136.09 -22.93
C MET D 3266 -40.68 -135.04 -23.11
N PRO D 3267 -41.65 -135.27 -24.02
CA PRO D 3267 -42.78 -134.33 -24.07
C PRO D 3267 -43.83 -134.60 -23.00
N HIS D 3268 -43.95 -135.86 -22.58
CA HIS D 3268 -44.91 -136.22 -21.53
C HIS D 3268 -44.31 -136.12 -20.14
N VAL D 3269 -43.03 -136.47 -20.01
CA VAL D 3269 -42.37 -136.54 -18.70
C VAL D 3269 -42.25 -135.14 -18.09
N ILE D 3270 -41.75 -134.19 -18.87
CA ILE D 3270 -41.48 -132.85 -18.36
C ILE D 3270 -42.77 -132.07 -18.19
N GLU D 3271 -43.62 -132.11 -19.22
CA GLU D 3271 -44.82 -131.29 -19.21
C GLU D 3271 -45.87 -131.83 -18.25
N ILE D 3272 -45.89 -133.15 -18.02
CA ILE D 3272 -46.98 -133.74 -17.26
C ILE D 3272 -46.48 -134.49 -16.02
N THR D 3273 -45.57 -135.47 -16.21
CA THR D 3273 -45.21 -136.39 -15.13
C THR D 3273 -44.53 -135.68 -13.96
N LEU D 3274 -43.60 -134.77 -14.27
CA LEU D 3274 -42.88 -134.03 -13.21
C LEU D 3274 -43.81 -133.17 -12.35
N PRO D 3275 -44.75 -132.35 -12.89
CA PRO D 3275 -45.66 -131.63 -11.98
C PRO D 3275 -46.57 -132.54 -11.18
N MET D 3276 -46.81 -133.79 -11.60
CA MET D 3276 -47.67 -134.68 -10.84
C MET D 3276 -46.98 -135.09 -9.55
N LEU D 3277 -45.70 -135.47 -9.66
CA LEU D 3277 -44.94 -135.80 -8.47
C LEU D 3277 -44.74 -134.56 -7.62
N CYS D 3278 -44.44 -133.42 -8.25
CA CYS D 3278 -44.29 -132.18 -7.49
C CYS D 3278 -45.59 -131.73 -6.81
N SER D 3279 -46.74 -132.23 -7.27
CA SER D 3279 -48.03 -131.95 -6.67
C SER D 3279 -48.50 -133.02 -5.69
N TYR D 3280 -47.89 -134.20 -5.71
CA TYR D 3280 -48.29 -135.29 -4.83
C TYR D 3280 -47.31 -135.53 -3.69
N LEU D 3281 -46.00 -135.59 -3.99
CA LEU D 3281 -44.99 -135.87 -2.97
C LEU D 3281 -44.97 -134.85 -1.83
N PRO D 3282 -44.92 -133.52 -2.07
CA PRO D 3282 -45.08 -132.60 -0.91
C PRO D 3282 -46.40 -132.71 -0.19
N ARG D 3283 -47.49 -133.01 -0.91
CA ARG D 3283 -48.81 -133.08 -0.30
C ARG D 3283 -48.92 -134.23 0.71
N TRP D 3284 -48.14 -135.29 0.52
CA TRP D 3284 -48.20 -136.43 1.42
C TRP D 3284 -46.89 -136.69 2.15
N TRP D 3285 -45.90 -135.80 1.99
CA TRP D 3285 -44.66 -135.93 2.74
C TRP D 3285 -44.91 -135.79 4.24
N GLU D 3286 -45.74 -134.83 4.63
CA GLU D 3286 -46.01 -134.58 6.04
C GLU D 3286 -46.99 -135.56 6.64
N ARG D 3287 -47.55 -136.47 5.85
CA ARG D 3287 -48.56 -137.41 6.32
C ARG D 3287 -48.05 -138.85 6.25
N GLY D 3288 -46.73 -139.03 6.34
CA GLY D 3288 -46.16 -140.36 6.28
C GLY D 3288 -44.82 -140.48 6.96
N PRO D 3289 -43.89 -141.20 6.30
CA PRO D 3289 -42.56 -141.39 6.88
C PRO D 3289 -41.77 -140.09 6.91
N GLU D 3290 -40.86 -140.01 7.89
CA GLU D 3290 -40.01 -138.84 8.16
C GLU D 3290 -40.84 -137.58 8.44
N ALA D 3291 -42.02 -137.78 9.03
CA ALA D 3291 -42.93 -136.70 9.39
C ALA D 3291 -43.36 -136.90 10.83
N PRO D 3292 -43.35 -135.84 11.65
CA PRO D 3292 -43.76 -135.93 13.07
C PRO D 3292 -45.27 -135.82 13.22
N PRO D 3293 -46.01 -136.93 13.21
CA PRO D 3293 -47.49 -136.85 13.18
C PRO D 3293 -48.06 -136.38 14.50
N PRO D 3294 -48.75 -135.21 14.52
CA PRO D 3294 -49.33 -134.68 15.76
C PRO D 3294 -50.71 -135.27 16.09
N ALA D 3295 -50.83 -136.59 15.96
CA ALA D 3295 -52.10 -137.28 16.17
C ALA D 3295 -51.95 -138.33 17.26
N LEU D 3296 -51.35 -137.94 18.39
CA LEU D 3296 -51.09 -138.87 19.49
C LEU D 3296 -52.30 -139.66 20.05
N PRO D 3297 -53.51 -139.10 20.25
CA PRO D 3297 -54.60 -139.99 20.74
C PRO D 3297 -55.04 -141.01 19.71
N ALA D 3298 -54.91 -140.70 18.42
CA ALA D 3298 -55.35 -141.60 17.36
C ALA D 3298 -54.18 -141.94 16.44
N GLY D 3299 -53.03 -142.27 17.02
CA GLY D 3299 -51.87 -142.72 16.27
C GLY D 3299 -51.92 -144.15 15.79
N ALA D 3300 -52.99 -144.88 16.13
CA ALA D 3300 -53.13 -146.27 15.72
C ALA D 3300 -53.11 -146.52 14.20
N PRO D 3301 -53.78 -145.75 13.33
CA PRO D 3301 -53.61 -145.98 11.87
C PRO D 3301 -52.16 -145.77 11.44
N PRO D 3302 -51.66 -146.61 10.54
CA PRO D 3302 -50.29 -146.43 10.05
C PRO D 3302 -50.25 -145.40 8.94
N PRO D 3303 -49.07 -144.93 8.53
CA PRO D 3303 -49.00 -143.98 7.40
C PRO D 3303 -49.50 -144.57 6.09
N CYS D 3304 -50.49 -143.91 5.50
CA CYS D 3304 -51.13 -144.22 4.21
C CYS D 3304 -50.26 -143.90 3.00
N THR D 3305 -49.00 -143.54 3.22
CA THR D 3305 -48.07 -143.22 2.15
C THR D 3305 -46.68 -143.61 2.61
N ALA D 3306 -45.76 -143.71 1.66
CA ALA D 3306 -44.37 -144.09 1.90
C ALA D 3306 -43.42 -143.15 1.19
N VAL D 3307 -43.65 -141.84 1.38
CA VAL D 3307 -42.86 -140.80 0.75
C VAL D 3307 -41.94 -140.19 1.80
N THR D 3308 -40.66 -140.54 1.73
CA THR D 3308 -39.67 -139.95 2.60
C THR D 3308 -39.10 -138.69 1.94
N SER D 3309 -38.03 -138.13 2.52
CA SER D 3309 -37.36 -136.99 1.91
C SER D 3309 -36.55 -137.40 0.69
N ASP D 3310 -36.09 -138.66 0.64
CA ASP D 3310 -35.31 -139.14 -0.49
C ASP D 3310 -36.08 -139.15 -1.80
N HIS D 3311 -37.41 -139.34 -1.75
CA HIS D 3311 -38.25 -139.24 -2.94
C HIS D 3311 -38.15 -137.85 -3.57
N LEU D 3312 -38.23 -136.80 -2.74
CA LEU D 3312 -38.11 -135.45 -3.25
C LEU D 3312 -36.66 -135.13 -3.57
N ASN D 3313 -35.72 -135.72 -2.82
CA ASN D 3313 -34.29 -135.45 -3.03
C ASN D 3313 -33.86 -135.93 -4.41
N SER D 3314 -34.18 -137.19 -4.72
CA SER D 3314 -33.88 -137.74 -6.03
C SER D 3314 -34.70 -137.06 -7.13
N LEU D 3315 -35.96 -136.70 -6.85
CA LEU D 3315 -36.74 -135.91 -7.82
C LEU D 3315 -36.08 -134.58 -8.15
N LEU D 3316 -35.52 -133.91 -7.14
CA LEU D 3316 -34.73 -132.70 -7.35
C LEU D 3316 -33.49 -132.97 -8.18
N GLY D 3317 -32.75 -134.02 -7.84
CA GLY D 3317 -31.57 -134.37 -8.62
C GLY D 3317 -31.91 -134.65 -10.08
N ASN D 3318 -33.04 -135.34 -10.30
CA ASN D 3318 -33.52 -135.60 -11.65
C ASN D 3318 -33.80 -134.31 -12.41
N ILE D 3319 -34.46 -133.35 -11.74
CA ILE D 3319 -34.76 -132.07 -12.39
C ILE D 3319 -33.48 -131.32 -12.73
N LEU D 3320 -32.50 -131.35 -11.82
CA LEU D 3320 -31.21 -130.69 -12.04
C LEU D 3320 -30.50 -131.28 -13.25
N ARG D 3321 -30.45 -132.63 -13.33
CA ARG D 3321 -29.75 -133.25 -14.46
C ARG D 3321 -30.50 -133.00 -15.76
N ILE D 3322 -31.85 -132.92 -15.71
CA ILE D 3322 -32.62 -132.67 -16.93
C ILE D 3322 -32.26 -131.29 -17.49
N ILE D 3323 -32.25 -130.28 -16.62
CA ILE D 3323 -32.07 -128.92 -17.12
C ILE D 3323 -30.63 -128.72 -17.59
N VAL D 3324 -29.65 -129.28 -16.86
CA VAL D 3324 -28.28 -129.16 -17.35
C VAL D 3324 -28.07 -129.98 -18.62
N ASN D 3325 -28.89 -131.01 -18.87
CA ASN D 3325 -28.75 -131.73 -20.13
C ASN D 3325 -29.34 -130.90 -21.27
N ASN D 3326 -30.42 -130.15 -20.98
CA ASN D 3326 -30.99 -129.23 -21.95
C ASN D 3326 -30.38 -127.84 -21.87
N LEU D 3327 -29.17 -127.73 -21.34
CA LEU D 3327 -28.52 -126.42 -21.15
C LEU D 3327 -28.15 -125.77 -22.49
N GLY D 3328 -27.91 -126.57 -23.53
CA GLY D 3328 -27.50 -126.06 -24.82
C GLY D 3328 -28.56 -125.69 -25.83
N ILE D 3329 -29.84 -125.96 -25.55
CA ILE D 3329 -30.90 -125.71 -26.52
C ILE D 3329 -31.16 -124.19 -26.59
N ASP D 3330 -31.93 -123.77 -27.60
CA ASP D 3330 -32.17 -122.35 -27.84
C ASP D 3330 -33.49 -121.86 -27.26
N GLU D 3331 -34.57 -122.59 -27.44
CA GLU D 3331 -35.89 -122.16 -27.01
C GLU D 3331 -36.48 -123.20 -26.07
N ALA D 3332 -37.11 -122.74 -24.99
CA ALA D 3332 -37.78 -123.62 -24.04
C ALA D 3332 -38.71 -122.79 -23.17
N THR D 3333 -39.99 -123.15 -23.17
CA THR D 3333 -40.96 -122.57 -22.26
C THR D 3333 -41.24 -123.47 -21.06
N TRP D 3334 -40.75 -124.70 -21.06
CA TRP D 3334 -40.94 -125.64 -19.96
C TRP D 3334 -40.01 -125.38 -18.79
N MET D 3335 -38.86 -124.75 -19.02
CA MET D 3335 -37.88 -124.53 -17.96
C MET D 3335 -38.42 -123.69 -16.80
N LYS D 3336 -39.15 -122.61 -17.11
CA LYS D 3336 -39.79 -121.81 -16.06
C LYS D 3336 -40.87 -122.59 -15.34
N ARG D 3337 -41.69 -123.35 -16.09
CA ARG D 3337 -42.74 -124.16 -15.46
C ARG D 3337 -42.13 -125.21 -14.55
N LEU D 3338 -41.06 -125.86 -15.00
CA LEU D 3338 -40.38 -126.88 -14.19
C LEU D 3338 -39.81 -126.23 -12.93
N ALA D 3339 -39.29 -125.00 -13.06
CA ALA D 3339 -38.73 -124.31 -11.91
C ALA D 3339 -39.82 -124.02 -10.88
N VAL D 3340 -40.98 -123.52 -11.35
CA VAL D 3340 -42.02 -123.10 -10.40
C VAL D 3340 -42.62 -124.33 -9.72
N PHE D 3341 -42.78 -125.46 -10.43
CA PHE D 3341 -43.20 -126.66 -9.73
C PHE D 3341 -42.11 -127.23 -8.84
N ALA D 3342 -40.83 -126.97 -9.12
CA ALA D 3342 -39.76 -127.47 -8.29
C ALA D 3342 -39.51 -126.60 -7.06
N GLN D 3343 -40.06 -125.40 -7.03
CA GLN D 3343 -39.93 -124.54 -5.85
C GLN D 3343 -40.58 -125.12 -4.58
N PRO D 3344 -41.83 -125.64 -4.57
CA PRO D 3344 -42.33 -126.25 -3.33
C PRO D 3344 -41.59 -127.51 -2.92
N ILE D 3345 -41.03 -128.28 -3.86
CA ILE D 3345 -40.39 -129.54 -3.48
C ILE D 3345 -38.98 -129.32 -2.93
N VAL D 3346 -38.29 -128.26 -3.34
CA VAL D 3346 -36.92 -128.03 -2.88
C VAL D 3346 -36.84 -127.53 -1.45
N SER D 3347 -37.99 -127.36 -0.78
CA SER D 3347 -37.98 -127.04 0.65
C SER D 3347 -37.42 -128.17 1.52
N ARG D 3348 -37.38 -129.40 1.00
CA ARG D 3348 -36.78 -130.53 1.70
C ARG D 3348 -35.40 -130.89 1.17
N ALA D 3349 -34.73 -129.97 0.48
CA ALA D 3349 -33.43 -130.24 -0.13
C ALA D 3349 -32.37 -130.60 0.91
N ARG D 3350 -31.67 -131.70 0.66
CA ARG D 3350 -30.57 -132.12 1.52
C ARG D 3350 -29.34 -131.26 1.27
N PRO D 3351 -28.37 -131.25 2.19
CA PRO D 3351 -27.09 -130.56 1.89
C PRO D 3351 -26.29 -131.16 0.74
N GLU D 3352 -26.57 -132.41 0.33
CA GLU D 3352 -25.83 -133.04 -0.75
C GLU D 3352 -26.05 -132.39 -2.11
N LEU D 3353 -27.17 -131.66 -2.28
CA LEU D 3353 -27.49 -131.05 -3.57
C LEU D 3353 -26.46 -130.03 -4.00
N LEU D 3354 -25.78 -129.42 -3.04
CA LEU D 3354 -24.81 -128.37 -3.30
C LEU D 3354 -23.60 -128.98 -3.99
N HIS D 3355 -22.93 -129.92 -3.32
CA HIS D 3355 -21.70 -130.47 -3.87
C HIS D 3355 -22.01 -131.31 -5.10
N SER D 3356 -23.12 -132.06 -5.07
CA SER D 3356 -23.45 -132.97 -6.16
C SER D 3356 -23.76 -132.22 -7.46
N HIS D 3357 -24.56 -131.15 -7.40
CA HIS D 3357 -24.95 -130.47 -8.64
C HIS D 3357 -24.58 -129.00 -8.69
N PHE D 3358 -24.74 -128.26 -7.59
CA PHE D 3358 -24.66 -126.81 -7.63
C PHE D 3358 -23.23 -126.32 -7.80
N ILE D 3359 -22.23 -127.12 -7.41
CA ILE D 3359 -20.86 -126.71 -7.68
C ILE D 3359 -20.48 -126.90 -9.15
N PRO D 3360 -20.62 -128.07 -9.81
CA PRO D 3360 -20.13 -128.14 -11.19
C PRO D 3360 -20.99 -127.42 -12.22
N THR D 3361 -22.32 -127.56 -12.11
CA THR D 3361 -23.22 -127.05 -13.16
C THR D 3361 -23.16 -125.53 -13.25
N ILE D 3362 -23.12 -124.85 -12.10
CA ILE D 3362 -22.97 -123.40 -12.13
C ILE D 3362 -21.61 -123.03 -12.69
N GLY D 3363 -20.59 -123.87 -12.46
CA GLY D 3363 -19.30 -123.67 -13.11
C GLY D 3363 -19.38 -123.73 -14.62
N ARG D 3364 -20.23 -124.63 -15.13
CA ARG D 3364 -20.53 -124.68 -16.56
C ARG D 3364 -21.21 -123.40 -17.02
N LEU D 3365 -22.12 -122.86 -16.19
CA LEU D 3365 -22.73 -121.58 -16.51
C LEU D 3365 -21.72 -120.45 -16.45
N ARG D 3366 -20.75 -120.56 -15.54
CA ARG D 3366 -19.70 -119.55 -15.39
C ARG D 3366 -18.81 -119.50 -16.62
N LYS D 3367 -18.32 -120.67 -17.07
CA LYS D 3367 -17.47 -120.69 -18.27
C LYS D 3367 -18.26 -120.30 -19.52
N ARG D 3368 -19.56 -120.61 -19.55
CA ARG D 3368 -20.43 -120.12 -20.63
C ARG D 3368 -20.48 -118.60 -20.65
N ALA D 3369 -20.77 -117.99 -19.50
CA ALA D 3369 -20.84 -116.53 -19.42
C ALA D 3369 -19.49 -115.89 -19.72
N GLY D 3370 -18.41 -116.47 -19.19
CA GLY D 3370 -17.08 -115.95 -19.46
C GLY D 3370 -16.72 -116.01 -20.93
N LYS D 3371 -17.19 -117.04 -21.63
CA LYS D 3371 -16.95 -117.12 -23.07
C LYS D 3371 -17.79 -116.11 -23.82
N VAL D 3372 -19.06 -115.93 -23.43
CA VAL D 3372 -19.93 -114.99 -24.14
C VAL D 3372 -19.42 -113.56 -23.95
N VAL D 3373 -19.02 -113.19 -22.74
CA VAL D 3373 -18.44 -111.86 -22.52
C VAL D 3373 -17.08 -111.72 -23.20
N ALA D 3374 -16.30 -112.81 -23.31
CA ALA D 3374 -15.05 -112.76 -24.08
C ALA D 3374 -15.30 -112.48 -25.56
N GLU D 3375 -16.35 -113.07 -26.12
CA GLU D 3375 -16.78 -112.73 -27.47
C GLU D 3375 -17.27 -111.29 -27.55
N GLU D 3376 -17.97 -110.82 -26.52
CA GLU D 3376 -18.51 -109.47 -26.52
C GLU D 3376 -17.39 -108.43 -26.52
N GLU D 3377 -16.39 -108.61 -25.66
CA GLU D 3377 -15.24 -107.69 -25.67
C GLU D 3377 -14.43 -107.86 -26.94
N GLN D 3378 -14.39 -109.06 -27.52
CA GLN D 3378 -13.71 -109.27 -28.80
C GLN D 3378 -14.38 -108.47 -29.91
N LEU D 3379 -15.72 -108.45 -29.89
CA LEU D 3379 -16.47 -107.67 -30.88
C LEU D 3379 -16.31 -106.17 -30.64
N ARG D 3380 -16.20 -105.76 -29.37
CA ARG D 3380 -16.15 -104.33 -29.08
C ARG D 3380 -14.75 -103.75 -29.28
N LEU D 3381 -13.69 -104.56 -29.17
CA LEU D 3381 -12.34 -104.01 -29.35
C LEU D 3381 -12.06 -103.69 -30.82
N GLU D 3382 -12.72 -104.38 -31.74
CA GLU D 3382 -12.53 -104.15 -33.16
C GLU D 3382 -13.62 -103.23 -33.70
N ALA D 3383 -13.21 -102.19 -34.42
CA ALA D 3383 -14.12 -101.20 -34.98
C ALA D 3383 -14.26 -101.48 -36.47
N LYS D 3384 -15.41 -102.04 -36.85
CA LYS D 3384 -15.70 -102.41 -38.23
C LYS D 3384 -17.20 -102.64 -38.33
N ALA D 3385 -17.73 -102.60 -39.56
CA ALA D 3385 -19.15 -102.79 -39.80
C ALA D 3385 -19.64 -104.19 -39.44
N GLU D 3386 -18.73 -105.15 -39.24
CA GLU D 3386 -19.08 -106.50 -38.80
C GLU D 3386 -19.42 -106.56 -37.31
N ALA D 3387 -19.24 -105.45 -36.57
CA ALA D 3387 -19.51 -105.42 -35.14
C ALA D 3387 -20.97 -105.78 -34.83
N GLU D 3388 -21.90 -105.23 -35.60
CA GLU D 3388 -23.29 -105.62 -35.49
C GLU D 3388 -23.52 -107.05 -35.98
N GLU D 3389 -22.76 -107.47 -37.00
CA GLU D 3389 -22.86 -108.83 -37.56
C GLU D 3389 -22.18 -109.78 -36.59
N GLY D 3390 -22.92 -110.16 -35.55
CA GLY D 3390 -22.37 -110.96 -34.48
C GLY D 3390 -22.83 -110.41 -33.15
N GLU D 3391 -23.19 -109.12 -33.16
CA GLU D 3391 -23.82 -108.55 -31.98
C GLU D 3391 -25.16 -109.22 -31.71
N LEU D 3392 -25.94 -109.49 -32.75
CA LEU D 3392 -27.15 -110.29 -32.58
C LEU D 3392 -26.85 -111.73 -32.16
N LEU D 3393 -25.65 -112.24 -32.50
CA LEU D 3393 -25.25 -113.57 -32.06
C LEU D 3393 -25.00 -113.61 -30.56
N VAL D 3394 -24.24 -112.63 -30.06
CA VAL D 3394 -24.01 -112.58 -28.62
C VAL D 3394 -25.28 -112.16 -27.89
N ARG D 3395 -26.17 -111.39 -28.53
CA ARG D 3395 -27.49 -111.12 -27.96
C ARG D 3395 -28.31 -112.41 -27.80
N ASP D 3396 -28.24 -113.30 -28.80
CA ASP D 3396 -28.86 -114.62 -28.67
C ASP D 3396 -28.24 -115.43 -27.56
N GLU D 3397 -26.90 -115.35 -27.43
CA GLU D 3397 -26.20 -116.02 -26.34
C GLU D 3397 -26.62 -115.45 -24.99
N PHE D 3398 -26.86 -114.14 -24.94
CA PHE D 3398 -27.41 -113.52 -23.74
C PHE D 3398 -28.81 -114.05 -23.44
N SER D 3399 -29.64 -114.20 -24.48
CA SER D 3399 -31.03 -114.65 -24.27
C SER D 3399 -31.10 -116.08 -23.75
N VAL D 3400 -30.25 -116.97 -24.29
CA VAL D 3400 -30.21 -118.34 -23.79
C VAL D 3400 -29.61 -118.37 -22.39
N LEU D 3401 -28.56 -117.56 -22.14
CA LEU D 3401 -27.98 -117.50 -20.80
C LEU D 3401 -28.96 -116.94 -19.78
N CYS D 3402 -29.80 -115.99 -20.19
CA CYS D 3402 -30.89 -115.49 -19.36
C CYS D 3402 -31.89 -116.59 -19.02
N ARG D 3403 -32.24 -117.42 -19.99
CA ARG D 3403 -33.14 -118.55 -19.72
C ARG D 3403 -32.50 -119.57 -18.78
N ASP D 3404 -31.20 -119.84 -18.95
CA ASP D 3404 -30.51 -120.79 -18.09
C ASP D 3404 -30.35 -120.25 -16.67
N LEU D 3405 -30.03 -118.96 -16.55
CA LEU D 3405 -29.87 -118.38 -15.22
C LEU D 3405 -31.21 -118.29 -14.50
N TYR D 3406 -32.25 -117.78 -15.20
CA TYR D 3406 -33.54 -117.59 -14.55
C TYR D 3406 -34.29 -118.90 -14.35
N ALA D 3407 -33.81 -120.02 -14.91
CA ALA D 3407 -34.42 -121.30 -14.59
C ALA D 3407 -33.75 -121.99 -13.42
N LEU D 3408 -32.55 -121.54 -13.03
CA LEU D 3408 -31.80 -122.13 -11.94
C LEU D 3408 -31.77 -121.27 -10.68
N TYR D 3409 -31.88 -119.95 -10.83
CA TYR D 3409 -31.91 -119.06 -9.66
C TYR D 3409 -33.09 -119.30 -8.71
N PRO D 3410 -34.37 -119.41 -9.15
CA PRO D 3410 -35.43 -119.71 -8.17
C PRO D 3410 -35.23 -121.01 -7.41
N LEU D 3411 -34.61 -122.00 -8.05
CA LEU D 3411 -34.25 -123.23 -7.37
C LEU D 3411 -33.10 -123.03 -6.40
N LEU D 3412 -32.09 -122.25 -6.79
CA LEU D 3412 -30.94 -122.01 -5.93
C LEU D 3412 -31.31 -121.18 -4.71
N ILE D 3413 -32.17 -120.18 -4.88
CA ILE D 3413 -32.52 -119.24 -3.81
C ILE D 3413 -33.16 -119.96 -2.64
N ARG D 3414 -34.13 -120.85 -2.93
CA ARG D 3414 -34.80 -121.60 -1.89
C ARG D 3414 -33.83 -122.51 -1.14
N TYR D 3415 -32.85 -123.06 -1.86
CA TYR D 3415 -31.85 -123.91 -1.22
C TYR D 3415 -30.83 -123.08 -0.45
N VAL D 3416 -30.49 -121.90 -0.97
CA VAL D 3416 -29.56 -121.00 -0.27
C VAL D 3416 -30.16 -120.54 1.05
N ASP D 3417 -31.41 -120.07 1.01
CA ASP D 3417 -32.09 -119.54 2.19
C ASP D 3417 -32.28 -120.61 3.26
N ASN D 3418 -32.57 -121.84 2.83
CA ASN D 3418 -32.87 -122.92 3.78
C ASN D 3418 -31.65 -123.27 4.63
N ASN D 3419 -30.45 -123.21 4.05
CA ASN D 3419 -29.24 -123.63 4.74
C ASN D 3419 -28.20 -122.53 4.83
N ARG D 3420 -28.60 -121.26 4.63
CA ARG D 3420 -27.68 -120.14 4.89
C ARG D 3420 -27.32 -120.08 6.35
N ALA D 3421 -28.28 -120.39 7.23
CA ALA D 3421 -28.02 -120.40 8.66
C ALA D 3421 -26.94 -121.41 9.01
N HIS D 3422 -27.04 -122.62 8.44
CA HIS D 3422 -26.04 -123.65 8.70
CA HIS D 3422 -26.03 -123.64 8.71
C HIS D 3422 -24.67 -123.26 8.15
N TRP D 3423 -24.64 -122.70 6.93
CA TRP D 3423 -23.36 -122.29 6.34
C TRP D 3423 -22.71 -121.15 7.12
N LEU D 3424 -23.51 -120.26 7.70
CA LEU D 3424 -22.94 -119.21 8.54
C LEU D 3424 -22.48 -119.75 9.90
N THR D 3425 -23.28 -120.64 10.50
CA THR D 3425 -22.94 -121.23 11.80
C THR D 3425 -21.66 -122.05 11.73
N GLU D 3426 -21.52 -122.89 10.71
CA GLU D 3426 -20.30 -123.66 10.49
C GLU D 3426 -19.88 -123.39 9.05
N PRO D 3427 -18.65 -122.88 8.82
CA PRO D 3427 -18.19 -122.61 7.46
C PRO D 3427 -18.15 -123.85 6.58
N ASN D 3428 -18.57 -123.68 5.32
CA ASN D 3428 -18.70 -124.76 4.36
C ASN D 3428 -18.00 -124.34 3.08
N ALA D 3429 -16.85 -124.97 2.80
CA ALA D 3429 -16.08 -124.70 1.58
C ALA D 3429 -16.87 -124.93 0.31
N ASN D 3430 -17.84 -125.86 0.34
CA ASN D 3430 -18.75 -126.07 -0.78
C ASN D 3430 -19.59 -124.83 -1.06
N ALA D 3431 -20.12 -124.18 -0.01
CA ALA D 3431 -20.82 -122.93 -0.23
C ALA D 3431 -19.87 -121.78 -0.53
N GLU D 3432 -18.63 -121.88 -0.05
CA GLU D 3432 -17.61 -120.86 -0.34
C GLU D 3432 -17.32 -120.81 -1.82
N GLU D 3433 -17.15 -121.98 -2.44
CA GLU D 3433 -16.84 -122.02 -3.86
C GLU D 3433 -18.04 -121.53 -4.65
N LEU D 3434 -19.25 -121.81 -4.15
CA LEU D 3434 -20.47 -121.34 -4.81
C LEU D 3434 -20.51 -119.82 -4.79
N PHE D 3435 -20.09 -119.21 -3.67
CA PHE D 3435 -20.04 -117.75 -3.59
C PHE D 3435 -19.05 -117.20 -4.60
N ARG D 3436 -17.89 -117.86 -4.73
CA ARG D 3436 -16.89 -117.42 -5.70
C ARG D 3436 -17.44 -117.48 -7.12
N MET D 3437 -18.26 -118.50 -7.41
CA MET D 3437 -18.82 -118.66 -8.74
C MET D 3437 -19.87 -117.59 -9.01
N VAL D 3438 -20.81 -117.40 -8.08
CA VAL D 3438 -21.93 -116.49 -8.31
C VAL D 3438 -21.45 -115.05 -8.32
N GLY D 3439 -20.39 -114.75 -7.55
CA GLY D 3439 -19.86 -113.40 -7.54
C GLY D 3439 -19.32 -113.01 -8.90
N GLU D 3440 -18.58 -113.93 -9.53
CA GLU D 3440 -18.02 -113.63 -10.85
C GLU D 3440 -19.13 -113.55 -11.89
N ILE D 3441 -20.19 -114.36 -11.74
CA ILE D 3441 -21.35 -114.24 -12.63
C ILE D 3441 -21.97 -112.84 -12.53
N PHE D 3442 -22.10 -112.33 -11.30
CA PHE D 3442 -22.58 -110.97 -11.11
C PHE D 3442 -21.58 -109.94 -11.66
N ILE D 3443 -20.28 -110.22 -11.55
CA ILE D 3443 -19.25 -109.31 -12.07
C ILE D 3443 -19.42 -109.14 -13.58
N TYR D 3444 -19.61 -110.28 -14.28
CA TYR D 3444 -19.80 -110.25 -15.71
C TYR D 3444 -21.11 -109.53 -16.06
N TRP D 3445 -22.17 -109.79 -15.29
CA TRP D 3445 -23.45 -109.13 -15.57
C TRP D 3445 -23.37 -107.62 -15.40
N SER D 3446 -22.65 -107.17 -14.36
CA SER D 3446 -22.40 -105.75 -14.14
C SER D 3446 -21.56 -105.15 -15.27
N LYS D 3447 -20.54 -105.86 -15.73
CA LYS D 3447 -19.69 -105.34 -16.80
C LYS D 3447 -20.42 -105.29 -18.14
N SER D 3448 -21.24 -106.30 -18.41
CA SER D 3448 -21.91 -106.45 -19.71
C SER D 3448 -23.31 -105.86 -19.60
N HIS D 3449 -23.40 -104.54 -19.82
CA HIS D 3449 -24.70 -103.87 -19.85
C HIS D 3449 -25.56 -104.32 -21.02
N ASN D 3450 -24.95 -104.88 -22.07
CA ASN D 3450 -25.72 -105.53 -23.13
C ASN D 3450 -26.50 -106.72 -22.58
N PHE D 3451 -25.84 -107.56 -21.77
CA PHE D 3451 -26.51 -108.68 -21.11
C PHE D 3451 -27.63 -108.20 -20.19
N LYS D 3452 -27.49 -107.00 -19.62
CA LYS D 3452 -28.55 -106.41 -18.82
C LYS D 3452 -29.79 -106.18 -19.69
N ARG D 3453 -29.59 -105.70 -20.92
CA ARG D 3453 -30.71 -105.30 -21.79
C ARG D 3453 -31.60 -106.50 -22.09
N GLU D 3454 -30.99 -107.63 -22.43
CA GLU D 3454 -31.84 -108.79 -22.65
C GLU D 3454 -32.24 -109.48 -21.35
N GLU D 3455 -31.70 -109.06 -20.20
CA GLU D 3455 -32.24 -109.59 -18.96
C GLU D 3455 -33.67 -109.09 -18.76
N GLN D 3456 -33.90 -107.78 -18.87
CA GLN D 3456 -35.28 -107.29 -18.81
C GLN D 3456 -36.07 -107.70 -20.04
N ASN D 3457 -35.42 -107.84 -21.21
CA ASN D 3457 -36.16 -108.31 -22.38
C ASN D 3457 -36.73 -109.71 -22.17
N PHE D 3458 -35.92 -110.60 -21.57
CA PHE D 3458 -36.37 -111.93 -21.20
C PHE D 3458 -37.46 -111.87 -20.13
N VAL D 3459 -37.37 -110.89 -19.22
CA VAL D 3459 -38.37 -110.77 -18.16
C VAL D 3459 -39.71 -110.33 -18.73
N VAL D 3460 -39.70 -109.29 -19.57
CA VAL D 3460 -40.96 -108.76 -20.09
C VAL D 3460 -41.58 -109.74 -21.09
N GLN D 3461 -40.75 -110.39 -21.91
CA GLN D 3461 -41.27 -111.25 -22.96
C GLN D 3461 -41.58 -112.66 -22.48
N ASN D 3462 -41.20 -113.01 -21.24
CA ASN D 3462 -41.61 -114.28 -20.66
C ASN D 3462 -42.49 -114.10 -19.44
N GLU D 3463 -42.89 -112.85 -19.12
CA GLU D 3463 -43.70 -112.51 -17.95
C GLU D 3463 -43.08 -113.02 -16.64
N ILE D 3464 -41.77 -112.86 -16.52
CA ILE D 3464 -41.05 -113.23 -15.31
C ILE D 3464 -41.45 -112.26 -14.22
N ASN D 3465 -42.32 -112.71 -13.31
CA ASN D 3465 -42.88 -111.84 -12.27
C ASN D 3465 -41.82 -111.43 -11.26
N ASN D 3466 -40.93 -112.37 -10.89
CA ASN D 3466 -39.83 -112.26 -9.91
C ASN D 3466 -40.29 -112.08 -8.46
N MET D 3467 -41.59 -111.91 -8.24
CA MET D 3467 -42.11 -111.79 -6.89
C MET D 3467 -42.30 -113.15 -6.24
N SER D 3468 -42.77 -114.13 -7.00
CA SER D 3468 -42.96 -115.47 -6.46
C SER D 3468 -41.63 -116.15 -6.16
N PHE D 3469 -40.59 -115.84 -6.94
CA PHE D 3469 -39.29 -116.47 -6.74
C PHE D 3469 -38.63 -116.06 -5.43
N LEU D 3470 -39.05 -114.92 -4.86
CA LEU D 3470 -38.56 -114.48 -3.56
C LEU D 3470 -39.57 -114.67 -2.44
N THR D 3471 -40.86 -114.71 -2.75
CA THR D 3471 -41.92 -114.92 -1.76
C THR D 3471 -42.43 -116.36 -1.71
N ALA D 3472 -41.78 -117.31 -2.37
CA ALA D 3472 -42.17 -118.71 -2.25
C ALA D 3472 -42.02 -119.23 -0.82
N ASP D 3473 -40.94 -118.84 -0.15
CA ASP D 3473 -40.80 -119.13 1.28
C ASP D 3473 -41.86 -118.40 2.10
N SER D 3474 -42.18 -117.15 1.74
CA SER D 3474 -43.16 -116.37 2.48
C SER D 3474 -44.54 -117.01 2.40
N LYS D 3475 -44.93 -117.45 1.19
CA LYS D 3475 -46.21 -118.11 1.03
C LYS D 3475 -46.20 -119.48 1.71
N SER D 3476 -45.07 -120.18 1.67
CA SER D 3476 -45.02 -121.51 2.28
C SER D 3476 -45.03 -121.45 3.80
N LYS D 3477 -44.70 -120.30 4.39
CA LYS D 3477 -44.67 -120.19 5.85
C LYS D 3477 -45.94 -119.56 6.43
N MET D 3478 -46.94 -119.28 5.58
CA MET D 3478 -48.23 -118.71 5.96
C MET D 3478 -48.08 -117.37 6.67
N ALA D 3479 -47.51 -116.40 5.96
CA ALA D 3479 -47.31 -115.06 6.49
C ALA D 3479 -48.57 -114.20 6.33
N ARG D 3498 -47.68 -102.99 -10.65
CA ARG D 3498 -47.97 -101.68 -10.12
C ARG D 3498 -46.87 -100.69 -10.52
N ARG D 3499 -45.92 -100.46 -9.61
CA ARG D 3499 -44.83 -99.52 -9.89
C ARG D 3499 -43.73 -100.17 -10.73
N GLY D 3500 -43.07 -101.19 -10.20
CA GLY D 3500 -42.01 -101.87 -10.90
C GLY D 3500 -42.25 -103.34 -11.13
N ASP D 3501 -43.53 -103.71 -11.32
CA ASP D 3501 -43.88 -105.10 -11.56
C ASP D 3501 -43.30 -105.62 -12.88
N ARG D 3502 -43.31 -104.77 -13.91
CA ARG D 3502 -42.84 -105.17 -15.24
C ARG D 3502 -41.37 -105.56 -15.22
N TYR D 3503 -40.53 -104.70 -14.63
CA TYR D 3503 -39.13 -105.00 -14.36
C TYR D 3503 -38.61 -104.00 -13.35
N SER D 3504 -37.64 -104.43 -12.55
CA SER D 3504 -36.98 -103.60 -11.56
C SER D 3504 -35.65 -104.23 -11.23
N VAL D 3505 -34.65 -103.39 -10.96
CA VAL D 3505 -33.33 -103.87 -10.55
C VAL D 3505 -33.42 -104.55 -9.19
N GLN D 3506 -34.31 -104.04 -8.31
CA GLN D 3506 -34.50 -104.61 -6.98
C GLN D 3506 -35.00 -106.05 -7.03
N THR D 3507 -35.77 -106.42 -8.05
CA THR D 3507 -36.28 -107.77 -8.20
C THR D 3507 -35.48 -108.61 -9.19
N SER D 3508 -34.33 -108.11 -9.66
CA SER D 3508 -33.47 -108.90 -10.54
C SER D 3508 -32.94 -110.09 -9.78
N LEU D 3509 -33.08 -111.29 -10.36
CA LEU D 3509 -32.68 -112.50 -9.64
C LEU D 3509 -31.17 -112.65 -9.50
N ILE D 3510 -30.40 -111.99 -10.37
CA ILE D 3510 -28.94 -112.02 -10.27
C ILE D 3510 -28.48 -111.30 -8.99
N VAL D 3511 -29.07 -110.15 -8.72
CA VAL D 3511 -28.66 -109.43 -7.52
C VAL D 3511 -29.36 -110.02 -6.31
N ALA D 3512 -30.59 -110.52 -6.47
CA ALA D 3512 -31.32 -111.08 -5.34
C ALA D 3512 -30.59 -112.30 -4.79
N THR D 3513 -30.08 -113.16 -5.69
CA THR D 3513 -29.28 -114.29 -5.25
C THR D 3513 -27.91 -113.85 -4.76
N LEU D 3514 -27.36 -112.78 -5.35
CA LEU D 3514 -26.08 -112.25 -4.88
C LEU D 3514 -26.19 -111.77 -3.44
N LYS D 3515 -27.25 -111.01 -3.13
CA LYS D 3515 -27.49 -110.54 -1.77
C LYS D 3515 -27.70 -111.71 -0.82
N LYS D 3516 -28.55 -112.68 -1.23
CA LYS D 3516 -28.84 -113.82 -0.38
C LYS D 3516 -27.60 -114.70 -0.14
N MET D 3517 -26.57 -114.60 -0.99
CA MET D 3517 -25.32 -115.30 -0.77
C MET D 3517 -24.24 -114.44 -0.15
N LEU D 3518 -24.46 -113.12 -0.06
CA LEU D 3518 -23.47 -112.21 0.50
C LEU D 3518 -22.99 -112.50 1.93
N PRO D 3519 -23.82 -112.85 2.93
CA PRO D 3519 -23.26 -113.15 4.28
C PRO D 3519 -22.21 -114.24 4.29
N ILE D 3520 -22.34 -115.25 3.42
CA ILE D 3520 -21.34 -116.31 3.32
C ILE D 3520 -20.02 -115.71 2.85
N GLY D 3521 -20.06 -114.83 1.85
CA GLY D 3521 -18.85 -114.19 1.38
C GLY D 3521 -18.26 -113.26 2.42
N LEU D 3522 -19.11 -112.59 3.19
CA LEU D 3522 -18.62 -111.75 4.28
C LEU D 3522 -17.98 -112.57 5.39
N ASN D 3523 -18.33 -113.86 5.49
CA ASN D 3523 -17.75 -114.74 6.49
C ASN D 3523 -16.33 -115.18 6.15
N MET D 3524 -15.82 -114.86 4.95
CA MET D 3524 -14.49 -115.31 4.56
C MET D 3524 -13.40 -114.59 5.34
N CYS D 3525 -13.50 -113.27 5.44
CA CYS D 3525 -12.40 -112.45 5.92
C CYS D 3525 -12.45 -112.25 7.43
N ALA D 3526 -11.29 -111.91 7.99
CA ALA D 3526 -11.17 -111.57 9.39
C ALA D 3526 -11.60 -110.12 9.59
N PRO D 3527 -12.01 -109.76 10.82
CA PRO D 3527 -12.38 -108.36 11.08
C PRO D 3527 -11.26 -107.34 10.84
N THR D 3528 -9.99 -107.71 11.05
CA THR D 3528 -8.88 -106.81 10.77
C THR D 3528 -8.67 -106.53 9.29
N ASP D 3529 -9.32 -107.28 8.41
CA ASP D 3529 -9.19 -107.09 6.97
C ASP D 3529 -10.02 -105.95 6.43
N GLN D 3530 -10.78 -105.25 7.28
CA GLN D 3530 -11.71 -104.21 6.81
C GLN D 3530 -10.99 -103.06 6.12
N ASP D 3531 -9.81 -102.67 6.63
CA ASP D 3531 -8.97 -101.71 5.93
C ASP D 3531 -8.54 -102.24 4.57
N LEU D 3532 -8.22 -103.55 4.49
CA LEU D 3532 -7.84 -104.15 3.21
C LEU D 3532 -9.00 -104.10 2.22
N ILE D 3533 -10.22 -104.35 2.71
CA ILE D 3533 -11.42 -104.24 1.86
C ILE D 3533 -11.58 -102.81 1.35
N MET D 3534 -11.37 -101.82 2.23
CA MET D 3534 -11.48 -100.42 1.80
C MET D 3534 -10.45 -100.06 0.74
N LEU D 3535 -9.19 -100.51 0.94
CA LEU D 3535 -8.13 -100.25 -0.03
C LEU D 3535 -8.42 -100.91 -1.36
N ALA D 3536 -8.87 -102.17 -1.34
CA ALA D 3536 -9.19 -102.86 -2.58
C ALA D 3536 -10.39 -102.21 -3.25
N LYS D 3537 -11.37 -101.78 -2.46
CA LYS D 3537 -12.59 -101.16 -2.99
C LYS D 3537 -12.24 -99.89 -3.73
N THR D 3538 -11.40 -99.04 -3.12
CA THR D 3538 -11.07 -97.77 -3.78
C THR D 3538 -10.19 -98.01 -5.01
N ARG D 3539 -9.31 -99.03 -4.98
CA ARG D 3539 -8.55 -99.30 -6.19
C ARG D 3539 -9.44 -99.84 -7.30
N TYR D 3540 -10.46 -100.63 -6.95
CA TYR D 3540 -11.47 -101.04 -7.93
C TYR D 3540 -12.20 -99.82 -8.49
N ALA D 3541 -12.49 -98.84 -7.63
CA ALA D 3541 -13.13 -97.61 -8.09
C ALA D 3541 -12.23 -96.80 -9.02
N LEU D 3542 -10.91 -96.96 -8.89
CA LEU D 3542 -9.97 -96.28 -9.78
C LEU D 3542 -9.60 -97.12 -10.99
N LYS D 3543 -10.49 -98.02 -11.43
CA LYS D 3543 -10.39 -98.81 -12.66
C LYS D 3543 -9.15 -99.69 -12.69
N ASP D 3544 -9.09 -100.65 -11.76
CA ASP D 3544 -8.02 -101.63 -11.69
C ASP D 3544 -8.58 -103.03 -11.87
N THR D 3545 -7.80 -103.89 -12.49
CA THR D 3545 -8.22 -105.27 -12.67
C THR D 3545 -7.96 -106.06 -11.39
N ASP D 3546 -8.42 -107.33 -11.39
CA ASP D 3546 -8.28 -108.17 -10.21
C ASP D 3546 -6.83 -108.48 -9.88
N GLU D 3547 -5.96 -108.59 -10.90
CA GLU D 3547 -4.55 -108.84 -10.62
C GLU D 3547 -3.93 -107.63 -9.95
N GLU D 3548 -4.31 -106.43 -10.40
CA GLU D 3548 -3.71 -105.20 -9.90
C GLU D 3548 -3.98 -105.06 -8.42
N VAL D 3549 -5.25 -105.24 -8.01
CA VAL D 3549 -5.61 -105.10 -6.60
C VAL D 3549 -4.96 -106.23 -5.79
N ARG D 3550 -4.78 -107.42 -6.39
CA ARG D 3550 -4.12 -108.52 -5.67
C ARG D 3550 -2.68 -108.17 -5.32
N GLU D 3551 -1.91 -107.73 -6.31
CA GLU D 3551 -0.52 -107.35 -5.99
C GLU D 3551 -0.43 -106.03 -5.25
N PHE D 3552 -1.43 -105.15 -5.34
CA PHE D 3552 -1.52 -104.00 -4.43
C PHE D 3552 -1.65 -104.45 -2.97
N LEU D 3553 -2.50 -105.45 -2.73
CA LEU D 3553 -2.57 -106.05 -1.39
C LEU D 3553 -1.26 -106.70 -0.99
N GLN D 3554 -0.56 -107.30 -1.97
CA GLN D 3554 0.77 -107.87 -1.70
C GLN D 3554 1.77 -106.78 -1.29
N ASN D 3555 1.62 -105.58 -1.85
CA ASN D 3555 2.45 -104.46 -1.42
C ASN D 3555 1.99 -103.91 -0.08
N ASN D 3556 0.71 -104.08 0.24
CA ASN D 3556 0.13 -103.54 1.48
C ASN D 3556 -0.34 -104.65 2.40
N LEU D 3557 0.47 -105.70 2.54
CA LEU D 3557 0.12 -106.86 3.36
C LEU D 3557 -0.03 -106.51 4.84
N HIS D 3558 0.70 -105.51 5.32
CA HIS D 3558 0.72 -105.17 6.74
C HIS D 3558 -0.32 -104.13 7.12
N LEU D 3559 -1.19 -103.72 6.19
CA LEU D 3559 -2.17 -102.67 6.44
C LEU D 3559 -3.46 -103.18 7.06
N GLN D 3560 -3.44 -104.37 7.67
CA GLN D 3560 -4.60 -104.88 8.35
C GLN D 3560 -4.86 -104.11 9.64
N GLY D 3561 -6.06 -104.28 10.18
CA GLY D 3561 -6.40 -103.66 11.45
C GLY D 3561 -5.67 -104.26 12.63
N LYS D 3562 -5.72 -103.54 13.75
CA LYS D 3562 -5.11 -103.97 14.99
C LYS D 3562 -6.17 -103.99 16.08
N VAL D 3563 -6.24 -105.10 16.82
CA VAL D 3563 -7.27 -105.30 17.83
C VAL D 3563 -7.08 -104.36 19.01
N GLU D 3564 -5.83 -103.98 19.32
CA GLU D 3564 -5.58 -103.05 20.42
C GLU D 3564 -6.09 -101.65 20.12
N GLY D 3565 -6.19 -101.28 18.84
CA GLY D 3565 -6.58 -99.92 18.47
C GLY D 3565 -8.07 -99.65 18.55
N SER D 3566 -8.90 -100.70 18.60
CA SER D 3566 -10.34 -100.52 18.64
C SER D 3566 -10.97 -101.60 19.53
N PRO D 3567 -11.76 -101.20 20.54
CA PRO D 3567 -12.44 -102.19 21.40
C PRO D 3567 -13.44 -103.06 20.66
N SER D 3568 -13.95 -102.60 19.50
CA SER D 3568 -14.91 -103.38 18.72
C SER D 3568 -14.30 -104.69 18.24
N LEU D 3569 -13.04 -104.64 17.82
CA LEU D 3569 -12.36 -105.81 17.28
C LEU D 3569 -12.16 -106.88 18.34
N ARG D 3570 -12.10 -106.50 19.62
CA ARG D 3570 -11.88 -107.47 20.69
C ARG D 3570 -13.05 -108.45 20.78
N TRP D 3571 -14.29 -107.92 20.79
CA TRP D 3571 -15.43 -108.81 20.81
C TRP D 3571 -15.67 -109.43 19.45
N GLN D 3572 -15.20 -108.76 18.37
CA GLN D 3572 -15.34 -109.35 17.05
C GLN D 3572 -14.49 -110.61 16.95
N MET D 3573 -13.22 -110.52 17.34
CA MET D 3573 -12.34 -111.69 17.31
C MET D 3573 -12.84 -112.76 18.27
N ALA D 3574 -13.28 -112.35 19.47
CA ALA D 3574 -13.84 -113.27 20.46
C ALA D 3574 -15.06 -114.03 19.96
N LEU D 3575 -15.81 -113.48 19.01
CA LEU D 3575 -16.90 -114.22 18.39
C LEU D 3575 -16.50 -114.92 17.09
N TYR D 3576 -15.70 -114.25 16.24
CA TYR D 3576 -15.29 -114.76 14.94
C TYR D 3576 -14.38 -115.98 15.05
N ARG D 3577 -13.43 -115.95 15.97
CA ARG D 3577 -12.50 -117.07 16.11
C ARG D 3577 -13.01 -118.16 17.03
N GLY D 3578 -14.23 -118.02 17.56
CA GLY D 3578 -14.82 -119.11 18.31
C GLY D 3578 -15.50 -120.15 17.45
N LEU D 3579 -15.57 -119.91 16.13
CA LEU D 3579 -16.19 -120.83 15.21
C LEU D 3579 -15.38 -122.12 15.11
N PRO D 3580 -16.02 -123.29 15.09
CA PRO D 3580 -15.28 -124.55 14.91
C PRO D 3580 -14.53 -124.64 13.59
N GLY D 3581 -15.04 -124.03 12.52
CA GLY D 3581 -14.39 -124.10 11.23
C GLY D 3581 -13.23 -123.16 11.02
N ARG D 3582 -12.89 -122.35 12.02
CA ARG D 3582 -11.78 -121.41 11.89
C ARG D 3582 -10.45 -122.11 12.13
N GLU D 3583 -9.53 -121.93 11.20
CA GLU D 3583 -8.15 -122.39 11.35
C GLU D 3583 -7.23 -121.18 11.45
N GLU D 3584 -6.44 -121.13 12.52
CA GLU D 3584 -5.60 -119.97 12.79
C GLU D 3584 -4.40 -119.88 11.85
N ASP D 3585 -4.04 -120.96 11.16
CA ASP D 3585 -2.99 -120.94 10.16
C ASP D 3585 -3.52 -120.90 8.73
N ALA D 3586 -4.85 -120.90 8.55
CA ALA D 3586 -5.45 -120.75 7.23
C ALA D 3586 -5.38 -119.33 6.68
N ASP D 3587 -4.92 -118.36 7.48
CA ASP D 3587 -4.78 -116.97 7.05
C ASP D 3587 -3.46 -116.72 6.31
N ASP D 3588 -3.25 -117.51 5.26
CA ASP D 3588 -2.04 -117.41 4.46
C ASP D 3588 -2.04 -116.07 3.72
N PRO D 3589 -0.86 -115.47 3.49
CA PRO D 3589 -0.79 -114.18 2.79
C PRO D 3589 -1.42 -114.16 1.41
N GLU D 3590 -1.32 -115.26 0.66
CA GLU D 3590 -2.02 -115.36 -0.61
C GLU D 3590 -3.51 -115.64 -0.43
N LYS D 3591 -3.88 -116.45 0.58
CA LYS D 3591 -5.28 -116.79 0.80
C LYS D 3591 -6.09 -115.57 1.19
N ILE D 3592 -5.54 -114.72 2.07
CA ILE D 3592 -6.28 -113.57 2.56
C ILE D 3592 -6.50 -112.56 1.43
N VAL D 3593 -5.47 -112.36 0.59
CA VAL D 3593 -5.62 -111.37 -0.49
C VAL D 3593 -6.60 -111.89 -1.53
N ARG D 3594 -6.64 -113.22 -1.76
CA ARG D 3594 -7.60 -113.77 -2.72
C ARG D 3594 -9.02 -113.57 -2.24
N ARG D 3595 -9.32 -113.96 -0.99
CA ARG D 3595 -10.70 -113.83 -0.48
C ARG D 3595 -11.11 -112.37 -0.34
N VAL D 3596 -10.17 -111.49 0.06
CA VAL D 3596 -10.42 -110.05 0.08
C VAL D 3596 -10.76 -109.53 -1.32
N GLN D 3597 -9.98 -109.94 -2.33
CA GLN D 3597 -10.25 -109.51 -3.71
C GLN D 3597 -11.62 -110.00 -4.18
N GLU D 3598 -11.96 -111.25 -3.84
CA GLU D 3598 -13.23 -111.84 -4.25
C GLU D 3598 -14.41 -111.07 -3.68
N VAL D 3599 -14.34 -110.69 -2.40
CA VAL D 3599 -15.47 -109.96 -1.87
C VAL D 3599 -15.41 -108.47 -2.24
N SER D 3600 -14.21 -107.94 -2.49
CA SER D 3600 -14.04 -106.52 -2.81
C SER D 3600 -14.69 -106.18 -4.13
N ALA D 3601 -14.44 -107.00 -5.16
CA ALA D 3601 -15.05 -106.75 -6.46
C ALA D 3601 -16.57 -106.91 -6.39
N VAL D 3602 -17.04 -107.93 -5.65
CA VAL D 3602 -18.47 -108.19 -5.51
C VAL D 3602 -19.17 -106.99 -4.89
N LEU D 3603 -18.64 -106.50 -3.76
CA LEU D 3603 -19.24 -105.35 -3.08
C LEU D 3603 -19.15 -104.08 -3.91
N TYR D 3604 -18.01 -103.86 -4.58
CA TYR D 3604 -17.82 -102.67 -5.39
C TYR D 3604 -18.80 -102.61 -6.54
N HIS D 3605 -18.99 -103.73 -7.25
CA HIS D 3605 -19.97 -103.74 -8.33
C HIS D 3605 -21.38 -103.68 -7.76
N LEU D 3606 -21.59 -104.24 -6.56
CA LEU D 3606 -22.92 -104.25 -5.97
C LEU D 3606 -23.36 -102.82 -5.67
N GLU D 3607 -22.50 -102.01 -5.07
CA GLU D 3607 -22.88 -100.62 -4.83
C GLU D 3607 -22.98 -99.84 -6.14
N GLN D 3608 -22.22 -100.25 -7.18
CA GLN D 3608 -22.30 -99.56 -8.47
C GLN D 3608 -23.66 -99.79 -9.13
N THR D 3609 -24.22 -100.99 -8.97
CA THR D 3609 -25.53 -101.26 -9.55
C THR D 3609 -26.67 -100.86 -8.60
N GLU D 3610 -26.43 -100.83 -7.28
CA GLU D 3610 -27.45 -100.39 -6.34
C GLU D 3610 -27.69 -98.89 -6.42
N HIS D 3611 -26.67 -98.10 -6.73
CA HIS D 3611 -26.86 -96.67 -6.94
C HIS D 3611 -26.53 -96.38 -8.39
N PRO D 3612 -27.53 -96.12 -9.23
CA PRO D 3612 -27.30 -95.97 -10.68
C PRO D 3612 -26.43 -94.80 -11.15
N TYR D 3613 -26.60 -93.59 -10.59
CA TYR D 3613 -25.79 -92.38 -10.87
C TYR D 3613 -25.77 -92.06 -12.37
N LYS D 3614 -26.92 -92.22 -13.03
CA LYS D 3614 -26.97 -92.17 -14.49
C LYS D 3614 -27.57 -90.89 -15.08
N SER D 3615 -27.78 -89.85 -14.30
CA SER D 3615 -28.50 -88.70 -14.87
C SER D 3615 -27.57 -87.49 -14.89
N LYS D 3616 -28.15 -86.33 -15.24
CA LYS D 3616 -27.65 -84.95 -15.30
C LYS D 3616 -27.11 -84.65 -16.70
N LYS D 3617 -27.43 -85.50 -17.67
CA LYS D 3617 -27.00 -85.30 -19.06
C LYS D 3617 -28.13 -85.13 -20.05
N ALA D 3618 -29.19 -85.92 -19.93
CA ALA D 3618 -30.33 -85.86 -20.86
C ALA D 3618 -31.60 -85.70 -20.04
N VAL D 3619 -31.92 -84.45 -19.71
CA VAL D 3619 -33.07 -84.10 -18.88
C VAL D 3619 -33.85 -83.04 -19.65
N TRP D 3620 -35.17 -83.00 -19.43
CA TRP D 3620 -36.14 -82.09 -20.04
C TRP D 3620 -35.64 -80.64 -20.02
N HIS D 3621 -35.44 -80.07 -21.21
CA HIS D 3621 -34.90 -78.72 -21.34
C HIS D 3621 -35.85 -77.74 -22.01
N LYS D 3622 -36.98 -78.21 -22.57
CA LYS D 3622 -38.04 -77.43 -23.24
C LYS D 3622 -37.50 -76.35 -24.19
N LEU D 3623 -36.70 -76.82 -25.16
CA LEU D 3623 -36.11 -75.97 -26.20
C LEU D 3623 -37.19 -75.20 -26.96
N LEU D 3624 -38.06 -75.92 -27.66
CA LEU D 3624 -39.21 -75.30 -28.31
C LEU D 3624 -40.47 -76.16 -28.20
N SER D 3625 -40.48 -77.16 -27.31
CA SER D 3625 -41.62 -78.06 -27.19
C SER D 3625 -42.84 -77.38 -26.57
N LYS D 3626 -42.62 -76.45 -25.64
CA LYS D 3626 -43.75 -75.81 -24.95
C LYS D 3626 -44.55 -74.91 -25.89
N GLN D 3627 -43.87 -74.21 -26.80
CA GLN D 3627 -44.52 -73.24 -27.66
C GLN D 3627 -44.69 -73.70 -29.10
N ARG D 3628 -43.94 -74.70 -29.56
CA ARG D 3628 -43.96 -75.11 -30.96
C ARG D 3628 -44.06 -76.63 -31.09
N ARG D 3629 -44.89 -77.25 -30.25
CA ARG D 3629 -45.16 -78.67 -30.44
C ARG D 3629 -46.11 -78.87 -31.61
N ARG D 3630 -46.97 -77.88 -31.87
CA ARG D 3630 -47.82 -77.89 -33.06
C ARG D 3630 -47.02 -77.75 -34.35
N ALA D 3631 -45.78 -77.23 -34.27
CA ALA D 3631 -44.98 -76.93 -35.45
C ALA D 3631 -44.64 -78.19 -36.25
N VAL D 3632 -44.21 -79.26 -35.56
CA VAL D 3632 -43.85 -80.50 -36.26
C VAL D 3632 -45.09 -81.17 -36.87
N VAL D 3633 -46.20 -81.19 -36.13
CA VAL D 3633 -47.44 -81.80 -36.63
C VAL D 3633 -47.96 -81.02 -37.83
N ALA D 3634 -47.91 -79.69 -37.74
CA ALA D 3634 -48.33 -78.84 -38.84
C ALA D 3634 -47.43 -79.08 -40.03
N CYS D 3635 -46.10 -79.10 -39.82
CA CYS D 3635 -45.15 -79.21 -40.94
C CYS D 3635 -45.35 -80.53 -41.68
N PHE D 3636 -45.56 -81.63 -40.94
CA PHE D 3636 -45.82 -82.92 -41.57
C PHE D 3636 -47.18 -83.01 -42.25
N ARG D 3637 -48.17 -82.20 -41.83
CA ARG D 3637 -49.52 -82.38 -42.36
C ARG D 3637 -50.01 -81.28 -43.29
N MET D 3638 -49.37 -80.12 -43.30
CA MET D 3638 -49.80 -78.95 -44.04
C MET D 3638 -49.65 -79.14 -45.54
N THR D 3639 -50.22 -78.18 -46.26
CA THR D 3639 -50.47 -78.32 -47.68
C THR D 3639 -49.17 -78.18 -48.46
N PRO D 3640 -48.85 -79.14 -49.33
CA PRO D 3640 -47.74 -78.93 -50.28
C PRO D 3640 -48.14 -77.93 -51.35
N LEU D 3641 -47.13 -77.44 -52.07
CA LEU D 3641 -47.30 -76.31 -52.98
C LEU D 3641 -48.27 -76.62 -54.12
N TYR D 3642 -48.22 -77.84 -54.66
CA TYR D 3642 -49.00 -78.18 -55.85
C TYR D 3642 -50.52 -78.17 -55.60
N ASN D 3643 -50.96 -78.17 -54.35
CA ASN D 3643 -52.38 -78.17 -54.01
C ASN D 3643 -52.95 -76.78 -53.79
N LEU D 3644 -52.14 -75.72 -53.87
CA LEU D 3644 -52.60 -74.37 -53.66
C LEU D 3644 -53.38 -73.86 -54.87
N PRO D 3645 -54.35 -72.96 -54.65
CA PRO D 3645 -55.00 -72.28 -55.78
C PRO D 3645 -53.97 -71.45 -56.55
N THR D 3646 -54.22 -71.34 -57.86
CA THR D 3646 -53.26 -70.71 -58.77
C THR D 3646 -53.00 -69.25 -58.43
N HIS D 3647 -54.05 -68.49 -58.12
CA HIS D 3647 -53.86 -67.08 -57.75
C HIS D 3647 -53.10 -66.92 -56.43
N ARG D 3648 -53.38 -67.76 -55.44
CA ARG D 3648 -52.67 -67.70 -54.17
C ARG D 3648 -51.21 -68.13 -54.32
N ALA D 3649 -50.94 -69.02 -55.25
CA ALA D 3649 -49.56 -69.40 -55.53
C ALA D 3649 -48.84 -68.31 -56.30
N CYS D 3650 -49.52 -67.71 -57.28
CA CYS D 3650 -48.91 -66.69 -58.12
C CYS D 3650 -48.55 -65.43 -57.34
N ASN D 3651 -49.40 -65.02 -56.39
CA ASN D 3651 -49.09 -63.84 -55.57
C ASN D 3651 -47.80 -64.07 -54.76
N MET D 3652 -47.67 -65.27 -54.19
CA MET D 3652 -46.47 -65.66 -53.46
C MET D 3652 -45.28 -65.69 -54.39
N PHE D 3653 -45.46 -66.18 -55.62
CA PHE D 3653 -44.36 -66.26 -56.57
C PHE D 3653 -43.89 -64.85 -56.92
N LEU D 3654 -44.84 -63.92 -57.10
CA LEU D 3654 -44.52 -62.56 -57.49
C LEU D 3654 -43.66 -61.89 -56.42
N GLU D 3655 -44.12 -61.97 -55.17
CA GLU D 3655 -43.37 -61.32 -54.09
C GLU D 3655 -42.05 -62.02 -53.80
N SER D 3656 -41.95 -63.33 -54.09
CA SER D 3656 -40.66 -63.99 -53.93
C SER D 3656 -39.71 -63.64 -55.05
N TYR D 3657 -40.25 -63.54 -56.27
CA TYR D 3657 -39.46 -63.23 -57.47
C TYR D 3657 -38.84 -61.86 -57.35
N LYS D 3658 -39.61 -60.87 -56.90
CA LYS D 3658 -39.05 -59.51 -56.80
C LYS D 3658 -37.93 -59.48 -55.77
N ALA D 3659 -38.11 -60.18 -54.65
CA ALA D 3659 -37.13 -60.19 -53.57
C ALA D 3659 -35.85 -60.92 -53.98
N ALA D 3660 -35.94 -61.90 -54.87
CA ALA D 3660 -34.78 -62.72 -55.19
C ALA D 3660 -34.19 -62.47 -56.57
N TRP D 3661 -34.87 -61.74 -57.45
CA TRP D 3661 -34.36 -61.52 -58.80
C TRP D 3661 -34.33 -60.05 -59.20
N ILE D 3662 -35.23 -59.26 -58.63
CA ILE D 3662 -35.32 -57.83 -58.96
C ILE D 3662 -34.53 -56.99 -57.98
N LEU D 3663 -34.76 -57.19 -56.68
CA LEU D 3663 -33.98 -56.49 -55.66
C LEU D 3663 -32.50 -56.83 -55.76
N THR D 3664 -32.19 -58.10 -56.00
CA THR D 3664 -30.80 -58.54 -56.14
C THR D 3664 -30.12 -57.93 -57.36
N GLU D 3665 -30.90 -57.57 -58.39
CA GLU D 3665 -30.35 -57.02 -59.62
C GLU D 3665 -29.72 -55.66 -59.38
N ASP D 3666 -28.56 -55.44 -60.01
CA ASP D 3666 -27.83 -54.19 -59.91
C ASP D 3666 -27.89 -53.46 -61.24
N HIS D 3667 -28.22 -52.18 -61.20
CA HIS D 3667 -28.32 -51.35 -62.40
C HIS D 3667 -27.73 -49.98 -62.07
N SER D 3668 -26.53 -49.71 -62.59
CA SER D 3668 -25.81 -48.47 -62.28
C SER D 3668 -26.13 -47.44 -63.36
N PHE D 3669 -27.17 -46.64 -63.10
CA PHE D 3669 -27.57 -45.56 -63.98
C PHE D 3669 -27.31 -44.18 -63.41
N GLU D 3670 -26.85 -44.12 -62.15
CA GLU D 3670 -26.67 -42.85 -61.46
C GLU D 3670 -25.65 -41.96 -62.18
N ASP D 3671 -24.55 -42.54 -62.62
CA ASP D 3671 -23.55 -41.73 -63.30
C ASP D 3671 -24.01 -41.36 -64.70
N ARG D 3672 -24.90 -42.15 -65.30
CA ARG D 3672 -25.26 -41.89 -66.67
C ARG D 3672 -26.45 -40.95 -66.76
N MET D 3673 -27.07 -40.59 -65.64
CA MET D 3673 -27.91 -39.41 -65.72
C MET D 3673 -27.05 -38.15 -65.67
N ILE D 3674 -26.26 -38.01 -64.59
CA ILE D 3674 -25.49 -36.80 -64.32
C ILE D 3674 -24.49 -36.48 -65.43
N ASP D 3675 -23.99 -37.51 -66.13
CA ASP D 3675 -23.19 -37.32 -67.32
C ASP D 3675 -23.98 -36.60 -68.41
N ASP D 3676 -25.23 -37.02 -68.63
CA ASP D 3676 -26.04 -36.39 -69.66
C ASP D 3676 -26.50 -35.02 -69.21
N LEU D 3677 -26.93 -34.91 -67.95
CA LEU D 3677 -27.53 -33.71 -67.42
C LEU D 3677 -26.52 -32.59 -67.21
N SER D 3678 -25.23 -32.90 -67.22
CA SER D 3678 -24.24 -31.86 -66.99
C SER D 3678 -23.73 -31.27 -68.30
N LYS D 3679 -24.26 -31.73 -69.43
CA LYS D 3679 -23.82 -31.28 -70.75
C LYS D 3679 -24.79 -30.22 -71.26
N ALA D 3680 -24.28 -29.02 -71.47
CA ALA D 3680 -25.07 -27.95 -72.10
C ALA D 3680 -25.00 -28.10 -73.62
N GLY D 3681 -25.68 -29.14 -74.10
CA GLY D 3681 -25.60 -29.50 -75.51
C GLY D 3681 -26.19 -28.42 -76.41
N GLU D 3682 -25.56 -28.25 -77.58
CA GLU D 3682 -25.92 -27.33 -78.66
C GLU D 3682 -25.85 -25.85 -78.26
N GLN D 3683 -25.48 -25.55 -77.01
CA GLN D 3683 -25.35 -24.17 -76.59
C GLN D 3683 -24.15 -23.51 -77.25
N GLU D 3684 -23.09 -24.30 -77.53
CA GLU D 3684 -21.96 -23.78 -78.28
C GLU D 3684 -22.37 -23.43 -79.71
N GLU D 3685 -23.32 -24.18 -80.27
CA GLU D 3685 -23.94 -23.83 -81.55
C GLU D 3685 -24.71 -22.52 -81.42
N GLU D 3686 -25.43 -22.34 -80.30
CA GLU D 3686 -26.19 -21.11 -80.09
C GLU D 3686 -25.28 -19.88 -79.99
N GLU D 3687 -24.19 -20.00 -79.22
CA GLU D 3687 -23.22 -18.91 -78.95
C GLU D 3687 -23.92 -17.63 -78.48
N GLU D 3688 -24.55 -17.72 -77.32
CA GLU D 3688 -25.30 -16.59 -76.78
C GLU D 3688 -24.36 -15.51 -76.26
N GLU D 3689 -24.63 -14.27 -76.68
CA GLU D 3689 -23.84 -13.11 -76.29
C GLU D 3689 -23.90 -12.85 -74.79
N VAL D 3690 -25.07 -13.07 -74.19
CA VAL D 3690 -25.33 -12.70 -72.80
C VAL D 3690 -24.39 -13.46 -71.86
N GLU D 3691 -23.87 -12.73 -70.86
CA GLU D 3691 -23.00 -13.31 -69.84
C GLU D 3691 -23.70 -14.36 -68.98
N GLU D 3692 -24.98 -14.11 -68.61
CA GLU D 3692 -25.86 -14.95 -67.77
C GLU D 3692 -25.63 -16.46 -67.88
N LYS D 3693 -25.51 -16.95 -69.12
CA LYS D 3693 -25.18 -18.35 -69.44
C LYS D 3693 -26.19 -19.33 -68.81
N LYS D 3694 -27.42 -19.32 -69.37
CA LYS D 3694 -28.61 -20.06 -68.94
C LYS D 3694 -28.25 -21.49 -68.52
N PRO D 3695 -28.80 -21.95 -67.39
CA PRO D 3695 -28.30 -23.19 -66.77
C PRO D 3695 -28.52 -24.45 -67.59
N ASP D 3696 -27.58 -25.38 -67.42
CA ASP D 3696 -27.72 -26.74 -67.93
C ASP D 3696 -28.75 -27.49 -67.08
N PRO D 3697 -29.30 -28.64 -67.57
CA PRO D 3697 -30.41 -29.31 -66.86
C PRO D 3697 -30.18 -29.63 -65.40
N LEU D 3698 -28.97 -30.06 -65.03
CA LEU D 3698 -28.68 -30.37 -63.64
C LEU D 3698 -28.81 -29.12 -62.77
N HIS D 3699 -28.27 -27.99 -63.24
CA HIS D 3699 -28.36 -26.76 -62.46
C HIS D 3699 -29.79 -26.26 -62.39
N GLN D 3700 -30.59 -26.50 -63.42
CA GLN D 3700 -32.00 -26.14 -63.35
C GLN D 3700 -32.73 -26.99 -62.31
N LEU D 3701 -32.39 -28.28 -62.25
CA LEU D 3701 -32.99 -29.18 -61.29
C LEU D 3701 -32.65 -28.75 -59.87
N VAL D 3702 -31.37 -28.41 -59.65
CA VAL D 3702 -30.91 -27.98 -58.32
C VAL D 3702 -31.60 -26.67 -57.93
N LEU D 3703 -31.73 -25.73 -58.89
CA LEU D 3703 -32.42 -24.47 -58.61
C LEU D 3703 -33.86 -24.74 -58.22
N HIS D 3704 -34.53 -25.68 -58.90
CA HIS D 3704 -35.93 -25.98 -58.60
C HIS D 3704 -36.07 -26.54 -57.20
N PHE D 3705 -35.13 -27.41 -56.79
CA PHE D 3705 -35.20 -27.99 -55.46
C PHE D 3705 -34.87 -26.96 -54.39
N SER D 3706 -33.95 -26.04 -54.70
CA SER D 3706 -33.70 -24.96 -53.76
C SER D 3706 -34.89 -24.02 -53.66
N ARG D 3707 -35.63 -23.85 -54.76
CA ARG D 3707 -36.82 -23.01 -54.73
C ARG D 3707 -37.88 -23.63 -53.84
N THR D 3708 -38.10 -24.94 -53.98
CA THR D 3708 -39.10 -25.60 -53.15
C THR D 3708 -38.62 -25.83 -51.73
N ALA D 3709 -37.34 -25.57 -51.45
CA ALA D 3709 -36.88 -25.63 -50.07
C ALA D 3709 -36.90 -24.25 -49.43
N LEU D 3710 -36.72 -23.20 -50.23
CA LEU D 3710 -36.78 -21.84 -49.74
C LEU D 3710 -38.20 -21.34 -49.53
N THR D 3711 -39.19 -21.96 -50.17
CA THR D 3711 -40.56 -21.46 -50.04
C THR D 3711 -41.04 -21.60 -48.60
N GLU D 3712 -41.76 -20.58 -48.14
CA GLU D 3712 -42.22 -20.53 -46.75
C GLU D 3712 -43.35 -21.53 -46.55
N LYS D 3713 -43.03 -22.65 -45.90
CA LYS D 3713 -44.00 -23.66 -45.54
C LYS D 3713 -43.76 -24.06 -44.10
N SER D 3714 -44.84 -24.35 -43.37
CA SER D 3714 -44.72 -24.77 -41.97
C SER D 3714 -43.98 -26.09 -41.85
N LYS D 3715 -44.30 -27.06 -42.70
CA LYS D 3715 -43.70 -28.38 -42.67
C LYS D 3715 -43.05 -28.68 -44.02
N LEU D 3716 -42.40 -29.83 -44.09
CA LEU D 3716 -41.79 -30.32 -45.32
C LEU D 3716 -42.48 -31.61 -45.74
N ASP D 3717 -42.90 -31.68 -47.01
CA ASP D 3717 -43.54 -32.89 -47.51
C ASP D 3717 -42.48 -33.86 -48.02
N GLU D 3718 -42.83 -35.13 -48.05
CA GLU D 3718 -41.92 -36.14 -48.60
C GLU D 3718 -41.96 -36.11 -50.12
N ASP D 3719 -41.07 -35.32 -50.72
CA ASP D 3719 -40.96 -35.26 -52.17
C ASP D 3719 -40.24 -36.52 -52.67
N TYR D 3720 -41.01 -37.48 -53.20
CA TYR D 3720 -40.45 -38.77 -53.62
C TYR D 3720 -39.45 -38.64 -54.75
N LEU D 3721 -39.47 -37.55 -55.50
CA LEU D 3721 -38.49 -37.38 -56.54
C LEU D 3721 -37.27 -36.69 -56.00
N TYR D 3722 -37.43 -35.76 -55.05
CA TYR D 3722 -36.26 -35.20 -54.40
C TYR D 3722 -35.49 -36.28 -53.68
N MET D 3723 -36.21 -37.21 -53.02
CA MET D 3723 -35.59 -38.40 -52.45
C MET D 3723 -34.84 -39.22 -53.49
N ALA D 3724 -35.45 -39.40 -54.67
CA ALA D 3724 -34.80 -40.21 -55.70
C ALA D 3724 -33.62 -39.51 -56.33
N TYR D 3725 -33.64 -38.18 -56.37
CA TYR D 3725 -32.56 -37.49 -57.03
C TYR D 3725 -31.46 -37.13 -56.05
N ALA D 3726 -31.79 -36.98 -54.77
CA ALA D 3726 -30.75 -36.87 -53.76
C ALA D 3726 -29.96 -38.16 -53.67
N ASP D 3727 -30.66 -39.31 -53.73
CA ASP D 3727 -29.93 -40.57 -53.72
C ASP D 3727 -29.09 -40.74 -54.98
N ILE D 3728 -29.61 -40.32 -56.13
CA ILE D 3728 -28.86 -40.43 -57.40
C ILE D 3728 -27.62 -39.55 -57.38
N MET D 3729 -27.76 -38.29 -56.90
CA MET D 3729 -26.63 -37.38 -56.83
C MET D 3729 -25.60 -37.89 -55.83
N ALA D 3730 -26.05 -38.39 -54.67
CA ALA D 3730 -25.11 -38.89 -53.68
C ALA D 3730 -24.38 -40.12 -54.20
N LYS D 3731 -25.09 -41.01 -54.90
CA LYS D 3731 -24.46 -42.21 -55.43
C LYS D 3731 -23.58 -41.93 -56.64
N SER D 3732 -23.67 -40.73 -57.23
CA SER D 3732 -22.87 -40.40 -58.39
C SER D 3732 -21.58 -39.66 -58.04
N CYS D 3733 -21.17 -39.68 -56.77
CA CYS D 3733 -19.95 -39.01 -56.35
C CYS D 3733 -18.86 -39.96 -55.87
N HIS D 3734 -19.16 -40.82 -54.88
CA HIS D 3734 -18.12 -41.63 -54.25
C HIS D 3734 -17.51 -42.64 -55.22
N LEU D 3735 -18.35 -43.45 -55.89
CA LEU D 3735 -17.95 -44.55 -56.78
C LEU D 3735 -16.89 -45.49 -56.18
N GLU D 3736 -16.88 -45.63 -54.85
CA GLU D 3736 -15.84 -46.40 -54.19
C GLU D 3736 -16.39 -47.07 -52.93
N VAL D 3749 -1.01 -55.37 -52.09
CA VAL D 3749 -2.09 -54.63 -51.46
C VAL D 3749 -1.74 -53.15 -51.42
N GLU D 3750 -0.53 -52.82 -51.83
CA GLU D 3750 -0.07 -51.44 -51.85
C GLU D 3750 -0.30 -50.84 -53.23
N VAL D 3751 -1.10 -49.78 -53.27
CA VAL D 3751 -1.38 -49.04 -54.50
C VAL D 3751 -0.55 -47.76 -54.43
N SER D 3752 -0.05 -47.31 -55.58
CA SER D 3752 0.86 -46.18 -55.62
C SER D 3752 0.15 -44.91 -55.18
N PHE D 3753 0.87 -44.08 -54.43
CA PHE D 3753 0.41 -42.73 -54.09
C PHE D 3753 0.24 -41.87 -55.35
N GLU D 3754 0.87 -42.26 -56.46
CA GLU D 3754 0.63 -41.60 -57.74
C GLU D 3754 -0.71 -42.04 -58.33
N GLU D 3755 -1.18 -43.24 -58.01
CA GLU D 3755 -2.51 -43.64 -58.43
C GLU D 3755 -3.54 -42.95 -57.55
N LYS D 3756 -3.27 -42.90 -56.24
CA LYS D 3756 -4.16 -42.22 -55.30
C LYS D 3756 -4.28 -40.74 -55.64
N GLU D 3757 -3.21 -40.16 -56.22
CA GLU D 3757 -3.20 -38.78 -56.72
C GLU D 3757 -4.09 -38.60 -57.94
N MET D 3758 -4.50 -39.69 -58.59
CA MET D 3758 -5.43 -39.67 -59.70
C MET D 3758 -6.85 -39.87 -59.19
N GLU D 3759 -7.02 -40.87 -58.33
CA GLU D 3759 -8.32 -41.17 -57.74
C GLU D 3759 -8.89 -39.98 -56.96
N LYS D 3760 -8.04 -39.32 -56.16
CA LYS D 3760 -8.51 -38.15 -55.41
C LYS D 3760 -8.95 -37.01 -56.33
N GLN D 3761 -8.19 -36.77 -57.40
CA GLN D 3761 -8.54 -35.67 -58.28
C GLN D 3761 -9.60 -36.07 -59.31
N ARG D 3762 -10.04 -37.31 -59.32
CA ARG D 3762 -11.24 -37.66 -60.06
C ARG D 3762 -12.48 -37.56 -59.18
N LEU D 3763 -12.36 -37.99 -57.91
CA LEU D 3763 -13.45 -37.80 -56.97
C LEU D 3763 -13.74 -36.33 -56.76
N LEU D 3764 -12.70 -35.50 -56.63
CA LEU D 3764 -12.88 -34.06 -56.50
C LEU D 3764 -13.51 -33.45 -57.75
N TYR D 3765 -13.35 -34.09 -58.90
CA TYR D 3765 -14.01 -33.62 -60.12
C TYR D 3765 -15.50 -33.90 -60.05
N GLN D 3766 -15.86 -35.12 -59.64
CA GLN D 3766 -17.27 -35.48 -59.55
C GLN D 3766 -17.98 -34.64 -58.49
N GLN D 3767 -17.31 -34.38 -57.36
CA GLN D 3767 -17.84 -33.43 -56.37
C GLN D 3767 -17.96 -32.03 -56.93
N SER D 3768 -16.99 -31.59 -57.75
CA SER D 3768 -17.07 -30.28 -58.38
C SER D 3768 -18.21 -30.18 -59.37
N ARG D 3769 -18.61 -31.32 -59.95
CA ARG D 3769 -19.71 -31.36 -60.91
C ARG D 3769 -21.03 -30.99 -60.25
N LEU D 3770 -21.14 -31.16 -58.93
CA LEU D 3770 -22.33 -30.81 -58.19
C LEU D 3770 -22.17 -29.45 -57.53
N HIS D 3771 -21.11 -29.28 -56.71
CA HIS D 3771 -20.99 -28.06 -55.92
C HIS D 3771 -20.78 -26.82 -56.78
N THR D 3772 -20.32 -26.96 -58.03
CA THR D 3772 -20.32 -25.79 -58.90
C THR D 3772 -21.72 -25.36 -59.31
N ARG D 3773 -22.75 -26.17 -59.04
CA ARG D 3773 -24.10 -25.88 -59.46
C ARG D 3773 -25.05 -25.62 -58.30
N GLY D 3774 -24.53 -25.13 -57.17
CA GLY D 3774 -25.37 -24.76 -56.04
C GLY D 3774 -25.90 -25.87 -55.17
N ALA D 3775 -25.44 -27.11 -55.37
CA ALA D 3775 -25.88 -28.22 -54.53
C ALA D 3775 -25.44 -28.07 -53.07
N ALA D 3776 -24.39 -27.30 -52.82
CA ALA D 3776 -23.95 -27.06 -51.45
C ALA D 3776 -24.96 -26.19 -50.72
N GLU D 3777 -25.46 -25.15 -51.37
CA GLU D 3777 -26.42 -24.29 -50.73
C GLU D 3777 -27.77 -24.99 -50.66
N MET D 3778 -28.04 -25.89 -51.62
CA MET D 3778 -29.27 -26.65 -51.62
C MET D 3778 -29.35 -27.58 -50.40
N VAL D 3779 -28.22 -28.20 -50.04
CA VAL D 3779 -28.19 -29.09 -48.88
C VAL D 3779 -28.49 -28.30 -47.61
N LEU D 3780 -27.84 -27.13 -47.47
CA LEU D 3780 -28.02 -26.29 -46.28
C LEU D 3780 -29.44 -25.79 -46.19
N GLN D 3781 -30.10 -25.60 -47.33
CA GLN D 3781 -31.47 -25.12 -47.31
C GLN D 3781 -32.41 -26.24 -46.91
N MET D 3782 -32.18 -27.47 -47.40
CA MET D 3782 -33.04 -28.57 -46.99
C MET D 3782 -32.90 -28.86 -45.49
N ILE D 3783 -31.66 -28.74 -44.97
CA ILE D 3783 -31.44 -28.92 -43.53
C ILE D 3783 -32.15 -27.84 -42.73
N SER D 3784 -32.09 -26.58 -43.18
CA SER D 3784 -32.79 -25.54 -42.45
C SER D 3784 -34.30 -25.67 -42.59
N ALA D 3785 -34.77 -26.17 -43.73
CA ALA D 3785 -36.20 -26.29 -43.99
C ALA D 3785 -36.83 -27.43 -43.21
N CYS D 3786 -36.07 -28.51 -42.92
CA CYS D 3786 -36.68 -29.67 -42.28
C CYS D 3786 -37.15 -29.42 -40.85
N LYS D 3787 -36.69 -28.33 -40.21
CA LYS D 3787 -37.11 -27.90 -38.87
C LYS D 3787 -36.82 -28.92 -37.78
N GLY D 3788 -35.83 -29.78 -37.99
CA GLY D 3788 -35.48 -30.78 -36.98
C GLY D 3788 -36.48 -31.89 -36.81
N GLU D 3789 -36.98 -32.45 -37.90
CA GLU D 3789 -37.84 -33.62 -37.88
C GLU D 3789 -37.07 -34.77 -38.53
N THR D 3790 -36.73 -35.78 -37.73
CA THR D 3790 -36.05 -36.97 -38.26
C THR D 3790 -36.93 -37.71 -39.26
N GLY D 3791 -36.32 -38.12 -40.37
CA GLY D 3791 -37.03 -38.87 -41.36
C GLY D 3791 -36.14 -39.12 -42.57
N ALA D 3792 -36.72 -39.85 -43.53
CA ALA D 3792 -36.02 -40.10 -44.78
C ALA D 3792 -35.88 -38.85 -45.63
N MET D 3793 -36.57 -37.77 -45.25
CA MET D 3793 -36.49 -36.50 -45.96
C MET D 3793 -35.13 -35.88 -45.70
N VAL D 3794 -34.82 -35.67 -44.43
CA VAL D 3794 -33.55 -35.08 -44.02
C VAL D 3794 -32.40 -36.07 -44.23
N SER D 3795 -32.65 -37.38 -44.04
CA SER D 3795 -31.58 -38.37 -44.12
C SER D 3795 -30.92 -38.41 -45.50
N SER D 3796 -31.73 -38.35 -46.57
CA SER D 3796 -31.18 -38.30 -47.92
C SER D 3796 -30.40 -37.02 -48.16
N THR D 3797 -30.76 -35.95 -47.46
CA THR D 3797 -30.04 -34.70 -47.61
C THR D 3797 -28.67 -34.82 -46.95
N LEU D 3798 -28.63 -35.41 -45.76
CA LEU D 3798 -27.36 -35.62 -45.07
C LEU D 3798 -26.44 -36.53 -45.88
N LYS D 3799 -26.99 -37.60 -46.45
CA LYS D 3799 -26.19 -38.50 -47.29
C LYS D 3799 -25.67 -37.80 -48.54
N LEU D 3800 -26.40 -36.81 -49.06
CA LEU D 3800 -25.85 -36.02 -50.15
C LEU D 3800 -24.79 -35.05 -49.67
N GLY D 3801 -25.01 -34.48 -48.47
CA GLY D 3801 -24.04 -33.55 -47.91
C GLY D 3801 -22.71 -34.22 -47.65
N ILE D 3802 -22.74 -35.45 -47.15
CA ILE D 3802 -21.52 -36.22 -46.97
C ILE D 3802 -20.91 -36.55 -48.33
N SER D 3803 -21.75 -36.98 -49.27
CA SER D 3803 -21.27 -37.45 -50.56
C SER D 3803 -20.59 -36.35 -51.36
N ILE D 3804 -20.90 -35.08 -51.07
CA ILE D 3804 -20.17 -33.97 -51.66
C ILE D 3804 -19.12 -33.40 -50.70
N LEU D 3805 -18.83 -34.10 -49.61
CA LEU D 3805 -17.86 -33.63 -48.63
C LEU D 3805 -16.84 -34.67 -48.22
N ASN D 3806 -16.83 -35.84 -48.86
CA ASN D 3806 -15.80 -36.84 -48.57
C ASN D 3806 -14.41 -36.30 -48.87
N GLY D 3807 -13.48 -36.59 -47.98
CA GLY D 3807 -12.13 -36.08 -48.09
C GLY D 3807 -11.98 -34.62 -47.73
N GLY D 3808 -13.01 -34.00 -47.15
CA GLY D 3808 -13.00 -32.60 -46.75
C GLY D 3808 -12.75 -31.62 -47.88
N ASN D 3809 -13.70 -31.50 -48.80
CA ASN D 3809 -13.56 -30.55 -49.91
C ASN D 3809 -13.54 -29.12 -49.42
N ALA D 3810 -12.41 -28.45 -49.66
CA ALA D 3810 -12.19 -27.11 -49.11
C ALA D 3810 -13.11 -26.10 -49.79
N GLU D 3811 -13.43 -26.34 -51.06
CA GLU D 3811 -14.33 -25.46 -51.79
C GLU D 3811 -15.73 -25.57 -51.23
N VAL D 3812 -16.19 -26.80 -50.99
CA VAL D 3812 -17.55 -27.00 -50.47
C VAL D 3812 -17.66 -26.36 -49.09
N GLN D 3813 -16.65 -26.60 -48.23
CA GLN D 3813 -16.65 -25.98 -46.91
C GLN D 3813 -16.63 -24.46 -46.96
N GLN D 3814 -15.98 -23.89 -47.99
CA GLN D 3814 -15.95 -22.44 -48.14
C GLN D 3814 -17.29 -21.90 -48.63
N LYS D 3815 -17.91 -22.59 -49.59
CA LYS D 3815 -19.21 -22.18 -50.10
C LYS D 3815 -20.27 -22.25 -49.02
N MET D 3816 -20.25 -23.33 -48.23
CA MET D 3816 -21.21 -23.52 -47.15
C MET D 3816 -21.04 -22.46 -46.08
N LEU D 3817 -19.79 -22.19 -45.67
CA LEU D 3817 -19.56 -21.19 -44.63
C LEU D 3817 -19.95 -19.81 -45.11
N ASP D 3818 -19.65 -19.49 -46.37
CA ASP D 3818 -20.02 -18.20 -46.94
C ASP D 3818 -21.53 -18.03 -46.99
N TYR D 3819 -22.25 -19.08 -47.41
CA TYR D 3819 -23.69 -18.99 -47.51
C TYR D 3819 -24.33 -18.82 -46.14
N LEU D 3820 -23.81 -19.53 -45.13
CA LEU D 3820 -24.38 -19.39 -43.80
C LEU D 3820 -24.10 -18.01 -43.23
N LYS D 3821 -22.93 -17.46 -43.56
CA LYS D 3821 -22.53 -16.19 -42.97
C LYS D 3821 -23.35 -15.06 -43.58
N ASP D 3822 -23.49 -15.03 -44.91
CA ASP D 3822 -24.22 -13.90 -45.45
C ASP D 3822 -25.73 -14.06 -45.34
N LYS D 3823 -26.24 -15.29 -45.16
CA LYS D 3823 -27.68 -15.40 -44.93
C LYS D 3823 -28.07 -15.13 -43.48
N LYS D 3824 -27.15 -15.38 -42.53
CA LYS D 3824 -27.40 -15.20 -41.09
C LYS D 3824 -28.67 -15.92 -40.60
N GLU D 3825 -28.86 -17.16 -41.06
CA GLU D 3825 -30.04 -17.94 -40.70
C GLU D 3825 -29.77 -18.78 -39.46
N VAL D 3826 -30.64 -18.62 -38.44
CA VAL D 3826 -30.57 -19.47 -37.26
C VAL D 3826 -31.31 -20.79 -37.43
N GLY D 3827 -32.07 -20.95 -38.53
CA GLY D 3827 -32.86 -22.15 -38.70
C GLY D 3827 -32.01 -23.39 -38.93
N PHE D 3828 -30.82 -23.20 -39.49
CA PHE D 3828 -29.92 -24.31 -39.75
C PHE D 3828 -29.42 -24.92 -38.46
N PHE D 3829 -28.91 -24.08 -37.57
CA PHE D 3829 -28.36 -24.63 -36.33
C PHE D 3829 -29.47 -25.04 -35.38
N GLN D 3830 -30.62 -24.36 -35.41
CA GLN D 3830 -31.74 -24.80 -34.59
C GLN D 3830 -32.26 -26.16 -35.04
N SER D 3831 -32.20 -26.44 -36.35
CA SER D 3831 -32.64 -27.74 -36.82
C SER D 3831 -31.60 -28.81 -36.52
N ILE D 3832 -30.31 -28.47 -36.60
CA ILE D 3832 -29.26 -29.41 -36.25
C ILE D 3832 -29.36 -29.79 -34.78
N GLN D 3833 -29.57 -28.78 -33.91
CA GLN D 3833 -29.72 -29.03 -32.48
C GLN D 3833 -30.94 -29.90 -32.19
N ALA D 3834 -32.07 -29.62 -32.84
CA ALA D 3834 -33.26 -30.44 -32.62
C ALA D 3834 -33.06 -31.87 -33.11
N LEU D 3835 -32.41 -32.02 -34.27
CA LEU D 3835 -32.12 -33.34 -34.81
C LEU D 3835 -31.22 -34.12 -33.87
N MET D 3836 -30.22 -33.46 -33.30
CA MET D 3836 -29.29 -34.15 -32.42
C MET D 3836 -29.96 -34.52 -31.12
N GLN D 3837 -30.85 -33.66 -30.62
CA GLN D 3837 -31.56 -33.95 -29.38
C GLN D 3837 -32.58 -35.07 -29.55
N THR D 3838 -33.00 -35.33 -30.77
CA THR D 3838 -33.97 -36.40 -31.01
C THR D 3838 -33.33 -37.76 -31.25
N CYS D 3839 -32.00 -37.83 -31.33
CA CYS D 3839 -31.32 -39.10 -31.53
C CYS D 3839 -31.48 -40.01 -30.31
N SER D 3840 -31.49 -41.31 -30.57
CA SER D 3840 -31.80 -42.33 -29.59
C SER D 3840 -30.56 -43.01 -29.04
N VAL D 3841 -30.61 -43.38 -27.77
CA VAL D 3841 -29.55 -44.13 -27.11
C VAL D 3841 -30.08 -45.52 -26.79
N LEU D 3842 -29.21 -46.38 -26.23
CA LEU D 3842 -29.57 -47.75 -25.89
C LEU D 3842 -30.71 -47.79 -24.88
N ASP D 3843 -31.67 -48.69 -25.09
CA ASP D 3843 -32.84 -48.80 -24.23
C ASP D 3843 -32.90 -50.21 -23.68
N LEU D 3844 -32.89 -50.31 -22.34
CA LEU D 3844 -33.04 -51.59 -21.67
C LEU D 3844 -34.45 -52.14 -21.81
N ASN D 3845 -35.46 -51.31 -21.57
CA ASN D 3845 -36.84 -51.77 -21.62
C ASN D 3845 -37.17 -52.30 -23.01
N ALA D 3846 -36.76 -51.56 -24.06
CA ALA D 3846 -36.95 -52.02 -25.43
C ALA D 3846 -36.12 -53.27 -25.71
N PHE D 3847 -35.00 -53.45 -25.00
CA PHE D 3847 -34.20 -54.64 -25.23
C PHE D 3847 -34.91 -55.86 -24.66
N GLU D 3848 -35.46 -55.72 -23.45
CA GLU D 3848 -36.18 -56.83 -22.83
C GLU D 3848 -37.41 -57.19 -23.65
N ARG D 3849 -38.17 -56.18 -24.11
CA ARG D 3849 -39.33 -56.45 -24.95
C ARG D 3849 -38.93 -57.15 -26.25
N GLN D 3850 -37.80 -56.74 -26.84
CA GLN D 3850 -37.31 -57.39 -28.05
C GLN D 3850 -36.94 -58.85 -27.78
N ASN D 3851 -36.34 -59.10 -26.62
CA ASN D 3851 -35.95 -60.46 -26.25
C ASN D 3851 -37.17 -61.34 -26.07
N LYS D 3852 -38.18 -60.85 -25.33
CA LYS D 3852 -39.38 -61.63 -25.10
C LYS D 3852 -40.13 -61.89 -26.41
N ALA D 3853 -40.21 -60.87 -27.28
CA ALA D 3853 -40.84 -61.06 -28.58
C ALA D 3853 -40.08 -62.08 -29.41
N GLU D 3854 -38.75 -62.08 -29.31
CA GLU D 3854 -37.98 -63.10 -30.01
C GLU D 3854 -38.25 -64.48 -29.43
N GLY D 3855 -38.48 -64.54 -28.10
CA GLY D 3855 -38.79 -65.81 -27.46
C GLY D 3855 -40.10 -66.40 -27.95
N LEU D 3856 -41.08 -65.55 -28.24
CA LEU D 3856 -42.36 -66.05 -28.76
C LEU D 3856 -42.17 -66.71 -30.13
N GLY D 3857 -41.41 -66.07 -31.01
CA GLY D 3857 -41.16 -66.58 -32.36
C GLY D 3857 -42.38 -66.76 -33.23
N MET D 3858 -43.31 -65.81 -33.19
CA MET D 3858 -44.59 -66.00 -33.86
C MET D 3858 -44.42 -65.77 -35.36
N VAL D 3859 -45.26 -66.46 -36.14
CA VAL D 3859 -45.12 -66.49 -37.59
C VAL D 3859 -46.45 -66.07 -38.22
N ASN D 3860 -46.43 -65.89 -39.53
CA ASN D 3860 -47.65 -65.51 -40.25
C ASN D 3860 -48.41 -66.76 -40.69
N GLU D 3861 -49.58 -66.55 -41.29
CA GLU D 3861 -50.46 -67.66 -41.68
C GLU D 3861 -50.15 -68.17 -43.07
N ASP D 3862 -50.06 -67.29 -44.06
CA ASP D 3862 -49.80 -67.70 -45.45
C ASP D 3862 -48.35 -68.11 -45.62
N GLY D 3863 -48.00 -69.29 -45.11
CA GLY D 3863 -46.62 -69.74 -45.07
C GLY D 3863 -46.07 -69.55 -43.68
N THR D 3864 -44.77 -69.25 -43.59
CA THR D 3864 -44.09 -69.08 -42.31
C THR D 3864 -42.77 -68.37 -42.54
N VAL D 3865 -42.53 -67.29 -41.79
CA VAL D 3865 -41.22 -66.66 -41.73
C VAL D 3865 -40.58 -67.03 -40.39
N ILE D 3866 -39.44 -67.71 -40.46
CA ILE D 3866 -38.76 -68.20 -39.27
C ILE D 3866 -37.75 -67.16 -38.82
N ASN D 3867 -37.85 -66.73 -37.56
CA ASN D 3867 -37.01 -65.69 -36.94
C ASN D 3867 -37.11 -64.39 -37.73
N ARG D 3868 -38.32 -63.82 -37.69
CA ARG D 3868 -38.68 -62.63 -38.47
C ARG D 3868 -37.76 -61.47 -38.15
N GLN D 3869 -37.34 -60.76 -39.19
CA GLN D 3869 -36.37 -59.67 -39.07
C GLN D 3869 -37.05 -58.30 -39.18
N ASN D 3870 -38.21 -58.16 -38.54
CA ASN D 3870 -38.86 -56.86 -38.42
C ASN D 3870 -37.93 -55.86 -37.71
N GLY D 3871 -38.20 -54.57 -37.93
CA GLY D 3871 -37.32 -53.47 -37.54
C GLY D 3871 -36.80 -53.46 -36.12
N GLU D 3872 -35.50 -53.23 -35.98
CA GLU D 3872 -34.86 -53.23 -34.66
C GLU D 3872 -35.34 -52.05 -33.84
N LYS D 3873 -35.76 -52.32 -32.60
CA LYS D 3873 -36.33 -51.29 -31.76
C LYS D 3873 -35.32 -50.70 -30.77
N VAL D 3874 -34.05 -51.09 -30.87
CA VAL D 3874 -32.98 -50.48 -30.10
C VAL D 3874 -32.00 -49.86 -31.08
N MET D 3875 -31.75 -48.55 -30.94
CA MET D 3875 -30.92 -47.76 -31.86
C MET D 3875 -31.39 -47.88 -33.31
N ALA D 3876 -32.68 -47.59 -33.52
CA ALA D 3876 -33.24 -47.70 -34.86
C ALA D 3876 -32.60 -46.70 -35.82
N ASP D 3877 -32.34 -45.49 -35.32
CA ASP D 3877 -31.76 -44.41 -36.12
C ASP D 3877 -30.25 -44.28 -35.90
N ASP D 3878 -29.58 -45.41 -35.65
CA ASP D 3878 -28.13 -45.38 -35.46
C ASP D 3878 -27.40 -44.94 -36.73
N GLU D 3879 -27.82 -45.44 -37.89
CA GLU D 3879 -27.20 -45.07 -39.16
C GLU D 3879 -27.40 -43.58 -39.44
N PHE D 3880 -28.50 -43.01 -38.95
CA PHE D 3880 -28.76 -41.59 -39.10
C PHE D 3880 -27.92 -40.78 -38.15
N THR D 3881 -27.75 -41.24 -36.91
CA THR D 3881 -26.91 -40.48 -35.98
C THR D 3881 -25.45 -40.55 -36.42
N GLN D 3882 -25.07 -41.70 -37.01
CA GLN D 3882 -23.73 -41.88 -37.54
C GLN D 3882 -23.46 -40.94 -38.70
N ASP D 3883 -24.41 -40.80 -39.63
CA ASP D 3883 -24.07 -39.93 -40.74
C ASP D 3883 -24.38 -38.47 -40.46
N LEU D 3884 -25.12 -38.17 -39.38
CA LEU D 3884 -25.23 -36.79 -38.94
C LEU D 3884 -23.90 -36.32 -38.37
N PHE D 3885 -23.28 -37.16 -37.54
CA PHE D 3885 -22.00 -36.76 -36.99
C PHE D 3885 -20.90 -36.85 -38.02
N ARG D 3886 -21.01 -37.78 -38.98
CA ARG D 3886 -20.05 -37.80 -40.09
C ARG D 3886 -20.12 -36.52 -40.90
N PHE D 3887 -21.34 -36.00 -41.14
CA PHE D 3887 -21.51 -34.72 -41.82
C PHE D 3887 -20.87 -33.58 -41.03
N LEU D 3888 -21.09 -33.58 -39.71
CA LEU D 3888 -20.51 -32.55 -38.87
C LEU D 3888 -18.98 -32.63 -38.87
N GLN D 3889 -18.44 -33.85 -38.81
CA GLN D 3889 -16.99 -34.02 -38.87
C GLN D 3889 -16.43 -33.54 -40.20
N LEU D 3890 -17.12 -33.85 -41.30
CA LEU D 3890 -16.68 -33.44 -42.63
C LEU D 3890 -16.68 -31.94 -42.76
N LEU D 3891 -17.54 -31.24 -42.00
CA LEU D 3891 -17.59 -29.79 -42.10
C LEU D 3891 -16.27 -29.18 -41.62
N CYS D 3892 -15.72 -29.71 -40.53
CA CYS D 3892 -14.50 -29.19 -39.93
C CYS D 3892 -13.25 -29.95 -40.33
N GLU D 3893 -13.36 -30.91 -41.26
CA GLU D 3893 -12.19 -31.72 -41.63
C GLU D 3893 -11.15 -30.86 -42.34
N GLY D 3894 -9.88 -31.14 -42.06
CA GLY D 3894 -8.80 -30.34 -42.59
C GLY D 3894 -8.42 -29.14 -41.75
N HIS D 3895 -8.79 -29.13 -40.47
CA HIS D 3895 -8.53 -28.05 -39.51
C HIS D 3895 -9.04 -26.71 -40.01
N ASN D 3896 -10.29 -26.72 -40.49
CA ASN D 3896 -10.96 -25.52 -41.00
C ASN D 3896 -11.40 -24.67 -39.81
N ASN D 3897 -10.43 -23.96 -39.21
CA ASN D 3897 -10.64 -23.19 -37.99
C ASN D 3897 -11.68 -22.09 -38.15
N ASP D 3898 -11.90 -21.62 -39.38
CA ASP D 3898 -12.97 -20.67 -39.69
C ASP D 3898 -14.33 -21.27 -39.38
N PHE D 3899 -14.49 -22.55 -39.67
CA PHE D 3899 -15.79 -23.18 -39.51
C PHE D 3899 -15.90 -23.76 -38.12
N GLN D 3900 -14.75 -24.17 -37.57
CA GLN D 3900 -14.69 -24.66 -36.20
C GLN D 3900 -15.13 -23.60 -35.21
N ASN D 3901 -14.68 -22.35 -35.41
CA ASN D 3901 -15.14 -21.28 -34.53
C ASN D 3901 -16.59 -20.91 -34.78
N TYR D 3902 -17.09 -21.19 -35.98
CA TYR D 3902 -18.48 -20.91 -36.29
C TYR D 3902 -19.40 -21.89 -35.59
N LEU D 3903 -18.99 -23.16 -35.49
CA LEU D 3903 -19.82 -24.14 -34.79
C LEU D 3903 -19.93 -23.78 -33.31
N ARG D 3904 -18.82 -23.35 -32.72
CA ARG D 3904 -18.83 -23.00 -31.31
C ARG D 3904 -19.72 -21.79 -31.07
N THR D 3905 -19.60 -20.77 -31.93
CA THR D 3905 -20.43 -19.59 -31.78
C THR D 3905 -20.57 -18.88 -33.12
N GLN D 3906 -21.80 -18.49 -33.42
CA GLN D 3906 -22.12 -17.80 -34.66
C GLN D 3906 -22.21 -16.31 -34.35
N THR D 3907 -21.25 -15.54 -34.87
CA THR D 3907 -21.20 -14.11 -34.58
C THR D 3907 -22.40 -13.38 -35.16
N GLY D 3908 -22.67 -13.60 -36.45
CA GLY D 3908 -23.67 -12.82 -37.17
C GLY D 3908 -25.08 -12.98 -36.64
N ASN D 3909 -25.48 -14.21 -36.35
CA ASN D 3909 -26.86 -14.51 -35.98
C ASN D 3909 -27.24 -13.84 -34.65
N THR D 3910 -28.55 -13.66 -34.48
CA THR D 3910 -29.04 -13.09 -33.22
C THR D 3910 -28.94 -14.10 -32.09
N THR D 3911 -29.19 -15.37 -32.38
CA THR D 3911 -29.18 -16.44 -31.39
C THR D 3911 -28.08 -17.43 -31.72
N THR D 3912 -27.25 -17.75 -30.72
CA THR D 3912 -26.09 -18.60 -30.90
C THR D 3912 -26.40 -19.97 -30.30
N ILE D 3913 -26.18 -21.03 -31.10
CA ILE D 3913 -26.40 -22.40 -30.67
C ILE D 3913 -25.06 -23.11 -30.57
N ASN D 3914 -24.68 -23.50 -29.36
CA ASN D 3914 -23.39 -24.15 -29.16
C ASN D 3914 -23.53 -25.63 -29.53
N ILE D 3915 -23.10 -25.95 -30.75
CA ILE D 3915 -23.17 -27.30 -31.27
C ILE D 3915 -22.22 -28.19 -30.48
N ILE D 3916 -21.10 -27.61 -30.02
CA ILE D 3916 -20.07 -28.34 -29.30
C ILE D 3916 -20.63 -28.91 -28.00
N ILE D 3917 -21.30 -28.05 -27.23
CA ILE D 3917 -21.92 -28.46 -25.97
C ILE D 3917 -23.05 -29.45 -26.24
N CYS D 3918 -23.84 -29.22 -27.30
CA CYS D 3918 -24.93 -30.14 -27.58
C CYS D 3918 -24.40 -31.53 -27.95
N THR D 3919 -23.24 -31.57 -28.63
CA THR D 3919 -22.57 -32.83 -28.96
C THR D 3919 -22.12 -33.54 -27.70
N VAL D 3920 -21.57 -32.78 -26.75
CA VAL D 3920 -21.12 -33.37 -25.49
C VAL D 3920 -22.31 -33.96 -24.73
N ASP D 3921 -23.41 -33.20 -24.67
CA ASP D 3921 -24.61 -33.67 -23.99
C ASP D 3921 -25.20 -34.92 -24.63
N TYR D 3922 -24.99 -35.09 -25.94
CA TYR D 3922 -25.39 -36.34 -26.57
C TYR D 3922 -24.45 -37.47 -26.17
N LEU D 3923 -23.15 -37.17 -26.05
CA LEU D 3923 -22.20 -38.19 -25.64
C LEU D 3923 -22.54 -38.68 -24.24
N LEU D 3924 -22.89 -37.76 -23.35
CA LEU D 3924 -23.31 -38.11 -21.99
C LEU D 3924 -24.54 -39.01 -22.03
N ARG D 3925 -25.52 -38.68 -22.89
CA ARG D 3925 -26.71 -39.52 -22.98
C ARG D 3925 -26.38 -40.90 -23.55
N LEU D 3926 -25.35 -40.99 -24.38
CA LEU D 3926 -24.98 -42.28 -24.95
C LEU D 3926 -24.24 -43.13 -23.93
N GLN D 3927 -23.38 -42.50 -23.14
CA GLN D 3927 -22.62 -43.27 -22.16
C GLN D 3927 -23.48 -43.70 -20.99
N GLU D 3928 -24.50 -42.92 -20.62
CA GLU D 3928 -25.41 -43.34 -19.56
C GLU D 3928 -26.10 -44.64 -19.95
N SER D 3929 -26.53 -44.72 -21.22
CA SER D 3929 -27.15 -45.92 -21.76
C SER D 3929 -26.16 -47.08 -21.78
N ILE D 3930 -24.91 -46.81 -22.18
CA ILE D 3930 -23.91 -47.87 -22.27
C ILE D 3930 -23.59 -48.44 -20.88
N SER D 3931 -23.42 -47.55 -19.89
CA SER D 3931 -23.20 -47.97 -18.51
C SER D 3931 -24.36 -48.78 -17.96
N ASP D 3932 -25.60 -48.33 -18.22
CA ASP D 3932 -26.74 -49.11 -17.79
C ASP D 3932 -26.97 -50.36 -18.63
N PHE D 3933 -26.30 -50.50 -19.77
CA PHE D 3933 -26.37 -51.77 -20.47
C PHE D 3933 -25.30 -52.71 -19.94
N TYR D 3934 -24.18 -52.15 -19.45
CA TYR D 3934 -23.19 -52.93 -18.73
C TYR D 3934 -23.77 -53.57 -17.49
N TRP D 3935 -24.33 -52.75 -16.60
CA TRP D 3935 -24.72 -53.21 -15.27
C TRP D 3935 -25.71 -54.38 -15.32
N TYR D 3936 -26.58 -54.41 -16.33
CA TYR D 3936 -27.54 -55.50 -16.44
C TYR D 3936 -26.85 -56.78 -16.90
N TYR D 3937 -25.70 -56.67 -17.57
CA TYR D 3937 -24.89 -57.83 -17.93
C TYR D 3937 -23.77 -58.11 -16.95
N SER D 3938 -23.65 -57.31 -15.89
CA SER D 3938 -22.61 -57.53 -14.89
C SER D 3938 -22.80 -58.88 -14.21
N GLY D 3939 -24.04 -59.23 -13.87
CA GLY D 3939 -24.31 -60.53 -13.29
C GLY D 3939 -24.07 -61.65 -14.28
N LYS D 3940 -24.57 -61.49 -15.50
CA LYS D 3940 -24.46 -62.51 -16.54
C LYS D 3940 -23.00 -62.74 -16.93
N ASP D 3941 -22.70 -63.99 -17.27
CA ASP D 3941 -21.34 -64.38 -17.62
C ASP D 3941 -21.06 -64.40 -19.13
N VAL D 3942 -22.07 -64.61 -19.96
CA VAL D 3942 -21.88 -64.65 -21.40
C VAL D 3942 -22.75 -63.56 -22.04
N ILE D 3943 -22.27 -63.02 -23.15
CA ILE D 3943 -22.97 -61.97 -23.88
C ILE D 3943 -23.52 -62.57 -25.17
N GLU D 3944 -24.83 -62.57 -25.28
CA GLU D 3944 -25.51 -63.23 -26.40
C GLU D 3944 -25.42 -62.39 -27.68
N GLU D 3945 -26.12 -62.87 -28.72
CA GLU D 3945 -25.95 -62.33 -30.07
C GLU D 3945 -26.51 -60.91 -30.19
N GLN D 3946 -27.73 -60.69 -29.69
CA GLN D 3946 -28.34 -59.36 -29.80
C GLN D 3946 -27.55 -58.35 -28.99
N GLY D 3947 -27.06 -58.77 -27.83
CA GLY D 3947 -26.23 -57.90 -27.00
C GLY D 3947 -24.95 -57.50 -27.71
N LYS D 3948 -24.32 -58.47 -28.40
CA LYS D 3948 -23.12 -58.17 -29.17
C LYS D 3948 -23.43 -57.20 -30.30
N ARG D 3949 -24.53 -57.43 -31.03
CA ARG D 3949 -24.86 -56.53 -32.14
C ARG D 3949 -25.20 -55.13 -31.66
N ASN D 3950 -25.80 -55.04 -30.47
CA ASN D 3950 -26.14 -53.76 -29.87
C ASN D 3950 -24.88 -53.00 -29.48
N PHE D 3951 -23.91 -53.70 -28.88
CA PHE D 3951 -22.61 -53.08 -28.67
C PHE D 3951 -21.94 -52.69 -29.96
N SER D 3952 -21.99 -53.53 -31.00
CA SER D 3952 -21.33 -53.21 -32.27
C SER D 3952 -21.79 -51.88 -32.85
N LYS D 3953 -23.11 -51.66 -32.83
CA LYS D 3953 -23.62 -50.39 -33.32
C LYS D 3953 -23.44 -49.24 -32.32
N ALA D 3954 -23.51 -49.51 -31.01
CA ALA D 3954 -23.30 -48.42 -30.05
C ALA D 3954 -21.84 -47.99 -30.03
N MET D 3955 -20.91 -48.92 -30.18
CA MET D 3955 -19.50 -48.58 -30.28
C MET D 3955 -19.23 -47.79 -31.55
N SER D 3956 -19.85 -48.21 -32.67
CA SER D 3956 -19.66 -47.48 -33.93
C SER D 3956 -20.14 -46.03 -33.81
N VAL D 3957 -21.29 -45.84 -33.14
CA VAL D 3957 -21.81 -44.50 -32.93
C VAL D 3957 -20.89 -43.68 -32.03
N ALA D 3958 -20.42 -44.28 -30.93
CA ALA D 3958 -19.51 -43.58 -30.03
C ALA D 3958 -18.17 -43.26 -30.70
N LYS D 3959 -17.73 -44.14 -31.60
CA LYS D 3959 -16.55 -43.87 -32.41
C LYS D 3959 -16.75 -42.64 -33.28
N GLN D 3960 -17.92 -42.54 -33.92
CA GLN D 3960 -18.16 -41.42 -34.83
C GLN D 3960 -18.25 -40.12 -34.05
N VAL D 3961 -18.86 -40.17 -32.85
CA VAL D 3961 -18.94 -38.99 -31.99
C VAL D 3961 -17.54 -38.56 -31.56
N PHE D 3962 -16.70 -39.52 -31.17
CA PHE D 3962 -15.36 -39.19 -30.69
C PHE D 3962 -14.51 -38.60 -31.81
N ASN D 3963 -14.64 -39.15 -33.03
CA ASN D 3963 -13.93 -38.59 -34.18
C ASN D 3963 -14.37 -37.16 -34.46
N SER D 3964 -15.68 -36.89 -34.36
CA SER D 3964 -16.17 -35.52 -34.56
C SER D 3964 -15.63 -34.59 -33.49
N LEU D 3965 -15.65 -35.04 -32.22
CA LEU D 3965 -15.09 -34.24 -31.14
C LEU D 3965 -13.59 -34.02 -31.29
N THR D 3966 -12.89 -34.95 -31.95
CA THR D 3966 -11.48 -34.74 -32.28
C THR D 3966 -11.35 -33.62 -33.29
N GLU D 3967 -12.18 -33.66 -34.34
CA GLU D 3967 -12.12 -32.67 -35.42
C GLU D 3967 -12.43 -31.28 -34.88
N TYR D 3968 -13.39 -31.17 -33.97
CA TYR D 3968 -13.74 -29.87 -33.37
C TYR D 3968 -12.59 -29.27 -32.58
N ILE D 3969 -11.62 -30.08 -32.17
CA ILE D 3969 -10.55 -29.65 -31.28
C ILE D 3969 -9.27 -29.37 -32.03
N GLN D 3970 -8.91 -30.24 -32.98
CA GLN D 3970 -7.60 -30.19 -33.62
C GLN D 3970 -7.38 -28.87 -34.37
N GLY D 3971 -6.11 -28.56 -34.61
CA GLY D 3971 -5.75 -27.35 -35.31
C GLY D 3971 -4.66 -26.50 -34.67
N PRO D 3972 -4.68 -26.26 -33.31
CA PRO D 3972 -5.75 -26.41 -32.30
C PRO D 3972 -6.75 -25.27 -32.30
N CYS D 3973 -7.99 -25.52 -31.92
CA CYS D 3973 -9.01 -24.48 -31.75
C CYS D 3973 -9.14 -24.17 -30.27
N THR D 3974 -8.53 -23.06 -29.84
CA THR D 3974 -8.44 -22.75 -28.41
C THR D 3974 -9.81 -22.55 -27.78
N GLY D 3975 -10.72 -21.88 -28.50
CA GLY D 3975 -12.06 -21.65 -27.98
C GLY D 3975 -12.80 -22.95 -27.73
N ASN D 3976 -12.67 -23.90 -28.67
CA ASN D 3976 -13.30 -25.20 -28.49
C ASN D 3976 -12.67 -25.94 -27.33
N GLN D 3977 -11.36 -25.77 -27.14
CA GLN D 3977 -10.69 -26.45 -26.03
C GLN D 3977 -11.21 -25.95 -24.68
N GLN D 3978 -11.39 -24.63 -24.54
CA GLN D 3978 -12.01 -24.12 -23.32
C GLN D 3978 -13.47 -24.57 -23.18
N SER D 3979 -14.17 -24.74 -24.31
CA SER D 3979 -15.55 -25.19 -24.26
C SER D 3979 -15.63 -26.61 -23.74
N LEU D 3980 -14.74 -27.48 -24.21
CA LEU D 3980 -14.72 -28.85 -23.71
C LEU D 3980 -14.26 -28.88 -22.27
N ALA D 3981 -13.35 -27.97 -21.90
CA ALA D 3981 -12.85 -27.92 -20.52
C ALA D 3981 -13.98 -27.63 -19.56
N HIS D 3982 -14.85 -26.68 -19.93
CA HIS D 3982 -16.01 -26.37 -19.10
C HIS D 3982 -17.21 -27.28 -19.36
N SER D 3983 -17.11 -28.22 -20.29
CA SER D 3983 -18.25 -29.08 -20.62
C SER D 3983 -18.45 -30.16 -19.56
N ARG D 3984 -19.29 -31.15 -19.90
CA ARG D 3984 -19.53 -32.35 -19.10
C ARG D 3984 -18.70 -33.53 -19.59
N LEU D 3985 -17.69 -33.24 -20.42
CA LEU D 3985 -16.89 -34.27 -21.07
C LEU D 3985 -16.19 -35.14 -20.03
N TRP D 3986 -15.70 -34.51 -18.95
CA TRP D 3986 -14.93 -35.23 -17.93
C TRP D 3986 -15.76 -36.34 -17.31
N ASP D 3987 -17.02 -36.05 -16.97
CA ASP D 3987 -17.93 -37.05 -16.44
C ASP D 3987 -18.20 -38.13 -17.47
N ALA D 3988 -18.29 -37.74 -18.76
CA ALA D 3988 -18.48 -38.76 -19.80
C ALA D 3988 -17.25 -39.66 -19.92
N VAL D 3989 -16.06 -39.08 -19.75
CA VAL D 3989 -14.82 -39.85 -19.83
C VAL D 3989 -14.74 -40.82 -18.67
N VAL D 3990 -15.06 -40.35 -17.46
CA VAL D 3990 -14.99 -41.20 -16.27
C VAL D 3990 -15.91 -42.40 -16.44
N GLY D 3991 -17.13 -42.15 -16.94
CA GLY D 3991 -18.07 -43.24 -17.15
C GLY D 3991 -17.57 -44.23 -18.20
N PHE D 3992 -16.98 -43.72 -19.28
CA PHE D 3992 -16.45 -44.60 -20.33
C PHE D 3992 -15.31 -45.45 -19.81
N LEU D 3993 -14.42 -44.84 -19.01
CA LEU D 3993 -13.31 -45.59 -18.41
C LEU D 3993 -13.82 -46.69 -17.51
N HIS D 3994 -14.85 -46.39 -16.71
CA HIS D 3994 -15.44 -47.39 -15.83
C HIS D 3994 -16.02 -48.55 -16.63
N VAL D 3995 -16.67 -48.25 -17.74
CA VAL D 3995 -17.18 -49.31 -18.62
C VAL D 3995 -16.04 -50.11 -19.26
N PHE D 3996 -14.99 -49.41 -19.70
CA PHE D 3996 -13.85 -50.05 -20.37
C PHE D 3996 -13.10 -51.01 -19.45
N ALA D 3997 -12.96 -50.61 -18.17
CA ALA D 3997 -12.24 -51.42 -17.18
C ALA D 3997 -12.86 -52.80 -17.05
N HIS D 3998 -14.17 -52.87 -17.03
CA HIS D 3998 -14.84 -54.11 -16.74
C HIS D 3998 -15.17 -54.85 -18.01
N MET D 3999 -15.34 -54.14 -19.13
CA MET D 3999 -15.48 -54.80 -20.42
C MET D 3999 -14.22 -55.55 -20.83
N MET D 4000 -13.03 -54.99 -20.57
CA MET D 4000 -11.78 -55.70 -20.86
C MET D 4000 -11.70 -57.00 -20.06
N MET D 4001 -11.98 -56.91 -18.76
CA MET D 4001 -11.89 -58.07 -17.88
C MET D 4001 -12.92 -59.13 -18.24
N LYS D 4002 -14.18 -58.73 -18.41
CA LYS D 4002 -15.24 -59.68 -18.71
C LYS D 4002 -15.06 -60.32 -20.09
N LEU D 4003 -14.63 -59.54 -21.09
CA LEU D 4003 -14.52 -60.05 -22.44
C LEU D 4003 -13.22 -60.80 -22.71
N ALA D 4004 -12.22 -60.67 -21.84
CA ALA D 4004 -10.99 -61.40 -22.11
C ALA D 4004 -11.01 -62.83 -21.61
N GLN D 4005 -11.99 -63.20 -20.77
CA GLN D 4005 -12.05 -64.56 -20.24
C GLN D 4005 -12.42 -65.59 -21.29
N ASP D 4006 -13.02 -65.19 -22.41
CA ASP D 4006 -13.51 -66.12 -23.40
C ASP D 4006 -13.10 -65.70 -24.81
N SER D 4007 -13.04 -66.68 -25.70
CA SER D 4007 -12.65 -66.46 -27.08
C SER D 4007 -13.84 -66.22 -27.99
N SER D 4008 -15.07 -66.27 -27.46
CA SER D 4008 -16.24 -66.01 -28.28
C SER D 4008 -16.49 -64.53 -28.50
N GLN D 4009 -15.87 -63.67 -27.69
CA GLN D 4009 -16.08 -62.22 -27.77
C GLN D 4009 -14.84 -61.53 -28.31
N ILE D 4010 -14.08 -62.20 -29.17
CA ILE D 4010 -12.86 -61.63 -29.72
C ILE D 4010 -13.17 -60.44 -30.62
N GLU D 4011 -14.13 -60.60 -31.54
CA GLU D 4011 -14.51 -59.53 -32.44
C GLU D 4011 -15.08 -58.34 -31.69
N LEU D 4012 -15.92 -58.61 -30.69
CA LEU D 4012 -16.51 -57.57 -29.87
C LEU D 4012 -15.45 -56.80 -29.08
N LEU D 4013 -14.49 -57.51 -28.49
CA LEU D 4013 -13.39 -56.84 -27.80
C LEU D 4013 -12.52 -56.04 -28.74
N LYS D 4014 -12.22 -56.59 -29.92
CA LYS D 4014 -11.41 -55.87 -30.91
C LYS D 4014 -12.12 -54.62 -31.40
N GLU D 4015 -13.43 -54.70 -31.63
CA GLU D 4015 -14.23 -53.54 -31.96
C GLU D 4015 -14.29 -52.55 -30.82
N LEU D 4016 -14.23 -53.03 -29.58
CA LEU D 4016 -14.19 -52.12 -28.44
C LEU D 4016 -12.85 -51.41 -28.34
N LEU D 4017 -11.77 -52.07 -28.76
CA LEU D 4017 -10.41 -51.55 -28.55
C LEU D 4017 -10.17 -50.21 -29.24
N ASP D 4018 -10.56 -50.12 -30.52
CA ASP D 4018 -10.29 -48.87 -31.21
C ASP D 4018 -11.22 -47.74 -30.79
N LEU D 4019 -12.30 -48.03 -30.03
CA LEU D 4019 -13.09 -46.96 -29.46
C LEU D 4019 -12.25 -46.17 -28.47
N GLN D 4020 -11.64 -46.86 -27.50
CA GLN D 4020 -10.78 -46.12 -26.58
C GLN D 4020 -9.49 -45.66 -27.24
N LYS D 4021 -9.07 -46.29 -28.35
CA LYS D 4021 -7.95 -45.73 -29.11
C LYS D 4021 -8.29 -44.35 -29.69
N ASP D 4022 -9.45 -44.21 -30.31
CA ASP D 4022 -9.85 -42.89 -30.80
C ASP D 4022 -10.25 -41.96 -29.67
N MET D 4023 -10.63 -42.53 -28.53
CA MET D 4023 -10.90 -41.72 -27.35
C MET D 4023 -9.63 -41.08 -26.85
N VAL D 4024 -8.58 -41.89 -26.64
CA VAL D 4024 -7.34 -41.35 -26.08
C VAL D 4024 -6.72 -40.39 -27.09
N VAL D 4025 -6.86 -40.67 -28.40
CA VAL D 4025 -6.41 -39.71 -29.42
C VAL D 4025 -7.12 -38.37 -29.26
N MET D 4026 -8.42 -38.39 -28.91
CA MET D 4026 -9.14 -37.16 -28.60
C MET D 4026 -8.58 -36.48 -27.34
N LEU D 4027 -8.26 -37.28 -26.32
CA LEU D 4027 -7.66 -36.70 -25.11
C LEU D 4027 -6.31 -36.07 -25.40
N LEU D 4028 -5.51 -36.69 -26.27
CA LEU D 4028 -4.23 -36.09 -26.66
C LEU D 4028 -4.47 -34.78 -27.39
N SER D 4029 -5.47 -34.77 -28.29
CA SER D 4029 -5.76 -33.59 -29.08
C SER D 4029 -6.20 -32.43 -28.21
N LEU D 4030 -6.82 -32.74 -27.06
CA LEU D 4030 -7.17 -31.71 -26.08
C LEU D 4030 -5.94 -31.06 -25.45
N LEU D 4031 -4.78 -31.70 -25.53
CA LEU D 4031 -3.56 -31.23 -24.89
C LEU D 4031 -2.65 -30.47 -25.83
N GLU D 4032 -3.07 -30.22 -27.07
CA GLU D 4032 -2.27 -29.45 -28.02
C GLU D 4032 -2.09 -28.02 -27.54
N GLY D 4033 -0.84 -27.60 -27.42
CA GLY D 4033 -0.48 -26.25 -27.04
C GLY D 4033 -0.94 -25.82 -25.67
N ASN D 4034 -0.72 -26.68 -24.67
CA ASN D 4034 -1.10 -26.38 -23.29
C ASN D 4034 0.07 -25.84 -22.51
N VAL D 4035 -0.18 -24.80 -21.72
CA VAL D 4035 0.86 -24.25 -20.86
C VAL D 4035 1.01 -25.11 -19.61
N VAL D 4036 2.13 -24.93 -18.92
CA VAL D 4036 2.36 -25.64 -17.67
C VAL D 4036 1.38 -25.15 -16.62
N ASN D 4037 0.90 -26.09 -15.79
CA ASN D 4037 -0.18 -25.87 -14.81
C ASN D 4037 -1.43 -25.29 -15.48
N GLY D 4038 -1.67 -25.71 -16.73
CA GLY D 4038 -2.80 -25.21 -17.46
C GLY D 4038 -4.13 -25.67 -16.90
N MET D 4039 -5.17 -24.94 -17.28
CA MET D 4039 -6.52 -25.21 -16.82
C MET D 4039 -6.99 -26.58 -17.26
N ILE D 4040 -6.90 -26.86 -18.58
CA ILE D 4040 -7.37 -28.11 -19.18
C ILE D 4040 -6.63 -29.28 -18.53
N ALA D 4041 -5.32 -29.10 -18.31
CA ALA D 4041 -4.51 -30.14 -17.70
C ALA D 4041 -4.96 -30.38 -16.27
N ARG D 4042 -5.38 -29.32 -15.57
CA ARG D 4042 -5.76 -29.45 -14.17
C ARG D 4042 -7.04 -30.25 -14.04
N GLN D 4043 -8.07 -29.94 -14.86
CA GLN D 4043 -9.26 -30.80 -14.83
C GLN D 4043 -8.93 -32.21 -15.30
N MET D 4044 -8.02 -32.34 -16.27
CA MET D 4044 -7.66 -33.66 -16.79
C MET D 4044 -7.02 -34.52 -15.69
N VAL D 4045 -6.20 -33.89 -14.85
CA VAL D 4045 -5.63 -34.56 -13.69
C VAL D 4045 -6.72 -34.94 -12.69
N ASP D 4046 -7.64 -34.01 -12.40
CA ASP D 4046 -8.75 -34.33 -11.50
C ASP D 4046 -9.61 -35.47 -12.04
N MET D 4047 -9.81 -35.49 -13.36
CA MET D 4047 -10.49 -36.57 -14.06
C MET D 4047 -9.80 -37.89 -13.79
N LEU D 4048 -8.47 -37.88 -13.77
CA LEU D 4048 -7.77 -39.14 -13.54
C LEU D 4048 -7.80 -39.50 -12.07
N VAL D 4049 -7.92 -38.51 -11.18
CA VAL D 4049 -8.00 -38.79 -9.75
C VAL D 4049 -9.30 -39.53 -9.45
N GLU D 4050 -10.42 -39.01 -9.98
CA GLU D 4050 -11.70 -39.66 -9.77
C GLU D 4050 -11.75 -41.04 -10.45
N SER D 4051 -11.20 -41.15 -11.67
CA SER D 4051 -11.16 -42.43 -12.36
C SER D 4051 -9.88 -43.23 -12.09
N SER D 4052 -9.22 -42.98 -10.95
CA SER D 4052 -7.95 -43.62 -10.61
C SER D 4052 -8.02 -45.13 -10.56
N SER D 4053 -8.99 -45.69 -9.82
CA SER D 4053 -9.15 -47.13 -9.71
C SER D 4053 -9.42 -47.78 -11.06
N ASN D 4054 -10.28 -47.15 -11.86
CA ASN D 4054 -10.63 -47.66 -13.17
C ASN D 4054 -9.40 -47.67 -14.08
N VAL D 4055 -8.72 -46.52 -14.21
CA VAL D 4055 -7.57 -46.45 -15.10
C VAL D 4055 -6.47 -47.37 -14.59
N GLU D 4056 -6.41 -47.59 -13.27
CA GLU D 4056 -5.49 -48.57 -12.71
C GLU D 4056 -5.79 -49.96 -13.27
N MET D 4057 -7.09 -50.29 -13.39
CA MET D 4057 -7.47 -51.59 -13.94
C MET D 4057 -7.12 -51.71 -15.43
N ILE D 4058 -7.31 -50.63 -16.21
CA ILE D 4058 -6.88 -50.64 -17.62
C ILE D 4058 -5.36 -50.79 -17.75
N LEU D 4059 -4.61 -50.01 -16.96
CA LEU D 4059 -3.16 -50.13 -16.94
C LEU D 4059 -2.70 -51.51 -16.50
N LYS D 4060 -3.34 -52.08 -15.48
CA LYS D 4060 -2.98 -53.41 -15.01
C LYS D 4060 -3.21 -54.45 -16.09
N PHE D 4061 -4.29 -54.30 -16.86
CA PHE D 4061 -4.56 -55.19 -17.98
C PHE D 4061 -3.45 -55.09 -19.00
N PHE D 4062 -3.02 -53.85 -19.28
CA PHE D 4062 -2.10 -53.62 -20.38
C PHE D 4062 -0.73 -54.15 -20.02
N ASP D 4063 -0.15 -53.66 -18.91
CA ASP D 4063 1.22 -54.05 -18.59
C ASP D 4063 1.32 -55.56 -18.36
N MET D 4064 0.35 -56.19 -17.67
CA MET D 4064 0.46 -57.64 -17.49
C MET D 4064 0.32 -58.40 -18.81
N PHE D 4065 -0.44 -57.87 -19.78
CA PHE D 4065 -0.51 -58.49 -21.11
C PHE D 4065 0.65 -58.15 -22.01
N LEU D 4066 1.44 -57.13 -21.67
CA LEU D 4066 2.64 -56.79 -22.42
C LEU D 4066 3.85 -57.51 -21.83
N LYS D 4067 3.92 -57.56 -20.50
CA LYS D 4067 4.98 -58.28 -19.81
C LYS D 4067 4.92 -59.76 -20.13
N LEU D 4068 3.73 -60.37 -20.19
CA LEU D 4068 3.71 -61.81 -20.44
C LEU D 4068 4.09 -62.17 -21.88
N LYS D 4069 4.18 -61.19 -22.79
CA LYS D 4069 4.74 -61.43 -24.11
C LYS D 4069 6.24 -61.73 -24.05
N ASP D 4070 6.92 -61.29 -23.00
CA ASP D 4070 8.34 -61.61 -22.81
C ASP D 4070 8.59 -62.64 -21.72
N ILE D 4071 7.76 -62.67 -20.66
CA ILE D 4071 7.92 -63.62 -19.56
C ILE D 4071 7.73 -65.08 -20.03
N VAL D 4072 7.13 -65.30 -21.21
CA VAL D 4072 7.17 -66.62 -21.84
C VAL D 4072 8.61 -67.05 -22.11
N GLY D 4073 9.48 -66.10 -22.47
CA GLY D 4073 10.90 -66.29 -22.64
C GLY D 4073 11.73 -66.18 -21.38
N SER D 4074 11.11 -65.93 -20.23
CA SER D 4074 11.83 -65.87 -18.96
C SER D 4074 12.34 -67.25 -18.59
N GLU D 4075 13.54 -67.29 -18.00
CA GLU D 4075 14.19 -68.56 -17.69
C GLU D 4075 13.39 -69.40 -16.70
N ALA D 4076 12.84 -68.78 -15.64
CA ALA D 4076 12.06 -69.52 -14.66
C ALA D 4076 10.82 -70.19 -15.26
N PHE D 4077 10.14 -69.47 -16.16
CA PHE D 4077 9.02 -70.04 -16.91
C PHE D 4077 9.49 -71.14 -17.86
N GLN D 4078 10.57 -70.89 -18.61
CA GLN D 4078 11.05 -71.86 -19.59
C GLN D 4078 11.51 -73.14 -18.90
N ASP D 4079 12.18 -73.01 -17.76
CA ASP D 4079 12.62 -74.17 -16.98
C ASP D 4079 11.42 -74.95 -16.48
N TYR D 4080 10.36 -74.26 -16.03
CA TYR D 4080 9.17 -75.00 -15.60
C TYR D 4080 8.46 -75.67 -16.77
N VAL D 4081 8.61 -75.13 -18.00
CA VAL D 4081 8.01 -75.71 -19.20
C VAL D 4081 8.53 -77.13 -19.42
N THR D 4082 7.62 -78.09 -19.52
CA THR D 4082 7.96 -79.49 -19.72
C THR D 4082 7.26 -80.12 -20.91
N ASP D 4083 6.50 -79.36 -21.70
CA ASP D 4083 5.75 -79.91 -22.83
C ASP D 4083 6.40 -79.39 -24.12
N PRO D 4084 7.13 -80.25 -24.86
CA PRO D 4084 7.69 -79.86 -26.16
C PRO D 4084 6.69 -79.35 -27.20
N ARG D 4085 5.38 -79.58 -27.04
CA ARG D 4085 4.40 -79.22 -28.05
C ARG D 4085 4.04 -77.73 -28.06
N GLY D 4086 4.86 -76.86 -27.48
CA GLY D 4086 4.54 -75.44 -27.43
C GLY D 4086 3.38 -75.15 -26.50
N LEU D 4087 3.21 -75.97 -25.48
CA LEU D 4087 2.06 -75.91 -24.58
C LEU D 4087 2.55 -75.98 -23.13
N ILE D 4088 1.66 -75.66 -22.19
CA ILE D 4088 1.99 -75.74 -20.76
C ILE D 4088 0.72 -76.06 -19.97
N SER D 4089 0.80 -76.99 -19.03
CA SER D 4089 -0.38 -77.35 -18.25
C SER D 4089 -0.72 -76.22 -17.29
N LYS D 4090 -2.00 -76.16 -16.90
CA LYS D 4090 -2.47 -75.14 -15.95
C LYS D 4090 -1.73 -75.17 -14.62
N LYS D 4091 -1.46 -76.37 -14.09
CA LYS D 4091 -0.63 -76.49 -12.88
C LYS D 4091 0.78 -75.96 -13.09
N ASP D 4092 1.36 -76.22 -14.28
CA ASP D 4092 2.70 -75.75 -14.57
C ASP D 4092 2.74 -74.25 -14.78
N PHE D 4093 1.70 -73.70 -15.41
CA PHE D 4093 1.58 -72.25 -15.54
C PHE D 4093 1.42 -71.61 -14.17
N GLN D 4094 0.61 -72.23 -13.30
CA GLN D 4094 0.44 -71.75 -11.92
C GLN D 4094 1.75 -71.70 -11.16
N LYS D 4095 2.58 -72.72 -11.31
CA LYS D 4095 3.82 -72.75 -10.55
C LYS D 4095 4.97 -72.03 -11.24
N ALA D 4096 4.80 -71.65 -12.51
CA ALA D 4096 5.80 -70.88 -13.23
C ALA D 4096 5.55 -69.38 -13.22
N MET D 4097 4.28 -68.97 -13.18
CA MET D 4097 3.93 -67.56 -13.18
C MET D 4097 4.44 -66.84 -11.94
N ASP D 4098 4.31 -67.49 -10.77
CA ASP D 4098 4.70 -66.88 -9.50
C ASP D 4098 6.18 -67.04 -9.21
N SER D 4099 6.92 -67.73 -10.08
CA SER D 4099 8.36 -67.88 -9.88
C SER D 4099 9.10 -66.57 -10.12
N GLN D 4100 8.53 -65.68 -10.93
CA GLN D 4100 9.12 -64.36 -11.12
C GLN D 4100 8.88 -63.45 -9.92
N LYS D 4101 7.95 -63.82 -9.04
CA LYS D 4101 7.56 -63.06 -7.84
C LYS D 4101 7.09 -61.65 -8.19
N GLN D 4102 6.18 -61.58 -9.18
CA GLN D 4102 5.75 -60.30 -9.73
C GLN D 4102 4.24 -60.11 -9.77
N PHE D 4103 3.45 -61.14 -9.49
CA PHE D 4103 2.01 -61.08 -9.66
C PHE D 4103 1.29 -61.37 -8.34
N THR D 4104 0.22 -60.63 -8.08
CA THR D 4104 -0.60 -60.84 -6.90
C THR D 4104 -1.76 -61.77 -7.26
N GLY D 4105 -2.48 -62.24 -6.23
CA GLY D 4105 -3.52 -63.26 -6.31
C GLY D 4105 -4.59 -63.11 -7.38
N PRO D 4106 -5.26 -61.94 -7.45
CA PRO D 4106 -6.21 -61.71 -8.55
C PRO D 4106 -5.56 -61.84 -9.92
N GLU D 4107 -4.31 -61.40 -10.08
CA GLU D 4107 -3.67 -61.59 -11.38
C GLU D 4107 -3.19 -63.01 -11.57
N ILE D 4108 -2.99 -63.76 -10.47
CA ILE D 4108 -2.63 -65.17 -10.55
C ILE D 4108 -3.76 -65.94 -11.18
N GLN D 4109 -4.97 -65.73 -10.67
CA GLN D 4109 -6.07 -66.55 -11.15
C GLN D 4109 -6.62 -65.98 -12.45
N PHE D 4110 -6.64 -64.64 -12.56
CA PHE D 4110 -7.16 -63.97 -13.75
C PHE D 4110 -6.35 -64.32 -15.00
N LEU D 4111 -5.01 -64.40 -14.88
CA LEU D 4111 -4.19 -64.80 -16.01
C LEU D 4111 -4.51 -66.22 -16.46
N LEU D 4112 -4.74 -67.10 -15.47
CA LEU D 4112 -5.10 -68.49 -15.74
C LEU D 4112 -6.42 -68.54 -16.49
N SER D 4113 -7.41 -67.77 -16.02
CA SER D 4113 -8.74 -67.83 -16.61
C SER D 4113 -8.71 -67.32 -18.04
N CYS D 4114 -7.97 -66.23 -18.29
CA CYS D 4114 -7.84 -65.69 -19.64
C CYS D 4114 -7.14 -66.67 -20.58
N SER D 4115 -6.16 -67.41 -20.07
CA SER D 4115 -5.47 -68.40 -20.90
C SER D 4115 -6.43 -69.45 -21.42
N GLU D 4116 -6.30 -69.78 -22.71
CA GLU D 4116 -7.28 -70.63 -23.38
C GLU D 4116 -7.18 -72.08 -22.93
N ALA D 4117 -7.54 -72.35 -21.68
CA ALA D 4117 -7.58 -73.71 -21.17
C ALA D 4117 -8.66 -74.50 -21.89
N ASP D 4118 -8.27 -75.57 -22.56
CA ASP D 4118 -9.18 -76.39 -23.33
C ASP D 4118 -9.82 -77.43 -22.41
N GLU D 4119 -10.44 -78.45 -22.98
CA GLU D 4119 -11.01 -79.55 -22.20
C GLU D 4119 -9.95 -80.30 -21.39
N ASN D 4120 -8.68 -80.22 -21.78
CA ASN D 4120 -7.60 -80.95 -21.13
C ASN D 4120 -6.88 -80.13 -20.07
N GLU D 4121 -7.42 -78.94 -19.73
CA GLU D 4121 -6.75 -77.95 -18.85
C GLU D 4121 -5.36 -77.60 -19.38
N MET D 4122 -5.22 -77.55 -20.70
CA MET D 4122 -3.93 -77.37 -21.35
C MET D 4122 -3.89 -75.93 -21.87
N ILE D 4123 -2.88 -75.16 -21.46
CA ILE D 4123 -2.76 -73.74 -21.84
C ILE D 4123 -1.86 -73.60 -23.07
N ASN D 4124 -2.40 -73.04 -24.15
CA ASN D 4124 -1.63 -72.77 -25.37
C ASN D 4124 -0.97 -71.39 -25.25
N PHE D 4125 0.19 -71.35 -24.57
CA PHE D 4125 0.83 -70.07 -24.29
C PHE D 4125 1.42 -69.42 -25.54
N GLU D 4126 1.46 -70.14 -26.67
CA GLU D 4126 2.00 -69.59 -27.91
C GLU D 4126 1.12 -68.46 -28.41
N GLU D 4127 -0.18 -68.72 -28.52
CA GLU D 4127 -1.09 -67.71 -29.03
C GLU D 4127 -1.78 -66.94 -27.92
N PHE D 4128 -1.64 -67.39 -26.66
CA PHE D 4128 -2.24 -66.66 -25.54
C PHE D 4128 -1.62 -65.26 -25.44
N ALA D 4129 -0.30 -65.17 -25.59
CA ALA D 4129 0.33 -63.86 -25.56
C ALA D 4129 0.01 -63.09 -26.83
N ASN D 4130 0.14 -63.75 -27.98
CA ASN D 4130 0.09 -63.07 -29.27
C ASN D 4130 -1.32 -62.71 -29.72
N ARG D 4131 -2.35 -62.95 -28.90
CA ARG D 4131 -3.73 -62.67 -29.33
C ARG D 4131 -3.98 -61.18 -29.50
N PHE D 4132 -3.66 -60.37 -28.49
CA PHE D 4132 -3.97 -58.94 -28.50
C PHE D 4132 -2.76 -58.02 -28.59
N GLN D 4133 -1.53 -58.55 -28.70
CA GLN D 4133 -0.32 -57.74 -28.58
C GLN D 4133 -0.18 -56.68 -29.67
N GLU D 4134 -0.80 -56.87 -30.83
CA GLU D 4134 -0.74 -55.82 -31.84
C GLU D 4134 -1.68 -54.65 -31.52
N PRO D 4135 -3.01 -54.80 -31.38
CA PRO D 4135 -3.83 -53.60 -31.12
C PRO D 4135 -3.63 -52.97 -29.75
N ALA D 4136 -3.36 -53.75 -28.70
CA ALA D 4136 -3.18 -53.21 -27.35
C ALA D 4136 -1.92 -52.37 -27.19
N ARG D 4137 -1.01 -52.41 -28.15
CA ARG D 4137 0.20 -51.59 -28.08
C ARG D 4137 -0.11 -50.13 -28.35
N ASP D 4138 -0.98 -49.87 -29.33
CA ASP D 4138 -1.30 -48.50 -29.71
C ASP D 4138 -1.96 -47.73 -28.56
N ILE D 4139 -2.94 -48.36 -27.90
CA ILE D 4139 -3.55 -47.74 -26.72
C ILE D 4139 -2.56 -47.63 -25.56
N GLY D 4140 -1.70 -48.65 -25.37
CA GLY D 4140 -0.73 -48.56 -24.28
C GLY D 4140 0.25 -47.42 -24.47
N PHE D 4141 0.72 -47.24 -25.72
CA PHE D 4141 1.65 -46.16 -26.01
C PHE D 4141 0.95 -44.83 -25.82
N ASN D 4142 -0.31 -44.71 -26.29
CA ASN D 4142 -0.95 -43.40 -26.23
C ASN D 4142 -1.31 -43.01 -24.81
N VAL D 4143 -1.68 -43.96 -23.95
CA VAL D 4143 -1.91 -43.61 -22.54
C VAL D 4143 -0.58 -43.26 -21.88
N ALA D 4144 0.53 -43.80 -22.42
CA ALA D 4144 1.86 -43.40 -21.93
C ALA D 4144 2.17 -41.97 -22.34
N VAL D 4145 1.84 -41.61 -23.58
CA VAL D 4145 2.02 -40.23 -24.06
C VAL D 4145 1.19 -39.28 -23.23
N LEU D 4146 -0.06 -39.68 -22.93
CA LEU D 4146 -0.96 -38.87 -22.13
C LEU D 4146 -0.41 -38.64 -20.73
N LEU D 4147 0.09 -39.71 -20.11
CA LEU D 4147 0.65 -39.58 -18.77
C LEU D 4147 1.96 -38.80 -18.76
N THR D 4148 2.79 -38.96 -19.80
CA THR D 4148 4.00 -38.16 -19.92
C THR D 4148 3.67 -36.67 -20.04
N ASN D 4149 2.69 -36.36 -20.89
CA ASN D 4149 2.31 -34.98 -21.18
C ASN D 4149 1.76 -34.31 -19.92
N LEU D 4150 0.93 -35.05 -19.18
CA LEU D 4150 0.38 -34.52 -17.95
C LEU D 4150 1.48 -34.35 -16.91
N SER D 4151 2.40 -35.32 -16.81
CA SER D 4151 3.44 -35.27 -15.79
C SER D 4151 4.33 -34.06 -15.99
N GLU D 4152 4.66 -33.77 -17.26
CA GLU D 4152 5.55 -32.65 -17.52
C GLU D 4152 4.83 -31.32 -17.35
N HIS D 4153 3.59 -31.20 -17.83
CA HIS D 4153 2.91 -29.91 -17.73
C HIS D 4153 2.25 -29.66 -16.39
N VAL D 4154 2.13 -30.66 -15.52
CA VAL D 4154 1.66 -30.47 -14.14
C VAL D 4154 2.69 -31.17 -13.26
N PRO D 4155 3.84 -30.56 -13.02
CA PRO D 4155 4.95 -31.31 -12.42
C PRO D 4155 4.82 -31.44 -10.91
N HIS D 4156 4.14 -30.52 -10.26
CA HIS D 4156 4.11 -30.43 -8.81
C HIS D 4156 2.81 -30.98 -8.23
N ASP D 4157 2.23 -32.02 -8.82
CA ASP D 4157 1.02 -32.60 -8.26
C ASP D 4157 1.30 -33.94 -7.61
N PRO D 4158 1.21 -34.03 -6.28
CA PRO D 4158 1.40 -35.33 -5.59
C PRO D 4158 0.39 -36.38 -6.02
N ARG D 4159 -0.85 -35.97 -6.32
CA ARG D 4159 -1.85 -36.93 -6.76
C ARG D 4159 -1.45 -37.53 -8.09
N LEU D 4160 -0.80 -36.72 -8.94
CA LEU D 4160 -0.29 -37.22 -10.21
C LEU D 4160 0.85 -38.20 -9.99
N ARG D 4161 1.70 -37.92 -8.98
CA ARG D 4161 2.91 -38.73 -8.77
C ARG D 4161 2.55 -40.19 -8.51
N ASN D 4162 1.46 -40.41 -7.76
CA ASN D 4162 1.04 -41.77 -7.44
C ASN D 4162 0.65 -42.51 -8.72
N PHE D 4163 0.07 -41.78 -9.68
CA PHE D 4163 -0.29 -42.38 -10.95
C PHE D 4163 0.97 -42.81 -11.67
N LEU D 4164 1.98 -41.92 -11.68
CA LEU D 4164 3.21 -42.24 -12.41
C LEU D 4164 3.86 -43.49 -11.83
N GLU D 4165 3.83 -43.61 -10.49
CA GLU D 4165 4.35 -44.82 -9.85
C GLU D 4165 3.55 -46.06 -10.25
N LEU D 4166 2.22 -45.94 -10.30
CA LEU D 4166 1.41 -47.09 -10.73
C LEU D 4166 1.58 -47.42 -12.21
N ALA D 4167 2.07 -46.46 -13.01
CA ALA D 4167 2.19 -46.64 -14.44
C ALA D 4167 3.64 -46.77 -14.91
N GLU D 4168 4.58 -46.95 -13.98
CA GLU D 4168 6.00 -46.98 -14.31
C GLU D 4168 6.36 -48.14 -15.25
N SER D 4169 5.69 -49.30 -15.13
CA SER D 4169 5.98 -50.44 -15.99
C SER D 4169 5.68 -50.15 -17.45
N ILE D 4170 4.60 -49.44 -17.71
CA ILE D 4170 4.25 -49.05 -19.08
C ILE D 4170 5.25 -48.03 -19.59
N LEU D 4171 5.56 -47.03 -18.76
CA LEU D 4171 6.45 -45.96 -19.16
C LEU D 4171 7.84 -46.48 -19.46
N GLU D 4172 8.36 -47.38 -18.60
CA GLU D 4172 9.65 -48.00 -18.89
C GLU D 4172 9.58 -48.89 -20.13
N TYR D 4173 8.43 -49.53 -20.38
CA TYR D 4173 8.31 -50.35 -21.58
C TYR D 4173 8.37 -49.51 -22.83
N PHE D 4174 7.76 -48.33 -22.81
CA PHE D 4174 7.62 -47.50 -23.99
C PHE D 4174 8.62 -46.36 -24.06
N ARG D 4175 9.50 -46.25 -23.06
CA ARG D 4175 10.53 -45.21 -23.08
C ARG D 4175 11.46 -45.26 -24.29
N PRO D 4176 11.96 -46.40 -24.79
CA PRO D 4176 12.81 -46.35 -26.00
C PRO D 4176 12.09 -45.96 -27.28
N TYR D 4177 10.78 -45.66 -27.23
CA TYR D 4177 10.00 -45.39 -28.43
C TYR D 4177 9.32 -44.04 -28.39
N LEU D 4178 9.14 -43.45 -27.21
CA LEU D 4178 8.62 -42.11 -27.09
C LEU D 4178 9.61 -41.12 -27.66
N GLY D 4179 9.16 -40.20 -28.49
CA GLY D 4179 10.09 -39.20 -28.91
C GLY D 4179 9.53 -37.86 -28.53
N ARG D 4180 10.38 -36.87 -28.34
CA ARG D 4180 9.91 -35.58 -27.87
C ARG D 4180 10.78 -34.50 -28.50
N ILE D 4181 10.14 -33.45 -28.97
CA ILE D 4181 10.81 -32.30 -29.57
C ILE D 4181 10.10 -31.05 -29.09
N GLU D 4182 10.80 -29.92 -29.14
CA GLU D 4182 10.15 -28.65 -28.84
C GLU D 4182 10.21 -27.77 -30.08
N ILE D 4183 9.06 -27.27 -30.51
CA ILE D 4183 9.00 -26.36 -31.64
C ILE D 4183 8.39 -25.04 -31.21
N MET D 4184 8.84 -23.95 -31.81
CA MET D 4184 8.14 -22.70 -31.58
C MET D 4184 6.89 -22.76 -32.44
N GLY D 4185 5.72 -22.76 -31.81
CA GLY D 4185 4.49 -23.01 -32.51
C GLY D 4185 3.84 -21.76 -33.05
N ALA D 4186 2.59 -21.91 -33.50
CA ALA D 4186 1.87 -20.78 -34.07
C ALA D 4186 1.47 -19.79 -32.99
N SER D 4187 1.44 -20.24 -31.74
CA SER D 4187 1.07 -19.46 -30.57
C SER D 4187 2.16 -18.48 -30.17
N ARG D 4188 3.34 -18.57 -30.79
CA ARG D 4188 4.56 -17.81 -30.48
C ARG D 4188 5.16 -18.25 -29.15
N ARG D 4189 4.84 -19.47 -28.74
CA ARG D 4189 5.36 -20.07 -27.53
C ARG D 4189 5.80 -21.50 -27.84
N ILE D 4190 6.87 -21.92 -27.17
CA ILE D 4190 7.41 -23.27 -27.36
C ILE D 4190 6.38 -24.32 -26.96
N GLU D 4191 6.23 -25.35 -27.80
CA GLU D 4191 5.33 -26.45 -27.52
C GLU D 4191 6.07 -27.77 -27.74
N ARG D 4192 5.89 -28.70 -26.80
CA ARG D 4192 6.43 -30.04 -26.94
C ARG D 4192 5.55 -30.90 -27.85
N ILE D 4193 6.20 -31.73 -28.65
CA ILE D 4193 5.55 -32.67 -29.56
C ILE D 4193 6.07 -34.07 -29.27
N TYR D 4194 5.14 -35.02 -29.13
CA TYR D 4194 5.43 -36.42 -28.83
C TYR D 4194 5.14 -37.24 -30.08
N PHE D 4195 6.10 -38.08 -30.48
CA PHE D 4195 6.03 -38.89 -31.70
C PHE D 4195 6.46 -40.33 -31.43
N GLU D 4196 6.27 -41.19 -32.43
CA GLU D 4196 6.61 -42.60 -32.35
C GLU D 4196 7.92 -42.88 -33.07
N ILE D 4197 8.95 -43.24 -32.33
CA ILE D 4197 10.18 -43.67 -32.99
C ILE D 4197 9.99 -45.13 -33.37
N SER D 4198 10.46 -45.55 -34.53
CA SER D 4198 10.20 -46.93 -34.89
C SER D 4198 11.43 -47.76 -34.52
N GLU D 4199 11.21 -49.06 -34.30
CA GLU D 4199 12.30 -49.92 -33.83
C GLU D 4199 13.38 -50.00 -34.91
N THR D 4200 12.95 -50.16 -36.17
CA THR D 4200 13.87 -50.29 -37.29
C THR D 4200 14.69 -49.01 -37.44
N ASN D 4201 14.02 -47.86 -37.27
CA ASN D 4201 14.65 -46.57 -37.42
C ASN D 4201 15.69 -46.36 -36.33
N ARG D 4202 15.36 -46.74 -35.09
CA ARG D 4202 16.32 -46.59 -34.00
C ARG D 4202 17.53 -47.48 -34.23
N ALA D 4203 17.30 -48.72 -34.71
CA ALA D 4203 18.41 -49.62 -34.97
C ALA D 4203 19.29 -49.06 -36.08
N GLN D 4204 18.64 -48.54 -37.12
CA GLN D 4204 19.36 -48.09 -38.31
C GLN D 4204 19.90 -46.68 -38.10
N TRP D 4205 19.66 -46.12 -36.91
CA TRP D 4205 20.26 -44.85 -36.53
C TRP D 4205 21.40 -45.15 -35.57
N GLU D 4206 21.43 -46.35 -35.03
CA GLU D 4206 22.47 -46.73 -34.09
C GLU D 4206 23.56 -47.52 -34.80
N MET D 4207 23.39 -47.76 -36.11
CA MET D 4207 24.37 -48.52 -36.86
C MET D 4207 25.67 -47.71 -37.02
N PRO D 4208 26.82 -48.38 -37.18
CA PRO D 4208 28.12 -47.65 -37.23
C PRO D 4208 28.34 -46.68 -38.38
N GLN D 4209 27.91 -47.01 -39.60
CA GLN D 4209 28.07 -46.10 -40.73
C GLN D 4209 27.25 -44.83 -40.56
N VAL D 4210 26.00 -44.92 -40.10
CA VAL D 4210 25.18 -43.72 -40.01
C VAL D 4210 25.75 -42.82 -38.89
N LYS D 4211 26.37 -43.44 -37.87
CA LYS D 4211 27.00 -42.67 -36.80
C LYS D 4211 28.21 -41.93 -37.35
N GLU D 4212 28.96 -42.59 -38.24
CA GLU D 4212 30.14 -41.95 -38.80
C GLU D 4212 29.71 -40.79 -39.71
N SER D 4213 28.62 -40.99 -40.44
CA SER D 4213 28.07 -39.94 -41.29
C SER D 4213 27.63 -38.76 -40.44
N LYS D 4214 27.03 -39.05 -39.29
CA LYS D 4214 26.58 -38.01 -38.37
C LYS D 4214 27.77 -37.22 -37.86
N ARG D 4215 28.84 -37.93 -37.48
CA ARG D 4215 30.04 -37.29 -36.95
C ARG D 4215 30.68 -36.39 -37.99
N GLN D 4216 30.69 -36.86 -39.25
CA GLN D 4216 31.24 -36.08 -40.35
C GLN D 4216 30.41 -34.81 -40.56
N PHE D 4217 29.08 -34.95 -40.52
CA PHE D 4217 28.22 -33.79 -40.74
C PHE D 4217 28.45 -32.76 -39.63
N ILE D 4218 28.52 -33.21 -38.38
CA ILE D 4218 28.69 -32.29 -37.26
C ILE D 4218 30.02 -31.56 -37.38
N PHE D 4219 31.06 -32.27 -37.84
CA PHE D 4219 32.36 -31.62 -38.04
C PHE D 4219 32.28 -30.55 -39.13
N ASP D 4220 31.68 -30.87 -40.27
CA ASP D 4220 31.64 -29.93 -41.38
C ASP D 4220 30.76 -28.71 -41.08
N VAL D 4221 29.61 -28.95 -40.45
CA VAL D 4221 28.73 -27.84 -40.06
C VAL D 4221 29.36 -26.97 -38.95
N VAL D 4222 30.02 -27.56 -37.95
CA VAL D 4222 30.50 -26.76 -36.82
C VAL D 4222 31.90 -26.23 -37.11
N ASN D 4223 32.47 -26.56 -38.26
CA ASN D 4223 33.77 -26.01 -38.63
C ASN D 4223 33.70 -25.10 -39.84
N GLU D 4224 33.15 -25.55 -40.96
CA GLU D 4224 33.18 -24.74 -42.18
C GLU D 4224 31.87 -24.01 -42.44
N GLY D 4225 30.79 -24.36 -41.74
CA GLY D 4225 29.48 -23.82 -42.02
C GLY D 4225 29.06 -22.76 -41.02
N GLY D 4226 28.53 -21.65 -41.54
CA GLY D 4226 28.06 -20.59 -40.67
C GLY D 4226 26.72 -20.93 -40.03
N GLU D 4227 26.40 -20.19 -38.97
CA GLU D 4227 25.16 -20.43 -38.23
C GLU D 4227 23.91 -20.09 -39.04
N ALA D 4228 24.03 -19.19 -40.01
CA ALA D 4228 22.88 -18.70 -40.77
C ALA D 4228 22.20 -19.82 -41.57
N GLU D 4229 22.98 -20.72 -42.13
CA GLU D 4229 22.46 -21.77 -43.00
C GLU D 4229 22.45 -23.12 -42.28
N LYS D 4230 22.75 -23.10 -40.97
CA LYS D 4230 22.93 -24.31 -40.17
C LYS D 4230 21.70 -25.19 -40.17
N MET D 4231 20.50 -24.60 -40.08
CA MET D 4231 19.32 -25.45 -39.98
C MET D 4231 18.90 -25.98 -41.34
N GLU D 4232 19.31 -25.31 -42.42
CA GLU D 4232 19.08 -25.86 -43.75
C GLU D 4232 19.98 -27.06 -43.97
N LEU D 4233 21.24 -26.92 -43.55
CA LEU D 4233 22.22 -27.98 -43.69
C LEU D 4233 21.81 -29.18 -42.84
N PHE D 4234 21.30 -28.91 -41.64
CA PHE D 4234 20.84 -29.98 -40.76
C PHE D 4234 19.67 -30.72 -41.38
N VAL D 4235 18.67 -29.99 -41.90
CA VAL D 4235 17.48 -30.64 -42.46
C VAL D 4235 17.85 -31.47 -43.69
N SER D 4236 18.81 -30.97 -44.48
CA SER D 4236 19.27 -31.72 -45.64
C SER D 4236 20.00 -32.99 -45.23
N PHE D 4237 20.84 -32.90 -44.18
CA PHE D 4237 21.48 -34.08 -43.62
C PHE D 4237 20.45 -35.09 -43.13
N CYS D 4238 19.38 -34.60 -42.49
CA CYS D 4238 18.34 -35.50 -41.99
C CYS D 4238 17.64 -36.22 -43.13
N GLU D 4239 17.38 -35.51 -44.23
CA GLU D 4239 16.74 -36.15 -45.38
C GLU D 4239 17.67 -37.18 -46.02
N ASP D 4240 18.97 -36.90 -46.03
CA ASP D 4240 19.93 -37.86 -46.59
C ASP D 4240 19.99 -39.11 -45.73
N THR D 4241 20.00 -38.92 -44.39
CA THR D 4241 19.98 -40.03 -43.45
C THR D 4241 18.70 -40.87 -43.58
N ILE D 4242 17.56 -40.20 -43.76
CA ILE D 4242 16.29 -40.91 -43.92
C ILE D 4242 16.31 -41.76 -45.19
N PHE D 4243 16.76 -41.18 -46.31
CA PHE D 4243 16.76 -41.94 -47.57
C PHE D 4243 17.74 -43.11 -47.47
N GLU D 4244 18.89 -42.88 -46.82
CA GLU D 4244 19.88 -43.93 -46.62
C GLU D 4244 19.28 -45.06 -45.82
N MET D 4245 18.50 -44.71 -44.79
CA MET D 4245 17.84 -45.69 -43.94
C MET D 4245 16.84 -46.51 -44.75
N GLN D 4246 16.11 -45.85 -45.65
CA GLN D 4246 15.17 -46.54 -46.53
C GLN D 4246 15.89 -47.52 -47.45
N ILE D 4247 17.05 -47.11 -47.99
CA ILE D 4247 17.86 -48.00 -48.81
C ILE D 4247 18.34 -49.20 -47.98
N ALA D 4248 18.75 -48.95 -46.73
CA ALA D 4248 19.18 -50.03 -45.84
C ALA D 4248 18.05 -51.01 -45.58
N ALA D 4249 16.83 -50.49 -45.41
CA ALA D 4249 15.66 -51.32 -45.21
C ALA D 4249 15.38 -52.16 -46.44
N GLN D 4250 15.49 -51.57 -47.64
CA GLN D 4250 15.21 -52.33 -48.86
C GLN D 4250 16.24 -53.44 -49.06
N ILE D 4251 17.53 -53.13 -48.86
CA ILE D 4251 18.58 -54.09 -49.12
C ILE D 4251 18.52 -55.23 -48.10
N SER D 4252 18.16 -54.93 -46.85
CA SER D 4252 18.17 -55.92 -45.77
C SER D 4252 17.28 -57.13 -46.10
N GLU D 4253 17.77 -58.32 -45.77
CA GLU D 4253 17.12 -59.56 -46.14
C GLU D 4253 16.45 -60.20 -44.94
N PRO D 4254 15.17 -60.60 -45.06
CA PRO D 4254 14.45 -61.28 -43.99
C PRO D 4254 14.57 -62.80 -44.06
N GLU D 4543 11.21 -65.67 -60.68
CA GLU D 4543 12.17 -66.58 -61.31
C GLU D 4543 13.56 -65.95 -61.33
N LEU D 4544 13.96 -65.46 -62.51
CA LEU D 4544 15.25 -64.81 -62.66
C LEU D 4544 15.34 -63.55 -61.82
N GLU D 4545 14.23 -62.81 -61.73
CA GLU D 4545 14.20 -61.53 -61.02
C GLU D 4545 14.52 -61.72 -59.55
N VAL D 4546 13.99 -62.79 -58.94
CA VAL D 4546 14.19 -63.04 -57.51
C VAL D 4546 15.67 -63.22 -57.24
N GLN D 4547 16.34 -64.01 -58.09
CA GLN D 4547 17.76 -64.30 -57.95
C GLN D 4547 18.58 -63.03 -58.12
N ARG D 4548 18.21 -62.23 -59.13
CA ARG D 4548 18.80 -60.91 -59.37
C ARG D 4548 18.74 -60.03 -58.12
N VAL D 4549 17.53 -59.86 -57.56
CA VAL D 4549 17.33 -59.00 -56.40
C VAL D 4549 18.10 -59.53 -55.20
N LYS D 4550 18.13 -60.86 -55.04
CA LYS D 4550 18.79 -61.47 -53.90
C LYS D 4550 20.30 -61.26 -53.99
N PHE D 4551 20.85 -61.44 -55.19
CA PHE D 4551 22.27 -61.26 -55.40
C PHE D 4551 22.66 -59.80 -55.18
N LEU D 4552 21.88 -58.87 -55.76
CA LEU D 4552 22.20 -57.45 -55.64
C LEU D 4552 22.13 -57.01 -54.18
N ASN D 4553 21.15 -57.53 -53.44
CA ASN D 4553 21.03 -57.26 -52.00
C ASN D 4553 22.23 -57.82 -51.23
N TYR D 4554 22.71 -59.01 -51.64
CA TYR D 4554 23.90 -59.57 -51.00
C TYR D 4554 25.10 -58.69 -51.24
N LEU D 4555 25.27 -58.21 -52.49
CA LEU D 4555 26.43 -57.40 -52.84
C LEU D 4555 26.39 -56.08 -52.09
N SER D 4556 25.18 -55.51 -51.93
CA SER D 4556 25.04 -54.24 -51.24
C SER D 4556 25.31 -54.40 -49.75
N ARG D 4557 24.85 -55.51 -49.16
CA ARG D 4557 25.11 -55.76 -47.75
C ARG D 4557 26.59 -56.02 -47.50
N ASN D 4558 27.27 -56.66 -48.44
CA ASN D 4558 28.67 -57.04 -48.29
C ASN D 4558 29.60 -56.25 -49.20
N PHE D 4559 29.29 -54.97 -49.43
CA PHE D 4559 30.11 -54.16 -50.33
C PHE D 4559 31.43 -53.78 -49.67
N TYR D 4560 31.37 -53.34 -48.41
CA TYR D 4560 32.56 -52.90 -47.69
C TYR D 4560 33.53 -54.06 -47.46
N THR D 4561 32.95 -55.24 -47.19
CA THR D 4561 33.72 -56.46 -47.03
C THR D 4561 34.42 -56.82 -48.34
N LEU D 4562 33.71 -56.68 -49.46
CA LEU D 4562 34.30 -57.00 -50.76
C LEU D 4562 35.46 -56.07 -51.07
N ARG D 4563 35.33 -54.79 -50.73
CA ARG D 4563 36.40 -53.82 -50.92
C ARG D 4563 37.62 -54.16 -50.08
N PHE D 4564 37.39 -54.64 -48.85
CA PHE D 4564 38.50 -55.10 -48.02
C PHE D 4564 39.13 -56.37 -48.58
N LEU D 4565 38.30 -57.26 -49.14
CA LEU D 4565 38.81 -58.46 -49.79
C LEU D 4565 39.69 -58.09 -50.97
N ALA D 4566 39.28 -57.07 -51.73
CA ALA D 4566 40.03 -56.62 -52.90
C ALA D 4566 41.39 -56.09 -52.47
N LEU D 4567 41.42 -55.37 -51.34
CA LEU D 4567 42.67 -54.88 -50.78
C LEU D 4567 43.57 -56.03 -50.35
N PHE D 4568 42.99 -57.07 -49.72
CA PHE D 4568 43.76 -58.23 -49.31
C PHE D 4568 44.32 -58.95 -50.53
N LEU D 4569 43.51 -59.07 -51.59
CA LEU D 4569 43.91 -59.80 -52.78
C LEU D 4569 45.04 -59.07 -53.50
N ALA D 4570 44.99 -57.74 -53.47
CA ALA D 4570 46.07 -56.93 -54.03
C ALA D 4570 47.36 -57.08 -53.22
N PHE D 4571 47.24 -57.15 -51.90
CA PHE D 4571 48.40 -57.39 -51.04
C PHE D 4571 49.01 -58.77 -51.30
N ALA D 4572 48.18 -59.79 -51.43
CA ALA D 4572 48.67 -61.13 -51.73
C ALA D 4572 49.34 -61.21 -53.09
N ILE D 4573 48.75 -60.58 -54.12
CA ILE D 4573 49.35 -60.59 -55.46
C ILE D 4573 50.70 -59.88 -55.44
N ASN D 4574 50.75 -58.72 -54.78
CA ASN D 4574 51.97 -57.95 -54.69
C ASN D 4574 53.05 -58.72 -53.94
N PHE D 4575 52.66 -59.47 -52.90
CA PHE D 4575 53.61 -60.34 -52.21
C PHE D 4575 54.17 -61.40 -53.17
N ILE D 4576 53.30 -62.02 -53.97
CA ILE D 4576 53.74 -63.06 -54.91
C ILE D 4576 54.65 -62.45 -55.97
N LEU D 4577 54.48 -61.16 -56.24
CA LEU D 4577 55.21 -60.48 -57.30
C LEU D 4577 56.59 -60.02 -56.84
N LEU D 4578 56.98 -60.35 -55.62
CA LEU D 4578 58.30 -60.06 -55.08
C LEU D 4578 59.25 -61.20 -55.33
N PHE D 4579 58.84 -62.18 -56.12
CA PHE D 4579 59.61 -63.37 -56.44
C PHE D 4579 59.90 -63.43 -57.94
N TYR D 4580 59.72 -62.33 -58.65
CA TYR D 4580 59.97 -62.30 -60.08
C TYR D 4580 61.44 -62.11 -60.36
N LYS D 4581 61.88 -62.69 -61.48
CA LYS D 4581 63.28 -62.63 -61.88
C LYS D 4581 63.29 -62.40 -63.37
N VAL D 4582 64.40 -61.84 -63.87
CA VAL D 4582 64.60 -61.60 -65.29
C VAL D 4582 65.82 -62.39 -65.76
N SER D 4583 65.74 -62.94 -66.97
CA SER D 4583 66.90 -63.59 -67.56
C SER D 4583 66.85 -63.41 -69.07
N ASP D 4584 68.03 -63.21 -69.68
CA ASP D 4584 68.06 -63.11 -71.13
C ASP D 4584 67.73 -64.45 -71.77
N SER D 4585 68.26 -65.54 -71.20
CA SER D 4585 67.95 -66.87 -71.69
C SER D 4585 66.53 -67.26 -71.31
N PRO D 4586 65.81 -67.98 -72.17
CA PRO D 4586 64.47 -68.45 -71.79
C PRO D 4586 64.54 -69.45 -70.66
N PRO D 4587 63.54 -69.46 -69.76
CA PRO D 4587 63.53 -70.34 -68.58
C PRO D 4587 63.42 -71.83 -68.96
N ASN D 4626 67.65 -59.80 -78.39
CA ASN D 4626 67.58 -60.87 -77.40
C ASN D 4626 66.67 -60.47 -76.24
N MET D 4627 65.36 -60.52 -76.49
CA MET D 4627 64.37 -60.04 -75.53
C MET D 4627 64.45 -60.82 -74.21
N VAL D 4628 64.27 -60.10 -73.10
CA VAL D 4628 64.36 -60.72 -71.79
C VAL D 4628 63.11 -61.54 -71.49
N TYR D 4629 63.26 -62.54 -70.63
CA TYR D 4629 62.16 -63.34 -70.14
C TYR D 4629 61.97 -63.06 -68.65
N TYR D 4630 60.76 -62.70 -68.26
CA TYR D 4630 60.39 -62.50 -66.86
C TYR D 4630 59.66 -63.73 -66.35
N PHE D 4631 60.12 -64.30 -65.23
CA PHE D 4631 59.52 -65.52 -64.73
C PHE D 4631 59.56 -65.51 -63.22
N LEU D 4632 58.66 -66.28 -62.61
CA LEU D 4632 58.66 -66.43 -61.16
C LEU D 4632 59.64 -67.52 -60.79
N GLU D 4633 60.52 -67.24 -59.85
CA GLU D 4633 61.44 -68.24 -59.31
C GLU D 4633 61.09 -68.50 -57.86
N GLU D 4634 60.32 -69.55 -57.61
CA GLU D 4634 60.01 -70.00 -56.26
C GLU D 4634 60.23 -71.51 -56.20
N SER D 4635 60.77 -71.97 -55.07
CA SER D 4635 61.12 -73.37 -54.92
C SER D 4635 59.89 -74.28 -54.91
N THR D 4636 58.83 -73.87 -54.19
CA THR D 4636 57.68 -74.74 -53.97
C THR D 4636 56.95 -75.09 -55.28
N GLY D 4637 56.83 -74.15 -56.19
CA GLY D 4637 56.07 -74.38 -57.41
C GLY D 4637 54.60 -74.08 -57.27
N TYR D 4638 54.19 -73.51 -56.15
CA TYR D 4638 52.80 -73.23 -55.81
C TYR D 4638 52.42 -71.77 -55.95
N MET D 4639 53.32 -70.91 -56.40
CA MET D 4639 52.96 -69.50 -56.48
C MET D 4639 52.40 -69.07 -57.83
N GLU D 4640 52.87 -69.62 -58.95
CA GLU D 4640 52.26 -69.28 -60.24
C GLU D 4640 50.79 -69.70 -60.38
N PRO D 4641 50.34 -70.92 -60.00
CA PRO D 4641 48.89 -71.20 -60.05
C PRO D 4641 48.09 -70.30 -59.13
N ALA D 4642 48.62 -70.06 -57.92
CA ALA D 4642 47.95 -69.18 -56.98
C ALA D 4642 47.85 -67.78 -57.56
N LEU D 4643 48.91 -67.31 -58.23
CA LEU D 4643 48.94 -65.97 -58.78
C LEU D 4643 47.86 -65.83 -59.85
N TRP D 4644 47.68 -66.89 -60.65
CA TRP D 4644 46.70 -66.89 -61.73
C TRP D 4644 45.29 -66.82 -61.17
N CYS D 4645 45.04 -67.65 -60.13
CA CYS D 4645 43.73 -67.68 -59.50
C CYS D 4645 43.43 -66.37 -58.79
N LEU D 4646 44.40 -65.86 -58.03
CA LEU D 4646 44.23 -64.61 -57.30
C LEU D 4646 43.96 -63.45 -58.26
N SER D 4647 44.63 -63.44 -59.42
CA SER D 4647 44.46 -62.36 -60.38
C SER D 4647 43.05 -62.38 -60.98
N LEU D 4648 42.57 -63.58 -61.35
CA LEU D 4648 41.19 -63.69 -61.83
C LEU D 4648 40.19 -63.37 -60.74
N LEU D 4649 40.49 -63.78 -59.50
CA LEU D 4649 39.61 -63.46 -58.37
C LEU D 4649 39.55 -61.96 -58.15
N HIS D 4650 40.70 -61.29 -58.27
CA HIS D 4650 40.77 -59.85 -58.06
C HIS D 4650 39.92 -59.10 -59.07
N THR D 4651 39.98 -59.54 -60.34
CA THR D 4651 39.12 -58.94 -61.36
C THR D 4651 37.65 -59.19 -61.08
N LEU D 4652 37.33 -60.37 -60.53
CA LEU D 4652 35.96 -60.67 -60.12
C LEU D 4652 35.49 -59.73 -59.01
N VAL D 4653 36.29 -59.57 -57.96
CA VAL D 4653 35.91 -58.72 -56.84
C VAL D 4653 35.79 -57.26 -57.26
N ALA D 4654 36.66 -56.80 -58.18
CA ALA D 4654 36.54 -55.44 -58.72
C ALA D 4654 35.23 -55.22 -59.47
N PHE D 4655 34.80 -56.24 -60.22
CA PHE D 4655 33.52 -56.12 -60.93
C PHE D 4655 32.35 -56.17 -59.95
N LEU D 4656 32.40 -57.07 -58.97
CA LEU D 4656 31.37 -57.13 -57.95
C LEU D 4656 31.31 -55.84 -57.12
N CYS D 4657 32.44 -55.20 -56.87
CA CYS D 4657 32.45 -53.93 -56.15
C CYS D 4657 31.78 -52.83 -56.95
N ILE D 4658 32.00 -52.81 -58.28
CA ILE D 4658 31.28 -51.84 -59.13
C ILE D 4658 29.78 -52.05 -59.02
N ILE D 4659 29.34 -53.31 -59.10
CA ILE D 4659 27.91 -53.62 -59.01
C ILE D 4659 27.36 -53.22 -57.64
N GLY D 4660 28.11 -53.53 -56.57
CA GLY D 4660 27.69 -53.17 -55.22
C GLY D 4660 27.58 -51.67 -55.05
N TYR D 4661 28.49 -50.92 -55.70
CA TYR D 4661 28.39 -49.46 -55.65
C TYR D 4661 27.10 -49.01 -56.31
N ASN D 4662 26.79 -49.59 -57.48
CA ASN D 4662 25.61 -49.16 -58.23
C ASN D 4662 24.33 -49.41 -57.43
N CYS D 4663 24.26 -50.56 -56.76
CA CYS D 4663 23.10 -50.86 -55.91
C CYS D 4663 23.05 -49.99 -54.65
N LEU D 4664 24.18 -49.69 -54.03
CA LEU D 4664 24.13 -49.05 -52.72
C LEU D 4664 24.35 -47.54 -52.69
N LYS D 4665 25.39 -47.03 -53.35
CA LYS D 4665 25.76 -45.63 -53.17
C LYS D 4665 25.31 -44.74 -54.32
N VAL D 4666 24.91 -45.29 -55.45
CA VAL D 4666 24.35 -44.48 -56.54
C VAL D 4666 22.96 -43.92 -56.21
N PRO D 4667 22.02 -44.64 -55.51
CA PRO D 4667 20.72 -44.02 -55.20
C PRO D 4667 20.82 -42.71 -54.45
N LEU D 4668 21.75 -42.61 -53.48
CA LEU D 4668 21.85 -41.37 -52.70
C LEU D 4668 22.34 -40.23 -53.57
N VAL D 4669 23.20 -40.50 -54.56
CA VAL D 4669 23.72 -39.47 -55.44
C VAL D 4669 22.60 -38.95 -56.32
N ILE D 4670 21.82 -39.89 -56.89
CA ILE D 4670 20.67 -39.54 -57.72
C ILE D 4670 19.66 -38.75 -56.91
N PHE D 4671 19.40 -39.20 -55.67
CA PHE D 4671 18.44 -38.54 -54.79
C PHE D 4671 18.87 -37.11 -54.49
N LYS D 4672 20.15 -36.92 -54.17
CA LYS D 4672 20.66 -35.60 -53.84
C LYS D 4672 20.59 -34.66 -55.04
N ARG D 4673 20.88 -35.18 -56.23
CA ARG D 4673 20.78 -34.36 -57.44
C ARG D 4673 19.33 -33.98 -57.73
N GLU D 4674 18.41 -34.94 -57.60
CA GLU D 4674 16.99 -34.64 -57.79
C GLU D 4674 16.49 -33.63 -56.75
N LYS D 4675 16.98 -33.75 -55.51
CA LYS D 4675 16.59 -32.82 -54.44
C LYS D 4675 17.07 -31.41 -54.74
N GLU D 4676 18.31 -31.27 -55.20
CA GLU D 4676 18.84 -29.95 -55.53
C GLU D 4676 18.14 -29.35 -56.74
N LEU D 4677 17.84 -30.17 -57.75
CA LEU D 4677 17.12 -29.67 -58.91
C LEU D 4677 15.71 -29.22 -58.52
N ALA D 4678 15.00 -30.04 -57.74
CA ALA D 4678 13.62 -29.75 -57.37
C ALA D 4678 13.54 -28.48 -56.54
N ARG D 4679 14.48 -28.31 -55.60
CA ARG D 4679 14.52 -27.12 -54.78
C ARG D 4679 14.87 -25.90 -55.62
N LYS D 4680 15.85 -26.02 -56.52
CA LYS D 4680 16.26 -24.89 -57.33
C LYS D 4680 15.14 -24.45 -58.26
N LEU D 4681 14.44 -25.42 -58.86
CA LEU D 4681 13.27 -25.13 -59.69
C LEU D 4681 12.19 -24.38 -58.93
N GLU D 4682 11.65 -25.02 -57.88
CA GLU D 4682 10.50 -24.44 -57.16
C GLU D 4682 10.86 -23.16 -56.42
N PHE D 4683 11.96 -23.15 -55.69
CA PHE D 4683 12.26 -22.04 -54.80
C PHE D 4683 13.26 -21.05 -55.36
N ASP D 4684 13.74 -21.23 -56.57
CA ASP D 4684 14.60 -20.20 -57.15
C ASP D 4684 14.33 -19.90 -58.61
N GLY D 4685 13.40 -20.61 -59.27
CA GLY D 4685 13.17 -20.43 -60.70
C GLY D 4685 14.39 -20.54 -61.58
N LEU D 4686 15.16 -21.63 -61.46
CA LEU D 4686 16.42 -21.75 -62.18
C LEU D 4686 16.22 -21.73 -63.69
N TYR D 4687 15.32 -22.57 -64.20
CA TYR D 4687 15.15 -22.67 -65.64
C TYR D 4687 14.01 -21.79 -66.14
N ILE D 4688 13.04 -21.54 -65.27
CA ILE D 4688 11.92 -20.66 -65.59
C ILE D 4688 12.37 -19.21 -65.76
N THR D 4689 13.30 -18.74 -64.93
CA THR D 4689 13.67 -17.32 -64.96
C THR D 4689 15.08 -17.08 -65.46
N GLU D 4690 16.10 -17.13 -64.59
CA GLU D 4690 17.45 -16.70 -64.96
C GLU D 4690 18.10 -17.54 -66.06
N GLN D 4691 18.08 -18.89 -65.93
CA GLN D 4691 18.68 -19.92 -66.82
C GLN D 4691 20.17 -20.01 -66.54
N PRO D 4692 20.78 -21.19 -66.56
CA PRO D 4692 22.23 -21.27 -66.39
C PRO D 4692 22.98 -20.76 -67.61
N GLY D 4693 24.31 -20.72 -67.53
CA GLY D 4693 25.10 -20.13 -68.59
C GLY D 4693 26.38 -20.83 -68.97
N ASP D 4694 26.31 -22.12 -69.36
CA ASP D 4694 27.39 -22.93 -69.92
C ASP D 4694 28.48 -23.32 -68.91
N ASP D 4695 28.83 -22.40 -68.02
CA ASP D 4695 29.77 -22.69 -66.93
C ASP D 4695 29.26 -23.83 -66.06
N ASP D 4696 27.96 -23.87 -65.82
CA ASP D 4696 27.37 -24.94 -65.01
C ASP D 4696 27.13 -26.14 -65.91
N VAL D 4697 28.13 -27.02 -65.93
CA VAL D 4697 28.02 -28.28 -66.67
C VAL D 4697 26.92 -29.12 -66.05
N LYS D 4698 26.81 -29.06 -64.71
CA LYS D 4698 25.79 -29.81 -63.99
C LYS D 4698 24.41 -29.31 -64.38
N GLY D 4699 24.25 -27.98 -64.48
CA GLY D 4699 22.97 -27.41 -64.88
C GLY D 4699 22.59 -27.80 -66.30
N GLN D 4700 23.58 -27.76 -67.22
CA GLN D 4700 23.32 -28.09 -68.61
C GLN D 4700 22.88 -29.54 -68.71
N TRP D 4701 23.57 -30.43 -67.98
CA TRP D 4701 23.23 -31.84 -68.05
C TRP D 4701 21.85 -32.05 -67.44
N ASP D 4702 21.55 -31.30 -66.36
CA ASP D 4702 20.30 -31.44 -65.63
C ASP D 4702 19.10 -31.05 -66.48
N ARG D 4703 19.33 -30.20 -67.50
CA ARG D 4703 18.23 -29.75 -68.36
C ARG D 4703 17.51 -30.92 -69.02
N LEU D 4704 18.24 -32.01 -69.28
CA LEU D 4704 17.73 -33.19 -69.98
C LEU D 4704 16.61 -33.90 -69.23
N VAL D 4705 16.69 -33.94 -67.89
CA VAL D 4705 15.71 -34.71 -67.13
C VAL D 4705 14.37 -33.98 -66.94
N LEU D 4706 14.34 -32.65 -67.07
CA LEU D 4706 13.16 -31.86 -66.70
C LEU D 4706 11.91 -32.27 -67.47
N ASN D 4707 12.04 -32.47 -68.79
CA ASN D 4707 10.89 -32.86 -69.59
C ASN D 4707 10.46 -34.30 -69.36
N THR D 4708 11.35 -35.17 -68.84
CA THR D 4708 11.08 -36.59 -68.77
C THR D 4708 9.91 -36.90 -67.83
N PRO D 4709 9.12 -37.93 -68.16
CA PRO D 4709 8.01 -38.33 -67.27
C PRO D 4709 8.41 -38.80 -65.89
N SER D 4710 9.66 -39.20 -65.67
CA SER D 4710 10.04 -39.81 -64.40
C SER D 4710 11.02 -38.96 -63.60
N PHE D 4711 10.95 -37.63 -63.76
CA PHE D 4711 11.90 -36.72 -63.11
C PHE D 4711 12.01 -36.87 -61.59
N PRO D 4712 10.92 -37.08 -60.80
CA PRO D 4712 11.14 -37.40 -59.40
C PRO D 4712 10.93 -38.89 -59.13
N SER D 4713 12.03 -39.63 -59.03
CA SER D 4713 11.95 -41.06 -58.79
C SER D 4713 12.49 -41.42 -57.41
N ASN D 4714 13.74 -41.08 -57.12
CA ASN D 4714 14.26 -41.31 -55.77
C ASN D 4714 13.67 -40.34 -54.76
N TYR D 4715 13.53 -39.07 -55.14
CA TYR D 4715 13.05 -38.05 -54.21
C TYR D 4715 11.58 -38.30 -53.84
N TRP D 4716 11.27 -38.00 -52.57
CA TRP D 4716 9.96 -38.26 -51.99
C TRP D 4716 8.84 -37.43 -52.62
N ASP D 4717 9.10 -36.17 -52.91
CA ASP D 4717 8.05 -35.25 -53.34
C ASP D 4717 7.68 -35.50 -54.79
N LYS D 4718 6.51 -36.07 -55.00
CA LYS D 4718 6.02 -36.39 -56.32
C LYS D 4718 5.21 -35.25 -56.90
N PHE D 4719 5.01 -34.19 -56.14
CA PHE D 4719 4.20 -33.05 -56.53
C PHE D 4719 5.04 -31.88 -57.01
N VAL D 4720 6.34 -32.09 -57.25
CA VAL D 4720 7.24 -30.98 -57.55
C VAL D 4720 6.79 -30.25 -58.81
N LYS D 4721 6.34 -31.01 -59.82
CA LYS D 4721 5.97 -30.43 -61.10
C LYS D 4721 4.75 -29.54 -60.94
N ARG D 4722 3.75 -30.04 -60.21
CA ARG D 4722 2.54 -29.30 -59.90
C ARG D 4722 2.81 -28.03 -59.09
N LYS D 4723 3.67 -28.11 -58.07
CA LYS D 4723 4.03 -26.92 -57.30
C LYS D 4723 4.74 -25.87 -58.14
N VAL D 4724 5.63 -26.28 -59.05
CA VAL D 4724 6.26 -25.29 -59.93
C VAL D 4724 5.23 -24.70 -60.87
N LEU D 4725 4.33 -25.55 -61.41
CA LEU D 4725 3.33 -25.10 -62.37
C LEU D 4725 2.40 -24.07 -61.75
N ASP D 4726 2.01 -24.31 -60.50
CA ASP D 4726 1.12 -23.40 -59.79
C ASP D 4726 1.85 -22.12 -59.40
N LYS D 4727 3.06 -22.25 -58.85
CA LYS D 4727 3.80 -21.09 -58.35
C LYS D 4727 4.24 -20.15 -59.47
N HIS D 4728 4.66 -20.68 -60.62
CA HIS D 4728 5.21 -19.84 -61.68
C HIS D 4728 4.33 -19.81 -62.93
N GLY D 4729 3.19 -20.50 -62.91
CA GLY D 4729 2.34 -20.59 -64.09
C GLY D 4729 1.76 -19.26 -64.55
N ASP D 4730 1.34 -18.43 -63.60
CA ASP D 4730 0.72 -17.16 -63.95
C ASP D 4730 1.72 -16.17 -64.54
N ILE D 4731 2.85 -15.95 -63.88
CA ILE D 4731 3.81 -14.94 -64.34
C ILE D 4731 4.50 -15.38 -65.64
N PHE D 4732 4.96 -16.64 -65.72
CA PHE D 4732 5.72 -17.06 -66.88
C PHE D 4732 4.90 -17.78 -67.94
N GLY D 4733 3.66 -18.13 -67.66
CA GLY D 4733 2.84 -18.71 -68.70
C GLY D 4733 2.75 -20.20 -68.53
N ARG D 4734 1.54 -20.64 -68.15
CA ARG D 4734 1.25 -22.05 -67.86
C ARG D 4734 1.65 -22.97 -69.00
N GLU D 4735 1.37 -22.56 -70.24
CA GLU D 4735 1.65 -23.42 -71.40
C GLU D 4735 3.14 -23.65 -71.55
N ARG D 4736 3.94 -22.59 -71.38
CA ARG D 4736 5.40 -22.71 -71.43
C ARG D 4736 5.92 -23.59 -70.31
N ILE D 4737 5.37 -23.41 -69.10
CA ILE D 4737 5.82 -24.20 -67.96
C ILE D 4737 5.48 -25.68 -68.18
N ALA D 4738 4.27 -25.94 -68.69
CA ALA D 4738 3.81 -27.31 -68.92
C ALA D 4738 4.66 -27.98 -70.00
N GLU D 4739 5.07 -27.20 -71.01
CA GLU D 4739 5.91 -27.78 -72.05
C GLU D 4739 7.30 -28.10 -71.49
N LEU D 4740 7.86 -27.19 -70.70
CA LEU D 4740 9.21 -27.38 -70.17
C LEU D 4740 9.27 -28.58 -69.23
N LEU D 4741 8.25 -28.73 -68.39
CA LEU D 4741 8.19 -29.81 -67.41
C LEU D 4741 7.47 -31.04 -67.94
N GLY D 4742 6.99 -30.97 -69.17
CA GLY D 4742 6.41 -32.10 -69.89
C GLY D 4742 5.22 -32.78 -69.26
N MET D 4743 4.27 -32.02 -68.71
CA MET D 4743 3.02 -32.57 -68.23
C MET D 4743 1.89 -31.86 -68.96
N ASP D 4744 0.96 -32.63 -69.52
CA ASP D 4744 -0.09 -32.04 -70.35
C ASP D 4744 -1.20 -31.44 -69.48
N LEU D 4745 -1.57 -30.20 -69.82
CA LEU D 4745 -2.61 -29.50 -69.07
C LEU D 4745 -3.96 -30.19 -69.18
N ALA D 4746 -4.25 -30.74 -70.37
CA ALA D 4746 -5.56 -31.31 -70.70
C ALA D 4746 -5.93 -32.49 -69.79
N SER D 4747 -4.95 -33.33 -69.43
CA SER D 4747 -5.22 -34.57 -68.72
C SER D 4747 -5.90 -34.36 -67.36
N LEU D 4748 -5.67 -33.21 -66.72
CA LEU D 4748 -6.10 -32.96 -65.36
C LEU D 4748 -7.63 -32.93 -65.17
N GLU D 4749 -8.42 -32.84 -66.25
CA GLU D 4749 -9.86 -32.65 -66.15
C GLU D 4749 -10.55 -33.79 -65.40
N ILE D 4750 -10.24 -35.03 -65.76
CA ILE D 4750 -10.83 -36.18 -65.10
C ILE D 4750 -9.77 -36.95 -64.32
N ASP D 4772 12.21 -45.02 -69.98
CA ASP D 4772 12.49 -43.60 -70.16
C ASP D 4772 13.97 -43.43 -70.49
N VAL D 4773 14.24 -43.47 -71.81
CA VAL D 4773 15.62 -43.43 -72.32
C VAL D 4773 16.32 -42.14 -71.90
N LYS D 4774 15.63 -40.99 -71.99
CA LYS D 4774 16.24 -39.70 -71.70
C LYS D 4774 16.66 -39.63 -70.23
N TYR D 4775 15.82 -40.19 -69.36
CA TYR D 4775 16.12 -40.26 -67.94
C TYR D 4775 17.32 -41.15 -67.70
N GLN D 4776 17.39 -42.31 -68.38
CA GLN D 4776 18.53 -43.20 -68.20
C GLN D 4776 19.83 -42.56 -68.67
N ILE D 4777 19.78 -41.81 -69.77
CA ILE D 4777 20.95 -41.07 -70.25
C ILE D 4777 21.41 -40.06 -69.20
N TRP D 4778 20.45 -39.35 -68.60
CA TRP D 4778 20.79 -38.35 -67.60
C TRP D 4778 21.43 -39.03 -66.40
N LYS D 4779 20.81 -40.15 -65.94
CA LYS D 4779 21.27 -40.86 -64.75
C LYS D 4779 22.68 -41.35 -64.95
N PHE D 4780 22.96 -41.94 -66.13
CA PHE D 4780 24.29 -42.48 -66.38
C PHE D 4780 25.30 -41.35 -66.48
N GLY D 4781 24.90 -40.18 -66.99
CA GLY D 4781 25.81 -39.04 -67.00
C GLY D 4781 26.17 -38.60 -65.60
N VAL D 4782 25.24 -38.75 -64.66
CA VAL D 4782 25.54 -38.31 -63.29
C VAL D 4782 26.38 -39.38 -62.59
N ILE D 4783 26.21 -40.63 -63.01
CA ILE D 4783 27.05 -41.71 -62.47
C ILE D 4783 28.47 -41.56 -62.98
N PHE D 4784 28.64 -41.22 -64.26
CA PHE D 4784 29.98 -41.08 -64.79
C PHE D 4784 30.63 -39.77 -64.35
N THR D 4785 29.87 -38.80 -63.87
CA THR D 4785 30.50 -37.68 -63.20
C THR D 4785 30.82 -37.95 -61.73
N ASP D 4786 30.22 -38.99 -61.14
CA ASP D 4786 30.55 -39.36 -59.76
C ASP D 4786 32.01 -39.80 -59.63
N ASN D 4787 32.74 -39.17 -58.71
CA ASN D 4787 34.18 -39.41 -58.56
C ASN D 4787 34.49 -40.81 -58.02
N SER D 4788 33.70 -41.30 -57.06
CA SER D 4788 33.95 -42.63 -56.50
C SER D 4788 33.72 -43.71 -57.55
N PHE D 4789 32.75 -43.51 -58.44
CA PHE D 4789 32.46 -44.53 -59.44
C PHE D 4789 33.58 -44.52 -60.47
N LEU D 4790 34.14 -43.35 -60.74
CA LEU D 4790 35.26 -43.22 -61.67
C LEU D 4790 36.48 -43.90 -61.10
N TYR D 4791 36.70 -43.76 -59.79
CA TYR D 4791 37.78 -44.46 -59.12
C TYR D 4791 37.60 -45.96 -59.21
N LEU D 4792 36.36 -46.44 -59.00
CA LEU D 4792 36.12 -47.88 -59.02
C LEU D 4792 36.30 -48.44 -60.42
N GLY D 4793 35.94 -47.63 -61.43
CA GLY D 4793 36.15 -48.02 -62.81
C GLY D 4793 37.62 -48.08 -63.17
N TRP D 4794 38.40 -47.10 -62.70
CA TRP D 4794 39.86 -47.15 -62.89
C TRP D 4794 40.44 -48.38 -62.19
N TYR D 4795 39.91 -48.73 -61.02
CA TYR D 4795 40.35 -49.91 -60.27
C TYR D 4795 40.12 -51.18 -61.09
N MET D 4796 38.96 -51.25 -61.73
CA MET D 4796 38.63 -52.38 -62.59
C MET D 4796 39.52 -52.40 -63.82
N VAL D 4797 39.77 -51.23 -64.43
CA VAL D 4797 40.57 -51.15 -65.64
C VAL D 4797 42.00 -51.61 -65.34
N MET D 4798 42.54 -51.18 -64.20
CA MET D 4798 43.88 -51.60 -63.80
C MET D 4798 43.91 -53.10 -63.52
N SER D 4799 42.81 -53.64 -62.98
CA SER D 4799 42.71 -55.08 -62.74
C SER D 4799 42.69 -55.86 -64.04
N LEU D 4800 42.01 -55.31 -65.05
CA LEU D 4800 41.95 -55.96 -66.35
C LEU D 4800 43.31 -55.90 -67.04
N LEU D 4801 43.97 -54.73 -67.00
CA LEU D 4801 45.31 -54.59 -67.56
C LEU D 4801 46.34 -55.43 -66.81
N GLY D 4802 46.05 -55.85 -65.58
CA GLY D 4802 46.99 -56.68 -64.86
C GLY D 4802 47.07 -58.09 -65.40
N HIS D 4803 46.04 -58.52 -66.14
CA HIS D 4803 46.11 -59.80 -66.83
C HIS D 4803 47.03 -59.72 -68.03
N TYR D 4804 47.02 -58.57 -68.72
CA TYR D 4804 47.93 -58.36 -69.84
C TYR D 4804 49.37 -58.29 -69.37
N ASN D 4805 49.65 -57.49 -68.34
CA ASN D 4805 50.98 -57.41 -67.75
C ASN D 4805 50.81 -57.51 -66.25
N ASN D 4806 51.50 -58.47 -65.63
CA ASN D 4806 51.28 -58.73 -64.20
C ASN D 4806 51.76 -57.59 -63.31
N PHE D 4807 52.58 -56.68 -63.81
CA PHE D 4807 53.17 -55.65 -62.98
C PHE D 4807 52.26 -54.44 -62.89
N PHE D 4808 51.08 -54.54 -63.48
CA PHE D 4808 50.05 -53.53 -63.41
C PHE D 4808 49.13 -53.76 -62.23
N PHE D 4809 49.46 -54.74 -61.39
CA PHE D 4809 48.70 -55.03 -60.20
C PHE D 4809 49.24 -54.26 -59.01
N ALA D 4810 50.21 -53.39 -59.26
CA ALA D 4810 50.84 -52.55 -58.26
C ALA D 4810 50.09 -51.25 -58.11
N ALA D 4811 49.17 -50.98 -59.03
CA ALA D 4811 48.33 -49.79 -59.00
C ALA D 4811 47.23 -49.92 -57.96
N HIS D 4812 47.06 -51.11 -57.39
CA HIS D 4812 46.00 -51.41 -56.46
C HIS D 4812 46.51 -51.27 -55.04
N LEU D 4813 47.78 -50.91 -54.89
CA LEU D 4813 48.40 -50.73 -53.59
C LEU D 4813 48.28 -49.29 -53.17
N LEU D 4814 47.77 -48.45 -54.06
CA LEU D 4814 47.52 -47.04 -53.81
C LEU D 4814 46.11 -46.84 -53.33
N ASP D 4815 45.45 -47.92 -52.93
CA ASP D 4815 44.09 -47.90 -52.43
C ASP D 4815 44.09 -48.03 -50.92
N ILE D 4816 45.26 -48.24 -50.33
CA ILE D 4816 45.42 -48.25 -48.88
C ILE D 4816 45.10 -46.87 -48.31
N ALA D 4817 45.46 -45.82 -49.06
CA ALA D 4817 45.26 -44.45 -48.62
C ALA D 4817 43.78 -44.13 -48.45
N MET D 4818 42.98 -44.46 -49.45
CA MET D 4818 41.53 -44.27 -49.34
C MET D 4818 40.91 -45.27 -48.37
N GLY D 4819 41.35 -46.53 -48.40
CA GLY D 4819 40.73 -47.55 -47.57
C GLY D 4819 40.97 -47.36 -46.08
N VAL D 4820 42.21 -47.08 -45.69
CA VAL D 4820 42.54 -47.00 -44.27
C VAL D 4820 42.26 -45.58 -43.76
N LYS D 4821 41.49 -45.50 -42.67
CA LYS D 4821 41.10 -44.20 -42.14
C LYS D 4821 42.30 -43.47 -41.55
N THR D 4822 43.18 -44.21 -40.86
CA THR D 4822 44.33 -43.58 -40.21
C THR D 4822 45.25 -42.99 -41.26
N LEU D 4823 45.41 -43.73 -42.37
CA LEU D 4823 46.28 -43.25 -43.44
C LEU D 4823 45.66 -42.04 -44.08
N ARG D 4824 44.32 -42.00 -44.14
CA ARG D 4824 43.66 -40.86 -44.77
C ARG D 4824 43.86 -39.61 -43.93
N THR D 4825 43.87 -39.77 -42.60
CA THR D 4825 44.17 -38.62 -41.73
C THR D 4825 45.62 -38.19 -41.82
N ILE D 4826 46.56 -39.13 -41.89
CA ILE D 4826 47.97 -38.74 -42.05
C ILE D 4826 48.19 -38.05 -43.38
N LEU D 4827 47.58 -38.55 -44.45
CA LEU D 4827 47.77 -37.95 -45.76
C LEU D 4827 47.00 -36.65 -45.93
N SER D 4828 45.99 -36.41 -45.09
CA SER D 4828 45.30 -35.13 -45.10
C SER D 4828 46.21 -33.99 -44.67
N SER D 4829 47.20 -34.28 -43.82
CA SER D 4829 48.20 -33.28 -43.50
C SER D 4829 49.02 -32.89 -44.73
N VAL D 4830 49.36 -33.87 -45.56
CA VAL D 4830 50.05 -33.60 -46.82
C VAL D 4830 49.18 -32.80 -47.79
N THR D 4831 47.89 -33.09 -47.83
CA THR D 4831 47.03 -32.43 -48.82
C THR D 4831 46.39 -31.15 -48.31
N HIS D 4832 46.44 -30.88 -47.01
CA HIS D 4832 45.82 -29.68 -46.46
C HIS D 4832 46.50 -28.43 -46.99
N ASN D 4833 47.83 -28.43 -47.03
CA ASN D 4833 48.62 -27.28 -47.46
C ASN D 4833 49.29 -27.58 -48.80
N GLY D 4834 48.62 -28.40 -49.61
CA GLY D 4834 49.19 -28.86 -50.86
C GLY D 4834 49.44 -27.75 -51.86
N LYS D 4835 48.51 -26.80 -51.97
CA LYS D 4835 48.66 -25.72 -52.93
C LYS D 4835 49.89 -24.87 -52.60
N GLN D 4836 50.10 -24.62 -51.31
CA GLN D 4836 51.27 -23.89 -50.88
C GLN D 4836 52.54 -24.72 -51.04
N LEU D 4837 52.43 -26.05 -50.99
CA LEU D 4837 53.60 -26.89 -51.26
C LEU D 4837 54.00 -26.84 -52.73
N VAL D 4838 53.04 -26.87 -53.65
CA VAL D 4838 53.42 -26.73 -55.06
C VAL D 4838 53.93 -25.32 -55.35
N MET D 4839 53.36 -24.30 -54.72
CA MET D 4839 53.88 -22.95 -54.90
C MET D 4839 55.31 -22.78 -54.35
N THR D 4840 55.62 -23.42 -53.21
CA THR D 4840 56.98 -23.37 -52.69
C THR D 4840 57.96 -24.15 -53.59
N VAL D 4841 57.51 -25.26 -54.19
CA VAL D 4841 58.37 -25.97 -55.14
C VAL D 4841 58.63 -25.11 -56.37
N GLY D 4842 57.63 -24.37 -56.82
CA GLY D 4842 57.83 -23.44 -57.92
C GLY D 4842 58.79 -22.30 -57.57
N LEU D 4843 58.73 -21.83 -56.33
CA LEU D 4843 59.72 -20.86 -55.86
C LEU D 4843 61.11 -21.45 -55.81
N LEU D 4844 61.25 -22.70 -55.33
CA LEU D 4844 62.53 -23.39 -55.36
C LEU D 4844 63.08 -23.55 -56.78
N ALA D 4845 62.19 -23.62 -57.77
CA ALA D 4845 62.61 -23.69 -59.16
C ALA D 4845 63.12 -22.35 -59.64
N VAL D 4846 62.41 -21.28 -59.28
CA VAL D 4846 62.81 -19.93 -59.68
C VAL D 4846 64.16 -19.58 -59.08
N VAL D 4847 64.35 -19.90 -57.79
CA VAL D 4847 65.60 -19.59 -57.11
C VAL D 4847 66.76 -20.37 -57.73
N VAL D 4848 66.57 -21.68 -57.95
CA VAL D 4848 67.62 -22.48 -58.57
C VAL D 4848 67.90 -22.01 -60.00
N TYR D 4849 66.92 -21.37 -60.65
CA TYR D 4849 67.17 -20.79 -61.96
C TYR D 4849 68.04 -19.54 -61.85
N LEU D 4850 67.83 -18.74 -60.80
CA LEU D 4850 68.66 -17.54 -60.67
C LEU D 4850 70.09 -17.89 -60.32
N TYR D 4851 70.27 -19.00 -59.59
CA TYR D 4851 71.62 -19.50 -59.34
C TYR D 4851 72.23 -20.05 -60.62
N THR D 4852 71.41 -20.68 -61.46
CA THR D 4852 71.90 -21.19 -62.75
C THR D 4852 72.37 -20.04 -63.63
N VAL D 4853 71.61 -18.95 -63.67
CA VAL D 4853 71.96 -17.78 -64.48
C VAL D 4853 73.28 -17.18 -64.01
N VAL D 4854 73.46 -17.07 -62.70
CA VAL D 4854 74.71 -16.52 -62.14
C VAL D 4854 75.89 -17.44 -62.40
N ALA D 4855 75.69 -18.76 -62.27
CA ALA D 4855 76.75 -19.72 -62.56
C ALA D 4855 77.14 -19.69 -64.02
N PHE D 4856 76.15 -19.63 -64.92
CA PHE D 4856 76.41 -19.67 -66.35
C PHE D 4856 77.16 -18.43 -66.79
N ASN D 4857 76.79 -17.27 -66.25
CA ASN D 4857 77.47 -16.04 -66.61
C ASN D 4857 78.89 -15.94 -66.03
N PHE D 4858 79.10 -16.37 -64.79
CA PHE D 4858 80.37 -16.09 -64.12
C PHE D 4858 81.19 -17.29 -63.67
N PHE D 4859 80.62 -18.47 -63.49
CA PHE D 4859 81.36 -19.56 -62.88
C PHE D 4859 81.34 -20.82 -63.73
N ARG D 4860 81.36 -20.65 -65.05
CA ARG D 4860 81.29 -21.77 -65.98
C ARG D 4860 82.51 -22.68 -65.88
N LYS D 4861 83.66 -22.13 -65.48
CA LYS D 4861 84.91 -22.90 -65.46
C LYS D 4861 84.89 -24.01 -64.41
N PHE D 4862 84.09 -23.86 -63.36
CA PHE D 4862 84.11 -24.77 -62.23
C PHE D 4862 83.14 -25.94 -62.38
N TYR D 4863 82.52 -26.10 -63.55
CA TYR D 4863 81.48 -27.11 -63.74
C TYR D 4863 81.91 -28.21 -64.69
N ASN D 4864 83.18 -28.62 -64.62
CA ASN D 4864 83.67 -29.73 -65.41
C ASN D 4864 83.61 -30.99 -64.55
N LYS D 4865 82.80 -31.96 -64.96
CA LYS D 4865 82.59 -33.18 -64.21
C LYS D 4865 83.32 -34.36 -64.84
N SER D 4866 84.44 -34.09 -65.50
CA SER D 4866 85.20 -35.12 -66.21
C SER D 4866 86.55 -35.34 -65.55
N GLU D 4867 86.78 -36.56 -65.08
CA GLU D 4867 88.11 -36.91 -64.57
C GLU D 4867 89.11 -36.96 -65.72
N ASP D 4868 88.68 -37.51 -66.87
CA ASP D 4868 89.52 -37.63 -68.05
C ASP D 4868 89.88 -36.24 -68.55
N GLU D 4869 91.18 -35.96 -68.64
CA GLU D 4869 91.64 -34.62 -69.01
C GLU D 4869 91.37 -34.32 -70.48
N ASP D 4870 91.51 -35.31 -71.37
CA ASP D 4870 91.39 -35.03 -72.79
C ASP D 4870 89.95 -34.91 -73.24
N GLU D 4871 89.00 -35.46 -72.50
CA GLU D 4871 87.60 -35.30 -72.83
C GLU D 4871 86.96 -34.45 -71.75
N PRO D 4872 86.53 -33.24 -72.03
CA PRO D 4872 85.83 -32.48 -71.00
C PRO D 4872 84.32 -32.64 -71.06
N ASP D 4873 83.72 -32.90 -69.91
CA ASP D 4873 82.28 -32.95 -69.78
C ASP D 4873 81.86 -31.70 -69.03
N MET D 4874 81.42 -30.69 -69.76
CA MET D 4874 81.09 -29.41 -69.18
C MET D 4874 79.59 -29.36 -69.01
N LYS D 4875 79.13 -29.10 -67.80
CA LYS D 4875 77.72 -29.13 -67.51
C LYS D 4875 77.11 -27.74 -67.44
N CYS D 4876 77.88 -26.70 -67.76
CA CYS D 4876 77.35 -25.35 -67.85
C CYS D 4876 77.72 -24.69 -69.16
N ASP D 4877 77.87 -25.45 -70.24
CA ASP D 4877 78.12 -24.86 -71.53
C ASP D 4877 76.85 -24.69 -72.31
N ASP D 4878 75.73 -25.04 -71.69
CA ASP D 4878 74.38 -24.87 -72.20
C ASP D 4878 73.58 -24.40 -71.00
N MET D 4879 72.46 -23.75 -71.23
CA MET D 4879 71.74 -23.27 -70.06
C MET D 4879 70.73 -24.29 -69.56
N MET D 4880 70.24 -25.16 -70.44
CA MET D 4880 69.37 -26.23 -70.00
C MET D 4880 70.15 -27.32 -69.28
N THR D 4881 71.37 -27.60 -69.72
CA THR D 4881 72.21 -28.56 -69.02
C THR D 4881 72.59 -28.05 -67.64
N CYS D 4882 72.87 -26.74 -67.52
CA CYS D 4882 73.20 -26.16 -66.22
C CYS D 4882 71.98 -26.18 -65.30
N TYR D 4883 70.80 -25.94 -65.86
CA TYR D 4883 69.58 -25.96 -65.05
C TYR D 4883 69.28 -27.36 -64.56
N LEU D 4884 69.43 -28.36 -65.44
CA LEU D 4884 69.22 -29.74 -65.03
C LEU D 4884 70.26 -30.17 -64.02
N PHE D 4885 71.50 -29.70 -64.17
CA PHE D 4885 72.57 -30.00 -63.23
C PHE D 4885 72.25 -29.47 -61.85
N HIS D 4886 71.90 -28.18 -61.77
CA HIS D 4886 71.56 -27.54 -60.51
C HIS D 4886 70.38 -28.22 -59.85
N MET D 4887 69.30 -28.46 -60.61
CA MET D 4887 68.07 -29.03 -60.07
C MET D 4887 68.27 -30.47 -59.59
N TYR D 4888 69.08 -31.23 -60.32
CA TYR D 4888 69.34 -32.61 -59.92
C TYR D 4888 70.38 -32.73 -58.81
N VAL D 4889 71.64 -32.44 -59.11
CA VAL D 4889 72.72 -32.62 -58.13
C VAL D 4889 72.63 -31.63 -56.95
N GLY D 4890 72.35 -30.33 -57.21
CA GLY D 4890 72.41 -29.36 -56.13
C GLY D 4890 71.32 -29.52 -55.08
N VAL D 4891 70.10 -29.79 -55.50
CA VAL D 4891 69.02 -29.90 -54.54
C VAL D 4891 69.18 -31.19 -53.73
N ARG D 4892 69.62 -32.26 -54.38
CA ARG D 4892 69.77 -33.55 -53.72
C ARG D 4892 71.11 -33.69 -53.01
N ALA D 4893 71.94 -32.65 -53.02
CA ALA D 4893 73.22 -32.68 -52.32
C ALA D 4893 73.11 -32.00 -50.97
N GLY D 4894 73.85 -32.54 -49.99
CA GLY D 4894 73.74 -32.06 -48.62
C GLY D 4894 74.34 -30.68 -48.44
N GLY D 4895 75.44 -30.39 -49.11
CA GLY D 4895 76.07 -29.10 -49.08
C GLY D 4895 75.72 -28.19 -50.24
N GLY D 4896 74.81 -28.61 -51.11
CA GLY D 4896 74.45 -27.81 -52.26
C GLY D 4896 75.34 -28.11 -53.45
N ILE D 4897 75.42 -27.13 -54.36
CA ILE D 4897 76.21 -27.31 -55.57
C ILE D 4897 77.70 -27.45 -55.28
N GLY D 4898 78.18 -26.80 -54.19
CA GLY D 4898 79.60 -26.78 -53.86
C GLY D 4898 80.16 -28.14 -53.56
N ASP D 4899 79.29 -29.09 -53.24
CA ASP D 4899 79.74 -30.42 -52.86
C ASP D 4899 80.13 -31.16 -54.13
N GLU D 4900 79.42 -30.87 -55.22
CA GLU D 4900 79.57 -31.59 -56.47
C GLU D 4900 80.30 -30.81 -57.55
N ILE D 4901 80.90 -29.65 -57.22
CA ILE D 4901 81.54 -28.86 -58.27
C ILE D 4901 82.96 -28.61 -57.79
N GLU D 4902 83.82 -28.24 -58.74
CA GLU D 4902 85.26 -28.08 -58.52
C GLU D 4902 85.59 -27.09 -57.41
N ASP D 4903 86.71 -27.38 -56.73
CA ASP D 4903 87.13 -26.63 -55.55
C ASP D 4903 87.48 -25.18 -55.90
N PRO D 4904 87.09 -24.22 -55.06
CA PRO D 4904 87.29 -22.81 -55.39
C PRO D 4904 88.66 -22.26 -55.07
N ALA D 4905 89.57 -23.09 -54.54
CA ALA D 4905 90.85 -22.59 -54.04
C ALA D 4905 91.71 -22.01 -55.16
N GLY D 4906 92.50 -21.00 -54.80
CA GLY D 4906 93.45 -20.36 -55.69
C GLY D 4906 92.88 -19.81 -56.98
N ASP D 4907 91.77 -19.07 -56.91
CA ASP D 4907 91.19 -18.46 -58.09
C ASP D 4907 90.81 -17.02 -57.81
N GLU D 4908 90.64 -16.26 -58.90
CA GLU D 4908 90.22 -14.87 -58.82
C GLU D 4908 88.84 -14.72 -58.20
N TYR D 4909 87.95 -15.67 -58.45
CA TYR D 4909 86.57 -15.61 -57.98
C TYR D 4909 86.35 -16.63 -56.87
N GLU D 4910 87.35 -16.77 -56.00
CA GLU D 4910 87.22 -17.64 -54.83
C GLU D 4910 86.18 -17.10 -53.87
N LEU D 4911 86.18 -15.80 -53.61
CA LEU D 4911 85.29 -15.31 -52.57
C LEU D 4911 83.88 -15.17 -53.10
N TYR D 4912 83.75 -14.94 -54.42
CA TYR D 4912 82.44 -14.89 -55.03
C TYR D 4912 81.84 -16.29 -55.04
N ARG D 4913 82.67 -17.30 -55.33
CA ARG D 4913 82.23 -18.68 -55.34
C ARG D 4913 81.90 -19.18 -53.93
N VAL D 4914 82.57 -18.66 -52.91
CA VAL D 4914 82.23 -18.99 -51.52
C VAL D 4914 80.89 -18.42 -51.12
N VAL D 4915 80.65 -17.14 -51.46
CA VAL D 4915 79.36 -16.54 -51.17
C VAL D 4915 78.24 -17.20 -51.98
N PHE D 4916 78.53 -17.58 -53.23
CA PHE D 4916 77.57 -18.29 -54.07
C PHE D 4916 77.14 -19.61 -53.45
N ASP D 4917 78.11 -20.38 -52.96
CA ASP D 4917 77.83 -21.68 -52.36
C ASP D 4917 77.11 -21.53 -51.01
N ILE D 4918 77.56 -20.61 -50.17
CA ILE D 4918 76.95 -20.42 -48.86
C ILE D 4918 75.51 -19.92 -48.98
N THR D 4919 75.25 -19.00 -49.92
CA THR D 4919 73.87 -18.53 -50.12
C THR D 4919 73.00 -19.63 -50.70
N PHE D 4920 73.54 -20.44 -51.61
CA PHE D 4920 72.77 -21.56 -52.14
C PHE D 4920 72.45 -22.57 -51.04
N PHE D 4921 73.40 -22.84 -50.15
CA PHE D 4921 73.15 -23.72 -49.01
C PHE D 4921 72.07 -23.17 -48.09
N PHE D 4922 72.18 -21.90 -47.69
CA PHE D 4922 71.23 -21.35 -46.73
C PHE D 4922 69.84 -21.21 -47.34
N PHE D 4923 69.74 -20.61 -48.52
CA PHE D 4923 68.44 -20.34 -49.13
C PHE D 4923 67.76 -21.61 -49.63
N VAL D 4924 68.52 -22.53 -50.23
CA VAL D 4924 67.87 -23.69 -50.83
C VAL D 4924 67.80 -24.88 -49.89
N ILE D 4925 68.96 -25.36 -49.42
CA ILE D 4925 68.98 -26.56 -48.58
C ILE D 4925 68.33 -26.32 -47.23
N VAL D 4926 68.59 -25.17 -46.61
CA VAL D 4926 68.13 -24.92 -45.26
C VAL D 4926 66.75 -24.26 -45.22
N ILE D 4927 66.62 -23.08 -45.82
CA ILE D 4927 65.38 -22.32 -45.75
C ILE D 4927 64.28 -22.95 -46.58
N LEU D 4928 64.58 -23.35 -47.81
CA LEU D 4928 63.49 -23.79 -48.69
C LEU D 4928 63.10 -25.25 -48.50
N LEU D 4929 63.62 -25.91 -47.48
CA LEU D 4929 63.19 -27.25 -47.11
C LEU D 4929 62.55 -27.25 -45.74
N ALA D 4930 62.89 -26.26 -44.92
CA ALA D 4930 62.24 -26.02 -43.65
C ALA D 4930 60.83 -25.51 -43.84
N ILE D 4931 60.58 -24.75 -44.90
CA ILE D 4931 59.23 -24.31 -45.22
C ILE D 4931 58.32 -25.50 -45.54
N ILE D 4932 58.85 -26.49 -46.26
CA ILE D 4932 58.09 -27.71 -46.57
C ILE D 4932 57.80 -28.51 -45.30
N GLN D 4933 58.81 -28.67 -44.44
CA GLN D 4933 58.57 -29.38 -43.17
C GLN D 4933 57.66 -28.58 -42.25
N GLY D 4934 57.79 -27.25 -42.24
CA GLY D 4934 56.91 -26.42 -41.45
C GLY D 4934 55.48 -26.42 -41.93
N LEU D 4935 55.26 -26.58 -43.23
CA LEU D 4935 53.89 -26.67 -43.72
C LEU D 4935 53.25 -27.98 -43.30
N ILE D 4936 54.02 -29.08 -43.31
CA ILE D 4936 53.50 -30.35 -42.78
C ILE D 4936 53.20 -30.26 -41.28
N ILE D 4937 54.14 -29.70 -40.52
CA ILE D 4937 53.97 -29.60 -39.06
C ILE D 4937 52.81 -28.67 -38.73
N ASP D 4938 52.68 -27.59 -39.49
CA ASP D 4938 51.55 -26.68 -39.32
C ASP D 4938 50.24 -27.38 -39.64
N ALA D 4939 50.23 -28.25 -40.66
CA ALA D 4939 49.01 -28.93 -41.09
C ALA D 4939 48.47 -29.83 -39.99
N PHE D 4940 49.38 -30.51 -39.27
CA PHE D 4940 48.98 -31.41 -38.17
C PHE D 4940 48.25 -30.59 -37.11
N GLY D 4941 48.79 -29.40 -36.86
CA GLY D 4941 48.24 -28.49 -35.87
C GLY D 4941 46.90 -27.94 -36.31
N GLU D 4942 46.74 -27.67 -37.62
CA GLU D 4942 45.46 -27.17 -38.12
C GLU D 4942 44.38 -28.21 -37.94
N LEU D 4943 44.72 -29.48 -38.21
CA LEU D 4943 43.74 -30.56 -38.03
C LEU D 4943 43.35 -30.72 -36.57
N ARG D 4944 44.34 -30.56 -35.68
CA ARG D 4944 44.04 -30.61 -34.25
C ARG D 4944 43.14 -29.47 -33.81
N ASP D 4945 43.41 -28.25 -34.27
CA ASP D 4945 42.59 -27.14 -33.82
C ASP D 4945 41.18 -27.27 -34.35
N GLN D 4946 41.04 -27.84 -35.55
CA GLN D 4946 39.71 -28.01 -36.14
C GLN D 4946 38.90 -28.98 -35.29
N GLN D 4947 39.54 -30.08 -34.85
CA GLN D 4947 38.80 -31.07 -34.07
C GLN D 4947 38.49 -30.55 -32.67
N GLU D 4948 39.45 -29.86 -32.04
CA GLU D 4948 39.21 -29.40 -30.67
C GLU D 4948 38.14 -28.32 -30.66
N GLN D 4949 38.16 -27.41 -31.63
CA GLN D 4949 37.14 -26.37 -31.68
C GLN D 4949 35.74 -26.94 -31.93
N VAL D 4950 35.64 -27.98 -32.79
CA VAL D 4950 34.35 -28.66 -32.96
C VAL D 4950 33.90 -29.33 -31.67
N LYS D 4951 34.86 -29.89 -30.92
CA LYS D 4951 34.50 -30.59 -29.69
C LYS D 4951 34.03 -29.62 -28.62
N GLU D 4952 34.76 -28.50 -28.47
CA GLU D 4952 34.43 -27.52 -27.44
C GLU D 4952 33.10 -26.84 -27.73
N ASP D 4953 32.82 -26.54 -29.01
CA ASP D 4953 31.52 -25.98 -29.35
C ASP D 4953 30.40 -26.97 -29.08
N MET D 4954 30.60 -28.23 -29.47
CA MET D 4954 29.55 -29.25 -29.29
C MET D 4954 29.28 -29.47 -27.81
N GLU D 4955 30.32 -29.46 -26.98
CA GLU D 4955 30.12 -29.79 -25.59
C GLU D 4955 29.95 -28.56 -24.72
N THR D 4956 29.82 -27.37 -25.34
CA THR D 4956 29.59 -26.16 -24.58
C THR D 4956 28.31 -25.43 -24.96
N LYS D 4957 27.68 -25.77 -26.08
CA LYS D 4957 26.40 -25.16 -26.41
C LYS D 4957 25.50 -26.18 -27.07
N CYS D 4958 24.21 -25.85 -27.11
CA CYS D 4958 23.22 -26.73 -27.75
C CYS D 4958 23.24 -26.45 -29.24
N PHE D 4959 23.32 -27.52 -30.02
CA PHE D 4959 23.23 -27.41 -31.48
C PHE D 4959 21.91 -26.80 -31.95
N ILE D 4960 20.79 -27.28 -31.42
CA ILE D 4960 19.49 -26.84 -31.90
C ILE D 4960 19.18 -25.40 -31.52
N CYS D 4961 19.51 -25.01 -30.29
CA CYS D 4961 19.07 -23.71 -29.80
C CYS D 4961 20.18 -22.69 -29.53
N GLY D 4962 21.42 -23.12 -29.39
CA GLY D 4962 22.50 -22.17 -29.29
C GLY D 4962 22.81 -21.66 -27.91
N ILE D 4963 22.05 -22.06 -26.89
CA ILE D 4963 22.27 -21.53 -25.56
C ILE D 4963 23.39 -22.30 -24.88
N GLY D 4964 24.18 -21.57 -24.10
CA GLY D 4964 25.35 -22.14 -23.45
C GLY D 4964 24.97 -23.07 -22.32
N SER D 4965 25.88 -24.00 -22.00
CA SER D 4965 25.68 -24.96 -20.93
C SER D 4965 25.74 -24.35 -19.53
N ASP D 4966 25.89 -23.03 -19.43
CA ASP D 4966 25.95 -22.31 -18.18
C ASP D 4966 24.55 -22.22 -17.58
N TYR D 4967 23.58 -21.81 -18.40
CA TYR D 4967 22.20 -21.74 -17.96
C TYR D 4967 21.71 -23.14 -17.59
N PHE D 4968 21.90 -24.10 -18.51
CA PHE D 4968 21.32 -25.43 -18.34
C PHE D 4968 21.95 -26.17 -17.17
N ASP D 4969 23.20 -25.86 -16.81
CA ASP D 4969 23.90 -26.64 -15.81
C ASP D 4969 23.61 -26.17 -14.38
N THR D 4970 22.67 -25.24 -14.19
CA THR D 4970 22.26 -24.87 -12.85
C THR D 4970 21.65 -26.07 -12.12
N THR D 4971 20.80 -26.82 -12.81
CA THR D 4971 20.27 -28.04 -12.25
C THR D 4971 21.35 -29.12 -12.40
N PRO D 4972 21.37 -30.16 -11.55
CA PRO D 4972 22.34 -31.24 -11.76
C PRO D 4972 22.05 -32.01 -13.04
N HIS D 4973 23.09 -32.14 -13.87
CA HIS D 4973 23.05 -32.82 -15.18
C HIS D 4973 22.04 -32.19 -16.13
N GLY D 4974 21.87 -30.87 -15.99
CA GLY D 4974 20.88 -30.17 -16.80
C GLY D 4974 21.22 -30.20 -18.28
N PHE D 4975 22.49 -29.94 -18.62
CA PHE D 4975 22.87 -29.90 -20.03
C PHE D 4975 22.73 -31.28 -20.64
N GLU D 4976 23.09 -32.31 -19.86
CA GLU D 4976 23.05 -33.69 -20.33
C GLU D 4976 21.60 -34.08 -20.63
N THR D 4977 20.69 -33.71 -19.72
CA THR D 4977 19.29 -34.03 -19.90
C THR D 4977 18.72 -33.28 -21.09
N HIS D 4978 19.12 -31.99 -21.23
CA HIS D 4978 18.58 -31.15 -22.28
C HIS D 4978 18.96 -31.67 -23.65
N THR D 4979 20.23 -32.05 -23.81
CA THR D 4979 20.70 -32.52 -25.11
C THR D 4979 20.31 -33.97 -25.39
N LEU D 4980 20.11 -34.80 -24.36
CA LEU D 4980 19.61 -36.14 -24.61
C LEU D 4980 18.11 -36.21 -24.88
N GLU D 4981 17.30 -35.43 -24.17
CA GLU D 4981 15.85 -35.53 -24.29
C GLU D 4981 15.18 -34.31 -24.92
N GLU D 4982 15.35 -33.13 -24.33
CA GLU D 4982 14.62 -31.94 -24.77
C GLU D 4982 15.00 -31.51 -26.19
N HIS D 4983 16.30 -31.43 -26.50
CA HIS D 4983 16.67 -30.89 -27.80
C HIS D 4983 17.47 -31.85 -28.67
N ASN D 4984 17.37 -33.16 -28.44
CA ASN D 4984 18.19 -34.15 -29.14
C ASN D 4984 17.99 -34.06 -30.66
N LEU D 4985 19.11 -33.96 -31.40
CA LEU D 4985 19.04 -33.83 -32.86
C LEU D 4985 18.45 -35.08 -33.49
N ALA D 4986 18.70 -36.24 -32.89
CA ALA D 4986 18.21 -37.50 -33.41
C ALA D 4986 16.70 -37.49 -33.40
N ASN D 4987 16.10 -36.92 -32.34
CA ASN D 4987 14.65 -36.87 -32.23
C ASN D 4987 14.05 -36.00 -33.33
N TYR D 4988 14.75 -34.93 -33.73
CA TYR D 4988 14.30 -34.13 -34.85
C TYR D 4988 14.32 -34.94 -36.14
N MET D 4989 15.37 -35.74 -36.33
CA MET D 4989 15.42 -36.57 -37.54
C MET D 4989 14.32 -37.64 -37.52
N PHE D 4990 14.01 -38.15 -36.33
CA PHE D 4990 12.96 -39.17 -36.18
C PHE D 4990 11.60 -38.55 -36.42
N PHE D 4991 11.44 -37.30 -36.01
CA PHE D 4991 10.19 -36.59 -36.26
C PHE D 4991 10.02 -36.37 -37.75
N LEU D 4992 11.05 -35.82 -38.40
CA LEU D 4992 11.04 -35.64 -39.86
C LEU D 4992 10.57 -36.90 -40.60
N MET D 4993 11.22 -38.05 -40.33
CA MET D 4993 10.84 -39.28 -41.03
C MET D 4993 9.42 -39.72 -40.67
N TYR D 4994 9.02 -39.47 -39.43
CA TYR D 4994 7.64 -39.72 -38.99
C TYR D 4994 6.64 -38.88 -39.77
N LEU D 4995 6.94 -37.59 -39.96
CA LEU D 4995 6.07 -36.71 -40.73
C LEU D 4995 5.99 -37.14 -42.18
N ILE D 4996 7.13 -37.46 -42.79
CA ILE D 4996 7.15 -37.82 -44.21
C ILE D 4996 6.38 -39.12 -44.43
N ASN D 4997 6.56 -40.09 -43.53
CA ASN D 4997 5.83 -41.36 -43.66
C ASN D 4997 4.33 -41.18 -43.41
N LYS D 4998 3.97 -40.44 -42.36
CA LYS D 4998 2.57 -40.32 -41.95
C LYS D 4998 1.73 -39.61 -43.00
N ASP D 4999 0.50 -40.10 -43.18
CA ASP D 4999 -0.43 -39.52 -44.13
C ASP D 4999 -0.82 -38.09 -43.78
N GLU D 5000 -0.89 -37.23 -44.82
CA GLU D 5000 -1.20 -35.82 -44.62
C GLU D 5000 -2.58 -35.66 -44.01
N THR D 5001 -3.52 -36.51 -44.44
CA THR D 5001 -4.87 -36.47 -43.90
C THR D 5001 -4.85 -36.81 -42.42
N GLU D 5002 -3.95 -37.73 -42.04
CA GLU D 5002 -3.88 -38.23 -40.68
C GLU D 5002 -3.09 -37.30 -39.78
N HIS D 5003 -2.48 -36.25 -40.35
CA HIS D 5003 -1.64 -35.35 -39.56
C HIS D 5003 -2.47 -34.62 -38.51
N THR D 5004 -1.88 -34.39 -37.35
CA THR D 5004 -2.54 -33.57 -36.35
C THR D 5004 -2.23 -32.10 -36.64
N GLY D 5005 -2.84 -31.20 -35.87
CA GLY D 5005 -2.71 -29.77 -36.15
C GLY D 5005 -1.30 -29.24 -35.97
N GLN D 5006 -0.62 -29.69 -34.92
CA GLN D 5006 0.75 -29.28 -34.71
C GLN D 5006 1.66 -29.91 -35.76
N GLU D 5007 1.37 -31.16 -36.11
CA GLU D 5007 2.11 -31.85 -37.16
C GLU D 5007 1.90 -31.18 -38.50
N SER D 5008 0.65 -30.79 -38.78
CA SER D 5008 0.34 -30.13 -40.04
C SER D 5008 1.06 -28.79 -40.11
N TYR D 5009 1.17 -28.10 -38.97
CA TYR D 5009 1.88 -26.83 -38.92
C TYR D 5009 3.36 -26.99 -39.27
N VAL D 5010 4.02 -28.01 -38.70
CA VAL D 5010 5.45 -28.15 -39.02
C VAL D 5010 5.58 -28.68 -40.44
N TRP D 5011 4.56 -29.45 -40.89
CA TRP D 5011 4.51 -29.93 -42.26
C TRP D 5011 4.48 -28.78 -43.25
N LYS D 5012 3.69 -27.75 -42.94
CA LYS D 5012 3.55 -26.63 -43.87
C LYS D 5012 4.84 -25.84 -43.93
N MET D 5013 5.40 -25.47 -42.76
CA MET D 5013 6.69 -24.77 -42.82
C MET D 5013 7.79 -25.62 -43.46
N TYR D 5014 7.70 -26.95 -43.37
CA TYR D 5014 8.62 -27.80 -44.11
C TYR D 5014 8.40 -27.71 -45.61
N GLN D 5015 7.13 -27.65 -46.05
CA GLN D 5015 6.84 -27.56 -47.47
C GLN D 5015 7.34 -26.26 -48.08
N GLU D 5016 7.08 -25.13 -47.40
CA GLU D 5016 7.68 -23.88 -47.87
C GLU D 5016 9.04 -23.58 -47.26
N ARG D 5017 9.73 -24.61 -46.73
CA ARG D 5017 11.16 -24.55 -46.34
C ARG D 5017 11.47 -23.43 -45.36
N CYS D 5018 10.58 -23.22 -44.40
CA CYS D 5018 10.72 -22.17 -43.41
C CYS D 5018 11.11 -22.82 -42.09
N TRP D 5019 12.26 -22.41 -41.56
CA TRP D 5019 12.82 -23.02 -40.35
C TRP D 5019 12.63 -22.15 -39.12
N ASP D 5020 11.50 -21.44 -39.04
CA ASP D 5020 11.23 -20.65 -37.86
C ASP D 5020 10.71 -21.49 -36.71
N PHE D 5021 10.31 -22.74 -36.97
CA PHE D 5021 9.80 -23.58 -35.90
C PHE D 5021 10.91 -24.15 -35.04
N PHE D 5022 12.15 -24.10 -35.52
CA PHE D 5022 13.27 -24.54 -34.70
C PHE D 5022 13.50 -23.53 -33.58
N PRO D 5023 13.51 -23.95 -32.33
CA PRO D 5023 13.75 -23.01 -31.22
C PRO D 5023 15.17 -22.46 -31.25
N ALA D 5024 15.28 -21.14 -31.26
CA ALA D 5024 16.56 -20.47 -31.34
C ALA D 5024 16.63 -19.46 -30.21
N GLY D 5025 17.62 -19.62 -29.32
CA GLY D 5025 17.80 -18.70 -28.23
C GLY D 5025 16.87 -18.93 -27.06
N ASP D 5026 15.96 -19.89 -27.15
CA ASP D 5026 15.00 -20.14 -26.08
C ASP D 5026 14.69 -21.63 -26.02
N CYS D 5027 14.14 -22.05 -24.88
CA CYS D 5027 13.82 -23.44 -24.62
C CYS D 5027 12.60 -23.46 -23.71
N PHE D 5028 12.08 -24.67 -23.49
CA PHE D 5028 10.91 -24.83 -22.64
C PHE D 5028 11.19 -24.41 -21.21
N ARG D 5029 12.40 -24.72 -20.72
CA ARG D 5029 12.80 -24.31 -19.37
C ARG D 5029 12.86 -22.80 -19.26
N LYS D 5030 13.46 -22.15 -20.26
CA LYS D 5030 13.61 -20.70 -20.22
C LYS D 5030 12.26 -20.03 -20.32
N GLN D 5031 11.37 -20.57 -21.16
CA GLN D 5031 10.08 -19.95 -21.36
C GLN D 5031 9.23 -20.07 -20.09
N TYR D 5032 9.28 -21.23 -19.44
CA TYR D 5032 8.45 -21.48 -18.27
C TYR D 5032 9.26 -21.61 -16.98
N GLU D 5033 10.29 -20.77 -16.80
CA GLU D 5033 11.19 -20.90 -15.66
C GLU D 5033 10.48 -20.69 -14.33
N ASP D 5034 9.57 -19.71 -14.27
CA ASP D 5034 8.88 -19.35 -13.03
C ASP D 5034 7.94 -20.46 -12.56
N GLN D 5035 7.12 -20.99 -13.47
CA GLN D 5035 6.20 -22.07 -13.10
C GLN D 5035 6.94 -23.37 -12.83
N LEU D 5036 7.88 -23.75 -13.71
CA LEU D 5036 8.55 -25.04 -13.57
C LEU D 5036 9.46 -25.05 -12.36
N SER D 5037 10.17 -23.95 -12.13
CA SER D 5037 11.10 -23.86 -11.02
C SER D 5037 10.78 -22.64 -10.14
N GLY E 244 -42.89 -86.99 82.49
CA GLY E 244 -42.90 -86.46 81.14
C GLY E 244 -42.37 -87.44 80.11
N VAL E 245 -41.68 -88.46 80.59
CA VAL E 245 -41.11 -89.50 79.73
C VAL E 245 -41.95 -90.76 79.85
N GLU E 246 -42.29 -91.35 78.72
CA GLU E 246 -43.09 -92.57 78.66
C GLU E 246 -42.32 -93.64 77.89
N ILE E 247 -42.24 -94.84 78.48
CA ILE E 247 -41.48 -95.94 77.91
C ILE E 247 -42.43 -97.12 77.66
N GLU E 248 -42.42 -97.62 76.42
CA GLU E 248 -43.15 -98.82 76.04
C GLU E 248 -42.16 -99.88 75.56
N THR E 249 -42.31 -101.11 76.05
CA THR E 249 -41.41 -102.17 75.60
C THR E 249 -41.66 -102.52 74.14
N ILE E 250 -40.63 -103.06 73.48
CA ILE E 250 -40.73 -103.49 72.09
C ILE E 250 -40.28 -104.94 72.01
N SER E 251 -39.16 -105.25 72.64
CA SER E 251 -38.70 -106.63 72.79
C SER E 251 -37.99 -106.75 74.13
N PRO E 252 -38.64 -107.33 75.14
CA PRO E 252 -38.07 -107.37 76.49
C PRO E 252 -36.77 -108.16 76.56
N GLY E 253 -35.89 -107.75 77.47
CA GLY E 253 -34.62 -108.40 77.64
C GLY E 253 -34.59 -109.34 78.82
N ASP E 254 -33.98 -108.90 79.93
CA ASP E 254 -33.92 -109.70 81.14
C ASP E 254 -34.84 -109.23 82.24
N GLY E 255 -35.05 -107.91 82.37
CA GLY E 255 -35.93 -107.38 83.39
C GLY E 255 -35.38 -107.46 84.80
N ARG E 256 -34.12 -107.86 84.97
CA ARG E 256 -33.54 -108.03 86.30
C ARG E 256 -32.41 -107.04 86.55
N THR E 257 -31.38 -107.03 85.71
CA THR E 257 -30.21 -106.19 85.93
C THR E 257 -30.49 -104.81 85.36
N PHE E 258 -30.74 -103.87 86.21
CA PHE E 258 -31.06 -102.53 85.79
C PHE E 258 -29.81 -101.66 85.83
N PRO E 259 -29.72 -100.60 84.99
CA PRO E 259 -28.50 -99.77 85.01
C PRO E 259 -28.39 -98.91 86.27
N LYS E 260 -27.48 -99.29 87.14
CA LYS E 260 -27.20 -98.56 88.36
C LYS E 260 -26.11 -97.53 88.14
N LYS E 261 -26.01 -96.61 89.09
CA LYS E 261 -24.95 -95.61 89.06
C LYS E 261 -23.60 -96.29 89.24
N GLY E 262 -22.60 -95.79 88.54
CA GLY E 262 -21.25 -96.31 88.59
C GLY E 262 -20.86 -97.16 87.40
N GLN E 263 -21.83 -97.62 86.61
CA GLN E 263 -21.54 -98.34 85.37
C GLN E 263 -22.13 -97.57 84.19
N THR E 264 -21.31 -97.38 83.16
CA THR E 264 -21.74 -96.64 81.98
C THR E 264 -22.77 -97.45 81.19
N CYS E 265 -23.63 -96.76 80.45
CA CYS E 265 -24.66 -97.40 79.66
C CYS E 265 -24.27 -97.37 78.20
N VAL E 266 -24.57 -98.47 77.49
CA VAL E 266 -24.22 -98.65 76.09
C VAL E 266 -25.51 -98.89 75.33
N VAL E 267 -25.80 -98.06 74.32
CA VAL E 267 -27.10 -98.12 73.66
C VAL E 267 -26.96 -97.97 72.16
N HIS E 268 -27.95 -98.51 71.45
CA HIS E 268 -28.19 -98.27 70.02
C HIS E 268 -29.52 -97.55 69.89
N TYR E 269 -29.52 -96.23 70.08
CA TYR E 269 -30.78 -95.51 69.96
C TYR E 269 -31.13 -95.32 68.49
N THR E 270 -32.35 -94.81 68.27
CA THR E 270 -32.78 -94.40 66.93
C THR E 270 -33.81 -93.29 67.13
N GLY E 271 -33.34 -92.05 67.09
CA GLY E 271 -34.21 -90.93 67.36
C GLY E 271 -35.13 -90.62 66.20
N MET E 272 -36.34 -90.16 66.51
CA MET E 272 -37.31 -89.77 65.50
C MET E 272 -38.10 -88.57 66.01
N LEU E 273 -38.47 -87.69 65.08
CA LEU E 273 -39.42 -86.63 65.41
C LEU E 273 -40.81 -87.19 65.58
N GLN E 274 -41.74 -86.34 66.02
CA GLN E 274 -43.09 -86.81 66.31
C GLN E 274 -43.83 -87.19 65.03
N ASN E 275 -43.65 -86.41 63.96
CA ASN E 275 -44.33 -86.66 62.70
C ASN E 275 -43.82 -87.88 61.95
N GLY E 276 -42.72 -88.48 62.41
CA GLY E 276 -42.14 -89.65 61.79
C GLY E 276 -40.88 -89.39 60.99
N LYS E 277 -40.34 -88.18 61.01
CA LYS E 277 -39.13 -87.85 60.28
C LYS E 277 -37.93 -88.21 61.12
N LYS E 278 -37.21 -89.26 60.74
CA LYS E 278 -36.02 -89.69 61.46
C LYS E 278 -34.95 -88.61 61.40
N PHE E 279 -34.35 -88.31 62.54
CA PHE E 279 -33.33 -87.28 62.62
C PHE E 279 -31.99 -87.77 63.14
N ASP E 280 -31.95 -88.87 63.87
CA ASP E 280 -30.69 -89.37 64.39
C ASP E 280 -30.76 -90.88 64.49
N SER E 281 -29.59 -91.52 64.41
CA SER E 281 -29.45 -92.95 64.56
C SER E 281 -28.01 -93.26 64.94
N SER E 282 -27.83 -94.43 65.53
CA SER E 282 -26.51 -94.91 65.90
C SER E 282 -26.02 -96.04 65.03
N ARG E 283 -26.95 -96.82 64.46
CA ARG E 283 -26.55 -97.89 63.56
C ARG E 283 -26.08 -97.33 62.23
N ASP E 284 -26.61 -96.16 61.86
CA ASP E 284 -26.13 -95.46 60.65
C ASP E 284 -24.66 -95.09 60.79
N ARG E 285 -24.27 -94.58 61.96
CA ARG E 285 -22.86 -94.34 62.22
C ARG E 285 -22.10 -95.64 62.49
N ASN E 286 -22.82 -96.71 62.82
CA ASN E 286 -22.30 -98.07 63.03
C ASN E 286 -21.28 -98.06 64.17
N LYS E 287 -21.76 -97.64 65.35
CA LYS E 287 -21.02 -97.68 66.61
C LYS E 287 -21.96 -97.45 67.80
N PRO E 288 -21.74 -98.16 68.90
CA PRO E 288 -22.56 -97.97 70.09
C PRO E 288 -22.34 -96.62 70.73
N PHE E 289 -23.37 -96.12 71.41
CA PHE E 289 -23.32 -94.83 72.07
C PHE E 289 -23.21 -95.08 73.57
N LYS E 290 -21.97 -95.10 74.06
CA LYS E 290 -21.68 -95.32 75.48
C LYS E 290 -21.81 -93.99 76.21
N PHE E 291 -22.91 -93.79 76.93
CA PHE E 291 -23.11 -92.58 77.71
C PHE E 291 -23.04 -92.86 79.21
N ARG E 292 -22.41 -91.93 79.92
CA ARG E 292 -22.14 -92.10 81.35
C ARG E 292 -23.34 -91.59 82.15
N ILE E 293 -24.01 -92.50 82.85
CA ILE E 293 -25.22 -92.17 83.60
C ILE E 293 -24.82 -91.59 84.96
N GLY E 294 -25.41 -90.45 85.30
CA GLY E 294 -25.14 -89.81 86.57
C GLY E 294 -24.66 -88.38 86.46
N LYS E 295 -23.79 -88.10 85.50
CA LYS E 295 -23.29 -86.76 85.27
C LYS E 295 -24.01 -86.06 84.12
N GLN E 296 -25.06 -86.69 83.58
CA GLN E 296 -26.03 -86.07 82.67
C GLN E 296 -25.36 -85.60 81.37
N GLU E 297 -24.79 -86.56 80.64
CA GLU E 297 -24.29 -86.25 79.32
C GLU E 297 -25.38 -86.19 78.27
N VAL E 298 -26.57 -86.70 78.56
CA VAL E 298 -27.68 -86.68 77.62
C VAL E 298 -28.81 -85.86 78.23
N ILE E 299 -29.91 -85.70 77.50
CA ILE E 299 -31.06 -84.96 78.01
C ILE E 299 -31.76 -85.77 79.10
N LYS E 300 -32.65 -85.09 79.85
CA LYS E 300 -33.32 -85.69 80.99
C LYS E 300 -34.20 -86.86 80.57
N GLY E 301 -34.97 -86.68 79.49
CA GLY E 301 -35.89 -87.71 79.05
C GLY E 301 -35.17 -88.99 78.67
N PHE E 302 -34.11 -88.84 77.87
CA PHE E 302 -33.31 -89.97 77.43
C PHE E 302 -32.64 -90.66 78.61
N GLU E 303 -32.10 -89.86 79.55
CA GLU E 303 -31.43 -90.40 80.73
C GLU E 303 -32.39 -91.23 81.58
N GLU E 304 -33.56 -90.67 81.90
CA GLU E 304 -34.53 -91.37 82.74
C GLU E 304 -35.09 -92.60 82.03
N GLY E 305 -35.37 -92.49 80.73
CA GLY E 305 -35.87 -93.64 79.99
C GLY E 305 -34.85 -94.76 79.93
N ALA E 306 -33.57 -94.42 79.72
CA ALA E 306 -32.55 -95.45 79.72
C ALA E 306 -32.35 -96.03 81.12
N ALA E 307 -32.63 -95.23 82.15
CA ALA E 307 -32.53 -95.71 83.52
C ALA E 307 -33.56 -96.81 83.78
N GLN E 308 -34.79 -96.63 83.30
CA GLN E 308 -35.85 -97.59 83.62
C GLN E 308 -35.74 -98.89 82.84
N MET E 309 -34.85 -98.98 81.85
CA MET E 309 -34.73 -100.16 81.01
C MET E 309 -33.97 -101.27 81.72
N SER E 310 -33.78 -102.38 81.02
CA SER E 310 -33.00 -103.51 81.52
C SER E 310 -32.04 -103.97 80.43
N LEU E 311 -31.12 -104.85 80.81
CA LEU E 311 -30.12 -105.38 79.90
C LEU E 311 -30.79 -106.17 78.78
N GLY E 312 -30.39 -105.88 77.54
CA GLY E 312 -30.92 -106.60 76.40
C GLY E 312 -32.30 -106.14 75.95
N GLN E 313 -32.90 -105.19 76.66
CA GLN E 313 -34.25 -104.75 76.36
C GLN E 313 -34.24 -103.72 75.24
N ARG E 314 -35.21 -103.84 74.34
CA ARG E 314 -35.47 -102.86 73.30
C ARG E 314 -36.77 -102.15 73.62
N ALA E 315 -36.74 -100.83 73.70
CA ALA E 315 -37.89 -100.08 74.15
C ALA E 315 -38.05 -98.84 73.27
N LYS E 316 -39.19 -98.20 73.43
CA LYS E 316 -39.54 -96.96 72.76
C LYS E 316 -39.82 -95.91 73.83
N LEU E 317 -39.49 -94.68 73.53
CA LEU E 317 -39.66 -93.60 74.49
C LEU E 317 -40.64 -92.57 73.94
N THR E 318 -40.85 -91.52 74.73
CA THR E 318 -41.62 -90.36 74.29
C THR E 318 -41.20 -89.20 75.19
N CYS E 319 -40.29 -88.37 74.68
CA CYS E 319 -39.66 -87.31 75.45
C CYS E 319 -40.45 -86.03 75.25
N THR E 320 -41.06 -85.55 76.33
CA THR E 320 -41.74 -84.27 76.33
C THR E 320 -40.70 -83.16 76.17
N PRO E 321 -41.05 -82.03 75.52
CA PRO E 321 -40.12 -80.88 75.45
C PRO E 321 -39.61 -80.37 76.79
N ASP E 322 -40.36 -80.60 77.88
CA ASP E 322 -39.90 -80.21 79.22
C ASP E 322 -38.63 -80.96 79.60
N VAL E 323 -38.58 -82.27 79.31
CA VAL E 323 -37.40 -83.07 79.60
C VAL E 323 -36.50 -83.21 78.37
N ALA E 324 -36.71 -82.38 77.36
CA ALA E 324 -35.96 -82.39 76.11
C ALA E 324 -35.35 -80.99 75.92
N TYR E 325 -34.87 -80.73 74.70
CA TYR E 325 -34.22 -79.45 74.38
C TYR E 325 -35.13 -78.26 74.62
N GLY E 326 -36.44 -78.41 74.44
CA GLY E 326 -37.37 -77.40 74.90
C GLY E 326 -37.59 -76.23 73.97
N ALA E 327 -37.67 -75.03 74.57
CA ALA E 327 -38.05 -73.83 73.85
C ALA E 327 -37.00 -73.40 72.85
N THR E 328 -35.73 -73.70 73.12
CA THR E 328 -34.66 -73.32 72.21
C THR E 328 -34.40 -74.39 71.16
N GLY E 329 -34.72 -75.65 71.45
CA GLY E 329 -34.46 -76.75 70.53
C GLY E 329 -32.98 -76.97 70.31
N HIS E 330 -32.70 -77.79 69.31
CA HIS E 330 -31.32 -77.99 68.87
C HIS E 330 -31.17 -77.27 67.55
N PRO E 331 -30.39 -76.19 67.50
CA PRO E 331 -30.36 -75.30 66.31
C PRO E 331 -29.90 -76.01 65.04
N GLY E 332 -30.80 -76.10 64.07
CA GLY E 332 -30.50 -76.71 62.80
C GLY E 332 -30.79 -78.18 62.73
N VAL E 333 -31.22 -78.80 63.84
CA VAL E 333 -31.55 -80.22 63.85
C VAL E 333 -32.99 -80.43 64.28
N ILE E 334 -33.32 -80.01 65.49
CA ILE E 334 -34.63 -80.23 66.07
C ILE E 334 -35.34 -78.89 66.20
N PRO E 335 -36.58 -78.76 65.70
CA PRO E 335 -37.32 -77.51 65.85
C PRO E 335 -37.69 -77.27 67.31
N PRO E 336 -37.95 -76.02 67.70
CA PRO E 336 -38.35 -75.74 69.09
C PRO E 336 -39.67 -76.40 69.45
N ASN E 337 -39.77 -76.80 70.73
CA ASN E 337 -40.97 -77.39 71.34
C ASN E 337 -41.44 -78.63 70.59
N ALA E 338 -40.57 -79.62 70.55
CA ALA E 338 -40.81 -80.86 69.81
C ALA E 338 -40.75 -82.06 70.74
N THR E 339 -41.68 -82.99 70.56
CA THR E 339 -41.72 -84.20 71.35
C THR E 339 -40.96 -85.28 70.60
N LEU E 340 -40.05 -85.96 71.29
CA LEU E 340 -39.12 -86.88 70.65
C LEU E 340 -39.54 -88.32 70.89
N ILE E 341 -39.12 -89.20 69.98
CA ILE E 341 -39.35 -90.64 70.10
C ILE E 341 -38.04 -91.36 69.80
N PHE E 342 -37.68 -92.30 70.67
CA PHE E 342 -36.41 -93.00 70.57
C PHE E 342 -36.65 -94.50 70.60
N ASP E 343 -36.04 -95.20 69.65
CA ASP E 343 -36.08 -96.67 69.58
C ASP E 343 -34.82 -97.24 70.24
N VAL E 344 -34.74 -97.05 71.55
CA VAL E 344 -33.53 -97.40 72.30
C VAL E 344 -33.42 -98.91 72.44
N GLU E 345 -32.23 -99.45 72.18
CA GLU E 345 -31.92 -100.82 72.55
C GLU E 345 -30.71 -100.76 73.48
N LEU E 346 -30.88 -101.28 74.70
CA LEU E 346 -29.80 -101.28 75.68
C LEU E 346 -29.06 -102.59 75.53
N LEU E 347 -28.08 -102.60 74.63
CA LEU E 347 -27.42 -103.85 74.26
C LEU E 347 -26.44 -104.34 75.31
N ASN E 348 -25.86 -103.44 76.10
CA ASN E 348 -24.84 -103.85 77.06
C ASN E 348 -24.72 -102.78 78.14
N LEU E 349 -24.12 -103.18 79.25
CA LEU E 349 -23.74 -102.28 80.33
C LEU E 349 -22.23 -102.25 80.38
N GLU E 350 -21.65 -101.05 80.35
CA GLU E 350 -20.20 -100.80 80.18
C GLU E 350 -19.65 -101.49 78.94
N GLY F 244 41.85 59.55 104.47
CA GLY F 244 41.43 58.31 103.84
C GLY F 244 42.53 57.27 103.78
N VAL F 245 43.76 57.72 103.98
CA VAL F 245 44.93 56.84 103.97
C VAL F 245 45.40 56.61 105.40
N GLU F 246 45.65 55.36 105.75
CA GLU F 246 46.11 54.98 107.07
C GLU F 246 47.42 54.22 106.95
N ILE F 247 48.42 54.63 107.74
CA ILE F 247 49.75 54.06 107.70
C ILE F 247 50.09 53.47 109.06
N GLU F 248 50.50 52.19 109.07
CA GLU F 248 50.99 51.51 110.26
C GLU F 248 52.42 51.07 110.03
N THR F 249 53.30 51.34 111.00
CA THR F 249 54.69 50.92 110.84
C THR F 249 54.81 49.40 110.90
N ILE F 250 55.87 48.87 110.28
CA ILE F 250 56.15 47.44 110.29
C ILE F 250 57.57 47.23 110.80
N SER F 251 58.50 48.01 110.28
CA SER F 251 59.87 48.03 110.79
C SER F 251 60.40 49.45 110.64
N PRO F 252 60.46 50.23 111.72
CA PRO F 252 60.84 51.64 111.62
C PRO F 252 62.27 51.83 111.13
N GLY F 253 62.49 52.94 110.43
CA GLY F 253 63.78 53.24 109.88
C GLY F 253 64.55 54.26 110.70
N ASP F 254 64.58 55.51 110.24
CA ASP F 254 65.24 56.58 110.95
C ASP F 254 64.30 57.55 111.63
N GLY F 255 63.14 57.83 111.03
CA GLY F 255 62.18 58.74 111.62
C GLY F 255 62.58 60.20 111.58
N ARG F 256 63.68 60.54 110.90
CA ARG F 256 64.17 61.91 110.88
C ARG F 256 64.09 62.51 109.47
N THR F 257 64.72 61.88 108.49
CA THR F 257 64.78 62.43 107.14
C THR F 257 63.52 62.03 106.39
N PHE F 258 62.63 62.95 106.22
CA PHE F 258 61.38 62.68 105.55
C PHE F 258 61.47 63.08 104.09
N PRO F 259 60.70 62.43 103.18
CA PRO F 259 60.80 62.80 101.76
C PRO F 259 60.19 64.16 101.45
N LYS F 260 61.06 65.12 101.19
CA LYS F 260 60.65 66.47 100.83
C LYS F 260 60.52 66.61 99.32
N LYS F 261 59.85 67.68 98.91
CA LYS F 261 59.73 67.99 97.50
C LYS F 261 61.09 68.32 96.92
N GLY F 262 61.32 67.90 95.69
CA GLY F 262 62.56 68.12 94.99
C GLY F 262 63.47 66.91 94.92
N GLN F 263 63.24 65.90 95.75
CA GLN F 263 63.97 64.64 95.67
C GLN F 263 63.01 63.49 95.37
N THR F 264 63.37 62.67 94.40
CA THR F 264 62.52 61.55 94.00
C THR F 264 62.51 60.48 95.09
N CYS F 265 61.44 59.70 95.16
CA CYS F 265 61.31 58.65 96.14
C CYS F 265 61.53 57.30 95.48
N VAL F 266 62.20 56.40 96.20
CA VAL F 266 62.56 55.08 95.71
C VAL F 266 61.95 54.06 96.67
N VAL F 267 61.12 53.15 96.15
CA VAL F 267 60.36 52.26 97.02
C VAL F 267 60.33 50.85 96.47
N HIS F 268 60.14 49.90 97.39
CA HIS F 268 59.80 48.51 97.09
C HIS F 268 58.42 48.23 97.64
N TYR F 269 57.38 48.61 96.89
CA TYR F 269 56.03 48.37 97.39
C TYR F 269 55.66 46.91 97.20
N THR F 270 54.51 46.54 97.77
CA THR F 270 53.92 45.21 97.54
C THR F 270 52.41 45.38 97.71
N GLY F 271 51.73 45.61 96.59
CA GLY F 271 50.31 45.88 96.65
C GLY F 271 49.50 44.62 96.89
N MET F 272 48.39 44.77 97.61
CA MET F 272 47.48 43.67 97.88
C MET F 272 46.05 44.19 97.88
N LEU F 273 45.13 43.35 97.42
CA LEU F 273 43.71 43.65 97.58
C LEU F 273 43.29 43.47 99.02
N GLN F 274 42.05 43.85 99.32
CA GLN F 274 41.58 43.81 100.70
C GLN F 274 41.42 42.38 101.20
N ASN F 275 40.92 41.49 100.34
CA ASN F 275 40.69 40.10 100.72
C ASN F 275 41.97 39.29 100.88
N GLY F 276 43.12 39.85 100.51
CA GLY F 276 44.39 39.18 100.62
C GLY F 276 44.97 38.68 99.32
N LYS F 277 44.35 38.97 98.18
CA LYS F 277 44.84 38.53 96.89
C LYS F 277 45.87 39.53 96.38
N LYS F 278 47.14 39.13 96.38
CA LYS F 278 48.21 39.99 95.89
C LYS F 278 48.03 40.28 94.42
N PHE F 279 48.16 41.55 94.04
CA PHE F 279 47.98 41.96 92.67
C PHE F 279 49.20 42.64 92.06
N ASP F 280 50.09 43.20 92.86
CA ASP F 280 51.26 43.86 92.32
C ASP F 280 52.40 43.74 93.31
N SER F 281 53.62 43.78 92.78
CA SER F 281 54.84 43.74 93.57
C SER F 281 55.97 44.33 92.75
N SER F 282 57.01 44.77 93.45
CA SER F 282 58.20 45.30 92.82
C SER F 282 59.39 44.38 92.92
N ARG F 283 59.42 43.54 93.96
CA ARG F 283 60.52 42.58 94.09
C ARG F 283 60.36 41.46 93.08
N ASP F 284 59.12 41.17 92.69
CA ASP F 284 58.86 40.19 91.63
C ASP F 284 59.48 40.65 90.31
N ARG F 285 59.32 41.93 89.98
CA ARG F 285 60.01 42.48 88.82
C ARG F 285 61.50 42.69 89.08
N ASN F 286 61.89 42.73 90.36
CA ASN F 286 63.29 42.82 90.83
C ASN F 286 63.90 44.12 90.31
N LYS F 287 63.28 45.25 90.70
CA LYS F 287 63.77 46.60 90.46
C LYS F 287 63.01 47.61 91.31
N PRO F 288 63.71 48.62 91.83
CA PRO F 288 63.05 49.66 92.63
C PRO F 288 62.13 50.51 91.80
N PHE F 289 61.10 51.06 92.45
CA PHE F 289 60.12 51.89 91.78
C PHE F 289 60.38 53.34 92.20
N LYS F 290 61.16 54.04 91.39
CA LYS F 290 61.52 55.44 91.63
C LYS F 290 60.39 56.33 91.10
N PHE F 291 59.55 56.85 91.99
CA PHE F 291 58.47 57.75 91.60
C PHE F 291 58.74 59.17 92.06
N ARG F 292 58.40 60.12 91.20
CA ARG F 292 58.70 61.53 91.43
C ARG F 292 57.56 62.16 92.22
N ILE F 293 57.87 62.58 93.45
CA ILE F 293 56.85 63.14 94.35
C ILE F 293 56.64 64.62 94.02
N GLY F 294 55.39 65.01 93.86
CA GLY F 294 55.05 66.39 93.57
C GLY F 294 54.22 66.58 92.32
N LYS F 295 54.55 65.85 91.26
CA LYS F 295 53.80 65.91 90.01
C LYS F 295 52.81 64.76 89.87
N GLN F 296 52.65 63.95 90.93
CA GLN F 296 51.56 62.97 91.08
C GLN F 296 51.60 61.90 89.98
N GLU F 297 52.71 61.16 89.95
CA GLU F 297 52.78 60.01 89.07
C GLU F 297 52.06 58.80 89.62
N VAL F 298 51.71 58.79 90.91
CA VAL F 298 51.02 57.67 91.52
C VAL F 298 49.67 58.18 92.03
N ILE F 299 48.87 57.29 92.60
CA ILE F 299 47.57 57.68 93.16
C ILE F 299 47.77 58.50 94.44
N LYS F 300 46.69 59.15 94.88
CA LYS F 300 46.75 60.06 96.02
C LYS F 300 47.13 59.31 97.30
N GLY F 301 46.51 58.15 97.53
CA GLY F 301 46.75 57.40 98.75
C GLY F 301 48.19 56.97 98.87
N PHE F 302 48.74 56.41 97.79
CA PHE F 302 50.12 55.97 97.76
C PHE F 302 51.07 57.14 97.93
N GLU F 303 50.78 58.27 97.26
CA GLU F 303 51.62 59.46 97.35
C GLU F 303 51.68 59.99 98.79
N GLU F 304 50.51 60.16 99.42
CA GLU F 304 50.47 60.70 100.78
C GLU F 304 51.08 59.73 101.78
N GLY F 305 50.82 58.43 101.62
CA GLY F 305 51.42 57.45 102.51
C GLY F 305 52.93 57.41 102.40
N ALA F 306 53.45 57.50 101.17
CA ALA F 306 54.90 57.53 101.01
C ALA F 306 55.47 58.85 101.53
N ALA F 307 54.67 59.92 101.51
CA ALA F 307 55.11 61.20 102.05
C ALA F 307 55.34 61.09 103.55
N GLN F 308 54.43 60.43 104.27
CA GLN F 308 54.54 60.41 105.73
C GLN F 308 55.62 59.48 106.25
N MET F 309 56.25 58.67 105.39
CA MET F 309 57.25 57.70 105.81
C MET F 309 58.59 58.37 106.06
N SER F 310 59.58 57.56 106.42
CA SER F 310 60.95 58.02 106.62
C SER F 310 61.90 57.08 105.91
N LEU F 311 63.17 57.49 105.82
CA LEU F 311 64.20 56.71 105.16
C LEU F 311 64.41 55.38 105.89
N GLY F 312 64.42 54.29 105.12
CA GLY F 312 64.66 52.98 105.68
C GLY F 312 63.45 52.36 106.36
N GLN F 313 62.32 53.07 106.41
CA GLN F 313 61.15 52.59 107.10
C GLN F 313 60.35 51.66 106.21
N ARG F 314 59.83 50.59 106.82
CA ARG F 314 58.91 49.67 106.18
C ARG F 314 57.54 49.85 106.82
N ALA F 315 56.52 50.13 106.02
CA ALA F 315 55.22 50.46 106.55
C ALA F 315 54.15 49.75 105.72
N LYS F 316 52.94 49.80 106.25
CA LYS F 316 51.75 49.26 105.61
C LYS F 316 50.76 50.40 105.45
N LEU F 317 49.99 50.35 104.38
CA LEU F 317 49.04 51.41 104.10
C LEU F 317 47.63 50.85 104.10
N THR F 318 46.67 51.73 103.81
CA THR F 318 45.28 51.33 103.59
C THR F 318 44.64 52.45 102.79
N CYS F 319 44.54 52.24 101.48
CA CYS F 319 44.10 53.27 100.54
C CYS F 319 42.60 53.11 100.32
N THR F 320 41.85 54.11 100.76
CA THR F 320 40.42 54.18 100.51
C THR F 320 40.20 54.38 99.00
N PRO F 321 39.09 53.84 98.44
CA PRO F 321 38.76 54.12 97.02
C PRO F 321 38.68 55.59 96.64
N ASP F 322 38.40 56.48 97.61
CA ASP F 322 38.37 57.91 97.34
C ASP F 322 39.75 58.41 96.91
N VAL F 323 40.81 57.95 97.59
CA VAL F 323 42.16 58.33 97.24
C VAL F 323 42.83 57.28 96.35
N ALA F 324 42.05 56.38 95.77
CA ALA F 324 42.52 55.31 94.90
C ALA F 324 41.81 55.44 93.56
N TYR F 325 41.89 54.38 92.74
CA TYR F 325 41.29 54.37 91.41
C TYR F 325 39.79 54.61 91.44
N GLY F 326 39.10 54.18 92.49
CA GLY F 326 37.73 54.60 92.70
C GLY F 326 36.67 53.83 91.94
N ALA F 327 35.68 54.57 91.43
CA ALA F 327 34.50 53.97 90.82
C ALA F 327 34.81 53.26 89.53
N THR F 328 35.83 53.71 88.80
CA THR F 328 36.20 53.07 87.55
C THR F 328 37.20 51.95 87.74
N GLY F 329 37.99 51.99 88.82
CA GLY F 329 39.01 50.99 89.06
C GLY F 329 40.11 51.01 88.01
N HIS F 330 40.92 49.97 88.05
CA HIS F 330 41.93 49.76 87.02
C HIS F 330 41.46 48.61 86.16
N PRO F 331 41.09 48.87 84.90
CA PRO F 331 40.41 47.84 84.07
C PRO F 331 41.26 46.60 83.84
N GLY F 332 40.77 45.47 84.35
CA GLY F 332 41.43 44.20 84.19
C GLY F 332 42.41 43.87 85.28
N VAL F 333 42.63 44.78 86.24
CA VAL F 333 43.54 44.52 87.35
C VAL F 333 42.81 44.64 88.67
N ILE F 334 42.28 45.82 88.96
CA ILE F 334 41.64 46.11 90.23
C ILE F 334 40.15 46.29 90.00
N PRO F 335 39.28 45.60 90.75
CA PRO F 335 37.84 45.80 90.60
C PRO F 335 37.42 47.18 91.08
N PRO F 336 36.28 47.70 90.62
CA PRO F 336 35.82 49.01 91.09
C PRO F 336 35.51 49.02 92.58
N ASN F 337 35.77 50.18 93.19
CA ASN F 337 35.49 50.47 94.61
C ASN F 337 36.18 49.48 95.54
N ALA F 338 37.50 49.45 95.45
CA ALA F 338 38.32 48.51 96.21
C ALA F 338 39.29 49.25 97.10
N THR F 339 39.45 48.77 98.33
CA THR F 339 40.38 49.35 99.28
C THR F 339 41.70 48.60 99.16
N LEU F 340 42.80 49.34 99.04
CA LEU F 340 44.09 48.76 98.73
C LEU F 340 44.96 48.70 99.98
N ILE F 341 45.91 47.77 99.97
CA ILE F 341 46.90 47.63 101.04
C ILE F 341 48.28 47.48 100.40
N PHE F 342 49.24 48.26 100.90
CA PHE F 342 50.58 48.29 100.33
C PHE F 342 51.61 48.05 101.42
N ASP F 343 52.54 47.14 101.15
CA ASP F 343 53.66 46.85 102.04
C ASP F 343 54.89 47.64 101.59
N VAL F 344 54.79 48.96 101.72
CA VAL F 344 55.81 49.86 101.18
C VAL F 344 57.08 49.80 102.04
N GLU F 345 58.23 49.68 101.39
CA GLU F 345 59.50 49.90 102.06
C GLU F 345 60.20 51.04 101.33
N LEU F 346 60.51 52.11 102.05
CA LEU F 346 61.17 53.27 101.46
C LEU F 346 62.66 53.07 101.64
N LEU F 347 63.28 52.37 100.69
CA LEU F 347 64.67 51.95 100.86
C LEU F 347 65.66 53.08 100.65
N ASN F 348 65.31 54.09 99.85
CA ASN F 348 66.26 55.15 99.55
C ASN F 348 65.50 56.38 99.06
N LEU F 349 66.18 57.51 99.11
CA LEU F 349 65.71 58.76 98.53
C LEU F 349 66.63 59.09 97.37
N GLU F 350 66.04 59.35 96.20
CA GLU F 350 66.73 59.48 94.90
C GLU F 350 67.62 58.28 94.61
N GLY G 244 -20.85 117.95 -43.17
CA GLY G 244 -20.13 117.08 -42.25
C GLY G 244 -18.63 117.08 -42.48
N VAL G 245 -18.22 117.56 -43.64
CA VAL G 245 -16.81 117.64 -44.01
C VAL G 245 -16.34 119.08 -43.89
N GLU G 246 -15.20 119.28 -43.25
CA GLU G 246 -14.61 120.60 -43.06
C GLU G 246 -13.21 120.61 -43.64
N ILE G 247 -12.91 121.63 -44.46
CA ILE G 247 -11.64 121.75 -45.14
C ILE G 247 -10.96 123.05 -44.72
N GLU G 248 -9.71 122.95 -44.27
CA GLU G 248 -8.87 124.09 -43.95
C GLU G 248 -7.64 124.07 -44.84
N THR G 249 -7.30 125.21 -45.44
CA THR G 249 -6.11 125.26 -46.29
C THR G 249 -4.85 125.12 -45.45
N ILE G 250 -3.77 124.63 -46.08
CA ILE G 250 -2.48 124.48 -45.44
C ILE G 250 -1.44 125.21 -46.28
N SER G 251 -1.47 124.99 -47.58
CA SER G 251 -0.64 125.74 -48.52
C SER G 251 -1.43 125.90 -49.81
N PRO G 252 -2.00 127.08 -50.07
CA PRO G 252 -2.88 127.26 -51.23
C PRO G 252 -2.14 127.07 -52.56
N GLY G 253 -2.88 126.59 -53.55
CA GLY G 253 -2.31 126.34 -54.85
C GLY G 253 -2.64 127.43 -55.85
N ASP G 254 -3.61 127.17 -56.74
CA ASP G 254 -4.04 128.14 -57.72
C ASP G 254 -5.38 128.77 -57.43
N GLY G 255 -6.31 128.01 -56.85
CA GLY G 255 -7.63 128.54 -56.52
C GLY G 255 -8.52 128.79 -57.72
N ARG G 256 -8.12 128.38 -58.92
CA ARG G 256 -8.88 128.65 -60.13
C ARG G 256 -9.40 127.35 -60.75
N THR G 257 -8.52 126.42 -61.09
CA THR G 257 -8.92 125.20 -61.78
C THR G 257 -9.38 124.18 -60.76
N PHE G 258 -10.66 123.99 -60.67
CA PHE G 258 -11.22 123.07 -59.71
C PHE G 258 -11.48 121.72 -60.36
N PRO G 259 -11.45 120.60 -59.60
CA PRO G 259 -11.67 119.29 -60.23
C PRO G 259 -13.12 119.08 -60.66
N LYS G 260 -13.34 119.12 -61.96
CA LYS G 260 -14.65 118.90 -62.54
C LYS G 260 -14.84 117.42 -62.88
N LYS G 261 -16.10 117.06 -63.11
CA LYS G 261 -16.42 115.71 -63.53
C LYS G 261 -15.83 115.45 -64.92
N GLY G 262 -15.36 114.23 -65.13
CA GLY G 262 -14.77 113.81 -66.37
C GLY G 262 -13.25 113.74 -66.35
N GLN G 263 -12.60 114.35 -65.37
CA GLN G 263 -11.16 114.23 -65.20
C GLN G 263 -10.86 113.60 -63.84
N THR G 264 -9.99 112.59 -63.85
CA THR G 264 -9.64 111.89 -62.62
C THR G 264 -8.80 112.78 -61.72
N CYS G 265 -8.85 112.54 -60.41
CA CYS G 265 -8.10 113.32 -59.45
C CYS G 265 -6.91 112.52 -58.96
N VAL G 266 -5.78 113.22 -58.76
CA VAL G 266 -4.52 112.61 -58.36
C VAL G 266 -4.10 113.28 -57.06
N VAL G 267 -3.90 112.49 -56.00
CA VAL G 267 -3.67 113.07 -54.68
C VAL G 267 -2.58 112.32 -53.93
N HIS G 268 -1.95 113.04 -53.00
CA HIS G 268 -1.07 112.48 -51.97
C HIS G 268 -1.71 112.72 -50.62
N TYR G 269 -2.65 111.86 -50.23
CA TYR G 269 -3.29 112.06 -48.94
C TYR G 269 -2.37 111.60 -47.83
N THR G 270 -2.79 111.88 -46.59
CA THR G 270 -2.11 111.35 -45.40
C THR G 270 -3.18 111.27 -44.31
N GLY G 271 -3.78 110.09 -44.19
CA GLY G 271 -4.87 109.92 -43.25
C GLY G 271 -4.39 109.82 -41.82
N MET G 272 -5.19 110.34 -40.89
CA MET G 272 -4.89 110.27 -39.47
C MET G 272 -6.18 110.08 -38.69
N LEU G 273 -6.09 109.34 -37.59
CA LEU G 273 -7.21 109.28 -36.65
C LEU G 273 -7.32 110.58 -35.88
N GLN G 274 -8.39 110.70 -35.09
CA GLN G 274 -8.65 111.94 -34.39
C GLN G 274 -7.62 112.19 -33.29
N ASN G 275 -7.23 111.14 -32.57
CA ASN G 275 -6.28 111.25 -31.47
C ASN G 275 -4.85 111.53 -31.93
N GLY G 276 -4.58 111.46 -33.23
CA GLY G 276 -3.27 111.71 -33.77
C GLY G 276 -2.52 110.47 -34.22
N LYS G 277 -3.13 109.30 -34.19
CA LYS G 277 -2.49 108.07 -34.60
C LYS G 277 -2.63 107.91 -36.11
N LYS G 278 -1.53 108.09 -36.84
CA LYS G 278 -1.54 107.94 -38.29
C LYS G 278 -1.89 106.51 -38.67
N PHE G 279 -2.80 106.36 -39.62
CA PHE G 279 -3.24 105.05 -40.06
C PHE G 279 -3.02 104.78 -41.54
N ASP G 280 -2.91 105.81 -42.37
CA ASP G 280 -2.70 105.60 -43.78
C ASP G 280 -1.89 106.75 -44.35
N SER G 281 -1.17 106.46 -45.43
CA SER G 281 -0.39 107.45 -46.15
C SER G 281 -0.16 106.95 -47.56
N SER G 282 0.14 107.88 -48.45
CA SER G 282 0.46 107.57 -49.83
C SER G 282 1.92 107.75 -50.16
N ARG G 283 2.60 108.65 -49.44
CA ARG G 283 4.03 108.84 -49.67
C ARG G 283 4.82 107.66 -49.11
N ASP G 284 4.27 107.01 -48.07
CA ASP G 284 4.89 105.79 -47.54
C ASP G 284 4.91 104.69 -48.60
N ARG G 285 3.81 104.52 -49.33
CA ARG G 285 3.80 103.61 -50.46
C ARG G 285 4.55 104.16 -51.66
N ASN G 286 4.77 105.49 -51.68
CA ASN G 286 5.55 106.21 -52.69
C ASN G 286 4.91 106.01 -54.07
N LYS G 287 3.65 106.44 -54.17
CA LYS G 287 2.89 106.49 -55.42
C LYS G 287 1.62 107.33 -55.25
N PRO G 288 1.26 108.11 -56.27
CA PRO G 288 0.04 108.92 -56.20
C PRO G 288 -1.21 108.06 -56.20
N PHE G 289 -2.27 108.58 -55.59
CA PHE G 289 -3.53 107.87 -55.50
C PHE G 289 -4.51 108.54 -56.47
N LYS G 290 -4.58 108.00 -57.68
CA LYS G 290 -5.45 108.51 -58.74
C LYS G 290 -6.85 107.91 -58.53
N PHE G 291 -7.78 108.70 -58.00
CA PHE G 291 -9.15 108.25 -57.81
C PHE G 291 -10.10 108.96 -58.76
N ARG G 292 -11.06 108.19 -59.27
CA ARG G 292 -11.98 108.68 -60.30
C ARG G 292 -13.18 109.33 -59.61
N ILE G 293 -13.32 110.64 -59.82
CA ILE G 293 -14.39 111.41 -59.17
C ILE G 293 -15.68 111.27 -59.97
N GLY G 294 -16.76 110.93 -59.28
CA GLY G 294 -18.05 110.80 -59.93
C GLY G 294 -18.72 109.46 -59.70
N LYS G 295 -17.94 108.38 -59.76
CA LYS G 295 -18.46 107.04 -59.52
C LYS G 295 -18.16 106.55 -58.10
N GLN G 296 -17.63 107.43 -57.24
CA GLN G 296 -17.53 107.23 -55.80
C GLN G 296 -16.66 106.02 -55.44
N GLU G 297 -15.40 106.08 -55.85
CA GLU G 297 -14.46 105.07 -55.42
C GLU G 297 -13.95 105.30 -54.01
N VAL G 298 -14.15 106.48 -53.44
CA VAL G 298 -13.70 106.79 -52.09
C VAL G 298 -14.93 107.11 -51.24
N ILE G 299 -14.73 107.39 -49.96
CA ILE G 299 -15.84 107.75 -49.08
C ILE G 299 -16.35 109.15 -49.42
N LYS G 300 -17.54 109.47 -48.88
CA LYS G 300 -18.21 110.72 -49.20
C LYS G 300 -17.40 111.92 -48.74
N GLY G 301 -16.86 111.86 -47.52
CA GLY G 301 -16.13 112.99 -46.96
C GLY G 301 -14.90 113.31 -47.78
N PHE G 302 -14.12 112.27 -48.12
CA PHE G 302 -12.92 112.43 -48.91
C PHE G 302 -13.24 112.95 -50.30
N GLU G 303 -14.32 112.41 -50.91
CA GLU G 303 -14.73 112.83 -52.25
C GLU G 303 -15.11 114.31 -52.27
N GLU G 304 -15.97 114.73 -51.34
CA GLU G 304 -16.42 116.12 -51.31
C GLU G 304 -15.28 117.07 -50.96
N GLY G 305 -14.42 116.67 -50.02
CA GLY G 305 -13.27 117.51 -49.67
C GLY G 305 -12.31 117.67 -50.84
N ALA G 306 -12.06 116.59 -51.57
CA ALA G 306 -11.19 116.71 -52.73
C ALA G 306 -11.86 117.51 -53.84
N ALA G 307 -13.20 117.50 -53.87
CA ALA G 307 -13.93 118.29 -54.86
C ALA G 307 -13.71 119.78 -54.62
N GLN G 308 -13.75 120.21 -53.35
CA GLN G 308 -13.67 121.65 -53.07
C GLN G 308 -12.27 122.21 -53.23
N MET G 309 -11.24 121.38 -53.42
CA MET G 309 -9.86 121.83 -53.50
C MET G 309 -9.56 122.42 -54.87
N SER G 310 -8.31 122.83 -55.05
CA SER G 310 -7.83 123.35 -56.33
C SER G 310 -6.49 122.70 -56.66
N LEU G 311 -6.04 122.90 -57.89
CA LEU G 311 -4.78 122.34 -58.36
C LEU G 311 -3.61 122.89 -57.55
N GLY G 312 -2.75 121.98 -57.09
CA GLY G 312 -1.57 122.39 -56.35
C GLY G 312 -1.83 122.73 -54.90
N GLN G 313 -3.09 122.67 -54.46
CA GLN G 313 -3.44 123.06 -53.11
C GLN G 313 -3.20 121.91 -52.14
N ARG G 314 -2.68 122.25 -50.97
CA ARG G 314 -2.53 121.32 -49.85
C ARG G 314 -3.51 121.72 -48.77
N ALA G 315 -4.36 120.80 -48.34
CA ALA G 315 -5.43 121.12 -47.42
C ALA G 315 -5.54 120.01 -46.38
N LYS G 316 -6.32 120.30 -45.36
CA LYS G 316 -6.63 119.39 -44.28
C LYS G 316 -8.14 119.21 -44.24
N LEU G 317 -8.58 118.03 -43.87
CA LEU G 317 -10.00 117.73 -43.86
C LEU G 317 -10.43 117.39 -42.43
N THR G 318 -11.72 117.06 -42.30
CA THR G 318 -12.26 116.53 -41.05
C THR G 318 -13.54 115.80 -41.42
N CYS G 319 -13.44 114.48 -41.53
CA CYS G 319 -14.52 113.63 -42.04
C CYS G 319 -15.32 113.12 -40.85
N THR G 320 -16.57 113.55 -40.78
CA THR G 320 -17.51 113.05 -39.78
C THR G 320 -17.80 111.58 -40.08
N PRO G 321 -18.07 110.75 -39.05
CA PRO G 321 -18.49 109.35 -39.30
C PRO G 321 -19.69 109.18 -40.21
N ASP G 322 -20.57 110.20 -40.30
CA ASP G 322 -21.71 110.14 -41.21
C ASP G 322 -21.25 110.06 -42.66
N VAL G 323 -20.23 110.84 -43.03
CA VAL G 323 -19.70 110.81 -44.38
C VAL G 323 -18.46 109.91 -44.47
N ALA G 324 -18.23 109.07 -43.46
CA ALA G 324 -17.10 108.16 -43.38
C ALA G 324 -17.65 106.74 -43.23
N TYR G 325 -16.76 105.81 -42.85
CA TYR G 325 -17.12 104.40 -42.70
C TYR G 325 -18.24 104.19 -41.69
N GLY G 326 -18.33 105.02 -40.66
CA GLY G 326 -19.51 105.03 -39.81
C GLY G 326 -19.56 103.99 -38.72
N ALA G 327 -20.75 103.41 -38.53
CA ALA G 327 -21.02 102.52 -37.42
C ALA G 327 -20.26 101.22 -37.53
N THR G 328 -19.99 100.76 -38.75
CA THR G 328 -19.26 99.52 -38.94
C THR G 328 -17.76 99.73 -38.98
N GLY G 329 -17.30 100.92 -39.36
CA GLY G 329 -15.88 101.20 -39.48
C GLY G 329 -15.22 100.39 -40.58
N HIS G 330 -13.89 100.43 -40.56
CA HIS G 330 -13.11 99.58 -41.45
C HIS G 330 -12.50 98.49 -40.61
N PRO G 331 -12.93 97.23 -40.77
CA PRO G 331 -12.55 96.15 -39.83
C PRO G 331 -11.04 95.91 -39.79
N GLY G 332 -10.46 96.14 -38.61
CA GLY G 332 -9.06 95.93 -38.39
C GLY G 332 -8.19 97.12 -38.69
N VAL G 333 -8.76 98.23 -39.17
CA VAL G 333 -8.00 99.43 -39.45
C VAL G 333 -8.54 100.60 -38.66
N ILE G 334 -9.80 100.95 -38.89
CA ILE G 334 -10.42 102.12 -38.28
C ILE G 334 -11.49 101.64 -37.31
N PRO G 335 -11.48 102.11 -36.05
CA PRO G 335 -12.53 101.73 -35.10
C PRO G 335 -13.87 102.32 -35.50
N PRO G 336 -14.98 101.73 -35.05
CA PRO G 336 -16.30 102.29 -35.38
C PRO G 336 -16.50 103.69 -34.80
N ASN G 337 -17.25 104.50 -35.55
CA ASN G 337 -17.65 105.87 -35.18
C ASN G 337 -16.44 106.76 -34.88
N ALA G 338 -15.61 106.91 -35.89
CA ALA G 338 -14.36 107.66 -35.78
C ALA G 338 -14.34 108.82 -36.76
N THR G 339 -13.86 109.97 -36.30
CA THR G 339 -13.74 111.15 -37.13
C THR G 339 -12.34 111.17 -37.72
N LEU G 340 -12.24 111.36 -39.03
CA LEU G 340 -10.98 111.22 -39.75
C LEU G 340 -10.40 112.58 -40.08
N ILE G 341 -9.08 112.61 -40.25
CA ILE G 341 -8.35 113.82 -40.66
C ILE G 341 -7.39 113.43 -41.78
N PHE G 342 -7.40 114.20 -42.86
CA PHE G 342 -6.60 113.90 -44.04
C PHE G 342 -5.77 115.11 -44.42
N ASP G 343 -4.48 114.89 -44.65
CA ASP G 343 -3.56 115.92 -45.13
C ASP G 343 -3.42 115.82 -46.65
N VAL G 344 -4.52 116.13 -47.33
CA VAL G 344 -4.59 115.92 -48.78
C VAL G 344 -3.76 116.98 -49.50
N GLU G 345 -2.96 116.54 -50.47
CA GLU G 345 -2.34 117.47 -51.42
C GLU G 345 -2.81 117.05 -52.81
N LEU G 346 -3.46 117.97 -53.52
CA LEU G 346 -3.96 117.68 -54.86
C LEU G 346 -2.87 118.10 -55.83
N LEU G 347 -1.95 117.19 -56.11
CA LEU G 347 -0.76 117.55 -56.87
C LEU G 347 -1.03 117.70 -58.36
N ASN G 348 -2.04 116.99 -58.89
CA ASN G 348 -2.29 117.03 -60.32
C ASN G 348 -3.72 116.60 -60.59
N LEU G 349 -4.19 116.94 -61.78
CA LEU G 349 -5.46 116.47 -62.31
C LEU G 349 -5.16 115.56 -63.49
N GLU G 350 -5.72 114.35 -63.47
CA GLU G 350 -5.40 113.24 -64.38
C GLU G 350 -3.91 112.94 -64.41
N GLY H 244 -105.59 -28.59 -65.15
CA GLY H 244 -104.46 -27.69 -64.96
C GLY H 244 -103.53 -27.64 -66.15
N VAL H 245 -103.66 -28.62 -67.03
CA VAL H 245 -102.84 -28.70 -68.24
C VAL H 245 -103.69 -28.29 -69.44
N GLU H 246 -103.14 -27.43 -70.28
CA GLU H 246 -103.81 -26.95 -71.48
C GLU H 246 -102.95 -27.25 -72.69
N ILE H 247 -103.57 -27.84 -73.72
CA ILE H 247 -102.87 -28.25 -74.93
C ILE H 247 -103.48 -27.53 -76.13
N GLU H 248 -102.62 -26.87 -76.91
CA GLU H 248 -103.00 -26.24 -78.17
C GLU H 248 -102.22 -26.88 -79.31
N THR H 249 -102.91 -27.24 -80.39
CA THR H 249 -102.21 -27.83 -81.52
C THR H 249 -101.32 -26.80 -82.21
N ILE H 250 -100.27 -27.29 -82.89
CA ILE H 250 -99.36 -26.45 -83.63
C ILE H 250 -99.28 -26.97 -85.06
N SER H 251 -99.13 -28.27 -85.21
CA SER H 251 -99.21 -28.92 -86.52
C SER H 251 -99.82 -30.30 -86.32
N PRO H 252 -101.10 -30.48 -86.65
CA PRO H 252 -101.78 -31.75 -86.37
C PRO H 252 -101.18 -32.93 -87.12
N GLY H 253 -101.26 -34.10 -86.51
CA GLY H 253 -100.72 -35.29 -87.09
C GLY H 253 -101.78 -36.17 -87.73
N ASP H 254 -102.17 -37.25 -87.05
CA ASP H 254 -103.20 -38.14 -87.53
C ASP H 254 -104.52 -38.01 -86.82
N GLY H 255 -104.51 -37.73 -85.51
CA GLY H 255 -105.73 -37.58 -84.75
C GLY H 255 -106.49 -38.87 -84.50
N ARG H 256 -105.91 -40.02 -84.85
CA ARG H 256 -106.60 -41.30 -84.70
C ARG H 256 -105.90 -42.19 -83.68
N THR H 257 -104.63 -42.49 -83.87
CA THR H 257 -103.92 -43.42 -83.00
C THR H 257 -103.40 -42.66 -81.79
N PHE H 258 -104.03 -42.84 -80.68
CA PHE H 258 -103.66 -42.14 -79.47
C PHE H 258 -102.76 -43.02 -78.61
N PRO H 259 -101.86 -42.43 -77.78
CA PRO H 259 -100.97 -43.28 -76.98
C PRO H 259 -101.70 -43.99 -75.84
N LYS H 260 -101.87 -45.29 -76.01
CA LYS H 260 -102.51 -46.13 -75.01
C LYS H 260 -101.47 -46.71 -74.06
N LYS H 261 -101.96 -47.22 -72.94
CA LYS H 261 -101.10 -47.89 -71.98
C LYS H 261 -100.53 -49.16 -72.59
N GLY H 262 -99.28 -49.46 -72.27
CA GLY H 262 -98.58 -50.62 -72.77
C GLY H 262 -97.59 -50.33 -73.87
N GLN H 263 -97.67 -49.17 -74.51
CA GLN H 263 -96.68 -48.75 -75.49
C GLN H 263 -95.99 -47.47 -75.02
N THR H 264 -94.67 -47.46 -75.09
CA THR H 264 -93.90 -46.30 -74.64
C THR H 264 -94.08 -45.14 -75.61
N CYS H 265 -93.92 -43.92 -75.12
CA CYS H 265 -94.07 -42.73 -75.93
C CYS H 265 -92.70 -42.16 -76.25
N VAL H 266 -92.56 -41.65 -77.48
CA VAL H 266 -91.30 -41.11 -77.98
C VAL H 266 -91.57 -39.67 -78.39
N VAL H 267 -90.82 -38.73 -77.83
CA VAL H 267 -91.13 -37.32 -78.04
C VAL H 267 -89.87 -36.50 -78.25
N HIS H 268 -90.04 -35.37 -78.94
CA HIS H 268 -89.06 -34.29 -79.04
C HIS H 268 -89.64 -33.06 -78.38
N TYR H 269 -89.55 -32.98 -77.05
CA TYR H 269 -90.10 -31.82 -76.38
C TYR H 269 -89.16 -30.63 -76.53
N THR H 270 -89.65 -29.46 -76.10
CA THR H 270 -88.81 -28.26 -76.01
C THR H 270 -89.41 -27.41 -74.89
N GLY H 271 -88.85 -27.57 -73.69
CA GLY H 271 -89.40 -26.89 -72.54
C GLY H 271 -89.01 -25.42 -72.51
N MET H 272 -89.92 -24.60 -71.99
CA MET H 272 -89.68 -23.17 -71.85
C MET H 272 -90.33 -22.68 -70.56
N LEU H 273 -89.69 -21.70 -69.93
CA LEU H 273 -90.33 -21.00 -68.81
C LEU H 273 -91.42 -20.08 -69.33
N GLN H 274 -92.18 -19.50 -68.40
CA GLN H 274 -93.32 -18.68 -68.79
C GLN H 274 -92.87 -17.38 -69.46
N ASN H 275 -91.80 -16.76 -68.95
CA ASN H 275 -91.31 -15.51 -69.49
C ASN H 275 -90.64 -15.65 -70.85
N GLY H 276 -90.42 -16.87 -71.33
CA GLY H 276 -89.81 -17.12 -72.61
C GLY H 276 -88.37 -17.59 -72.54
N LYS H 277 -87.83 -17.85 -71.36
CA LYS H 277 -86.46 -18.31 -71.21
C LYS H 277 -86.42 -19.82 -71.37
N LYS H 278 -85.88 -20.31 -72.48
CA LYS H 278 -85.77 -21.74 -72.72
C LYS H 278 -84.87 -22.38 -71.69
N PHE H 279 -85.32 -23.50 -71.12
CA PHE H 279 -84.56 -24.20 -70.11
C PHE H 279 -84.21 -25.63 -70.46
N ASP H 280 -84.95 -26.27 -71.36
CA ASP H 280 -84.65 -27.64 -71.72
C ASP H 280 -85.06 -27.87 -73.16
N SER H 281 -84.39 -28.83 -73.80
CA SER H 281 -84.68 -29.24 -75.16
C SER H 281 -84.14 -30.65 -75.37
N SER H 282 -84.69 -31.32 -76.37
CA SER H 282 -84.25 -32.64 -76.75
C SER H 282 -83.49 -32.67 -78.05
N ARG H 283 -83.77 -31.71 -78.94
CA ARG H 283 -83.04 -31.64 -80.19
C ARG H 283 -81.63 -31.13 -79.96
N ASP H 284 -81.45 -30.31 -78.91
CA ASP H 284 -80.11 -29.86 -78.51
C ASP H 284 -79.24 -31.05 -78.12
N ARG H 285 -79.79 -31.98 -77.35
CA ARG H 285 -79.08 -33.22 -77.06
C ARG H 285 -79.05 -34.16 -78.25
N ASN H 286 -79.95 -33.95 -79.22
CA ASN H 286 -80.04 -34.68 -80.49
C ASN H 286 -80.28 -36.17 -80.21
N LYS H 287 -81.40 -36.44 -79.52
CA LYS H 287 -81.90 -37.78 -79.27
C LYS H 287 -83.35 -37.73 -78.76
N PRO H 288 -84.18 -38.67 -79.19
CA PRO H 288 -85.57 -38.71 -78.73
C PRO H 288 -85.67 -39.07 -77.27
N PHE H 289 -86.74 -38.60 -76.63
CA PHE H 289 -86.96 -38.85 -75.21
C PHE H 289 -88.09 -39.87 -75.10
N LYS H 290 -87.71 -41.14 -75.00
CA LYS H 290 -88.65 -42.26 -74.89
C LYS H 290 -89.05 -42.40 -73.42
N PHE H 291 -90.24 -41.94 -73.06
CA PHE H 291 -90.73 -42.07 -71.70
C PHE H 291 -91.88 -43.07 -71.62
N ARG H 292 -91.87 -43.85 -70.55
CA ARG H 292 -92.82 -44.95 -70.38
C ARG H 292 -94.08 -44.41 -69.69
N ILE H 293 -95.19 -44.45 -70.42
CA ILE H 293 -96.46 -43.90 -69.91
C ILE H 293 -97.15 -44.94 -69.03
N GLY H 294 -97.56 -44.52 -67.84
CA GLY H 294 -98.25 -45.40 -66.93
C GLY H 294 -97.60 -45.50 -65.56
N LYS H 295 -96.28 -45.57 -65.52
CA LYS H 295 -95.54 -45.63 -64.26
C LYS H 295 -94.98 -44.27 -63.86
N GLN H 296 -95.34 -43.21 -64.59
CA GLN H 296 -95.12 -41.81 -64.21
C GLN H 296 -93.63 -41.48 -64.06
N GLU H 297 -92.90 -41.64 -65.16
CA GLU H 297 -91.52 -41.19 -65.17
C GLU H 297 -91.38 -39.70 -65.36
N VAL H 298 -92.44 -39.00 -65.79
CA VAL H 298 -92.40 -37.57 -65.99
C VAL H 298 -93.41 -36.92 -65.05
N ILE H 299 -93.51 -35.60 -65.07
CA ILE H 299 -94.48 -34.89 -64.23
C ILE H 299 -95.89 -35.12 -64.76
N LYS H 300 -96.88 -34.77 -63.92
CA LYS H 300 -98.28 -35.02 -64.23
C LYS H 300 -98.72 -34.25 -65.47
N GLY H 301 -98.34 -32.97 -65.55
CA GLY H 301 -98.77 -32.13 -66.66
C GLY H 301 -98.26 -32.65 -67.99
N PHE H 302 -96.97 -32.98 -68.03
CA PHE H 302 -96.35 -33.51 -69.24
C PHE H 302 -96.96 -34.84 -69.63
N GLU H 303 -97.20 -35.72 -68.63
CA GLU H 303 -97.78 -37.03 -68.87
C GLU H 303 -99.18 -36.91 -69.48
N GLU H 304 -100.04 -36.10 -68.86
CA GLU H 304 -101.41 -35.94 -69.35
C GLU H 304 -101.45 -35.26 -70.71
N GLY H 305 -100.61 -34.24 -70.90
CA GLY H 305 -100.56 -33.57 -72.20
C GLY H 305 -100.09 -34.50 -73.31
N ALA H 306 -99.08 -35.33 -73.02
CA ALA H 306 -98.64 -36.28 -74.03
C ALA H 306 -99.69 -37.36 -74.25
N ALA H 307 -100.50 -37.65 -73.23
CA ALA H 307 -101.58 -38.62 -73.38
C ALA H 307 -102.61 -38.13 -74.39
N GLN H 308 -102.98 -36.84 -74.33
CA GLN H 308 -104.05 -36.35 -75.18
C GLN H 308 -103.63 -36.16 -76.63
N MET H 309 -102.34 -36.28 -76.96
CA MET H 309 -101.84 -36.03 -78.30
C MET H 309 -102.12 -37.23 -79.21
N SER H 310 -101.67 -37.11 -80.45
CA SER H 310 -101.78 -38.19 -81.43
C SER H 310 -100.44 -38.36 -82.14
N LEU H 311 -100.32 -39.44 -82.90
CA LEU H 311 -99.10 -39.75 -83.63
C LEU H 311 -98.81 -38.66 -84.66
N GLY H 312 -97.56 -38.19 -84.67
CA GLY H 312 -97.15 -37.19 -85.64
C GLY H 312 -97.58 -35.78 -85.30
N GLN H 313 -98.31 -35.59 -84.20
CA GLN H 313 -98.84 -34.28 -83.85
C GLN H 313 -97.78 -33.47 -83.11
N ARG H 314 -97.73 -32.18 -83.44
CA ARG H 314 -96.91 -31.21 -82.73
C ARG H 314 -97.83 -30.28 -81.97
N ALA H 315 -97.63 -30.16 -80.67
CA ALA H 315 -98.54 -29.41 -79.83
C ALA H 315 -97.74 -28.58 -78.84
N LYS H 316 -98.45 -27.69 -78.17
CA LYS H 316 -97.92 -26.83 -77.13
C LYS H 316 -98.72 -27.10 -75.86
N LEU H 317 -98.06 -26.99 -74.73
CA LEU H 317 -98.70 -27.28 -73.46
C LEU H 317 -98.70 -26.03 -72.59
N THR H 318 -99.24 -26.19 -71.38
CA THR H 318 -99.16 -25.15 -70.35
C THR H 318 -99.38 -25.86 -69.02
N CYS H 319 -98.27 -26.14 -68.33
CA CYS H 319 -98.28 -26.95 -67.12
C CYS H 319 -98.37 -26.02 -65.92
N THR H 320 -99.48 -26.11 -65.20
CA THR H 320 -99.67 -25.39 -63.95
C THR H 320 -98.70 -25.96 -62.91
N PRO H 321 -98.21 -25.12 -61.97
CA PRO H 321 -97.37 -25.64 -60.86
C PRO H 321 -97.98 -26.78 -60.06
N ASP H 322 -99.32 -26.88 -60.03
CA ASP H 322 -99.99 -27.98 -59.33
C ASP H 322 -99.63 -29.32 -59.97
N VAL H 323 -99.62 -29.38 -61.31
CA VAL H 323 -99.26 -30.59 -62.02
C VAL H 323 -97.79 -30.58 -62.44
N ALA H 324 -97.00 -29.69 -61.88
CA ALA H 324 -95.58 -29.53 -62.17
C ALA H 324 -94.80 -29.70 -60.87
N TYR H 325 -93.52 -29.29 -60.90
CA TYR H 325 -92.64 -29.43 -59.73
C TYR H 325 -93.16 -28.68 -58.51
N GLY H 326 -93.87 -27.57 -58.71
CA GLY H 326 -94.60 -26.96 -57.61
C GLY H 326 -93.82 -26.06 -56.69
N ALA H 327 -94.10 -26.19 -55.39
CA ALA H 327 -93.57 -25.28 -54.39
C ALA H 327 -92.07 -25.44 -54.21
N THR H 328 -91.55 -26.64 -54.43
CA THR H 328 -90.12 -26.88 -54.28
C THR H 328 -89.36 -26.61 -55.56
N GLY H 329 -90.01 -26.72 -56.73
CA GLY H 329 -89.35 -26.53 -58.01
C GLY H 329 -88.30 -27.59 -58.28
N HIS H 330 -87.52 -27.33 -59.31
CA HIS H 330 -86.37 -28.18 -59.61
C HIS H 330 -85.13 -27.40 -59.22
N PRO H 331 -84.41 -27.82 -58.18
CA PRO H 331 -83.32 -27.00 -57.59
C PRO H 331 -82.20 -26.71 -58.58
N GLY H 332 -82.03 -25.43 -58.90
CA GLY H 332 -80.99 -24.98 -59.79
C GLY H 332 -81.39 -24.93 -61.24
N VAL H 333 -82.61 -25.35 -61.58
CA VAL H 333 -83.08 -25.31 -62.95
C VAL H 333 -84.34 -24.46 -63.06
N ILE H 334 -85.39 -24.87 -62.36
CA ILE H 334 -86.69 -24.22 -62.44
C ILE H 334 -86.98 -23.54 -61.11
N PRO H 335 -87.34 -22.26 -61.10
CA PRO H 335 -87.69 -21.58 -59.85
C PRO H 335 -88.98 -22.13 -59.27
N PRO H 336 -89.21 -21.98 -57.96
CA PRO H 336 -90.47 -22.46 -57.37
C PRO H 336 -91.69 -21.73 -57.93
N ASN H 337 -92.79 -22.48 -58.02
CA ASN H 337 -94.11 -21.99 -58.44
C ASN H 337 -94.06 -21.35 -59.83
N ALA H 338 -93.67 -22.16 -60.80
CA ALA H 338 -93.48 -21.71 -62.18
C ALA H 338 -94.38 -22.49 -63.12
N THR H 339 -94.99 -21.78 -64.07
CA THR H 339 -95.84 -22.40 -65.06
C THR H 339 -94.99 -22.71 -66.29
N LEU H 340 -95.08 -23.94 -66.79
CA LEU H 340 -94.19 -24.42 -67.83
C LEU H 340 -94.90 -24.44 -69.17
N ILE H 341 -94.11 -24.35 -70.24
CA ILE H 341 -94.61 -24.45 -71.61
C ILE H 341 -93.70 -25.41 -72.38
N PHE H 342 -94.32 -26.35 -73.09
CA PHE H 342 -93.59 -27.40 -73.80
C PHE H 342 -94.03 -27.44 -75.25
N ASP H 343 -93.06 -27.45 -76.15
CA ASP H 343 -93.30 -27.60 -77.59
C ASP H 343 -93.13 -29.06 -78.00
N VAL H 344 -94.05 -29.89 -77.50
CA VAL H 344 -93.94 -31.34 -77.66
C VAL H 344 -94.26 -31.73 -79.10
N GLU H 345 -93.42 -32.58 -79.68
CA GLU H 345 -93.76 -33.26 -80.93
C GLU H 345 -93.72 -34.75 -80.65
N LEU H 346 -94.85 -35.43 -80.87
CA LEU H 346 -94.93 -36.87 -80.63
C LEU H 346 -94.59 -37.55 -81.94
N LEU H 347 -93.31 -37.78 -82.17
CA LEU H 347 -92.85 -38.26 -83.47
C LEU H 347 -93.14 -39.73 -83.70
N ASN H 348 -93.21 -40.53 -82.63
CA ASN H 348 -93.39 -41.97 -82.81
C ASN H 348 -93.94 -42.56 -81.52
N LEU H 349 -94.49 -43.75 -81.64
CA LEU H 349 -94.92 -44.57 -80.51
C LEU H 349 -94.01 -45.79 -80.47
N GLU H 350 -93.41 -46.05 -79.31
CA GLU H 350 -92.34 -47.04 -79.10
C GLU H 350 -91.18 -46.83 -80.07
#